data_9LLV
#
_entry.id   9LLV
#
_entity_poly.entity_id   1
_entity_poly.type   'polypeptide(L)'
_entity_poly.pdbx_seq_one_letter_code
;MSASKEEIAALIVNYFSSIVEKKEISEDGADSLNVAMDCISEAFGFEREAVSGILGKSEFKGQHLADILNSASRVPESNK
KDDAENVEINIPEDDAETKAKAEDLKMQGNKAMANKDYELAINKYTEAIKVLPTNAIYYANRAAAHSSLKEYDQAVKDAE
SAISIDPSYFRGYSRLGFAKYAQGKPEEALEAYKKVLDIEGDNATEAMKRDYESAKKKVEQSLNLEKTVPEQSRDADVDA
SQGASAGGLPDLGSLLGGGLGGLMNNPQLMQAAQKMMSNPGAMQNIQKMMQDPSIRQMAEGFASGGGTPNLSDLMNNPAL
RNMAGNLFGGAGAQSTDETPDNENKQY
;
_entity_poly.pdbx_strand_id   A,B
#
# COMPACT_ATOMS: atom_id res chain seq x y z
N MET A 1 6.22 -12.49 -14.18
CA MET A 1 6.24 -11.52 -15.30
C MET A 1 5.26 -10.39 -14.99
N SER A 2 5.76 -9.15 -14.95
CA SER A 2 4.99 -7.96 -14.57
C SER A 2 5.22 -6.86 -15.61
N ALA A 3 4.85 -7.20 -16.88
CA ALA A 3 5.12 -6.39 -18.09
C ALA A 3 6.63 -6.40 -18.41
N SER A 4 7.05 -5.60 -19.42
CA SER A 4 8.47 -5.42 -19.74
C SER A 4 9.13 -4.55 -18.66
N LYS A 5 10.32 -5.00 -18.20
CA LYS A 5 11.13 -4.32 -17.18
C LYS A 5 11.56 -2.90 -17.66
N GLU A 6 11.55 -2.72 -18.98
CA GLU A 6 11.84 -1.46 -19.68
C GLU A 6 10.67 -0.46 -19.54
N GLU A 7 9.44 -0.98 -19.66
CA GLU A 7 8.19 -0.19 -19.48
C GLU A 7 8.07 0.28 -18.03
N ILE A 8 8.38 -0.65 -17.11
CA ILE A 8 8.39 -0.39 -15.66
C ILE A 8 9.47 0.67 -15.35
N ALA A 9 10.66 0.50 -15.96
CA ALA A 9 11.82 1.40 -15.79
C ALA A 9 11.52 2.84 -16.26
N ALA A 10 10.77 2.95 -17.36
CA ALA A 10 10.37 4.25 -17.95
C ALA A 10 9.45 5.04 -16.99
N LEU A 11 8.58 4.30 -16.28
CA LEU A 11 7.69 4.87 -15.25
C LEU A 11 8.52 5.27 -14.02
N ILE A 12 9.47 4.39 -13.62
CA ILE A 12 10.32 4.55 -12.42
C ILE A 12 11.20 5.82 -12.49
N VAL A 13 11.91 6.01 -13.62
CA VAL A 13 12.84 7.14 -13.78
C VAL A 13 12.06 8.48 -13.81
N ASN A 14 10.88 8.48 -14.45
CA ASN A 14 9.97 9.65 -14.52
C ASN A 14 9.33 9.94 -13.15
N TYR A 15 9.08 8.85 -12.41
CA TYR A 15 8.48 8.89 -11.07
C TYR A 15 9.44 9.61 -10.10
N PHE A 16 10.74 9.27 -10.19
CA PHE A 16 11.80 9.93 -9.39
C PHE A 16 12.05 11.37 -9.88
N SER A 17 12.03 11.58 -11.21
CA SER A 17 12.27 12.91 -11.83
C SER A 17 11.27 13.97 -11.31
N SER A 18 10.01 13.55 -11.08
CA SER A 18 8.97 14.44 -10.53
C SER A 18 9.25 14.75 -9.03
N ILE A 19 9.56 13.70 -8.23
CA ILE A 19 9.74 13.82 -6.75
C ILE A 19 10.93 14.75 -6.40
N VAL A 20 12.06 14.54 -7.09
CA VAL A 20 13.32 15.25 -6.82
C VAL A 20 13.22 16.73 -7.25
N GLU A 21 12.42 17.03 -8.30
CA GLU A 21 12.24 18.39 -8.81
C GLU A 21 11.24 19.19 -7.93
N LYS A 22 10.26 18.45 -7.37
CA LYS A 22 9.27 18.99 -6.42
C LYS A 22 9.88 19.25 -5.03
N LYS A 23 11.09 18.67 -4.80
CA LYS A 23 11.88 18.85 -3.56
C LYS A 23 11.16 18.25 -2.33
N GLU A 24 10.22 17.32 -2.58
CA GLU A 24 9.48 16.59 -1.52
C GLU A 24 10.40 15.65 -0.73
N ILE A 25 11.49 15.24 -1.40
CA ILE A 25 12.68 14.68 -0.73
C ILE A 25 13.82 15.71 -0.82
N SER A 26 14.66 15.78 0.23
CA SER A 26 15.85 16.67 0.24
C SER A 26 16.81 16.28 -0.90
N GLU A 27 17.45 17.30 -1.53
CA GLU A 27 18.39 17.14 -2.66
C GLU A 27 19.54 16.16 -2.28
N ASP A 28 19.86 16.15 -0.98
CA ASP A 28 20.88 15.25 -0.39
C ASP A 28 20.58 13.78 -0.75
N GLY A 29 19.32 13.35 -0.49
CA GLY A 29 18.86 12.00 -0.83
C GLY A 29 18.35 11.88 -2.26
N ALA A 30 18.13 13.04 -2.91
CA ALA A 30 17.67 13.09 -4.31
C ALA A 30 18.81 12.84 -5.30
N ASP A 31 20.06 13.09 -4.85
CA ASP A 31 21.27 12.79 -5.65
C ASP A 31 21.41 11.28 -5.86
N SER A 32 21.08 10.50 -4.82
CA SER A 32 21.12 9.03 -4.87
C SER A 32 19.89 8.45 -5.61
N LEU A 33 18.84 9.27 -5.79
CA LEU A 33 17.72 8.92 -6.70
C LEU A 33 18.08 9.28 -8.15
N ASN A 34 18.90 10.32 -8.31
CA ASN A 34 19.36 10.81 -9.62
C ASN A 34 20.29 9.79 -10.27
N VAL A 35 21.41 9.47 -9.59
CA VAL A 35 22.42 8.51 -10.10
C VAL A 35 21.81 7.12 -10.33
N ALA A 36 20.75 6.81 -9.56
CA ALA A 36 20.02 5.56 -9.66
C ALA A 36 19.22 5.50 -10.98
N MET A 37 18.36 6.51 -11.20
CA MET A 37 17.47 6.55 -12.37
C MET A 37 18.28 6.75 -13.68
N ASP A 38 19.49 7.32 -13.54
CA ASP A 38 20.46 7.43 -14.66
C ASP A 38 21.05 6.06 -15.00
N CYS A 39 21.39 5.27 -13.97
CA CYS A 39 21.90 3.88 -14.16
C CYS A 39 20.83 2.94 -14.74
N ILE A 40 19.55 3.23 -14.43
CA ILE A 40 18.39 2.46 -14.92
C ILE A 40 18.16 2.74 -16.42
N SER A 41 18.04 4.04 -16.76
CA SER A 41 17.82 4.49 -18.15
C SER A 41 19.02 4.12 -19.06
N GLU A 42 20.23 4.12 -18.49
CA GLU A 42 21.47 3.67 -19.15
C GLU A 42 21.36 2.18 -19.52
N ALA A 43 21.02 1.35 -18.52
CA ALA A 43 21.04 -0.12 -18.63
C ALA A 43 20.09 -0.65 -19.72
N PHE A 44 18.82 -0.18 -19.69
CA PHE A 44 17.79 -0.62 -20.67
C PHE A 44 17.93 0.13 -22.01
N GLY A 45 18.62 1.29 -22.00
CA GLY A 45 18.98 2.00 -23.23
C GLY A 45 17.90 2.96 -23.73
N PHE A 46 17.55 3.93 -22.88
CA PHE A 46 16.61 5.01 -23.21
C PHE A 46 16.99 6.29 -22.43
N GLU A 47 16.42 7.43 -22.87
CA GLU A 47 16.61 8.73 -22.19
C GLU A 47 15.40 9.01 -21.27
N ARG A 48 15.60 9.82 -20.20
CA ARG A 48 14.54 10.17 -19.23
C ARG A 48 13.40 10.99 -19.88
N GLU A 49 13.68 11.61 -21.05
CA GLU A 49 12.66 12.34 -21.82
C GLU A 49 11.93 11.40 -22.80
N ALA A 50 12.66 10.35 -23.25
CA ALA A 50 12.13 9.34 -24.19
C ALA A 50 10.99 8.51 -23.56
N VAL A 51 10.89 8.59 -22.22
CA VAL A 51 9.84 7.87 -21.45
C VAL A 51 8.44 8.34 -21.85
N SER A 52 8.31 9.61 -22.27
CA SER A 52 7.04 10.21 -22.70
C SER A 52 6.37 9.36 -23.80
N GLY A 53 7.19 8.87 -24.75
CA GLY A 53 6.73 7.98 -25.81
C GLY A 53 6.44 6.57 -25.33
N ILE A 54 7.32 6.06 -24.43
CA ILE A 54 7.22 4.69 -23.89
C ILE A 54 5.94 4.52 -23.03
N LEU A 55 5.57 5.60 -22.32
CA LEU A 55 4.41 5.60 -21.37
C LEU A 55 3.08 5.62 -22.12
N GLY A 56 3.11 6.01 -23.41
CA GLY A 56 1.94 5.89 -24.29
C GLY A 56 1.73 4.46 -24.77
N LYS A 57 2.83 3.70 -24.86
CA LYS A 57 2.83 2.29 -25.29
C LYS A 57 2.62 1.37 -24.06
N SER A 58 3.06 1.82 -22.87
CA SER A 58 2.98 1.03 -21.62
C SER A 58 1.70 1.37 -20.85
N GLU A 59 0.68 0.53 -21.05
CA GLU A 59 -0.65 0.70 -20.45
C GLU A 59 -0.86 -0.27 -19.27
N PHE A 60 0.15 -1.14 -18.99
CA PHE A 60 0.15 -2.07 -17.82
C PHE A 60 -1.04 -3.06 -17.86
N LYS A 61 -1.26 -3.85 -16.80
CA LYS A 61 -2.36 -4.84 -16.76
C LYS A 61 -3.41 -4.43 -15.72
N GLY A 62 -2.95 -3.94 -14.55
CA GLY A 62 -3.85 -3.71 -13.40
C GLY A 62 -4.25 -2.25 -13.29
N GLN A 63 -3.27 -1.43 -12.83
CA GLN A 63 -3.40 0.02 -12.69
C GLN A 63 -3.93 0.71 -13.96
N HIS A 64 -3.15 0.60 -15.07
CA HIS A 64 -3.38 1.32 -16.34
C HIS A 64 -3.17 2.86 -16.16
N LEU A 65 -4.10 3.49 -15.42
CA LEU A 65 -4.03 4.93 -15.08
C LEU A 65 -4.61 5.13 -13.67
N ALA A 66 -4.45 6.35 -13.12
CA ALA A 66 -5.09 6.84 -11.87
C ALA A 66 -4.31 6.41 -10.61
N ASP A 67 -3.94 5.12 -10.52
CA ASP A 67 -3.09 4.61 -9.42
C ASP A 67 -1.63 5.02 -9.65
N ILE A 68 -1.29 5.26 -10.92
CA ILE A 68 -0.13 6.05 -11.35
C ILE A 68 -0.58 6.94 -12.52
N LEU A 69 -0.25 8.23 -12.45
CA LEU A 69 -0.68 9.23 -13.45
C LEU A 69 0.52 9.92 -14.10
N ASN A 70 1.74 9.41 -13.80
CA ASN A 70 2.98 9.92 -14.42
C ASN A 70 3.08 9.44 -15.89
N SER A 71 2.22 8.46 -16.24
CA SER A 71 2.03 7.99 -17.62
C SER A 71 1.03 8.89 -18.37
N ALA A 72 0.44 9.88 -17.67
CA ALA A 72 -0.51 10.86 -18.23
C ALA A 72 -0.08 12.29 -17.80
N SER A 73 -1.06 13.16 -17.42
CA SER A 73 -0.77 14.54 -16.96
C SER A 73 0.12 14.53 -15.69
N ARG A 74 1.43 14.68 -15.88
CA ARG A 74 2.42 14.78 -14.79
C ARG A 74 2.64 16.26 -14.41
N VAL A 75 2.24 17.18 -15.30
CA VAL A 75 2.28 18.64 -15.04
C VAL A 75 0.87 19.14 -14.62
N PRO A 76 0.77 20.19 -13.75
CA PRO A 76 -0.52 20.85 -13.40
C PRO A 76 -0.92 21.93 -14.44
N GLU A 77 -2.04 22.64 -14.15
CA GLU A 77 -2.53 23.73 -15.01
C GLU A 77 -1.67 25.00 -14.84
N SER A 78 -1.52 25.45 -13.56
CA SER A 78 -0.83 26.73 -13.20
C SER A 78 -1.51 27.92 -13.92
N ASN A 79 -2.82 27.79 -14.12
CA ASN A 79 -3.61 28.66 -14.97
C ASN A 79 -4.57 29.53 -14.13
N LYS A 80 -4.13 30.76 -13.78
CA LYS A 80 -5.00 31.80 -13.18
C LYS A 80 -4.94 33.06 -14.09
N LYS A 81 -3.94 33.94 -13.81
CA LYS A 81 -3.72 35.25 -14.49
C LYS A 81 -2.82 36.11 -13.58
N ASP A 82 -1.56 36.32 -14.01
CA ASP A 82 -0.56 37.18 -13.32
C ASP A 82 -0.34 36.69 -11.87
N ASP A 83 0.60 35.77 -11.71
CA ASP A 83 0.79 35.02 -10.45
C ASP A 83 2.00 35.55 -9.67
N ALA A 84 3.19 35.56 -10.29
CA ALA A 84 4.44 36.03 -9.63
C ALA A 84 5.53 36.35 -10.68
N GLU A 85 5.67 35.44 -11.65
CA GLU A 85 6.66 35.50 -12.76
C GLU A 85 8.12 35.33 -12.28
N ASN A 86 8.29 34.96 -10.98
CA ASN A 86 9.59 34.67 -10.34
C ASN A 86 10.60 35.81 -10.55
N VAL A 87 10.62 36.77 -9.62
CA VAL A 87 11.55 37.92 -9.67
C VAL A 87 12.97 37.42 -9.34
N GLU A 88 13.69 37.07 -10.40
CA GLU A 88 15.06 36.53 -10.35
C GLU A 88 16.08 37.69 -10.34
N ILE A 89 17.38 37.31 -10.29
CA ILE A 89 18.60 38.18 -10.30
C ILE A 89 18.77 39.00 -8.99
N ASN A 90 17.70 39.65 -8.50
CA ASN A 90 17.70 40.34 -7.21
C ASN A 90 17.50 39.31 -6.07
N ILE A 91 18.63 38.81 -5.54
CA ILE A 91 18.63 37.76 -4.51
C ILE A 91 18.25 38.27 -3.07
N PRO A 92 18.65 39.52 -2.58
CA PRO A 92 18.33 39.95 -1.19
C PRO A 92 16.85 40.39 -1.05
N GLU A 93 15.99 39.41 -0.72
CA GLU A 93 14.52 39.62 -0.62
C GLU A 93 14.15 40.45 0.63
N ASP A 94 14.90 40.25 1.72
CA ASP A 94 14.66 40.90 3.03
C ASP A 94 15.13 42.36 3.03
N ASP A 95 15.87 42.77 1.97
CA ASP A 95 16.35 44.16 1.81
C ASP A 95 16.02 44.72 0.41
N ALA A 96 15.11 44.06 -0.33
CA ALA A 96 14.87 44.36 -1.77
C ALA A 96 14.30 45.78 -1.98
N GLU A 97 12.99 45.96 -1.78
CA GLU A 97 12.33 47.28 -1.74
C GLU A 97 12.13 47.70 -0.28
N THR A 98 12.13 46.67 0.59
CA THR A 98 11.91 46.75 2.02
C THR A 98 12.84 47.76 2.72
N LYS A 99 14.15 47.68 2.42
CA LYS A 99 15.19 48.44 3.13
C LYS A 99 15.03 49.96 2.91
N ALA A 100 14.69 50.35 1.67
CA ALA A 100 14.49 51.75 1.27
C ALA A 100 13.21 52.34 1.91
N LYS A 101 12.26 51.47 2.26
CA LYS A 101 10.98 51.85 2.89
C LYS A 101 11.20 52.21 4.37
N ALA A 102 11.67 51.23 5.17
CA ALA A 102 11.77 51.33 6.65
C ALA A 102 12.69 52.47 7.14
N GLU A 103 13.77 52.72 6.39
CA GLU A 103 14.83 53.66 6.80
C GLU A 103 14.32 55.12 6.89
N ASP A 104 13.61 55.57 5.83
CA ASP A 104 13.05 56.95 5.75
C ASP A 104 11.93 57.18 6.78
N LEU A 105 11.40 56.09 7.35
CA LEU A 105 10.32 56.13 8.36
C LEU A 105 10.88 56.26 9.79
N LYS A 106 12.16 55.98 9.95
CA LYS A 106 12.83 55.90 11.27
C LYS A 106 13.03 57.31 11.89
N MET A 107 13.94 58.10 11.29
CA MET A 107 14.33 59.42 11.82
C MET A 107 13.19 60.44 11.67
N GLN A 108 12.43 60.32 10.58
CA GLN A 108 11.34 61.26 10.25
C GLN A 108 10.12 61.03 11.16
N GLY A 109 9.90 59.76 11.57
CA GLY A 109 8.85 59.43 12.56
C GLY A 109 9.23 59.90 13.97
N ASN A 110 10.54 59.89 14.23
CA ASN A 110 11.14 60.39 15.49
C ASN A 110 10.95 61.92 15.61
N LYS A 111 11.11 62.64 14.48
CA LYS A 111 10.96 64.11 14.43
C LYS A 111 9.48 64.53 14.47
N ALA A 112 8.59 63.68 13.90
CA ALA A 112 7.13 63.85 14.00
C ALA A 112 6.71 63.78 15.47
N MET A 113 7.28 62.78 16.18
CA MET A 113 7.03 62.55 17.63
C MET A 113 7.62 63.68 18.48
N ALA A 114 8.78 64.20 18.06
CA ALA A 114 9.46 65.34 18.73
C ALA A 114 8.65 66.65 18.55
N ASN A 115 7.85 66.71 17.47
CA ASN A 115 6.91 67.82 17.21
C ASN A 115 5.56 67.58 17.95
N LYS A 116 5.43 66.37 18.55
CA LYS A 116 4.22 65.88 19.27
C LYS A 116 3.08 65.53 18.30
N ASP A 117 3.44 65.34 17.02
CA ASP A 117 2.55 64.77 16.00
C ASP A 117 2.67 63.24 16.08
N TYR A 118 2.03 62.68 17.10
CA TYR A 118 2.07 61.24 17.42
C TYR A 118 1.27 60.43 16.38
N GLU A 119 0.29 61.09 15.76
CA GLU A 119 -0.55 60.56 14.68
C GLU A 119 0.32 60.13 13.49
N LEU A 120 1.21 61.05 13.07
CA LEU A 120 2.10 60.83 11.92
C LEU A 120 3.29 59.95 12.33
N ALA A 121 3.76 60.08 13.59
CA ALA A 121 4.85 59.26 14.15
C ALA A 121 4.53 57.75 14.01
N ILE A 122 3.30 57.39 14.44
CA ILE A 122 2.76 56.02 14.31
C ILE A 122 2.73 55.56 12.83
N ASN A 123 2.24 56.45 11.93
CA ASN A 123 2.15 56.17 10.47
C ASN A 123 3.49 55.66 9.88
N LYS A 124 4.58 56.38 10.21
CA LYS A 124 5.93 55.98 9.79
C LYS A 124 6.30 54.58 10.35
N TYR A 125 6.23 54.45 11.68
CA TYR A 125 6.67 53.24 12.39
C TYR A 125 5.80 52.01 12.09
N THR A 126 4.55 52.21 11.65
CA THR A 126 3.61 51.11 11.33
C THR A 126 4.06 50.38 10.05
N GLU A 127 4.32 51.17 8.99
CA GLU A 127 4.83 50.66 7.71
C GLU A 127 6.18 49.96 7.91
N ALA A 128 7.04 50.59 8.72
CA ALA A 128 8.41 50.11 9.00
C ALA A 128 8.44 48.81 9.84
N ILE A 129 7.50 48.69 10.78
CA ILE A 129 7.29 47.46 11.59
C ILE A 129 6.86 46.29 10.68
N LYS A 130 6.02 46.60 9.69
CA LYS A 130 5.56 45.63 8.67
C LYS A 130 6.74 45.16 7.78
N VAL A 131 7.70 46.08 7.53
CA VAL A 131 8.90 45.78 6.73
C VAL A 131 9.85 44.82 7.48
N LEU A 132 10.45 45.31 8.57
CA LEU A 132 11.42 44.57 9.37
C LEU A 132 10.88 44.44 10.82
N PRO A 133 10.08 43.34 11.10
CA PRO A 133 9.51 43.07 12.45
C PRO A 133 10.58 42.58 13.46
N THR A 134 11.84 42.51 12.98
CA THR A 134 13.00 42.11 13.76
C THR A 134 13.70 43.32 14.42
N ASN A 135 13.23 44.55 14.09
CA ASN A 135 13.83 45.80 14.60
C ASN A 135 12.99 46.36 15.77
N ALA A 136 13.55 46.25 16.99
CA ALA A 136 12.90 46.66 18.25
C ALA A 136 12.67 48.18 18.35
N ILE A 137 13.48 48.95 17.62
CA ILE A 137 13.50 50.43 17.67
C ILE A 137 12.12 51.02 17.28
N TYR A 138 11.54 50.50 16.18
CA TYR A 138 10.29 51.01 15.61
C TYR A 138 9.08 50.71 16.52
N TYR A 139 9.14 49.56 17.21
CA TYR A 139 8.10 49.15 18.18
C TYR A 139 8.08 50.07 19.41
N ALA A 140 9.25 50.22 20.06
CA ALA A 140 9.39 51.00 21.30
C ALA A 140 9.02 52.46 21.08
N ASN A 141 9.48 53.05 19.97
CA ASN A 141 9.21 54.45 19.64
C ASN A 141 7.71 54.63 19.33
N ARG A 142 7.12 53.70 18.53
CA ARG A 142 5.68 53.76 18.20
C ARG A 142 4.83 53.65 19.48
N ALA A 143 5.34 52.90 20.47
CA ALA A 143 4.71 52.71 21.79
C ALA A 143 4.56 54.04 22.54
N ALA A 144 5.60 54.89 22.47
CA ALA A 144 5.59 56.23 23.10
C ALA A 144 4.50 57.11 22.45
N ALA A 145 4.42 57.04 21.11
CA ALA A 145 3.44 57.79 20.32
C ALA A 145 2.01 57.22 20.48
N HIS A 146 1.92 55.90 20.69
CA HIS A 146 0.64 55.15 20.75
C HIS A 146 -0.03 55.39 22.12
N SER A 147 0.83 55.46 23.15
CA SER A 147 0.44 55.75 24.53
C SER A 147 -0.21 57.14 24.61
N SER A 148 0.45 58.11 23.94
CA SER A 148 0.03 59.52 23.94
C SER A 148 -1.35 59.74 23.28
N LEU A 149 -1.80 58.79 22.41
CA LEU A 149 -3.13 58.83 21.76
C LEU A 149 -4.19 58.05 22.59
N LYS A 150 -3.91 57.91 23.92
CA LYS A 150 -4.81 57.25 24.92
C LYS A 150 -4.87 55.72 24.75
N GLU A 151 -4.04 55.18 23.85
CA GLU A 151 -3.98 53.73 23.56
C GLU A 151 -2.79 53.12 24.31
N TYR A 152 -2.91 53.10 25.65
CA TYR A 152 -1.83 52.70 26.58
C TYR A 152 -1.62 51.18 26.57
N ASP A 153 -2.74 50.44 26.65
CA ASP A 153 -2.74 48.95 26.62
C ASP A 153 -2.13 48.43 25.31
N GLN A 154 -2.44 49.14 24.21
CA GLN A 154 -1.91 48.84 22.87
C GLN A 154 -0.41 49.17 22.82
N ALA A 155 -0.04 50.28 23.47
CA ALA A 155 1.37 50.74 23.58
C ALA A 155 2.21 49.79 24.44
N VAL A 156 1.58 49.12 25.43
CA VAL A 156 2.23 48.07 26.24
C VAL A 156 2.67 46.92 25.32
N LYS A 157 1.83 46.60 24.31
CA LYS A 157 2.09 45.48 23.37
C LYS A 157 3.29 45.83 22.43
N ASP A 158 3.36 47.10 21.96
CA ASP A 158 4.48 47.59 21.12
C ASP A 158 5.80 47.52 21.91
N ALA A 159 5.77 48.09 23.13
CA ALA A 159 6.92 48.12 24.04
C ALA A 159 7.37 46.69 24.44
N GLU A 160 6.36 45.81 24.62
CA GLU A 160 6.54 44.38 24.94
C GLU A 160 7.24 43.64 23.78
N SER A 161 6.83 43.96 22.55
CA SER A 161 7.37 43.34 21.32
C SER A 161 8.80 43.83 21.06
N ALA A 162 9.08 45.09 21.49
CA ALA A 162 10.43 45.67 21.42
C ALA A 162 11.40 44.90 22.35
N ILE A 163 10.88 44.56 23.54
CA ILE A 163 11.60 43.77 24.55
C ILE A 163 11.75 42.29 24.09
N SER A 164 10.67 41.77 23.46
CA SER A 164 10.60 40.37 22.97
C SER A 164 11.63 40.09 21.85
N ILE A 165 12.09 41.17 21.21
CA ILE A 165 13.20 41.14 20.24
C ILE A 165 14.53 41.33 21.00
N ASP A 166 14.64 42.48 21.69
CA ASP A 166 15.87 42.90 22.38
C ASP A 166 15.52 43.37 23.82
N PRO A 167 15.63 42.46 24.83
CA PRO A 167 15.27 42.79 26.25
C PRO A 167 16.38 43.58 26.98
N SER A 168 17.52 43.79 26.30
CA SER A 168 18.59 44.64 26.81
C SER A 168 18.39 46.10 26.35
N TYR A 169 17.40 46.33 25.47
CA TYR A 169 16.98 47.67 25.05
C TYR A 169 16.17 48.33 26.19
N PHE A 170 16.87 49.13 27.00
CA PHE A 170 16.30 49.83 28.18
C PHE A 170 15.13 50.77 27.80
N ARG A 171 15.18 51.35 26.57
CA ARG A 171 14.11 52.22 26.04
C ARG A 171 12.85 51.42 25.66
N GLY A 172 12.90 50.08 25.71
CA GLY A 172 11.70 49.24 25.61
C GLY A 172 10.86 49.33 26.88
N TYR A 173 11.56 49.32 28.04
CA TYR A 173 10.94 49.38 29.37
C TYR A 173 10.55 50.83 29.76
N SER A 174 11.12 51.81 29.05
CA SER A 174 10.91 53.24 29.29
C SER A 174 9.42 53.63 29.20
N ARG A 175 8.82 53.43 28.01
CA ARG A 175 7.41 53.79 27.74
C ARG A 175 6.46 52.63 28.09
N LEU A 176 7.03 51.45 28.42
CA LEU A 176 6.28 50.38 29.10
C LEU A 176 5.86 50.87 30.51
N GLY A 177 6.81 51.57 31.17
CA GLY A 177 6.57 52.23 32.44
C GLY A 177 5.53 53.35 32.32
N PHE A 178 5.72 54.22 31.31
CA PHE A 178 4.81 55.37 31.03
C PHE A 178 3.38 54.91 30.74
N ALA A 179 3.25 53.78 30.03
CA ALA A 179 1.95 53.20 29.69
C ALA A 179 1.20 52.79 30.97
N LYS A 180 1.85 51.96 31.82
CA LYS A 180 1.26 51.47 33.09
C LYS A 180 1.07 52.61 34.12
N TYR A 181 1.87 53.67 33.97
CA TYR A 181 1.80 54.89 34.82
C TYR A 181 0.48 55.62 34.57
N ALA A 182 0.15 55.79 33.28
CA ALA A 182 -1.05 56.49 32.82
C ALA A 182 -2.28 55.55 32.81
N GLN A 183 -2.07 54.26 33.19
CA GLN A 183 -3.16 53.32 33.54
C GLN A 183 -3.61 53.52 35.00
N GLY A 184 -2.97 54.47 35.71
CA GLY A 184 -3.31 54.79 37.10
C GLY A 184 -2.47 54.01 38.10
N LYS A 185 -1.37 53.41 37.63
CA LYS A 185 -0.45 52.62 38.47
C LYS A 185 0.94 53.29 38.49
N PRO A 186 1.22 54.23 39.46
CA PRO A 186 2.55 54.89 39.56
C PRO A 186 3.65 53.95 40.10
N GLU A 187 3.31 53.16 41.15
CA GLU A 187 4.26 52.26 41.84
C GLU A 187 4.56 51.03 40.96
N GLU A 188 3.50 50.53 40.31
CA GLU A 188 3.56 49.42 39.33
C GLU A 188 4.13 49.90 37.98
N ALA A 189 4.42 51.22 37.84
CA ALA A 189 5.18 51.78 36.71
C ALA A 189 6.68 51.88 37.01
N LEU A 190 7.02 52.12 38.29
CA LEU A 190 8.39 52.46 38.73
C LEU A 190 9.38 51.33 38.43
N GLU A 191 8.90 50.08 38.52
CA GLU A 191 9.71 48.86 38.33
C GLU A 191 10.31 48.76 36.90
N ALA A 192 9.58 49.27 35.90
CA ALA A 192 10.02 49.26 34.48
C ALA A 192 11.04 50.38 34.22
N TYR A 193 10.86 51.51 34.92
CA TYR A 193 11.82 52.63 34.92
C TYR A 193 13.12 52.23 35.67
N LYS A 194 12.93 51.37 36.69
CA LYS A 194 14.01 50.82 37.52
C LYS A 194 14.82 49.81 36.69
N LYS A 195 14.15 49.17 35.70
CA LYS A 195 14.79 48.29 34.72
C LYS A 195 15.61 49.08 33.69
N VAL A 196 15.17 50.31 33.36
CA VAL A 196 15.96 51.24 32.52
C VAL A 196 17.32 51.53 33.20
N LEU A 197 17.26 51.74 34.54
CA LEU A 197 18.45 52.03 35.36
C LEU A 197 19.20 50.73 35.77
N ASP A 198 18.53 49.56 35.63
CA ASP A 198 19.10 48.25 36.02
C ASP A 198 20.05 47.73 34.92
N ILE A 199 19.55 47.79 33.67
CA ILE A 199 20.32 47.42 32.46
C ILE A 199 21.52 48.37 32.28
N GLU A 200 21.29 49.66 32.58
CA GLU A 200 22.31 50.71 32.47
C GLU A 200 23.26 50.69 33.68
N GLY A 201 22.76 50.18 34.82
CA GLY A 201 23.54 50.05 36.05
C GLY A 201 23.87 51.39 36.69
N ASP A 202 25.14 51.56 37.08
CA ASP A 202 25.65 52.79 37.73
C ASP A 202 25.91 53.91 36.69
N ASN A 203 25.68 53.59 35.39
CA ASN A 203 25.91 54.54 34.27
C ASN A 203 24.60 55.29 33.93
N ALA A 204 23.56 55.13 34.78
CA ALA A 204 22.23 55.73 34.61
C ALA A 204 22.29 57.27 34.62
N THR A 205 21.93 57.89 33.47
CA THR A 205 22.06 59.33 33.23
C THR A 205 20.87 60.14 33.77
N GLU A 206 20.95 61.49 33.62
CA GLU A 206 19.84 62.41 33.92
C GLU A 206 18.66 62.16 32.97
N ALA A 207 18.99 61.86 31.69
CA ALA A 207 17.99 61.58 30.64
C ALA A 207 17.16 60.33 30.95
N MET A 208 17.74 59.43 31.75
CA MET A 208 17.06 58.21 32.25
C MET A 208 16.39 58.47 33.60
N LYS A 209 16.95 59.42 34.37
CA LYS A 209 16.40 59.81 35.69
C LYS A 209 15.01 60.47 35.51
N ARG A 210 14.80 61.11 34.33
CA ARG A 210 13.49 61.69 33.92
C ARG A 210 12.36 60.64 34.01
N ASP A 211 12.66 59.46 33.45
CA ASP A 211 11.73 58.32 33.40
C ASP A 211 11.42 57.83 34.82
N TYR A 212 12.49 57.60 35.59
CA TYR A 212 12.42 57.12 36.97
C TYR A 212 11.62 58.10 37.86
N GLU A 213 11.87 59.40 37.66
CA GLU A 213 11.29 60.51 38.44
C GLU A 213 9.80 60.72 38.10
N SER A 214 9.38 60.24 36.91
CA SER A 214 7.97 60.28 36.48
C SER A 214 7.08 59.54 37.49
N ALA A 215 7.44 58.27 37.78
CA ALA A 215 6.74 57.46 38.77
C ALA A 215 7.10 57.92 40.19
N LYS A 216 8.42 58.09 40.44
CA LYS A 216 9.00 58.49 41.75
C LYS A 216 8.32 59.75 42.35
N LYS A 217 7.84 60.66 41.49
CA LYS A 217 7.15 61.90 41.92
C LYS A 217 5.85 61.59 42.70
N LYS A 218 5.29 60.41 42.44
CA LYS A 218 4.16 59.84 43.21
C LYS A 218 4.69 58.85 44.27
N VAL A 219 5.55 57.89 43.83
CA VAL A 219 5.94 56.70 44.63
C VAL A 219 6.73 57.08 45.91
N GLU A 220 7.58 58.12 45.81
CA GLU A 220 8.41 58.61 46.94
C GLU A 220 7.51 59.05 48.12
N GLN A 221 6.34 59.61 47.79
CA GLN A 221 5.34 60.04 48.76
C GLN A 221 4.38 58.89 49.11
N SER A 222 4.27 57.87 48.22
CA SER A 222 3.37 56.70 48.42
C SER A 222 3.94 55.71 49.46
N LEU A 223 5.17 55.19 49.19
CA LEU A 223 5.74 54.02 49.90
C LEU A 223 5.99 54.30 51.41
N ASN A 224 5.99 55.60 51.78
CA ASN A 224 6.09 56.05 53.17
C ASN A 224 5.00 55.40 54.08
N LEU A 225 3.74 55.45 53.62
CA LEU A 225 2.59 54.88 54.38
C LEU A 225 2.04 53.63 53.65
N GLU A 226 1.91 53.74 52.33
CA GLU A 226 1.38 52.66 51.48
C GLU A 226 2.54 51.75 50.98
N LYS A 227 2.69 50.58 51.62
CA LYS A 227 3.72 49.57 51.24
C LYS A 227 3.05 48.30 50.68
N THR A 228 3.40 47.96 49.43
CA THR A 228 3.16 46.62 48.84
C THR A 228 4.46 46.15 48.17
N VAL A 229 5.15 47.12 47.50
CA VAL A 229 6.43 46.95 46.76
C VAL A 229 6.50 45.63 45.93
N PRO A 230 5.74 45.52 44.79
CA PRO A 230 5.85 44.40 43.86
C PRO A 230 6.88 44.66 42.73
N GLU A 231 7.40 43.55 42.16
CA GLU A 231 8.23 43.60 40.94
C GLU A 231 7.33 43.78 39.68
N GLN A 232 6.05 43.36 39.84
CA GLN A 232 4.95 43.52 38.85
C GLN A 232 5.27 42.77 37.53
N SER A 233 6.16 43.36 36.72
CA SER A 233 6.63 42.77 35.45
C SER A 233 7.45 41.49 35.68
N ARG A 234 8.33 41.51 36.73
CA ARG A 234 9.39 40.48 36.95
C ARG A 234 10.26 40.33 35.66
N ASP A 235 9.96 39.32 34.79
CA ASP A 235 10.40 39.28 33.36
C ASP A 235 11.90 38.89 33.15
N ALA A 236 12.82 39.38 34.00
CA ALA A 236 14.26 39.09 33.86
C ALA A 236 14.59 37.64 34.30
N ASP A 237 13.64 37.00 35.01
CA ASP A 237 13.71 35.59 35.40
C ASP A 237 13.33 34.64 34.23
N VAL A 238 12.71 35.20 33.16
CA VAL A 238 12.34 34.46 31.94
C VAL A 238 13.03 35.13 30.70
N ASP A 239 14.19 35.77 30.96
CA ASP A 239 14.99 36.47 29.93
C ASP A 239 15.69 35.45 28.99
N ALA A 240 16.77 34.81 29.49
CA ALA A 240 17.60 33.83 28.77
C ALA A 240 18.24 34.44 27.50
N SER A 241 17.47 34.44 26.39
CA SER A 241 17.91 34.97 25.07
C SER A 241 16.69 35.14 24.14
N GLN A 242 15.49 35.21 24.76
CA GLN A 242 14.18 35.19 24.09
C GLN A 242 14.02 33.92 23.23
N GLY A 243 13.89 32.78 23.93
CA GLY A 243 13.70 31.48 23.29
C GLY A 243 12.24 31.24 22.94
N ALA A 244 11.77 31.96 21.93
CA ALA A 244 10.39 31.88 21.44
C ALA A 244 10.41 31.80 19.92
N SER A 245 9.53 30.96 19.36
CA SER A 245 9.30 30.86 17.92
C SER A 245 8.31 31.94 17.48
N ALA A 246 8.06 32.03 16.17
CA ALA A 246 6.98 32.86 15.60
C ALA A 246 5.62 32.26 16.01
N GLY A 247 4.59 33.12 16.13
CA GLY A 247 3.23 32.69 16.52
C GLY A 247 2.66 31.61 15.59
N GLY A 248 3.13 31.64 14.34
CA GLY A 248 2.80 30.62 13.35
C GLY A 248 3.27 31.05 11.98
N LEU A 249 2.69 32.20 11.54
CA LEU A 249 2.90 32.76 10.19
C LEU A 249 2.64 31.71 9.06
N PRO A 250 1.46 30.99 9.09
CA PRO A 250 1.20 29.83 8.18
C PRO A 250 0.91 30.28 6.74
N ASP A 251 1.10 29.34 5.78
CA ASP A 251 0.91 29.56 4.33
C ASP A 251 1.97 30.51 3.71
N LEU A 252 2.83 31.12 4.56
CA LEU A 252 3.68 32.29 4.23
C LEU A 252 2.79 33.50 3.88
N GLY A 253 2.21 33.48 2.67
CA GLY A 253 1.30 34.53 2.20
C GLY A 253 0.20 34.00 1.30
N SER A 254 -0.01 32.65 1.32
CA SER A 254 -0.99 31.89 0.51
C SER A 254 -0.59 31.82 -0.98
N LEU A 255 -0.32 32.98 -1.59
CA LEU A 255 0.17 33.07 -2.98
C LEU A 255 1.58 32.45 -3.06
N LEU A 256 1.63 31.21 -3.54
CA LEU A 256 2.90 30.47 -3.78
C LEU A 256 3.14 30.28 -5.29
N GLY A 257 2.20 30.78 -6.11
CA GLY A 257 2.25 30.65 -7.57
C GLY A 257 1.92 29.23 -8.03
N GLY A 258 2.91 28.33 -7.92
CA GLY A 258 2.74 26.92 -8.30
C GLY A 258 4.08 26.27 -8.59
N GLY A 259 4.70 25.69 -7.54
CA GLY A 259 5.98 25.01 -7.65
C GLY A 259 5.88 23.62 -8.29
N LEU A 260 5.63 23.62 -9.61
CA LEU A 260 5.72 22.41 -10.47
C LEU A 260 7.18 21.94 -10.59
N GLY A 261 8.10 22.88 -10.35
CA GLY A 261 9.54 22.66 -10.37
C GLY A 261 10.27 23.93 -10.00
N GLY A 262 9.79 25.05 -10.60
CA GLY A 262 10.32 26.39 -10.33
C GLY A 262 11.70 26.60 -10.96
N LEU A 263 12.39 27.68 -10.52
CA LEU A 263 13.77 27.97 -10.93
C LEU A 263 14.43 28.87 -9.86
N MET A 264 15.01 28.22 -8.84
CA MET A 264 15.72 28.88 -7.73
C MET A 264 14.76 29.82 -6.95
N ASN A 265 13.89 29.23 -6.15
CA ASN A 265 12.94 29.94 -5.28
C ASN A 265 13.27 29.60 -3.82
N ASN A 266 12.82 30.47 -2.89
CA ASN A 266 12.96 30.23 -1.43
C ASN A 266 12.06 29.03 -1.04
N PRO A 267 12.66 27.86 -0.65
CA PRO A 267 11.88 26.64 -0.34
C PRO A 267 11.08 26.78 0.97
N GLN A 268 11.72 27.44 1.98
CA GLN A 268 11.19 27.55 3.36
C GLN A 268 10.97 26.12 3.97
N LEU A 269 11.67 25.15 3.39
CA LEU A 269 11.51 23.72 3.71
C LEU A 269 12.75 23.23 4.50
N MET A 270 12.67 21.99 5.01
CA MET A 270 13.77 21.30 5.75
C MET A 270 13.85 21.76 7.23
N GLN A 271 13.18 22.87 7.58
CA GLN A 271 13.19 23.42 8.95
C GLN A 271 12.57 22.42 9.95
N ALA A 272 11.43 21.85 9.55
CA ALA A 272 10.72 20.81 10.33
C ALA A 272 11.50 19.48 10.32
N ALA A 273 12.33 19.28 9.28
CA ALA A 273 13.20 18.07 9.15
C ALA A 273 14.56 18.27 9.88
N GLN A 274 14.89 19.53 10.20
CA GLN A 274 16.21 19.94 10.77
C GLN A 274 16.35 19.50 12.23
N LYS A 275 15.21 19.32 12.92
CA LYS A 275 15.14 19.00 14.37
C LYS A 275 15.94 17.71 14.74
N MET A 276 17.25 17.89 15.01
CA MET A 276 18.15 16.79 15.44
C MET A 276 19.36 17.37 16.22
N MET A 277 19.39 17.11 17.54
CA MET A 277 20.49 17.54 18.44
C MET A 277 21.02 16.32 19.24
N SER A 278 20.14 15.75 20.10
CA SER A 278 20.46 14.68 21.07
C SER A 278 21.37 15.22 22.20
N ASN A 279 20.99 14.99 23.46
CA ASN A 279 21.68 15.57 24.64
C ASN A 279 21.69 14.55 25.82
N PRO A 280 22.62 14.72 26.82
CA PRO A 280 22.57 13.93 28.09
C PRO A 280 21.27 14.19 28.87
N GLY A 281 20.50 13.11 29.12
CA GLY A 281 19.24 13.19 29.84
C GLY A 281 18.81 11.84 30.39
N ALA A 282 19.47 11.41 31.48
CA ALA A 282 19.19 10.14 32.16
C ALA A 282 19.10 10.36 33.67
N MET A 283 20.02 11.20 34.20
CA MET A 283 20.16 11.53 35.64
C MET A 283 20.58 10.29 36.47
N GLN A 284 21.81 10.35 37.03
CA GLN A 284 22.40 9.28 37.86
C GLN A 284 21.65 9.17 39.20
N ASN A 285 20.52 8.42 39.19
CA ASN A 285 19.64 8.24 40.38
C ASN A 285 20.03 6.95 41.13
N ILE A 286 21.33 6.58 41.02
CA ILE A 286 21.89 5.36 41.60
C ILE A 286 22.02 5.50 43.15
N GLN A 287 20.89 5.22 43.84
CA GLN A 287 20.80 5.24 45.31
C GLN A 287 21.50 4.01 45.91
N LYS A 288 21.49 2.90 45.14
CA LYS A 288 22.09 1.61 45.53
C LYS A 288 22.73 0.95 44.31
N MET A 289 23.52 -0.11 44.54
CA MET A 289 24.25 -0.82 43.48
C MET A 289 23.27 -1.57 42.54
N MET A 290 22.20 -2.14 43.13
CA MET A 290 21.12 -2.83 42.38
C MET A 290 19.95 -1.86 42.11
N GLN A 291 20.28 -0.58 41.82
CA GLN A 291 19.28 0.47 41.51
C GLN A 291 18.49 0.12 40.23
N ASP A 292 17.28 -0.45 40.44
CA ASP A 292 16.36 -0.91 39.36
C ASP A 292 16.96 -2.15 38.62
N PRO A 293 16.14 -3.21 38.33
CA PRO A 293 16.60 -4.37 37.53
C PRO A 293 16.79 -4.03 36.02
N SER A 294 17.89 -3.31 35.73
CA SER A 294 18.28 -2.95 34.36
C SER A 294 18.78 -4.17 33.57
N ILE A 295 19.05 -5.26 34.30
CA ILE A 295 19.40 -6.57 33.72
C ILE A 295 18.20 -7.14 32.92
N ARG A 296 16.97 -6.73 33.33
CA ARG A 296 15.70 -7.06 32.63
C ARG A 296 15.48 -8.58 32.55
N GLN A 297 16.05 -9.30 33.54
CA GLN A 297 16.09 -10.77 33.59
C GLN A 297 14.67 -11.37 33.61
N MET A 298 14.13 -11.62 32.39
CA MET A 298 12.75 -12.11 32.14
C MET A 298 11.67 -11.18 32.77
N ALA A 299 12.08 -9.96 33.13
CA ALA A 299 11.27 -9.00 33.89
C ALA A 299 10.69 -7.93 32.97
N GLU A 300 9.35 -7.99 32.77
CA GLU A 300 8.56 -7.04 31.95
C GLU A 300 8.83 -7.18 30.43
N GLY A 301 7.74 -7.12 29.63
CA GLY A 301 7.81 -7.31 28.19
C GLY A 301 8.08 -8.75 27.78
N PHE A 302 7.74 -9.67 28.68
CA PHE A 302 7.94 -11.12 28.51
C PHE A 302 6.60 -11.78 28.10
N ALA A 303 5.60 -11.62 28.99
CA ALA A 303 4.27 -12.21 28.81
C ALA A 303 3.47 -11.44 27.74
N SER A 304 3.50 -11.96 26.50
CA SER A 304 2.74 -11.41 25.36
C SER A 304 2.21 -12.56 24.48
N GLY A 305 3.14 -13.41 24.03
CA GLY A 305 2.84 -14.54 23.15
C GLY A 305 2.67 -14.12 21.69
N GLY A 306 2.86 -12.81 21.41
CA GLY A 306 2.54 -12.24 20.10
C GLY A 306 1.03 -12.11 19.92
N GLY A 307 0.39 -13.26 19.59
CA GLY A 307 -1.07 -13.31 19.37
C GLY A 307 -1.55 -12.45 18.20
N THR A 308 -0.70 -12.34 17.18
CA THR A 308 -0.92 -11.44 16.03
C THR A 308 -1.87 -12.06 14.98
N PRO A 309 -2.70 -11.23 14.25
CA PRO A 309 -3.43 -11.68 13.04
C PRO A 309 -2.49 -11.76 11.80
N ASN A 310 -3.07 -11.90 10.61
CA ASN A 310 -2.31 -11.98 9.34
C ASN A 310 -2.32 -10.63 8.60
N LEU A 311 -1.67 -10.59 7.43
CA LEU A 311 -1.64 -9.41 6.54
C LEU A 311 -3.01 -9.24 5.84
N SER A 312 -3.61 -10.38 5.45
CA SER A 312 -4.88 -10.49 4.68
C SER A 312 -6.08 -9.73 5.30
N ASP A 313 -5.95 -9.39 6.59
CA ASP A 313 -6.95 -8.62 7.38
C ASP A 313 -7.20 -7.20 6.82
N LEU A 314 -6.23 -6.69 6.02
CA LEU A 314 -6.27 -5.32 5.43
C LEU A 314 -7.51 -5.09 4.53
N MET A 315 -8.13 -6.19 4.04
CA MET A 315 -9.27 -6.14 3.12
C MET A 315 -10.52 -5.49 3.76
N ASN A 316 -10.62 -5.60 5.09
CA ASN A 316 -11.71 -4.98 5.88
C ASN A 316 -11.21 -3.67 6.49
N ASN A 317 -12.00 -2.60 6.34
CA ASN A 317 -11.72 -1.29 6.90
C ASN A 317 -12.66 -1.05 8.11
N PRO A 318 -12.18 -0.37 9.20
CA PRO A 318 -12.96 -0.24 10.46
C PRO A 318 -14.04 0.89 10.43
N ALA A 319 -14.76 1.00 9.30
CA ALA A 319 -15.85 1.99 9.11
C ALA A 319 -17.09 1.67 9.96
N LEU A 320 -17.08 0.52 10.67
CA LEU A 320 -18.09 0.16 11.67
C LEU A 320 -18.03 1.14 12.87
N ARG A 321 -16.81 1.49 13.31
CA ARG A 321 -16.60 2.40 14.46
C ARG A 321 -15.14 2.90 14.53
N ASN A 322 -14.19 1.94 14.51
CA ASN A 322 -12.73 2.18 14.69
C ASN A 322 -12.41 2.62 16.15
N MET A 323 -11.83 1.69 16.92
CA MET A 323 -11.44 1.90 18.33
C MET A 323 -10.38 0.83 18.69
N ALA A 324 -9.83 0.89 19.93
CA ALA A 324 -8.90 -0.12 20.46
C ALA A 324 -9.49 -1.54 20.31
N GLY A 325 -10.61 -1.81 21.03
CA GLY A 325 -11.35 -3.07 20.91
C GLY A 325 -10.56 -4.29 21.38
N ASN A 326 -9.65 -4.76 20.50
CA ASN A 326 -8.73 -5.86 20.79
C ASN A 326 -7.56 -5.33 21.65
N LEU A 327 -7.76 -5.39 22.98
CA LEU A 327 -6.71 -5.15 23.99
C LEU A 327 -5.92 -6.45 24.24
N PHE A 328 -6.38 -7.56 23.62
CA PHE A 328 -5.80 -8.92 23.75
C PHE A 328 -5.91 -9.43 25.21
N GLY A 329 -6.86 -8.86 25.98
CA GLY A 329 -7.09 -9.22 27.37
C GLY A 329 -6.21 -8.42 28.34
N GLY A 330 -4.89 -8.46 28.11
CA GLY A 330 -3.92 -7.77 28.97
C GLY A 330 -3.48 -8.65 30.13
N ALA A 331 -3.45 -8.06 31.36
CA ALA A 331 -3.07 -8.75 32.62
C ALA A 331 -1.59 -9.20 32.62
N GLY A 332 -0.78 -8.54 31.75
CA GLY A 332 0.66 -8.83 31.63
C GLY A 332 1.51 -8.08 32.66
N ALA A 333 0.85 -7.30 33.53
CA ALA A 333 1.49 -6.57 34.63
C ALA A 333 1.70 -7.46 35.88
N GLN A 334 1.45 -8.79 35.73
CA GLN A 334 1.57 -9.80 36.81
C GLN A 334 3.04 -9.95 37.28
N SER A 335 3.40 -9.11 38.28
CA SER A 335 4.75 -9.06 38.88
C SER A 335 4.63 -8.50 40.32
N THR A 336 3.98 -7.32 40.42
CA THR A 336 3.77 -6.60 41.69
C THR A 336 2.61 -7.23 42.53
N ASP A 337 2.00 -8.31 41.97
CA ASP A 337 0.91 -9.11 42.59
C ASP A 337 1.34 -9.71 43.95
N GLU A 338 2.66 -9.79 44.19
CA GLU A 338 3.28 -10.18 45.49
C GLU A 338 3.34 -11.72 45.67
N THR A 339 2.36 -12.44 45.09
CA THR A 339 2.36 -13.90 45.04
C THR A 339 3.65 -14.47 44.36
N PRO A 340 4.18 -13.86 43.22
CA PRO A 340 5.56 -14.15 42.76
C PRO A 340 6.61 -13.85 43.87
N ASP A 341 7.39 -14.90 44.23
CA ASP A 341 8.34 -14.88 45.37
C ASP A 341 7.58 -14.90 46.72
N ASN A 342 7.13 -13.69 47.18
CA ASN A 342 6.45 -13.47 48.49
C ASN A 342 7.41 -13.67 49.70
N GLU A 343 7.93 -14.91 49.85
CA GLU A 343 8.81 -15.35 50.96
C GLU A 343 8.04 -15.47 52.31
N ASN A 344 8.26 -16.60 53.00
CA ASN A 344 7.61 -16.94 54.28
C ASN A 344 8.66 -17.53 55.26
N LYS A 345 9.96 -17.31 54.94
CA LYS A 345 11.13 -17.84 55.68
C LYS A 345 11.33 -19.36 55.44
N GLN A 346 10.35 -20.18 55.88
CA GLN A 346 10.39 -21.66 55.79
C GLN A 346 11.53 -22.22 56.67
N TYR A 347 11.19 -22.62 57.89
CA TYR A 347 12.15 -23.13 58.89
C TYR A 347 11.52 -24.34 59.63
N MET B 1 -4.26 8.80 -7.32
CA MET B 1 -3.33 8.35 -6.26
C MET B 1 -2.01 7.86 -6.87
N SER B 2 -0.99 7.68 -6.01
CA SER B 2 0.32 7.05 -6.35
C SER B 2 0.95 6.49 -5.07
N ALA B 3 0.05 6.12 -4.11
CA ALA B 3 0.44 5.66 -2.75
C ALA B 3 1.13 6.80 -1.97
N SER B 4 2.01 6.47 -0.99
CA SER B 4 2.76 7.50 -0.22
C SER B 4 4.12 7.81 -0.89
N LYS B 5 4.33 7.24 -2.12
CA LYS B 5 5.54 7.38 -2.98
C LYS B 5 6.86 7.04 -2.23
N GLU B 6 6.74 6.21 -1.18
CA GLU B 6 7.86 5.83 -0.30
C GLU B 6 8.01 4.30 -0.31
N GLU B 7 6.88 3.61 -0.09
CA GLU B 7 6.78 2.13 -0.21
C GLU B 7 6.98 1.70 -1.66
N ILE B 8 6.66 2.62 -2.60
CA ILE B 8 6.90 2.43 -4.05
C ILE B 8 8.39 2.12 -4.31
N ALA B 9 9.27 2.85 -3.59
CA ALA B 9 10.74 2.70 -3.70
C ALA B 9 11.22 1.30 -3.26
N ALA B 10 10.52 0.72 -2.28
CA ALA B 10 10.81 -0.65 -1.79
C ALA B 10 10.45 -1.71 -2.85
N LEU B 11 9.36 -1.45 -3.58
CA LEU B 11 8.91 -2.31 -4.71
C LEU B 11 9.92 -2.19 -5.87
N ILE B 12 10.37 -0.95 -6.11
CA ILE B 12 11.32 -0.60 -7.20
C ILE B 12 12.66 -1.33 -7.02
N VAL B 13 13.29 -1.19 -5.83
CA VAL B 13 14.60 -1.81 -5.56
C VAL B 13 14.50 -3.35 -5.61
N ASN B 14 13.41 -3.91 -5.08
CA ASN B 14 13.19 -5.38 -5.03
C ASN B 14 12.87 -5.94 -6.43
N TYR B 15 12.31 -5.10 -7.30
CA TYR B 15 12.04 -5.45 -8.70
C TYR B 15 13.38 -5.65 -9.44
N PHE B 16 14.30 -4.69 -9.27
CA PHE B 16 15.67 -4.77 -9.84
C PHE B 16 16.51 -5.85 -9.16
N SER B 17 16.20 -6.17 -7.89
CA SER B 17 16.84 -7.28 -7.15
C SER B 17 16.55 -8.63 -7.86
N SER B 18 15.30 -8.76 -8.37
CA SER B 18 14.87 -9.94 -9.14
C SER B 18 15.57 -10.01 -10.51
N ILE B 19 15.79 -8.84 -11.13
CA ILE B 19 16.43 -8.72 -12.46
C ILE B 19 17.92 -9.15 -12.39
N VAL B 20 18.61 -8.67 -11.33
CA VAL B 20 20.05 -8.94 -11.15
C VAL B 20 20.29 -10.34 -10.51
N GLU B 21 19.22 -10.90 -9.87
CA GLU B 21 19.21 -12.27 -9.32
C GLU B 21 19.41 -13.28 -10.45
N LYS B 22 18.59 -13.15 -11.50
CA LYS B 22 18.73 -13.95 -12.73
C LYS B 22 19.95 -13.47 -13.53
N LYS B 23 20.12 -12.13 -13.56
CA LYS B 23 21.09 -11.41 -14.40
C LYS B 23 20.82 -11.73 -15.88
N GLU B 24 19.59 -11.36 -16.30
CA GLU B 24 19.11 -11.52 -17.69
C GLU B 24 19.86 -10.58 -18.64
N ILE B 25 19.87 -9.29 -18.25
CA ILE B 25 20.60 -8.22 -18.93
C ILE B 25 22.13 -8.44 -18.79
N SER B 26 22.96 -7.73 -19.60
CA SER B 26 24.44 -7.75 -19.52
C SER B 26 24.91 -7.56 -18.06
N GLU B 27 26.02 -8.25 -17.72
CA GLU B 27 26.60 -8.26 -16.35
C GLU B 27 26.87 -6.82 -15.84
N ASP B 28 27.46 -6.00 -16.72
CA ASP B 28 27.71 -4.56 -16.47
C ASP B 28 26.40 -3.74 -16.36
N GLY B 29 25.36 -4.18 -17.11
CA GLY B 29 24.03 -3.58 -17.04
C GLY B 29 23.33 -3.88 -15.73
N ALA B 30 23.59 -5.09 -15.20
CA ALA B 30 23.05 -5.54 -13.91
C ALA B 30 23.78 -4.85 -12.76
N ASP B 31 25.07 -4.47 -12.99
CA ASP B 31 25.89 -3.68 -12.04
C ASP B 31 25.28 -2.28 -11.86
N SER B 32 24.82 -1.70 -12.97
CA SER B 32 24.16 -0.39 -12.97
C SER B 32 22.84 -0.43 -12.18
N LEU B 33 22.02 -1.46 -12.44
CA LEU B 33 20.75 -1.69 -11.72
C LEU B 33 21.02 -2.01 -10.22
N ASN B 34 22.18 -2.65 -9.96
CA ASN B 34 22.62 -3.06 -8.61
C ASN B 34 22.96 -1.84 -7.74
N VAL B 35 23.85 -0.97 -8.26
CA VAL B 35 24.29 0.25 -7.55
C VAL B 35 23.14 1.28 -7.49
N ALA B 36 22.17 1.16 -8.43
CA ALA B 36 20.93 1.97 -8.43
C ALA B 36 20.09 1.66 -7.18
N MET B 37 19.88 0.36 -6.90
CA MET B 37 19.10 -0.11 -5.72
C MET B 37 19.75 0.35 -4.41
N ASP B 38 21.09 0.22 -4.38
CA ASP B 38 21.96 0.63 -3.26
C ASP B 38 21.72 2.11 -2.89
N CYS B 39 21.67 2.94 -3.92
CA CYS B 39 21.52 4.39 -3.75
C CYS B 39 20.09 4.78 -3.31
N ILE B 40 19.04 4.19 -3.96
CA ILE B 40 17.62 4.43 -3.61
C ILE B 40 17.33 4.00 -2.15
N SER B 41 18.06 2.95 -1.72
CA SER B 41 17.92 2.37 -0.39
C SER B 41 18.28 3.41 0.70
N GLU B 42 19.50 3.97 0.62
CA GLU B 42 19.95 5.02 1.57
C GLU B 42 19.27 6.39 1.30
N ALA B 43 18.65 6.55 0.12
CA ALA B 43 17.94 7.80 -0.25
C ALA B 43 16.73 8.06 0.64
N PHE B 44 15.95 6.98 0.89
CA PHE B 44 14.77 7.03 1.77
C PHE B 44 15.12 6.60 3.22
N GLY B 45 16.27 5.91 3.38
CA GLY B 45 16.75 5.47 4.69
C GLY B 45 16.23 4.09 5.08
N PHE B 46 16.47 3.11 4.20
CA PHE B 46 16.09 1.71 4.42
C PHE B 46 17.20 0.77 3.91
N GLU B 47 16.98 -0.54 4.02
CA GLU B 47 17.90 -1.58 3.51
C GLU B 47 17.20 -2.35 2.38
N ARG B 48 17.92 -2.57 1.26
CA ARG B 48 17.42 -3.26 0.05
C ARG B 48 17.37 -4.80 0.26
N GLU B 49 16.57 -5.22 1.25
CA GLU B 49 16.32 -6.63 1.59
C GLU B 49 15.03 -6.68 2.41
N ALA B 50 15.02 -5.88 3.51
CA ALA B 50 13.85 -5.72 4.37
C ALA B 50 12.88 -4.69 3.75
N VAL B 51 12.27 -5.07 2.62
CA VAL B 51 11.35 -4.22 1.84
C VAL B 51 9.87 -4.58 2.14
N SER B 52 9.66 -5.76 2.77
CA SER B 52 8.33 -6.36 3.01
C SER B 52 7.45 -5.47 3.93
N GLY B 53 8.01 -5.08 5.08
CA GLY B 53 7.32 -4.22 6.06
C GLY B 53 7.06 -2.80 5.56
N ILE B 54 7.92 -2.33 4.63
CA ILE B 54 7.80 -1.00 4.01
C ILE B 54 6.57 -0.96 3.08
N LEU B 55 6.41 -2.04 2.29
CA LEU B 55 5.26 -2.25 1.38
C LEU B 55 3.92 -2.28 2.15
N GLY B 56 3.99 -2.72 3.44
CA GLY B 56 2.84 -2.69 4.34
C GLY B 56 2.44 -1.27 4.74
N LYS B 57 1.80 -0.56 3.81
CA LYS B 57 1.39 0.84 3.95
C LYS B 57 0.32 1.16 2.91
N SER B 58 0.59 0.75 1.66
CA SER B 58 -0.36 0.87 0.54
C SER B 58 -0.49 -0.48 -0.19
N GLU B 59 -1.72 -0.84 -0.55
CA GLU B 59 -2.08 -2.12 -1.21
C GLU B 59 -2.12 -1.99 -2.76
N PHE B 60 -1.71 -0.80 -3.27
CA PHE B 60 -1.77 -0.43 -4.71
C PHE B 60 -3.24 -0.47 -5.18
N LYS B 61 -3.88 0.71 -5.23
CA LYS B 61 -5.35 0.82 -5.39
C LYS B 61 -5.82 0.39 -6.80
N GLY B 62 -4.87 0.31 -7.74
CA GLY B 62 -5.15 -0.13 -9.10
C GLY B 62 -4.50 -1.46 -9.42
N GLN B 63 -3.23 -1.64 -8.98
CA GLN B 63 -2.46 -2.85 -9.27
C GLN B 63 -3.01 -4.03 -8.45
N HIS B 64 -2.84 -3.93 -7.10
CA HIS B 64 -3.10 -5.03 -6.13
C HIS B 64 -2.30 -6.30 -6.51
N LEU B 65 -2.94 -7.20 -7.28
CA LEU B 65 -2.34 -8.47 -7.77
C LEU B 65 -2.42 -8.49 -9.30
N ALA B 66 -2.12 -9.65 -9.91
CA ALA B 66 -2.28 -9.91 -11.36
C ALA B 66 -1.19 -9.19 -12.21
N ASP B 67 -1.17 -7.84 -12.17
CA ASP B 67 -0.12 -7.01 -12.82
C ASP B 67 1.26 -7.35 -12.23
N ILE B 68 1.46 -7.00 -10.95
CA ILE B 68 2.68 -7.35 -10.20
C ILE B 68 2.40 -8.56 -9.30
N LEU B 69 3.14 -9.65 -9.53
CA LEU B 69 3.10 -10.85 -8.67
C LEU B 69 4.25 -10.79 -7.64
N ASN B 70 5.20 -9.85 -7.87
CA ASN B 70 6.38 -9.63 -7.00
C ASN B 70 6.01 -8.73 -5.80
N SER B 71 5.20 -9.29 -4.87
CA SER B 71 4.75 -8.59 -3.66
C SER B 71 4.19 -9.62 -2.65
N ALA B 72 3.03 -10.22 -2.98
CA ALA B 72 2.34 -11.16 -2.08
C ALA B 72 2.81 -12.61 -2.33
N SER B 73 3.62 -13.13 -1.39
CA SER B 73 4.08 -14.53 -1.41
C SER B 73 2.89 -15.46 -1.06
N ARG B 74 2.53 -16.35 -2.00
CA ARG B 74 1.35 -17.21 -1.89
C ARG B 74 1.63 -18.40 -0.94
N VAL B 75 1.49 -18.13 0.37
CA VAL B 75 1.71 -19.10 1.46
C VAL B 75 0.40 -19.26 2.26
N PRO B 76 -0.20 -20.50 2.35
CA PRO B 76 -1.45 -20.75 3.13
C PRO B 76 -1.25 -20.42 4.62
N GLU B 77 -0.13 -20.90 5.21
CA GLU B 77 0.33 -20.53 6.57
C GLU B 77 -0.61 -21.11 7.69
N SER B 78 -0.02 -21.35 8.88
CA SER B 78 -0.74 -21.77 10.11
C SER B 78 -1.42 -23.16 9.98
N ASN B 79 -0.70 -24.21 10.44
CA ASN B 79 -1.25 -25.57 10.57
C ASN B 79 -0.49 -26.29 11.69
N LYS B 80 -1.16 -26.49 12.84
CA LYS B 80 -0.59 -27.18 14.01
C LYS B 80 -1.24 -28.57 14.15
N LYS B 81 -2.50 -28.58 14.63
CA LYS B 81 -3.29 -29.79 14.81
C LYS B 81 -4.76 -29.39 15.05
N ASP B 82 -5.59 -29.66 14.04
CA ASP B 82 -7.05 -29.48 14.11
C ASP B 82 -7.66 -30.20 12.91
N ASP B 83 -8.08 -31.44 13.14
CA ASP B 83 -8.79 -32.25 12.14
C ASP B 83 -10.22 -31.73 12.01
N ALA B 84 -10.79 -31.30 13.17
CA ALA B 84 -12.19 -30.85 13.29
C ALA B 84 -13.17 -31.98 12.89
N GLU B 85 -12.67 -33.24 13.01
CA GLU B 85 -13.45 -34.44 12.70
C GLU B 85 -14.31 -34.82 13.90
N ASN B 86 -15.52 -35.32 13.62
CA ASN B 86 -16.47 -35.79 14.64
C ASN B 86 -15.90 -37.00 15.39
N VAL B 87 -16.25 -37.13 16.68
CA VAL B 87 -15.80 -38.23 17.54
C VAL B 87 -16.52 -39.54 17.16
N GLU B 88 -17.84 -39.42 16.87
CA GLU B 88 -18.75 -40.55 16.50
C GLU B 88 -19.04 -41.45 17.70
N ILE B 89 -17.99 -42.18 18.16
CA ILE B 89 -18.07 -43.21 19.22
C ILE B 89 -18.48 -42.62 20.60
N ASN B 90 -18.34 -41.27 20.73
CA ASN B 90 -18.67 -40.50 21.96
C ASN B 90 -17.65 -40.73 23.10
N ILE B 91 -17.32 -39.64 23.81
CA ILE B 91 -16.40 -39.65 24.97
C ILE B 91 -17.08 -40.28 26.23
N PRO B 92 -18.39 -39.95 26.60
CA PRO B 92 -19.05 -40.55 27.81
C PRO B 92 -19.56 -41.99 27.62
N GLU B 93 -18.84 -42.75 26.76
CA GLU B 93 -19.05 -44.21 26.51
C GLU B 93 -19.01 -45.04 27.82
N ASP B 94 -18.22 -44.54 28.79
CA ASP B 94 -17.98 -45.16 30.10
C ASP B 94 -19.29 -45.39 30.88
N ASP B 95 -20.02 -44.30 31.20
CA ASP B 95 -21.28 -44.38 31.97
C ASP B 95 -22.46 -44.74 31.05
N ALA B 96 -22.27 -44.61 29.71
CA ALA B 96 -23.32 -44.87 28.70
C ALA B 96 -23.90 -46.28 28.76
N GLU B 97 -23.15 -47.22 29.37
CA GLU B 97 -23.58 -48.62 29.54
C GLU B 97 -24.86 -48.73 30.41
N THR B 98 -24.97 -47.85 31.44
CA THR B 98 -26.04 -47.92 32.47
C THR B 98 -27.45 -47.73 31.89
N LYS B 99 -27.51 -47.17 30.67
CA LYS B 99 -28.73 -47.01 29.87
C LYS B 99 -29.44 -48.37 29.69
N ALA B 100 -28.65 -49.41 29.35
CA ALA B 100 -29.14 -50.79 29.14
C ALA B 100 -28.76 -51.72 30.32
N LYS B 101 -27.75 -51.32 31.12
CA LYS B 101 -27.21 -52.14 32.23
C LYS B 101 -28.17 -52.11 33.45
N ALA B 102 -29.17 -51.20 33.40
CA ALA B 102 -30.26 -51.13 34.39
C ALA B 102 -31.15 -52.40 34.35
N GLU B 103 -31.04 -53.18 33.24
CA GLU B 103 -31.69 -54.50 33.08
C GLU B 103 -31.20 -55.49 34.16
N ASP B 104 -29.89 -55.45 34.46
CA ASP B 104 -29.28 -56.32 35.49
C ASP B 104 -29.86 -56.01 36.87
N LEU B 105 -30.07 -54.72 37.13
CA LEU B 105 -30.64 -54.22 38.39
C LEU B 105 -32.13 -54.65 38.51
N LYS B 106 -32.83 -54.68 37.35
CA LYS B 106 -34.23 -55.14 37.26
C LYS B 106 -34.30 -56.63 37.59
N MET B 107 -33.45 -57.44 36.91
CA MET B 107 -33.46 -58.90 37.02
C MET B 107 -33.04 -59.36 38.43
N GLN B 108 -32.18 -58.57 39.06
CA GLN B 108 -31.74 -58.81 40.44
C GLN B 108 -32.88 -58.40 41.42
N GLY B 109 -33.65 -57.36 41.03
CA GLY B 109 -34.85 -56.94 41.76
C GLY B 109 -35.99 -57.95 41.61
N ASN B 110 -36.02 -58.65 40.47
CA ASN B 110 -36.97 -59.74 40.19
C ASN B 110 -36.56 -60.99 40.98
N LYS B 111 -35.23 -61.11 41.24
CA LYS B 111 -34.66 -62.18 42.09
C LYS B 111 -35.02 -61.94 43.58
N ALA B 112 -35.59 -60.75 43.88
CA ALA B 112 -36.20 -60.44 45.17
C ALA B 112 -37.72 -60.68 45.11
N MET B 113 -38.38 -60.11 44.08
CA MET B 113 -39.86 -60.12 43.91
C MET B 113 -40.42 -61.56 43.81
N ALA B 114 -39.79 -62.36 42.95
CA ALA B 114 -40.18 -63.75 42.71
C ALA B 114 -39.71 -64.67 43.86
N ASN B 115 -38.84 -64.15 44.76
CA ASN B 115 -38.32 -64.90 45.94
C ASN B 115 -39.04 -64.41 47.23
N LYS B 116 -40.31 -63.95 47.07
CA LYS B 116 -41.23 -63.57 48.16
C LYS B 116 -40.88 -62.19 48.80
N ASP B 117 -39.70 -61.63 48.49
CA ASP B 117 -39.23 -60.36 49.06
C ASP B 117 -39.96 -59.19 48.37
N TYR B 118 -41.05 -58.70 48.99
CA TYR B 118 -41.89 -57.63 48.42
C TYR B 118 -41.21 -56.27 48.64
N GLU B 119 -40.90 -55.99 49.91
CA GLU B 119 -40.28 -54.73 50.35
C GLU B 119 -38.88 -54.55 49.72
N LEU B 120 -38.10 -55.64 49.68
CA LEU B 120 -36.74 -55.65 49.09
C LEU B 120 -36.82 -55.41 47.57
N ALA B 121 -37.81 -56.02 46.91
CA ALA B 121 -38.04 -55.86 45.46
C ALA B 121 -38.35 -54.41 45.11
N ILE B 122 -39.35 -53.84 45.82
CA ILE B 122 -39.78 -52.44 45.66
C ILE B 122 -38.60 -51.46 45.83
N ASN B 123 -37.72 -51.78 46.80
CA ASN B 123 -36.47 -51.02 47.06
C ASN B 123 -35.54 -51.06 45.82
N LYS B 124 -35.35 -52.27 45.26
CA LYS B 124 -34.43 -52.53 44.14
C LYS B 124 -35.01 -52.07 42.79
N TYR B 125 -36.35 -51.94 42.71
CA TYR B 125 -37.02 -51.39 41.52
C TYR B 125 -36.98 -49.85 41.55
N THR B 126 -36.95 -49.26 42.77
CA THR B 126 -36.70 -47.82 42.96
C THR B 126 -35.20 -47.50 42.70
N GLU B 127 -34.34 -48.49 43.00
CA GLU B 127 -32.89 -48.41 42.73
C GLU B 127 -32.65 -48.47 41.20
N ALA B 128 -33.50 -49.22 40.49
CA ALA B 128 -33.47 -49.28 39.02
C ALA B 128 -34.09 -48.01 38.39
N ILE B 129 -35.05 -47.39 39.11
CA ILE B 129 -35.63 -46.06 38.77
C ILE B 129 -34.57 -44.95 38.93
N LYS B 130 -33.66 -45.15 39.91
CA LYS B 130 -32.56 -44.21 40.22
C LYS B 130 -31.61 -44.01 39.01
N VAL B 131 -31.49 -45.04 38.16
CA VAL B 131 -30.75 -44.94 36.88
C VAL B 131 -31.73 -44.60 35.74
N LEU B 132 -32.65 -45.54 35.47
CA LEU B 132 -33.66 -45.43 34.39
C LEU B 132 -35.07 -45.36 35.03
N PRO B 133 -35.67 -44.15 35.20
CA PRO B 133 -37.03 -44.01 35.77
C PRO B 133 -38.17 -44.32 34.76
N THR B 134 -38.00 -43.85 33.51
CA THR B 134 -39.06 -43.89 32.49
C THR B 134 -39.26 -45.32 31.92
N ASN B 135 -40.06 -46.10 32.67
CA ASN B 135 -40.43 -47.47 32.33
C ASN B 135 -41.59 -47.89 33.24
N ALA B 136 -42.76 -48.14 32.62
CA ALA B 136 -44.02 -48.51 33.29
C ALA B 136 -43.91 -49.80 34.13
N ILE B 137 -42.97 -50.69 33.73
CA ILE B 137 -42.77 -52.00 34.39
C ILE B 137 -42.32 -51.83 35.86
N TYR B 138 -41.46 -50.83 36.11
CA TYR B 138 -40.96 -50.53 37.46
C TYR B 138 -42.10 -50.16 38.41
N TYR B 139 -42.92 -49.19 37.96
CA TYR B 139 -44.02 -48.63 38.77
C TYR B 139 -45.15 -49.64 38.96
N ALA B 140 -45.68 -50.19 37.85
CA ALA B 140 -46.83 -51.13 37.89
C ALA B 140 -46.53 -52.42 38.67
N ASN B 141 -45.23 -52.79 38.78
CA ASN B 141 -44.78 -53.92 39.62
C ASN B 141 -44.93 -53.57 41.11
N ARG B 142 -44.48 -52.34 41.47
CA ARG B 142 -44.61 -51.81 42.84
C ARG B 142 -46.10 -51.60 43.17
N ALA B 143 -46.92 -51.27 42.15
CA ALA B 143 -48.38 -51.10 42.27
C ALA B 143 -49.06 -52.42 42.66
N ALA B 144 -48.65 -53.50 41.97
CA ALA B 144 -49.13 -54.86 42.21
C ALA B 144 -48.80 -55.29 43.65
N ALA B 145 -47.55 -54.99 44.06
CA ALA B 145 -47.04 -55.31 45.39
C ALA B 145 -47.74 -54.49 46.50
N HIS B 146 -47.97 -53.19 46.24
CA HIS B 146 -48.52 -52.24 47.23
C HIS B 146 -49.99 -52.53 47.51
N SER B 147 -50.80 -52.76 46.46
CA SER B 147 -52.24 -53.11 46.62
C SER B 147 -52.42 -54.44 47.37
N SER B 148 -51.46 -55.38 47.16
CA SER B 148 -51.39 -56.65 47.90
C SER B 148 -51.09 -56.38 49.40
N LEU B 149 -50.12 -55.48 49.65
CA LEU B 149 -49.70 -55.09 51.01
C LEU B 149 -50.63 -54.01 51.62
N LYS B 150 -51.75 -53.72 50.91
CA LYS B 150 -52.84 -52.80 51.34
C LYS B 150 -52.40 -51.32 51.37
N GLU B 151 -51.22 -51.03 50.81
CA GLU B 151 -50.75 -49.66 50.54
C GLU B 151 -51.43 -49.14 49.24
N TYR B 152 -52.77 -48.96 49.29
CA TYR B 152 -53.59 -48.61 48.11
C TYR B 152 -53.26 -47.21 47.56
N ASP B 153 -52.75 -46.32 48.43
CA ASP B 153 -52.30 -44.97 48.02
C ASP B 153 -51.08 -45.11 47.09
N GLN B 154 -50.08 -45.88 47.55
CA GLN B 154 -48.84 -46.15 46.79
C GLN B 154 -49.13 -46.98 45.53
N ALA B 155 -50.16 -47.85 45.60
CA ALA B 155 -50.61 -48.67 44.47
C ALA B 155 -51.12 -47.78 43.33
N VAL B 156 -51.89 -46.74 43.71
CA VAL B 156 -52.37 -45.70 42.79
C VAL B 156 -51.19 -44.90 42.22
N LYS B 157 -50.33 -44.40 43.12
CA LYS B 157 -49.19 -43.51 42.79
C LYS B 157 -48.12 -44.23 41.93
N ASP B 158 -48.27 -45.53 41.75
CA ASP B 158 -47.47 -46.34 40.80
C ASP B 158 -48.29 -46.69 39.55
N ALA B 159 -49.58 -46.96 39.74
CA ALA B 159 -50.48 -47.44 38.66
C ALA B 159 -50.71 -46.38 37.58
N GLU B 160 -51.16 -45.16 37.99
CA GLU B 160 -51.40 -44.05 37.05
C GLU B 160 -50.06 -43.46 36.52
N SER B 161 -48.97 -43.67 37.27
CA SER B 161 -47.61 -43.32 36.85
C SER B 161 -47.14 -44.27 35.73
N ALA B 162 -47.55 -45.54 35.83
CA ALA B 162 -47.26 -46.57 34.82
C ALA B 162 -48.10 -46.35 33.55
N ILE B 163 -49.36 -45.90 33.73
CA ILE B 163 -50.27 -45.52 32.63
C ILE B 163 -49.73 -44.27 31.90
N SER B 164 -49.16 -43.34 32.69
CA SER B 164 -48.60 -42.07 32.18
C SER B 164 -47.38 -42.32 31.26
N ILE B 165 -46.69 -43.45 31.49
CA ILE B 165 -45.54 -43.89 30.67
C ILE B 165 -46.04 -44.79 29.50
N ASP B 166 -47.03 -45.64 29.79
CA ASP B 166 -47.53 -46.65 28.83
C ASP B 166 -49.04 -46.92 29.10
N PRO B 167 -49.96 -46.42 28.22
CA PRO B 167 -51.43 -46.61 28.38
C PRO B 167 -51.93 -47.96 27.81
N SER B 168 -50.99 -48.85 27.48
CA SER B 168 -51.30 -50.22 27.04
C SER B 168 -51.02 -51.21 28.19
N TYR B 169 -50.43 -50.71 29.30
CA TYR B 169 -50.06 -51.53 30.45
C TYR B 169 -51.33 -51.89 31.25
N PHE B 170 -51.78 -53.15 31.07
CA PHE B 170 -53.03 -53.65 31.64
C PHE B 170 -53.01 -53.66 33.18
N ARG B 171 -51.83 -54.01 33.76
CA ARG B 171 -51.61 -53.99 35.22
C ARG B 171 -51.78 -52.57 35.79
N GLY B 172 -51.46 -51.54 34.97
CA GLY B 172 -51.64 -50.13 35.35
C GLY B 172 -53.10 -49.80 35.66
N TYR B 173 -53.98 -50.09 34.69
CA TYR B 173 -55.43 -49.87 34.83
C TYR B 173 -56.08 -50.81 35.87
N SER B 174 -55.57 -52.03 35.94
CA SER B 174 -56.12 -53.09 36.80
C SER B 174 -55.84 -52.80 38.29
N ARG B 175 -54.66 -52.23 38.59
CA ARG B 175 -54.26 -51.88 39.98
C ARG B 175 -54.78 -50.50 40.38
N LEU B 176 -54.91 -49.58 39.41
CA LEU B 176 -55.48 -48.25 39.66
C LEU B 176 -56.96 -48.40 40.02
N GLY B 177 -57.69 -49.10 39.14
CA GLY B 177 -59.12 -49.33 39.31
C GLY B 177 -59.45 -50.17 40.53
N PHE B 178 -58.56 -51.13 40.87
CA PHE B 178 -58.73 -51.99 42.06
C PHE B 178 -58.62 -51.16 43.35
N ALA B 179 -57.52 -50.39 43.45
CA ALA B 179 -57.21 -49.58 44.64
C ALA B 179 -58.26 -48.45 44.82
N LYS B 180 -58.68 -47.85 43.69
CA LYS B 180 -59.65 -46.75 43.67
C LYS B 180 -61.08 -47.25 43.95
N TYR B 181 -61.40 -48.48 43.51
CA TYR B 181 -62.70 -49.12 43.81
C TYR B 181 -62.75 -49.47 45.31
N ALA B 182 -61.59 -49.90 45.87
CA ALA B 182 -61.44 -50.24 47.29
C ALA B 182 -61.62 -48.99 48.19
N GLN B 183 -61.31 -47.81 47.63
CA GLN B 183 -61.52 -46.51 48.28
C GLN B 183 -62.93 -45.96 47.96
N GLY B 184 -63.55 -46.50 46.88
CA GLY B 184 -64.92 -46.13 46.47
C GLY B 184 -64.97 -45.04 45.40
N LYS B 185 -63.79 -44.56 44.96
CA LYS B 185 -63.65 -43.47 43.98
C LYS B 185 -64.17 -43.91 42.59
N PRO B 186 -65.28 -43.27 42.09
CA PRO B 186 -66.09 -43.77 40.96
C PRO B 186 -65.43 -43.63 39.57
N GLU B 187 -65.14 -42.37 39.20
CA GLU B 187 -64.70 -41.97 37.85
C GLU B 187 -63.40 -42.71 37.45
N GLU B 188 -62.56 -42.96 38.46
CA GLU B 188 -61.29 -43.70 38.33
C GLU B 188 -61.53 -45.15 37.92
N ALA B 189 -62.33 -45.86 38.75
CA ALA B 189 -62.56 -47.30 38.62
C ALA B 189 -63.28 -47.65 37.31
N LEU B 190 -64.25 -46.79 36.92
CA LEU B 190 -65.07 -47.01 35.71
C LEU B 190 -64.18 -47.00 34.46
N GLU B 191 -63.37 -45.94 34.31
CA GLU B 191 -62.54 -45.74 33.10
C GLU B 191 -61.34 -46.68 33.07
N ALA B 192 -60.88 -47.12 34.24
CA ALA B 192 -59.79 -48.10 34.34
C ALA B 192 -60.24 -49.47 33.78
N TYR B 193 -61.50 -49.84 34.08
CA TYR B 193 -62.09 -51.10 33.59
C TYR B 193 -62.87 -50.89 32.28
N LYS B 194 -62.94 -49.64 31.79
CA LYS B 194 -63.47 -49.34 30.45
C LYS B 194 -62.41 -49.68 29.41
N LYS B 195 -61.16 -49.32 29.73
CA LYS B 195 -59.99 -49.56 28.85
C LYS B 195 -59.61 -51.05 28.80
N VAL B 196 -60.21 -51.85 29.70
CA VAL B 196 -60.22 -53.31 29.56
C VAL B 196 -61.13 -53.69 28.36
N LEU B 197 -62.35 -53.14 28.36
CA LEU B 197 -63.36 -53.40 27.30
C LEU B 197 -62.93 -52.77 25.94
N ASP B 198 -62.17 -51.66 26.01
CA ASP B 198 -61.70 -50.93 24.81
C ASP B 198 -60.50 -51.63 24.16
N ILE B 199 -59.40 -51.78 24.93
CA ILE B 199 -58.14 -52.35 24.43
C ILE B 199 -58.28 -53.88 24.20
N GLU B 200 -58.67 -54.61 25.27
CA GLU B 200 -58.71 -56.09 25.24
C GLU B 200 -59.89 -56.59 24.38
N GLY B 201 -61.09 -56.03 24.62
CA GLY B 201 -62.29 -56.37 23.84
C GLY B 201 -62.76 -57.82 24.04
N ASP B 202 -62.28 -58.73 23.18
CA ASP B 202 -62.59 -60.17 23.26
C ASP B 202 -61.77 -60.86 24.38
N ASN B 203 -60.60 -60.26 24.71
CA ASN B 203 -59.76 -60.73 25.84
C ASN B 203 -60.33 -60.23 27.18
N ALA B 204 -61.16 -59.17 27.11
CA ALA B 204 -61.85 -58.59 28.27
C ALA B 204 -62.93 -59.56 28.78
N THR B 205 -62.62 -60.25 29.88
CA THR B 205 -63.45 -61.30 30.48
C THR B 205 -64.77 -60.73 31.07
N GLU B 206 -65.82 -61.58 31.17
CA GLU B 206 -67.15 -61.20 31.68
C GLU B 206 -67.05 -60.60 33.09
N ALA B 207 -66.15 -61.16 33.93
CA ALA B 207 -65.89 -60.65 35.29
C ALA B 207 -65.44 -59.16 35.27
N MET B 208 -64.59 -58.83 34.28
CA MET B 208 -64.05 -57.47 34.08
C MET B 208 -65.16 -56.49 33.68
N LYS B 209 -66.11 -57.00 32.86
CA LYS B 209 -67.28 -56.24 32.38
C LYS B 209 -68.24 -55.97 33.55
N ARG B 210 -68.45 -57.00 34.39
CA ARG B 210 -69.37 -56.96 35.53
C ARG B 210 -68.85 -56.00 36.62
N ASP B 211 -67.50 -55.95 36.78
CA ASP B 211 -66.83 -55.07 37.76
C ASP B 211 -66.82 -53.61 37.25
N TYR B 212 -66.76 -53.47 35.91
CA TYR B 212 -66.97 -52.18 35.22
C TYR B 212 -68.39 -51.63 35.55
N GLU B 213 -69.41 -52.50 35.44
CA GLU B 213 -70.81 -52.13 35.73
C GLU B 213 -70.98 -51.81 37.22
N SER B 214 -70.25 -52.56 38.06
CA SER B 214 -70.29 -52.40 39.52
C SER B 214 -69.59 -51.09 39.95
N ALA B 215 -68.63 -50.63 39.12
CA ALA B 215 -67.95 -49.32 39.30
C ALA B 215 -68.87 -48.17 38.84
N LYS B 216 -69.70 -48.45 37.80
CA LYS B 216 -70.68 -47.50 37.23
C LYS B 216 -71.78 -47.14 38.26
N LYS B 217 -72.01 -48.07 39.21
CA LYS B 217 -72.96 -47.86 40.32
C LYS B 217 -72.46 -46.71 41.23
N LYS B 218 -71.14 -46.68 41.45
CA LYS B 218 -70.48 -45.62 42.24
C LYS B 218 -70.54 -44.27 41.50
N VAL B 219 -70.45 -44.33 40.15
CA VAL B 219 -70.45 -43.12 39.29
C VAL B 219 -71.84 -42.45 39.32
N GLU B 220 -72.88 -43.29 39.36
CA GLU B 220 -74.29 -42.87 39.49
C GLU B 220 -74.49 -42.02 40.78
N GLN B 221 -73.68 -42.33 41.81
CA GLN B 221 -73.68 -41.59 43.08
C GLN B 221 -73.02 -40.20 42.91
N SER B 222 -71.90 -40.15 42.16
CA SER B 222 -71.12 -38.89 41.94
C SER B 222 -71.79 -37.96 40.91
N LEU B 223 -72.88 -38.42 40.27
CA LEU B 223 -73.70 -37.59 39.34
C LEU B 223 -74.32 -36.36 40.06
N ASN B 224 -74.52 -36.47 41.38
CA ASN B 224 -75.07 -35.38 42.24
C ASN B 224 -73.97 -34.66 43.03
N LEU B 225 -72.73 -35.16 42.95
CA LEU B 225 -71.56 -34.53 43.60
C LEU B 225 -70.90 -33.56 42.62
N GLU B 226 -70.51 -34.10 41.45
CA GLU B 226 -69.84 -33.33 40.39
C GLU B 226 -70.88 -32.45 39.67
N LYS B 227 -70.66 -31.13 39.69
CA LYS B 227 -71.61 -30.13 39.18
C LYS B 227 -70.87 -28.79 38.98
N THR B 228 -70.70 -28.35 37.73
CA THR B 228 -70.14 -27.02 37.43
C THR B 228 -71.25 -25.97 37.60
N VAL B 229 -71.11 -25.11 38.61
CA VAL B 229 -72.10 -24.05 38.92
C VAL B 229 -72.04 -22.91 37.87
N PRO B 230 -73.20 -22.25 37.53
CA PRO B 230 -73.23 -21.08 36.60
C PRO B 230 -72.52 -19.83 37.17
N GLU B 231 -72.41 -19.78 38.52
CA GLU B 231 -71.72 -18.69 39.28
C GLU B 231 -72.48 -17.33 39.14
N GLN B 232 -73.73 -17.37 38.60
CA GLN B 232 -74.56 -16.18 38.34
C GLN B 232 -73.85 -15.20 37.37
N SER B 233 -73.08 -15.76 36.41
CA SER B 233 -72.36 -15.00 35.39
C SER B 233 -73.35 -14.57 34.27
N ARG B 234 -73.84 -13.33 34.39
CA ARG B 234 -74.90 -12.78 33.53
C ARG B 234 -74.31 -11.95 32.37
N ASP B 235 -74.76 -12.22 31.14
CA ASP B 235 -74.35 -11.49 29.93
C ASP B 235 -75.52 -11.45 28.94
N ALA B 236 -75.90 -12.64 28.46
CA ALA B 236 -77.13 -12.83 27.66
C ALA B 236 -78.35 -12.89 28.59
N ASP B 237 -78.10 -13.19 29.88
CA ASP B 237 -79.10 -13.27 30.96
C ASP B 237 -79.75 -11.89 31.22
N VAL B 238 -78.91 -10.84 31.34
CA VAL B 238 -79.39 -9.45 31.50
C VAL B 238 -79.99 -8.94 30.16
N ASP B 239 -80.38 -7.65 30.13
CA ASP B 239 -80.99 -7.02 28.95
C ASP B 239 -79.97 -6.88 27.80
N ALA B 240 -79.91 -7.93 26.96
CA ALA B 240 -79.06 -8.00 25.76
C ALA B 240 -79.80 -7.39 24.56
N SER B 241 -81.14 -7.51 24.58
CA SER B 241 -82.03 -6.91 23.56
C SER B 241 -82.34 -5.42 23.88
N GLN B 242 -81.62 -4.85 24.88
CA GLN B 242 -81.72 -3.43 25.29
C GLN B 242 -81.30 -2.49 24.13
N GLY B 243 -81.89 -1.27 24.11
CA GLY B 243 -81.61 -0.26 23.07
C GLY B 243 -82.13 -0.72 21.71
N ALA B 244 -81.44 -0.28 20.66
CA ALA B 244 -81.71 -0.73 19.28
C ALA B 244 -80.85 -1.97 18.99
N SER B 245 -81.39 -3.15 19.33
CA SER B 245 -80.73 -4.46 19.14
C SER B 245 -81.13 -5.05 17.77
N ALA B 246 -81.08 -4.20 16.73
CA ALA B 246 -81.39 -4.57 15.34
C ALA B 246 -80.45 -5.68 14.82
N GLY B 247 -79.23 -5.71 15.38
CA GLY B 247 -78.23 -6.72 15.03
C GLY B 247 -76.83 -6.17 15.19
N GLY B 248 -76.16 -6.55 16.28
CA GLY B 248 -74.76 -6.15 16.53
C GLY B 248 -73.75 -6.94 15.71
N LEU B 249 -74.26 -7.85 14.84
CA LEU B 249 -73.46 -8.73 13.99
C LEU B 249 -73.84 -8.50 12.50
N PRO B 250 -72.97 -7.81 11.70
CA PRO B 250 -73.15 -7.70 10.23
C PRO B 250 -72.78 -9.02 9.50
N ASP B 251 -73.45 -9.27 8.37
CA ASP B 251 -73.22 -10.48 7.53
C ASP B 251 -71.81 -10.45 6.92
N LEU B 252 -71.49 -9.33 6.26
CA LEU B 252 -70.18 -9.13 5.63
C LEU B 252 -69.72 -7.67 5.78
N GLY B 253 -70.65 -6.71 5.58
CA GLY B 253 -70.35 -5.27 5.41
C GLY B 253 -69.32 -4.69 6.40
N SER B 254 -69.72 -4.51 7.66
CA SER B 254 -68.83 -3.96 8.71
C SER B 254 -67.97 -5.07 9.37
N LEU B 255 -68.21 -6.34 8.98
CA LEU B 255 -67.54 -7.52 9.55
C LEU B 255 -66.12 -7.65 8.97
N LEU B 256 -66.06 -7.88 7.66
CA LEU B 256 -64.81 -7.89 6.85
C LEU B 256 -65.24 -7.96 5.37
N GLY B 257 -66.12 -7.02 4.99
CA GLY B 257 -66.63 -6.90 3.62
C GLY B 257 -65.61 -6.30 2.67
N GLY B 258 -64.62 -5.61 3.26
CA GLY B 258 -63.51 -5.02 2.52
C GLY B 258 -62.67 -6.05 1.78
N GLY B 259 -63.05 -6.31 0.53
CA GLY B 259 -62.30 -7.17 -0.39
C GLY B 259 -62.29 -6.54 -1.76
N LEU B 260 -61.66 -5.34 -1.84
CA LEU B 260 -61.62 -4.51 -3.06
C LEU B 260 -61.02 -5.30 -4.23
N GLY B 261 -59.94 -6.03 -3.92
CA GLY B 261 -59.30 -6.92 -4.87
C GLY B 261 -58.29 -7.81 -4.18
N GLY B 262 -58.80 -8.70 -3.28
CA GLY B 262 -57.95 -9.66 -2.54
C GLY B 262 -57.14 -10.56 -3.47
N LEU B 263 -55.97 -11.01 -2.98
CA LEU B 263 -54.92 -11.72 -3.76
C LEU B 263 -54.18 -10.74 -4.71
N MET B 264 -54.96 -10.06 -5.57
CA MET B 264 -54.46 -9.03 -6.51
C MET B 264 -53.74 -7.88 -5.75
N ASN B 265 -54.35 -7.46 -4.62
CA ASN B 265 -53.84 -6.34 -3.79
C ASN B 265 -52.87 -6.91 -2.73
N ASN B 266 -51.71 -7.34 -3.24
CA ASN B 266 -50.61 -7.94 -2.47
C ASN B 266 -49.30 -7.75 -3.30
N PRO B 267 -48.12 -7.49 -2.64
CA PRO B 267 -46.81 -7.54 -3.34
C PRO B 267 -46.53 -8.93 -3.97
N GLN B 268 -47.07 -9.98 -3.31
CA GLN B 268 -47.00 -11.41 -3.72
C GLN B 268 -45.54 -11.93 -3.65
N LEU B 269 -44.71 -11.53 -4.63
CA LEU B 269 -43.27 -11.87 -4.67
C LEU B 269 -42.49 -11.08 -3.60
N MET B 270 -43.15 -10.01 -3.07
CA MET B 270 -42.62 -9.08 -2.04
C MET B 270 -41.69 -8.03 -2.71
N GLN B 271 -40.75 -8.52 -3.55
CA GLN B 271 -39.91 -7.70 -4.46
C GLN B 271 -38.86 -6.86 -3.69
N ALA B 272 -38.70 -7.15 -2.38
CA ALA B 272 -37.75 -6.45 -1.48
C ALA B 272 -36.33 -7.04 -1.64
N ALA B 273 -35.76 -6.78 -2.83
CA ALA B 273 -34.40 -7.18 -3.21
C ALA B 273 -33.94 -6.22 -4.30
N GLN B 274 -34.76 -6.11 -5.36
CA GLN B 274 -34.57 -5.12 -6.43
C GLN B 274 -34.95 -3.71 -5.92
N LYS B 275 -35.66 -3.67 -4.77
CA LYS B 275 -35.94 -2.45 -4.01
C LYS B 275 -34.89 -2.30 -2.89
N MET B 276 -33.92 -1.37 -3.09
CA MET B 276 -32.86 -0.99 -2.11
C MET B 276 -31.87 -2.15 -1.82
N MET B 277 -32.30 -3.09 -0.96
CA MET B 277 -31.41 -4.11 -0.36
C MET B 277 -31.17 -5.30 -1.33
N SER B 278 -30.20 -5.14 -2.23
CA SER B 278 -29.70 -6.22 -3.10
C SER B 278 -28.28 -6.62 -2.66
N ASN B 279 -27.49 -5.60 -2.30
CA ASN B 279 -26.06 -5.73 -2.00
C ASN B 279 -25.46 -4.42 -1.40
N PRO B 280 -25.76 -3.18 -1.96
CA PRO B 280 -25.28 -1.90 -1.35
C PRO B 280 -25.71 -1.73 0.14
N GLY B 281 -24.87 -1.01 0.89
CA GLY B 281 -25.02 -0.87 2.34
C GLY B 281 -24.34 -2.00 3.10
N ALA B 282 -24.18 -1.82 4.42
CA ALA B 282 -23.54 -2.79 5.34
C ALA B 282 -22.00 -2.86 5.14
N MET B 283 -21.58 -3.46 4.00
CA MET B 283 -20.15 -3.54 3.56
C MET B 283 -19.31 -4.47 4.48
N GLN B 284 -19.98 -5.12 5.46
CA GLN B 284 -19.38 -5.89 6.56
C GLN B 284 -18.61 -4.98 7.53
N ASN B 285 -17.52 -4.35 7.03
CA ASN B 285 -16.69 -3.35 7.74
C ASN B 285 -15.82 -3.99 8.84
N ILE B 286 -16.50 -4.41 9.95
CA ILE B 286 -15.88 -4.85 11.24
C ILE B 286 -14.90 -3.78 11.79
N GLN B 287 -14.13 -4.12 12.83
CA GLN B 287 -13.17 -3.18 13.43
C GLN B 287 -11.74 -3.77 13.35
N LYS B 288 -10.97 -3.30 12.36
CA LYS B 288 -9.57 -3.72 12.17
C LYS B 288 -8.57 -2.67 12.68
N MET B 289 -9.09 -1.54 13.20
CA MET B 289 -8.31 -0.39 13.69
C MET B 289 -7.61 0.36 12.51
N MET B 290 -6.67 -0.33 11.85
CA MET B 290 -5.94 0.17 10.65
C MET B 290 -5.07 1.38 11.03
N GLN B 291 -4.44 1.25 12.23
CA GLN B 291 -3.51 2.23 12.83
C GLN B 291 -4.25 3.53 13.23
N ASP B 292 -4.52 4.40 12.22
CA ASP B 292 -5.18 5.69 12.42
C ASP B 292 -5.82 6.15 11.09
N PRO B 293 -7.06 5.70 10.78
CA PRO B 293 -7.89 6.29 9.71
C PRO B 293 -8.84 7.37 10.29
N SER B 294 -8.27 8.28 11.12
CA SER B 294 -9.03 9.31 11.84
C SER B 294 -9.71 10.28 10.85
N ILE B 295 -8.90 11.01 10.06
CA ILE B 295 -9.36 11.82 8.93
C ILE B 295 -8.99 11.03 7.65
N ARG B 296 -7.66 10.98 7.36
CA ARG B 296 -7.06 10.19 6.28
C ARG B 296 -7.70 10.48 4.90
N GLN B 297 -7.22 11.52 4.22
CA GLN B 297 -7.68 11.89 2.88
C GLN B 297 -6.59 11.52 1.85
N MET B 298 -5.54 12.37 1.75
CA MET B 298 -4.48 12.27 0.72
C MET B 298 -3.37 13.31 0.95
N ALA B 299 -2.42 13.39 0.01
CA ALA B 299 -1.30 14.35 0.06
C ALA B 299 -1.80 15.79 -0.20
N GLU B 300 -2.21 16.47 0.88
CA GLU B 300 -2.60 17.89 0.85
C GLU B 300 -1.33 18.77 0.85
N GLY B 301 -1.39 19.93 0.17
CA GLY B 301 -0.25 20.83 0.05
C GLY B 301 0.72 20.38 -1.01
N PHE B 302 2.05 20.50 -0.71
CA PHE B 302 3.17 20.16 -1.62
C PHE B 302 3.13 21.01 -2.92
N ALA B 303 2.35 22.11 -2.91
CA ALA B 303 2.14 22.98 -4.08
C ALA B 303 3.39 23.82 -4.35
N SER B 304 4.07 24.22 -3.24
CA SER B 304 5.42 24.85 -3.24
C SER B 304 5.42 26.30 -3.78
N GLY B 305 6.39 27.10 -3.28
CA GLY B 305 6.53 28.53 -3.61
C GLY B 305 7.31 28.79 -4.89
N GLY B 306 6.81 28.21 -6.00
CA GLY B 306 7.42 28.37 -7.31
C GLY B 306 6.78 29.51 -8.09
N GLY B 307 7.56 30.54 -8.44
CA GLY B 307 7.08 31.73 -9.13
C GLY B 307 6.67 31.44 -10.58
N THR B 308 5.40 31.04 -10.77
CA THR B 308 4.82 30.75 -12.10
C THR B 308 4.77 32.02 -12.97
N PRO B 309 5.29 31.98 -14.26
CA PRO B 309 5.25 33.13 -15.22
C PRO B 309 3.81 33.59 -15.59
N ASN B 310 3.69 34.35 -16.69
CA ASN B 310 2.37 34.75 -17.23
C ASN B 310 1.76 33.63 -18.12
N LEU B 311 2.22 32.38 -17.91
CA LEU B 311 1.81 31.19 -18.71
C LEU B 311 0.31 30.92 -18.62
N SER B 312 -0.36 31.49 -17.60
CA SER B 312 -1.81 31.36 -17.39
C SER B 312 -2.64 31.85 -18.61
N ASP B 313 -2.12 32.86 -19.34
CA ASP B 313 -2.82 33.44 -20.51
C ASP B 313 -2.35 32.79 -21.84
N LEU B 314 -1.80 31.56 -21.76
CA LEU B 314 -1.44 30.76 -22.97
C LEU B 314 -2.71 30.30 -23.72
N MET B 315 -3.84 30.30 -22.98
CA MET B 315 -5.16 29.87 -23.45
C MET B 315 -5.61 30.62 -24.72
N ASN B 316 -5.34 31.95 -24.76
CA ASN B 316 -5.60 32.85 -25.91
C ASN B 316 -7.12 33.07 -26.14
N ASN B 317 -7.45 34.11 -26.90
CA ASN B 317 -8.83 34.41 -27.34
C ASN B 317 -9.28 33.35 -28.38
N PRO B 318 -10.56 32.84 -28.31
CA PRO B 318 -11.07 31.79 -29.24
C PRO B 318 -11.00 32.25 -30.72
N ALA B 319 -9.93 31.79 -31.40
CA ALA B 319 -9.57 32.15 -32.79
C ALA B 319 -10.53 31.56 -33.84
N LEU B 320 -11.48 30.70 -33.39
CA LEU B 320 -12.53 30.10 -34.24
C LEU B 320 -13.27 31.19 -35.06
N ARG B 321 -13.96 32.10 -34.33
CA ARG B 321 -14.69 33.26 -34.90
C ARG B 321 -15.81 32.82 -35.91
N ASN B 322 -16.68 33.75 -36.31
CA ASN B 322 -17.61 33.56 -37.45
C ASN B 322 -16.83 33.70 -38.78
N MET B 323 -16.08 32.63 -39.16
CA MET B 323 -15.33 32.60 -40.43
C MET B 323 -16.07 31.71 -41.45
N ALA B 324 -16.43 30.49 -41.01
CA ALA B 324 -17.19 29.53 -41.84
C ALA B 324 -18.57 30.11 -42.22
N GLY B 325 -19.18 30.81 -41.25
CA GLY B 325 -20.43 31.54 -41.47
C GLY B 325 -20.25 33.03 -41.24
N ASN B 326 -19.34 33.65 -42.04
CA ASN B 326 -19.11 35.11 -42.01
C ASN B 326 -20.09 35.84 -42.96
N LEU B 327 -20.35 35.22 -44.11
CA LEU B 327 -21.28 35.75 -45.13
C LEU B 327 -21.89 34.62 -45.98
N PHE B 328 -21.81 33.36 -45.47
CA PHE B 328 -22.23 32.18 -46.22
C PHE B 328 -23.78 32.05 -46.24
N GLY B 329 -24.35 32.09 -47.46
CA GLY B 329 -25.78 31.86 -47.70
C GLY B 329 -26.66 33.01 -47.26
N GLY B 330 -27.06 32.99 -45.97
CA GLY B 330 -28.02 33.95 -45.41
C GLY B 330 -27.55 35.40 -45.52
N ALA B 331 -26.29 35.65 -45.14
CA ALA B 331 -25.69 36.99 -45.17
C ALA B 331 -25.02 37.27 -46.53
N GLY B 332 -25.85 37.39 -47.58
CA GLY B 332 -25.37 37.73 -48.93
C GLY B 332 -26.34 37.29 -50.00
N ALA B 333 -26.59 35.98 -50.08
CA ALA B 333 -27.53 35.39 -51.03
C ALA B 333 -28.97 35.56 -50.50
N GLN B 334 -29.58 36.72 -50.83
CA GLN B 334 -30.96 37.05 -50.42
C GLN B 334 -31.67 37.76 -51.58
N SER B 335 -32.48 36.98 -52.31
CA SER B 335 -33.36 37.46 -53.40
C SER B 335 -34.81 37.03 -53.14
N THR B 336 -35.02 36.26 -52.03
CA THR B 336 -36.35 35.72 -51.64
C THR B 336 -37.23 36.81 -50.95
N ASP B 337 -36.74 38.07 -50.95
CA ASP B 337 -37.47 39.24 -50.41
C ASP B 337 -38.91 39.28 -50.95
N GLU B 338 -39.04 39.07 -52.28
CA GLU B 338 -40.34 38.92 -52.99
C GLU B 338 -40.21 37.80 -54.03
N THR B 339 -41.24 36.92 -54.12
CA THR B 339 -41.27 35.81 -55.09
C THR B 339 -41.55 36.32 -56.55
N PRO B 340 -42.55 37.25 -56.80
CA PRO B 340 -42.69 37.90 -58.14
C PRO B 340 -41.43 38.73 -58.51
N ASP B 341 -41.11 39.74 -57.66
CA ASP B 341 -39.93 40.61 -57.77
C ASP B 341 -39.77 41.27 -59.17
N ASN B 342 -39.22 40.51 -60.15
CA ASN B 342 -39.01 41.01 -61.52
C ASN B 342 -40.29 40.82 -62.38
N GLU B 343 -41.46 40.72 -61.73
CA GLU B 343 -42.77 40.71 -62.39
C GLU B 343 -43.00 42.04 -63.14
N ASN B 344 -42.49 42.11 -64.37
CA ASN B 344 -42.66 43.27 -65.28
C ASN B 344 -43.85 43.02 -66.20
N LYS B 345 -44.52 44.12 -66.62
CA LYS B 345 -45.79 44.08 -67.37
C LYS B 345 -46.88 43.50 -66.45
N GLN B 346 -47.60 44.38 -65.76
CA GLN B 346 -48.69 43.99 -64.84
C GLN B 346 -49.97 43.67 -65.64
N TYR B 347 -50.67 42.61 -65.18
CA TYR B 347 -51.94 42.12 -65.77
C TYR B 347 -51.74 41.70 -67.27
N MET A 1 3.97 -11.85 -17.28
CA MET A 1 5.04 -10.82 -17.24
C MET A 1 4.42 -9.47 -16.79
N SER A 2 5.14 -8.76 -15.91
CA SER A 2 4.74 -7.44 -15.38
C SER A 2 5.03 -6.32 -16.42
N ALA A 3 4.40 -6.42 -17.61
CA ALA A 3 4.65 -5.55 -18.79
C ALA A 3 6.12 -5.65 -19.25
N SER A 4 6.56 -4.76 -20.16
CA SER A 4 7.98 -4.69 -20.56
C SER A 4 8.78 -4.05 -19.42
N LYS A 5 9.85 -4.73 -18.99
CA LYS A 5 10.71 -4.30 -17.85
C LYS A 5 11.48 -2.99 -18.15
N GLU A 6 11.71 -2.72 -19.45
CA GLU A 6 12.27 -1.43 -19.94
C GLU A 6 11.24 -0.30 -19.75
N GLU A 7 9.98 -0.66 -20.03
CA GLU A 7 8.82 0.24 -19.98
C GLU A 7 8.36 0.52 -18.52
N ILE A 8 8.60 -0.47 -17.64
CA ILE A 8 8.40 -0.34 -16.19
C ILE A 8 9.49 0.57 -15.62
N ALA A 9 10.73 0.33 -16.07
CA ALA A 9 11.88 1.16 -15.72
C ALA A 9 11.69 2.61 -16.17
N ALA A 10 10.95 2.79 -17.28
CA ALA A 10 10.59 4.13 -17.79
C ALA A 10 9.66 4.88 -16.82
N LEU A 11 8.72 4.13 -16.20
CA LEU A 11 7.80 4.65 -15.16
C LEU A 11 8.58 4.97 -13.87
N ILE A 12 9.55 4.07 -13.55
CA ILE A 12 10.37 4.14 -12.33
C ILE A 12 11.30 5.37 -12.34
N VAL A 13 11.97 5.62 -13.48
CA VAL A 13 12.89 6.77 -13.60
C VAL A 13 12.10 8.09 -13.71
N ASN A 14 10.88 8.01 -14.26
CA ASN A 14 9.96 9.17 -14.40
C ASN A 14 9.32 9.50 -13.05
N TYR A 15 9.16 8.46 -12.20
CA TYR A 15 8.68 8.58 -10.82
C TYR A 15 9.66 9.47 -10.03
N PHE A 16 10.95 9.08 -10.06
CA PHE A 16 12.03 9.83 -9.39
C PHE A 16 12.24 11.22 -10.02
N SER A 17 12.09 11.31 -11.35
CA SER A 17 12.28 12.56 -12.12
C SER A 17 11.32 13.68 -11.63
N SER A 18 10.08 13.29 -11.32
CA SER A 18 9.05 14.20 -10.83
C SER A 18 9.29 14.57 -9.35
N ILE A 19 9.80 13.60 -8.55
CA ILE A 19 10.10 13.79 -7.12
C ILE A 19 11.27 14.78 -6.92
N VAL A 20 12.33 14.61 -7.72
CA VAL A 20 13.58 15.42 -7.57
C VAL A 20 13.39 16.85 -8.09
N GLU A 21 12.49 17.02 -9.08
CA GLU A 21 12.14 18.32 -9.65
C GLU A 21 11.32 19.14 -8.65
N LYS A 22 10.27 18.50 -8.08
CA LYS A 22 9.44 19.12 -7.04
C LYS A 22 10.23 19.23 -5.72
N LYS A 23 11.24 18.33 -5.57
CA LYS A 23 12.14 18.28 -4.41
C LYS A 23 11.32 17.99 -3.13
N GLU A 24 10.46 16.97 -3.26
CA GLU A 24 9.58 16.46 -2.17
C GLU A 24 10.42 15.81 -1.06
N ILE A 25 11.53 15.19 -1.50
CA ILE A 25 12.57 14.64 -0.64
C ILE A 25 13.72 15.68 -0.59
N SER A 26 14.54 15.64 0.49
CA SER A 26 15.69 16.55 0.66
C SER A 26 16.70 16.39 -0.49
N GLU A 27 17.56 17.42 -0.65
CA GLU A 27 18.55 17.52 -1.74
C GLU A 27 19.58 16.37 -1.67
N ASP A 28 19.71 15.78 -0.46
CA ASP A 28 20.50 14.58 -0.20
C ASP A 28 19.94 13.40 -1.02
N GLY A 29 18.67 13.06 -0.71
CA GLY A 29 17.99 11.94 -1.34
C GLY A 29 17.69 12.18 -2.81
N ALA A 30 17.38 13.44 -3.16
CA ALA A 30 17.06 13.84 -4.53
C ALA A 30 18.26 13.65 -5.47
N ASP A 31 19.46 13.95 -4.94
CA ASP A 31 20.74 13.75 -5.65
C ASP A 31 21.02 12.25 -5.82
N SER A 32 20.66 11.46 -4.79
CA SER A 32 20.82 10.00 -4.79
C SER A 32 19.83 9.32 -5.78
N LEU A 33 18.65 9.95 -5.96
CA LEU A 33 17.62 9.47 -6.90
C LEU A 33 17.95 9.88 -8.33
N ASN A 34 18.67 11.01 -8.47
CA ASN A 34 19.09 11.56 -9.78
C ASN A 34 20.06 10.58 -10.46
N VAL A 35 21.09 10.15 -9.71
CA VAL A 35 22.09 9.17 -10.20
C VAL A 35 21.48 7.77 -10.34
N ALA A 36 20.48 7.45 -9.49
CA ALA A 36 19.79 6.14 -9.53
C ALA A 36 19.03 5.98 -10.85
N MET A 37 18.14 6.94 -11.14
CA MET A 37 17.29 6.92 -12.34
C MET A 37 18.14 7.08 -13.63
N ASP A 38 19.29 7.76 -13.49
CA ASP A 38 20.28 7.94 -14.56
C ASP A 38 20.84 6.57 -15.00
N CYS A 39 21.23 5.76 -14.00
CA CYS A 39 21.78 4.41 -14.22
C CYS A 39 20.76 3.46 -14.87
N ILE A 40 19.50 3.54 -14.42
CA ILE A 40 18.41 2.65 -14.84
C ILE A 40 18.00 2.91 -16.32
N SER A 41 17.98 4.20 -16.71
CA SER A 41 17.57 4.62 -18.07
C SER A 41 18.51 4.01 -19.13
N GLU A 42 19.83 4.17 -18.90
CA GLU A 42 20.87 3.67 -19.82
C GLU A 42 21.05 2.14 -19.69
N ALA A 43 20.60 1.56 -18.57
CA ALA A 43 20.73 0.11 -18.31
C ALA A 43 19.93 -0.71 -19.34
N PHE A 44 18.65 -0.32 -19.50
CA PHE A 44 17.72 -0.96 -20.46
C PHE A 44 17.87 -0.34 -21.86
N GLY A 45 18.47 0.86 -21.93
CA GLY A 45 18.79 1.52 -23.20
C GLY A 45 17.63 2.31 -23.76
N PHE A 46 17.11 3.22 -22.94
CA PHE A 46 16.08 4.18 -23.35
C PHE A 46 16.46 5.57 -22.80
N GLU A 47 16.00 6.64 -23.49
CA GLU A 47 16.27 8.02 -23.07
C GLU A 47 15.44 8.39 -21.83
N ARG A 48 16.07 9.15 -20.93
CA ARG A 48 15.48 9.66 -19.68
C ARG A 48 14.27 10.59 -19.94
N GLU A 49 14.23 11.17 -21.16
CA GLU A 49 13.15 12.07 -21.61
C GLU A 49 12.08 11.31 -22.41
N ALA A 50 12.50 10.23 -23.11
CA ALA A 50 11.62 9.43 -23.98
C ALA A 50 10.57 8.67 -23.16
N VAL A 51 10.78 8.61 -21.84
CA VAL A 51 9.87 7.95 -20.89
C VAL A 51 8.41 8.46 -21.01
N SER A 52 8.25 9.76 -21.32
CA SER A 52 6.95 10.40 -21.51
C SER A 52 6.19 9.76 -22.70
N GLY A 53 6.97 9.44 -23.76
CA GLY A 53 6.45 8.72 -24.91
C GLY A 53 6.13 7.27 -24.58
N ILE A 54 7.09 6.57 -23.93
CA ILE A 54 7.02 5.13 -23.59
C ILE A 54 5.73 4.79 -22.78
N LEU A 55 5.40 5.68 -21.83
CA LEU A 55 4.22 5.52 -20.96
C LEU A 55 2.92 5.80 -21.74
N GLY A 56 3.03 6.64 -22.78
CA GLY A 56 1.91 6.89 -23.69
C GLY A 56 1.56 5.68 -24.55
N LYS A 57 2.57 4.81 -24.82
CA LYS A 57 2.38 3.55 -25.56
C LYS A 57 2.16 2.36 -24.59
N SER A 58 2.18 2.63 -23.26
CA SER A 58 2.08 1.57 -22.23
C SER A 58 0.63 1.41 -21.73
N GLU A 59 0.24 0.16 -21.47
CA GLU A 59 -1.04 -0.18 -20.82
C GLU A 59 -0.80 -0.60 -19.35
N PHE A 60 0.40 -1.17 -19.08
CA PHE A 60 0.73 -1.89 -17.82
C PHE A 60 -0.24 -3.08 -17.62
N LYS A 61 -0.16 -3.78 -16.48
CA LYS A 61 -1.03 -4.96 -16.22
C LYS A 61 -2.07 -4.64 -15.12
N GLY A 62 -1.96 -3.44 -14.51
CA GLY A 62 -2.92 -2.97 -13.53
C GLY A 62 -2.85 -1.48 -13.29
N GLN A 63 -1.62 -0.97 -13.00
CA GLN A 63 -1.40 0.44 -12.62
C GLN A 63 -1.95 1.41 -13.69
N HIS A 64 -1.33 1.38 -14.89
CA HIS A 64 -1.69 2.23 -16.05
C HIS A 64 -1.62 3.74 -15.71
N LEU A 65 -2.70 4.27 -15.10
CA LEU A 65 -2.81 5.67 -14.63
C LEU A 65 -3.74 5.69 -13.40
N ALA A 66 -3.87 6.89 -12.75
CA ALA A 66 -4.78 7.14 -11.58
C ALA A 66 -4.25 6.56 -10.25
N ASP A 67 -3.60 5.38 -10.31
CA ASP A 67 -2.94 4.79 -9.12
C ASP A 67 -1.86 5.73 -8.59
N ILE A 68 -0.90 6.09 -9.44
CA ILE A 68 0.14 7.09 -9.11
C ILE A 68 0.16 8.20 -10.18
N LEU A 69 0.12 9.46 -9.71
CA LEU A 69 0.05 10.65 -10.57
C LEU A 69 1.43 11.34 -10.63
N ASN A 70 2.48 10.59 -10.23
CA ASN A 70 3.88 11.07 -10.14
C ASN A 70 4.62 10.89 -11.48
N SER A 71 3.85 10.66 -12.56
CA SER A 71 4.36 10.63 -13.95
C SER A 71 4.68 12.07 -14.39
N ALA A 72 3.79 13.00 -14.00
CA ALA A 72 3.95 14.44 -14.26
C ALA A 72 3.22 15.22 -13.16
N SER A 73 3.98 15.72 -12.17
CA SER A 73 3.44 16.52 -11.05
C SER A 73 4.06 17.92 -11.09
N ARG A 74 3.21 18.96 -11.10
CA ARG A 74 3.64 20.38 -11.07
C ARG A 74 2.86 21.11 -9.97
N VAL A 75 3.55 21.99 -9.23
CA VAL A 75 2.92 22.79 -8.16
C VAL A 75 2.74 24.27 -8.63
N PRO A 76 1.55 24.90 -8.36
CA PRO A 76 1.35 26.35 -8.58
C PRO A 76 2.03 27.22 -7.49
N GLU A 77 2.50 26.55 -6.41
CA GLU A 77 3.22 27.15 -5.27
C GLU A 77 2.38 28.23 -4.57
N SER A 78 2.51 29.50 -5.03
CA SER A 78 1.86 30.66 -4.40
C SER A 78 0.44 30.84 -4.95
N ASN A 79 0.28 30.61 -6.26
CA ASN A 79 -0.99 30.87 -6.96
C ASN A 79 -2.15 30.06 -6.37
N LYS A 80 -1.99 28.72 -6.37
CA LYS A 80 -2.98 27.76 -5.81
C LYS A 80 -4.31 27.81 -6.62
N LYS A 81 -5.09 28.87 -6.40
CA LYS A 81 -6.34 29.15 -7.13
C LYS A 81 -6.43 30.68 -7.34
N ASP A 82 -5.46 31.22 -8.12
CA ASP A 82 -5.36 32.67 -8.44
C ASP A 82 -5.10 33.54 -7.18
N ASP A 83 -4.75 32.89 -6.06
CA ASP A 83 -4.66 33.52 -4.73
C ASP A 83 -6.04 34.06 -4.29
N ALA A 84 -6.05 35.09 -3.39
CA ALA A 84 -7.28 35.64 -2.73
C ALA A 84 -7.77 34.70 -1.61
N GLU A 85 -7.89 33.40 -1.94
CA GLU A 85 -8.10 32.30 -0.98
C GLU A 85 -9.52 32.36 -0.35
N ASN A 86 -9.65 32.99 0.84
CA ASN A 86 -10.92 33.08 1.58
C ASN A 86 -11.20 34.54 1.93
N VAL A 87 -11.97 35.20 1.07
CA VAL A 87 -12.35 36.61 1.21
C VAL A 87 -13.61 36.86 0.36
N GLU A 88 -14.62 37.51 0.96
CA GLU A 88 -15.88 37.84 0.29
C GLU A 88 -15.68 39.05 -0.63
N ILE A 89 -15.16 38.77 -1.85
CA ILE A 89 -14.86 39.74 -2.93
C ILE A 89 -14.09 40.98 -2.39
N ASN A 90 -14.82 41.98 -1.88
CA ASN A 90 -14.24 43.17 -1.26
C ASN A 90 -14.88 43.43 0.10
N ILE A 91 -16.19 43.04 0.19
CA ILE A 91 -17.16 43.33 1.28
C ILE A 91 -18.17 44.44 0.87
N PRO A 92 -17.77 45.76 0.60
CA PRO A 92 -18.76 46.83 0.24
C PRO A 92 -19.22 46.76 -1.24
N GLU A 93 -19.87 45.63 -1.60
CA GLU A 93 -20.40 45.39 -2.94
C GLU A 93 -21.89 45.71 -2.97
N ASP A 94 -22.69 44.89 -2.26
CA ASP A 94 -24.16 44.96 -2.31
C ASP A 94 -24.73 45.83 -1.17
N ASP A 95 -24.70 45.30 0.07
CA ASP A 95 -25.43 45.89 1.23
C ASP A 95 -24.57 45.87 2.51
N ALA A 96 -23.24 46.00 2.35
CA ALA A 96 -22.30 46.01 3.49
C ALA A 96 -22.36 47.33 4.27
N GLU A 97 -22.65 48.44 3.55
CA GLU A 97 -22.71 49.79 4.13
C GLU A 97 -23.78 49.85 5.25
N THR A 98 -25.00 49.38 4.90
CA THR A 98 -26.18 49.45 5.78
C THR A 98 -26.06 48.51 7.02
N LYS A 99 -25.11 47.53 6.99
CA LYS A 99 -24.84 46.62 8.12
C LYS A 99 -24.38 47.37 9.39
N ALA A 100 -23.79 48.59 9.22
CA ALA A 100 -23.42 49.46 10.35
C ALA A 100 -24.66 49.90 11.15
N LYS A 101 -25.73 50.23 10.39
CA LYS A 101 -27.02 50.68 10.94
C LYS A 101 -27.81 49.50 11.56
N ALA A 102 -27.52 48.27 11.06
CA ALA A 102 -28.22 47.03 11.48
C ALA A 102 -28.08 46.74 12.97
N GLU A 103 -26.93 47.16 13.54
CA GLU A 103 -26.62 47.00 14.97
C GLU A 103 -27.63 47.76 15.87
N ASP A 104 -28.02 48.96 15.41
CA ASP A 104 -28.97 49.84 16.12
C ASP A 104 -30.38 49.22 16.17
N LEU A 105 -30.90 48.86 14.98
CA LEU A 105 -32.28 48.36 14.82
C LEU A 105 -32.48 46.96 15.43
N LYS A 106 -31.36 46.23 15.55
CA LYS A 106 -31.29 44.96 16.30
C LYS A 106 -31.56 45.27 17.79
N MET A 107 -30.80 46.24 18.33
CA MET A 107 -30.89 46.69 19.74
C MET A 107 -32.30 47.20 20.08
N GLN A 108 -32.94 47.85 19.09
CA GLN A 108 -34.31 48.38 19.23
C GLN A 108 -35.32 47.24 19.45
N GLY A 109 -35.17 46.16 18.64
CA GLY A 109 -36.01 44.97 18.76
C GLY A 109 -35.79 44.23 20.07
N ASN A 110 -34.52 44.22 20.54
CA ASN A 110 -34.13 43.58 21.82
C ASN A 110 -34.72 44.32 23.02
N LYS A 111 -34.76 45.66 22.91
CA LYS A 111 -35.27 46.58 23.95
C LYS A 111 -36.79 46.33 24.15
N ALA A 112 -37.50 46.22 23.02
CA ALA A 112 -38.96 45.97 22.97
C ALA A 112 -39.30 44.54 23.44
N MET A 113 -38.46 43.57 23.01
CA MET A 113 -38.64 42.15 23.34
C MET A 113 -38.34 41.90 24.84
N ALA A 114 -37.48 42.74 25.44
CA ALA A 114 -37.17 42.68 26.89
C ALA A 114 -38.43 42.92 27.74
N ASN A 115 -39.24 43.89 27.31
CA ASN A 115 -40.53 44.22 27.94
C ASN A 115 -41.60 43.14 27.62
N LYS A 116 -41.25 42.22 26.70
CA LYS A 116 -42.10 41.10 26.22
C LYS A 116 -43.24 41.64 25.33
N ASP A 117 -43.11 42.92 24.90
CA ASP A 117 -44.07 43.57 24.01
C ASP A 117 -43.74 43.17 22.57
N TYR A 118 -44.48 42.16 22.10
CA TYR A 118 -44.22 41.50 20.81
C TYR A 118 -44.53 42.43 19.63
N GLU A 119 -45.47 43.36 19.83
CA GLU A 119 -45.94 44.29 18.79
C GLU A 119 -44.78 45.20 18.32
N LEU A 120 -44.12 45.85 19.29
CA LEU A 120 -43.01 46.79 19.03
C LEU A 120 -41.75 46.01 18.60
N ALA A 121 -41.58 44.79 19.15
CA ALA A 121 -40.43 43.92 18.87
C ALA A 121 -40.40 43.52 17.38
N ILE A 122 -41.52 42.95 16.89
CA ILE A 122 -41.68 42.53 15.47
C ILE A 122 -41.45 43.71 14.52
N ASN A 123 -42.00 44.88 14.90
CA ASN A 123 -41.90 46.13 14.13
C ASN A 123 -40.42 46.50 13.90
N LYS A 124 -39.63 46.42 14.97
CA LYS A 124 -38.20 46.82 14.97
C LYS A 124 -37.29 45.74 14.37
N TYR A 125 -37.72 44.45 14.39
CA TYR A 125 -36.99 43.37 13.70
C TYR A 125 -37.25 43.41 12.20
N THR A 126 -38.40 43.99 11.81
CA THR A 126 -38.75 44.21 10.39
C THR A 126 -38.11 45.53 9.87
N GLU A 127 -37.80 46.49 10.77
CA GLU A 127 -36.87 47.61 10.46
C GLU A 127 -35.47 47.02 10.24
N ALA A 128 -35.08 46.13 11.16
CA ALA A 128 -33.76 45.51 11.21
C ALA A 128 -33.50 44.61 9.99
N ILE A 129 -34.56 44.06 9.39
CA ILE A 129 -34.43 43.18 8.22
C ILE A 129 -34.13 44.00 6.95
N LYS A 130 -34.60 45.27 6.93
CA LYS A 130 -34.39 46.22 5.82
C LYS A 130 -32.92 46.63 5.71
N VAL A 131 -32.21 46.62 6.84
CA VAL A 131 -30.78 47.01 6.91
C VAL A 131 -29.85 45.79 6.90
N LEU A 132 -30.41 44.57 7.07
CA LEU A 132 -29.65 43.31 7.01
C LEU A 132 -30.63 42.11 6.90
N PRO A 133 -31.00 41.69 5.66
CA PRO A 133 -31.90 40.53 5.44
C PRO A 133 -31.17 39.18 5.55
N THR A 134 -29.84 39.22 5.69
CA THR A 134 -28.98 38.03 5.74
C THR A 134 -28.60 37.70 7.21
N ASN A 135 -29.55 37.93 8.14
CA ASN A 135 -29.33 37.64 9.58
C ASN A 135 -30.56 36.91 10.17
N ALA A 136 -30.30 35.69 10.66
CA ALA A 136 -31.31 34.77 11.23
C ALA A 136 -31.94 35.33 12.52
N ILE A 137 -31.16 36.15 13.27
CA ILE A 137 -31.55 36.70 14.58
C ILE A 137 -32.85 37.53 14.50
N TYR A 138 -33.07 38.22 13.36
CA TYR A 138 -34.24 39.10 13.16
C TYR A 138 -35.53 38.28 12.99
N TYR A 139 -35.44 37.16 12.28
CA TYR A 139 -36.57 36.23 12.10
C TYR A 139 -36.77 35.35 13.36
N ALA A 140 -35.70 35.16 14.13
CA ALA A 140 -35.67 34.27 15.29
C ALA A 140 -36.63 34.76 16.40
N ASN A 141 -36.36 35.97 16.89
CA ASN A 141 -37.14 36.58 17.97
C ASN A 141 -38.51 37.06 17.46
N ARG A 142 -38.57 37.44 16.17
CA ARG A 142 -39.81 37.92 15.56
C ARG A 142 -40.85 36.79 15.48
N ALA A 143 -40.39 35.59 15.07
CA ALA A 143 -41.24 34.37 15.03
C ALA A 143 -41.56 33.86 16.44
N ALA A 144 -40.65 34.12 17.40
CA ALA A 144 -40.89 33.84 18.84
C ALA A 144 -42.03 34.73 19.38
N ALA A 145 -42.15 35.91 18.78
CA ALA A 145 -43.22 36.87 19.09
C ALA A 145 -44.53 36.46 18.39
N HIS A 146 -44.43 36.05 17.10
CA HIS A 146 -45.59 35.62 16.28
C HIS A 146 -46.27 34.38 16.89
N SER A 147 -45.46 33.46 17.42
CA SER A 147 -45.95 32.20 18.01
C SER A 147 -46.84 32.47 19.23
N SER A 148 -46.40 33.43 20.09
CA SER A 148 -47.17 33.87 21.26
C SER A 148 -48.45 34.63 20.85
N LEU A 149 -48.34 35.41 19.75
CA LEU A 149 -49.49 36.14 19.17
C LEU A 149 -50.43 35.20 18.38
N LYS A 150 -50.14 33.87 18.41
CA LYS A 150 -50.99 32.77 17.84
C LYS A 150 -50.87 32.70 16.30
N GLU A 151 -50.03 33.57 15.73
CA GLU A 151 -49.80 33.68 14.28
C GLU A 151 -48.76 32.64 13.85
N TYR A 152 -49.19 31.38 13.73
CA TYR A 152 -48.32 30.25 13.35
C TYR A 152 -48.01 30.26 11.85
N ASP A 153 -48.97 30.76 11.05
CA ASP A 153 -48.75 31.00 9.61
C ASP A 153 -47.51 31.87 9.39
N GLN A 154 -47.43 32.94 10.19
CA GLN A 154 -46.27 33.85 10.20
C GLN A 154 -45.05 33.16 10.81
N ALA A 155 -45.22 32.56 12.00
CA ALA A 155 -44.12 32.01 12.81
C ALA A 155 -43.35 30.87 12.11
N VAL A 156 -44.05 30.09 11.25
CA VAL A 156 -43.42 29.06 10.41
C VAL A 156 -42.64 29.73 9.27
N LYS A 157 -43.36 30.58 8.51
CA LYS A 157 -42.83 31.34 7.35
C LYS A 157 -41.63 32.24 7.74
N ASP A 158 -41.57 32.63 9.01
CA ASP A 158 -40.57 33.59 9.53
C ASP A 158 -39.35 32.83 10.08
N ALA A 159 -39.59 31.85 10.97
CA ALA A 159 -38.50 31.04 11.60
C ALA A 159 -37.77 30.16 10.57
N GLU A 160 -38.48 29.74 9.51
CA GLU A 160 -37.91 28.92 8.41
C GLU A 160 -36.92 29.79 7.60
N SER A 161 -37.23 31.10 7.47
CA SER A 161 -36.34 32.07 6.80
C SER A 161 -35.02 32.22 7.58
N ALA A 162 -35.10 32.12 8.92
CA ALA A 162 -33.91 32.13 9.82
C ALA A 162 -32.99 30.92 9.54
N ILE A 163 -33.62 29.73 9.41
CA ILE A 163 -32.91 28.46 9.15
C ILE A 163 -32.31 28.45 7.73
N SER A 164 -33.02 29.09 6.79
CA SER A 164 -32.60 29.23 5.39
C SER A 164 -31.29 30.02 5.29
N ILE A 165 -31.15 31.06 6.15
CA ILE A 165 -29.92 31.86 6.27
C ILE A 165 -28.80 31.00 6.90
N ASP A 166 -29.12 30.36 8.03
CA ASP A 166 -28.16 29.53 8.78
C ASP A 166 -28.88 28.37 9.52
N PRO A 167 -28.58 27.07 9.15
CA PRO A 167 -29.17 25.89 9.82
C PRO A 167 -28.40 25.47 11.10
N SER A 168 -27.28 26.15 11.40
CA SER A 168 -26.51 25.91 12.63
C SER A 168 -27.24 26.52 13.83
N TYR A 169 -28.02 27.58 13.55
CA TYR A 169 -28.85 28.27 14.54
C TYR A 169 -30.02 27.36 14.98
N PHE A 170 -29.80 26.64 16.09
CA PHE A 170 -30.73 25.62 16.64
C PHE A 170 -32.08 26.23 17.10
N ARG A 171 -32.04 27.48 17.59
CA ARG A 171 -33.26 28.17 18.08
C ARG A 171 -34.21 28.56 16.92
N GLY A 172 -33.75 28.46 15.66
CA GLY A 172 -34.63 28.63 14.50
C GLY A 172 -35.66 27.50 14.43
N TYR A 173 -35.19 26.28 14.76
CA TYR A 173 -36.00 25.06 14.78
C TYR A 173 -36.93 25.03 16.00
N SER A 174 -36.58 25.80 17.02
CA SER A 174 -37.35 25.89 18.27
C SER A 174 -38.67 26.66 18.02
N ARG A 175 -38.57 27.79 17.30
CA ARG A 175 -39.75 28.62 16.95
C ARG A 175 -40.56 27.94 15.85
N LEU A 176 -39.84 27.32 14.87
CA LEU A 176 -40.47 26.58 13.76
C LEU A 176 -41.26 25.39 14.31
N GLY A 177 -40.62 24.66 15.24
CA GLY A 177 -41.20 23.47 15.86
C GLY A 177 -42.44 23.78 16.68
N PHE A 178 -42.37 24.86 17.48
CA PHE A 178 -43.48 25.30 18.34
C PHE A 178 -44.64 25.87 17.49
N ALA A 179 -44.29 26.44 16.33
CA ALA A 179 -45.27 27.01 15.41
C ALA A 179 -46.08 25.89 14.73
N LYS A 180 -45.37 24.84 14.26
CA LYS A 180 -45.99 23.71 13.55
C LYS A 180 -46.61 22.69 14.52
N TYR A 181 -46.27 22.83 15.84
CA TYR A 181 -46.92 22.08 16.96
C TYR A 181 -48.43 22.23 16.91
N ALA A 182 -48.85 23.46 17.26
CA ALA A 182 -50.24 23.82 17.49
C ALA A 182 -50.97 24.03 16.15
N GLN A 183 -50.18 24.21 15.07
CA GLN A 183 -50.71 24.30 13.69
C GLN A 183 -51.14 22.90 13.20
N GLY A 184 -50.75 21.84 13.95
CA GLY A 184 -51.23 20.48 13.71
C GLY A 184 -50.34 19.68 12.76
N LYS A 185 -49.02 19.83 12.92
CA LYS A 185 -48.02 19.05 12.14
C LYS A 185 -46.76 18.84 13.03
N PRO A 186 -46.84 17.89 14.02
CA PRO A 186 -45.74 17.64 14.99
C PRO A 186 -44.61 16.81 14.38
N GLU A 187 -44.83 16.27 13.16
CA GLU A 187 -43.86 15.45 12.40
C GLU A 187 -42.60 16.28 12.11
N GLU A 188 -42.86 17.50 11.65
CA GLU A 188 -41.84 18.50 11.32
C GLU A 188 -41.14 19.00 12.59
N ALA A 189 -41.95 19.17 13.65
CA ALA A 189 -41.49 19.63 14.96
C ALA A 189 -40.59 18.60 15.64
N LEU A 190 -40.83 17.31 15.37
CA LEU A 190 -40.04 16.20 15.91
C LEU A 190 -38.60 16.31 15.41
N GLU A 191 -38.47 16.49 14.09
CA GLU A 191 -37.19 16.60 13.40
C GLU A 191 -36.53 17.97 13.64
N ALA A 192 -37.34 18.97 14.01
CA ALA A 192 -36.86 20.31 14.35
C ALA A 192 -36.09 20.28 15.69
N TYR A 193 -36.76 19.80 16.75
CA TYR A 193 -36.17 19.68 18.10
C TYR A 193 -35.10 18.57 18.13
N LYS A 194 -35.25 17.56 17.24
CA LYS A 194 -34.24 16.51 17.04
C LYS A 194 -32.96 17.12 16.48
N LYS A 195 -33.11 18.04 15.50
CA LYS A 195 -31.98 18.74 14.89
C LYS A 195 -31.24 19.59 15.94
N VAL A 196 -32.00 20.18 16.88
CA VAL A 196 -31.46 20.94 18.03
C VAL A 196 -30.58 20.01 18.91
N LEU A 197 -31.05 18.75 19.09
CA LEU A 197 -30.29 17.70 19.83
C LEU A 197 -28.97 17.40 19.10
N ASP A 198 -29.08 17.16 17.77
CA ASP A 198 -27.94 16.80 16.88
C ASP A 198 -26.88 17.92 16.84
N ILE A 199 -27.34 19.18 16.88
CA ILE A 199 -26.47 20.39 16.91
C ILE A 199 -25.69 20.44 18.25
N GLU A 200 -26.30 19.90 19.32
CA GLU A 200 -25.67 19.78 20.65
C GLU A 200 -25.05 18.36 20.86
N GLY A 201 -25.11 17.51 19.81
CA GLY A 201 -24.54 16.17 19.84
C GLY A 201 -25.38 15.18 20.66
N ASP A 202 -24.70 14.22 21.31
CA ASP A 202 -25.34 13.27 22.25
C ASP A 202 -25.55 13.96 23.62
N ASN A 203 -24.79 15.04 23.86
CA ASN A 203 -24.80 15.80 25.13
C ASN A 203 -25.88 16.93 25.09
N ALA A 204 -27.01 16.64 24.41
CA ALA A 204 -28.16 17.54 24.29
C ALA A 204 -28.67 17.99 25.67
N THR A 205 -28.74 19.33 25.87
CA THR A 205 -29.17 19.95 27.14
C THR A 205 -30.61 19.53 27.51
N GLU A 206 -30.91 19.42 28.84
CA GLU A 206 -32.22 18.98 29.35
C GLU A 206 -33.37 19.85 28.81
N ALA A 207 -33.08 21.15 28.62
CA ALA A 207 -34.04 22.11 28.01
C ALA A 207 -34.48 21.61 26.62
N MET A 208 -33.48 21.26 25.78
CA MET A 208 -33.69 20.74 24.42
C MET A 208 -34.44 19.38 24.46
N LYS A 209 -34.14 18.60 25.52
CA LYS A 209 -34.68 17.24 25.73
C LYS A 209 -36.19 17.32 26.06
N ARG A 210 -36.58 18.31 26.89
CA ARG A 210 -37.98 18.50 27.32
C ARG A 210 -38.83 19.00 26.13
N ASP A 211 -38.28 19.92 25.34
CA ASP A 211 -38.92 20.43 24.11
C ASP A 211 -39.05 19.33 23.04
N TYR A 212 -38.09 18.38 23.05
CA TYR A 212 -38.14 17.21 22.16
C TYR A 212 -39.17 16.18 22.68
N GLU A 213 -39.32 16.06 24.02
CA GLU A 213 -40.24 15.10 24.67
C GLU A 213 -41.69 15.46 24.31
N SER A 214 -41.96 16.77 24.28
CA SER A 214 -43.26 17.32 23.90
C SER A 214 -43.58 16.96 22.43
N ALA A 215 -42.56 17.06 21.55
CA ALA A 215 -42.69 16.70 20.12
C ALA A 215 -42.96 15.20 19.94
N LYS A 216 -42.18 14.40 20.70
CA LYS A 216 -42.24 12.92 20.71
C LYS A 216 -43.62 12.42 21.18
N LYS A 217 -44.23 13.18 22.11
CA LYS A 217 -45.58 12.90 22.64
C LYS A 217 -46.64 13.12 21.54
N LYS A 218 -46.54 14.27 20.86
CA LYS A 218 -47.53 14.73 19.87
C LYS A 218 -47.53 13.84 18.61
N VAL A 219 -46.33 13.42 18.17
CA VAL A 219 -46.18 12.51 17.01
C VAL A 219 -46.77 11.13 17.33
N GLU A 220 -46.49 10.63 18.55
CA GLU A 220 -46.91 9.30 19.02
C GLU A 220 -48.45 9.13 18.98
N GLN A 221 -49.17 10.15 19.49
CA GLN A 221 -50.64 10.12 19.59
C GLN A 221 -51.30 10.36 18.20
N SER A 222 -50.52 10.85 17.21
CA SER A 222 -51.02 11.03 15.83
C SER A 222 -51.23 9.69 15.11
N LEU A 223 -50.58 8.61 15.62
CA LEU A 223 -50.82 7.23 15.12
C LEU A 223 -52.22 6.73 15.54
N ASN A 224 -52.72 7.24 16.70
CA ASN A 224 -54.06 6.91 17.23
C ASN A 224 -55.17 7.46 16.30
N LEU A 225 -54.85 8.51 15.52
CA LEU A 225 -55.79 9.12 14.55
C LEU A 225 -56.18 8.10 13.48
N GLU A 226 -55.21 7.29 13.01
CA GLU A 226 -55.48 6.26 12.01
C GLU A 226 -55.87 4.96 12.74
N LYS A 227 -57.19 4.74 12.90
CA LYS A 227 -57.83 3.45 13.23
C LYS A 227 -59.32 3.61 12.86
N THR A 228 -59.83 2.81 11.91
CA THR A 228 -61.27 2.72 11.61
C THR A 228 -61.66 1.24 11.44
N VAL A 229 -61.38 0.69 10.23
CA VAL A 229 -61.66 -0.70 9.86
C VAL A 229 -60.53 -1.15 8.92
N PRO A 230 -59.51 -1.93 9.41
CA PRO A 230 -58.42 -2.48 8.55
C PRO A 230 -58.97 -3.39 7.44
N GLU A 231 -58.24 -3.46 6.29
CA GLU A 231 -58.67 -4.13 5.05
C GLU A 231 -59.78 -3.32 4.36
N GLN A 232 -59.61 -3.08 3.05
CA GLN A 232 -60.63 -2.44 2.21
C GLN A 232 -60.35 -2.75 0.74
N SER A 233 -60.88 -3.90 0.29
CA SER A 233 -60.82 -4.33 -1.12
C SER A 233 -61.82 -3.53 -2.00
N ARG A 234 -62.60 -2.64 -1.34
CA ARG A 234 -63.63 -1.79 -1.98
C ARG A 234 -62.99 -0.45 -2.46
N ASP A 235 -61.72 -0.49 -2.87
CA ASP A 235 -61.00 0.71 -3.32
C ASP A 235 -60.28 0.41 -4.65
N ALA A 236 -60.22 1.42 -5.54
CA ALA A 236 -59.62 1.26 -6.89
C ALA A 236 -58.10 1.02 -6.79
N ASP A 237 -57.43 1.81 -5.96
CA ASP A 237 -55.98 1.74 -5.73
C ASP A 237 -55.64 0.46 -4.93
N VAL A 238 -56.35 0.29 -3.79
CA VAL A 238 -56.23 -0.84 -2.83
C VAL A 238 -54.75 -1.32 -2.63
N ASP A 239 -53.85 -0.30 -2.54
CA ASP A 239 -52.37 -0.46 -2.41
C ASP A 239 -51.69 -0.83 -3.75
N ALA A 240 -52.26 -1.85 -4.43
CA ALA A 240 -51.74 -2.46 -5.68
C ALA A 240 -50.41 -3.18 -5.40
N SER A 241 -49.34 -2.39 -5.22
CA SER A 241 -48.03 -2.87 -4.83
C SER A 241 -47.20 -1.69 -4.27
N GLN A 242 -47.50 -1.38 -2.99
CA GLN A 242 -46.85 -0.31 -2.19
C GLN A 242 -47.28 1.10 -2.67
N GLY A 243 -46.69 1.54 -3.79
CA GLY A 243 -46.94 2.85 -4.37
C GLY A 243 -46.91 2.74 -5.88
N ALA A 244 -48.11 2.55 -6.48
CA ALA A 244 -48.29 2.21 -7.90
C ALA A 244 -47.79 0.79 -8.20
N SER A 245 -48.07 0.30 -9.41
CA SER A 245 -47.60 -1.01 -9.88
C SER A 245 -46.08 -0.94 -10.14
N ALA A 246 -45.28 -1.13 -9.08
CA ALA A 246 -43.83 -0.87 -9.11
C ALA A 246 -43.13 -1.59 -7.93
N GLY A 247 -43.57 -1.28 -6.70
CA GLY A 247 -42.97 -1.84 -5.48
C GLY A 247 -43.71 -3.09 -5.00
N GLY A 248 -44.00 -3.15 -3.70
CA GLY A 248 -44.82 -4.18 -3.11
C GLY A 248 -44.22 -4.63 -1.81
N LEU A 249 -43.11 -5.33 -1.92
CA LEU A 249 -42.29 -5.73 -0.79
C LEU A 249 -41.24 -4.62 -0.48
N PRO A 250 -40.56 -3.99 -1.50
CA PRO A 250 -39.79 -2.74 -1.30
C PRO A 250 -40.72 -1.52 -1.19
N ASP A 251 -40.28 -0.51 -0.43
CA ASP A 251 -40.99 0.79 -0.30
C ASP A 251 -40.72 1.70 -1.52
N LEU A 252 -39.70 1.31 -2.32
CA LEU A 252 -39.32 2.00 -3.56
C LEU A 252 -39.38 1.01 -4.73
N GLY A 253 -40.17 1.34 -5.76
CA GLY A 253 -40.26 0.55 -6.99
C GLY A 253 -39.76 1.33 -8.20
N SER A 254 -39.15 2.50 -7.94
CA SER A 254 -38.65 3.40 -8.98
C SER A 254 -37.10 3.44 -8.95
N LEU A 255 -36.51 3.84 -10.10
CA LEU A 255 -35.05 3.86 -10.35
C LEU A 255 -34.44 2.44 -10.37
N LEU A 256 -33.17 2.36 -10.75
CA LEU A 256 -32.39 1.11 -10.67
C LEU A 256 -31.65 1.11 -9.33
N GLY A 257 -31.58 -0.07 -8.67
CA GLY A 257 -30.98 -0.23 -7.34
C GLY A 257 -29.48 0.06 -7.33
N GLY A 258 -29.13 1.32 -7.05
CA GLY A 258 -27.73 1.79 -7.06
C GLY A 258 -27.24 2.06 -8.48
N GLY A 259 -28.14 1.90 -9.47
CA GLY A 259 -27.79 1.99 -10.89
C GLY A 259 -27.85 3.40 -11.44
N LEU A 260 -27.31 4.36 -10.67
CA LEU A 260 -27.23 5.78 -11.04
C LEU A 260 -25.75 6.18 -11.28
N GLY A 261 -24.96 5.19 -11.75
CA GLY A 261 -23.51 5.34 -11.93
C GLY A 261 -22.72 4.88 -10.70
N GLY A 262 -23.37 4.05 -9.87
CA GLY A 262 -22.79 3.56 -8.63
C GLY A 262 -22.85 4.60 -7.51
N LEU A 263 -21.93 5.61 -7.60
CA LEU A 263 -21.84 6.79 -6.71
C LEU A 263 -21.22 6.45 -5.33
N MET A 264 -21.47 5.24 -4.80
CA MET A 264 -20.91 4.77 -3.52
C MET A 264 -19.37 4.60 -3.61
N ASN A 265 -18.64 5.52 -2.92
CA ASN A 265 -17.15 5.52 -2.78
C ASN A 265 -16.43 5.94 -4.09
N ASN A 266 -17.21 6.28 -5.14
CA ASN A 266 -16.68 6.78 -6.44
C ASN A 266 -15.99 8.17 -6.27
N PRO A 267 -16.66 9.21 -5.65
CA PRO A 267 -16.00 10.50 -5.35
C PRO A 267 -15.13 10.35 -4.08
N GLN A 268 -13.88 9.89 -4.28
CA GLN A 268 -12.96 9.52 -3.19
C GLN A 268 -12.53 10.71 -2.31
N LEU A 269 -11.64 10.39 -1.35
CA LEU A 269 -11.13 11.34 -0.33
C LEU A 269 -9.96 12.19 -0.89
N MET A 270 -9.99 12.45 -2.21
CA MET A 270 -8.96 13.24 -2.94
C MET A 270 -9.60 14.48 -3.60
N GLN A 271 -10.67 15.03 -3.00
CA GLN A 271 -11.30 16.28 -3.47
C GLN A 271 -10.78 17.47 -2.61
N ALA A 272 -11.30 17.57 -1.38
CA ALA A 272 -10.94 18.63 -0.42
C ALA A 272 -9.54 18.41 0.17
N ALA A 273 -8.98 17.20 -0.03
CA ALA A 273 -7.63 16.84 0.45
C ALA A 273 -6.53 17.58 -0.33
N GLN A 274 -6.77 17.83 -1.63
CA GLN A 274 -5.76 18.42 -2.55
C GLN A 274 -6.19 19.79 -3.12
N LYS A 275 -7.49 19.91 -3.47
CA LYS A 275 -8.08 21.04 -4.25
C LYS A 275 -7.57 21.07 -5.72
N MET A 276 -6.23 21.24 -5.88
CA MET A 276 -5.54 21.34 -7.19
C MET A 276 -5.92 22.65 -7.91
N MET A 277 -7.10 22.65 -8.55
CA MET A 277 -7.57 23.77 -9.38
C MET A 277 -9.04 23.53 -9.76
N SER A 278 -9.89 24.54 -9.51
CA SER A 278 -11.32 24.50 -9.88
C SER A 278 -11.78 25.87 -10.40
N ASN A 279 -10.77 26.76 -10.68
CA ASN A 279 -10.99 28.20 -11.01
C ASN A 279 -11.63 28.97 -9.80
N PRO A 280 -11.65 30.33 -9.81
CA PRO A 280 -12.51 31.10 -8.87
C PRO A 280 -14.00 30.74 -9.12
N GLY A 281 -14.46 29.69 -8.40
CA GLY A 281 -15.74 29.01 -8.65
C GLY A 281 -16.96 29.88 -8.46
N ALA A 282 -17.30 30.63 -9.53
CA ALA A 282 -18.39 31.61 -9.56
C ALA A 282 -18.16 32.73 -8.52
N MET A 283 -16.89 32.89 -8.11
CA MET A 283 -16.48 33.76 -7.00
C MET A 283 -15.56 34.86 -7.55
N GLN A 284 -15.97 36.13 -7.41
CA GLN A 284 -15.32 37.35 -8.01
C GLN A 284 -14.86 37.13 -9.49
N ASN A 285 -13.58 36.72 -9.69
CA ASN A 285 -12.92 36.53 -11.00
C ASN A 285 -11.46 36.12 -10.74
N ILE A 286 -10.65 36.03 -11.81
CA ILE A 286 -9.23 35.65 -11.70
C ILE A 286 -8.41 36.71 -10.91
N GLN A 287 -7.96 36.31 -9.71
CA GLN A 287 -7.07 37.09 -8.79
C GLN A 287 -7.81 38.21 -8.03
N LYS A 288 -8.71 38.95 -8.74
CA LYS A 288 -9.58 40.05 -8.24
C LYS A 288 -8.79 41.34 -7.92
N MET A 289 -7.79 41.23 -7.06
CA MET A 289 -6.93 42.34 -6.64
C MET A 289 -5.49 41.84 -6.71
N MET A 290 -4.67 42.53 -7.51
CA MET A 290 -3.22 42.29 -7.54
C MET A 290 -2.61 42.64 -6.16
N GLN A 291 -1.86 41.67 -5.58
CA GLN A 291 -1.29 41.75 -4.20
C GLN A 291 -2.41 41.80 -3.14
N ASP A 292 -3.47 40.99 -3.33
CA ASP A 292 -4.59 40.86 -2.36
C ASP A 292 -4.17 40.11 -1.05
N PRO A 293 -3.55 38.88 -1.09
CA PRO A 293 -3.21 38.14 0.14
C PRO A 293 -2.02 38.80 0.86
N SER A 294 -2.32 39.56 1.93
CA SER A 294 -1.31 40.24 2.75
C SER A 294 -0.26 39.25 3.30
N ILE A 295 -0.68 38.00 3.52
CA ILE A 295 0.18 36.91 3.99
C ILE A 295 0.94 36.30 2.79
N ARG A 296 0.17 35.65 1.87
CA ARG A 296 0.68 34.99 0.64
C ARG A 296 1.78 33.93 0.93
N GLN A 297 3.02 34.39 1.19
CA GLN A 297 4.19 33.53 1.41
C GLN A 297 4.81 33.82 2.80
N MET A 298 4.24 33.20 3.84
CA MET A 298 4.83 33.14 5.20
C MET A 298 4.02 32.16 6.05
N ALA A 299 2.93 32.68 6.65
CA ALA A 299 2.10 31.99 7.65
C ALA A 299 1.08 33.01 8.18
N GLU A 300 -0.18 32.59 8.29
CA GLU A 300 -1.25 33.44 8.87
C GLU A 300 -1.06 33.51 10.40
N GLY A 301 -0.23 34.47 10.82
CA GLY A 301 0.20 34.63 12.21
C GLY A 301 1.70 34.45 12.34
N PHE A 302 2.32 35.17 13.29
CA PHE A 302 3.78 35.16 13.48
C PHE A 302 4.13 35.13 14.98
N ALA A 303 3.43 35.97 15.78
CA ALA A 303 3.68 36.09 17.23
C ALA A 303 3.14 34.85 17.98
N SER A 304 3.96 33.78 17.95
CA SER A 304 3.60 32.46 18.51
C SER A 304 3.66 32.49 20.05
N GLY A 305 4.89 32.68 20.60
CA GLY A 305 5.10 32.89 22.05
C GLY A 305 5.13 31.60 22.87
N GLY A 306 4.39 30.57 22.43
CA GLY A 306 4.18 29.34 23.21
C GLY A 306 2.90 29.42 24.00
N GLY A 307 2.71 30.54 24.72
CA GLY A 307 1.51 30.80 25.53
C GLY A 307 1.53 30.11 26.89
N THR A 308 0.93 30.77 27.90
CA THR A 308 0.77 30.21 29.26
C THR A 308 -0.73 30.20 29.64
N PRO A 309 -1.24 29.12 30.32
CA PRO A 309 -2.64 29.06 30.82
C PRO A 309 -2.80 29.74 32.19
N ASN A 310 -3.97 29.60 32.83
CA ASN A 310 -4.17 30.09 34.20
C ASN A 310 -3.72 29.03 35.22
N LEU A 311 -2.55 29.25 35.82
CA LEU A 311 -2.09 28.49 37.00
C LEU A 311 -2.47 29.24 38.31
N SER A 312 -2.82 30.52 38.17
CA SER A 312 -3.08 31.44 39.30
C SER A 312 -4.50 31.27 39.90
N ASP A 313 -5.40 30.57 39.16
CA ASP A 313 -6.84 30.40 39.48
C ASP A 313 -7.07 29.77 40.89
N LEU A 314 -6.03 29.09 41.40
CA LEU A 314 -5.97 28.53 42.78
C LEU A 314 -6.33 29.56 43.88
N MET A 315 -6.23 30.86 43.53
CA MET A 315 -6.66 32.01 44.37
C MET A 315 -8.09 31.84 44.95
N ASN A 316 -8.95 31.13 44.17
CA ASN A 316 -10.37 30.82 44.51
C ASN A 316 -11.27 32.04 44.25
N ASN A 317 -12.59 31.79 44.20
CA ASN A 317 -13.63 32.82 44.10
C ASN A 317 -13.44 33.87 45.23
N PRO A 318 -13.41 35.21 44.90
CA PRO A 318 -13.13 36.28 45.89
C PRO A 318 -14.28 36.49 46.91
N ALA A 319 -14.33 35.59 47.90
CA ALA A 319 -15.24 35.67 49.06
C ALA A 319 -14.61 36.53 50.18
N LEU A 320 -13.28 36.68 50.10
CA LEU A 320 -12.47 37.52 51.00
C LEU A 320 -12.37 38.96 50.44
N ARG A 321 -12.92 39.19 49.22
CA ARG A 321 -12.90 40.51 48.55
C ARG A 321 -13.65 41.57 49.39
N ASN A 322 -14.87 41.17 49.86
CA ASN A 322 -15.70 42.02 50.77
C ASN A 322 -16.03 43.38 50.11
N MET A 323 -16.28 43.32 48.78
CA MET A 323 -16.48 44.49 47.89
C MET A 323 -17.56 45.44 48.45
N ALA A 324 -17.10 46.49 49.17
CA ALA A 324 -17.96 47.54 49.79
C ALA A 324 -18.92 46.98 50.88
N GLY A 325 -18.87 45.66 51.13
CA GLY A 325 -19.88 44.97 51.94
C GLY A 325 -19.71 45.16 53.44
N ASN A 326 -18.71 45.95 53.85
CA ASN A 326 -18.43 46.21 55.28
C ASN A 326 -19.37 47.30 55.80
N LEU A 327 -19.38 48.48 55.13
CA LEU A 327 -20.24 49.63 55.53
C LEU A 327 -21.01 50.18 54.32
N PHE A 328 -20.34 50.22 53.15
CA PHE A 328 -20.86 50.93 51.95
C PHE A 328 -21.94 50.11 51.21
N GLY A 329 -22.07 48.82 51.58
CA GLY A 329 -23.08 47.93 51.01
C GLY A 329 -24.49 48.33 51.41
N GLY A 330 -24.63 48.78 52.67
CA GLY A 330 -25.91 49.26 53.21
C GLY A 330 -25.93 50.77 53.45
N ALA A 331 -24.89 51.48 52.96
CA ALA A 331 -24.78 52.95 53.06
C ALA A 331 -25.04 53.62 51.70
N GLY A 332 -24.46 53.02 50.64
CA GLY A 332 -24.56 53.54 49.28
C GLY A 332 -25.54 52.78 48.42
N ALA A 333 -26.54 52.13 49.07
CA ALA A 333 -27.58 51.33 48.38
C ALA A 333 -28.93 52.08 48.33
N GLN A 334 -28.91 53.39 48.68
CA GLN A 334 -30.12 54.24 48.65
C GLN A 334 -30.55 54.51 47.20
N SER A 335 -31.86 54.53 46.97
CA SER A 335 -32.43 54.91 45.67
C SER A 335 -32.35 56.43 45.50
N THR A 336 -31.93 56.88 44.31
CA THR A 336 -31.90 58.33 43.97
C THR A 336 -33.33 58.90 43.88
N ASP A 337 -34.34 58.00 43.79
CA ASP A 337 -35.77 58.32 43.82
C ASP A 337 -36.19 58.87 45.19
N GLU A 338 -35.55 58.36 46.27
CA GLU A 338 -35.77 58.83 47.66
C GLU A 338 -35.43 60.33 47.79
N THR A 339 -36.23 61.04 48.61
CA THR A 339 -36.20 62.51 48.79
C THR A 339 -36.21 63.26 47.44
N PRO A 340 -37.35 63.19 46.68
CA PRO A 340 -37.46 63.79 45.32
C PRO A 340 -37.75 65.30 45.39
N ASP A 341 -38.13 65.88 44.24
CA ASP A 341 -38.59 67.29 44.16
C ASP A 341 -39.85 67.50 45.01
N ASN A 342 -40.67 66.42 45.13
CA ASN A 342 -41.96 66.43 45.88
C ASN A 342 -42.96 67.39 45.19
N GLU A 343 -42.68 67.70 43.90
CA GLU A 343 -43.37 68.73 43.10
C GLU A 343 -43.07 70.13 43.65
N ASN A 344 -43.60 70.42 44.86
CA ASN A 344 -43.45 71.73 45.55
C ASN A 344 -44.05 72.85 44.67
N LYS A 345 -45.18 72.53 44.00
CA LYS A 345 -45.90 73.41 43.06
C LYS A 345 -45.02 73.68 41.80
N GLN A 346 -44.00 74.55 41.95
CA GLN A 346 -43.08 74.92 40.87
C GLN A 346 -41.64 74.43 41.17
N TYR A 347 -41.33 74.32 42.49
CA TYR A 347 -40.00 73.94 43.03
C TYR A 347 -38.94 75.03 42.69
N MET B 1 -3.71 6.32 -5.30
CA MET B 1 -3.06 7.47 -4.62
C MET B 1 -1.53 7.36 -4.73
N SER B 2 -0.84 8.50 -4.62
CA SER B 2 0.62 8.62 -4.80
C SER B 2 1.43 7.72 -3.85
N ALA B 3 0.80 7.30 -2.72
CA ALA B 3 1.39 6.40 -1.69
C ALA B 3 2.61 7.06 -1.03
N SER B 4 3.42 6.26 -0.31
CA SER B 4 4.70 6.74 0.25
C SER B 4 5.81 6.43 -0.76
N LYS B 5 6.78 7.36 -0.90
CA LYS B 5 7.92 7.22 -1.83
C LYS B 5 8.79 6.00 -1.49
N GLU B 6 9.07 5.83 -0.18
CA GLU B 6 9.86 4.71 0.38
C GLU B 6 9.15 3.35 0.16
N GLU B 7 7.82 3.37 0.29
CA GLU B 7 6.92 2.21 0.16
C GLU B 7 7.02 1.59 -1.25
N ILE B 8 6.88 2.47 -2.27
CA ILE B 8 6.97 2.09 -3.69
C ILE B 8 8.42 1.74 -4.07
N ALA B 9 9.38 2.45 -3.44
CA ALA B 9 10.81 2.23 -3.64
C ALA B 9 11.25 0.84 -3.17
N ALA B 10 10.54 0.29 -2.18
CA ALA B 10 10.76 -1.09 -1.69
C ALA B 10 10.44 -2.13 -2.77
N LEU B 11 9.41 -1.83 -3.61
CA LEU B 11 9.01 -2.66 -4.77
C LEU B 11 10.04 -2.46 -5.92
N ILE B 12 10.48 -1.21 -6.10
CA ILE B 12 11.43 -0.80 -7.17
C ILE B 12 12.79 -1.53 -7.02
N VAL B 13 13.36 -1.47 -5.79
CA VAL B 13 14.65 -2.11 -5.51
C VAL B 13 14.53 -3.64 -5.48
N ASN B 14 13.30 -4.15 -5.28
CA ASN B 14 13.01 -5.60 -5.29
C ASN B 14 12.83 -6.09 -6.75
N TYR B 15 12.36 -5.18 -7.62
CA TYR B 15 12.04 -5.47 -9.03
C TYR B 15 13.34 -5.76 -9.81
N PHE B 16 14.30 -4.82 -9.73
CA PHE B 16 15.61 -4.95 -10.39
C PHE B 16 16.47 -6.02 -9.70
N SER B 17 16.24 -6.21 -8.38
CA SER B 17 16.92 -7.27 -7.60
C SER B 17 16.46 -8.65 -8.07
N SER B 18 15.20 -8.75 -8.52
CA SER B 18 14.65 -9.98 -9.09
C SER B 18 15.29 -10.27 -10.47
N ILE B 19 15.48 -9.20 -11.27
CA ILE B 19 16.11 -9.30 -12.62
C ILE B 19 17.58 -9.77 -12.51
N VAL B 20 18.31 -9.24 -11.52
CA VAL B 20 19.73 -9.60 -11.31
C VAL B 20 19.87 -10.94 -10.55
N GLU B 21 18.79 -11.33 -9.80
CA GLU B 21 18.71 -12.64 -9.11
C GLU B 21 18.64 -13.76 -10.14
N LYS B 22 17.77 -13.57 -11.14
CA LYS B 22 17.64 -14.50 -12.29
C LYS B 22 18.86 -14.35 -13.20
N LYS B 23 19.48 -13.14 -13.14
CA LYS B 23 20.66 -12.76 -13.94
C LYS B 23 20.36 -12.91 -15.43
N GLU B 24 19.25 -12.28 -15.83
CA GLU B 24 18.78 -12.26 -17.23
C GLU B 24 19.73 -11.39 -18.07
N ILE B 25 20.02 -10.21 -17.55
CA ILE B 25 21.05 -9.30 -18.07
C ILE B 25 22.38 -9.61 -17.36
N SER B 26 23.50 -9.52 -18.11
CA SER B 26 24.86 -9.65 -17.56
C SER B 26 25.09 -8.57 -16.48
N GLU B 27 25.66 -9.00 -15.34
CA GLU B 27 25.87 -8.15 -14.15
C GLU B 27 26.86 -7.00 -14.41
N ASP B 28 27.56 -7.07 -15.57
CA ASP B 28 28.40 -5.97 -16.08
C ASP B 28 27.52 -4.74 -16.36
N GLY B 29 26.38 -5.01 -17.04
CA GLY B 29 25.39 -3.97 -17.38
C GLY B 29 24.36 -3.79 -16.27
N ALA B 30 24.16 -4.84 -15.47
CA ALA B 30 23.21 -4.81 -14.33
C ALA B 30 23.87 -4.18 -13.09
N ASP B 31 25.16 -3.85 -13.19
CA ASP B 31 25.91 -3.08 -12.18
C ASP B 31 25.29 -1.70 -11.96
N SER B 32 24.76 -1.12 -13.06
CA SER B 32 24.05 0.16 -13.04
C SER B 32 22.80 0.06 -12.16
N LEU B 33 22.01 -1.02 -12.35
CA LEU B 33 20.82 -1.32 -11.56
C LEU B 33 21.17 -1.61 -10.09
N ASN B 34 22.32 -2.28 -9.89
CA ASN B 34 22.81 -2.69 -8.56
C ASN B 34 23.13 -1.45 -7.70
N VAL B 35 24.01 -0.57 -8.23
CA VAL B 35 24.40 0.67 -7.52
C VAL B 35 23.21 1.64 -7.39
N ALA B 36 22.26 1.58 -8.36
CA ALA B 36 21.04 2.41 -8.33
C ALA B 36 20.18 2.05 -7.12
N MET B 37 19.84 0.75 -7.00
CA MET B 37 19.00 0.22 -5.90
C MET B 37 19.63 0.50 -4.52
N ASP B 38 20.96 0.38 -4.48
CA ASP B 38 21.78 0.62 -3.27
C ASP B 38 21.65 2.08 -2.80
N CYS B 39 21.70 3.01 -3.78
CA CYS B 39 21.54 4.45 -3.53
C CYS B 39 20.10 4.80 -3.09
N ILE B 40 19.10 4.11 -3.69
CA ILE B 40 17.66 4.31 -3.40
C ILE B 40 17.34 3.92 -1.95
N SER B 41 17.97 2.80 -1.49
CA SER B 41 17.82 2.29 -0.11
C SER B 41 18.26 3.35 0.91
N GLU B 42 19.37 4.03 0.62
CA GLU B 42 19.96 5.05 1.51
C GLU B 42 19.41 6.46 1.21
N ALA B 43 18.73 6.62 0.05
CA ALA B 43 18.13 7.91 -0.37
C ALA B 43 16.95 8.26 0.52
N PHE B 44 16.03 7.30 0.65
CA PHE B 44 14.85 7.41 1.53
C PHE B 44 15.21 7.01 2.96
N GLY B 45 16.13 6.04 3.08
CA GLY B 45 16.60 5.55 4.37
C GLY B 45 15.79 4.37 4.86
N PHE B 46 15.59 3.37 3.98
CA PHE B 46 14.96 2.08 4.35
C PHE B 46 15.95 0.93 4.18
N GLU B 47 15.62 -0.19 4.83
CA GLU B 47 16.42 -1.42 4.78
C GLU B 47 15.98 -2.28 3.58
N ARG B 48 16.94 -2.55 2.66
CA ARG B 48 16.71 -3.38 1.46
C ARG B 48 16.39 -4.84 1.84
N GLU B 49 16.84 -5.24 3.06
CA GLU B 49 16.69 -6.60 3.58
C GLU B 49 15.20 -6.94 3.76
N ALA B 50 14.42 -5.99 4.29
CA ALA B 50 13.02 -6.22 4.72
C ALA B 50 12.00 -5.54 3.78
N VAL B 51 12.38 -5.37 2.49
CA VAL B 51 11.51 -4.69 1.49
C VAL B 51 10.16 -5.40 1.26
N SER B 52 10.15 -6.74 1.27
CA SER B 52 8.92 -7.53 1.11
C SER B 52 7.96 -7.28 2.30
N GLY B 53 8.56 -7.05 3.48
CA GLY B 53 7.82 -6.69 4.69
C GLY B 53 7.22 -5.30 4.61
N ILE B 54 7.95 -4.35 3.96
CA ILE B 54 7.51 -2.96 3.75
C ILE B 54 6.25 -2.93 2.85
N LEU B 55 6.26 -3.81 1.83
CA LEU B 55 5.15 -3.97 0.87
C LEU B 55 3.88 -4.51 1.56
N GLY B 56 4.09 -5.23 2.69
CA GLY B 56 3.00 -5.75 3.50
C GLY B 56 2.17 -4.66 4.18
N LYS B 57 2.80 -3.50 4.45
CA LYS B 57 2.12 -2.33 5.08
C LYS B 57 1.24 -1.57 4.06
N SER B 58 1.26 -2.03 2.80
CA SER B 58 0.43 -1.47 1.72
C SER B 58 -0.39 -2.59 1.07
N GLU B 59 -1.31 -2.18 0.19
CA GLU B 59 -2.10 -3.08 -0.66
C GLU B 59 -1.75 -2.80 -2.14
N PHE B 60 -1.47 -1.49 -2.44
CA PHE B 60 -1.33 -0.95 -3.82
C PHE B 60 -2.65 -1.11 -4.61
N LYS B 61 -3.19 0.00 -5.15
CA LYS B 61 -4.52 -0.01 -5.83
C LYS B 61 -4.41 -0.57 -7.26
N GLY B 62 -3.51 0.03 -8.05
CA GLY B 62 -3.26 -0.36 -9.42
C GLY B 62 -2.56 -1.69 -9.51
N GLN B 63 -1.51 -1.85 -8.69
CA GLN B 63 -0.70 -3.08 -8.67
C GLN B 63 -1.51 -4.24 -8.05
N HIS B 64 -1.62 -4.22 -6.69
CA HIS B 64 -2.41 -5.20 -5.89
C HIS B 64 -2.04 -6.67 -6.22
N LEU B 65 -2.78 -7.29 -7.18
CA LEU B 65 -2.49 -8.63 -7.73
C LEU B 65 -2.42 -8.49 -9.27
N ALA B 66 -1.77 -9.48 -9.93
CA ALA B 66 -1.63 -9.57 -11.40
C ALA B 66 -0.51 -8.65 -11.96
N ASP B 67 -0.62 -7.34 -11.69
CA ASP B 67 0.38 -6.34 -12.18
C ASP B 67 1.76 -6.62 -11.58
N ILE B 68 1.81 -6.80 -10.25
CA ILE B 68 3.02 -7.23 -9.54
C ILE B 68 3.01 -8.76 -9.33
N LEU B 69 4.04 -9.44 -9.89
CA LEU B 69 4.25 -10.89 -9.73
C LEU B 69 5.11 -11.17 -8.48
N ASN B 70 5.70 -10.09 -7.90
CA ASN B 70 6.50 -10.16 -6.67
C ASN B 70 5.60 -10.50 -5.47
N SER B 71 5.60 -11.79 -5.07
CA SER B 71 4.74 -12.33 -3.99
C SER B 71 5.51 -13.38 -3.18
N ALA B 72 5.21 -13.46 -1.86
CA ALA B 72 5.89 -14.35 -0.90
C ALA B 72 5.08 -15.63 -0.64
N SER B 73 5.61 -16.50 0.23
CA SER B 73 4.96 -17.75 0.65
C SER B 73 3.62 -17.46 1.39
N ARG B 74 2.58 -18.22 1.03
CA ARG B 74 1.21 -18.06 1.60
C ARG B 74 0.95 -19.14 2.66
N VAL B 75 -0.31 -19.20 3.15
CA VAL B 75 -0.76 -20.25 4.08
C VAL B 75 -1.15 -21.52 3.28
N PRO B 76 -1.00 -22.75 3.89
CA PRO B 76 -1.41 -24.01 3.21
C PRO B 76 -2.94 -24.06 2.95
N GLU B 77 -3.74 -24.12 4.05
CA GLU B 77 -5.22 -24.20 4.00
C GLU B 77 -5.69 -25.35 3.08
N SER B 78 -5.64 -26.58 3.61
CA SER B 78 -5.97 -27.80 2.85
C SER B 78 -7.27 -28.43 3.37
N ASN B 79 -8.01 -29.12 2.48
CA ASN B 79 -9.31 -29.75 2.76
C ASN B 79 -10.35 -28.69 3.21
N LYS B 80 -10.46 -28.49 4.54
CA LYS B 80 -11.44 -27.63 5.20
C LYS B 80 -11.28 -27.94 6.70
N LYS B 81 -10.21 -27.37 7.31
CA LYS B 81 -9.75 -27.69 8.69
C LYS B 81 -9.19 -29.15 8.77
N ASP B 82 -8.26 -29.38 9.72
CA ASP B 82 -7.76 -30.74 10.02
C ASP B 82 -8.39 -31.22 11.35
N ASP B 83 -9.56 -31.85 11.22
CA ASP B 83 -10.31 -32.38 12.38
C ASP B 83 -9.71 -33.73 12.84
N ALA B 84 -9.95 -34.05 14.13
CA ALA B 84 -9.48 -35.30 14.76
C ALA B 84 -10.41 -36.46 14.37
N GLU B 85 -9.85 -37.49 13.71
CA GLU B 85 -10.56 -38.75 13.41
C GLU B 85 -10.60 -39.64 14.67
N ASN B 86 -9.53 -39.52 15.49
CA ASN B 86 -9.37 -40.27 16.74
C ASN B 86 -8.27 -39.57 17.56
N VAL B 87 -8.42 -39.53 18.89
CA VAL B 87 -7.40 -38.95 19.81
C VAL B 87 -6.32 -40.01 20.20
N GLU B 88 -6.04 -40.95 19.25
CA GLU B 88 -5.11 -42.07 19.42
C GLU B 88 -5.60 -42.95 20.60
N ILE B 89 -6.57 -43.84 20.31
CA ILE B 89 -7.06 -44.85 21.26
C ILE B 89 -7.79 -45.99 20.49
N ASN B 90 -9.08 -45.78 20.15
CA ASN B 90 -9.93 -46.79 19.50
C ASN B 90 -11.32 -46.17 19.27
N ILE B 91 -11.91 -46.41 18.09
CA ILE B 91 -13.26 -45.92 17.72
C ILE B 91 -14.12 -47.08 17.16
N PRO B 92 -15.46 -47.12 17.45
CA PRO B 92 -16.35 -48.20 16.93
C PRO B 92 -16.60 -48.09 15.41
N GLU B 93 -16.48 -49.24 14.70
CA GLU B 93 -16.71 -49.31 13.24
C GLU B 93 -18.22 -49.23 12.94
N ASP B 94 -18.98 -50.20 13.49
CA ASP B 94 -20.46 -50.23 13.40
C ASP B 94 -21.02 -50.75 14.73
N ASP B 95 -20.61 -51.98 15.09
CA ASP B 95 -21.05 -52.66 16.32
C ASP B 95 -19.87 -52.85 17.27
N ALA B 96 -19.97 -52.21 18.44
CA ALA B 96 -19.05 -52.40 19.57
C ALA B 96 -19.87 -52.51 20.86
N GLU B 97 -21.20 -52.68 20.71
CA GLU B 97 -22.18 -52.56 21.81
C GLU B 97 -23.03 -53.85 21.92
N THR B 98 -22.59 -54.94 21.24
CA THR B 98 -23.35 -56.23 21.16
C THR B 98 -23.66 -56.85 22.55
N LYS B 99 -22.94 -56.41 23.59
CA LYS B 99 -23.16 -56.87 24.98
C LYS B 99 -24.46 -56.24 25.53
N ALA B 100 -24.59 -54.91 25.31
CA ALA B 100 -25.79 -54.15 25.71
C ALA B 100 -26.97 -54.48 24.78
N LYS B 101 -26.66 -54.68 23.48
CA LYS B 101 -27.66 -55.03 22.45
C LYS B 101 -28.19 -56.46 22.68
N ALA B 102 -27.36 -57.33 23.29
CA ALA B 102 -27.79 -58.68 23.70
C ALA B 102 -28.85 -58.59 24.81
N GLU B 103 -28.64 -57.64 25.74
CA GLU B 103 -29.56 -57.38 26.87
C GLU B 103 -30.90 -56.80 26.35
N ASP B 104 -30.79 -55.93 25.33
CA ASP B 104 -31.93 -55.37 24.59
C ASP B 104 -32.74 -56.49 23.89
N LEU B 105 -31.99 -57.45 23.32
CA LEU B 105 -32.53 -58.56 22.49
C LEU B 105 -33.32 -59.54 23.39
N LYS B 106 -32.75 -59.89 24.56
CA LYS B 106 -33.39 -60.84 25.51
C LYS B 106 -34.52 -60.17 26.31
N MET B 107 -34.51 -58.81 26.35
CA MET B 107 -35.59 -58.02 26.95
C MET B 107 -36.86 -58.12 26.07
N GLN B 108 -36.65 -58.38 24.76
CA GLN B 108 -37.73 -58.67 23.80
C GLN B 108 -38.32 -60.06 24.08
N GLY B 109 -37.47 -60.99 24.58
CA GLY B 109 -37.90 -62.33 25.00
C GLY B 109 -38.85 -62.29 26.20
N ASN B 110 -38.69 -61.26 27.05
CA ASN B 110 -39.58 -61.00 28.20
C ASN B 110 -40.96 -60.52 27.68
N LYS B 111 -40.90 -59.68 26.62
CA LYS B 111 -42.10 -59.17 25.91
C LYS B 111 -42.86 -60.32 25.21
N ALA B 112 -42.10 -61.35 24.79
CA ALA B 112 -42.63 -62.53 24.09
C ALA B 112 -43.62 -63.32 24.97
N MET B 113 -43.34 -63.37 26.29
CA MET B 113 -44.22 -64.04 27.26
C MET B 113 -45.51 -63.22 27.51
N ALA B 114 -45.43 -61.90 27.29
CA ALA B 114 -46.58 -60.98 27.44
C ALA B 114 -47.53 -61.08 26.24
N ASN B 115 -46.95 -61.12 25.02
CA ASN B 115 -47.71 -61.28 23.76
C ASN B 115 -48.02 -62.77 23.49
N LYS B 116 -47.46 -63.66 24.35
CA LYS B 116 -47.73 -65.13 24.39
C LYS B 116 -47.14 -65.87 23.19
N ASP B 117 -46.22 -65.23 22.44
CA ASP B 117 -45.50 -65.88 21.33
C ASP B 117 -44.34 -66.72 21.90
N TYR B 118 -44.66 -67.98 22.24
CA TYR B 118 -43.70 -68.91 22.88
C TYR B 118 -42.73 -69.50 21.84
N GLU B 119 -43.16 -69.49 20.57
CA GLU B 119 -42.36 -70.03 19.46
C GLU B 119 -41.34 -68.97 19.04
N LEU B 120 -41.85 -67.74 18.82
CA LEU B 120 -41.03 -66.58 18.45
C LEU B 120 -40.14 -66.14 19.64
N ALA B 121 -40.56 -66.51 20.88
CA ALA B 121 -39.73 -66.35 22.09
C ALA B 121 -38.40 -67.10 21.93
N ILE B 122 -38.49 -68.36 21.47
CA ILE B 122 -37.32 -69.25 21.23
C ILE B 122 -36.31 -68.57 20.27
N ASN B 123 -36.86 -67.83 19.27
CA ASN B 123 -36.06 -67.04 18.30
C ASN B 123 -35.37 -65.85 19.01
N LYS B 124 -36.11 -65.16 19.90
CA LYS B 124 -35.59 -64.01 20.67
C LYS B 124 -34.55 -64.43 21.72
N TYR B 125 -34.58 -65.71 22.10
CA TYR B 125 -33.60 -66.27 23.04
C TYR B 125 -32.35 -66.74 22.30
N THR B 126 -32.53 -67.46 21.17
CA THR B 126 -31.41 -68.11 20.47
C THR B 126 -30.38 -67.09 19.93
N GLU B 127 -30.87 -65.95 19.39
CA GLU B 127 -29.98 -64.91 18.80
C GLU B 127 -29.13 -64.24 19.89
N ALA B 128 -29.71 -64.13 21.09
CA ALA B 128 -29.02 -63.63 22.29
C ALA B 128 -27.96 -64.64 22.78
N ILE B 129 -28.25 -65.96 22.61
CA ILE B 129 -27.35 -67.07 23.04
C ILE B 129 -25.96 -66.98 22.34
N LYS B 130 -25.92 -66.60 21.04
CA LYS B 130 -24.64 -66.53 20.27
C LYS B 130 -23.63 -65.55 20.92
N VAL B 131 -24.15 -64.52 21.61
CA VAL B 131 -23.31 -63.53 22.33
C VAL B 131 -22.68 -64.15 23.59
N LEU B 132 -23.46 -65.03 24.27
CA LEU B 132 -23.07 -65.65 25.56
C LEU B 132 -23.48 -67.16 25.58
N PRO B 133 -22.82 -68.01 24.74
CA PRO B 133 -23.31 -69.39 24.42
C PRO B 133 -22.99 -70.47 25.48
N THR B 134 -22.94 -70.08 26.78
CA THR B 134 -22.76 -71.04 27.88
C THR B 134 -23.52 -70.56 29.14
N ASN B 135 -24.61 -69.78 28.94
CA ASN B 135 -25.50 -69.36 30.05
C ASN B 135 -26.82 -70.15 30.00
N ALA B 136 -27.12 -70.89 31.09
CA ALA B 136 -28.25 -71.83 31.18
C ALA B 136 -29.63 -71.13 31.20
N ILE B 137 -29.64 -69.82 31.51
CA ILE B 137 -30.86 -68.99 31.61
C ILE B 137 -31.67 -69.05 30.30
N TYR B 138 -30.99 -68.82 29.17
CA TYR B 138 -31.64 -68.65 27.86
C TYR B 138 -32.07 -69.98 27.22
N TYR B 139 -31.66 -71.09 27.84
CA TYR B 139 -32.10 -72.45 27.45
C TYR B 139 -33.33 -72.84 28.30
N ALA B 140 -33.30 -72.41 29.58
CA ALA B 140 -34.40 -72.62 30.53
C ALA B 140 -35.61 -71.74 30.19
N ASN B 141 -35.33 -70.57 29.58
CA ASN B 141 -36.36 -69.66 29.05
C ASN B 141 -37.13 -70.32 27.90
N ARG B 142 -36.41 -71.08 27.05
CA ARG B 142 -37.02 -71.84 25.96
C ARG B 142 -37.81 -73.04 26.53
N ALA B 143 -37.32 -73.62 27.65
CA ALA B 143 -37.94 -74.79 28.32
C ALA B 143 -39.32 -74.43 28.87
N ALA B 144 -39.41 -73.22 29.43
CA ALA B 144 -40.67 -72.65 29.90
C ALA B 144 -41.66 -72.45 28.73
N ALA B 145 -41.10 -72.05 27.57
CA ALA B 145 -41.87 -71.89 26.32
C ALA B 145 -42.38 -73.25 25.78
N HIS B 146 -41.49 -74.27 25.78
CA HIS B 146 -41.78 -75.60 25.18
C HIS B 146 -42.81 -76.40 25.99
N SER B 147 -42.75 -76.28 27.33
CA SER B 147 -43.73 -76.92 28.23
C SER B 147 -45.11 -76.25 28.06
N SER B 148 -45.11 -74.92 27.87
CA SER B 148 -46.31 -74.13 27.59
C SER B 148 -46.89 -74.47 26.19
N LEU B 149 -45.99 -74.83 25.26
CA LEU B 149 -46.35 -75.23 23.88
C LEU B 149 -46.83 -76.68 23.78
N LYS B 150 -46.71 -77.43 24.91
CA LYS B 150 -47.20 -78.82 25.04
C LYS B 150 -46.33 -79.84 24.25
N GLU B 151 -45.29 -79.34 23.56
CA GLU B 151 -44.31 -80.17 22.86
C GLU B 151 -43.26 -80.65 23.87
N TYR B 152 -43.72 -81.54 24.77
CA TYR B 152 -42.94 -82.05 25.89
C TYR B 152 -41.78 -82.93 25.40
N ASP B 153 -42.00 -83.60 24.25
CA ASP B 153 -40.97 -84.42 23.58
C ASP B 153 -39.73 -83.57 23.25
N GLN B 154 -40.00 -82.36 22.72
CA GLN B 154 -38.96 -81.38 22.38
C GLN B 154 -38.37 -80.74 23.67
N ALA B 155 -39.23 -80.58 24.69
CA ALA B 155 -38.85 -80.00 25.99
C ALA B 155 -37.89 -80.92 26.79
N VAL B 156 -37.86 -82.23 26.45
CA VAL B 156 -36.88 -83.19 27.02
C VAL B 156 -35.45 -82.77 26.62
N LYS B 157 -35.25 -82.61 25.30
CA LYS B 157 -33.94 -82.24 24.71
C LYS B 157 -33.46 -80.88 25.24
N ASP B 158 -34.39 -79.92 25.21
CA ASP B 158 -34.13 -78.51 25.50
C ASP B 158 -33.83 -78.26 27.00
N ALA B 159 -34.58 -78.94 27.88
CA ALA B 159 -34.35 -78.86 29.33
C ALA B 159 -32.96 -79.43 29.68
N GLU B 160 -32.59 -80.53 28.97
CA GLU B 160 -31.26 -81.15 29.10
C GLU B 160 -30.13 -80.21 28.63
N SER B 161 -30.43 -79.33 27.67
CA SER B 161 -29.45 -78.34 27.15
C SER B 161 -29.11 -77.29 28.23
N ALA B 162 -30.11 -76.96 29.08
CA ALA B 162 -29.92 -76.07 30.25
C ALA B 162 -29.15 -76.81 31.38
N ILE B 163 -29.49 -78.10 31.56
CA ILE B 163 -28.92 -78.97 32.60
C ILE B 163 -27.45 -79.33 32.30
N SER B 164 -27.11 -79.48 31.00
CA SER B 164 -25.73 -79.79 30.57
C SER B 164 -24.76 -78.67 30.96
N ILE B 165 -25.28 -77.43 30.99
CA ILE B 165 -24.53 -76.26 31.45
C ILE B 165 -24.48 -76.27 32.99
N ASP B 166 -25.66 -76.37 33.63
CA ASP B 166 -25.79 -76.35 35.10
C ASP B 166 -26.83 -77.39 35.59
N PRO B 167 -26.37 -78.50 36.27
CA PRO B 167 -27.26 -79.53 36.82
C PRO B 167 -27.71 -79.22 38.27
N SER B 168 -27.43 -77.99 38.72
CA SER B 168 -27.93 -77.49 40.01
C SER B 168 -29.32 -76.88 39.83
N TYR B 169 -29.63 -76.48 38.58
CA TYR B 169 -30.89 -75.84 38.21
C TYR B 169 -32.04 -76.87 38.17
N PHE B 170 -32.63 -77.14 39.37
CA PHE B 170 -33.74 -78.10 39.56
C PHE B 170 -35.05 -77.61 38.90
N ARG B 171 -35.11 -76.31 38.57
CA ARG B 171 -36.22 -75.73 37.79
C ARG B 171 -36.16 -76.23 36.33
N GLY B 172 -34.94 -76.58 35.86
CA GLY B 172 -34.75 -77.23 34.55
C GLY B 172 -35.17 -78.69 34.60
N TYR B 173 -34.88 -79.36 35.74
CA TYR B 173 -35.33 -80.74 36.03
C TYR B 173 -36.86 -80.81 36.17
N SER B 174 -37.49 -79.68 36.55
CA SER B 174 -38.95 -79.57 36.65
C SER B 174 -39.60 -79.82 35.28
N ARG B 175 -39.02 -79.16 34.24
CA ARG B 175 -39.50 -79.23 32.86
C ARG B 175 -39.08 -80.55 32.21
N LEU B 176 -37.92 -81.11 32.62
CA LEU B 176 -37.43 -82.40 32.10
C LEU B 176 -38.32 -83.56 32.61
N GLY B 177 -38.59 -83.53 33.92
CA GLY B 177 -39.36 -84.57 34.60
C GLY B 177 -40.83 -84.58 34.19
N PHE B 178 -41.39 -83.36 33.98
CA PHE B 178 -42.81 -83.19 33.57
C PHE B 178 -42.97 -83.55 32.09
N ALA B 179 -41.92 -83.29 31.30
CA ALA B 179 -41.87 -83.68 29.90
C ALA B 179 -41.86 -85.21 29.77
N LYS B 180 -41.03 -85.84 30.61
CA LYS B 180 -40.82 -87.29 30.68
C LYS B 180 -42.11 -88.01 31.16
N TYR B 181 -42.84 -87.31 32.02
CA TYR B 181 -44.16 -87.72 32.53
C TYR B 181 -45.18 -87.74 31.39
N ALA B 182 -45.17 -86.65 30.60
CA ALA B 182 -46.10 -86.45 29.49
C ALA B 182 -45.74 -87.30 28.27
N GLN B 183 -44.50 -87.84 28.24
CA GLN B 183 -44.05 -88.79 27.19
C GLN B 183 -44.88 -90.09 27.21
N GLY B 184 -45.54 -90.37 28.35
CA GLY B 184 -46.35 -91.57 28.52
C GLY B 184 -45.70 -92.55 29.49
N LYS B 185 -44.69 -92.08 30.24
CA LYS B 185 -44.01 -92.88 31.29
C LYS B 185 -43.98 -92.11 32.62
N PRO B 186 -45.14 -92.02 33.36
CA PRO B 186 -45.21 -91.41 34.72
C PRO B 186 -44.47 -92.25 35.76
N GLU B 187 -44.50 -93.58 35.53
CA GLU B 187 -43.90 -94.61 36.39
C GLU B 187 -42.38 -94.39 36.47
N GLU B 188 -41.80 -94.10 35.31
CA GLU B 188 -40.36 -93.92 35.13
C GLU B 188 -39.98 -92.45 35.37
N ALA B 189 -40.91 -91.52 35.09
CA ALA B 189 -40.71 -90.08 35.36
C ALA B 189 -40.73 -89.80 36.86
N LEU B 190 -41.29 -90.74 37.64
CA LEU B 190 -41.26 -90.73 39.12
C LEU B 190 -39.80 -90.71 39.64
N GLU B 191 -38.89 -91.29 38.83
CA GLU B 191 -37.44 -91.31 39.08
C GLU B 191 -36.80 -89.96 38.67
N ALA B 192 -37.29 -89.39 37.55
CA ALA B 192 -36.81 -88.09 37.02
C ALA B 192 -37.18 -86.93 37.95
N TYR B 193 -38.39 -87.02 38.54
CA TYR B 193 -38.93 -86.02 39.46
C TYR B 193 -38.11 -85.97 40.75
N LYS B 194 -37.58 -87.14 41.20
CA LYS B 194 -36.78 -87.25 42.44
C LYS B 194 -35.67 -86.17 42.50
N LYS B 195 -35.00 -85.96 41.35
CA LYS B 195 -33.86 -85.03 41.23
C LYS B 195 -34.25 -83.57 41.49
N VAL B 196 -35.52 -83.20 41.20
CA VAL B 196 -36.07 -81.84 41.47
C VAL B 196 -36.10 -81.60 43.00
N LEU B 197 -36.59 -82.61 43.74
CA LEU B 197 -36.78 -82.55 45.20
C LEU B 197 -35.54 -83.08 45.95
N ASP B 198 -34.53 -83.56 45.19
CA ASP B 198 -33.27 -84.11 45.73
C ASP B 198 -32.25 -82.98 45.97
N ILE B 199 -32.16 -82.08 44.98
CA ILE B 199 -31.26 -80.90 45.01
C ILE B 199 -31.63 -79.95 46.16
N GLU B 200 -32.95 -79.83 46.42
CA GLU B 200 -33.48 -79.02 47.53
C GLU B 200 -33.53 -79.85 48.83
N GLY B 201 -34.07 -81.08 48.74
CA GLY B 201 -34.31 -81.94 49.90
C GLY B 201 -35.78 -81.93 50.31
N ASP B 202 -36.06 -82.35 51.56
CA ASP B 202 -37.44 -82.39 52.14
C ASP B 202 -38.03 -80.98 52.33
N ASN B 203 -37.17 -79.95 52.23
CA ASN B 203 -37.58 -78.52 52.29
C ASN B 203 -38.26 -78.06 50.97
N ALA B 204 -38.39 -79.00 50.01
CA ALA B 204 -38.98 -78.77 48.66
C ALA B 204 -40.40 -78.17 48.72
N THR B 205 -40.62 -77.18 47.85
CA THR B 205 -41.89 -76.43 47.76
C THR B 205 -43.05 -77.34 47.29
N GLU B 206 -44.25 -77.06 47.83
CA GLU B 206 -45.49 -77.86 47.59
C GLU B 206 -45.77 -78.08 46.10
N ALA B 207 -45.62 -77.00 45.31
CA ALA B 207 -45.84 -77.02 43.86
C ALA B 207 -44.96 -78.08 43.17
N MET B 208 -43.67 -78.10 43.56
CA MET B 208 -42.67 -79.05 43.02
C MET B 208 -42.88 -80.47 43.58
N LYS B 209 -43.37 -80.54 44.83
CA LYS B 209 -43.59 -81.81 45.55
C LYS B 209 -44.72 -82.60 44.88
N ARG B 210 -45.80 -81.90 44.52
CA ARG B 210 -46.98 -82.54 43.91
C ARG B 210 -46.78 -82.84 42.42
N ASP B 211 -45.65 -82.36 41.85
CA ASP B 211 -45.18 -82.83 40.52
C ASP B 211 -44.65 -84.27 40.65
N TYR B 212 -43.85 -84.51 41.71
CA TYR B 212 -43.34 -85.84 42.08
C TYR B 212 -44.51 -86.78 42.41
N GLU B 213 -45.46 -86.25 43.20
CA GLU B 213 -46.65 -86.98 43.64
C GLU B 213 -47.52 -87.31 42.41
N SER B 214 -47.60 -86.36 41.44
CA SER B 214 -48.41 -86.52 40.20
C SER B 214 -48.04 -87.81 39.43
N ALA B 215 -46.74 -88.16 39.48
CA ALA B 215 -46.22 -89.38 38.86
C ALA B 215 -46.78 -90.63 39.54
N LYS B 216 -46.69 -90.67 40.90
CA LYS B 216 -47.22 -91.78 41.73
C LYS B 216 -48.77 -91.79 41.67
N LYS B 217 -49.38 -90.61 41.53
CA LYS B 217 -50.83 -90.39 41.50
C LYS B 217 -51.42 -91.02 40.23
N LYS B 218 -50.67 -90.90 39.14
CA LYS B 218 -51.02 -91.47 37.83
C LYS B 218 -50.98 -93.01 37.90
N VAL B 219 -49.96 -93.54 38.61
CA VAL B 219 -49.75 -94.99 38.83
C VAL B 219 -50.76 -95.54 39.87
N GLU B 220 -51.26 -94.66 40.74
CA GLU B 220 -52.15 -95.01 41.89
C GLU B 220 -53.45 -95.66 41.41
N GLN B 221 -53.88 -95.35 40.18
CA GLN B 221 -55.12 -95.90 39.57
C GLN B 221 -55.09 -97.44 39.42
N SER B 222 -53.88 -98.03 39.49
CA SER B 222 -53.70 -99.49 39.56
C SER B 222 -54.05 -99.97 40.99
N LEU B 223 -53.58 -99.22 41.99
CA LEU B 223 -53.81 -99.52 43.43
C LEU B 223 -55.20 -99.01 43.90
N ASN B 224 -55.92 -98.29 43.02
CA ASN B 224 -57.30 -97.79 43.27
C ASN B 224 -58.24 -98.96 43.63
N LEU B 225 -58.00 -100.10 42.98
CA LEU B 225 -58.69 -101.37 43.27
C LEU B 225 -57.67 -102.35 43.87
N GLU B 226 -58.15 -103.26 44.71
CA GLU B 226 -57.31 -104.27 45.38
C GLU B 226 -58.19 -105.45 45.80
N LYS B 227 -57.70 -106.67 45.56
CA LYS B 227 -58.40 -107.91 45.93
C LYS B 227 -57.55 -108.69 46.95
N THR B 228 -57.60 -108.25 48.22
CA THR B 228 -56.92 -108.95 49.32
C THR B 228 -57.95 -109.86 50.02
N VAL B 229 -57.96 -111.14 49.64
CA VAL B 229 -58.92 -112.13 50.14
C VAL B 229 -58.75 -112.38 51.68
N PRO B 230 -57.49 -112.64 52.22
CA PRO B 230 -57.30 -112.76 53.70
C PRO B 230 -57.43 -111.38 54.41
N GLU B 231 -56.37 -110.52 54.31
CA GLU B 231 -56.29 -109.15 54.90
C GLU B 231 -56.13 -109.15 56.43
N GLN B 232 -56.92 -109.99 57.12
CA GLN B 232 -56.90 -110.13 58.59
C GLN B 232 -55.81 -111.13 59.07
N SER B 233 -54.67 -111.18 58.35
CA SER B 233 -53.56 -112.11 58.61
C SER B 233 -52.92 -111.82 59.98
N ARG B 234 -53.41 -112.53 61.01
CA ARG B 234 -53.08 -112.27 62.41
C ARG B 234 -53.44 -113.50 63.28
N ASP B 235 -52.99 -113.49 64.55
CA ASP B 235 -53.37 -114.47 65.58
C ASP B 235 -54.90 -114.54 65.76
N ALA B 236 -55.59 -113.43 65.42
CA ALA B 236 -57.07 -113.32 65.48
C ALA B 236 -57.75 -114.33 64.53
N ASP B 237 -57.10 -114.60 63.39
CA ASP B 237 -57.59 -115.55 62.37
C ASP B 237 -57.55 -117.01 62.90
N VAL B 238 -56.55 -117.29 63.74
CA VAL B 238 -56.41 -118.58 64.43
C VAL B 238 -57.41 -118.66 65.61
N ASP B 239 -57.46 -117.55 66.39
CA ASP B 239 -58.30 -117.39 67.60
C ASP B 239 -57.85 -118.33 68.75
N ALA B 240 -58.25 -117.95 69.99
CA ALA B 240 -57.99 -118.73 71.22
C ALA B 240 -58.49 -120.19 71.11
N SER B 241 -59.57 -120.36 70.32
CA SER B 241 -60.18 -121.67 69.97
C SER B 241 -60.64 -122.44 71.24
N GLN B 242 -60.96 -121.66 72.30
CA GLN B 242 -61.36 -122.13 73.64
C GLN B 242 -60.13 -122.65 74.43
N GLY B 243 -60.18 -122.51 75.76
CA GLY B 243 -59.08 -122.92 76.65
C GLY B 243 -58.16 -121.75 76.93
N ALA B 244 -57.59 -121.17 75.85
CA ALA B 244 -56.75 -119.96 75.93
C ALA B 244 -57.63 -118.72 76.16
N SER B 245 -57.00 -117.65 76.71
CA SER B 245 -57.69 -116.40 77.14
C SER B 245 -58.69 -116.66 78.29
N ALA B 246 -58.47 -117.76 79.01
CA ALA B 246 -59.26 -118.12 80.20
C ALA B 246 -58.88 -117.18 81.36
N GLY B 247 -59.64 -116.10 81.50
CA GLY B 247 -59.45 -115.14 82.58
C GLY B 247 -60.33 -115.48 83.78
N GLY B 248 -61.15 -114.51 84.24
CA GLY B 248 -61.99 -114.68 85.41
C GLY B 248 -63.36 -115.27 85.10
N LEU B 249 -63.40 -116.49 84.51
CA LEU B 249 -64.65 -117.25 84.31
C LEU B 249 -64.99 -118.20 85.50
N PRO B 250 -64.00 -118.82 86.28
CA PRO B 250 -64.32 -119.64 87.46
C PRO B 250 -64.12 -118.85 88.78
N ASP B 251 -64.23 -117.49 88.68
CA ASP B 251 -63.96 -116.53 89.78
C ASP B 251 -62.65 -116.85 90.58
N LEU B 252 -62.78 -117.42 91.79
CA LEU B 252 -61.63 -117.81 92.64
C LEU B 252 -61.89 -119.17 93.30
N GLY B 253 -63.04 -119.79 92.96
CA GLY B 253 -63.44 -121.08 93.52
C GLY B 253 -64.11 -120.92 94.88
N SER B 254 -63.30 -120.89 95.94
CA SER B 254 -63.77 -120.79 97.33
C SER B 254 -62.72 -120.08 98.21
N LEU B 255 -61.42 -120.20 97.81
CA LEU B 255 -60.27 -119.57 98.49
C LEU B 255 -60.20 -119.99 99.98
N LEU B 256 -59.61 -121.16 100.21
CA LEU B 256 -59.40 -121.70 101.57
C LEU B 256 -57.94 -121.41 101.96
N GLY B 257 -57.74 -120.77 103.12
CA GLY B 257 -56.40 -120.40 103.61
C GLY B 257 -56.28 -120.46 105.12
N GLY B 258 -57.40 -120.17 105.83
CA GLY B 258 -57.42 -120.20 107.29
C GLY B 258 -57.21 -121.61 107.84
N GLY B 259 -58.14 -122.53 107.49
CA GLY B 259 -58.09 -123.93 107.93
C GLY B 259 -58.36 -124.10 109.42
N LEU B 260 -59.06 -123.12 110.01
CA LEU B 260 -59.30 -123.02 111.46
C LEU B 260 -60.26 -124.13 111.93
N GLY B 261 -59.96 -124.71 113.09
CA GLY B 261 -60.79 -125.75 113.71
C GLY B 261 -60.83 -125.60 115.23
N GLY B 262 -59.69 -125.17 115.80
CA GLY B 262 -59.53 -125.03 117.24
C GLY B 262 -59.60 -126.36 117.96
N LEU B 263 -58.84 -127.35 117.41
CA LEU B 263 -58.87 -128.77 117.82
C LEU B 263 -60.26 -129.38 117.56
N MET B 264 -61.25 -129.03 118.40
CA MET B 264 -62.63 -129.53 118.30
C MET B 264 -63.61 -128.71 119.18
N ASN B 265 -63.14 -128.25 120.36
CA ASN B 265 -64.00 -127.64 121.40
C ASN B 265 -63.54 -126.21 121.78
N ASN B 266 -62.31 -125.82 121.39
CA ASN B 266 -61.75 -124.49 121.74
C ASN B 266 -61.11 -123.81 120.51
N PRO B 267 -61.93 -123.08 119.67
CA PRO B 267 -61.40 -122.14 118.66
C PRO B 267 -60.97 -120.80 119.30
N GLN B 268 -61.43 -120.53 120.54
CA GLN B 268 -61.06 -119.34 121.31
C GLN B 268 -59.72 -119.60 122.02
N LEU B 269 -58.61 -119.54 121.25
CA LEU B 269 -57.25 -119.76 121.78
C LEU B 269 -56.84 -118.59 122.71
N MET B 270 -57.30 -117.37 122.35
CA MET B 270 -57.06 -116.13 123.11
C MET B 270 -55.56 -115.70 123.08
N GLN B 271 -55.31 -114.46 122.66
CA GLN B 271 -53.95 -113.88 122.60
C GLN B 271 -53.57 -113.28 123.96
N ALA B 272 -52.24 -113.12 124.15
CA ALA B 272 -51.66 -112.46 125.34
C ALA B 272 -51.68 -110.92 125.21
N ALA B 273 -52.44 -110.42 124.20
CA ALA B 273 -52.55 -108.99 123.89
C ALA B 273 -53.37 -108.21 124.93
N GLN B 274 -54.01 -108.93 125.89
CA GLN B 274 -54.71 -108.30 127.03
C GLN B 274 -53.75 -107.36 127.80
N LYS B 275 -52.55 -107.89 128.08
CA LYS B 275 -51.43 -107.13 128.65
C LYS B 275 -50.16 -108.00 128.66
N MET B 276 -49.00 -107.35 128.83
CA MET B 276 -47.68 -108.00 128.72
C MET B 276 -47.36 -108.83 129.98
N MET B 277 -47.44 -108.19 131.16
CA MET B 277 -46.97 -108.80 132.44
C MET B 277 -47.71 -108.20 133.65
N SER B 278 -47.70 -108.98 134.77
CA SER B 278 -48.21 -108.55 136.09
C SER B 278 -49.74 -108.35 136.09
N ASN B 279 -50.49 -109.38 136.52
CA ASN B 279 -51.97 -109.33 136.66
C ASN B 279 -52.38 -108.42 137.85
N PRO B 280 -53.64 -107.87 137.86
CA PRO B 280 -54.14 -107.06 139.01
C PRO B 280 -54.18 -107.86 140.32
N GLY B 281 -54.51 -109.16 140.21
CA GLY B 281 -54.59 -110.05 141.36
C GLY B 281 -55.78 -109.74 142.26
N ALA B 282 -55.62 -108.73 143.13
CA ALA B 282 -56.68 -108.20 144.01
C ALA B 282 -56.84 -106.68 143.81
N MET B 283 -55.75 -106.03 143.31
CA MET B 283 -55.61 -104.56 143.17
C MET B 283 -55.65 -103.85 144.55
N GLN B 284 -56.85 -103.77 145.14
CA GLN B 284 -57.03 -103.28 146.52
C GLN B 284 -56.69 -104.44 147.47
N ASN B 285 -55.49 -104.39 148.04
CA ASN B 285 -54.98 -105.41 148.97
C ASN B 285 -53.89 -104.79 149.84
N ILE B 286 -52.98 -104.04 149.16
CA ILE B 286 -51.87 -103.32 149.81
C ILE B 286 -52.44 -102.27 150.78
N GLN B 287 -53.39 -101.45 150.26
CA GLN B 287 -54.04 -100.34 150.97
C GLN B 287 -53.04 -99.18 151.20
N LYS B 288 -53.49 -97.94 150.93
CA LYS B 288 -52.64 -96.74 150.98
C LYS B 288 -52.07 -96.52 152.40
N MET B 289 -50.77 -96.84 152.54
CA MET B 289 -49.96 -96.59 153.75
C MET B 289 -49.62 -95.07 153.87
N MET B 290 -48.45 -94.72 154.46
CA MET B 290 -47.98 -93.33 154.67
C MET B 290 -48.80 -92.67 155.79
N GLN B 291 -50.07 -92.36 155.50
CA GLN B 291 -51.03 -91.91 156.51
C GLN B 291 -51.69 -93.13 157.13
N ASP B 292 -52.57 -93.79 156.34
CA ASP B 292 -53.30 -95.01 156.73
C ASP B 292 -54.02 -94.86 158.11
N PRO B 293 -55.26 -94.29 158.15
CA PRO B 293 -56.00 -94.03 159.42
C PRO B 293 -56.66 -95.28 160.06
N SER B 294 -55.91 -96.40 160.13
CA SER B 294 -56.36 -97.62 160.83
C SER B 294 -56.41 -97.39 162.36
N ILE B 295 -55.39 -96.72 162.90
CA ILE B 295 -55.41 -96.20 164.28
C ILE B 295 -56.09 -94.81 164.24
N ARG B 296 -57.42 -94.84 164.12
CA ARG B 296 -58.29 -93.66 164.04
C ARG B 296 -59.73 -94.16 163.97
N GLN B 297 -60.37 -94.28 165.12
CA GLN B 297 -61.71 -94.84 165.26
C GLN B 297 -62.60 -93.85 166.01
N MET B 298 -63.66 -93.35 165.35
CA MET B 298 -64.59 -92.37 165.96
C MET B 298 -65.35 -93.05 167.12
N ALA B 299 -64.76 -92.97 168.32
CA ALA B 299 -65.27 -93.56 169.55
C ALA B 299 -64.57 -92.90 170.74
N GLU B 300 -65.35 -92.16 171.52
CA GLU B 300 -64.89 -91.52 172.77
C GLU B 300 -64.47 -92.57 173.82
N GLY B 301 -65.17 -93.72 173.79
CA GLY B 301 -64.82 -94.91 174.56
C GLY B 301 -64.45 -96.03 173.62
N PHE B 302 -63.15 -96.38 173.57
CA PHE B 302 -62.61 -97.43 172.68
C PHE B 302 -63.30 -98.79 172.94
N ALA B 303 -63.37 -99.18 174.22
CA ALA B 303 -64.02 -100.43 174.67
C ALA B 303 -64.70 -100.16 176.01
N SER B 304 -63.98 -99.45 176.89
CA SER B 304 -64.51 -98.96 178.17
C SER B 304 -65.57 -97.89 177.92
N GLY B 305 -66.40 -97.61 178.96
CA GLY B 305 -67.46 -96.61 178.88
C GLY B 305 -66.90 -95.20 178.61
N GLY B 306 -66.53 -94.48 179.68
CA GLY B 306 -65.96 -93.13 179.56
C GLY B 306 -67.02 -92.03 179.42
N GLY B 307 -68.20 -92.40 178.88
CA GLY B 307 -69.31 -91.45 178.69
C GLY B 307 -69.09 -90.55 177.49
N THR B 308 -68.29 -89.50 177.71
CA THR B 308 -67.90 -88.49 176.70
C THR B 308 -66.45 -88.03 177.01
N PRO B 309 -65.72 -87.37 176.04
CA PRO B 309 -64.37 -86.81 176.31
C PRO B 309 -64.43 -85.64 177.33
N ASN B 310 -64.31 -85.98 178.62
CA ASN B 310 -64.40 -85.01 179.72
C ASN B 310 -63.11 -85.02 180.55
N LEU B 311 -62.48 -83.85 180.69
CA LEU B 311 -61.25 -83.66 181.49
C LEU B 311 -61.55 -82.87 182.80
N SER B 312 -62.85 -82.61 183.07
CA SER B 312 -63.28 -81.99 184.35
C SER B 312 -63.04 -82.95 185.53
N ASP B 313 -62.94 -84.26 185.20
CA ASP B 313 -62.51 -85.31 186.14
C ASP B 313 -61.08 -85.03 186.66
N LEU B 314 -60.20 -84.63 185.71
CA LEU B 314 -58.78 -84.31 185.99
C LEU B 314 -58.65 -83.06 186.88
N MET B 315 -59.68 -82.19 186.83
CA MET B 315 -59.79 -81.05 187.76
C MET B 315 -60.12 -81.58 189.18
N ASN B 316 -61.31 -82.24 189.30
CA ASN B 316 -61.90 -82.66 190.60
C ASN B 316 -62.03 -81.46 191.56
N ASN B 317 -60.95 -81.17 192.28
CA ASN B 317 -60.84 -80.03 193.20
C ASN B 317 -59.79 -79.06 192.61
N PRO B 318 -60.18 -77.76 192.33
CA PRO B 318 -59.25 -76.77 191.71
C PRO B 318 -58.17 -76.27 192.70
N ALA B 319 -57.58 -75.10 192.42
CA ALA B 319 -56.54 -74.46 193.28
C ALA B 319 -57.16 -73.38 194.19
N LEU B 320 -58.45 -73.55 194.54
CA LEU B 320 -59.21 -72.61 195.40
C LEU B 320 -58.58 -72.62 196.80
N ARG B 321 -58.79 -73.74 197.53
CA ARG B 321 -58.27 -73.98 198.89
C ARG B 321 -58.53 -72.75 199.79
N ASN B 322 -59.76 -72.67 200.34
CA ASN B 322 -60.22 -71.53 201.14
C ASN B 322 -59.36 -71.35 202.41
N MET B 323 -58.46 -70.37 202.36
CA MET B 323 -57.61 -69.98 203.49
C MET B 323 -58.35 -68.95 204.36
N ALA B 324 -58.71 -69.37 205.59
CA ALA B 324 -59.36 -68.51 206.59
C ALA B 324 -58.40 -68.29 207.78
N GLY B 325 -57.34 -67.50 207.54
CA GLY B 325 -56.34 -67.19 208.57
C GLY B 325 -55.61 -65.89 208.30
N ASN B 326 -54.79 -65.89 207.23
CA ASN B 326 -54.04 -64.69 206.77
C ASN B 326 -54.99 -63.62 206.19
N LEU B 327 -56.26 -64.02 205.95
CA LEU B 327 -57.36 -63.11 205.52
C LEU B 327 -57.56 -61.93 206.49
N PHE B 328 -57.14 -62.13 207.77
CA PHE B 328 -57.31 -61.20 208.90
C PHE B 328 -58.76 -61.25 209.40
N GLY B 329 -58.95 -61.90 210.55
CA GLY B 329 -60.27 -62.10 211.15
C GLY B 329 -60.28 -61.72 212.63
N GLY B 330 -60.44 -62.75 213.50
CA GLY B 330 -60.45 -62.57 214.96
C GLY B 330 -61.58 -61.69 215.46
N ALA B 331 -61.27 -60.86 216.47
CA ALA B 331 -62.20 -59.88 217.05
C ALA B 331 -62.59 -58.78 216.03
N GLY B 332 -61.69 -58.56 215.05
CA GLY B 332 -61.91 -57.59 213.98
C GLY B 332 -63.07 -57.96 213.06
N ALA B 333 -63.20 -59.26 212.74
CA ALA B 333 -64.21 -59.77 211.79
C ALA B 333 -65.56 -60.06 212.46
N GLN B 334 -65.78 -59.49 213.65
CA GLN B 334 -67.05 -59.62 214.40
C GLN B 334 -67.32 -58.35 215.20
N SER B 335 -68.55 -58.22 215.72
CA SER B 335 -68.89 -57.22 216.72
C SER B 335 -68.64 -57.83 218.10
N THR B 336 -67.43 -57.64 218.63
CA THR B 336 -67.01 -58.19 219.94
C THR B 336 -67.68 -57.39 221.09
N ASP B 337 -67.93 -56.11 220.80
CA ASP B 337 -68.56 -55.16 221.74
C ASP B 337 -70.10 -55.34 221.80
N GLU B 338 -70.63 -56.30 221.02
CA GLU B 338 -72.08 -56.63 220.97
C GLU B 338 -72.62 -57.06 222.35
N THR B 339 -71.79 -57.79 223.12
CA THR B 339 -72.19 -58.34 224.44
C THR B 339 -72.41 -57.21 225.50
N PRO B 340 -71.39 -56.34 225.87
CA PRO B 340 -71.62 -55.24 226.84
C PRO B 340 -72.28 -53.99 226.17
N ASP B 341 -73.36 -53.50 226.81
CA ASP B 341 -74.05 -52.24 226.42
C ASP B 341 -73.81 -51.17 227.53
N ASN B 342 -72.78 -51.44 228.38
CA ASN B 342 -72.38 -50.66 229.59
C ASN B 342 -73.58 -50.32 230.52
N GLU B 343 -74.40 -49.33 230.12
CA GLU B 343 -75.54 -48.85 230.90
C GLU B 343 -76.48 -48.05 229.97
N ASN B 344 -77.76 -48.46 229.93
CA ASN B 344 -78.82 -47.74 229.18
C ASN B 344 -79.49 -46.68 230.10
N LYS B 345 -80.74 -46.25 229.73
CA LYS B 345 -81.52 -45.18 230.44
C LYS B 345 -80.99 -43.78 230.03
N GLN B 346 -79.66 -43.62 229.96
CA GLN B 346 -79.02 -42.44 229.35
C GLN B 346 -79.31 -42.43 227.82
N TYR B 347 -80.47 -41.87 227.46
CA TYR B 347 -80.99 -41.89 226.07
C TYR B 347 -80.09 -41.07 225.12
N MET A 1 4.05 -11.05 -18.58
CA MET A 1 4.57 -11.72 -17.36
C MET A 1 4.72 -10.68 -16.22
N SER A 2 5.84 -9.97 -16.18
CA SER A 2 6.14 -8.97 -15.13
C SER A 2 6.48 -7.61 -15.76
N ALA A 3 6.07 -7.46 -17.05
CA ALA A 3 6.48 -6.39 -17.98
C ALA A 3 7.96 -6.53 -18.36
N SER A 4 8.32 -5.96 -19.52
CA SER A 4 9.72 -5.87 -19.96
C SER A 4 10.42 -4.81 -19.11
N LYS A 5 11.72 -4.99 -18.87
CA LYS A 5 12.45 -4.27 -17.82
C LYS A 5 12.51 -2.75 -18.12
N GLU A 6 12.56 -2.40 -19.43
CA GLU A 6 12.58 -1.00 -19.91
C GLU A 6 11.24 -0.30 -19.62
N GLU A 7 10.11 -1.05 -19.79
CA GLU A 7 8.74 -0.50 -19.66
C GLU A 7 8.56 0.17 -18.28
N ILE A 8 8.88 -0.60 -17.23
CA ILE A 8 8.78 -0.16 -15.84
C ILE A 8 9.90 0.83 -15.48
N ALA A 9 11.11 0.63 -16.04
CA ALA A 9 12.29 1.48 -15.77
C ALA A 9 12.06 2.94 -16.17
N ALA A 10 11.33 3.14 -17.28
CA ALA A 10 10.95 4.47 -17.76
C ALA A 10 10.07 5.21 -16.74
N LEU A 11 9.13 4.44 -16.15
CA LEU A 11 8.23 4.93 -15.10
C LEU A 11 9.05 5.33 -13.86
N ILE A 12 10.00 4.46 -13.47
CA ILE A 12 10.87 4.64 -12.29
C ILE A 12 11.67 5.95 -12.39
N VAL A 13 12.35 6.14 -13.53
CA VAL A 13 13.25 7.28 -13.73
C VAL A 13 12.49 8.62 -13.88
N ASN A 14 11.31 8.58 -14.53
CA ASN A 14 10.49 9.79 -14.75
C ASN A 14 9.70 10.15 -13.47
N TYR A 15 9.38 9.13 -12.67
CA TYR A 15 8.71 9.31 -11.38
C TYR A 15 9.64 10.15 -10.49
N PHE A 16 10.90 9.70 -10.39
CA PHE A 16 11.94 10.39 -9.59
C PHE A 16 12.27 11.77 -10.17
N SER A 17 12.11 11.96 -11.50
CA SER A 17 12.26 13.29 -12.14
C SER A 17 11.16 14.26 -11.66
N SER A 18 9.93 13.72 -11.50
CA SER A 18 8.76 14.48 -11.00
C SER A 18 8.88 14.73 -9.48
N ILE A 19 9.57 13.80 -8.78
CA ILE A 19 9.78 13.86 -7.32
C ILE A 19 10.84 14.93 -6.97
N VAL A 20 11.96 14.96 -7.72
CA VAL A 20 13.03 15.96 -7.51
C VAL A 20 12.60 17.35 -8.03
N GLU A 21 11.62 17.36 -8.97
CA GLU A 21 11.03 18.61 -9.52
C GLU A 21 10.31 19.40 -8.42
N LYS A 22 9.30 18.76 -7.81
CA LYS A 22 8.50 19.37 -6.73
C LYS A 22 9.25 19.34 -5.39
N LYS A 23 10.34 18.54 -5.34
CA LYS A 23 11.14 18.29 -4.12
C LYS A 23 10.30 17.60 -3.04
N GLU A 24 9.61 16.54 -3.49
CA GLU A 24 8.88 15.60 -2.63
C GLU A 24 9.84 14.81 -1.71
N ILE A 25 11.12 14.72 -2.11
CA ILE A 25 12.18 14.10 -1.30
C ILE A 25 13.27 15.16 -1.01
N SER A 26 13.90 15.04 0.17
CA SER A 26 15.05 15.88 0.55
C SER A 26 16.27 15.57 -0.33
N GLU A 27 17.24 16.53 -0.42
CA GLU A 27 18.41 16.40 -1.32
C GLU A 27 19.24 15.14 -1.01
N ASP A 28 19.22 14.71 0.29
CA ASP A 28 19.85 13.43 0.75
C ASP A 28 19.51 12.27 -0.20
N GLY A 29 18.24 12.21 -0.56
CA GLY A 29 17.74 11.20 -1.47
C GLY A 29 17.65 11.69 -2.91
N ALA A 30 17.38 13.00 -3.10
CA ALA A 30 17.12 13.58 -4.44
C ALA A 30 18.31 13.40 -5.37
N ASP A 31 19.51 13.73 -4.85
CA ASP A 31 20.79 13.54 -5.57
C ASP A 31 21.02 12.04 -5.89
N SER A 32 20.67 11.18 -4.91
CA SER A 32 20.81 9.71 -5.02
C SER A 32 19.85 9.15 -6.10
N LEU A 33 18.73 9.87 -6.32
CA LEU A 33 17.77 9.54 -7.39
C LEU A 33 18.28 10.08 -8.73
N ASN A 34 18.90 11.29 -8.70
CA ASN A 34 19.40 11.97 -9.92
C ASN A 34 20.47 11.13 -10.63
N VAL A 35 21.40 10.59 -9.85
CA VAL A 35 22.46 9.71 -10.38
C VAL A 35 21.88 8.34 -10.79
N ALA A 36 20.84 7.87 -10.06
CA ALA A 36 20.18 6.59 -10.33
C ALA A 36 19.42 6.63 -11.67
N MET A 37 18.68 7.73 -11.91
CA MET A 37 17.77 7.86 -13.07
C MET A 37 18.50 7.70 -14.40
N ASP A 38 19.54 8.51 -14.58
CA ASP A 38 20.31 8.59 -15.82
C ASP A 38 21.11 7.30 -16.08
N CYS A 39 21.64 6.70 -14.99
CA CYS A 39 22.37 5.42 -15.06
C CYS A 39 21.43 4.26 -15.46
N ILE A 40 20.23 4.23 -14.87
CA ILE A 40 19.20 3.20 -15.16
C ILE A 40 18.71 3.34 -16.61
N SER A 41 18.56 4.59 -17.07
CA SER A 41 18.10 4.89 -18.44
C SER A 41 19.08 4.34 -19.48
N GLU A 42 20.34 4.77 -19.39
CA GLU A 42 21.42 4.34 -20.33
C GLU A 42 21.75 2.84 -20.17
N ALA A 43 21.39 2.28 -19.00
CA ALA A 43 21.57 0.84 -18.69
C ALA A 43 20.76 -0.03 -19.66
N PHE A 44 19.45 0.28 -19.79
CA PHE A 44 18.55 -0.41 -20.73
C PHE A 44 18.66 0.19 -22.15
N GLY A 45 19.38 1.33 -22.25
CA GLY A 45 19.61 2.00 -23.52
C GLY A 45 18.41 2.81 -23.98
N PHE A 46 17.98 3.76 -23.13
CA PHE A 46 16.92 4.72 -23.47
C PHE A 46 17.27 6.09 -22.86
N GLU A 47 16.71 7.14 -23.45
CA GLU A 47 16.92 8.53 -23.01
C GLU A 47 15.88 8.89 -21.91
N ARG A 48 16.36 9.50 -20.81
CA ARG A 48 15.58 9.74 -19.58
C ARG A 48 14.52 10.86 -19.76
N GLU A 49 14.72 11.75 -20.74
CA GLU A 49 13.71 12.79 -21.08
C GLU A 49 12.77 12.28 -22.20
N ALA A 50 13.23 11.29 -22.97
CA ALA A 50 12.45 10.67 -24.07
C ALA A 50 11.62 9.45 -23.58
N VAL A 51 11.50 9.31 -22.25
CA VAL A 51 10.67 8.26 -21.63
C VAL A 51 9.16 8.48 -21.84
N SER A 52 8.77 9.69 -22.29
CA SER A 52 7.35 10.11 -22.45
C SER A 52 6.51 9.09 -23.27
N GLY A 53 7.13 8.46 -24.28
CA GLY A 53 6.47 7.40 -25.06
C GLY A 53 6.52 6.03 -24.36
N ILE A 54 7.60 5.81 -23.61
CA ILE A 54 7.88 4.53 -22.92
C ILE A 54 7.12 4.45 -21.55
N LEU A 55 6.61 5.61 -21.09
CA LEU A 55 5.83 5.73 -19.84
C LEU A 55 4.50 4.98 -19.95
N GLY A 56 3.92 5.00 -21.16
CA GLY A 56 2.68 4.32 -21.44
C GLY A 56 2.79 2.81 -21.26
N LYS A 57 3.98 2.29 -21.64
CA LYS A 57 4.27 0.85 -21.64
C LYS A 57 4.20 0.25 -20.22
N SER A 58 4.40 1.10 -19.20
CA SER A 58 4.18 0.77 -17.78
C SER A 58 2.77 1.26 -17.35
N GLU A 59 1.77 0.38 -17.47
CA GLU A 59 0.38 0.65 -17.07
C GLU A 59 0.05 -0.09 -15.77
N PHE A 60 0.41 -1.39 -15.76
CA PHE A 60 0.07 -2.36 -14.68
C PHE A 60 -1.42 -2.70 -14.70
N LYS A 61 -1.80 -3.83 -14.09
CA LYS A 61 -3.22 -4.23 -13.92
C LYS A 61 -3.74 -3.56 -12.64
N GLY A 62 -2.82 -3.21 -11.72
CA GLY A 62 -3.18 -2.64 -10.43
C GLY A 62 -3.10 -1.13 -10.44
N GLN A 63 -1.88 -0.57 -10.62
CA GLN A 63 -1.61 0.89 -10.45
C GLN A 63 -2.46 1.76 -11.40
N HIS A 64 -2.01 1.88 -12.67
CA HIS A 64 -2.56 2.82 -13.67
C HIS A 64 -2.37 4.29 -13.22
N LEU A 65 -3.23 4.73 -12.28
CA LEU A 65 -3.18 6.08 -11.68
C LEU A 65 -2.99 5.94 -10.15
N ALA A 66 -3.23 7.07 -9.42
CA ALA A 66 -3.25 7.14 -7.93
C ALA A 66 -1.84 7.06 -7.33
N ASP A 67 -1.20 5.89 -7.42
CA ASP A 67 0.18 5.67 -6.95
C ASP A 67 1.18 6.32 -7.91
N ILE A 68 0.87 6.21 -9.21
CA ILE A 68 1.70 6.77 -10.30
C ILE A 68 0.80 7.53 -11.29
N LEU A 69 1.11 8.81 -11.53
CA LEU A 69 0.28 9.71 -12.38
C LEU A 69 0.93 9.89 -13.76
N ASN A 70 2.25 9.67 -13.83
CA ASN A 70 3.06 9.89 -15.04
C ASN A 70 3.04 8.64 -15.97
N SER A 71 1.86 7.98 -16.09
CA SER A 71 1.69 6.79 -16.95
C SER A 71 1.52 7.23 -18.43
N ALA A 72 0.35 7.81 -18.79
CA ALA A 72 0.06 8.42 -20.14
C ALA A 72 -1.44 8.77 -20.30
N SER A 73 -1.82 9.16 -21.53
CA SER A 73 -3.21 9.43 -21.94
C SER A 73 -3.54 8.69 -23.26
N ARG A 74 -4.75 8.98 -23.81
CA ARG A 74 -5.23 8.48 -25.13
C ARG A 74 -5.65 6.99 -25.11
N VAL A 75 -6.83 6.71 -25.70
CA VAL A 75 -7.44 5.38 -25.82
C VAL A 75 -8.75 5.50 -26.65
N PRO A 76 -9.13 4.44 -27.46
CA PRO A 76 -10.51 4.33 -28.01
C PRO A 76 -11.58 4.26 -26.89
N GLU A 77 -12.85 4.31 -27.28
CA GLU A 77 -13.98 4.43 -26.35
C GLU A 77 -14.04 3.18 -25.44
N SER A 78 -13.99 1.99 -26.06
CA SER A 78 -13.78 0.69 -25.37
C SER A 78 -13.33 -0.39 -26.37
N ASN A 79 -12.03 -0.80 -26.26
CA ASN A 79 -11.47 -2.02 -26.90
C ASN A 79 -11.37 -1.95 -28.46
N LYS A 80 -10.39 -2.69 -29.03
CA LYS A 80 -10.27 -2.96 -30.48
C LYS A 80 -11.02 -4.26 -30.81
N LYS A 81 -11.92 -4.22 -31.80
CA LYS A 81 -12.69 -5.40 -32.25
C LYS A 81 -12.77 -5.48 -33.80
N ASP A 82 -11.98 -4.62 -34.47
CA ASP A 82 -11.74 -4.72 -35.93
C ASP A 82 -10.49 -5.60 -36.16
N ASP A 83 -10.15 -5.81 -37.44
CA ASP A 83 -8.90 -6.46 -37.85
C ASP A 83 -8.24 -5.63 -38.95
N ALA A 84 -7.32 -4.73 -38.52
CA ALA A 84 -6.46 -3.94 -39.40
C ALA A 84 -7.26 -2.94 -40.26
N GLU A 85 -8.50 -2.60 -39.79
CA GLU A 85 -9.42 -1.65 -40.45
C GLU A 85 -9.76 -2.12 -41.88
N ASN A 86 -9.98 -3.46 -42.01
CA ASN A 86 -10.30 -4.14 -43.29
C ASN A 86 -9.09 -4.24 -44.25
N VAL A 87 -8.02 -3.48 -43.96
CA VAL A 87 -6.87 -3.23 -44.86
C VAL A 87 -7.36 -2.52 -46.16
N GLU A 88 -7.69 -3.33 -47.21
CA GLU A 88 -7.96 -2.83 -48.59
C GLU A 88 -6.74 -1.99 -49.13
N ILE A 89 -6.87 -1.38 -50.35
CA ILE A 89 -5.92 -0.39 -50.91
C ILE A 89 -4.68 -1.07 -51.53
N ASN A 90 -4.25 -2.22 -50.98
CA ASN A 90 -3.21 -3.06 -51.59
C ASN A 90 -3.73 -3.65 -52.91
N ILE A 91 -4.99 -4.15 -52.87
CA ILE A 91 -5.71 -4.75 -54.02
C ILE A 91 -4.85 -5.87 -54.69
N PRO A 92 -4.79 -7.10 -54.07
CA PRO A 92 -3.91 -8.22 -54.51
C PRO A 92 -4.31 -8.84 -55.85
N GLU A 93 -3.95 -8.16 -56.95
CA GLU A 93 -4.24 -8.60 -58.33
C GLU A 93 -3.01 -9.22 -58.99
N ASP A 94 -1.88 -8.47 -58.98
CA ASP A 94 -0.68 -8.80 -59.76
C ASP A 94 -0.06 -10.13 -59.29
N ASP A 95 0.54 -10.14 -58.07
CA ASP A 95 1.15 -11.38 -57.50
C ASP A 95 0.87 -11.52 -55.98
N ALA A 96 0.21 -10.53 -55.37
CA ALA A 96 -0.03 -10.52 -53.90
C ALA A 96 -1.05 -11.60 -53.47
N GLU A 97 -1.89 -12.08 -54.41
CA GLU A 97 -2.91 -13.11 -54.14
C GLU A 97 -2.29 -14.52 -54.13
N THR A 98 -1.01 -14.65 -54.59
CA THR A 98 -0.23 -15.91 -54.50
C THR A 98 -0.10 -16.40 -53.02
N LYS A 99 -0.31 -15.45 -52.08
CA LYS A 99 -0.44 -15.71 -50.63
C LYS A 99 -1.46 -16.84 -50.32
N ALA A 100 -2.52 -16.95 -51.14
CA ALA A 100 -3.56 -17.99 -51.01
C ALA A 100 -3.00 -19.39 -51.36
N LYS A 101 -2.17 -19.46 -52.42
CA LYS A 101 -1.47 -20.69 -52.83
C LYS A 101 -0.32 -21.02 -51.85
N ALA A 102 0.23 -19.98 -51.23
CA ALA A 102 1.26 -20.11 -50.19
C ALA A 102 0.63 -20.62 -48.89
N GLU A 103 -0.66 -20.27 -48.70
CA GLU A 103 -1.47 -20.72 -47.56
C GLU A 103 -1.73 -22.24 -47.69
N ASP A 104 -1.69 -22.77 -48.93
CA ASP A 104 -1.86 -24.22 -49.22
C ASP A 104 -0.72 -25.06 -48.60
N LEU A 105 0.51 -24.52 -48.62
CA LEU A 105 1.67 -25.20 -47.99
C LEU A 105 1.84 -24.76 -46.52
N LYS A 106 1.24 -23.61 -46.17
CA LYS A 106 1.24 -23.07 -44.79
C LYS A 106 0.23 -23.88 -43.93
N MET A 107 -0.87 -24.34 -44.57
CA MET A 107 -1.93 -25.10 -43.88
C MET A 107 -1.49 -26.55 -43.64
N GLN A 108 -0.51 -27.01 -44.44
CA GLN A 108 0.16 -28.31 -44.23
C GLN A 108 0.95 -28.28 -42.90
N GLY A 109 1.68 -27.16 -42.68
CA GLY A 109 2.39 -26.93 -41.42
C GLY A 109 1.44 -26.61 -40.27
N ASN A 110 0.32 -25.94 -40.59
CA ASN A 110 -0.71 -25.52 -39.62
C ASN A 110 -1.51 -26.73 -39.13
N LYS A 111 -1.58 -27.77 -39.98
CA LYS A 111 -2.23 -29.05 -39.69
C LYS A 111 -1.40 -29.84 -38.66
N ALA A 112 -0.07 -29.76 -38.79
CA ALA A 112 0.86 -30.38 -37.83
C ALA A 112 0.73 -29.70 -36.45
N MET A 113 0.66 -28.34 -36.46
CA MET A 113 0.42 -27.52 -35.25
C MET A 113 -0.95 -27.85 -34.61
N ALA A 114 -1.94 -28.09 -35.49
CA ALA A 114 -3.32 -28.44 -35.09
C ALA A 114 -3.37 -29.84 -34.46
N ASN A 115 -2.49 -30.74 -34.93
CA ASN A 115 -2.36 -32.13 -34.44
C ASN A 115 -1.31 -32.20 -33.30
N LYS A 116 -1.00 -31.03 -32.70
CA LYS A 116 -0.15 -30.88 -31.48
C LYS A 116 1.35 -31.11 -31.75
N ASP A 117 1.73 -31.34 -33.01
CA ASP A 117 3.14 -31.46 -33.41
C ASP A 117 3.67 -30.05 -33.73
N TYR A 118 3.91 -29.26 -32.67
CA TYR A 118 4.37 -27.86 -32.80
C TYR A 118 5.80 -27.78 -33.35
N GLU A 119 6.64 -28.78 -32.99
CA GLU A 119 8.01 -28.91 -33.53
C GLU A 119 7.97 -29.14 -35.05
N LEU A 120 7.23 -30.19 -35.46
CA LEU A 120 7.05 -30.59 -36.87
C LEU A 120 6.46 -29.42 -37.70
N ALA A 121 5.52 -28.70 -37.07
CA ALA A 121 4.82 -27.56 -37.68
C ALA A 121 5.79 -26.48 -38.15
N ILE A 122 6.67 -26.04 -37.24
CA ILE A 122 7.62 -24.93 -37.48
C ILE A 122 8.55 -25.21 -38.70
N ASN A 123 8.88 -26.50 -38.93
CA ASN A 123 9.69 -26.93 -40.09
C ASN A 123 8.81 -27.07 -41.37
N LYS A 124 7.51 -27.35 -41.16
CA LYS A 124 6.55 -27.56 -42.27
C LYS A 124 5.87 -26.24 -42.72
N TYR A 125 6.01 -25.15 -41.94
CA TYR A 125 5.65 -23.79 -42.41
C TYR A 125 6.73 -23.27 -43.39
N THR A 126 7.93 -23.87 -43.32
CA THR A 126 9.07 -23.52 -44.20
C THR A 126 8.78 -23.95 -45.67
N GLU A 127 7.81 -24.88 -45.86
CA GLU A 127 7.32 -25.27 -47.20
C GLU A 127 6.69 -24.05 -47.92
N ALA A 128 5.99 -23.21 -47.15
CA ALA A 128 5.24 -22.04 -47.65
C ALA A 128 6.16 -20.86 -47.99
N ILE A 129 7.40 -20.87 -47.46
CA ILE A 129 8.41 -19.82 -47.75
C ILE A 129 8.80 -19.87 -49.25
N LYS A 130 8.82 -21.10 -49.81
CA LYS A 130 9.23 -21.35 -51.21
C LYS A 130 8.30 -20.64 -52.22
N VAL A 131 6.99 -20.57 -51.88
CA VAL A 131 5.98 -19.99 -52.76
C VAL A 131 6.18 -18.47 -52.90
N LEU A 132 6.47 -17.80 -51.77
CA LEU A 132 6.58 -16.33 -51.72
C LEU A 132 7.38 -15.92 -50.47
N PRO A 133 8.76 -15.90 -50.55
CA PRO A 133 9.65 -15.70 -49.37
C PRO A 133 9.76 -14.24 -48.91
N THR A 134 9.09 -13.33 -49.62
CA THR A 134 9.10 -11.89 -49.31
C THR A 134 8.14 -11.57 -48.15
N ASN A 135 7.18 -12.48 -47.88
CA ASN A 135 6.11 -12.28 -46.90
C ASN A 135 6.36 -13.05 -45.60
N ALA A 136 6.02 -12.41 -44.49
CA ALA A 136 6.28 -12.90 -43.13
C ALA A 136 5.10 -13.68 -42.52
N ILE A 137 4.04 -13.88 -43.32
CA ILE A 137 2.76 -14.49 -42.87
C ILE A 137 2.97 -15.94 -42.34
N TYR A 138 4.04 -16.57 -42.83
CA TYR A 138 4.36 -17.98 -42.56
C TYR A 138 5.18 -18.10 -41.26
N TYR A 139 6.12 -17.14 -41.07
CA TYR A 139 6.91 -16.99 -39.82
C TYR A 139 5.98 -16.63 -38.65
N ALA A 140 5.01 -15.78 -38.97
CA ALA A 140 4.02 -15.24 -38.02
C ALA A 140 3.23 -16.35 -37.30
N ASN A 141 2.83 -17.36 -38.08
CA ASN A 141 2.00 -18.49 -37.58
C ASN A 141 2.85 -19.42 -36.66
N ARG A 142 4.19 -19.34 -36.79
CA ARG A 142 5.14 -20.12 -35.94
C ARG A 142 5.33 -19.43 -34.58
N ALA A 143 5.10 -18.09 -34.55
CA ALA A 143 5.02 -17.33 -33.28
C ALA A 143 3.78 -17.77 -32.49
N ALA A 144 2.69 -18.05 -33.23
CA ALA A 144 1.43 -18.54 -32.65
C ALA A 144 1.56 -20.00 -32.16
N ALA A 145 2.44 -20.77 -32.84
CA ALA A 145 2.78 -22.14 -32.42
C ALA A 145 3.50 -22.14 -31.05
N HIS A 146 4.44 -21.19 -30.90
CA HIS A 146 5.17 -20.98 -29.63
C HIS A 146 4.25 -20.39 -28.53
N SER A 147 3.27 -19.56 -28.94
CA SER A 147 2.30 -18.94 -28.02
C SER A 147 1.47 -19.99 -27.27
N SER A 148 1.12 -21.08 -28.00
CA SER A 148 0.36 -22.23 -27.46
C SER A 148 1.21 -23.04 -26.46
N LEU A 149 2.54 -23.02 -26.67
CA LEU A 149 3.53 -23.73 -25.81
C LEU A 149 3.90 -22.89 -24.56
N LYS A 150 3.20 -21.73 -24.36
CA LYS A 150 3.45 -20.75 -23.26
C LYS A 150 4.75 -19.94 -23.51
N GLU A 151 5.42 -20.23 -24.62
CA GLU A 151 6.68 -19.60 -25.01
C GLU A 151 6.38 -18.27 -25.75
N TYR A 152 6.03 -17.22 -24.99
CA TYR A 152 5.70 -15.89 -25.53
C TYR A 152 6.99 -15.10 -25.85
N ASP A 153 7.96 -15.26 -24.95
CA ASP A 153 9.33 -14.74 -25.09
C ASP A 153 10.07 -15.45 -26.26
N GLN A 154 9.72 -16.72 -26.52
CA GLN A 154 10.27 -17.51 -27.64
C GLN A 154 9.35 -17.41 -28.88
N ALA A 155 8.15 -16.83 -28.71
CA ALA A 155 7.30 -16.41 -29.84
C ALA A 155 7.95 -15.22 -30.58
N VAL A 156 8.73 -14.42 -29.81
CA VAL A 156 9.52 -13.30 -30.34
C VAL A 156 10.54 -13.78 -31.42
N LYS A 157 11.00 -15.04 -31.28
CA LYS A 157 11.93 -15.67 -32.26
C LYS A 157 11.37 -15.63 -33.70
N ASP A 158 10.07 -15.88 -33.86
CA ASP A 158 9.39 -15.82 -35.18
C ASP A 158 8.63 -14.50 -35.40
N ALA A 159 8.18 -13.85 -34.31
CA ALA A 159 7.37 -12.61 -34.40
C ALA A 159 8.23 -11.40 -34.79
N GLU A 160 9.50 -11.40 -34.35
CA GLU A 160 10.51 -10.39 -34.75
C GLU A 160 11.14 -10.78 -36.10
N SER A 161 11.37 -12.09 -36.31
CA SER A 161 11.85 -12.64 -37.61
C SER A 161 10.88 -12.27 -38.74
N ALA A 162 9.60 -12.07 -38.39
CA ALA A 162 8.56 -11.61 -39.30
C ALA A 162 8.94 -10.25 -39.96
N ILE A 163 9.24 -9.23 -39.14
CA ILE A 163 9.57 -7.87 -39.64
C ILE A 163 10.90 -7.89 -40.45
N SER A 164 11.80 -8.83 -40.06
CA SER A 164 13.11 -9.02 -40.70
C SER A 164 12.97 -9.53 -42.15
N ILE A 165 11.86 -10.23 -42.44
CA ILE A 165 11.57 -10.79 -43.77
C ILE A 165 10.72 -9.83 -44.61
N ASP A 166 9.58 -9.41 -44.03
CA ASP A 166 8.61 -8.52 -44.68
C ASP A 166 8.58 -7.19 -43.91
N PRO A 167 9.11 -6.09 -44.52
CA PRO A 167 9.19 -4.76 -43.85
C PRO A 167 7.83 -4.03 -43.77
N SER A 168 6.83 -4.50 -44.54
CA SER A 168 5.48 -3.89 -44.56
C SER A 168 4.46 -4.75 -43.79
N TYR A 169 4.91 -5.87 -43.18
CA TYR A 169 4.05 -6.71 -42.34
C TYR A 169 3.96 -6.13 -40.92
N PHE A 170 3.05 -5.15 -40.77
CA PHE A 170 2.73 -4.48 -39.49
C PHE A 170 2.21 -5.48 -38.45
N ARG A 171 1.54 -6.55 -38.94
CA ARG A 171 0.92 -7.58 -38.12
C ARG A 171 1.98 -8.44 -37.36
N GLY A 172 3.25 -8.38 -37.82
CA GLY A 172 4.36 -9.03 -37.11
C GLY A 172 4.57 -8.45 -35.72
N TYR A 173 4.57 -7.11 -35.65
CA TYR A 173 4.62 -6.36 -34.38
C TYR A 173 3.27 -6.48 -33.62
N SER A 174 2.17 -6.67 -34.35
CA SER A 174 0.82 -6.77 -33.76
C SER A 174 0.65 -8.11 -32.99
N ARG A 175 1.30 -9.18 -33.46
CA ARG A 175 1.29 -10.48 -32.74
C ARG A 175 2.49 -10.63 -31.81
N LEU A 176 3.48 -9.73 -31.97
CA LEU A 176 4.55 -9.54 -30.98
C LEU A 176 3.95 -8.81 -29.75
N GLY A 177 2.93 -7.98 -30.03
CA GLY A 177 2.10 -7.36 -28.99
C GLY A 177 1.15 -8.38 -28.37
N PHE A 178 0.57 -9.27 -29.21
CA PHE A 178 -0.31 -10.35 -28.74
C PHE A 178 0.47 -11.37 -27.87
N ALA A 179 1.79 -11.50 -28.10
CA ALA A 179 2.67 -12.34 -27.26
C ALA A 179 2.63 -11.85 -25.79
N LYS A 180 2.52 -10.52 -25.63
CA LYS A 180 2.36 -9.88 -24.32
C LYS A 180 0.88 -9.94 -23.84
N TYR A 181 -0.06 -9.65 -24.77
CA TYR A 181 -1.51 -9.48 -24.47
C TYR A 181 -2.14 -10.82 -23.98
N ALA A 182 -1.64 -11.92 -24.56
CA ALA A 182 -2.15 -13.29 -24.29
C ALA A 182 -1.81 -13.77 -22.86
N GLN A 183 -0.79 -13.13 -22.23
CA GLN A 183 -0.33 -13.48 -20.86
C GLN A 183 -1.33 -13.01 -19.76
N GLY A 184 -2.54 -12.52 -20.17
CA GLY A 184 -3.43 -11.79 -19.27
C GLY A 184 -2.86 -10.42 -18.96
N LYS A 185 -2.09 -9.88 -19.93
CA LYS A 185 -1.24 -8.71 -19.75
C LYS A 185 -1.33 -7.75 -20.98
N PRO A 186 -2.49 -7.04 -21.14
CA PRO A 186 -2.67 -6.05 -22.24
C PRO A 186 -1.72 -4.83 -22.11
N GLU A 187 -1.37 -4.53 -20.84
CA GLU A 187 -0.48 -3.42 -20.44
C GLU A 187 0.89 -3.46 -21.20
N GLU A 188 1.45 -4.68 -21.33
CA GLU A 188 2.79 -4.93 -21.89
C GLU A 188 2.76 -4.92 -23.43
N ALA A 189 1.56 -5.15 -23.99
CA ALA A 189 1.33 -5.28 -25.44
C ALA A 189 1.61 -3.98 -26.19
N LEU A 190 1.46 -2.85 -25.46
CA LEU A 190 1.63 -1.49 -25.97
C LEU A 190 3.05 -1.29 -26.60
N GLU A 191 4.03 -2.05 -26.09
CA GLU A 191 5.44 -2.02 -26.54
C GLU A 191 5.58 -2.23 -28.06
N ALA A 192 5.04 -3.35 -28.54
CA ALA A 192 5.20 -3.77 -29.95
C ALA A 192 4.18 -3.07 -30.86
N TYR A 193 3.07 -2.61 -30.29
CA TYR A 193 2.08 -1.78 -31.03
C TYR A 193 2.63 -0.37 -31.29
N LYS A 194 3.57 0.07 -30.44
CA LYS A 194 4.33 1.32 -30.64
C LYS A 194 5.28 1.15 -31.82
N LYS A 195 5.78 -0.08 -31.98
CA LYS A 195 6.68 -0.44 -33.07
C LYS A 195 5.92 -0.57 -34.40
N VAL A 196 4.58 -0.77 -34.35
CA VAL A 196 3.70 -0.67 -35.54
C VAL A 196 3.62 0.82 -36.00
N LEU A 197 3.44 1.72 -35.00
CA LEU A 197 3.43 3.19 -35.22
C LEU A 197 4.82 3.73 -35.59
N ASP A 198 5.86 2.98 -35.23
CA ASP A 198 7.27 3.32 -35.53
C ASP A 198 7.54 3.27 -37.05
N ILE A 199 6.79 2.40 -37.75
CA ILE A 199 6.96 2.16 -39.20
C ILE A 199 6.65 3.43 -40.03
N GLU A 200 5.38 3.89 -39.98
CA GLU A 200 4.89 5.02 -40.83
C GLU A 200 4.72 6.33 -40.04
N GLY A 201 4.87 6.27 -38.70
CA GLY A 201 4.67 7.45 -37.85
C GLY A 201 3.20 7.83 -37.73
N ASP A 202 2.86 9.05 -38.18
CA ASP A 202 1.46 9.54 -38.21
C ASP A 202 0.74 9.10 -39.51
N ASN A 203 1.53 8.71 -40.54
CA ASN A 203 0.98 8.15 -41.81
C ASN A 203 0.37 6.75 -41.57
N ALA A 204 0.74 6.12 -40.43
CA ALA A 204 0.19 4.83 -39.99
C ALA A 204 -1.35 4.93 -39.83
N THR A 205 -2.06 3.90 -40.36
CA THR A 205 -3.53 3.83 -40.40
C THR A 205 -4.14 3.95 -38.97
N GLU A 206 -5.41 4.43 -38.86
CA GLU A 206 -6.08 4.66 -37.56
C GLU A 206 -6.12 3.33 -36.75
N ALA A 207 -6.26 2.20 -37.46
CA ALA A 207 -6.20 0.83 -36.87
C ALA A 207 -4.92 0.58 -36.05
N MET A 208 -3.78 1.09 -36.56
CA MET A 208 -2.45 0.88 -35.95
C MET A 208 -2.35 1.59 -34.59
N LYS A 209 -2.96 2.80 -34.51
CA LYS A 209 -3.00 3.60 -33.26
C LYS A 209 -4.14 3.11 -32.34
N ARG A 210 -5.22 2.63 -32.95
CA ARG A 210 -6.43 2.14 -32.24
C ARG A 210 -6.12 0.79 -31.55
N ASP A 211 -5.22 0.02 -32.17
CA ASP A 211 -4.70 -1.25 -31.61
C ASP A 211 -3.76 -0.95 -30.45
N TYR A 212 -2.90 0.07 -30.67
CA TYR A 212 -1.95 0.59 -29.68
C TYR A 212 -2.68 1.00 -28.38
N GLU A 213 -3.41 2.13 -28.43
CA GLU A 213 -4.00 2.79 -27.25
C GLU A 213 -4.90 1.83 -26.43
N SER A 214 -5.65 0.94 -27.14
CA SER A 214 -6.54 -0.07 -26.52
C SER A 214 -5.79 -0.95 -25.51
N ALA A 215 -4.61 -1.44 -25.94
CA ALA A 215 -3.79 -2.38 -25.16
C ALA A 215 -3.55 -1.89 -23.72
N LYS A 216 -3.10 -0.64 -23.60
CA LYS A 216 -2.73 -0.03 -22.30
C LYS A 216 -3.93 -0.01 -21.32
N LYS A 217 -4.96 0.79 -21.68
CA LYS A 217 -6.07 1.13 -20.78
C LYS A 217 -7.21 0.09 -20.79
N LYS A 218 -7.10 -0.96 -21.66
CA LYS A 218 -8.08 -2.08 -21.77
C LYS A 218 -8.55 -2.61 -20.39
N VAL A 219 -7.57 -2.76 -19.47
CA VAL A 219 -7.80 -3.30 -18.11
C VAL A 219 -8.81 -2.41 -17.33
N GLU A 220 -8.69 -1.08 -17.50
CA GLU A 220 -9.59 -0.10 -16.86
C GLU A 220 -10.96 -0.04 -17.56
N GLN A 221 -10.96 -0.12 -18.90
CA GLN A 221 -12.14 0.17 -19.75
C GLN A 221 -13.40 -0.59 -19.32
N SER A 222 -13.27 -1.92 -19.19
CA SER A 222 -14.40 -2.80 -18.87
C SER A 222 -14.65 -2.90 -17.34
N LEU A 223 -13.60 -2.67 -16.54
CA LEU A 223 -13.66 -2.79 -15.07
C LEU A 223 -14.03 -1.44 -14.41
N ASN A 224 -13.07 -0.49 -14.46
CA ASN A 224 -13.12 0.78 -13.72
C ASN A 224 -14.18 1.77 -14.26
N LEU A 225 -14.06 2.13 -15.55
CA LEU A 225 -14.89 3.20 -16.16
C LEU A 225 -15.87 2.65 -17.20
N GLU A 226 -16.26 1.36 -17.05
CA GLU A 226 -17.26 0.69 -17.93
C GLU A 226 -18.49 1.60 -18.19
N LYS A 227 -18.78 1.81 -19.47
CA LYS A 227 -19.50 2.98 -19.96
C LYS A 227 -20.94 2.65 -20.37
N THR A 228 -21.66 3.71 -20.75
CA THR A 228 -22.94 3.61 -21.47
C THR A 228 -22.68 3.20 -22.94
N VAL A 229 -23.72 2.68 -23.62
CA VAL A 229 -23.59 1.98 -24.93
C VAL A 229 -22.68 0.73 -24.77
N PRO A 230 -23.14 -0.35 -24.03
CA PRO A 230 -22.37 -1.62 -23.89
C PRO A 230 -22.43 -2.47 -25.19
N GLU A 231 -21.76 -1.95 -26.25
CA GLU A 231 -21.84 -2.46 -27.64
C GLU A 231 -23.28 -2.37 -28.20
N GLN A 232 -24.12 -1.52 -27.56
CA GLN A 232 -25.58 -1.43 -27.82
C GLN A 232 -25.93 -0.20 -28.67
N SER A 233 -27.22 0.18 -28.67
CA SER A 233 -27.78 1.23 -29.51
C SER A 233 -27.93 2.57 -28.75
N ARG A 234 -26.79 3.28 -28.59
CA ARG A 234 -26.72 4.69 -28.11
C ARG A 234 -27.19 4.88 -26.65
N ASP A 235 -27.19 6.16 -26.20
CA ASP A 235 -27.46 6.52 -24.79
C ASP A 235 -27.99 7.96 -24.69
N ALA A 236 -27.31 8.92 -25.35
CA ALA A 236 -27.64 10.35 -25.24
C ALA A 236 -28.84 10.70 -26.13
N ASP A 237 -28.70 10.40 -27.43
CA ASP A 237 -29.78 10.59 -28.43
C ASP A 237 -30.75 9.40 -28.42
N VAL A 238 -30.21 8.17 -28.14
CA VAL A 238 -30.97 6.89 -28.08
C VAL A 238 -31.44 6.42 -29.48
N ASP A 239 -32.32 7.22 -30.10
CA ASP A 239 -32.98 6.92 -31.38
C ASP A 239 -31.99 6.56 -32.49
N ALA A 240 -30.88 7.32 -32.57
CA ALA A 240 -29.84 7.16 -33.60
C ALA A 240 -30.39 7.23 -35.04
N SER A 241 -31.50 8.00 -35.18
CA SER A 241 -32.24 8.13 -36.44
C SER A 241 -31.37 8.78 -37.53
N GLN A 242 -31.23 8.05 -38.66
CA GLN A 242 -30.38 8.44 -39.80
C GLN A 242 -30.92 9.68 -40.56
N GLY A 243 -32.15 10.10 -40.20
CA GLY A 243 -32.74 11.34 -40.70
C GLY A 243 -32.01 12.60 -40.25
N ALA A 244 -31.22 12.48 -39.18
CA ALA A 244 -30.33 13.56 -38.71
C ALA A 244 -29.22 13.84 -39.76
N SER A 245 -28.66 15.08 -39.71
CA SER A 245 -27.61 15.56 -40.63
C SER A 245 -28.15 15.77 -42.07
N ALA A 246 -28.57 14.66 -42.72
CA ALA A 246 -29.22 14.66 -44.04
C ALA A 246 -30.46 15.57 -44.07
N GLY A 247 -31.47 15.17 -43.27
CA GLY A 247 -32.70 15.95 -43.11
C GLY A 247 -32.66 16.85 -41.89
N GLY A 248 -31.54 16.77 -41.13
CA GLY A 248 -31.34 17.61 -39.96
C GLY A 248 -31.07 19.06 -40.33
N LEU A 249 -30.31 19.26 -41.42
CA LEU A 249 -29.99 20.59 -41.97
C LEU A 249 -30.89 20.84 -43.22
N PRO A 250 -31.79 21.87 -43.19
CA PRO A 250 -32.65 22.21 -44.35
C PRO A 250 -31.85 22.89 -45.50
N ASP A 251 -31.12 22.06 -46.25
CA ASP A 251 -30.24 22.49 -47.35
C ASP A 251 -31.07 22.69 -48.63
N LEU A 252 -31.74 23.84 -48.73
CA LEU A 252 -32.53 24.24 -49.91
C LEU A 252 -31.88 25.46 -50.55
N GLY A 253 -31.98 26.60 -49.85
CA GLY A 253 -31.49 27.88 -50.35
C GLY A 253 -29.96 27.94 -50.39
N SER A 254 -29.35 28.05 -49.19
CA SER A 254 -27.88 27.95 -48.98
C SER A 254 -27.07 28.91 -49.91
N LEU A 255 -27.70 30.05 -50.25
CA LEU A 255 -27.20 31.05 -51.23
C LEU A 255 -25.80 31.58 -50.81
N LEU A 256 -25.69 31.98 -49.54
CA LEU A 256 -24.45 32.55 -48.98
C LEU A 256 -23.41 31.44 -48.74
N GLY A 257 -23.90 30.30 -48.22
CA GLY A 257 -23.05 29.14 -47.92
C GLY A 257 -22.00 29.40 -46.84
N GLY A 258 -20.71 29.39 -47.23
CA GLY A 258 -19.61 29.66 -46.30
C GLY A 258 -18.25 29.31 -46.90
N GLY A 259 -17.18 29.69 -46.18
CA GLY A 259 -15.80 29.43 -46.60
C GLY A 259 -14.80 29.49 -45.45
N LEU A 260 -13.62 28.84 -45.62
CA LEU A 260 -12.56 28.69 -44.58
C LEU A 260 -13.12 28.41 -43.15
N GLY A 261 -13.69 27.19 -43.02
CA GLY A 261 -14.33 26.75 -41.76
C GLY A 261 -15.77 27.25 -41.59
N GLY A 262 -16.18 28.21 -42.44
CA GLY A 262 -17.48 28.87 -42.36
C GLY A 262 -17.36 30.38 -42.16
N LEU A 263 -16.11 30.87 -41.99
CA LEU A 263 -15.76 32.30 -41.74
C LEU A 263 -16.21 32.72 -40.33
N MET A 264 -17.55 32.85 -40.16
CA MET A 264 -18.20 33.22 -38.89
C MET A 264 -17.82 34.66 -38.46
N ASN A 265 -16.66 34.80 -37.77
CA ASN A 265 -16.10 36.08 -37.26
C ASN A 265 -16.99 36.73 -36.16
N ASN A 266 -18.21 37.17 -36.52
CA ASN A 266 -19.10 37.94 -35.63
C ASN A 266 -19.90 37.05 -34.62
N PRO A 267 -20.78 36.08 -35.06
CA PRO A 267 -21.64 35.31 -34.11
C PRO A 267 -20.88 34.13 -33.43
N GLN A 268 -21.64 33.09 -32.96
CA GLN A 268 -21.07 31.84 -32.37
C GLN A 268 -20.41 32.08 -30.99
N LEU A 269 -19.19 32.69 -31.02
CA LEU A 269 -18.26 32.86 -29.86
C LEU A 269 -18.14 31.61 -28.97
N MET A 270 -19.13 31.37 -28.09
CA MET A 270 -19.16 30.21 -27.18
C MET A 270 -20.28 29.24 -27.61
N GLN A 271 -19.95 28.32 -28.55
CA GLN A 271 -20.88 27.28 -29.05
C GLN A 271 -20.57 25.95 -28.34
N ALA A 272 -21.61 25.12 -28.14
CA ALA A 272 -21.48 23.79 -27.52
C ALA A 272 -20.72 22.83 -28.45
N ALA A 273 -21.01 22.92 -29.77
CA ALA A 273 -20.36 22.10 -30.81
C ALA A 273 -18.86 22.44 -30.96
N GLN A 274 -18.51 23.73 -30.70
CA GLN A 274 -17.12 24.19 -30.69
C GLN A 274 -16.45 23.74 -29.37
N LYS A 275 -16.95 24.33 -28.25
CA LYS A 275 -16.57 23.99 -26.86
C LYS A 275 -15.09 24.34 -26.55
N MET A 276 -14.17 23.48 -27.04
CA MET A 276 -12.69 23.58 -26.86
C MET A 276 -12.24 23.16 -25.42
N MET A 277 -13.20 22.99 -24.50
CA MET A 277 -12.94 22.49 -23.14
C MET A 277 -12.83 20.96 -23.17
N SER A 278 -11.59 20.44 -23.09
CA SER A 278 -11.30 18.98 -23.07
C SER A 278 -11.75 18.32 -21.75
N ASN A 279 -12.02 19.18 -20.71
CA ASN A 279 -12.37 18.76 -19.33
C ASN A 279 -11.11 18.20 -18.61
N PRO A 280 -10.59 18.90 -17.56
CA PRO A 280 -9.43 18.42 -16.77
C PRO A 280 -9.78 17.15 -15.96
N GLY A 281 -8.74 16.40 -15.55
CA GLY A 281 -8.87 15.14 -14.83
C GLY A 281 -9.72 15.27 -13.55
N ALA A 282 -11.00 14.86 -13.66
CA ALA A 282 -11.99 14.96 -12.57
C ALA A 282 -11.75 13.91 -11.46
N MET A 283 -10.76 13.02 -11.68
CA MET A 283 -10.23 12.05 -10.69
C MET A 283 -11.23 10.89 -10.46
N GLN A 284 -12.30 11.15 -9.67
CA GLN A 284 -13.31 10.13 -9.31
C GLN A 284 -14.72 10.71 -9.60
N ASN A 285 -15.39 10.21 -10.66
CA ASN A 285 -16.69 10.74 -11.13
C ASN A 285 -17.84 10.19 -10.26
N ILE A 286 -18.11 8.87 -10.38
CA ILE A 286 -19.10 8.18 -9.54
C ILE A 286 -18.36 7.52 -8.37
N GLN A 287 -17.41 6.62 -8.72
CA GLN A 287 -16.59 5.82 -7.78
C GLN A 287 -17.46 4.74 -7.07
N LYS A 288 -18.38 5.21 -6.20
CA LYS A 288 -19.29 4.38 -5.40
C LYS A 288 -20.20 3.51 -6.31
N MET A 289 -19.85 2.19 -6.39
CA MET A 289 -20.55 1.10 -7.15
C MET A 289 -20.39 1.23 -8.69
N MET A 290 -20.75 2.40 -9.25
CA MET A 290 -20.67 2.74 -10.68
C MET A 290 -21.48 1.73 -11.54
N GLN A 291 -20.85 0.59 -11.88
CA GLN A 291 -21.45 -0.46 -12.72
C GLN A 291 -22.58 -1.17 -11.97
N ASP A 292 -22.22 -1.80 -10.83
CA ASP A 292 -23.09 -2.71 -10.02
C ASP A 292 -23.46 -4.01 -10.82
N PRO A 293 -23.33 -5.24 -10.20
CA PRO A 293 -23.65 -6.50 -10.90
C PRO A 293 -25.17 -6.75 -11.09
N SER A 294 -25.77 -5.99 -12.02
CA SER A 294 -27.20 -6.10 -12.39
C SER A 294 -27.46 -7.23 -13.42
N ILE A 295 -26.38 -7.94 -13.82
CA ILE A 295 -26.40 -8.99 -14.87
C ILE A 295 -27.47 -10.08 -14.58
N ARG A 296 -27.60 -10.43 -13.28
CA ARG A 296 -28.51 -11.48 -12.78
C ARG A 296 -28.16 -12.87 -13.36
N GLN A 297 -28.71 -13.17 -14.56
CA GLN A 297 -28.53 -14.46 -15.23
C GLN A 297 -29.10 -14.33 -16.64
N MET A 298 -28.25 -14.42 -17.66
CA MET A 298 -28.68 -14.39 -19.08
C MET A 298 -29.03 -15.84 -19.55
N ALA A 299 -28.76 -16.82 -18.67
CA ALA A 299 -28.87 -18.26 -18.94
C ALA A 299 -27.91 -18.64 -20.07
N GLU A 300 -26.60 -18.59 -19.74
CA GLU A 300 -25.50 -18.80 -20.69
C GLU A 300 -25.41 -20.26 -21.17
N GLY A 301 -26.09 -21.17 -20.45
CA GLY A 301 -26.11 -22.60 -20.78
C GLY A 301 -25.34 -23.40 -19.75
N PHE A 302 -24.20 -23.98 -20.18
CA PHE A 302 -23.32 -24.87 -19.36
C PHE A 302 -24.02 -26.21 -19.05
N ALA A 303 -23.27 -27.13 -18.39
CA ALA A 303 -23.77 -28.46 -18.02
C ALA A 303 -22.91 -29.04 -16.87
N SER A 304 -23.58 -29.65 -15.88
CA SER A 304 -22.95 -30.22 -14.67
C SER A 304 -22.03 -31.41 -15.00
N GLY A 305 -22.31 -32.07 -16.13
CA GLY A 305 -21.51 -33.19 -16.62
C GLY A 305 -21.15 -33.00 -18.07
N GLY A 306 -20.98 -31.71 -18.46
CA GLY A 306 -20.69 -31.32 -19.84
C GLY A 306 -19.40 -31.91 -20.37
N GLY A 307 -18.38 -32.00 -19.49
CA GLY A 307 -17.09 -32.58 -19.84
C GLY A 307 -17.19 -34.08 -20.11
N THR A 308 -17.60 -34.42 -21.35
CA THR A 308 -17.91 -35.79 -21.76
C THR A 308 -16.86 -36.31 -22.77
N PRO A 309 -16.48 -37.63 -22.71
CA PRO A 309 -15.63 -38.26 -23.75
C PRO A 309 -16.45 -38.52 -25.04
N ASN A 310 -16.53 -37.52 -25.93
CA ASN A 310 -17.34 -37.59 -27.16
C ASN A 310 -16.62 -38.44 -28.24
N LEU A 311 -16.74 -39.76 -28.09
CA LEU A 311 -16.20 -40.76 -29.05
C LEU A 311 -17.00 -40.78 -30.37
N SER A 312 -18.24 -40.25 -30.30
CA SER A 312 -19.22 -40.28 -31.39
C SER A 312 -18.65 -39.70 -32.72
N ASP A 313 -17.96 -38.56 -32.60
CA ASP A 313 -17.44 -37.78 -33.74
C ASP A 313 -16.37 -38.59 -34.51
N LEU A 314 -15.63 -39.38 -33.74
CA LEU A 314 -14.49 -40.19 -34.20
C LEU A 314 -15.00 -41.38 -35.04
N MET A 315 -16.08 -42.01 -34.54
CA MET A 315 -16.66 -43.22 -35.14
C MET A 315 -17.28 -42.94 -36.52
N ASN A 316 -17.94 -41.78 -36.67
CA ASN A 316 -18.53 -41.35 -37.94
C ASN A 316 -17.50 -40.53 -38.75
N ASN A 317 -17.05 -41.08 -39.88
CA ASN A 317 -16.14 -40.41 -40.83
C ASN A 317 -16.76 -40.39 -42.25
N PRO A 318 -16.86 -39.19 -42.91
CA PRO A 318 -17.44 -39.05 -44.27
C PRO A 318 -16.58 -39.72 -45.37
N ALA A 319 -17.16 -40.74 -46.05
CA ALA A 319 -16.49 -41.51 -47.12
C ALA A 319 -16.56 -40.81 -48.50
N LEU A 320 -17.17 -39.60 -48.54
CA LEU A 320 -17.18 -38.72 -49.73
C LEU A 320 -15.75 -38.26 -50.12
N ARG A 321 -14.82 -38.34 -49.14
CA ARG A 321 -13.39 -38.03 -49.33
C ARG A 321 -12.71 -39.15 -50.16
N ASN A 322 -11.60 -38.78 -50.88
CA ASN A 322 -10.78 -39.70 -51.73
C ASN A 322 -11.46 -40.04 -53.09
N MET A 323 -12.81 -39.95 -53.14
CA MET A 323 -13.63 -40.23 -54.35
C MET A 323 -13.49 -41.72 -54.76
N ALA A 324 -13.37 -42.58 -53.73
CA ALA A 324 -13.23 -44.04 -53.85
C ALA A 324 -11.87 -44.42 -54.46
N GLY A 325 -11.76 -44.26 -55.79
CA GLY A 325 -10.55 -44.63 -56.52
C GLY A 325 -10.36 -43.79 -57.77
N ASN A 326 -11.18 -44.07 -58.80
CA ASN A 326 -11.12 -43.38 -60.11
C ASN A 326 -11.53 -41.90 -59.95
N LEU A 327 -10.52 -41.01 -60.11
CA LEU A 327 -10.69 -39.56 -59.86
C LEU A 327 -11.34 -38.85 -61.06
N PHE A 328 -11.03 -39.31 -62.30
CA PHE A 328 -11.50 -38.63 -63.53
C PHE A 328 -11.78 -39.64 -64.67
N GLY A 329 -13.08 -39.92 -64.90
CA GLY A 329 -13.55 -40.62 -66.11
C GLY A 329 -13.17 -42.09 -66.24
N GLY A 330 -12.44 -42.65 -65.25
CA GLY A 330 -11.92 -44.04 -65.33
C GLY A 330 -11.01 -44.26 -66.55
N ALA A 331 -9.71 -43.96 -66.40
CA ALA A 331 -8.73 -44.03 -67.49
C ALA A 331 -8.52 -45.47 -68.02
N GLY A 332 -8.85 -46.48 -67.20
CA GLY A 332 -8.76 -47.89 -67.59
C GLY A 332 -9.91 -48.36 -68.48
N ALA A 333 -10.91 -47.48 -68.69
CA ALA A 333 -12.07 -47.74 -69.57
C ALA A 333 -11.79 -47.28 -71.01
N GLN A 334 -10.50 -47.21 -71.38
CA GLN A 334 -10.05 -46.78 -72.72
C GLN A 334 -10.40 -47.84 -73.79
N SER A 335 -10.30 -47.45 -75.07
CA SER A 335 -10.51 -48.35 -76.21
C SER A 335 -9.24 -49.20 -76.42
N THR A 336 -9.21 -50.37 -75.73
CA THR A 336 -8.07 -51.32 -75.76
C THR A 336 -8.06 -52.18 -77.06
N ASP A 337 -9.06 -51.92 -77.92
CA ASP A 337 -9.33 -52.68 -79.16
C ASP A 337 -8.18 -52.55 -80.18
N GLU A 338 -7.59 -51.33 -80.26
CA GLU A 338 -6.49 -50.99 -81.20
C GLU A 338 -7.00 -51.10 -82.68
N THR A 339 -8.30 -50.77 -82.86
CA THR A 339 -9.03 -50.90 -84.16
C THR A 339 -8.40 -50.04 -85.33
N PRO A 340 -8.03 -48.71 -85.15
CA PRO A 340 -7.52 -47.86 -86.26
C PRO A 340 -6.07 -48.18 -86.70
N ASP A 341 -5.40 -49.10 -85.96
CA ASP A 341 -4.00 -49.49 -86.21
C ASP A 341 -3.80 -50.11 -87.61
N ASN A 342 -3.18 -49.32 -88.50
CA ASN A 342 -2.81 -49.70 -89.89
C ASN A 342 -4.01 -50.24 -90.69
N GLU A 343 -4.99 -49.34 -90.92
CA GLU A 343 -6.11 -49.59 -91.85
C GLU A 343 -5.55 -49.57 -93.29
N ASN A 344 -4.87 -48.44 -93.61
CA ASN A 344 -4.04 -48.27 -94.83
C ASN A 344 -4.84 -48.42 -96.16
N LYS A 345 -6.13 -48.10 -96.13
CA LYS A 345 -7.00 -48.13 -97.35
C LYS A 345 -7.34 -46.68 -97.82
N GLN A 346 -6.52 -45.70 -97.35
CA GLN A 346 -6.74 -44.24 -97.50
C GLN A 346 -7.92 -43.78 -96.61
N TYR A 347 -9.15 -44.15 -97.00
CA TYR A 347 -10.37 -43.88 -96.22
C TYR A 347 -11.52 -44.74 -96.79
N MET B 1 -2.21 11.68 -3.22
CA MET B 1 -2.11 12.32 -4.55
C MET B 1 -1.16 11.53 -5.48
N SER B 2 -0.17 10.81 -4.89
CA SER B 2 0.87 10.09 -5.65
C SER B 2 1.49 8.96 -4.79
N ALA B 3 0.78 8.56 -3.70
CA ALA B 3 1.26 7.60 -2.68
C ALA B 3 2.50 8.13 -1.92
N SER B 4 2.96 7.37 -0.91
CA SER B 4 4.28 7.59 -0.29
C SER B 4 5.34 7.08 -1.28
N LYS B 5 6.37 7.88 -1.48
CA LYS B 5 7.46 7.60 -2.43
C LYS B 5 8.31 6.40 -1.94
N GLU B 6 8.26 6.11 -0.62
CA GLU B 6 8.90 4.94 0.00
C GLU B 6 8.23 3.64 -0.48
N GLU B 7 6.87 3.65 -0.56
CA GLU B 7 6.06 2.47 -1.00
C GLU B 7 6.44 2.10 -2.43
N ILE B 8 6.43 3.13 -3.30
CA ILE B 8 6.77 3.01 -4.73
C ILE B 8 8.20 2.46 -4.87
N ALA B 9 9.13 3.04 -4.08
CA ALA B 9 10.54 2.62 -4.05
C ALA B 9 10.72 1.21 -3.49
N ALA B 10 9.81 0.78 -2.59
CA ALA B 10 9.83 -0.56 -2.00
C ALA B 10 9.53 -1.63 -3.05
N LEU B 11 8.68 -1.27 -4.04
CA LEU B 11 8.35 -2.14 -5.19
C LEU B 11 9.52 -2.12 -6.21
N ILE B 12 10.13 -0.93 -6.39
CA ILE B 12 11.24 -0.69 -7.33
C ILE B 12 12.50 -1.51 -6.96
N VAL B 13 12.96 -1.37 -5.70
CA VAL B 13 14.15 -2.09 -5.21
C VAL B 13 13.90 -3.61 -5.09
N ASN B 14 12.62 -3.99 -4.92
CA ASN B 14 12.16 -5.39 -4.88
C ASN B 14 12.16 -6.00 -6.30
N TYR B 15 11.89 -5.14 -7.30
CA TYR B 15 11.75 -5.55 -8.71
C TYR B 15 13.11 -5.94 -9.33
N PHE B 16 14.21 -5.35 -8.81
CA PHE B 16 15.58 -5.67 -9.28
C PHE B 16 15.93 -7.17 -9.05
N SER B 17 15.21 -7.82 -8.11
CA SER B 17 15.33 -9.26 -7.85
C SER B 17 14.92 -10.10 -9.08
N SER B 18 13.73 -9.78 -9.64
CA SER B 18 13.17 -10.52 -10.81
C SER B 18 13.96 -10.23 -12.10
N ILE B 19 14.65 -9.07 -12.13
CA ILE B 19 15.48 -8.67 -13.28
C ILE B 19 16.76 -9.54 -13.35
N VAL B 20 17.47 -9.65 -12.21
CA VAL B 20 18.73 -10.44 -12.13
C VAL B 20 18.45 -11.95 -12.06
N GLU B 21 17.20 -12.31 -11.67
CA GLU B 21 16.70 -13.71 -11.69
C GLU B 21 16.64 -14.23 -13.13
N LYS B 22 15.83 -13.51 -13.94
CA LYS B 22 15.52 -13.88 -15.32
C LYS B 22 16.67 -13.53 -16.27
N LYS B 23 17.54 -12.58 -15.84
CA LYS B 23 18.71 -12.09 -16.61
C LYS B 23 18.32 -11.56 -18.01
N GLU B 24 17.04 -11.15 -18.16
CA GLU B 24 16.46 -10.68 -19.43
C GLU B 24 16.74 -9.16 -19.61
N ILE B 25 18.04 -8.85 -19.59
CA ILE B 25 18.59 -7.50 -19.51
C ILE B 25 20.03 -7.51 -20.02
N SER B 26 20.52 -6.34 -20.50
CA SER B 26 21.93 -6.14 -20.85
C SER B 26 22.84 -6.34 -19.61
N GLU B 27 24.10 -6.71 -19.87
CA GLU B 27 25.12 -6.86 -18.81
C GLU B 27 25.36 -5.50 -18.14
N ASP B 28 25.52 -4.46 -18.97
CA ASP B 28 25.69 -3.05 -18.52
C ASP B 28 24.51 -2.63 -17.64
N GLY B 29 23.32 -3.12 -18.02
CA GLY B 29 22.11 -2.92 -17.26
C GLY B 29 22.19 -3.48 -15.87
N ALA B 30 22.61 -4.76 -15.77
CA ALA B 30 22.67 -5.50 -14.51
C ALA B 30 23.64 -4.86 -13.49
N ASP B 31 24.82 -4.44 -13.99
CA ASP B 31 25.85 -3.76 -13.17
C ASP B 31 25.34 -2.38 -12.67
N SER B 32 24.65 -1.65 -13.56
CA SER B 32 24.16 -0.29 -13.29
C SER B 32 23.00 -0.31 -12.26
N LEU B 33 22.15 -1.35 -12.32
CA LEU B 33 21.03 -1.52 -11.37
C LEU B 33 21.56 -1.93 -10.00
N ASN B 34 22.63 -2.75 -10.01
CA ASN B 34 23.27 -3.28 -8.79
C ASN B 34 23.72 -2.12 -7.87
N VAL B 35 24.48 -1.17 -8.45
CA VAL B 35 24.98 0.00 -7.72
C VAL B 35 23.84 1.00 -7.41
N ALA B 36 22.77 0.98 -8.24
CA ALA B 36 21.59 1.86 -8.08
C ALA B 36 20.65 1.38 -6.95
N MET B 37 20.71 0.06 -6.59
CA MET B 37 19.86 -0.52 -5.52
C MET B 37 20.08 0.20 -4.19
N ASP B 38 21.36 0.41 -3.86
CA ASP B 38 21.79 1.07 -2.61
C ASP B 38 21.38 2.54 -2.59
N CYS B 39 21.58 3.21 -3.74
CA CYS B 39 21.28 4.64 -3.94
C CYS B 39 19.78 4.95 -3.71
N ILE B 40 18.90 4.11 -4.29
CA ILE B 40 17.43 4.30 -4.23
C ILE B 40 16.87 3.89 -2.84
N SER B 41 17.33 2.73 -2.32
CA SER B 41 16.83 2.16 -1.05
C SER B 41 17.12 3.10 0.14
N GLU B 42 18.36 3.62 0.18
CA GLU B 42 18.80 4.53 1.24
C GLU B 42 18.30 5.96 1.01
N ALA B 43 17.93 6.29 -0.26
CA ALA B 43 17.36 7.61 -0.62
C ALA B 43 16.10 7.91 0.18
N PHE B 44 15.25 6.88 0.36
CA PHE B 44 13.98 6.99 1.12
C PHE B 44 14.14 6.45 2.55
N GLY B 45 15.39 6.13 2.93
CA GLY B 45 15.74 5.76 4.30
C GLY B 45 15.22 4.40 4.73
N PHE B 46 15.52 3.36 3.94
CA PHE B 46 15.19 1.96 4.29
C PHE B 46 16.22 0.98 3.69
N GLU B 47 16.04 -0.31 3.94
CA GLU B 47 16.88 -1.40 3.40
C GLU B 47 15.98 -2.29 2.51
N ARG B 48 16.53 -2.79 1.38
CA ARG B 48 15.74 -3.48 0.34
C ARG B 48 15.23 -4.87 0.77
N GLU B 49 15.71 -5.42 1.91
CA GLU B 49 15.15 -6.67 2.48
C GLU B 49 13.81 -6.38 3.16
N ALA B 50 13.75 -5.21 3.85
CA ALA B 50 12.59 -4.77 4.65
C ALA B 50 11.28 -4.75 3.85
N VAL B 51 11.39 -4.62 2.52
CA VAL B 51 10.25 -4.45 1.60
C VAL B 51 9.27 -5.64 1.64
N SER B 52 9.77 -6.85 1.94
CA SER B 52 8.93 -8.06 2.09
C SER B 52 7.93 -7.89 3.25
N GLY B 53 8.36 -7.14 4.27
CA GLY B 53 7.48 -6.73 5.37
C GLY B 53 6.62 -5.52 4.99
N ILE B 54 7.26 -4.52 4.33
CA ILE B 54 6.63 -3.23 3.98
C ILE B 54 5.36 -3.42 3.11
N LEU B 55 5.45 -4.32 2.10
CA LEU B 55 4.31 -4.60 1.18
C LEU B 55 3.11 -5.25 1.92
N GLY B 56 3.40 -5.83 3.11
CA GLY B 56 2.35 -6.39 3.98
C GLY B 56 1.48 -5.33 4.64
N LYS B 57 2.08 -4.15 4.92
CA LYS B 57 1.35 -2.99 5.48
C LYS B 57 0.85 -2.12 4.31
N SER B 58 1.81 -1.58 3.54
CA SER B 58 1.52 -0.81 2.32
C SER B 58 1.18 -1.76 1.15
N GLU B 59 -0.11 -2.09 1.05
CA GLU B 59 -0.70 -2.89 -0.04
C GLU B 59 -0.95 -2.04 -1.31
N PHE B 60 -0.67 -0.71 -1.18
CA PHE B 60 -0.90 0.32 -2.21
C PHE B 60 -2.40 0.56 -2.43
N LYS B 61 -2.71 1.54 -3.30
CA LYS B 61 -4.06 1.75 -3.84
C LYS B 61 -4.26 0.81 -5.06
N GLY B 62 -3.17 0.61 -5.80
CA GLY B 62 -3.19 -0.14 -7.04
C GLY B 62 -2.86 -1.61 -6.90
N GLN B 63 -1.56 -1.92 -6.63
CA GLN B 63 -0.97 -3.28 -6.79
C GLN B 63 -1.79 -4.40 -6.11
N HIS B 64 -1.57 -4.57 -4.78
CA HIS B 64 -2.07 -5.72 -3.99
C HIS B 64 -1.53 -7.06 -4.55
N LEU B 65 -2.27 -7.66 -5.52
CA LEU B 65 -1.92 -8.96 -6.17
C LEU B 65 -2.20 -8.85 -7.69
N ALA B 66 -1.89 -9.95 -8.43
CA ALA B 66 -2.29 -10.20 -9.84
C ALA B 66 -1.39 -9.47 -10.87
N ASP B 67 -1.09 -8.19 -10.65
CA ASP B 67 -0.25 -7.41 -11.57
C ASP B 67 1.24 -7.62 -11.25
N ILE B 68 1.55 -7.74 -9.95
CA ILE B 68 2.92 -7.95 -9.47
C ILE B 68 3.23 -9.45 -9.31
N LEU B 69 3.61 -10.08 -10.46
CA LEU B 69 4.15 -11.45 -10.51
C LEU B 69 5.59 -11.47 -9.94
N ASN B 70 6.17 -10.26 -9.76
CA ASN B 70 7.42 -10.02 -9.02
C ASN B 70 7.29 -10.44 -7.54
N SER B 71 6.10 -10.24 -6.97
CA SER B 71 5.81 -10.64 -5.59
C SER B 71 5.41 -12.12 -5.54
N ALA B 72 4.15 -12.45 -5.92
CA ALA B 72 3.65 -13.84 -5.91
C ALA B 72 2.28 -13.93 -6.61
N SER B 73 2.31 -14.18 -7.92
CA SER B 73 1.11 -14.40 -8.76
C SER B 73 1.47 -15.32 -9.94
N ARG B 74 1.28 -16.64 -9.79
CA ARG B 74 1.56 -17.63 -10.87
C ARG B 74 0.32 -18.48 -11.12
N VAL B 75 -0.48 -18.06 -12.13
CA VAL B 75 -1.69 -18.79 -12.58
C VAL B 75 -1.87 -18.60 -14.12
N PRO B 76 -1.15 -19.42 -14.97
CA PRO B 76 -1.28 -19.39 -16.44
C PRO B 76 -2.35 -20.39 -16.95
N GLU B 77 -3.36 -20.62 -16.12
CA GLU B 77 -4.41 -21.63 -16.32
C GLU B 77 -5.51 -21.05 -17.25
N SER B 78 -5.11 -20.81 -18.50
CA SER B 78 -5.93 -20.16 -19.53
C SER B 78 -5.29 -20.36 -20.91
N ASN B 79 -3.94 -20.41 -20.93
CA ASN B 79 -3.16 -20.64 -22.16
C ASN B 79 -3.44 -22.03 -22.75
N LYS B 80 -3.33 -23.04 -21.89
CA LYS B 80 -3.40 -24.44 -22.31
C LYS B 80 -4.84 -24.85 -22.64
N LYS B 81 -5.15 -24.81 -23.95
CA LYS B 81 -6.39 -25.32 -24.58
C LYS B 81 -7.58 -24.34 -24.45
N ASP B 82 -7.55 -23.43 -23.44
CA ASP B 82 -8.61 -22.43 -23.11
C ASP B 82 -10.06 -23.01 -23.17
N ASP B 83 -10.64 -23.13 -24.37
CA ASP B 83 -11.92 -23.80 -24.56
C ASP B 83 -11.67 -25.31 -24.58
N ALA B 84 -11.91 -25.96 -23.43
CA ALA B 84 -11.72 -27.41 -23.27
C ALA B 84 -12.76 -28.21 -24.07
N GLU B 85 -14.06 -27.96 -23.78
CA GLU B 85 -15.17 -28.75 -24.34
C GLU B 85 -16.51 -27.98 -24.13
N ASN B 86 -17.52 -28.34 -24.96
CA ASN B 86 -18.93 -27.84 -24.89
C ASN B 86 -19.06 -26.30 -24.73
N VAL B 87 -18.43 -25.57 -25.67
CA VAL B 87 -18.49 -24.09 -25.74
C VAL B 87 -19.41 -23.62 -26.87
N GLU B 88 -19.96 -22.38 -26.74
CA GLU B 88 -20.96 -21.76 -27.67
C GLU B 88 -22.01 -22.78 -28.18
N ILE B 89 -22.94 -23.14 -27.28
CA ILE B 89 -23.91 -24.23 -27.50
C ILE B 89 -24.86 -23.85 -28.67
N ASN B 90 -25.57 -22.71 -28.50
CA ASN B 90 -26.34 -22.03 -29.59
C ASN B 90 -27.31 -22.99 -30.33
N ILE B 91 -28.28 -23.52 -29.58
CA ILE B 91 -29.33 -24.42 -30.13
C ILE B 91 -30.46 -23.65 -30.89
N PRO B 92 -31.02 -22.47 -30.38
CA PRO B 92 -32.04 -21.71 -31.14
C PRO B 92 -31.43 -20.83 -32.26
N GLU B 93 -30.83 -21.49 -33.27
CA GLU B 93 -30.35 -20.83 -34.49
C GLU B 93 -31.35 -21.10 -35.63
N ASP B 94 -31.29 -22.32 -36.18
CA ASP B 94 -32.19 -22.78 -37.26
C ASP B 94 -33.47 -23.39 -36.65
N ASP B 95 -33.37 -23.82 -35.38
CA ASP B 95 -34.51 -24.36 -34.61
C ASP B 95 -35.39 -23.24 -33.99
N ALA B 96 -34.99 -21.96 -34.19
CA ALA B 96 -35.66 -20.78 -33.59
C ALA B 96 -37.06 -20.51 -34.22
N GLU B 97 -37.22 -20.88 -35.51
CA GLU B 97 -38.47 -20.62 -36.27
C GLU B 97 -39.55 -21.69 -35.96
N THR B 98 -39.20 -22.72 -35.16
CA THR B 98 -40.12 -23.80 -34.74
C THR B 98 -41.10 -23.31 -33.62
N LYS B 99 -41.12 -21.98 -33.40
CA LYS B 99 -42.01 -21.30 -32.44
C LYS B 99 -43.51 -21.54 -32.69
N ALA B 100 -43.87 -21.97 -33.91
CA ALA B 100 -45.24 -22.36 -34.25
C ALA B 100 -45.68 -23.56 -33.40
N LYS B 101 -44.80 -24.57 -33.31
CA LYS B 101 -45.05 -25.78 -32.50
C LYS B 101 -44.91 -25.50 -30.99
N ALA B 102 -44.25 -24.38 -30.61
CA ALA B 102 -44.05 -24.01 -29.18
C ALA B 102 -45.39 -23.78 -28.43
N GLU B 103 -46.46 -23.46 -29.18
CA GLU B 103 -47.84 -23.36 -28.64
C GLU B 103 -48.41 -24.77 -28.36
N ASP B 104 -48.14 -25.70 -29.30
CA ASP B 104 -48.49 -27.13 -29.18
C ASP B 104 -47.76 -27.79 -27.98
N LEU B 105 -46.51 -27.37 -27.79
CA LEU B 105 -45.65 -27.86 -26.70
C LEU B 105 -46.13 -27.28 -25.36
N LYS B 106 -46.61 -26.03 -25.39
CA LYS B 106 -47.22 -25.36 -24.22
C LYS B 106 -48.55 -26.07 -23.87
N MET B 107 -49.29 -26.55 -24.90
CA MET B 107 -50.58 -27.24 -24.70
C MET B 107 -50.41 -28.44 -23.75
N GLN B 108 -49.39 -29.27 -24.02
CA GLN B 108 -49.03 -30.43 -23.18
C GLN B 108 -48.34 -29.95 -21.87
N GLY B 109 -47.57 -28.86 -21.98
CA GLY B 109 -46.82 -28.30 -20.84
C GLY B 109 -47.69 -27.59 -19.80
N ASN B 110 -48.92 -27.25 -20.21
CA ASN B 110 -49.92 -26.60 -19.36
C ASN B 110 -50.55 -27.64 -18.41
N LYS B 111 -50.44 -28.92 -18.79
CA LYS B 111 -50.92 -30.07 -17.99
C LYS B 111 -50.07 -30.21 -16.71
N ALA B 112 -48.79 -29.84 -16.80
CA ALA B 112 -47.88 -29.78 -15.63
C ALA B 112 -48.42 -28.78 -14.59
N MET B 113 -48.76 -27.58 -15.08
CA MET B 113 -49.37 -26.50 -14.28
C MET B 113 -50.75 -26.94 -13.72
N ALA B 114 -51.48 -27.74 -14.53
CA ALA B 114 -52.80 -28.30 -14.15
C ALA B 114 -52.69 -29.40 -13.08
N ASN B 115 -51.49 -30.00 -12.93
CA ASN B 115 -51.19 -30.99 -11.87
C ASN B 115 -50.72 -30.28 -10.58
N LYS B 116 -50.77 -28.92 -10.57
CA LYS B 116 -50.26 -28.07 -9.48
C LYS B 116 -48.73 -28.18 -9.33
N ASP B 117 -48.06 -28.50 -10.45
CA ASP B 117 -46.61 -28.39 -10.60
C ASP B 117 -46.27 -26.99 -11.12
N TYR B 118 -45.34 -26.32 -10.43
CA TYR B 118 -44.81 -24.99 -10.83
C TYR B 118 -43.29 -25.05 -10.90
N GLU B 119 -42.75 -26.27 -10.99
CA GLU B 119 -41.31 -26.52 -11.18
C GLU B 119 -41.07 -26.74 -12.68
N LEU B 120 -41.51 -27.92 -13.19
CA LEU B 120 -41.32 -28.30 -14.60
C LEU B 120 -42.20 -27.41 -15.52
N ALA B 121 -43.34 -26.93 -14.99
CA ALA B 121 -44.25 -26.03 -15.71
C ALA B 121 -43.53 -24.72 -16.09
N ILE B 122 -42.97 -24.03 -15.07
CA ILE B 122 -42.20 -22.79 -15.27
C ILE B 122 -40.96 -23.04 -16.15
N ASN B 123 -40.33 -24.22 -15.98
CA ASN B 123 -39.19 -24.69 -16.80
C ASN B 123 -39.54 -24.66 -18.31
N LYS B 124 -40.77 -25.09 -18.62
CA LYS B 124 -41.32 -25.12 -20.00
C LYS B 124 -41.64 -23.71 -20.51
N TYR B 125 -42.28 -22.87 -19.65
CA TYR B 125 -42.64 -21.47 -20.01
C TYR B 125 -41.39 -20.62 -20.29
N THR B 126 -40.32 -20.87 -19.51
CA THR B 126 -39.03 -20.14 -19.62
C THR B 126 -38.38 -20.39 -20.99
N GLU B 127 -38.36 -21.66 -21.40
CA GLU B 127 -37.82 -22.10 -22.70
C GLU B 127 -38.71 -21.55 -23.83
N ALA B 128 -40.03 -21.63 -23.63
CA ALA B 128 -41.03 -21.24 -24.62
C ALA B 128 -41.16 -19.70 -24.75
N ILE B 129 -40.57 -18.94 -23.79
CA ILE B 129 -40.42 -17.47 -23.89
C ILE B 129 -39.30 -17.12 -24.90
N LYS B 130 -38.21 -17.91 -24.87
CA LYS B 130 -37.06 -17.70 -25.78
C LYS B 130 -37.46 -18.07 -27.23
N VAL B 131 -38.26 -19.15 -27.37
CA VAL B 131 -38.69 -19.64 -28.69
C VAL B 131 -39.88 -18.79 -29.22
N LEU B 132 -41.00 -18.75 -28.46
CA LEU B 132 -42.24 -18.01 -28.84
C LEU B 132 -42.59 -16.93 -27.77
N PRO B 133 -42.00 -15.70 -27.86
CA PRO B 133 -42.25 -14.62 -26.88
C PRO B 133 -43.50 -13.76 -27.18
N THR B 134 -44.09 -13.93 -28.38
CA THR B 134 -45.19 -13.07 -28.85
C THR B 134 -46.56 -13.64 -28.40
N ASN B 135 -46.72 -13.75 -27.06
CA ASN B 135 -47.97 -14.12 -26.40
C ASN B 135 -47.80 -13.89 -24.89
N ALA B 136 -48.74 -13.12 -24.30
CA ALA B 136 -48.63 -12.63 -22.92
C ALA B 136 -48.72 -13.75 -21.87
N ILE B 137 -49.35 -14.89 -22.23
CA ILE B 137 -49.60 -15.98 -21.26
C ILE B 137 -48.30 -16.65 -20.79
N TYR B 138 -47.26 -16.68 -21.66
CA TYR B 138 -45.94 -17.27 -21.34
C TYR B 138 -45.27 -16.48 -20.21
N TYR B 139 -45.45 -15.16 -20.25
CA TYR B 139 -44.92 -14.22 -19.28
C TYR B 139 -45.78 -14.17 -17.99
N ALA B 140 -47.05 -13.79 -18.17
CA ALA B 140 -47.97 -13.45 -17.07
C ALA B 140 -48.28 -14.64 -16.14
N ASN B 141 -48.44 -15.83 -16.72
CA ASN B 141 -48.69 -17.07 -15.94
C ASN B 141 -47.40 -17.53 -15.25
N ARG B 142 -46.23 -17.26 -15.88
CA ARG B 142 -44.92 -17.57 -15.29
C ARG B 142 -44.65 -16.60 -14.11
N ALA B 143 -45.17 -15.36 -14.23
CA ALA B 143 -45.04 -14.32 -13.20
C ALA B 143 -45.88 -14.65 -11.97
N ALA B 144 -47.13 -15.10 -12.22
CA ALA B 144 -48.08 -15.52 -11.18
C ALA B 144 -47.57 -16.76 -10.44
N ALA B 145 -46.93 -17.67 -11.19
CA ALA B 145 -46.36 -18.91 -10.66
C ALA B 145 -44.98 -18.66 -10.02
N HIS B 146 -44.29 -17.56 -10.44
CA HIS B 146 -43.01 -17.12 -9.85
C HIS B 146 -43.24 -16.54 -8.45
N SER B 147 -44.46 -16.03 -8.20
CA SER B 147 -44.86 -15.51 -6.89
C SER B 147 -44.82 -16.63 -5.82
N SER B 148 -45.14 -17.86 -6.27
CA SER B 148 -45.07 -19.08 -5.44
C SER B 148 -43.60 -19.38 -5.05
N LEU B 149 -42.70 -19.28 -6.05
CA LEU B 149 -41.26 -19.57 -5.89
C LEU B 149 -40.45 -18.35 -5.39
N LYS B 150 -41.17 -17.23 -5.15
CA LYS B 150 -40.60 -15.94 -4.68
C LYS B 150 -39.61 -15.30 -5.68
N GLU B 151 -39.71 -15.72 -6.95
CA GLU B 151 -38.95 -15.13 -8.06
C GLU B 151 -39.68 -13.88 -8.60
N TYR B 152 -39.88 -12.90 -7.71
CA TYR B 152 -40.54 -11.62 -8.04
C TYR B 152 -39.66 -10.79 -9.01
N ASP B 153 -38.34 -11.00 -8.89
CA ASP B 153 -37.29 -10.35 -9.72
C ASP B 153 -37.47 -10.71 -11.21
N GLN B 154 -37.78 -11.99 -11.46
CA GLN B 154 -38.03 -12.50 -12.82
C GLN B 154 -39.47 -12.14 -13.27
N ALA B 155 -40.41 -12.14 -12.29
CA ALA B 155 -41.84 -11.80 -12.52
C ALA B 155 -42.03 -10.33 -12.94
N VAL B 156 -41.06 -9.48 -12.55
CA VAL B 156 -40.95 -8.08 -13.00
C VAL B 156 -40.83 -8.00 -14.53
N LYS B 157 -39.88 -8.76 -15.09
CA LYS B 157 -39.59 -8.78 -16.53
C LYS B 157 -40.76 -9.43 -17.30
N ASP B 158 -41.37 -10.44 -16.66
CA ASP B 158 -42.49 -11.21 -17.26
C ASP B 158 -43.70 -10.32 -17.55
N ALA B 159 -44.39 -9.89 -16.48
CA ALA B 159 -45.67 -9.15 -16.57
C ALA B 159 -45.51 -7.77 -17.26
N GLU B 160 -44.25 -7.28 -17.30
CA GLU B 160 -43.84 -6.08 -18.08
C GLU B 160 -44.10 -6.30 -19.58
N SER B 161 -43.58 -7.41 -20.12
CA SER B 161 -43.71 -7.74 -21.55
C SER B 161 -45.15 -8.14 -21.91
N ALA B 162 -45.89 -8.69 -20.92
CA ALA B 162 -47.28 -9.18 -21.09
C ALA B 162 -48.27 -8.08 -21.55
N ILE B 163 -47.97 -6.81 -21.18
CA ILE B 163 -48.76 -5.63 -21.57
C ILE B 163 -48.80 -5.45 -23.10
N SER B 164 -47.62 -5.60 -23.72
CA SER B 164 -47.41 -5.30 -25.15
C SER B 164 -48.25 -6.21 -26.07
N ILE B 165 -48.46 -7.47 -25.65
CA ILE B 165 -49.22 -8.45 -26.44
C ILE B 165 -50.73 -8.31 -26.14
N ASP B 166 -51.09 -8.42 -24.85
CA ASP B 166 -52.49 -8.38 -24.39
C ASP B 166 -52.73 -7.14 -23.50
N PRO B 167 -53.42 -6.07 -24.04
CA PRO B 167 -53.62 -4.76 -23.34
C PRO B 167 -54.77 -4.76 -22.32
N SER B 168 -55.45 -5.90 -22.14
CA SER B 168 -56.57 -6.05 -21.19
C SER B 168 -56.36 -7.27 -20.28
N TYR B 169 -55.12 -7.79 -20.23
CA TYR B 169 -54.76 -8.94 -19.40
C TYR B 169 -54.45 -8.46 -17.96
N PHE B 170 -55.54 -8.14 -17.20
CA PHE B 170 -55.46 -7.52 -15.85
C PHE B 170 -54.71 -8.42 -14.84
N ARG B 171 -54.67 -9.73 -15.12
CA ARG B 171 -53.92 -10.70 -14.32
C ARG B 171 -52.42 -10.33 -14.32
N GLY B 172 -51.93 -9.96 -15.53
CA GLY B 172 -50.56 -9.51 -15.72
C GLY B 172 -50.29 -8.13 -15.11
N TYR B 173 -51.27 -7.20 -15.28
CA TYR B 173 -51.15 -5.82 -14.77
C TYR B 173 -51.02 -5.79 -13.23
N SER B 174 -51.99 -6.40 -12.54
CA SER B 174 -52.02 -6.49 -11.06
C SER B 174 -50.73 -7.16 -10.52
N ARG B 175 -50.23 -8.15 -11.26
CA ARG B 175 -49.04 -8.92 -10.89
C ARG B 175 -47.75 -8.09 -11.10
N LEU B 176 -47.80 -7.18 -12.07
CA LEU B 176 -46.66 -6.30 -12.41
C LEU B 176 -46.50 -5.19 -11.36
N GLY B 177 -47.63 -4.60 -10.95
CA GLY B 177 -47.65 -3.60 -9.89
C GLY B 177 -47.13 -4.16 -8.59
N PHE B 178 -47.51 -5.42 -8.33
CA PHE B 178 -47.07 -6.21 -7.17
C PHE B 178 -45.56 -6.50 -7.22
N ALA B 179 -45.08 -6.94 -8.40
CA ALA B 179 -43.69 -7.41 -8.60
C ALA B 179 -42.68 -6.24 -8.57
N LYS B 180 -42.95 -5.19 -9.36
CA LYS B 180 -42.06 -4.00 -9.44
C LYS B 180 -42.10 -3.17 -8.15
N TYR B 181 -43.18 -3.30 -7.36
CA TYR B 181 -43.29 -2.65 -6.04
C TYR B 181 -42.24 -3.24 -5.08
N ALA B 182 -42.03 -4.57 -5.18
CA ALA B 182 -41.04 -5.31 -4.38
C ALA B 182 -39.60 -4.84 -4.66
N GLN B 183 -39.30 -4.57 -5.94
CA GLN B 183 -37.99 -4.04 -6.38
C GLN B 183 -37.82 -2.58 -5.97
N GLY B 184 -38.93 -1.83 -5.95
CA GLY B 184 -38.91 -0.39 -5.78
C GLY B 184 -38.65 0.32 -7.11
N LYS B 185 -39.26 -0.22 -8.19
CA LYS B 185 -39.21 0.35 -9.54
C LYS B 185 -40.67 0.67 -9.96
N PRO B 186 -41.27 1.77 -9.39
CA PRO B 186 -42.73 2.04 -9.49
C PRO B 186 -43.13 2.85 -10.74
N GLU B 187 -42.30 2.71 -11.79
CA GLU B 187 -42.51 3.34 -13.11
C GLU B 187 -43.83 2.89 -13.76
N GLU B 188 -44.29 1.67 -13.43
CA GLU B 188 -45.52 1.08 -13.99
C GLU B 188 -46.48 0.61 -12.87
N ALA B 189 -46.15 0.91 -11.59
CA ALA B 189 -46.91 0.41 -10.42
C ALA B 189 -48.29 1.09 -10.29
N LEU B 190 -48.32 2.43 -10.37
CA LEU B 190 -49.56 3.24 -10.33
C LEU B 190 -50.50 2.77 -11.48
N GLU B 191 -49.94 2.75 -12.69
CA GLU B 191 -50.66 2.37 -13.92
C GLU B 191 -51.11 0.90 -13.92
N ALA B 192 -50.40 0.03 -13.19
CA ALA B 192 -50.72 -1.41 -13.16
C ALA B 192 -52.09 -1.67 -12.51
N TYR B 193 -52.36 -0.95 -11.42
CA TYR B 193 -53.67 -1.02 -10.74
C TYR B 193 -54.70 -0.16 -11.48
N LYS B 194 -54.22 0.92 -12.15
CA LYS B 194 -55.07 1.89 -12.86
C LYS B 194 -55.66 1.28 -14.14
N LYS B 195 -54.87 0.43 -14.83
CA LYS B 195 -55.30 -0.24 -16.06
C LYS B 195 -56.47 -1.20 -15.76
N VAL B 196 -56.44 -1.84 -14.57
CA VAL B 196 -57.55 -2.68 -14.08
C VAL B 196 -58.79 -1.80 -13.77
N LEU B 197 -58.53 -0.58 -13.24
CA LEU B 197 -59.58 0.43 -12.99
C LEU B 197 -60.18 0.99 -14.30
N ASP B 198 -59.44 0.87 -15.42
CA ASP B 198 -59.91 1.31 -16.76
C ASP B 198 -60.78 0.23 -17.43
N ILE B 199 -60.21 -0.98 -17.56
CA ILE B 199 -60.82 -2.07 -18.38
C ILE B 199 -61.92 -2.83 -17.61
N GLU B 200 -61.72 -3.02 -16.30
CA GLU B 200 -62.70 -3.71 -15.44
C GLU B 200 -63.58 -2.69 -14.70
N GLY B 201 -63.08 -1.44 -14.59
CA GLY B 201 -63.73 -0.41 -13.79
C GLY B 201 -63.47 -0.60 -12.31
N ASP B 202 -64.53 -0.51 -11.50
CA ASP B 202 -64.46 -0.72 -10.04
C ASP B 202 -64.71 -2.20 -9.67
N ASN B 203 -64.46 -3.11 -10.62
CA ASN B 203 -64.43 -4.55 -10.36
C ASN B 203 -63.10 -4.95 -9.69
N ALA B 204 -62.11 -4.05 -9.76
CA ALA B 204 -60.83 -4.19 -9.04
C ALA B 204 -61.07 -4.24 -7.51
N THR B 205 -60.25 -5.03 -6.79
CA THR B 205 -60.37 -5.19 -5.32
C THR B 205 -59.86 -3.92 -4.61
N GLU B 206 -60.29 -3.73 -3.35
CA GLU B 206 -59.95 -2.52 -2.54
C GLU B 206 -58.45 -2.48 -2.20
N ALA B 207 -57.79 -3.65 -2.31
CA ALA B 207 -56.33 -3.78 -2.15
C ALA B 207 -55.56 -3.06 -3.26
N MET B 208 -56.16 -3.04 -4.48
CA MET B 208 -55.60 -2.30 -5.63
C MET B 208 -55.67 -0.79 -5.37
N LYS B 209 -56.84 -0.33 -4.85
CA LYS B 209 -57.09 1.10 -4.51
C LYS B 209 -56.13 1.55 -3.39
N ARG B 210 -55.89 0.63 -2.44
CA ARG B 210 -54.98 0.82 -1.30
C ARG B 210 -53.54 1.07 -1.78
N ASP B 211 -53.02 0.13 -2.59
CA ASP B 211 -51.66 0.18 -3.14
C ASP B 211 -51.56 1.14 -4.34
N TYR B 212 -52.71 1.69 -4.78
CA TYR B 212 -52.76 2.70 -5.84
C TYR B 212 -52.27 4.06 -5.31
N GLU B 213 -52.78 4.43 -4.11
CA GLU B 213 -52.33 5.64 -3.38
C GLU B 213 -50.84 5.49 -3.00
N SER B 214 -50.51 4.32 -2.44
CA SER B 214 -49.15 4.00 -1.97
C SER B 214 -48.14 4.00 -3.14
N ALA B 215 -48.57 3.48 -4.31
CA ALA B 215 -47.73 3.47 -5.53
C ALA B 215 -47.57 4.89 -6.09
N LYS B 216 -48.62 5.72 -5.96
CA LYS B 216 -48.62 7.12 -6.46
C LYS B 216 -47.52 7.96 -5.77
N LYS B 217 -47.33 7.71 -4.46
CA LYS B 217 -46.28 8.37 -3.65
C LYS B 217 -44.89 7.88 -4.08
N LYS B 218 -44.80 6.58 -4.39
CA LYS B 218 -43.56 5.93 -4.88
C LYS B 218 -43.12 6.53 -6.25
N VAL B 219 -44.10 6.99 -7.05
CA VAL B 219 -43.86 7.67 -8.33
C VAL B 219 -43.15 9.03 -8.07
N GLU B 220 -41.82 8.95 -7.90
CA GLU B 220 -40.95 10.04 -7.44
C GLU B 220 -39.51 9.52 -7.46
N GLN B 221 -39.32 8.36 -6.78
CA GLN B 221 -38.07 7.57 -6.83
C GLN B 221 -37.88 6.96 -8.23
N SER B 222 -39.04 6.71 -8.89
CA SER B 222 -39.15 6.16 -10.25
C SER B 222 -38.30 6.94 -11.26
N LEU B 223 -38.22 8.27 -11.10
CA LEU B 223 -37.51 9.18 -12.03
C LEU B 223 -36.00 8.83 -12.15
N ASN B 224 -35.40 8.31 -11.07
CA ASN B 224 -33.97 7.94 -11.02
C ASN B 224 -33.67 6.70 -11.91
N LEU B 225 -34.64 5.78 -12.01
CA LEU B 225 -34.51 4.54 -12.82
C LEU B 225 -35.65 4.45 -13.85
N GLU B 226 -36.08 5.62 -14.36
CA GLU B 226 -37.24 5.74 -15.26
C GLU B 226 -36.90 5.23 -16.68
N LYS B 227 -37.07 3.91 -16.88
CA LYS B 227 -36.73 3.24 -18.15
C LYS B 227 -37.09 1.74 -18.09
N THR B 228 -38.08 1.33 -18.91
CA THR B 228 -38.39 -0.10 -19.16
C THR B 228 -37.38 -0.71 -20.18
N VAL B 229 -36.58 0.19 -20.80
CA VAL B 229 -35.54 -0.10 -21.81
C VAL B 229 -36.19 -0.34 -23.20
N PRO B 230 -36.55 0.79 -23.93
CA PRO B 230 -37.16 0.73 -25.26
C PRO B 230 -36.12 0.58 -26.39
N GLU B 231 -34.85 0.90 -26.09
CA GLU B 231 -33.72 0.68 -27.01
C GLU B 231 -33.09 -0.71 -26.72
N GLN B 232 -31.81 -0.91 -27.10
CA GLN B 232 -31.03 -2.15 -26.80
C GLN B 232 -31.60 -3.35 -27.62
N SER B 233 -32.09 -3.00 -28.83
CA SER B 233 -32.65 -3.95 -29.83
C SER B 233 -33.90 -4.70 -29.31
N ARG B 234 -34.99 -3.95 -29.09
CA ARG B 234 -36.30 -4.50 -28.67
C ARG B 234 -37.44 -3.47 -28.93
N ASP B 235 -38.46 -3.90 -29.71
CA ASP B 235 -39.78 -3.24 -29.86
C ASP B 235 -39.68 -1.79 -30.41
N ALA B 236 -39.47 -0.80 -29.50
CA ALA B 236 -39.46 0.63 -29.85
C ALA B 236 -38.16 1.04 -30.55
N ASP B 237 -37.11 0.22 -30.36
CA ASP B 237 -35.79 0.38 -31.01
C ASP B 237 -35.93 0.31 -32.55
N VAL B 238 -36.91 -0.53 -33.02
CA VAL B 238 -37.24 -0.78 -34.45
C VAL B 238 -36.03 -1.11 -35.35
N ASP B 239 -34.91 -1.55 -34.71
CA ASP B 239 -33.65 -1.97 -35.38
C ASP B 239 -32.99 -0.82 -36.19
N ALA B 240 -33.50 0.42 -36.02
CA ALA B 240 -33.03 1.60 -36.77
C ALA B 240 -32.15 2.50 -35.87
N SER B 241 -31.81 1.98 -34.68
CA SER B 241 -30.97 2.68 -33.71
C SER B 241 -29.47 2.38 -33.95
N GLN B 242 -29.07 2.38 -35.24
CA GLN B 242 -27.69 2.11 -35.67
C GLN B 242 -27.27 3.19 -36.68
N GLY B 243 -26.02 3.66 -36.56
CA GLY B 243 -25.47 4.71 -37.41
C GLY B 243 -25.24 6.02 -36.67
N ALA B 244 -26.10 6.25 -35.65
CA ALA B 244 -26.10 7.47 -34.81
C ALA B 244 -26.54 8.71 -35.59
N SER B 245 -25.65 9.19 -36.49
CA SER B 245 -25.86 10.37 -37.37
C SER B 245 -25.81 11.67 -36.54
N ALA B 246 -26.72 11.81 -35.56
CA ALA B 246 -26.66 12.88 -34.57
C ALA B 246 -25.48 12.65 -33.60
N GLY B 247 -25.63 11.64 -32.71
CA GLY B 247 -24.62 11.32 -31.70
C GLY B 247 -24.68 12.25 -30.48
N GLY B 248 -24.58 13.55 -30.73
CA GLY B 248 -24.69 14.57 -29.70
C GLY B 248 -24.76 15.97 -30.28
N LEU B 249 -24.60 16.98 -29.40
CA LEU B 249 -24.63 18.41 -29.75
C LEU B 249 -25.90 18.88 -30.54
N PRO B 250 -27.17 18.55 -30.10
CA PRO B 250 -28.40 19.10 -30.73
C PRO B 250 -28.71 20.52 -30.20
N ASP B 251 -28.37 20.74 -28.90
CA ASP B 251 -28.58 22.00 -28.16
C ASP B 251 -28.08 21.81 -26.70
N LEU B 252 -27.67 22.90 -26.04
CA LEU B 252 -27.12 22.86 -24.67
C LEU B 252 -27.16 24.29 -24.11
N GLY B 253 -26.35 25.18 -24.71
CA GLY B 253 -26.24 26.58 -24.29
C GLY B 253 -24.82 27.11 -24.46
N SER B 254 -23.89 26.54 -23.65
CA SER B 254 -22.45 26.92 -23.63
C SER B 254 -22.27 28.42 -23.24
N LEU B 255 -23.26 28.95 -22.50
CA LEU B 255 -23.34 30.37 -22.13
C LEU B 255 -23.93 30.47 -20.71
N LEU B 256 -23.89 31.70 -20.13
CA LEU B 256 -24.33 31.98 -18.74
C LEU B 256 -23.31 31.39 -17.73
N GLY B 257 -22.92 32.21 -16.72
CA GLY B 257 -21.98 31.77 -15.66
C GLY B 257 -22.59 30.76 -14.70
N GLY B 258 -23.92 30.85 -14.52
CA GLY B 258 -24.66 29.96 -13.62
C GLY B 258 -24.33 30.21 -12.16
N GLY B 259 -24.31 31.52 -11.77
CA GLY B 259 -23.97 31.94 -10.40
C GLY B 259 -24.88 31.30 -9.35
N LEU B 260 -26.19 31.30 -9.63
CA LEU B 260 -27.18 30.57 -8.82
C LEU B 260 -27.18 29.09 -9.26
N GLY B 261 -26.34 28.28 -8.57
CA GLY B 261 -26.25 26.85 -8.82
C GLY B 261 -27.32 26.08 -8.07
N GLY B 262 -27.96 25.10 -8.74
CA GLY B 262 -28.98 24.25 -8.12
C GLY B 262 -28.36 23.23 -7.16
N LEU B 263 -28.03 23.69 -5.95
CA LEU B 263 -27.47 22.85 -4.87
C LEU B 263 -28.25 23.02 -3.56
N MET B 264 -29.01 24.15 -3.47
CA MET B 264 -29.81 24.55 -2.29
C MET B 264 -28.86 24.89 -1.11
N ASN B 265 -28.63 26.21 -0.88
CA ASN B 265 -27.74 26.75 0.17
C ASN B 265 -28.49 26.82 1.54
N ASN B 266 -28.98 25.65 1.96
CA ASN B 266 -29.73 25.44 3.21
C ASN B 266 -28.89 25.65 4.52
N PRO B 267 -27.57 25.22 4.62
CA PRO B 267 -26.81 25.32 5.90
C PRO B 267 -26.37 26.76 6.25
N GLN B 268 -26.81 27.76 5.44
CA GLN B 268 -26.70 29.18 5.80
C GLN B 268 -27.71 29.45 6.93
N LEU B 269 -27.26 29.22 8.16
CA LEU B 269 -28.06 29.40 9.38
C LEU B 269 -27.09 29.70 10.52
N MET B 270 -27.25 30.87 11.15
CA MET B 270 -26.41 31.29 12.29
C MET B 270 -27.21 31.18 13.59
N GLN B 271 -28.40 31.85 13.61
CA GLN B 271 -29.40 31.79 14.70
C GLN B 271 -28.92 32.55 15.95
N ALA B 272 -27.92 31.97 16.63
CA ALA B 272 -27.40 32.45 17.93
C ALA B 272 -26.93 33.91 17.91
N ALA B 273 -26.45 34.40 16.75
CA ALA B 273 -26.02 35.81 16.59
C ALA B 273 -27.15 36.80 16.89
N GLN B 274 -28.37 36.45 16.42
CA GLN B 274 -29.59 37.22 16.71
C GLN B 274 -30.04 36.96 18.16
N LYS B 275 -29.88 35.69 18.60
CA LYS B 275 -30.28 35.23 19.95
C LYS B 275 -29.20 35.62 21.01
N MET B 276 -29.07 36.94 21.24
CA MET B 276 -28.21 37.60 22.27
C MET B 276 -26.72 37.14 22.35
N MET B 277 -26.24 36.26 21.44
CA MET B 277 -24.85 35.77 21.46
C MET B 277 -24.01 36.52 20.41
N SER B 278 -23.19 37.46 20.87
CA SER B 278 -22.21 38.15 20.03
C SER B 278 -20.99 37.22 19.82
N ASN B 279 -20.68 36.91 18.55
CA ASN B 279 -19.55 36.03 18.16
C ASN B 279 -18.21 36.69 18.54
N PRO B 280 -17.23 35.91 19.14
CA PRO B 280 -15.87 36.41 19.48
C PRO B 280 -15.19 37.09 18.28
N GLY B 281 -14.68 38.32 18.51
CA GLY B 281 -14.15 39.16 17.46
C GLY B 281 -15.20 40.18 17.01
N ALA B 282 -15.58 40.13 15.71
CA ALA B 282 -16.65 40.95 15.16
C ALA B 282 -17.16 40.33 13.83
N MET B 283 -16.24 40.20 12.84
CA MET B 283 -16.58 39.88 11.44
C MET B 283 -17.32 38.51 11.28
N GLN B 284 -16.81 37.46 11.95
CA GLN B 284 -17.38 36.06 11.98
C GLN B 284 -17.08 35.30 10.66
N ASN B 285 -17.47 35.89 9.51
CA ASN B 285 -17.41 35.25 8.17
C ASN B 285 -15.96 34.94 7.70
N ILE B 286 -14.96 35.37 8.49
CA ILE B 286 -13.54 34.98 8.29
C ILE B 286 -13.38 33.42 8.33
N GLN B 287 -14.29 32.74 9.05
CA GLN B 287 -14.44 31.27 9.01
C GLN B 287 -14.72 30.85 7.55
N LYS B 288 -13.89 29.92 7.03
CA LYS B 288 -13.97 29.46 5.63
C LYS B 288 -15.33 28.76 5.33
N MET B 289 -16.32 29.58 4.97
CA MET B 289 -17.66 29.12 4.56
C MET B 289 -17.59 28.51 3.14
N MET B 290 -16.70 29.09 2.33
CA MET B 290 -16.36 28.59 0.98
C MET B 290 -14.86 28.87 0.72
N GLN B 291 -14.53 30.18 0.65
CA GLN B 291 -13.21 30.68 0.19
C GLN B 291 -12.94 30.11 -1.22
N ASP B 292 -13.61 30.69 -2.22
CA ASP B 292 -13.52 30.23 -3.61
C ASP B 292 -12.07 30.34 -4.16
N PRO B 293 -11.42 29.20 -4.57
CA PRO B 293 -10.05 29.21 -5.11
C PRO B 293 -9.95 30.03 -6.42
N SER B 294 -9.44 31.27 -6.27
CA SER B 294 -9.24 32.20 -7.37
C SER B 294 -7.97 31.81 -8.15
N ILE B 295 -8.15 30.85 -9.07
CA ILE B 295 -7.06 30.21 -9.84
C ILE B 295 -7.69 29.37 -10.99
N ARG B 296 -8.92 29.79 -11.39
CA ARG B 296 -9.79 29.08 -12.35
C ARG B 296 -10.13 27.67 -11.83
N GLN B 297 -11.04 27.60 -10.85
CA GLN B 297 -11.48 26.32 -10.25
C GLN B 297 -12.31 25.51 -11.27
N MET B 298 -13.16 26.22 -12.04
CA MET B 298 -13.95 25.66 -13.16
C MET B 298 -13.99 26.68 -14.31
N ALA B 299 -14.18 26.19 -15.54
CA ALA B 299 -14.34 27.03 -16.73
C ALA B 299 -15.81 27.51 -16.85
N GLU B 300 -16.03 28.60 -17.61
CA GLU B 300 -17.37 29.09 -17.97
C GLU B 300 -18.01 28.10 -18.97
N GLY B 301 -19.20 27.57 -18.61
CA GLY B 301 -19.83 26.45 -19.32
C GLY B 301 -19.48 25.11 -18.68
N PHE B 302 -18.86 25.15 -17.47
CA PHE B 302 -18.50 23.98 -16.65
C PHE B 302 -17.40 23.12 -17.35
N ALA B 303 -17.84 22.19 -18.22
CA ALA B 303 -16.98 21.22 -18.92
C ALA B 303 -17.86 20.29 -19.76
N SER B 304 -18.84 19.69 -19.07
CA SER B 304 -19.81 18.77 -19.67
C SER B 304 -20.92 19.56 -20.41
N GLY B 305 -20.71 19.75 -21.72
CA GLY B 305 -21.67 20.45 -22.58
C GLY B 305 -21.81 19.73 -23.91
N GLY B 306 -22.02 18.40 -23.83
CA GLY B 306 -22.06 17.53 -25.01
C GLY B 306 -20.66 17.17 -25.46
N GLY B 307 -19.97 16.39 -24.63
CA GLY B 307 -18.57 16.03 -24.87
C GLY B 307 -18.39 14.78 -25.73
N THR B 308 -19.42 14.45 -26.53
CA THR B 308 -19.40 13.30 -27.46
C THR B 308 -18.49 13.62 -28.67
N PRO B 309 -17.67 12.63 -29.17
CA PRO B 309 -16.77 12.84 -30.35
C PRO B 309 -17.56 13.10 -31.66
N ASN B 310 -16.89 13.75 -32.63
CA ASN B 310 -17.46 14.01 -33.96
C ASN B 310 -17.46 12.73 -34.82
N LEU B 311 -18.41 11.83 -34.50
CA LEU B 311 -18.58 10.53 -35.18
C LEU B 311 -19.40 10.68 -36.49
N SER B 312 -19.91 11.90 -36.74
CA SER B 312 -20.66 12.25 -37.95
C SER B 312 -19.76 12.26 -39.20
N ASP B 313 -18.43 12.36 -38.99
CA ASP B 313 -17.41 12.28 -40.06
C ASP B 313 -17.39 10.88 -40.70
N LEU B 314 -17.69 9.85 -39.88
CA LEU B 314 -17.73 8.44 -40.32
C LEU B 314 -18.93 8.20 -41.28
N MET B 315 -19.92 9.11 -41.24
CA MET B 315 -21.10 9.09 -42.14
C MET B 315 -21.03 10.20 -43.19
N ASN B 316 -20.21 11.25 -42.90
CA ASN B 316 -20.13 12.51 -43.69
C ASN B 316 -21.49 13.27 -43.64
N ASN B 317 -21.57 14.47 -44.25
CA ASN B 317 -22.85 15.17 -44.46
C ASN B 317 -23.57 14.54 -45.67
N PRO B 318 -24.71 13.80 -45.46
CA PRO B 318 -25.46 13.18 -46.56
C PRO B 318 -26.37 14.21 -47.26
N ALA B 319 -25.92 14.73 -48.41
CA ALA B 319 -26.68 15.71 -49.22
C ALA B 319 -27.98 15.12 -49.80
N LEU B 320 -28.15 13.77 -49.66
CA LEU B 320 -29.34 13.03 -50.09
C LEU B 320 -30.64 13.62 -49.50
N ARG B 321 -30.56 14.10 -48.23
CA ARG B 321 -31.71 14.62 -47.45
C ARG B 321 -32.77 13.51 -47.21
N ASN B 322 -33.60 13.24 -48.25
CA ASN B 322 -34.53 12.09 -48.32
C ASN B 322 -35.57 12.11 -47.19
N MET B 323 -35.19 11.57 -46.03
CA MET B 323 -36.08 11.34 -44.89
C MET B 323 -36.17 12.62 -44.00
N ALA B 324 -37.06 13.54 -44.43
CA ALA B 324 -37.42 14.78 -43.69
C ALA B 324 -38.50 15.54 -44.47
N GLY B 325 -38.08 16.07 -45.64
CA GLY B 325 -38.91 16.93 -46.48
C GLY B 325 -38.10 18.08 -47.05
N ASN B 326 -38.79 19.06 -47.66
CA ASN B 326 -38.14 20.23 -48.29
C ASN B 326 -39.06 21.47 -48.26
N LEU B 327 -39.95 21.63 -49.26
CA LEU B 327 -40.82 22.80 -49.41
C LEU B 327 -42.26 22.42 -49.04
N PHE B 328 -42.54 22.42 -47.73
CA PHE B 328 -43.89 22.15 -47.16
C PHE B 328 -44.34 23.35 -46.30
N GLY B 329 -45.66 23.61 -46.28
CA GLY B 329 -46.23 24.75 -45.54
C GLY B 329 -47.60 24.41 -44.97
N GLY B 330 -47.78 24.60 -43.65
CA GLY B 330 -49.06 24.31 -42.99
C GLY B 330 -48.93 24.16 -41.48
N ALA B 331 -47.70 23.90 -41.00
CA ALA B 331 -47.40 23.76 -39.56
C ALA B 331 -47.74 25.04 -38.77
N GLY B 332 -47.58 26.21 -39.43
CA GLY B 332 -47.93 27.51 -38.84
C GLY B 332 -48.89 28.29 -39.73
N ALA B 333 -49.85 27.57 -40.35
CA ALA B 333 -50.88 28.16 -41.24
C ALA B 333 -52.12 28.64 -40.44
N GLN B 334 -52.08 28.48 -39.10
CA GLN B 334 -53.15 28.96 -38.20
C GLN B 334 -53.07 30.49 -38.04
N SER B 335 -54.04 31.07 -37.33
CA SER B 335 -54.04 32.51 -36.98
C SER B 335 -54.44 32.68 -35.51
N THR B 336 -54.50 33.95 -35.06
CA THR B 336 -54.97 34.31 -33.71
C THR B 336 -56.44 33.88 -33.54
N ASP B 337 -57.24 34.22 -34.55
CA ASP B 337 -58.67 33.90 -34.60
C ASP B 337 -59.04 33.40 -36.00
N GLU B 338 -59.94 32.40 -36.04
CA GLU B 338 -60.46 31.83 -37.31
C GLU B 338 -61.66 32.64 -37.84
N THR B 339 -62.28 33.44 -36.94
CA THR B 339 -63.40 34.33 -37.30
C THR B 339 -62.92 35.47 -38.24
N PRO B 340 -63.33 35.46 -39.56
CA PRO B 340 -62.88 36.47 -40.56
C PRO B 340 -63.76 37.75 -40.51
N ASP B 341 -63.66 38.46 -39.37
CA ASP B 341 -64.45 39.68 -39.06
C ASP B 341 -65.96 39.38 -39.07
N ASN B 342 -66.50 39.03 -37.89
CA ASN B 342 -67.90 38.59 -37.73
C ASN B 342 -68.76 39.67 -37.07
N GLU B 343 -69.61 40.33 -37.87
CA GLU B 343 -70.72 41.18 -37.40
C GLU B 343 -71.82 41.21 -38.48
N ASN B 344 -73.02 40.85 -38.06
CA ASN B 344 -74.25 40.93 -38.88
C ASN B 344 -74.70 42.39 -39.05
N LYS B 345 -74.40 43.22 -38.04
CA LYS B 345 -74.79 44.64 -37.98
C LYS B 345 -73.99 45.37 -36.88
N GLN B 346 -74.07 44.77 -35.69
CA GLN B 346 -73.44 45.26 -34.44
C GLN B 346 -73.37 44.07 -33.48
N TYR B 347 -74.42 43.24 -33.53
CA TYR B 347 -74.37 41.84 -33.11
C TYR B 347 -73.44 41.07 -34.08
N MET A 1 3.97 -12.23 -15.15
CA MET A 1 5.22 -11.44 -15.25
C MET A 1 5.08 -10.12 -14.46
N SER A 2 6.19 -9.65 -13.88
CA SER A 2 6.24 -8.42 -13.07
C SER A 2 6.38 -7.17 -13.98
N ALA A 3 5.37 -6.96 -14.86
CA ALA A 3 5.36 -5.89 -15.88
C ALA A 3 6.50 -6.08 -16.91
N SER A 4 6.68 -5.09 -17.81
CA SER A 4 7.81 -5.08 -18.75
C SER A 4 8.96 -4.22 -18.15
N LYS A 5 10.14 -4.83 -17.99
CA LYS A 5 11.29 -4.29 -17.20
C LYS A 5 11.72 -2.84 -17.57
N GLU A 6 11.75 -2.54 -18.86
CA GLU A 6 12.21 -1.23 -19.39
C GLU A 6 11.07 -0.20 -19.43
N GLU A 7 9.83 -0.69 -19.56
CA GLU A 7 8.62 0.16 -19.60
C GLU A 7 8.22 0.62 -18.19
N ILE A 8 8.41 -0.25 -17.19
CA ILE A 8 8.17 0.11 -15.77
C ILE A 8 9.34 0.98 -15.28
N ALA A 9 10.54 0.75 -15.85
CA ALA A 9 11.74 1.57 -15.60
C ALA A 9 11.54 3.00 -16.15
N ALA A 10 10.80 3.09 -17.28
CA ALA A 10 10.40 4.38 -17.86
C ALA A 10 9.49 5.17 -16.90
N LEU A 11 8.63 4.42 -16.17
CA LEU A 11 7.75 5.00 -15.12
C LEU A 11 8.60 5.43 -13.91
N ILE A 12 9.59 4.60 -13.54
CA ILE A 12 10.48 4.82 -12.39
C ILE A 12 11.23 6.16 -12.53
N VAL A 13 12.01 6.29 -13.61
CA VAL A 13 12.86 7.48 -13.82
C VAL A 13 12.01 8.75 -14.05
N ASN A 14 10.81 8.57 -14.65
CA ASN A 14 9.83 9.66 -14.88
C ASN A 14 9.33 10.22 -13.54
N TYR A 15 8.97 9.29 -12.65
CA TYR A 15 8.39 9.60 -11.35
C TYR A 15 9.44 10.25 -10.43
N PHE A 16 10.67 9.71 -10.45
CA PHE A 16 11.77 10.17 -9.60
C PHE A 16 12.37 11.49 -10.10
N SER A 17 12.18 11.80 -11.40
CA SER A 17 12.46 13.15 -11.95
C SER A 17 11.42 14.15 -11.44
N SER A 18 10.17 13.68 -11.28
CA SER A 18 9.06 14.49 -10.73
C SER A 18 9.20 14.67 -9.20
N ILE A 19 9.87 13.70 -8.52
CA ILE A 19 10.16 13.76 -7.08
C ILE A 19 11.15 14.90 -6.79
N VAL A 20 12.33 14.82 -7.42
CA VAL A 20 13.40 15.81 -7.24
C VAL A 20 12.96 17.22 -7.72
N GLU A 21 12.04 17.25 -8.70
CA GLU A 21 11.47 18.49 -9.28
C GLU A 21 10.52 19.17 -8.27
N LYS A 22 9.49 18.43 -7.80
CA LYS A 22 8.47 18.94 -6.85
C LYS A 22 9.06 19.10 -5.43
N LYS A 23 10.32 18.63 -5.22
CA LYS A 23 11.01 18.69 -3.93
C LYS A 23 10.27 17.81 -2.90
N GLU A 24 10.11 16.55 -3.28
CA GLU A 24 9.53 15.51 -2.43
C GLU A 24 10.62 14.82 -1.60
N ILE A 25 11.85 14.77 -2.14
CA ILE A 25 12.98 14.11 -1.46
C ILE A 25 13.86 15.16 -0.75
N SER A 26 14.44 14.75 0.40
CA SER A 26 15.43 15.54 1.13
C SER A 26 16.74 15.66 0.32
N GLU A 27 17.55 16.70 0.62
CA GLU A 27 18.88 16.90 0.00
C GLU A 27 19.78 15.66 0.20
N ASP A 28 19.68 15.09 1.40
CA ASP A 28 20.46 13.92 1.84
C ASP A 28 20.16 12.67 0.98
N GLY A 29 18.93 12.58 0.45
CA GLY A 29 18.52 11.49 -0.46
C GLY A 29 18.54 11.88 -1.95
N ALA A 30 18.69 13.18 -2.24
CA ALA A 30 18.50 13.75 -3.60
C ALA A 30 19.48 13.18 -4.65
N ASP A 31 20.79 13.23 -4.32
CA ASP A 31 21.87 12.72 -5.21
C ASP A 31 21.68 11.22 -5.48
N SER A 32 21.30 10.50 -4.42
CA SER A 32 21.12 9.05 -4.48
C SER A 32 20.04 8.64 -5.50
N LEU A 33 18.91 9.38 -5.52
CA LEU A 33 17.82 9.14 -6.50
C LEU A 33 18.22 9.63 -7.91
N ASN A 34 19.02 10.70 -7.98
CA ASN A 34 19.44 11.31 -9.24
C ASN A 34 20.32 10.34 -10.06
N VAL A 35 21.39 9.85 -9.41
CA VAL A 35 22.35 8.91 -10.02
C VAL A 35 21.69 7.56 -10.30
N ALA A 36 20.65 7.22 -9.50
CA ALA A 36 19.86 5.99 -9.66
C ALA A 36 19.10 6.00 -10.99
N MET A 37 18.36 7.09 -11.26
CA MET A 37 17.59 7.28 -12.50
C MET A 37 18.49 7.15 -13.73
N ASP A 38 19.67 7.78 -13.63
CA ASP A 38 20.70 7.80 -14.68
C ASP A 38 21.20 6.38 -15.01
N CYS A 39 21.45 5.59 -13.95
CA CYS A 39 21.93 4.22 -14.11
C CYS A 39 20.86 3.28 -14.69
N ILE A 40 19.59 3.50 -14.33
CA ILE A 40 18.46 2.71 -14.86
C ILE A 40 18.26 3.02 -16.37
N SER A 41 18.39 4.31 -16.74
CA SER A 41 18.27 4.77 -18.15
C SER A 41 19.46 4.28 -19.00
N GLU A 42 20.63 4.13 -18.37
CA GLU A 42 21.84 3.56 -19.00
C GLU A 42 21.67 2.05 -19.21
N ALA A 43 21.21 1.38 -18.14
CA ALA A 43 21.17 -0.09 -18.06
C ALA A 43 20.32 -0.72 -19.17
N PHE A 44 19.06 -0.30 -19.28
CA PHE A 44 18.15 -0.75 -20.34
C PHE A 44 18.43 0.00 -21.66
N GLY A 45 18.98 1.23 -21.53
CA GLY A 45 19.34 2.05 -22.69
C GLY A 45 18.15 2.68 -23.38
N PHE A 46 17.26 3.31 -22.57
CA PHE A 46 16.06 4.00 -23.09
C PHE A 46 16.19 5.52 -22.86
N GLU A 47 15.26 6.28 -23.48
CA GLU A 47 15.25 7.74 -23.38
C GLU A 47 14.67 8.19 -22.02
N ARG A 48 15.49 8.96 -21.26
CA ARG A 48 15.18 9.39 -19.88
C ARG A 48 13.97 10.35 -19.81
N GLU A 49 13.77 11.16 -20.87
CA GLU A 49 12.74 12.22 -20.88
C GLU A 49 11.54 11.84 -21.76
N ALA A 50 11.82 11.11 -22.87
CA ALA A 50 10.78 10.63 -23.81
C ALA A 50 10.06 9.36 -23.29
N VAL A 51 10.26 9.06 -21.99
CA VAL A 51 9.56 8.01 -21.25
C VAL A 51 8.03 8.07 -21.41
N SER A 52 7.47 9.27 -21.54
CA SER A 52 6.02 9.49 -21.71
C SER A 52 5.47 8.79 -22.98
N GLY A 53 6.32 8.69 -24.00
CA GLY A 53 6.00 7.97 -25.23
C GLY A 53 5.97 6.45 -25.03
N ILE A 54 6.87 5.95 -24.16
CA ILE A 54 6.97 4.52 -23.80
C ILE A 54 5.75 4.11 -22.94
N LEU A 55 5.38 4.99 -22.00
CA LEU A 55 4.25 4.80 -21.07
C LEU A 55 2.92 4.94 -21.80
N GLY A 56 2.93 5.71 -22.90
CA GLY A 56 1.78 5.82 -23.79
C GLY A 56 1.49 4.52 -24.53
N LYS A 57 2.54 3.71 -24.73
CA LYS A 57 2.44 2.38 -25.37
C LYS A 57 2.41 1.26 -24.30
N SER A 58 2.25 1.63 -23.02
CA SER A 58 2.26 0.68 -21.90
C SER A 58 0.95 0.78 -21.12
N GLU A 59 0.14 -0.29 -21.17
CA GLU A 59 -1.05 -0.45 -20.32
C GLU A 59 -0.66 -1.13 -19.00
N PHE A 60 0.63 -1.53 -18.88
CA PHE A 60 1.13 -2.37 -17.77
C PHE A 60 0.29 -3.68 -17.69
N LYS A 61 0.26 -4.34 -16.54
CA LYS A 61 -0.63 -5.51 -16.33
C LYS A 61 -1.62 -5.23 -15.18
N GLY A 62 -1.49 -4.04 -14.56
CA GLY A 62 -2.35 -3.67 -13.43
C GLY A 62 -2.40 -2.17 -13.17
N GLN A 63 -1.24 -1.50 -13.20
CA GLN A 63 -1.15 -0.04 -12.91
C GLN A 63 -1.83 0.79 -14.03
N HIS A 64 -1.08 1.10 -15.10
CA HIS A 64 -1.45 2.03 -16.19
C HIS A 64 -1.85 3.42 -15.65
N LEU A 65 -3.09 3.54 -15.14
CA LEU A 65 -3.66 4.79 -14.63
C LEU A 65 -4.10 4.60 -13.16
N ALA A 66 -4.70 5.66 -12.57
CA ALA A 66 -5.25 5.67 -11.19
C ALA A 66 -4.17 5.57 -10.10
N ASP A 67 -3.47 4.41 -10.06
CA ASP A 67 -2.30 4.20 -9.17
C ASP A 67 -1.11 5.06 -9.64
N ILE A 68 -1.03 5.34 -10.95
CA ILE A 68 0.00 6.22 -11.53
C ILE A 68 -0.63 7.09 -12.64
N LEU A 69 -0.56 8.43 -12.47
CA LEU A 69 -1.10 9.40 -13.44
C LEU A 69 0.01 9.88 -14.40
N ASN A 70 1.24 9.34 -14.24
CA ASN A 70 2.43 9.73 -15.02
C ASN A 70 2.36 9.21 -16.48
N SER A 71 1.40 8.30 -16.74
CA SER A 71 1.21 7.68 -18.06
C SER A 71 0.18 8.47 -18.93
N ALA A 72 -0.53 9.44 -18.30
CA ALA A 72 -1.58 10.25 -18.97
C ALA A 72 -1.51 11.72 -18.49
N SER A 73 -2.68 12.43 -18.45
CA SER A 73 -2.80 13.82 -17.95
C SER A 73 -2.14 14.83 -18.91
N ARG A 74 -2.94 15.45 -19.79
CA ARG A 74 -2.44 16.37 -20.83
C ARG A 74 -3.52 17.39 -21.21
N VAL A 75 -3.10 18.67 -21.40
CA VAL A 75 -4.00 19.78 -21.77
C VAL A 75 -4.39 19.73 -23.28
N PRO A 76 -5.67 20.12 -23.65
CA PRO A 76 -6.12 20.20 -25.06
C PRO A 76 -5.68 21.52 -25.74
N GLU A 77 -6.25 21.81 -26.92
CA GLU A 77 -5.91 23.01 -27.72
C GLU A 77 -7.20 23.82 -28.00
N SER A 78 -7.11 25.16 -27.91
CA SER A 78 -8.28 26.06 -28.06
C SER A 78 -8.26 26.83 -29.39
N ASN A 79 -7.18 26.68 -30.19
CA ASN A 79 -7.01 27.38 -31.50
C ASN A 79 -7.01 28.92 -31.27
N LYS A 80 -7.55 29.76 -32.20
CA LYS A 80 -7.72 31.21 -31.96
C LYS A 80 -9.06 31.49 -31.20
N LYS A 81 -9.68 30.39 -30.68
CA LYS A 81 -10.88 30.43 -29.82
C LYS A 81 -12.13 30.81 -30.63
N ASP A 82 -12.27 32.09 -30.97
CA ASP A 82 -13.33 32.59 -31.87
C ASP A 82 -12.64 33.37 -32.98
N ASP A 83 -12.15 34.56 -32.63
CA ASP A 83 -11.34 35.43 -33.48
C ASP A 83 -10.55 36.37 -32.59
N ALA A 84 -11.27 37.11 -31.72
CA ALA A 84 -10.68 38.03 -30.71
C ALA A 84 -9.70 39.02 -31.41
N GLU A 85 -8.60 39.41 -30.72
CA GLU A 85 -7.47 40.20 -31.30
C GLU A 85 -7.92 41.63 -31.72
N ASN A 86 -8.62 41.72 -32.89
CA ASN A 86 -9.22 42.94 -33.46
C ASN A 86 -8.18 43.82 -34.20
N VAL A 87 -6.92 43.83 -33.70
CA VAL A 87 -5.75 44.56 -34.23
C VAL A 87 -5.83 46.10 -34.06
N GLU A 88 -7.04 46.63 -33.75
CA GLU A 88 -7.30 48.05 -33.46
C GLU A 88 -6.92 48.99 -34.64
N ILE A 89 -7.04 50.32 -34.39
CA ILE A 89 -6.64 51.39 -35.33
C ILE A 89 -7.45 51.32 -36.66
N ASN A 90 -8.42 52.26 -36.83
CA ASN A 90 -9.24 52.40 -38.06
C ASN A 90 -10.21 51.21 -38.18
N ILE A 91 -11.52 51.48 -37.98
CA ILE A 91 -12.56 50.42 -37.85
C ILE A 91 -12.79 49.52 -39.12
N PRO A 92 -12.75 50.03 -40.42
CA PRO A 92 -13.03 49.18 -41.60
C PRO A 92 -11.99 48.08 -41.85
N GLU A 93 -12.48 46.86 -42.09
CA GLU A 93 -11.65 45.73 -42.53
C GLU A 93 -11.64 45.69 -44.08
N ASP A 94 -12.75 45.26 -44.68
CA ASP A 94 -12.91 45.21 -46.14
C ASP A 94 -13.60 46.48 -46.69
N ASP A 95 -14.88 46.68 -46.32
CA ASP A 95 -15.80 47.63 -47.00
C ASP A 95 -16.52 48.57 -46.00
N ALA A 96 -16.31 48.32 -44.69
CA ALA A 96 -17.11 48.95 -43.61
C ALA A 96 -17.19 50.50 -43.72
N GLU A 97 -16.06 51.17 -44.05
CA GLU A 97 -16.02 52.64 -44.15
C GLU A 97 -16.65 53.11 -45.46
N THR A 98 -16.37 52.41 -46.57
CA THR A 98 -16.74 52.87 -47.91
C THR A 98 -18.27 52.85 -48.13
N LYS A 99 -18.94 51.84 -47.56
CA LYS A 99 -20.41 51.75 -47.56
C LYS A 99 -21.01 52.95 -46.80
N ALA A 100 -20.44 53.22 -45.61
CA ALA A 100 -20.86 54.35 -44.76
C ALA A 100 -20.44 55.69 -45.36
N LYS A 101 -19.35 55.68 -46.16
CA LYS A 101 -18.72 56.88 -46.73
C LYS A 101 -19.69 57.55 -47.69
N ALA A 102 -20.17 56.78 -48.69
CA ALA A 102 -21.11 57.27 -49.72
C ALA A 102 -22.39 57.86 -49.08
N GLU A 103 -22.77 57.30 -47.92
CA GLU A 103 -23.95 57.74 -47.16
C GLU A 103 -23.65 59.09 -46.43
N ASP A 104 -22.41 59.25 -45.95
CA ASP A 104 -21.95 60.50 -45.29
C ASP A 104 -21.73 61.63 -46.33
N LEU A 105 -21.32 61.24 -47.54
CA LEU A 105 -21.09 62.18 -48.66
C LEU A 105 -22.42 62.63 -49.27
N LYS A 106 -23.45 61.78 -49.09
CA LYS A 106 -24.84 62.08 -49.43
C LYS A 106 -25.43 63.08 -48.42
N MET A 107 -25.13 62.86 -47.13
CA MET A 107 -25.65 63.66 -46.01
C MET A 107 -24.93 65.04 -45.91
N GLN A 108 -23.64 64.98 -45.57
CA GLN A 108 -22.77 66.16 -45.37
C GLN A 108 -22.53 66.94 -46.68
N GLY A 109 -22.51 66.20 -47.81
CA GLY A 109 -22.34 66.80 -49.14
C GLY A 109 -23.57 67.59 -49.58
N ASN A 110 -24.77 67.08 -49.26
CA ASN A 110 -26.05 67.78 -49.55
C ASN A 110 -26.18 69.03 -48.67
N LYS A 111 -25.65 68.94 -47.43
CA LYS A 111 -25.57 70.09 -46.51
C LYS A 111 -24.61 71.15 -47.09
N ALA A 112 -23.52 70.69 -47.73
CA ALA A 112 -22.52 71.59 -48.36
C ALA A 112 -23.16 72.42 -49.49
N MET A 113 -24.09 71.80 -50.24
CA MET A 113 -24.91 72.48 -51.27
C MET A 113 -25.78 73.58 -50.62
N ALA A 114 -26.42 73.23 -49.49
CA ALA A 114 -27.26 74.17 -48.71
C ALA A 114 -26.41 75.23 -47.98
N ASN A 115 -25.12 74.92 -47.78
CA ASN A 115 -24.12 75.82 -47.16
C ASN A 115 -23.51 76.75 -48.23
N LYS A 116 -24.01 76.62 -49.48
CA LYS A 116 -23.64 77.46 -50.65
C LYS A 116 -22.27 77.09 -51.21
N ASP A 117 -21.62 76.04 -50.67
CA ASP A 117 -20.35 75.51 -51.18
C ASP A 117 -20.67 74.33 -52.10
N TYR A 118 -21.06 74.64 -53.34
CA TYR A 118 -21.45 73.65 -54.34
C TYR A 118 -20.22 72.85 -54.83
N GLU A 119 -19.03 73.46 -54.72
CA GLU A 119 -17.76 72.83 -55.11
C GLU A 119 -17.47 71.61 -54.22
N LEU A 120 -17.57 71.81 -52.90
CA LEU A 120 -17.36 70.76 -51.89
C LEU A 120 -18.48 69.70 -51.97
N ALA A 121 -19.69 70.15 -52.30
CA ALA A 121 -20.85 69.29 -52.50
C ALA A 121 -20.60 68.26 -53.63
N ILE A 122 -20.34 68.78 -54.85
CA ILE A 122 -20.10 67.96 -56.05
C ILE A 122 -18.82 67.10 -55.89
N ASN A 123 -17.83 67.65 -55.17
CA ASN A 123 -16.58 66.94 -54.82
C ASN A 123 -16.88 65.64 -54.04
N LYS A 124 -17.89 65.69 -53.17
CA LYS A 124 -18.31 64.53 -52.35
C LYS A 124 -19.35 63.66 -53.08
N TYR A 125 -20.07 64.23 -54.08
CA TYR A 125 -21.02 63.43 -54.91
C TYR A 125 -20.25 62.52 -55.89
N THR A 126 -19.06 62.98 -56.33
CA THR A 126 -18.18 62.19 -57.21
C THR A 126 -17.56 61.00 -56.44
N GLU A 127 -17.17 61.27 -55.19
CA GLU A 127 -16.62 60.27 -54.27
C GLU A 127 -17.70 59.25 -53.84
N ALA A 128 -18.95 59.72 -53.70
CA ALA A 128 -20.09 58.87 -53.33
C ALA A 128 -20.44 57.87 -54.47
N ILE A 129 -20.49 58.40 -55.70
CA ILE A 129 -20.73 57.61 -56.92
C ILE A 129 -19.58 56.63 -57.17
N LYS A 130 -18.36 57.02 -56.81
CA LYS A 130 -17.17 56.15 -56.94
C LYS A 130 -17.36 54.84 -56.14
N VAL A 131 -18.01 54.97 -54.96
CA VAL A 131 -18.37 53.81 -54.14
C VAL A 131 -19.52 53.03 -54.82
N LEU A 132 -20.68 53.68 -55.01
CA LEU A 132 -21.89 53.04 -55.56
C LEU A 132 -22.43 53.82 -56.78
N PRO A 133 -21.91 53.53 -58.03
CA PRO A 133 -22.34 54.21 -59.28
C PRO A 133 -23.68 53.71 -59.81
N THR A 134 -24.31 52.79 -59.05
CA THR A 134 -25.64 52.25 -59.35
C THR A 134 -26.77 53.25 -58.99
N ASN A 135 -26.42 54.39 -58.36
CA ASN A 135 -27.40 55.39 -57.90
C ASN A 135 -27.42 56.62 -58.82
N ALA A 136 -28.54 56.80 -59.56
CA ALA A 136 -28.74 57.95 -60.46
C ALA A 136 -29.08 59.25 -59.69
N ILE A 137 -29.48 59.12 -58.41
CA ILE A 137 -29.84 60.27 -57.56
C ILE A 137 -28.69 61.28 -57.41
N TYR A 138 -27.46 60.77 -57.27
CA TYR A 138 -26.26 61.62 -57.09
C TYR A 138 -25.88 62.35 -58.40
N TYR A 139 -26.09 61.67 -59.55
CA TYR A 139 -25.80 62.26 -60.89
C TYR A 139 -26.68 63.48 -61.14
N ALA A 140 -27.98 63.33 -60.82
CA ALA A 140 -28.96 64.42 -60.91
C ALA A 140 -28.66 65.51 -59.87
N ASN A 141 -28.17 65.08 -58.69
CA ASN A 141 -27.82 65.96 -57.56
C ASN A 141 -26.59 66.83 -57.92
N ARG A 142 -25.66 66.25 -58.73
CA ARG A 142 -24.56 67.00 -59.32
C ARG A 142 -25.12 68.05 -60.31
N ALA A 143 -25.95 67.55 -61.24
CA ALA A 143 -26.49 68.32 -62.38
C ALA A 143 -27.33 69.53 -61.91
N ALA A 144 -27.99 69.38 -60.76
CA ALA A 144 -28.79 70.44 -60.13
C ALA A 144 -27.88 71.50 -59.48
N ALA A 145 -26.78 71.03 -58.85
CA ALA A 145 -25.74 71.90 -58.26
C ALA A 145 -24.95 72.66 -59.35
N HIS A 146 -24.86 72.03 -60.54
CA HIS A 146 -24.23 72.64 -61.73
C HIS A 146 -25.17 73.71 -62.32
N SER A 147 -26.46 73.39 -62.45
CA SER A 147 -27.48 74.34 -62.96
C SER A 147 -27.64 75.54 -62.00
N SER A 148 -27.33 75.31 -60.71
CA SER A 148 -27.30 76.35 -59.68
C SER A 148 -26.17 77.36 -59.96
N LEU A 149 -24.99 76.83 -60.37
CA LEU A 149 -23.82 77.66 -60.75
C LEU A 149 -23.79 77.99 -62.26
N LYS A 150 -24.85 77.57 -62.99
CA LYS A 150 -25.02 77.78 -64.45
C LYS A 150 -23.95 77.04 -65.29
N GLU A 151 -23.33 76.01 -64.68
CA GLU A 151 -22.41 75.09 -65.36
C GLU A 151 -23.23 74.09 -66.20
N TYR A 152 -23.69 74.54 -67.38
CA TYR A 152 -24.63 73.77 -68.22
C TYR A 152 -23.94 72.64 -68.97
N ASP A 153 -22.70 72.89 -69.41
CA ASP A 153 -21.83 71.89 -70.09
C ASP A 153 -21.55 70.69 -69.16
N GLN A 154 -21.44 71.00 -67.86
CA GLN A 154 -21.28 70.01 -66.79
C GLN A 154 -22.60 69.28 -66.54
N ALA A 155 -23.71 70.06 -66.47
CA ALA A 155 -25.06 69.54 -66.17
C ALA A 155 -25.55 68.57 -67.27
N VAL A 156 -25.10 68.79 -68.52
CA VAL A 156 -25.37 67.89 -69.65
C VAL A 156 -24.86 66.48 -69.34
N LYS A 157 -23.57 66.40 -68.96
CA LYS A 157 -22.85 65.12 -68.79
C LYS A 157 -23.45 64.26 -67.65
N ASP A 158 -23.61 64.87 -66.48
CA ASP A 158 -24.03 64.15 -65.25
C ASP A 158 -25.49 63.68 -65.34
N ALA A 159 -26.35 64.54 -65.89
CA ALA A 159 -27.76 64.22 -66.11
C ALA A 159 -27.92 63.09 -67.16
N GLU A 160 -27.01 63.09 -68.15
CA GLU A 160 -26.96 62.07 -69.22
C GLU A 160 -26.37 60.74 -68.69
N SER A 161 -25.49 60.83 -67.70
CA SER A 161 -24.90 59.65 -67.03
C SER A 161 -25.93 59.00 -66.09
N ALA A 162 -26.91 59.80 -65.62
CA ALA A 162 -28.07 59.29 -64.86
C ALA A 162 -28.99 58.43 -65.75
N ILE A 163 -29.03 58.78 -67.05
CA ILE A 163 -29.79 58.04 -68.08
C ILE A 163 -29.14 56.66 -68.37
N SER A 164 -27.81 56.58 -68.17
CA SER A 164 -27.04 55.32 -68.33
C SER A 164 -27.45 54.28 -67.27
N ILE A 165 -27.65 54.77 -66.03
CA ILE A 165 -28.08 53.94 -64.88
C ILE A 165 -29.57 53.62 -65.00
N ASP A 166 -30.34 54.58 -65.51
CA ASP A 166 -31.81 54.46 -65.62
C ASP A 166 -32.32 55.28 -66.84
N PRO A 167 -32.76 54.60 -67.96
CA PRO A 167 -33.18 55.30 -69.22
C PRO A 167 -34.59 55.94 -69.13
N SER A 168 -35.26 55.71 -68.00
CA SER A 168 -36.59 56.27 -67.71
C SER A 168 -36.46 57.51 -66.80
N TYR A 169 -35.23 57.77 -66.31
CA TYR A 169 -34.95 58.81 -65.30
C TYR A 169 -35.17 60.22 -65.90
N PHE A 170 -36.42 60.73 -65.76
CA PHE A 170 -36.85 62.00 -66.37
C PHE A 170 -36.13 63.21 -65.77
N ARG A 171 -35.64 63.06 -64.51
CA ARG A 171 -34.84 64.09 -63.83
C ARG A 171 -33.56 64.37 -64.66
N GLY A 172 -33.00 63.30 -65.24
CA GLY A 172 -31.86 63.40 -66.14
C GLY A 172 -32.19 64.23 -67.37
N TYR A 173 -33.34 63.95 -68.00
CA TYR A 173 -33.79 64.67 -69.22
C TYR A 173 -34.20 66.13 -68.92
N SER A 174 -34.57 66.42 -67.66
CA SER A 174 -34.98 67.77 -67.24
C SER A 174 -33.75 68.71 -67.18
N ARG A 175 -32.69 68.25 -66.49
CA ARG A 175 -31.43 69.03 -66.36
C ARG A 175 -30.66 69.05 -67.69
N LEU A 176 -30.75 67.94 -68.45
CA LEU A 176 -30.15 67.81 -69.79
C LEU A 176 -30.77 68.86 -70.72
N GLY A 177 -32.11 68.87 -70.77
CA GLY A 177 -32.87 69.77 -71.61
C GLY A 177 -32.67 71.24 -71.28
N PHE A 178 -32.66 71.56 -69.97
CA PHE A 178 -32.48 72.96 -69.51
C PHE A 178 -31.07 73.45 -69.83
N ALA A 179 -30.09 72.54 -69.73
CA ALA A 179 -28.70 72.84 -70.03
C ALA A 179 -28.52 73.17 -71.53
N LYS A 180 -29.20 72.39 -72.41
CA LYS A 180 -29.15 72.61 -73.87
C LYS A 180 -29.83 73.93 -74.25
N TYR A 181 -31.07 74.12 -73.74
CA TYR A 181 -31.90 75.31 -73.99
C TYR A 181 -31.17 76.59 -73.58
N ALA A 182 -30.58 76.56 -72.38
CA ALA A 182 -29.88 77.71 -71.81
C ALA A 182 -28.65 78.09 -72.65
N GLN A 183 -27.96 77.07 -73.22
CA GLN A 183 -26.80 77.29 -74.11
C GLN A 183 -27.23 77.74 -75.53
N GLY A 184 -28.55 77.86 -75.76
CA GLY A 184 -29.10 78.38 -77.02
C GLY A 184 -29.43 77.30 -78.03
N LYS A 185 -29.69 76.08 -77.53
CA LYS A 185 -30.05 74.93 -78.37
C LYS A 185 -31.49 74.47 -78.00
N PRO A 186 -32.54 75.08 -78.65
CA PRO A 186 -33.96 74.85 -78.27
C PRO A 186 -34.51 73.50 -78.78
N GLU A 187 -34.00 73.02 -79.91
CA GLU A 187 -34.48 71.81 -80.59
C GLU A 187 -33.99 70.54 -79.85
N GLU A 188 -32.79 70.65 -79.26
CA GLU A 188 -32.20 69.59 -78.41
C GLU A 188 -33.02 69.44 -77.13
N ALA A 189 -33.32 70.61 -76.52
CA ALA A 189 -34.16 70.70 -75.33
C ALA A 189 -35.57 70.18 -75.60
N LEU A 190 -36.11 70.57 -76.76
CA LEU A 190 -37.49 70.28 -77.17
C LEU A 190 -37.74 68.77 -77.23
N GLU A 191 -36.71 68.03 -77.67
CA GLU A 191 -36.75 66.55 -77.80
C GLU A 191 -36.44 65.87 -76.46
N ALA A 192 -35.67 66.54 -75.58
CA ALA A 192 -35.40 66.06 -74.21
C ALA A 192 -36.66 66.15 -73.32
N TYR A 193 -37.48 67.17 -73.61
CA TYR A 193 -38.75 67.41 -72.89
C TYR A 193 -39.87 66.59 -73.53
N LYS A 194 -39.81 66.42 -74.87
CA LYS A 194 -40.71 65.51 -75.63
C LYS A 194 -40.61 64.10 -75.02
N LYS A 195 -39.36 63.70 -74.72
CA LYS A 195 -39.05 62.42 -74.08
C LYS A 195 -39.87 62.25 -72.79
N VAL A 196 -39.78 63.25 -71.89
CA VAL A 196 -40.47 63.21 -70.59
C VAL A 196 -42.00 63.17 -70.78
N LEU A 197 -42.51 63.98 -71.71
CA LEU A 197 -43.95 64.02 -72.05
C LEU A 197 -44.46 62.66 -72.56
N ASP A 198 -43.59 61.97 -73.31
CA ASP A 198 -43.90 60.70 -73.99
C ASP A 198 -43.87 59.53 -72.99
N ILE A 199 -42.72 59.38 -72.29
CA ILE A 199 -42.44 58.21 -71.44
C ILE A 199 -43.27 58.23 -70.13
N GLU A 200 -43.68 59.44 -69.68
CA GLU A 200 -44.59 59.57 -68.52
C GLU A 200 -46.05 59.59 -68.98
N GLY A 201 -46.26 59.99 -70.25
CA GLY A 201 -47.60 60.11 -70.82
C GLY A 201 -48.34 61.33 -70.29
N ASP A 202 -49.54 61.12 -69.73
CA ASP A 202 -50.38 62.21 -69.17
C ASP A 202 -49.86 62.68 -67.80
N ASN A 203 -48.98 61.85 -67.19
CA ASN A 203 -48.38 62.12 -65.85
C ASN A 203 -47.40 63.31 -65.87
N ALA A 204 -47.14 63.86 -67.07
CA ALA A 204 -46.28 65.02 -67.29
C ALA A 204 -46.76 66.25 -66.47
N THR A 205 -45.94 66.66 -65.50
CA THR A 205 -46.25 67.80 -64.60
C THR A 205 -46.12 69.15 -65.32
N GLU A 206 -46.48 70.24 -64.60
CA GLU A 206 -46.42 71.61 -65.12
C GLU A 206 -45.03 71.95 -65.68
N ALA A 207 -43.99 71.53 -64.94
CA ALA A 207 -42.59 71.75 -65.33
C ALA A 207 -42.29 71.14 -66.70
N MET A 208 -42.72 69.89 -66.87
CA MET A 208 -42.41 69.09 -68.08
C MET A 208 -43.04 69.71 -69.36
N LYS A 209 -44.31 70.14 -69.23
CA LYS A 209 -45.10 70.68 -70.36
C LYS A 209 -44.85 72.19 -70.59
N ARG A 210 -44.36 72.89 -69.55
CA ARG A 210 -44.02 74.34 -69.63
C ARG A 210 -42.65 74.52 -70.27
N ASP A 211 -41.72 73.61 -69.92
CA ASP A 211 -40.36 73.58 -70.48
C ASP A 211 -40.39 73.25 -71.98
N TYR A 212 -41.39 72.46 -72.41
CA TYR A 212 -41.64 72.20 -73.83
C TYR A 212 -41.96 73.52 -74.58
N GLU A 213 -42.90 74.29 -74.00
CA GLU A 213 -43.33 75.59 -74.56
C GLU A 213 -42.19 76.63 -74.50
N SER A 214 -41.33 76.52 -73.47
CA SER A 214 -40.17 77.38 -73.27
C SER A 214 -39.13 77.15 -74.39
N ALA A 215 -38.90 75.87 -74.72
CA ALA A 215 -38.00 75.48 -75.82
C ALA A 215 -38.62 75.79 -77.20
N LYS A 216 -39.96 75.73 -77.25
CA LYS A 216 -40.74 75.90 -78.50
C LYS A 216 -40.82 77.37 -78.93
N LYS A 217 -40.96 78.30 -77.96
CA LYS A 217 -41.12 79.76 -78.25
C LYS A 217 -39.89 80.34 -78.97
N LYS A 218 -38.74 79.68 -78.76
CA LYS A 218 -37.48 80.05 -79.40
C LYS A 218 -37.47 79.59 -80.88
N VAL A 219 -38.17 78.49 -81.17
CA VAL A 219 -38.32 77.94 -82.54
C VAL A 219 -39.34 78.77 -83.35
N GLU A 220 -40.30 79.43 -82.66
CA GLU A 220 -41.38 80.24 -83.31
C GLU A 220 -40.82 81.47 -84.06
N GLN A 221 -39.57 81.83 -83.76
CA GLN A 221 -38.86 82.93 -84.44
C GLN A 221 -38.59 82.58 -85.92
N SER A 222 -38.46 81.27 -86.19
CA SER A 222 -38.29 80.71 -87.55
C SER A 222 -39.62 80.76 -88.32
N LEU A 223 -40.75 80.71 -87.58
CA LEU A 223 -42.11 80.78 -88.15
C LEU A 223 -42.48 82.24 -88.52
N ASN A 224 -41.73 83.21 -87.97
CA ASN A 224 -41.88 84.65 -88.30
C ASN A 224 -41.29 84.97 -89.71
N LEU A 225 -40.64 83.97 -90.35
CA LEU A 225 -40.03 84.10 -91.70
C LEU A 225 -41.10 83.88 -92.81
N GLU A 226 -42.35 84.25 -92.51
CA GLU A 226 -43.49 84.17 -93.44
C GLU A 226 -43.33 85.13 -94.64
N LYS A 227 -44.01 84.80 -95.74
CA LYS A 227 -43.87 85.50 -97.05
C LYS A 227 -45.10 86.40 -97.31
N THR A 228 -44.84 87.69 -97.64
CA THR A 228 -45.89 88.71 -97.82
C THR A 228 -45.81 89.36 -99.22
N VAL A 229 -44.85 90.28 -99.43
CA VAL A 229 -44.55 90.86 -100.77
C VAL A 229 -43.41 90.08 -101.46
N PRO A 230 -42.20 89.84 -100.81
CA PRO A 230 -41.05 89.14 -101.47
C PRO A 230 -41.44 87.74 -102.00
N GLU A 231 -41.60 87.64 -103.34
CA GLU A 231 -42.16 86.49 -104.06
C GLU A 231 -43.67 86.30 -103.73
N GLN A 232 -44.53 86.51 -104.75
CA GLN A 232 -46.03 86.37 -104.65
C GLN A 232 -46.67 87.46 -103.76
N SER A 233 -47.90 87.89 -104.13
CA SER A 233 -48.75 88.78 -103.30
C SER A 233 -50.16 88.89 -103.92
N ARG A 234 -50.42 89.93 -104.75
CA ARG A 234 -51.74 90.26 -105.32
C ARG A 234 -52.24 89.19 -106.33
N ASP A 235 -51.29 88.39 -106.85
CA ASP A 235 -51.57 87.27 -107.76
C ASP A 235 -52.47 86.23 -107.08
N ALA A 236 -52.12 85.91 -105.82
CA ALA A 236 -52.84 84.93 -104.99
C ALA A 236 -54.28 85.39 -104.67
N ASP A 237 -54.46 86.71 -104.55
CA ASP A 237 -55.79 87.35 -104.35
C ASP A 237 -56.67 87.22 -105.60
N VAL A 238 -56.01 87.23 -106.78
CA VAL A 238 -56.64 87.20 -108.14
C VAL A 238 -57.60 88.41 -108.37
N ASP A 239 -57.40 89.47 -107.55
CA ASP A 239 -58.20 90.71 -107.59
C ASP A 239 -57.68 91.63 -108.71
N ALA A 240 -58.30 91.50 -109.89
CA ALA A 240 -57.98 92.29 -111.10
C ALA A 240 -59.00 91.94 -112.19
N SER A 241 -59.05 90.63 -112.51
CA SER A 241 -60.02 90.05 -113.44
C SER A 241 -60.14 88.55 -113.13
N GLN A 242 -61.37 88.02 -113.20
CA GLN A 242 -61.66 86.58 -113.00
C GLN A 242 -62.24 86.00 -114.32
N GLY A 243 -61.97 86.71 -115.44
CA GLY A 243 -62.39 86.28 -116.78
C GLY A 243 -63.86 86.55 -117.04
N ALA A 244 -64.68 85.49 -116.96
CA ALA A 244 -66.14 85.57 -117.18
C ALA A 244 -66.82 86.21 -115.97
N SER A 245 -66.76 87.55 -115.92
CA SER A 245 -67.20 88.36 -114.77
C SER A 245 -67.51 89.78 -115.26
N ALA A 246 -66.51 90.38 -115.93
CA ALA A 246 -66.61 91.70 -116.56
C ALA A 246 -66.55 91.55 -118.09
N GLY A 247 -67.03 90.40 -118.57
CA GLY A 247 -66.92 90.01 -119.98
C GLY A 247 -66.02 88.78 -120.13
N GLY A 248 -64.85 88.97 -120.78
CA GLY A 248 -63.85 87.91 -120.93
C GLY A 248 -64.25 86.81 -121.92
N LEU A 249 -65.25 87.11 -122.77
CA LEU A 249 -65.88 86.15 -123.68
C LEU A 249 -65.46 86.41 -125.15
N PRO A 250 -64.79 85.43 -125.83
CA PRO A 250 -64.31 85.60 -127.23
C PRO A 250 -65.42 85.41 -128.30
N ASP A 251 -66.58 84.88 -127.89
CA ASP A 251 -67.67 84.53 -128.80
C ASP A 251 -68.72 85.67 -128.91
N LEU A 252 -69.49 85.87 -127.81
CA LEU A 252 -70.59 86.87 -127.71
C LEU A 252 -71.66 86.62 -128.80
N GLY A 253 -72.73 85.89 -128.41
CA GLY A 253 -73.84 85.58 -129.32
C GLY A 253 -73.60 84.29 -130.09
N SER A 254 -72.37 84.11 -130.60
CA SER A 254 -71.97 82.93 -131.34
C SER A 254 -71.72 81.77 -130.37
N LEU A 255 -72.81 81.00 -130.09
CA LEU A 255 -72.83 79.87 -129.13
C LEU A 255 -72.71 80.39 -127.67
N LEU A 256 -71.52 80.84 -127.29
CA LEU A 256 -71.25 81.39 -125.94
C LEU A 256 -71.59 82.90 -125.92
N GLY A 257 -72.18 83.38 -124.81
CA GLY A 257 -72.57 84.78 -124.67
C GLY A 257 -73.97 85.04 -125.22
N GLY A 258 -74.88 84.08 -124.98
CA GLY A 258 -76.26 84.17 -125.45
C GLY A 258 -76.42 83.76 -126.92
N GLY A 259 -77.25 84.51 -127.65
CA GLY A 259 -77.54 84.24 -129.05
C GLY A 259 -78.23 85.44 -129.71
N LEU A 260 -79.16 85.16 -130.66
CA LEU A 260 -79.99 86.18 -131.36
C LEU A 260 -79.11 87.15 -132.21
N GLY A 261 -79.26 87.05 -133.55
CA GLY A 261 -78.60 87.97 -134.51
C GLY A 261 -79.14 89.40 -134.44
N GLY A 262 -80.20 89.60 -133.65
CA GLY A 262 -80.73 90.92 -133.31
C GLY A 262 -81.75 91.43 -134.31
N LEU A 263 -82.13 90.58 -135.28
CA LEU A 263 -83.14 90.87 -136.35
C LEU A 263 -82.57 91.79 -137.47
N MET A 264 -81.67 92.73 -137.10
CA MET A 264 -80.95 93.61 -138.06
C MET A 264 -80.19 92.77 -139.11
N ASN A 265 -80.21 93.25 -140.38
CA ASN A 265 -79.55 92.57 -141.53
C ASN A 265 -78.01 92.62 -141.45
N ASN A 266 -77.35 92.22 -142.55
CA ASN A 266 -75.89 92.13 -142.67
C ASN A 266 -75.34 91.00 -141.77
N PRO A 267 -75.49 89.72 -142.19
CA PRO A 267 -74.69 88.61 -141.63
C PRO A 267 -73.29 88.56 -142.28
N GLN A 268 -72.34 87.97 -141.54
CA GLN A 268 -70.90 87.84 -141.87
C GLN A 268 -70.29 89.09 -142.61
N LEU A 269 -70.49 89.20 -143.94
CA LEU A 269 -70.03 90.36 -144.76
C LEU A 269 -71.17 90.77 -145.72
N MET A 270 -72.31 91.20 -145.12
CA MET A 270 -73.55 91.64 -145.82
C MET A 270 -74.30 90.44 -146.44
N GLN A 271 -73.65 89.78 -147.37
CA GLN A 271 -74.16 88.59 -148.07
C GLN A 271 -73.22 87.40 -147.84
N ALA A 272 -73.36 86.34 -148.65
CA ALA A 272 -72.50 85.13 -148.58
C ALA A 272 -71.10 85.37 -149.18
N ALA A 273 -70.74 86.64 -149.46
CA ALA A 273 -69.45 87.03 -150.08
C ALA A 273 -68.22 86.50 -149.32
N GLN A 274 -68.37 86.36 -147.99
CA GLN A 274 -67.28 85.88 -147.11
C GLN A 274 -66.80 84.45 -147.48
N LYS A 275 -67.77 83.54 -147.66
CA LYS A 275 -67.46 82.12 -147.96
C LYS A 275 -67.12 81.95 -149.46
N MET A 276 -66.07 81.17 -149.75
CA MET A 276 -65.68 80.86 -151.14
C MET A 276 -66.55 79.68 -151.67
N MET A 277 -67.31 79.97 -152.74
CA MET A 277 -68.15 78.98 -153.44
C MET A 277 -68.04 79.21 -154.96
N SER A 278 -68.83 80.16 -155.50
CA SER A 278 -68.86 80.49 -156.92
C SER A 278 -69.52 81.87 -157.13
N ASN A 279 -69.07 82.59 -158.17
CA ASN A 279 -69.69 83.86 -158.61
C ASN A 279 -71.00 83.61 -159.42
N PRO A 280 -71.14 82.50 -160.24
CA PRO A 280 -72.48 82.02 -160.69
C PRO A 280 -73.26 81.33 -159.54
N GLY A 281 -74.60 81.30 -159.66
CA GLY A 281 -75.45 80.61 -158.67
C GLY A 281 -75.22 79.11 -158.65
N ALA A 282 -74.93 78.55 -159.84
CA ALA A 282 -74.57 77.13 -160.01
C ALA A 282 -73.89 76.93 -161.38
N MET A 283 -74.70 76.53 -162.42
CA MET A 283 -74.20 76.18 -163.79
C MET A 283 -73.03 75.18 -163.76
N GLN A 284 -73.07 74.26 -162.76
CA GLN A 284 -72.04 73.24 -162.53
C GLN A 284 -71.77 72.39 -163.79
N ASN A 285 -72.82 71.70 -164.30
CA ASN A 285 -72.76 70.98 -165.60
C ASN A 285 -74.17 70.46 -165.97
N ILE A 286 -75.09 71.39 -166.27
CA ILE A 286 -76.47 71.03 -166.73
C ILE A 286 -76.87 71.91 -167.93
N GLN A 287 -76.43 73.19 -167.91
CA GLN A 287 -76.78 74.20 -168.92
C GLN A 287 -75.51 74.90 -169.45
N LYS A 288 -74.46 74.10 -169.62
CA LYS A 288 -73.16 74.54 -170.18
C LYS A 288 -73.26 74.60 -171.73
N MET A 289 -72.12 74.81 -172.45
CA MET A 289 -72.06 74.72 -173.92
C MET A 289 -72.42 73.27 -174.37
N MET A 290 -73.73 73.04 -174.50
CA MET A 290 -74.31 71.73 -174.80
C MET A 290 -75.84 71.85 -174.89
N GLN A 291 -76.40 72.73 -174.03
CA GLN A 291 -77.85 72.90 -173.82
C GLN A 291 -78.64 73.04 -175.16
N ASP A 292 -78.64 74.27 -175.72
CA ASP A 292 -79.39 74.59 -176.95
C ASP A 292 -79.10 76.05 -177.42
N PRO A 293 -79.26 77.13 -176.57
CA PRO A 293 -78.89 78.51 -176.98
C PRO A 293 -77.37 78.69 -177.10
N SER A 294 -76.63 77.73 -176.51
CA SER A 294 -75.19 77.60 -176.63
C SER A 294 -74.77 77.45 -178.10
N ILE A 295 -75.44 76.53 -178.81
CA ILE A 295 -75.13 76.18 -180.20
C ILE A 295 -76.22 76.76 -181.13
N ARG A 296 -77.42 76.11 -181.13
CA ARG A 296 -78.55 76.39 -182.06
C ARG A 296 -78.11 76.78 -183.49
N GLN A 297 -77.16 76.02 -184.02
CA GLN A 297 -76.47 76.34 -185.30
C GLN A 297 -76.76 75.24 -186.35
N MET A 298 -76.34 75.50 -187.61
CA MET A 298 -76.52 74.59 -188.76
C MET A 298 -77.99 74.48 -189.17
N ALA A 299 -78.38 75.21 -190.22
CA ALA A 299 -79.75 75.21 -190.75
C ALA A 299 -79.87 74.32 -192.01
N GLU A 300 -78.85 73.45 -192.24
CA GLU A 300 -78.74 72.63 -193.47
C GLU A 300 -79.91 71.63 -193.64
N GLY A 301 -80.60 71.31 -192.53
CA GLY A 301 -81.71 70.35 -192.55
C GLY A 301 -83.07 70.95 -192.93
N PHE A 302 -83.06 72.17 -193.53
CA PHE A 302 -84.26 72.90 -194.03
C PHE A 302 -85.12 73.39 -192.84
N ALA A 303 -85.79 72.44 -192.16
CA ALA A 303 -86.45 72.66 -190.84
C ALA A 303 -87.68 73.57 -190.91
N SER A 304 -88.14 73.90 -192.13
CA SER A 304 -89.33 74.74 -192.35
C SER A 304 -90.60 73.90 -192.10
N GLY A 305 -90.97 73.80 -190.80
CA GLY A 305 -92.11 73.00 -190.35
C GLY A 305 -91.81 71.50 -190.33
N GLY A 306 -92.89 70.70 -190.22
CA GLY A 306 -92.80 69.24 -190.38
C GLY A 306 -92.56 68.85 -191.83
N GLY A 307 -92.99 69.74 -192.75
CA GLY A 307 -92.81 69.54 -194.20
C GLY A 307 -93.89 68.66 -194.81
N THR A 308 -93.98 67.44 -194.29
CA THR A 308 -94.95 66.43 -194.73
C THR A 308 -96.24 66.48 -193.85
N PRO A 309 -97.46 66.37 -194.47
CA PRO A 309 -98.72 66.13 -193.71
C PRO A 309 -98.87 64.64 -193.35
N ASN A 310 -100.12 64.18 -193.10
CA ASN A 310 -100.40 62.73 -192.92
C ASN A 310 -100.20 62.01 -194.27
N LEU A 311 -99.00 61.46 -194.46
CA LEU A 311 -98.65 60.67 -195.66
C LEU A 311 -99.53 59.42 -195.80
N SER A 312 -100.03 58.91 -194.66
CA SER A 312 -100.88 57.70 -194.61
C SER A 312 -102.34 57.99 -195.05
N ASP A 313 -102.72 59.29 -195.10
CA ASP A 313 -104.09 59.77 -195.46
C ASP A 313 -104.61 59.19 -196.79
N LEU A 314 -103.66 58.84 -197.70
CA LEU A 314 -103.98 58.28 -199.04
C LEU A 314 -104.82 56.99 -199.01
N MET A 315 -104.81 56.28 -197.84
CA MET A 315 -105.68 55.11 -197.60
C MET A 315 -107.14 55.50 -197.85
N ASN A 316 -107.52 56.62 -197.20
CA ASN A 316 -108.84 57.25 -197.32
C ASN A 316 -109.95 56.31 -196.79
N ASN A 317 -110.50 55.46 -197.68
CA ASN A 317 -111.60 54.55 -197.37
C ASN A 317 -111.28 53.13 -197.91
N PRO A 318 -111.96 52.05 -197.44
CA PRO A 318 -111.84 50.70 -198.06
C PRO A 318 -112.44 50.64 -199.48
N ALA A 319 -112.13 49.56 -200.22
CA ALA A 319 -112.73 49.29 -201.54
C ALA A 319 -114.21 48.86 -201.44
N LEU A 320 -114.72 48.78 -200.21
CA LEU A 320 -116.13 48.53 -199.92
C LEU A 320 -116.94 49.86 -199.86
N ARG A 321 -116.26 51.00 -200.21
CA ARG A 321 -116.81 52.39 -200.13
C ARG A 321 -118.27 52.53 -200.62
N ASN A 322 -118.54 52.04 -201.84
CA ASN A 322 -119.84 52.20 -202.52
C ASN A 322 -120.99 51.56 -201.70
N MET A 323 -121.65 52.41 -200.87
CA MET A 323 -122.76 52.00 -199.97
C MET A 323 -122.32 50.82 -199.06
N ALA A 324 -121.24 51.10 -198.29
CA ALA A 324 -120.50 50.10 -197.49
C ALA A 324 -121.39 49.23 -196.59
N GLY A 325 -121.77 48.04 -197.12
CA GLY A 325 -122.58 47.07 -196.39
C GLY A 325 -123.98 47.59 -196.06
N ASN A 326 -124.90 47.52 -197.06
CA ASN A 326 -126.29 48.00 -196.90
C ASN A 326 -127.06 47.13 -195.88
N LEU A 327 -127.69 46.04 -196.33
CA LEU A 327 -128.24 44.99 -195.44
C LEU A 327 -127.79 43.62 -195.97
N PHE A 328 -127.68 43.53 -197.32
CA PHE A 328 -127.39 42.31 -198.07
C PHE A 328 -128.37 41.18 -197.69
N GLY A 329 -129.60 41.33 -198.20
CA GLY A 329 -130.70 40.42 -197.90
C GLY A 329 -130.47 39.00 -198.40
N GLY A 330 -130.11 38.10 -197.48
CA GLY A 330 -129.90 36.69 -197.77
C GLY A 330 -129.81 35.85 -196.51
N ALA A 331 -129.68 34.51 -196.69
CA ALA A 331 -129.46 33.55 -195.58
C ALA A 331 -130.61 33.48 -194.55
N GLY A 332 -131.80 34.02 -194.92
CA GLY A 332 -132.99 33.97 -194.07
C GLY A 332 -134.12 33.15 -194.69
N ALA A 333 -133.80 32.42 -195.76
CA ALA A 333 -134.78 31.60 -196.51
C ALA A 333 -135.15 30.30 -195.75
N GLN A 334 -134.33 29.93 -194.76
CA GLN A 334 -134.58 28.77 -193.89
C GLN A 334 -135.76 29.08 -192.93
N SER A 335 -136.89 28.39 -193.16
CA SER A 335 -138.09 28.47 -192.32
C SER A 335 -138.91 27.19 -192.53
N THR A 336 -138.19 26.06 -192.75
CA THR A 336 -138.75 24.79 -193.26
C THR A 336 -139.90 24.22 -192.39
N ASP A 337 -139.78 24.35 -191.06
CA ASP A 337 -140.79 23.83 -190.12
C ASP A 337 -142.12 24.62 -190.22
N GLU A 338 -141.99 25.96 -190.34
CA GLU A 338 -143.13 26.92 -190.41
C GLU A 338 -144.00 26.85 -189.14
N THR A 339 -143.39 26.38 -188.03
CA THR A 339 -144.06 26.01 -186.76
C THR A 339 -145.32 25.12 -187.01
N PRO A 340 -145.15 23.78 -187.18
CA PRO A 340 -146.28 22.85 -187.43
C PRO A 340 -147.01 22.40 -186.14
N ASP A 341 -146.52 22.88 -184.98
CA ASP A 341 -147.01 22.48 -183.64
C ASP A 341 -148.46 22.88 -183.38
N ASN A 342 -148.90 23.99 -184.00
CA ASN A 342 -150.29 24.48 -183.88
C ASN A 342 -151.27 23.50 -184.57
N GLU A 343 -151.12 23.32 -185.90
CA GLU A 343 -151.99 22.44 -186.73
C GLU A 343 -153.48 22.68 -186.40
N ASN A 344 -153.97 23.91 -186.69
CA ASN A 344 -155.32 24.37 -186.29
C ASN A 344 -156.44 23.75 -187.14
N LYS A 345 -156.08 22.77 -188.03
CA LYS A 345 -156.97 21.91 -188.85
C LYS A 345 -158.10 22.67 -189.59
N GLN A 346 -159.14 23.08 -188.85
CA GLN A 346 -160.30 23.82 -189.40
C GLN A 346 -159.87 25.20 -189.93
N TYR A 347 -158.80 25.76 -189.34
CA TYR A 347 -158.31 27.12 -189.63
C TYR A 347 -156.80 27.06 -190.02
N MET B 1 -4.49 8.55 -6.73
CA MET B 1 -3.16 9.07 -6.33
C MET B 1 -2.09 8.34 -7.12
N SER B 2 -1.06 9.08 -7.58
CA SER B 2 0.04 8.54 -8.39
C SER B 2 1.10 7.86 -7.49
N ALA B 3 0.63 6.93 -6.62
CA ALA B 3 1.44 6.23 -5.61
C ALA B 3 2.23 7.21 -4.71
N SER B 4 3.30 6.74 -4.05
CA SER B 4 4.21 7.60 -3.27
C SER B 4 5.67 7.27 -3.60
N LYS B 5 6.54 8.27 -3.34
CA LYS B 5 7.99 8.19 -3.60
C LYS B 5 8.67 7.00 -2.90
N GLU B 6 8.26 6.75 -1.65
CA GLU B 6 8.88 5.74 -0.78
C GLU B 6 8.37 4.32 -1.14
N GLU B 7 7.08 4.24 -1.55
CA GLU B 7 6.44 2.97 -1.94
C GLU B 7 7.12 2.38 -3.17
N ILE B 8 7.18 3.20 -4.24
CA ILE B 8 7.81 2.80 -5.50
C ILE B 8 9.30 2.49 -5.26
N ALA B 9 9.96 3.30 -4.40
CA ALA B 9 11.36 3.09 -3.99
C ALA B 9 11.60 1.68 -3.42
N ALA B 10 10.70 1.24 -2.53
CA ALA B 10 10.77 -0.08 -1.88
C ALA B 10 10.54 -1.23 -2.88
N LEU B 11 9.69 -0.96 -3.88
CA LEU B 11 9.39 -1.93 -4.95
C LEU B 11 10.63 -2.14 -5.83
N ILE B 12 11.28 -1.01 -6.23
CA ILE B 12 12.45 -0.99 -7.15
C ILE B 12 13.61 -1.87 -6.66
N VAL B 13 13.94 -1.71 -5.38
CA VAL B 13 15.12 -2.37 -4.78
C VAL B 13 14.93 -3.89 -4.63
N ASN B 14 13.67 -4.33 -4.61
CA ASN B 14 13.29 -5.76 -4.54
C ASN B 14 12.80 -6.26 -5.92
N TYR B 15 12.66 -5.33 -6.88
CA TYR B 15 12.28 -5.62 -8.26
C TYR B 15 13.51 -6.05 -9.06
N PHE B 16 14.54 -5.19 -9.04
CA PHE B 16 15.80 -5.43 -9.76
C PHE B 16 16.61 -6.55 -9.08
N SER B 17 16.31 -6.87 -7.81
CA SER B 17 17.00 -7.94 -7.06
C SER B 17 16.81 -9.31 -7.75
N SER B 18 15.63 -9.53 -8.36
CA SER B 18 15.36 -10.75 -9.13
C SER B 18 16.10 -10.71 -10.49
N ILE B 19 16.01 -9.55 -11.17
CA ILE B 19 16.59 -9.35 -12.52
C ILE B 19 18.13 -9.51 -12.53
N VAL B 20 18.80 -9.05 -11.46
CA VAL B 20 20.27 -9.08 -11.37
C VAL B 20 20.81 -10.50 -11.08
N GLU B 21 20.05 -11.29 -10.28
CA GLU B 21 20.45 -12.67 -9.90
C GLU B 21 20.23 -13.65 -11.07
N LYS B 22 19.04 -13.58 -11.69
CA LYS B 22 18.70 -14.37 -12.89
C LYS B 22 19.54 -13.89 -14.08
N LYS B 23 19.96 -12.61 -14.01
CA LYS B 23 20.79 -11.93 -15.01
C LYS B 23 20.03 -11.84 -16.35
N GLU B 24 18.79 -11.31 -16.24
CA GLU B 24 17.87 -11.09 -17.39
C GLU B 24 18.28 -9.85 -18.23
N ILE B 25 19.43 -9.28 -17.87
CA ILE B 25 20.10 -8.18 -18.56
C ILE B 25 21.63 -8.44 -18.44
N SER B 26 22.47 -7.81 -19.31
CA SER B 26 23.95 -7.98 -19.26
C SER B 26 24.51 -7.59 -17.87
N GLU B 27 25.71 -8.11 -17.54
CA GLU B 27 26.36 -7.95 -16.21
C GLU B 27 26.59 -6.45 -15.88
N ASP B 28 26.87 -5.67 -16.94
CA ASP B 28 27.07 -4.22 -16.85
C ASP B 28 25.76 -3.51 -16.48
N GLY B 29 24.69 -3.88 -17.22
CA GLY B 29 23.35 -3.35 -16.99
C GLY B 29 22.74 -3.80 -15.68
N ALA B 30 23.11 -5.01 -15.26
CA ALA B 30 22.62 -5.62 -14.01
C ALA B 30 23.25 -4.90 -12.82
N ASP B 31 24.58 -4.65 -12.92
CA ASP B 31 25.33 -3.87 -11.92
C ASP B 31 24.83 -2.41 -11.89
N SER B 32 24.42 -1.90 -13.06
CA SER B 32 23.92 -0.52 -13.17
C SER B 32 22.55 -0.39 -12.46
N LEU B 33 21.70 -1.42 -12.59
CA LEU B 33 20.42 -1.52 -11.87
C LEU B 33 20.65 -1.76 -10.37
N ASN B 34 21.73 -2.49 -10.07
CA ASN B 34 22.11 -2.85 -8.70
C ASN B 34 22.54 -1.59 -7.93
N VAL B 35 23.56 -0.87 -8.44
CA VAL B 35 24.07 0.36 -7.79
C VAL B 35 22.95 1.43 -7.71
N ALA B 36 22.05 1.43 -8.72
CA ALA B 36 20.88 2.32 -8.75
C ALA B 36 19.94 2.05 -7.57
N MET B 37 19.59 0.77 -7.38
CA MET B 37 18.64 0.37 -6.33
C MET B 37 19.28 0.45 -4.93
N ASP B 38 20.61 0.31 -4.86
CA ASP B 38 21.35 0.49 -3.59
C ASP B 38 21.25 1.95 -3.15
N CYS B 39 21.43 2.86 -4.12
CA CYS B 39 21.31 4.32 -3.91
C CYS B 39 19.91 4.69 -3.39
N ILE B 40 18.88 4.10 -4.01
CA ILE B 40 17.46 4.32 -3.63
C ILE B 40 17.18 3.78 -2.21
N SER B 41 17.80 2.64 -1.87
CA SER B 41 17.69 1.99 -0.54
C SER B 41 18.27 2.90 0.56
N GLU B 42 19.40 3.55 0.24
CA GLU B 42 20.11 4.46 1.16
C GLU B 42 19.45 5.86 1.18
N ALA B 43 18.77 6.23 0.08
CA ALA B 43 18.13 7.56 -0.07
C ALA B 43 17.01 7.79 0.95
N PHE B 44 16.15 6.78 1.11
CA PHE B 44 15.08 6.77 2.11
C PHE B 44 15.53 6.04 3.38
N GLY B 45 16.70 5.37 3.31
CA GLY B 45 17.37 4.76 4.47
C GLY B 45 16.62 3.56 5.04
N PHE B 46 16.14 2.69 4.16
CA PHE B 46 15.38 1.48 4.53
C PHE B 46 16.13 0.22 4.07
N GLU B 47 15.76 -0.94 4.64
CA GLU B 47 16.35 -2.24 4.26
C GLU B 47 15.77 -2.71 2.91
N ARG B 48 16.68 -3.03 1.96
CA ARG B 48 16.35 -3.29 0.55
C ARG B 48 15.65 -4.65 0.33
N GLU B 49 15.55 -5.47 1.37
CA GLU B 49 14.83 -6.77 1.31
C GLU B 49 13.72 -6.83 2.38
N ALA B 50 13.72 -5.87 3.34
CA ALA B 50 12.63 -5.72 4.33
C ALA B 50 11.63 -4.63 3.87
N VAL B 51 11.40 -4.61 2.55
CA VAL B 51 10.55 -3.64 1.86
C VAL B 51 9.05 -3.83 2.16
N SER B 52 8.72 -4.99 2.76
CA SER B 52 7.35 -5.38 3.10
C SER B 52 6.71 -4.43 4.13
N GLY B 53 7.53 -3.63 4.83
CA GLY B 53 7.03 -2.61 5.75
C GLY B 53 6.41 -1.42 5.02
N ILE B 54 7.07 -1.01 3.91
CA ILE B 54 6.64 0.15 3.11
C ILE B 54 5.54 -0.25 2.11
N LEU B 55 5.72 -1.42 1.47
CA LEU B 55 4.74 -1.98 0.52
C LEU B 55 3.52 -2.52 1.28
N GLY B 56 3.74 -2.94 2.54
CA GLY B 56 2.66 -3.34 3.44
C GLY B 56 1.98 -2.14 4.10
N LYS B 57 2.67 -0.98 4.08
CA LYS B 57 2.09 0.32 4.50
C LYS B 57 1.12 0.83 3.43
N SER B 58 1.30 0.33 2.19
CA SER B 58 0.44 0.66 1.04
C SER B 58 -0.58 -0.48 0.78
N GLU B 59 -1.45 -0.25 -0.22
CA GLU B 59 -2.34 -1.28 -0.79
C GLU B 59 -2.22 -1.28 -2.32
N PHE B 60 -1.80 -0.12 -2.89
CA PHE B 60 -1.68 0.12 -4.35
C PHE B 60 -3.04 -0.02 -5.06
N LYS B 61 -3.61 1.13 -5.51
CA LYS B 61 -4.99 1.21 -6.03
C LYS B 61 -5.19 0.28 -7.24
N GLY B 62 -4.33 0.45 -8.24
CA GLY B 62 -4.49 -0.20 -9.53
C GLY B 62 -4.13 -1.68 -9.50
N GLN B 63 -2.83 -1.94 -9.59
CA GLN B 63 -2.25 -3.30 -9.60
C GLN B 63 -2.51 -4.09 -8.31
N HIS B 64 -2.32 -3.44 -7.13
CA HIS B 64 -2.24 -4.13 -5.82
C HIS B 64 -1.01 -5.06 -5.81
N LEU B 65 -1.15 -6.26 -6.39
CA LEU B 65 -0.04 -7.22 -6.62
C LEU B 65 -0.12 -7.69 -8.09
N ALA B 66 0.57 -8.83 -8.42
CA ALA B 66 0.45 -9.55 -9.72
C ALA B 66 1.19 -8.84 -10.88
N ASP B 67 0.87 -7.57 -11.15
CA ASP B 67 1.66 -6.71 -12.07
C ASP B 67 3.04 -6.45 -11.46
N ILE B 68 3.07 -6.33 -10.13
CA ILE B 68 4.31 -6.32 -9.32
C ILE B 68 4.10 -7.24 -8.11
N LEU B 69 5.00 -8.22 -7.92
CA LEU B 69 4.87 -9.25 -6.84
C LEU B 69 6.02 -9.13 -5.85
N ASN B 70 6.89 -8.12 -6.07
CA ASN B 70 8.17 -7.98 -5.36
C ASN B 70 7.96 -7.28 -4.00
N SER B 71 7.28 -7.99 -3.09
CA SER B 71 6.94 -7.51 -1.74
C SER B 71 7.36 -8.55 -0.68
N ALA B 72 7.97 -9.66 -1.13
CA ALA B 72 8.41 -10.77 -0.25
C ALA B 72 9.90 -11.08 -0.48
N SER B 73 10.40 -12.17 0.14
CA SER B 73 11.79 -12.66 0.04
C SER B 73 12.78 -11.72 0.80
N ARG B 74 13.22 -12.18 1.99
CA ARG B 74 14.20 -11.48 2.85
C ARG B 74 15.39 -12.43 3.13
N VAL B 75 16.50 -11.90 3.65
CA VAL B 75 17.66 -12.73 4.05
C VAL B 75 17.36 -13.48 5.39
N PRO B 76 17.92 -14.72 5.58
CA PRO B 76 17.66 -15.53 6.81
C PRO B 76 18.11 -14.82 8.10
N GLU B 77 17.31 -15.02 9.18
CA GLU B 77 17.55 -14.39 10.49
C GLU B 77 18.48 -15.28 11.33
N SER B 78 18.02 -16.52 11.56
CA SER B 78 18.74 -17.56 12.32
C SER B 78 18.05 -18.90 12.06
N ASN B 79 18.83 -19.90 11.60
CA ASN B 79 18.31 -21.23 11.30
C ASN B 79 18.38 -22.10 12.57
N LYS B 80 19.58 -22.57 12.94
CA LYS B 80 19.78 -23.43 14.13
C LYS B 80 20.32 -22.59 15.31
N LYS B 81 19.71 -22.79 16.49
CA LYS B 81 20.12 -22.14 17.75
C LYS B 81 19.84 -23.08 18.95
N ASP B 82 20.54 -22.83 20.07
CA ASP B 82 20.32 -23.49 21.39
C ASP B 82 20.54 -25.03 21.34
N ASP B 83 21.58 -25.49 22.05
CA ASP B 83 21.95 -26.92 22.15
C ASP B 83 22.35 -27.28 23.59
N ALA B 84 22.86 -26.27 24.34
CA ALA B 84 23.52 -26.44 25.65
C ALA B 84 24.81 -27.26 25.47
N GLU B 85 24.65 -28.58 25.33
CA GLU B 85 25.73 -29.48 24.92
C GLU B 85 25.36 -30.08 23.56
N ASN B 86 24.43 -31.07 23.57
CA ASN B 86 23.94 -31.78 22.37
C ASN B 86 25.09 -32.24 21.43
N VAL B 87 25.76 -33.31 21.86
CA VAL B 87 26.89 -33.96 21.17
C VAL B 87 26.72 -35.47 21.37
N GLU B 88 26.62 -35.86 22.65
CA GLU B 88 26.31 -37.23 23.09
C GLU B 88 27.41 -38.24 22.67
N ILE B 89 28.54 -38.17 23.36
CA ILE B 89 29.68 -39.09 23.19
C ILE B 89 30.05 -39.62 24.58
N ASN B 90 30.62 -40.84 24.63
CA ASN B 90 30.98 -41.52 25.89
C ASN B 90 32.30 -40.96 26.48
N ILE B 91 32.67 -39.71 26.14
CA ILE B 91 33.77 -38.97 26.79
C ILE B 91 33.20 -37.76 27.59
N PRO B 92 32.47 -36.75 26.96
CA PRO B 92 31.94 -35.56 27.71
C PRO B 92 30.79 -35.94 28.65
N GLU B 93 29.81 -36.70 28.11
CA GLU B 93 28.61 -37.15 28.85
C GLU B 93 28.98 -38.18 29.92
N ASP B 94 30.12 -38.84 29.72
CA ASP B 94 30.68 -39.81 30.67
C ASP B 94 31.16 -39.09 31.94
N ASP B 95 32.03 -38.08 31.77
CA ASP B 95 32.53 -37.23 32.88
C ASP B 95 31.38 -36.47 33.55
N ALA B 96 30.40 -36.05 32.74
CA ALA B 96 29.20 -35.34 33.21
C ALA B 96 28.37 -36.23 34.15
N GLU B 97 28.26 -37.52 33.79
CA GLU B 97 27.48 -38.49 34.56
C GLU B 97 28.22 -38.91 35.82
N THR B 98 29.51 -39.26 35.69
CA THR B 98 30.32 -39.83 36.79
C THR B 98 30.44 -38.87 37.97
N LYS B 99 30.34 -37.57 37.67
CA LYS B 99 30.27 -36.49 38.65
C LYS B 99 29.09 -36.72 39.64
N ALA B 100 27.89 -36.92 39.06
CA ALA B 100 26.63 -37.16 39.80
C ALA B 100 26.45 -38.65 40.15
N LYS B 101 27.20 -39.52 39.47
CA LYS B 101 27.13 -40.98 39.65
C LYS B 101 27.74 -41.35 41.00
N ALA B 102 28.90 -40.73 41.30
CA ALA B 102 29.56 -40.83 42.60
C ALA B 102 28.87 -39.90 43.61
N GLU B 103 27.60 -40.19 43.83
CA GLU B 103 26.67 -39.43 44.66
C GLU B 103 25.35 -40.18 44.63
N ASP B 104 24.87 -40.47 43.40
CA ASP B 104 23.62 -41.22 43.15
C ASP B 104 23.70 -42.63 43.76
N LEU B 105 24.89 -43.25 43.60
CA LEU B 105 25.15 -44.63 44.04
C LEU B 105 25.10 -44.79 45.58
N LYS B 106 24.92 -43.68 46.31
CA LYS B 106 24.59 -43.70 47.73
C LYS B 106 23.14 -44.22 47.88
N MET B 107 22.18 -43.47 47.31
CA MET B 107 20.73 -43.82 47.35
C MET B 107 20.45 -45.09 46.51
N GLN B 108 21.22 -45.28 45.43
CA GLN B 108 21.11 -46.44 44.54
C GLN B 108 21.61 -47.70 45.27
N GLY B 109 22.63 -47.51 46.14
CA GLY B 109 23.14 -48.56 47.01
C GLY B 109 22.18 -48.88 48.15
N ASN B 110 21.46 -47.84 48.62
CA ASN B 110 20.39 -47.99 49.64
C ASN B 110 19.19 -48.73 49.04
N LYS B 111 18.92 -48.46 47.75
CA LYS B 111 17.83 -49.10 46.98
C LYS B 111 18.19 -50.56 46.72
N ALA B 112 19.48 -50.82 46.48
CA ALA B 112 20.02 -52.17 46.29
C ALA B 112 19.90 -52.99 47.59
N MET B 113 20.28 -52.39 48.73
CA MET B 113 20.15 -53.02 50.05
C MET B 113 18.67 -53.21 50.45
N ALA B 114 17.81 -52.32 49.96
CA ALA B 114 16.35 -52.41 50.15
C ALA B 114 15.75 -53.53 49.29
N ASN B 115 16.42 -53.83 48.16
CA ASN B 115 16.06 -54.95 47.25
C ASN B 115 16.95 -56.17 47.55
N LYS B 116 17.55 -56.18 48.77
CA LYS B 116 18.44 -57.24 49.33
C LYS B 116 19.66 -57.61 48.44
N ASP B 117 19.95 -56.79 47.42
CA ASP B 117 21.19 -56.87 46.63
C ASP B 117 22.33 -56.11 47.35
N TYR B 118 22.90 -56.75 48.39
CA TYR B 118 23.98 -56.17 49.20
C TYR B 118 25.32 -56.27 48.45
N GLU B 119 25.46 -57.34 47.65
CA GLU B 119 26.64 -57.54 46.79
C GLU B 119 26.71 -56.42 45.74
N LEU B 120 25.56 -56.21 45.07
CA LEU B 120 25.40 -55.15 44.07
C LEU B 120 25.56 -53.77 44.71
N ALA B 121 25.14 -53.64 45.98
CA ALA B 121 25.29 -52.40 46.77
C ALA B 121 26.78 -52.06 46.99
N ILE B 122 27.60 -53.06 47.35
CA ILE B 122 29.06 -52.89 47.51
C ILE B 122 29.67 -52.35 46.20
N ASN B 123 29.22 -52.91 45.07
CA ASN B 123 29.65 -52.49 43.72
C ASN B 123 29.27 -51.02 43.42
N LYS B 124 28.10 -50.57 43.93
CA LYS B 124 27.67 -49.15 43.81
C LYS B 124 28.68 -48.25 44.56
N TYR B 125 29.04 -48.66 45.79
CA TYR B 125 29.96 -47.90 46.65
C TYR B 125 31.43 -48.04 46.22
N THR B 126 31.74 -49.09 45.45
CA THR B 126 33.07 -49.27 44.85
C THR B 126 33.29 -48.22 43.75
N GLU B 127 32.26 -48.06 42.92
CA GLU B 127 32.24 -47.10 41.79
C GLU B 127 32.14 -45.65 42.31
N ALA B 128 31.40 -45.45 43.41
CA ALA B 128 31.18 -44.13 44.03
C ALA B 128 32.49 -43.55 44.62
N ILE B 129 33.31 -44.43 45.22
CA ILE B 129 34.61 -44.05 45.80
C ILE B 129 35.71 -44.05 44.72
N LYS B 130 35.53 -44.87 43.68
CA LYS B 130 36.42 -44.92 42.50
C LYS B 130 36.55 -43.53 41.85
N VAL B 131 35.39 -42.85 41.70
CA VAL B 131 35.35 -41.51 41.13
C VAL B 131 35.69 -40.46 42.21
N LEU B 132 34.94 -40.46 43.34
CA LEU B 132 35.19 -39.54 44.49
C LEU B 132 35.78 -40.33 45.69
N PRO B 133 37.14 -40.40 45.85
CA PRO B 133 37.79 -41.17 46.95
C PRO B 133 37.82 -40.41 48.28
N THR B 134 37.58 -39.10 48.21
CA THR B 134 37.64 -38.17 49.35
C THR B 134 36.45 -38.39 50.31
N ASN B 135 35.36 -38.94 49.76
CA ASN B 135 34.09 -39.09 50.47
C ASN B 135 34.05 -40.42 51.26
N ALA B 136 33.85 -40.30 52.59
CA ALA B 136 33.86 -41.43 53.54
C ALA B 136 32.43 -41.95 53.81
N ILE B 137 31.42 -41.20 53.36
CA ILE B 137 29.99 -41.55 53.56
C ILE B 137 29.64 -42.82 52.78
N TYR B 138 30.20 -42.96 51.56
CA TYR B 138 29.96 -44.14 50.69
C TYR B 138 30.66 -45.39 51.26
N TYR B 139 31.81 -45.18 51.92
CA TYR B 139 32.61 -46.25 52.53
C TYR B 139 31.92 -46.75 53.82
N ALA B 140 31.35 -45.79 54.56
CA ALA B 140 30.55 -46.06 55.75
C ALA B 140 29.27 -46.83 55.38
N ASN B 141 28.65 -46.40 54.28
CA ASN B 141 27.39 -46.99 53.77
C ASN B 141 27.65 -48.38 53.16
N ARG B 142 28.89 -48.60 52.70
CA ARG B 142 29.35 -49.92 52.20
C ARG B 142 29.36 -50.95 53.34
N ALA B 143 29.84 -50.52 54.53
CA ALA B 143 29.93 -51.36 55.73
C ALA B 143 28.54 -51.86 56.21
N ALA B 144 27.47 -51.13 55.83
CA ALA B 144 26.08 -51.52 56.10
C ALA B 144 25.68 -52.75 55.27
N ALA B 145 26.15 -52.79 54.01
CA ALA B 145 25.90 -53.91 53.08
C ALA B 145 26.64 -55.20 53.54
N HIS B 146 27.85 -55.02 54.10
CA HIS B 146 28.69 -56.13 54.59
C HIS B 146 28.00 -56.89 55.74
N SER B 147 27.45 -56.15 56.74
CA SER B 147 26.81 -56.77 57.92
C SER B 147 25.69 -57.75 57.52
N SER B 148 24.92 -57.34 56.50
CA SER B 148 23.78 -58.11 55.99
C SER B 148 24.21 -59.33 55.14
N LEU B 149 25.53 -59.40 54.81
CA LEU B 149 26.16 -60.56 54.15
C LEU B 149 26.92 -61.43 55.18
N LYS B 150 26.52 -61.26 56.48
CA LYS B 150 27.08 -61.99 57.66
C LYS B 150 28.48 -61.46 58.05
N GLU B 151 28.98 -60.46 57.31
CA GLU B 151 30.28 -59.83 57.58
C GLU B 151 30.12 -58.77 58.68
N TYR B 152 29.96 -59.22 59.93
CA TYR B 152 29.75 -58.33 61.08
C TYR B 152 31.12 -57.83 61.58
N ASP B 153 31.97 -58.79 61.94
CA ASP B 153 33.35 -58.52 62.39
C ASP B 153 34.24 -58.11 61.20
N GLN B 154 33.87 -58.56 59.99
CA GLN B 154 34.60 -58.23 58.75
C GLN B 154 34.28 -56.78 58.31
N ALA B 155 33.09 -56.28 58.71
CA ALA B 155 32.69 -54.88 58.49
C ALA B 155 33.43 -53.92 59.43
N VAL B 156 34.16 -54.46 60.43
CA VAL B 156 35.01 -53.66 61.33
C VAL B 156 36.16 -53.02 60.53
N LYS B 157 36.79 -53.80 59.65
CA LYS B 157 37.95 -53.33 58.86
C LYS B 157 37.49 -52.33 57.77
N ASP B 158 36.29 -52.58 57.21
CA ASP B 158 35.70 -51.76 56.13
C ASP B 158 35.29 -50.39 56.69
N ALA B 159 34.56 -50.42 57.82
CA ALA B 159 34.15 -49.21 58.55
C ALA B 159 35.36 -48.44 59.11
N GLU B 160 36.43 -49.18 59.50
CA GLU B 160 37.70 -48.60 60.00
C GLU B 160 38.37 -47.76 58.89
N SER B 161 38.34 -48.29 57.67
CA SER B 161 38.95 -47.63 56.50
C SER B 161 38.13 -46.38 56.09
N ALA B 162 36.84 -46.33 56.48
CA ALA B 162 36.01 -45.11 56.37
C ALA B 162 36.42 -44.06 57.43
N ILE B 163 36.70 -44.55 58.66
CA ILE B 163 37.22 -43.71 59.78
C ILE B 163 38.67 -43.26 59.47
N SER B 164 39.37 -44.02 58.62
CA SER B 164 40.74 -43.72 58.20
C SER B 164 40.77 -42.56 57.17
N ILE B 165 39.64 -42.32 56.49
CA ILE B 165 39.49 -41.17 55.57
C ILE B 165 39.23 -39.88 56.40
N ASP B 166 38.38 -40.00 57.44
CA ASP B 166 38.07 -38.87 58.36
C ASP B 166 38.08 -39.38 59.82
N PRO B 167 39.10 -38.97 60.65
CA PRO B 167 39.28 -39.50 62.03
C PRO B 167 38.31 -38.89 63.07
N SER B 168 37.50 -37.90 62.65
CA SER B 168 36.57 -37.19 63.55
C SER B 168 35.10 -37.47 63.12
N TYR B 169 34.93 -38.36 62.12
CA TYR B 169 33.60 -38.71 61.59
C TYR B 169 32.85 -39.60 62.60
N PHE B 170 32.02 -38.95 63.45
CA PHE B 170 31.22 -39.62 64.50
C PHE B 170 30.28 -40.69 63.93
N ARG B 171 29.80 -40.47 62.70
CA ARG B 171 28.93 -41.42 61.99
C ARG B 171 29.73 -42.57 61.34
N GLY B 172 31.06 -42.53 61.47
CA GLY B 172 31.92 -43.67 61.12
C GLY B 172 32.13 -44.58 62.32
N TYR B 173 32.18 -43.97 63.51
CA TYR B 173 32.29 -44.69 64.79
C TYR B 173 30.98 -45.43 65.11
N SER B 174 29.86 -44.71 64.97
CA SER B 174 28.52 -45.26 65.20
C SER B 174 28.11 -46.24 64.08
N ARG B 175 28.80 -46.13 62.92
CA ARG B 175 28.70 -47.10 61.82
C ARG B 175 29.20 -48.48 62.31
N LEU B 176 30.32 -48.43 63.04
CA LEU B 176 30.94 -49.62 63.65
C LEU B 176 30.01 -50.20 64.74
N GLY B 177 29.18 -49.32 65.34
CA GLY B 177 28.10 -49.73 66.24
C GLY B 177 27.06 -50.59 65.54
N PHE B 178 26.80 -50.32 64.25
CA PHE B 178 25.83 -51.07 63.44
C PHE B 178 26.37 -52.49 63.10
N ALA B 179 27.71 -52.63 63.00
CA ALA B 179 28.36 -53.94 62.76
C ALA B 179 28.15 -54.89 63.97
N LYS B 180 28.22 -54.28 65.17
CA LYS B 180 27.91 -54.97 66.44
C LYS B 180 26.41 -55.29 66.52
N TYR B 181 25.61 -54.26 66.21
CA TYR B 181 24.15 -54.23 66.34
C TYR B 181 23.47 -55.35 65.53
N ALA B 182 23.88 -55.48 64.27
CA ALA B 182 23.31 -56.47 63.33
C ALA B 182 23.73 -57.91 63.67
N GLN B 183 24.87 -58.04 64.37
CA GLN B 183 25.37 -59.34 64.89
C GLN B 183 24.55 -59.81 66.10
N GLY B 184 23.74 -58.89 66.66
CA GLY B 184 23.01 -59.13 67.88
C GLY B 184 23.87 -58.86 69.09
N LYS B 185 24.65 -57.78 69.01
CA LYS B 185 25.45 -57.25 70.12
C LYS B 185 25.11 -55.74 70.32
N PRO B 186 23.88 -55.38 70.83
CA PRO B 186 23.51 -53.96 71.09
C PRO B 186 24.24 -53.41 72.34
N GLU B 187 24.88 -54.32 73.11
CA GLU B 187 25.74 -53.97 74.25
C GLU B 187 27.01 -53.30 73.69
N GLU B 188 27.72 -54.02 72.79
CA GLU B 188 28.94 -53.50 72.11
C GLU B 188 28.61 -52.40 71.10
N ALA B 189 27.34 -52.35 70.65
CA ALA B 189 26.87 -51.28 69.76
C ALA B 189 26.94 -49.94 70.48
N LEU B 190 26.33 -49.87 71.70
CA LEU B 190 26.26 -48.63 72.52
C LEU B 190 27.66 -48.02 72.77
N GLU B 191 28.68 -48.89 72.85
CA GLU B 191 30.10 -48.52 73.01
C GLU B 191 30.60 -47.67 71.81
N ALA B 192 30.36 -48.17 70.60
CA ALA B 192 30.79 -47.49 69.36
C ALA B 192 29.87 -46.30 69.01
N TYR B 193 28.61 -46.34 69.50
CA TYR B 193 27.69 -45.19 69.42
C TYR B 193 28.10 -44.10 70.45
N LYS B 194 28.79 -44.51 71.55
CA LYS B 194 29.26 -43.58 72.61
C LYS B 194 30.36 -42.66 72.05
N LYS B 195 31.11 -43.18 71.07
CA LYS B 195 32.22 -42.47 70.40
C LYS B 195 31.77 -41.18 69.65
N VAL B 196 30.45 -41.01 69.48
CA VAL B 196 29.85 -39.79 68.91
C VAL B 196 30.12 -38.55 69.83
N LEU B 197 29.93 -38.74 71.16
CA LEU B 197 30.20 -37.66 72.15
C LEU B 197 31.72 -37.42 72.36
N ASP B 198 32.55 -38.43 72.06
CA ASP B 198 34.04 -38.31 72.15
C ASP B 198 34.57 -37.25 71.16
N ILE B 199 33.79 -36.99 70.10
CA ILE B 199 34.14 -35.99 69.07
C ILE B 199 33.99 -34.55 69.62
N GLU B 200 32.83 -34.25 70.26
CA GLU B 200 32.52 -32.90 70.80
C GLU B 200 32.01 -32.99 72.25
N GLY B 201 30.88 -33.69 72.44
CA GLY B 201 30.29 -33.92 73.76
C GLY B 201 29.22 -32.91 74.13
N ASP B 202 29.68 -31.72 74.55
CA ASP B 202 28.78 -30.63 74.99
C ASP B 202 27.98 -30.07 73.79
N ASN B 203 28.61 -30.08 72.60
CA ASN B 203 27.93 -29.69 71.36
C ASN B 203 27.43 -30.96 70.66
N ALA B 204 26.14 -31.25 70.89
CA ALA B 204 25.47 -32.43 70.34
C ALA B 204 23.96 -32.17 70.26
N THR B 205 23.40 -32.29 69.04
CA THR B 205 21.95 -32.11 68.81
C THR B 205 21.20 -33.46 68.90
N GLU B 206 19.89 -33.43 68.58
CA GLU B 206 19.03 -34.64 68.53
C GLU B 206 19.51 -35.64 67.48
N ALA B 207 20.30 -35.14 66.51
CA ALA B 207 20.96 -35.96 65.50
C ALA B 207 21.95 -36.93 66.17
N MET B 208 22.80 -36.39 67.06
CA MET B 208 23.78 -37.21 67.81
C MET B 208 23.09 -38.11 68.85
N LYS B 209 21.94 -37.67 69.37
CA LYS B 209 21.14 -38.46 70.33
C LYS B 209 20.44 -39.64 69.64
N ARG B 210 20.17 -39.49 68.32
CA ARG B 210 19.52 -40.51 67.48
C ARG B 210 20.29 -41.84 67.52
N ASP B 211 21.62 -41.71 67.60
CA ASP B 211 22.56 -42.83 67.71
C ASP B 211 22.32 -43.66 68.99
N TYR B 212 22.13 -42.95 70.12
CA TYR B 212 21.96 -43.56 71.46
C TYR B 212 20.55 -44.15 71.64
N GLU B 213 19.59 -43.54 70.93
CA GLU B 213 18.18 -44.02 70.90
C GLU B 213 18.11 -45.34 70.13
N SER B 214 18.83 -45.42 69.01
CA SER B 214 18.94 -46.64 68.19
C SER B 214 19.62 -47.78 68.98
N ALA B 215 20.61 -47.41 69.80
CA ALA B 215 21.45 -48.37 70.55
C ALA B 215 20.73 -48.94 71.79
N LYS B 216 20.47 -48.05 72.78
CA LYS B 216 20.04 -48.46 74.14
C LYS B 216 18.58 -48.94 74.13
N LYS B 217 17.68 -48.19 73.46
CA LYS B 217 16.23 -48.55 73.42
C LYS B 217 16.02 -49.93 72.76
N LYS B 218 16.97 -50.36 71.93
CA LYS B 218 16.98 -51.70 71.31
C LYS B 218 17.21 -52.79 72.38
N VAL B 219 18.20 -52.52 73.27
CA VAL B 219 18.52 -53.40 74.41
C VAL B 219 17.28 -53.52 75.32
N GLU B 220 16.67 -52.36 75.59
CA GLU B 220 15.56 -52.21 76.53
C GLU B 220 14.27 -52.91 76.05
N GLN B 221 13.91 -52.67 74.77
CA GLN B 221 12.64 -53.17 74.20
C GLN B 221 12.59 -54.69 74.14
N SER B 222 13.78 -55.32 73.99
CA SER B 222 13.93 -56.77 74.03
C SER B 222 13.34 -57.33 75.35
N LEU B 223 13.73 -56.72 76.47
CA LEU B 223 13.32 -57.18 77.81
C LEU B 223 11.95 -56.63 78.20
N ASN B 224 11.60 -55.42 77.72
CA ASN B 224 10.38 -54.70 78.13
C ASN B 224 9.11 -55.37 77.58
N LEU B 225 9.17 -55.79 76.31
CA LEU B 225 8.06 -56.52 75.64
C LEU B 225 8.59 -57.83 75.02
N GLU B 226 9.25 -58.64 75.89
CA GLU B 226 9.75 -59.99 75.53
C GLU B 226 8.57 -60.89 75.07
N LYS B 227 8.32 -60.84 73.74
CA LYS B 227 7.26 -61.60 73.06
C LYS B 227 7.75 -62.07 71.69
N THR B 228 9.07 -62.13 71.50
CA THR B 228 9.70 -62.52 70.22
C THR B 228 9.84 -64.07 70.14
N VAL B 229 8.76 -64.78 70.51
CA VAL B 229 8.68 -66.25 70.48
C VAL B 229 8.87 -66.77 69.05
N PRO B 230 9.94 -67.57 68.76
CA PRO B 230 10.05 -68.30 67.48
C PRO B 230 8.92 -69.34 67.35
N GLU B 231 7.83 -68.92 66.68
CA GLU B 231 6.64 -69.76 66.47
C GLU B 231 6.92 -70.90 65.49
N GLN B 232 7.94 -70.69 64.60
CA GLN B 232 8.40 -71.68 63.61
C GLN B 232 7.27 -72.06 62.59
N SER B 233 6.19 -71.25 62.58
CA SER B 233 4.90 -71.57 61.94
C SER B 233 4.39 -72.97 62.35
N ARG B 234 3.67 -73.01 63.50
CA ARG B 234 3.03 -74.24 63.99
C ARG B 234 1.75 -74.55 63.18
N ASP B 235 1.94 -74.80 61.88
CA ASP B 235 0.86 -74.82 60.89
C ASP B 235 -0.06 -76.06 61.04
N ALA B 236 -1.09 -75.88 61.88
CA ALA B 236 -2.25 -76.76 61.97
C ALA B 236 -3.53 -75.90 61.90
N ASP B 237 -3.36 -74.65 61.41
CA ASP B 237 -4.42 -73.62 61.31
C ASP B 237 -5.47 -74.01 60.27
N VAL B 238 -5.00 -74.59 59.16
CA VAL B 238 -5.88 -75.11 58.10
C VAL B 238 -6.34 -76.56 58.44
N ASP B 239 -5.89 -77.04 59.62
CA ASP B 239 -6.17 -78.38 60.18
C ASP B 239 -5.45 -79.47 59.36
N ALA B 240 -4.28 -79.89 59.87
CA ALA B 240 -3.49 -80.98 59.28
C ALA B 240 -4.11 -82.36 59.62
N SER B 241 -3.50 -83.43 59.07
CA SER B 241 -3.88 -84.84 59.35
C SER B 241 -5.27 -85.21 58.78
N GLN B 242 -5.26 -85.86 57.59
CA GLN B 242 -6.46 -86.42 56.93
C GLN B 242 -7.48 -85.29 56.58
N GLY B 243 -7.22 -84.61 55.45
CA GLY B 243 -8.04 -83.48 54.99
C GLY B 243 -7.24 -82.54 54.09
N ALA B 244 -5.96 -82.35 54.47
CA ALA B 244 -5.01 -81.50 53.72
C ALA B 244 -4.46 -82.23 52.47
N SER B 245 -3.79 -81.46 51.60
CA SER B 245 -3.20 -81.92 50.32
C SER B 245 -4.28 -82.42 49.33
N ALA B 246 -4.73 -83.69 49.48
CA ALA B 246 -5.75 -84.28 48.59
C ALA B 246 -7.15 -84.11 49.18
N GLY B 247 -7.41 -84.77 50.33
CA GLY B 247 -8.73 -84.72 50.96
C GLY B 247 -8.84 -85.64 52.17
N GLY B 248 -10.02 -85.62 52.82
CA GLY B 248 -10.27 -86.40 54.04
C GLY B 248 -10.74 -87.81 53.73
N LEU B 249 -9.77 -88.68 53.35
CA LEU B 249 -10.00 -90.13 53.03
C LEU B 249 -10.81 -90.30 51.72
N PRO B 250 -10.65 -91.45 50.98
CA PRO B 250 -11.41 -91.74 49.74
C PRO B 250 -12.68 -92.58 49.98
N ASP B 251 -13.51 -92.14 50.96
CA ASP B 251 -14.72 -92.86 51.43
C ASP B 251 -15.66 -93.31 50.29
N LEU B 252 -16.12 -92.33 49.48
CA LEU B 252 -17.02 -92.59 48.32
C LEU B 252 -16.24 -93.32 47.19
N GLY B 253 -14.96 -93.00 47.06
CA GLY B 253 -14.16 -93.45 45.91
C GLY B 253 -14.52 -92.66 44.66
N SER B 254 -14.55 -91.34 44.82
CA SER B 254 -14.88 -90.38 43.74
C SER B 254 -13.76 -90.29 42.68
N LEU B 255 -12.57 -90.82 43.03
CA LEU B 255 -11.43 -90.88 42.09
C LEU B 255 -11.51 -92.13 41.18
N LEU B 256 -12.15 -93.21 41.69
CA LEU B 256 -12.31 -94.49 40.96
C LEU B 256 -13.46 -95.28 41.62
N GLY B 257 -14.49 -95.60 40.83
CA GLY B 257 -15.62 -96.41 41.30
C GLY B 257 -16.78 -96.34 40.32
N GLY B 258 -17.59 -95.27 40.44
CA GLY B 258 -18.70 -95.02 39.54
C GLY B 258 -18.27 -94.27 38.29
N GLY B 259 -17.41 -94.92 37.48
CA GLY B 259 -16.88 -94.32 36.25
C GLY B 259 -17.80 -94.55 35.06
N LEU B 260 -19.00 -93.93 35.13
CA LEU B 260 -20.12 -94.08 34.16
C LEU B 260 -20.66 -95.51 34.20
N GLY B 261 -19.91 -96.47 33.64
CA GLY B 261 -20.29 -97.88 33.62
C GLY B 261 -19.66 -98.68 34.76
N GLY B 262 -19.34 -99.96 34.48
CA GLY B 262 -18.82 -100.88 35.48
C GLY B 262 -19.93 -101.31 36.44
N LEU B 263 -20.01 -100.66 37.61
CA LEU B 263 -21.12 -100.85 38.57
C LEU B 263 -22.32 -99.96 38.18
N MET B 264 -22.02 -98.84 37.47
CA MET B 264 -23.03 -97.91 36.89
C MET B 264 -24.03 -97.42 37.96
N ASN B 265 -23.43 -96.91 39.07
CA ASN B 265 -24.11 -96.49 40.32
C ASN B 265 -24.80 -97.70 41.00
N ASN B 266 -25.92 -98.15 40.43
CA ASN B 266 -26.67 -99.33 40.91
C ASN B 266 -27.72 -99.79 39.84
N PRO B 267 -28.72 -98.93 39.43
CA PRO B 267 -29.87 -99.41 38.63
C PRO B 267 -29.60 -99.47 37.11
N GLN B 268 -28.37 -99.06 36.69
CA GLN B 268 -27.99 -98.89 35.26
C GLN B 268 -28.78 -97.74 34.61
N LEU B 269 -28.09 -96.63 34.34
CA LEU B 269 -28.69 -95.39 33.82
C LEU B 269 -28.96 -95.51 32.31
N MET B 270 -30.23 -95.75 31.95
CA MET B 270 -30.72 -95.89 30.56
C MET B 270 -30.03 -97.08 29.83
N GLN B 271 -30.61 -98.29 30.00
CA GLN B 271 -30.17 -99.53 29.32
C GLN B 271 -30.52 -99.47 27.82
N ALA B 272 -31.59 -98.74 27.49
CA ALA B 272 -32.02 -98.50 26.10
C ALA B 272 -30.95 -97.68 25.33
N ALA B 273 -30.22 -96.82 26.07
CA ALA B 273 -29.13 -95.99 25.51
C ALA B 273 -27.92 -96.84 25.10
N GLN B 274 -27.73 -97.98 25.79
CA GLN B 274 -26.68 -98.97 25.47
C GLN B 274 -26.94 -99.58 24.08
N LYS B 275 -28.24 -99.94 23.85
CA LYS B 275 -28.73 -100.68 22.66
C LYS B 275 -28.31 -102.16 22.79
N MET B 276 -29.30 -103.08 22.75
CA MET B 276 -29.05 -104.52 22.88
C MET B 276 -29.95 -105.28 21.89
N MET B 277 -29.39 -105.54 20.68
CA MET B 277 -30.02 -106.33 19.59
C MET B 277 -31.42 -105.78 19.17
N SER B 278 -32.48 -106.23 19.87
CA SER B 278 -33.89 -105.91 19.55
C SER B 278 -34.36 -104.68 20.32
N ASN B 279 -33.45 -104.06 21.08
CA ASN B 279 -33.71 -102.82 21.83
C ASN B 279 -32.91 -101.68 21.18
N PRO B 280 -33.47 -100.96 20.15
CA PRO B 280 -32.76 -99.91 19.39
C PRO B 280 -32.93 -98.51 20.01
N GLY B 281 -32.98 -98.49 21.35
CA GLY B 281 -33.37 -97.30 22.10
C GLY B 281 -34.85 -97.31 22.46
N ALA B 282 -35.63 -98.04 21.64
CA ALA B 282 -37.10 -98.22 21.77
C ALA B 282 -37.87 -96.95 21.32
N MET B 283 -37.53 -95.79 21.92
CA MET B 283 -38.29 -94.53 21.78
C MET B 283 -39.70 -94.72 22.38
N GLN B 284 -39.81 -94.52 23.70
CA GLN B 284 -41.02 -94.84 24.50
C GLN B 284 -42.30 -94.15 23.98
N ASN B 285 -42.11 -93.05 23.21
CA ASN B 285 -43.19 -92.28 22.57
C ASN B 285 -44.15 -93.19 21.76
N ILE B 286 -43.58 -93.98 20.83
CA ILE B 286 -44.35 -94.88 19.94
C ILE B 286 -43.87 -96.33 20.15
N GLN B 287 -42.55 -96.48 20.31
CA GLN B 287 -41.85 -97.75 20.45
C GLN B 287 -42.05 -98.62 19.19
N LYS B 288 -41.28 -98.27 18.16
CA LYS B 288 -41.30 -98.94 16.85
C LYS B 288 -39.84 -99.33 16.49
N MET B 289 -39.43 -99.16 15.21
CA MET B 289 -38.12 -99.66 14.69
C MET B 289 -38.11 -101.21 14.67
N MET B 290 -39.33 -101.78 14.63
CA MET B 290 -39.57 -103.20 14.40
C MET B 290 -39.50 -103.45 12.87
N GLN B 291 -38.26 -103.42 12.36
CA GLN B 291 -37.99 -103.30 10.92
C GLN B 291 -38.10 -104.65 10.19
N ASP B 292 -39.35 -105.10 10.01
CA ASP B 292 -39.71 -106.30 9.24
C ASP B 292 -41.26 -106.30 9.09
N PRO B 293 -41.83 -105.36 8.27
CA PRO B 293 -43.28 -105.25 8.10
C PRO B 293 -43.83 -106.35 7.17
N SER B 294 -44.22 -107.49 7.77
CA SER B 294 -44.90 -108.58 7.03
C SER B 294 -46.27 -108.08 6.56
N ILE B 295 -47.05 -107.56 7.52
CA ILE B 295 -48.33 -106.91 7.22
C ILE B 295 -48.09 -105.48 6.67
N ARG B 296 -48.27 -105.34 5.36
CA ARG B 296 -48.30 -104.05 4.66
C ARG B 296 -49.32 -104.19 3.54
N GLN B 297 -48.89 -104.78 2.40
CA GLN B 297 -49.69 -104.93 1.15
C GLN B 297 -50.28 -103.58 0.64
N MET B 298 -51.26 -103.03 1.41
CA MET B 298 -51.89 -101.72 1.16
C MET B 298 -52.80 -101.79 -0.10
N ALA B 299 -53.14 -103.04 -0.50
CA ALA B 299 -53.88 -103.34 -1.75
C ALA B 299 -53.19 -102.73 -2.99
N GLU B 300 -51.86 -102.52 -2.88
CA GLU B 300 -51.04 -101.89 -3.92
C GLU B 300 -50.84 -102.84 -5.11
N GLY B 301 -50.94 -102.27 -6.32
CA GLY B 301 -50.87 -103.03 -7.56
C GLY B 301 -51.56 -102.30 -8.70
N PHE B 302 -51.90 -103.03 -9.77
CA PHE B 302 -52.63 -102.46 -10.92
C PHE B 302 -54.15 -102.53 -10.62
N ALA B 303 -54.62 -101.60 -9.77
CA ALA B 303 -56.03 -101.54 -9.32
C ALA B 303 -56.86 -100.65 -10.25
N SER B 304 -57.62 -101.29 -11.15
CA SER B 304 -58.48 -100.59 -12.14
C SER B 304 -59.97 -100.86 -11.83
N GLY B 305 -60.26 -102.13 -11.50
CA GLY B 305 -61.63 -102.59 -11.33
C GLY B 305 -62.28 -102.98 -12.66
N GLY B 306 -63.63 -102.98 -12.68
CA GLY B 306 -64.40 -103.33 -13.89
C GLY B 306 -64.62 -104.83 -14.08
N GLY B 307 -63.65 -105.65 -13.60
CA GLY B 307 -63.67 -107.09 -13.80
C GLY B 307 -64.48 -107.88 -12.79
N THR B 308 -65.24 -107.20 -11.92
CA THR B 308 -66.16 -107.90 -10.99
C THR B 308 -67.34 -108.48 -11.81
N PRO B 309 -67.68 -109.80 -11.69
CA PRO B 309 -68.82 -110.42 -12.41
C PRO B 309 -70.17 -109.88 -11.91
N ASN B 310 -70.49 -108.64 -12.32
CA ASN B 310 -71.68 -107.91 -11.92
C ASN B 310 -72.30 -107.26 -13.16
N LEU B 311 -73.28 -107.95 -13.78
CA LEU B 311 -73.99 -107.42 -14.96
C LEU B 311 -74.92 -106.25 -14.57
N SER B 312 -75.39 -106.26 -13.32
CA SER B 312 -76.31 -105.25 -12.77
C SER B 312 -75.59 -103.90 -12.54
N ASP B 313 -74.28 -103.98 -12.27
CA ASP B 313 -73.41 -102.83 -11.90
C ASP B 313 -73.41 -101.73 -12.98
N LEU B 314 -73.51 -102.15 -14.24
CA LEU B 314 -73.40 -101.23 -15.39
C LEU B 314 -74.61 -100.27 -15.45
N MET B 315 -75.81 -100.80 -15.70
CA MET B 315 -77.01 -99.99 -15.96
C MET B 315 -78.29 -100.75 -15.54
N ASN B 316 -78.57 -101.83 -16.28
CA ASN B 316 -79.78 -102.64 -16.16
C ASN B 316 -81.03 -101.80 -16.49
N ASN B 317 -81.36 -101.70 -17.78
CA ASN B 317 -82.58 -101.02 -18.23
C ASN B 317 -83.49 -102.02 -18.95
N PRO B 318 -84.81 -102.08 -18.62
CA PRO B 318 -85.79 -102.95 -19.32
C PRO B 318 -85.78 -102.75 -20.85
N ALA B 319 -85.38 -103.80 -21.58
CA ALA B 319 -85.32 -103.79 -23.05
C ALA B 319 -86.73 -103.73 -23.67
N LEU B 320 -87.71 -104.28 -22.93
CA LEU B 320 -89.16 -104.22 -23.29
C LEU B 320 -89.70 -102.77 -23.13
N ARG B 321 -88.92 -101.92 -22.45
CA ARG B 321 -89.26 -100.50 -22.20
C ARG B 321 -88.20 -99.59 -22.89
N ASN B 322 -88.27 -98.25 -22.66
CA ASN B 322 -87.26 -97.25 -23.11
C ASN B 322 -87.34 -97.05 -24.64
N MET B 323 -86.71 -97.95 -25.40
CA MET B 323 -86.66 -97.87 -26.88
C MET B 323 -88.03 -98.22 -27.49
N ALA B 324 -88.81 -99.02 -26.75
CA ALA B 324 -90.09 -99.59 -27.21
C ALA B 324 -91.05 -98.51 -27.77
N GLY B 325 -91.51 -97.61 -26.89
CA GLY B 325 -92.49 -96.59 -27.27
C GLY B 325 -93.90 -97.16 -27.46
N ASN B 326 -94.80 -96.34 -28.07
CA ASN B 326 -96.21 -96.67 -28.36
C ASN B 326 -97.02 -96.86 -27.05
N LEU B 327 -98.04 -95.99 -26.86
CA LEU B 327 -98.90 -96.01 -25.66
C LEU B 327 -99.68 -97.33 -25.57
N PHE B 328 -100.16 -97.83 -26.74
CA PHE B 328 -100.86 -99.14 -26.85
C PHE B 328 -101.08 -99.54 -28.31
N GLY B 329 -101.40 -98.54 -29.16
CA GLY B 329 -101.75 -98.77 -30.56
C GLY B 329 -103.15 -98.28 -30.87
N GLY B 330 -103.29 -96.95 -31.03
CA GLY B 330 -104.58 -96.32 -31.30
C GLY B 330 -104.42 -95.02 -32.07
N ALA B 331 -104.57 -95.10 -33.41
CA ALA B 331 -104.45 -93.93 -34.31
C ALA B 331 -105.09 -94.26 -35.68
N GLY B 332 -105.29 -93.20 -36.49
CA GLY B 332 -105.86 -93.34 -37.84
C GLY B 332 -107.35 -93.04 -37.88
N ALA B 333 -108.17 -94.12 -37.89
CA ALA B 333 -109.65 -94.01 -37.97
C ALA B 333 -110.24 -93.21 -36.79
N GLN B 334 -109.59 -93.33 -35.62
CA GLN B 334 -109.95 -92.60 -34.40
C GLN B 334 -109.67 -91.09 -34.58
N SER B 335 -110.66 -90.38 -35.14
CA SER B 335 -110.61 -88.94 -35.40
C SER B 335 -111.92 -88.30 -34.91
N THR B 336 -111.87 -87.61 -33.76
CA THR B 336 -113.07 -87.03 -33.13
C THR B 336 -113.58 -85.82 -33.94
N ASP B 337 -112.74 -84.78 -34.03
CA ASP B 337 -113.08 -83.52 -34.72
C ASP B 337 -112.12 -83.31 -35.91
N GLU B 338 -112.66 -82.90 -37.06
CA GLU B 338 -111.90 -82.70 -38.29
C GLU B 338 -112.59 -81.65 -39.15
N THR B 339 -113.85 -81.93 -39.52
CA THR B 339 -114.65 -81.11 -40.42
C THR B 339 -116.01 -80.77 -39.75
N PRO B 340 -116.05 -79.68 -38.91
CA PRO B 340 -117.27 -79.30 -38.17
C PRO B 340 -118.28 -78.48 -39.01
N ASP B 341 -119.47 -79.04 -39.20
CA ASP B 341 -120.66 -78.30 -39.67
C ASP B 341 -121.86 -78.78 -38.82
N ASN B 342 -121.91 -80.12 -38.62
CA ASN B 342 -122.80 -80.83 -37.68
C ASN B 342 -124.29 -80.54 -37.97
N GLU B 343 -124.77 -79.40 -37.45
CA GLU B 343 -126.17 -78.98 -37.58
C GLU B 343 -126.51 -78.63 -39.04
N ASN B 344 -125.58 -77.92 -39.71
CA ASN B 344 -125.77 -77.48 -41.11
C ASN B 344 -124.45 -76.99 -41.72
N LYS B 345 -124.34 -77.14 -43.05
CA LYS B 345 -123.29 -76.52 -43.87
C LYS B 345 -123.42 -74.98 -43.84
N GLN B 346 -122.28 -74.28 -43.99
CA GLN B 346 -122.22 -72.79 -43.98
C GLN B 346 -122.75 -72.21 -42.64
N TYR B 347 -122.65 -73.02 -41.57
CA TYR B 347 -123.03 -72.59 -40.21
C TYR B 347 -122.06 -71.48 -39.71
N MET A 1 5.63 -12.01 -16.01
CA MET A 1 4.26 -11.71 -15.52
C MET A 1 4.16 -10.24 -15.07
N SER A 2 5.23 -9.76 -14.41
CA SER A 2 5.27 -8.40 -13.82
C SER A 2 5.78 -7.36 -14.85
N ALA A 3 5.06 -7.31 -16.01
CA ALA A 3 5.38 -6.42 -17.17
C ALA A 3 6.76 -6.75 -17.81
N SER A 4 7.10 -6.09 -18.92
CA SER A 4 8.43 -6.22 -19.53
C SER A 4 9.42 -5.33 -18.75
N LYS A 5 10.69 -5.78 -18.68
CA LYS A 5 11.77 -5.04 -17.98
C LYS A 5 11.94 -3.60 -18.55
N GLU A 6 11.50 -3.43 -19.81
CA GLU A 6 11.49 -2.15 -20.53
C GLU A 6 10.37 -1.22 -19.98
N GLU A 7 9.14 -1.77 -19.89
CA GLU A 7 7.92 -1.03 -19.47
C GLU A 7 8.09 -0.47 -18.04
N ILE A 8 8.43 -1.38 -17.12
CA ILE A 8 8.52 -1.09 -15.68
C ILE A 8 9.62 -0.05 -15.38
N ALA A 9 10.78 -0.18 -16.07
CA ALA A 9 11.95 0.70 -15.88
C ALA A 9 11.62 2.16 -16.20
N ALA A 10 10.89 2.33 -17.31
CA ALA A 10 10.44 3.64 -17.79
C ALA A 10 9.48 4.31 -16.77
N LEU A 11 8.63 3.48 -16.15
CA LEU A 11 7.63 3.94 -15.15
C LEU A 11 8.35 4.40 -13.85
N ILE A 12 9.36 3.62 -13.47
CA ILE A 12 10.19 3.85 -12.27
C ILE A 12 10.87 5.23 -12.31
N VAL A 13 11.58 5.50 -13.43
CA VAL A 13 12.36 6.73 -13.59
C VAL A 13 11.48 7.97 -13.80
N ASN A 14 10.23 7.78 -14.30
CA ASN A 14 9.27 8.88 -14.48
C ASN A 14 8.76 9.37 -13.10
N TYR A 15 8.51 8.41 -12.18
CA TYR A 15 8.06 8.72 -10.82
C TYR A 15 9.10 9.57 -10.09
N PHE A 16 10.36 9.12 -10.14
CA PHE A 16 11.50 9.83 -9.54
C PHE A 16 11.74 11.20 -10.24
N SER A 17 11.53 11.25 -11.57
CA SER A 17 11.73 12.47 -12.37
C SER A 17 10.83 13.63 -11.87
N SER A 18 9.62 13.28 -11.42
CA SER A 18 8.65 14.25 -10.86
C SER A 18 9.07 14.68 -9.43
N ILE A 19 9.63 13.72 -8.65
CA ILE A 19 10.08 13.96 -7.26
C ILE A 19 11.26 14.96 -7.26
N VAL A 20 12.31 14.62 -8.00
CA VAL A 20 13.59 15.36 -8.03
C VAL A 20 13.44 16.74 -8.70
N GLU A 21 12.40 16.85 -9.57
CA GLU A 21 12.03 18.10 -10.24
C GLU A 21 11.66 19.17 -9.20
N LYS A 22 10.64 18.86 -8.39
CA LYS A 22 10.09 19.80 -7.40
C LYS A 22 10.82 19.69 -6.05
N LYS A 23 11.75 18.72 -5.93
CA LYS A 23 12.44 18.39 -4.65
C LYS A 23 11.38 18.11 -3.57
N GLU A 24 10.45 17.20 -3.94
CA GLU A 24 9.31 16.76 -3.12
C GLU A 24 9.78 16.25 -1.74
N ILE A 25 10.95 15.60 -1.74
CA ILE A 25 11.67 15.19 -0.52
C ILE A 25 13.03 15.91 -0.47
N SER A 26 13.74 15.77 0.66
CA SER A 26 15.03 16.44 0.90
C SER A 26 16.13 15.93 -0.04
N GLU A 27 17.29 16.61 -0.01
CA GLU A 27 18.46 16.35 -0.91
C GLU A 27 18.96 14.90 -0.78
N ASP A 28 18.80 14.33 0.42
CA ASP A 28 19.27 12.96 0.77
C ASP A 28 18.55 11.93 -0.10
N GLY A 29 17.24 12.15 -0.29
CA GLY A 29 16.41 11.36 -1.17
C GLY A 29 16.56 11.81 -2.62
N ALA A 30 16.06 13.03 -2.89
CA ALA A 30 15.92 13.61 -4.25
C ALA A 30 17.19 13.49 -5.11
N ASP A 31 18.33 14.01 -4.60
CA ASP A 31 19.62 14.03 -5.34
C ASP A 31 20.10 12.59 -5.66
N SER A 32 19.91 11.67 -4.69
CA SER A 32 20.28 10.25 -4.83
C SER A 32 19.37 9.52 -5.83
N LEU A 33 18.09 9.92 -5.90
CA LEU A 33 17.12 9.34 -6.85
C LEU A 33 17.40 9.86 -8.27
N ASN A 34 17.85 11.13 -8.35
CA ASN A 34 18.11 11.84 -9.61
C ASN A 34 19.24 11.13 -10.38
N VAL A 35 20.32 10.81 -9.67
CA VAL A 35 21.49 10.13 -10.23
C VAL A 35 21.19 8.62 -10.44
N ALA A 36 20.25 8.07 -9.63
CA ALA A 36 19.83 6.67 -9.72
C ALA A 36 19.02 6.41 -11.00
N MET A 37 18.23 7.43 -11.43
CA MET A 37 17.46 7.37 -12.70
C MET A 37 18.41 7.18 -13.89
N ASP A 38 19.54 7.89 -13.83
CA ASP A 38 20.59 7.84 -14.84
C ASP A 38 21.18 6.43 -14.95
N CYS A 39 21.37 5.78 -13.78
CA CYS A 39 21.90 4.41 -13.70
C CYS A 39 20.90 3.36 -14.24
N ILE A 40 19.60 3.54 -13.93
CA ILE A 40 18.51 2.64 -14.38
C ILE A 40 18.33 2.75 -15.91
N SER A 41 18.27 4.00 -16.40
CA SER A 41 18.09 4.29 -17.83
C SER A 41 19.28 3.79 -18.66
N GLU A 42 20.49 3.86 -18.08
CA GLU A 42 21.71 3.33 -18.70
C GLU A 42 21.61 1.79 -18.80
N ALA A 43 21.12 1.17 -17.72
CA ALA A 43 21.02 -0.30 -17.59
C ALA A 43 20.23 -0.96 -18.73
N PHE A 44 19.01 -0.46 -18.97
CA PHE A 44 18.08 -1.02 -19.97
C PHE A 44 18.33 -0.40 -21.37
N GLY A 45 18.93 0.81 -21.39
CA GLY A 45 19.33 1.46 -22.63
C GLY A 45 18.25 2.37 -23.21
N PHE A 46 17.88 3.39 -22.43
CA PHE A 46 16.92 4.43 -22.84
C PHE A 46 17.25 5.73 -22.07
N GLU A 47 16.50 6.80 -22.35
CA GLU A 47 16.61 8.08 -21.64
C GLU A 47 15.41 8.26 -20.69
N ARG A 48 15.66 8.78 -19.47
CA ARG A 48 14.63 8.84 -18.40
C ARG A 48 13.53 9.89 -18.69
N GLU A 49 13.80 10.80 -19.64
CA GLU A 49 12.82 11.80 -20.12
C GLU A 49 12.11 11.29 -21.40
N ALA A 50 12.76 10.34 -22.10
CA ALA A 50 12.20 9.71 -23.33
C ALA A 50 10.97 8.85 -23.03
N VAL A 51 10.75 8.60 -21.72
CA VAL A 51 9.56 7.89 -21.21
C VAL A 51 8.24 8.61 -21.54
N SER A 52 8.33 9.87 -21.96
CA SER A 52 7.20 10.62 -22.53
C SER A 52 6.62 9.87 -23.75
N GLY A 53 7.52 9.48 -24.66
CA GLY A 53 7.15 8.70 -25.84
C GLY A 53 6.87 7.24 -25.51
N ILE A 54 7.77 6.63 -24.69
CA ILE A 54 7.71 5.20 -24.34
C ILE A 54 6.41 4.87 -23.58
N LEU A 55 6.22 5.51 -22.41
CA LEU A 55 5.03 5.29 -21.55
C LEU A 55 3.75 5.86 -22.19
N GLY A 56 3.91 6.77 -23.17
CA GLY A 56 2.78 7.29 -23.95
C GLY A 56 2.08 6.19 -24.78
N LYS A 57 2.77 5.05 -24.96
CA LYS A 57 2.22 3.86 -25.65
C LYS A 57 2.07 2.64 -24.71
N SER A 58 2.24 2.82 -23.39
CA SER A 58 2.04 1.72 -22.41
C SER A 58 0.96 2.12 -21.39
N GLU A 59 -0.22 1.47 -21.48
CA GLU A 59 -1.35 1.71 -20.57
C GLU A 59 -1.28 0.78 -19.36
N PHE A 60 -0.40 -0.25 -19.44
CA PHE A 60 -0.20 -1.27 -18.38
C PHE A 60 -1.45 -2.19 -18.21
N LYS A 61 -1.37 -3.16 -17.29
CA LYS A 61 -2.36 -4.26 -17.19
C LYS A 61 -2.96 -4.35 -15.76
N GLY A 62 -2.62 -3.38 -14.89
CA GLY A 62 -3.15 -3.34 -13.53
C GLY A 62 -3.06 -1.94 -12.93
N GLN A 63 -1.85 -1.38 -12.99
CA GLN A 63 -1.55 -0.02 -12.54
C GLN A 63 -2.40 1.01 -13.30
N HIS A 64 -2.18 1.04 -14.64
CA HIS A 64 -2.84 1.97 -15.57
C HIS A 64 -2.61 3.44 -15.16
N LEU A 65 -3.59 4.01 -14.46
CA LEU A 65 -3.65 5.43 -14.06
C LEU A 65 -4.33 5.48 -12.67
N ALA A 66 -4.81 6.68 -12.28
CA ALA A 66 -5.55 6.94 -11.02
C ALA A 66 -4.62 6.88 -9.79
N ASP A 67 -4.05 5.70 -9.51
CA ASP A 67 -3.08 5.50 -8.41
C ASP A 67 -1.74 6.18 -8.76
N ILE A 68 -1.31 6.03 -10.02
CA ILE A 68 -0.09 6.67 -10.53
C ILE A 68 -0.44 7.68 -11.65
N LEU A 69 0.03 8.93 -11.49
CA LEU A 69 -0.13 10.01 -12.50
C LEU A 69 1.20 10.19 -13.28
N ASN A 70 2.21 9.37 -12.94
CA ASN A 70 3.57 9.44 -13.52
C ASN A 70 3.71 8.48 -14.73
N SER A 71 2.61 8.35 -15.52
CA SER A 71 2.63 7.60 -16.78
C SER A 71 3.17 8.52 -17.89
N ALA A 72 2.43 9.62 -18.18
CA ALA A 72 2.88 10.65 -19.13
C ALA A 72 2.79 12.04 -18.47
N SER A 73 1.58 12.67 -18.52
CA SER A 73 1.33 14.03 -17.98
C SER A 73 2.31 15.07 -18.59
N ARG A 74 2.62 14.89 -19.89
CA ARG A 74 3.57 15.74 -20.65
C ARG A 74 2.82 16.67 -21.61
N VAL A 75 3.57 17.36 -22.48
CA VAL A 75 3.03 18.35 -23.43
C VAL A 75 2.10 17.65 -24.45
N PRO A 76 0.80 18.14 -24.60
CA PRO A 76 -0.19 17.54 -25.53
C PRO A 76 0.22 17.71 -27.00
N GLU A 77 -0.11 16.72 -27.83
CA GLU A 77 0.23 16.72 -29.26
C GLU A 77 -0.68 17.72 -30.01
N SER A 78 -1.97 17.35 -30.09
CA SER A 78 -2.97 18.03 -30.94
C SER A 78 -3.05 19.55 -30.70
N ASN A 79 -3.08 19.94 -29.40
CA ASN A 79 -3.29 21.35 -28.96
C ASN A 79 -4.71 21.86 -29.36
N LYS A 80 -5.27 22.81 -28.60
CA LYS A 80 -6.61 23.38 -28.88
C LYS A 80 -6.57 24.91 -28.94
N LYS A 81 -5.41 25.53 -28.66
CA LYS A 81 -5.26 27.00 -28.70
C LYS A 81 -5.46 27.48 -30.15
N ASP A 82 -6.29 28.54 -30.30
CA ASP A 82 -6.61 29.20 -31.58
C ASP A 82 -5.34 29.84 -32.20
N ASP A 83 -4.52 28.99 -32.89
CA ASP A 83 -3.24 29.37 -33.53
C ASP A 83 -2.27 30.08 -32.54
N ALA A 84 -2.44 31.40 -32.40
CA ALA A 84 -1.63 32.27 -31.55
C ALA A 84 -2.21 33.67 -31.60
N GLU A 85 -2.04 34.31 -32.78
CA GLU A 85 -2.40 35.71 -33.01
C GLU A 85 -3.53 35.75 -34.06
N ASN A 86 -4.37 34.70 -34.04
CA ASN A 86 -5.45 34.50 -35.00
C ASN A 86 -6.72 35.27 -34.58
N VAL A 87 -6.59 36.15 -33.56
CA VAL A 87 -7.67 37.00 -33.05
C VAL A 87 -8.30 37.86 -34.19
N GLU A 88 -9.48 37.40 -34.64
CA GLU A 88 -10.20 37.97 -35.79
C GLU A 88 -10.72 39.38 -35.50
N ILE A 89 -11.16 39.62 -34.26
CA ILE A 89 -11.66 40.93 -33.84
C ILE A 89 -10.47 41.89 -33.54
N ASN A 90 -10.39 42.96 -34.33
CA ASN A 90 -9.46 44.07 -34.11
C ASN A 90 -10.03 45.30 -34.83
N ILE A 91 -9.81 45.39 -36.18
CA ILE A 91 -10.33 46.43 -37.12
C ILE A 91 -9.31 47.57 -37.41
N PRO A 92 -8.96 48.55 -36.47
CA PRO A 92 -8.21 49.78 -36.85
C PRO A 92 -6.68 49.61 -36.87
N GLU A 93 -6.22 48.58 -37.60
CA GLU A 93 -4.78 48.32 -37.83
C GLU A 93 -4.11 49.52 -38.53
N ASP A 94 -4.72 49.92 -39.65
CA ASP A 94 -4.25 51.06 -40.47
C ASP A 94 -4.51 52.38 -39.73
N ASP A 95 -5.68 52.47 -39.06
CA ASP A 95 -6.13 53.70 -38.36
C ASP A 95 -5.36 53.91 -37.04
N ALA A 96 -4.54 52.93 -36.66
CA ALA A 96 -3.63 53.05 -35.52
C ALA A 96 -2.56 54.10 -35.82
N GLU A 97 -1.67 53.78 -36.78
CA GLU A 97 -0.52 54.63 -37.13
C GLU A 97 -0.94 55.93 -37.84
N THR A 98 -1.90 55.84 -38.78
CA THR A 98 -2.33 56.98 -39.62
C THR A 98 -2.85 58.16 -38.77
N LYS A 99 -3.78 57.85 -37.84
CA LYS A 99 -4.43 58.85 -36.98
C LYS A 99 -3.53 59.25 -35.80
N ALA A 100 -2.63 58.34 -35.37
CA ALA A 100 -1.63 58.66 -34.33
C ALA A 100 -0.64 59.72 -34.83
N LYS A 101 -0.34 59.67 -36.13
CA LYS A 101 0.55 60.65 -36.77
C LYS A 101 -0.17 61.99 -36.98
N ALA A 102 -1.42 61.91 -37.46
CA ALA A 102 -2.21 63.11 -37.78
C ALA A 102 -2.57 63.91 -36.51
N GLU A 103 -2.68 63.23 -35.37
CA GLU A 103 -3.07 63.84 -34.10
C GLU A 103 -1.84 64.11 -33.19
N ASP A 104 -1.19 63.01 -32.78
CA ASP A 104 -0.27 62.99 -31.61
C ASP A 104 1.08 63.68 -31.89
N LEU A 105 1.50 63.71 -33.18
CA LEU A 105 2.78 64.33 -33.58
C LEU A 105 2.77 65.87 -33.42
N LYS A 106 1.58 66.48 -33.30
CA LYS A 106 1.45 67.92 -33.07
C LYS A 106 2.01 68.28 -31.69
N MET A 107 1.51 67.58 -30.65
CA MET A 107 1.95 67.81 -29.26
C MET A 107 3.40 67.35 -29.06
N GLN A 108 3.80 66.23 -29.70
CA GLN A 108 5.19 65.74 -29.65
C GLN A 108 6.16 66.78 -30.25
N GLY A 109 5.74 67.37 -31.39
CA GLY A 109 6.53 68.40 -32.08
C GLY A 109 6.62 69.70 -31.28
N ASN A 110 5.52 70.07 -30.60
CA ASN A 110 5.46 71.30 -29.80
C ASN A 110 6.34 71.18 -28.55
N LYS A 111 6.30 69.99 -27.92
CA LYS A 111 7.14 69.66 -26.75
C LYS A 111 8.60 69.45 -27.17
N ALA A 112 8.82 69.06 -28.43
CA ALA A 112 10.18 68.98 -29.01
C ALA A 112 10.78 70.40 -29.09
N MET A 113 9.94 71.37 -29.52
CA MET A 113 10.31 72.80 -29.54
C MET A 113 10.57 73.32 -28.11
N ALA A 114 9.84 72.77 -27.12
CA ALA A 114 10.03 73.11 -25.69
C ALA A 114 11.33 72.49 -25.13
N ASN A 115 11.78 71.38 -25.73
CA ASN A 115 13.09 70.75 -25.44
C ASN A 115 14.20 71.44 -26.25
N LYS A 116 13.81 72.46 -27.07
CA LYS A 116 14.69 73.24 -27.96
C LYS A 116 15.18 72.39 -29.15
N ASP A 117 14.59 71.20 -29.33
CA ASP A 117 14.84 70.35 -30.49
C ASP A 117 13.78 70.69 -31.56
N TYR A 118 14.00 71.82 -32.22
CA TYR A 118 13.11 72.32 -33.28
C TYR A 118 13.26 71.43 -34.53
N GLU A 119 14.42 70.75 -34.67
CA GLU A 119 14.69 69.81 -35.78
C GLU A 119 13.74 68.60 -35.74
N LEU A 120 13.60 68.00 -34.53
CA LEU A 120 12.69 66.86 -34.31
C LEU A 120 11.25 67.30 -34.60
N ALA A 121 10.91 68.51 -34.15
CA ALA A 121 9.61 69.13 -34.38
C ALA A 121 9.29 69.20 -35.88
N ILE A 122 10.25 69.74 -36.65
CA ILE A 122 10.14 69.90 -38.11
C ILE A 122 9.84 68.55 -38.79
N ASN A 123 10.55 67.49 -38.35
CA ASN A 123 10.40 66.12 -38.89
C ASN A 123 9.01 65.52 -38.55
N LYS A 124 8.58 65.71 -37.29
CA LYS A 124 7.30 65.16 -36.79
C LYS A 124 6.10 65.87 -37.42
N TYR A 125 6.25 67.18 -37.68
CA TYR A 125 5.21 67.96 -38.38
C TYR A 125 5.14 67.55 -39.86
N THR A 126 6.28 67.18 -40.46
CA THR A 126 6.33 66.67 -41.85
C THR A 126 5.63 65.30 -41.97
N GLU A 127 5.78 64.45 -40.94
CA GLU A 127 5.07 63.16 -40.84
C GLU A 127 3.55 63.38 -40.65
N ALA A 128 3.20 64.40 -39.85
CA ALA A 128 1.81 64.82 -39.62
C ALA A 128 1.18 65.42 -40.90
N ILE A 129 2.03 66.03 -41.73
CA ILE A 129 1.66 66.57 -43.06
C ILE A 129 1.47 65.42 -44.06
N LYS A 130 2.29 64.35 -43.93
CA LYS A 130 2.22 63.17 -44.83
C LYS A 130 0.82 62.54 -44.73
N VAL A 131 0.36 62.34 -43.49
CA VAL A 131 -0.96 61.71 -43.20
C VAL A 131 -2.11 62.72 -43.28
N LEU A 132 -1.83 64.01 -42.99
CA LEU A 132 -2.87 65.07 -42.91
C LEU A 132 -2.28 66.42 -43.38
N PRO A 133 -2.19 66.63 -44.74
CA PRO A 133 -1.64 67.87 -45.34
C PRO A 133 -2.66 69.01 -45.41
N THR A 134 -3.90 68.75 -44.98
CA THR A 134 -5.00 69.73 -45.03
C THR A 134 -4.86 70.76 -43.88
N ASN A 135 -4.10 70.42 -42.84
CA ASN A 135 -3.91 71.28 -41.67
C ASN A 135 -2.72 72.21 -41.89
N ALA A 136 -3.03 73.44 -42.32
CA ALA A 136 -2.05 74.55 -42.52
C ALA A 136 -1.31 74.90 -41.22
N ILE A 137 -1.93 74.56 -40.08
CA ILE A 137 -1.38 74.79 -38.73
C ILE A 137 -0.04 74.04 -38.52
N TYR A 138 0.10 72.79 -39.04
CA TYR A 138 1.34 71.98 -38.85
C TYR A 138 2.53 72.61 -39.59
N TYR A 139 2.21 73.28 -40.71
CA TYR A 139 3.18 74.04 -41.51
C TYR A 139 3.63 75.28 -40.74
N ALA A 140 2.66 75.98 -40.11
CA ALA A 140 2.89 77.21 -39.33
C ALA A 140 3.65 76.92 -38.00
N ASN A 141 3.44 75.71 -37.46
CA ASN A 141 4.16 75.23 -36.26
C ASN A 141 5.62 74.92 -36.63
N ARG A 142 5.80 74.39 -37.85
CA ARG A 142 7.12 74.11 -38.43
C ARG A 142 7.82 75.44 -38.85
N ALA A 143 7.00 76.45 -39.19
CA ALA A 143 7.47 77.81 -39.50
C ALA A 143 7.93 78.49 -38.21
N ALA A 144 7.24 78.18 -37.10
CA ALA A 144 7.58 78.68 -35.75
C ALA A 144 8.92 78.08 -35.29
N ALA A 145 9.11 76.78 -35.60
CA ALA A 145 10.37 76.07 -35.35
C ALA A 145 11.53 76.72 -36.14
N HIS A 146 11.25 77.08 -37.41
CA HIS A 146 12.23 77.78 -38.28
C HIS A 146 12.51 79.20 -37.77
N SER A 147 11.50 79.88 -37.22
CA SER A 147 11.64 81.24 -36.67
C SER A 147 12.51 81.24 -35.40
N SER A 148 12.45 80.13 -34.65
CA SER A 148 13.30 79.90 -33.46
C SER A 148 14.75 79.60 -33.89
N LEU A 149 14.89 78.91 -35.02
CA LEU A 149 16.21 78.61 -35.65
C LEU A 149 16.71 79.82 -36.48
N LYS A 150 15.91 80.91 -36.48
CA LYS A 150 16.20 82.18 -37.18
C LYS A 150 16.25 82.03 -38.71
N GLU A 151 15.71 80.92 -39.21
CA GLU A 151 15.47 80.69 -40.63
C GLU A 151 14.17 81.41 -41.04
N TYR A 152 14.21 82.76 -41.03
CA TYR A 152 13.05 83.61 -41.37
C TYR A 152 12.78 83.58 -42.88
N ASP A 153 13.85 83.37 -43.64
CA ASP A 153 13.79 83.17 -45.10
C ASP A 153 13.16 81.82 -45.45
N GLN A 154 13.33 80.82 -44.56
CA GLN A 154 12.76 79.47 -44.73
C GLN A 154 11.34 79.37 -44.14
N ALA A 155 11.04 80.25 -43.17
CA ALA A 155 9.67 80.39 -42.59
C ALA A 155 8.68 80.93 -43.66
N VAL A 156 9.23 81.57 -44.71
CA VAL A 156 8.48 82.06 -45.88
C VAL A 156 7.84 80.89 -46.65
N LYS A 157 8.55 79.75 -46.71
CA LYS A 157 8.10 78.56 -47.48
C LYS A 157 6.88 77.91 -46.80
N ASP A 158 6.95 77.80 -45.46
CA ASP A 158 5.88 77.19 -44.65
C ASP A 158 4.67 78.15 -44.53
N ALA A 159 4.96 79.46 -44.51
CA ALA A 159 3.93 80.51 -44.55
C ALA A 159 3.18 80.45 -45.89
N GLU A 160 3.96 80.32 -46.99
CA GLU A 160 3.43 80.17 -48.35
C GLU A 160 2.48 78.97 -48.44
N SER A 161 2.96 77.82 -47.93
CA SER A 161 2.19 76.56 -47.92
C SER A 161 0.87 76.72 -47.15
N ALA A 162 0.94 77.38 -45.98
CA ALA A 162 -0.23 77.61 -45.10
C ALA A 162 -1.32 78.44 -45.80
N ILE A 163 -0.85 79.48 -46.53
CA ILE A 163 -1.71 80.36 -47.33
C ILE A 163 -2.32 79.60 -48.54
N SER A 164 -1.49 78.77 -49.20
CA SER A 164 -1.87 78.01 -50.41
C SER A 164 -2.95 76.95 -50.12
N ILE A 165 -2.98 76.45 -48.88
CA ILE A 165 -4.02 75.51 -48.42
C ILE A 165 -5.29 76.28 -48.08
N ASP A 166 -5.18 77.16 -47.08
CA ASP A 166 -6.32 77.91 -46.53
C ASP A 166 -6.06 79.41 -46.63
N PRO A 167 -6.92 80.18 -47.39
CA PRO A 167 -6.77 81.64 -47.52
C PRO A 167 -7.27 82.40 -46.26
N SER A 168 -8.08 81.70 -45.45
CA SER A 168 -8.65 82.24 -44.19
C SER A 168 -7.59 82.28 -43.08
N TYR A 169 -6.48 81.55 -43.29
CA TYR A 169 -5.35 81.49 -42.35
C TYR A 169 -4.53 82.79 -42.45
N PHE A 170 -5.00 83.82 -41.69
CA PHE A 170 -4.39 85.16 -41.66
C PHE A 170 -2.98 85.15 -41.02
N ARG A 171 -2.75 84.15 -40.13
CA ARG A 171 -1.44 83.96 -39.46
C ARG A 171 -0.37 83.44 -40.44
N GLY A 172 -0.77 83.04 -41.67
CA GLY A 172 0.18 82.74 -42.74
C GLY A 172 0.90 84.01 -43.20
N TYR A 173 0.09 85.07 -43.40
CA TYR A 173 0.60 86.40 -43.80
C TYR A 173 1.31 87.06 -42.60
N SER A 174 0.73 86.87 -41.40
CA SER A 174 1.28 87.41 -40.14
C SER A 174 2.61 86.73 -39.75
N ARG A 175 2.83 85.47 -40.22
CA ARG A 175 4.10 84.74 -39.98
C ARG A 175 5.16 85.29 -40.94
N LEU A 176 4.73 85.61 -42.17
CA LEU A 176 5.58 86.25 -43.18
C LEU A 176 6.04 87.65 -42.69
N GLY A 177 5.11 88.35 -41.99
CA GLY A 177 5.40 89.63 -41.37
C GLY A 177 6.26 89.51 -40.12
N PHE A 178 6.05 88.42 -39.37
CA PHE A 178 6.86 88.12 -38.16
C PHE A 178 8.33 87.92 -38.55
N ALA A 179 8.55 87.28 -39.70
CA ALA A 179 9.89 87.03 -40.26
C ALA A 179 10.64 88.36 -40.47
N LYS A 180 9.93 89.36 -41.03
CA LYS A 180 10.49 90.69 -41.33
C LYS A 180 10.76 91.48 -40.04
N TYR A 181 9.81 91.37 -39.10
CA TYR A 181 9.85 92.09 -37.82
C TYR A 181 11.01 91.57 -36.94
N ALA A 182 11.23 90.25 -37.01
CA ALA A 182 12.27 89.56 -36.22
C ALA A 182 13.68 89.77 -36.81
N GLN A 183 13.73 90.17 -38.11
CA GLN A 183 15.00 90.60 -38.75
C GLN A 183 15.31 92.09 -38.43
N GLY A 184 14.37 92.75 -37.72
CA GLY A 184 14.58 94.10 -37.19
C GLY A 184 13.87 95.19 -38.01
N LYS A 185 13.11 94.79 -39.05
CA LYS A 185 12.38 95.75 -39.92
C LYS A 185 10.86 95.67 -39.71
N PRO A 186 10.27 96.58 -38.85
CA PRO A 186 8.80 96.70 -38.70
C PRO A 186 8.12 97.25 -39.97
N GLU A 187 8.92 97.91 -40.82
CA GLU A 187 8.46 98.54 -42.06
C GLU A 187 7.94 97.50 -43.07
N GLU A 188 8.73 96.45 -43.30
CA GLU A 188 8.38 95.36 -44.22
C GLU A 188 7.33 94.43 -43.57
N ALA A 189 7.42 94.31 -42.24
CA ALA A 189 6.45 93.55 -41.42
C ALA A 189 5.04 94.14 -41.55
N LEU A 190 5.00 95.49 -41.60
CA LEU A 190 3.77 96.28 -41.65
C LEU A 190 2.89 95.90 -42.84
N GLU A 191 3.54 95.65 -43.98
CA GLU A 191 2.89 95.24 -45.23
C GLU A 191 2.02 93.98 -44.98
N ALA A 192 2.65 92.96 -44.40
CA ALA A 192 2.04 91.64 -44.20
C ALA A 192 0.95 91.65 -43.11
N TYR A 193 1.12 92.52 -42.10
CA TYR A 193 0.12 92.69 -41.01
C TYR A 193 -1.10 93.50 -41.52
N LYS A 194 -0.84 94.40 -42.48
CA LYS A 194 -1.88 95.18 -43.18
C LYS A 194 -2.60 94.25 -44.18
N LYS A 195 -1.87 93.23 -44.66
CA LYS A 195 -2.40 92.19 -45.55
C LYS A 195 -3.31 91.21 -44.75
N VAL A 196 -3.08 91.14 -43.43
CA VAL A 196 -3.99 90.45 -42.48
C VAL A 196 -5.31 91.25 -42.37
N LEU A 197 -5.17 92.57 -42.23
CA LEU A 197 -6.33 93.51 -42.19
C LEU A 197 -7.01 93.60 -43.58
N ASP A 198 -6.31 93.15 -44.63
CA ASP A 198 -6.87 93.06 -46.00
C ASP A 198 -7.89 91.89 -46.10
N ILE A 199 -7.70 90.86 -45.26
CA ILE A 199 -8.59 89.70 -45.19
C ILE A 199 -9.89 90.07 -44.44
N GLU A 200 -9.72 90.51 -43.20
CA GLU A 200 -10.82 90.75 -42.26
C GLU A 200 -11.43 92.16 -42.42
N GLY A 201 -10.57 93.18 -42.50
CA GLY A 201 -11.02 94.57 -42.62
C GLY A 201 -11.53 95.12 -41.30
N ASP A 202 -12.78 95.62 -41.31
CA ASP A 202 -13.47 96.10 -40.09
C ASP A 202 -13.84 94.93 -39.16
N ASN A 203 -13.81 93.70 -39.69
CA ASN A 203 -14.06 92.46 -38.93
C ASN A 203 -12.79 92.02 -38.16
N ALA A 204 -11.66 92.71 -38.40
CA ALA A 204 -10.39 92.42 -37.69
C ALA A 204 -10.45 92.98 -36.26
N THR A 205 -10.38 92.09 -35.26
CA THR A 205 -10.36 92.46 -33.85
C THR A 205 -9.00 93.10 -33.48
N GLU A 206 -8.90 93.69 -32.28
CA GLU A 206 -7.68 94.40 -31.85
C GLU A 206 -6.50 93.43 -31.64
N ALA A 207 -6.81 92.12 -31.49
CA ALA A 207 -5.79 91.05 -31.44
C ALA A 207 -5.06 90.89 -32.79
N MET A 208 -5.72 91.30 -33.87
CA MET A 208 -5.13 91.33 -35.23
C MET A 208 -4.49 92.71 -35.50
N LYS A 209 -5.17 93.77 -35.01
CA LYS A 209 -4.76 95.16 -35.20
C LYS A 209 -3.43 95.44 -34.47
N ARG A 210 -3.22 94.77 -33.34
CA ARG A 210 -2.00 94.91 -32.51
C ARG A 210 -0.75 94.43 -33.25
N ASP A 211 -0.92 93.48 -34.19
CA ASP A 211 0.17 93.07 -35.11
C ASP A 211 0.56 94.25 -36.01
N TYR A 212 -0.45 94.81 -36.67
CA TYR A 212 -0.30 96.01 -37.52
C TYR A 212 0.34 97.16 -36.72
N GLU A 213 -0.10 97.30 -35.47
CA GLU A 213 0.32 98.37 -34.55
C GLU A 213 1.76 98.14 -34.07
N SER A 214 2.15 96.88 -33.91
CA SER A 214 3.51 96.50 -33.48
C SER A 214 4.55 96.98 -34.53
N ALA A 215 4.11 97.00 -35.80
CA ALA A 215 4.93 97.46 -36.93
C ALA A 215 4.75 98.98 -37.20
N LYS A 216 3.49 99.45 -37.15
CA LYS A 216 3.10 100.83 -37.52
C LYS A 216 3.51 101.81 -36.43
N LYS A 217 3.05 101.54 -35.20
CA LYS A 217 3.30 102.41 -34.04
C LYS A 217 4.79 102.42 -33.68
N LYS A 218 5.51 101.32 -34.01
CA LYS A 218 6.98 101.24 -33.87
C LYS A 218 7.63 102.41 -34.66
N VAL A 219 7.15 102.62 -35.89
CA VAL A 219 7.59 103.72 -36.77
C VAL A 219 6.98 105.07 -36.30
N GLU A 220 5.73 105.02 -35.77
CA GLU A 220 4.98 106.20 -35.31
C GLU A 220 5.66 106.84 -34.08
N GLN A 221 6.46 106.05 -33.33
CA GLN A 221 7.26 106.54 -32.18
C GLN A 221 8.20 107.71 -32.60
N SER A 222 8.52 107.79 -33.90
CA SER A 222 9.38 108.84 -34.48
C SER A 222 8.73 110.24 -34.38
N LEU A 223 7.45 110.35 -34.76
CA LEU A 223 6.71 111.64 -34.72
C LEU A 223 6.02 111.84 -33.35
N ASN A 224 5.80 110.72 -32.62
CA ASN A 224 5.36 110.74 -31.19
C ASN A 224 6.50 111.29 -30.30
N LEU A 225 7.73 111.17 -30.83
CA LEU A 225 8.98 111.77 -30.31
C LEU A 225 9.04 113.28 -30.60
N GLU A 226 7.90 113.96 -30.34
CA GLU A 226 7.53 115.36 -30.72
C GLU A 226 8.71 116.36 -30.99
N LYS A 227 8.37 117.48 -31.58
CA LYS A 227 9.17 118.05 -32.67
C LYS A 227 10.22 119.06 -32.19
N THR A 228 11.46 118.76 -32.55
CA THR A 228 12.55 119.72 -32.68
C THR A 228 12.87 119.75 -34.20
N VAL A 229 13.06 120.97 -34.76
CA VAL A 229 13.27 121.29 -36.21
C VAL A 229 12.05 122.06 -36.80
N PRO A 230 10.77 121.52 -36.80
CA PRO A 230 9.57 122.32 -37.20
C PRO A 230 9.40 123.57 -36.31
N GLU A 231 9.85 124.73 -36.86
CA GLU A 231 9.91 126.02 -36.14
C GLU A 231 10.78 125.86 -34.87
N GLN A 232 12.05 125.52 -35.11
CA GLN A 232 13.03 125.14 -34.07
C GLN A 232 13.35 126.33 -33.14
N SER A 233 13.54 127.51 -33.76
CA SER A 233 13.86 128.77 -33.06
C SER A 233 13.25 129.96 -33.82
N ARG A 234 12.59 130.88 -33.06
CA ARG A 234 11.95 132.08 -33.62
C ARG A 234 12.91 133.28 -33.43
N ASP A 235 12.95 133.83 -32.20
CA ASP A 235 13.72 135.04 -31.84
C ASP A 235 13.45 135.36 -30.35
N ALA A 236 13.39 136.68 -30.00
CA ALA A 236 12.94 137.17 -28.69
C ALA A 236 11.57 136.59 -28.29
N ASP A 237 10.79 136.13 -29.30
CA ASP A 237 9.49 135.45 -29.11
C ASP A 237 9.58 134.32 -28.06
N VAL A 238 10.56 133.41 -28.21
CA VAL A 238 10.80 132.32 -27.23
C VAL A 238 11.99 132.71 -26.32
N ASP A 239 11.98 133.99 -25.87
CA ASP A 239 12.89 134.51 -24.82
C ASP A 239 14.38 134.51 -25.23
N ALA A 240 14.70 134.13 -26.48
CA ALA A 240 16.08 133.90 -26.94
C ALA A 240 16.86 135.22 -27.09
N SER A 241 16.31 136.13 -27.90
CA SER A 241 16.92 137.44 -28.18
C SER A 241 16.59 138.49 -27.11
N GLN A 242 15.73 138.12 -26.13
CA GLN A 242 15.40 138.99 -24.98
C GLN A 242 16.59 139.10 -24.02
N GLY A 243 17.03 140.34 -23.72
CA GLY A 243 18.12 140.60 -22.80
C GLY A 243 17.63 140.79 -21.38
N ALA A 244 17.42 139.67 -20.67
CA ALA A 244 16.99 139.66 -19.25
C ALA A 244 18.03 138.92 -18.40
N SER A 245 18.52 139.58 -17.35
CA SER A 245 19.58 139.06 -16.46
C SER A 245 19.57 139.81 -15.12
N ALA A 246 18.83 139.24 -14.14
CA ALA A 246 18.66 139.78 -12.78
C ALA A 246 17.94 141.15 -12.82
N GLY A 247 18.68 142.23 -13.17
CA GLY A 247 18.11 143.58 -13.30
C GLY A 247 17.69 144.18 -11.97
N GLY A 248 18.47 143.89 -10.92
CA GLY A 248 18.17 144.34 -9.56
C GLY A 248 19.00 143.57 -8.55
N LEU A 249 19.70 144.30 -7.67
CA LEU A 249 20.58 143.73 -6.64
C LEU A 249 20.36 144.51 -5.32
N PRO A 250 20.20 143.80 -4.15
CA PRO A 250 19.88 144.46 -2.85
C PRO A 250 21.04 145.34 -2.31
N ASP A 251 21.11 146.59 -2.83
CA ASP A 251 22.08 147.60 -2.42
C ASP A 251 21.76 148.91 -3.16
N LEU A 252 21.72 150.03 -2.40
CA LEU A 252 21.44 151.39 -2.89
C LEU A 252 19.99 151.52 -3.43
N GLY A 253 19.24 152.49 -2.88
CA GLY A 253 17.84 152.67 -3.24
C GLY A 253 17.26 153.94 -2.64
N SER A 254 17.59 154.18 -1.34
CA SER A 254 17.14 155.35 -0.55
C SER A 254 15.62 155.60 -0.70
N LEU A 255 14.84 154.49 -0.64
CA LEU A 255 13.37 154.51 -0.81
C LEU A 255 12.67 155.23 0.35
N LEU A 256 13.34 155.29 1.52
CA LEU A 256 12.88 156.08 2.68
C LEU A 256 13.20 157.58 2.45
N GLY A 257 14.35 157.85 1.83
CA GLY A 257 14.80 159.23 1.57
C GLY A 257 15.68 159.78 2.69
N GLY A 258 16.02 158.91 3.65
CA GLY A 258 16.84 159.30 4.81
C GLY A 258 16.07 160.25 5.73
N GLY A 259 16.27 161.55 5.49
CA GLY A 259 15.51 162.63 6.12
C GLY A 259 15.27 163.75 5.14
N LEU A 260 14.77 163.37 3.93
CA LEU A 260 14.50 164.26 2.77
C LEU A 260 15.84 164.71 2.12
N GLY A 261 15.94 164.52 0.79
CA GLY A 261 17.15 164.87 0.02
C GLY A 261 17.30 166.37 -0.22
N GLY A 262 17.65 167.10 0.85
CA GLY A 262 17.79 168.55 0.81
C GLY A 262 17.70 169.16 2.20
N LEU A 263 17.46 170.48 2.25
CA LEU A 263 17.26 171.23 3.51
C LEU A 263 15.76 171.22 3.87
N MET A 264 15.40 171.70 5.09
CA MET A 264 14.00 171.97 5.44
C MET A 264 13.43 173.01 4.46
N ASN A 265 12.24 172.71 3.94
CA ASN A 265 11.60 173.45 2.83
C ASN A 265 11.49 174.95 3.12
N ASN A 266 10.86 175.29 4.29
CA ASN A 266 10.53 176.66 4.81
C ASN A 266 9.01 177.02 4.64
N PRO A 267 8.38 176.97 3.40
CA PRO A 267 6.91 177.14 3.28
C PRO A 267 6.14 175.88 3.77
N GLN A 268 4.84 175.78 3.39
CA GLN A 268 3.92 174.66 3.76
C GLN A 268 3.46 174.78 5.24
N LEU A 269 3.98 175.78 5.97
CA LEU A 269 3.70 175.98 7.40
C LEU A 269 2.65 177.08 7.57
N MET A 270 1.36 176.67 7.68
CA MET A 270 0.20 177.56 7.93
C MET A 270 0.07 178.64 6.83
N GLN A 271 0.56 178.29 5.60
CA GLN A 271 0.40 179.11 4.38
C GLN A 271 1.03 180.52 4.54
N ALA A 272 0.66 181.47 3.64
CA ALA A 272 1.07 182.88 3.75
C ALA A 272 0.32 183.60 4.91
N ALA A 273 -0.70 182.92 5.47
CA ALA A 273 -1.44 183.40 6.65
C ALA A 273 -0.53 183.47 7.90
N GLN A 274 0.46 182.57 7.96
CA GLN A 274 1.47 182.55 9.02
C GLN A 274 2.38 183.79 8.94
N LYS A 275 2.70 184.19 7.69
CA LYS A 275 3.60 185.34 7.40
C LYS A 275 5.02 185.13 8.00
N MET A 276 5.39 183.85 8.14
CA MET A 276 6.65 183.39 8.76
C MET A 276 6.73 183.84 10.24
N MET A 277 6.21 182.97 11.14
CA MET A 277 6.28 183.13 12.61
C MET A 277 5.41 184.30 13.14
N SER A 278 4.79 185.06 12.24
CA SER A 278 4.02 186.25 12.58
C SER A 278 2.59 185.82 13.00
N ASN A 279 2.41 185.65 14.33
CA ASN A 279 1.11 185.27 14.93
C ASN A 279 -0.02 186.25 14.52
N PRO A 280 0.19 187.62 14.57
CA PRO A 280 -0.77 188.57 13.99
C PRO A 280 -0.67 188.58 12.47
N GLY A 281 -1.77 188.17 11.79
CA GLY A 281 -1.87 188.26 10.34
C GLY A 281 -1.79 189.71 9.84
N ALA A 282 -0.55 190.17 9.61
CA ALA A 282 -0.25 191.54 9.16
C ALA A 282 -0.74 191.75 7.70
N MET A 283 -0.69 190.67 6.90
CA MET A 283 -1.16 190.70 5.51
C MET A 283 -2.52 189.98 5.39
N GLN A 284 -2.73 188.96 6.26
CA GLN A 284 -3.94 188.11 6.21
C GLN A 284 -4.95 188.57 7.27
N ASN A 285 -6.18 188.91 6.81
CA ASN A 285 -7.35 189.28 7.66
C ASN A 285 -7.24 190.67 8.32
N ILE A 286 -6.01 191.24 8.39
CA ILE A 286 -5.70 192.46 9.17
C ILE A 286 -6.04 192.18 10.65
N GLN A 287 -5.06 191.61 11.37
CA GLN A 287 -5.26 191.10 12.74
C GLN A 287 -5.31 192.25 13.77
N LYS A 288 -6.55 192.74 14.01
CA LYS A 288 -6.91 193.62 15.14
C LYS A 288 -6.06 194.92 15.18
N MET A 289 -4.86 194.82 15.78
CA MET A 289 -3.97 195.98 16.03
C MET A 289 -3.07 196.30 14.83
N MET A 290 -3.20 195.51 13.74
CA MET A 290 -2.39 195.61 12.50
C MET A 290 -2.39 197.05 11.95
N GLN A 291 -3.58 197.66 11.92
CA GLN A 291 -3.78 199.03 11.45
C GLN A 291 -3.83 199.99 12.68
N ASP A 292 -2.65 200.28 13.26
CA ASP A 292 -2.53 201.22 14.40
C ASP A 292 -1.09 201.81 14.41
N PRO A 293 -0.88 203.00 13.77
CA PRO A 293 0.39 203.75 13.81
C PRO A 293 0.37 204.92 14.82
N SER A 294 -0.20 204.67 16.03
CA SER A 294 -0.41 205.71 17.07
C SER A 294 0.91 206.28 17.64
N ILE A 295 2.03 205.58 17.37
CA ILE A 295 3.40 206.04 17.72
C ILE A 295 3.69 207.39 17.03
N ARG A 296 3.23 207.56 15.78
CA ARG A 296 3.37 208.81 15.00
C ARG A 296 2.04 209.59 15.00
N GLN A 297 1.96 210.68 14.19
CA GLN A 297 0.80 211.58 14.14
C GLN A 297 -0.45 210.86 13.54
N MET A 298 -1.17 210.14 14.40
CA MET A 298 -2.33 209.32 14.04
C MET A 298 -3.62 210.00 14.53
N ALA A 299 -3.67 210.31 15.84
CA ALA A 299 -4.83 210.94 16.47
C ALA A 299 -4.82 212.45 16.19
N GLU A 300 -3.95 213.19 16.93
CA GLU A 300 -3.77 214.67 16.80
C GLU A 300 -5.10 215.44 17.02
N GLY A 301 -5.90 215.61 15.95
CA GLY A 301 -7.20 216.29 16.02
C GLY A 301 -8.30 215.39 16.55
N PHE A 302 -8.10 214.08 16.39
CA PHE A 302 -8.97 213.05 16.98
C PHE A 302 -8.92 213.16 18.51
N ALA A 303 -10.05 213.58 19.11
CA ALA A 303 -10.21 213.72 20.57
C ALA A 303 -9.16 214.72 21.13
N SER A 304 -8.93 215.81 20.37
CA SER A 304 -7.94 216.85 20.69
C SER A 304 -8.29 217.55 22.02
N GLY A 305 -9.44 218.25 22.05
CA GLY A 305 -9.90 218.97 23.24
C GLY A 305 -8.97 220.12 23.64
N GLY A 306 -7.95 219.79 24.45
CA GLY A 306 -6.96 220.76 24.91
C GLY A 306 -5.65 220.70 24.12
N GLY A 307 -5.64 219.94 23.01
CA GLY A 307 -4.46 219.82 22.13
C GLY A 307 -4.30 221.03 21.22
N THR A 308 -4.07 222.20 21.85
CA THR A 308 -4.01 223.51 21.19
C THR A 308 -2.82 224.32 21.75
N PRO A 309 -2.13 225.17 20.92
CA PRO A 309 -1.01 226.04 21.39
C PRO A 309 -1.46 227.07 22.45
N ASN A 310 -0.50 227.58 23.25
CA ASN A 310 -0.76 228.65 24.21
C ASN A 310 -0.84 230.01 23.45
N LEU A 311 -1.93 230.16 22.68
CA LEU A 311 -2.13 231.32 21.79
C LEU A 311 -2.54 232.57 22.59
N SER A 312 -3.01 232.37 23.83
CA SER A 312 -3.33 233.46 24.77
C SER A 312 -2.07 234.27 25.15
N ASP A 313 -0.89 233.61 25.03
CA ASP A 313 0.43 234.19 25.35
C ASP A 313 0.77 235.37 24.40
N LEU A 314 0.17 235.33 23.20
CA LEU A 314 0.39 236.30 22.12
C LEU A 314 -0.22 237.67 22.46
N MET A 315 -1.22 237.67 23.37
CA MET A 315 -1.81 238.91 23.88
C MET A 315 -0.77 239.68 24.69
N ASN A 316 -0.23 239.00 25.73
CA ASN A 316 0.76 239.57 26.69
C ASN A 316 0.15 240.79 27.45
N ASN A 317 0.83 241.24 28.52
CA ASN A 317 0.46 242.49 29.21
C ASN A 317 0.79 243.70 28.30
N PRO A 318 -0.19 244.60 28.00
CA PRO A 318 0.09 245.90 27.33
C PRO A 318 0.91 246.85 28.24
N ALA A 319 2.19 246.48 28.43
CA ALA A 319 3.14 247.18 29.30
C ALA A 319 4.01 248.16 28.49
N LEU A 320 3.80 248.17 27.16
CA LEU A 320 4.52 249.02 26.21
C LEU A 320 4.24 250.51 26.47
N ARG A 321 2.99 250.78 26.95
CA ARG A 321 2.45 252.14 27.19
C ARG A 321 2.07 252.77 25.83
N ASN A 322 0.93 253.51 25.80
CA ASN A 322 0.41 254.14 24.55
C ASN A 322 1.44 255.11 23.93
N MET A 323 2.24 255.76 24.81
CA MET A 323 3.33 256.70 24.47
C MET A 323 2.73 258.01 23.87
N ALA A 324 2.25 257.93 22.61
CA ALA A 324 1.50 259.01 21.92
C ALA A 324 2.29 260.34 21.86
N GLY A 325 3.40 260.33 21.08
CA GLY A 325 4.22 261.53 20.84
C GLY A 325 4.83 262.14 22.10
N ASN A 326 5.07 261.29 23.11
CA ASN A 326 5.53 261.72 24.45
C ASN A 326 6.62 260.76 24.93
N LEU A 327 7.59 261.31 25.69
CA LEU A 327 8.79 260.58 26.15
C LEU A 327 8.44 259.56 27.26
N PHE A 328 7.40 259.88 28.05
CA PHE A 328 6.96 259.05 29.19
C PHE A 328 8.05 258.95 30.29
N GLY A 329 8.94 257.93 30.17
CA GLY A 329 9.95 257.65 31.19
C GLY A 329 9.34 257.12 32.48
N GLY A 330 8.72 258.04 33.23
CA GLY A 330 7.94 257.73 34.41
C GLY A 330 6.80 258.73 34.54
N ALA A 331 7.17 260.02 34.53
CA ALA A 331 6.24 261.17 34.50
C ALA A 331 5.33 261.22 35.76
N GLY A 332 5.84 260.66 36.87
CA GLY A 332 5.12 260.65 38.15
C GLY A 332 5.89 261.36 39.25
N ALA A 333 7.19 261.05 39.35
CA ALA A 333 8.07 261.55 40.43
C ALA A 333 8.49 263.02 40.19
N GLN A 334 8.37 263.47 38.93
CA GLN A 334 8.71 264.84 38.53
C GLN A 334 7.57 265.82 38.92
N SER A 335 7.86 267.13 38.77
CA SER A 335 6.90 268.25 38.95
C SER A 335 6.58 268.59 40.42
N THR A 336 6.63 267.59 41.33
CA THR A 336 6.47 267.81 42.78
C THR A 336 7.70 268.54 43.36
N ASP A 337 8.82 268.48 42.63
CA ASP A 337 10.10 269.11 42.99
C ASP A 337 10.16 270.59 42.56
N GLU A 338 8.99 271.17 42.18
CA GLU A 338 8.90 272.59 41.79
C GLU A 338 9.03 273.52 43.03
N THR A 339 8.85 274.83 42.79
CA THR A 339 9.03 275.88 43.81
C THR A 339 10.53 275.94 44.19
N PRO A 340 11.36 276.73 43.42
CA PRO A 340 12.84 276.74 43.57
C PRO A 340 13.33 277.33 44.90
N ASP A 341 14.65 277.53 45.01
CA ASP A 341 15.29 278.23 46.14
C ASP A 341 15.36 279.75 45.90
N ASN A 342 14.48 280.23 44.97
CA ASN A 342 14.35 281.62 44.54
C ASN A 342 15.54 282.04 43.65
N GLU A 343 15.22 282.55 42.46
CA GLU A 343 16.19 283.03 41.46
C GLU A 343 16.77 284.40 41.87
N ASN A 344 16.10 285.05 42.88
CA ASN A 344 16.35 286.43 43.33
C ASN A 344 15.74 287.42 42.34
N LYS A 345 16.20 287.36 41.07
CA LYS A 345 15.72 288.18 39.93
C LYS A 345 16.20 289.65 40.06
N GLN A 346 16.40 290.31 38.89
CA GLN A 346 16.80 291.73 38.80
C GLN A 346 18.23 291.99 39.39
N TYR A 347 18.97 290.89 39.60
CA TYR A 347 20.30 290.91 40.24
C TYR A 347 21.36 291.40 39.23
N MET B 1 -0.70 14.09 -5.83
CA MET B 1 -0.63 12.85 -5.01
C MET B 1 -0.77 11.62 -5.91
N SER B 2 0.24 10.72 -5.85
CA SER B 2 0.25 9.46 -6.63
C SER B 2 1.27 8.50 -5.99
N ALA B 3 0.80 7.27 -5.67
CA ALA B 3 1.63 6.20 -5.07
C ALA B 3 2.27 6.64 -3.72
N SER B 4 3.17 5.79 -3.19
CA SER B 4 3.91 6.09 -1.94
C SER B 4 5.42 6.24 -2.23
N LYS B 5 6.26 6.40 -1.19
CA LYS B 5 7.68 6.78 -1.37
C LYS B 5 8.62 5.58 -1.13
N GLU B 6 8.85 5.23 0.15
CA GLU B 6 9.76 4.14 0.56
C GLU B 6 9.29 2.78 0.01
N GLU B 7 7.97 2.65 -0.04
CA GLU B 7 7.27 1.39 -0.35
C GLU B 7 7.38 1.06 -1.85
N ILE B 8 7.22 2.10 -2.69
CA ILE B 8 7.41 1.97 -4.15
C ILE B 8 8.91 1.76 -4.45
N ALA B 9 9.76 2.50 -3.70
CA ALA B 9 11.22 2.37 -3.79
C ALA B 9 11.69 0.95 -3.40
N ALA B 10 10.99 0.35 -2.42
CA ALA B 10 11.23 -1.03 -1.98
C ALA B 10 10.89 -2.03 -3.08
N LEU B 11 9.77 -1.77 -3.79
CA LEU B 11 9.35 -2.56 -4.97
C LEU B 11 10.45 -2.51 -6.05
N ILE B 12 10.96 -1.30 -6.30
CA ILE B 12 11.94 -1.01 -7.36
C ILE B 12 13.27 -1.75 -7.11
N VAL B 13 13.81 -1.63 -5.88
CA VAL B 13 15.10 -2.24 -5.53
C VAL B 13 14.98 -3.78 -5.43
N ASN B 14 13.82 -4.26 -4.93
CA ASN B 14 13.53 -5.72 -4.83
C ASN B 14 13.39 -6.35 -6.22
N TYR B 15 12.78 -5.55 -7.13
CA TYR B 15 12.55 -5.95 -8.52
C TYR B 15 13.90 -6.19 -9.21
N PHE B 16 14.77 -5.16 -9.19
CA PHE B 16 16.10 -5.22 -9.85
C PHE B 16 16.98 -6.33 -9.25
N SER B 17 16.87 -6.55 -7.92
CA SER B 17 17.59 -7.64 -7.24
C SER B 17 17.19 -9.02 -7.81
N SER B 18 15.88 -9.22 -8.01
CA SER B 18 15.34 -10.45 -8.61
C SER B 18 15.81 -10.58 -10.08
N ILE B 19 15.88 -9.44 -10.79
CA ILE B 19 16.25 -9.38 -12.21
C ILE B 19 17.74 -9.73 -12.44
N VAL B 20 18.64 -9.21 -11.58
CA VAL B 20 20.09 -9.42 -11.72
C VAL B 20 20.51 -10.85 -11.31
N GLU B 21 19.78 -11.43 -10.33
CA GLU B 21 20.01 -12.82 -9.87
C GLU B 21 19.43 -13.85 -10.85
N LYS B 22 18.34 -13.48 -11.54
CA LYS B 22 17.69 -14.36 -12.54
C LYS B 22 18.30 -14.17 -13.94
N LYS B 23 19.21 -13.16 -14.07
CA LYS B 23 19.87 -12.82 -15.35
C LYS B 23 18.83 -12.41 -16.41
N GLU B 24 17.72 -11.83 -15.91
CA GLU B 24 16.58 -11.35 -16.71
C GLU B 24 17.01 -10.11 -17.54
N ILE B 25 18.02 -9.40 -17.03
CA ILE B 25 18.77 -8.38 -17.78
C ILE B 25 20.21 -8.91 -18.00
N SER B 26 20.90 -8.39 -19.03
CA SER B 26 22.32 -8.69 -19.27
C SER B 26 23.18 -8.14 -18.12
N GLU B 27 24.28 -8.86 -17.81
CA GLU B 27 25.20 -8.53 -16.69
C GLU B 27 25.80 -7.12 -16.81
N ASP B 28 25.87 -6.61 -18.06
CA ASP B 28 26.30 -5.23 -18.35
C ASP B 28 25.40 -4.23 -17.62
N GLY B 29 24.10 -4.26 -17.95
CA GLY B 29 23.10 -3.38 -17.34
C GLY B 29 22.81 -3.71 -15.88
N ALA B 30 23.09 -4.96 -15.49
CA ALA B 30 22.86 -5.46 -14.13
C ALA B 30 23.70 -4.70 -13.09
N ASP B 31 24.97 -4.39 -13.43
CA ASP B 31 25.87 -3.58 -12.56
C ASP B 31 25.32 -2.17 -12.37
N SER B 32 24.71 -1.62 -13.43
CA SER B 32 24.09 -0.27 -13.41
C SER B 32 22.86 -0.24 -12.48
N LEU B 33 22.21 -1.41 -12.31
CA LEU B 33 21.10 -1.59 -11.37
C LEU B 33 21.59 -1.68 -9.91
N ASN B 34 22.81 -2.19 -9.71
CA ASN B 34 23.40 -2.36 -8.36
C ASN B 34 23.58 -1.00 -7.68
N VAL B 35 24.23 -0.04 -8.38
CA VAL B 35 24.44 1.32 -7.87
C VAL B 35 23.11 2.08 -7.74
N ALA B 36 22.16 1.79 -8.65
CA ALA B 36 20.82 2.40 -8.64
C ALA B 36 20.06 2.03 -7.37
N MET B 37 19.97 0.72 -7.10
CA MET B 37 19.30 0.16 -5.91
C MET B 37 19.93 0.70 -4.62
N ASP B 38 21.28 0.75 -4.61
CA ASP B 38 22.07 1.21 -3.46
C ASP B 38 21.74 2.67 -3.11
N CYS B 39 21.70 3.53 -4.14
CA CYS B 39 21.41 4.96 -3.99
C CYS B 39 19.97 5.19 -3.49
N ILE B 40 19.01 4.40 -4.02
CA ILE B 40 17.57 4.51 -3.69
C ILE B 40 17.31 4.05 -2.23
N SER B 41 17.87 2.90 -1.85
CA SER B 41 17.66 2.28 -0.54
C SER B 41 18.23 3.17 0.58
N GLU B 42 19.45 3.68 0.37
CA GLU B 42 20.12 4.58 1.31
C GLU B 42 19.45 5.97 1.33
N ALA B 43 18.87 6.38 0.18
CA ALA B 43 18.20 7.70 0.02
C ALA B 43 17.07 7.90 1.05
N PHE B 44 16.18 6.91 1.14
CA PHE B 44 15.08 6.91 2.12
C PHE B 44 15.58 6.34 3.47
N GLY B 45 16.62 5.50 3.41
CA GLY B 45 17.26 4.96 4.62
C GLY B 45 16.67 3.64 5.08
N PHE B 46 16.25 2.79 4.12
CA PHE B 46 15.72 1.44 4.40
C PHE B 46 16.70 0.38 3.86
N GLU B 47 16.66 -0.82 4.49
CA GLU B 47 17.54 -1.94 4.13
C GLU B 47 16.96 -2.70 2.94
N ARG B 48 17.85 -3.14 2.03
CA ARG B 48 17.50 -3.88 0.80
C ARG B 48 16.89 -5.27 1.14
N GLU B 49 17.24 -5.82 2.30
CA GLU B 49 16.65 -7.09 2.78
C GLU B 49 15.23 -6.82 3.33
N ALA B 50 15.11 -5.73 4.10
CA ALA B 50 13.86 -5.34 4.80
C ALA B 50 12.71 -5.01 3.83
N VAL B 51 13.03 -4.77 2.56
CA VAL B 51 12.05 -4.40 1.51
C VAL B 51 10.90 -5.41 1.37
N SER B 52 11.17 -6.69 1.69
CA SER B 52 10.21 -7.79 1.61
C SER B 52 8.96 -7.52 2.49
N GLY B 53 9.19 -6.91 3.67
CA GLY B 53 8.12 -6.49 4.56
C GLY B 53 7.49 -5.16 4.14
N ILE B 54 8.29 -4.32 3.46
CA ILE B 54 7.86 -2.99 2.99
C ILE B 54 7.01 -3.10 1.68
N LEU B 55 7.09 -4.29 1.03
CA LEU B 55 6.27 -4.64 -0.15
C LEU B 55 4.79 -4.73 0.24
N GLY B 56 4.48 -5.63 1.21
CA GLY B 56 3.12 -5.78 1.77
C GLY B 56 2.85 -4.74 2.83
N LYS B 57 2.95 -3.47 2.42
CA LYS B 57 2.92 -2.28 3.28
C LYS B 57 2.48 -1.09 2.44
N SER B 58 2.86 -1.14 1.14
CA SER B 58 2.55 -0.12 0.14
C SER B 58 1.05 0.24 0.12
N GLU B 59 0.22 -0.80 0.35
CA GLU B 59 -1.25 -0.77 0.41
C GLU B 59 -1.86 -0.66 -1.01
N PHE B 60 -1.37 0.33 -1.80
CA PHE B 60 -1.78 0.60 -3.17
C PHE B 60 -3.27 1.02 -3.25
N LYS B 61 -3.58 1.99 -4.10
CA LYS B 61 -4.95 2.44 -4.33
C LYS B 61 -5.52 1.81 -5.63
N GLY B 62 -4.64 1.34 -6.53
CA GLY B 62 -5.07 0.74 -7.81
C GLY B 62 -4.05 -0.20 -8.44
N GLN B 63 -2.77 -0.09 -8.04
CA GLN B 63 -1.69 -0.97 -8.58
C GLN B 63 -1.92 -2.43 -8.14
N HIS B 64 -1.59 -2.72 -6.86
CA HIS B 64 -1.82 -4.03 -6.20
C HIS B 64 -1.09 -5.18 -6.91
N LEU B 65 -1.73 -5.78 -7.92
CA LEU B 65 -1.21 -6.95 -8.65
C LEU B 65 -1.05 -6.63 -10.17
N ALA B 66 -0.85 -7.70 -10.97
CA ALA B 66 -0.75 -7.69 -12.45
C ALA B 66 0.66 -7.24 -12.92
N ASP B 67 0.93 -5.93 -12.94
CA ASP B 67 2.25 -5.38 -13.35
C ASP B 67 3.30 -5.59 -12.25
N ILE B 68 2.83 -5.83 -11.01
CA ILE B 68 3.70 -6.13 -9.85
C ILE B 68 3.06 -7.29 -9.07
N LEU B 69 3.84 -8.36 -8.82
CA LEU B 69 3.38 -9.54 -8.05
C LEU B 69 4.09 -9.58 -6.69
N ASN B 70 4.80 -8.51 -6.34
CA ASN B 70 5.66 -8.45 -5.14
C ASN B 70 4.99 -7.59 -4.05
N SER B 71 4.27 -8.27 -3.14
CA SER B 71 3.65 -7.64 -1.95
C SER B 71 3.85 -8.59 -0.75
N ALA B 72 3.13 -9.72 -0.76
CA ALA B 72 3.29 -10.78 0.24
C ALA B 72 3.36 -12.13 -0.49
N SER B 73 4.43 -12.90 -0.23
CA SER B 73 4.63 -14.23 -0.85
C SER B 73 3.54 -15.22 -0.38
N ARG B 74 3.11 -15.05 0.88
CA ARG B 74 2.01 -15.83 1.48
C ARG B 74 1.61 -15.22 2.84
N VAL B 75 2.51 -15.38 3.85
CA VAL B 75 2.27 -15.01 5.27
C VAL B 75 0.98 -15.71 5.83
N PRO B 76 1.07 -17.04 6.21
CA PRO B 76 -0.09 -17.82 6.72
C PRO B 76 -0.44 -17.42 8.18
N GLU B 77 -1.69 -17.03 8.41
CA GLU B 77 -2.16 -16.47 9.69
C GLU B 77 -3.69 -16.74 9.80
N SER B 78 -4.40 -16.00 10.68
CA SER B 78 -5.88 -16.01 10.76
C SER B 78 -6.53 -15.77 9.38
N ASN B 79 -7.61 -16.52 9.09
CA ASN B 79 -8.35 -16.44 7.80
C ASN B 79 -8.97 -15.05 7.64
N LYS B 80 -9.61 -14.59 8.72
CA LYS B 80 -10.09 -13.21 8.86
C LYS B 80 -9.00 -12.41 9.60
N LYS B 81 -8.78 -11.15 9.19
CA LYS B 81 -7.52 -10.40 9.48
C LYS B 81 -7.41 -9.85 10.93
N ASP B 82 -8.15 -10.44 11.88
CA ASP B 82 -8.10 -10.07 13.31
C ASP B 82 -8.83 -11.15 14.14
N ASP B 83 -9.86 -11.77 13.53
CA ASP B 83 -10.71 -12.82 14.14
C ASP B 83 -11.56 -12.27 15.32
N ALA B 84 -12.53 -13.08 15.77
CA ALA B 84 -13.42 -12.79 16.92
C ALA B 84 -14.38 -11.63 16.62
N GLU B 85 -13.88 -10.40 16.65
CA GLU B 85 -14.66 -9.19 16.37
C GLU B 85 -14.59 -8.84 14.86
N ASN B 86 -13.55 -9.37 14.17
CA ASN B 86 -13.29 -9.08 12.75
C ASN B 86 -14.39 -9.66 11.85
N VAL B 87 -15.14 -8.76 11.23
CA VAL B 87 -16.22 -9.09 10.31
C VAL B 87 -16.34 -7.92 9.30
N GLU B 88 -17.30 -8.01 8.35
CA GLU B 88 -17.69 -6.94 7.39
C GLU B 88 -16.47 -6.44 6.56
N ILE B 89 -15.47 -7.32 6.41
CA ILE B 89 -14.23 -7.05 5.67
C ILE B 89 -14.53 -6.90 4.15
N ASN B 90 -14.28 -5.69 3.63
CA ASN B 90 -14.62 -5.30 2.25
C ASN B 90 -13.84 -6.15 1.23
N ILE B 91 -12.54 -5.84 1.09
CA ILE B 91 -11.62 -6.58 0.20
C ILE B 91 -10.20 -6.68 0.84
N PRO B 92 -9.99 -7.65 1.79
CA PRO B 92 -8.66 -7.91 2.38
C PRO B 92 -7.86 -8.97 1.59
N GLU B 93 -8.20 -9.13 0.30
CA GLU B 93 -7.53 -10.09 -0.61
C GLU B 93 -6.19 -9.51 -1.12
N ASP B 94 -6.09 -8.16 -1.09
CA ASP B 94 -4.88 -7.41 -1.51
C ASP B 94 -3.93 -7.28 -0.30
N ASP B 95 -3.11 -6.19 -0.29
CA ASP B 95 -2.45 -5.66 0.92
C ASP B 95 -3.53 -5.44 2.03
N ALA B 96 -3.79 -6.48 2.82
CA ALA B 96 -5.02 -6.59 3.62
C ALA B 96 -5.10 -5.56 4.77
N GLU B 97 -4.32 -5.81 5.82
CA GLU B 97 -4.29 -4.99 7.04
C GLU B 97 -3.67 -3.59 6.78
N THR B 98 -2.81 -3.48 5.75
CA THR B 98 -2.10 -2.23 5.45
C THR B 98 -2.96 -1.21 4.69
N LYS B 99 -4.11 -1.64 4.13
CA LYS B 99 -5.15 -0.72 3.60
C LYS B 99 -6.09 -0.26 4.72
N ALA B 100 -6.40 -1.19 5.65
CA ALA B 100 -7.29 -0.92 6.80
C ALA B 100 -6.54 -0.08 7.86
N LYS B 101 -5.57 -0.73 8.55
CA LYS B 101 -4.61 -0.10 9.51
C LYS B 101 -5.24 0.95 10.45
N ALA B 102 -4.64 2.15 10.53
CA ALA B 102 -5.06 3.27 11.37
C ALA B 102 -6.51 3.68 11.16
N GLU B 103 -7.06 3.44 9.94
CA GLU B 103 -8.45 3.83 9.57
C GLU B 103 -9.50 3.10 10.44
N ASP B 104 -9.08 2.09 11.21
CA ASP B 104 -9.94 1.43 12.22
C ASP B 104 -10.41 2.45 13.27
N LEU B 105 -9.43 3.01 13.99
CA LEU B 105 -9.66 3.97 15.08
C LEU B 105 -9.99 5.37 14.50
N LYS B 106 -9.34 5.69 13.38
CA LYS B 106 -9.55 6.95 12.63
C LYS B 106 -11.00 7.03 12.07
N MET B 107 -11.62 5.86 11.76
CA MET B 107 -13.05 5.81 11.31
C MET B 107 -13.98 6.16 12.49
N GLN B 108 -13.65 5.63 13.68
CA GLN B 108 -14.39 5.92 14.92
C GLN B 108 -14.34 7.43 15.23
N GLY B 109 -13.17 8.04 14.96
CA GLY B 109 -12.96 9.48 15.14
C GLY B 109 -13.55 10.30 14.02
N ASN B 110 -13.64 9.70 12.82
CA ASN B 110 -14.16 10.36 11.61
C ASN B 110 -15.67 10.64 11.80
N LYS B 111 -16.38 9.64 12.36
CA LYS B 111 -17.82 9.76 12.65
C LYS B 111 -18.06 10.46 14.00
N ALA B 112 -17.09 10.40 14.92
CA ALA B 112 -17.12 11.18 16.19
C ALA B 112 -17.13 12.69 15.89
N MET B 113 -16.35 13.09 14.87
CA MET B 113 -16.31 14.48 14.37
C MET B 113 -17.70 14.88 13.79
N ALA B 114 -18.36 13.92 13.12
CA ALA B 114 -19.72 14.11 12.55
C ALA B 114 -20.79 14.12 13.68
N ASN B 115 -20.46 13.44 14.79
CA ASN B 115 -21.31 13.38 16.01
C ASN B 115 -21.02 14.59 16.93
N LYS B 116 -20.04 15.43 16.50
CA LYS B 116 -19.61 16.69 17.18
C LYS B 116 -18.82 16.41 18.49
N ASP B 117 -18.39 15.15 18.66
CA ASP B 117 -17.38 14.75 19.65
C ASP B 117 -15.99 15.07 19.09
N TYR B 118 -15.59 16.35 19.19
CA TYR B 118 -14.29 16.84 18.69
C TYR B 118 -13.15 16.22 19.48
N GLU B 119 -13.22 16.30 20.82
CA GLU B 119 -12.15 15.81 21.73
C GLU B 119 -11.98 14.28 21.60
N LEU B 120 -13.10 13.56 21.41
CA LEU B 120 -13.08 12.11 21.19
C LEU B 120 -12.47 11.78 19.81
N ALA B 121 -12.81 12.60 18.80
CA ALA B 121 -12.30 12.45 17.43
C ALA B 121 -10.76 12.58 17.40
N ILE B 122 -10.28 13.66 18.05
CA ILE B 122 -8.84 13.97 18.17
C ILE B 122 -8.11 12.80 18.88
N ASN B 123 -8.74 12.28 19.94
CA ASN B 123 -8.25 11.13 20.71
C ASN B 123 -8.07 9.90 19.80
N LYS B 124 -9.09 9.63 18.97
CA LYS B 124 -9.11 8.47 18.05
C LYS B 124 -8.00 8.58 16.99
N TYR B 125 -7.74 9.82 16.51
CA TYR B 125 -6.65 10.09 15.53
C TYR B 125 -5.28 9.82 16.17
N THR B 126 -5.18 10.14 17.48
CA THR B 126 -3.97 9.93 18.29
C THR B 126 -3.72 8.42 18.51
N GLU B 127 -4.80 7.66 18.75
CA GLU B 127 -4.73 6.19 18.91
C GLU B 127 -4.35 5.53 17.57
N ALA B 128 -4.81 6.17 16.47
CA ALA B 128 -4.53 5.72 15.10
C ALA B 128 -3.05 5.95 14.71
N ILE B 129 -2.39 6.96 15.34
CA ILE B 129 -0.93 7.22 15.16
C ILE B 129 -0.11 5.99 15.57
N LYS B 130 -0.57 5.28 16.62
CA LYS B 130 0.12 4.07 17.13
C LYS B 130 0.19 2.96 16.06
N VAL B 131 -0.87 2.87 15.23
CA VAL B 131 -0.98 1.82 14.21
C VAL B 131 -0.06 2.15 13.00
N LEU B 132 0.09 3.44 12.68
CA LEU B 132 0.90 3.90 11.54
C LEU B 132 1.38 5.35 11.77
N PRO B 133 2.54 5.57 12.48
CA PRO B 133 3.02 6.92 12.85
C PRO B 133 3.77 7.67 11.73
N THR B 134 4.01 6.98 10.61
CA THR B 134 4.80 7.51 9.48
C THR B 134 3.92 8.29 8.47
N ASN B 135 2.65 8.56 8.83
CA ASN B 135 1.71 9.27 7.96
C ASN B 135 1.29 10.61 8.60
N ALA B 136 1.05 11.62 7.75
CA ALA B 136 0.87 13.03 8.18
C ALA B 136 -0.60 13.41 8.47
N ILE B 137 -1.55 12.56 8.01
CA ILE B 137 -2.99 12.88 7.98
C ILE B 137 -3.56 13.19 9.39
N TYR B 138 -3.07 12.46 10.41
CA TYR B 138 -3.61 12.54 11.79
C TYR B 138 -3.40 13.94 12.35
N TYR B 139 -2.17 14.43 12.21
CA TYR B 139 -1.74 15.74 12.71
C TYR B 139 -2.52 16.85 11.99
N ALA B 140 -2.56 16.82 10.66
CA ALA B 140 -3.30 17.83 9.86
C ALA B 140 -4.82 17.84 10.20
N ASN B 141 -5.34 16.67 10.64
CA ASN B 141 -6.76 16.51 11.03
C ASN B 141 -6.99 17.12 12.43
N ARG B 142 -6.04 16.87 13.37
CA ARG B 142 -6.10 17.41 14.74
C ARG B 142 -5.83 18.93 14.73
N ALA B 143 -5.09 19.38 13.70
CA ALA B 143 -4.85 20.81 13.44
C ALA B 143 -6.17 21.48 13.01
N ALA B 144 -6.86 20.83 12.05
CA ALA B 144 -8.20 21.26 11.57
C ALA B 144 -9.23 21.25 12.71
N ALA B 145 -9.03 20.33 13.67
CA ALA B 145 -9.87 20.22 14.87
C ALA B 145 -9.60 21.40 15.83
N HIS B 146 -8.31 21.76 16.02
CA HIS B 146 -7.91 22.94 16.83
C HIS B 146 -8.21 24.26 16.08
N SER B 147 -8.50 24.16 14.78
CA SER B 147 -9.00 25.29 13.98
C SER B 147 -10.51 25.51 14.25
N SER B 148 -11.22 24.40 14.48
CA SER B 148 -12.65 24.40 14.85
C SER B 148 -12.80 24.84 16.33
N LEU B 149 -11.82 24.46 17.16
CA LEU B 149 -11.75 24.85 18.58
C LEU B 149 -11.08 26.23 18.73
N LYS B 150 -10.49 26.72 17.61
CA LYS B 150 -10.11 28.14 17.40
C LYS B 150 -8.74 28.51 18.03
N GLU B 151 -7.99 27.52 18.54
CA GLU B 151 -6.58 27.75 18.96
C GLU B 151 -5.66 27.45 17.76
N TYR B 152 -5.55 28.44 16.86
CA TYR B 152 -4.77 28.31 15.61
C TYR B 152 -3.27 28.19 15.89
N ASP B 153 -2.81 28.77 17.01
CA ASP B 153 -1.41 28.62 17.48
C ASP B 153 -1.10 27.16 17.85
N GLN B 154 -2.09 26.48 18.45
CA GLN B 154 -1.98 25.04 18.81
C GLN B 154 -2.19 24.15 17.56
N ALA B 155 -2.97 24.67 16.58
CA ALA B 155 -3.16 24.01 15.28
C ALA B 155 -1.86 24.00 14.46
N VAL B 156 -1.03 25.05 14.67
CA VAL B 156 0.30 25.18 14.06
C VAL B 156 1.20 23.99 14.41
N LYS B 157 1.16 23.57 15.69
CA LYS B 157 1.94 22.41 16.21
C LYS B 157 1.72 21.18 15.32
N ASP B 158 0.46 20.75 15.23
CA ASP B 158 0.06 19.55 14.50
C ASP B 158 0.33 19.69 13.00
N ALA B 159 -0.10 20.82 12.42
CA ALA B 159 0.00 21.07 10.96
C ALA B 159 1.47 21.05 10.48
N GLU B 160 2.37 21.60 11.31
CA GLU B 160 3.81 21.67 11.02
C GLU B 160 4.48 20.31 11.25
N SER B 161 4.02 19.58 12.29
CA SER B 161 4.51 18.23 12.61
C SER B 161 4.05 17.20 11.54
N ALA B 162 2.94 17.53 10.85
CA ALA B 162 2.46 16.76 9.69
C ALA B 162 3.47 16.86 8.54
N ILE B 163 3.87 18.11 8.24
CA ILE B 163 4.88 18.43 7.22
C ILE B 163 6.25 17.80 7.58
N SER B 164 6.57 17.82 8.89
CA SER B 164 7.83 17.32 9.45
C SER B 164 8.00 15.81 9.17
N ILE B 165 6.89 15.06 9.22
CA ILE B 165 6.88 13.63 8.91
C ILE B 165 6.89 13.41 7.38
N ASP B 166 5.92 14.01 6.70
CA ASP B 166 5.74 13.84 5.24
C ASP B 166 5.51 15.21 4.55
N PRO B 167 6.39 15.59 3.57
CA PRO B 167 6.29 16.87 2.86
C PRO B 167 5.50 16.81 1.53
N SER B 168 4.93 15.63 1.18
CA SER B 168 4.13 15.48 -0.07
C SER B 168 2.63 15.74 0.21
N TYR B 169 2.24 15.64 1.49
CA TYR B 169 0.86 15.93 1.93
C TYR B 169 0.64 17.46 1.95
N PHE B 170 0.15 17.98 0.80
CA PHE B 170 -0.10 19.42 0.57
C PHE B 170 -1.09 20.03 1.56
N ARG B 171 -2.00 19.18 2.10
CA ARG B 171 -2.99 19.60 3.10
C ARG B 171 -2.34 19.99 4.43
N GLY B 172 -1.16 19.42 4.76
CA GLY B 172 -0.42 19.81 5.97
C GLY B 172 -0.01 21.29 5.92
N TYR B 173 0.29 21.76 4.71
CA TYR B 173 0.70 23.16 4.45
C TYR B 173 -0.49 24.13 4.51
N SER B 174 -1.66 23.68 4.01
CA SER B 174 -2.88 24.51 3.96
C SER B 174 -3.47 24.70 5.38
N ARG B 175 -3.37 23.65 6.22
CA ARG B 175 -3.77 23.69 7.65
C ARG B 175 -2.87 24.65 8.42
N LEU B 176 -1.59 24.68 8.03
CA LEU B 176 -0.60 25.61 8.57
C LEU B 176 -0.79 27.03 7.96
N GLY B 177 -1.46 27.08 6.79
CA GLY B 177 -1.64 28.32 6.02
C GLY B 177 -2.64 29.30 6.62
N PHE B 178 -3.91 28.90 6.71
CA PHE B 178 -5.01 29.79 7.18
C PHE B 178 -4.87 30.18 8.66
N ALA B 179 -4.02 29.44 9.39
CA ALA B 179 -3.66 29.75 10.79
C ALA B 179 -3.11 31.19 10.90
N LYS B 180 -2.26 31.57 9.93
CA LYS B 180 -1.70 32.94 9.84
C LYS B 180 -2.81 33.97 9.61
N TYR B 181 -3.63 33.71 8.57
CA TYR B 181 -4.66 34.66 8.12
C TYR B 181 -5.72 34.91 9.22
N ALA B 182 -5.95 33.87 10.06
CA ALA B 182 -6.87 33.95 11.23
C ALA B 182 -6.25 34.82 12.35
N GLN B 183 -4.92 34.74 12.50
CA GLN B 183 -4.15 35.58 13.45
C GLN B 183 -3.99 37.04 12.90
N GLY B 184 -4.34 37.25 11.61
CA GLY B 184 -4.22 38.56 10.96
C GLY B 184 -2.86 38.75 10.31
N LYS B 185 -2.38 37.68 9.65
CA LYS B 185 -1.07 37.64 8.98
C LYS B 185 -1.27 37.18 7.53
N PRO B 186 -1.51 38.13 6.57
CA PRO B 186 -1.82 37.78 5.15
C PRO B 186 -0.57 37.35 4.33
N GLU B 187 0.63 37.83 4.73
CA GLU B 187 1.87 37.64 3.97
C GLU B 187 2.39 36.20 4.07
N GLU B 188 2.55 35.71 5.32
CA GLU B 188 3.06 34.35 5.58
C GLU B 188 1.94 33.31 5.37
N ALA B 189 0.67 33.77 5.36
CA ALA B 189 -0.48 32.95 4.94
C ALA B 189 -0.30 32.57 3.47
N LEU B 190 -0.03 33.58 2.63
CA LEU B 190 0.22 33.43 1.19
C LEU B 190 1.41 32.51 0.93
N GLU B 191 2.48 32.69 1.73
CA GLU B 191 3.70 31.89 1.66
C GLU B 191 3.41 30.39 1.88
N ALA B 192 2.56 30.08 2.89
CA ALA B 192 2.19 28.70 3.24
C ALA B 192 1.20 28.09 2.23
N TYR B 193 0.26 28.93 1.73
CA TYR B 193 -0.69 28.53 0.67
C TYR B 193 0.05 28.20 -0.64
N LYS B 194 1.17 28.91 -0.89
CA LYS B 194 2.02 28.73 -2.08
C LYS B 194 2.65 27.33 -2.05
N LYS B 195 3.10 26.92 -0.87
CA LYS B 195 3.79 25.63 -0.66
C LYS B 195 2.81 24.43 -0.73
N VAL B 196 1.50 24.73 -0.87
CA VAL B 196 0.47 23.72 -1.20
C VAL B 196 0.52 23.42 -2.72
N LEU B 197 0.60 24.52 -3.52
CA LEU B 197 0.51 24.45 -4.99
C LEU B 197 1.70 23.72 -5.63
N ASP B 198 2.92 24.16 -5.26
CA ASP B 198 4.17 23.82 -5.99
C ASP B 198 4.50 22.31 -5.93
N ILE B 199 3.98 21.62 -4.90
CA ILE B 199 4.11 20.15 -4.75
C ILE B 199 3.49 19.43 -5.97
N GLU B 200 2.33 19.93 -6.40
CA GLU B 200 1.60 19.43 -7.58
C GLU B 200 2.02 20.21 -8.85
N GLY B 201 2.66 21.38 -8.65
CA GLY B 201 3.20 22.20 -9.73
C GLY B 201 2.12 22.91 -10.54
N ASP B 202 2.20 22.78 -11.88
CA ASP B 202 1.18 23.32 -12.81
C ASP B 202 -0.11 22.51 -12.74
N ASN B 203 0.01 21.25 -12.28
CA ASN B 203 -1.11 20.28 -12.19
C ASN B 203 -2.01 20.59 -10.97
N ALA B 204 -1.64 21.63 -10.17
CA ALA B 204 -2.41 22.12 -9.02
C ALA B 204 -3.88 22.40 -9.42
N THR B 205 -4.82 21.85 -8.64
CA THR B 205 -6.25 21.86 -8.97
C THR B 205 -6.89 23.23 -8.68
N GLU B 206 -8.04 23.46 -9.33
CA GLU B 206 -8.83 24.71 -9.21
C GLU B 206 -9.36 24.90 -7.76
N ALA B 207 -9.53 23.77 -7.06
CA ALA B 207 -9.93 23.72 -5.64
C ALA B 207 -8.94 24.45 -4.74
N MET B 208 -7.64 24.30 -5.07
CA MET B 208 -6.53 24.88 -4.29
C MET B 208 -6.51 26.42 -4.39
N LYS B 209 -6.97 26.97 -5.54
CA LYS B 209 -6.90 28.41 -5.85
C LYS B 209 -7.74 29.28 -4.90
N ARG B 210 -8.97 28.85 -4.54
CA ARG B 210 -9.85 29.65 -3.65
C ARG B 210 -9.28 29.72 -2.21
N ASP B 211 -8.53 28.68 -1.83
CA ASP B 211 -7.85 28.61 -0.51
C ASP B 211 -6.54 29.45 -0.55
N TYR B 212 -5.89 29.44 -1.71
CA TYR B 212 -4.62 30.15 -1.96
C TYR B 212 -4.84 31.69 -2.02
N GLU B 213 -5.89 32.09 -2.75
CA GLU B 213 -6.20 33.51 -3.01
C GLU B 213 -6.93 34.15 -1.84
N SER B 214 -7.15 33.38 -0.76
CA SER B 214 -7.58 33.88 0.55
C SER B 214 -6.50 34.80 1.18
N ALA B 215 -5.29 34.82 0.58
CA ALA B 215 -4.21 35.76 0.97
C ALA B 215 -3.64 36.47 -0.27
N LYS B 216 -3.60 35.76 -1.42
CA LYS B 216 -3.12 36.32 -2.70
C LYS B 216 -3.93 37.56 -3.08
N LYS B 217 -5.25 37.40 -3.30
CA LYS B 217 -6.10 38.47 -3.89
C LYS B 217 -6.35 39.65 -2.88
N LYS B 218 -5.65 39.62 -1.73
CA LYS B 218 -5.59 40.74 -0.79
C LYS B 218 -4.28 41.52 -1.02
N VAL B 219 -3.13 40.81 -0.95
CA VAL B 219 -1.78 41.41 -1.06
C VAL B 219 -1.48 41.81 -2.52
N GLU B 220 -1.74 40.85 -3.45
CA GLU B 220 -1.57 40.99 -4.92
C GLU B 220 -2.13 42.32 -5.45
N GLN B 221 -3.37 42.66 -5.06
CA GLN B 221 -4.06 43.85 -5.61
C GLN B 221 -3.32 45.17 -5.28
N SER B 222 -2.40 45.12 -4.28
CA SER B 222 -1.62 46.29 -3.86
C SER B 222 -0.09 46.08 -4.12
N LEU B 223 0.33 44.84 -4.45
CA LEU B 223 1.78 44.48 -4.56
C LEU B 223 2.12 43.79 -5.92
N ASN B 224 1.15 43.67 -6.82
CA ASN B 224 1.37 43.11 -8.19
C ASN B 224 1.90 44.22 -9.13
N LEU B 225 1.99 45.46 -8.58
CA LEU B 225 2.43 46.70 -9.26
C LEU B 225 3.71 46.52 -10.13
N GLU B 226 3.50 46.00 -11.37
CA GLU B 226 4.56 45.72 -12.36
C GLU B 226 5.66 44.82 -11.73
N LYS B 227 5.25 43.99 -10.76
CA LYS B 227 6.16 43.11 -10.00
C LYS B 227 6.62 41.95 -10.91
N THR B 228 5.62 41.28 -11.48
CA THR B 228 5.81 40.10 -12.33
C THR B 228 4.55 39.92 -13.21
N VAL B 229 4.45 38.79 -13.91
CA VAL B 229 3.26 38.43 -14.71
C VAL B 229 2.03 38.20 -13.79
N PRO B 230 0.83 38.79 -14.13
CA PRO B 230 -0.37 38.70 -13.28
C PRO B 230 -1.14 37.37 -13.49
N GLU B 231 -1.28 36.60 -12.40
CA GLU B 231 -2.05 35.33 -12.34
C GLU B 231 -1.34 34.21 -13.15
N GLN B 232 -1.40 34.29 -14.50
CA GLN B 232 -0.71 33.35 -15.41
C GLN B 232 -0.54 34.03 -16.78
N SER B 233 0.52 33.63 -17.52
CA SER B 233 0.85 34.18 -18.84
C SER B 233 1.54 33.11 -19.70
N ARG B 234 0.76 32.46 -20.59
CA ARG B 234 1.29 31.46 -21.55
C ARG B 234 0.61 31.65 -22.91
N ASP B 235 -0.70 31.29 -22.97
CA ASP B 235 -1.53 31.29 -24.20
C ASP B 235 -0.91 30.42 -25.31
N ALA B 236 0.02 31.00 -26.08
CA ALA B 236 0.65 30.33 -27.24
C ALA B 236 2.16 30.61 -27.28
N ASP B 237 2.62 31.57 -26.44
CA ASP B 237 4.02 32.01 -26.33
C ASP B 237 4.99 30.83 -26.12
N VAL B 238 4.48 29.82 -25.39
CA VAL B 238 5.19 28.57 -25.07
C VAL B 238 5.82 27.90 -26.32
N ASP B 239 5.09 27.88 -27.46
CA ASP B 239 5.56 27.22 -28.69
C ASP B 239 4.79 27.72 -29.93
N ALA B 240 3.44 27.69 -29.83
CA ALA B 240 2.54 27.99 -30.96
C ALA B 240 2.64 29.48 -31.35
N SER B 241 3.66 29.81 -32.16
CA SER B 241 3.97 31.15 -32.67
C SER B 241 5.26 31.01 -33.48
N GLN B 242 6.25 30.36 -32.87
CA GLN B 242 7.52 29.97 -33.48
C GLN B 242 7.78 28.50 -33.12
N GLY B 243 7.12 27.60 -33.87
CA GLY B 243 7.19 26.16 -33.59
C GLY B 243 6.05 25.41 -34.27
N ALA B 244 6.19 24.08 -34.40
CA ALA B 244 5.20 23.21 -35.10
C ALA B 244 4.20 22.59 -34.11
N SER B 245 4.11 23.17 -32.88
CA SER B 245 3.31 22.65 -31.74
C SER B 245 3.67 21.18 -31.40
N ALA B 246 2.91 20.56 -30.49
CA ALA B 246 3.21 19.23 -29.94
C ALA B 246 4.57 19.25 -29.20
N GLY B 247 5.64 18.71 -29.85
CA GLY B 247 6.99 18.63 -29.26
C GLY B 247 6.98 18.02 -27.85
N GLY B 248 6.33 16.84 -27.73
CA GLY B 248 6.12 16.18 -26.43
C GLY B 248 7.35 15.41 -25.96
N LEU B 249 8.47 16.15 -25.73
CA LEU B 249 9.74 15.62 -25.17
C LEU B 249 10.42 14.58 -26.12
N PRO B 250 11.70 14.12 -25.82
CA PRO B 250 12.34 12.97 -26.54
C PRO B 250 11.37 11.81 -26.86
N ASP B 251 10.96 11.75 -28.15
CA ASP B 251 10.00 10.76 -28.66
C ASP B 251 10.63 9.36 -28.72
N LEU B 252 11.95 9.32 -28.89
CA LEU B 252 12.73 8.07 -29.04
C LEU B 252 12.68 7.16 -27.77
N GLY B 253 13.37 6.01 -27.85
CA GLY B 253 13.38 5.06 -26.73
C GLY B 253 14.55 4.09 -26.83
N SER B 254 14.30 2.83 -26.43
CA SER B 254 15.30 1.76 -26.50
C SER B 254 15.43 1.23 -27.95
N LEU B 255 16.58 0.61 -28.26
CA LEU B 255 16.84 -0.02 -29.56
C LEU B 255 16.22 -1.43 -29.55
N LEU B 256 14.87 -1.47 -29.65
CA LEU B 256 14.05 -2.70 -29.55
C LEU B 256 14.17 -3.36 -28.17
N GLY B 257 15.26 -4.11 -27.94
CA GLY B 257 15.48 -4.83 -26.68
C GLY B 257 14.74 -6.16 -26.67
N GLY B 258 13.45 -6.10 -26.33
CA GLY B 258 12.60 -7.29 -26.30
C GLY B 258 11.31 -7.04 -27.05
N GLY B 259 10.48 -6.13 -26.50
CA GLY B 259 9.21 -5.73 -27.09
C GLY B 259 8.22 -6.89 -27.21
N LEU B 260 8.18 -7.73 -26.15
CA LEU B 260 7.33 -8.94 -26.03
C LEU B 260 7.79 -10.04 -27.02
N GLY B 261 7.49 -9.84 -28.32
CA GLY B 261 7.89 -10.79 -29.38
C GLY B 261 8.09 -10.08 -30.73
N GLY B 262 8.27 -8.76 -30.68
CA GLY B 262 8.50 -7.94 -31.87
C GLY B 262 7.24 -7.80 -32.74
N LEU B 263 7.04 -8.79 -33.64
CA LEU B 263 5.88 -8.84 -34.56
C LEU B 263 4.94 -9.99 -34.11
N MET B 264 4.72 -10.07 -32.77
CA MET B 264 3.91 -11.12 -32.12
C MET B 264 4.47 -12.52 -32.47
N ASN B 265 5.82 -12.62 -32.40
CA ASN B 265 6.55 -13.89 -32.66
C ASN B 265 6.68 -14.70 -31.35
N ASN B 266 5.65 -14.59 -30.49
CA ASN B 266 5.51 -15.34 -29.24
C ASN B 266 4.04 -15.85 -29.17
N PRO B 267 3.69 -16.91 -29.98
CA PRO B 267 2.33 -17.43 -30.08
C PRO B 267 2.11 -18.65 -29.16
N GLN B 268 2.54 -18.54 -27.90
CA GLN B 268 2.43 -19.62 -26.91
C GLN B 268 1.02 -19.61 -26.26
N LEU B 269 -0.01 -19.90 -27.10
CA LEU B 269 -1.44 -20.03 -26.70
C LEU B 269 -2.12 -18.67 -26.34
N MET B 270 -1.30 -17.63 -25.97
CA MET B 270 -1.75 -16.31 -25.46
C MET B 270 -2.30 -16.45 -24.00
N GLN B 271 -3.32 -17.34 -23.82
CA GLN B 271 -3.74 -17.86 -22.49
C GLN B 271 -4.34 -16.78 -21.55
N ALA B 272 -3.47 -15.96 -20.95
CA ALA B 272 -3.85 -14.95 -19.94
C ALA B 272 -4.75 -13.86 -20.56
N ALA B 273 -4.42 -13.45 -21.80
CA ALA B 273 -5.22 -12.46 -22.55
C ALA B 273 -6.27 -13.16 -23.45
N GLN B 274 -6.52 -14.47 -23.18
CA GLN B 274 -7.54 -15.26 -23.90
C GLN B 274 -8.75 -15.54 -22.98
N LYS B 275 -8.49 -15.89 -21.70
CA LYS B 275 -9.56 -16.13 -20.71
C LYS B 275 -9.12 -15.81 -19.26
N MET B 276 -7.84 -15.42 -19.06
CA MET B 276 -7.23 -15.14 -17.72
C MET B 276 -6.99 -16.44 -16.91
N MET B 277 -8.07 -17.18 -16.62
CA MET B 277 -8.03 -18.50 -15.95
C MET B 277 -7.14 -19.47 -16.75
N SER B 278 -5.92 -19.67 -16.26
CA SER B 278 -4.92 -20.56 -16.87
C SER B 278 -4.98 -21.97 -16.25
N ASN B 279 -5.51 -22.03 -15.01
CA ASN B 279 -5.52 -23.25 -14.16
C ASN B 279 -4.09 -23.74 -13.85
N PRO B 280 -3.46 -23.24 -12.74
CA PRO B 280 -2.08 -23.62 -12.35
C PRO B 280 -2.04 -24.93 -11.50
N GLY B 281 -3.10 -25.76 -11.60
CA GLY B 281 -3.21 -27.01 -10.87
C GLY B 281 -2.38 -28.13 -11.49
N ALA B 282 -1.06 -27.98 -11.41
CA ALA B 282 -0.08 -28.94 -11.97
C ALA B 282 0.51 -29.81 -10.84
N MET B 283 1.56 -30.59 -11.20
CA MET B 283 2.32 -31.41 -10.23
C MET B 283 3.39 -30.54 -9.53
N GLN B 284 3.66 -29.35 -10.11
CA GLN B 284 4.56 -28.29 -9.59
C GLN B 284 6.05 -28.63 -9.80
N ASN B 285 6.46 -29.87 -9.49
CA ASN B 285 7.87 -30.30 -9.57
C ASN B 285 7.99 -31.59 -10.41
N ILE B 286 7.79 -31.43 -11.72
CA ILE B 286 8.02 -32.51 -12.70
C ILE B 286 9.53 -32.66 -12.94
N GLN B 287 9.93 -33.82 -13.49
CA GLN B 287 11.33 -34.21 -13.71
C GLN B 287 12.10 -34.22 -12.36
N LYS B 288 11.38 -34.58 -11.28
CA LYS B 288 11.91 -34.53 -9.91
C LYS B 288 11.10 -35.45 -8.97
N MET B 289 9.77 -35.22 -8.94
CA MET B 289 8.83 -36.01 -8.10
C MET B 289 8.77 -37.47 -8.58
N MET B 290 9.65 -38.31 -8.01
CA MET B 290 9.83 -39.71 -8.43
C MET B 290 10.24 -40.51 -7.19
N GLN B 291 9.66 -41.71 -7.01
CA GLN B 291 9.84 -42.53 -5.80
C GLN B 291 9.85 -44.03 -6.17
N ASP B 292 10.95 -44.46 -6.82
CA ASP B 292 11.21 -45.87 -7.22
C ASP B 292 9.99 -46.53 -7.93
N PRO B 293 9.61 -46.04 -9.15
CA PRO B 293 8.35 -46.44 -9.84
C PRO B 293 8.23 -47.97 -10.07
N SER B 294 9.20 -48.55 -10.78
CA SER B 294 9.38 -50.01 -10.89
C SER B 294 10.77 -50.42 -10.39
N ILE B 295 11.54 -49.42 -9.89
CA ILE B 295 12.87 -49.63 -9.29
C ILE B 295 12.72 -50.33 -7.92
N ARG B 296 11.56 -50.09 -7.28
CA ARG B 296 11.19 -50.72 -6.01
C ARG B 296 10.99 -52.24 -6.21
N GLN B 297 12.05 -53.00 -5.95
CA GLN B 297 12.09 -54.45 -6.12
C GLN B 297 12.19 -55.08 -4.72
N MET B 298 11.20 -55.89 -4.35
CA MET B 298 11.05 -56.42 -2.98
C MET B 298 11.82 -57.76 -2.78
N ALA B 299 12.25 -58.37 -3.90
CA ALA B 299 12.93 -59.69 -3.93
C ALA B 299 12.05 -60.77 -3.28
N GLU B 300 11.09 -61.27 -4.06
CA GLU B 300 10.03 -62.18 -3.58
C GLU B 300 9.79 -63.35 -4.59
N GLY B 301 10.28 -63.19 -5.83
CA GLY B 301 10.05 -64.15 -6.91
C GLY B 301 11.14 -65.21 -7.01
N PHE B 302 11.21 -66.08 -6.00
CA PHE B 302 12.23 -67.15 -5.92
C PHE B 302 11.70 -68.44 -6.57
N ALA B 303 10.48 -68.86 -6.18
CA ALA B 303 9.74 -70.01 -6.74
C ALA B 303 10.46 -71.36 -6.48
N SER B 304 11.60 -71.57 -7.17
CA SER B 304 12.45 -72.77 -7.03
C SER B 304 13.24 -72.80 -5.69
N GLY B 305 13.07 -71.73 -4.86
CA GLY B 305 13.73 -71.63 -3.55
C GLY B 305 13.21 -72.62 -2.52
N GLY B 306 13.72 -73.86 -2.59
CA GLY B 306 13.35 -74.93 -1.68
C GLY B 306 13.67 -76.29 -2.27
N GLY B 307 12.76 -76.81 -3.11
CA GLY B 307 12.95 -78.09 -3.79
C GLY B 307 12.93 -79.27 -2.82
N THR B 308 11.73 -79.60 -2.31
CA THR B 308 11.54 -80.73 -1.37
C THR B 308 11.79 -82.07 -2.10
N PRO B 309 12.69 -82.96 -1.55
CA PRO B 309 13.03 -84.24 -2.20
C PRO B 309 11.93 -85.30 -2.01
N ASN B 310 12.03 -86.39 -2.79
CA ASN B 310 11.07 -87.50 -2.75
C ASN B 310 11.27 -88.35 -1.48
N LEU B 311 10.30 -89.20 -1.15
CA LEU B 311 10.40 -90.15 -0.01
C LEU B 311 11.47 -91.21 -0.34
N SER B 312 11.54 -91.57 -1.62
CA SER B 312 12.53 -92.53 -2.17
C SER B 312 13.99 -92.00 -2.08
N ASP B 313 14.13 -90.67 -1.89
CA ASP B 313 15.45 -90.02 -1.70
C ASP B 313 16.16 -90.57 -0.46
N LEU B 314 15.37 -90.95 0.56
CA LEU B 314 15.89 -91.49 1.82
C LEU B 314 16.48 -92.90 1.61
N MET B 315 15.71 -93.81 0.98
CA MET B 315 16.17 -95.20 0.70
C MET B 315 15.76 -95.66 -0.71
N ASN B 316 14.44 -95.79 -0.93
CA ASN B 316 13.85 -96.52 -2.09
C ASN B 316 14.25 -98.00 -2.03
N ASN B 317 13.54 -98.74 -1.17
CA ASN B 317 13.76 -100.18 -0.95
C ASN B 317 12.45 -100.94 -1.16
N PRO B 318 12.48 -102.29 -1.47
CA PRO B 318 11.27 -103.11 -1.61
C PRO B 318 10.46 -103.16 -0.29
N ALA B 319 9.37 -102.35 -0.24
CA ALA B 319 8.50 -102.21 0.94
C ALA B 319 7.86 -103.55 1.37
N LEU B 320 7.68 -104.46 0.39
CA LEU B 320 7.20 -105.83 0.65
C LEU B 320 8.21 -106.59 1.53
N ARG B 321 9.48 -106.62 1.07
CA ARG B 321 10.63 -107.19 1.81
C ARG B 321 10.56 -108.75 1.94
N ASN B 322 9.50 -109.37 1.37
CA ASN B 322 9.32 -110.83 1.36
C ASN B 322 10.39 -111.50 0.47
N MET B 323 11.54 -111.79 1.10
CA MET B 323 12.75 -112.36 0.47
C MET B 323 13.82 -112.61 1.57
N ALA B 324 15.09 -112.78 1.15
CA ALA B 324 16.27 -112.93 2.03
C ALA B 324 16.36 -114.32 2.68
N GLY B 325 17.18 -115.20 2.07
CA GLY B 325 17.53 -116.51 2.64
C GLY B 325 16.47 -117.59 2.46
N ASN B 326 16.86 -118.84 2.74
CA ASN B 326 15.94 -120.00 2.72
C ASN B 326 15.12 -120.02 4.02
N LEU B 327 13.90 -120.56 3.95
CA LEU B 327 12.97 -120.66 5.10
C LEU B 327 13.52 -121.65 6.14
N PHE B 328 14.17 -122.71 5.64
CA PHE B 328 14.73 -123.78 6.45
C PHE B 328 16.20 -123.47 6.80
N GLY B 329 16.45 -123.19 8.09
CA GLY B 329 17.79 -122.93 8.60
C GLY B 329 18.63 -124.20 8.66
N GLY B 330 19.20 -124.56 7.51
CA GLY B 330 19.99 -125.77 7.34
C GLY B 330 20.28 -126.04 5.88
N ALA B 331 21.00 -125.08 5.25
CA ALA B 331 21.38 -125.09 3.82
C ALA B 331 20.14 -125.19 2.91
N GLY B 332 19.61 -126.41 2.73
CA GLY B 332 18.40 -126.65 1.93
C GLY B 332 17.69 -127.90 2.42
N ALA B 333 18.24 -129.07 2.07
CA ALA B 333 17.71 -130.39 2.49
C ALA B 333 18.25 -130.79 3.87
N GLN B 334 19.46 -130.29 4.21
CA GLN B 334 20.19 -130.65 5.45
C GLN B 334 19.70 -129.82 6.65
N SER B 335 18.38 -129.83 6.92
CA SER B 335 17.79 -129.11 8.05
C SER B 335 17.56 -130.11 9.21
N THR B 336 18.62 -130.37 10.00
CA THR B 336 18.58 -131.31 11.15
C THR B 336 19.09 -130.62 12.42
N ASP B 337 20.23 -129.92 12.31
CA ASP B 337 20.96 -129.31 13.44
C ASP B 337 21.45 -127.91 13.07
N GLU B 338 22.15 -127.82 11.92
CA GLU B 338 22.79 -126.59 11.38
C GLU B 338 24.02 -126.23 12.23
N THR B 339 25.20 -126.47 11.67
CA THR B 339 26.49 -126.17 12.32
C THR B 339 27.10 -124.86 11.77
N PRO B 340 27.41 -123.84 12.65
CA PRO B 340 28.18 -122.64 12.27
C PRO B 340 29.70 -122.93 12.32
N ASP B 341 30.11 -123.91 11.52
CA ASP B 341 31.51 -124.34 11.37
C ASP B 341 32.06 -123.77 10.02
N ASN B 342 32.93 -124.55 9.31
CA ASN B 342 33.50 -124.21 7.98
C ASN B 342 34.54 -123.10 8.12
N GLU B 343 34.05 -121.88 8.37
CA GLU B 343 34.86 -120.70 8.60
C GLU B 343 34.02 -119.65 9.36
N ASN B 344 34.00 -119.77 10.70
CA ASN B 344 33.28 -118.83 11.59
C ASN B 344 34.28 -118.29 12.66
N LYS B 345 35.56 -118.32 12.31
CA LYS B 345 36.65 -117.78 13.14
C LYS B 345 36.98 -116.34 12.73
N GLN B 346 36.69 -116.01 11.44
CA GLN B 346 37.11 -114.77 10.76
C GLN B 346 38.65 -114.74 10.67
N TYR B 347 39.30 -114.50 11.81
CA TYR B 347 40.74 -114.63 12.01
C TYR B 347 40.98 -114.75 13.53
N MET A 1 2.77 -10.56 -16.67
CA MET A 1 3.30 -9.56 -17.63
C MET A 1 2.94 -8.13 -17.16
N SER A 2 3.88 -7.49 -16.43
CA SER A 2 3.77 -6.10 -15.98
C SER A 2 4.41 -5.14 -17.01
N ALA A 3 4.28 -5.52 -18.31
CA ALA A 3 5.05 -4.96 -19.45
C ALA A 3 6.54 -5.32 -19.34
N SER A 4 7.33 -4.92 -20.35
CA SER A 4 8.79 -5.15 -20.35
C SER A 4 9.49 -4.09 -19.46
N LYS A 5 10.79 -4.30 -19.22
CA LYS A 5 11.56 -3.56 -18.20
C LYS A 5 11.67 -2.06 -18.52
N GLU A 6 11.71 -1.71 -19.82
CA GLU A 6 11.91 -0.31 -20.27
C GLU A 6 10.70 0.57 -19.93
N GLU A 7 9.49 -0.03 -19.96
CA GLU A 7 8.24 0.69 -19.65
C GLU A 7 8.14 0.94 -18.14
N ILE A 8 8.42 -0.13 -17.36
CA ILE A 8 8.50 -0.06 -15.89
C ILE A 8 9.58 0.97 -15.47
N ALA A 9 10.70 0.96 -16.22
CA ALA A 9 11.84 1.84 -15.99
C ALA A 9 11.48 3.29 -16.30
N ALA A 10 10.76 3.50 -17.42
CA ALA A 10 10.32 4.83 -17.87
C ALA A 10 9.37 5.46 -16.84
N LEU A 11 8.58 4.59 -16.20
CA LEU A 11 7.60 4.98 -15.18
C LEU A 11 8.33 5.41 -13.89
N ILE A 12 9.23 4.54 -13.40
CA ILE A 12 9.86 4.69 -12.07
C ILE A 12 10.89 5.82 -12.06
N VAL A 13 11.58 6.08 -13.20
CA VAL A 13 12.55 7.18 -13.28
C VAL A 13 11.82 8.53 -13.45
N ASN A 14 10.58 8.48 -14.01
CA ASN A 14 9.69 9.66 -14.03
C ASN A 14 9.07 9.87 -12.63
N TYR A 15 8.93 8.77 -11.88
CA TYR A 15 8.42 8.78 -10.49
C TYR A 15 9.44 9.45 -9.56
N PHE A 16 10.73 9.06 -9.67
CA PHE A 16 11.82 9.68 -8.89
C PHE A 16 12.05 11.14 -9.32
N SER A 17 11.90 11.39 -10.63
CA SER A 17 11.96 12.75 -11.21
C SER A 17 10.84 13.63 -10.64
N SER A 18 9.66 13.01 -10.41
CA SER A 18 8.48 13.68 -9.84
C SER A 18 8.69 14.00 -8.34
N ILE A 19 9.38 13.08 -7.64
CA ILE A 19 9.66 13.19 -6.20
C ILE A 19 10.69 14.30 -5.91
N VAL A 20 11.83 14.28 -6.65
CA VAL A 20 12.90 15.26 -6.46
C VAL A 20 12.47 16.68 -6.91
N GLU A 21 11.51 16.72 -7.87
CA GLU A 21 10.81 17.97 -8.27
C GLU A 21 10.04 18.54 -7.07
N LYS A 22 9.13 17.72 -6.53
CA LYS A 22 8.28 18.08 -5.39
C LYS A 22 9.08 18.23 -4.08
N LYS A 23 10.36 17.77 -4.10
CA LYS A 23 11.30 17.83 -2.95
C LYS A 23 10.75 16.93 -1.80
N GLU A 24 9.94 15.94 -2.23
CA GLU A 24 9.20 14.99 -1.36
C GLU A 24 10.15 14.10 -0.52
N ILE A 25 11.38 13.93 -1.02
CA ILE A 25 12.41 13.07 -0.40
C ILE A 25 13.46 13.92 0.35
N SER A 26 14.37 13.26 1.09
CA SER A 26 15.60 13.86 1.67
C SER A 26 16.41 14.63 0.60
N GLU A 27 17.19 15.62 1.07
CA GLU A 27 18.00 16.48 0.20
C GLU A 27 19.09 15.67 -0.54
N ASP A 28 19.67 14.68 0.18
CA ASP A 28 20.67 13.74 -0.39
C ASP A 28 20.01 12.78 -1.40
N GLY A 29 18.68 12.64 -1.29
CA GLY A 29 17.89 11.85 -2.22
C GLY A 29 17.87 12.42 -3.64
N ALA A 30 18.23 13.69 -3.78
CA ALA A 30 18.28 14.38 -5.09
C ALA A 30 19.36 13.78 -6.01
N ASP A 31 20.63 13.73 -5.52
CA ASP A 31 21.77 13.23 -6.32
C ASP A 31 21.77 11.70 -6.43
N SER A 32 21.35 11.02 -5.35
CA SER A 32 21.29 9.55 -5.32
C SER A 32 20.24 9.02 -6.32
N LEU A 33 19.02 9.59 -6.29
CA LEU A 33 17.97 9.23 -7.27
C LEU A 33 18.35 9.68 -8.69
N ASN A 34 19.11 10.80 -8.82
CA ASN A 34 19.56 11.30 -10.13
C ASN A 34 20.39 10.24 -10.86
N VAL A 35 21.50 9.82 -10.22
CA VAL A 35 22.43 8.82 -10.79
C VAL A 35 21.74 7.44 -10.91
N ALA A 36 20.77 7.16 -10.00
CA ALA A 36 19.97 5.91 -10.04
C ALA A 36 19.11 5.86 -11.31
N MET A 37 18.40 6.99 -11.60
CA MET A 37 17.52 7.12 -12.78
C MET A 37 18.31 6.93 -14.07
N ASP A 38 19.52 7.49 -14.08
CA ASP A 38 20.41 7.45 -15.26
C ASP A 38 21.02 6.05 -15.46
N CYS A 39 21.25 5.32 -14.35
CA CYS A 39 21.78 3.95 -14.39
C CYS A 39 20.71 2.96 -14.91
N ILE A 40 19.46 3.17 -14.45
CA ILE A 40 18.29 2.38 -14.91
C ILE A 40 18.02 2.66 -16.41
N SER A 41 18.08 3.96 -16.76
CA SER A 41 17.84 4.44 -18.14
C SER A 41 18.98 3.97 -19.09
N GLU A 42 20.20 3.85 -18.53
CA GLU A 42 21.39 3.34 -19.24
C GLU A 42 21.24 1.84 -19.53
N ALA A 43 20.81 1.11 -18.48
CA ALA A 43 20.76 -0.36 -18.46
C ALA A 43 19.77 -0.92 -19.50
N PHE A 44 18.69 -0.17 -19.78
CA PHE A 44 17.65 -0.60 -20.74
C PHE A 44 17.72 0.19 -22.07
N GLY A 45 18.68 1.15 -22.15
CA GLY A 45 19.00 1.83 -23.40
C GLY A 45 17.92 2.79 -23.90
N PHE A 46 17.54 3.73 -23.04
CA PHE A 46 16.59 4.81 -23.40
C PHE A 46 17.02 6.11 -22.71
N GLU A 47 16.21 7.17 -22.83
CA GLU A 47 16.48 8.49 -22.20
C GLU A 47 15.47 8.77 -21.08
N ARG A 48 15.96 9.45 -20.02
CA ARG A 48 15.15 9.82 -18.83
C ARG A 48 14.04 10.85 -19.21
N GLU A 49 14.17 11.47 -20.40
CA GLU A 49 13.23 12.47 -20.92
C GLU A 49 12.25 11.83 -21.94
N ALA A 50 12.66 10.68 -22.53
CA ALA A 50 11.85 9.95 -23.54
C ALA A 50 10.73 9.09 -22.88
N VAL A 51 10.65 9.18 -21.54
CA VAL A 51 9.77 8.36 -20.69
C VAL A 51 8.28 8.42 -21.09
N SER A 52 7.75 9.65 -21.29
CA SER A 52 6.31 9.88 -21.56
C SER A 52 5.90 9.29 -22.93
N GLY A 53 6.87 9.24 -23.87
CA GLY A 53 6.67 8.61 -25.17
C GLY A 53 6.47 7.10 -25.05
N ILE A 54 7.34 6.46 -24.24
CA ILE A 54 7.32 5.00 -23.98
C ILE A 54 6.02 4.59 -23.24
N LEU A 55 5.63 5.43 -22.26
CA LEU A 55 4.43 5.21 -21.42
C LEU A 55 3.12 5.44 -22.17
N GLY A 56 3.21 6.10 -23.34
CA GLY A 56 2.06 6.29 -24.23
C GLY A 56 1.67 5.01 -24.97
N LYS A 57 2.66 4.12 -25.17
CA LYS A 57 2.45 2.80 -25.82
C LYS A 57 2.27 1.69 -24.77
N SER A 58 2.53 2.00 -23.49
CA SER A 58 2.46 1.03 -22.39
C SER A 58 1.13 1.14 -21.64
N GLU A 59 0.45 -0.01 -21.50
CA GLU A 59 -0.80 -0.13 -20.70
C GLU A 59 -0.54 -0.88 -19.39
N PHE A 60 0.63 -1.57 -19.31
CA PHE A 60 0.98 -2.45 -18.18
C PHE A 60 -0.11 -3.52 -17.97
N LYS A 61 -0.22 -4.11 -16.77
CA LYS A 61 -1.35 -5.01 -16.43
C LYS A 61 -2.19 -4.42 -15.29
N GLY A 62 -1.53 -3.70 -14.36
CA GLY A 62 -2.19 -3.12 -13.18
C GLY A 62 -1.76 -1.70 -12.90
N GLN A 63 -0.62 -1.27 -13.49
CA GLN A 63 -0.05 0.07 -13.24
C GLN A 63 -0.80 1.13 -14.12
N HIS A 64 -0.13 1.63 -15.19
CA HIS A 64 -0.67 2.59 -16.19
C HIS A 64 -1.12 3.93 -15.58
N LEU A 65 -2.34 3.94 -15.01
CA LEU A 65 -2.97 5.14 -14.42
C LEU A 65 -3.57 4.80 -13.05
N ALA A 66 -4.36 5.75 -12.50
CA ALA A 66 -5.13 5.61 -11.24
C ALA A 66 -4.21 5.65 -9.99
N ASP A 67 -3.39 4.61 -9.82
CA ASP A 67 -2.39 4.51 -8.74
C ASP A 67 -1.27 5.51 -9.02
N ILE A 68 -0.73 5.41 -10.24
CA ILE A 68 0.39 6.21 -10.72
C ILE A 68 -0.12 7.25 -11.75
N LEU A 69 0.32 8.50 -11.58
CA LEU A 69 -0.02 9.60 -12.49
C LEU A 69 1.18 9.91 -13.41
N ASN A 70 2.28 9.14 -13.25
CA ASN A 70 3.57 9.42 -13.92
C ASN A 70 3.57 9.07 -15.42
N SER A 71 2.43 8.56 -15.93
CA SER A 71 2.25 8.30 -17.38
C SER A 71 2.16 9.64 -18.16
N ALA A 72 1.67 10.71 -17.49
CA ALA A 72 1.57 12.07 -18.08
C ALA A 72 1.70 13.16 -17.00
N SER A 73 0.94 13.01 -15.91
CA SER A 73 0.85 13.97 -14.78
C SER A 73 0.18 15.29 -15.22
N ARG A 74 0.99 16.18 -15.86
CA ARG A 74 0.56 17.51 -16.33
C ARG A 74 0.09 18.41 -15.16
N VAL A 75 -1.19 18.28 -14.78
CA VAL A 75 -1.85 19.09 -13.72
C VAL A 75 -1.60 20.62 -13.93
N PRO A 76 -2.38 21.29 -14.83
CA PRO A 76 -2.32 22.76 -14.97
C PRO A 76 -2.70 23.47 -13.64
N GLU A 77 -1.66 23.98 -12.93
CA GLU A 77 -1.81 24.60 -11.60
C GLU A 77 -2.77 25.80 -11.61
N SER A 78 -2.41 26.83 -12.38
CA SER A 78 -3.18 28.08 -12.47
C SER A 78 -3.10 28.66 -13.88
N ASN A 79 -4.24 28.64 -14.61
CA ASN A 79 -4.38 29.29 -15.92
C ASN A 79 -4.83 30.76 -15.77
N LYS A 80 -4.97 31.19 -14.49
CA LYS A 80 -5.48 32.52 -14.08
C LYS A 80 -6.98 32.66 -14.41
N LYS A 81 -7.79 32.67 -13.35
CA LYS A 81 -9.24 32.97 -13.43
C LYS A 81 -9.47 34.38 -14.02
N ASP A 82 -8.49 35.29 -13.74
CA ASP A 82 -8.54 36.69 -14.15
C ASP A 82 -9.79 37.35 -13.54
N ASP A 83 -9.78 37.42 -12.20
CA ASP A 83 -10.94 37.81 -11.38
C ASP A 83 -12.05 36.74 -11.53
N ALA A 84 -12.97 36.94 -12.52
CA ALA A 84 -14.09 36.02 -12.86
C ALA A 84 -15.06 35.77 -11.68
N GLU A 85 -14.84 36.45 -10.54
CA GLU A 85 -15.48 36.16 -9.24
C GLU A 85 -14.88 37.04 -8.15
N ASN A 86 -13.54 37.05 -8.11
CA ASN A 86 -12.75 37.50 -6.94
C ASN A 86 -12.90 39.00 -6.62
N VAL A 87 -13.55 39.76 -7.52
CA VAL A 87 -13.98 41.17 -7.33
C VAL A 87 -12.85 42.05 -6.70
N GLU A 88 -11.68 41.97 -7.34
CA GLU A 88 -10.40 42.55 -6.86
C GLU A 88 -10.26 44.05 -7.23
N ILE A 89 -11.39 44.69 -7.62
CA ILE A 89 -11.47 46.16 -7.77
C ILE A 89 -11.42 46.85 -6.38
N ASN A 90 -11.63 46.03 -5.32
CA ASN A 90 -11.62 46.44 -3.90
C ASN A 90 -12.93 47.17 -3.55
N ILE A 91 -13.00 48.48 -3.90
CA ILE A 91 -14.07 49.45 -3.50
C ILE A 91 -14.57 49.25 -2.02
N PRO A 92 -14.11 50.11 -1.06
CA PRO A 92 -14.50 50.01 0.38
C PRO A 92 -16.00 50.29 0.62
N GLU A 93 -16.84 49.28 0.32
CA GLU A 93 -18.32 49.38 0.40
C GLU A 93 -18.83 48.80 1.74
N ASP A 94 -17.94 48.12 2.48
CA ASP A 94 -18.25 47.46 3.76
C ASP A 94 -18.58 48.48 4.86
N ASP A 95 -17.60 49.36 5.15
CA ASP A 95 -17.70 50.38 6.23
C ASP A 95 -18.19 51.72 5.65
N ALA A 96 -19.36 51.65 4.97
CA ALA A 96 -20.00 52.81 4.32
C ALA A 96 -20.50 53.86 5.34
N GLU A 97 -20.60 53.48 6.63
CA GLU A 97 -20.95 54.39 7.74
C GLU A 97 -19.91 55.53 7.90
N THR A 98 -18.67 55.27 7.46
CA THR A 98 -17.61 56.28 7.38
C THR A 98 -18.00 57.39 6.35
N LYS A 99 -18.69 56.97 5.28
CA LYS A 99 -19.25 57.88 4.24
C LYS A 99 -20.51 58.60 4.76
N ALA A 100 -21.22 57.99 5.74
CA ALA A 100 -22.41 58.61 6.38
C ALA A 100 -22.02 59.90 7.12
N LYS A 101 -20.76 59.96 7.61
CA LYS A 101 -20.20 61.13 8.29
C LYS A 101 -20.06 62.35 7.34
N ALA A 102 -19.95 62.07 6.03
CA ALA A 102 -19.90 63.11 4.98
C ALA A 102 -21.17 63.96 4.99
N GLU A 103 -22.31 63.28 5.19
CA GLU A 103 -23.64 63.90 5.17
C GLU A 103 -24.01 64.45 6.57
N ASP A 104 -23.59 63.71 7.61
CA ASP A 104 -23.87 64.01 9.03
C ASP A 104 -23.24 65.36 9.45
N LEU A 105 -21.90 65.41 9.44
CA LEU A 105 -21.10 66.58 9.88
C LEU A 105 -21.35 67.81 8.98
N LYS A 106 -21.78 67.53 7.74
CA LYS A 106 -22.21 68.53 6.75
C LYS A 106 -23.44 69.32 7.26
N MET A 107 -24.52 68.59 7.58
CA MET A 107 -25.83 69.20 7.92
C MET A 107 -25.79 69.90 9.29
N GLN A 108 -24.90 69.43 10.19
CA GLN A 108 -24.65 70.08 11.48
C GLN A 108 -24.00 71.46 11.27
N GLY A 109 -22.93 71.49 10.44
CA GLY A 109 -22.20 72.73 10.15
C GLY A 109 -23.02 73.72 9.35
N ASN A 110 -23.84 73.19 8.41
CA ASN A 110 -24.71 73.99 7.55
C ASN A 110 -25.73 74.73 8.41
N LYS A 111 -26.41 73.98 9.29
CA LYS A 111 -27.45 74.52 10.18
C LYS A 111 -26.83 75.58 11.14
N ALA A 112 -25.61 75.30 11.62
CA ALA A 112 -24.92 76.15 12.60
C ALA A 112 -24.62 77.55 12.01
N MET A 113 -23.94 77.61 10.83
CA MET A 113 -23.60 78.89 10.17
C MET A 113 -24.85 79.56 9.56
N ALA A 114 -25.91 78.77 9.34
CA ALA A 114 -27.23 79.28 8.91
C ALA A 114 -27.91 80.04 10.08
N ASN A 115 -27.55 79.66 11.31
CA ASN A 115 -27.95 80.37 12.55
C ASN A 115 -26.84 81.38 12.96
N LYS A 116 -25.91 81.67 12.00
CA LYS A 116 -24.80 82.65 12.13
C LYS A 116 -23.73 82.21 13.15
N ASP A 117 -23.78 80.95 13.58
CA ASP A 117 -22.74 80.37 14.44
C ASP A 117 -21.59 79.89 13.57
N TYR A 118 -20.73 80.86 13.20
CA TYR A 118 -19.59 80.64 12.29
C TYR A 118 -18.61 79.62 12.89
N GLU A 119 -18.23 79.88 14.15
CA GLU A 119 -17.26 79.08 14.90
C GLU A 119 -17.79 77.64 15.10
N LEU A 120 -19.06 77.56 15.54
CA LEU A 120 -19.75 76.27 15.81
C LEU A 120 -19.90 75.42 14.52
N ALA A 121 -19.98 76.11 13.37
CA ALA A 121 -20.06 75.47 12.05
C ALA A 121 -18.70 74.89 11.65
N ILE A 122 -17.63 75.70 11.83
CA ILE A 122 -16.25 75.30 11.52
C ILE A 122 -15.84 74.08 12.37
N ASN A 123 -16.36 74.02 13.60
CA ASN A 123 -16.18 72.88 14.53
C ASN A 123 -16.66 71.55 13.88
N LYS A 124 -17.73 71.65 13.07
CA LYS A 124 -18.31 70.49 12.36
C LYS A 124 -17.63 70.26 11.00
N TYR A 125 -17.26 71.37 10.34
CA TYR A 125 -16.68 71.33 8.98
C TYR A 125 -15.21 70.88 8.98
N THR A 126 -14.51 71.08 10.11
CA THR A 126 -13.13 70.57 10.27
C THR A 126 -13.15 69.03 10.33
N GLU A 127 -14.27 68.49 10.82
CA GLU A 127 -14.49 67.05 10.92
C GLU A 127 -15.00 66.51 9.56
N ALA A 128 -15.87 67.31 8.89
CA ALA A 128 -16.43 66.96 7.56
C ALA A 128 -15.32 66.85 6.49
N ILE A 129 -14.43 67.86 6.48
CA ILE A 129 -13.26 67.91 5.57
C ILE A 129 -12.25 66.77 5.90
N LYS A 130 -12.20 66.38 7.20
CA LYS A 130 -11.35 65.27 7.65
C LYS A 130 -11.87 63.92 7.09
N VAL A 131 -13.20 63.75 7.09
CA VAL A 131 -13.86 62.55 6.52
C VAL A 131 -13.65 62.49 5.01
N LEU A 132 -13.90 63.62 4.34
CA LEU A 132 -13.72 63.74 2.89
C LEU A 132 -13.48 65.22 2.54
N PRO A 133 -12.35 65.55 1.82
CA PRO A 133 -12.09 66.91 1.34
C PRO A 133 -12.64 67.13 -0.10
N THR A 134 -13.53 66.22 -0.52
CA THR A 134 -13.94 66.07 -1.92
C THR A 134 -14.97 67.14 -2.35
N ASN A 135 -15.68 67.76 -1.38
CA ASN A 135 -16.68 68.82 -1.66
C ASN A 135 -16.09 70.20 -1.37
N ALA A 136 -16.13 71.08 -2.40
CA ALA A 136 -15.71 72.50 -2.30
C ALA A 136 -16.65 73.31 -1.39
N ILE A 137 -17.85 72.76 -1.18
CA ILE A 137 -18.90 73.33 -0.33
C ILE A 137 -18.38 73.58 1.09
N TYR A 138 -17.77 72.55 1.71
CA TYR A 138 -17.31 72.60 3.11
C TYR A 138 -16.24 73.68 3.31
N TYR A 139 -15.36 73.79 2.30
CA TYR A 139 -14.30 74.80 2.24
C TYR A 139 -14.89 76.21 2.16
N ALA A 140 -15.81 76.41 1.20
CA ALA A 140 -16.44 77.71 0.96
C ALA A 140 -17.18 78.21 2.21
N ASN A 141 -17.87 77.28 2.91
CA ASN A 141 -18.60 77.57 4.16
C ASN A 141 -17.64 78.04 5.26
N ARG A 142 -16.51 77.32 5.46
CA ARG A 142 -15.50 77.71 6.46
C ARG A 142 -14.87 79.07 6.07
N ALA A 143 -14.70 79.30 4.75
CA ALA A 143 -14.08 80.51 4.23
C ALA A 143 -14.96 81.75 4.49
N ALA A 144 -16.29 81.57 4.41
CA ALA A 144 -17.28 82.62 4.73
C ALA A 144 -17.26 82.91 6.22
N ALA A 145 -17.22 81.82 7.00
CA ALA A 145 -17.14 81.88 8.45
C ALA A 145 -15.80 82.51 8.91
N HIS A 146 -14.71 82.24 8.16
CA HIS A 146 -13.35 82.73 8.48
C HIS A 146 -13.21 84.21 8.11
N SER A 147 -13.83 84.63 7.00
CA SER A 147 -13.87 86.05 6.59
C SER A 147 -14.64 86.88 7.64
N SER A 148 -15.68 86.25 8.23
CA SER A 148 -16.52 86.86 9.27
C SER A 148 -15.76 86.90 10.63
N LEU A 149 -14.86 85.92 10.85
CA LEU A 149 -13.98 85.87 12.04
C LEU A 149 -12.61 86.54 11.76
N LYS A 150 -12.50 87.20 10.58
CA LYS A 150 -11.32 88.02 10.16
C LYS A 150 -10.06 87.16 9.89
N GLU A 151 -10.22 85.83 9.88
CA GLU A 151 -9.16 84.87 9.54
C GLU A 151 -9.06 84.77 8.00
N TYR A 152 -8.32 85.71 7.40
CA TYR A 152 -8.23 85.84 5.93
C TYR A 152 -7.32 84.76 5.32
N ASP A 153 -6.26 84.41 6.06
CA ASP A 153 -5.31 83.33 5.66
C ASP A 153 -6.01 81.97 5.62
N GLN A 154 -6.90 81.76 6.62
CA GLN A 154 -7.77 80.56 6.69
C GLN A 154 -8.81 80.58 5.55
N ALA A 155 -9.38 81.77 5.29
CA ALA A 155 -10.38 81.97 4.23
C ALA A 155 -9.78 81.75 2.82
N VAL A 156 -8.47 82.06 2.68
CA VAL A 156 -7.72 81.78 1.44
C VAL A 156 -7.54 80.28 1.28
N LYS A 157 -6.98 79.63 2.34
CA LYS A 157 -6.65 78.18 2.36
C LYS A 157 -7.86 77.32 1.90
N ASP A 158 -9.04 77.68 2.42
CA ASP A 158 -10.31 77.05 2.04
C ASP A 158 -10.68 77.35 0.58
N ALA A 159 -10.70 78.65 0.22
CA ALA A 159 -11.15 79.11 -1.11
C ALA A 159 -10.16 78.76 -2.24
N GLU A 160 -8.93 78.37 -1.86
CA GLU A 160 -7.95 77.78 -2.79
C GLU A 160 -8.51 76.44 -3.28
N SER A 161 -8.82 75.60 -2.28
CA SER A 161 -9.32 74.24 -2.48
C SER A 161 -10.73 74.25 -3.10
N ALA A 162 -11.53 75.28 -2.74
CA ALA A 162 -12.93 75.39 -3.19
C ALA A 162 -13.03 75.55 -4.73
N ILE A 163 -12.10 76.32 -5.32
CA ILE A 163 -12.05 76.54 -6.78
C ILE A 163 -11.31 75.36 -7.46
N SER A 164 -10.32 74.77 -6.74
CA SER A 164 -9.56 73.59 -7.22
C SER A 164 -10.47 72.36 -7.43
N ILE A 165 -11.52 72.24 -6.60
CA ILE A 165 -12.51 71.15 -6.69
C ILE A 165 -13.59 71.49 -7.72
N ASP A 166 -14.30 72.62 -7.49
CA ASP A 166 -15.38 73.10 -8.38
C ASP A 166 -14.88 74.36 -9.09
N PRO A 167 -14.54 74.26 -10.43
CA PRO A 167 -13.87 75.37 -11.15
C PRO A 167 -14.72 76.65 -11.26
N SER A 168 -16.01 76.51 -11.66
CA SER A 168 -16.90 77.67 -11.95
C SER A 168 -17.75 78.05 -10.72
N TYR A 169 -17.23 77.69 -9.53
CA TYR A 169 -17.89 77.96 -8.24
C TYR A 169 -17.71 79.44 -7.86
N PHE A 170 -18.73 80.27 -8.20
CA PHE A 170 -18.75 81.71 -7.88
C PHE A 170 -18.44 81.97 -6.40
N ARG A 171 -19.01 81.13 -5.51
CA ARG A 171 -18.84 81.23 -4.06
C ARG A 171 -17.34 81.18 -3.67
N GLY A 172 -16.58 80.33 -4.38
CA GLY A 172 -15.14 80.20 -4.17
C GLY A 172 -14.37 81.46 -4.54
N TYR A 173 -14.70 82.05 -5.72
CA TYR A 173 -14.09 83.32 -6.19
C TYR A 173 -14.40 84.49 -5.23
N SER A 174 -15.65 84.49 -4.75
CA SER A 174 -16.18 85.52 -3.84
C SER A 174 -15.38 85.56 -2.54
N ARG A 175 -15.07 84.37 -2.00
CA ARG A 175 -14.28 84.23 -0.78
C ARG A 175 -12.81 84.60 -1.02
N LEU A 176 -12.25 84.04 -2.11
CA LEU A 176 -10.80 84.09 -2.39
C LEU A 176 -10.34 85.51 -2.75
N GLY A 177 -11.22 86.26 -3.43
CA GLY A 177 -10.93 87.62 -3.85
C GLY A 177 -10.60 88.54 -2.69
N PHE A 178 -11.59 88.72 -1.79
CA PHE A 178 -11.44 89.59 -0.61
C PHE A 178 -10.36 89.04 0.36
N ALA A 179 -10.22 87.72 0.42
CA ALA A 179 -9.27 87.06 1.34
C ALA A 179 -7.80 87.34 0.94
N LYS A 180 -7.46 87.18 -0.37
CA LYS A 180 -6.11 87.51 -0.90
C LYS A 180 -5.85 89.02 -0.78
N TYR A 181 -6.86 89.80 -1.20
CA TYR A 181 -6.85 91.26 -1.18
C TYR A 181 -6.51 91.79 0.22
N ALA A 182 -7.13 91.18 1.25
CA ALA A 182 -6.93 91.54 2.65
C ALA A 182 -5.49 91.26 3.09
N GLN A 183 -4.93 90.11 2.63
CA GLN A 183 -3.52 89.74 2.90
C GLN A 183 -2.53 90.59 2.08
N GLY A 184 -3.04 91.51 1.25
CA GLY A 184 -2.22 92.42 0.46
C GLY A 184 -1.78 91.80 -0.85
N LYS A 185 -2.72 91.14 -1.55
CA LYS A 185 -2.51 90.55 -2.89
C LYS A 185 -3.69 90.93 -3.82
N PRO A 186 -3.74 92.20 -4.32
CA PRO A 186 -4.89 92.71 -5.09
C PRO A 186 -4.99 92.15 -6.53
N GLU A 187 -3.83 91.97 -7.19
CA GLU A 187 -3.76 91.59 -8.63
C GLU A 187 -4.21 90.15 -8.86
N GLU A 188 -3.82 89.28 -7.91
CA GLU A 188 -4.17 87.85 -7.92
C GLU A 188 -5.64 87.68 -7.44
N ALA A 189 -6.10 88.66 -6.62
CA ALA A 189 -7.49 88.75 -6.15
C ALA A 189 -8.41 89.34 -7.23
N LEU A 190 -7.81 90.11 -8.17
CA LEU A 190 -8.52 90.73 -9.30
C LEU A 190 -9.20 89.65 -10.13
N GLU A 191 -8.37 88.65 -10.53
CA GLU A 191 -8.80 87.57 -11.44
C GLU A 191 -9.89 86.68 -10.82
N ALA A 192 -10.00 86.68 -9.47
CA ALA A 192 -11.10 86.00 -8.77
C ALA A 192 -12.44 86.68 -9.11
N TYR A 193 -12.49 88.01 -8.89
CA TYR A 193 -13.69 88.83 -9.16
C TYR A 193 -13.87 89.14 -10.66
N LYS A 194 -12.80 88.95 -11.45
CA LYS A 194 -12.83 89.11 -12.90
C LYS A 194 -13.59 87.92 -13.48
N LYS A 195 -13.31 86.70 -12.93
CA LYS A 195 -14.01 85.46 -13.33
C LYS A 195 -15.46 85.43 -12.82
N VAL A 196 -15.75 86.20 -11.76
CA VAL A 196 -17.14 86.45 -11.33
C VAL A 196 -17.89 87.21 -12.44
N LEU A 197 -17.34 88.38 -12.83
CA LEU A 197 -17.97 89.26 -13.85
C LEU A 197 -17.90 88.62 -15.27
N ASP A 198 -17.06 87.58 -15.43
CA ASP A 198 -16.84 86.89 -16.72
C ASP A 198 -17.89 85.77 -16.91
N ILE A 199 -17.98 84.86 -15.90
CA ILE A 199 -18.93 83.73 -15.88
C ILE A 199 -20.39 84.25 -15.84
N GLU A 200 -20.65 85.12 -14.85
CA GLU A 200 -21.97 85.71 -14.63
C GLU A 200 -22.34 86.67 -15.78
N GLY A 201 -21.37 87.51 -16.19
CA GLY A 201 -21.58 88.49 -17.25
C GLY A 201 -22.66 89.51 -16.89
N ASP A 202 -23.83 89.39 -17.57
CA ASP A 202 -25.02 90.24 -17.32
C ASP A 202 -25.65 89.90 -15.95
N ASN A 203 -25.60 88.61 -15.59
CA ASN A 203 -26.21 88.08 -14.34
C ASN A 203 -25.42 88.55 -13.09
N ALA A 204 -24.19 89.09 -13.31
CA ALA A 204 -23.35 89.65 -12.23
C ALA A 204 -24.06 90.85 -11.58
N THR A 205 -24.54 90.66 -10.34
CA THR A 205 -25.25 91.72 -9.59
C THR A 205 -24.28 92.84 -9.17
N GLU A 206 -24.86 93.93 -8.66
CA GLU A 206 -24.14 95.15 -8.30
C GLU A 206 -23.12 94.88 -7.17
N ALA A 207 -23.49 93.97 -6.24
CA ALA A 207 -22.65 93.60 -5.10
C ALA A 207 -21.35 92.90 -5.53
N MET A 208 -21.41 92.16 -6.65
CA MET A 208 -20.23 91.50 -7.26
C MET A 208 -19.25 92.56 -7.80
N LYS A 209 -19.83 93.59 -8.46
CA LYS A 209 -19.09 94.73 -9.02
C LYS A 209 -18.58 95.66 -7.89
N ARG A 210 -19.31 95.64 -6.77
CA ARG A 210 -19.06 96.48 -5.58
C ARG A 210 -17.86 95.93 -4.79
N ASP A 211 -17.70 94.60 -4.82
CA ASP A 211 -16.56 93.91 -4.17
C ASP A 211 -15.37 93.84 -5.14
N TYR A 212 -15.68 93.88 -6.45
CA TYR A 212 -14.67 94.02 -7.52
C TYR A 212 -13.96 95.38 -7.40
N GLU A 213 -14.72 96.41 -6.96
CA GLU A 213 -14.21 97.78 -6.74
C GLU A 213 -12.94 97.79 -5.86
N SER A 214 -12.97 97.00 -4.77
CA SER A 214 -11.91 96.98 -3.77
C SER A 214 -10.59 96.47 -4.38
N ALA A 215 -10.65 95.27 -5.00
CA ALA A 215 -9.51 94.65 -5.68
C ALA A 215 -8.97 95.57 -6.79
N LYS A 216 -9.90 96.01 -7.67
CA LYS A 216 -9.62 96.85 -8.85
C LYS A 216 -8.93 98.17 -8.46
N LYS A 217 -9.28 98.71 -7.27
CA LYS A 217 -8.80 100.01 -6.79
C LYS A 217 -7.25 100.04 -6.69
N LYS A 218 -6.69 99.01 -6.06
CA LYS A 218 -5.23 98.85 -5.92
C LYS A 218 -4.61 98.38 -7.25
N VAL A 219 -5.37 97.56 -7.99
CA VAL A 219 -4.98 97.06 -9.32
C VAL A 219 -4.95 98.20 -10.37
N GLU A 220 -5.64 99.32 -10.07
CA GLU A 220 -5.70 100.50 -10.94
C GLU A 220 -4.30 101.16 -11.08
N GLN A 221 -3.41 100.86 -10.12
CA GLN A 221 -1.99 101.21 -10.16
C GLN A 221 -1.25 100.26 -11.11
N SER A 222 -1.52 98.95 -10.93
CA SER A 222 -0.91 97.86 -11.71
C SER A 222 -1.48 97.79 -13.15
N LEU A 223 -2.60 98.53 -13.37
CA LEU A 223 -3.38 98.56 -14.63
C LEU A 223 -2.50 98.95 -15.83
N ASN A 224 -1.42 99.68 -15.51
CA ASN A 224 -0.33 100.07 -16.42
C ASN A 224 0.13 98.88 -17.33
N LEU A 225 0.39 97.71 -16.72
CA LEU A 225 0.81 96.47 -17.44
C LEU A 225 -0.27 95.35 -17.39
N GLU A 226 -1.18 95.45 -16.40
CA GLU A 226 -2.17 94.40 -16.00
C GLU A 226 -2.88 93.68 -17.19
N LYS A 227 -3.45 92.50 -16.91
CA LYS A 227 -3.90 91.52 -17.90
C LYS A 227 -5.43 91.58 -18.13
N THR A 228 -5.77 91.79 -19.40
CA THR A 228 -7.07 91.47 -20.00
C THR A 228 -6.72 90.69 -21.28
N VAL A 229 -5.93 91.34 -22.13
CA VAL A 229 -5.18 90.73 -23.24
C VAL A 229 -3.69 91.03 -22.95
N PRO A 230 -2.87 90.01 -22.51
CA PRO A 230 -1.44 90.24 -22.17
C PRO A 230 -0.62 90.73 -23.39
N GLU A 231 -0.07 89.81 -24.21
CA GLU A 231 0.55 90.13 -25.50
C GLU A 231 0.17 89.01 -26.48
N GLN A 232 0.79 87.83 -26.30
CA GLN A 232 0.49 86.63 -27.09
C GLN A 232 -0.58 85.78 -26.39
N SER A 233 -1.05 84.73 -27.11
CA SER A 233 -2.13 83.80 -26.72
C SER A 233 -3.54 84.42 -26.97
N ARG A 234 -3.62 85.77 -26.93
CA ARG A 234 -4.85 86.52 -27.24
C ARG A 234 -4.58 87.53 -28.38
N ASP A 235 -3.54 87.25 -29.18
CA ASP A 235 -3.11 88.12 -30.30
C ASP A 235 -3.81 87.70 -31.62
N ALA A 236 -3.29 88.18 -32.77
CA ALA A 236 -3.90 88.00 -34.10
C ALA A 236 -3.86 86.53 -34.57
N ASP A 237 -2.66 85.93 -34.59
CA ASP A 237 -2.45 84.55 -35.13
C ASP A 237 -2.43 83.50 -34.00
N VAL A 238 -1.90 83.91 -32.83
CA VAL A 238 -1.79 83.08 -31.62
C VAL A 238 -0.91 81.82 -31.86
N ASP A 239 -1.53 80.75 -32.38
CA ASP A 239 -0.89 79.44 -32.51
C ASP A 239 -0.03 79.38 -33.78
N ALA A 240 -0.71 79.49 -34.95
CA ALA A 240 -0.05 79.51 -36.28
C ALA A 240 0.82 78.25 -36.51
N SER A 241 0.22 77.07 -36.29
CA SER A 241 0.90 75.75 -36.36
C SER A 241 1.13 75.26 -37.80
N GLN A 242 0.83 76.10 -38.79
CA GLN A 242 0.95 75.76 -40.23
C GLN A 242 1.63 76.92 -40.99
N GLY A 243 1.76 76.76 -42.33
CA GLY A 243 2.38 77.77 -43.18
C GLY A 243 2.74 77.24 -44.56
N ALA A 244 3.31 76.01 -44.59
CA ALA A 244 3.74 75.36 -45.84
C ALA A 244 2.53 74.75 -46.58
N SER A 245 1.85 75.60 -47.38
CA SER A 245 0.64 75.21 -48.12
C SER A 245 0.71 75.79 -49.55
N ALA A 246 1.24 74.99 -50.49
CA ALA A 246 1.29 75.32 -51.94
C ALA A 246 2.19 76.54 -52.23
N GLY A 247 2.22 76.95 -53.52
CA GLY A 247 2.91 78.17 -53.96
C GLY A 247 4.42 77.96 -54.12
N GLY A 248 5.11 77.82 -52.98
CA GLY A 248 6.55 77.63 -52.94
C GLY A 248 6.93 76.15 -53.10
N LEU A 249 6.50 75.57 -54.24
CA LEU A 249 6.81 74.19 -54.65
C LEU A 249 6.15 73.15 -53.72
N PRO A 250 5.15 72.36 -54.21
CA PRO A 250 4.54 71.26 -53.44
C PRO A 250 5.40 69.97 -53.52
N ASP A 251 4.77 68.80 -53.29
CA ASP A 251 5.41 67.49 -53.50
C ASP A 251 5.63 67.22 -54.99
N LEU A 252 6.44 66.19 -55.29
CA LEU A 252 6.72 65.74 -56.66
C LEU A 252 5.46 65.20 -57.36
N GLY A 253 4.44 64.85 -56.56
CA GLY A 253 3.15 64.38 -57.07
C GLY A 253 3.16 62.90 -57.38
N SER A 254 2.74 62.56 -58.60
CA SER A 254 2.53 61.16 -59.03
C SER A 254 3.71 60.65 -59.88
N LEU A 255 4.68 61.53 -60.20
CA LEU A 255 5.82 61.18 -61.08
C LEU A 255 7.07 60.88 -60.25
N LEU A 256 7.72 59.75 -60.55
CA LEU A 256 8.97 59.32 -59.88
C LEU A 256 10.14 60.25 -60.26
N GLY A 257 11.08 60.44 -59.31
CA GLY A 257 12.22 61.34 -59.48
C GLY A 257 11.90 62.76 -59.07
N GLY A 258 10.80 63.30 -59.62
CA GLY A 258 10.36 64.67 -59.33
C GLY A 258 11.20 65.72 -60.04
N GLY A 259 11.57 65.44 -61.29
CA GLY A 259 12.34 66.39 -62.11
C GLY A 259 11.43 67.41 -62.78
N LEU A 260 10.83 68.29 -61.95
CA LEU A 260 9.85 69.33 -62.36
C LEU A 260 8.47 68.75 -62.78
N GLY A 261 8.40 67.43 -63.07
CA GLY A 261 7.16 66.77 -63.47
C GLY A 261 6.19 66.65 -62.30
N GLY A 262 5.28 67.63 -62.17
CA GLY A 262 4.34 67.70 -61.04
C GLY A 262 4.89 68.54 -59.89
N LEU A 263 6.22 68.43 -59.66
CA LEU A 263 6.93 69.14 -58.58
C LEU A 263 6.90 70.66 -58.81
N MET A 264 7.20 71.07 -60.07
CA MET A 264 7.24 72.50 -60.45
C MET A 264 5.86 73.14 -60.22
N ASN A 265 4.86 72.59 -60.91
CA ASN A 265 3.43 72.95 -60.75
C ASN A 265 3.17 74.44 -61.10
N ASN A 266 4.07 75.02 -61.92
CA ASN A 266 4.04 76.45 -62.32
C ASN A 266 3.91 77.39 -61.08
N PRO A 267 5.03 77.60 -60.31
CA PRO A 267 4.98 78.37 -59.03
C PRO A 267 4.64 79.86 -59.26
N GLN A 268 5.41 80.50 -60.15
CA GLN A 268 5.32 81.94 -60.43
C GLN A 268 4.28 82.23 -61.52
N LEU A 269 3.99 81.22 -62.37
CA LEU A 269 3.05 81.34 -63.49
C LEU A 269 1.60 81.26 -62.97
N MET A 270 1.37 80.29 -62.05
CA MET A 270 0.06 80.02 -61.40
C MET A 270 -0.92 79.27 -62.33
N GLN A 271 -1.06 79.75 -63.58
CA GLN A 271 -2.12 79.33 -64.51
C GLN A 271 -1.75 77.99 -65.23
N ALA A 272 -1.70 76.90 -64.46
CA ALA A 272 -1.41 75.54 -64.97
C ALA A 272 -2.69 74.83 -65.46
N ALA A 273 -3.57 74.48 -64.50
CA ALA A 273 -4.83 73.74 -64.78
C ALA A 273 -5.91 74.68 -65.36
N GLN A 274 -5.92 75.91 -64.85
CA GLN A 274 -6.85 76.98 -65.27
C GLN A 274 -6.40 77.67 -66.58
N LYS A 275 -5.38 77.09 -67.27
CA LYS A 275 -4.79 77.63 -68.51
C LYS A 275 -5.86 78.07 -69.53
N MET A 276 -5.90 79.40 -69.72
CA MET A 276 -6.76 80.10 -70.68
C MET A 276 -6.18 81.50 -70.86
N MET A 277 -6.31 82.10 -72.08
CA MET A 277 -5.64 83.38 -72.44
C MET A 277 -4.11 83.16 -72.62
N SER A 278 -3.41 82.80 -71.51
CA SER A 278 -2.01 82.36 -71.45
C SER A 278 -1.01 83.33 -72.14
N ASN A 279 -0.77 83.13 -73.45
CA ASN A 279 0.28 83.85 -74.21
C ASN A 279 -0.30 84.61 -75.42
N PRO A 280 -1.13 83.97 -76.36
CA PRO A 280 -1.76 84.71 -77.48
C PRO A 280 -2.79 85.73 -76.99
N GLY A 281 -3.37 85.48 -75.79
CA GLY A 281 -4.31 86.40 -75.16
C GLY A 281 -3.62 87.60 -74.53
N ALA A 282 -3.09 88.47 -75.39
CA ALA A 282 -2.34 89.67 -75.02
C ALA A 282 -2.07 90.47 -76.29
N MET A 283 -1.35 89.80 -77.23
CA MET A 283 -0.91 90.36 -78.54
C MET A 283 0.15 91.47 -78.35
N GLN A 284 1.27 91.34 -79.08
CA GLN A 284 2.31 92.38 -79.16
C GLN A 284 1.72 93.61 -79.90
N ASN A 285 1.38 94.66 -79.13
CA ASN A 285 0.79 95.89 -79.70
C ASN A 285 1.85 96.68 -80.49
N ILE A 286 3.13 96.49 -80.07
CA ILE A 286 4.32 97.14 -80.68
C ILE A 286 4.37 98.64 -80.31
N GLN A 287 5.30 98.99 -79.39
CA GLN A 287 5.47 100.33 -78.82
C GLN A 287 4.27 100.75 -77.93
N LYS A 288 3.14 101.13 -78.60
CA LYS A 288 1.91 101.61 -77.92
C LYS A 288 2.17 102.98 -77.24
N MET A 289 3.05 103.78 -77.89
CA MET A 289 3.61 105.05 -77.35
C MET A 289 4.59 104.74 -76.20
N MET A 290 5.89 105.03 -76.43
CA MET A 290 7.00 104.75 -75.49
C MET A 290 7.29 103.23 -75.38
N GLN A 291 8.58 102.86 -75.26
CA GLN A 291 9.02 101.48 -75.00
C GLN A 291 9.78 101.47 -73.67
N ASP A 292 9.64 100.34 -72.93
CA ASP A 292 10.39 100.05 -71.69
C ASP A 292 9.97 100.96 -70.50
N PRO A 293 9.50 100.39 -69.34
CA PRO A 293 9.24 101.18 -68.09
C PRO A 293 10.53 101.48 -67.27
N SER A 294 11.68 101.53 -67.98
CA SER A 294 13.01 101.79 -67.39
C SER A 294 13.11 103.24 -66.86
N ILE A 295 12.32 104.15 -67.47
CA ILE A 295 12.20 105.55 -67.02
C ILE A 295 11.57 105.59 -65.61
N ARG A 296 10.56 104.73 -65.41
CA ARG A 296 9.89 104.48 -64.13
C ARG A 296 9.32 105.78 -63.52
N GLN A 297 8.30 106.35 -64.19
CA GLN A 297 7.58 107.56 -63.72
C GLN A 297 8.52 108.79 -63.60
N MET A 298 9.69 108.73 -64.29
CA MET A 298 10.79 109.72 -64.16
C MET A 298 11.32 109.73 -62.72
N ALA A 299 11.47 108.50 -62.17
CA ALA A 299 11.85 108.23 -60.77
C ALA A 299 10.76 108.67 -59.77
N GLU A 300 10.96 108.30 -58.50
CA GLU A 300 10.06 108.65 -57.40
C GLU A 300 10.36 110.10 -56.95
N GLY A 301 9.69 111.07 -57.60
CA GLY A 301 9.85 112.49 -57.26
C GLY A 301 8.79 112.95 -56.26
N PHE A 302 7.57 113.21 -56.79
CA PHE A 302 6.39 113.61 -55.99
C PHE A 302 5.19 112.72 -56.41
N ALA A 303 3.95 113.24 -56.28
CA ALA A 303 2.72 112.55 -56.71
C ALA A 303 2.76 112.26 -58.24
N SER A 304 2.37 111.01 -58.62
CA SER A 304 2.41 110.50 -60.02
C SER A 304 3.87 110.31 -60.51
N GLY A 305 4.83 110.35 -59.55
CA GLY A 305 6.24 110.15 -59.85
C GLY A 305 6.93 111.43 -60.31
N GLY A 306 6.59 111.86 -61.54
CA GLY A 306 7.23 113.02 -62.16
C GLY A 306 6.73 114.36 -61.63
N GLY A 307 7.18 114.72 -60.41
CA GLY A 307 6.83 116.00 -59.79
C GLY A 307 7.85 117.07 -60.15
N THR A 308 7.55 117.84 -61.20
CA THR A 308 8.43 118.88 -61.73
C THR A 308 8.06 120.27 -61.14
N PRO A 309 8.91 120.88 -60.25
CA PRO A 309 8.65 122.22 -59.67
C PRO A 309 8.83 123.34 -60.72
N ASN A 310 7.76 123.64 -61.46
CA ASN A 310 7.75 124.71 -62.48
C ASN A 310 7.35 126.07 -61.83
N LEU A 311 8.15 126.46 -60.81
CA LEU A 311 7.89 127.66 -60.00
C LEU A 311 8.20 128.92 -60.82
N SER A 312 9.42 128.99 -61.38
CA SER A 312 9.91 130.16 -62.15
C SER A 312 9.10 130.40 -63.45
N ASP A 313 8.42 129.33 -63.90
CA ASP A 313 7.51 129.31 -65.07
C ASP A 313 6.31 130.29 -64.91
N LEU A 314 6.01 130.73 -63.65
CA LEU A 314 4.88 131.64 -63.31
C LEU A 314 4.72 132.84 -64.29
N MET A 315 5.86 133.35 -64.79
CA MET A 315 5.87 134.40 -65.83
C MET A 315 6.92 134.04 -66.89
N ASN A 316 8.19 133.92 -66.42
CA ASN A 316 9.37 133.69 -67.28
C ASN A 316 9.30 134.58 -68.56
N ASN A 317 9.19 135.88 -68.33
CA ASN A 317 9.06 136.90 -69.39
C ASN A 317 10.08 138.04 -69.16
N PRO A 318 10.46 138.80 -70.23
CA PRO A 318 11.40 139.96 -70.09
C PRO A 318 10.98 140.99 -69.03
N ALA A 319 9.66 141.16 -68.79
CA ALA A 319 9.11 142.09 -67.80
C ALA A 319 9.54 141.71 -66.37
N LEU A 320 9.62 140.39 -66.12
CA LEU A 320 10.00 139.82 -64.81
C LEU A 320 11.50 140.10 -64.54
N ARG A 321 12.37 139.65 -65.46
CA ARG A 321 13.84 139.79 -65.34
C ARG A 321 14.29 141.26 -65.55
N ASN A 322 13.41 142.05 -66.23
CA ASN A 322 13.65 143.46 -66.63
C ASN A 322 15.05 143.66 -67.26
N MET A 323 15.15 143.28 -68.55
CA MET A 323 16.41 143.28 -69.32
C MET A 323 16.94 144.73 -69.51
N ALA A 324 17.81 145.16 -68.58
CA ALA A 324 18.46 146.49 -68.58
C ALA A 324 17.47 147.67 -68.45
N GLY A 325 16.18 147.37 -68.21
CA GLY A 325 15.11 148.36 -68.23
C GLY A 325 14.83 148.88 -69.64
N ASN A 326 14.95 147.97 -70.64
CA ASN A 326 14.88 148.25 -72.09
C ASN A 326 15.83 149.39 -72.49
N LEU A 327 15.31 150.64 -72.46
CA LEU A 327 16.03 151.84 -72.95
C LEU A 327 16.10 152.91 -71.84
N PHE A 328 15.25 152.74 -70.81
CA PHE A 328 15.02 153.73 -69.74
C PHE A 328 14.28 154.95 -70.30
N GLY A 329 15.01 155.82 -71.04
CA GLY A 329 14.46 157.05 -71.59
C GLY A 329 13.62 156.81 -72.86
N GLY A 330 12.42 156.26 -72.66
CA GLY A 330 11.48 156.00 -73.74
C GLY A 330 10.32 156.98 -73.69
N ALA A 331 9.08 156.45 -73.58
CA ALA A 331 7.84 157.26 -73.47
C ALA A 331 7.60 158.13 -74.72
N GLY A 332 8.17 157.70 -75.87
CA GLY A 332 8.07 158.44 -77.14
C GLY A 332 6.67 158.45 -77.73
N ALA A 333 5.79 157.58 -77.21
CA ALA A 333 4.38 157.46 -77.65
C ALA A 333 3.51 158.61 -77.09
N GLN A 334 4.03 159.38 -76.12
CA GLN A 334 3.32 160.56 -75.54
C GLN A 334 3.44 161.77 -76.49
N SER A 335 2.91 162.93 -76.03
CA SER A 335 3.00 164.23 -76.72
C SER A 335 2.19 164.27 -78.06
N THR A 336 1.26 163.29 -78.23
CA THR A 336 0.46 163.14 -79.48
C THR A 336 -0.47 164.36 -79.74
N ASP A 337 -0.85 165.02 -78.64
CA ASP A 337 -1.77 166.19 -78.65
C ASP A 337 -0.95 167.51 -78.57
N GLU A 338 0.18 167.53 -79.30
CA GLU A 338 1.23 168.57 -79.18
C GLU A 338 0.74 169.98 -79.62
N THR A 339 1.55 171.00 -79.26
CA THR A 339 1.29 172.44 -79.49
C THR A 339 0.82 172.80 -80.94
N PRO A 340 1.44 172.22 -82.06
CA PRO A 340 0.88 172.36 -83.44
C PRO A 340 -0.63 172.02 -83.51
N ASP A 341 -1.46 173.07 -83.67
CA ASP A 341 -2.93 172.95 -83.81
C ASP A 341 -3.32 172.60 -85.26
N ASN A 342 -2.30 172.53 -86.15
CA ASN A 342 -2.46 172.28 -87.59
C ASN A 342 -3.34 171.06 -87.86
N GLU A 343 -2.79 169.84 -87.76
CA GLU A 343 -3.56 168.61 -87.97
C GLU A 343 -4.14 168.13 -86.63
N ASN A 344 -5.04 168.97 -86.10
CA ASN A 344 -5.83 168.69 -84.90
C ASN A 344 -7.29 169.06 -85.25
N LYS A 345 -7.46 170.31 -85.72
CA LYS A 345 -8.68 170.78 -86.41
C LYS A 345 -8.47 170.52 -87.92
N GLN A 346 -7.45 171.23 -88.47
CA GLN A 346 -7.06 171.22 -89.89
C GLN A 346 -8.24 171.64 -90.80
N TYR A 347 -9.03 170.65 -91.23
CA TYR A 347 -10.11 170.83 -92.22
C TYR A 347 -9.52 171.41 -93.56
N MET B 1 -1.82 9.79 -4.64
CA MET B 1 -0.45 9.52 -5.15
C MET B 1 -0.23 8.00 -5.28
N SER B 2 0.96 7.60 -5.74
CA SER B 2 1.32 6.18 -5.91
C SER B 2 1.45 5.49 -4.54
N ALA B 3 0.34 4.82 -4.10
CA ALA B 3 0.19 4.19 -2.77
C ALA B 3 0.40 5.23 -1.63
N SER B 4 1.67 5.62 -1.39
CA SER B 4 2.01 6.88 -0.70
C SER B 4 3.34 7.42 -1.27
N LYS B 5 4.51 6.87 -0.82
CA LYS B 5 5.86 7.35 -1.24
C LYS B 5 6.87 6.17 -1.25
N GLU B 6 7.00 5.52 -0.08
CA GLU B 6 8.14 4.63 0.25
C GLU B 6 8.01 3.22 -0.35
N GLU B 7 6.81 2.61 -0.19
CA GLU B 7 6.56 1.21 -0.60
C GLU B 7 6.74 1.02 -2.11
N ILE B 8 6.47 2.07 -2.90
CA ILE B 8 6.70 2.05 -4.35
C ILE B 8 8.20 1.89 -4.62
N ALA B 9 9.01 2.76 -3.97
CA ALA B 9 10.49 2.73 -4.06
C ALA B 9 11.05 1.37 -3.60
N ALA B 10 10.35 0.76 -2.62
CA ALA B 10 10.68 -0.58 -2.10
C ALA B 10 10.38 -1.67 -3.13
N LEU B 11 9.28 -1.48 -3.89
CA LEU B 11 8.84 -2.40 -4.96
C LEU B 11 9.80 -2.30 -6.16
N ILE B 12 10.32 -1.09 -6.39
CA ILE B 12 11.25 -0.78 -7.49
C ILE B 12 12.59 -1.51 -7.30
N VAL B 13 13.14 -1.41 -6.08
CA VAL B 13 14.41 -2.10 -5.73
C VAL B 13 14.17 -3.62 -5.55
N ASN B 14 12.92 -4.01 -5.18
CA ASN B 14 12.52 -5.43 -5.05
C ASN B 14 12.49 -6.11 -6.43
N TYR B 15 12.04 -5.33 -7.42
CA TYR B 15 11.98 -5.77 -8.82
C TYR B 15 13.40 -6.06 -9.33
N PHE B 16 14.31 -5.07 -9.19
CA PHE B 16 15.71 -5.19 -9.65
C PHE B 16 16.51 -6.19 -8.78
N SER B 17 16.08 -6.38 -7.52
CA SER B 17 16.65 -7.40 -6.62
C SER B 17 16.39 -8.80 -7.19
N SER B 18 15.14 -9.01 -7.67
CA SER B 18 14.71 -10.28 -8.25
C SER B 18 15.20 -10.41 -9.72
N ILE B 19 15.49 -9.27 -10.38
CA ILE B 19 16.06 -9.24 -11.74
C ILE B 19 17.53 -9.69 -11.71
N VAL B 20 18.32 -9.19 -10.74
CA VAL B 20 19.74 -9.59 -10.59
C VAL B 20 19.86 -10.96 -9.88
N GLU B 21 18.79 -11.35 -9.15
CA GLU B 21 18.67 -12.69 -8.52
C GLU B 21 18.60 -13.77 -9.60
N LYS B 22 17.64 -13.60 -10.52
CA LYS B 22 17.48 -14.44 -11.72
C LYS B 22 18.64 -14.20 -12.70
N LYS B 23 19.20 -12.96 -12.66
CA LYS B 23 20.25 -12.49 -13.57
C LYS B 23 19.69 -12.44 -15.01
N GLU B 24 18.58 -11.71 -15.12
CA GLU B 24 17.81 -11.49 -16.35
C GLU B 24 18.64 -10.69 -17.37
N ILE B 25 18.99 -9.45 -16.98
CA ILE B 25 19.69 -8.48 -17.84
C ILE B 25 21.20 -8.83 -17.92
N SER B 26 21.89 -8.28 -18.95
CA SER B 26 23.35 -8.35 -19.12
C SER B 26 24.10 -7.82 -17.87
N GLU B 27 25.33 -8.34 -17.67
CA GLU B 27 26.17 -8.04 -16.48
C GLU B 27 26.42 -6.54 -16.28
N ASP B 28 26.64 -5.81 -17.41
CA ASP B 28 26.85 -4.34 -17.41
C ASP B 28 25.63 -3.63 -16.81
N GLY B 29 24.45 -4.04 -17.31
CA GLY B 29 23.17 -3.52 -16.85
C GLY B 29 22.86 -3.91 -15.42
N ALA B 30 23.33 -5.09 -14.99
CA ALA B 30 23.13 -5.61 -13.63
C ALA B 30 23.88 -4.74 -12.61
N ASP B 31 25.10 -4.26 -12.98
CA ASP B 31 25.88 -3.30 -12.16
C ASP B 31 25.09 -1.99 -11.98
N SER B 32 24.58 -1.48 -13.12
CA SER B 32 23.81 -0.22 -13.19
C SER B 32 22.56 -0.28 -12.27
N LEU B 33 21.84 -1.42 -12.34
CA LEU B 33 20.59 -1.63 -11.56
C LEU B 33 20.89 -1.87 -10.08
N ASN B 34 22.04 -2.49 -9.79
CA ASN B 34 22.45 -2.85 -8.40
C ASN B 34 22.76 -1.57 -7.61
N VAL B 35 23.66 -0.74 -8.17
CA VAL B 35 24.05 0.53 -7.55
C VAL B 35 22.87 1.52 -7.53
N ALA B 36 21.93 1.36 -8.49
CA ALA B 36 20.68 2.12 -8.53
C ALA B 36 19.80 1.77 -7.33
N MET B 37 19.70 0.44 -7.02
CA MET B 37 18.93 -0.05 -5.84
C MET B 37 19.47 0.55 -4.54
N ASP B 38 20.81 0.55 -4.41
CA ASP B 38 21.50 1.11 -3.23
C ASP B 38 21.27 2.62 -3.11
N CYS B 39 21.28 3.32 -4.27
CA CYS B 39 21.00 4.77 -4.33
C CYS B 39 19.60 5.08 -3.78
N ILE B 40 18.60 4.33 -4.27
CA ILE B 40 17.17 4.49 -3.89
C ILE B 40 16.96 4.15 -2.40
N SER B 41 17.61 3.06 -1.95
CA SER B 41 17.51 2.57 -0.55
C SER B 41 18.02 3.62 0.44
N GLU B 42 19.23 4.15 0.16
CA GLU B 42 19.90 5.14 1.03
C GLU B 42 19.34 6.57 0.80
N ALA B 43 18.55 6.75 -0.27
CA ALA B 43 17.87 8.02 -0.57
C ALA B 43 16.67 8.22 0.36
N PHE B 44 15.73 7.26 0.34
CA PHE B 44 14.51 7.28 1.19
C PHE B 44 14.84 6.81 2.62
N GLY B 45 15.95 6.06 2.78
CA GLY B 45 16.38 5.56 4.08
C GLY B 45 15.65 4.29 4.50
N PHE B 46 15.66 3.27 3.62
CA PHE B 46 15.11 1.93 3.89
C PHE B 46 16.11 0.84 3.45
N GLU B 47 15.82 -0.42 3.83
CA GLU B 47 16.65 -1.58 3.48
C GLU B 47 16.01 -2.33 2.29
N ARG B 48 16.83 -2.67 1.28
CA ARG B 48 16.36 -3.28 0.01
C ARG B 48 16.05 -4.79 0.17
N GLU B 49 16.41 -5.39 1.32
CA GLU B 49 16.08 -6.79 1.66
C GLU B 49 14.78 -6.84 2.47
N ALA B 50 14.62 -5.85 3.37
CA ALA B 50 13.43 -5.70 4.26
C ALA B 50 12.17 -5.30 3.48
N VAL B 51 12.31 -5.03 2.17
CA VAL B 51 11.20 -4.63 1.26
C VAL B 51 10.02 -5.61 1.27
N SER B 52 10.30 -6.90 1.56
CA SER B 52 9.28 -7.95 1.70
C SER B 52 8.22 -7.58 2.77
N GLY B 53 8.69 -6.89 3.83
CA GLY B 53 7.83 -6.37 4.89
C GLY B 53 7.33 -4.95 4.64
N ILE B 54 8.13 -4.15 3.89
CA ILE B 54 7.81 -2.72 3.59
C ILE B 54 6.58 -2.62 2.65
N LEU B 55 6.41 -3.63 1.78
CA LEU B 55 5.22 -3.75 0.91
C LEU B 55 3.98 -4.13 1.73
N GLY B 56 4.21 -4.81 2.87
CA GLY B 56 3.15 -5.19 3.80
C GLY B 56 2.67 -4.05 4.67
N LYS B 57 3.35 -2.88 4.59
CA LYS B 57 2.93 -1.65 5.28
C LYS B 57 1.79 -0.94 4.51
N SER B 58 1.62 -1.31 3.23
CA SER B 58 0.65 -0.68 2.31
C SER B 58 -0.14 -1.75 1.54
N GLU B 59 -1.08 -1.30 0.69
CA GLU B 59 -1.92 -2.18 -0.16
C GLU B 59 -1.80 -1.81 -1.65
N PHE B 60 -1.20 -0.62 -1.95
CA PHE B 60 -1.23 0.00 -3.31
C PHE B 60 -2.67 0.42 -3.70
N LYS B 61 -2.83 1.13 -4.83
CA LYS B 61 -4.16 1.54 -5.33
C LYS B 61 -4.55 0.76 -6.60
N GLY B 62 -3.57 0.55 -7.50
CA GLY B 62 -3.83 0.00 -8.83
C GLY B 62 -3.19 -1.35 -9.07
N GLN B 63 -1.90 -1.49 -8.67
CA GLN B 63 -1.14 -2.73 -8.90
C GLN B 63 -1.66 -3.88 -8.02
N HIS B 64 -1.36 -3.80 -6.70
CA HIS B 64 -1.64 -4.86 -5.71
C HIS B 64 -0.88 -6.17 -6.06
N LEU B 65 -1.52 -7.02 -6.89
CA LEU B 65 -1.00 -8.32 -7.35
C LEU B 65 -1.29 -8.47 -8.86
N ALA B 66 -1.11 -9.71 -9.39
CA ALA B 66 -1.38 -10.08 -10.80
C ALA B 66 -0.33 -9.46 -11.76
N ASP B 67 -0.37 -8.12 -11.87
CA ASP B 67 0.62 -7.30 -12.60
C ASP B 67 2.06 -7.63 -12.15
N ILE B 68 2.37 -7.23 -10.92
CA ILE B 68 3.65 -7.52 -10.26
C ILE B 68 3.58 -8.89 -9.55
N LEU B 69 4.10 -9.92 -10.23
CA LEU B 69 4.28 -11.26 -9.64
C LEU B 69 5.41 -11.22 -8.61
N ASN B 70 6.46 -10.43 -8.93
CA ASN B 70 7.62 -10.23 -8.05
C ASN B 70 7.33 -9.04 -7.10
N SER B 71 6.61 -9.33 -6.00
CA SER B 71 6.19 -8.31 -5.02
C SER B 71 6.24 -8.88 -3.59
N ALA B 72 5.19 -9.61 -3.17
CA ALA B 72 5.09 -10.20 -1.83
C ALA B 72 5.87 -11.54 -1.79
N SER B 73 7.20 -11.42 -1.82
CA SER B 73 8.12 -12.56 -1.90
C SER B 73 9.21 -12.37 -0.85
N ARG B 74 9.35 -13.35 0.04
CA ARG B 74 10.38 -13.31 1.10
C ARG B 74 11.71 -13.86 0.56
N VAL B 75 12.81 -13.20 0.95
CA VAL B 75 14.18 -13.66 0.66
C VAL B 75 14.40 -15.03 1.36
N PRO B 76 14.86 -16.10 0.62
CA PRO B 76 15.14 -17.44 1.21
C PRO B 76 15.97 -17.39 2.50
N GLU B 77 15.29 -17.68 3.64
CA GLU B 77 15.90 -17.76 4.97
C GLU B 77 17.07 -18.78 4.95
N SER B 78 16.74 -20.03 4.63
CA SER B 78 17.72 -21.08 4.34
C SER B 78 17.16 -22.03 3.25
N ASN B 79 16.34 -23.01 3.69
CA ASN B 79 15.64 -23.98 2.79
C ASN B 79 16.60 -24.79 1.88
N LYS B 80 16.02 -25.63 1.02
CA LYS B 80 16.71 -26.37 -0.04
C LYS B 80 15.96 -26.13 -1.36
N LYS B 81 15.13 -25.05 -1.39
CA LYS B 81 14.05 -24.80 -2.39
C LYS B 81 13.28 -26.11 -2.79
N ASP B 82 13.09 -26.99 -1.79
CA ASP B 82 12.44 -28.30 -1.96
C ASP B 82 12.00 -28.82 -0.59
N ASP B 83 12.97 -29.37 0.19
CA ASP B 83 12.78 -29.80 1.61
C ASP B 83 11.75 -30.95 1.78
N ALA B 84 11.33 -31.54 0.65
CA ALA B 84 10.27 -32.56 0.64
C ALA B 84 10.88 -33.98 0.77
N GLU B 85 10.15 -34.87 1.49
CA GLU B 85 10.52 -36.27 1.67
C GLU B 85 9.42 -37.19 1.11
N ASN B 86 9.83 -38.16 0.27
CA ASN B 86 8.92 -39.15 -0.35
C ASN B 86 9.09 -40.53 0.30
N VAL B 87 10.26 -40.78 0.95
CA VAL B 87 10.61 -42.07 1.56
C VAL B 87 9.77 -42.35 2.85
N GLU B 88 8.50 -42.70 2.64
CA GLU B 88 7.51 -42.90 3.71
C GLU B 88 6.99 -44.36 3.63
N ILE B 89 5.90 -44.70 4.37
CA ILE B 89 5.27 -46.06 4.44
C ILE B 89 5.99 -46.94 5.48
N ASN B 90 7.33 -46.74 5.61
CA ASN B 90 8.23 -47.49 6.51
C ASN B 90 8.36 -48.97 6.09
N ILE B 91 8.03 -49.24 4.79
CA ILE B 91 8.04 -50.58 4.11
C ILE B 91 7.26 -51.70 4.89
N PRO B 92 6.42 -52.54 4.17
CA PRO B 92 5.35 -53.45 4.72
C PRO B 92 5.48 -53.90 6.21
N GLU B 93 5.29 -52.93 7.13
CA GLU B 93 5.28 -53.15 8.61
C GLU B 93 3.90 -53.61 9.09
N ASP B 94 2.86 -53.26 8.30
CA ASP B 94 1.47 -53.72 8.56
C ASP B 94 1.37 -55.25 8.47
N ASP B 95 2.24 -55.82 7.62
CA ASP B 95 2.31 -57.27 7.36
C ASP B 95 3.04 -58.01 8.49
N ALA B 96 3.91 -57.29 9.22
CA ALA B 96 4.58 -57.82 10.43
C ALA B 96 3.58 -57.91 11.60
N GLU B 97 2.53 -57.06 11.55
CA GLU B 97 1.47 -57.01 12.58
C GLU B 97 0.65 -58.31 12.62
N THR B 98 0.64 -59.09 11.52
CA THR B 98 -0.11 -60.35 11.47
C THR B 98 0.47 -61.35 12.50
N LYS B 99 1.81 -61.51 12.46
CA LYS B 99 2.54 -62.40 13.39
C LYS B 99 2.39 -61.88 14.84
N ALA B 100 2.49 -60.55 14.99
CA ALA B 100 2.43 -59.88 16.29
C ALA B 100 1.05 -60.09 16.95
N LYS B 101 0.00 -59.56 16.31
CA LYS B 101 -1.41 -59.63 16.78
C LYS B 101 -1.90 -61.07 17.02
N ALA B 102 -1.27 -62.05 16.32
CA ALA B 102 -1.61 -63.48 16.40
C ALA B 102 -1.56 -64.05 17.83
N GLU B 103 -0.80 -63.37 18.74
CA GLU B 103 -0.73 -63.75 20.17
C GLU B 103 -0.55 -62.53 21.09
N ASP B 104 -0.39 -61.33 20.50
CA ASP B 104 -0.31 -60.06 21.28
C ASP B 104 -1.71 -59.71 21.83
N LEU B 105 -2.75 -59.97 21.02
CA LEU B 105 -4.15 -59.64 21.34
C LEU B 105 -4.84 -60.80 22.10
N LYS B 106 -4.03 -61.75 22.58
CA LYS B 106 -4.48 -62.88 23.40
C LYS B 106 -4.76 -62.38 24.83
N MET B 107 -3.68 -61.99 25.52
CA MET B 107 -3.75 -61.49 26.90
C MET B 107 -4.33 -60.06 26.93
N GLN B 108 -4.09 -59.29 25.84
CA GLN B 108 -4.57 -57.90 25.73
C GLN B 108 -6.08 -57.85 25.42
N GLY B 109 -6.58 -58.86 24.67
CA GLY B 109 -8.02 -59.00 24.43
C GLY B 109 -8.77 -59.37 25.71
N ASN B 110 -8.14 -60.26 26.51
CA ASN B 110 -8.62 -60.65 27.85
C ASN B 110 -8.60 -59.44 28.81
N LYS B 111 -7.57 -58.59 28.64
CA LYS B 111 -7.38 -57.35 29.40
C LYS B 111 -8.52 -56.34 29.07
N ALA B 112 -8.89 -56.26 27.78
CA ALA B 112 -10.00 -55.41 27.32
C ALA B 112 -11.34 -55.92 27.88
N MET B 113 -11.50 -57.25 27.87
CA MET B 113 -12.67 -57.96 28.40
C MET B 113 -12.75 -57.81 29.94
N ALA B 114 -11.58 -57.61 30.58
CA ALA B 114 -11.49 -57.35 32.03
C ALA B 114 -12.04 -55.95 32.38
N ASN B 115 -11.82 -54.97 31.46
CA ASN B 115 -12.45 -53.63 31.56
C ASN B 115 -13.91 -53.66 31.06
N LYS B 116 -14.38 -54.87 30.65
CA LYS B 116 -15.74 -55.13 30.15
C LYS B 116 -16.00 -54.45 28.79
N ASP B 117 -14.91 -54.13 28.07
CA ASP B 117 -14.96 -53.69 26.68
C ASP B 117 -15.09 -54.93 25.79
N TYR B 118 -16.32 -55.44 25.68
CA TYR B 118 -16.66 -56.58 24.81
C TYR B 118 -16.45 -56.18 23.35
N GLU B 119 -16.84 -54.93 23.04
CA GLU B 119 -16.75 -54.32 21.71
C GLU B 119 -15.28 -54.21 21.23
N LEU B 120 -14.36 -53.97 22.18
CA LEU B 120 -12.92 -53.85 21.87
C LEU B 120 -12.27 -55.24 21.80
N ALA B 121 -12.63 -56.10 22.78
CA ALA B 121 -12.06 -57.45 22.93
C ALA B 121 -12.32 -58.31 21.68
N ILE B 122 -13.58 -58.32 21.19
CA ILE B 122 -13.97 -59.14 20.03
C ILE B 122 -13.19 -58.76 18.76
N ASN B 123 -12.97 -57.44 18.54
CA ASN B 123 -12.24 -56.92 17.36
C ASN B 123 -10.76 -57.35 17.41
N LYS B 124 -10.15 -57.27 18.60
CA LYS B 124 -8.75 -57.67 18.81
C LYS B 124 -8.57 -59.19 18.59
N TYR B 125 -9.53 -59.99 19.09
CA TYR B 125 -9.51 -61.45 18.89
C TYR B 125 -9.81 -61.82 17.43
N THR B 126 -10.64 -61.03 16.73
CA THR B 126 -10.97 -61.27 15.30
C THR B 126 -9.67 -61.27 14.45
N GLU B 127 -8.77 -60.34 14.80
CA GLU B 127 -7.46 -60.19 14.13
C GLU B 127 -6.54 -61.38 14.46
N ALA B 128 -6.54 -61.79 15.74
CA ALA B 128 -5.71 -62.90 16.25
C ALA B 128 -6.17 -64.27 15.67
N ILE B 129 -7.50 -64.40 15.44
CA ILE B 129 -8.12 -65.63 14.88
C ILE B 129 -7.96 -65.67 13.34
N LYS B 130 -8.02 -64.49 12.71
CA LYS B 130 -7.87 -64.34 11.25
C LYS B 130 -6.45 -64.79 10.81
N VAL B 131 -5.45 -64.50 11.65
CA VAL B 131 -4.07 -64.94 11.42
C VAL B 131 -3.92 -66.43 11.83
N LEU B 132 -4.46 -66.79 13.01
CA LEU B 132 -4.31 -68.14 13.59
C LEU B 132 -5.70 -68.79 13.81
N PRO B 133 -6.22 -69.57 12.80
CA PRO B 133 -7.47 -70.34 12.95
C PRO B 133 -7.27 -71.66 13.74
N THR B 134 -6.02 -72.18 13.73
CA THR B 134 -5.66 -73.45 14.37
C THR B 134 -5.39 -73.25 15.87
N ASN B 135 -6.49 -72.99 16.62
CA ASN B 135 -6.42 -72.72 18.06
C ASN B 135 -7.82 -72.93 18.69
N ALA B 136 -7.90 -72.84 20.03
CA ALA B 136 -9.15 -73.01 20.78
C ALA B 136 -9.38 -71.85 21.76
N ILE B 137 -8.27 -71.31 22.32
CA ILE B 137 -8.29 -70.24 23.36
C ILE B 137 -8.98 -68.97 22.83
N TYR B 138 -8.45 -68.42 21.71
CA TYR B 138 -8.93 -67.14 21.10
C TYR B 138 -10.44 -67.18 20.82
N TYR B 139 -10.90 -68.33 20.32
CA TYR B 139 -12.29 -68.57 20.00
C TYR B 139 -13.19 -68.42 21.24
N ALA B 140 -12.91 -69.20 22.29
CA ALA B 140 -13.75 -69.21 23.50
C ALA B 140 -13.78 -67.84 24.20
N ASN B 141 -12.67 -67.08 24.09
CA ASN B 141 -12.55 -65.72 24.66
C ASN B 141 -13.41 -64.71 23.86
N ARG B 142 -13.38 -64.85 22.52
CA ARG B 142 -14.19 -64.04 21.57
C ARG B 142 -15.69 -64.36 21.80
N ALA B 143 -15.95 -65.64 22.12
CA ALA B 143 -17.28 -66.19 22.39
C ALA B 143 -17.81 -65.76 23.76
N ALA B 144 -16.88 -65.54 24.72
CA ALA B 144 -17.25 -65.15 26.10
C ALA B 144 -17.94 -63.79 26.11
N ALA B 145 -17.39 -62.86 25.30
CA ALA B 145 -17.98 -61.54 25.08
C ALA B 145 -19.35 -61.68 24.40
N HIS B 146 -19.43 -62.53 23.35
CA HIS B 146 -20.68 -62.76 22.59
C HIS B 146 -21.78 -63.43 23.44
N SER B 147 -21.38 -64.25 24.42
CA SER B 147 -22.30 -64.90 25.37
C SER B 147 -22.95 -63.83 26.28
N SER B 148 -22.11 -62.87 26.71
CA SER B 148 -22.53 -61.74 27.55
C SER B 148 -23.34 -60.70 26.73
N LEU B 149 -23.16 -60.73 25.39
CA LEU B 149 -23.86 -59.83 24.44
C LEU B 149 -25.10 -60.50 23.81
N LYS B 150 -25.55 -61.63 24.40
CA LYS B 150 -26.78 -62.37 23.96
C LYS B 150 -26.62 -63.06 22.58
N GLU B 151 -25.44 -62.97 21.97
CA GLU B 151 -25.15 -63.61 20.68
C GLU B 151 -24.72 -65.07 20.92
N TYR B 152 -25.73 -65.91 21.18
CA TYR B 152 -25.56 -67.36 21.33
C TYR B 152 -25.12 -68.00 20.00
N ASP B 153 -25.61 -67.39 18.91
CA ASP B 153 -25.27 -67.74 17.53
C ASP B 153 -23.76 -67.63 17.28
N GLN B 154 -23.17 -66.54 17.82
CA GLN B 154 -21.74 -66.24 17.67
C GLN B 154 -20.91 -66.88 18.78
N ALA B 155 -21.56 -67.18 19.92
CA ALA B 155 -20.92 -67.87 21.06
C ALA B 155 -20.54 -69.30 20.67
N VAL B 156 -21.45 -69.98 19.94
CA VAL B 156 -21.20 -71.34 19.43
C VAL B 156 -20.32 -71.31 18.16
N LYS B 157 -20.41 -70.21 17.39
CA LYS B 157 -19.66 -70.05 16.13
C LYS B 157 -18.15 -70.17 16.39
N ASP B 158 -17.73 -69.60 17.53
CA ASP B 158 -16.35 -69.73 18.03
C ASP B 158 -16.14 -71.08 18.75
N ALA B 159 -17.08 -71.40 19.67
CA ALA B 159 -16.95 -72.55 20.60
C ALA B 159 -16.76 -73.89 19.88
N GLU B 160 -17.69 -74.21 18.96
CA GLU B 160 -17.66 -75.45 18.17
C GLU B 160 -16.43 -75.51 17.25
N SER B 161 -15.96 -74.32 16.80
CA SER B 161 -14.75 -74.20 15.98
C SER B 161 -13.49 -74.38 16.85
N ALA B 162 -13.59 -74.03 18.14
CA ALA B 162 -12.51 -74.25 19.13
C ALA B 162 -12.35 -75.75 19.42
N ILE B 163 -13.53 -76.42 19.47
CA ILE B 163 -13.65 -77.88 19.65
C ILE B 163 -13.21 -78.64 18.38
N SER B 164 -13.35 -77.97 17.21
CA SER B 164 -12.92 -78.53 15.91
C SER B 164 -11.40 -78.74 15.89
N ILE B 165 -10.66 -77.84 16.57
CA ILE B 165 -9.20 -77.95 16.74
C ILE B 165 -8.89 -78.93 17.90
N ASP B 166 -9.62 -78.81 19.02
CA ASP B 166 -9.38 -79.65 20.22
C ASP B 166 -10.70 -80.31 20.67
N PRO B 167 -10.92 -81.64 20.37
CA PRO B 167 -12.20 -82.35 20.69
C PRO B 167 -12.35 -82.72 22.19
N SER B 168 -11.52 -82.11 23.04
CA SER B 168 -11.58 -82.27 24.50
C SER B 168 -11.75 -80.89 25.17
N TYR B 169 -11.93 -79.84 24.35
CA TYR B 169 -11.92 -78.43 24.81
C TYR B 169 -13.17 -78.11 25.64
N PHE B 170 -13.05 -78.43 26.94
CA PHE B 170 -14.09 -78.29 27.96
C PHE B 170 -14.69 -76.87 28.01
N ARG B 171 -13.81 -75.86 27.87
CA ARG B 171 -14.19 -74.44 27.94
C ARG B 171 -15.11 -74.07 26.75
N GLY B 172 -14.93 -74.79 25.63
CA GLY B 172 -15.76 -74.62 24.43
C GLY B 172 -17.12 -75.28 24.58
N TYR B 173 -17.16 -76.48 25.21
CA TYR B 173 -18.42 -77.21 25.48
C TYR B 173 -19.34 -76.42 26.43
N SER B 174 -18.70 -75.60 27.30
CA SER B 174 -19.40 -74.69 28.21
C SER B 174 -20.29 -73.69 27.44
N ARG B 175 -19.74 -73.12 26.35
CA ARG B 175 -20.49 -72.21 25.46
C ARG B 175 -21.51 -73.01 24.62
N LEU B 176 -20.99 -74.09 23.96
CA LEU B 176 -21.74 -74.95 22.98
C LEU B 176 -23.12 -75.39 23.53
N GLY B 177 -23.18 -75.59 24.86
CA GLY B 177 -24.41 -75.93 25.56
C GLY B 177 -25.47 -74.84 25.45
N PHE B 178 -25.36 -73.75 26.24
CA PHE B 178 -26.40 -72.68 26.30
C PHE B 178 -26.54 -71.94 24.96
N ALA B 179 -25.48 -71.95 24.15
CA ALA B 179 -25.43 -71.26 22.86
C ALA B 179 -26.41 -71.90 21.86
N LYS B 180 -26.23 -73.22 21.58
CA LYS B 180 -27.12 -73.95 20.66
C LYS B 180 -28.48 -74.24 21.31
N TYR B 181 -28.54 -74.32 22.65
CA TYR B 181 -29.83 -74.44 23.38
C TYR B 181 -30.77 -73.28 23.03
N ALA B 182 -30.22 -72.05 23.07
CA ALA B 182 -30.99 -70.82 22.80
C ALA B 182 -31.28 -70.65 21.30
N GLN B 183 -30.43 -71.26 20.44
CA GLN B 183 -30.65 -71.29 18.98
C GLN B 183 -31.66 -72.38 18.58
N GLY B 184 -31.95 -73.30 19.52
CA GLY B 184 -32.92 -74.39 19.30
C GLY B 184 -32.32 -75.62 18.66
N LYS B 185 -31.00 -75.78 18.83
CA LYS B 185 -30.25 -77.01 18.49
C LYS B 185 -29.79 -77.66 19.83
N PRO B 186 -30.75 -78.21 20.64
CA PRO B 186 -30.49 -78.62 22.02
C PRO B 186 -30.08 -80.10 22.13
N GLU B 187 -29.80 -80.71 20.95
CA GLU B 187 -29.31 -82.10 20.83
C GLU B 187 -27.78 -82.08 20.96
N GLU B 188 -27.17 -81.07 20.32
CA GLU B 188 -25.74 -80.79 20.43
C GLU B 188 -25.41 -80.04 21.73
N ALA B 189 -26.43 -79.33 22.28
CA ALA B 189 -26.36 -78.75 23.63
C ALA B 189 -26.40 -79.87 24.69
N LEU B 190 -27.22 -80.89 24.40
CA LEU B 190 -27.32 -82.13 25.20
C LEU B 190 -25.94 -82.81 25.24
N GLU B 191 -25.33 -82.99 24.04
CA GLU B 191 -24.00 -83.60 23.87
C GLU B 191 -22.90 -82.76 24.53
N ALA B 192 -23.06 -81.42 24.49
CA ALA B 192 -22.10 -80.48 25.08
C ALA B 192 -22.03 -80.66 26.60
N TYR B 193 -23.23 -80.58 27.23
CA TYR B 193 -23.38 -80.76 28.69
C TYR B 193 -23.05 -82.20 29.12
N LYS B 194 -23.27 -83.18 28.21
CA LYS B 194 -22.88 -84.58 28.44
C LYS B 194 -21.36 -84.72 28.48
N LYS B 195 -20.66 -84.00 27.57
CA LYS B 195 -19.19 -84.04 27.48
C LYS B 195 -18.57 -83.24 28.64
N VAL B 196 -19.33 -82.26 29.18
CA VAL B 196 -18.95 -81.53 30.40
C VAL B 196 -19.02 -82.49 31.62
N LEU B 197 -20.13 -83.23 31.74
CA LEU B 197 -20.33 -84.21 32.83
C LEU B 197 -19.44 -85.47 32.63
N ASP B 198 -18.92 -85.64 31.40
CA ASP B 198 -18.00 -86.73 31.03
C ASP B 198 -16.57 -86.41 31.51
N ILE B 199 -16.05 -85.24 31.07
CA ILE B 199 -14.70 -84.76 31.43
C ILE B 199 -14.64 -84.44 32.94
N GLU B 200 -15.50 -83.51 33.38
CA GLU B 200 -15.52 -83.02 34.76
C GLU B 200 -16.33 -83.96 35.67
N GLY B 201 -17.68 -83.92 35.55
CA GLY B 201 -18.59 -84.63 36.45
C GLY B 201 -19.55 -83.67 37.14
N ASP B 202 -20.02 -84.05 38.35
CA ASP B 202 -20.95 -83.22 39.17
C ASP B 202 -20.27 -81.94 39.71
N ASN B 203 -18.92 -81.92 39.67
CA ASN B 203 -18.10 -80.75 40.07
C ASN B 203 -18.34 -79.54 39.13
N ALA B 204 -18.85 -79.82 37.92
CA ALA B 204 -19.16 -78.82 36.88
C ALA B 204 -20.15 -77.74 37.38
N THR B 205 -20.18 -76.61 36.67
CA THR B 205 -21.05 -75.47 36.98
C THR B 205 -22.55 -75.87 36.99
N GLU B 206 -23.39 -75.16 37.76
CA GLU B 206 -24.83 -75.46 37.85
C GLU B 206 -25.52 -75.31 36.48
N ALA B 207 -25.06 -74.36 35.66
CA ALA B 207 -25.51 -74.22 34.26
C ALA B 207 -25.26 -75.51 33.46
N MET B 208 -24.09 -76.10 33.69
CA MET B 208 -23.59 -77.25 32.93
C MET B 208 -24.38 -78.55 33.19
N LYS B 209 -25.14 -78.61 34.31
CA LYS B 209 -25.93 -79.82 34.68
C LYS B 209 -27.45 -79.55 34.64
N ARG B 210 -27.86 -78.33 35.05
CA ARG B 210 -29.30 -77.99 35.22
C ARG B 210 -29.92 -77.57 33.87
N ASP B 211 -29.19 -76.76 33.09
CA ASP B 211 -29.63 -76.34 31.73
C ASP B 211 -29.67 -77.54 30.77
N TYR B 212 -28.96 -78.63 31.13
CA TYR B 212 -29.04 -79.93 30.43
C TYR B 212 -30.48 -80.48 30.49
N GLU B 213 -31.09 -80.41 31.69
CA GLU B 213 -32.46 -80.90 31.95
C GLU B 213 -33.46 -80.20 31.00
N SER B 214 -33.28 -78.88 30.82
CA SER B 214 -34.12 -78.07 29.94
C SER B 214 -33.78 -78.31 28.46
N ALA B 215 -32.49 -78.58 28.15
CA ALA B 215 -32.00 -78.77 26.77
C ALA B 215 -32.59 -80.03 26.14
N LYS B 216 -32.52 -81.16 26.88
CA LYS B 216 -32.99 -82.46 26.39
C LYS B 216 -34.53 -82.47 26.16
N LYS B 217 -35.25 -81.59 26.89
CA LYS B 217 -36.71 -81.40 26.70
C LYS B 217 -36.98 -80.49 25.49
N LYS B 218 -36.09 -79.51 25.29
CA LYS B 218 -36.21 -78.50 24.21
C LYS B 218 -36.03 -79.15 22.81
N VAL B 219 -35.47 -80.39 22.80
CA VAL B 219 -35.28 -81.22 21.59
C VAL B 219 -36.64 -81.51 20.89
N GLU B 220 -37.74 -81.52 21.68
CA GLU B 220 -39.11 -81.65 21.14
C GLU B 220 -39.49 -80.52 20.16
N GLN B 221 -38.78 -79.38 20.29
CA GLN B 221 -39.00 -78.17 19.48
C GLN B 221 -37.86 -77.93 18.47
N SER B 222 -36.84 -78.82 18.49
CA SER B 222 -35.62 -78.69 17.64
C SER B 222 -35.98 -78.81 16.15
N LEU B 223 -36.75 -79.85 15.82
CA LEU B 223 -37.18 -80.14 14.44
C LEU B 223 -38.22 -79.13 13.94
N ASN B 224 -38.90 -78.43 14.88
CA ASN B 224 -40.03 -77.54 14.54
C ASN B 224 -39.58 -76.31 13.73
N LEU B 225 -38.50 -75.66 14.20
CA LEU B 225 -38.00 -74.40 13.59
C LEU B 225 -37.52 -74.63 12.14
N GLU B 226 -36.96 -75.82 11.89
CA GLU B 226 -36.45 -76.20 10.56
C GLU B 226 -37.59 -76.86 9.76
N LYS B 227 -38.19 -76.08 8.84
CA LYS B 227 -39.31 -76.57 8.01
C LYS B 227 -38.76 -77.42 6.83
N THR B 228 -38.24 -76.74 5.79
CA THR B 228 -37.65 -77.41 4.60
C THR B 228 -36.87 -76.38 3.76
N VAL B 229 -37.53 -75.25 3.42
CA VAL B 229 -36.96 -74.11 2.65
C VAL B 229 -37.61 -72.79 3.14
N PRO B 230 -37.00 -71.60 2.82
CA PRO B 230 -37.73 -70.32 2.88
C PRO B 230 -38.86 -70.31 1.84
N GLU B 231 -40.10 -70.09 2.30
CA GLU B 231 -41.31 -70.14 1.46
C GLU B 231 -41.37 -68.93 0.50
N GLN B 232 -40.70 -67.84 0.89
CA GLN B 232 -40.48 -66.69 0.00
C GLN B 232 -39.28 -67.02 -0.92
N SER B 233 -39.61 -67.54 -2.11
CA SER B 233 -38.64 -67.96 -3.14
C SER B 233 -39.27 -67.76 -4.53
N ARG B 234 -38.65 -68.37 -5.59
CA ARG B 234 -39.13 -68.30 -6.98
C ARG B 234 -39.09 -66.85 -7.50
N ASP B 235 -37.89 -66.41 -7.91
CA ASP B 235 -37.65 -65.03 -8.38
C ASP B 235 -38.13 -64.83 -9.83
N ALA B 236 -37.54 -65.59 -10.76
CA ALA B 236 -37.77 -65.40 -12.21
C ALA B 236 -38.14 -66.77 -12.84
N ASP B 237 -37.40 -67.22 -13.88
CA ASP B 237 -37.72 -68.46 -14.62
C ASP B 237 -37.42 -69.70 -13.76
N VAL B 238 -36.43 -69.55 -12.85
CA VAL B 238 -35.93 -70.58 -11.93
C VAL B 238 -35.26 -71.74 -12.70
N ASP B 239 -36.09 -72.59 -13.34
CA ASP B 239 -35.61 -73.69 -14.20
C ASP B 239 -36.41 -73.76 -15.51
N ALA B 240 -37.65 -73.23 -15.51
CA ALA B 240 -38.58 -73.34 -16.65
C ALA B 240 -38.20 -72.34 -17.77
N SER B 241 -37.33 -72.81 -18.68
CA SER B 241 -36.97 -72.13 -19.95
C SER B 241 -36.35 -70.73 -19.74
N GLN B 242 -35.01 -70.64 -19.84
CA GLN B 242 -34.27 -69.37 -19.72
C GLN B 242 -32.95 -69.43 -20.53
N GLY B 243 -32.61 -68.31 -21.20
CA GLY B 243 -31.31 -68.15 -21.86
C GLY B 243 -30.19 -67.96 -20.83
N ALA B 244 -30.46 -67.04 -19.88
CA ALA B 244 -29.63 -66.81 -18.66
C ALA B 244 -28.25 -66.15 -18.95
N SER B 245 -27.94 -65.92 -20.26
CA SER B 245 -26.66 -65.34 -20.72
C SER B 245 -25.45 -66.19 -20.29
N ALA B 246 -25.07 -67.18 -21.12
CA ALA B 246 -23.97 -68.11 -20.83
C ALA B 246 -22.62 -67.44 -21.11
N GLY B 247 -22.02 -66.87 -20.05
CA GLY B 247 -20.80 -66.08 -20.16
C GLY B 247 -21.10 -64.59 -20.14
N GLY B 248 -20.07 -63.76 -19.84
CA GLY B 248 -20.23 -62.31 -19.72
C GLY B 248 -20.67 -61.65 -21.03
N LEU B 249 -19.73 -61.57 -22.00
CA LEU B 249 -20.00 -61.00 -23.35
C LEU B 249 -19.51 -61.95 -24.49
N PRO B 250 -18.20 -62.40 -24.54
CA PRO B 250 -17.71 -63.32 -25.60
C PRO B 250 -17.77 -64.83 -25.20
N ASP B 251 -18.74 -65.19 -24.32
CA ASP B 251 -19.02 -66.59 -23.92
C ASP B 251 -17.83 -67.21 -23.15
N LEU B 252 -16.87 -67.80 -23.90
CA LEU B 252 -15.65 -68.43 -23.37
C LEU B 252 -14.81 -68.96 -24.54
N GLY B 253 -15.49 -69.42 -25.62
CA GLY B 253 -14.83 -70.09 -26.78
C GLY B 253 -13.53 -69.45 -27.27
N SER B 254 -13.62 -68.18 -27.67
CA SER B 254 -12.47 -67.40 -28.20
C SER B 254 -11.36 -67.19 -27.14
N LEU B 255 -11.76 -67.17 -25.85
CA LEU B 255 -10.83 -66.98 -24.71
C LEU B 255 -10.20 -68.31 -24.26
N LEU B 256 -10.79 -69.43 -24.71
CA LEU B 256 -10.33 -70.78 -24.36
C LEU B 256 -9.16 -71.16 -25.28
N GLY B 257 -7.98 -71.42 -24.68
CA GLY B 257 -6.77 -71.84 -25.41
C GLY B 257 -6.88 -73.27 -25.92
N GLY B 258 -7.45 -73.42 -27.12
CA GLY B 258 -7.77 -74.72 -27.71
C GLY B 258 -9.13 -74.69 -28.37
N GLY B 259 -10.00 -73.78 -27.89
CA GLY B 259 -11.30 -73.51 -28.50
C GLY B 259 -11.22 -72.42 -29.56
N LEU B 260 -10.26 -72.57 -30.47
CA LEU B 260 -10.05 -71.64 -31.60
C LEU B 260 -10.88 -72.13 -32.79
N GLY B 261 -12.00 -71.45 -33.07
CA GLY B 261 -12.94 -71.89 -34.11
C GLY B 261 -13.67 -73.17 -33.71
N GLY B 262 -13.03 -74.33 -33.97
CA GLY B 262 -13.53 -75.63 -33.55
C GLY B 262 -14.86 -75.97 -34.18
N LEU B 263 -15.95 -75.87 -33.40
CA LEU B 263 -17.32 -76.18 -33.85
C LEU B 263 -17.81 -75.11 -34.84
N MET B 264 -17.58 -73.82 -34.51
CA MET B 264 -18.05 -72.68 -35.32
C MET B 264 -17.21 -72.53 -36.60
N ASN B 265 -15.96 -73.03 -36.57
CA ASN B 265 -15.05 -72.96 -37.70
C ASN B 265 -14.12 -74.19 -37.67
N ASN B 266 -14.51 -75.23 -38.43
CA ASN B 266 -13.76 -76.49 -38.53
C ASN B 266 -12.40 -76.29 -39.28
N PRO B 267 -12.34 -75.61 -40.51
CA PRO B 267 -11.05 -75.38 -41.23
C PRO B 267 -10.00 -74.66 -40.38
N GLN B 268 -10.38 -73.46 -39.86
CA GLN B 268 -9.57 -72.59 -38.96
C GLN B 268 -8.09 -72.40 -39.37
N LEU B 269 -7.76 -72.69 -40.66
CA LEU B 269 -6.39 -72.73 -41.21
C LEU B 269 -5.41 -73.43 -40.22
N MET B 270 -5.89 -74.56 -39.65
CA MET B 270 -5.26 -75.31 -38.53
C MET B 270 -5.26 -74.48 -37.23
N GLN B 271 -4.64 -73.28 -37.24
CA GLN B 271 -4.71 -72.30 -36.13
C GLN B 271 -4.69 -70.87 -36.71
N ALA B 272 -5.89 -70.29 -36.87
CA ALA B 272 -6.08 -68.97 -37.49
C ALA B 272 -5.42 -67.84 -36.68
N ALA B 273 -5.50 -67.93 -35.34
CA ALA B 273 -5.04 -66.86 -34.41
C ALA B 273 -3.53 -66.54 -34.58
N GLN B 274 -2.74 -67.54 -35.00
CA GLN B 274 -1.27 -67.38 -35.18
C GLN B 274 -0.90 -67.25 -36.67
N LYS B 275 -1.71 -67.87 -37.56
CA LYS B 275 -1.43 -67.92 -39.01
C LYS B 275 -1.85 -66.58 -39.69
N MET B 276 -2.90 -65.94 -39.17
CA MET B 276 -3.37 -64.64 -39.68
C MET B 276 -2.31 -63.57 -39.46
N MET B 277 -1.96 -63.34 -38.17
CA MET B 277 -0.92 -62.36 -37.75
C MET B 277 -1.35 -60.91 -38.09
N SER B 278 -1.31 -60.57 -39.39
CA SER B 278 -1.83 -59.31 -39.93
C SER B 278 -2.40 -59.58 -41.33
N ASN B 279 -1.60 -60.24 -42.18
CA ASN B 279 -1.99 -60.71 -43.52
C ASN B 279 -2.07 -62.25 -43.51
N PRO B 280 -3.30 -62.87 -43.53
CA PRO B 280 -3.49 -64.35 -43.64
C PRO B 280 -3.38 -64.85 -45.10
N GLY B 281 -2.56 -64.16 -45.89
CA GLY B 281 -2.62 -64.23 -47.34
C GLY B 281 -3.17 -62.93 -47.87
N ALA B 282 -4.45 -62.66 -47.53
CA ALA B 282 -5.18 -61.43 -47.87
C ALA B 282 -5.20 -61.17 -49.38
N MET B 283 -6.10 -61.87 -50.11
CA MET B 283 -6.27 -61.79 -51.58
C MET B 283 -5.02 -62.41 -52.30
N GLN B 284 -5.06 -62.49 -53.65
CA GLN B 284 -3.98 -63.01 -54.53
C GLN B 284 -3.90 -64.55 -54.46
N ASN B 285 -3.49 -65.06 -53.28
CA ASN B 285 -3.35 -66.50 -53.01
C ASN B 285 -2.22 -67.11 -53.87
N ILE B 286 -2.45 -68.31 -54.46
CA ILE B 286 -1.44 -69.06 -55.24
C ILE B 286 -0.31 -69.59 -54.32
N GLN B 287 -0.13 -70.92 -54.31
CA GLN B 287 0.99 -71.58 -53.63
C GLN B 287 2.32 -71.09 -54.24
N LYS B 288 3.07 -70.31 -53.46
CA LYS B 288 4.29 -69.59 -53.91
C LYS B 288 5.47 -69.84 -52.97
N MET B 289 5.55 -71.09 -52.45
CA MET B 289 6.70 -71.55 -51.63
C MET B 289 8.00 -71.49 -52.46
N MET B 290 7.83 -71.67 -53.78
CA MET B 290 8.85 -71.40 -54.79
C MET B 290 8.50 -70.06 -55.44
N GLN B 291 9.18 -68.99 -54.99
CA GLN B 291 9.00 -67.64 -55.56
C GLN B 291 9.90 -67.51 -56.83
N ASP B 292 10.15 -66.26 -57.31
CA ASP B 292 10.87 -65.98 -58.61
C ASP B 292 12.17 -66.81 -58.79
N PRO B 293 12.17 -67.82 -59.72
CA PRO B 293 13.33 -68.73 -59.95
C PRO B 293 14.58 -67.99 -60.49
N SER B 294 14.39 -66.77 -61.01
CA SER B 294 15.48 -65.96 -61.58
C SER B 294 16.51 -65.55 -60.49
N ILE B 295 16.03 -65.40 -59.24
CA ILE B 295 16.91 -65.08 -58.09
C ILE B 295 17.11 -66.32 -57.19
N ARG B 296 16.16 -67.27 -57.21
CA ARG B 296 16.23 -68.49 -56.37
C ARG B 296 15.70 -69.73 -57.10
N GLN B 297 16.62 -70.53 -57.65
CA GLN B 297 16.35 -71.92 -58.09
C GLN B 297 16.69 -72.89 -56.95
N MET B 298 17.89 -72.67 -56.37
CA MET B 298 18.51 -73.59 -55.39
C MET B 298 18.76 -74.97 -56.03
N ALA B 299 19.17 -74.94 -57.32
CA ALA B 299 19.46 -76.15 -58.12
C ALA B 299 20.87 -76.68 -57.78
N GLU B 300 20.99 -77.25 -56.57
CA GLU B 300 22.25 -77.80 -56.06
C GLU B 300 21.94 -78.90 -55.02
N GLY B 301 22.32 -80.14 -55.34
CA GLY B 301 22.13 -81.28 -54.43
C GLY B 301 23.45 -81.92 -54.03
N PHE B 302 24.57 -81.24 -54.38
CA PHE B 302 25.96 -81.70 -54.21
C PHE B 302 26.19 -83.05 -54.92
N ALA B 303 25.86 -84.17 -54.25
CA ALA B 303 25.93 -85.53 -54.81
C ALA B 303 25.51 -86.57 -53.76
N SER B 304 26.33 -86.72 -52.71
CA SER B 304 26.14 -87.77 -51.68
C SER B 304 26.52 -87.26 -50.27
N GLY B 305 26.69 -85.93 -50.13
CA GLY B 305 27.03 -85.31 -48.85
C GLY B 305 27.13 -83.79 -48.96
N GLY B 306 28.31 -83.32 -49.38
CA GLY B 306 28.59 -81.88 -49.49
C GLY B 306 29.90 -81.63 -50.19
N GLY B 307 30.96 -82.30 -49.71
CA GLY B 307 32.31 -82.19 -50.27
C GLY B 307 32.54 -83.09 -51.47
N THR B 308 31.56 -83.97 -51.80
CA THR B 308 31.64 -84.93 -52.91
C THR B 308 31.84 -84.21 -54.26
N PRO B 309 33.05 -84.32 -54.91
CA PRO B 309 33.38 -83.60 -56.18
C PRO B 309 32.48 -84.00 -57.37
N ASN B 310 31.82 -85.18 -57.25
CA ASN B 310 30.81 -85.68 -58.21
C ASN B 310 31.39 -85.94 -59.63
N LEU B 311 32.72 -86.05 -59.70
CA LEU B 311 33.44 -86.27 -60.97
C LEU B 311 33.43 -87.76 -61.38
N SER B 312 32.79 -88.61 -60.54
CA SER B 312 32.72 -90.09 -60.74
C SER B 312 32.17 -90.48 -62.12
N ASP B 313 31.05 -89.86 -62.52
CA ASP B 313 30.41 -90.10 -63.82
C ASP B 313 31.26 -89.51 -64.96
N LEU B 314 31.95 -88.40 -64.66
CA LEU B 314 32.79 -87.67 -65.62
C LEU B 314 34.18 -88.35 -65.78
N MET B 315 34.50 -89.26 -64.83
CA MET B 315 35.76 -90.01 -64.81
C MET B 315 35.77 -91.12 -65.88
N ASN B 316 34.55 -91.61 -66.24
CA ASN B 316 34.37 -92.68 -67.27
C ASN B 316 35.04 -92.29 -68.59
N ASN B 317 36.26 -92.81 -68.79
CA ASN B 317 37.10 -92.53 -69.96
C ASN B 317 37.27 -93.80 -70.81
N PRO B 318 37.54 -93.67 -72.15
CA PRO B 318 37.90 -94.81 -73.02
C PRO B 318 39.23 -95.48 -72.58
N ALA B 319 39.09 -96.53 -71.76
CA ALA B 319 40.22 -97.32 -71.23
C ALA B 319 40.56 -98.47 -72.19
N LEU B 320 39.50 -99.15 -72.66
CA LEU B 320 39.60 -100.27 -73.63
C LEU B 320 39.69 -99.69 -75.05
N ARG B 321 38.90 -98.63 -75.28
CA ARG B 321 38.85 -97.88 -76.55
C ARG B 321 38.19 -98.71 -77.68
N ASN B 322 38.97 -99.56 -78.35
CA ASN B 322 38.50 -100.31 -79.55
C ASN B 322 38.66 -101.82 -79.34
N MET B 323 39.85 -102.23 -78.84
CA MET B 323 40.17 -103.65 -78.55
C MET B 323 41.26 -103.73 -77.47
N ALA B 324 42.26 -102.84 -77.57
CA ALA B 324 43.31 -102.68 -76.56
C ALA B 324 43.77 -101.22 -76.56
N GLY B 325 44.05 -100.71 -77.77
CA GLY B 325 44.48 -99.32 -77.98
C GLY B 325 45.95 -99.15 -77.67
N ASN B 326 46.24 -98.95 -76.38
CA ASN B 326 47.60 -98.74 -75.86
C ASN B 326 47.62 -99.02 -74.34
N LEU B 327 46.77 -99.97 -73.88
CA LEU B 327 46.65 -100.32 -72.44
C LEU B 327 47.97 -100.87 -71.86
N PHE B 328 48.85 -101.41 -72.76
CA PHE B 328 50.22 -101.88 -72.44
C PHE B 328 50.20 -103.13 -71.51
N GLY B 329 51.24 -103.98 -71.65
CA GLY B 329 51.35 -105.20 -70.87
C GLY B 329 50.54 -106.33 -71.46
N GLY B 330 49.77 -107.04 -70.60
CA GLY B 330 48.97 -108.18 -71.01
C GLY B 330 49.84 -109.43 -71.16
N ALA B 331 50.45 -109.60 -72.35
CA ALA B 331 51.38 -110.72 -72.67
C ALA B 331 50.68 -112.09 -72.67
N GLY B 332 51.46 -113.16 -72.91
CA GLY B 332 50.93 -114.53 -72.90
C GLY B 332 52.04 -115.57 -72.83
N ALA B 333 53.16 -115.22 -72.17
CA ALA B 333 54.30 -116.13 -71.96
C ALA B 333 53.98 -117.09 -70.80
N GLN B 334 53.14 -118.09 -71.09
CA GLN B 334 52.70 -119.08 -70.12
C GLN B 334 53.48 -120.39 -70.34
N SER B 335 54.39 -120.68 -69.40
CA SER B 335 55.28 -121.84 -69.43
C SER B 335 54.69 -123.01 -68.59
N THR B 336 53.36 -123.08 -68.52
CA THR B 336 52.63 -124.11 -67.74
C THR B 336 52.41 -125.40 -68.61
N ASP B 337 53.29 -125.59 -69.62
CA ASP B 337 53.33 -126.80 -70.48
C ASP B 337 53.54 -128.07 -69.64
N GLU B 338 54.19 -127.89 -68.48
CA GLU B 338 54.46 -128.93 -67.45
C GLU B 338 55.57 -129.92 -67.90
N THR B 339 56.19 -129.65 -69.07
CA THR B 339 57.39 -130.36 -69.55
C THR B 339 58.40 -129.44 -70.36
N PRO B 340 58.38 -128.04 -70.28
CA PRO B 340 59.28 -127.20 -71.11
C PRO B 340 60.65 -126.92 -70.42
N ASP B 341 60.85 -127.58 -69.26
CA ASP B 341 62.01 -127.35 -68.38
C ASP B 341 63.04 -128.46 -68.58
N ASN B 342 63.70 -128.45 -69.76
CA ASN B 342 64.75 -129.44 -70.12
C ASN B 342 64.16 -130.87 -70.13
N GLU B 343 62.91 -130.98 -70.66
CA GLU B 343 62.12 -132.23 -70.69
C GLU B 343 61.87 -132.78 -69.26
N ASN B 344 61.93 -131.89 -68.27
CA ASN B 344 61.76 -132.23 -66.84
C ASN B 344 62.81 -133.28 -66.39
N LYS B 345 64.09 -132.83 -66.39
CA LYS B 345 65.28 -133.64 -66.04
C LYS B 345 65.48 -134.81 -67.03
N GLN B 346 64.70 -135.89 -66.84
CA GLN B 346 64.75 -137.08 -67.72
C GLN B 346 63.57 -137.03 -68.73
N TYR B 347 62.33 -137.13 -68.24
CA TYR B 347 61.11 -137.00 -69.05
C TYR B 347 59.90 -136.95 -68.09
N MET A 1 2.59 -11.51 -16.21
CA MET A 1 3.94 -10.92 -16.11
C MET A 1 3.84 -9.39 -15.97
N SER A 2 4.71 -8.82 -15.12
CA SER A 2 4.78 -7.37 -14.86
C SER A 2 5.56 -6.64 -15.98
N ALA A 3 5.04 -6.76 -17.23
CA ALA A 3 5.62 -6.13 -18.44
C ALA A 3 7.09 -6.62 -18.68
N SER A 4 7.85 -5.89 -19.49
CA SER A 4 9.30 -6.03 -19.57
C SER A 4 9.96 -4.86 -18.81
N LYS A 5 11.29 -4.95 -18.72
CA LYS A 5 12.14 -4.07 -17.86
C LYS A 5 11.93 -2.60 -18.20
N GLU A 6 11.87 -2.33 -19.51
CA GLU A 6 11.93 -0.98 -20.07
C GLU A 6 10.69 -0.14 -19.69
N GLU A 7 9.52 -0.76 -19.81
CA GLU A 7 8.21 -0.10 -19.60
C GLU A 7 8.07 0.40 -18.14
N ILE A 8 8.46 -0.47 -17.19
CA ILE A 8 8.42 -0.14 -15.77
C ILE A 8 9.56 0.83 -15.41
N ALA A 9 10.76 0.60 -15.99
CA ALA A 9 11.97 1.44 -15.75
C ALA A 9 11.73 2.92 -16.14
N ALA A 10 10.88 3.11 -17.16
CA ALA A 10 10.43 4.44 -17.58
C ALA A 10 9.63 5.13 -16.47
N LEU A 11 8.60 4.43 -15.95
CA LEU A 11 7.70 4.97 -14.88
C LEU A 11 8.50 5.22 -13.58
N ILE A 12 9.52 4.38 -13.35
CA ILE A 12 10.45 4.45 -12.20
C ILE A 12 11.19 5.81 -12.17
N VAL A 13 11.92 6.08 -13.26
CA VAL A 13 12.77 7.28 -13.37
C VAL A 13 11.90 8.55 -13.61
N ASN A 14 10.68 8.35 -14.14
CA ASN A 14 9.66 9.41 -14.35
C ASN A 14 9.07 9.87 -12.99
N TYR A 15 8.95 8.91 -12.07
CA TYR A 15 8.43 9.16 -10.73
C TYR A 15 9.43 10.02 -9.93
N PHE A 16 10.73 9.66 -10.04
CA PHE A 16 11.84 10.42 -9.41
C PHE A 16 11.96 11.84 -9.99
N SER A 17 11.69 11.97 -11.30
CA SER A 17 11.69 13.27 -12.02
C SER A 17 10.67 14.24 -11.39
N SER A 18 9.54 13.69 -10.91
CA SER A 18 8.46 14.46 -10.25
C SER A 18 8.83 14.82 -8.80
N ILE A 19 9.57 13.92 -8.11
CA ILE A 19 10.02 14.13 -6.71
C ILE A 19 11.01 15.30 -6.63
N VAL A 20 11.99 15.30 -7.55
CA VAL A 20 13.02 16.34 -7.61
C VAL A 20 12.45 17.67 -8.17
N GLU A 21 11.39 17.56 -9.02
CA GLU A 21 10.69 18.75 -9.59
C GLU A 21 9.99 19.53 -8.47
N LYS A 22 9.17 18.82 -7.67
CA LYS A 22 8.43 19.39 -6.55
C LYS A 22 9.36 19.69 -5.34
N LYS A 23 10.60 19.11 -5.37
CA LYS A 23 11.59 19.22 -4.27
C LYS A 23 11.02 18.60 -2.97
N GLU A 24 10.36 17.43 -3.13
CA GLU A 24 9.76 16.66 -2.02
C GLU A 24 10.87 16.06 -1.13
N ILE A 25 12.05 15.85 -1.73
CA ILE A 25 13.25 15.39 -1.03
C ILE A 25 14.37 16.44 -1.24
N SER A 26 15.16 16.73 -0.17
CA SER A 26 16.28 17.68 -0.23
C SER A 26 17.49 17.05 -0.94
N GLU A 27 18.49 17.90 -1.29
CA GLU A 27 19.64 17.55 -2.15
C GLU A 27 20.39 16.27 -1.71
N ASP A 28 20.45 16.04 -0.38
CA ASP A 28 21.09 14.86 0.23
C ASP A 28 20.59 13.54 -0.43
N GLY A 29 19.26 13.36 -0.38
CA GLY A 29 18.60 12.17 -0.95
C GLY A 29 18.33 12.30 -2.44
N ALA A 30 18.21 13.54 -2.93
CA ALA A 30 17.91 13.84 -4.35
C ALA A 30 19.08 13.43 -5.27
N ASP A 31 20.32 13.60 -4.76
CA ASP A 31 21.55 13.14 -5.44
C ASP A 31 21.58 11.61 -5.53
N SER A 32 21.19 10.94 -4.43
CA SER A 32 21.08 9.47 -4.36
C SER A 32 20.11 8.93 -5.43
N LEU A 33 18.95 9.61 -5.55
CA LEU A 33 17.89 9.24 -6.50
C LEU A 33 18.31 9.54 -7.93
N ASN A 34 19.06 10.65 -8.14
CA ASN A 34 19.51 11.09 -9.47
C ASN A 34 20.50 10.07 -10.07
N VAL A 35 21.57 9.75 -9.32
CA VAL A 35 22.62 8.82 -9.80
C VAL A 35 22.09 7.38 -9.95
N ALA A 36 21.08 7.03 -9.13
CA ALA A 36 20.43 5.71 -9.16
C ALA A 36 19.61 5.55 -10.44
N MET A 37 18.68 6.50 -10.67
CA MET A 37 17.79 6.51 -11.84
C MET A 37 18.60 6.72 -13.13
N ASP A 38 19.78 7.38 -12.99
CA ASP A 38 20.72 7.61 -14.10
C ASP A 38 21.42 6.31 -14.51
N CYS A 39 21.83 5.49 -13.53
CA CYS A 39 22.45 4.17 -13.77
C CYS A 39 21.43 3.19 -14.42
N ILE A 40 20.14 3.34 -14.06
CA ILE A 40 19.04 2.56 -14.66
C ILE A 40 18.79 3.06 -16.11
N SER A 41 18.76 4.39 -16.28
CA SER A 41 18.55 5.03 -17.59
C SER A 41 19.70 4.68 -18.56
N GLU A 42 20.93 4.60 -18.04
CA GLU A 42 22.13 4.29 -18.83
C GLU A 42 22.09 2.80 -19.25
N ALA A 43 21.72 1.93 -18.27
CA ALA A 43 21.75 0.45 -18.44
C ALA A 43 20.79 -0.03 -19.55
N PHE A 44 19.64 0.66 -19.70
CA PHE A 44 18.63 0.29 -20.73
C PHE A 44 18.61 1.31 -21.90
N GLY A 45 19.57 2.26 -21.90
CA GLY A 45 19.78 3.20 -23.01
C GLY A 45 18.60 4.13 -23.28
N PHE A 46 18.28 4.95 -22.28
CA PHE A 46 17.21 5.96 -22.35
C PHE A 46 17.49 7.10 -21.36
N GLU A 47 16.53 8.03 -21.25
CA GLU A 47 16.60 9.21 -20.37
C GLU A 47 15.31 9.30 -19.54
N ARG A 48 15.36 9.97 -18.36
CA ARG A 48 14.14 10.16 -17.51
C ARG A 48 13.23 11.27 -18.07
N GLU A 49 13.75 12.03 -19.04
CA GLU A 49 12.96 12.99 -19.85
C GLU A 49 12.45 12.32 -21.16
N ALA A 50 12.83 11.03 -21.37
CA ALA A 50 12.53 10.27 -22.60
C ALA A 50 11.63 9.05 -22.29
N VAL A 51 10.80 9.18 -21.24
CA VAL A 51 9.93 8.10 -20.73
C VAL A 51 8.59 7.95 -21.50
N SER A 52 8.13 9.02 -22.14
CA SER A 52 6.71 9.21 -22.55
C SER A 52 6.24 8.15 -23.58
N GLY A 53 7.06 7.91 -24.61
CA GLY A 53 6.75 6.96 -25.69
C GLY A 53 6.78 5.52 -25.19
N ILE A 54 7.69 5.24 -24.25
CA ILE A 54 7.82 3.91 -23.61
C ILE A 54 6.52 3.60 -22.81
N LEU A 55 6.04 4.63 -22.09
CA LEU A 55 4.80 4.59 -21.30
C LEU A 55 3.55 4.54 -22.21
N GLY A 56 3.74 4.93 -23.51
CA GLY A 56 2.70 4.81 -24.53
C GLY A 56 2.29 3.35 -24.80
N LYS A 57 3.22 2.40 -24.54
CA LYS A 57 2.95 0.94 -24.65
C LYS A 57 2.84 0.29 -23.26
N SER A 58 3.09 1.07 -22.19
CA SER A 58 3.05 0.57 -20.81
C SER A 58 1.66 0.82 -20.20
N GLU A 59 0.71 -0.07 -20.54
CA GLU A 59 -0.67 0.02 -20.03
C GLU A 59 -0.74 -0.51 -18.59
N PHE A 60 0.07 -1.56 -18.30
CA PHE A 60 -0.05 -2.43 -17.09
C PHE A 60 -1.36 -3.23 -17.12
N LYS A 61 -1.47 -4.29 -16.31
CA LYS A 61 -2.69 -5.12 -16.25
C LYS A 61 -3.35 -5.00 -14.86
N GLY A 62 -3.01 -3.89 -14.16
CA GLY A 62 -3.62 -3.55 -12.86
C GLY A 62 -3.62 -2.06 -12.64
N GLN A 63 -2.44 -1.43 -12.81
CA GLN A 63 -2.28 0.03 -12.61
C GLN A 63 -3.07 0.86 -13.65
N HIS A 64 -2.47 1.14 -14.84
CA HIS A 64 -3.00 2.14 -15.82
C HIS A 64 -3.02 3.56 -15.18
N LEU A 65 -4.13 3.85 -14.48
CA LEU A 65 -4.31 5.08 -13.67
C LEU A 65 -4.63 4.65 -12.22
N ALA A 66 -5.19 5.58 -11.42
CA ALA A 66 -5.63 5.34 -10.02
C ALA A 66 -4.44 5.17 -9.06
N ASP A 67 -3.74 4.01 -9.16
CA ASP A 67 -2.53 3.73 -8.37
C ASP A 67 -1.39 4.67 -8.79
N ILE A 68 -1.25 4.85 -10.12
CA ILE A 68 -0.28 5.78 -10.71
C ILE A 68 -1.02 6.86 -11.52
N LEU A 69 -0.80 8.11 -11.16
CA LEU A 69 -1.42 9.29 -11.80
C LEU A 69 -0.36 10.13 -12.52
N ASN A 70 0.86 9.57 -12.62
CA ASN A 70 2.05 10.25 -13.17
C ASN A 70 2.28 9.81 -14.64
N SER A 71 1.16 9.73 -15.39
CA SER A 71 1.15 9.27 -16.80
C SER A 71 1.49 10.44 -17.76
N ALA A 72 0.77 11.57 -17.61
CA ALA A 72 0.90 12.76 -18.48
C ALA A 72 0.35 14.01 -17.75
N SER A 73 0.54 15.22 -18.32
CA SER A 73 0.21 16.49 -17.60
C SER A 73 -0.09 17.69 -18.54
N ARG A 74 -0.03 17.51 -19.87
CA ARG A 74 -0.29 18.63 -20.83
C ARG A 74 -1.80 18.84 -21.02
N VAL A 75 -2.18 20.07 -21.40
CA VAL A 75 -3.60 20.50 -21.52
C VAL A 75 -3.96 20.79 -23.00
N PRO A 76 -5.12 20.26 -23.51
CA PRO A 76 -5.58 20.52 -24.89
C PRO A 76 -6.29 21.89 -25.04
N GLU A 77 -5.83 22.68 -26.05
CA GLU A 77 -6.39 24.00 -26.50
C GLU A 77 -6.73 24.97 -25.34
N SER A 78 -5.93 24.92 -24.26
CA SER A 78 -6.04 25.86 -23.14
C SER A 78 -5.28 27.15 -23.49
N ASN A 79 -5.94 28.02 -24.29
CA ASN A 79 -5.37 29.30 -24.75
C ASN A 79 -5.59 30.37 -23.65
N LYS A 80 -6.75 31.07 -23.68
CA LYS A 80 -7.04 32.20 -22.77
C LYS A 80 -8.41 32.81 -23.15
N LYS A 81 -8.97 33.65 -22.24
CA LYS A 81 -10.22 34.40 -22.45
C LYS A 81 -11.44 33.44 -22.49
N ASP A 82 -12.21 33.45 -21.40
CA ASP A 82 -13.45 32.65 -21.27
C ASP A 82 -14.52 33.17 -22.28
N ASP A 83 -15.13 32.24 -23.02
CA ASP A 83 -16.19 32.58 -24.01
C ASP A 83 -17.02 31.31 -24.31
N ALA A 84 -18.16 31.45 -25.01
CA ALA A 84 -19.09 30.32 -25.31
C ALA A 84 -19.44 30.21 -26.81
N GLU A 85 -18.99 31.21 -27.60
CA GLU A 85 -19.24 31.33 -29.06
C GLU A 85 -20.70 31.78 -29.34
N ASN A 86 -21.67 30.88 -29.10
CA ASN A 86 -23.11 31.10 -29.33
C ASN A 86 -23.87 29.84 -28.92
N VAL A 87 -23.43 28.69 -29.48
CA VAL A 87 -23.96 27.34 -29.23
C VAL A 87 -25.34 27.14 -29.90
N GLU A 88 -26.36 27.87 -29.41
CA GLU A 88 -27.75 27.70 -29.83
C GLU A 88 -28.01 28.25 -31.26
N ILE A 89 -27.95 27.36 -32.26
CA ILE A 89 -28.33 27.64 -33.65
C ILE A 89 -29.27 26.52 -34.16
N ASN A 90 -30.04 26.84 -35.21
CA ASN A 90 -30.98 25.90 -35.83
C ASN A 90 -30.93 26.02 -37.37
N ILE A 91 -31.30 27.22 -37.88
CA ILE A 91 -31.48 27.51 -39.32
C ILE A 91 -32.68 26.69 -39.87
N PRO A 92 -33.91 27.31 -40.01
CA PRO A 92 -35.11 26.61 -40.52
C PRO A 92 -34.95 26.11 -41.97
N GLU A 93 -34.79 24.79 -42.11
CA GLU A 93 -34.66 24.07 -43.41
C GLU A 93 -35.99 23.38 -43.81
N ASP A 94 -36.93 23.32 -42.85
CA ASP A 94 -38.22 22.60 -42.98
C ASP A 94 -38.96 22.91 -44.31
N ASP A 95 -39.30 24.19 -44.50
CA ASP A 95 -40.08 24.64 -45.69
C ASP A 95 -39.20 24.72 -46.96
N ALA A 96 -37.87 24.54 -46.80
CA ALA A 96 -36.93 24.42 -47.94
C ALA A 96 -37.01 23.01 -48.55
N GLU A 97 -37.29 21.99 -47.70
CA GLU A 97 -37.48 20.59 -48.15
C GLU A 97 -38.67 20.48 -49.11
N THR A 98 -39.81 21.02 -48.65
CA THR A 98 -41.11 20.95 -49.35
C THR A 98 -41.03 21.66 -50.72
N LYS A 99 -40.37 22.85 -50.73
CA LYS A 99 -40.31 23.71 -51.92
C LYS A 99 -39.33 23.16 -52.96
N ALA A 100 -38.14 22.72 -52.48
CA ALA A 100 -37.03 22.20 -53.33
C ALA A 100 -37.50 21.08 -54.27
N LYS A 101 -38.42 20.24 -53.76
CA LYS A 101 -39.00 19.13 -54.52
C LYS A 101 -39.84 19.69 -55.68
N ALA A 102 -40.76 20.63 -55.37
CA ALA A 102 -41.68 21.25 -56.36
C ALA A 102 -40.91 21.92 -57.52
N GLU A 103 -39.77 22.55 -57.17
CA GLU A 103 -38.88 23.23 -58.13
C GLU A 103 -38.34 22.22 -59.16
N ASP A 104 -37.89 21.08 -58.64
CA ASP A 104 -37.18 20.05 -59.42
C ASP A 104 -38.15 19.31 -60.37
N LEU A 105 -39.34 19.00 -59.85
CA LEU A 105 -40.41 18.29 -60.59
C LEU A 105 -40.97 19.16 -61.73
N LYS A 106 -40.94 20.48 -61.48
CA LYS A 106 -41.40 21.50 -62.45
C LYS A 106 -40.48 21.50 -63.67
N MET A 107 -39.15 21.58 -63.40
CA MET A 107 -38.10 21.72 -64.45
C MET A 107 -37.97 20.42 -65.27
N GLN A 108 -37.84 19.29 -64.56
CA GLN A 108 -37.59 17.97 -65.18
C GLN A 108 -38.85 17.41 -65.85
N GLY A 109 -40.03 17.70 -65.26
CA GLY A 109 -41.31 17.33 -65.85
C GLY A 109 -41.53 18.04 -67.18
N ASN A 110 -41.16 19.34 -67.21
CA ASN A 110 -41.20 20.18 -68.43
C ASN A 110 -40.27 19.60 -69.50
N LYS A 111 -39.01 19.30 -69.09
CA LYS A 111 -37.98 18.71 -69.97
C LYS A 111 -38.47 17.40 -70.59
N ALA A 112 -39.11 16.56 -69.75
CA ALA A 112 -39.59 15.23 -70.14
C ALA A 112 -40.56 15.36 -71.32
N MET A 113 -41.63 16.16 -71.15
CA MET A 113 -42.68 16.35 -72.17
C MET A 113 -42.09 17.00 -73.46
N ALA A 114 -41.19 17.98 -73.27
CA ALA A 114 -40.55 18.73 -74.37
C ALA A 114 -39.54 17.86 -75.15
N ASN A 115 -39.10 16.76 -74.52
CA ASN A 115 -38.18 15.77 -75.12
C ASN A 115 -38.97 14.46 -75.45
N LYS A 116 -40.30 14.61 -75.70
CA LYS A 116 -41.18 13.53 -76.23
C LYS A 116 -41.51 12.43 -75.17
N ASP A 117 -40.91 12.56 -73.98
CA ASP A 117 -41.09 11.62 -72.84
C ASP A 117 -42.31 12.06 -72.00
N TYR A 118 -43.51 11.82 -72.55
CA TYR A 118 -44.79 12.37 -72.03
C TYR A 118 -45.26 11.62 -70.78
N GLU A 119 -44.97 10.31 -70.68
CA GLU A 119 -45.46 9.46 -69.56
C GLU A 119 -44.82 9.88 -68.23
N LEU A 120 -43.48 10.00 -68.20
CA LEU A 120 -42.74 10.45 -67.01
C LEU A 120 -43.11 11.90 -66.68
N ALA A 121 -43.39 12.70 -67.72
CA ALA A 121 -43.85 14.08 -67.57
C ALA A 121 -45.12 14.15 -66.71
N ILE A 122 -46.18 13.42 -67.13
CA ILE A 122 -47.48 13.34 -66.41
C ILE A 122 -47.27 12.92 -64.95
N ASN A 123 -46.44 11.88 -64.79
CA ASN A 123 -46.08 11.29 -63.49
C ASN A 123 -45.44 12.33 -62.55
N LYS A 124 -44.49 13.13 -63.07
CA LYS A 124 -43.77 14.15 -62.28
C LYS A 124 -44.61 15.43 -62.09
N TYR A 125 -45.62 15.63 -62.96
CA TYR A 125 -46.62 16.70 -62.77
C TYR A 125 -47.55 16.31 -61.63
N THR A 126 -47.84 15.00 -61.51
CA THR A 126 -48.67 14.45 -60.42
C THR A 126 -47.96 14.59 -59.07
N GLU A 127 -46.63 14.35 -59.07
CA GLU A 127 -45.76 14.58 -57.88
C GLU A 127 -45.70 16.07 -57.53
N ALA A 128 -45.79 16.93 -58.57
CA ALA A 128 -45.86 18.39 -58.39
C ALA A 128 -47.24 18.82 -57.83
N ILE A 129 -48.29 17.98 -58.05
CA ILE A 129 -49.63 18.17 -57.44
C ILE A 129 -49.61 17.72 -55.95
N LYS A 130 -48.79 16.70 -55.63
CA LYS A 130 -48.67 16.15 -54.25
C LYS A 130 -48.20 17.25 -53.27
N VAL A 131 -47.11 17.95 -53.68
CA VAL A 131 -46.52 19.05 -52.90
C VAL A 131 -47.32 20.36 -53.10
N LEU A 132 -47.70 20.66 -54.36
CA LEU A 132 -48.39 21.92 -54.74
C LEU A 132 -49.72 21.60 -55.48
N PRO A 133 -50.81 21.23 -54.74
CA PRO A 133 -52.15 20.97 -55.34
C PRO A 133 -52.95 22.27 -55.58
N THR A 134 -52.32 23.40 -55.22
CA THR A 134 -52.85 24.77 -55.39
C THR A 134 -52.74 25.21 -56.85
N ASN A 135 -51.81 24.59 -57.59
CA ASN A 135 -51.50 24.96 -58.97
C ASN A 135 -52.26 24.04 -59.95
N ALA A 136 -53.39 24.57 -60.47
CA ALA A 136 -54.18 23.94 -61.55
C ALA A 136 -53.36 23.77 -62.84
N ILE A 137 -52.30 24.59 -62.95
CA ILE A 137 -51.35 24.58 -64.08
C ILE A 137 -50.68 23.19 -64.22
N TYR A 138 -50.26 22.57 -63.09
CA TYR A 138 -49.64 21.22 -63.09
C TYR A 138 -50.61 20.16 -63.64
N TYR A 139 -51.91 20.31 -63.29
CA TYR A 139 -52.96 19.36 -63.72
C TYR A 139 -53.37 19.62 -65.20
N ALA A 140 -53.25 20.89 -65.62
CA ALA A 140 -53.50 21.31 -67.01
C ALA A 140 -52.33 20.91 -67.93
N ASN A 141 -51.14 20.82 -67.32
CA ASN A 141 -49.88 20.50 -68.00
C ASN A 141 -49.86 19.00 -68.37
N ARG A 142 -50.23 18.15 -67.39
CA ARG A 142 -50.36 16.69 -67.59
C ARG A 142 -51.54 16.35 -68.52
N ALA A 143 -52.54 17.25 -68.61
CA ALA A 143 -53.66 17.12 -69.57
C ALA A 143 -53.15 17.22 -71.01
N ALA A 144 -52.23 18.19 -71.24
CA ALA A 144 -51.58 18.40 -72.55
C ALA A 144 -50.64 17.22 -72.89
N ALA A 145 -49.92 16.71 -71.87
CA ALA A 145 -49.01 15.54 -72.02
C ALA A 145 -49.79 14.22 -72.21
N HIS A 146 -51.01 14.17 -71.63
CA HIS A 146 -51.89 12.98 -71.70
C HIS A 146 -52.48 12.90 -73.12
N SER A 147 -52.82 14.08 -73.65
CA SER A 147 -53.23 14.29 -75.04
C SER A 147 -52.14 13.73 -75.98
N SER A 148 -50.90 14.13 -75.73
CA SER A 148 -49.73 13.78 -76.58
C SER A 148 -49.43 12.25 -76.64
N LEU A 149 -50.03 11.47 -75.72
CA LEU A 149 -49.92 9.99 -75.70
C LEU A 149 -51.04 9.30 -76.52
N LYS A 150 -51.78 10.09 -77.34
CA LYS A 150 -52.96 9.64 -78.13
C LYS A 150 -54.20 9.38 -77.21
N GLU A 151 -54.04 9.61 -75.90
CA GLU A 151 -55.11 9.43 -74.91
C GLU A 151 -55.86 10.77 -74.76
N TYR A 152 -56.40 11.25 -75.90
CA TYR A 152 -57.12 12.52 -75.99
C TYR A 152 -58.41 12.47 -75.18
N ASP A 153 -59.13 11.34 -75.29
CA ASP A 153 -60.38 11.08 -74.56
C ASP A 153 -60.15 11.14 -73.04
N GLN A 154 -59.03 10.55 -72.59
CA GLN A 154 -58.66 10.51 -71.16
C GLN A 154 -58.14 11.89 -70.69
N ALA A 155 -57.47 12.61 -71.62
CA ALA A 155 -56.93 13.96 -71.37
C ALA A 155 -58.05 14.99 -71.14
N VAL A 156 -59.24 14.73 -71.72
CA VAL A 156 -60.47 15.52 -71.47
C VAL A 156 -60.84 15.45 -69.97
N LYS A 157 -60.59 14.29 -69.33
CA LYS A 157 -60.86 14.08 -67.89
C LYS A 157 -59.83 14.84 -67.01
N ASP A 158 -58.55 14.81 -67.44
CA ASP A 158 -57.45 15.55 -66.74
C ASP A 158 -57.71 17.05 -66.77
N ALA A 159 -58.03 17.56 -67.96
CA ALA A 159 -58.31 18.99 -68.19
C ALA A 159 -59.57 19.44 -67.43
N GLU A 160 -60.59 18.56 -67.39
CA GLU A 160 -61.82 18.76 -66.59
C GLU A 160 -61.46 19.04 -65.12
N SER A 161 -60.63 18.16 -64.55
CA SER A 161 -60.19 18.24 -63.15
C SER A 161 -59.31 19.48 -62.90
N ALA A 162 -58.55 19.90 -63.92
CA ALA A 162 -57.71 21.12 -63.85
C ALA A 162 -58.59 22.38 -63.69
N ILE A 163 -59.74 22.38 -64.38
CA ILE A 163 -60.76 23.45 -64.29
C ILE A 163 -61.47 23.40 -62.93
N SER A 164 -61.64 22.18 -62.39
CA SER A 164 -62.34 21.97 -61.11
C SER A 164 -61.45 22.38 -59.90
N ILE A 165 -60.11 22.47 -60.12
CA ILE A 165 -59.17 23.04 -59.12
C ILE A 165 -59.35 24.57 -59.07
N ASP A 166 -59.49 25.19 -60.26
CA ASP A 166 -59.71 26.65 -60.37
C ASP A 166 -60.58 26.98 -61.60
N PRO A 167 -61.88 27.40 -61.40
CA PRO A 167 -62.78 27.79 -62.52
C PRO A 167 -62.41 29.16 -63.14
N SER A 168 -61.58 29.94 -62.42
CA SER A 168 -61.03 31.23 -62.92
C SER A 168 -59.97 30.98 -64.01
N TYR A 169 -59.45 29.74 -64.05
CA TYR A 169 -58.45 29.30 -65.02
C TYR A 169 -59.14 29.03 -66.38
N PHE A 170 -59.33 30.12 -67.14
CA PHE A 170 -59.92 30.09 -68.50
C PHE A 170 -59.12 29.17 -69.45
N ARG A 171 -57.80 29.14 -69.23
CA ARG A 171 -56.84 28.38 -70.03
C ARG A 171 -57.05 26.84 -69.87
N GLY A 172 -57.75 26.44 -68.78
CA GLY A 172 -58.10 25.04 -68.51
C GLY A 172 -59.10 24.48 -69.53
N TYR A 173 -60.05 25.34 -69.94
CA TYR A 173 -61.02 25.00 -71.02
C TYR A 173 -60.29 24.90 -72.38
N SER A 174 -59.15 25.60 -72.48
CA SER A 174 -58.28 25.55 -73.67
C SER A 174 -57.39 24.30 -73.67
N ARG A 175 -57.18 23.70 -72.47
CA ARG A 175 -56.51 22.39 -72.32
C ARG A 175 -57.51 21.26 -72.58
N LEU A 176 -58.78 21.54 -72.23
CA LEU A 176 -59.94 20.68 -72.53
C LEU A 176 -60.12 20.59 -74.06
N GLY A 177 -59.95 21.76 -74.70
CA GLY A 177 -59.96 21.88 -76.15
C GLY A 177 -58.73 21.29 -76.80
N PHE A 178 -57.55 21.39 -76.12
CA PHE A 178 -56.26 20.87 -76.66
C PHE A 178 -56.31 19.36 -76.94
N ALA A 179 -57.04 18.63 -76.09
CA ALA A 179 -57.25 17.18 -76.26
C ALA A 179 -57.94 16.89 -77.62
N LYS A 180 -59.00 17.66 -77.92
CA LYS A 180 -59.78 17.51 -79.17
C LYS A 180 -59.01 18.13 -80.38
N TYR A 181 -58.12 19.08 -80.06
CA TYR A 181 -57.34 19.86 -81.05
C TYR A 181 -56.26 18.99 -81.70
N ALA A 182 -55.45 18.34 -80.84
CA ALA A 182 -54.36 17.44 -81.25
C ALA A 182 -54.92 16.12 -81.81
N GLN A 183 -56.17 15.79 -81.40
CA GLN A 183 -56.92 14.63 -81.94
C GLN A 183 -57.21 14.82 -83.43
N GLY A 184 -57.38 16.09 -83.84
CA GLY A 184 -57.64 16.44 -85.23
C GLY A 184 -59.12 16.56 -85.54
N LYS A 185 -59.95 16.80 -84.49
CA LYS A 185 -61.39 17.08 -84.66
C LYS A 185 -61.77 18.31 -83.77
N PRO A 186 -61.06 19.47 -83.96
CA PRO A 186 -61.10 20.60 -83.02
C PRO A 186 -62.31 21.53 -83.21
N GLU A 187 -63.24 21.17 -84.10
CA GLU A 187 -64.48 21.93 -84.29
C GLU A 187 -65.38 21.77 -83.04
N GLU A 188 -65.26 20.62 -82.35
CA GLU A 188 -65.88 20.39 -81.04
C GLU A 188 -65.06 21.03 -79.90
N ALA A 189 -63.75 21.23 -80.13
CA ALA A 189 -62.87 21.98 -79.19
C ALA A 189 -63.25 23.45 -79.16
N LEU A 190 -63.77 23.94 -80.31
CA LEU A 190 -64.25 25.33 -80.49
C LEU A 190 -65.37 25.65 -79.48
N GLU A 191 -66.13 24.63 -79.06
CA GLU A 191 -67.18 24.75 -78.02
C GLU A 191 -66.57 25.11 -76.65
N ALA A 192 -65.43 24.45 -76.32
CA ALA A 192 -64.68 24.71 -75.08
C ALA A 192 -64.03 26.10 -75.12
N TYR A 193 -63.51 26.47 -76.31
CA TYR A 193 -62.87 27.78 -76.56
C TYR A 193 -63.92 28.91 -76.60
N LYS A 194 -65.16 28.57 -77.02
CA LYS A 194 -66.33 29.46 -77.00
C LYS A 194 -66.62 29.88 -75.56
N LYS A 195 -66.48 28.89 -74.67
CA LYS A 195 -66.70 29.08 -73.23
C LYS A 195 -65.60 29.96 -72.63
N VAL A 196 -64.37 29.87 -73.17
CA VAL A 196 -63.24 30.74 -72.74
C VAL A 196 -63.55 32.22 -73.08
N LEU A 197 -64.08 32.46 -74.29
CA LEU A 197 -64.55 33.80 -74.73
C LEU A 197 -65.72 34.27 -73.87
N ASP A 198 -66.63 33.33 -73.56
CA ASP A 198 -67.90 33.59 -72.84
C ASP A 198 -67.66 34.11 -71.41
N ILE A 199 -66.56 33.63 -70.79
CA ILE A 199 -66.12 34.04 -69.43
C ILE A 199 -65.95 35.58 -69.34
N GLU A 200 -65.37 36.17 -70.39
CA GLU A 200 -65.08 37.63 -70.46
C GLU A 200 -65.96 38.34 -71.53
N GLY A 201 -66.83 37.57 -72.22
CA GLY A 201 -67.82 38.10 -73.17
C GLY A 201 -67.23 38.94 -74.30
N ASP A 202 -67.79 40.15 -74.50
CA ASP A 202 -67.33 41.12 -75.53
C ASP A 202 -65.94 41.69 -75.21
N ASN A 203 -65.52 41.56 -73.93
CA ASN A 203 -64.18 42.00 -73.46
C ASN A 203 -63.16 40.86 -73.61
N ALA A 204 -63.42 39.92 -74.54
CA ALA A 204 -62.51 38.79 -74.83
C ALA A 204 -61.16 39.27 -75.38
N THR A 205 -60.06 38.77 -74.79
CA THR A 205 -58.68 39.12 -75.17
C THR A 205 -58.21 38.17 -76.29
N GLU A 206 -57.15 38.57 -77.03
CA GLU A 206 -56.58 37.78 -78.14
C GLU A 206 -56.03 36.43 -77.68
N ALA A 207 -55.66 36.34 -76.38
CA ALA A 207 -55.17 35.09 -75.76
C ALA A 207 -56.22 33.95 -75.81
N MET A 208 -57.50 34.33 -75.71
CA MET A 208 -58.64 33.39 -75.74
C MET A 208 -59.19 33.23 -77.17
N LYS A 209 -58.95 34.26 -78.00
CA LYS A 209 -59.65 34.43 -79.30
C LYS A 209 -58.89 33.74 -80.45
N ARG A 210 -57.55 33.62 -80.32
CA ARG A 210 -56.69 33.02 -81.37
C ARG A 210 -56.91 31.50 -81.49
N ASP A 211 -56.89 30.80 -80.34
CA ASP A 211 -57.00 29.32 -80.27
C ASP A 211 -58.43 28.86 -80.57
N TYR A 212 -59.39 29.76 -80.28
CA TYR A 212 -60.81 29.59 -80.65
C TYR A 212 -60.97 29.33 -82.15
N GLU A 213 -60.43 30.26 -82.96
CA GLU A 213 -60.52 30.19 -84.42
C GLU A 213 -59.62 29.06 -84.94
N SER A 214 -58.36 29.03 -84.45
CA SER A 214 -57.31 28.06 -84.86
C SER A 214 -57.78 26.59 -84.75
N ALA A 215 -58.80 26.35 -83.90
CA ALA A 215 -59.47 25.06 -83.78
C ALA A 215 -60.08 24.59 -85.13
N LYS A 216 -61.09 25.34 -85.59
CA LYS A 216 -61.83 25.01 -86.85
C LYS A 216 -60.93 25.31 -88.07
N LYS A 217 -60.09 26.34 -87.93
CA LYS A 217 -59.22 26.83 -88.99
C LYS A 217 -58.16 25.81 -89.40
N LYS A 218 -57.56 25.08 -88.43
CA LYS A 218 -56.48 24.12 -88.74
C LYS A 218 -57.01 22.92 -89.55
N VAL A 219 -58.33 22.65 -89.48
CA VAL A 219 -58.95 21.52 -90.24
C VAL A 219 -58.87 21.80 -91.76
N GLU A 220 -58.92 23.10 -92.10
CA GLU A 220 -58.89 23.59 -93.48
C GLU A 220 -57.45 23.96 -93.90
N GLN A 221 -56.75 24.64 -92.97
CA GLN A 221 -55.48 25.33 -93.24
C GLN A 221 -54.27 24.38 -93.18
N SER A 222 -54.29 23.42 -92.22
CA SER A 222 -53.14 22.51 -91.96
C SER A 222 -52.69 21.79 -93.24
N LEU A 223 -53.67 21.29 -94.02
CA LEU A 223 -53.43 20.50 -95.25
C LEU A 223 -52.61 21.30 -96.31
N ASN A 224 -52.56 22.64 -96.14
CA ASN A 224 -51.72 23.53 -96.96
C ASN A 224 -50.27 23.62 -96.40
N LEU A 225 -50.12 24.09 -95.14
CA LEU A 225 -48.78 24.52 -94.60
C LEU A 225 -48.13 23.48 -93.64
N GLU A 226 -48.78 22.31 -93.50
CA GLU A 226 -48.35 21.22 -92.56
C GLU A 226 -46.89 20.79 -92.81
N LYS A 227 -46.30 20.10 -91.85
CA LYS A 227 -44.87 19.75 -91.89
C LYS A 227 -44.70 18.31 -92.37
N THR A 228 -43.45 17.84 -92.35
CA THR A 228 -43.07 16.52 -92.83
C THR A 228 -43.63 15.41 -91.92
N VAL A 229 -43.90 14.25 -92.53
CA VAL A 229 -44.42 13.04 -91.85
C VAL A 229 -43.48 12.57 -90.70
N PRO A 230 -44.06 11.98 -89.59
CA PRO A 230 -43.30 11.56 -88.39
C PRO A 230 -42.20 10.53 -88.69
N GLU A 231 -41.15 10.53 -87.84
CA GLU A 231 -39.94 9.67 -87.93
C GLU A 231 -38.98 10.10 -89.05
N GLN A 232 -39.50 10.22 -90.31
CA GLN A 232 -38.75 10.70 -91.49
C GLN A 232 -38.01 12.02 -91.18
N SER A 233 -38.74 12.99 -90.64
CA SER A 233 -38.17 14.26 -90.20
C SER A 233 -38.93 14.70 -88.95
N ARG A 234 -40.20 15.15 -89.12
CA ARG A 234 -41.08 15.64 -88.04
C ARG A 234 -40.43 16.85 -87.31
N ASP A 235 -39.57 16.58 -86.32
CA ASP A 235 -38.88 17.60 -85.50
C ASP A 235 -37.41 17.17 -85.35
N ALA A 236 -36.82 16.73 -86.47
CA ALA A 236 -35.39 16.38 -86.56
C ALA A 236 -34.48 17.61 -86.36
N ASP A 237 -35.08 18.82 -86.52
CA ASP A 237 -34.39 20.11 -86.33
C ASP A 237 -33.83 20.23 -84.89
N VAL A 238 -34.68 19.94 -83.91
CA VAL A 238 -34.29 19.88 -82.49
C VAL A 238 -33.82 18.46 -82.16
N ASP A 239 -32.79 18.34 -81.31
CA ASP A 239 -32.19 17.03 -80.95
C ASP A 239 -31.71 17.08 -79.50
N ALA A 240 -30.72 17.96 -79.24
CA ALA A 240 -30.19 18.20 -77.89
C ALA A 240 -31.17 19.11 -77.11
N SER A 241 -32.13 18.47 -76.44
CA SER A 241 -33.30 19.15 -75.85
C SER A 241 -33.00 19.81 -74.49
N GLN A 242 -31.79 19.60 -73.93
CA GLN A 242 -31.38 20.31 -72.69
C GLN A 242 -31.00 21.76 -73.04
N GLY A 243 -32.05 22.62 -73.03
CA GLY A 243 -31.91 24.05 -73.26
C GLY A 243 -32.26 24.83 -72.01
N ALA A 244 -31.74 24.35 -70.87
CA ALA A 244 -31.94 24.96 -69.55
C ALA A 244 -30.75 24.61 -68.64
N SER A 245 -30.53 25.42 -67.60
CA SER A 245 -29.47 25.21 -66.60
C SER A 245 -29.97 24.33 -65.43
N ALA A 246 -31.26 23.89 -65.53
CA ALA A 246 -31.93 23.01 -64.53
C ALA A 246 -31.94 23.65 -63.12
N GLY A 247 -32.04 25.01 -63.09
CA GLY A 247 -32.10 25.77 -61.84
C GLY A 247 -30.72 25.89 -61.18
N GLY A 248 -30.25 24.76 -60.64
CA GLY A 248 -28.94 24.66 -60.02
C GLY A 248 -28.50 23.21 -59.99
N LEU A 249 -29.11 22.46 -59.04
CA LEU A 249 -28.92 21.01 -58.76
C LEU A 249 -27.82 20.74 -57.65
N PRO A 250 -26.45 20.89 -57.85
CA PRO A 250 -25.47 20.69 -56.76
C PRO A 250 -25.22 21.99 -55.95
N ASP A 251 -24.11 22.00 -55.19
CA ASP A 251 -23.68 23.18 -54.39
C ASP A 251 -23.04 24.26 -55.28
N LEU A 252 -22.61 25.36 -54.62
CA LEU A 252 -21.88 26.49 -55.26
C LEU A 252 -20.36 26.37 -55.03
N GLY A 253 -19.93 25.19 -54.51
CA GLY A 253 -18.51 24.88 -54.32
C GLY A 253 -17.76 24.85 -55.65
N SER A 254 -18.15 23.87 -56.51
CA SER A 254 -17.75 23.76 -57.93
C SER A 254 -16.22 23.85 -58.12
N LEU A 255 -15.48 23.12 -57.25
CA LEU A 255 -13.98 23.03 -57.25
C LEU A 255 -13.29 24.31 -56.71
N LEU A 256 -14.00 25.47 -56.75
CA LEU A 256 -13.46 26.79 -56.37
C LEU A 256 -13.02 26.79 -54.90
N GLY A 257 -13.99 26.51 -54.00
CA GLY A 257 -13.76 26.50 -52.56
C GLY A 257 -13.37 27.88 -52.01
N GLY A 258 -13.94 28.94 -52.63
CA GLY A 258 -13.67 30.32 -52.24
C GLY A 258 -14.35 30.71 -50.94
N GLY A 259 -13.75 30.29 -49.82
CA GLY A 259 -14.26 30.58 -48.49
C GLY A 259 -13.94 32.00 -48.03
N LEU A 260 -14.95 32.68 -47.48
CA LEU A 260 -14.85 34.11 -47.07
C LEU A 260 -15.50 34.35 -45.68
N GLY A 261 -15.84 33.26 -44.98
CA GLY A 261 -16.45 33.33 -43.64
C GLY A 261 -15.89 32.29 -42.70
N GLY A 262 -16.47 32.19 -41.49
CA GLY A 262 -16.05 31.20 -40.49
C GLY A 262 -16.47 29.80 -40.88
N LEU A 263 -15.54 29.04 -41.49
CA LEU A 263 -15.79 27.67 -41.99
C LEU A 263 -15.75 26.69 -40.80
N MET A 264 -16.87 26.65 -40.04
CA MET A 264 -17.16 25.63 -39.00
C MET A 264 -16.00 25.48 -37.97
N ASN A 265 -15.36 26.61 -37.67
CA ASN A 265 -14.20 26.71 -36.76
C ASN A 265 -14.06 28.17 -36.29
N ASN A 266 -13.61 28.36 -35.03
CA ASN A 266 -13.40 29.69 -34.43
C ASN A 266 -11.90 29.93 -34.10
N PRO A 267 -11.18 29.01 -33.34
CA PRO A 267 -9.72 29.14 -33.17
C PRO A 267 -8.93 28.60 -34.39
N GLN A 268 -8.07 29.44 -34.98
CA GLN A 268 -7.18 29.05 -36.11
C GLN A 268 -5.87 28.44 -35.56
N LEU A 269 -5.99 27.71 -34.42
CA LEU A 269 -4.87 27.28 -33.57
C LEU A 269 -4.10 28.53 -33.05
N MET A 270 -3.08 28.97 -33.85
CA MET A 270 -2.27 30.23 -33.64
C MET A 270 -2.13 30.65 -32.15
N GLN A 271 -1.15 30.04 -31.47
CA GLN A 271 -0.94 30.19 -30.01
C GLN A 271 -0.05 31.43 -29.70
N ALA A 272 -0.39 32.55 -30.37
CA ALA A 272 0.21 33.88 -30.16
C ALA A 272 -0.49 34.62 -29.00
N ALA A 273 -0.86 33.88 -27.93
CA ALA A 273 -1.65 34.38 -26.77
C ALA A 273 -1.09 35.66 -26.10
N GLN A 274 0.24 35.88 -26.22
CA GLN A 274 0.92 37.11 -25.70
C GLN A 274 0.42 38.36 -26.45
N LYS A 275 0.12 38.16 -27.75
CA LYS A 275 -0.47 39.16 -28.67
C LYS A 275 0.52 40.26 -29.06
N MET A 276 0.14 41.01 -30.10
CA MET A 276 0.91 42.14 -30.64
C MET A 276 0.73 43.39 -29.75
N MET A 277 -0.33 43.36 -28.91
CA MET A 277 -0.66 44.44 -27.97
C MET A 277 0.37 44.53 -26.84
N SER A 278 1.14 43.44 -26.63
CA SER A 278 2.25 43.40 -25.67
C SER A 278 3.50 44.02 -26.34
N ASN A 279 3.73 45.34 -26.06
CA ASN A 279 4.84 46.16 -26.63
C ASN A 279 4.67 46.35 -28.18
N PRO A 280 5.33 47.39 -28.82
CA PRO A 280 5.27 47.60 -30.32
C PRO A 280 5.85 46.46 -31.20
N GLY A 281 6.22 45.31 -30.58
CA GLY A 281 6.77 44.17 -31.28
C GLY A 281 8.25 44.02 -31.00
N ALA A 282 8.60 43.24 -29.96
CA ALA A 282 10.01 43.04 -29.53
C ALA A 282 10.76 42.14 -30.53
N MET A 283 10.12 40.99 -30.85
CA MET A 283 10.59 40.01 -31.88
C MET A 283 12.04 39.47 -31.59
N GLN A 284 12.49 39.69 -30.32
CA GLN A 284 13.83 39.32 -29.81
C GLN A 284 14.96 40.07 -30.57
N ASN A 285 15.21 41.34 -30.14
CA ASN A 285 16.40 42.14 -30.52
C ASN A 285 16.36 42.56 -32.03
N ILE A 286 15.15 42.61 -32.61
CA ILE A 286 14.93 43.00 -34.02
C ILE A 286 13.49 43.48 -34.17
N GLN A 287 13.27 44.51 -35.02
CA GLN A 287 11.93 45.04 -35.31
C GLN A 287 11.94 45.83 -36.64
N LYS A 288 12.45 47.08 -36.64
CA LYS A 288 12.39 47.98 -37.82
C LYS A 288 13.66 47.83 -38.66
N MET A 289 13.73 46.70 -39.38
CA MET A 289 14.85 46.37 -40.26
C MET A 289 14.75 47.20 -41.56
N MET A 290 15.40 48.40 -41.55
CA MET A 290 15.40 49.44 -42.63
C MET A 290 14.13 49.39 -43.53
N GLN A 291 12.99 49.84 -42.96
CA GLN A 291 11.66 49.78 -43.62
C GLN A 291 11.37 51.07 -44.43
N ASP A 292 12.46 51.73 -44.88
CA ASP A 292 12.41 53.00 -45.63
C ASP A 292 12.78 52.74 -47.11
N PRO A 293 11.78 52.68 -48.04
CA PRO A 293 12.02 52.79 -49.50
C PRO A 293 11.80 54.26 -49.96
N SER A 294 12.91 55.01 -50.11
CA SER A 294 12.88 56.45 -50.49
C SER A 294 12.09 56.65 -51.81
N ILE A 295 12.50 55.89 -52.84
CA ILE A 295 11.72 55.70 -54.08
C ILE A 295 11.49 54.19 -54.24
N ARG A 296 12.62 53.47 -54.48
CA ARG A 296 12.65 52.02 -54.82
C ARG A 296 11.90 51.72 -56.14
N GLN A 297 12.61 51.02 -57.06
CA GLN A 297 12.11 50.61 -58.41
C GLN A 297 11.31 51.72 -59.14
N MET A 298 10.57 51.34 -60.19
CA MET A 298 9.67 52.21 -60.95
C MET A 298 8.29 51.51 -61.03
N ALA A 299 7.82 51.09 -59.82
CA ALA A 299 6.59 50.28 -59.61
C ALA A 299 6.78 48.83 -60.16
N GLU A 300 5.74 48.00 -59.96
CA GLU A 300 5.71 46.60 -60.45
C GLU A 300 5.17 46.54 -61.90
N GLY A 301 4.53 47.64 -62.34
CA GLY A 301 3.94 47.73 -63.68
C GLY A 301 2.49 47.25 -63.69
N PHE A 302 2.28 46.06 -63.08
CA PHE A 302 0.97 45.45 -62.77
C PHE A 302 0.35 44.70 -63.96
N ALA A 303 0.50 45.24 -65.19
CA ALA A 303 0.16 44.57 -66.48
C ALA A 303 -1.31 44.07 -66.57
N SER A 304 -1.59 42.92 -65.90
CA SER A 304 -2.92 42.27 -65.82
C SER A 304 -3.33 41.60 -67.14
N GLY A 305 -4.06 40.48 -67.02
CA GLY A 305 -4.53 39.72 -68.16
C GLY A 305 -4.86 38.28 -67.80
N GLY A 306 -3.80 37.45 -67.69
CA GLY A 306 -3.96 36.01 -67.47
C GLY A 306 -4.36 35.66 -66.04
N GLY A 307 -3.69 36.28 -65.05
CA GLY A 307 -3.84 35.91 -63.64
C GLY A 307 -2.90 34.77 -63.27
N THR A 308 -2.35 34.79 -62.03
CA THR A 308 -1.36 33.79 -61.60
C THR A 308 -1.60 33.34 -60.14
N PRO A 309 -1.41 32.01 -59.82
CA PRO A 309 -1.39 31.51 -58.43
C PRO A 309 -0.12 31.96 -57.67
N ASN A 310 0.88 32.43 -58.42
CA ASN A 310 2.14 32.97 -57.88
C ASN A 310 2.11 34.51 -57.93
N LEU A 311 0.95 35.08 -57.55
CA LEU A 311 0.76 36.55 -57.40
C LEU A 311 1.71 37.17 -56.37
N SER A 312 2.29 36.30 -55.53
CA SER A 312 3.26 36.64 -54.48
C SER A 312 4.48 37.46 -54.99
N ASP A 313 4.84 37.26 -56.28
CA ASP A 313 5.94 37.99 -56.94
C ASP A 313 5.58 39.48 -57.08
N LEU A 314 4.31 39.73 -57.47
CA LEU A 314 3.75 41.08 -57.69
C LEU A 314 3.29 41.72 -56.38
N MET A 315 3.03 40.86 -55.37
CA MET A 315 2.61 41.28 -54.01
C MET A 315 3.79 41.95 -53.28
N ASN A 316 5.03 41.62 -53.68
CA ASN A 316 6.23 42.32 -53.22
C ASN A 316 6.41 43.61 -54.08
N ASN A 317 5.63 44.63 -53.72
CA ASN A 317 5.75 45.98 -54.28
C ASN A 317 5.74 47.00 -53.10
N PRO A 318 6.93 47.40 -52.55
CA PRO A 318 7.05 48.35 -51.39
C PRO A 318 6.76 49.85 -51.74
N ALA A 319 5.76 50.07 -52.63
CA ALA A 319 5.36 51.42 -53.07
C ALA A 319 4.46 52.10 -52.02
N LEU A 320 3.96 51.32 -51.05
CA LEU A 320 3.14 51.84 -49.93
C LEU A 320 4.04 52.25 -48.73
N ARG A 321 5.38 52.22 -48.95
CA ARG A 321 6.39 52.75 -48.00
C ARG A 321 6.60 51.79 -46.78
N ASN A 322 5.83 52.00 -45.70
CA ASN A 322 6.06 51.32 -44.40
C ASN A 322 5.34 49.97 -44.32
N MET A 323 5.05 49.36 -45.49
CA MET A 323 4.39 48.05 -45.60
C MET A 323 5.37 46.89 -45.27
N ALA A 324 5.65 46.74 -43.96
CA ALA A 324 6.59 45.74 -43.43
C ALA A 324 6.27 45.43 -41.96
N GLY A 325 5.03 45.76 -41.55
CA GLY A 325 4.57 45.57 -40.17
C GLY A 325 4.33 44.10 -39.81
N ASN A 326 3.89 43.29 -40.80
CA ASN A 326 3.60 41.85 -40.62
C ASN A 326 4.88 40.99 -40.81
N LEU A 327 6.08 41.61 -40.67
CA LEU A 327 7.39 40.93 -40.91
C LEU A 327 7.68 39.81 -39.89
N PHE A 328 6.85 39.75 -38.82
CA PHE A 328 6.93 38.69 -37.80
C PHE A 328 6.78 37.30 -38.46
N GLY A 329 5.76 37.19 -39.36
CA GLY A 329 5.49 35.97 -40.12
C GLY A 329 5.21 34.76 -39.23
N GLY A 330 4.16 34.87 -38.41
CA GLY A 330 3.81 33.82 -37.45
C GLY A 330 3.15 32.62 -38.12
N ALA A 331 1.89 32.31 -37.71
CA ALA A 331 1.07 31.21 -38.26
C ALA A 331 1.76 29.82 -38.11
N GLY A 332 2.64 29.48 -39.10
CA GLY A 332 3.34 28.19 -39.15
C GLY A 332 4.73 28.25 -38.50
N ALA A 333 4.90 29.19 -37.54
CA ALA A 333 6.14 29.32 -36.74
C ALA A 333 6.12 28.39 -35.50
N GLN A 334 5.10 27.51 -35.43
CA GLN A 334 4.93 26.51 -34.36
C GLN A 334 5.44 25.13 -34.83
N SER A 335 5.36 24.10 -33.96
CA SER A 335 5.76 22.72 -34.30
C SER A 335 4.79 22.07 -35.32
N THR A 336 5.04 20.79 -35.68
CA THR A 336 4.23 20.02 -36.67
C THR A 336 2.71 20.10 -36.34
N ASP A 337 2.36 19.78 -35.09
CA ASP A 337 0.98 19.92 -34.56
C ASP A 337 1.03 20.66 -33.22
N GLU A 338 1.99 20.23 -32.35
CA GLU A 338 2.31 20.83 -31.05
C GLU A 338 1.23 20.53 -29.98
N THR A 339 0.05 21.15 -30.12
CA THR A 339 -1.06 20.96 -29.17
C THR A 339 -1.68 19.52 -29.29
N PRO A 340 -2.06 19.01 -30.51
CA PRO A 340 -2.34 17.57 -30.69
C PRO A 340 -1.01 16.79 -30.83
N ASP A 341 -0.35 16.54 -29.69
CA ASP A 341 0.96 15.85 -29.62
C ASP A 341 0.83 14.38 -30.04
N ASN A 342 1.96 13.77 -30.48
CA ASN A 342 1.98 12.34 -30.86
C ASN A 342 2.04 11.45 -29.60
N GLU A 343 0.87 11.32 -28.97
CA GLU A 343 0.64 10.41 -27.84
C GLU A 343 -0.16 9.19 -28.31
N ASN A 344 -0.42 9.14 -29.65
CA ASN A 344 -1.15 8.05 -30.36
C ASN A 344 -2.67 8.09 -30.08
N LYS A 345 -3.12 9.07 -29.26
CA LYS A 345 -4.54 9.37 -28.96
C LYS A 345 -4.59 10.63 -28.06
N GLN A 346 -3.97 10.52 -26.87
CA GLN A 346 -4.04 11.50 -25.76
C GLN A 346 -3.38 10.82 -24.54
N TYR A 347 -4.19 10.30 -23.58
CA TYR A 347 -3.72 9.61 -22.36
C TYR A 347 -4.95 9.14 -21.55
N MET B 1 -0.88 12.64 -5.73
CA MET B 1 0.11 11.61 -5.34
C MET B 1 -0.11 10.34 -6.19
N SER B 2 0.83 9.38 -6.07
CA SER B 2 0.74 8.06 -6.75
C SER B 2 1.39 7.02 -5.84
N ALA B 3 0.61 6.53 -4.84
CA ALA B 3 1.09 5.66 -3.74
C ALA B 3 2.19 6.39 -2.90
N SER B 4 2.88 5.66 -2.01
CA SER B 4 4.02 6.21 -1.25
C SER B 4 5.31 6.03 -2.02
N LYS B 5 6.24 6.97 -1.84
CA LYS B 5 7.50 7.08 -2.59
C LYS B 5 8.47 5.96 -2.17
N GLU B 6 8.36 5.52 -0.90
CA GLU B 6 9.18 4.43 -0.32
C GLU B 6 8.67 3.06 -0.81
N GLU B 7 7.34 3.00 -1.07
CA GLU B 7 6.66 1.78 -1.54
C GLU B 7 6.90 1.58 -3.04
N ILE B 8 6.95 2.69 -3.79
CA ILE B 8 7.38 2.70 -5.18
C ILE B 8 8.86 2.30 -5.24
N ALA B 9 9.67 2.86 -4.32
CA ALA B 9 11.12 2.54 -4.19
C ALA B 9 11.36 1.03 -3.96
N ALA B 10 10.52 0.44 -3.09
CA ALA B 10 10.55 -1.00 -2.77
C ALA B 10 10.18 -1.85 -4.01
N LEU B 11 9.21 -1.32 -4.79
CA LEU B 11 8.75 -1.94 -6.06
C LEU B 11 9.91 -1.99 -7.07
N ILE B 12 10.62 -0.86 -7.18
CA ILE B 12 11.72 -0.63 -8.14
C ILE B 12 12.86 -1.63 -7.92
N VAL B 13 13.41 -1.59 -6.71
CA VAL B 13 14.64 -2.32 -6.37
C VAL B 13 14.40 -3.84 -6.34
N ASN B 14 13.15 -4.25 -6.00
CA ASN B 14 12.74 -5.67 -5.96
C ASN B 14 12.39 -6.20 -7.37
N TYR B 15 11.97 -5.29 -8.27
CA TYR B 15 11.68 -5.65 -9.67
C TYR B 15 12.97 -6.09 -10.38
N PHE B 16 14.00 -5.24 -10.25
CA PHE B 16 15.32 -5.48 -10.86
C PHE B 16 16.07 -6.65 -10.19
N SER B 17 15.61 -7.09 -8.99
CA SER B 17 16.20 -8.23 -8.27
C SER B 17 16.20 -9.49 -9.17
N SER B 18 15.01 -9.98 -9.55
CA SER B 18 14.86 -11.23 -10.34
C SER B 18 15.42 -11.09 -11.78
N ILE B 19 15.67 -9.84 -12.21
CA ILE B 19 16.32 -9.53 -13.50
C ILE B 19 17.84 -9.80 -13.42
N VAL B 20 18.45 -9.47 -12.25
CA VAL B 20 19.91 -9.64 -12.04
C VAL B 20 20.24 -11.06 -11.51
N GLU B 21 19.29 -11.65 -10.73
CA GLU B 21 19.42 -13.02 -10.16
C GLU B 21 19.35 -14.06 -11.29
N LYS B 22 18.22 -14.07 -12.02
CA LYS B 22 17.90 -15.12 -13.01
C LYS B 22 18.80 -15.02 -14.28
N LYS B 23 19.74 -14.05 -14.29
CA LYS B 23 20.77 -13.87 -15.34
C LYS B 23 20.11 -13.45 -16.67
N GLU B 24 19.11 -12.57 -16.52
CA GLU B 24 18.37 -11.96 -17.63
C GLU B 24 19.22 -10.84 -18.26
N ILE B 25 19.51 -9.79 -17.48
CA ILE B 25 20.34 -8.65 -17.93
C ILE B 25 21.84 -9.02 -17.86
N SER B 26 22.68 -8.27 -18.61
CA SER B 26 24.16 -8.41 -18.59
C SER B 26 24.72 -8.30 -17.17
N GLU B 27 25.93 -8.86 -16.96
CA GLU B 27 26.59 -8.88 -15.63
C GLU B 27 26.93 -7.45 -15.20
N ASP B 28 27.43 -6.66 -16.17
CA ASP B 28 27.80 -5.25 -15.98
C ASP B 28 26.55 -4.44 -15.63
N GLY B 29 25.48 -4.63 -16.44
CA GLY B 29 24.18 -3.97 -16.20
C GLY B 29 23.50 -4.42 -14.89
N ALA B 30 23.82 -5.65 -14.45
CA ALA B 30 23.29 -6.23 -13.20
C ALA B 30 23.87 -5.50 -11.99
N ASP B 31 25.16 -5.13 -12.09
CA ASP B 31 25.87 -4.33 -11.07
C ASP B 31 25.39 -2.87 -11.11
N SER B 32 25.07 -2.37 -12.32
CA SER B 32 24.53 -1.00 -12.52
C SER B 32 23.14 -0.85 -11.84
N LEU B 33 22.34 -1.94 -11.86
CA LEU B 33 21.06 -2.00 -11.17
C LEU B 33 21.27 -2.20 -9.66
N ASN B 34 22.26 -3.05 -9.30
CA ASN B 34 22.59 -3.40 -7.88
C ASN B 34 22.91 -2.14 -7.05
N VAL B 35 23.89 -1.36 -7.53
CA VAL B 35 24.34 -0.12 -6.86
C VAL B 35 23.21 0.93 -6.86
N ALA B 36 22.32 0.86 -7.87
CA ALA B 36 21.14 1.73 -7.97
C ALA B 36 20.10 1.35 -6.90
N MET B 37 19.99 0.03 -6.59
CA MET B 37 19.10 -0.47 -5.52
C MET B 37 19.51 0.14 -4.17
N ASP B 38 20.83 0.11 -3.91
CA ASP B 38 21.43 0.66 -2.69
C ASP B 38 21.19 2.17 -2.56
N CYS B 39 21.37 2.90 -3.68
CA CYS B 39 21.21 4.37 -3.70
C CYS B 39 19.76 4.81 -3.44
N ILE B 40 18.78 4.10 -4.05
CA ILE B 40 17.33 4.39 -3.90
C ILE B 40 16.88 4.09 -2.46
N SER B 41 17.18 2.86 -1.99
CA SER B 41 16.79 2.40 -0.64
C SER B 41 17.33 3.33 0.46
N GLU B 42 18.63 3.69 0.34
CA GLU B 42 19.33 4.53 1.34
C GLU B 42 18.81 5.99 1.31
N ALA B 43 18.36 6.45 0.12
CA ALA B 43 17.81 7.83 -0.06
C ALA B 43 16.56 8.06 0.80
N PHE B 44 15.69 7.04 0.83
CA PHE B 44 14.46 7.05 1.64
C PHE B 44 14.75 6.62 3.08
N GLY B 45 15.80 5.79 3.26
CA GLY B 45 16.24 5.35 4.59
C GLY B 45 15.70 3.97 4.95
N PHE B 46 16.01 2.99 4.10
CA PHE B 46 15.75 1.57 4.36
C PHE B 46 16.78 0.71 3.60
N GLU B 47 16.68 -0.62 3.75
CA GLU B 47 17.57 -1.58 3.06
C GLU B 47 16.74 -2.48 2.12
N ARG B 48 17.37 -2.92 1.03
CA ARG B 48 16.68 -3.59 -0.11
C ARG B 48 16.24 -5.06 0.19
N GLU B 49 16.53 -5.56 1.41
CA GLU B 49 16.00 -6.85 1.89
C GLU B 49 14.62 -6.62 2.60
N ALA B 50 14.49 -5.46 3.26
CA ALA B 50 13.29 -5.08 4.05
C ALA B 50 12.12 -4.60 3.18
N VAL B 51 12.32 -4.63 1.85
CA VAL B 51 11.33 -4.15 0.86
C VAL B 51 10.00 -4.90 0.93
N SER B 52 10.06 -6.18 1.31
CA SER B 52 8.86 -7.05 1.44
C SER B 52 7.82 -6.46 2.41
N GLY B 53 8.33 -5.95 3.56
CA GLY B 53 7.49 -5.30 4.57
C GLY B 53 6.84 -4.00 4.06
N ILE B 54 7.50 -3.36 3.09
CA ILE B 54 7.04 -2.10 2.48
C ILE B 54 6.10 -2.38 1.27
N LEU B 55 6.27 -3.57 0.65
CA LEU B 55 5.44 -4.03 -0.50
C LEU B 55 4.08 -4.56 -0.05
N GLY B 56 4.01 -4.92 1.24
CA GLY B 56 2.74 -5.26 1.89
C GLY B 56 2.39 -4.27 2.99
N LYS B 57 2.91 -3.02 2.86
CA LYS B 57 2.69 -1.95 3.86
C LYS B 57 1.28 -1.35 3.67
N SER B 58 1.04 -0.78 2.49
CA SER B 58 -0.29 -0.26 2.13
C SER B 58 -0.98 -1.19 1.13
N GLU B 59 -2.13 -0.73 0.63
CA GLU B 59 -3.06 -1.52 -0.18
C GLU B 59 -2.59 -1.65 -1.63
N PHE B 60 -1.87 -0.62 -2.14
CA PHE B 60 -1.56 -0.44 -3.58
C PHE B 60 -2.88 -0.48 -4.37
N LYS B 61 -3.45 0.72 -4.56
CA LYS B 61 -4.89 0.92 -4.80
C LYS B 61 -5.37 0.35 -6.15
N GLY B 62 -4.44 0.15 -7.09
CA GLY B 62 -4.79 -0.28 -8.45
C GLY B 62 -4.64 -1.77 -8.71
N GLN B 63 -3.82 -2.46 -7.89
CA GLN B 63 -3.36 -3.84 -8.22
C GLN B 63 -2.99 -4.66 -6.95
N HIS B 64 -2.13 -4.09 -6.08
CA HIS B 64 -1.44 -4.80 -4.95
C HIS B 64 -0.52 -5.93 -5.46
N LEU B 65 -1.13 -7.00 -5.96
CA LEU B 65 -0.44 -8.21 -6.43
C LEU B 65 -1.00 -8.53 -7.86
N ALA B 66 -0.67 -9.73 -8.38
CA ALA B 66 -1.10 -10.22 -9.70
C ALA B 66 -0.36 -9.48 -10.83
N ASP B 67 -0.75 -8.20 -11.10
CA ASP B 67 -0.09 -7.30 -12.08
C ASP B 67 1.40 -7.17 -11.76
N ILE B 68 1.69 -6.74 -10.52
CA ILE B 68 3.05 -6.75 -9.97
C ILE B 68 3.17 -7.97 -9.04
N LEU B 69 4.28 -8.70 -9.18
CA LEU B 69 4.56 -9.91 -8.36
C LEU B 69 5.37 -9.51 -7.11
N ASN B 70 5.71 -8.21 -7.01
CA ASN B 70 6.60 -7.67 -5.96
C ASN B 70 5.81 -7.44 -4.66
N SER B 71 5.63 -8.54 -3.92
CA SER B 71 5.10 -8.55 -2.54
C SER B 71 5.62 -9.83 -1.87
N ALA B 72 5.54 -10.94 -2.63
CA ALA B 72 6.06 -12.26 -2.25
C ALA B 72 6.26 -13.10 -3.53
N SER B 73 7.38 -13.86 -3.60
CA SER B 73 7.74 -14.67 -4.78
C SER B 73 8.75 -15.77 -4.40
N ARG B 74 8.95 -16.72 -5.33
CA ARG B 74 9.88 -17.84 -5.16
C ARG B 74 11.32 -17.35 -5.37
N VAL B 75 12.09 -17.33 -4.25
CA VAL B 75 13.46 -16.77 -4.20
C VAL B 75 14.46 -17.50 -5.16
N PRO B 76 14.93 -16.83 -6.25
CA PRO B 76 15.96 -17.35 -7.16
C PRO B 76 17.34 -16.76 -6.84
N GLU B 77 17.63 -16.66 -5.52
CA GLU B 77 18.80 -15.91 -4.99
C GLU B 77 20.14 -16.60 -5.34
N SER B 78 20.57 -16.33 -6.57
CA SER B 78 21.83 -16.79 -7.15
C SER B 78 21.90 -16.18 -8.56
N ASN B 79 23.08 -15.74 -8.98
CA ASN B 79 23.31 -15.25 -10.35
C ASN B 79 23.56 -16.44 -11.31
N LYS B 80 23.99 -17.59 -10.72
CA LYS B 80 24.17 -18.87 -11.45
C LYS B 80 22.79 -19.51 -11.69
N LYS B 81 22.09 -19.03 -12.72
CA LYS B 81 20.78 -19.55 -13.14
C LYS B 81 20.85 -19.79 -14.65
N ASP B 82 21.20 -18.70 -15.38
CA ASP B 82 21.48 -18.68 -16.83
C ASP B 82 20.20 -18.92 -17.64
N ASP B 83 19.68 -20.16 -17.66
CA ASP B 83 18.45 -20.49 -18.38
C ASP B 83 17.24 -19.78 -17.71
N ALA B 84 16.89 -18.63 -18.26
CA ALA B 84 15.72 -17.84 -17.82
C ALA B 84 14.45 -18.29 -18.56
N GLU B 85 14.63 -19.23 -19.52
CA GLU B 85 13.57 -19.85 -20.33
C GLU B 85 12.85 -18.77 -21.18
N ASN B 86 13.64 -17.79 -21.68
CA ASN B 86 13.13 -16.74 -22.58
C ASN B 86 12.79 -17.35 -23.95
N VAL B 87 11.58 -17.92 -24.05
CA VAL B 87 11.01 -18.41 -25.31
C VAL B 87 10.20 -17.27 -25.91
N GLU B 88 10.95 -16.23 -26.35
CA GLU B 88 10.43 -14.94 -26.82
C GLU B 88 9.69 -14.21 -25.68
N ILE B 89 10.41 -13.32 -24.95
CA ILE B 89 9.81 -12.49 -23.88
C ILE B 89 9.02 -11.31 -24.52
N ASN B 90 7.82 -11.66 -25.05
CA ASN B 90 6.93 -10.77 -25.84
C ASN B 90 7.63 -10.34 -27.16
N ILE B 91 8.57 -9.39 -27.03
CA ILE B 91 9.40 -8.86 -28.11
C ILE B 91 10.67 -8.27 -27.44
N PRO B 92 11.92 -8.47 -28.00
CA PRO B 92 13.15 -7.90 -27.43
C PRO B 92 13.08 -6.36 -27.30
N GLU B 93 13.17 -5.87 -26.05
CA GLU B 93 13.23 -4.42 -25.74
C GLU B 93 14.45 -3.76 -26.39
N ASP B 94 15.55 -4.54 -26.49
CA ASP B 94 16.78 -4.14 -27.19
C ASP B 94 16.49 -3.74 -28.66
N ASP B 95 15.65 -4.55 -29.32
CA ASP B 95 15.28 -4.33 -30.74
C ASP B 95 14.23 -3.21 -30.86
N ALA B 96 13.09 -3.42 -30.19
CA ALA B 96 11.85 -2.64 -30.37
C ALA B 96 11.99 -1.17 -29.94
N GLU B 97 12.58 -0.95 -28.76
CA GLU B 97 12.57 0.37 -28.09
C GLU B 97 13.57 1.36 -28.72
N THR B 98 14.42 0.88 -29.65
CA THR B 98 15.34 1.75 -30.43
C THR B 98 14.57 2.93 -31.09
N LYS B 99 13.33 2.63 -31.53
CA LYS B 99 12.44 3.57 -32.22
C LYS B 99 11.69 4.48 -31.22
N ALA B 100 11.48 3.98 -29.98
CA ALA B 100 10.80 4.73 -28.89
C ALA B 100 11.68 5.92 -28.45
N LYS B 101 12.93 5.61 -28.06
CA LYS B 101 13.93 6.60 -27.59
C LYS B 101 14.27 7.61 -28.70
N ALA B 102 14.17 7.15 -29.97
CA ALA B 102 14.41 7.98 -31.17
C ALA B 102 13.50 9.22 -31.20
N GLU B 103 12.21 9.00 -30.90
CA GLU B 103 11.20 10.06 -30.86
C GLU B 103 11.35 10.89 -29.60
N ASP B 104 11.41 10.20 -28.46
CA ASP B 104 11.51 10.82 -27.12
C ASP B 104 12.75 11.74 -26.94
N LEU B 105 13.73 11.59 -27.84
CA LEU B 105 15.00 12.33 -27.80
C LEU B 105 14.79 13.86 -27.96
N LYS B 106 13.68 14.31 -28.59
CA LYS B 106 13.42 15.78 -28.79
C LYS B 106 13.18 16.55 -27.45
N MET B 107 12.80 15.83 -26.37
CA MET B 107 12.69 16.45 -25.01
C MET B 107 14.09 16.73 -24.42
N GLN B 108 15.13 16.11 -25.00
CA GLN B 108 16.53 16.29 -24.58
C GLN B 108 17.28 17.25 -25.54
N GLY B 109 17.03 17.09 -26.85
CA GLY B 109 17.74 17.83 -27.90
C GLY B 109 17.36 19.31 -27.99
N ASN B 110 16.04 19.58 -28.01
CA ASN B 110 15.49 20.96 -28.03
C ASN B 110 15.77 21.68 -26.69
N LYS B 111 15.80 20.89 -25.61
CA LYS B 111 16.08 21.38 -24.24
C LYS B 111 17.56 21.80 -24.13
N ALA B 112 18.44 21.06 -24.84
CA ALA B 112 19.89 21.34 -24.91
C ALA B 112 20.16 22.70 -25.55
N MET B 113 19.41 23.03 -26.63
CA MET B 113 19.51 24.33 -27.33
C MET B 113 19.11 25.49 -26.39
N ALA B 114 18.18 25.23 -25.46
CA ALA B 114 17.67 26.23 -24.49
C ALA B 114 18.76 26.66 -23.49
N ASN B 115 19.86 25.87 -23.41
CA ASN B 115 21.05 26.21 -22.59
C ASN B 115 22.06 27.06 -23.39
N LYS B 116 21.57 27.66 -24.53
CA LYS B 116 22.38 28.43 -25.51
C LYS B 116 23.37 27.51 -26.27
N ASP B 117 23.21 26.18 -26.10
CA ASP B 117 24.10 25.19 -26.72
C ASP B 117 23.69 24.92 -28.17
N TYR B 118 24.68 24.98 -29.06
CA TYR B 118 24.50 24.76 -30.50
C TYR B 118 25.44 23.65 -30.99
N GLU B 119 26.04 22.91 -30.03
CA GLU B 119 27.18 22.00 -30.31
C GLU B 119 26.85 20.55 -29.94
N LEU B 120 26.51 20.32 -28.67
CA LEU B 120 26.19 18.98 -28.14
C LEU B 120 24.78 18.54 -28.62
N ALA B 121 23.91 19.55 -28.83
CA ALA B 121 22.54 19.37 -29.35
C ALA B 121 22.57 18.73 -30.74
N ILE B 122 23.60 19.12 -31.55
CA ILE B 122 23.80 18.58 -32.92
C ILE B 122 23.86 17.04 -32.88
N ASN B 123 24.74 16.53 -32.00
CA ASN B 123 24.93 15.09 -31.77
C ASN B 123 23.59 14.39 -31.48
N LYS B 124 22.82 15.00 -30.54
CA LYS B 124 21.57 14.42 -30.02
C LYS B 124 20.48 14.30 -31.12
N TYR B 125 20.30 15.37 -31.90
CA TYR B 125 19.35 15.37 -33.04
C TYR B 125 19.74 14.31 -34.08
N THR B 126 21.05 14.21 -34.36
CA THR B 126 21.60 13.27 -35.38
C THR B 126 21.41 11.79 -34.92
N GLU B 127 21.49 11.57 -33.59
CA GLU B 127 21.24 10.25 -32.97
C GLU B 127 19.76 9.85 -33.12
N ALA B 128 18.87 10.85 -33.09
CA ALA B 128 17.42 10.65 -33.31
C ALA B 128 17.13 10.32 -34.79
N ILE B 129 17.73 11.14 -35.69
CA ILE B 129 17.62 11.01 -37.17
C ILE B 129 18.06 9.63 -37.65
N LYS B 130 19.12 9.12 -37.00
CA LYS B 130 19.73 7.80 -37.26
C LYS B 130 18.70 6.67 -37.41
N VAL B 131 17.71 6.66 -36.50
CA VAL B 131 16.71 5.58 -36.37
C VAL B 131 15.26 6.10 -36.45
N LEU B 132 15.10 7.43 -36.65
CA LEU B 132 13.80 8.09 -36.90
C LEU B 132 14.04 9.54 -37.40
N PRO B 133 14.20 9.73 -38.75
CA PRO B 133 14.46 11.05 -39.35
C PRO B 133 13.19 11.86 -39.66
N THR B 134 12.01 11.21 -39.55
CA THR B 134 10.74 11.79 -40.01
C THR B 134 10.17 12.77 -38.96
N ASN B 135 10.69 14.02 -39.00
CA ASN B 135 10.18 15.18 -38.25
C ASN B 135 11.07 16.39 -38.59
N ALA B 136 10.45 17.46 -39.12
CA ALA B 136 11.17 18.68 -39.59
C ALA B 136 11.92 19.41 -38.45
N ILE B 137 11.50 19.15 -37.20
CA ILE B 137 12.12 19.76 -35.98
C ILE B 137 13.59 19.29 -35.82
N TYR B 138 13.87 18.01 -36.18
CA TYR B 138 15.23 17.41 -36.06
C TYR B 138 16.25 18.07 -37.01
N TYR B 139 15.76 18.85 -37.99
CA TYR B 139 16.59 19.48 -39.03
C TYR B 139 16.59 21.01 -38.92
N ALA B 140 15.39 21.61 -38.90
CA ALA B 140 15.20 23.08 -38.94
C ALA B 140 15.69 23.76 -37.65
N ASN B 141 15.43 23.12 -36.49
CA ASN B 141 15.87 23.61 -35.17
C ASN B 141 17.40 23.44 -35.04
N ARG B 142 17.92 22.33 -35.61
CA ARG B 142 19.36 22.03 -35.65
C ARG B 142 20.08 22.87 -36.74
N ALA B 143 19.30 23.39 -37.70
CA ALA B 143 19.82 24.26 -38.79
C ALA B 143 20.11 25.66 -38.24
N ALA B 144 19.29 26.09 -37.25
CA ALA B 144 19.54 27.33 -36.46
C ALA B 144 20.86 27.20 -35.69
N ALA B 145 21.08 26.00 -35.11
CA ALA B 145 22.31 25.64 -34.40
C ALA B 145 23.52 25.60 -35.36
N HIS B 146 23.29 25.08 -36.60
CA HIS B 146 24.33 25.02 -37.66
C HIS B 146 24.62 26.43 -38.23
N SER B 147 23.65 27.34 -38.17
CA SER B 147 23.86 28.75 -38.55
C SER B 147 24.74 29.45 -37.49
N SER B 148 24.55 29.07 -36.21
CA SER B 148 25.38 29.55 -35.09
C SER B 148 26.75 28.82 -35.04
N LEU B 149 26.85 27.69 -35.77
CA LEU B 149 28.14 27.02 -36.07
C LEU B 149 28.69 27.47 -37.43
N LYS B 150 27.93 28.35 -38.13
CA LYS B 150 28.29 28.97 -39.43
C LYS B 150 28.23 27.95 -40.61
N GLU B 151 27.92 26.67 -40.30
CA GLU B 151 27.82 25.59 -41.30
C GLU B 151 26.57 25.80 -42.17
N TYR B 152 26.72 26.58 -43.25
CA TYR B 152 25.62 26.92 -44.17
C TYR B 152 25.25 25.70 -45.02
N ASP B 153 26.28 25.07 -45.62
CA ASP B 153 26.12 23.88 -46.50
C ASP B 153 25.45 22.71 -45.75
N GLN B 154 25.80 22.55 -44.47
CA GLN B 154 25.22 21.51 -43.60
C GLN B 154 23.76 21.86 -43.27
N ALA B 155 23.50 23.15 -42.95
CA ALA B 155 22.13 23.65 -42.65
C ALA B 155 21.21 23.60 -43.88
N VAL B 156 21.83 23.66 -45.08
CA VAL B 156 21.14 23.47 -46.37
C VAL B 156 20.57 22.06 -46.45
N LYS B 157 21.44 21.06 -46.20
CA LYS B 157 21.08 19.64 -46.32
C LYS B 157 19.99 19.26 -45.30
N ASP B 158 20.08 19.88 -44.11
CA ASP B 158 19.07 19.72 -43.03
C ASP B 158 17.70 20.21 -43.50
N ALA B 159 17.67 21.49 -43.89
CA ALA B 159 16.44 22.18 -44.30
C ALA B 159 15.80 21.52 -45.53
N GLU B 160 16.66 21.03 -46.45
CA GLU B 160 16.27 20.34 -47.70
C GLU B 160 15.51 19.04 -47.39
N SER B 161 15.96 18.33 -46.33
CA SER B 161 15.30 17.11 -45.83
C SER B 161 13.96 17.46 -45.14
N ALA B 162 13.96 18.59 -44.40
CA ALA B 162 12.78 19.06 -43.64
C ALA B 162 11.61 19.48 -44.57
N ILE B 163 11.97 19.91 -45.80
CA ILE B 163 11.00 20.25 -46.88
C ILE B 163 10.13 19.04 -47.23
N SER B 164 10.76 17.86 -47.35
CA SER B 164 10.08 16.62 -47.76
C SER B 164 9.35 15.93 -46.58
N ILE B 165 9.48 16.49 -45.36
CA ILE B 165 8.75 15.99 -44.17
C ILE B 165 7.52 16.88 -43.93
N ASP B 166 7.77 18.15 -43.58
CA ASP B 166 6.72 19.15 -43.30
C ASP B 166 6.91 20.37 -44.24
N PRO B 167 6.31 20.32 -45.48
CA PRO B 167 6.32 21.47 -46.41
C PRO B 167 5.51 22.67 -45.88
N SER B 168 4.50 22.34 -45.04
CA SER B 168 3.64 23.33 -44.35
C SER B 168 4.47 24.21 -43.39
N TYR B 169 5.57 23.65 -42.88
CA TYR B 169 6.50 24.35 -42.00
C TYR B 169 7.46 25.21 -42.86
N PHE B 170 7.00 26.43 -43.23
CA PHE B 170 7.77 27.36 -44.10
C PHE B 170 9.02 27.93 -43.41
N ARG B 171 9.13 27.71 -42.08
CA ARG B 171 10.33 28.06 -41.29
C ARG B 171 11.52 27.14 -41.66
N GLY B 172 11.22 25.92 -42.16
CA GLY B 172 12.23 25.01 -42.71
C GLY B 172 12.89 25.60 -43.95
N TYR B 173 12.07 26.24 -44.80
CA TYR B 173 12.55 26.96 -46.00
C TYR B 173 13.31 28.23 -45.62
N SER B 174 12.92 28.84 -44.49
CA SER B 174 13.58 30.05 -43.94
C SER B 174 15.03 29.72 -43.48
N ARG B 175 15.23 28.46 -43.03
CA ARG B 175 16.56 27.93 -42.68
C ARG B 175 17.40 27.69 -43.94
N LEU B 176 16.72 27.22 -45.01
CA LEU B 176 17.36 26.93 -46.29
C LEU B 176 17.88 28.22 -46.96
N GLY B 177 16.99 29.23 -47.05
CA GLY B 177 17.19 30.42 -47.90
C GLY B 177 18.54 31.14 -47.73
N PHE B 178 18.85 31.54 -46.50
CA PHE B 178 20.11 32.27 -46.17
C PHE B 178 21.35 31.39 -46.42
N ALA B 179 21.24 30.12 -45.99
CA ALA B 179 22.31 29.12 -46.07
C ALA B 179 22.59 28.71 -47.54
N LYS B 180 21.53 28.72 -48.36
CA LYS B 180 21.56 28.28 -49.77
C LYS B 180 22.10 29.41 -50.66
N TYR B 181 21.77 30.66 -50.26
CA TYR B 181 22.32 31.87 -50.88
C TYR B 181 23.84 31.91 -50.64
N ALA B 182 24.25 31.49 -49.44
CA ALA B 182 25.65 31.51 -48.97
C ALA B 182 26.56 30.52 -49.73
N GLN B 183 25.94 29.53 -50.42
CA GLN B 183 26.67 28.56 -51.28
C GLN B 183 27.14 29.22 -52.60
N GLY B 184 26.45 30.29 -53.01
CA GLY B 184 26.70 30.96 -54.31
C GLY B 184 25.83 30.38 -55.43
N LYS B 185 24.94 29.45 -55.06
CA LYS B 185 23.95 28.84 -55.97
C LYS B 185 22.57 28.99 -55.28
N PRO B 186 21.94 30.20 -55.41
CA PRO B 186 20.76 30.59 -54.61
C PRO B 186 19.43 30.36 -55.34
N GLU B 187 19.42 29.43 -56.32
CA GLU B 187 18.23 29.08 -57.12
C GLU B 187 17.08 28.61 -56.20
N GLU B 188 17.47 27.78 -55.23
CA GLU B 188 16.56 27.14 -54.26
C GLU B 188 16.41 28.05 -53.02
N ALA B 189 17.28 29.09 -52.92
CA ALA B 189 17.18 30.13 -51.86
C ALA B 189 16.04 31.09 -52.18
N LEU B 190 15.91 31.43 -53.49
CA LEU B 190 14.77 32.22 -54.00
C LEU B 190 13.50 31.44 -53.71
N GLU B 191 13.48 30.18 -54.18
CA GLU B 191 12.31 29.30 -54.06
C GLU B 191 11.95 29.01 -52.59
N ALA B 192 12.96 29.06 -51.69
CA ALA B 192 12.76 28.91 -50.24
C ALA B 192 11.92 30.08 -49.67
N TYR B 193 12.38 31.32 -49.95
CA TYR B 193 11.68 32.56 -49.53
C TYR B 193 10.36 32.73 -50.32
N LYS B 194 10.31 32.13 -51.52
CA LYS B 194 9.13 32.15 -52.38
C LYS B 194 8.09 31.15 -51.88
N LYS B 195 8.53 30.05 -51.24
CA LYS B 195 7.60 29.05 -50.63
C LYS B 195 6.96 29.60 -49.35
N VAL B 196 7.69 30.47 -48.63
CA VAL B 196 7.11 31.25 -47.51
C VAL B 196 5.95 32.14 -48.05
N LEU B 197 6.13 32.60 -49.30
CA LEU B 197 5.12 33.41 -50.02
C LEU B 197 4.07 32.55 -50.79
N ASP B 198 4.46 31.32 -51.14
CA ASP B 198 3.67 30.45 -52.07
C ASP B 198 2.54 29.73 -51.33
N ILE B 199 2.90 29.01 -50.25
CA ILE B 199 1.94 28.26 -49.44
C ILE B 199 1.20 29.19 -48.44
N GLU B 200 1.66 30.46 -48.35
CA GLU B 200 1.11 31.47 -47.44
C GLU B 200 1.01 32.84 -48.16
N GLY B 201 2.08 33.66 -48.11
CA GLY B 201 2.10 34.99 -48.74
C GLY B 201 1.45 36.08 -47.90
N ASP B 202 0.30 35.78 -47.30
CA ASP B 202 -0.49 36.73 -46.50
C ASP B 202 0.19 36.96 -45.13
N ASN B 203 0.24 35.89 -44.31
CA ASN B 203 0.84 35.91 -42.96
C ASN B 203 2.34 35.55 -43.02
N ALA B 204 2.96 35.75 -44.20
CA ALA B 204 4.38 35.46 -44.44
C ALA B 204 5.28 36.55 -43.85
N THR B 205 6.57 36.22 -43.76
CA THR B 205 7.60 37.16 -43.29
C THR B 205 7.87 38.23 -44.37
N GLU B 206 7.32 39.45 -44.12
CA GLU B 206 7.43 40.61 -45.04
C GLU B 206 8.89 41.13 -45.18
N ALA B 207 9.80 40.63 -44.32
CA ALA B 207 11.24 40.93 -44.42
C ALA B 207 11.90 40.08 -45.53
N MET B 208 11.61 38.77 -45.52
CA MET B 208 12.29 37.76 -46.39
C MET B 208 11.95 37.91 -47.89
N LYS B 209 10.83 38.58 -48.22
CA LYS B 209 10.44 38.83 -49.62
C LYS B 209 11.34 39.87 -50.30
N ARG B 210 12.07 40.65 -49.48
CA ARG B 210 13.08 41.60 -49.98
C ARG B 210 14.38 40.84 -50.35
N ASP B 211 14.68 39.79 -49.55
CA ASP B 211 15.85 38.91 -49.75
C ASP B 211 15.66 38.03 -51.00
N TYR B 212 14.39 37.73 -51.33
CA TYR B 212 13.99 36.95 -52.54
C TYR B 212 14.48 37.64 -53.84
N GLU B 213 14.50 38.99 -53.82
CA GLU B 213 14.92 39.82 -54.97
C GLU B 213 16.45 39.77 -55.16
N SER B 214 17.17 39.92 -54.03
CA SER B 214 18.64 39.85 -53.99
C SER B 214 19.16 38.46 -54.44
N ALA B 215 18.31 37.43 -54.21
CA ALA B 215 18.56 36.08 -54.73
C ALA B 215 18.42 36.05 -56.26
N LYS B 216 17.29 36.62 -56.76
CA LYS B 216 16.89 36.60 -58.20
C LYS B 216 18.00 37.10 -59.15
N LYS B 217 18.79 38.06 -58.65
CA LYS B 217 19.96 38.64 -59.35
C LYS B 217 20.90 37.54 -59.88
N LYS B 218 21.14 36.53 -59.03
CA LYS B 218 22.04 35.39 -59.33
C LYS B 218 21.27 34.18 -59.91
N VAL B 219 19.98 34.06 -59.53
CA VAL B 219 19.11 32.93 -59.97
C VAL B 219 18.86 32.97 -61.48
N GLU B 220 18.93 34.17 -62.08
CA GLU B 220 18.82 34.35 -63.53
C GLU B 220 19.89 33.53 -64.29
N GLN B 221 21.09 33.44 -63.67
CA GLN B 221 22.22 32.66 -64.19
C GLN B 221 22.12 31.17 -63.82
N SER B 222 21.29 30.84 -62.81
CA SER B 222 21.04 29.45 -62.38
C SER B 222 20.23 28.68 -63.45
N LEU B 223 19.49 29.42 -64.29
CA LEU B 223 18.79 28.86 -65.47
C LEU B 223 19.81 28.33 -66.51
N ASN B 224 20.99 28.97 -66.55
CA ASN B 224 22.09 28.59 -67.49
C ASN B 224 22.74 27.25 -67.10
N LEU B 225 22.53 26.81 -65.84
CA LEU B 225 23.00 25.50 -65.35
C LEU B 225 21.81 24.57 -65.01
N GLU B 226 20.61 24.92 -65.54
CA GLU B 226 19.35 24.16 -65.35
C GLU B 226 19.51 22.69 -65.79
N LYS B 227 20.29 22.50 -66.87
CA LYS B 227 20.53 21.19 -67.51
C LYS B 227 21.75 21.34 -68.46
N THR B 228 22.02 20.33 -69.32
CA THR B 228 23.07 20.40 -70.37
C THR B 228 22.63 21.26 -71.61
N VAL B 229 21.73 22.23 -71.35
CA VAL B 229 21.16 23.14 -72.36
C VAL B 229 21.33 24.60 -71.85
N PRO B 230 21.11 25.66 -72.70
CA PRO B 230 21.15 27.09 -72.24
C PRO B 230 20.03 27.43 -71.21
N GLU B 231 19.92 28.73 -70.85
CA GLU B 231 18.93 29.21 -69.86
C GLU B 231 17.49 28.88 -70.30
N GLN B 232 16.84 27.95 -69.56
CA GLN B 232 15.48 27.50 -69.87
C GLN B 232 14.44 28.58 -69.51
N SER B 233 14.18 29.43 -70.51
CA SER B 233 13.24 30.55 -70.45
C SER B 233 13.03 31.06 -71.88
N ARG B 234 11.86 31.62 -72.17
CA ARG B 234 11.55 32.18 -73.49
C ARG B 234 12.37 33.47 -73.73
N ASP B 235 11.84 34.62 -73.27
CA ASP B 235 12.38 35.98 -73.52
C ASP B 235 12.71 36.20 -75.02
N ALA B 236 13.89 35.74 -75.47
CA ALA B 236 14.36 35.86 -76.88
C ALA B 236 13.39 35.18 -77.87
N ASP B 237 12.74 34.11 -77.39
CA ASP B 237 11.70 33.35 -78.14
C ASP B 237 10.54 34.26 -78.59
N VAL B 238 10.14 35.22 -77.73
CA VAL B 238 9.05 36.18 -78.01
C VAL B 238 9.62 37.57 -78.41
N ASP B 239 10.73 37.57 -79.19
CA ASP B 239 11.40 38.79 -79.74
C ASP B 239 12.17 39.59 -78.67
N ALA B 240 12.51 38.90 -77.56
CA ALA B 240 13.33 39.45 -76.44
C ALA B 240 12.57 40.49 -75.59
N SER B 241 13.06 40.67 -74.34
CA SER B 241 12.53 41.63 -73.36
C SER B 241 11.13 41.20 -72.84
N GLN B 242 10.09 41.40 -73.67
CA GLN B 242 8.67 41.18 -73.35
C GLN B 242 8.15 42.19 -72.30
N GLY B 243 6.90 42.66 -72.49
CA GLY B 243 6.25 43.58 -71.57
C GLY B 243 5.96 42.94 -70.21
N ALA B 244 5.89 43.80 -69.17
CA ALA B 244 5.63 43.42 -67.75
C ALA B 244 6.88 42.86 -67.05
N SER B 245 7.58 41.91 -67.71
CA SER B 245 8.91 41.38 -67.32
C SER B 245 8.87 40.36 -66.14
N ALA B 246 7.96 40.59 -65.16
CA ALA B 246 7.85 39.76 -63.95
C ALA B 246 7.01 38.51 -64.22
N GLY B 247 5.75 38.74 -64.62
CA GLY B 247 4.84 37.66 -65.06
C GLY B 247 4.72 37.62 -66.57
N GLY B 248 4.58 38.81 -67.16
CA GLY B 248 4.48 38.96 -68.61
C GLY B 248 3.07 38.69 -69.15
N LEU B 249 2.07 39.38 -68.51
CA LEU B 249 0.57 39.28 -68.71
C LEU B 249 -0.16 38.61 -67.50
N PRO B 250 0.25 37.39 -66.97
CA PRO B 250 -0.35 36.79 -65.73
C PRO B 250 -0.29 37.67 -64.45
N ASP B 251 0.38 38.84 -64.51
CA ASP B 251 0.57 39.75 -63.35
C ASP B 251 -0.79 40.21 -62.78
N LEU B 252 -1.32 39.47 -61.78
CA LEU B 252 -2.65 39.73 -61.21
C LEU B 252 -2.83 38.94 -59.89
N GLY B 253 -3.56 39.54 -58.93
CA GLY B 253 -3.80 38.94 -57.61
C GLY B 253 -4.79 37.78 -57.65
N SER B 254 -6.09 38.12 -57.47
CA SER B 254 -7.24 37.18 -57.52
C SER B 254 -7.28 36.22 -56.30
N LEU B 255 -6.29 35.30 -56.21
CA LEU B 255 -6.24 34.25 -55.16
C LEU B 255 -5.93 34.84 -53.78
N LEU B 256 -5.35 36.05 -53.77
CA LEU B 256 -4.97 36.78 -52.54
C LEU B 256 -6.20 37.03 -51.64
N GLY B 257 -7.37 37.26 -52.28
CA GLY B 257 -8.63 37.50 -51.57
C GLY B 257 -9.20 36.23 -50.97
N GLY B 258 -8.81 35.96 -49.71
CA GLY B 258 -9.24 34.76 -48.98
C GLY B 258 -8.10 33.76 -48.81
N GLY B 259 -7.10 33.85 -49.71
CA GLY B 259 -5.94 32.96 -49.71
C GLY B 259 -6.30 31.54 -50.11
N LEU B 260 -6.76 30.75 -49.12
CA LEU B 260 -7.23 29.37 -49.31
C LEU B 260 -8.38 29.16 -48.31
N GLY B 261 -9.63 29.23 -48.81
CA GLY B 261 -10.83 28.93 -48.03
C GLY B 261 -11.02 29.80 -46.77
N GLY B 262 -10.34 30.96 -46.73
CA GLY B 262 -10.37 31.86 -45.57
C GLY B 262 -9.51 31.33 -44.42
N LEU B 263 -10.08 30.37 -43.66
CA LEU B 263 -9.45 29.78 -42.45
C LEU B 263 -8.43 28.68 -42.82
N MET B 264 -8.44 28.27 -44.11
CA MET B 264 -7.63 27.15 -44.68
C MET B 264 -8.20 25.78 -44.27
N ASN B 265 -8.33 25.57 -42.93
CA ASN B 265 -8.93 24.34 -42.33
C ASN B 265 -8.01 23.11 -42.50
N ASN B 266 -6.75 23.36 -42.90
CA ASN B 266 -5.72 22.32 -43.03
C ASN B 266 -5.03 22.02 -41.66
N PRO B 267 -4.50 23.05 -40.88
CA PRO B 267 -3.82 22.78 -39.58
C PRO B 267 -4.80 22.28 -38.49
N GLN B 268 -6.06 22.78 -38.57
CA GLN B 268 -7.13 22.40 -37.65
C GLN B 268 -7.78 21.12 -38.20
N LEU B 269 -7.17 19.98 -37.84
CA LEU B 269 -7.62 18.65 -38.28
C LEU B 269 -8.73 18.19 -37.32
N MET B 270 -8.38 18.05 -36.02
CA MET B 270 -9.32 17.53 -34.99
C MET B 270 -9.20 18.28 -33.66
N GLN B 271 -8.34 19.33 -33.57
CA GLN B 271 -8.19 20.13 -32.34
C GLN B 271 -9.36 21.14 -32.25
N ALA B 272 -10.47 20.66 -31.66
CA ALA B 272 -11.70 21.43 -31.45
C ALA B 272 -12.55 20.71 -30.38
N ALA B 273 -11.85 20.06 -29.42
CA ALA B 273 -12.46 19.25 -28.34
C ALA B 273 -13.38 20.09 -27.45
N GLN B 274 -12.90 21.29 -27.11
CA GLN B 274 -13.68 22.27 -26.31
C GLN B 274 -14.36 23.27 -27.25
N LYS B 275 -13.71 23.49 -28.44
CA LYS B 275 -14.10 24.49 -29.45
C LYS B 275 -13.86 25.92 -28.88
N MET B 276 -14.70 26.29 -27.90
CA MET B 276 -14.59 27.55 -27.14
C MET B 276 -15.73 27.56 -26.10
N MET B 277 -15.46 26.94 -24.93
CA MET B 277 -16.37 26.94 -23.76
C MET B 277 -15.61 26.36 -22.54
N SER B 278 -15.84 26.98 -21.36
CA SER B 278 -15.17 26.64 -20.08
C SER B 278 -13.64 26.84 -20.15
N ASN B 279 -13.22 27.80 -21.01
CA ASN B 279 -11.80 28.19 -21.18
C ASN B 279 -11.33 28.95 -19.92
N PRO B 280 -10.09 28.63 -19.39
CA PRO B 280 -9.50 29.38 -18.25
C PRO B 280 -9.21 30.85 -18.63
N GLY B 281 -10.12 31.75 -18.20
CA GLY B 281 -9.97 33.19 -18.41
C GLY B 281 -8.98 33.80 -17.43
N ALA B 282 -9.35 33.77 -16.14
CA ALA B 282 -8.50 34.23 -15.03
C ALA B 282 -8.98 33.60 -13.71
N MET B 283 -8.10 32.79 -13.09
CA MET B 283 -8.33 32.19 -11.75
C MET B 283 -8.27 33.30 -10.67
N GLN B 284 -7.39 34.28 -10.92
CA GLN B 284 -7.20 35.47 -10.07
C GLN B 284 -6.65 36.57 -10.99
N ASN B 285 -7.05 37.82 -10.74
CA ASN B 285 -6.54 38.99 -11.47
C ASN B 285 -5.00 39.05 -11.36
N ILE B 286 -4.32 38.87 -12.51
CA ILE B 286 -2.85 38.67 -12.62
C ILE B 286 -2.09 39.85 -11.96
N GLN B 287 -2.58 41.07 -12.20
CA GLN B 287 -2.03 42.29 -11.60
C GLN B 287 -2.83 42.64 -10.32
N LYS B 288 -2.12 42.96 -9.23
CA LYS B 288 -2.75 43.28 -7.92
C LYS B 288 -3.43 44.66 -7.92
N MET B 289 -2.97 45.57 -8.82
CA MET B 289 -3.56 46.92 -9.05
C MET B 289 -3.10 47.97 -8.00
N MET B 290 -3.05 47.56 -6.71
CA MET B 290 -2.88 48.46 -5.53
C MET B 290 -1.71 49.45 -5.68
N GLN B 291 -0.55 48.92 -6.16
CA GLN B 291 0.74 49.66 -6.27
C GLN B 291 1.21 50.09 -4.86
N ASP B 292 2.12 49.29 -4.29
CA ASP B 292 2.64 49.48 -2.92
C ASP B 292 3.37 50.85 -2.78
N PRO B 293 4.40 51.21 -3.63
CA PRO B 293 5.07 52.51 -3.56
C PRO B 293 4.43 53.55 -4.52
N SER B 294 3.56 54.41 -3.96
CA SER B 294 3.04 55.58 -4.70
C SER B 294 4.18 56.59 -4.91
N ILE B 295 4.87 56.92 -3.80
CA ILE B 295 6.07 57.78 -3.80
C ILE B 295 7.19 57.04 -3.05
N ARG B 296 6.91 56.70 -1.77
CA ARG B 296 7.82 55.99 -0.83
C ARG B 296 9.27 56.52 -0.90
N GLN B 297 9.45 57.74 -0.35
CA GLN B 297 10.75 58.45 -0.22
C GLN B 297 11.34 58.86 -1.60
N MET B 298 11.83 57.85 -2.35
CA MET B 298 12.66 57.98 -3.57
C MET B 298 12.08 58.96 -4.64
N ALA B 299 10.75 59.06 -4.71
CA ALA B 299 10.06 59.79 -5.79
C ALA B 299 9.74 61.27 -5.43
N GLU B 300 10.28 61.78 -4.29
CA GLU B 300 10.12 63.19 -3.89
C GLU B 300 11.26 63.61 -2.93
N GLY B 301 11.45 62.83 -1.86
CA GLY B 301 12.52 63.05 -0.89
C GLY B 301 11.98 63.16 0.53
N PHE B 302 12.14 64.36 1.14
CA PHE B 302 11.73 64.64 2.54
C PHE B 302 11.16 66.08 2.61
N ALA B 303 12.01 67.05 2.21
CA ALA B 303 11.67 68.49 2.20
C ALA B 303 12.38 69.17 1.01
N SER B 304 13.73 69.21 1.06
CA SER B 304 14.57 69.76 -0.03
C SER B 304 16.04 69.37 0.16
N GLY B 305 16.57 69.60 1.38
CA GLY B 305 17.95 69.22 1.74
C GLY B 305 19.01 70.09 1.05
N GLY B 306 18.75 71.42 1.02
CA GLY B 306 19.63 72.39 0.34
C GLY B 306 20.86 72.78 1.16
N GLY B 307 20.89 72.37 2.45
CA GLY B 307 21.99 72.66 3.36
C GLY B 307 21.79 73.97 4.11
N THR B 308 21.87 75.08 3.36
CA THR B 308 21.67 76.44 3.89
C THR B 308 20.98 77.31 2.80
N PRO B 309 19.84 78.03 3.15
CA PRO B 309 19.10 78.89 2.20
C PRO B 309 19.98 80.02 1.62
N ASN B 310 20.65 80.75 2.53
CA ASN B 310 21.60 81.79 2.16
C ASN B 310 22.49 82.13 3.36
N LEU B 311 23.81 81.96 3.20
CA LEU B 311 24.80 82.09 4.30
C LEU B 311 26.10 82.72 3.75
N SER B 312 26.34 82.53 2.42
CA SER B 312 27.57 82.92 1.72
C SER B 312 27.94 84.41 1.93
N ASP B 313 27.00 85.32 1.58
CA ASP B 313 27.25 86.80 1.60
C ASP B 313 27.04 87.41 3.00
N LEU B 314 26.80 86.55 4.00
CA LEU B 314 26.73 87.00 5.41
C LEU B 314 28.14 87.16 5.99
N MET B 315 29.14 86.62 5.28
CA MET B 315 30.57 86.83 5.58
C MET B 315 31.12 88.07 4.80
N ASN B 316 30.23 88.72 4.01
CA ASN B 316 30.60 89.89 3.18
C ASN B 316 30.76 91.13 4.07
N ASN B 317 32.01 91.55 4.26
CA ASN B 317 32.38 92.75 5.04
C ASN B 317 32.98 93.78 4.08
N PRO B 318 32.79 95.13 4.34
CA PRO B 318 33.47 96.20 3.58
C PRO B 318 35.01 96.10 3.70
N ALA B 319 35.62 95.35 2.76
CA ALA B 319 37.07 95.05 2.76
C ALA B 319 37.82 96.03 1.84
N LEU B 320 37.35 97.30 1.83
CA LEU B 320 38.10 98.42 1.24
C LEU B 320 39.41 98.60 2.03
N ARG B 321 39.25 98.85 3.35
CA ARG B 321 40.35 99.05 4.32
C ARG B 321 41.24 100.23 3.83
N ASN B 322 42.26 99.89 2.99
CA ASN B 322 43.20 100.82 2.36
C ASN B 322 43.75 101.86 3.38
N MET B 323 43.23 103.12 3.34
CA MET B 323 43.68 104.24 4.17
C MET B 323 45.23 104.34 4.17
N ALA B 324 45.78 104.45 2.95
CA ALA B 324 47.24 104.53 2.72
C ALA B 324 47.79 105.93 3.08
N GLY B 325 46.87 106.89 3.31
CA GLY B 325 47.23 108.29 3.59
C GLY B 325 47.68 109.03 2.35
N ASN B 326 47.38 108.43 1.17
CA ASN B 326 47.78 108.90 -0.16
C ASN B 326 49.32 108.94 -0.31
N LEU B 327 49.95 110.07 0.12
CA LEU B 327 51.39 110.31 -0.04
C LEU B 327 51.96 111.03 1.23
N PHE B 328 51.12 111.09 2.29
CA PHE B 328 51.44 111.71 3.60
C PHE B 328 51.78 113.22 3.47
N GLY B 329 53.03 113.53 3.10
CA GLY B 329 53.49 114.91 2.96
C GLY B 329 54.66 115.01 2.00
N GLY B 330 54.45 114.44 0.79
CA GLY B 330 55.46 114.45 -0.28
C GLY B 330 55.79 115.85 -0.79
N ALA B 331 54.83 116.79 -0.64
CA ALA B 331 55.01 118.21 -1.06
C ALA B 331 55.98 118.98 -0.12
N GLY B 332 56.46 118.31 0.95
CA GLY B 332 57.50 118.84 1.83
C GLY B 332 58.85 118.97 1.14
N ALA B 333 59.04 118.19 0.05
CA ALA B 333 60.27 118.21 -0.79
C ALA B 333 60.22 119.35 -1.85
N GLN B 334 59.37 120.37 -1.61
CA GLN B 334 59.24 121.55 -2.48
C GLN B 334 60.54 122.41 -2.43
N SER B 335 60.87 123.03 -3.57
CA SER B 335 61.92 124.04 -3.66
C SER B 335 61.31 125.46 -3.44
N THR B 336 62.14 126.49 -3.51
CA THR B 336 61.70 127.89 -3.30
C THR B 336 62.13 128.77 -4.48
N ASP B 337 63.47 128.91 -4.66
CA ASP B 337 64.04 129.78 -5.71
C ASP B 337 64.98 129.00 -6.64
N GLU B 338 65.16 127.68 -6.39
CA GLU B 338 66.17 126.84 -7.08
C GLU B 338 67.60 127.33 -6.81
N THR B 339 68.01 128.43 -7.47
CA THR B 339 69.29 129.08 -7.20
C THR B 339 69.23 130.58 -7.60
N PRO B 340 69.39 131.52 -6.61
CA PRO B 340 69.67 132.95 -6.89
C PRO B 340 71.18 133.19 -7.10
N ASP B 341 71.54 134.39 -7.61
CA ASP B 341 72.95 134.87 -7.69
C ASP B 341 73.82 133.90 -8.52
N ASN B 342 73.44 133.72 -9.80
CA ASN B 342 74.14 132.81 -10.75
C ASN B 342 73.64 133.02 -12.19
N GLU B 343 73.00 134.17 -12.42
CA GLU B 343 72.36 134.51 -13.70
C GLU B 343 73.42 134.84 -14.77
N ASN B 344 74.34 135.77 -14.46
CA ASN B 344 75.42 136.19 -15.39
C ASN B 344 76.74 136.44 -14.63
N LYS B 345 76.68 136.42 -13.26
CA LYS B 345 77.79 136.86 -12.36
C LYS B 345 77.90 138.40 -12.39
N GLN B 346 77.87 139.03 -11.17
CA GLN B 346 77.76 140.50 -10.96
C GLN B 346 76.31 140.99 -11.22
N TYR B 347 75.74 140.54 -12.34
CA TYR B 347 74.34 140.78 -12.72
C TYR B 347 73.47 139.62 -12.17
N MET A 1 0.18 -11.13 -16.46
CA MET A 1 1.29 -10.32 -17.01
C MET A 1 1.80 -9.37 -15.94
N SER A 2 3.08 -9.52 -15.54
CA SER A 2 3.76 -8.64 -14.56
C SER A 2 4.46 -7.48 -15.30
N ALA A 3 3.75 -6.92 -16.32
CA ALA A 3 4.28 -5.91 -17.27
C ALA A 3 5.62 -6.41 -17.88
N SER A 4 6.56 -5.50 -18.16
CA SER A 4 7.96 -5.86 -18.43
C SER A 4 8.90 -4.91 -17.68
N LYS A 5 10.07 -5.45 -17.31
CA LYS A 5 11.19 -4.72 -16.67
C LYS A 5 11.59 -3.43 -17.43
N GLU A 6 11.32 -3.42 -18.75
CA GLU A 6 11.62 -2.28 -19.64
C GLU A 6 10.83 -1.01 -19.20
N GLU A 7 9.48 -1.11 -19.17
CA GLU A 7 8.63 0.05 -18.88
C GLU A 7 8.60 0.35 -17.38
N ILE A 8 8.65 -0.70 -16.54
CA ILE A 8 8.67 -0.56 -15.07
C ILE A 8 9.91 0.26 -14.64
N ALA A 9 11.06 0.00 -15.30
CA ALA A 9 12.30 0.77 -15.11
C ALA A 9 12.08 2.25 -15.49
N ALA A 10 11.52 2.46 -16.69
CA ALA A 10 11.22 3.80 -17.23
C ALA A 10 10.20 4.57 -16.36
N LEU A 11 9.30 3.82 -15.70
CA LEU A 11 8.22 4.38 -14.86
C LEU A 11 8.80 4.88 -13.55
N ILE A 12 9.69 4.05 -12.94
CA ILE A 12 10.35 4.33 -11.66
C ILE A 12 11.22 5.59 -11.74
N VAL A 13 11.97 5.73 -12.84
CA VAL A 13 12.88 6.87 -13.04
C VAL A 13 12.10 8.15 -13.40
N ASN A 14 10.93 7.99 -14.07
CA ASN A 14 10.01 9.10 -14.42
C ASN A 14 9.24 9.54 -13.16
N TYR A 15 8.98 8.57 -12.27
CA TYR A 15 8.28 8.81 -10.99
C TYR A 15 9.15 9.68 -10.08
N PHE A 16 10.43 9.31 -9.97
CA PHE A 16 11.44 10.08 -9.24
C PHE A 16 11.69 11.43 -9.92
N SER A 17 11.58 11.47 -11.27
CA SER A 17 11.75 12.71 -12.05
C SER A 17 10.62 13.71 -11.71
N SER A 18 9.40 13.17 -11.46
CA SER A 18 8.23 13.97 -11.05
C SER A 18 8.36 14.43 -9.58
N ILE A 19 9.04 13.61 -8.76
CA ILE A 19 9.36 13.94 -7.36
C ILE A 19 10.31 15.14 -7.30
N VAL A 20 11.49 15.00 -7.95
CA VAL A 20 12.58 16.02 -7.89
C VAL A 20 12.20 17.30 -8.67
N GLU A 21 11.20 17.17 -9.57
CA GLU A 21 10.63 18.29 -10.35
C GLU A 21 10.10 19.38 -9.39
N LYS A 22 9.25 18.94 -8.46
CA LYS A 22 8.64 19.82 -7.44
C LYS A 22 9.37 19.68 -6.08
N LYS A 23 10.36 18.76 -6.02
CA LYS A 23 11.14 18.43 -4.82
C LYS A 23 10.19 17.91 -3.69
N GLU A 24 9.69 16.68 -3.90
CA GLU A 24 8.74 16.01 -2.97
C GLU A 24 9.49 15.19 -1.88
N ILE A 25 10.79 15.46 -1.75
CA ILE A 25 11.68 14.84 -0.76
C ILE A 25 12.89 15.79 -0.58
N SER A 26 13.69 15.59 0.50
CA SER A 26 14.95 16.32 0.70
C SER A 26 15.88 16.12 -0.51
N GLU A 27 16.47 17.24 -1.02
CA GLU A 27 17.30 17.26 -2.25
C GLU A 27 18.54 16.33 -2.14
N ASP A 28 18.97 16.07 -0.90
CA ASP A 28 20.03 15.08 -0.59
C ASP A 28 19.64 13.69 -1.13
N GLY A 29 18.46 13.20 -0.69
CA GLY A 29 17.91 11.94 -1.17
C GLY A 29 17.50 12.01 -2.63
N ALA A 30 17.03 13.19 -3.07
CA ALA A 30 16.59 13.44 -4.46
C ALA A 30 17.77 13.39 -5.45
N ASP A 31 18.99 13.67 -4.93
CA ASP A 31 20.26 13.58 -5.68
C ASP A 31 20.60 12.10 -5.94
N SER A 32 20.42 11.29 -4.90
CA SER A 32 20.60 9.83 -4.98
C SER A 32 19.60 9.21 -5.98
N LEU A 33 18.36 9.75 -5.99
CA LEU A 33 17.30 9.33 -6.92
C LEU A 33 17.61 9.81 -8.35
N ASN A 34 18.23 11.01 -8.46
CA ASN A 34 18.55 11.66 -9.77
C ASN A 34 19.59 10.86 -10.54
N VAL A 35 20.70 10.51 -9.86
CA VAL A 35 21.77 9.71 -10.47
C VAL A 35 21.29 8.28 -10.76
N ALA A 36 20.35 7.78 -9.93
CA ALA A 36 19.72 6.47 -10.10
C ALA A 36 18.85 6.42 -11.36
N MET A 37 18.22 7.58 -11.72
CA MET A 37 17.39 7.69 -12.95
C MET A 37 18.22 7.32 -14.20
N ASP A 38 19.37 7.98 -14.32
CA ASP A 38 20.28 7.83 -15.46
C ASP A 38 20.94 6.45 -15.45
N CYS A 39 21.27 5.94 -14.24
CA CYS A 39 21.89 4.62 -14.08
C CYS A 39 20.99 3.49 -14.60
N ILE A 40 19.69 3.57 -14.27
CA ILE A 40 18.68 2.57 -14.66
C ILE A 40 18.38 2.67 -16.17
N SER A 41 18.15 3.91 -16.66
CA SER A 41 17.79 4.18 -18.07
C SER A 41 18.90 3.72 -19.04
N GLU A 42 20.16 4.10 -18.72
CA GLU A 42 21.33 3.77 -19.55
C GLU A 42 21.68 2.27 -19.43
N ALA A 43 21.36 1.66 -18.26
CA ALA A 43 21.59 0.22 -18.02
C ALA A 43 20.82 -0.64 -19.03
N PHE A 44 19.48 -0.43 -19.06
CA PHE A 44 18.59 -1.11 -20.05
C PHE A 44 18.86 -0.59 -21.48
N GLY A 45 19.40 0.65 -21.57
CA GLY A 45 19.84 1.22 -22.84
C GLY A 45 18.74 2.02 -23.52
N PHE A 46 18.37 3.15 -22.89
CA PHE A 46 17.40 4.10 -23.46
C PHE A 46 17.59 5.48 -22.83
N GLU A 47 17.00 6.49 -23.49
CA GLU A 47 17.06 7.90 -23.06
C GLU A 47 16.14 8.14 -21.84
N ARG A 48 16.71 8.79 -20.81
CA ARG A 48 16.06 9.06 -19.50
C ARG A 48 14.94 10.13 -19.62
N GLU A 49 14.94 10.87 -20.75
CA GLU A 49 13.89 11.86 -21.08
C GLU A 49 12.76 11.19 -21.89
N ALA A 50 13.15 10.24 -22.77
CA ALA A 50 12.22 9.53 -23.68
C ALA A 50 11.55 8.34 -22.97
N VAL A 51 11.69 8.28 -21.63
CA VAL A 51 10.94 7.36 -20.76
C VAL A 51 9.41 7.50 -20.98
N SER A 52 8.96 8.76 -21.12
CA SER A 52 7.55 9.10 -21.34
C SER A 52 7.06 8.63 -22.73
N GLY A 53 8.03 8.53 -23.68
CA GLY A 53 7.79 8.00 -25.02
C GLY A 53 7.64 6.49 -25.06
N ILE A 54 7.94 5.81 -23.94
CA ILE A 54 7.77 4.34 -23.79
C ILE A 54 6.48 4.05 -22.97
N LEU A 55 6.27 4.86 -21.92
CA LEU A 55 5.25 4.63 -20.88
C LEU A 55 3.82 4.91 -21.35
N GLY A 56 3.66 5.92 -22.24
CA GLY A 56 2.34 6.25 -22.81
C GLY A 56 1.80 5.17 -23.75
N LYS A 57 2.68 4.22 -24.12
CA LYS A 57 2.34 3.10 -25.01
C LYS A 57 2.08 1.82 -24.18
N SER A 58 2.59 1.81 -22.94
CA SER A 58 2.38 0.72 -21.99
C SER A 58 1.19 1.07 -21.08
N GLU A 59 0.12 0.30 -21.22
CA GLU A 59 -1.10 0.45 -20.41
C GLU A 59 -0.84 -0.07 -18.99
N PHE A 60 0.02 -1.12 -18.89
CA PHE A 60 0.21 -1.93 -17.67
C PHE A 60 -1.11 -2.67 -17.31
N LYS A 61 -1.13 -3.39 -16.17
CA LYS A 61 -2.32 -4.16 -15.75
C LYS A 61 -3.04 -3.48 -14.56
N GLY A 62 -2.28 -2.67 -13.78
CA GLY A 62 -2.80 -2.01 -12.57
C GLY A 62 -2.41 -0.55 -12.49
N GLN A 63 -1.26 -0.18 -13.10
CA GLN A 63 -0.76 1.21 -13.08
C GLN A 63 -1.69 2.14 -13.90
N HIS A 64 -1.57 2.09 -15.26
CA HIS A 64 -2.36 2.89 -16.21
C HIS A 64 -2.22 4.42 -15.97
N LEU A 65 -3.07 4.94 -15.08
CA LEU A 65 -3.19 6.39 -14.76
C LEU A 65 -3.65 6.54 -13.29
N ALA A 66 -3.90 7.80 -12.89
CA ALA A 66 -4.40 8.19 -11.54
C ALA A 66 -3.31 8.03 -10.47
N ASP A 67 -2.96 6.76 -10.17
CA ASP A 67 -1.88 6.41 -9.22
C ASP A 67 -0.51 6.82 -9.77
N ILE A 68 -0.38 6.80 -11.11
CA ILE A 68 0.83 7.31 -11.80
C ILE A 68 0.43 8.47 -12.74
N LEU A 69 1.27 9.52 -12.74
CA LEU A 69 1.11 10.68 -13.64
C LEU A 69 2.30 10.73 -14.62
N ASN A 70 2.88 9.54 -14.86
CA ASN A 70 4.19 9.38 -15.54
C ASN A 70 4.05 8.76 -16.94
N SER A 71 2.81 8.75 -17.48
CA SER A 71 2.49 8.11 -18.77
C SER A 71 3.27 8.78 -19.94
N ALA A 72 2.97 10.07 -20.23
CA ALA A 72 3.64 10.80 -21.32
C ALA A 72 3.78 12.29 -20.96
N SER A 73 4.92 12.89 -21.35
CA SER A 73 5.25 14.29 -21.09
C SER A 73 6.62 14.60 -21.75
N ARG A 74 6.58 15.02 -23.02
CA ARG A 74 7.78 15.38 -23.80
C ARG A 74 7.30 16.20 -25.03
N VAL A 75 7.65 17.50 -25.04
CA VAL A 75 7.27 18.45 -26.13
C VAL A 75 7.93 18.05 -27.49
N PRO A 76 7.34 18.45 -28.67
CA PRO A 76 7.96 18.18 -30.00
C PRO A 76 9.32 18.90 -30.18
N GLU A 77 10.11 18.44 -31.16
CA GLU A 77 11.47 18.94 -31.42
C GLU A 77 11.69 19.07 -32.93
N SER A 78 11.89 20.32 -33.40
CA SER A 78 12.24 20.67 -34.80
C SER A 78 11.07 20.33 -35.79
N ASN A 79 11.26 20.71 -37.07
CA ASN A 79 10.35 20.35 -38.17
C ASN A 79 11.18 19.57 -39.20
N LYS A 80 12.10 20.30 -39.88
CA LYS A 80 13.10 19.77 -40.84
C LYS A 80 12.44 19.12 -42.09
N LYS A 81 13.21 19.07 -43.22
CA LYS A 81 12.79 18.47 -44.51
C LYS A 81 11.57 19.18 -45.13
N ASP A 82 11.31 20.41 -44.64
CA ASP A 82 10.24 21.30 -45.10
C ASP A 82 10.62 22.71 -44.64
N ASP A 83 10.41 22.99 -43.34
CA ASP A 83 11.11 24.08 -42.63
C ASP A 83 12.50 23.54 -42.29
N ALA A 84 13.49 23.85 -43.15
CA ALA A 84 14.86 23.32 -43.06
C ALA A 84 15.47 23.60 -41.68
N GLU A 85 15.53 24.91 -41.33
CA GLU A 85 15.99 25.39 -40.00
C GLU A 85 15.93 26.93 -39.99
N ASN A 86 16.56 27.53 -41.02
CA ASN A 86 16.75 28.99 -41.14
C ASN A 86 17.37 29.31 -42.52
N VAL A 87 18.30 28.45 -42.94
CA VAL A 87 19.09 28.63 -44.18
C VAL A 87 18.30 28.16 -45.43
N GLU A 88 18.79 28.57 -46.62
CA GLU A 88 18.26 28.17 -47.94
C GLU A 88 18.24 26.63 -48.12
N ILE A 89 17.21 26.13 -48.83
CA ILE A 89 17.19 24.75 -49.36
C ILE A 89 18.33 24.63 -50.40
N ASN A 90 19.41 23.92 -50.05
CA ASN A 90 20.64 23.85 -50.90
C ASN A 90 20.47 22.84 -52.06
N ILE A 91 19.41 22.01 -51.99
CA ILE A 91 19.12 20.96 -52.99
C ILE A 91 18.90 21.57 -54.41
N PRO A 92 19.84 21.31 -55.39
CA PRO A 92 19.79 21.93 -56.75
C PRO A 92 18.71 21.28 -57.67
N GLU A 93 17.43 21.60 -57.36
CA GLU A 93 16.26 21.01 -58.03
C GLU A 93 16.07 21.67 -59.43
N ASP A 94 16.21 23.01 -59.48
CA ASP A 94 16.05 23.80 -60.74
C ASP A 94 17.17 23.51 -61.78
N ASP A 95 18.19 22.74 -61.37
CA ASP A 95 19.31 22.35 -62.25
C ASP A 95 19.00 21.01 -62.97
N ALA A 96 17.70 20.63 -63.00
CA ALA A 96 17.22 19.33 -63.54
C ALA A 96 17.48 19.15 -65.05
N GLU A 97 17.77 20.25 -65.77
CA GLU A 97 18.09 20.22 -67.23
C GLU A 97 19.39 19.42 -67.52
N THR A 98 20.23 19.24 -66.48
CA THR A 98 21.45 18.42 -66.57
C THR A 98 21.12 16.93 -66.88
N LYS A 99 19.90 16.49 -66.46
CA LYS A 99 19.36 15.16 -66.80
C LYS A 99 19.03 15.07 -68.32
N ALA A 100 18.52 16.18 -68.88
CA ALA A 100 18.12 16.30 -70.29
C ALA A 100 19.32 16.33 -71.25
N LYS A 101 20.52 16.63 -70.71
CA LYS A 101 21.77 16.79 -71.50
C LYS A 101 22.10 15.53 -72.36
N ALA A 102 21.66 14.35 -71.88
CA ALA A 102 21.87 13.03 -72.56
C ALA A 102 21.29 12.98 -73.98
N GLU A 103 20.25 13.79 -74.23
CA GLU A 103 19.48 13.84 -75.49
C GLU A 103 20.37 14.18 -76.72
N ASP A 104 21.49 14.91 -76.49
CA ASP A 104 22.40 15.29 -77.59
C ASP A 104 23.16 14.05 -78.12
N LEU A 105 23.60 13.19 -77.19
CA LEU A 105 24.35 11.95 -77.51
C LEU A 105 23.41 10.91 -78.16
N LYS A 106 22.10 11.04 -77.87
CA LYS A 106 21.04 10.26 -78.52
C LYS A 106 20.95 10.59 -80.02
N MET A 107 21.05 11.90 -80.36
CA MET A 107 21.04 12.37 -81.77
C MET A 107 22.28 11.86 -82.52
N GLN A 108 23.43 11.84 -81.80
CA GLN A 108 24.73 11.36 -82.32
C GLN A 108 24.67 9.84 -82.61
N GLY A 109 23.77 9.13 -81.89
CA GLY A 109 23.46 7.72 -82.18
C GLY A 109 22.74 7.56 -83.52
N ASN A 110 21.73 8.42 -83.76
CA ASN A 110 20.97 8.43 -85.03
C ASN A 110 21.86 8.91 -86.21
N LYS A 111 22.89 9.73 -85.88
CA LYS A 111 23.90 10.21 -86.84
C LYS A 111 24.77 9.04 -87.32
N ALA A 112 25.08 8.12 -86.40
CA ALA A 112 25.80 6.88 -86.71
C ALA A 112 24.97 5.98 -87.63
N MET A 113 23.65 5.86 -87.31
CA MET A 113 22.68 5.12 -88.14
C MET A 113 22.52 5.75 -89.54
N ALA A 114 22.73 7.08 -89.65
CA ALA A 114 22.64 7.81 -90.92
C ALA A 114 23.75 7.38 -91.89
N ASN A 115 24.95 7.09 -91.33
CA ASN A 115 26.10 6.55 -92.10
C ASN A 115 26.05 4.99 -92.14
N LYS A 116 24.90 4.44 -91.70
CA LYS A 116 24.57 2.99 -91.69
C LYS A 116 25.27 2.23 -90.53
N ASP A 117 26.13 2.94 -89.76
CA ASP A 117 26.87 2.35 -88.64
C ASP A 117 25.97 2.20 -87.41
N TYR A 118 25.17 1.11 -87.43
CA TYR A 118 24.27 0.76 -86.33
C TYR A 118 25.07 0.39 -85.07
N GLU A 119 26.29 -0.17 -85.29
CA GLU A 119 27.21 -0.56 -84.20
C GLU A 119 27.68 0.69 -83.42
N LEU A 120 28.12 1.71 -84.19
CA LEU A 120 28.57 3.00 -83.64
C LEU A 120 27.41 3.67 -82.87
N ALA A 121 26.16 3.48 -83.38
CA ALA A 121 24.94 3.99 -82.75
C ALA A 121 24.73 3.40 -81.36
N ILE A 122 24.90 2.06 -81.24
CA ILE A 122 24.78 1.30 -79.98
C ILE A 122 25.66 1.93 -78.88
N ASN A 123 26.90 2.32 -79.27
CA ASN A 123 27.85 3.01 -78.37
C ASN A 123 27.30 4.38 -77.93
N LYS A 124 26.81 5.17 -78.90
CA LYS A 124 26.42 6.59 -78.67
C LYS A 124 25.14 6.72 -77.83
N TYR A 125 24.28 5.68 -77.85
CA TYR A 125 23.11 5.58 -76.96
C TYR A 125 23.57 5.18 -75.54
N THR A 126 24.66 4.38 -75.45
CA THR A 126 25.29 4.02 -74.16
C THR A 126 25.89 5.26 -73.49
N GLU A 127 26.49 6.14 -74.31
CA GLU A 127 27.12 7.38 -73.84
C GLU A 127 26.07 8.31 -73.19
N ALA A 128 24.85 8.26 -73.74
CA ALA A 128 23.69 9.02 -73.22
C ALA A 128 23.22 8.48 -71.84
N ILE A 129 23.42 7.16 -71.62
CA ILE A 129 23.04 6.47 -70.36
C ILE A 129 23.90 6.95 -69.15
N LYS A 130 25.12 7.47 -69.45
CA LYS A 130 26.02 8.08 -68.42
C LYS A 130 25.31 9.25 -67.71
N VAL A 131 24.63 10.07 -68.52
CA VAL A 131 23.93 11.28 -68.04
C VAL A 131 22.49 10.92 -67.57
N LEU A 132 21.87 9.92 -68.23
CA LEU A 132 20.49 9.48 -67.91
C LEU A 132 20.36 7.94 -67.97
N PRO A 133 20.61 7.24 -66.82
CA PRO A 133 20.40 5.77 -66.70
C PRO A 133 18.97 5.40 -66.25
N THR A 134 18.06 6.39 -66.23
CA THR A 134 16.65 6.20 -65.89
C THR A 134 15.79 6.26 -67.18
N ASN A 135 16.41 5.85 -68.32
CA ASN A 135 15.76 5.84 -69.63
C ASN A 135 16.10 4.53 -70.36
N ALA A 136 15.06 3.74 -70.62
CA ALA A 136 15.14 2.45 -71.33
C ALA A 136 15.20 2.63 -72.86
N ILE A 137 14.80 3.83 -73.33
CA ILE A 137 14.65 4.15 -74.77
C ILE A 137 16.02 4.14 -75.49
N TYR A 138 17.11 4.39 -74.75
CA TYR A 138 18.49 4.29 -75.30
C TYR A 138 18.82 2.84 -75.68
N TYR A 139 18.43 1.89 -74.81
CA TYR A 139 18.60 0.45 -75.05
C TYR A 139 17.65 -0.04 -76.16
N ALA A 140 16.41 0.48 -76.13
CA ALA A 140 15.35 0.08 -77.07
C ALA A 140 15.68 0.49 -78.52
N ASN A 141 16.23 1.71 -78.67
CA ASN A 141 16.55 2.29 -79.98
C ASN A 141 17.79 1.59 -80.56
N ARG A 142 18.77 1.28 -79.68
CA ARG A 142 20.00 0.57 -80.10
C ARG A 142 19.75 -0.95 -80.26
N ALA A 143 18.63 -1.45 -79.71
CA ALA A 143 18.18 -2.85 -79.92
C ALA A 143 17.67 -3.03 -81.35
N ALA A 144 17.10 -1.93 -81.90
CA ALA A 144 16.74 -1.84 -83.32
C ALA A 144 18.02 -1.81 -84.18
N ALA A 145 19.08 -1.16 -83.65
CA ALA A 145 20.42 -1.15 -84.30
C ALA A 145 21.05 -2.56 -84.32
N HIS A 146 20.90 -3.31 -83.20
CA HIS A 146 21.37 -4.70 -83.09
C HIS A 146 20.68 -5.58 -84.14
N SER A 147 19.35 -5.52 -84.19
CA SER A 147 18.54 -6.31 -85.13
C SER A 147 18.78 -5.90 -86.61
N SER A 148 19.22 -4.65 -86.83
CA SER A 148 19.65 -4.16 -88.16
C SER A 148 21.07 -4.69 -88.51
N LEU A 149 21.85 -5.07 -87.48
CA LEU A 149 23.15 -5.77 -87.63
C LEU A 149 22.93 -7.31 -87.61
N LYS A 150 21.70 -7.77 -87.94
CA LYS A 150 21.22 -9.20 -87.85
C LYS A 150 21.43 -9.85 -86.46
N GLU A 151 21.75 -9.04 -85.44
CA GLU A 151 21.93 -9.49 -84.05
C GLU A 151 20.54 -9.52 -83.36
N TYR A 152 19.70 -10.46 -83.82
CA TYR A 152 18.32 -10.62 -83.33
C TYR A 152 18.32 -11.29 -81.96
N ASP A 153 19.10 -12.38 -81.85
CA ASP A 153 19.28 -13.16 -80.61
C ASP A 153 19.97 -12.30 -79.52
N GLN A 154 20.80 -11.33 -79.97
CA GLN A 154 21.49 -10.38 -79.10
C GLN A 154 20.58 -9.18 -78.76
N ALA A 155 19.60 -8.89 -79.65
CA ALA A 155 18.58 -7.84 -79.41
C ALA A 155 17.55 -8.32 -78.39
N VAL A 156 17.45 -9.65 -78.17
CA VAL A 156 16.69 -10.26 -77.07
C VAL A 156 17.30 -9.86 -75.71
N LYS A 157 18.63 -9.98 -75.62
CA LYS A 157 19.40 -9.65 -74.40
C LYS A 157 19.40 -8.13 -74.14
N ASP A 158 19.46 -7.34 -75.23
CA ASP A 158 19.50 -5.87 -75.15
C ASP A 158 18.11 -5.28 -74.90
N ALA A 159 17.06 -6.02 -75.34
CA ALA A 159 15.67 -5.70 -75.01
C ALA A 159 15.46 -5.81 -73.50
N GLU A 160 16.04 -6.87 -72.89
CA GLU A 160 15.98 -7.11 -71.42
C GLU A 160 16.62 -5.96 -70.64
N SER A 161 17.65 -5.36 -71.24
CA SER A 161 18.38 -4.22 -70.66
C SER A 161 17.49 -2.95 -70.62
N ALA A 162 16.56 -2.84 -71.60
CA ALA A 162 15.52 -1.78 -71.61
C ALA A 162 14.44 -2.09 -70.55
N ILE A 163 13.92 -3.34 -70.61
CA ILE A 163 12.85 -3.87 -69.73
C ILE A 163 13.20 -3.69 -68.22
N SER A 164 14.50 -3.88 -67.90
CA SER A 164 15.04 -3.80 -66.53
C SER A 164 14.78 -2.41 -65.90
N ILE A 165 14.92 -1.35 -66.70
CA ILE A 165 14.64 0.03 -66.29
C ILE A 165 13.13 0.30 -66.33
N ASP A 166 12.55 0.18 -67.54
CA ASP A 166 11.16 0.56 -67.82
C ASP A 166 10.46 -0.59 -68.57
N PRO A 167 9.66 -1.43 -67.84
CA PRO A 167 8.87 -2.51 -68.48
C PRO A 167 7.59 -2.00 -69.17
N SER A 168 7.04 -0.87 -68.68
CA SER A 168 5.73 -0.34 -69.15
C SER A 168 5.87 0.39 -70.50
N TYR A 169 7.11 0.69 -70.92
CA TYR A 169 7.39 1.18 -72.29
C TYR A 169 7.29 -0.02 -73.26
N PHE A 170 6.08 -0.22 -73.85
CA PHE A 170 5.72 -1.46 -74.57
C PHE A 170 6.52 -1.64 -75.87
N ARG A 171 7.00 -0.53 -76.46
CA ARG A 171 7.82 -0.56 -77.68
C ARG A 171 9.25 -1.04 -77.39
N GLY A 172 9.72 -0.76 -76.16
CA GLY A 172 11.01 -1.28 -75.66
C GLY A 172 10.92 -2.74 -75.28
N TYR A 173 9.70 -3.16 -74.88
CA TYR A 173 9.39 -4.57 -74.57
C TYR A 173 9.16 -5.35 -75.88
N SER A 174 8.62 -4.66 -76.89
CA SER A 174 8.30 -5.22 -78.20
C SER A 174 9.57 -5.44 -79.03
N ARG A 175 10.73 -4.94 -78.54
CA ARG A 175 12.05 -5.27 -79.12
C ARG A 175 12.37 -6.76 -78.95
N LEU A 176 11.87 -7.36 -77.84
CA LEU A 176 11.94 -8.81 -77.58
C LEU A 176 11.15 -9.59 -78.66
N GLY A 177 10.01 -8.99 -79.08
CA GLY A 177 9.17 -9.52 -80.14
C GLY A 177 9.79 -9.34 -81.51
N PHE A 178 10.26 -8.11 -81.78
CA PHE A 178 10.80 -7.68 -83.09
C PHE A 178 12.07 -8.46 -83.45
N ALA A 179 12.82 -8.84 -82.40
CA ALA A 179 14.02 -9.67 -82.53
C ALA A 179 13.70 -10.97 -83.29
N LYS A 180 12.70 -11.70 -82.78
CA LYS A 180 12.30 -13.01 -83.32
C LYS A 180 11.44 -12.84 -84.59
N TYR A 181 10.58 -11.82 -84.58
CA TYR A 181 9.60 -11.51 -85.65
C TYR A 181 10.32 -11.19 -86.98
N ALA A 182 11.47 -10.49 -86.88
CA ALA A 182 12.32 -10.11 -88.04
C ALA A 182 13.44 -11.13 -88.29
N GLN A 183 13.59 -12.13 -87.39
CA GLN A 183 14.59 -13.23 -87.54
C GLN A 183 14.01 -14.38 -88.39
N GLY A 184 12.80 -14.19 -88.94
CA GLY A 184 12.08 -15.27 -89.63
C GLY A 184 11.49 -16.25 -88.66
N LYS A 185 11.14 -15.75 -87.45
CA LYS A 185 10.49 -16.52 -86.38
C LYS A 185 9.19 -15.79 -85.93
N PRO A 186 8.13 -15.74 -86.82
CA PRO A 186 6.86 -15.02 -86.52
C PRO A 186 6.10 -15.61 -85.32
N GLU A 187 5.82 -16.94 -85.38
CA GLU A 187 5.07 -17.67 -84.34
C GLU A 187 5.83 -17.65 -83.00
N GLU A 188 7.16 -17.52 -83.06
CA GLU A 188 8.04 -17.52 -81.89
C GLU A 188 7.90 -16.18 -81.11
N ALA A 189 7.73 -15.07 -81.87
CA ALA A 189 7.58 -13.70 -81.32
C ALA A 189 6.29 -13.53 -80.49
N LEU A 190 5.32 -14.46 -80.70
CA LEU A 190 4.02 -14.51 -79.99
C LEU A 190 4.17 -14.42 -78.44
N GLU A 191 5.21 -15.11 -77.92
CA GLU A 191 5.57 -15.11 -76.47
C GLU A 191 5.75 -13.69 -75.91
N ALA A 192 6.48 -12.86 -76.67
CA ALA A 192 6.88 -11.51 -76.24
C ALA A 192 5.69 -10.56 -76.21
N TYR A 193 4.80 -10.67 -77.21
CA TYR A 193 3.58 -9.83 -77.29
C TYR A 193 2.57 -10.25 -76.21
N LYS A 194 2.61 -11.55 -75.83
CA LYS A 194 1.84 -12.10 -74.70
C LYS A 194 2.32 -11.46 -73.38
N LYS A 195 3.62 -11.19 -73.31
CA LYS A 195 4.25 -10.61 -72.13
C LYS A 195 3.99 -9.09 -72.06
N VAL A 196 3.79 -8.45 -73.23
CA VAL A 196 3.32 -7.05 -73.32
C VAL A 196 1.86 -6.97 -72.80
N LEU A 197 1.08 -8.06 -73.00
CA LEU A 197 -0.28 -8.21 -72.43
C LEU A 197 -0.21 -8.33 -70.89
N ASP A 198 0.80 -9.07 -70.40
CA ASP A 198 0.99 -9.35 -68.96
C ASP A 198 1.43 -8.11 -68.14
N ILE A 199 1.90 -7.06 -68.84
CA ILE A 199 2.29 -5.78 -68.22
C ILE A 199 1.07 -5.12 -67.55
N GLU A 200 0.09 -4.72 -68.37
CA GLU A 200 -1.07 -3.92 -67.93
C GLU A 200 -2.40 -4.71 -68.00
N GLY A 201 -2.30 -6.02 -68.28
CA GLY A 201 -3.48 -6.89 -68.35
C GLY A 201 -4.32 -6.65 -69.61
N ASP A 202 -5.65 -6.59 -69.42
CA ASP A 202 -6.65 -6.43 -70.49
C ASP A 202 -6.64 -4.99 -71.07
N ASN A 203 -6.01 -4.05 -70.33
CA ASN A 203 -5.87 -2.63 -70.75
C ASN A 203 -4.91 -2.44 -71.95
N ALA A 204 -4.23 -3.53 -72.35
CA ALA A 204 -3.34 -3.55 -73.53
C ALA A 204 -4.10 -3.11 -74.82
N THR A 205 -3.48 -2.19 -75.60
CA THR A 205 -4.11 -1.60 -76.81
C THR A 205 -3.99 -2.54 -78.03
N GLU A 206 -4.49 -2.06 -79.18
CA GLU A 206 -4.41 -2.73 -80.50
C GLU A 206 -2.96 -3.12 -80.86
N ALA A 207 -2.02 -2.16 -80.73
CA ALA A 207 -0.61 -2.38 -81.08
C ALA A 207 0.04 -3.53 -80.26
N MET A 208 -0.57 -3.87 -79.13
CA MET A 208 -0.13 -4.98 -78.24
C MET A 208 -0.87 -6.30 -78.59
N LYS A 209 -2.20 -6.25 -78.43
CA LYS A 209 -3.08 -7.43 -78.46
C LYS A 209 -3.33 -7.91 -79.90
N ARG A 210 -3.73 -6.98 -80.78
CA ARG A 210 -3.99 -7.30 -82.21
C ARG A 210 -2.71 -7.85 -82.89
N ASP A 211 -1.54 -7.38 -82.40
CA ASP A 211 -0.20 -7.82 -82.89
C ASP A 211 0.20 -9.18 -82.26
N TYR A 212 -0.41 -9.53 -81.11
CA TYR A 212 -0.24 -10.85 -80.47
C TYR A 212 -0.71 -11.99 -81.41
N GLU A 213 -1.89 -11.81 -82.01
CA GLU A 213 -2.37 -12.73 -83.06
C GLU A 213 -1.47 -12.62 -84.29
N SER A 214 -1.24 -11.36 -84.75
CA SER A 214 -0.49 -11.04 -85.97
C SER A 214 0.96 -11.61 -85.98
N ALA A 215 1.45 -12.03 -84.81
CA ALA A 215 2.73 -12.74 -84.69
C ALA A 215 2.69 -14.06 -85.51
N LYS A 216 1.87 -15.02 -85.05
CA LYS A 216 1.68 -16.32 -85.72
C LYS A 216 0.86 -16.17 -87.01
N LYS A 217 -0.08 -15.22 -86.97
CA LYS A 217 -1.10 -15.07 -88.00
C LYS A 217 -0.51 -14.53 -89.30
N LYS A 218 0.58 -13.73 -89.22
CA LYS A 218 1.21 -13.11 -90.41
C LYS A 218 1.62 -14.19 -91.46
N VAL A 219 1.94 -15.41 -90.98
CA VAL A 219 2.31 -16.56 -91.82
C VAL A 219 1.10 -16.98 -92.70
N GLU A 220 -0.03 -17.18 -91.99
CA GLU A 220 -1.29 -17.67 -92.55
C GLU A 220 -1.91 -16.62 -93.49
N GLN A 221 -2.15 -15.42 -92.93
CA GLN A 221 -2.84 -14.31 -93.59
C GLN A 221 -2.04 -13.75 -94.77
N SER A 222 -0.70 -13.93 -94.80
CA SER A 222 0.15 -13.45 -95.93
C SER A 222 -0.37 -14.02 -97.27
N LEU A 223 -0.74 -15.31 -97.24
CA LEU A 223 -1.32 -16.02 -98.38
C LEU A 223 -2.86 -15.82 -98.38
N ASN A 224 -3.46 -15.87 -97.18
CA ASN A 224 -4.93 -15.97 -96.97
C ASN A 224 -5.65 -14.59 -97.01
N LEU A 225 -4.88 -13.48 -97.19
CA LEU A 225 -5.43 -12.10 -97.23
C LEU A 225 -6.04 -11.76 -98.61
N GLU A 226 -6.55 -12.80 -99.30
CA GLU A 226 -7.15 -12.70 -100.64
C GLU A 226 -8.28 -11.63 -100.61
N LYS A 227 -7.94 -10.45 -101.08
CA LYS A 227 -8.83 -9.30 -101.25
C LYS A 227 -8.37 -8.58 -102.53
N THR A 228 -8.93 -7.40 -102.83
CA THR A 228 -8.56 -6.63 -104.03
C THR A 228 -7.14 -6.00 -103.87
N VAL A 229 -6.11 -6.87 -104.06
CA VAL A 229 -4.65 -6.60 -103.89
C VAL A 229 -4.30 -5.54 -102.78
N PRO A 230 -4.40 -5.92 -101.47
CA PRO A 230 -4.06 -5.02 -100.33
C PRO A 230 -2.56 -5.14 -99.91
N GLU A 231 -1.72 -4.32 -100.56
CA GLU A 231 -0.26 -4.31 -100.32
C GLU A 231 0.12 -3.19 -99.33
N GLN A 232 -0.05 -1.93 -99.76
CA GLN A 232 0.35 -0.73 -98.99
C GLN A 232 -0.82 -0.22 -98.13
N SER A 233 -1.58 -1.16 -97.53
CA SER A 233 -2.72 -0.86 -96.65
C SER A 233 -2.27 -0.86 -95.17
N ARG A 234 -1.04 -0.36 -94.95
CA ARG A 234 -0.34 -0.40 -93.64
C ARG A 234 -1.05 0.50 -92.58
N ASP A 235 -1.29 -0.10 -91.40
CA ASP A 235 -2.08 0.50 -90.30
C ASP A 235 -1.30 1.59 -89.55
N ALA A 236 -0.03 1.28 -89.23
CA ALA A 236 0.84 2.13 -88.38
C ALA A 236 1.08 3.54 -88.98
N ASP A 237 0.92 3.65 -90.31
CA ASP A 237 1.09 4.90 -91.05
C ASP A 237 -0.03 5.89 -90.72
N VAL A 238 -1.28 5.39 -90.70
CA VAL A 238 -2.48 6.21 -90.42
C VAL A 238 -2.42 6.82 -89.00
N ASP A 239 -1.83 6.04 -88.07
CA ASP A 239 -1.54 6.48 -86.69
C ASP A 239 -0.53 7.66 -86.70
N ALA A 240 0.56 7.47 -87.46
CA ALA A 240 1.66 8.44 -87.56
C ALA A 240 1.21 9.74 -88.25
N SER A 241 0.98 9.67 -89.57
CA SER A 241 0.56 10.81 -90.40
C SER A 241 -0.61 10.40 -91.30
N GLN A 242 -1.61 11.28 -91.40
CA GLN A 242 -2.83 11.08 -92.20
C GLN A 242 -3.54 12.43 -92.40
N GLY A 243 -3.71 13.13 -91.28
CA GLY A 243 -4.31 14.46 -91.25
C GLY A 243 -4.33 14.98 -89.83
N ALA A 244 -4.61 16.27 -89.67
CA ALA A 244 -4.59 16.96 -88.35
C ALA A 244 -5.89 16.73 -87.52
N SER A 245 -6.66 15.68 -87.88
CA SER A 245 -7.98 15.34 -87.32
C SER A 245 -9.02 16.47 -87.56
N ALA A 246 -9.01 17.49 -86.70
CA ALA A 246 -9.88 18.68 -86.83
C ALA A 246 -9.11 19.97 -86.50
N GLY A 247 -7.79 19.83 -86.29
CA GLY A 247 -6.92 20.95 -85.94
C GLY A 247 -7.27 21.56 -84.58
N GLY A 248 -7.59 22.86 -84.59
CA GLY A 248 -7.98 23.57 -83.37
C GLY A 248 -7.68 25.05 -83.51
N LEU A 249 -8.72 25.85 -83.85
CA LEU A 249 -8.58 27.30 -84.07
C LEU A 249 -8.24 28.01 -82.73
N PRO A 250 -7.00 28.57 -82.58
CA PRO A 250 -6.59 29.21 -81.31
C PRO A 250 -7.20 30.62 -81.17
N ASP A 251 -7.65 30.94 -79.96
CA ASP A 251 -8.17 32.28 -79.62
C ASP A 251 -7.01 33.20 -79.24
N LEU A 252 -6.28 33.60 -80.29
CA LEU A 252 -5.08 34.43 -80.19
C LEU A 252 -5.46 35.83 -79.67
N GLY A 253 -6.45 36.44 -80.35
CA GLY A 253 -7.00 37.74 -79.95
C GLY A 253 -8.16 37.61 -78.97
N SER A 254 -7.89 36.91 -77.85
CA SER A 254 -8.80 36.78 -76.72
C SER A 254 -8.01 36.92 -75.40
N LEU A 255 -6.80 37.51 -75.50
CA LEU A 255 -5.90 37.74 -74.37
C LEU A 255 -6.50 38.85 -73.47
N LEU A 256 -6.77 40.02 -74.10
CA LEU A 256 -7.45 41.18 -73.48
C LEU A 256 -6.87 41.54 -72.08
N GLY A 257 -5.62 42.02 -72.09
CA GLY A 257 -4.90 42.37 -70.86
C GLY A 257 -4.24 41.15 -70.17
N GLY A 258 -4.54 39.94 -70.66
CA GLY A 258 -3.98 38.68 -70.12
C GLY A 258 -4.77 38.16 -68.94
N GLY A 259 -6.10 38.01 -69.13
CA GLY A 259 -7.00 37.60 -68.05
C GLY A 259 -7.34 38.76 -67.12
N LEU A 260 -7.58 39.93 -67.73
CA LEU A 260 -7.91 41.19 -67.04
C LEU A 260 -9.37 41.13 -66.52
N GLY A 261 -10.31 40.84 -67.43
CA GLY A 261 -11.73 40.70 -67.09
C GLY A 261 -12.32 39.38 -67.57
N GLY A 262 -11.46 38.54 -68.21
CA GLY A 262 -11.87 37.28 -68.85
C GLY A 262 -12.48 36.28 -67.88
N LEU A 263 -13.83 36.23 -67.88
CA LEU A 263 -14.68 35.37 -67.00
C LEU A 263 -14.51 35.70 -65.50
N MET A 264 -13.77 36.78 -65.19
CA MET A 264 -13.46 37.15 -63.80
C MET A 264 -14.58 38.09 -63.30
N ASN A 265 -15.58 37.48 -62.66
CA ASN A 265 -16.63 38.21 -61.94
C ASN A 265 -16.36 38.05 -60.44
N ASN A 266 -16.45 36.79 -59.96
CA ASN A 266 -16.33 36.42 -58.53
C ASN A 266 -17.20 37.34 -57.64
N PRO A 267 -18.57 37.18 -57.66
CA PRO A 267 -19.50 38.08 -56.95
C PRO A 267 -19.62 37.79 -55.43
N GLN A 268 -18.56 37.17 -54.87
CA GLN A 268 -18.44 36.88 -53.44
C GLN A 268 -18.29 38.16 -52.60
N LEU A 269 -17.85 39.27 -53.24
CA LEU A 269 -17.72 40.58 -52.56
C LEU A 269 -19.12 41.28 -52.46
N MET A 270 -20.15 40.68 -53.10
CA MET A 270 -21.53 41.23 -53.10
C MET A 270 -22.37 40.62 -51.95
N GLN A 271 -23.20 39.59 -52.26
CA GLN A 271 -24.27 39.07 -51.37
C GLN A 271 -25.03 40.23 -50.64
N ALA A 272 -24.77 40.41 -49.33
CA ALA A 272 -25.44 41.43 -48.49
C ALA A 272 -24.74 42.81 -48.58
N ALA A 273 -24.13 43.13 -49.74
CA ALA A 273 -23.43 44.42 -49.96
C ALA A 273 -24.42 45.59 -49.90
N GLN A 274 -25.45 45.55 -50.77
CA GLN A 274 -26.59 46.49 -50.68
C GLN A 274 -27.51 46.08 -49.51
N LYS A 275 -27.75 44.75 -49.43
CA LYS A 275 -28.59 44.11 -48.39
C LYS A 275 -30.07 44.56 -48.52
N MET A 276 -30.39 45.69 -47.88
CA MET A 276 -31.76 46.23 -47.81
C MET A 276 -31.67 47.57 -47.04
N MET A 277 -31.97 48.67 -47.75
CA MET A 277 -31.90 50.03 -47.18
C MET A 277 -33.26 50.74 -47.31
N SER A 278 -33.79 50.79 -48.56
CA SER A 278 -35.07 51.46 -48.89
C SER A 278 -35.09 52.94 -48.39
N ASN A 279 -36.28 53.49 -48.10
CA ASN A 279 -36.44 54.74 -47.32
C ASN A 279 -37.41 54.47 -46.14
N PRO A 280 -36.90 53.93 -44.98
CA PRO A 280 -37.74 53.62 -43.81
C PRO A 280 -38.01 54.86 -42.93
N GLY A 281 -39.10 54.81 -42.15
CA GLY A 281 -39.44 55.87 -41.22
C GLY A 281 -40.44 56.87 -41.80
N ALA A 282 -40.02 57.54 -42.89
CA ALA A 282 -40.79 58.65 -43.53
C ALA A 282 -41.00 59.83 -42.54
N MET A 283 -41.86 60.81 -42.90
CA MET A 283 -42.18 61.97 -42.04
C MET A 283 -43.45 61.69 -41.19
N GLN A 284 -43.94 60.42 -41.23
CA GLN A 284 -45.04 59.88 -40.40
C GLN A 284 -46.42 60.51 -40.77
N ASN A 285 -46.62 61.80 -40.39
CA ASN A 285 -47.85 62.58 -40.70
C ASN A 285 -49.11 61.98 -40.04
N ILE A 286 -48.98 61.54 -38.77
CA ILE A 286 -50.12 60.94 -38.03
C ILE A 286 -51.09 62.03 -37.49
N GLN A 287 -50.52 63.20 -37.11
CA GLN A 287 -51.28 64.30 -36.47
C GLN A 287 -52.28 64.92 -37.48
N LYS A 288 -53.52 64.42 -37.46
CA LYS A 288 -54.61 64.91 -38.30
C LYS A 288 -55.73 65.48 -37.40
N MET A 289 -56.39 64.59 -36.63
CA MET A 289 -57.43 64.99 -35.67
C MET A 289 -56.76 65.52 -34.39
N MET A 290 -56.95 66.84 -34.12
CA MET A 290 -56.50 67.50 -32.88
C MET A 290 -56.94 68.97 -32.90
N GLN A 291 -58.14 69.25 -32.37
CA GLN A 291 -58.60 70.61 -32.09
C GLN A 291 -57.90 71.10 -30.81
N ASP A 292 -58.38 70.60 -29.67
CA ASP A 292 -57.90 71.00 -28.34
C ASP A 292 -58.37 69.91 -27.32
N PRO A 293 -57.97 69.98 -25.99
CA PRO A 293 -58.53 69.11 -24.93
C PRO A 293 -60.06 68.90 -25.04
N SER A 294 -60.43 67.69 -25.51
CA SER A 294 -61.82 67.29 -25.82
C SER A 294 -62.77 67.29 -24.61
N ILE A 295 -62.18 67.39 -23.42
CA ILE A 295 -62.88 67.53 -22.13
C ILE A 295 -63.79 68.79 -22.11
N ARG A 296 -63.32 69.88 -22.77
CA ARG A 296 -64.04 71.17 -22.81
C ARG A 296 -64.00 71.77 -24.24
N GLN A 297 -63.60 70.94 -25.23
CA GLN A 297 -63.64 71.31 -26.66
C GLN A 297 -65.07 71.71 -27.05
N MET A 298 -66.00 70.76 -26.86
CA MET A 298 -67.45 70.96 -27.09
C MET A 298 -68.22 70.17 -25.99
N ALA A 299 -68.20 70.71 -24.76
CA ALA A 299 -68.87 70.12 -23.59
C ALA A 299 -70.27 70.75 -23.36
N GLU A 300 -70.66 71.69 -24.27
CA GLU A 300 -71.92 72.45 -24.20
C GLU A 300 -71.98 73.34 -22.94
N GLY A 301 -70.82 73.54 -22.29
CA GLY A 301 -70.73 74.26 -21.03
C GLY A 301 -71.02 73.36 -19.83
N PHE A 302 -72.24 72.78 -19.81
CA PHE A 302 -72.82 72.03 -18.67
C PHE A 302 -73.16 72.97 -17.49
N ALA A 303 -72.11 73.62 -16.93
CA ALA A 303 -72.21 74.59 -15.81
C ALA A 303 -72.62 73.86 -14.50
N SER A 304 -73.93 73.65 -14.32
CA SER A 304 -74.46 72.80 -13.23
C SER A 304 -74.49 71.35 -13.72
N GLY A 305 -75.11 71.14 -14.90
CA GLY A 305 -75.19 69.81 -15.53
C GLY A 305 -75.99 68.81 -14.70
N GLY A 306 -77.12 69.27 -14.14
CA GLY A 306 -77.97 68.44 -13.27
C GLY A 306 -78.94 69.29 -12.48
N GLY A 307 -78.39 70.33 -11.81
CA GLY A 307 -79.18 71.23 -10.98
C GLY A 307 -79.94 72.27 -11.81
N THR A 308 -81.22 71.98 -12.09
CA THR A 308 -82.14 72.92 -12.75
C THR A 308 -82.81 73.81 -11.67
N PRO A 309 -83.04 75.13 -11.93
CA PRO A 309 -83.73 76.03 -10.97
C PRO A 309 -85.19 75.58 -10.72
N ASN A 310 -85.55 75.35 -9.45
CA ASN A 310 -86.95 75.04 -9.06
C ASN A 310 -87.67 76.37 -8.81
N LEU A 311 -88.20 76.96 -9.89
CA LEU A 311 -89.06 78.16 -9.81
C LEU A 311 -90.54 77.74 -9.69
N SER A 312 -90.84 76.48 -10.06
CA SER A 312 -92.22 75.94 -10.15
C SER A 312 -92.99 75.96 -8.82
N ASP A 313 -92.25 76.11 -7.71
CA ASP A 313 -92.81 76.15 -6.35
C ASP A 313 -93.72 77.40 -6.14
N LEU A 314 -93.54 78.44 -6.99
CA LEU A 314 -94.36 79.68 -6.96
C LEU A 314 -95.87 79.40 -7.11
N MET A 315 -96.21 78.25 -7.72
CA MET A 315 -97.60 77.83 -7.97
C MET A 315 -98.34 77.61 -6.64
N ASN A 316 -97.62 77.01 -5.64
CA ASN A 316 -98.07 76.91 -4.22
C ASN A 316 -99.37 76.05 -4.08
N ASN A 317 -99.82 75.83 -2.83
CA ASN A 317 -101.12 75.17 -2.56
C ASN A 317 -102.27 76.18 -2.83
N PRO A 318 -103.31 75.79 -3.65
CA PRO A 318 -104.53 76.62 -3.83
C PRO A 318 -105.28 76.77 -2.50
N ALA A 319 -105.18 77.97 -1.90
CA ALA A 319 -105.72 78.29 -0.55
C ALA A 319 -107.26 78.22 -0.50
N LEU A 320 -107.90 78.34 -1.66
CA LEU A 320 -109.36 78.27 -1.80
C LEU A 320 -109.89 76.84 -1.54
N ARG A 321 -109.04 75.82 -1.75
CA ARG A 321 -109.39 74.41 -1.47
C ARG A 321 -109.69 74.25 0.03
N ASN A 322 -108.68 74.53 0.87
CA ASN A 322 -108.82 74.60 2.33
C ASN A 322 -107.52 75.15 2.93
N MET A 323 -107.49 76.48 3.14
CA MET A 323 -106.39 77.19 3.79
C MET A 323 -106.90 78.61 4.13
N ALA A 324 -107.46 78.72 5.36
CA ALA A 324 -108.22 79.89 5.85
C ALA A 324 -109.51 80.07 5.00
N GLY A 325 -109.40 80.82 3.87
CA GLY A 325 -110.49 81.04 2.92
C GLY A 325 -111.77 81.53 3.59
N ASN A 326 -112.76 80.63 3.66
CA ASN A 326 -114.04 80.85 4.35
C ASN A 326 -114.66 79.47 4.64
N LEU A 327 -114.55 79.03 5.90
CA LEU A 327 -115.11 77.75 6.36
C LEU A 327 -116.60 77.96 6.73
N PHE A 328 -116.92 79.17 7.23
CA PHE A 328 -118.28 79.50 7.67
C PHE A 328 -119.25 79.49 6.47
N GLY A 329 -120.12 78.46 6.46
CA GLY A 329 -121.17 78.31 5.45
C GLY A 329 -122.56 78.42 6.05
N GLY A 330 -122.68 79.28 7.09
CA GLY A 330 -123.94 79.49 7.80
C GLY A 330 -124.14 78.49 8.94
N ALA A 331 -124.51 77.26 8.56
CA ALA A 331 -124.80 76.13 9.47
C ALA A 331 -125.86 76.51 10.55
N GLY A 332 -125.38 77.01 11.70
CA GLY A 332 -126.26 77.35 12.84
C GLY A 332 -126.59 78.83 12.92
N ALA A 333 -126.60 79.50 11.76
CA ALA A 333 -126.86 80.96 11.66
C ALA A 333 -128.34 81.28 11.95
N GLN A 334 -129.22 80.27 11.80
CA GLN A 334 -130.64 80.37 12.17
C GLN A 334 -130.84 79.89 13.62
N SER A 335 -131.33 80.78 14.48
CA SER A 335 -131.75 80.43 15.85
C SER A 335 -133.19 79.90 15.81
N THR A 336 -133.33 78.61 15.45
CA THR A 336 -134.63 77.93 15.31
C THR A 336 -135.22 77.55 16.68
N ASP A 337 -134.34 77.41 17.69
CA ASP A 337 -134.71 77.12 19.09
C ASP A 337 -135.17 78.39 19.83
N GLU A 338 -135.17 79.54 19.13
CA GLU A 338 -135.58 80.85 19.69
C GLU A 338 -137.07 80.83 20.04
N THR A 339 -137.90 80.46 19.04
CA THR A 339 -139.37 80.52 19.10
C THR A 339 -139.94 79.62 20.25
N PRO A 340 -140.38 80.22 21.42
CA PRO A 340 -140.90 79.46 22.58
C PRO A 340 -142.46 79.33 22.59
N ASP A 341 -142.95 78.11 22.85
CA ASP A 341 -144.39 77.83 22.95
C ASP A 341 -144.88 78.23 24.35
N ASN A 342 -145.72 79.27 24.43
CA ASN A 342 -146.27 79.80 25.70
C ASN A 342 -147.74 79.38 25.83
N GLU A 343 -148.01 78.44 26.76
CA GLU A 343 -149.35 77.93 27.10
C GLU A 343 -150.16 77.49 25.83
N ASN A 344 -151.13 78.35 25.37
CA ASN A 344 -152.06 78.09 24.23
C ASN A 344 -153.15 79.18 24.20
N LYS A 345 -153.79 79.37 23.02
CA LYS A 345 -154.84 80.40 22.78
C LYS A 345 -154.31 81.82 23.05
N GLN A 346 -153.78 82.45 21.99
CA GLN A 346 -153.09 83.78 22.03
C GLN A 346 -151.84 83.72 22.93
N TYR A 347 -151.31 82.49 23.11
CA TYR A 347 -150.13 82.17 23.93
C TYR A 347 -150.24 82.73 25.37
N MET B 1 0.73 10.19 -2.05
CA MET B 1 -0.44 10.69 -2.81
C MET B 1 -0.61 9.84 -4.07
N SER B 2 0.42 9.85 -4.93
CA SER B 2 0.55 8.88 -6.03
C SER B 2 1.29 7.65 -5.47
N ALA B 3 0.50 6.73 -4.86
CA ALA B 3 0.98 5.60 -4.00
C ALA B 3 1.62 6.13 -2.71
N SER B 4 2.10 5.21 -1.84
CA SER B 4 2.80 5.59 -0.60
C SER B 4 4.30 5.84 -0.83
N LYS B 5 4.79 5.51 -2.07
CA LYS B 5 6.19 5.70 -2.58
C LYS B 5 7.28 4.83 -1.90
N GLU B 6 7.17 4.60 -0.56
CA GLU B 6 8.07 3.70 0.20
C GLU B 6 7.90 2.24 -0.26
N GLU B 7 6.63 1.88 -0.60
CA GLU B 7 6.26 0.57 -1.20
C GLU B 7 7.02 0.35 -2.51
N ILE B 8 7.03 1.42 -3.35
CA ILE B 8 7.71 1.43 -4.65
C ILE B 8 9.23 1.26 -4.44
N ALA B 9 9.80 2.01 -3.48
CA ALA B 9 11.24 1.97 -3.15
C ALA B 9 11.70 0.55 -2.76
N ALA B 10 10.87 -0.12 -1.94
CA ALA B 10 11.10 -1.50 -1.50
C ALA B 10 10.92 -2.50 -2.66
N LEU B 11 9.99 -2.15 -3.57
CA LEU B 11 9.66 -2.95 -4.77
C LEU B 11 10.82 -2.86 -5.80
N ILE B 12 11.53 -1.70 -5.84
CA ILE B 12 12.65 -1.48 -6.78
C ILE B 12 13.78 -2.47 -6.49
N VAL B 13 14.29 -2.45 -5.25
CA VAL B 13 15.42 -3.31 -4.85
C VAL B 13 15.04 -4.81 -4.88
N ASN B 14 13.72 -5.10 -4.83
CA ASN B 14 13.16 -6.47 -4.88
C ASN B 14 13.03 -6.98 -6.33
N TYR B 15 12.52 -6.10 -7.21
CA TYR B 15 12.17 -6.43 -8.59
C TYR B 15 13.42 -6.43 -9.47
N PHE B 16 14.29 -5.43 -9.23
CA PHE B 16 15.62 -5.31 -9.88
C PHE B 16 16.55 -6.45 -9.44
N SER B 17 16.34 -6.96 -8.21
CA SER B 17 17.00 -8.19 -7.73
C SER B 17 16.59 -9.39 -8.62
N SER B 18 15.29 -9.40 -9.01
CA SER B 18 14.70 -10.40 -9.90
C SER B 18 14.91 -10.05 -11.41
N ILE B 19 15.76 -9.03 -11.69
CA ILE B 19 16.21 -8.67 -13.06
C ILE B 19 17.71 -9.01 -13.22
N VAL B 20 18.52 -8.60 -12.22
CA VAL B 20 19.99 -8.65 -12.31
C VAL B 20 20.52 -10.08 -12.11
N GLU B 21 19.98 -10.80 -11.09
CA GLU B 21 20.38 -12.18 -10.77
C GLU B 21 19.69 -13.16 -11.73
N LYS B 22 18.48 -12.76 -12.19
CA LYS B 22 17.71 -13.50 -13.21
C LYS B 22 18.39 -13.34 -14.61
N LYS B 23 19.26 -12.30 -14.71
CA LYS B 23 20.05 -11.98 -15.93
C LYS B 23 19.13 -11.60 -17.10
N GLU B 24 17.96 -11.00 -16.75
CA GLU B 24 17.04 -10.34 -17.71
C GLU B 24 17.78 -9.23 -18.50
N ILE B 25 18.76 -8.64 -17.82
CA ILE B 25 19.66 -7.63 -18.38
C ILE B 25 21.10 -8.18 -18.30
N SER B 26 21.98 -7.75 -19.23
CA SER B 26 23.42 -8.10 -19.22
C SER B 26 24.09 -7.49 -17.96
N GLU B 27 25.19 -8.12 -17.49
CA GLU B 27 25.94 -7.66 -16.29
C GLU B 27 26.42 -6.20 -16.43
N ASP B 28 26.65 -5.78 -17.70
CA ASP B 28 26.94 -4.39 -18.08
C ASP B 28 25.93 -3.43 -17.42
N GLY B 29 24.65 -3.73 -17.60
CA GLY B 29 23.57 -2.95 -17.04
C GLY B 29 23.16 -3.40 -15.64
N ALA B 30 23.43 -4.68 -15.29
CA ALA B 30 22.98 -5.28 -14.02
C ALA B 30 23.68 -4.64 -12.82
N ASP B 31 24.98 -4.38 -12.96
CA ASP B 31 25.78 -3.69 -11.94
C ASP B 31 25.47 -2.18 -11.93
N SER B 32 25.03 -1.65 -13.10
CA SER B 32 24.53 -0.26 -13.23
C SER B 32 23.17 -0.09 -12.50
N LEU B 33 22.42 -1.21 -12.40
CA LEU B 33 21.16 -1.27 -11.65
C LEU B 33 21.43 -1.37 -10.15
N ASN B 34 22.46 -2.15 -9.76
CA ASN B 34 22.80 -2.40 -8.34
C ASN B 34 23.24 -1.11 -7.63
N VAL B 35 24.05 -0.29 -8.33
CA VAL B 35 24.52 1.01 -7.81
C VAL B 35 23.35 2.03 -7.74
N ALA B 36 22.37 1.89 -8.64
CA ALA B 36 21.14 2.70 -8.66
C ALA B 36 20.24 2.34 -7.47
N MET B 37 20.12 1.02 -7.22
CA MET B 37 19.33 0.44 -6.12
C MET B 37 19.87 0.91 -4.76
N ASP B 38 21.22 0.96 -4.66
CA ASP B 38 21.96 1.38 -3.46
C ASP B 38 21.69 2.86 -3.14
N CYS B 39 21.68 3.70 -4.20
CA CYS B 39 21.36 5.13 -4.09
C CYS B 39 19.93 5.33 -3.52
N ILE B 40 18.97 4.53 -4.03
CA ILE B 40 17.56 4.55 -3.60
C ILE B 40 17.42 4.02 -2.16
N SER B 41 18.27 3.03 -1.80
CA SER B 41 18.29 2.40 -0.46
C SER B 41 18.67 3.41 0.63
N GLU B 42 19.61 4.33 0.29
CA GLU B 42 20.12 5.36 1.23
C GLU B 42 19.34 6.69 1.09
N ALA B 43 18.63 6.86 -0.05
CA ALA B 43 17.80 8.07 -0.32
C ALA B 43 16.60 8.13 0.63
N PHE B 44 15.94 6.98 0.79
CA PHE B 44 14.84 6.80 1.75
C PHE B 44 15.38 6.29 3.10
N GLY B 45 16.53 5.59 3.04
CA GLY B 45 17.22 5.10 4.23
C GLY B 45 16.54 3.85 4.82
N PHE B 46 16.13 2.92 3.95
CA PHE B 46 15.44 1.67 4.37
C PHE B 46 16.39 0.46 4.30
N GLU B 47 15.99 -0.63 4.97
CA GLU B 47 16.73 -1.90 5.01
C GLU B 47 16.37 -2.74 3.77
N ARG B 48 17.41 -3.08 2.98
CA ARG B 48 17.31 -3.83 1.70
C ARG B 48 16.62 -5.23 1.86
N GLU B 49 16.68 -5.79 3.08
CA GLU B 49 16.18 -7.15 3.37
C GLU B 49 14.78 -7.11 4.03
N ALA B 50 14.53 -6.05 4.83
CA ALA B 50 13.22 -5.84 5.51
C ALA B 50 12.17 -5.24 4.56
N VAL B 51 12.50 -5.22 3.26
CA VAL B 51 11.57 -4.85 2.19
C VAL B 51 10.41 -5.86 2.06
N SER B 52 10.60 -7.08 2.59
CA SER B 52 9.52 -8.08 2.71
C SER B 52 8.45 -7.59 3.70
N GLY B 53 8.91 -6.89 4.76
CA GLY B 53 8.01 -6.25 5.74
C GLY B 53 7.22 -5.10 5.13
N ILE B 54 7.90 -4.28 4.30
CA ILE B 54 7.32 -3.10 3.62
C ILE B 54 6.33 -3.55 2.51
N LEU B 55 6.70 -4.61 1.78
CA LEU B 55 5.87 -5.22 0.72
C LEU B 55 4.84 -6.20 1.30
N GLY B 56 4.81 -6.32 2.65
CA GLY B 56 3.70 -6.96 3.36
C GLY B 56 2.43 -6.11 3.31
N LYS B 57 2.58 -4.82 2.93
CA LYS B 57 1.49 -3.86 2.78
C LYS B 57 1.28 -3.50 1.28
N SER B 58 1.77 -4.37 0.36
CA SER B 58 1.82 -4.10 -1.10
C SER B 58 0.42 -3.81 -1.71
N GLU B 59 0.02 -2.53 -1.69
CA GLU B 59 -1.26 -2.03 -2.24
C GLU B 59 -1.00 -0.96 -3.30
N PHE B 60 0.11 -0.20 -3.12
CA PHE B 60 0.50 0.95 -3.94
C PHE B 60 -0.63 2.00 -3.90
N LYS B 61 -1.58 1.89 -4.84
CA LYS B 61 -2.90 2.57 -4.77
C LYS B 61 -3.71 2.12 -6.00
N GLY B 62 -3.02 2.00 -7.14
CA GLY B 62 -3.60 1.53 -8.39
C GLY B 62 -3.27 0.07 -8.64
N GLN B 63 -1.99 -0.32 -8.44
CA GLN B 63 -1.48 -1.68 -8.76
C GLN B 63 -2.16 -2.76 -7.90
N HIS B 64 -1.87 -2.72 -6.57
CA HIS B 64 -2.26 -3.76 -5.60
C HIS B 64 -1.59 -5.10 -5.97
N LEU B 65 -2.25 -5.87 -6.84
CA LEU B 65 -1.78 -7.16 -7.37
C LEU B 65 -2.16 -7.25 -8.86
N ALA B 66 -1.74 -8.35 -9.52
CA ALA B 66 -2.01 -8.66 -10.95
C ALA B 66 -1.10 -7.85 -11.92
N ASP B 67 -0.87 -6.57 -11.59
CA ASP B 67 0.13 -5.72 -12.29
C ASP B 67 1.54 -6.27 -12.08
N ILE B 68 1.80 -6.67 -10.83
CA ILE B 68 3.05 -7.30 -10.40
C ILE B 68 2.71 -8.64 -9.73
N LEU B 69 3.08 -9.75 -10.38
CA LEU B 69 2.85 -11.12 -9.87
C LEU B 69 3.88 -11.47 -8.76
N ASN B 70 4.94 -10.66 -8.64
CA ASN B 70 6.01 -10.87 -7.64
C ASN B 70 5.53 -10.39 -6.25
N SER B 71 5.19 -11.35 -5.37
CA SER B 71 4.76 -11.08 -3.97
C SER B 71 5.30 -12.18 -3.04
N ALA B 72 5.00 -13.44 -3.39
CA ALA B 72 5.36 -14.61 -2.57
C ALA B 72 5.48 -15.88 -3.44
N SER B 73 6.08 -16.92 -2.88
CA SER B 73 6.15 -18.25 -3.50
C SER B 73 5.99 -19.30 -2.39
N ARG B 74 4.99 -20.19 -2.52
CA ARG B 74 4.70 -21.22 -1.51
C ARG B 74 5.77 -22.33 -1.52
N VAL B 75 6.08 -22.87 -0.33
CA VAL B 75 7.05 -23.97 -0.16
C VAL B 75 6.39 -25.32 -0.58
N PRO B 76 7.19 -26.40 -0.86
CA PRO B 76 6.65 -27.77 -1.07
C PRO B 76 5.67 -28.21 0.04
N GLU B 77 4.66 -29.02 -0.35
CA GLU B 77 3.52 -29.40 0.52
C GLU B 77 3.93 -30.41 1.62
N SER B 78 5.22 -30.83 1.61
CA SER B 78 5.90 -31.60 2.68
C SER B 78 5.60 -33.11 2.62
N ASN B 79 4.29 -33.46 2.64
CA ASN B 79 3.79 -34.85 2.66
C ASN B 79 4.36 -35.69 1.48
N LYS B 80 4.86 -36.89 1.80
CA LYS B 80 5.43 -37.82 0.81
C LYS B 80 4.84 -39.23 1.03
N LYS B 81 5.22 -39.87 2.16
CA LYS B 81 4.73 -41.21 2.55
C LYS B 81 4.28 -41.19 4.02
N ASP B 82 5.10 -41.77 4.94
CA ASP B 82 4.78 -41.91 6.38
C ASP B 82 3.52 -42.80 6.62
N ASP B 83 3.08 -43.54 5.57
CA ASP B 83 1.85 -44.36 5.59
C ASP B 83 2.13 -45.77 6.16
N ALA B 84 2.46 -45.83 7.48
CA ALA B 84 2.66 -47.08 8.26
C ALA B 84 3.92 -47.90 7.86
N GLU B 85 4.57 -47.51 6.74
CA GLU B 85 5.74 -48.19 6.15
C GLU B 85 5.45 -49.63 5.65
N ASN B 86 4.17 -50.08 5.75
CA ASN B 86 3.64 -51.38 5.23
C ASN B 86 4.11 -52.63 6.01
N VAL B 87 5.38 -52.65 6.45
CA VAL B 87 5.99 -53.83 7.10
C VAL B 87 5.32 -54.14 8.45
N GLU B 88 4.79 -55.36 8.53
CA GLU B 88 4.16 -55.93 9.71
C GLU B 88 4.67 -57.38 9.85
N ILE B 89 4.74 -58.06 8.67
CA ILE B 89 5.09 -59.48 8.53
C ILE B 89 3.93 -60.35 9.07
N ASN B 90 3.97 -60.69 10.38
CA ASN B 90 3.01 -61.57 11.10
C ASN B 90 3.66 -62.00 12.43
N ILE B 91 2.84 -62.24 13.48
CA ILE B 91 3.34 -62.70 14.79
C ILE B 91 3.78 -64.20 14.72
N PRO B 92 2.90 -65.19 14.25
CA PRO B 92 3.36 -66.57 13.96
C PRO B 92 4.18 -66.64 12.65
N GLU B 93 5.51 -66.54 12.79
CA GLU B 93 6.47 -66.67 11.68
C GLU B 93 6.62 -68.14 11.24
N ASP B 94 6.81 -69.02 12.24
CA ASP B 94 7.01 -70.48 12.03
C ASP B 94 5.79 -71.27 12.58
N ASP B 95 5.99 -72.60 12.75
CA ASP B 95 4.96 -73.53 13.27
C ASP B 95 4.55 -73.16 14.71
N ALA B 96 3.44 -72.43 14.81
CA ALA B 96 2.74 -72.12 16.08
C ALA B 96 1.45 -72.98 16.21
N GLU B 97 1.24 -73.90 15.25
CA GLU B 97 0.00 -74.70 15.12
C GLU B 97 -0.13 -75.78 16.22
N THR B 98 0.99 -76.06 16.93
CA THR B 98 1.12 -77.18 17.92
C THR B 98 -0.05 -77.29 18.93
N LYS B 99 -0.75 -76.15 19.17
CA LYS B 99 -1.92 -76.09 20.06
C LYS B 99 -3.04 -77.02 19.53
N ALA B 100 -3.58 -76.67 18.34
CA ALA B 100 -4.68 -77.41 17.68
C ALA B 100 -4.17 -78.71 17.02
N LYS B 101 -2.86 -78.74 16.71
CA LYS B 101 -2.20 -79.88 16.04
C LYS B 101 -2.13 -81.11 16.95
N ALA B 102 -1.86 -80.86 18.26
CA ALA B 102 -1.88 -81.92 19.29
C ALA B 102 -3.30 -82.50 19.44
N GLU B 103 -4.29 -81.57 19.42
CA GLU B 103 -5.72 -81.87 19.53
C GLU B 103 -6.23 -82.70 18.32
N ASP B 104 -5.66 -82.42 17.12
CA ASP B 104 -6.04 -83.09 15.85
C ASP B 104 -5.85 -84.60 15.95
N LEU B 105 -4.65 -84.99 16.38
CA LEU B 105 -4.22 -86.40 16.50
C LEU B 105 -4.86 -87.07 17.72
N LYS B 106 -5.17 -86.26 18.75
CA LYS B 106 -5.79 -86.72 20.00
C LYS B 106 -7.27 -87.10 19.74
N MET B 107 -7.95 -86.27 18.92
CA MET B 107 -9.37 -86.50 18.52
C MET B 107 -9.46 -87.61 17.46
N GLN B 108 -8.39 -87.78 16.66
CA GLN B 108 -8.33 -88.82 15.63
C GLN B 108 -8.22 -90.20 16.29
N GLY B 109 -7.31 -90.29 17.28
CA GLY B 109 -7.12 -91.49 18.07
C GLY B 109 -8.32 -91.80 18.97
N ASN B 110 -9.01 -90.72 19.43
CA ASN B 110 -10.25 -90.82 20.25
C ASN B 110 -11.38 -91.44 19.42
N LYS B 111 -11.59 -90.91 18.19
CA LYS B 111 -12.60 -91.42 17.23
C LYS B 111 -12.36 -92.90 17.00
N ALA B 112 -11.11 -93.21 16.69
CA ALA B 112 -10.67 -94.54 16.31
C ALA B 112 -11.01 -95.58 17.37
N MET B 113 -10.52 -95.38 18.61
CA MET B 113 -10.74 -96.33 19.72
C MET B 113 -12.24 -96.42 20.09
N ALA B 114 -12.97 -95.30 19.96
CA ALA B 114 -14.41 -95.24 20.25
C ALA B 114 -15.20 -96.06 19.21
N ASN B 115 -14.71 -96.03 17.96
CA ASN B 115 -15.32 -96.72 16.81
C ASN B 115 -14.66 -98.11 16.62
N LYS B 116 -13.90 -98.56 17.63
CA LYS B 116 -13.30 -99.92 17.68
C LYS B 116 -12.08 -100.07 16.70
N ASP B 117 -11.72 -98.98 15.99
CA ASP B 117 -10.51 -98.91 15.14
C ASP B 117 -9.25 -98.78 16.03
N TYR B 118 -8.94 -99.85 16.78
CA TYR B 118 -7.91 -99.84 17.83
C TYR B 118 -6.48 -99.80 17.26
N GLU B 119 -6.26 -100.51 16.13
CA GLU B 119 -4.93 -100.64 15.49
C GLU B 119 -4.44 -99.27 14.97
N LEU B 120 -5.28 -98.59 14.17
CA LEU B 120 -4.93 -97.27 13.60
C LEU B 120 -5.05 -96.17 14.67
N ALA B 121 -5.67 -96.49 15.84
CA ALA B 121 -5.67 -95.61 17.02
C ALA B 121 -4.30 -95.60 17.68
N ILE B 122 -3.80 -96.81 18.02
CA ILE B 122 -2.58 -96.99 18.83
C ILE B 122 -1.31 -96.56 18.07
N ASN B 123 -1.30 -96.80 16.74
CA ASN B 123 -0.20 -96.33 15.86
C ASN B 123 -0.27 -94.80 15.70
N LYS B 124 -1.49 -94.23 15.76
CA LYS B 124 -1.68 -92.77 15.71
C LYS B 124 -1.13 -92.10 16.97
N TYR B 125 -1.38 -92.73 18.15
CA TYR B 125 -0.86 -92.24 19.45
C TYR B 125 0.66 -92.34 19.52
N THR B 126 1.21 -93.45 18.96
CA THR B 126 2.68 -93.68 18.89
C THR B 126 3.37 -92.54 18.12
N GLU B 127 2.73 -92.08 17.03
CA GLU B 127 3.21 -90.96 16.22
C GLU B 127 2.90 -89.61 16.92
N ALA B 128 1.73 -89.53 17.58
CA ALA B 128 1.23 -88.28 18.21
C ALA B 128 2.09 -87.85 19.43
N ILE B 129 2.93 -88.78 19.92
CA ILE B 129 3.95 -88.50 20.95
C ILE B 129 4.92 -87.41 20.46
N LYS B 130 5.17 -87.35 19.14
CA LYS B 130 6.10 -86.38 18.52
C LYS B 130 5.71 -84.92 18.82
N VAL B 131 4.38 -84.63 18.81
CA VAL B 131 3.85 -83.26 19.02
C VAL B 131 3.94 -82.88 20.52
N LEU B 132 3.72 -83.86 21.41
CA LEU B 132 3.76 -83.65 22.88
C LEU B 132 4.42 -84.87 23.57
N PRO B 133 5.80 -84.96 23.54
CA PRO B 133 6.57 -86.12 24.05
C PRO B 133 6.85 -86.05 25.57
N THR B 134 5.81 -85.72 26.35
CA THR B 134 5.91 -85.60 27.82
C THR B 134 4.57 -85.99 28.49
N ASN B 135 3.54 -86.30 27.68
CA ASN B 135 2.19 -86.60 28.17
C ASN B 135 1.93 -88.11 28.14
N ALA B 136 1.46 -88.65 29.28
CA ALA B 136 1.25 -90.09 29.49
C ALA B 136 0.04 -90.67 28.71
N ILE B 137 -0.89 -89.79 28.25
CA ILE B 137 -2.14 -90.24 27.56
C ILE B 137 -1.83 -90.91 26.20
N TYR B 138 -0.71 -90.51 25.57
CA TYR B 138 -0.29 -91.07 24.27
C TYR B 138 0.25 -92.52 24.42
N TYR B 139 0.46 -92.94 25.68
CA TYR B 139 0.89 -94.31 26.04
C TYR B 139 -0.24 -95.07 26.74
N ALA B 140 -1.10 -94.31 27.46
CA ALA B 140 -2.15 -94.87 28.34
C ALA B 140 -3.43 -95.19 27.55
N ASN B 141 -3.90 -94.21 26.76
CA ASN B 141 -5.03 -94.39 25.81
C ASN B 141 -4.66 -95.47 24.79
N ARG B 142 -3.37 -95.44 24.38
CA ARG B 142 -2.76 -96.44 23.50
C ARG B 142 -2.86 -97.85 24.14
N ALA B 143 -2.46 -97.94 25.42
CA ALA B 143 -2.48 -99.20 26.20
C ALA B 143 -3.90 -99.77 26.32
N ALA B 144 -4.89 -98.88 26.47
CA ALA B 144 -6.31 -99.26 26.65
C ALA B 144 -6.87 -99.93 25.38
N ALA B 145 -6.69 -99.27 24.23
CA ALA B 145 -7.16 -99.75 22.91
C ALA B 145 -6.42 -101.05 22.50
N HIS B 146 -5.13 -101.10 22.86
CA HIS B 146 -4.20 -102.21 22.56
C HIS B 146 -4.49 -103.46 23.43
N SER B 147 -4.96 -103.23 24.67
CA SER B 147 -5.35 -104.31 25.60
C SER B 147 -6.75 -104.85 25.23
N SER B 148 -7.56 -104.01 24.58
CA SER B 148 -8.88 -104.40 24.05
C SER B 148 -8.73 -105.34 22.83
N LEU B 149 -7.54 -105.31 22.20
CA LEU B 149 -7.14 -106.25 21.13
C LEU B 149 -6.70 -107.63 21.71
N LYS B 150 -6.89 -107.82 23.05
CA LYS B 150 -6.70 -109.12 23.75
C LYS B 150 -5.20 -109.48 23.89
N GLU B 151 -4.31 -108.53 23.51
CA GLU B 151 -2.85 -108.70 23.52
C GLU B 151 -2.32 -108.48 24.95
N TYR B 152 -2.05 -109.60 25.65
CA TYR B 152 -1.72 -109.60 27.08
C TYR B 152 -0.27 -109.10 27.33
N ASP B 153 0.72 -109.94 26.94
CA ASP B 153 2.16 -109.67 27.12
C ASP B 153 2.60 -108.37 26.41
N GLN B 154 1.88 -108.02 25.33
CA GLN B 154 2.16 -106.85 24.52
C GLN B 154 1.69 -105.56 25.25
N ALA B 155 0.58 -105.68 26.02
CA ALA B 155 0.01 -104.56 26.80
C ALA B 155 0.91 -104.17 27.99
N VAL B 156 1.79 -105.12 28.41
CA VAL B 156 2.81 -104.88 29.46
C VAL B 156 3.70 -103.68 29.10
N LYS B 157 4.17 -103.65 27.84
CA LYS B 157 5.14 -102.65 27.35
C LYS B 157 4.58 -101.22 27.45
N ASP B 158 3.32 -101.07 27.06
CA ASP B 158 2.59 -99.78 27.01
C ASP B 158 2.27 -99.28 28.43
N ALA B 159 1.75 -100.21 29.26
CA ALA B 159 1.35 -99.93 30.67
C ALA B 159 2.59 -99.59 31.53
N GLU B 160 3.72 -100.23 31.20
CA GLU B 160 5.01 -100.05 31.89
C GLU B 160 5.59 -98.66 31.56
N SER B 161 5.48 -98.27 30.28
CA SER B 161 5.99 -96.99 29.77
C SER B 161 5.07 -95.82 30.20
N ALA B 162 3.78 -96.13 30.43
CA ALA B 162 2.78 -95.13 30.88
C ALA B 162 3.04 -94.73 32.34
N ILE B 163 3.31 -95.74 33.20
CA ILE B 163 3.60 -95.49 34.63
C ILE B 163 5.02 -94.91 34.83
N SER B 164 5.90 -95.07 33.81
CA SER B 164 7.24 -94.46 33.80
C SER B 164 7.15 -92.92 33.76
N ILE B 165 6.07 -92.41 33.13
CA ILE B 165 5.78 -90.97 33.08
C ILE B 165 5.01 -90.55 34.36
N ASP B 166 4.03 -91.38 34.76
CA ASP B 166 3.23 -91.14 35.97
C ASP B 166 2.66 -92.46 36.54
N PRO B 167 3.17 -92.94 37.73
CA PRO B 167 2.65 -94.15 38.41
C PRO B 167 1.38 -93.87 39.25
N SER B 168 0.96 -92.59 39.34
CA SER B 168 -0.30 -92.22 40.00
C SER B 168 -1.49 -92.68 39.14
N TYR B 169 -1.28 -92.71 37.80
CA TYR B 169 -2.29 -93.18 36.85
C TYR B 169 -2.42 -94.72 36.95
N PHE B 170 -3.32 -95.14 37.86
CA PHE B 170 -3.55 -96.55 38.27
C PHE B 170 -3.97 -97.47 37.11
N ARG B 171 -4.46 -96.87 36.00
CA ARG B 171 -4.85 -97.62 34.79
C ARG B 171 -3.67 -98.47 34.27
N GLY B 172 -2.45 -97.90 34.41
CA GLY B 172 -1.22 -98.59 34.06
C GLY B 172 -1.01 -99.86 34.89
N TYR B 173 -1.17 -99.75 36.24
CA TYR B 173 -1.02 -100.90 37.17
C TYR B 173 -2.14 -101.95 37.00
N SER B 174 -3.32 -101.48 36.57
CA SER B 174 -4.49 -102.36 36.35
C SER B 174 -4.30 -103.22 35.09
N ARG B 175 -3.81 -102.58 34.01
CA ARG B 175 -3.55 -103.25 32.72
C ARG B 175 -2.25 -104.07 32.75
N LEU B 176 -1.30 -103.62 33.59
CA LEU B 176 -0.01 -104.30 33.79
C LEU B 176 -0.28 -105.60 34.56
N GLY B 177 -0.99 -105.48 35.69
CA GLY B 177 -1.36 -106.61 36.56
C GLY B 177 -2.29 -107.60 35.88
N PHE B 178 -3.16 -107.09 34.99
CA PHE B 178 -4.07 -107.92 34.18
C PHE B 178 -3.25 -108.80 33.23
N ALA B 179 -2.28 -108.15 32.57
CA ALA B 179 -1.38 -108.79 31.62
C ALA B 179 -0.47 -109.82 32.32
N LYS B 180 -0.11 -109.55 33.59
CA LYS B 180 0.66 -110.50 34.42
C LYS B 180 -0.18 -111.76 34.68
N TYR B 181 -1.43 -111.54 35.13
CA TYR B 181 -2.37 -112.63 35.43
C TYR B 181 -2.72 -113.43 34.16
N ALA B 182 -2.71 -112.73 33.02
CA ALA B 182 -3.06 -113.29 31.71
C ALA B 182 -1.89 -114.06 31.07
N GLN B 183 -0.67 -113.92 31.64
CA GLN B 183 0.48 -114.78 31.33
C GLN B 183 0.50 -116.02 32.24
N GLY B 184 -0.58 -116.18 33.04
CA GLY B 184 -0.71 -117.31 33.98
C GLY B 184 0.16 -117.14 35.21
N LYS B 185 0.50 -115.88 35.52
CA LYS B 185 1.36 -115.54 36.67
C LYS B 185 0.48 -115.09 37.86
N PRO B 186 0.29 -115.99 38.89
CA PRO B 186 -0.54 -115.68 40.08
C PRO B 186 0.19 -114.77 41.08
N GLU B 187 1.54 -114.88 41.14
CA GLU B 187 2.37 -114.16 42.11
C GLU B 187 2.58 -112.70 41.70
N GLU B 188 2.97 -112.46 40.42
CA GLU B 188 3.21 -111.11 39.87
C GLU B 188 1.91 -110.28 39.89
N ALA B 189 0.79 -110.94 39.54
CA ALA B 189 -0.55 -110.32 39.51
C ALA B 189 -1.01 -109.96 40.91
N LEU B 190 -0.78 -110.88 41.87
CA LEU B 190 -1.11 -110.70 43.30
C LEU B 190 -0.49 -109.39 43.81
N GLU B 191 0.82 -109.23 43.56
CA GLU B 191 1.62 -108.06 43.97
C GLU B 191 1.14 -106.76 43.28
N ALA B 192 0.91 -106.84 41.95
CA ALA B 192 0.58 -105.66 41.11
C ALA B 192 -0.77 -105.03 41.48
N TYR B 193 -1.79 -105.88 41.72
CA TYR B 193 -3.15 -105.43 42.09
C TYR B 193 -3.22 -104.86 43.52
N LYS B 194 -2.22 -105.17 44.36
CA LYS B 194 -2.12 -104.60 45.71
C LYS B 194 -1.90 -103.08 45.66
N LYS B 195 -1.22 -102.60 44.59
CA LYS B 195 -1.04 -101.14 44.36
C LYS B 195 -2.37 -100.47 43.99
N VAL B 196 -3.21 -101.18 43.21
CA VAL B 196 -4.55 -100.68 42.84
C VAL B 196 -5.44 -100.57 44.10
N LEU B 197 -5.49 -101.66 44.88
CA LEU B 197 -6.34 -101.74 46.10
C LEU B 197 -5.86 -100.78 47.21
N ASP B 198 -4.54 -100.54 47.27
CA ASP B 198 -3.92 -99.71 48.35
C ASP B 198 -3.99 -98.21 48.01
N ILE B 199 -3.36 -97.83 46.86
CA ILE B 199 -3.26 -96.42 46.43
C ILE B 199 -4.66 -95.86 46.11
N GLU B 200 -5.39 -96.55 45.20
CA GLU B 200 -6.74 -96.13 44.77
C GLU B 200 -7.75 -96.29 45.94
N GLY B 201 -7.46 -97.25 46.84
CA GLY B 201 -8.17 -97.38 48.11
C GLY B 201 -9.64 -97.76 47.97
N ASP B 202 -10.53 -96.79 48.26
CA ASP B 202 -11.99 -97.00 48.32
C ASP B 202 -12.60 -97.12 46.90
N ASN B 203 -12.00 -96.44 45.92
CA ASN B 203 -12.52 -96.40 44.53
C ASN B 203 -12.25 -97.70 43.75
N ALA B 204 -11.60 -98.68 44.41
CA ALA B 204 -11.40 -100.03 43.86
C ALA B 204 -12.78 -100.72 43.70
N THR B 205 -13.31 -100.69 42.46
CA THR B 205 -14.67 -101.17 42.14
C THR B 205 -14.60 -102.48 41.31
N GLU B 206 -15.42 -103.47 41.74
CA GLU B 206 -15.64 -104.79 41.10
C GLU B 206 -14.34 -105.45 40.59
N ALA B 207 -13.96 -105.17 39.32
CA ALA B 207 -12.84 -105.82 38.60
C ALA B 207 -11.49 -105.57 39.30
N MET B 208 -11.31 -104.35 39.85
CA MET B 208 -10.08 -103.93 40.55
C MET B 208 -9.77 -104.88 41.74
N LYS B 209 -10.84 -105.40 42.37
CA LYS B 209 -10.77 -106.38 43.47
C LYS B 209 -10.84 -107.82 42.92
N ARG B 210 -11.67 -108.02 41.89
CA ARG B 210 -12.11 -109.36 41.40
C ARG B 210 -11.01 -110.13 40.68
N ASP B 211 -10.21 -109.43 39.85
CA ASP B 211 -9.05 -110.04 39.17
C ASP B 211 -7.99 -110.47 40.22
N TYR B 212 -7.94 -109.72 41.33
CA TYR B 212 -7.09 -110.01 42.49
C TYR B 212 -7.68 -111.18 43.31
N GLU B 213 -9.02 -111.30 43.33
CA GLU B 213 -9.72 -112.44 43.99
C GLU B 213 -9.36 -113.75 43.27
N SER B 214 -9.16 -113.64 41.95
CA SER B 214 -8.79 -114.76 41.07
C SER B 214 -7.30 -115.16 41.27
N ALA B 215 -6.49 -114.24 41.84
CA ALA B 215 -5.06 -114.48 42.13
C ALA B 215 -4.87 -115.03 43.56
N LYS B 216 -5.63 -114.45 44.53
CA LYS B 216 -5.45 -114.75 45.96
C LYS B 216 -6.02 -116.13 46.33
N LYS B 217 -7.09 -116.55 45.62
CA LYS B 217 -7.86 -117.77 45.97
C LYS B 217 -7.02 -119.03 45.67
N LYS B 218 -6.04 -118.88 44.79
CA LYS B 218 -5.08 -119.94 44.47
C LYS B 218 -4.09 -120.12 45.64
N VAL B 219 -3.68 -118.98 46.23
CA VAL B 219 -2.79 -118.94 47.42
C VAL B 219 -3.55 -119.44 48.67
N GLU B 220 -4.88 -119.17 48.69
CA GLU B 220 -5.81 -119.63 49.75
C GLU B 220 -5.85 -121.16 49.80
N GLN B 221 -6.18 -121.76 48.64
CA GLN B 221 -6.31 -123.22 48.47
C GLN B 221 -4.96 -123.93 48.74
N SER B 222 -3.85 -123.25 48.41
CA SER B 222 -2.49 -123.76 48.64
C SER B 222 -2.14 -123.77 50.15
N LEU B 223 -2.68 -122.77 50.88
CA LEU B 223 -2.49 -122.61 52.34
C LEU B 223 -3.43 -123.55 53.13
N ASN B 224 -4.54 -123.96 52.47
CA ASN B 224 -5.51 -124.94 53.02
C ASN B 224 -5.08 -126.38 52.71
N LEU B 225 -4.37 -126.54 51.57
CA LEU B 225 -3.83 -127.84 51.13
C LEU B 225 -2.63 -128.20 52.01
N GLU B 226 -1.62 -127.33 51.95
CA GLU B 226 -0.37 -127.49 52.69
C GLU B 226 -0.58 -126.83 54.07
N LYS B 227 -0.85 -127.67 55.09
CA LYS B 227 -1.00 -127.25 56.49
C LYS B 227 -1.19 -128.50 57.37
N THR B 228 -0.70 -128.45 58.63
CA THR B 228 -0.80 -129.58 59.59
C THR B 228 -2.26 -129.69 60.15
N VAL B 229 -2.44 -130.49 61.23
CA VAL B 229 -3.75 -130.69 61.91
C VAL B 229 -4.41 -129.33 62.31
N PRO B 230 -5.80 -129.25 62.32
CA PRO B 230 -6.54 -128.01 62.69
C PRO B 230 -6.08 -127.47 64.07
N GLU B 231 -5.40 -126.30 64.02
CA GLU B 231 -4.75 -125.66 65.19
C GLU B 231 -5.76 -125.38 66.34
N GLN B 232 -5.42 -125.85 67.55
CA GLN B 232 -6.18 -125.57 68.79
C GLN B 232 -5.21 -125.54 70.00
N SER B 233 -4.32 -126.55 70.07
CA SER B 233 -3.36 -126.78 71.16
C SER B 233 -2.64 -128.12 70.85
N ARG B 234 -2.16 -128.84 71.88
CA ARG B 234 -1.78 -130.25 71.77
C ARG B 234 -2.13 -130.94 73.11
N ASP B 235 -1.85 -132.26 73.21
CA ASP B 235 -2.00 -133.07 74.43
C ASP B 235 -3.47 -133.19 74.85
N ALA B 236 -4.35 -133.31 73.84
CA ALA B 236 -5.82 -133.45 74.03
C ALA B 236 -6.17 -134.69 74.88
N ASP B 237 -5.33 -135.72 74.76
CA ASP B 237 -5.46 -136.99 75.51
C ASP B 237 -5.31 -136.77 77.03
N VAL B 238 -4.49 -135.77 77.43
CA VAL B 238 -4.30 -135.41 78.84
C VAL B 238 -5.59 -134.78 79.42
N ASP B 239 -6.11 -135.40 80.48
CA ASP B 239 -7.31 -134.92 81.18
C ASP B 239 -6.91 -134.35 82.56
N ALA B 240 -7.84 -133.60 83.18
CA ALA B 240 -7.68 -133.07 84.54
C ALA B 240 -7.75 -134.22 85.57
N SER B 241 -6.62 -134.92 85.73
CA SER B 241 -6.47 -136.05 86.67
C SER B 241 -5.01 -136.08 87.16
N GLN B 242 -4.07 -136.39 86.21
CA GLN B 242 -2.62 -136.53 86.46
C GLN B 242 -2.32 -137.64 87.50
N GLY B 243 -2.49 -137.30 88.79
CA GLY B 243 -2.17 -138.21 89.89
C GLY B 243 -2.83 -137.77 91.19
N ALA B 244 -2.15 -138.04 92.32
CA ALA B 244 -2.63 -137.73 93.69
C ALA B 244 -3.89 -138.54 94.05
N SER B 245 -5.05 -138.12 93.50
CA SER B 245 -6.37 -138.72 93.74
C SER B 245 -6.82 -138.53 95.20
N ALA B 246 -6.22 -139.35 96.12
CA ALA B 246 -6.50 -139.32 97.57
C ALA B 246 -7.96 -139.73 97.87
N GLY B 247 -8.50 -140.59 96.98
CA GLY B 247 -9.91 -141.01 97.03
C GLY B 247 -10.26 -141.78 98.28
N GLY B 248 -9.50 -142.88 98.52
CA GLY B 248 -9.65 -143.69 99.72
C GLY B 248 -9.20 -142.94 100.97
N LEU B 249 -10.16 -142.65 101.88
CA LEU B 249 -9.89 -142.06 103.20
C LEU B 249 -9.79 -143.21 104.23
N PRO B 250 -8.55 -143.62 104.65
CA PRO B 250 -8.36 -144.67 105.67
C PRO B 250 -8.15 -144.09 107.09
N ASP B 251 -7.66 -144.93 108.00
CA ASP B 251 -7.30 -144.56 109.38
C ASP B 251 -6.13 -145.44 109.85
N LEU B 252 -5.25 -144.87 110.70
CA LEU B 252 -4.09 -145.59 111.26
C LEU B 252 -4.55 -146.56 112.36
N GLY B 253 -5.41 -146.05 113.27
CA GLY B 253 -5.84 -146.79 114.46
C GLY B 253 -4.66 -147.14 115.35
N SER B 254 -4.14 -148.37 115.17
CA SER B 254 -2.91 -148.88 115.81
C SER B 254 -3.00 -148.89 117.35
N LEU B 255 -2.79 -147.72 117.98
CA LEU B 255 -2.87 -147.55 119.43
C LEU B 255 -4.33 -147.36 119.86
N LEU B 256 -4.97 -148.48 120.23
CA LEU B 256 -6.33 -148.52 120.79
C LEU B 256 -6.34 -149.67 121.82
N GLY B 257 -6.68 -149.36 123.07
CA GLY B 257 -6.71 -150.36 124.15
C GLY B 257 -6.53 -149.72 125.52
N GLY B 258 -6.76 -150.51 126.58
CA GLY B 258 -6.64 -150.01 127.96
C GLY B 258 -5.19 -149.95 128.44
N GLY B 259 -4.41 -149.08 127.79
CA GLY B 259 -3.00 -148.87 128.12
C GLY B 259 -2.85 -147.71 129.07
N LEU B 260 -3.08 -147.99 130.38
CA LEU B 260 -3.12 -146.96 131.45
C LEU B 260 -4.24 -145.93 131.15
N GLY B 261 -4.16 -144.74 131.78
CA GLY B 261 -5.01 -143.60 131.39
C GLY B 261 -4.44 -142.91 130.16
N GLY B 262 -4.45 -143.65 129.02
CA GLY B 262 -3.85 -143.19 127.77
C GLY B 262 -4.00 -144.26 126.68
N LEU B 263 -2.87 -144.79 126.19
CA LEU B 263 -2.82 -145.82 125.12
C LEU B 263 -1.60 -146.76 125.27
N MET B 264 -0.50 -146.23 125.85
CA MET B 264 0.74 -146.99 126.08
C MET B 264 0.63 -147.74 127.42
N ASN B 265 0.57 -149.08 127.36
CA ASN B 265 0.40 -149.95 128.55
C ASN B 265 1.72 -150.13 129.32
N ASN B 266 1.63 -150.10 130.66
CA ASN B 266 2.78 -150.30 131.56
C ASN B 266 2.27 -150.88 132.91
N PRO B 267 2.11 -152.25 132.99
CA PRO B 267 1.55 -152.93 134.18
C PRO B 267 2.62 -153.21 135.27
N GLN B 268 2.77 -152.27 136.23
CA GLN B 268 3.70 -152.45 137.37
C GLN B 268 2.92 -152.85 138.63
N LEU B 269 2.45 -154.12 138.64
CA LEU B 269 1.74 -154.77 139.77
C LEU B 269 0.46 -153.98 140.19
N MET B 270 -0.19 -153.35 139.18
CA MET B 270 -1.38 -152.45 139.29
C MET B 270 -1.15 -151.23 140.25
N GLN B 271 -1.04 -151.50 141.56
CA GLN B 271 -0.88 -150.49 142.63
C GLN B 271 -0.38 -151.20 143.91
N ALA B 272 0.19 -152.39 143.71
CA ALA B 272 0.53 -153.34 144.79
C ALA B 272 1.97 -153.84 144.59
N ALA B 273 2.85 -152.93 144.12
CA ALA B 273 4.30 -153.17 143.96
C ALA B 273 5.02 -153.31 145.32
N GLN B 274 4.29 -152.97 146.40
CA GLN B 274 4.72 -153.17 147.81
C GLN B 274 4.71 -154.67 148.19
N LYS B 275 4.05 -155.51 147.34
CA LYS B 275 4.03 -156.99 147.44
C LYS B 275 3.06 -157.50 148.56
N MET B 276 2.49 -156.55 149.36
CA MET B 276 1.45 -156.81 150.38
C MET B 276 2.00 -157.61 151.58
N MET B 277 2.22 -158.93 151.37
CA MET B 277 2.74 -159.85 152.41
C MET B 277 4.28 -159.73 152.48
N SER B 278 4.72 -158.55 152.99
CA SER B 278 6.13 -158.19 153.17
C SER B 278 6.18 -156.75 153.73
N ASN B 279 6.47 -156.61 155.03
CA ASN B 279 6.53 -155.29 155.70
C ASN B 279 7.29 -155.43 157.05
N PRO B 280 8.60 -155.04 157.12
CA PRO B 280 9.38 -155.07 158.38
C PRO B 280 8.97 -153.93 159.35
N GLY B 281 9.42 -154.06 160.60
CA GLY B 281 9.11 -153.09 161.67
C GLY B 281 9.54 -153.67 163.01
N ALA B 282 8.76 -153.39 164.08
CA ALA B 282 8.94 -154.05 165.39
C ALA B 282 8.46 -155.50 165.27
N MET B 283 9.39 -156.37 164.85
CA MET B 283 9.13 -157.79 164.57
C MET B 283 10.42 -158.59 164.76
N GLN B 284 10.28 -159.78 165.37
CA GLN B 284 11.38 -160.72 165.57
C GLN B 284 10.89 -162.14 165.20
N ASN B 285 10.09 -162.76 166.10
CA ASN B 285 9.36 -164.03 165.83
C ASN B 285 8.46 -164.37 167.03
N ILE B 286 9.04 -164.99 168.07
CA ILE B 286 8.38 -165.24 169.36
C ILE B 286 8.24 -163.91 170.11
N GLN B 287 9.32 -163.11 170.08
CA GLN B 287 9.36 -161.73 170.59
C GLN B 287 8.92 -161.70 172.08
N LYS B 288 9.42 -162.70 172.85
CA LYS B 288 9.03 -162.92 174.24
C LYS B 288 10.11 -163.79 174.94
N MET B 289 10.00 -165.13 174.79
CA MET B 289 10.90 -166.11 175.44
C MET B 289 10.59 -167.54 174.94
N MET B 290 11.64 -168.36 174.82
CA MET B 290 11.56 -169.78 174.40
C MET B 290 12.27 -170.69 175.44
N GLN B 291 13.05 -170.07 176.33
CA GLN B 291 14.03 -170.77 177.17
C GLN B 291 13.90 -170.36 178.66
N ASP B 292 14.52 -171.18 179.52
CA ASP B 292 14.58 -170.97 180.96
C ASP B 292 15.97 -171.49 181.48
N PRO B 293 17.08 -170.71 181.27
CA PRO B 293 18.45 -171.12 181.66
C PRO B 293 18.86 -170.62 183.08
N SER B 294 19.18 -169.32 183.18
CA SER B 294 19.71 -168.70 184.42
C SER B 294 18.59 -168.05 185.27
N ILE B 295 17.43 -167.80 184.64
CA ILE B 295 16.27 -167.14 185.28
C ILE B 295 15.64 -168.04 186.38
N ARG B 296 15.83 -169.37 186.23
CA ARG B 296 15.34 -170.39 187.18
C ARG B 296 16.52 -171.06 187.92
N GLN B 297 16.18 -171.89 188.91
CA GLN B 297 17.15 -172.68 189.68
C GLN B 297 17.62 -173.90 188.87
N MET B 298 18.92 -174.01 188.64
CA MET B 298 19.54 -175.22 188.05
C MET B 298 21.04 -175.22 188.37
N ALA B 299 21.76 -174.20 187.87
CA ALA B 299 23.19 -173.97 188.17
C ALA B 299 23.42 -172.54 188.70
N GLU B 300 22.31 -171.81 188.94
CA GLU B 300 22.35 -170.41 189.40
C GLU B 300 21.47 -170.24 190.66
N GLY B 301 21.96 -169.39 191.58
CA GLY B 301 21.23 -168.99 192.80
C GLY B 301 21.48 -167.53 193.13
N PHE B 302 21.50 -166.69 192.07
CA PHE B 302 21.63 -165.20 192.16
C PHE B 302 22.93 -164.77 192.90
N ALA B 303 24.01 -165.58 192.68
CA ALA B 303 25.37 -165.38 193.26
C ALA B 303 25.42 -165.56 194.79
N SER B 304 24.28 -165.93 195.39
CA SER B 304 24.12 -166.03 196.85
C SER B 304 24.12 -167.49 197.29
N GLY B 305 23.60 -168.39 196.40
CA GLY B 305 23.54 -169.82 196.66
C GLY B 305 22.61 -170.17 197.82
N GLY B 306 23.18 -170.28 199.03
CA GLY B 306 22.42 -170.56 200.26
C GLY B 306 22.07 -169.30 201.04
N GLY B 307 22.25 -168.12 200.40
CA GLY B 307 21.88 -166.83 200.99
C GLY B 307 22.93 -166.30 201.96
N THR B 308 22.97 -166.88 203.16
CA THR B 308 23.94 -166.53 204.22
C THR B 308 25.40 -166.75 203.74
N PRO B 309 26.34 -165.78 204.01
CA PRO B 309 27.78 -166.02 203.87
C PRO B 309 28.23 -167.09 204.89
N ASN B 310 28.11 -166.76 206.18
CA ASN B 310 28.51 -167.65 207.28
C ASN B 310 27.91 -167.16 208.61
N LEU B 311 28.13 -167.95 209.67
CA LEU B 311 27.70 -167.65 211.05
C LEU B 311 28.78 -168.11 212.04
N SER B 312 30.04 -168.15 211.55
CA SER B 312 31.23 -168.66 212.26
C SER B 312 31.52 -167.91 213.59
N ASP B 313 30.94 -166.70 213.71
CA ASP B 313 31.02 -165.81 214.88
C ASP B 313 30.45 -166.45 216.17
N LEU B 314 29.58 -167.49 216.02
CA LEU B 314 28.85 -168.14 217.14
C LEU B 314 29.81 -168.69 218.24
N MET B 315 31.07 -169.01 217.84
CA MET B 315 32.08 -169.58 218.75
C MET B 315 32.48 -168.57 219.85
N ASN B 316 32.42 -167.26 219.51
CA ASN B 316 32.62 -166.14 220.45
C ASN B 316 34.08 -166.12 221.00
N ASN B 317 34.32 -166.81 222.13
CA ASN B 317 35.64 -166.93 222.79
C ASN B 317 35.49 -167.78 224.07
N PRO B 318 36.56 -168.52 224.52
CA PRO B 318 36.54 -169.19 225.84
C PRO B 318 36.58 -168.16 227.00
N ALA B 319 35.43 -168.04 227.70
CA ALA B 319 35.26 -167.15 228.88
C ALA B 319 34.64 -167.90 230.07
N LEU B 320 34.48 -169.25 229.93
CA LEU B 320 33.96 -170.14 230.98
C LEU B 320 34.86 -170.07 232.23
N ARG B 321 36.19 -169.93 231.98
CA ARG B 321 37.28 -169.82 232.99
C ARG B 321 37.18 -170.92 234.09
N ASN B 322 37.83 -170.66 235.26
CA ASN B 322 37.80 -171.53 236.47
C ASN B 322 38.80 -172.71 236.38
N MET B 323 38.99 -173.26 235.17
CA MET B 323 39.96 -174.34 234.89
C MET B 323 41.40 -173.83 235.13
N ALA B 324 41.92 -174.06 236.36
CA ALA B 324 43.25 -173.60 236.79
C ALA B 324 44.37 -174.45 236.17
N GLY B 325 45.56 -173.84 236.04
CA GLY B 325 46.72 -174.47 235.40
C GLY B 325 47.49 -175.39 236.35
N ASN B 326 48.65 -174.92 236.85
CA ASN B 326 49.53 -175.69 237.74
C ASN B 326 49.05 -175.57 239.20
N LEU B 327 49.16 -174.36 239.76
CA LEU B 327 48.77 -174.06 241.16
C LEU B 327 47.38 -173.37 241.13
N PHE B 328 47.38 -172.02 241.13
CA PHE B 328 46.17 -171.18 240.97
C PHE B 328 46.56 -169.96 240.15
N GLY B 329 47.61 -169.28 240.61
CA GLY B 329 48.21 -168.14 239.91
C GLY B 329 49.47 -167.66 240.61
N GLY B 330 49.95 -166.46 240.23
CA GLY B 330 51.19 -165.87 240.79
C GLY B 330 51.04 -165.35 242.23
N ALA B 331 49.82 -165.44 242.78
CA ALA B 331 49.52 -165.09 244.19
C ALA B 331 48.33 -165.94 244.69
N GLY B 332 47.88 -165.66 245.92
CA GLY B 332 46.69 -166.31 246.47
C GLY B 332 46.30 -165.71 247.80
N ALA B 333 46.70 -166.37 248.90
CA ALA B 333 46.41 -165.91 250.28
C ALA B 333 47.48 -164.94 250.79
N GLN B 334 48.43 -164.58 249.91
CA GLN B 334 49.64 -163.82 250.27
C GLN B 334 50.20 -163.08 249.04
N SER B 335 51.16 -162.19 249.29
CA SER B 335 51.88 -161.42 248.26
C SER B 335 53.23 -160.96 248.85
N THR B 336 54.07 -160.36 247.99
CA THR B 336 55.41 -159.86 248.39
C THR B 336 55.30 -158.71 249.41
N ASP B 337 54.30 -157.82 249.19
CA ASP B 337 54.00 -156.67 250.08
C ASP B 337 53.10 -157.10 251.25
N GLU B 338 52.19 -158.07 250.98
CA GLU B 338 51.21 -158.58 251.95
C GLU B 338 51.90 -159.59 252.90
N THR B 339 52.65 -159.02 253.86
CA THR B 339 53.38 -159.78 254.88
C THR B 339 52.62 -159.71 256.22
N PRO B 340 52.59 -160.82 257.04
CA PRO B 340 52.02 -160.79 258.41
C PRO B 340 52.66 -159.70 259.30
N ASP B 341 51.95 -158.56 259.40
CA ASP B 341 52.29 -157.41 260.26
C ASP B 341 51.71 -157.66 261.69
N ASN B 342 51.81 -156.65 262.60
CA ASN B 342 51.23 -156.67 263.98
C ASN B 342 52.09 -157.55 264.93
N GLU B 343 53.29 -157.95 264.44
CA GLU B 343 54.29 -158.71 265.22
C GLU B 343 55.20 -157.71 265.97
N ASN B 344 55.44 -157.98 267.25
CA ASN B 344 56.24 -157.12 268.15
C ASN B 344 57.41 -157.96 268.74
N LYS B 345 57.83 -157.64 270.00
CA LYS B 345 58.90 -158.32 270.76
C LYS B 345 60.29 -157.79 270.37
N GLN B 346 60.64 -157.93 269.07
CA GLN B 346 61.85 -157.34 268.49
C GLN B 346 61.75 -155.80 268.51
N TYR B 347 60.53 -155.32 268.22
CA TYR B 347 60.17 -153.90 268.28
C TYR B 347 58.62 -153.81 268.37
N MET A 1 3.78 -12.91 -16.95
CA MET A 1 4.76 -11.80 -16.96
C MET A 1 4.36 -10.75 -15.91
N SER A 2 5.31 -10.41 -15.00
CA SER A 2 5.10 -9.40 -13.94
C SER A 2 5.48 -8.00 -14.50
N ALA A 3 4.80 -7.64 -15.62
CA ALA A 3 5.13 -6.50 -16.48
C ALA A 3 6.54 -6.63 -17.12
N SER A 4 6.91 -5.68 -17.98
CA SER A 4 8.23 -5.67 -18.63
C SER A 4 9.12 -4.65 -17.91
N LYS A 5 10.43 -4.83 -18.09
CA LYS A 5 11.46 -4.06 -17.38
C LYS A 5 11.39 -2.58 -17.81
N GLU A 6 11.30 -2.38 -19.14
CA GLU A 6 11.23 -1.05 -19.79
C GLU A 6 9.99 -0.24 -19.34
N GLU A 7 8.87 -0.98 -19.07
CA GLU A 7 7.59 -0.37 -18.67
C GLU A 7 7.74 0.29 -17.29
N ILE A 8 8.08 -0.55 -16.29
CA ILE A 8 8.18 -0.12 -14.89
C ILE A 8 9.34 0.89 -14.70
N ALA A 9 10.47 0.65 -15.41
CA ALA A 9 11.68 1.50 -15.33
C ALA A 9 11.40 2.97 -15.68
N ALA A 10 10.58 3.17 -16.74
CA ALA A 10 10.17 4.51 -17.19
C ALA A 10 9.36 5.24 -16.10
N LEU A 11 8.44 4.49 -15.46
CA LEU A 11 7.57 4.98 -14.38
C LEU A 11 8.39 5.37 -13.13
N ILE A 12 9.43 4.55 -12.85
CA ILE A 12 10.35 4.73 -11.71
C ILE A 12 11.12 6.04 -11.81
N VAL A 13 11.89 6.19 -12.91
CA VAL A 13 12.77 7.36 -13.11
C VAL A 13 11.94 8.63 -13.40
N ASN A 14 10.69 8.46 -13.90
CA ASN A 14 9.75 9.58 -14.14
C ASN A 14 9.25 10.14 -12.81
N TYR A 15 8.95 9.23 -11.86
CA TYR A 15 8.52 9.58 -10.51
C TYR A 15 9.57 10.49 -9.83
N PHE A 16 10.83 10.03 -9.84
CA PHE A 16 11.97 10.76 -9.25
C PHE A 16 12.25 12.07 -10.03
N SER A 17 12.12 12.01 -11.38
CA SER A 17 12.41 13.15 -12.27
C SER A 17 11.45 14.31 -11.99
N SER A 18 10.15 14.00 -11.86
CA SER A 18 9.09 15.00 -11.63
C SER A 18 9.25 15.72 -10.27
N ILE A 19 9.70 14.96 -9.25
CA ILE A 19 9.93 15.49 -7.90
C ILE A 19 11.11 16.49 -7.90
N VAL A 20 12.26 16.07 -8.46
CA VAL A 20 13.49 16.90 -8.45
C VAL A 20 13.38 18.08 -9.43
N GLU A 21 12.57 17.91 -10.49
CA GLU A 21 12.34 18.96 -11.52
C GLU A 21 11.54 20.13 -10.90
N LYS A 22 10.68 19.77 -9.93
CA LYS A 22 9.89 20.71 -9.13
C LYS A 22 10.67 21.15 -7.87
N LYS A 23 11.77 20.39 -7.58
CA LYS A 23 12.64 20.57 -6.39
C LYS A 23 11.81 20.46 -5.10
N GLU A 24 10.86 19.50 -5.13
CA GLU A 24 9.83 19.32 -4.10
C GLU A 24 10.29 18.29 -3.02
N ILE A 25 11.61 18.11 -2.94
CA ILE A 25 12.25 17.18 -1.98
C ILE A 25 13.49 17.88 -1.39
N SER A 26 13.95 17.42 -0.21
CA SER A 26 15.24 17.79 0.38
C SER A 26 16.35 17.59 -0.68
N GLU A 27 17.10 18.67 -0.96
CA GLU A 27 18.04 18.77 -2.09
C GLU A 27 19.24 17.80 -2.00
N ASP A 28 19.59 17.38 -0.77
CA ASP A 28 20.61 16.35 -0.56
C ASP A 28 20.12 15.00 -1.11
N GLY A 29 18.81 14.74 -0.87
CA GLY A 29 18.14 13.54 -1.36
C GLY A 29 17.91 13.59 -2.85
N ALA A 30 17.66 14.81 -3.38
CA ALA A 30 17.44 15.04 -4.82
C ALA A 30 18.66 14.60 -5.65
N ASP A 31 19.84 15.07 -5.22
CA ASP A 31 21.13 14.73 -5.89
C ASP A 31 21.49 13.24 -5.68
N SER A 32 21.07 12.67 -4.53
CA SER A 32 21.25 11.22 -4.24
C SER A 32 20.29 10.35 -5.08
N LEU A 33 19.15 10.94 -5.53
CA LEU A 33 18.20 10.27 -6.43
C LEU A 33 18.70 10.27 -7.88
N ASN A 34 19.47 11.33 -8.26
CA ASN A 34 19.97 11.50 -9.65
C ASN A 34 20.81 10.30 -10.11
N VAL A 35 21.70 9.82 -9.22
CA VAL A 35 22.56 8.64 -9.52
C VAL A 35 21.73 7.34 -9.62
N ALA A 36 20.61 7.28 -8.85
CA ALA A 36 19.69 6.13 -8.83
C ALA A 36 18.85 6.09 -10.13
N MET A 37 18.43 7.28 -10.61
CA MET A 37 17.71 7.43 -11.89
C MET A 37 18.64 7.05 -13.04
N ASP A 38 19.88 7.60 -12.95
CA ASP A 38 20.90 7.54 -13.98
C ASP A 38 21.30 6.10 -14.30
N CYS A 39 21.49 5.29 -13.25
CA CYS A 39 21.88 3.89 -13.38
C CYS A 39 20.80 3.04 -14.11
N ILE A 40 19.52 3.30 -13.79
CA ILE A 40 18.37 2.60 -14.42
C ILE A 40 18.17 3.07 -15.88
N SER A 41 18.28 4.40 -16.07
CA SER A 41 18.07 5.08 -17.36
C SER A 41 19.17 4.70 -18.36
N GLU A 42 20.38 4.45 -17.83
CA GLU A 42 21.54 4.00 -18.63
C GLU A 42 21.40 2.51 -18.97
N ALA A 43 20.88 1.73 -17.99
CA ALA A 43 20.68 0.28 -18.13
C ALA A 43 19.76 -0.06 -19.31
N PHE A 44 18.70 0.75 -19.50
CA PHE A 44 17.73 0.56 -20.59
C PHE A 44 17.96 1.57 -21.74
N GLY A 45 19.04 2.37 -21.61
CA GLY A 45 19.60 3.18 -22.69
C GLY A 45 18.64 4.24 -23.23
N PHE A 46 18.23 5.18 -22.36
CA PHE A 46 17.32 6.28 -22.73
C PHE A 46 17.64 7.56 -21.96
N GLU A 47 17.00 8.65 -22.39
CA GLU A 47 17.12 9.99 -21.78
C GLU A 47 15.88 10.19 -20.86
N ARG A 48 16.04 10.88 -19.71
CA ARG A 48 15.01 10.92 -18.63
C ARG A 48 13.79 11.80 -18.99
N GLU A 49 13.86 12.54 -20.11
CA GLU A 49 12.73 13.33 -20.63
C GLU A 49 11.92 12.51 -21.65
N ALA A 50 12.51 11.39 -22.11
CA ALA A 50 11.85 10.45 -23.06
C ALA A 50 10.84 9.54 -22.32
N VAL A 51 10.81 9.62 -20.97
CA VAL A 51 9.98 8.76 -20.10
C VAL A 51 8.47 8.79 -20.46
N SER A 52 7.95 9.98 -20.81
CA SER A 52 6.52 10.16 -21.15
C SER A 52 6.18 9.42 -22.46
N GLY A 53 7.17 9.36 -23.37
CA GLY A 53 7.04 8.62 -24.62
C GLY A 53 7.03 7.12 -24.41
N ILE A 54 7.92 6.64 -23.50
CA ILE A 54 8.04 5.22 -23.14
C ILE A 54 6.76 4.75 -22.40
N LEU A 55 6.19 5.68 -21.59
CA LEU A 55 4.93 5.44 -20.86
C LEU A 55 3.73 5.37 -21.84
N GLY A 56 3.82 6.15 -22.94
CA GLY A 56 2.86 6.07 -24.03
C GLY A 56 2.90 4.71 -24.74
N LYS A 57 4.11 4.11 -24.80
CA LYS A 57 4.33 2.78 -25.41
C LYS A 57 4.03 1.63 -24.43
N SER A 58 4.11 1.91 -23.12
CA SER A 58 4.01 0.86 -22.07
C SER A 58 2.57 0.77 -21.57
N GLU A 59 2.00 -0.44 -21.66
CA GLU A 59 0.60 -0.72 -21.27
C GLU A 59 0.53 -1.08 -19.78
N PHE A 60 1.54 -1.86 -19.31
CA PHE A 60 1.54 -2.53 -18.00
C PHE A 60 0.43 -3.61 -17.93
N LYS A 61 0.54 -4.48 -16.92
CA LYS A 61 -0.39 -5.62 -16.72
C LYS A 61 -1.37 -5.31 -15.56
N GLY A 62 -1.20 -4.12 -14.93
CA GLY A 62 -2.12 -3.64 -13.90
C GLY A 62 -1.95 -2.15 -13.61
N GLN A 63 -0.67 -1.70 -13.54
CA GLN A 63 -0.30 -0.32 -13.10
C GLN A 63 -0.86 0.76 -14.06
N HIS A 64 -0.13 0.99 -15.17
CA HIS A 64 -0.49 1.93 -16.25
C HIS A 64 -0.72 3.36 -15.73
N LEU A 65 -1.99 3.67 -15.38
CA LEU A 65 -2.45 5.02 -14.97
C LEU A 65 -3.66 4.87 -14.02
N ALA A 66 -4.39 5.99 -13.81
CA ALA A 66 -5.63 6.08 -12.99
C ALA A 66 -5.31 5.95 -11.50
N ASP A 67 -4.93 4.73 -11.03
CA ASP A 67 -4.56 4.49 -9.64
C ASP A 67 -3.25 5.20 -9.31
N ILE A 68 -2.29 5.17 -10.25
CA ILE A 68 -0.96 5.77 -10.05
C ILE A 68 -0.86 7.11 -10.82
N LEU A 69 -0.60 8.17 -10.05
CA LEU A 69 -0.53 9.57 -10.53
C LEU A 69 0.94 9.95 -10.84
N ASN A 70 1.80 8.93 -11.04
CA ASN A 70 3.25 9.08 -11.28
C ASN A 70 3.54 9.34 -12.79
N SER A 71 2.67 10.14 -13.42
CA SER A 71 2.70 10.42 -14.87
C SER A 71 3.32 11.79 -15.14
N ALA A 72 2.83 12.81 -14.39
CA ALA A 72 3.29 14.20 -14.52
C ALA A 72 2.73 15.06 -13.37
N SER A 73 3.08 16.35 -13.37
CA SER A 73 2.58 17.35 -12.42
C SER A 73 2.83 18.75 -13.00
N ARG A 74 2.05 19.75 -12.55
CA ARG A 74 2.20 21.14 -13.01
C ARG A 74 2.45 22.07 -11.81
N VAL A 75 2.59 23.37 -12.11
CA VAL A 75 2.63 24.44 -11.10
C VAL A 75 1.27 25.18 -11.13
N PRO A 76 0.55 25.31 -9.96
CA PRO A 76 -0.74 26.06 -9.90
C PRO A 76 -0.54 27.59 -9.94
N GLU A 77 -1.63 28.32 -10.23
CA GLU A 77 -1.61 29.80 -10.37
C GLU A 77 -2.60 30.47 -9.40
N SER A 78 -3.26 29.64 -8.56
CA SER A 78 -4.37 30.06 -7.68
C SER A 78 -3.93 31.05 -6.58
N ASN A 79 -2.62 31.08 -6.28
CA ASN A 79 -2.01 31.99 -5.29
C ASN A 79 -2.32 33.46 -5.61
N LYS A 80 -2.06 33.84 -6.87
CA LYS A 80 -2.32 35.21 -7.36
C LYS A 80 -2.82 35.08 -8.81
N LYS A 81 -4.15 35.06 -8.95
CA LYS A 81 -4.84 35.04 -10.25
C LYS A 81 -5.80 36.25 -10.31
N ASP A 82 -6.67 36.33 -9.30
CA ASP A 82 -7.47 37.52 -8.98
C ASP A 82 -6.72 38.31 -7.89
N ASP A 83 -7.05 39.61 -7.76
CA ASP A 83 -6.33 40.55 -6.87
C ASP A 83 -6.82 40.43 -5.40
N ALA A 84 -8.10 40.03 -5.23
CA ALA A 84 -8.68 39.52 -3.94
C ALA A 84 -9.06 40.64 -2.93
N GLU A 85 -8.09 41.47 -2.52
CA GLU A 85 -8.29 42.49 -1.45
C GLU A 85 -9.12 43.69 -1.94
N ASN A 86 -9.82 44.37 -1.00
CA ASN A 86 -10.69 45.54 -1.32
C ASN A 86 -9.87 46.79 -1.71
N VAL A 87 -8.55 46.75 -1.46
CA VAL A 87 -7.61 47.82 -1.81
C VAL A 87 -7.61 48.03 -3.34
N GLU A 88 -7.94 49.26 -3.78
CA GLU A 88 -8.07 49.68 -5.20
C GLU A 88 -9.41 49.18 -5.84
N ILE A 89 -9.73 47.89 -5.63
CA ILE A 89 -10.96 47.24 -6.14
C ILE A 89 -12.25 47.96 -5.65
N ASN A 90 -12.23 48.38 -4.38
CA ASN A 90 -13.39 49.03 -3.72
C ASN A 90 -12.90 50.18 -2.82
N ILE A 91 -13.47 51.38 -3.05
CA ILE A 91 -13.19 52.59 -2.25
C ILE A 91 -14.47 53.04 -1.49
N PRO A 92 -14.68 52.59 -0.19
CA PRO A 92 -15.84 53.00 0.65
C PRO A 92 -15.62 54.40 1.25
N GLU A 93 -15.57 55.41 0.37
CA GLU A 93 -15.13 56.77 0.69
C GLU A 93 -16.33 57.67 1.06
N ASP A 94 -17.36 57.62 0.20
CA ASP A 94 -18.52 58.55 0.24
C ASP A 94 -19.38 58.34 1.51
N ASP A 95 -19.44 57.08 1.94
CA ASP A 95 -20.30 56.65 3.06
C ASP A 95 -19.54 56.63 4.42
N ALA A 96 -18.29 57.16 4.42
CA ALA A 96 -17.34 57.05 5.55
C ALA A 96 -17.89 57.68 6.86
N GLU A 97 -18.39 58.92 6.77
CA GLU A 97 -19.09 59.58 7.90
C GLU A 97 -20.62 59.55 7.71
N THR A 98 -21.09 59.77 6.47
CA THR A 98 -22.52 59.97 6.14
C THR A 98 -23.40 58.77 6.57
N LYS A 99 -23.10 57.61 5.97
CA LYS A 99 -23.88 56.37 6.19
C LYS A 99 -23.55 55.78 7.57
N ALA A 100 -22.26 55.83 7.94
CA ALA A 100 -21.76 55.27 9.21
C ALA A 100 -22.36 55.96 10.44
N LYS A 101 -22.94 57.16 10.27
CA LYS A 101 -23.66 57.86 11.35
C LYS A 101 -25.19 57.72 11.20
N ALA A 102 -25.75 58.24 10.08
CA ALA A 102 -27.22 58.34 9.87
C ALA A 102 -27.90 56.96 9.87
N GLU A 103 -27.24 55.96 9.25
CA GLU A 103 -27.76 54.59 9.17
C GLU A 103 -27.51 53.81 10.46
N ASP A 104 -26.28 53.90 11.00
CA ASP A 104 -25.86 53.14 12.21
C ASP A 104 -26.73 53.49 13.44
N LEU A 105 -26.86 54.80 13.71
CA LEU A 105 -27.62 55.30 14.86
C LEU A 105 -29.13 55.02 14.69
N LYS A 106 -29.59 54.98 13.41
CA LYS A 106 -30.96 54.54 13.04
C LYS A 106 -31.14 53.05 13.34
N MET A 107 -30.10 52.25 12.99
CA MET A 107 -30.10 50.78 13.13
C MET A 107 -30.26 50.38 14.60
N GLN A 108 -29.65 51.19 15.50
CA GLN A 108 -29.79 51.02 16.95
C GLN A 108 -31.26 51.04 17.37
N GLY A 109 -32.00 52.03 16.80
CA GLY A 109 -33.43 52.18 17.01
C GLY A 109 -34.19 50.99 16.47
N ASN A 110 -33.75 50.47 15.31
CA ASN A 110 -34.41 49.36 14.61
C ASN A 110 -34.16 48.01 15.33
N LYS A 111 -32.98 47.88 15.99
CA LYS A 111 -32.61 46.65 16.74
C LYS A 111 -33.50 46.56 17.97
N ALA A 112 -33.49 47.65 18.76
CA ALA A 112 -34.26 47.78 20.00
C ALA A 112 -35.78 47.64 19.73
N MET A 113 -36.26 48.31 18.67
CA MET A 113 -37.69 48.28 18.26
C MET A 113 -38.16 46.85 17.98
N ALA A 114 -37.37 46.13 17.14
CA ALA A 114 -37.68 44.74 16.76
C ALA A 114 -37.48 43.75 17.93
N ASN A 115 -36.70 44.19 18.95
CA ASN A 115 -36.40 43.37 20.15
C ASN A 115 -37.38 43.73 21.32
N LYS A 116 -38.41 44.57 21.02
CA LYS A 116 -39.47 45.03 21.99
C LYS A 116 -38.99 46.13 22.94
N ASP A 117 -37.72 46.55 22.84
CA ASP A 117 -37.18 47.69 23.58
C ASP A 117 -37.48 49.00 22.81
N TYR A 118 -38.78 49.28 22.62
CA TYR A 118 -39.25 50.45 21.83
C TYR A 118 -38.86 51.76 22.53
N GLU A 119 -38.62 51.69 23.85
CA GLU A 119 -38.21 52.83 24.68
C GLU A 119 -36.83 53.32 24.26
N LEU A 120 -35.91 52.36 24.16
CA LEU A 120 -34.51 52.60 23.72
C LEU A 120 -34.54 53.10 22.27
N ALA A 121 -35.42 52.47 21.45
CA ALA A 121 -35.60 52.77 20.03
C ALA A 121 -35.86 54.26 19.78
N ILE A 122 -36.79 54.85 20.58
CA ILE A 122 -37.18 56.28 20.49
C ILE A 122 -35.95 57.20 20.72
N ASN A 123 -35.13 56.86 21.75
CA ASN A 123 -33.91 57.63 22.11
C ASN A 123 -32.77 57.41 21.10
N LYS A 124 -32.78 56.24 20.44
CA LYS A 124 -31.76 55.89 19.43
C LYS A 124 -32.07 56.56 18.09
N TYR A 125 -33.38 56.77 17.82
CA TYR A 125 -33.82 57.58 16.68
C TYR A 125 -33.42 59.06 16.93
N THR A 126 -33.48 59.49 18.21
CA THR A 126 -33.05 60.84 18.65
C THR A 126 -31.56 61.08 18.31
N GLU A 127 -30.73 60.04 18.53
CA GLU A 127 -29.28 60.07 18.23
C GLU A 127 -29.05 60.24 16.72
N ALA A 128 -29.90 59.58 15.92
CA ALA A 128 -29.83 59.63 14.45
C ALA A 128 -30.27 61.00 13.88
N ILE A 129 -31.17 61.69 14.62
CA ILE A 129 -31.64 63.06 14.28
C ILE A 129 -30.48 64.07 14.40
N LYS A 130 -29.50 63.78 15.27
CA LYS A 130 -28.28 64.63 15.41
C LYS A 130 -27.51 64.70 14.08
N VAL A 131 -27.48 63.57 13.36
CA VAL A 131 -26.76 63.46 12.08
C VAL A 131 -27.50 64.26 10.99
N LEU A 132 -28.81 64.02 10.89
CA LEU A 132 -29.67 64.66 9.88
C LEU A 132 -30.99 65.11 10.54
N PRO A 133 -31.05 66.38 11.06
CA PRO A 133 -32.25 66.93 11.76
C PRO A 133 -33.41 67.28 10.81
N THR A 134 -33.11 67.33 9.51
CA THR A 134 -34.11 67.59 8.46
C THR A 134 -34.98 66.35 8.20
N ASN A 135 -34.44 65.16 8.60
CA ASN A 135 -35.08 63.86 8.38
C ASN A 135 -36.18 63.63 9.45
N ALA A 136 -37.41 64.05 9.12
CA ALA A 136 -38.60 63.87 9.96
C ALA A 136 -39.12 62.41 9.93
N ILE A 137 -38.47 61.56 9.12
CA ILE A 137 -38.74 60.11 9.05
C ILE A 137 -38.46 59.46 10.43
N TYR A 138 -37.38 59.94 11.11
CA TYR A 138 -37.01 59.47 12.48
C TYR A 138 -38.15 59.71 13.49
N TYR A 139 -38.87 60.82 13.30
CA TYR A 139 -40.01 61.19 14.16
C TYR A 139 -41.26 60.35 13.84
N ALA A 140 -41.39 59.94 12.58
CA ALA A 140 -42.46 59.03 12.14
C ALA A 140 -42.17 57.58 12.58
N ASN A 141 -40.87 57.26 12.80
CA ASN A 141 -40.41 55.92 13.26
C ASN A 141 -40.62 55.77 14.78
N ARG A 142 -40.24 56.81 15.54
CA ARG A 142 -40.36 56.82 17.03
C ARG A 142 -41.84 56.86 17.45
N ALA A 143 -42.70 57.45 16.60
CA ALA A 143 -44.15 57.50 16.81
C ALA A 143 -44.76 56.10 16.75
N ALA A 144 -44.32 55.31 15.75
CA ALA A 144 -44.77 53.91 15.55
C ALA A 144 -44.24 53.01 16.68
N ALA A 145 -43.06 53.35 17.23
CA ALA A 145 -42.47 52.64 18.38
C ALA A 145 -43.21 52.98 19.69
N HIS A 146 -43.65 54.25 19.79
CA HIS A 146 -44.26 54.81 21.03
C HIS A 146 -45.73 54.35 21.16
N SER A 147 -46.41 54.21 20.01
CA SER A 147 -47.79 53.69 19.96
C SER A 147 -47.81 52.16 20.13
N SER A 148 -46.66 51.51 19.78
CA SER A 148 -46.47 50.07 20.02
C SER A 148 -46.24 49.79 21.52
N LEU A 149 -45.95 50.86 22.28
CA LEU A 149 -45.90 50.84 23.76
C LEU A 149 -47.27 51.17 24.37
N LYS A 150 -48.33 51.17 23.52
CA LYS A 150 -49.73 51.47 23.89
C LYS A 150 -49.93 52.92 24.37
N GLU A 151 -48.88 53.75 24.22
CA GLU A 151 -48.91 55.17 24.56
C GLU A 151 -49.34 55.94 23.30
N TYR A 152 -50.63 55.81 22.95
CA TYR A 152 -51.17 56.35 21.69
C TYR A 152 -51.25 57.88 21.76
N ASP A 153 -51.73 58.38 22.90
CA ASP A 153 -51.82 59.84 23.19
C ASP A 153 -50.42 60.48 23.16
N GLN A 154 -49.45 59.78 23.75
CA GLN A 154 -48.05 60.24 23.83
C GLN A 154 -47.41 60.22 22.44
N ALA A 155 -47.81 59.22 21.63
CA ALA A 155 -47.32 59.05 20.24
C ALA A 155 -47.96 60.07 19.27
N VAL A 156 -49.08 60.73 19.69
CA VAL A 156 -49.65 61.88 18.95
C VAL A 156 -48.63 63.03 18.89
N LYS A 157 -47.84 63.18 19.98
CA LYS A 157 -46.78 64.19 20.07
C LYS A 157 -45.64 63.87 19.10
N ASP A 158 -45.18 62.60 19.09
CA ASP A 158 -44.08 62.13 18.20
C ASP A 158 -44.50 62.22 16.72
N ALA A 159 -45.77 61.87 16.46
CA ALA A 159 -46.40 61.92 15.13
C ALA A 159 -46.46 63.38 14.62
N GLU A 160 -46.84 64.29 15.52
CA GLU A 160 -46.92 65.73 15.23
C GLU A 160 -45.52 66.36 15.21
N SER A 161 -44.54 65.73 15.90
CA SER A 161 -43.14 66.21 15.91
C SER A 161 -42.50 66.05 14.52
N ALA A 162 -42.97 65.03 13.79
CA ALA A 162 -42.65 64.85 12.36
C ALA A 162 -43.22 66.03 11.53
N ILE A 163 -44.46 66.41 11.89
CA ILE A 163 -45.21 67.52 11.26
C ILE A 163 -44.75 68.89 11.84
N SER A 164 -43.95 68.88 12.92
CA SER A 164 -43.38 70.11 13.51
C SER A 164 -42.06 70.47 12.81
N ILE A 165 -41.27 69.43 12.44
CA ILE A 165 -40.02 69.59 11.66
C ILE A 165 -40.36 70.20 10.28
N ASP A 166 -41.48 69.71 9.70
CA ASP A 166 -42.03 70.24 8.44
C ASP A 166 -43.56 70.40 8.60
N PRO A 167 -44.10 71.66 8.61
CA PRO A 167 -45.55 71.95 8.87
C PRO A 167 -46.54 71.16 7.99
N SER A 168 -46.08 70.70 6.82
CA SER A 168 -46.90 70.01 5.82
C SER A 168 -46.41 68.57 5.61
N TYR A 169 -45.77 67.98 6.65
CA TYR A 169 -45.14 66.65 6.54
C TYR A 169 -46.19 65.55 6.33
N PHE A 170 -46.23 65.13 5.06
CA PHE A 170 -47.17 64.17 4.48
C PHE A 170 -47.26 62.83 5.25
N ARG A 171 -46.10 62.29 5.63
CA ARG A 171 -45.99 60.94 6.21
C ARG A 171 -46.32 60.93 7.72
N GLY A 172 -46.39 62.14 8.32
CA GLY A 172 -46.67 62.29 9.77
C GLY A 172 -48.13 62.10 10.11
N TYR A 173 -49.03 62.49 9.17
CA TYR A 173 -50.50 62.38 9.35
C TYR A 173 -50.94 60.90 9.38
N SER A 174 -50.11 60.01 8.81
CA SER A 174 -50.28 58.55 8.88
C SER A 174 -50.18 58.05 10.34
N ARG A 175 -49.14 58.54 11.03
CA ARG A 175 -48.86 58.17 12.44
C ARG A 175 -49.88 58.82 13.39
N LEU A 176 -50.37 60.01 13.00
CA LEU A 176 -51.41 60.74 13.74
C LEU A 176 -52.73 59.94 13.71
N GLY A 177 -53.10 59.49 12.50
CA GLY A 177 -54.33 58.71 12.30
C GLY A 177 -54.28 57.34 12.96
N PHE A 178 -53.06 56.76 13.07
CA PHE A 178 -52.84 55.46 13.73
C PHE A 178 -53.22 55.53 15.21
N ALA A 179 -52.77 56.64 15.85
CA ALA A 179 -53.08 56.93 17.25
C ALA A 179 -54.59 57.04 17.46
N LYS A 180 -55.26 57.79 16.55
CA LYS A 180 -56.73 58.01 16.58
C LYS A 180 -57.52 56.71 16.43
N TYR A 181 -57.04 55.83 15.54
CA TYR A 181 -57.65 54.50 15.29
C TYR A 181 -57.60 53.64 16.57
N ALA A 182 -56.45 53.73 17.26
CA ALA A 182 -56.19 53.00 18.51
C ALA A 182 -56.94 53.64 19.71
N GLN A 183 -57.31 54.93 19.58
CA GLN A 183 -58.17 55.63 20.57
C GLN A 183 -59.66 55.32 20.35
N GLY A 184 -59.96 54.42 19.39
CA GLY A 184 -61.34 54.02 19.10
C GLY A 184 -62.11 55.07 18.33
N LYS A 185 -61.39 55.88 17.54
CA LYS A 185 -61.96 56.90 16.67
C LYS A 185 -61.62 56.58 15.20
N PRO A 186 -62.44 55.71 14.52
CA PRO A 186 -62.19 55.28 13.11
C PRO A 186 -62.38 56.41 12.09
N GLU A 187 -63.42 57.25 12.32
CA GLU A 187 -63.79 58.35 11.42
C GLU A 187 -62.80 59.52 11.56
N GLU A 188 -62.38 59.81 12.80
CA GLU A 188 -61.39 60.87 13.12
C GLU A 188 -59.99 60.47 12.60
N ALA A 189 -59.71 59.15 12.68
CA ALA A 189 -58.51 58.55 12.05
C ALA A 189 -58.58 58.72 10.53
N LEU A 190 -59.78 58.46 9.98
CA LEU A 190 -60.05 58.53 8.54
C LEU A 190 -59.84 59.97 7.99
N GLU A 191 -60.13 60.98 8.85
CA GLU A 191 -59.92 62.40 8.50
C GLU A 191 -58.43 62.77 8.52
N ALA A 192 -57.68 62.18 9.47
CA ALA A 192 -56.21 62.39 9.56
C ALA A 192 -55.50 61.73 8.37
N TYR A 193 -56.03 60.57 7.93
CA TYR A 193 -55.55 59.86 6.73
C TYR A 193 -56.07 60.53 5.44
N LYS A 194 -57.20 61.26 5.56
CA LYS A 194 -57.78 62.04 4.45
C LYS A 194 -56.86 63.21 4.10
N LYS A 195 -56.11 63.71 5.11
CA LYS A 195 -55.12 64.78 4.93
C LYS A 195 -53.92 64.25 4.12
N VAL A 196 -53.60 62.96 4.30
CA VAL A 196 -52.56 62.25 3.53
C VAL A 196 -52.97 62.20 2.03
N LEU A 197 -54.24 61.83 1.79
CA LEU A 197 -54.84 61.75 0.43
C LEU A 197 -55.28 63.14 -0.10
N ASP A 198 -55.19 64.16 0.75
CA ASP A 198 -55.48 65.56 0.38
C ASP A 198 -54.29 66.16 -0.39
N ILE A 199 -53.10 66.15 0.26
CA ILE A 199 -51.90 66.86 -0.23
C ILE A 199 -51.12 66.05 -1.29
N GLU A 200 -51.29 64.72 -1.35
CA GLU A 200 -50.67 63.87 -2.41
C GLU A 200 -51.74 63.35 -3.38
N GLY A 201 -53.01 63.68 -3.12
CA GLY A 201 -54.13 63.17 -3.91
C GLY A 201 -54.37 61.69 -3.66
N ASP A 202 -55.12 61.07 -4.58
CA ASP A 202 -55.44 59.62 -4.54
C ASP A 202 -54.25 58.79 -5.08
N ASN A 203 -53.20 59.49 -5.58
CA ASN A 203 -51.97 58.86 -6.10
C ASN A 203 -50.90 58.67 -4.99
N ALA A 204 -51.31 58.86 -3.72
CA ALA A 204 -50.45 58.53 -2.56
C ALA A 204 -50.16 57.01 -2.50
N THR A 205 -49.07 56.62 -1.84
CA THR A 205 -48.55 55.24 -1.85
C THR A 205 -49.56 54.26 -1.20
N GLU A 206 -49.46 52.96 -1.57
CA GLU A 206 -50.35 51.87 -1.10
C GLU A 206 -50.40 51.76 0.43
N ALA A 207 -49.25 52.04 1.09
CA ALA A 207 -49.14 52.05 2.57
C ALA A 207 -50.04 53.13 3.19
N MET A 208 -50.15 54.25 2.47
CA MET A 208 -50.86 55.47 2.90
C MET A 208 -52.35 55.40 2.58
N LYS A 209 -52.73 54.46 1.69
CA LYS A 209 -54.13 54.22 1.31
C LYS A 209 -54.74 53.04 2.09
N ARG A 210 -53.90 52.05 2.46
CA ARG A 210 -54.39 50.81 3.10
C ARG A 210 -54.75 51.03 4.58
N ASP A 211 -53.97 51.87 5.29
CA ASP A 211 -54.22 52.21 6.70
C ASP A 211 -55.43 53.15 6.83
N TYR A 212 -55.62 53.99 5.79
CA TYR A 212 -56.83 54.79 5.58
C TYR A 212 -58.07 53.89 5.61
N GLU A 213 -58.00 52.83 4.79
CA GLU A 213 -59.09 51.87 4.61
C GLU A 213 -59.29 51.03 5.89
N SER A 214 -58.17 50.71 6.57
CA SER A 214 -58.17 49.90 7.81
C SER A 214 -58.77 50.66 9.01
N ALA A 215 -58.76 52.00 8.95
CA ALA A 215 -59.49 52.84 9.93
C ALA A 215 -60.99 52.68 9.73
N LYS A 216 -61.38 52.76 8.45
CA LYS A 216 -62.77 52.80 8.01
C LYS A 216 -63.50 51.44 8.16
N LYS A 217 -62.76 50.33 8.37
CA LYS A 217 -63.37 48.97 8.46
C LYS A 217 -64.33 48.83 9.68
N LYS A 218 -64.12 49.70 10.67
CA LYS A 218 -64.94 49.77 11.90
C LYS A 218 -66.33 50.43 11.64
N VAL A 219 -66.48 51.09 10.47
CA VAL A 219 -67.73 51.76 10.08
C VAL A 219 -68.79 50.74 9.56
N GLU A 220 -68.32 49.57 9.06
CA GLU A 220 -69.22 48.50 8.53
C GLU A 220 -70.13 47.88 9.62
N GLN A 221 -69.81 48.10 10.90
CA GLN A 221 -70.60 47.59 12.05
C GLN A 221 -72.00 48.26 12.12
N SER A 222 -72.15 49.41 11.44
CA SER A 222 -73.43 50.14 11.32
C SER A 222 -74.35 49.50 10.24
N LEU A 223 -73.72 48.80 9.28
CA LEU A 223 -74.41 48.13 8.16
C LEU A 223 -75.20 46.87 8.62
N ASN A 224 -74.91 46.43 9.88
CA ASN A 224 -75.66 45.36 10.58
C ASN A 224 -77.14 45.78 10.88
N LEU A 225 -77.47 47.06 10.60
CA LEU A 225 -78.86 47.64 10.68
C LEU A 225 -79.70 47.24 9.41
N GLU A 226 -79.45 46.02 8.91
CA GLU A 226 -80.06 45.39 7.71
C GLU A 226 -81.54 45.83 7.46
N LYS A 227 -81.71 46.77 6.50
CA LYS A 227 -83.01 47.25 5.96
C LYS A 227 -82.75 47.86 4.57
N THR A 228 -83.70 47.68 3.63
CA THR A 228 -83.57 48.20 2.27
C THR A 228 -83.94 49.71 2.24
N VAL A 229 -82.94 50.55 1.94
CA VAL A 229 -83.08 52.02 1.83
C VAL A 229 -82.65 52.53 0.41
N PRO A 230 -81.39 52.19 -0.11
CA PRO A 230 -80.95 52.67 -1.45
C PRO A 230 -81.61 51.88 -2.60
N GLU A 231 -80.85 51.61 -3.69
CA GLU A 231 -81.30 50.75 -4.81
C GLU A 231 -81.66 49.32 -4.31
N GLN A 232 -82.53 48.63 -5.09
CA GLN A 232 -82.89 47.21 -4.89
C GLN A 232 -81.63 46.34 -4.69
N SER A 233 -80.63 46.62 -5.53
CA SER A 233 -79.28 46.03 -5.50
C SER A 233 -79.31 44.47 -5.53
N ARG A 234 -79.46 43.84 -4.35
CA ARG A 234 -79.46 42.37 -4.17
C ARG A 234 -78.18 41.71 -4.78
N ASP A 235 -78.23 41.42 -6.11
CA ASP A 235 -77.06 41.01 -6.94
C ASP A 235 -76.44 39.64 -6.57
N ALA A 236 -75.83 39.58 -5.37
CA ALA A 236 -75.13 38.38 -4.85
C ALA A 236 -76.03 37.12 -4.84
N ASP A 237 -77.30 37.31 -4.44
CA ASP A 237 -78.29 36.22 -4.34
C ASP A 237 -79.00 35.97 -5.69
N VAL A 238 -78.61 36.77 -6.74
CA VAL A 238 -79.11 36.62 -8.14
C VAL A 238 -80.61 36.99 -8.23
N ASP A 239 -81.17 37.08 -9.46
CA ASP A 239 -82.61 37.32 -9.72
C ASP A 239 -83.49 36.35 -8.89
N ALA A 240 -84.69 36.84 -8.52
CA ALA A 240 -85.64 36.12 -7.64
C ALA A 240 -85.99 34.74 -8.22
N SER A 241 -86.37 34.72 -9.52
CA SER A 241 -86.74 33.48 -10.26
C SER A 241 -87.81 32.67 -9.47
N GLN A 242 -89.09 33.11 -9.59
CA GLN A 242 -90.25 32.62 -8.79
C GLN A 242 -90.13 33.08 -7.32
N GLY A 243 -91.08 32.61 -6.46
CA GLY A 243 -91.07 32.92 -5.04
C GLY A 243 -89.99 32.16 -4.28
N ALA A 244 -90.34 30.90 -3.85
CA ALA A 244 -89.44 29.98 -3.11
C ALA A 244 -88.83 30.69 -1.87
N SER A 245 -87.59 30.26 -1.43
CA SER A 245 -86.79 30.93 -0.38
C SER A 245 -87.46 30.84 1.02
N ALA A 246 -88.60 31.54 1.18
CA ALA A 246 -89.53 31.37 2.32
C ALA A 246 -90.23 29.98 2.25
N GLY A 247 -91.12 29.72 3.22
CA GLY A 247 -91.85 28.44 3.33
C GLY A 247 -92.80 28.21 2.16
N GLY A 248 -92.25 27.73 1.03
CA GLY A 248 -93.00 27.50 -0.19
C GLY A 248 -92.10 27.19 -1.36
N LEU A 249 -91.19 26.22 -1.15
CA LEU A 249 -90.39 25.63 -2.23
C LEU A 249 -91.30 24.82 -3.21
N PRO A 250 -92.30 23.99 -2.71
CA PRO A 250 -93.35 23.42 -3.60
C PRO A 250 -94.51 24.42 -3.81
N ASP A 251 -95.24 24.25 -4.93
CA ASP A 251 -96.36 25.14 -5.32
C ASP A 251 -97.63 24.76 -4.52
N LEU A 252 -97.58 25.06 -3.21
CA LEU A 252 -98.65 24.74 -2.22
C LEU A 252 -98.33 25.40 -0.87
N GLY A 253 -97.03 25.67 -0.64
CA GLY A 253 -96.54 26.23 0.63
C GLY A 253 -97.20 27.55 1.01
N SER A 254 -97.07 27.93 2.29
CA SER A 254 -97.77 29.07 2.89
C SER A 254 -97.34 30.42 2.23
N LEU A 255 -96.00 30.66 2.20
CA LEU A 255 -95.39 31.98 1.90
C LEU A 255 -96.02 33.05 2.81
N LEU A 256 -95.51 33.17 4.06
CA LEU A 256 -96.06 34.07 5.07
C LEU A 256 -95.96 35.54 4.58
N GLY A 257 -97.11 36.10 4.24
CA GLY A 257 -97.22 37.45 3.73
C GLY A 257 -98.62 37.74 3.26
N GLY A 258 -98.76 38.17 1.99
CA GLY A 258 -100.05 38.46 1.39
C GLY A 258 -100.81 39.55 2.14
N GLY A 259 -101.80 39.14 2.94
CA GLY A 259 -102.60 40.06 3.76
C GLY A 259 -101.88 40.51 5.03
N LEU A 260 -100.90 41.42 4.86
CA LEU A 260 -100.10 41.98 5.97
C LEU A 260 -100.77 43.26 6.49
N GLY A 261 -101.77 43.07 7.38
CA GLY A 261 -102.50 44.17 8.02
C GLY A 261 -103.23 45.06 7.01
N GLY A 262 -102.75 46.31 6.88
CA GLY A 262 -103.36 47.29 5.98
C GLY A 262 -102.31 48.25 5.43
N LEU A 263 -101.66 47.87 4.30
CA LEU A 263 -100.63 48.72 3.66
C LEU A 263 -101.26 49.92 2.92
N MET A 264 -101.28 51.08 3.63
CA MET A 264 -101.83 52.37 3.11
C MET A 264 -103.34 52.23 2.80
N ASN A 265 -103.92 53.27 2.17
CA ASN A 265 -105.31 53.21 1.67
C ASN A 265 -105.30 52.88 0.18
N ASN A 266 -105.59 51.61 -0.14
CA ASN A 266 -105.73 51.12 -1.53
C ASN A 266 -107.00 51.73 -2.21
N PRO A 267 -108.24 51.71 -1.58
CA PRO A 267 -109.42 52.44 -2.13
C PRO A 267 -109.48 53.91 -1.66
N GLN A 268 -108.32 54.61 -1.70
CA GLN A 268 -108.18 56.01 -1.27
C GLN A 268 -109.07 56.96 -2.11
N LEU A 269 -109.04 56.76 -3.44
CA LEU A 269 -109.96 57.43 -4.38
C LEU A 269 -110.95 56.38 -4.86
N MET A 270 -112.21 56.51 -4.45
CA MET A 270 -113.29 55.59 -4.82
C MET A 270 -114.63 56.26 -4.52
N GLN A 271 -114.71 56.86 -3.32
CA GLN A 271 -115.90 57.56 -2.79
C GLN A 271 -117.03 56.56 -2.51
N ALA A 272 -116.63 55.34 -2.08
CA ALA A 272 -117.55 54.26 -1.68
C ALA A 272 -118.26 54.61 -0.37
N ALA A 273 -117.51 55.29 0.52
CA ALA A 273 -118.02 55.77 1.82
C ALA A 273 -119.21 56.74 1.61
N GLN A 274 -119.06 57.61 0.60
CA GLN A 274 -120.12 58.58 0.20
C GLN A 274 -121.11 57.91 -0.78
N LYS A 275 -120.63 56.84 -1.44
CA LYS A 275 -121.35 56.07 -2.47
C LYS A 275 -121.58 56.96 -3.73
N MET A 276 -120.57 56.99 -4.62
CA MET A 276 -120.64 57.67 -5.93
C MET A 276 -120.23 56.68 -7.04
N MET A 277 -120.99 55.59 -7.13
CA MET A 277 -120.72 54.47 -8.06
C MET A 277 -121.30 54.74 -9.46
N SER A 278 -122.45 55.43 -9.51
CA SER A 278 -123.20 55.70 -10.74
C SER A 278 -122.67 56.96 -11.46
N ASN A 279 -123.19 57.21 -12.69
CA ASN A 279 -122.79 58.34 -13.56
C ASN A 279 -121.29 58.19 -13.94
N PRO A 280 -120.96 57.39 -15.02
CA PRO A 280 -119.57 57.11 -15.46
C PRO A 280 -118.96 58.27 -16.31
N GLY A 281 -118.90 59.47 -15.71
CA GLY A 281 -118.36 60.65 -16.39
C GLY A 281 -119.30 61.19 -17.46
N ALA A 282 -119.25 60.57 -18.67
CA ALA A 282 -120.11 60.88 -19.83
C ALA A 282 -120.03 62.37 -20.24
N MET A 283 -120.87 63.22 -19.63
CA MET A 283 -120.76 64.70 -19.71
C MET A 283 -120.20 65.20 -18.38
N GLN A 284 -118.93 65.64 -18.39
CA GLN A 284 -118.19 65.99 -17.15
C GLN A 284 -118.81 67.21 -16.46
N ASN A 285 -118.55 68.41 -17.04
CA ASN A 285 -118.94 69.69 -16.44
C ASN A 285 -119.02 70.81 -17.51
N ILE A 286 -119.09 70.42 -18.80
CA ILE A 286 -119.08 71.38 -19.93
C ILE A 286 -120.34 72.28 -19.89
N GLN A 287 -121.51 71.65 -19.58
CA GLN A 287 -122.82 72.33 -19.37
C GLN A 287 -123.28 73.13 -20.63
N LYS A 288 -122.63 74.28 -20.84
CA LYS A 288 -122.75 75.08 -22.08
C LYS A 288 -121.36 75.68 -22.40
N MET A 289 -120.90 75.45 -23.64
CA MET A 289 -119.57 75.90 -24.13
C MET A 289 -119.53 75.69 -25.67
N MET A 290 -118.44 76.17 -26.32
CA MET A 290 -118.15 75.93 -27.76
C MET A 290 -119.07 76.77 -28.70
N GLN A 291 -120.01 77.54 -28.11
CA GLN A 291 -121.06 78.31 -28.81
C GLN A 291 -122.08 77.35 -29.47
N ASP A 292 -123.24 77.17 -28.81
CA ASP A 292 -124.37 76.43 -29.37
C ASP A 292 -124.93 77.12 -30.65
N PRO A 293 -125.31 78.46 -30.64
CA PRO A 293 -125.87 79.12 -31.83
C PRO A 293 -124.79 79.56 -32.84
N SER A 294 -124.27 78.59 -33.62
CA SER A 294 -123.34 78.87 -34.71
C SER A 294 -124.10 79.47 -35.91
N ILE A 295 -125.32 78.95 -36.14
CA ILE A 295 -126.19 79.35 -37.27
C ILE A 295 -127.09 80.57 -36.93
N ARG A 296 -126.66 81.40 -35.96
CA ARG A 296 -127.44 82.56 -35.41
C ARG A 296 -127.98 83.49 -36.52
N GLN A 297 -127.09 83.96 -37.41
CA GLN A 297 -127.46 84.88 -38.50
C GLN A 297 -126.44 84.81 -39.65
N MET A 298 -126.94 84.96 -40.88
CA MET A 298 -126.12 85.11 -42.09
C MET A 298 -126.72 86.24 -42.93
N ALA A 299 -126.19 87.45 -42.74
CA ALA A 299 -126.62 88.65 -43.45
C ALA A 299 -125.38 89.48 -43.83
N GLU A 300 -125.29 89.86 -45.12
CA GLU A 300 -124.13 90.61 -45.65
C GLU A 300 -124.55 91.39 -46.91
N GLY A 301 -125.26 92.51 -46.68
CA GLY A 301 -125.72 93.40 -47.75
C GLY A 301 -126.62 92.74 -48.79
N PHE A 302 -126.67 93.35 -49.97
CA PHE A 302 -127.36 92.78 -51.16
C PHE A 302 -126.43 91.81 -51.94
N ALA A 303 -125.09 91.98 -51.71
CA ALA A 303 -124.01 91.13 -52.29
C ALA A 303 -123.70 91.48 -53.76
N SER A 304 -124.75 91.75 -54.57
CA SER A 304 -124.60 92.02 -56.02
C SER A 304 -123.87 93.36 -56.26
N GLY A 305 -124.58 94.49 -56.07
CA GLY A 305 -124.02 95.84 -56.25
C GLY A 305 -123.72 96.17 -57.72
N GLY A 306 -124.76 96.36 -58.53
CA GLY A 306 -124.63 96.71 -59.94
C GLY A 306 -125.47 95.81 -60.84
N GLY A 307 -125.34 94.48 -60.64
CA GLY A 307 -126.02 93.47 -61.45
C GLY A 307 -125.56 93.47 -62.89
N THR A 308 -126.24 94.26 -63.74
CA THR A 308 -125.85 94.50 -65.13
C THR A 308 -125.51 96.00 -65.30
N PRO A 309 -124.24 96.42 -64.99
CA PRO A 309 -123.84 97.84 -65.04
C PRO A 309 -123.57 98.36 -66.48
N ASN A 310 -123.63 99.70 -66.62
CA ASN A 310 -123.51 100.47 -67.88
C ASN A 310 -124.05 99.73 -69.13
N LEU A 311 -125.26 99.12 -69.00
CA LEU A 311 -125.97 98.53 -70.17
C LEU A 311 -126.50 99.66 -71.10
N SER A 312 -126.52 100.89 -70.53
CA SER A 312 -126.86 102.14 -71.22
C SER A 312 -125.69 102.69 -72.07
N ASP A 313 -124.45 102.18 -71.84
CA ASP A 313 -123.19 102.65 -72.49
C ASP A 313 -123.29 102.74 -74.03
N LEU A 314 -124.16 101.89 -74.63
CA LEU A 314 -124.44 101.85 -76.09
C LEU A 314 -124.86 103.24 -76.67
N MET A 315 -125.38 104.12 -75.79
CA MET A 315 -125.85 105.49 -76.13
C MET A 315 -124.73 106.35 -76.74
N ASN A 316 -123.49 106.14 -76.27
CA ASN A 316 -122.31 106.90 -76.73
C ASN A 316 -121.95 106.54 -78.19
N ASN A 317 -122.63 107.24 -79.12
CA ASN A 317 -122.48 107.05 -80.59
C ASN A 317 -121.48 108.10 -81.14
N PRO A 318 -120.91 107.88 -82.39
CA PRO A 318 -120.08 108.90 -83.06
C PRO A 318 -120.91 110.19 -83.38
N ALA A 319 -120.89 111.13 -82.43
CA ALA A 319 -121.65 112.40 -82.51
C ALA A 319 -121.10 113.34 -83.59
N LEU A 320 -119.81 113.12 -83.98
CA LEU A 320 -119.16 113.82 -85.11
C LEU A 320 -119.79 113.37 -86.47
N ARG A 321 -120.63 112.30 -86.41
CA ARG A 321 -121.52 111.84 -87.51
C ARG A 321 -120.69 111.18 -88.62
N ASN A 322 -119.82 110.23 -88.20
CA ASN A 322 -118.92 109.46 -89.09
C ASN A 322 -117.98 110.43 -89.87
N MET A 323 -117.55 111.52 -89.17
CA MET A 323 -116.73 112.63 -89.73
C MET A 323 -117.53 113.38 -90.82
N ALA A 324 -118.85 113.57 -90.56
CA ALA A 324 -119.81 114.28 -91.45
C ALA A 324 -119.90 113.60 -92.84
N GLY A 325 -118.95 113.94 -93.74
CA GLY A 325 -118.94 113.46 -95.11
C GLY A 325 -118.74 114.62 -96.08
N ASN A 326 -117.47 114.87 -96.45
CA ASN A 326 -117.07 115.98 -97.34
C ASN A 326 -115.73 115.67 -98.01
N LEU A 327 -115.52 116.18 -99.25
CA LEU A 327 -114.34 115.82 -100.07
C LEU A 327 -113.49 117.07 -100.42
N PHE A 328 -114.18 118.19 -100.74
CA PHE A 328 -113.57 119.45 -101.20
C PHE A 328 -112.58 119.22 -102.37
N GLY A 329 -113.12 119.22 -103.61
CA GLY A 329 -112.34 118.88 -104.82
C GLY A 329 -111.69 120.10 -105.49
N GLY A 330 -111.58 121.22 -104.75
CA GLY A 330 -110.96 122.46 -105.28
C GLY A 330 -111.84 123.17 -106.32
N ALA A 331 -113.17 122.87 -106.29
CA ALA A 331 -114.18 123.45 -107.21
C ALA A 331 -113.88 123.08 -108.68
N GLY A 332 -114.17 121.81 -109.04
CA GLY A 332 -113.86 121.24 -110.37
C GLY A 332 -114.82 121.67 -111.49
N ALA A 333 -115.44 122.85 -111.35
CA ALA A 333 -116.38 123.40 -112.34
C ALA A 333 -115.92 124.79 -112.82
N GLN A 334 -114.68 125.18 -112.47
CA GLN A 334 -114.11 126.51 -112.77
C GLN A 334 -112.92 126.38 -113.74
N SER A 335 -113.10 126.80 -115.00
CA SER A 335 -112.00 126.88 -115.98
C SER A 335 -111.25 128.22 -115.77
N THR A 336 -110.20 128.16 -114.95
CA THR A 336 -109.41 129.34 -114.56
C THR A 336 -108.60 129.93 -115.75
N ASP A 337 -108.42 129.11 -116.79
CA ASP A 337 -107.68 129.47 -118.03
C ASP A 337 -108.64 129.79 -119.20
N GLU A 338 -109.90 130.13 -118.84
CA GLU A 338 -111.04 130.35 -119.77
C GLU A 338 -110.70 131.21 -121.01
N THR A 339 -109.98 132.33 -120.80
CA THR A 339 -109.75 133.36 -121.84
C THR A 339 -108.24 133.66 -122.00
N PRO A 340 -107.52 132.96 -122.95
CA PRO A 340 -106.11 133.27 -123.28
C PRO A 340 -105.99 134.56 -124.12
N ASP A 341 -107.13 135.01 -124.68
CA ASP A 341 -107.21 136.18 -125.56
C ASP A 341 -107.28 137.49 -124.76
N ASN A 342 -108.25 137.56 -123.80
CA ASN A 342 -108.68 138.82 -123.15
C ASN A 342 -109.00 139.87 -124.24
N GLU A 343 -110.20 139.71 -124.85
CA GLU A 343 -110.61 140.42 -126.10
C GLU A 343 -109.82 139.86 -127.30
N ASN A 344 -110.50 139.75 -128.47
CA ASN A 344 -109.87 139.20 -129.69
C ASN A 344 -108.68 140.06 -130.12
N LYS A 345 -108.99 141.33 -130.51
CA LYS A 345 -108.02 142.36 -130.98
C LYS A 345 -107.45 142.01 -132.39
N GLN A 346 -106.95 140.78 -132.53
CA GLN A 346 -106.42 140.20 -133.78
C GLN A 346 -107.39 140.37 -134.97
N TYR A 347 -108.67 140.04 -134.76
CA TYR A 347 -109.71 140.19 -135.78
C TYR A 347 -110.03 141.70 -135.98
N MET B 1 -4.21 4.88 -4.87
CA MET B 1 -3.32 6.05 -5.12
C MET B 1 -1.92 5.56 -5.51
N SER B 2 -0.99 6.52 -5.73
CA SER B 2 0.40 6.26 -6.18
C SER B 2 1.24 5.45 -5.15
N ALA B 3 0.66 5.23 -3.93
CA ALA B 3 1.30 4.57 -2.78
C ALA B 3 2.29 5.54 -2.09
N SER B 4 2.99 5.05 -1.07
CA SER B 4 4.09 5.77 -0.43
C SER B 4 5.37 5.57 -1.25
N LYS B 5 6.24 6.59 -1.25
CA LYS B 5 7.56 6.56 -1.92
C LYS B 5 8.41 5.34 -1.47
N GLU B 6 8.16 4.89 -0.22
CA GLU B 6 8.84 3.77 0.43
C GLU B 6 8.36 2.42 -0.17
N GLU B 7 7.04 2.32 -0.39
CA GLU B 7 6.38 1.12 -0.92
C GLU B 7 6.69 0.94 -2.41
N ILE B 8 6.78 2.10 -3.12
CA ILE B 8 7.26 2.17 -4.50
C ILE B 8 8.72 1.68 -4.53
N ALA B 9 9.56 2.27 -3.65
CA ALA B 9 11.01 1.97 -3.57
C ALA B 9 11.29 0.48 -3.27
N ALA B 10 10.46 -0.12 -2.41
CA ALA B 10 10.56 -1.54 -2.04
C ALA B 10 10.23 -2.43 -3.24
N LEU B 11 9.25 -2.01 -4.04
CA LEU B 11 8.80 -2.72 -5.25
C LEU B 11 9.86 -2.61 -6.36
N ILE B 12 10.51 -1.42 -6.46
CA ILE B 12 11.58 -1.14 -7.44
C ILE B 12 12.77 -2.08 -7.22
N VAL B 13 13.29 -2.07 -5.97
CA VAL B 13 14.48 -2.84 -5.61
C VAL B 13 14.20 -4.35 -5.61
N ASN B 14 12.93 -4.73 -5.34
CA ASN B 14 12.47 -6.16 -5.38
C ASN B 14 12.42 -6.66 -6.83
N TYR B 15 11.92 -5.80 -7.73
CA TYR B 15 11.72 -6.13 -9.14
C TYR B 15 13.08 -6.35 -9.82
N PHE B 16 13.97 -5.33 -9.73
CA PHE B 16 15.33 -5.40 -10.32
C PHE B 16 16.19 -6.49 -9.66
N SER B 17 15.90 -6.82 -8.39
CA SER B 17 16.58 -7.92 -7.67
C SER B 17 16.30 -9.26 -8.37
N SER B 18 15.01 -9.51 -8.69
CA SER B 18 14.56 -10.74 -9.36
C SER B 18 15.13 -10.85 -10.80
N ILE B 19 15.27 -9.68 -11.44
CA ILE B 19 15.77 -9.55 -12.82
C ILE B 19 17.27 -9.94 -12.89
N VAL B 20 18.09 -9.30 -12.06
CA VAL B 20 19.55 -9.52 -12.05
C VAL B 20 19.91 -10.91 -11.49
N GLU B 21 19.01 -11.46 -10.63
CA GLU B 21 19.18 -12.80 -10.01
C GLU B 21 19.09 -13.89 -11.10
N LYS B 22 17.94 -13.92 -11.81
CA LYS B 22 17.67 -14.89 -12.88
C LYS B 22 18.45 -14.58 -14.17
N LYS B 23 19.07 -13.37 -14.23
CA LYS B 23 19.79 -12.87 -15.42
C LYS B 23 18.81 -12.64 -16.59
N GLU B 24 17.64 -12.08 -16.25
CA GLU B 24 16.62 -11.60 -17.22
C GLU B 24 17.17 -10.47 -18.11
N ILE B 25 18.25 -9.84 -17.63
CA ILE B 25 19.05 -8.84 -18.37
C ILE B 25 20.51 -9.35 -18.40
N SER B 26 21.28 -8.90 -19.42
CA SER B 26 22.72 -9.17 -19.51
C SER B 26 23.43 -8.64 -18.26
N GLU B 27 24.31 -9.49 -17.67
CA GLU B 27 25.05 -9.19 -16.43
C GLU B 27 25.80 -7.83 -16.48
N ASP B 28 26.24 -7.46 -17.69
CA ASP B 28 26.88 -6.15 -17.96
C ASP B 28 25.94 -4.99 -17.54
N GLY B 29 24.74 -4.94 -18.16
CA GLY B 29 23.74 -3.92 -17.84
C GLY B 29 23.00 -4.18 -16.53
N ALA B 30 23.13 -5.40 -15.99
CA ALA B 30 22.49 -5.81 -14.72
C ALA B 30 23.14 -5.12 -13.53
N ASP B 31 24.47 -4.86 -13.64
CA ASP B 31 25.26 -4.14 -12.63
C ASP B 31 24.64 -2.75 -12.34
N SER B 32 24.21 -2.09 -13.41
CA SER B 32 23.56 -0.77 -13.35
C SER B 32 22.28 -0.82 -12.48
N LEU B 33 21.56 -1.96 -12.54
CA LEU B 33 20.34 -2.18 -11.75
C LEU B 33 20.69 -2.49 -10.27
N ASN B 34 21.77 -3.28 -10.06
CA ASN B 34 22.24 -3.68 -8.70
C ASN B 34 22.62 -2.44 -7.87
N VAL B 35 23.47 -1.58 -8.47
CA VAL B 35 23.96 -0.36 -7.80
C VAL B 35 22.80 0.64 -7.59
N ALA B 36 21.81 0.62 -8.52
CA ALA B 36 20.61 1.47 -8.42
C ALA B 36 19.75 1.08 -7.23
N MET B 37 19.60 -0.25 -6.99
CA MET B 37 18.81 -0.79 -5.88
C MET B 37 19.33 -0.29 -4.52
N ASP B 38 20.68 -0.35 -4.36
CA ASP B 38 21.35 0.10 -3.13
C ASP B 38 21.28 1.63 -2.99
N CYS B 39 21.41 2.35 -4.12
CA CYS B 39 21.35 3.83 -4.14
C CYS B 39 19.98 4.36 -3.67
N ILE B 40 18.90 3.63 -4.03
CA ILE B 40 17.52 3.94 -3.61
C ILE B 40 17.34 3.60 -2.12
N SER B 41 17.87 2.43 -1.72
CA SER B 41 17.84 1.92 -0.34
C SER B 41 18.64 2.85 0.61
N GLU B 42 19.62 3.58 0.05
CA GLU B 42 20.50 4.48 0.81
C GLU B 42 19.93 5.92 0.82
N ALA B 43 19.36 6.35 -0.32
CA ALA B 43 18.86 7.73 -0.51
C ALA B 43 17.67 8.02 0.42
N PHE B 44 16.69 7.10 0.44
CA PHE B 44 15.55 7.17 1.36
C PHE B 44 15.98 6.78 2.79
N GLY B 45 16.91 5.81 2.90
CA GLY B 45 17.39 5.34 4.19
C GLY B 45 16.45 4.29 4.78
N PHE B 46 16.50 3.09 4.19
CA PHE B 46 15.83 1.89 4.70
C PHE B 46 16.72 0.68 4.41
N GLU B 47 16.48 -0.43 5.10
CA GLU B 47 17.25 -1.66 4.93
C GLU B 47 16.75 -2.45 3.71
N ARG B 48 17.70 -3.08 2.99
CA ARG B 48 17.41 -3.90 1.79
C ARG B 48 16.61 -5.18 2.14
N GLU B 49 16.66 -5.60 3.43
CA GLU B 49 15.87 -6.74 3.94
C GLU B 49 14.50 -6.26 4.44
N ALA B 50 14.45 -4.99 4.92
CA ALA B 50 13.21 -4.37 5.46
C ALA B 50 12.11 -4.27 4.40
N VAL B 51 12.51 -4.36 3.12
CA VAL B 51 11.59 -4.35 1.96
C VAL B 51 10.54 -5.46 2.07
N SER B 52 10.89 -6.58 2.74
CA SER B 52 9.99 -7.70 3.01
C SER B 52 8.76 -7.22 3.83
N GLY B 53 9.04 -6.41 4.87
CA GLY B 53 7.99 -5.79 5.68
C GLY B 53 7.18 -4.75 4.92
N ILE B 54 7.88 -3.96 4.09
CA ILE B 54 7.30 -2.84 3.31
C ILE B 54 6.39 -3.38 2.17
N LEU B 55 6.70 -4.60 1.66
CA LEU B 55 5.90 -5.26 0.61
C LEU B 55 4.52 -5.71 1.16
N GLY B 56 4.47 -5.96 2.48
CA GLY B 56 3.20 -6.21 3.17
C GLY B 56 2.34 -4.95 3.24
N LYS B 57 3.00 -3.79 3.39
CA LYS B 57 2.35 -2.47 3.39
C LYS B 57 1.90 -2.09 1.97
N SER B 58 2.70 -2.51 0.96
CA SER B 58 2.49 -2.18 -0.46
C SER B 58 1.15 -2.72 -0.98
N GLU B 59 0.11 -1.89 -0.87
CA GLU B 59 -1.22 -2.16 -1.43
C GLU B 59 -1.22 -1.98 -2.95
N PHE B 60 -1.12 -0.71 -3.40
CA PHE B 60 -1.38 -0.32 -4.80
C PHE B 60 -2.84 -0.74 -5.15
N LYS B 61 -3.78 0.17 -4.84
CA LYS B 61 -5.22 -0.15 -4.74
C LYS B 61 -5.86 -0.55 -6.08
N GLY B 62 -5.21 -0.19 -7.18
CA GLY B 62 -5.62 -0.62 -8.51
C GLY B 62 -5.07 -2.00 -8.86
N GLN B 63 -3.82 -2.28 -8.41
CA GLN B 63 -3.09 -3.51 -8.75
C GLN B 63 -3.13 -4.51 -7.56
N HIS B 64 -2.15 -4.34 -6.63
CA HIS B 64 -1.79 -5.31 -5.56
C HIS B 64 -1.29 -6.64 -6.15
N LEU B 65 -2.17 -7.32 -6.89
CA LEU B 65 -1.82 -8.49 -7.73
C LEU B 65 -1.92 -8.07 -9.22
N ALA B 66 -2.05 -9.05 -10.14
CA ALA B 66 -2.32 -8.85 -11.58
C ALA B 66 -1.05 -8.38 -12.34
N ASP B 67 -0.59 -7.15 -12.04
CA ASP B 67 0.66 -6.61 -12.61
C ASP B 67 1.85 -7.31 -11.97
N ILE B 68 1.95 -7.16 -10.64
CA ILE B 68 3.07 -7.66 -9.85
C ILE B 68 2.73 -9.04 -9.23
N LEU B 69 3.39 -10.07 -9.77
CA LEU B 69 3.25 -11.46 -9.30
C LEU B 69 4.28 -11.75 -8.19
N ASN B 70 5.30 -10.87 -8.06
CA ASN B 70 6.37 -10.97 -7.03
C ASN B 70 5.87 -10.35 -5.71
N SER B 71 5.86 -11.16 -4.63
CA SER B 71 5.47 -10.70 -3.28
C SER B 71 6.16 -11.60 -2.21
N ALA B 72 5.66 -12.83 -2.03
CA ALA B 72 6.16 -13.77 -1.00
C ALA B 72 5.51 -15.18 -1.13
N SER B 73 5.91 -16.10 -0.24
CA SER B 73 5.32 -17.46 -0.14
C SER B 73 5.01 -17.79 1.34
N ARG B 74 4.39 -18.96 1.57
CA ARG B 74 4.01 -19.43 2.92
C ARG B 74 4.01 -20.96 2.97
N VAL B 75 4.46 -21.54 4.11
CA VAL B 75 4.41 -22.99 4.36
C VAL B 75 3.18 -23.30 5.27
N PRO B 76 2.08 -23.89 4.73
CA PRO B 76 0.86 -24.24 5.51
C PRO B 76 1.14 -25.20 6.71
N GLU B 77 1.96 -26.25 6.46
CA GLU B 77 2.28 -27.33 7.44
C GLU B 77 1.01 -28.13 7.89
N SER B 78 1.21 -29.03 8.87
CA SER B 78 0.16 -29.84 9.50
C SER B 78 -0.52 -30.78 8.48
N ASN B 79 0.15 -31.92 8.20
CA ASN B 79 -0.39 -33.02 7.36
C ASN B 79 -1.71 -33.54 7.95
N LYS B 80 -1.70 -33.74 9.28
CA LYS B 80 -2.86 -34.18 10.06
C LYS B 80 -2.79 -33.50 11.44
N LYS B 81 -1.81 -33.95 12.25
CA LYS B 81 -1.51 -33.38 13.58
C LYS B 81 -0.02 -33.00 13.61
N ASP B 82 0.47 -32.54 14.77
CA ASP B 82 1.91 -32.22 14.95
C ASP B 82 2.71 -33.52 15.12
N ASP B 83 2.18 -34.42 15.97
CA ASP B 83 2.72 -35.77 16.21
C ASP B 83 1.56 -36.68 16.69
N ALA B 84 1.23 -36.58 17.99
CA ALA B 84 0.17 -37.35 18.67
C ALA B 84 0.45 -38.87 18.74
N GLU B 85 0.32 -39.46 19.93
CA GLU B 85 0.50 -40.90 20.16
C GLU B 85 -0.86 -41.63 20.15
N ASN B 86 -1.25 -42.11 18.96
CA ASN B 86 -2.46 -42.95 18.80
C ASN B 86 -2.20 -44.36 19.33
N VAL B 87 -0.91 -44.78 19.29
CA VAL B 87 -0.47 -46.09 19.77
C VAL B 87 -0.43 -46.11 21.31
N GLU B 88 -1.60 -46.36 21.91
CA GLU B 88 -1.77 -46.57 23.37
C GLU B 88 -2.50 -47.92 23.59
N ILE B 89 -3.66 -48.04 22.90
CA ILE B 89 -4.51 -49.27 22.90
C ILE B 89 -4.92 -49.67 24.36
N ASN B 90 -5.16 -48.64 25.19
CA ASN B 90 -5.67 -48.81 26.56
C ASN B 90 -7.13 -49.25 26.50
N ILE B 91 -7.37 -50.54 26.84
CA ILE B 91 -8.68 -51.21 26.72
C ILE B 91 -9.11 -51.19 25.23
N PRO B 92 -8.61 -52.17 24.40
CA PRO B 92 -8.96 -52.26 22.96
C PRO B 92 -10.48 -52.47 22.80
N GLU B 93 -11.01 -53.41 23.61
CA GLU B 93 -12.46 -53.66 23.77
C GLU B 93 -12.72 -53.99 25.24
N ASP B 94 -12.01 -55.01 25.76
CA ASP B 94 -12.11 -55.45 27.17
C ASP B 94 -11.00 -54.83 28.03
N ASP B 95 -11.24 -54.84 29.35
CA ASP B 95 -10.31 -54.33 30.38
C ASP B 95 -9.11 -55.29 30.57
N ALA B 96 -9.25 -56.52 30.03
CA ALA B 96 -8.16 -57.51 29.97
C ALA B 96 -7.02 -56.96 29.07
N GLU B 97 -6.19 -56.12 29.70
CA GLU B 97 -5.14 -55.29 29.07
C GLU B 97 -4.58 -54.42 30.18
N THR B 98 -5.47 -53.63 30.82
CA THR B 98 -5.12 -52.69 31.89
C THR B 98 -4.81 -53.46 33.19
N LYS B 99 -5.56 -54.56 33.44
CA LYS B 99 -5.21 -55.54 34.49
C LYS B 99 -4.21 -56.56 33.93
N ALA B 100 -3.09 -56.04 33.36
CA ALA B 100 -1.97 -56.86 32.88
C ALA B 100 -1.31 -57.60 34.05
N LYS B 101 -1.50 -57.02 35.27
CA LYS B 101 -1.00 -57.55 36.54
C LYS B 101 -1.32 -59.03 36.76
N ALA B 102 -2.45 -59.52 36.18
CA ALA B 102 -2.94 -60.89 36.38
C ALA B 102 -1.92 -61.97 35.94
N GLU B 103 -0.97 -61.57 35.07
CA GLU B 103 0.14 -62.42 34.58
C GLU B 103 1.13 -62.73 35.72
N ASP B 104 1.61 -61.67 36.40
CA ASP B 104 2.52 -61.80 37.56
C ASP B 104 1.74 -62.12 38.83
N LEU B 105 0.43 -61.85 38.83
CA LEU B 105 -0.46 -62.11 39.99
C LEU B 105 -0.65 -63.62 40.14
N LYS B 106 -0.69 -64.34 39.00
CA LYS B 106 -0.86 -65.80 38.95
C LYS B 106 0.27 -66.47 39.76
N MET B 107 1.53 -66.09 39.47
CA MET B 107 2.71 -66.64 40.15
C MET B 107 2.84 -66.08 41.58
N GLN B 108 2.32 -64.85 41.80
CA GLN B 108 2.35 -64.17 43.12
C GLN B 108 1.40 -64.88 44.11
N GLY B 109 0.25 -65.36 43.61
CA GLY B 109 -0.75 -66.04 44.44
C GLY B 109 -0.38 -67.48 44.72
N ASN B 110 0.15 -68.16 43.69
CA ASN B 110 0.53 -69.59 43.75
C ASN B 110 1.77 -69.80 44.66
N LYS B 111 2.74 -68.87 44.55
CA LYS B 111 3.95 -68.87 45.39
C LYS B 111 3.56 -68.51 46.83
N ALA B 112 2.61 -67.56 46.97
CA ALA B 112 2.08 -67.10 48.27
C ALA B 112 1.53 -68.26 49.12
N MET B 113 0.90 -69.22 48.43
CA MET B 113 0.32 -70.42 49.03
C MET B 113 1.40 -71.27 49.76
N ALA B 114 2.61 -71.28 49.17
CA ALA B 114 3.80 -71.96 49.73
C ALA B 114 4.62 -71.02 50.64
N ASN B 115 4.33 -69.71 50.54
CA ASN B 115 5.04 -68.64 51.29
C ASN B 115 4.25 -68.20 52.55
N LYS B 116 3.18 -68.97 52.88
CA LYS B 116 2.31 -68.79 54.09
C LYS B 116 1.33 -67.60 53.96
N ASP B 117 1.35 -66.92 52.80
CA ASP B 117 0.35 -65.88 52.48
C ASP B 117 -0.89 -66.57 51.87
N TYR B 118 -1.86 -66.85 52.74
CA TYR B 118 -3.12 -67.52 52.37
C TYR B 118 -4.26 -66.49 52.16
N GLU B 119 -4.34 -65.52 53.07
CA GLU B 119 -5.47 -64.57 53.13
C GLU B 119 -5.45 -63.59 51.92
N LEU B 120 -4.30 -62.92 51.70
CA LEU B 120 -4.14 -61.98 50.57
C LEU B 120 -4.11 -62.77 49.23
N ALA B 121 -3.65 -64.04 49.29
CA ALA B 121 -3.71 -64.96 48.13
C ALA B 121 -5.14 -65.11 47.61
N ILE B 122 -6.12 -65.24 48.53
CA ILE B 122 -7.56 -65.33 48.20
C ILE B 122 -8.01 -64.08 47.39
N ASN B 123 -7.62 -62.89 47.89
CA ASN B 123 -7.95 -61.59 47.28
C ASN B 123 -7.36 -61.47 45.85
N LYS B 124 -6.11 -61.97 45.70
CA LYS B 124 -5.38 -61.92 44.43
C LYS B 124 -6.02 -62.82 43.36
N TYR B 125 -6.20 -64.14 43.67
CA TYR B 125 -6.78 -65.14 42.73
C TYR B 125 -8.10 -64.64 42.11
N THR B 126 -8.91 -63.95 42.96
CA THR B 126 -10.20 -63.37 42.57
C THR B 126 -10.07 -62.44 41.35
N GLU B 127 -9.06 -61.56 41.36
CA GLU B 127 -8.85 -60.54 40.30
C GLU B 127 -8.47 -61.17 38.95
N ALA B 128 -7.68 -62.26 39.00
CA ALA B 128 -7.23 -62.99 37.80
C ALA B 128 -8.39 -63.74 37.12
N ILE B 129 -9.45 -64.04 37.90
CA ILE B 129 -10.69 -64.67 37.40
C ILE B 129 -11.46 -63.71 36.46
N LYS B 130 -11.32 -62.39 36.68
CA LYS B 130 -11.96 -61.35 35.81
C LYS B 130 -11.27 -61.26 34.43
N VAL B 131 -10.00 -61.72 34.37
CA VAL B 131 -9.23 -61.76 33.12
C VAL B 131 -9.39 -63.14 32.43
N LEU B 132 -9.46 -64.19 33.26
CA LEU B 132 -9.44 -65.58 32.79
C LEU B 132 -10.02 -66.52 33.89
N PRO B 133 -11.35 -66.86 33.84
CA PRO B 133 -11.99 -67.81 34.77
C PRO B 133 -12.00 -69.27 34.25
N THR B 134 -11.26 -69.52 33.15
CA THR B 134 -11.30 -70.79 32.41
C THR B 134 -10.44 -71.89 33.09
N ASN B 135 -9.53 -71.49 33.99
CA ASN B 135 -8.60 -72.42 34.66
C ASN B 135 -9.06 -72.70 36.09
N ALA B 136 -9.10 -73.99 36.45
CA ALA B 136 -9.47 -74.48 37.79
C ALA B 136 -8.45 -74.06 38.87
N ILE B 137 -7.19 -73.82 38.43
CA ILE B 137 -6.04 -73.47 39.30
C ILE B 137 -6.35 -72.33 40.31
N TYR B 138 -7.07 -71.29 39.84
CA TYR B 138 -7.38 -70.11 40.67
C TYR B 138 -8.19 -70.50 41.92
N TYR B 139 -9.22 -71.32 41.72
CA TYR B 139 -10.14 -71.76 42.80
C TYR B 139 -9.52 -72.89 43.64
N ALA B 140 -8.76 -73.76 42.96
CA ALA B 140 -8.19 -74.98 43.55
C ALA B 140 -7.11 -74.67 44.58
N ASN B 141 -6.19 -73.78 44.18
CA ASN B 141 -5.08 -73.32 45.04
C ASN B 141 -5.62 -72.36 46.11
N ARG B 142 -6.66 -71.58 45.77
CA ARG B 142 -7.33 -70.66 46.71
C ARG B 142 -8.09 -71.44 47.80
N ALA B 143 -8.56 -72.65 47.44
CA ALA B 143 -9.23 -73.57 48.37
C ALA B 143 -8.27 -74.04 49.46
N ALA B 144 -6.99 -74.23 49.08
CA ALA B 144 -5.91 -74.58 50.02
C ALA B 144 -5.72 -73.49 51.08
N ALA B 145 -5.95 -72.23 50.69
CA ALA B 145 -5.88 -71.08 51.60
C ALA B 145 -6.92 -71.19 52.71
N HIS B 146 -8.17 -71.56 52.33
CA HIS B 146 -9.30 -71.67 53.28
C HIS B 146 -9.04 -72.78 54.31
N SER B 147 -8.64 -73.98 53.84
CA SER B 147 -8.37 -75.13 54.73
C SER B 147 -7.19 -74.84 55.70
N SER B 148 -6.27 -73.97 55.27
CA SER B 148 -5.14 -73.50 56.12
C SER B 148 -5.63 -72.49 57.19
N LEU B 149 -6.69 -71.74 56.86
CA LEU B 149 -7.33 -70.77 57.79
C LEU B 149 -8.40 -71.48 58.66
N LYS B 150 -8.41 -72.84 58.62
CA LYS B 150 -9.32 -73.73 59.38
C LYS B 150 -10.74 -73.80 58.73
N GLU B 151 -10.95 -73.03 57.66
CA GLU B 151 -12.24 -72.97 56.93
C GLU B 151 -12.35 -74.22 56.03
N TYR B 152 -12.76 -75.34 56.64
CA TYR B 152 -12.75 -76.66 56.00
C TYR B 152 -13.82 -76.75 54.88
N ASP B 153 -15.09 -76.56 55.27
CA ASP B 153 -16.25 -76.70 54.37
C ASP B 153 -16.24 -75.62 53.27
N GLN B 154 -15.72 -74.43 53.61
CA GLN B 154 -15.58 -73.31 52.66
C GLN B 154 -14.44 -73.61 51.64
N ALA B 155 -13.44 -74.42 52.06
CA ALA B 155 -12.39 -74.93 51.16
C ALA B 155 -12.97 -75.88 50.12
N VAL B 156 -14.00 -76.65 50.52
CA VAL B 156 -14.73 -77.55 49.62
C VAL B 156 -15.44 -76.73 48.53
N LYS B 157 -16.25 -75.74 48.96
CA LYS B 157 -17.10 -74.92 48.07
C LYS B 157 -16.26 -74.19 46.98
N ASP B 158 -15.09 -73.69 47.39
CA ASP B 158 -14.17 -72.99 46.48
C ASP B 158 -13.50 -73.99 45.53
N ALA B 159 -13.14 -75.17 46.06
CA ALA B 159 -12.57 -76.28 45.27
C ALA B 159 -13.61 -76.86 44.29
N GLU B 160 -14.92 -76.72 44.64
CA GLU B 160 -16.05 -77.17 43.79
C GLU B 160 -16.22 -76.25 42.58
N SER B 161 -15.81 -74.99 42.73
CA SER B 161 -15.78 -74.03 41.62
C SER B 161 -14.68 -74.45 40.61
N ALA B 162 -13.61 -75.08 41.14
CA ALA B 162 -12.54 -75.68 40.33
C ALA B 162 -12.99 -77.00 39.67
N ILE B 163 -13.81 -77.79 40.42
CA ILE B 163 -14.40 -79.07 39.93
C ILE B 163 -15.42 -78.80 38.79
N SER B 164 -16.14 -77.67 38.92
CA SER B 164 -17.14 -77.21 37.95
C SER B 164 -16.48 -76.91 36.57
N ILE B 165 -15.17 -76.61 36.61
CA ILE B 165 -14.34 -76.43 35.42
C ILE B 165 -13.79 -77.79 34.95
N ASP B 166 -13.09 -78.51 35.83
CA ASP B 166 -12.50 -79.83 35.52
C ASP B 166 -12.91 -80.85 36.62
N PRO B 167 -13.76 -81.88 36.28
CA PRO B 167 -14.27 -82.88 37.25
C PRO B 167 -13.23 -83.97 37.61
N SER B 168 -12.20 -84.13 36.76
CA SER B 168 -11.16 -85.16 36.96
C SER B 168 -10.07 -84.68 37.93
N TYR B 169 -10.11 -83.37 38.27
CA TYR B 169 -9.15 -82.75 39.20
C TYR B 169 -9.48 -83.21 40.63
N PHE B 170 -8.89 -84.36 41.01
CA PHE B 170 -9.14 -85.08 42.27
C PHE B 170 -8.77 -84.27 43.52
N ARG B 171 -7.93 -83.22 43.35
CA ARG B 171 -7.50 -82.35 44.45
C ARG B 171 -8.70 -81.59 45.08
N GLY B 172 -9.72 -81.29 44.26
CA GLY B 172 -10.98 -80.69 44.74
C GLY B 172 -11.75 -81.66 45.63
N TYR B 173 -11.74 -82.95 45.26
CA TYR B 173 -12.36 -84.04 46.05
C TYR B 173 -11.49 -84.43 47.25
N SER B 174 -10.20 -84.05 47.20
CA SER B 174 -9.27 -84.21 48.32
C SER B 174 -9.55 -83.13 49.38
N ARG B 175 -10.07 -81.95 48.92
CA ARG B 175 -10.53 -80.87 49.83
C ARG B 175 -11.86 -81.27 50.48
N LEU B 176 -12.73 -81.89 49.68
CA LEU B 176 -14.02 -82.45 50.14
C LEU B 176 -13.79 -83.50 51.25
N GLY B 177 -12.86 -84.44 50.97
CA GLY B 177 -12.55 -85.53 51.89
C GLY B 177 -11.88 -85.05 53.17
N PHE B 178 -10.82 -84.23 53.01
CA PHE B 178 -10.04 -83.64 54.11
C PHE B 178 -10.94 -82.88 55.08
N ALA B 179 -11.78 -82.01 54.50
CA ALA B 179 -12.68 -81.15 55.26
C ALA B 179 -13.69 -81.95 56.06
N LYS B 180 -14.36 -82.89 55.36
CA LYS B 180 -15.39 -83.76 55.94
C LYS B 180 -14.86 -84.53 57.17
N TYR B 181 -13.62 -85.01 57.04
CA TYR B 181 -12.94 -85.78 58.09
C TYR B 181 -12.49 -84.85 59.24
N ALA B 182 -11.98 -83.65 58.87
CA ALA B 182 -11.40 -82.67 59.83
C ALA B 182 -12.48 -81.89 60.60
N GLN B 183 -13.74 -81.95 60.10
CA GLN B 183 -14.91 -81.39 60.80
C GLN B 183 -15.52 -82.40 61.78
N GLY B 184 -14.89 -83.60 61.87
CA GLY B 184 -15.36 -84.68 62.73
C GLY B 184 -16.60 -85.36 62.16
N LYS B 185 -16.53 -85.71 60.87
CA LYS B 185 -17.64 -86.36 60.15
C LYS B 185 -17.10 -87.49 59.21
N PRO B 186 -16.37 -88.53 59.80
CA PRO B 186 -15.65 -89.57 59.01
C PRO B 186 -16.57 -90.57 58.25
N GLU B 187 -17.80 -90.77 58.76
CA GLU B 187 -18.75 -91.74 58.16
C GLU B 187 -19.10 -91.30 56.72
N GLU B 188 -19.25 -89.97 56.56
CA GLU B 188 -19.59 -89.33 55.28
C GLU B 188 -18.32 -89.07 54.45
N ALA B 189 -17.14 -89.10 55.12
CA ALA B 189 -15.83 -89.00 54.44
C ALA B 189 -15.51 -90.26 53.63
N LEU B 190 -16.22 -91.38 53.95
CA LEU B 190 -16.22 -92.60 53.12
C LEU B 190 -16.62 -92.26 51.68
N GLU B 191 -17.76 -91.55 51.55
CA GLU B 191 -18.31 -91.12 50.26
C GLU B 191 -17.37 -90.14 49.53
N ALA B 192 -16.82 -89.20 50.32
CA ALA B 192 -15.97 -88.11 49.81
C ALA B 192 -14.66 -88.64 49.17
N TYR B 193 -14.01 -89.58 49.85
CA TYR B 193 -12.76 -90.20 49.38
C TYR B 193 -13.02 -91.29 48.33
N LYS B 194 -14.20 -91.94 48.40
CA LYS B 194 -14.57 -93.04 47.47
C LYS B 194 -14.88 -92.47 46.07
N LYS B 195 -15.10 -91.14 46.00
CA LYS B 195 -15.30 -90.44 44.72
C LYS B 195 -13.98 -90.43 43.90
N VAL B 196 -12.83 -90.49 44.61
CA VAL B 196 -11.50 -90.63 43.96
C VAL B 196 -11.24 -92.12 43.62
N LEU B 197 -11.73 -93.03 44.51
CA LEU B 197 -11.68 -94.50 44.28
C LEU B 197 -12.50 -94.91 43.04
N ASP B 198 -13.54 -94.10 42.73
CA ASP B 198 -14.42 -94.29 41.56
C ASP B 198 -13.64 -94.15 40.23
N ILE B 199 -12.77 -93.12 40.17
CA ILE B 199 -11.99 -92.78 38.96
C ILE B 199 -11.10 -93.96 38.53
N GLU B 200 -10.38 -94.54 39.51
CA GLU B 200 -9.40 -95.61 39.27
C GLU B 200 -10.01 -97.01 39.43
N GLY B 201 -11.25 -97.09 39.97
CA GLY B 201 -11.89 -98.36 40.26
C GLY B 201 -11.12 -99.17 41.31
N ASP B 202 -10.77 -100.43 40.98
CA ASP B 202 -9.96 -101.31 41.87
C ASP B 202 -8.45 -101.18 41.58
N ASN B 203 -8.08 -100.22 40.72
CA ASN B 203 -6.67 -99.91 40.39
C ASN B 203 -6.16 -98.73 41.27
N ALA B 204 -7.03 -98.20 42.16
CA ALA B 204 -6.68 -97.11 43.09
C ALA B 204 -5.60 -97.54 44.11
N THR B 205 -4.70 -96.62 44.49
CA THR B 205 -3.49 -96.92 45.28
C THR B 205 -3.80 -97.03 46.79
N GLU B 206 -2.81 -97.57 47.53
CA GLU B 206 -2.93 -97.88 48.97
C GLU B 206 -3.12 -96.61 49.81
N ALA B 207 -2.60 -95.47 49.33
CA ALA B 207 -2.79 -94.15 49.98
C ALA B 207 -4.28 -93.80 50.05
N MET B 208 -5.01 -94.09 48.95
CA MET B 208 -6.47 -93.85 48.83
C MET B 208 -7.25 -94.81 49.75
N LYS B 209 -6.68 -96.02 50.00
CA LYS B 209 -7.23 -96.96 50.99
C LYS B 209 -7.10 -96.40 52.41
N ARG B 210 -5.94 -95.78 52.71
CA ARG B 210 -5.64 -95.24 54.06
C ARG B 210 -6.70 -94.22 54.51
N ASP B 211 -7.21 -93.44 53.55
CA ASP B 211 -8.25 -92.42 53.79
C ASP B 211 -9.60 -93.08 54.17
N TYR B 212 -10.08 -93.95 53.26
CA TYR B 212 -11.39 -94.62 53.38
C TYR B 212 -11.41 -95.53 54.63
N GLU B 213 -10.39 -96.37 54.74
CA GLU B 213 -10.21 -97.36 55.81
C GLU B 213 -10.13 -96.67 57.18
N SER B 214 -9.48 -95.48 57.24
CA SER B 214 -9.39 -94.67 58.49
C SER B 214 -10.78 -94.19 58.94
N ALA B 215 -11.55 -93.72 57.95
CA ALA B 215 -12.90 -93.17 58.17
C ALA B 215 -13.89 -94.28 58.58
N LYS B 216 -13.66 -95.50 58.06
CA LYS B 216 -14.45 -96.69 58.39
C LYS B 216 -14.01 -97.22 59.77
N LYS B 217 -12.69 -97.16 60.04
CA LYS B 217 -12.07 -97.74 61.26
C LYS B 217 -12.64 -97.03 62.50
N LYS B 218 -12.87 -95.72 62.36
CA LYS B 218 -13.48 -94.88 63.41
C LYS B 218 -14.83 -95.47 63.87
N VAL B 219 -15.64 -95.91 62.89
CA VAL B 219 -16.98 -96.49 63.13
C VAL B 219 -16.86 -97.86 63.87
N GLU B 220 -15.98 -98.74 63.35
CA GLU B 220 -15.82 -100.12 63.85
C GLU B 220 -14.84 -100.19 65.06
N GLN B 221 -14.28 -99.04 65.47
CA GLN B 221 -13.32 -98.94 66.60
C GLN B 221 -14.04 -99.26 67.91
N SER B 222 -14.12 -100.58 68.18
CA SER B 222 -14.90 -101.21 69.25
C SER B 222 -14.89 -102.73 68.98
N LEU B 223 -15.31 -103.10 67.75
CA LEU B 223 -15.26 -104.49 67.25
C LEU B 223 -13.83 -104.84 66.78
N ASN B 224 -13.07 -103.81 66.40
CA ASN B 224 -11.70 -103.95 65.86
C ASN B 224 -10.67 -103.98 67.03
N LEU B 225 -10.90 -104.86 68.00
CA LEU B 225 -9.94 -105.17 69.10
C LEU B 225 -9.41 -106.61 68.93
N GLU B 226 -10.03 -107.34 67.98
CA GLU B 226 -9.81 -108.77 67.72
C GLU B 226 -10.10 -109.59 69.00
N LYS B 227 -11.38 -109.96 69.15
CA LYS B 227 -11.88 -110.76 70.29
C LYS B 227 -12.00 -112.26 69.94
N THR B 228 -11.66 -112.60 68.67
CA THR B 228 -11.64 -113.97 68.13
C THR B 228 -12.87 -114.83 68.54
N VAL B 229 -12.70 -115.67 69.59
CA VAL B 229 -13.73 -116.62 70.05
C VAL B 229 -14.42 -116.08 71.35
N PRO B 230 -13.66 -115.73 72.47
CA PRO B 230 -14.30 -115.13 73.66
C PRO B 230 -14.61 -113.64 73.40
N GLU B 231 -15.81 -113.37 72.85
CA GLU B 231 -16.25 -111.99 72.52
C GLU B 231 -16.35 -111.12 73.79
N GLN B 232 -16.68 -111.76 74.92
CA GLN B 232 -16.53 -111.16 76.26
C GLN B 232 -15.07 -111.34 76.71
N SER B 233 -14.18 -110.56 76.09
CA SER B 233 -12.73 -110.68 76.23
C SER B 233 -12.25 -110.28 77.65
N ARG B 234 -12.10 -111.31 78.52
CA ARG B 234 -11.46 -111.22 79.86
C ARG B 234 -12.18 -110.24 80.84
N ASP B 235 -12.09 -108.94 80.55
CA ASP B 235 -12.75 -107.86 81.30
C ASP B 235 -14.28 -108.06 81.40
N ALA B 236 -14.90 -108.52 80.31
CA ALA B 236 -16.36 -108.75 80.22
C ALA B 236 -16.74 -110.21 80.48
N ASP B 237 -15.74 -111.06 80.84
CA ASP B 237 -15.94 -112.51 81.03
C ASP B 237 -16.55 -112.84 82.40
N VAL B 238 -16.40 -111.90 83.38
CA VAL B 238 -16.87 -112.04 84.80
C VAL B 238 -16.38 -113.37 85.48
N ASP B 239 -15.31 -113.97 84.91
CA ASP B 239 -14.76 -115.28 85.34
C ASP B 239 -15.86 -116.36 85.25
N ALA B 240 -16.24 -116.67 84.00
CA ALA B 240 -17.35 -117.59 83.67
C ALA B 240 -16.83 -119.03 83.42
N SER B 241 -15.73 -119.39 84.07
CA SER B 241 -15.14 -120.72 83.97
C SER B 241 -14.33 -121.00 85.24
N GLN B 242 -14.56 -122.19 85.84
CA GLN B 242 -13.90 -122.62 87.06
C GLN B 242 -12.39 -122.88 86.78
N GLY B 243 -11.53 -121.98 87.26
CA GLY B 243 -10.07 -122.03 87.03
C GLY B 243 -9.43 -123.23 87.72
N ALA B 244 -9.69 -123.37 89.02
CA ALA B 244 -9.19 -124.49 89.84
C ALA B 244 -9.90 -125.78 89.42
N SER B 245 -11.24 -125.80 89.62
CA SER B 245 -12.15 -126.89 89.26
C SER B 245 -11.87 -128.17 90.10
N ALA B 246 -10.79 -128.89 89.76
CA ALA B 246 -10.36 -130.09 90.51
C ALA B 246 -9.46 -129.69 91.68
N GLY B 247 -9.53 -130.47 92.78
CA GLY B 247 -8.74 -130.19 93.99
C GLY B 247 -8.47 -131.45 94.77
N GLY B 248 -9.55 -132.11 95.22
CA GLY B 248 -9.47 -133.40 95.92
C GLY B 248 -9.21 -133.28 97.42
N LEU B 249 -8.21 -132.44 97.79
CA LEU B 249 -7.77 -132.20 99.19
C LEU B 249 -7.02 -133.44 99.76
N PRO B 250 -5.97 -133.24 100.64
CA PRO B 250 -5.18 -134.36 101.24
C PRO B 250 -5.99 -135.21 102.26
N ASP B 251 -5.27 -135.90 103.19
CA ASP B 251 -5.86 -136.85 104.18
C ASP B 251 -6.35 -138.13 103.45
N LEU B 252 -7.50 -138.01 102.73
CA LEU B 252 -8.09 -139.07 101.84
C LEU B 252 -8.38 -140.39 102.62
N GLY B 253 -7.33 -141.21 102.82
CA GLY B 253 -7.46 -142.48 103.52
C GLY B 253 -7.07 -142.38 104.98
N SER B 254 -7.77 -141.49 105.72
CA SER B 254 -7.67 -141.32 107.20
C SER B 254 -6.43 -140.50 107.65
N LEU B 255 -5.31 -140.60 106.91
CA LEU B 255 -3.99 -140.00 107.28
C LEU B 255 -3.47 -140.70 108.57
N LEU B 256 -3.95 -140.25 109.74
CA LEU B 256 -3.69 -140.91 111.05
C LEU B 256 -5.03 -141.23 111.71
N GLY B 257 -5.17 -142.48 112.15
CA GLY B 257 -6.37 -142.98 112.82
C GLY B 257 -6.19 -144.43 113.21
N GLY B 258 -5.51 -145.19 112.35
CA GLY B 258 -5.25 -146.61 112.57
C GLY B 258 -4.64 -147.25 111.35
N GLY B 259 -5.30 -147.05 110.18
CA GLY B 259 -4.86 -147.57 108.89
C GLY B 259 -5.04 -149.09 108.80
N LEU B 260 -4.16 -149.82 109.48
CA LEU B 260 -4.27 -151.27 109.72
C LEU B 260 -4.91 -151.48 111.10
N GLY B 261 -5.88 -152.41 111.18
CA GLY B 261 -6.66 -152.67 112.38
C GLY B 261 -5.88 -153.40 113.48
N GLY B 262 -5.00 -152.66 114.16
CA GLY B 262 -4.19 -153.20 115.25
C GLY B 262 -2.99 -154.02 114.75
N LEU B 263 -3.01 -155.33 115.05
CA LEU B 263 -1.89 -156.26 114.80
C LEU B 263 -1.96 -156.85 113.34
N MET B 264 -2.65 -156.14 112.43
CA MET B 264 -2.71 -156.54 111.00
C MET B 264 -1.32 -156.46 110.36
N ASN B 265 -0.64 -155.32 110.57
CA ASN B 265 0.75 -155.10 110.12
C ASN B 265 1.45 -154.21 111.17
N ASN B 266 1.28 -154.55 112.46
CA ASN B 266 1.86 -153.79 113.58
C ASN B 266 1.90 -154.68 114.86
N PRO B 267 3.03 -155.41 115.11
CA PRO B 267 3.21 -156.20 116.34
C PRO B 267 3.68 -155.34 117.53
N GLN B 268 3.91 -156.00 118.68
CA GLN B 268 4.46 -155.35 119.89
C GLN B 268 5.88 -154.83 119.63
N LEU B 269 6.59 -155.52 118.70
CA LEU B 269 7.88 -155.08 118.12
C LEU B 269 9.05 -155.13 119.15
N MET B 270 8.78 -155.73 120.33
CA MET B 270 9.80 -156.00 121.37
C MET B 270 10.80 -157.07 120.87
N GLN B 271 10.29 -157.93 119.97
CA GLN B 271 11.06 -158.96 119.22
C GLN B 271 12.23 -158.36 118.39
N ALA B 272 12.13 -157.06 118.05
CA ALA B 272 13.18 -156.36 117.27
C ALA B 272 14.42 -156.07 118.13
N ALA B 273 14.23 -156.05 119.46
CA ALA B 273 15.32 -155.85 120.45
C ALA B 273 16.04 -157.17 120.79
N GLN B 274 15.71 -158.25 120.05
CA GLN B 274 16.35 -159.58 120.21
C GLN B 274 17.84 -159.51 119.82
N LYS B 275 18.13 -158.93 118.64
CA LYS B 275 19.51 -158.83 118.12
C LYS B 275 20.41 -158.03 119.10
N MET B 276 19.94 -156.82 119.51
CA MET B 276 20.50 -155.99 120.60
C MET B 276 22.01 -155.69 120.43
N MET B 277 22.86 -156.66 120.80
CA MET B 277 24.33 -156.56 120.73
C MET B 277 24.84 -157.14 119.40
N SER B 278 23.90 -157.43 118.47
CA SER B 278 24.13 -158.10 117.16
C SER B 278 24.90 -159.45 117.29
N ASN B 279 26.24 -159.38 117.49
CA ASN B 279 27.11 -160.55 117.70
C ASN B 279 26.78 -161.26 119.04
N PRO B 280 26.28 -162.53 119.02
CA PRO B 280 26.06 -163.33 120.24
C PRO B 280 27.32 -164.15 120.59
N GLY B 281 27.17 -165.14 121.48
CA GLY B 281 28.28 -166.01 121.89
C GLY B 281 28.71 -165.82 123.34
N ALA B 282 28.00 -164.92 124.06
CA ALA B 282 28.22 -164.65 125.50
C ALA B 282 29.72 -164.38 125.81
N MET B 283 30.29 -163.39 125.08
CA MET B 283 31.72 -163.06 125.09
C MET B 283 32.58 -164.26 124.61
N GLN B 284 32.89 -164.26 123.29
CA GLN B 284 33.83 -165.22 122.64
C GLN B 284 33.21 -166.60 122.41
N ASN B 285 32.96 -167.35 123.51
CA ASN B 285 32.57 -168.80 123.50
C ASN B 285 33.76 -169.70 123.07
N ILE B 286 33.84 -170.88 123.71
CA ILE B 286 34.87 -171.94 123.49
C ILE B 286 36.34 -171.45 123.62
N GLN B 287 36.56 -170.17 124.02
CA GLN B 287 37.91 -169.63 124.22
C GLN B 287 38.39 -170.02 125.64
N LYS B 288 38.89 -171.25 125.74
CA LYS B 288 39.38 -171.84 127.00
C LYS B 288 40.91 -171.74 127.06
N MET B 289 41.46 -171.82 128.30
CA MET B 289 42.89 -171.63 128.57
C MET B 289 43.72 -172.71 127.88
N MET B 290 43.34 -173.99 128.09
CA MET B 290 44.01 -175.14 127.44
C MET B 290 43.65 -175.22 125.94
N GLN B 291 44.39 -174.43 125.15
CA GLN B 291 44.39 -174.45 123.67
C GLN B 291 45.84 -174.30 123.22
N ASP B 292 46.21 -174.98 122.10
CA ASP B 292 47.60 -175.02 121.61
C ASP B 292 48.19 -173.61 121.35
N PRO B 293 47.53 -172.70 120.53
CA PRO B 293 48.08 -171.33 120.24
C PRO B 293 48.26 -170.44 121.50
N SER B 294 47.67 -170.84 122.64
CA SER B 294 47.79 -170.13 123.92
C SER B 294 49.26 -170.16 124.42
N ILE B 295 49.75 -171.37 124.78
CA ILE B 295 51.13 -171.55 125.26
C ILE B 295 52.16 -171.50 124.11
N ARG B 296 51.69 -171.65 122.88
CA ARG B 296 52.54 -171.63 121.67
C ARG B 296 52.74 -170.20 121.14
N GLN B 297 51.90 -169.25 121.64
CA GLN B 297 51.92 -167.83 121.22
C GLN B 297 51.58 -167.70 119.71
N MET B 298 52.62 -167.64 118.86
CA MET B 298 52.49 -167.54 117.39
C MET B 298 53.91 -167.42 116.79
N ALA B 299 54.13 -168.08 115.64
CA ALA B 299 55.41 -168.06 114.92
C ALA B 299 55.72 -166.67 114.35
N GLU B 300 54.65 -165.96 113.94
CA GLU B 300 54.73 -164.56 113.47
C GLU B 300 55.17 -163.64 114.62
N GLY B 301 54.49 -163.80 115.77
CA GLY B 301 54.69 -162.95 116.95
C GLY B 301 56.07 -163.10 117.58
N PHE B 302 56.61 -164.32 117.56
CA PHE B 302 57.99 -164.58 117.99
C PHE B 302 58.91 -164.46 116.76
N ALA B 303 59.47 -163.26 116.57
CA ALA B 303 60.33 -162.94 115.41
C ALA B 303 61.65 -162.29 115.89
N SER B 304 61.52 -161.25 116.74
CA SER B 304 62.65 -160.57 117.40
C SER B 304 63.63 -159.91 116.39
N GLY B 305 63.08 -159.49 115.22
CA GLY B 305 63.87 -158.82 114.18
C GLY B 305 64.17 -157.36 114.55
N GLY B 306 63.81 -156.41 113.67
CA GLY B 306 64.00 -154.97 113.92
C GLY B 306 65.47 -154.59 114.15
N GLY B 307 66.38 -155.23 113.38
CA GLY B 307 67.82 -154.99 113.49
C GLY B 307 68.20 -153.62 112.94
N THR B 308 68.22 -152.61 113.83
CA THR B 308 68.46 -151.20 113.46
C THR B 308 69.57 -150.59 114.36
N PRO B 309 70.88 -150.66 113.92
CA PRO B 309 72.00 -150.06 114.68
C PRO B 309 72.13 -148.53 114.49
N ASN B 310 71.50 -148.01 113.41
CA ASN B 310 71.57 -146.60 112.99
C ASN B 310 73.03 -146.18 112.65
N LEU B 311 73.55 -146.76 111.54
CA LEU B 311 74.91 -146.46 111.04
C LEU B 311 74.93 -145.18 110.17
N SER B 312 73.78 -144.50 110.07
CA SER B 312 73.62 -143.23 109.33
C SER B 312 74.39 -142.08 110.00
N ASP B 313 74.71 -142.25 111.30
CA ASP B 313 75.45 -141.23 112.09
C ASP B 313 76.95 -141.22 111.72
N LEU B 314 77.40 -142.31 111.05
CA LEU B 314 78.82 -142.54 110.70
C LEU B 314 79.28 -141.69 109.48
N MET B 315 78.46 -140.70 109.08
CA MET B 315 78.84 -139.67 108.09
C MET B 315 79.08 -138.30 108.77
N ASN B 316 79.07 -138.29 110.13
CA ASN B 316 79.19 -137.07 110.96
C ASN B 316 80.48 -136.30 110.62
N ASN B 317 80.32 -135.03 110.22
CA ASN B 317 81.43 -134.14 109.86
C ASN B 317 81.65 -133.09 110.97
N PRO B 318 82.89 -132.98 111.56
CA PRO B 318 83.24 -131.93 112.54
C PRO B 318 83.31 -130.53 111.88
N ALA B 319 82.13 -129.94 111.61
CA ALA B 319 82.01 -128.62 110.96
C ALA B 319 81.93 -127.48 111.99
N LEU B 320 81.83 -127.85 113.29
CA LEU B 320 81.82 -126.90 114.43
C LEU B 320 83.23 -126.85 115.10
N ARG B 321 84.27 -127.23 114.34
CA ARG B 321 85.68 -127.24 114.81
C ARG B 321 86.45 -126.03 114.23
N ASN B 322 85.69 -125.11 113.60
CA ASN B 322 86.24 -123.98 112.81
C ASN B 322 86.10 -122.62 113.53
N MET B 323 85.52 -122.62 114.75
CA MET B 323 85.22 -121.40 115.55
C MET B 323 84.06 -120.58 114.92
N ALA B 324 83.10 -121.29 114.29
CA ALA B 324 81.97 -120.69 113.52
C ALA B 324 81.24 -119.56 114.29
N GLY B 325 81.57 -118.30 113.94
CA GLY B 325 81.01 -117.10 114.57
C GLY B 325 82.12 -116.15 115.00
N ASN B 326 82.87 -116.55 116.04
CA ASN B 326 84.02 -115.80 116.58
C ASN B 326 85.17 -115.72 115.54
N LEU B 327 85.24 -116.77 114.69
CA LEU B 327 86.19 -116.90 113.55
C LEU B 327 86.21 -115.63 112.69
N PHE B 328 85.01 -115.09 112.45
CA PHE B 328 84.82 -113.89 111.63
C PHE B 328 85.20 -112.65 112.46
N GLY B 329 84.42 -112.40 113.55
CA GLY B 329 84.62 -111.21 114.40
C GLY B 329 84.43 -109.91 113.62
N GLY B 330 83.67 -109.97 112.50
CA GLY B 330 83.53 -108.87 111.54
C GLY B 330 84.29 -109.12 110.25
N ALA B 331 85.44 -109.84 110.37
CA ALA B 331 86.35 -110.21 109.25
C ALA B 331 87.06 -108.98 108.64
N GLY B 332 87.02 -107.84 109.37
CA GLY B 332 87.66 -106.60 108.94
C GLY B 332 89.10 -106.48 109.43
N ALA B 333 89.48 -107.31 110.43
CA ALA B 333 90.81 -107.24 111.08
C ALA B 333 91.91 -107.83 110.17
N GLN B 334 92.50 -106.94 109.36
CA GLN B 334 93.57 -107.27 108.41
C GLN B 334 94.09 -105.95 107.81
N SER B 335 95.40 -105.90 107.49
CA SER B 335 96.01 -104.72 106.87
C SER B 335 95.45 -104.53 105.43
N THR B 336 94.38 -103.73 105.34
CA THR B 336 93.67 -103.41 104.07
C THR B 336 93.30 -101.91 104.06
N ASP B 337 93.75 -101.19 105.09
CA ASP B 337 93.36 -99.80 105.36
C ASP B 337 94.31 -98.80 104.67
N GLU B 338 95.42 -99.34 104.10
CA GLU B 338 96.55 -98.57 103.59
C GLU B 338 97.22 -97.79 104.75
N THR B 339 96.68 -96.59 105.06
CA THR B 339 97.16 -95.70 106.15
C THR B 339 98.71 -95.64 106.25
N PRO B 340 99.39 -94.85 105.35
CA PRO B 340 100.88 -94.78 105.32
C PRO B 340 101.44 -94.05 106.56
N ASP B 341 101.53 -94.80 107.69
CA ASP B 341 102.00 -94.27 108.99
C ASP B 341 103.54 -94.10 108.99
N ASN B 342 104.17 -94.59 107.92
CA ASN B 342 105.59 -94.31 107.59
C ASN B 342 105.77 -92.84 107.13
N GLU B 343 104.67 -92.24 106.63
CA GLU B 343 104.60 -90.84 106.12
C GLU B 343 103.59 -90.02 106.94
N ASN B 344 103.46 -88.72 106.60
CA ASN B 344 102.46 -87.82 107.21
C ASN B 344 101.11 -88.04 106.50
N LYS B 345 101.12 -87.76 105.17
CA LYS B 345 99.99 -87.92 104.22
C LYS B 345 100.28 -87.05 103.00
N GLN B 346 100.33 -85.74 103.27
CA GLN B 346 100.72 -84.72 102.28
C GLN B 346 102.24 -84.55 102.45
N TYR B 347 102.98 -85.48 101.82
CA TYR B 347 104.39 -85.77 102.14
C TYR B 347 104.45 -86.33 103.59
N MET A 1 2.26 -12.17 -17.84
CA MET A 1 3.34 -11.15 -17.89
C MET A 1 3.18 -10.17 -16.72
N SER A 2 4.32 -9.72 -16.18
CA SER A 2 4.39 -8.64 -15.16
C SER A 2 4.73 -7.30 -15.87
N ALA A 3 4.41 -7.23 -17.19
CA ALA A 3 4.84 -6.17 -18.13
C ALA A 3 6.38 -6.19 -18.35
N SER A 4 6.86 -5.56 -19.45
CA SER A 4 8.30 -5.55 -19.76
C SER A 4 9.03 -4.59 -18.81
N LYS A 5 10.22 -5.02 -18.32
CA LYS A 5 11.06 -4.22 -17.40
C LYS A 5 11.57 -2.92 -18.09
N GLU A 6 11.42 -2.81 -19.41
CA GLU A 6 11.69 -1.58 -20.18
C GLU A 6 10.58 -0.53 -19.92
N GLU A 7 9.31 -1.01 -20.01
CA GLU A 7 8.09 -0.19 -19.78
C GLU A 7 8.07 0.37 -18.35
N ILE A 8 8.33 -0.54 -17.40
CA ILE A 8 8.29 -0.25 -15.97
C ILE A 8 9.45 0.67 -15.57
N ALA A 9 10.65 0.42 -16.15
CA ALA A 9 11.85 1.25 -15.89
C ALA A 9 11.61 2.73 -16.28
N ALA A 10 10.86 2.92 -17.38
CA ALA A 10 10.47 4.25 -17.86
C ALA A 10 9.55 4.97 -16.85
N LEU A 11 8.58 4.22 -16.31
CA LEU A 11 7.63 4.72 -15.28
C LEU A 11 8.38 5.03 -13.97
N ILE A 12 9.39 4.21 -13.66
CA ILE A 12 10.21 4.30 -12.43
C ILE A 12 11.06 5.59 -12.41
N VAL A 13 11.76 5.89 -13.53
CA VAL A 13 12.60 7.10 -13.64
C VAL A 13 11.73 8.37 -13.82
N ASN A 14 10.48 8.16 -14.31
CA ASN A 14 9.46 9.23 -14.44
C ASN A 14 8.72 9.42 -13.10
N TYR A 15 8.93 8.49 -12.16
CA TYR A 15 8.32 8.54 -10.80
C TYR A 15 9.20 9.38 -9.85
N PHE A 16 10.55 9.22 -9.97
CA PHE A 16 11.51 9.93 -9.09
C PHE A 16 11.60 11.43 -9.39
N SER A 17 10.96 11.87 -10.50
CA SER A 17 10.78 13.29 -10.80
C SER A 17 9.92 13.95 -9.69
N SER A 18 8.80 13.26 -9.35
CA SER A 18 7.84 13.71 -8.34
C SER A 18 8.46 13.86 -6.93
N ILE A 19 9.51 13.05 -6.66
CA ILE A 19 10.22 13.07 -5.38
C ILE A 19 11.04 14.37 -5.25
N VAL A 20 11.77 14.71 -6.33
CA VAL A 20 12.73 15.84 -6.33
C VAL A 20 12.05 17.20 -6.58
N GLU A 21 10.76 17.20 -6.97
CA GLU A 21 9.94 18.43 -7.09
C GLU A 21 9.81 19.14 -5.73
N LYS A 22 9.19 18.41 -4.78
CA LYS A 22 8.81 18.95 -3.47
C LYS A 22 9.88 18.67 -2.42
N LYS A 23 10.95 17.93 -2.82
CA LYS A 23 12.04 17.52 -1.93
C LYS A 23 11.46 16.63 -0.79
N GLU A 24 11.01 15.43 -1.19
CA GLU A 24 10.33 14.46 -0.30
C GLU A 24 11.31 13.92 0.78
N ILE A 25 12.57 13.76 0.37
CA ILE A 25 13.72 13.39 1.23
C ILE A 25 14.69 14.58 1.31
N SER A 26 15.81 14.40 2.01
CA SER A 26 16.89 15.40 2.08
C SER A 26 17.48 15.69 0.70
N GLU A 27 17.98 16.92 0.49
CA GLU A 27 18.73 17.32 -0.74
C GLU A 27 19.99 16.43 -0.92
N ASP A 28 20.49 15.92 0.20
CA ASP A 28 21.60 14.96 0.27
C ASP A 28 21.20 13.65 -0.46
N GLY A 29 20.04 13.09 -0.08
CA GLY A 29 19.52 11.86 -0.69
C GLY A 29 18.93 12.08 -2.08
N ALA A 30 18.53 13.32 -2.38
CA ALA A 30 17.92 13.68 -3.68
C ALA A 30 18.93 13.54 -4.84
N ASP A 31 20.23 13.75 -4.52
CA ASP A 31 21.35 13.53 -5.46
C ASP A 31 21.41 12.04 -5.90
N SER A 32 21.24 11.15 -4.91
CA SER A 32 21.29 9.69 -5.11
C SER A 32 20.22 9.19 -6.11
N LEU A 33 19.11 9.94 -6.22
CA LEU A 33 18.02 9.63 -7.14
C LEU A 33 18.40 9.93 -8.60
N ASN A 34 19.13 11.05 -8.80
CA ASN A 34 19.55 11.49 -10.15
C ASN A 34 20.50 10.45 -10.78
N VAL A 35 21.49 9.96 -10.01
CA VAL A 35 22.43 8.92 -10.46
C VAL A 35 21.74 7.55 -10.57
N ALA A 36 20.71 7.30 -9.75
CA ALA A 36 19.92 6.05 -9.81
C ALA A 36 19.16 5.95 -11.14
N MET A 37 18.41 7.02 -11.47
CA MET A 37 17.62 7.13 -12.71
C MET A 37 18.53 7.07 -13.95
N ASP A 38 19.70 7.70 -13.81
CA ASP A 38 20.76 7.74 -14.83
C ASP A 38 21.27 6.32 -15.14
N CYS A 39 21.51 5.55 -14.06
CA CYS A 39 22.03 4.18 -14.16
C CYS A 39 21.01 3.21 -14.78
N ILE A 40 19.71 3.43 -14.48
CA ILE A 40 18.61 2.62 -15.03
C ILE A 40 18.52 2.83 -16.56
N SER A 41 18.52 4.12 -16.96
CA SER A 41 18.42 4.53 -18.36
C SER A 41 19.69 4.17 -19.16
N GLU A 42 20.83 4.03 -18.46
CA GLU A 42 22.10 3.57 -19.04
C GLU A 42 22.01 2.07 -19.31
N ALA A 43 21.63 1.32 -18.27
CA ALA A 43 21.67 -0.15 -18.25
C ALA A 43 20.84 -0.78 -19.37
N PHE A 44 19.61 -0.26 -19.57
CA PHE A 44 18.71 -0.70 -20.65
C PHE A 44 19.10 -0.04 -21.99
N GLY A 45 19.54 1.24 -21.92
CA GLY A 45 19.95 1.99 -23.11
C GLY A 45 18.83 2.82 -23.72
N PHE A 46 18.15 3.62 -22.87
CA PHE A 46 17.10 4.56 -23.32
C PHE A 46 17.33 5.93 -22.66
N GLU A 47 16.64 6.96 -23.18
CA GLU A 47 16.69 8.32 -22.62
C GLU A 47 15.63 8.47 -21.50
N ARG A 48 16.05 9.03 -20.35
CA ARG A 48 15.21 9.17 -19.13
C ARG A 48 14.14 10.28 -19.29
N GLU A 49 14.25 11.07 -20.37
CA GLU A 49 13.26 12.11 -20.72
C GLU A 49 12.36 11.62 -21.87
N ALA A 50 12.84 10.62 -22.64
CA ALA A 50 12.08 10.00 -23.76
C ALA A 50 11.08 8.94 -23.24
N VAL A 51 10.94 8.86 -21.91
CA VAL A 51 9.95 8.00 -21.23
C VAL A 51 8.51 8.31 -21.69
N SER A 52 8.29 9.56 -22.14
CA SER A 52 7.01 10.04 -22.70
C SER A 52 6.52 9.14 -23.86
N GLY A 53 7.47 8.78 -24.74
CA GLY A 53 7.19 7.89 -25.86
C GLY A 53 6.94 6.44 -25.42
N ILE A 54 7.70 6.00 -24.40
CA ILE A 54 7.64 4.61 -23.88
C ILE A 54 6.31 4.36 -23.13
N LEU A 55 5.77 5.42 -22.48
CA LEU A 55 4.47 5.39 -21.79
C LEU A 55 3.33 5.27 -22.83
N GLY A 56 3.55 5.89 -24.01
CA GLY A 56 2.64 5.74 -25.16
C GLY A 56 2.66 4.31 -25.72
N LYS A 57 3.85 3.68 -25.68
CA LYS A 57 4.09 2.30 -26.13
C LYS A 57 3.63 1.27 -25.06
N SER A 58 3.38 1.74 -23.82
CA SER A 58 3.14 0.87 -22.66
C SER A 58 1.64 0.61 -22.47
N GLU A 59 1.27 -0.68 -22.36
CA GLU A 59 -0.12 -1.13 -22.23
C GLU A 59 -0.39 -1.78 -20.87
N PHE A 60 0.59 -2.54 -20.36
CA PHE A 60 0.43 -3.37 -19.13
C PHE A 60 -0.69 -4.45 -19.31
N LYS A 61 -0.99 -5.21 -18.25
CA LYS A 61 -2.12 -6.19 -18.21
C LYS A 61 -2.87 -6.14 -16.86
N GLY A 62 -2.66 -5.04 -16.11
CA GLY A 62 -3.38 -4.80 -14.86
C GLY A 62 -3.33 -3.34 -14.44
N GLN A 63 -2.14 -2.73 -14.57
CA GLN A 63 -1.92 -1.32 -14.21
C GLN A 63 -2.54 -0.39 -15.29
N HIS A 64 -1.78 -0.15 -16.39
CA HIS A 64 -2.17 0.71 -17.53
C HIS A 64 -2.35 2.19 -17.11
N LEU A 65 -3.51 2.51 -16.52
CA LEU A 65 -3.89 3.87 -16.05
C LEU A 65 -4.66 3.72 -14.72
N ALA A 66 -5.39 4.79 -14.33
CA ALA A 66 -6.36 4.78 -13.20
C ALA A 66 -5.65 4.72 -11.84
N ASP A 67 -5.19 3.53 -11.41
CA ASP A 67 -4.55 3.36 -10.08
C ASP A 67 -3.06 3.75 -10.15
N ILE A 68 -2.48 3.77 -11.36
CA ILE A 68 -1.22 4.48 -11.63
C ILE A 68 -1.55 5.74 -12.46
N LEU A 69 -1.16 6.91 -11.92
CA LEU A 69 -1.53 8.21 -12.51
C LEU A 69 -0.27 9.04 -12.84
N ASN A 70 0.91 8.44 -12.58
CA ASN A 70 2.23 9.06 -12.85
C ASN A 70 2.56 9.06 -14.38
N SER A 71 1.79 8.27 -15.14
CA SER A 71 1.90 8.16 -16.60
C SER A 71 1.17 9.33 -17.32
N ALA A 72 -0.04 9.68 -16.83
CA ALA A 72 -0.88 10.76 -17.40
C ALA A 72 -1.91 11.23 -16.36
N SER A 73 -1.99 12.57 -16.18
CA SER A 73 -2.93 13.21 -15.23
C SER A 73 -3.14 14.69 -15.60
N ARG A 74 -4.29 15.02 -16.21
CA ARG A 74 -4.64 16.41 -16.62
C ARG A 74 -6.00 16.81 -16.03
N VAL A 75 -6.05 17.98 -15.35
CA VAL A 75 -7.26 18.55 -14.73
C VAL A 75 -7.39 20.06 -15.06
N PRO A 76 -8.64 20.65 -14.96
CA PRO A 76 -8.84 22.11 -14.98
C PRO A 76 -8.64 22.76 -13.58
N GLU A 77 -8.28 21.92 -12.59
CA GLU A 77 -8.18 22.27 -11.16
C GLU A 77 -9.56 22.61 -10.57
N SER A 78 -9.97 23.88 -10.70
CA SER A 78 -11.25 24.39 -10.14
C SER A 78 -11.59 25.74 -10.77
N ASN A 79 -12.86 26.17 -10.59
CA ASN A 79 -13.31 27.55 -10.88
C ASN A 79 -13.89 28.15 -9.59
N LYS A 80 -14.05 29.50 -9.58
CA LYS A 80 -14.57 30.30 -8.44
C LYS A 80 -13.51 30.46 -7.32
N LYS A 81 -12.85 29.36 -6.94
CA LYS A 81 -11.73 29.36 -5.99
C LYS A 81 -10.46 29.93 -6.66
N ASP A 82 -10.08 31.15 -6.26
CA ASP A 82 -8.88 31.85 -6.79
C ASP A 82 -7.59 31.24 -6.23
N ASP A 83 -7.69 30.64 -5.03
CA ASP A 83 -6.56 30.03 -4.34
C ASP A 83 -7.09 29.10 -3.23
N ALA A 84 -7.58 29.74 -2.13
CA ALA A 84 -8.04 29.06 -0.90
C ALA A 84 -6.88 28.30 -0.21
N GLU A 85 -6.50 27.15 -0.79
CA GLU A 85 -5.35 26.34 -0.36
C GLU A 85 -4.22 26.46 -1.41
N ASN A 86 -3.09 27.06 -1.02
CA ASN A 86 -1.89 27.19 -1.87
C ASN A 86 -1.00 25.93 -1.71
N VAL A 87 0.07 25.82 -2.53
CA VAL A 87 1.00 24.67 -2.48
C VAL A 87 1.79 24.62 -1.14
N GLU A 88 2.42 23.47 -0.89
CA GLU A 88 3.17 23.18 0.36
C GLU A 88 4.57 23.80 0.25
N ILE A 89 5.31 23.38 -0.80
CA ILE A 89 6.66 23.87 -1.07
C ILE A 89 6.61 25.27 -1.73
N ASN A 90 6.80 26.29 -0.90
CA ASN A 90 6.87 27.71 -1.29
C ASN A 90 7.72 28.48 -0.25
N ILE A 91 8.49 27.71 0.55
CA ILE A 91 9.23 28.19 1.73
C ILE A 91 10.76 28.10 1.47
N PRO A 92 11.63 28.83 2.25
CA PRO A 92 13.10 28.73 2.10
C PRO A 92 13.64 27.38 2.67
N GLU A 93 14.23 26.56 1.78
CA GLU A 93 14.82 25.26 2.15
C GLU A 93 16.34 25.40 2.39
N ASP A 94 16.97 26.29 1.58
CA ASP A 94 18.43 26.51 1.52
C ASP A 94 18.97 26.92 2.91
N ASP A 95 18.49 28.09 3.37
CA ASP A 95 18.91 28.73 4.61
C ASP A 95 17.98 28.32 5.76
N ALA A 96 17.92 27.00 6.00
CA ALA A 96 17.08 26.37 7.05
C ALA A 96 17.32 26.97 8.45
N GLU A 97 18.49 27.63 8.67
CA GLU A 97 18.79 28.33 9.94
C GLU A 97 17.80 29.50 10.22
N THR A 98 17.04 29.92 9.19
CA THR A 98 16.00 30.97 9.32
C THR A 98 14.95 30.57 10.37
N LYS A 99 14.73 29.24 10.52
CA LYS A 99 13.68 28.69 11.39
C LYS A 99 13.92 29.01 12.88
N ALA A 100 15.18 29.34 13.23
CA ALA A 100 15.59 29.64 14.61
C ALA A 100 14.89 30.90 15.17
N LYS A 101 14.76 31.96 14.35
CA LYS A 101 14.15 33.25 14.80
C LYS A 101 12.62 33.17 14.97
N ALA A 102 12.01 32.08 14.47
CA ALA A 102 10.57 31.81 14.65
C ALA A 102 10.22 31.54 16.14
N GLU A 103 11.26 31.33 16.98
CA GLU A 103 11.13 31.23 18.44
C GLU A 103 10.72 32.57 19.06
N ASP A 104 11.19 33.67 18.47
CA ASP A 104 10.78 35.03 18.87
C ASP A 104 9.29 35.23 18.54
N LEU A 105 8.90 34.79 17.32
CA LEU A 105 7.51 34.86 16.82
C LEU A 105 6.57 33.96 17.66
N LYS A 106 7.13 32.92 18.30
CA LYS A 106 6.42 32.07 19.26
C LYS A 106 5.94 32.92 20.45
N MET A 107 6.90 33.63 21.07
CA MET A 107 6.66 34.44 22.29
C MET A 107 5.70 35.61 22.00
N GLN A 108 5.90 36.25 20.83
CA GLN A 108 5.04 37.36 20.34
C GLN A 108 3.59 36.87 20.12
N GLY A 109 3.46 35.61 19.67
CA GLY A 109 2.16 34.98 19.48
C GLY A 109 1.51 34.59 20.81
N ASN A 110 2.34 34.14 21.77
CA ASN A 110 1.87 33.62 23.08
C ASN A 110 1.42 34.76 24.00
N LYS A 111 2.09 35.94 23.92
CA LYS A 111 1.76 37.09 24.78
C LYS A 111 0.44 37.75 24.33
N ALA A 112 0.19 37.72 23.01
CA ALA A 112 -1.06 38.22 22.43
C ALA A 112 -2.20 37.24 22.73
N MET A 113 -1.87 35.94 22.66
CA MET A 113 -2.79 34.84 23.00
C MET A 113 -3.21 34.91 24.49
N ALA A 114 -2.25 35.27 25.36
CA ALA A 114 -2.46 35.41 26.82
C ALA A 114 -3.10 36.78 27.15
N ASN A 115 -3.05 37.72 26.18
CA ASN A 115 -3.76 39.02 26.25
C ASN A 115 -5.22 38.85 25.77
N LYS A 116 -5.53 37.65 25.21
CA LYS A 116 -6.84 37.31 24.59
C LYS A 116 -6.96 37.94 23.17
N ASP A 117 -5.91 38.66 22.74
CA ASP A 117 -5.80 39.22 21.39
C ASP A 117 -5.37 38.10 20.42
N TYR A 118 -6.35 37.50 19.74
CA TYR A 118 -6.12 36.40 18.80
C TYR A 118 -5.62 36.92 17.44
N GLU A 119 -5.57 38.25 17.28
CA GLU A 119 -5.10 38.91 16.05
C GLU A 119 -3.60 38.65 15.86
N LEU A 120 -2.77 39.18 16.79
CA LEU A 120 -1.30 39.04 16.74
C LEU A 120 -0.87 37.64 17.19
N ALA A 121 -1.80 36.88 17.83
CA ALA A 121 -1.59 35.48 18.15
C ALA A 121 -1.47 34.67 16.84
N ILE A 122 -2.61 34.58 16.10
CA ILE A 122 -2.70 33.86 14.81
C ILE A 122 -1.66 34.40 13.79
N ASN A 123 -1.46 35.73 13.82
CA ASN A 123 -0.51 36.44 12.94
C ASN A 123 0.91 35.89 13.13
N LYS A 124 1.41 35.92 14.36
CA LYS A 124 2.79 35.48 14.66
C LYS A 124 2.94 33.95 14.60
N TYR A 125 1.82 33.21 14.74
CA TYR A 125 1.82 31.75 14.57
C TYR A 125 1.99 31.37 13.09
N THR A 126 1.19 32.02 12.21
CA THR A 126 1.22 31.73 10.75
C THR A 126 2.52 32.27 10.10
N GLU A 127 3.06 33.38 10.67
CA GLU A 127 4.41 33.91 10.33
C GLU A 127 5.46 32.82 10.55
N ALA A 128 5.48 32.32 11.79
CA ALA A 128 6.44 31.33 12.25
C ALA A 128 6.27 29.97 11.53
N ILE A 129 5.04 29.65 11.11
CA ILE A 129 4.71 28.43 10.32
C ILE A 129 5.32 28.52 8.90
N LYS A 130 5.32 29.73 8.33
CA LYS A 130 5.95 30.01 7.03
C LYS A 130 7.49 29.87 7.13
N VAL A 131 8.02 30.20 8.32
CA VAL A 131 9.46 30.13 8.61
C VAL A 131 9.88 28.66 8.89
N LEU A 132 9.01 27.90 9.57
CA LEU A 132 9.19 26.46 9.84
C LEU A 132 7.83 25.71 9.76
N PRO A 133 7.48 25.11 8.57
CA PRO A 133 6.23 24.29 8.42
C PRO A 133 6.27 22.94 9.18
N THR A 134 7.42 22.64 9.80
CA THR A 134 7.69 21.33 10.44
C THR A 134 7.26 21.28 11.93
N ASN A 135 6.25 22.09 12.34
CA ASN A 135 5.76 22.12 13.74
C ASN A 135 4.22 22.02 13.76
N ALA A 136 3.69 21.28 14.74
CA ALA A 136 2.24 21.25 15.06
C ALA A 136 1.89 22.23 16.19
N ILE A 137 2.94 22.76 16.87
CA ILE A 137 2.82 23.59 18.09
C ILE A 137 1.95 24.84 17.85
N TYR A 138 2.34 25.61 16.82
CA TYR A 138 1.69 26.88 16.48
C TYR A 138 0.29 26.64 15.90
N TYR A 139 0.14 25.53 15.14
CA TYR A 139 -1.16 25.12 14.56
C TYR A 139 -2.22 24.87 15.65
N ALA A 140 -1.80 24.34 16.81
CA ALA A 140 -2.73 24.02 17.91
C ALA A 140 -3.24 25.29 18.60
N ASN A 141 -2.32 26.21 18.93
CA ASN A 141 -2.64 27.48 19.62
C ASN A 141 -3.36 28.45 18.65
N ARG A 142 -3.04 28.33 17.35
CA ARG A 142 -3.67 29.12 16.28
C ARG A 142 -5.08 28.58 16.01
N ALA A 143 -5.26 27.24 16.13
CA ALA A 143 -6.57 26.57 16.00
C ALA A 143 -7.46 26.92 17.19
N ALA A 144 -6.83 27.10 18.38
CA ALA A 144 -7.51 27.54 19.60
C ALA A 144 -8.00 28.98 19.42
N ALA A 145 -7.16 29.80 18.81
CA ALA A 145 -7.45 31.21 18.51
C ALA A 145 -8.47 31.35 17.37
N HIS A 146 -8.47 30.37 16.43
CA HIS A 146 -9.45 30.31 15.33
C HIS A 146 -10.85 30.00 15.89
N SER A 147 -10.92 28.94 16.72
CA SER A 147 -12.19 28.44 17.28
C SER A 147 -12.83 29.46 18.23
N SER A 148 -11.98 30.32 18.85
CA SER A 148 -12.44 31.48 19.64
C SER A 148 -13.20 32.49 18.74
N LEU A 149 -12.62 32.76 17.56
CA LEU A 149 -13.16 33.70 16.57
C LEU A 149 -14.19 33.02 15.64
N LYS A 150 -14.55 31.75 15.97
CA LYS A 150 -15.54 30.93 15.24
C LYS A 150 -15.09 30.53 13.82
N GLU A 151 -13.77 30.63 13.58
CA GLU A 151 -13.14 30.15 12.34
C GLU A 151 -12.93 28.63 12.44
N TYR A 152 -14.03 27.86 12.40
CA TYR A 152 -13.98 26.39 12.52
C TYR A 152 -13.46 25.74 11.24
N ASP A 153 -13.64 26.46 10.12
CA ASP A 153 -13.05 26.09 8.82
C ASP A 153 -11.52 26.04 8.93
N GLN A 154 -10.95 27.14 9.47
CA GLN A 154 -9.50 27.30 9.66
C GLN A 154 -9.00 26.43 10.83
N ALA A 155 -9.85 26.24 11.87
CA ALA A 155 -9.48 25.49 13.09
C ALA A 155 -9.26 24.00 12.80
N VAL A 156 -10.07 23.45 11.88
CA VAL A 156 -9.92 22.06 11.41
C VAL A 156 -8.69 21.95 10.50
N LYS A 157 -8.51 22.90 9.57
CA LYS A 157 -7.34 22.93 8.65
C LYS A 157 -5.99 22.99 9.40
N ASP A 158 -6.02 23.62 10.59
CA ASP A 158 -4.86 23.72 11.49
C ASP A 158 -4.63 22.39 12.23
N ALA A 159 -5.64 21.96 12.99
CA ALA A 159 -5.52 20.85 13.96
C ALA A 159 -5.50 19.46 13.29
N GLU A 160 -5.99 19.38 12.04
CA GLU A 160 -5.96 18.14 11.22
C GLU A 160 -4.51 17.94 10.73
N SER A 161 -3.96 19.05 10.18
CA SER A 161 -2.58 19.12 9.69
C SER A 161 -1.57 19.01 10.84
N ALA A 162 -2.00 19.41 12.06
CA ALA A 162 -1.19 19.30 13.28
C ALA A 162 -0.84 17.83 13.60
N ILE A 163 -1.80 16.94 13.35
CA ILE A 163 -1.60 15.48 13.50
C ILE A 163 -0.79 14.91 12.32
N SER A 164 -1.00 15.50 11.13
CA SER A 164 -0.27 15.11 9.89
C SER A 164 1.24 15.45 9.99
N ILE A 165 1.58 16.46 10.81
CA ILE A 165 2.97 16.87 11.08
C ILE A 165 3.51 16.07 12.29
N ASP A 166 2.89 16.28 13.47
CA ASP A 166 3.27 15.60 14.72
C ASP A 166 2.06 14.82 15.29
N PRO A 167 1.96 13.47 15.04
CA PRO A 167 0.85 12.61 15.58
C PRO A 167 1.04 12.29 17.08
N SER A 168 2.20 12.63 17.63
CA SER A 168 2.52 12.45 19.05
C SER A 168 1.95 13.62 19.89
N TYR A 169 1.63 14.73 19.22
CA TYR A 169 1.21 15.97 19.89
C TYR A 169 -0.26 15.87 20.37
N PHE A 170 -0.41 15.51 21.66
CA PHE A 170 -1.71 15.30 22.33
C PHE A 170 -2.64 16.52 22.23
N ARG A 171 -2.05 17.73 22.30
CA ARG A 171 -2.81 19.00 22.30
C ARG A 171 -3.46 19.26 20.92
N GLY A 172 -2.84 18.71 19.85
CA GLY A 172 -3.41 18.78 18.50
C GLY A 172 -4.75 18.05 18.40
N TYR A 173 -4.87 16.93 19.16
CA TYR A 173 -6.12 16.15 19.26
C TYR A 173 -7.19 16.92 20.06
N SER A 174 -6.74 17.59 21.14
CA SER A 174 -7.61 18.40 22.02
C SER A 174 -8.25 19.57 21.26
N ARG A 175 -7.49 20.16 20.31
CA ARG A 175 -7.95 21.31 19.51
C ARG A 175 -8.81 20.87 18.33
N LEU A 176 -8.48 19.70 17.76
CA LEU A 176 -9.23 19.10 16.64
C LEU A 176 -10.65 18.72 17.10
N GLY A 177 -10.70 18.14 18.32
CA GLY A 177 -11.93 17.67 18.91
C GLY A 177 -12.95 18.77 19.10
N PHE A 178 -12.53 19.88 19.75
CA PHE A 178 -13.41 21.04 20.04
C PHE A 178 -13.93 21.67 18.73
N ALA A 179 -13.02 21.79 17.73
CA ALA A 179 -13.35 22.37 16.42
C ALA A 179 -14.48 21.58 15.73
N LYS A 180 -14.42 20.25 15.85
CA LYS A 180 -15.41 19.32 15.26
C LYS A 180 -16.64 19.16 16.16
N TYR A 181 -16.48 19.39 17.47
CA TYR A 181 -17.55 19.18 18.47
C TYR A 181 -18.62 20.26 18.34
N ALA A 182 -18.16 21.50 18.05
CA ALA A 182 -19.04 22.63 17.78
C ALA A 182 -19.85 22.41 16.48
N GLN A 183 -19.25 21.66 15.53
CA GLN A 183 -19.88 21.30 14.25
C GLN A 183 -20.82 20.08 14.39
N GLY A 184 -20.87 19.49 15.62
CA GLY A 184 -21.81 18.41 15.94
C GLY A 184 -21.22 17.01 15.82
N LYS A 185 -19.91 16.88 16.09
CA LYS A 185 -19.22 15.56 16.18
C LYS A 185 -18.83 15.28 17.65
N PRO A 186 -19.67 14.52 18.43
CA PRO A 186 -19.34 14.14 19.82
C PRO A 186 -18.33 12.97 19.89
N GLU A 187 -18.53 11.98 19.01
CA GLU A 187 -17.79 10.70 19.04
C GLU A 187 -16.36 10.85 18.46
N GLU A 188 -16.22 11.67 17.39
CA GLU A 188 -14.92 11.89 16.71
C GLU A 188 -14.05 12.84 17.55
N ALA A 189 -14.73 13.76 18.27
CA ALA A 189 -14.09 14.60 19.30
C ALA A 189 -13.57 13.73 20.45
N LEU A 190 -14.44 12.84 20.95
CA LEU A 190 -14.17 11.95 22.10
C LEU A 190 -13.06 10.92 21.75
N GLU A 191 -12.98 10.54 20.47
CA GLU A 191 -11.98 9.56 19.97
C GLU A 191 -10.58 10.21 20.00
N ALA A 192 -10.52 11.49 19.59
CA ALA A 192 -9.27 12.28 19.62
C ALA A 192 -8.80 12.50 21.07
N TYR A 193 -9.77 12.73 21.97
CA TYR A 193 -9.53 12.97 23.41
C TYR A 193 -9.13 11.67 24.12
N LYS A 194 -9.64 10.53 23.60
CA LYS A 194 -9.29 9.19 24.10
C LYS A 194 -7.81 8.94 23.88
N LYS A 195 -7.31 9.38 22.70
CA LYS A 195 -5.90 9.28 22.32
C LYS A 195 -5.00 10.05 23.30
N VAL A 196 -5.47 11.22 23.77
CA VAL A 196 -4.72 12.08 24.71
C VAL A 196 -4.47 11.32 26.04
N LEU A 197 -5.51 10.61 26.52
CA LEU A 197 -5.43 9.77 27.74
C LEU A 197 -4.65 8.46 27.47
N ASP A 198 -4.69 8.00 26.22
CA ASP A 198 -4.07 6.73 25.78
C ASP A 198 -2.53 6.84 25.73
N ILE A 199 -2.05 8.03 25.32
CA ILE A 199 -0.62 8.35 25.21
C ILE A 199 0.07 8.24 26.59
N GLU A 200 -0.55 8.86 27.60
CA GLU A 200 0.03 8.96 28.96
C GLU A 200 -0.42 7.83 29.89
N GLY A 201 -1.57 7.22 29.57
CA GLY A 201 -2.17 6.19 30.43
C GLY A 201 -2.65 6.78 31.76
N ASP A 202 -2.02 6.35 32.85
CA ASP A 202 -2.34 6.82 34.22
C ASP A 202 -1.73 8.21 34.50
N ASN A 203 -0.73 8.60 33.67
CA ASN A 203 -0.03 9.90 33.79
C ASN A 203 -0.80 11.00 33.01
N ALA A 204 -2.09 10.75 32.76
CA ALA A 204 -3.01 11.73 32.16
C ALA A 204 -3.14 12.97 33.06
N THR A 205 -2.75 14.13 32.52
CA THR A 205 -2.84 15.43 33.22
C THR A 205 -4.34 15.80 33.45
N GLU A 206 -4.58 16.69 34.41
CA GLU A 206 -5.92 17.12 34.86
C GLU A 206 -6.74 17.65 33.65
N ALA A 207 -6.11 18.57 32.90
CA ALA A 207 -6.71 19.21 31.70
C ALA A 207 -7.02 18.19 30.58
N MET A 208 -6.20 17.11 30.50
CA MET A 208 -6.38 16.01 29.52
C MET A 208 -7.70 15.25 29.78
N LYS A 209 -8.11 15.20 31.05
CA LYS A 209 -9.37 14.57 31.47
C LYS A 209 -10.54 15.54 31.26
N ARG A 210 -10.31 16.85 31.48
CA ARG A 210 -11.39 17.88 31.48
C ARG A 210 -12.10 17.99 30.12
N ASP A 211 -11.30 18.00 29.03
CA ASP A 211 -11.84 18.10 27.66
C ASP A 211 -12.50 16.77 27.25
N TYR A 212 -11.83 15.65 27.61
CA TYR A 212 -12.39 14.28 27.42
C TYR A 212 -13.74 14.15 28.12
N GLU A 213 -13.83 14.75 29.31
CA GLU A 213 -15.02 14.73 30.17
C GLU A 213 -16.16 15.50 29.50
N SER A 214 -15.82 16.63 28.85
CA SER A 214 -16.79 17.45 28.10
C SER A 214 -17.39 16.66 26.92
N ALA A 215 -16.56 15.81 26.30
CA ALA A 215 -16.95 14.99 25.13
C ALA A 215 -17.69 13.71 25.54
N LYS A 216 -17.41 13.24 26.77
CA LYS A 216 -18.00 12.01 27.33
C LYS A 216 -19.29 12.35 28.11
N LYS A 217 -19.47 13.63 28.47
CA LYS A 217 -20.66 14.11 29.20
C LYS A 217 -21.74 14.53 28.19
N LYS A 218 -21.44 15.56 27.37
CA LYS A 218 -22.43 16.16 26.47
C LYS A 218 -22.85 15.22 25.32
N VAL A 219 -22.16 14.05 25.19
CA VAL A 219 -22.49 13.01 24.19
C VAL A 219 -23.96 12.50 24.36
N GLU A 220 -24.57 12.78 25.53
CA GLU A 220 -26.01 12.55 25.81
C GLU A 220 -26.94 13.26 24.79
N GLN A 221 -26.39 14.21 24.02
CA GLN A 221 -27.07 14.91 22.92
C GLN A 221 -27.45 13.94 21.76
N SER A 222 -26.66 12.85 21.60
CA SER A 222 -26.94 11.79 20.60
C SER A 222 -27.97 10.79 21.16
N LEU A 223 -28.12 10.75 22.50
CA LEU A 223 -29.19 9.98 23.18
C LEU A 223 -30.53 10.75 23.10
N ASN A 224 -30.44 12.08 22.90
CA ASN A 224 -31.62 12.95 22.64
C ASN A 224 -32.00 12.91 21.13
N LEU A 225 -31.19 12.18 20.33
CA LEU A 225 -31.39 11.98 18.88
C LEU A 225 -32.34 10.77 18.61
N GLU A 226 -33.37 10.62 19.47
CA GLU A 226 -34.46 9.63 19.32
C GLU A 226 -35.07 9.70 17.89
N LYS A 227 -35.86 8.68 17.51
CA LYS A 227 -36.17 8.41 16.10
C LYS A 227 -37.50 9.08 15.73
N THR A 228 -37.47 9.77 14.58
CA THR A 228 -38.57 10.60 14.06
C THR A 228 -39.48 9.75 13.11
N VAL A 229 -39.53 8.44 13.37
CA VAL A 229 -40.34 7.48 12.61
C VAL A 229 -41.84 7.55 13.05
N PRO A 230 -42.20 7.38 14.39
CA PRO A 230 -43.62 7.42 14.83
C PRO A 230 -44.12 8.85 15.18
N GLU A 231 -43.21 9.83 15.12
CA GLU A 231 -43.51 11.24 15.47
C GLU A 231 -42.63 12.16 14.61
N GLN A 232 -43.24 13.23 14.04
CA GLN A 232 -42.59 14.18 13.11
C GLN A 232 -42.17 13.49 11.78
N SER A 233 -41.39 14.21 10.94
CA SER A 233 -40.94 13.71 9.63
C SER A 233 -39.42 13.44 9.65
N ARG A 234 -38.60 14.52 9.60
CA ARG A 234 -37.12 14.43 9.61
C ARG A 234 -36.51 15.85 9.63
N ASP A 235 -36.26 16.36 10.83
CA ASP A 235 -35.62 17.69 11.07
C ASP A 235 -34.71 17.62 12.31
N ALA A 236 -34.20 16.39 12.59
CA ALA A 236 -33.33 16.12 13.76
C ALA A 236 -31.98 16.85 13.67
N ASP A 237 -31.50 17.04 12.43
CA ASP A 237 -30.24 17.74 12.15
C ASP A 237 -30.41 19.27 12.24
N VAL A 238 -31.61 19.75 11.82
CA VAL A 238 -32.06 21.20 11.74
C VAL A 238 -30.98 22.22 11.24
N ASP A 239 -29.89 22.42 12.01
CA ASP A 239 -28.79 23.36 11.68
C ASP A 239 -28.04 22.94 10.39
N ALA A 240 -28.07 21.63 10.07
CA ALA A 240 -27.35 21.06 8.92
C ALA A 240 -28.06 21.32 7.58
N SER A 241 -29.40 21.47 7.62
CA SER A 241 -30.20 21.80 6.42
C SER A 241 -29.89 23.23 5.95
N GLN A 242 -29.89 23.45 4.63
CA GLN A 242 -29.46 24.71 3.99
C GLN A 242 -30.37 25.90 4.37
N GLY A 243 -31.69 25.65 4.53
CA GLY A 243 -32.65 26.64 5.02
C GLY A 243 -33.22 27.53 3.91
N ALA A 244 -32.34 28.08 3.05
CA ALA A 244 -32.72 29.03 1.99
C ALA A 244 -33.67 28.39 0.96
N SER A 245 -33.12 27.44 0.17
CA SER A 245 -33.81 26.79 -0.97
C SER A 245 -34.15 27.83 -2.08
N ALA A 246 -35.21 28.64 -1.81
CA ALA A 246 -35.67 29.75 -2.68
C ALA A 246 -36.39 29.28 -3.97
N GLY A 247 -36.31 27.97 -4.28
CA GLY A 247 -36.88 27.41 -5.50
C GLY A 247 -36.21 27.94 -6.76
N GLY A 248 -36.75 29.06 -7.26
CA GLY A 248 -36.22 29.74 -8.43
C GLY A 248 -35.24 30.84 -8.07
N LEU A 249 -34.16 30.48 -7.33
CA LEU A 249 -33.05 31.40 -7.03
C LEU A 249 -32.20 31.79 -8.29
N PRO A 250 -31.97 30.90 -9.35
CA PRO A 250 -31.16 31.26 -10.54
C PRO A 250 -32.04 31.98 -11.61
N ASP A 251 -32.71 33.05 -11.19
CA ASP A 251 -33.65 33.81 -12.03
C ASP A 251 -33.17 35.27 -12.16
N LEU A 252 -33.56 35.93 -13.27
CA LEU A 252 -33.28 37.36 -13.57
C LEU A 252 -31.74 37.59 -13.76
N GLY A 253 -31.32 37.69 -15.03
CA GLY A 253 -29.89 37.92 -15.39
C GLY A 253 -28.95 36.77 -15.00
N SER A 254 -29.54 35.60 -14.70
CA SER A 254 -28.80 34.45 -14.13
C SER A 254 -28.84 33.26 -15.11
N LEU A 255 -28.63 33.55 -16.40
CA LEU A 255 -28.56 32.54 -17.48
C LEU A 255 -27.43 32.92 -18.44
N LEU A 256 -27.65 34.01 -19.20
CA LEU A 256 -26.66 34.57 -20.13
C LEU A 256 -25.64 35.43 -19.34
N GLY A 257 -26.15 36.50 -18.71
CA GLY A 257 -25.33 37.42 -17.91
C GLY A 257 -24.40 38.27 -18.76
N GLY A 258 -23.26 37.67 -19.13
CA GLY A 258 -22.24 38.31 -19.98
C GLY A 258 -21.38 37.28 -20.71
N GLY A 259 -20.70 37.72 -21.78
CA GLY A 259 -19.89 36.85 -22.63
C GLY A 259 -20.58 36.58 -23.95
N LEU A 260 -21.75 35.91 -23.86
CA LEU A 260 -22.67 35.63 -24.99
C LEU A 260 -22.04 34.75 -26.10
N GLY A 261 -21.15 35.34 -26.91
CA GLY A 261 -20.42 34.60 -27.94
C GLY A 261 -19.37 33.66 -27.36
N GLY A 262 -18.70 34.13 -26.30
CA GLY A 262 -17.68 33.36 -25.59
C GLY A 262 -16.70 34.25 -24.84
N LEU A 263 -16.24 33.80 -23.65
CA LEU A 263 -15.33 34.58 -22.78
C LEU A 263 -13.88 34.44 -23.29
N MET A 264 -13.60 35.03 -24.46
CA MET A 264 -12.30 34.93 -25.16
C MET A 264 -11.28 35.84 -24.49
N ASN A 265 -10.31 35.22 -23.76
CA ASN A 265 -9.18 35.88 -23.03
C ASN A 265 -9.63 37.10 -22.17
N ASN A 266 -10.93 37.11 -21.79
CA ASN A 266 -11.56 38.24 -21.08
C ASN A 266 -11.01 38.41 -19.63
N PRO A 267 -10.79 37.32 -18.82
CA PRO A 267 -10.09 37.43 -17.50
C PRO A 267 -8.56 37.56 -17.64
N GLN A 268 -8.07 37.53 -18.90
CA GLN A 268 -6.64 37.57 -19.26
C GLN A 268 -5.88 36.33 -18.76
N LEU A 269 -6.64 35.31 -18.27
CA LEU A 269 -6.12 34.07 -17.66
C LEU A 269 -5.43 34.35 -16.30
N MET A 270 -4.35 35.18 -16.31
CA MET A 270 -3.64 35.69 -15.12
C MET A 270 -2.89 34.53 -14.39
N GLN A 271 -3.64 33.78 -13.57
CA GLN A 271 -3.12 32.60 -12.83
C GLN A 271 -2.87 31.45 -13.81
N ALA A 272 -3.84 31.27 -14.73
CA ALA A 272 -3.78 30.25 -15.79
C ALA A 272 -2.73 30.64 -16.86
N ALA A 273 -2.43 31.95 -16.96
CA ALA A 273 -1.40 32.47 -17.88
C ALA A 273 0.01 32.10 -17.40
N GLN A 274 0.17 31.83 -16.08
CA GLN A 274 1.43 31.34 -15.50
C GLN A 274 1.68 29.88 -15.93
N LYS A 275 0.59 29.18 -16.31
CA LYS A 275 0.58 27.78 -16.75
C LYS A 275 0.98 26.87 -15.57
N MET A 276 2.31 26.71 -15.37
CA MET A 276 2.91 25.91 -14.27
C MET A 276 2.55 24.41 -14.39
N MET A 277 3.59 23.55 -14.27
CA MET A 277 3.46 22.08 -14.27
C MET A 277 2.96 21.55 -15.64
N SER A 278 1.61 21.62 -15.85
CA SER A 278 0.91 21.20 -17.10
C SER A 278 0.89 19.67 -17.32
N ASN A 279 1.72 18.93 -16.54
CA ASN A 279 1.88 17.45 -16.60
C ASN A 279 2.12 16.95 -18.05
N PRO A 280 3.16 17.52 -18.78
CA PRO A 280 3.35 17.28 -20.25
C PRO A 280 4.00 15.92 -20.58
N GLY A 281 4.21 15.07 -19.54
CA GLY A 281 4.88 13.78 -19.67
C GLY A 281 4.19 12.80 -20.62
N ALA A 282 2.86 12.93 -20.78
CA ALA A 282 2.11 12.14 -21.78
C ALA A 282 2.14 12.87 -23.15
N MET A 283 3.24 12.65 -23.91
CA MET A 283 3.45 13.26 -25.23
C MET A 283 2.77 12.39 -26.31
N GLN A 284 1.44 12.58 -26.42
CA GLN A 284 0.57 11.92 -27.42
C GLN A 284 -0.87 12.37 -27.17
N ASN A 285 -1.50 11.80 -26.13
CA ASN A 285 -2.87 12.11 -25.73
C ASN A 285 -2.91 13.47 -25.00
N ILE A 286 -3.98 14.23 -25.22
CA ILE A 286 -4.20 15.53 -24.56
C ILE A 286 -4.90 15.26 -23.22
N GLN A 287 -6.22 14.98 -23.26
CA GLN A 287 -7.04 14.75 -22.05
C GLN A 287 -7.74 13.38 -22.12
N LYS A 288 -9.07 13.35 -22.45
CA LYS A 288 -9.93 12.13 -22.38
C LYS A 288 -9.92 11.48 -20.96
N MET A 289 -9.45 12.24 -19.97
CA MET A 289 -9.25 11.79 -18.58
C MET A 289 -9.50 13.00 -17.67
N MET A 290 -10.46 12.85 -16.72
CA MET A 290 -11.04 13.93 -15.91
C MET A 290 -11.93 14.85 -16.78
N GLN A 291 -11.29 15.53 -17.76
CA GLN A 291 -11.95 16.34 -18.80
C GLN A 291 -12.37 17.72 -18.25
N ASP A 292 -11.85 18.78 -18.89
CA ASP A 292 -12.01 20.19 -18.44
C ASP A 292 -13.45 20.72 -18.66
N PRO A 293 -14.10 20.51 -19.88
CA PRO A 293 -15.56 20.82 -20.08
C PRO A 293 -16.46 19.90 -19.24
N SER A 294 -16.44 20.08 -17.92
CA SER A 294 -17.20 19.24 -16.96
C SER A 294 -18.67 19.70 -16.86
N ILE A 295 -18.98 20.83 -17.52
CA ILE A 295 -20.37 21.31 -17.68
C ILE A 295 -20.99 20.71 -18.97
N ARG A 296 -20.14 20.31 -19.93
CA ARG A 296 -20.57 19.67 -21.19
C ARG A 296 -20.45 18.14 -21.02
N GLN A 297 -19.20 17.65 -20.99
CA GLN A 297 -18.88 16.24 -20.73
C GLN A 297 -18.50 16.11 -19.24
N MET A 298 -19.50 15.76 -18.41
CA MET A 298 -19.36 15.70 -16.94
C MET A 298 -18.80 14.33 -16.51
N ALA A 299 -17.59 14.01 -17.04
CA ALA A 299 -16.90 12.72 -16.84
C ALA A 299 -17.78 11.53 -17.29
N GLU A 300 -17.31 10.29 -17.01
CA GLU A 300 -18.08 9.03 -17.19
C GLU A 300 -17.85 8.14 -15.96
N GLY A 301 -18.13 6.82 -16.08
CA GLY A 301 -17.91 5.86 -15.00
C GLY A 301 -16.42 5.58 -14.74
N PHE A 302 -15.80 6.45 -13.92
CA PHE A 302 -14.35 6.37 -13.58
C PHE A 302 -14.13 6.41 -12.05
N ALA A 303 -15.06 7.04 -11.30
CA ALA A 303 -14.95 7.18 -9.83
C ALA A 303 -15.07 5.82 -9.14
N SER A 304 -14.39 5.68 -7.98
CA SER A 304 -14.39 4.44 -7.18
C SER A 304 -15.81 4.13 -6.66
N GLY A 305 -16.50 3.19 -7.35
CA GLY A 305 -17.86 2.79 -7.02
C GLY A 305 -18.92 3.67 -7.66
N GLY A 306 -18.73 5.00 -7.56
CA GLY A 306 -19.71 5.99 -8.00
C GLY A 306 -20.08 6.93 -6.88
N GLY A 307 -19.84 6.48 -5.63
CA GLY A 307 -20.11 7.28 -4.44
C GLY A 307 -19.50 6.70 -3.18
N THR A 308 -19.52 7.50 -2.09
CA THR A 308 -18.90 7.14 -0.80
C THR A 308 -19.92 7.37 0.36
N PRO A 309 -19.81 6.61 1.51
CA PRO A 309 -20.72 6.79 2.69
C PRO A 309 -20.74 8.23 3.24
N ASN A 310 -21.89 8.91 3.06
CA ASN A 310 -22.11 10.31 3.50
C ASN A 310 -22.61 10.36 4.96
N LEU A 311 -22.73 11.59 5.53
CA LEU A 311 -23.33 11.80 6.86
C LEU A 311 -24.82 11.40 6.90
N SER A 312 -25.47 11.37 5.72
CA SER A 312 -26.89 10.98 5.57
C SER A 312 -27.15 9.50 5.99
N ASP A 313 -26.07 8.73 6.06
CA ASP A 313 -26.06 7.28 6.40
C ASP A 313 -26.65 6.99 7.79
N LEU A 314 -26.39 7.88 8.78
CA LEU A 314 -26.88 7.73 10.18
C LEU A 314 -28.41 7.85 10.31
N MET A 315 -29.06 8.42 9.27
CA MET A 315 -30.53 8.53 9.17
C MET A 315 -31.16 7.16 8.83
N ASN A 316 -30.31 6.14 8.58
CA ASN A 316 -30.70 4.75 8.27
C ASN A 316 -31.47 4.68 6.93
N ASN A 317 -30.73 4.48 5.83
CA ASN A 317 -31.31 4.30 4.48
C ASN A 317 -30.78 2.99 3.87
N PRO A 318 -31.42 1.82 4.18
CA PRO A 318 -31.07 0.51 3.59
C PRO A 318 -31.88 0.20 2.30
N ALA A 319 -32.45 1.25 1.65
CA ALA A 319 -33.27 1.08 0.42
C ALA A 319 -32.46 0.48 -0.73
N LEU A 320 -31.13 0.69 -0.68
CA LEU A 320 -30.17 0.19 -1.68
C LEU A 320 -29.98 -1.34 -1.57
N ARG A 321 -30.30 -1.92 -0.40
CA ARG A 321 -30.06 -3.35 -0.08
C ARG A 321 -31.38 -4.03 0.35
N ASN A 322 -31.89 -3.67 1.55
CA ASN A 322 -33.11 -4.25 2.13
C ASN A 322 -34.23 -3.18 2.22
N MET A 323 -35.09 -3.15 1.20
CA MET A 323 -36.29 -2.30 1.18
C MET A 323 -37.53 -3.22 1.05
N ALA A 324 -37.43 -4.18 0.13
CA ALA A 324 -38.44 -5.23 -0.06
C ALA A 324 -38.10 -6.45 0.83
N GLY A 325 -36.79 -6.77 0.89
CA GLY A 325 -36.27 -7.91 1.66
C GLY A 325 -35.28 -8.74 0.84
N ASN A 326 -35.34 -10.07 1.00
CA ASN A 326 -34.44 -11.03 0.30
C ASN A 326 -35.11 -11.59 -0.97
N LEU A 327 -36.05 -10.81 -1.53
CA LEU A 327 -36.89 -11.23 -2.68
C LEU A 327 -36.10 -11.21 -4.01
N PHE A 328 -34.94 -10.53 -4.02
CA PHE A 328 -34.07 -10.46 -5.20
C PHE A 328 -33.59 -11.89 -5.58
N GLY A 329 -34.06 -12.37 -6.75
CA GLY A 329 -33.88 -13.74 -7.20
C GLY A 329 -32.41 -14.13 -7.40
N GLY A 330 -31.94 -15.07 -6.57
CA GLY A 330 -30.57 -15.59 -6.65
C GLY A 330 -30.48 -16.93 -7.39
N ALA A 331 -31.59 -17.38 -7.99
CA ALA A 331 -31.67 -18.67 -8.70
C ALA A 331 -32.55 -18.54 -9.95
N GLY A 332 -32.90 -19.70 -10.58
CA GLY A 332 -33.65 -19.72 -11.84
C GLY A 332 -35.06 -19.16 -11.73
N ALA A 333 -35.95 -19.90 -11.05
CA ALA A 333 -37.37 -19.53 -10.89
C ALA A 333 -37.79 -19.62 -9.41
N GLN A 334 -37.10 -20.48 -8.65
CA GLN A 334 -37.42 -20.84 -7.26
C GLN A 334 -36.19 -20.60 -6.38
N SER A 335 -36.12 -21.29 -5.22
CA SER A 335 -34.91 -21.37 -4.40
C SER A 335 -33.89 -22.33 -5.08
N THR A 336 -32.60 -22.11 -4.80
CA THR A 336 -31.49 -22.82 -5.45
C THR A 336 -31.46 -24.33 -5.08
N ASP A 337 -31.98 -24.66 -3.88
CA ASP A 337 -32.13 -26.07 -3.44
C ASP A 337 -33.51 -26.62 -3.81
N GLU A 338 -34.51 -25.71 -3.84
CA GLU A 338 -35.94 -26.03 -4.00
C GLU A 338 -36.42 -26.87 -2.79
N THR A 339 -36.80 -26.19 -1.69
CA THR A 339 -37.25 -26.85 -0.46
C THR A 339 -38.76 -27.19 -0.54
N PRO A 340 -39.13 -28.52 -0.57
CA PRO A 340 -40.53 -28.99 -0.55
C PRO A 340 -40.96 -29.29 0.91
N ASP A 341 -41.55 -30.48 1.15
CA ASP A 341 -41.79 -31.00 2.51
C ASP A 341 -40.44 -31.24 3.23
N ASN A 342 -39.89 -30.18 3.83
CA ASN A 342 -38.55 -30.20 4.45
C ASN A 342 -38.55 -30.98 5.79
N GLU A 343 -39.64 -30.83 6.54
CA GLU A 343 -39.84 -31.46 7.87
C GLU A 343 -40.55 -32.82 7.73
N ASN A 344 -40.65 -33.35 6.49
CA ASN A 344 -41.26 -34.67 6.20
C ASN A 344 -40.40 -35.81 6.77
N LYS A 345 -41.05 -36.74 7.48
CA LYS A 345 -40.45 -38.00 7.90
C LYS A 345 -40.88 -39.10 6.92
N GLN A 346 -40.10 -39.24 5.81
CA GLN A 346 -40.19 -40.34 4.82
C GLN A 346 -41.42 -40.21 3.88
N TYR A 347 -42.64 -40.30 4.47
CA TYR A 347 -43.93 -40.38 3.77
C TYR A 347 -44.07 -41.78 3.11
N MET B 1 -4.35 5.06 -7.40
CA MET B 1 -4.15 6.16 -6.44
C MET B 1 -2.78 6.82 -6.64
N SER B 2 -2.58 8.00 -6.01
CA SER B 2 -1.28 8.72 -6.02
C SER B 2 -0.24 7.94 -5.17
N ALA B 3 -0.74 7.31 -4.06
CA ALA B 3 0.05 6.44 -3.14
C ALA B 3 1.10 7.24 -2.34
N SER B 4 1.64 6.64 -1.28
CA SER B 4 2.76 7.22 -0.51
C SER B 4 4.07 7.00 -1.31
N LYS B 5 5.23 7.44 -0.77
CA LYS B 5 6.53 7.33 -1.48
C LYS B 5 7.61 6.69 -0.60
N GLU B 6 7.19 6.01 0.47
CA GLU B 6 8.09 5.39 1.45
C GLU B 6 8.24 3.90 1.11
N GLU B 7 7.09 3.22 1.10
CA GLU B 7 6.97 1.79 0.73
C GLU B 7 7.23 1.57 -0.78
N ILE B 8 6.92 2.59 -1.62
CA ILE B 8 7.15 2.50 -3.08
C ILE B 8 8.65 2.53 -3.40
N ALA B 9 9.41 3.33 -2.63
CA ALA B 9 10.89 3.40 -2.77
C ALA B 9 11.53 2.01 -2.63
N ALA B 10 10.95 1.22 -1.70
CA ALA B 10 11.36 -0.16 -1.45
C ALA B 10 10.82 -1.12 -2.54
N LEU B 11 9.63 -0.79 -3.08
CA LEU B 11 8.96 -1.56 -4.16
C LEU B 11 9.79 -1.49 -5.46
N ILE B 12 10.40 -0.31 -5.70
CA ILE B 12 11.25 -0.05 -6.88
C ILE B 12 12.47 -1.01 -6.87
N VAL B 13 13.21 -0.98 -5.75
CA VAL B 13 14.43 -1.78 -5.59
C VAL B 13 14.12 -3.26 -5.33
N ASN B 14 12.85 -3.57 -4.97
CA ASN B 14 12.37 -4.97 -4.81
C ASN B 14 12.17 -5.61 -6.20
N TYR B 15 11.67 -4.80 -7.15
CA TYR B 15 11.53 -5.22 -8.55
C TYR B 15 12.93 -5.44 -9.15
N PHE B 16 13.80 -4.41 -9.00
CA PHE B 16 15.20 -4.44 -9.47
C PHE B 16 16.03 -5.49 -8.73
N SER B 17 15.60 -5.90 -7.52
CA SER B 17 16.25 -7.00 -6.77
C SER B 17 16.13 -8.30 -7.58
N SER B 18 14.91 -8.56 -8.07
CA SER B 18 14.61 -9.74 -8.91
C SER B 18 15.26 -9.61 -10.31
N ILE B 19 15.39 -8.36 -10.80
CA ILE B 19 15.97 -8.10 -12.15
C ILE B 19 17.49 -8.36 -12.15
N VAL B 20 18.21 -7.93 -11.08
CA VAL B 20 19.68 -8.06 -11.00
C VAL B 20 20.09 -9.45 -10.49
N GLU B 21 19.29 -10.03 -9.56
CA GLU B 21 19.60 -11.34 -8.95
C GLU B 21 19.41 -12.43 -10.02
N LYS B 22 18.19 -12.50 -10.58
CA LYS B 22 17.85 -13.50 -11.61
C LYS B 22 18.54 -13.20 -12.95
N LYS B 23 19.03 -11.95 -13.10
CA LYS B 23 19.68 -11.46 -14.31
C LYS B 23 18.72 -11.51 -15.50
N GLU B 24 17.60 -10.78 -15.33
CA GLU B 24 16.62 -10.51 -16.39
C GLU B 24 17.24 -9.61 -17.49
N ILE B 25 18.23 -8.82 -17.05
CA ILE B 25 19.12 -8.04 -17.92
C ILE B 25 20.53 -8.68 -17.89
N SER B 26 21.40 -8.33 -18.83
CA SER B 26 22.81 -8.79 -18.85
C SER B 26 23.54 -8.29 -17.58
N GLU B 27 24.58 -9.06 -17.16
CA GLU B 27 25.51 -8.68 -16.07
C GLU B 27 26.16 -7.31 -16.36
N ASP B 28 26.41 -7.06 -17.67
CA ASP B 28 26.99 -5.79 -18.17
C ASP B 28 26.07 -4.58 -17.84
N GLY B 29 24.76 -4.82 -17.61
CA GLY B 29 23.79 -3.78 -17.21
C GLY B 29 23.23 -3.99 -15.81
N ALA B 30 23.49 -5.18 -15.21
CA ALA B 30 22.90 -5.57 -13.91
C ALA B 30 23.58 -4.83 -12.76
N ASP B 31 24.90 -4.56 -12.90
CA ASP B 31 25.68 -3.78 -11.89
C ASP B 31 25.15 -2.36 -11.77
N SER B 32 24.76 -1.78 -12.91
CA SER B 32 24.28 -0.40 -13.00
C SER B 32 22.93 -0.27 -12.29
N LEU B 33 22.04 -1.25 -12.52
CA LEU B 33 20.75 -1.34 -11.82
C LEU B 33 20.95 -1.62 -10.31
N ASN B 34 21.98 -2.41 -9.97
CA ASN B 34 22.25 -2.85 -8.59
C ASN B 34 22.79 -1.68 -7.73
N VAL B 35 23.67 -0.86 -8.32
CA VAL B 35 24.20 0.34 -7.64
C VAL B 35 23.12 1.43 -7.58
N ALA B 36 22.19 1.42 -8.58
CA ALA B 36 21.01 2.31 -8.60
C ALA B 36 20.07 1.96 -7.43
N MET B 37 19.92 0.64 -7.15
CA MET B 37 19.15 0.13 -6.00
C MET B 37 19.71 0.68 -4.68
N ASP B 38 21.04 0.57 -4.56
CA ASP B 38 21.79 1.00 -3.38
C ASP B 38 21.64 2.52 -3.17
N CYS B 39 21.64 3.27 -4.29
CA CYS B 39 21.47 4.73 -4.29
C CYS B 39 20.09 5.14 -3.73
N ILE B 40 19.03 4.42 -4.14
CA ILE B 40 17.64 4.67 -3.68
C ILE B 40 17.49 4.29 -2.19
N SER B 41 18.18 3.21 -1.79
CA SER B 41 18.17 2.70 -0.41
C SER B 41 18.91 3.66 0.54
N GLU B 42 19.92 4.35 0.01
CA GLU B 42 20.67 5.38 0.72
C GLU B 42 19.88 6.71 0.73
N ALA B 43 19.16 6.94 -0.38
CA ALA B 43 18.40 8.18 -0.61
C ALA B 43 17.28 8.36 0.42
N PHE B 44 16.42 7.32 0.54
CA PHE B 44 15.30 7.31 1.50
C PHE B 44 15.72 6.73 2.87
N GLY B 45 16.89 6.07 2.91
CA GLY B 45 17.48 5.58 4.17
C GLY B 45 16.80 4.31 4.71
N PHE B 46 16.64 3.31 3.83
CA PHE B 46 16.10 1.97 4.19
C PHE B 46 17.09 0.88 3.77
N GLU B 47 16.95 -0.32 4.36
CA GLU B 47 17.81 -1.48 4.06
C GLU B 47 17.25 -2.25 2.86
N ARG B 48 18.16 -2.62 1.92
CA ARG B 48 17.85 -3.39 0.69
C ARG B 48 17.29 -4.78 1.02
N GLU B 49 17.74 -5.36 2.14
CA GLU B 49 17.34 -6.69 2.59
C GLU B 49 16.09 -6.66 3.48
N ALA B 50 15.65 -5.45 3.88
CA ALA B 50 14.45 -5.25 4.73
C ALA B 50 13.30 -4.60 3.94
N VAL B 51 13.45 -4.53 2.59
CA VAL B 51 12.46 -3.89 1.69
C VAL B 51 11.12 -4.63 1.68
N SER B 52 11.14 -5.93 2.01
CA SER B 52 9.97 -6.81 1.91
C SER B 52 8.91 -6.47 2.99
N GLY B 53 9.37 -6.20 4.23
CA GLY B 53 8.48 -5.97 5.37
C GLY B 53 7.59 -4.73 5.23
N ILE B 54 8.13 -3.69 4.60
CA ILE B 54 7.44 -2.39 4.42
C ILE B 54 6.44 -2.42 3.24
N LEU B 55 6.52 -3.47 2.38
CA LEU B 55 5.61 -3.66 1.22
C LEU B 55 4.17 -4.00 1.67
N GLY B 56 3.99 -4.34 2.96
CA GLY B 56 2.67 -4.57 3.54
C GLY B 56 1.79 -3.31 3.58
N LYS B 57 2.43 -2.13 3.40
CA LYS B 57 1.75 -0.82 3.38
C LYS B 57 1.33 -0.45 1.93
N SER B 58 2.14 -0.85 0.93
CA SER B 58 1.83 -0.66 -0.49
C SER B 58 0.83 -1.74 -0.95
N GLU B 59 -0.46 -1.49 -0.64
CA GLU B 59 -1.55 -2.45 -0.90
C GLU B 59 -2.36 -2.09 -2.16
N PHE B 60 -2.47 -0.78 -2.48
CA PHE B 60 -3.15 -0.25 -3.70
C PHE B 60 -4.65 -0.60 -3.74
N LYS B 61 -5.32 -0.29 -4.88
CA LYS B 61 -6.71 -0.73 -5.12
C LYS B 61 -6.81 -1.38 -6.50
N GLY B 62 -6.59 -0.59 -7.57
CA GLY B 62 -6.63 -1.10 -8.95
C GLY B 62 -5.57 -2.17 -9.22
N GLN B 63 -4.38 -1.98 -8.63
CA GLN B 63 -3.28 -2.96 -8.75
C GLN B 63 -3.50 -4.15 -7.77
N HIS B 64 -3.28 -3.90 -6.45
CA HIS B 64 -3.09 -4.95 -5.42
C HIS B 64 -1.92 -5.89 -5.83
N LEU B 65 -2.22 -6.88 -6.69
CA LEU B 65 -1.21 -7.69 -7.40
C LEU B 65 -1.52 -7.59 -8.91
N ALA B 66 -2.44 -8.45 -9.40
CA ALA B 66 -2.96 -8.49 -10.79
C ALA B 66 -1.84 -8.51 -11.86
N ASP B 67 -1.31 -7.31 -12.15
CA ASP B 67 -0.26 -7.08 -13.17
C ASP B 67 1.07 -7.71 -12.70
N ILE B 68 1.59 -7.14 -11.60
CA ILE B 68 2.88 -7.49 -11.01
C ILE B 68 2.66 -8.23 -9.69
N LEU B 69 3.51 -9.24 -9.42
CA LEU B 69 3.48 -10.02 -8.16
C LEU B 69 4.49 -9.43 -7.17
N ASN B 70 4.59 -8.10 -7.17
CA ASN B 70 5.50 -7.36 -6.28
C ASN B 70 4.87 -7.18 -4.89
N SER B 71 5.19 -8.11 -3.99
CA SER B 71 4.72 -8.09 -2.60
C SER B 71 5.73 -8.84 -1.71
N ALA B 72 6.23 -10.00 -2.24
CA ALA B 72 7.26 -10.86 -1.61
C ALA B 72 6.68 -11.78 -0.50
N SER B 73 5.77 -11.22 0.32
CA SER B 73 5.10 -11.93 1.46
C SER B 73 6.10 -12.25 2.60
N ARG B 74 7.33 -11.73 2.50
CA ARG B 74 8.40 -11.93 3.47
C ARG B 74 8.24 -10.92 4.62
N VAL B 75 7.37 -11.29 5.56
CA VAL B 75 7.05 -10.51 6.78
C VAL B 75 7.06 -11.43 8.05
N PRO B 76 6.32 -12.61 8.08
CA PRO B 76 6.30 -13.51 9.28
C PRO B 76 7.69 -14.06 9.69
N GLU B 77 8.34 -14.81 8.76
CA GLU B 77 9.61 -15.52 9.02
C GLU B 77 9.54 -16.52 10.21
N SER B 78 8.29 -16.83 10.65
CA SER B 78 7.98 -17.61 11.88
C SER B 78 8.36 -16.83 13.18
N ASN B 79 8.96 -15.63 13.04
CA ASN B 79 9.53 -14.87 14.16
C ASN B 79 8.44 -14.16 14.99
N LYS B 80 7.24 -13.98 14.37
CA LYS B 80 6.11 -13.25 15.00
C LYS B 80 5.34 -14.12 16.02
N LYS B 81 5.89 -15.30 16.38
CA LYS B 81 5.33 -16.16 17.44
C LYS B 81 5.77 -15.61 18.82
N ASP B 82 5.09 -14.53 19.24
CA ASP B 82 5.39 -13.77 20.48
C ASP B 82 4.27 -13.92 21.52
N ASP B 83 3.34 -14.82 21.22
CA ASP B 83 2.06 -14.98 21.93
C ASP B 83 2.22 -15.67 23.30
N ALA B 84 3.42 -16.25 23.55
CA ALA B 84 3.76 -16.89 24.84
C ALA B 84 4.47 -15.89 25.77
N GLU B 85 4.16 -14.59 25.58
CA GLU B 85 4.60 -13.50 26.47
C GLU B 85 3.97 -13.66 27.87
N ASN B 86 4.70 -13.22 28.91
CA ASN B 86 4.21 -13.24 30.31
C ASN B 86 3.05 -12.25 30.49
N VAL B 87 1.83 -12.74 30.17
CA VAL B 87 0.59 -11.99 30.33
C VAL B 87 -0.20 -12.59 31.52
N GLU B 88 0.03 -11.98 32.71
CA GLU B 88 -0.46 -12.45 34.03
C GLU B 88 0.27 -13.74 34.47
N ILE B 89 1.21 -13.61 35.42
CA ILE B 89 1.88 -14.75 36.08
C ILE B 89 1.23 -14.99 37.45
N ASN B 90 1.12 -16.27 37.82
CA ASN B 90 0.64 -16.70 39.14
C ASN B 90 1.25 -18.06 39.48
N ILE B 91 1.48 -18.29 40.78
CA ILE B 91 2.06 -19.54 41.32
C ILE B 91 1.46 -19.82 42.71
N PRO B 92 1.02 -21.09 43.02
CA PRO B 92 0.48 -21.46 44.36
C PRO B 92 1.46 -21.16 45.52
N GLU B 93 2.76 -21.12 45.19
CA GLU B 93 3.86 -20.78 46.11
C GLU B 93 3.66 -19.35 46.70
N ASP B 94 3.17 -18.43 45.84
CA ASP B 94 2.98 -17.00 46.19
C ASP B 94 1.51 -16.72 46.59
N ASP B 95 0.58 -17.44 45.95
CA ASP B 95 -0.88 -17.20 46.08
C ASP B 95 -1.51 -18.10 47.17
N ALA B 96 -0.66 -18.61 48.09
CA ALA B 96 -1.02 -19.66 49.07
C ALA B 96 -2.17 -19.25 50.04
N GLU B 97 -2.29 -17.95 50.30
CA GLU B 97 -3.26 -17.40 51.27
C GLU B 97 -4.57 -17.00 50.58
N THR B 98 -4.43 -16.12 49.57
CA THR B 98 -5.56 -15.40 48.95
C THR B 98 -6.49 -16.34 48.13
N LYS B 99 -6.05 -17.59 47.92
CA LYS B 99 -6.88 -18.65 47.29
C LYS B 99 -8.15 -18.97 48.11
N ALA B 100 -8.12 -18.61 49.41
CA ALA B 100 -9.30 -18.67 50.28
C ALA B 100 -10.33 -17.61 49.85
N LYS B 101 -9.82 -16.37 49.63
CA LYS B 101 -10.65 -15.20 49.27
C LYS B 101 -11.30 -15.39 47.88
N ALA B 102 -10.67 -16.25 47.03
CA ALA B 102 -11.14 -16.57 45.66
C ALA B 102 -12.60 -17.08 45.63
N GLU B 103 -13.03 -17.72 46.73
CA GLU B 103 -14.42 -18.15 46.96
C GLU B 103 -15.37 -16.93 46.86
N ASP B 104 -15.07 -15.91 47.67
CA ASP B 104 -15.87 -14.66 47.76
C ASP B 104 -15.76 -13.83 46.46
N LEU B 105 -14.57 -13.87 45.83
CA LEU B 105 -14.27 -13.16 44.58
C LEU B 105 -15.04 -13.74 43.37
N LYS B 106 -15.27 -15.07 43.41
CA LYS B 106 -16.02 -15.79 42.38
C LYS B 106 -17.51 -15.46 42.51
N MET B 107 -18.00 -15.49 43.77
CA MET B 107 -19.42 -15.24 44.09
C MET B 107 -19.82 -13.79 43.75
N GLN B 108 -18.98 -12.83 44.19
CA GLN B 108 -19.22 -11.39 43.97
C GLN B 108 -18.91 -10.99 42.50
N GLY B 109 -17.96 -11.72 41.88
CA GLY B 109 -17.66 -11.51 40.45
C GLY B 109 -18.81 -11.97 39.56
N ASN B 110 -19.45 -13.08 39.96
CA ASN B 110 -20.65 -13.63 39.29
C ASN B 110 -21.85 -12.68 39.51
N LYS B 111 -21.91 -12.06 40.70
CA LYS B 111 -22.94 -11.09 41.07
C LYS B 111 -22.79 -9.81 40.21
N ALA B 112 -21.53 -9.39 39.99
CA ALA B 112 -21.21 -8.22 39.15
C ALA B 112 -21.59 -8.49 37.69
N MET B 113 -21.35 -9.74 37.23
CA MET B 113 -21.72 -10.20 35.88
C MET B 113 -23.26 -10.37 35.77
N ALA B 114 -23.92 -10.69 36.90
CA ALA B 114 -25.40 -10.80 36.99
C ALA B 114 -26.05 -9.40 36.97
N ASN B 115 -25.25 -8.39 37.39
CA ASN B 115 -25.61 -6.95 37.30
C ASN B 115 -25.19 -6.39 35.91
N LYS B 116 -24.89 -7.32 34.96
CA LYS B 116 -24.41 -7.05 33.56
C LYS B 116 -23.22 -6.07 33.49
N ASP B 117 -22.49 -5.92 34.61
CA ASP B 117 -21.25 -5.13 34.65
C ASP B 117 -20.11 -6.03 34.17
N TYR B 118 -19.22 -5.48 33.35
CA TYR B 118 -18.16 -6.24 32.68
C TYR B 118 -16.80 -5.91 33.35
N GLU B 119 -16.56 -4.61 33.56
CA GLU B 119 -15.28 -4.08 34.08
C GLU B 119 -15.02 -4.55 35.53
N LEU B 120 -16.05 -4.38 36.37
CA LEU B 120 -16.02 -4.79 37.79
C LEU B 120 -15.96 -6.33 37.90
N ALA B 121 -16.65 -7.03 36.97
CA ALA B 121 -16.64 -8.51 36.90
C ALA B 121 -15.22 -9.04 36.59
N ILE B 122 -14.53 -8.35 35.65
CA ILE B 122 -13.13 -8.65 35.29
C ILE B 122 -12.22 -8.50 36.53
N ASN B 123 -12.40 -7.38 37.27
CA ASN B 123 -11.55 -7.03 38.42
C ASN B 123 -11.53 -8.15 39.49
N LYS B 124 -12.73 -8.62 39.89
CA LYS B 124 -12.87 -9.66 40.95
C LYS B 124 -12.43 -11.04 40.45
N TYR B 125 -12.63 -11.31 39.14
CA TYR B 125 -12.14 -12.56 38.53
C TYR B 125 -10.63 -12.51 38.26
N THR B 126 -10.05 -11.30 38.13
CA THR B 126 -8.59 -11.14 37.98
C THR B 126 -7.89 -11.48 39.31
N GLU B 127 -8.55 -11.12 40.42
CA GLU B 127 -8.10 -11.47 41.77
C GLU B 127 -8.27 -13.00 41.99
N ALA B 128 -9.41 -13.55 41.52
CA ALA B 128 -9.81 -14.97 41.75
C ALA B 128 -8.98 -15.98 40.91
N ILE B 129 -8.65 -15.61 39.65
CA ILE B 129 -7.98 -16.51 38.68
C ILE B 129 -6.50 -16.76 39.05
N LYS B 130 -5.79 -15.71 39.47
CA LYS B 130 -4.37 -15.82 39.89
C LYS B 130 -4.22 -16.86 41.02
N VAL B 131 -5.04 -16.66 42.04
CA VAL B 131 -4.93 -17.38 43.31
C VAL B 131 -5.61 -18.75 43.26
N LEU B 132 -6.61 -18.90 42.38
CA LEU B 132 -7.37 -20.16 42.20
C LEU B 132 -7.59 -20.41 40.68
N PRO B 133 -6.52 -20.91 39.97
CA PRO B 133 -6.56 -21.17 38.52
C PRO B 133 -6.91 -22.63 38.18
N THR B 134 -7.54 -23.30 39.15
CA THR B 134 -7.75 -24.75 39.12
C THR B 134 -8.81 -25.18 38.08
N ASN B 135 -9.90 -24.39 37.98
CA ASN B 135 -11.03 -24.70 37.05
C ASN B 135 -11.08 -23.67 35.91
N ALA B 136 -11.54 -24.14 34.74
CA ALA B 136 -11.73 -23.33 33.52
C ALA B 136 -12.89 -22.32 33.66
N ILE B 137 -13.80 -22.57 34.63
CA ILE B 137 -15.00 -21.73 34.85
C ILE B 137 -14.64 -20.28 35.22
N TYR B 138 -13.58 -20.13 36.05
CA TYR B 138 -13.07 -18.79 36.46
C TYR B 138 -12.63 -17.98 35.23
N TYR B 139 -11.87 -18.66 34.35
CA TYR B 139 -11.36 -18.10 33.08
C TYR B 139 -12.50 -17.70 32.14
N ALA B 140 -13.50 -18.59 32.02
CA ALA B 140 -14.60 -18.47 31.05
C ALA B 140 -15.44 -17.20 31.27
N ASN B 141 -15.71 -16.90 32.55
CA ASN B 141 -16.53 -15.74 32.95
C ASN B 141 -15.80 -14.41 32.69
N ARG B 142 -14.47 -14.38 32.92
CA ARG B 142 -13.66 -13.18 32.68
C ARG B 142 -13.43 -12.96 31.17
N ALA B 143 -13.25 -14.08 30.43
CA ALA B 143 -13.06 -14.06 28.96
C ALA B 143 -14.29 -13.46 28.27
N ALA B 144 -15.48 -13.82 28.79
CA ALA B 144 -16.77 -13.29 28.35
C ALA B 144 -16.82 -11.77 28.56
N ALA B 145 -16.47 -11.34 29.78
CA ALA B 145 -16.49 -9.91 30.20
C ALA B 145 -15.43 -9.06 29.45
N HIS B 146 -14.33 -9.72 29.01
CA HIS B 146 -13.27 -9.06 28.20
C HIS B 146 -13.81 -8.71 26.81
N SER B 147 -14.40 -9.73 26.14
CA SER B 147 -14.91 -9.61 24.75
C SER B 147 -16.21 -8.78 24.68
N SER B 148 -16.78 -8.44 25.85
CA SER B 148 -17.95 -7.55 25.97
C SER B 148 -17.55 -6.05 25.92
N LEU B 149 -16.25 -5.76 26.15
CA LEU B 149 -15.72 -4.38 26.17
C LEU B 149 -14.97 -4.08 24.86
N LYS B 150 -13.87 -4.83 24.64
CA LYS B 150 -12.99 -4.66 23.46
C LYS B 150 -11.83 -5.67 23.50
N GLU B 151 -11.61 -6.30 24.67
CA GLU B 151 -10.41 -7.10 24.96
C GLU B 151 -10.55 -8.55 24.46
N TYR B 152 -10.60 -8.71 23.13
CA TYR B 152 -10.62 -10.03 22.49
C TYR B 152 -9.26 -10.74 22.66
N ASP B 153 -8.18 -9.94 22.61
CA ASP B 153 -6.78 -10.41 22.80
C ASP B 153 -6.56 -10.97 24.22
N GLN B 154 -7.14 -10.29 25.21
CA GLN B 154 -7.07 -10.70 26.63
C GLN B 154 -8.06 -11.85 26.91
N ALA B 155 -9.11 -11.98 26.05
CA ALA B 155 -10.07 -13.10 26.10
C ALA B 155 -9.43 -14.38 25.53
N VAL B 156 -8.45 -14.22 24.61
CA VAL B 156 -7.67 -15.36 24.06
C VAL B 156 -6.89 -16.07 25.18
N LYS B 157 -6.32 -15.28 26.13
CA LYS B 157 -5.51 -15.81 27.25
C LYS B 157 -6.34 -16.76 28.12
N ASP B 158 -7.52 -16.26 28.55
CA ASP B 158 -8.42 -17.00 29.44
C ASP B 158 -9.04 -18.21 28.72
N ALA B 159 -9.43 -18.04 27.45
CA ALA B 159 -10.04 -19.11 26.63
C ALA B 159 -9.03 -20.24 26.32
N GLU B 160 -7.74 -19.85 26.15
CA GLU B 160 -6.62 -20.80 25.95
C GLU B 160 -6.47 -21.70 27.18
N SER B 161 -6.33 -21.05 28.35
CA SER B 161 -6.12 -21.74 29.63
C SER B 161 -7.36 -22.52 30.08
N ALA B 162 -8.55 -22.11 29.58
CA ALA B 162 -9.81 -22.84 29.83
C ALA B 162 -9.80 -24.21 29.13
N ILE B 163 -9.41 -24.18 27.84
CA ILE B 163 -9.25 -25.38 26.98
C ILE B 163 -8.08 -26.26 27.49
N SER B 164 -7.06 -25.61 28.09
CA SER B 164 -5.88 -26.29 28.66
C SER B 164 -6.29 -27.19 29.86
N ILE B 165 -7.20 -26.68 30.70
CA ILE B 165 -7.71 -27.41 31.88
C ILE B 165 -8.66 -28.53 31.43
N ASP B 166 -9.80 -28.17 30.81
CA ASP B 166 -10.76 -29.15 30.26
C ASP B 166 -11.26 -28.68 28.87
N PRO B 167 -10.75 -29.31 27.74
CA PRO B 167 -11.20 -28.99 26.35
C PRO B 167 -12.60 -29.55 26.03
N SER B 168 -13.24 -30.21 27.02
CA SER B 168 -14.63 -30.66 26.92
C SER B 168 -15.59 -29.46 26.93
N TYR B 169 -15.14 -28.35 27.55
CA TYR B 169 -15.90 -27.10 27.64
C TYR B 169 -15.92 -26.40 26.25
N PHE B 170 -16.96 -26.72 25.43
CA PHE B 170 -17.08 -26.26 24.03
C PHE B 170 -17.37 -24.74 23.95
N ARG B 171 -17.85 -24.16 25.05
CA ARG B 171 -18.06 -22.70 25.20
C ARG B 171 -16.70 -21.98 25.27
N GLY B 172 -15.67 -22.68 25.79
CA GLY B 172 -14.28 -22.18 25.78
C GLY B 172 -13.73 -22.06 24.37
N TYR B 173 -14.13 -23.01 23.50
CA TYR B 173 -13.82 -22.97 22.05
C TYR B 173 -14.60 -21.86 21.34
N SER B 174 -15.85 -21.67 21.75
CA SER B 174 -16.73 -20.61 21.22
C SER B 174 -16.18 -19.22 21.58
N ARG B 175 -15.57 -19.11 22.77
CA ARG B 175 -14.96 -17.87 23.27
C ARG B 175 -13.57 -17.64 22.65
N LEU B 176 -12.84 -18.72 22.34
CA LEU B 176 -11.52 -18.63 21.67
C LEU B 176 -11.71 -18.17 20.22
N GLY B 177 -12.73 -18.75 19.56
CA GLY B 177 -13.06 -18.44 18.18
C GLY B 177 -13.57 -17.01 18.02
N PHE B 178 -14.46 -16.59 18.94
CA PHE B 178 -15.02 -15.23 18.97
C PHE B 178 -13.93 -14.19 19.31
N ALA B 179 -13.00 -14.60 20.19
CA ALA B 179 -11.83 -13.77 20.55
C ALA B 179 -10.89 -13.57 19.36
N LYS B 180 -10.81 -14.60 18.48
CA LYS B 180 -9.99 -14.57 17.26
C LYS B 180 -10.74 -13.92 16.08
N TYR B 181 -12.07 -13.88 16.18
CA TYR B 181 -12.96 -13.39 15.11
C TYR B 181 -12.79 -11.89 14.87
N ALA B 182 -12.64 -11.13 15.98
CA ALA B 182 -12.50 -9.67 15.95
C ALA B 182 -11.04 -9.21 16.10
N GLN B 183 -10.09 -10.14 15.87
CA GLN B 183 -8.64 -9.80 15.77
C GLN B 183 -8.33 -9.16 14.41
N GLY B 184 -9.16 -9.48 13.41
CA GLY B 184 -9.00 -8.96 12.05
C GLY B 184 -8.32 -9.95 11.11
N LYS B 185 -7.78 -11.04 11.67
CA LYS B 185 -7.19 -12.15 10.91
C LYS B 185 -8.32 -13.17 10.65
N PRO B 186 -8.90 -13.21 9.41
CA PRO B 186 -10.07 -14.07 9.10
C PRO B 186 -9.74 -15.58 9.15
N GLU B 187 -8.51 -15.92 8.72
CA GLU B 187 -8.05 -17.31 8.65
C GLU B 187 -7.75 -17.87 10.06
N GLU B 188 -7.20 -17.00 10.92
CA GLU B 188 -6.86 -17.31 12.32
C GLU B 188 -8.15 -17.61 13.14
N ALA B 189 -9.21 -16.85 12.81
CA ALA B 189 -10.54 -17.03 13.39
C ALA B 189 -11.17 -18.36 12.94
N LEU B 190 -11.19 -18.56 11.62
CA LEU B 190 -11.80 -19.73 10.95
C LEU B 190 -11.11 -21.04 11.37
N GLU B 191 -9.79 -20.95 11.64
CA GLU B 191 -8.95 -22.06 12.12
C GLU B 191 -9.49 -22.55 13.49
N ALA B 192 -9.76 -21.59 14.39
CA ALA B 192 -10.29 -21.87 15.73
C ALA B 192 -11.74 -22.39 15.65
N TYR B 193 -12.51 -21.89 14.66
CA TYR B 193 -13.91 -22.32 14.41
C TYR B 193 -14.01 -23.76 13.87
N LYS B 194 -12.90 -24.27 13.29
CA LYS B 194 -12.82 -25.69 12.87
C LYS B 194 -12.92 -26.57 14.12
N LYS B 195 -12.13 -26.23 15.15
CA LYS B 195 -12.06 -26.99 16.42
C LYS B 195 -13.38 -26.97 17.19
N VAL B 196 -14.18 -25.90 16.99
CA VAL B 196 -15.52 -25.77 17.59
C VAL B 196 -16.48 -26.83 16.95
N LEU B 197 -16.47 -26.89 15.62
CA LEU B 197 -17.33 -27.79 14.82
C LEU B 197 -16.73 -29.22 14.72
N ASP B 198 -15.47 -29.35 15.13
CA ASP B 198 -14.74 -30.64 15.18
C ASP B 198 -15.27 -31.49 16.34
N ILE B 199 -15.72 -30.82 17.41
CA ILE B 199 -16.24 -31.46 18.63
C ILE B 199 -17.74 -31.19 18.83
N GLU B 200 -18.45 -30.76 17.77
CA GLU B 200 -19.91 -30.49 17.85
C GLU B 200 -20.70 -31.80 18.10
N GLY B 201 -20.23 -32.90 17.48
CA GLY B 201 -20.99 -34.15 17.44
C GLY B 201 -22.21 -34.02 16.53
N ASP B 202 -23.28 -33.44 17.08
CA ASP B 202 -24.51 -33.06 16.34
C ASP B 202 -25.15 -31.83 17.01
N ASN B 203 -24.36 -31.15 17.85
CA ASN B 203 -24.84 -30.07 18.75
C ASN B 203 -24.33 -28.70 18.27
N ALA B 204 -24.23 -28.53 16.93
CA ALA B 204 -23.84 -27.27 16.31
C ALA B 204 -24.88 -26.18 16.58
N THR B 205 -24.54 -25.22 17.45
CA THR B 205 -25.40 -24.08 17.76
C THR B 205 -25.45 -23.13 16.54
N GLU B 206 -26.59 -22.45 16.37
CA GLU B 206 -26.84 -21.54 15.22
C GLU B 206 -25.81 -20.39 15.19
N ALA B 207 -25.31 -20.02 16.37
CA ALA B 207 -24.26 -19.00 16.52
C ALA B 207 -22.98 -19.43 15.78
N MET B 208 -22.51 -20.65 16.09
CA MET B 208 -21.25 -21.22 15.54
C MET B 208 -21.34 -21.44 14.01
N LYS B 209 -22.55 -21.76 13.55
CA LYS B 209 -22.84 -22.01 12.11
C LYS B 209 -22.72 -20.70 11.30
N ARG B 210 -23.27 -19.62 11.86
CA ARG B 210 -23.20 -18.28 11.26
C ARG B 210 -21.75 -17.77 11.29
N ASP B 211 -21.09 -17.92 12.46
CA ASP B 211 -19.70 -17.51 12.68
C ASP B 211 -18.71 -18.24 11.75
N TYR B 212 -19.06 -19.48 11.34
CA TYR B 212 -18.28 -20.27 10.39
C TYR B 212 -18.25 -19.56 9.02
N GLU B 213 -19.44 -19.38 8.42
CA GLU B 213 -19.60 -18.80 7.08
C GLU B 213 -19.25 -17.28 7.07
N SER B 214 -19.37 -16.64 8.24
CA SER B 214 -19.03 -15.22 8.42
C SER B 214 -17.50 -15.03 8.49
N ALA B 215 -16.79 -16.04 9.03
CA ALA B 215 -15.32 -16.05 9.07
C ALA B 215 -14.76 -16.27 7.65
N LYS B 216 -15.51 -17.04 6.84
CA LYS B 216 -15.21 -17.29 5.42
C LYS B 216 -15.44 -16.01 4.56
N LYS B 217 -16.55 -15.31 4.85
CA LYS B 217 -16.85 -14.02 4.18
C LYS B 217 -15.88 -12.93 4.63
N LYS B 218 -15.42 -13.04 5.89
CA LYS B 218 -14.41 -12.14 6.48
C LYS B 218 -13.07 -12.29 5.74
N VAL B 219 -12.81 -13.50 5.17
CA VAL B 219 -11.65 -13.74 4.29
C VAL B 219 -11.79 -12.89 3.03
N GLU B 220 -12.90 -13.12 2.30
CA GLU B 220 -13.13 -12.56 0.96
C GLU B 220 -13.09 -11.03 0.97
N GLN B 221 -13.90 -10.42 1.84
CA GLN B 221 -14.06 -8.94 1.92
C GLN B 221 -12.72 -8.22 2.28
N SER B 222 -11.85 -8.94 3.03
CA SER B 222 -10.60 -8.37 3.56
C SER B 222 -9.59 -8.05 2.44
N LEU B 223 -9.04 -9.11 1.79
CA LEU B 223 -7.98 -8.96 0.76
C LEU B 223 -8.54 -8.49 -0.60
N ASN B 224 -9.87 -8.66 -0.83
CA ASN B 224 -10.54 -8.19 -2.06
C ASN B 224 -10.59 -6.64 -2.08
N LEU B 225 -11.08 -6.06 -0.98
CA LEU B 225 -11.20 -4.61 -0.85
C LEU B 225 -9.79 -4.03 -0.59
N GLU B 226 -9.23 -4.39 0.58
CA GLU B 226 -7.86 -4.04 1.00
C GLU B 226 -7.59 -2.51 0.85
N LYS B 227 -8.35 -1.74 1.66
CA LYS B 227 -8.33 -0.27 1.70
C LYS B 227 -9.35 0.23 2.76
N THR B 228 -9.20 1.48 3.22
CA THR B 228 -10.06 2.10 4.26
C THR B 228 -11.54 2.21 3.82
N VAL B 229 -12.42 2.50 4.81
CA VAL B 229 -13.88 2.63 4.61
C VAL B 229 -14.26 3.85 3.71
N PRO B 230 -13.67 5.12 3.91
CA PRO B 230 -13.89 6.24 2.96
C PRO B 230 -13.34 5.94 1.55
N GLU B 231 -12.25 5.13 1.50
CA GLU B 231 -11.66 4.60 0.25
C GLU B 231 -11.17 5.74 -0.71
N GLN B 232 -10.79 6.88 -0.09
CA GLN B 232 -10.33 8.07 -0.82
C GLN B 232 -8.95 7.83 -1.45
N SER B 233 -8.94 7.56 -2.76
CA SER B 233 -7.75 7.12 -3.50
C SER B 233 -7.33 8.16 -4.56
N ARG B 234 -7.64 9.46 -4.31
CA ARG B 234 -7.25 10.60 -5.19
C ARG B 234 -7.80 10.40 -6.62
N ASP B 235 -9.04 9.90 -6.67
CA ASP B 235 -9.72 9.45 -7.90
C ASP B 235 -10.78 10.46 -8.36
N ALA B 236 -11.49 11.07 -7.39
CA ALA B 236 -12.57 12.05 -7.65
C ALA B 236 -11.98 13.42 -8.02
N ASP B 237 -10.95 13.83 -7.26
CA ASP B 237 -10.18 15.06 -7.49
C ASP B 237 -9.12 14.85 -8.59
N VAL B 238 -8.77 13.57 -8.82
CA VAL B 238 -7.80 13.10 -9.82
C VAL B 238 -6.36 13.55 -9.47
N ASP B 239 -6.00 14.82 -9.78
CA ASP B 239 -4.60 15.31 -9.59
C ASP B 239 -4.54 16.84 -9.72
N ALA B 240 -3.31 17.39 -9.72
CA ALA B 240 -3.05 18.82 -9.98
C ALA B 240 -2.32 18.97 -11.33
N SER B 241 -2.61 20.05 -12.06
CA SER B 241 -2.01 20.32 -13.39
C SER B 241 -1.82 21.83 -13.65
N GLN B 242 -2.70 22.65 -13.02
CA GLN B 242 -2.80 24.12 -13.24
C GLN B 242 -3.09 24.47 -14.71
N GLY B 243 -3.60 23.47 -15.46
CA GLY B 243 -3.95 23.63 -16.87
C GLY B 243 -5.41 24.04 -17.03
N ALA B 244 -5.74 25.24 -16.49
CA ALA B 244 -7.06 25.85 -16.68
C ALA B 244 -7.19 26.34 -18.14
N SER B 245 -6.05 26.77 -18.70
CA SER B 245 -5.90 27.06 -20.13
C SER B 245 -5.15 25.90 -20.80
N ALA B 246 -5.77 25.28 -21.83
CA ALA B 246 -5.19 24.13 -22.55
C ALA B 246 -4.05 24.61 -23.48
N GLY B 247 -2.82 24.52 -22.97
CA GLY B 247 -1.63 24.93 -23.71
C GLY B 247 -0.35 24.43 -23.05
N GLY B 248 -0.13 23.10 -23.13
CA GLY B 248 1.10 22.48 -22.65
C GLY B 248 0.94 21.02 -22.24
N LEU B 249 -0.04 20.30 -22.85
CA LEU B 249 -0.37 18.92 -22.44
C LEU B 249 0.43 17.90 -23.32
N PRO B 250 0.20 17.73 -24.68
CA PRO B 250 0.99 16.76 -25.49
C PRO B 250 2.30 17.38 -26.03
N ASP B 251 2.57 18.65 -25.67
CA ASP B 251 3.71 19.45 -26.17
C ASP B 251 5.06 18.88 -25.69
N LEU B 252 5.10 18.47 -24.39
CA LEU B 252 6.28 17.86 -23.71
C LEU B 252 7.35 18.92 -23.39
N GLY B 253 7.95 19.50 -24.44
CA GLY B 253 9.07 20.43 -24.29
C GLY B 253 8.65 21.86 -23.94
N SER B 254 7.96 22.02 -22.80
CA SER B 254 7.61 23.32 -22.23
C SER B 254 8.86 23.94 -21.58
N LEU B 255 9.54 23.12 -20.74
CA LEU B 255 10.82 23.44 -20.06
C LEU B 255 10.64 24.54 -18.98
N LEU B 256 10.34 25.76 -19.46
CA LEU B 256 10.18 26.95 -18.62
C LEU B 256 9.05 26.75 -17.57
N GLY B 257 9.44 26.59 -16.29
CA GLY B 257 8.48 26.44 -15.18
C GLY B 257 7.94 25.02 -15.03
N GLY B 258 8.82 24.02 -15.21
CA GLY B 258 8.46 22.63 -14.96
C GLY B 258 9.13 21.66 -15.92
N GLY B 259 8.67 21.69 -17.19
CA GLY B 259 9.13 20.76 -18.22
C GLY B 259 8.42 19.41 -18.13
N LEU B 260 8.71 18.67 -17.05
CA LEU B 260 8.04 17.39 -16.71
C LEU B 260 7.29 17.54 -15.37
N GLY B 261 6.96 18.81 -15.01
CA GLY B 261 6.30 19.13 -13.74
C GLY B 261 4.87 18.61 -13.64
N GLY B 262 4.43 18.34 -12.40
CA GLY B 262 3.10 17.80 -12.15
C GLY B 262 2.64 18.06 -10.73
N LEU B 263 3.59 17.88 -9.78
CA LEU B 263 3.37 18.11 -8.33
C LEU B 263 2.19 17.28 -7.80
N MET B 264 2.23 15.97 -8.12
CA MET B 264 1.18 15.00 -7.76
C MET B 264 1.17 14.67 -6.25
N ASN B 265 2.29 14.98 -5.57
CA ASN B 265 2.43 14.96 -4.10
C ASN B 265 2.29 13.53 -3.50
N ASN B 266 1.04 13.16 -3.16
CA ASN B 266 0.66 11.96 -2.36
C ASN B 266 -0.84 12.13 -1.95
N PRO B 267 -1.52 11.12 -1.29
CA PRO B 267 -2.84 11.35 -0.68
C PRO B 267 -2.74 12.17 0.64
N GLN B 268 -1.67 11.90 1.43
CA GLN B 268 -1.44 12.50 2.77
C GLN B 268 -2.50 12.00 3.78
N LEU B 269 -2.14 10.95 4.53
CA LEU B 269 -2.95 10.39 5.64
C LEU B 269 -4.36 9.97 5.15
N MET B 270 -4.37 9.10 4.10
CA MET B 270 -5.61 8.53 3.47
C MET B 270 -6.47 9.63 2.80
N GLN B 271 -5.82 10.78 2.50
CA GLN B 271 -6.42 11.94 1.80
C GLN B 271 -7.55 12.59 2.63
N ALA B 272 -8.76 12.04 2.48
CA ALA B 272 -9.99 12.62 3.03
C ALA B 272 -10.67 11.57 3.91
N ALA B 273 -9.90 11.08 4.91
CA ALA B 273 -10.36 10.05 5.87
C ALA B 273 -11.52 10.56 6.75
N GLN B 274 -11.49 11.87 7.06
CA GLN B 274 -12.50 12.54 7.90
C GLN B 274 -13.56 13.23 7.02
N LYS B 275 -13.24 13.36 5.70
CA LYS B 275 -14.06 14.13 4.73
C LYS B 275 -14.73 13.12 3.77
N MET B 276 -16.01 12.86 4.02
CA MET B 276 -16.81 11.81 3.33
C MET B 276 -17.24 12.20 1.88
N MET B 277 -16.75 13.38 1.40
CA MET B 277 -16.98 13.92 0.03
C MET B 277 -18.38 14.59 -0.11
N SER B 278 -19.41 13.90 0.44
CA SER B 278 -20.78 14.44 0.66
C SER B 278 -21.67 14.40 -0.61
N ASN B 279 -21.24 15.12 -1.68
CA ASN B 279 -22.02 15.29 -2.93
C ASN B 279 -22.47 13.94 -3.57
N PRO B 280 -21.57 12.95 -3.88
CA PRO B 280 -21.98 11.65 -4.45
C PRO B 280 -22.31 10.61 -3.36
N GLY B 281 -22.77 11.09 -2.19
CA GLY B 281 -23.00 10.24 -1.03
C GLY B 281 -24.36 9.54 -1.03
N ALA B 282 -24.78 9.03 -2.21
CA ALA B 282 -25.97 8.20 -2.36
C ALA B 282 -25.72 6.79 -1.79
N MET B 283 -24.44 6.35 -1.87
CA MET B 283 -24.00 5.03 -1.38
C MET B 283 -23.91 5.02 0.15
N GLN B 284 -24.96 4.50 0.78
CA GLN B 284 -25.10 4.39 2.25
C GLN B 284 -25.76 3.03 2.59
N ASN B 285 -25.16 2.32 3.55
CA ASN B 285 -25.49 0.90 3.83
C ASN B 285 -24.96 0.51 5.22
N ILE B 286 -23.66 0.78 5.44
CA ILE B 286 -22.97 0.48 6.72
C ILE B 286 -23.47 1.37 7.87
N GLN B 287 -22.96 1.15 9.11
CA GLN B 287 -23.19 2.04 10.30
C GLN B 287 -24.70 2.16 10.67
N LYS B 288 -25.44 3.01 9.91
CA LYS B 288 -26.92 3.14 9.94
C LYS B 288 -27.43 4.02 11.11
N MET B 289 -26.74 3.99 12.26
CA MET B 289 -27.13 4.78 13.47
C MET B 289 -26.10 4.57 14.59
N MET B 290 -25.63 3.31 14.72
CA MET B 290 -24.69 2.88 15.77
C MET B 290 -23.82 1.71 15.26
N GLN B 291 -24.38 0.95 14.30
CA GLN B 291 -23.89 -0.37 13.88
C GLN B 291 -23.95 -1.34 15.09
N ASP B 292 -22.86 -1.42 15.89
CA ASP B 292 -22.80 -2.19 17.15
C ASP B 292 -21.39 -2.10 17.80
N PRO B 293 -20.27 -2.61 17.16
CA PRO B 293 -18.92 -2.65 17.80
C PRO B 293 -18.23 -1.27 17.80
N SER B 294 -18.10 -0.68 16.58
CA SER B 294 -17.39 0.60 16.33
C SER B 294 -15.89 0.47 16.75
N ILE B 295 -15.50 1.03 17.92
CA ILE B 295 -14.16 0.84 18.52
C ILE B 295 -14.37 0.37 19.97
N ARG B 296 -15.09 1.21 20.75
CA ARG B 296 -15.51 0.88 22.12
C ARG B 296 -16.97 0.39 22.10
N GLN B 297 -17.17 -0.90 22.45
CA GLN B 297 -18.51 -1.51 22.60
C GLN B 297 -19.19 -0.93 23.85
N MET B 298 -18.41 -0.82 24.92
CA MET B 298 -18.79 -0.13 26.15
C MET B 298 -17.51 0.47 26.73
N ALA B 299 -16.67 -0.42 27.32
CA ALA B 299 -15.33 -0.11 27.88
C ALA B 299 -15.31 1.22 28.70
N GLU B 300 -14.80 2.32 28.08
CA GLU B 300 -14.79 3.69 28.64
C GLU B 300 -13.84 3.85 29.86
N GLY B 301 -14.20 3.23 31.01
CA GLY B 301 -13.52 3.48 32.29
C GLY B 301 -14.42 4.28 33.20
N PHE B 302 -15.73 3.93 33.15
CA PHE B 302 -16.80 4.57 33.93
C PHE B 302 -16.58 4.38 35.45
N ALA B 303 -15.84 5.36 36.04
CA ALA B 303 -15.40 5.36 37.45
C ALA B 303 -14.26 4.35 37.69
N SER B 304 -14.55 3.06 37.42
CA SER B 304 -13.58 1.94 37.41
C SER B 304 -13.23 1.47 38.85
N GLY B 305 -12.64 2.37 39.66
CA GLY B 305 -12.16 2.02 41.02
C GLY B 305 -10.66 1.74 41.05
N GLY B 306 -10.09 1.43 39.87
CA GLY B 306 -8.65 1.26 39.69
C GLY B 306 -7.98 2.56 39.30
N GLY B 307 -8.10 3.56 40.20
CA GLY B 307 -7.58 4.91 39.97
C GLY B 307 -6.05 4.95 39.90
N THR B 308 -5.40 4.17 40.79
CA THR B 308 -3.94 4.05 40.84
C THR B 308 -3.53 2.64 41.35
N PRO B 309 -3.53 1.60 40.45
CA PRO B 309 -3.01 0.25 40.76
C PRO B 309 -1.48 0.28 41.00
N ASN B 310 -1.05 0.08 42.25
CA ASN B 310 0.37 0.11 42.64
C ASN B 310 0.88 -1.33 42.94
N LEU B 311 0.28 -2.33 42.25
CA LEU B 311 0.58 -3.77 42.47
C LEU B 311 2.02 -4.15 42.05
N SER B 312 2.65 -3.28 41.23
CA SER B 312 4.05 -3.43 40.78
C SER B 312 5.04 -3.29 41.96
N ASP B 313 4.67 -2.41 42.93
CA ASP B 313 5.47 -2.17 44.15
C ASP B 313 5.47 -3.40 45.07
N LEU B 314 4.31 -4.08 45.13
CA LEU B 314 4.10 -5.31 45.93
C LEU B 314 5.03 -6.45 45.45
N MET B 315 5.32 -6.47 44.14
CA MET B 315 6.26 -7.43 43.53
C MET B 315 7.71 -6.88 43.61
N ASN B 316 7.82 -5.54 43.56
CA ASN B 316 9.08 -4.78 43.59
C ASN B 316 10.01 -5.18 42.42
N ASN B 317 10.87 -6.20 42.65
CA ASN B 317 11.84 -6.72 41.67
C ASN B 317 12.14 -8.18 42.04
N PRO B 318 12.00 -9.17 41.12
CA PRO B 318 12.49 -10.55 41.35
C PRO B 318 14.02 -10.61 41.27
N ALA B 319 14.68 -10.56 42.45
CA ALA B 319 16.15 -10.70 42.55
C ALA B 319 16.55 -12.12 42.15
N LEU B 320 17.05 -12.24 40.91
CA LEU B 320 17.47 -13.52 40.33
C LEU B 320 18.54 -13.26 39.26
N ARG B 321 18.37 -12.15 38.50
CA ARG B 321 19.24 -11.77 37.37
C ARG B 321 19.07 -12.80 36.23
N ASN B 322 19.78 -13.93 36.35
CA ASN B 322 19.72 -15.08 35.44
C ASN B 322 20.74 -16.09 35.97
N MET B 323 22.03 -15.75 35.81
CA MET B 323 23.17 -16.58 36.26
C MET B 323 24.48 -15.78 36.13
N ALA B 324 25.54 -16.30 36.80
CA ALA B 324 26.90 -15.73 36.72
C ALA B 324 27.60 -16.14 35.39
N GLY B 325 26.98 -17.10 34.67
CA GLY B 325 27.43 -17.50 33.33
C GLY B 325 27.33 -16.37 32.32
N ASN B 326 26.35 -15.47 32.55
CA ASN B 326 26.24 -14.21 31.79
C ASN B 326 27.41 -13.29 32.17
N LEU B 327 28.38 -13.13 31.26
CA LEU B 327 29.64 -12.39 31.52
C LEU B 327 29.58 -10.96 30.96
N PHE B 328 28.37 -10.36 30.93
CA PHE B 328 28.17 -8.96 30.52
C PHE B 328 28.95 -8.01 31.47
N GLY B 329 30.19 -7.67 31.07
CA GLY B 329 31.07 -6.81 31.87
C GLY B 329 31.03 -5.40 31.34
N GLY B 330 31.95 -5.10 30.41
CA GLY B 330 31.96 -3.83 29.73
C GLY B 330 31.04 -3.85 28.53
N ALA B 331 29.72 -4.01 28.79
CA ALA B 331 28.69 -4.17 27.74
C ALA B 331 28.41 -2.85 26.99
N GLY B 332 28.97 -1.74 27.49
CA GLY B 332 28.94 -0.44 26.80
C GLY B 332 30.32 0.23 26.78
N ALA B 333 31.37 -0.58 27.03
CA ALA B 333 32.78 -0.10 27.10
C ALA B 333 33.43 -0.03 25.71
N GLN B 334 32.66 -0.39 24.66
CA GLN B 334 33.13 -0.43 23.26
C GLN B 334 33.53 0.97 22.80
N SER B 335 34.85 1.15 22.52
CA SER B 335 35.42 2.41 22.07
C SER B 335 34.68 2.94 20.80
N THR B 336 33.90 4.00 20.99
CA THR B 336 33.11 4.65 19.93
C THR B 336 34.01 5.19 18.81
N ASP B 337 35.15 5.76 19.20
CA ASP B 337 36.12 6.36 18.27
C ASP B 337 37.18 5.35 17.80
N GLU B 338 36.92 4.04 17.97
CA GLU B 338 37.84 2.98 17.50
C GLU B 338 37.95 3.00 15.96
N THR B 339 36.83 2.68 15.29
CA THR B 339 36.74 2.69 13.82
C THR B 339 35.42 3.39 13.35
N PRO B 340 35.27 4.74 13.60
CA PRO B 340 34.05 5.49 13.20
C PRO B 340 34.05 5.92 11.72
N ASP B 341 35.27 6.17 11.16
CA ASP B 341 35.49 6.74 9.82
C ASP B 341 34.68 8.04 9.61
N ASN B 342 33.46 7.92 9.02
CA ASN B 342 32.54 9.05 8.72
C ASN B 342 33.22 10.19 7.94
N GLU B 343 34.33 9.86 7.26
CA GLU B 343 35.25 10.88 6.70
C GLU B 343 34.71 11.49 5.40
N ASN B 344 34.84 10.76 4.27
CA ASN B 344 34.42 11.24 2.95
C ASN B 344 34.51 10.09 1.93
N LYS B 345 35.75 9.62 1.75
CA LYS B 345 36.17 8.70 0.65
C LYS B 345 36.01 9.36 -0.74
N GLN B 346 34.74 9.52 -1.16
CA GLN B 346 34.34 9.95 -2.51
C GLN B 346 34.81 8.90 -3.53
N TYR B 347 36.09 9.01 -3.96
CA TYR B 347 36.73 8.05 -4.85
C TYR B 347 38.25 8.03 -4.54
N MET A 1 1.67 -10.74 -15.89
CA MET A 1 3.10 -10.48 -15.60
C MET A 1 3.30 -8.96 -15.43
N SER A 2 4.43 -8.57 -14.81
CA SER A 2 4.73 -7.16 -14.47
C SER A 2 5.42 -6.40 -15.62
N ALA A 3 4.75 -6.39 -16.80
CA ALA A 3 5.25 -5.75 -18.05
C ALA A 3 6.63 -6.35 -18.46
N SER A 4 7.38 -5.63 -19.31
CA SER A 4 8.81 -5.90 -19.51
C SER A 4 9.61 -5.09 -18.46
N LYS A 5 10.82 -5.56 -18.14
CA LYS A 5 11.67 -4.95 -17.10
C LYS A 5 12.15 -3.52 -17.49
N GLU A 6 12.12 -3.20 -18.79
CA GLU A 6 12.46 -1.85 -19.30
C GLU A 6 11.25 -0.91 -19.19
N GLU A 7 10.03 -1.45 -19.45
CA GLU A 7 8.77 -0.67 -19.39
C GLU A 7 8.55 -0.12 -17.98
N ILE A 8 8.74 -1.01 -17.00
CA ILE A 8 8.57 -0.68 -15.58
C ILE A 8 9.74 0.21 -15.07
N ALA A 9 10.93 0.08 -15.70
CA ALA A 9 12.12 0.88 -15.35
C ALA A 9 11.91 2.35 -15.70
N ALA A 10 11.28 2.59 -16.86
CA ALA A 10 10.88 3.93 -17.31
C ALA A 10 9.84 4.54 -16.36
N LEU A 11 8.88 3.69 -15.93
CA LEU A 11 7.85 4.02 -14.92
C LEU A 11 8.50 4.47 -13.58
N ILE A 12 9.54 3.71 -13.18
CA ILE A 12 10.27 3.92 -11.90
C ILE A 12 11.03 5.26 -11.90
N VAL A 13 11.82 5.53 -12.95
CA VAL A 13 12.65 6.74 -13.04
C VAL A 13 11.79 8.00 -13.30
N ASN A 14 10.62 7.81 -13.94
CA ASN A 14 9.62 8.88 -14.17
C ASN A 14 8.90 9.24 -12.86
N TYR A 15 8.68 8.21 -12.01
CA TYR A 15 8.05 8.41 -10.69
C TYR A 15 9.00 9.18 -9.75
N PHE A 16 10.32 8.92 -9.86
CA PHE A 16 11.35 9.71 -9.15
C PHE A 16 11.30 11.18 -9.59
N SER A 17 11.13 11.39 -10.90
CA SER A 17 11.00 12.74 -11.49
C SER A 17 9.75 13.48 -10.97
N SER A 18 8.74 12.70 -10.54
CA SER A 18 7.51 13.23 -9.91
C SER A 18 7.80 13.65 -8.44
N ILE A 19 8.58 12.82 -7.71
CA ILE A 19 8.95 13.06 -6.28
C ILE A 19 9.78 14.34 -6.14
N VAL A 20 10.78 14.49 -7.02
CA VAL A 20 11.75 15.59 -6.95
C VAL A 20 11.14 16.93 -7.44
N GLU A 21 10.09 16.84 -8.30
CA GLU A 21 9.29 18.01 -8.73
C GLU A 21 8.38 18.48 -7.58
N LYS A 22 7.73 17.49 -6.93
CA LYS A 22 6.85 17.71 -5.76
C LYS A 22 7.71 18.15 -4.54
N LYS A 23 9.02 17.77 -4.57
CA LYS A 23 10.03 18.13 -3.54
C LYS A 23 9.69 17.50 -2.17
N GLU A 24 9.25 16.23 -2.19
CA GLU A 24 9.02 15.43 -0.96
C GLU A 24 10.33 15.07 -0.25
N ILE A 25 11.46 15.26 -0.94
CA ILE A 25 12.80 14.96 -0.42
C ILE A 25 13.70 16.19 -0.61
N SER A 26 14.70 16.37 0.28
CA SER A 26 15.68 17.48 0.24
C SER A 26 16.41 17.54 -1.12
N GLU A 27 17.01 18.71 -1.42
CA GLU A 27 17.72 18.99 -2.70
C GLU A 27 18.84 17.97 -2.93
N ASP A 28 19.52 17.64 -1.81
CA ASP A 28 20.57 16.62 -1.71
C ASP A 28 20.05 15.25 -2.19
N GLY A 29 18.92 14.82 -1.59
CA GLY A 29 18.30 13.52 -1.89
C GLY A 29 17.62 13.50 -3.26
N ALA A 30 17.22 14.68 -3.75
CA ALA A 30 16.60 14.85 -5.07
C ALA A 30 17.64 14.62 -6.17
N ASP A 31 18.89 15.02 -5.87
CA ASP A 31 20.08 14.80 -6.73
C ASP A 31 20.50 13.32 -6.68
N SER A 32 20.36 12.72 -5.48
CA SER A 32 20.69 11.29 -5.25
C SER A 32 19.74 10.38 -6.04
N LEU A 33 18.46 10.80 -6.13
CA LEU A 33 17.46 10.12 -6.97
C LEU A 33 17.73 10.39 -8.46
N ASN A 34 18.16 11.63 -8.78
CA ASN A 34 18.38 12.08 -10.17
C ASN A 34 19.47 11.26 -10.89
N VAL A 35 20.59 11.01 -10.18
CA VAL A 35 21.70 10.20 -10.71
C VAL A 35 21.32 8.70 -10.71
N ALA A 36 20.47 8.29 -9.74
CA ALA A 36 19.98 6.91 -9.62
C ALA A 36 19.01 6.57 -10.77
N MET A 37 18.30 7.60 -11.28
CA MET A 37 17.45 7.49 -12.47
C MET A 37 18.31 7.06 -13.67
N ASP A 38 19.46 7.75 -13.81
CA ASP A 38 20.41 7.55 -14.92
C ASP A 38 21.15 6.20 -14.79
N CYS A 39 21.34 5.72 -13.55
CA CYS A 39 21.99 4.41 -13.28
C CYS A 39 21.10 3.25 -13.78
N ILE A 40 19.78 3.41 -13.59
CA ILE A 40 18.76 2.46 -14.10
C ILE A 40 18.65 2.59 -15.64
N SER A 41 18.68 3.84 -16.12
CA SER A 41 18.54 4.16 -17.54
C SER A 41 19.68 3.57 -18.39
N GLU A 42 20.92 3.66 -17.84
CA GLU A 42 22.15 3.19 -18.51
C GLU A 42 22.13 1.65 -18.67
N ALA A 43 21.49 0.99 -17.70
CA ALA A 43 21.37 -0.48 -17.65
C ALA A 43 20.62 -1.03 -18.88
N PHE A 44 19.61 -0.27 -19.36
CA PHE A 44 18.83 -0.65 -20.56
C PHE A 44 19.23 0.19 -21.78
N GLY A 45 20.14 1.17 -21.55
CA GLY A 45 20.70 2.00 -22.63
C GLY A 45 19.73 3.07 -23.11
N PHE A 46 19.32 3.96 -22.19
CA PHE A 46 18.45 5.10 -22.50
C PHE A 46 18.73 6.26 -21.54
N GLU A 47 18.08 7.40 -21.78
CA GLU A 47 18.18 8.62 -20.93
C GLU A 47 16.95 8.70 -20.00
N ARG A 48 17.10 9.47 -18.92
CA ARG A 48 16.03 9.69 -17.91
C ARG A 48 14.73 10.24 -18.55
N GLU A 49 14.88 11.15 -19.54
CA GLU A 49 13.75 11.80 -20.22
C GLU A 49 13.13 10.87 -21.30
N ALA A 50 13.85 9.78 -21.65
CA ALA A 50 13.44 8.82 -22.70
C ALA A 50 12.26 7.91 -22.27
N VAL A 51 11.73 8.18 -21.06
CA VAL A 51 10.48 7.55 -20.57
C VAL A 51 9.30 7.74 -21.54
N SER A 52 9.30 8.88 -22.28
CA SER A 52 8.27 9.19 -23.28
C SER A 52 8.21 8.11 -24.38
N GLY A 53 9.41 7.68 -24.83
CA GLY A 53 9.55 6.64 -25.85
C GLY A 53 9.08 5.27 -25.38
N ILE A 54 9.56 4.86 -24.18
CA ILE A 54 9.33 3.51 -23.64
C ILE A 54 7.86 3.29 -23.22
N LEU A 55 7.33 4.24 -22.43
CA LEU A 55 5.93 4.19 -21.92
C LEU A 55 4.90 4.39 -23.06
N GLY A 56 5.38 4.88 -24.23
CA GLY A 56 4.56 4.98 -25.45
C GLY A 56 4.31 3.64 -26.15
N LYS A 57 4.91 2.57 -25.60
CA LYS A 57 4.78 1.20 -26.11
C LYS A 57 3.72 0.45 -25.28
N SER A 58 3.86 0.56 -23.95
CA SER A 58 2.99 -0.11 -22.98
C SER A 58 2.36 0.95 -22.06
N GLU A 59 1.02 1.10 -22.14
CA GLU A 59 0.24 1.98 -21.25
C GLU A 59 -0.07 1.28 -19.91
N PHE A 60 0.43 0.02 -19.77
CA PHE A 60 0.14 -0.89 -18.64
C PHE A 60 -1.32 -1.36 -18.69
N LYS A 61 -1.69 -2.32 -17.82
CA LYS A 61 -3.04 -2.92 -17.79
C LYS A 61 -3.61 -2.96 -16.37
N GLY A 62 -2.89 -2.35 -15.41
CA GLY A 62 -3.35 -2.24 -14.03
C GLY A 62 -3.19 -0.84 -13.48
N GLN A 63 -1.99 -0.26 -13.73
CA GLN A 63 -1.65 1.09 -13.24
C GLN A 63 -2.51 2.16 -13.95
N HIS A 64 -2.11 2.52 -15.20
CA HIS A 64 -2.69 3.64 -15.99
C HIS A 64 -2.70 4.96 -15.18
N LEU A 65 -3.79 5.19 -14.43
CA LEU A 65 -4.08 6.46 -13.73
C LEU A 65 -4.65 6.12 -12.33
N ALA A 66 -4.89 7.15 -11.50
CA ALA A 66 -5.46 7.04 -10.12
C ALA A 66 -4.42 6.49 -9.11
N ASP A 67 -3.90 5.27 -9.38
CA ASP A 67 -2.77 4.67 -8.62
C ASP A 67 -1.54 5.56 -8.75
N ILE A 68 -1.14 5.79 -10.00
CA ILE A 68 -0.03 6.68 -10.39
C ILE A 68 -0.36 7.26 -11.77
N LEU A 69 -0.02 8.54 -11.97
CA LEU A 69 -0.24 9.25 -13.25
C LEU A 69 1.03 9.18 -14.14
N ASN A 70 1.99 8.31 -13.73
CA ASN A 70 3.31 8.19 -14.38
C ASN A 70 3.33 7.16 -15.52
N SER A 71 2.24 6.36 -15.65
CA SER A 71 2.11 5.36 -16.72
C SER A 71 1.94 6.06 -18.09
N ALA A 72 0.82 6.80 -18.19
CA ALA A 72 0.39 7.52 -19.39
C ALA A 72 -0.89 8.30 -19.05
N SER A 73 -1.57 8.84 -20.07
CA SER A 73 -2.93 9.39 -19.95
C SER A 73 -3.89 8.63 -20.87
N ARG A 74 -3.43 7.46 -21.36
CA ARG A 74 -4.15 6.62 -22.32
C ARG A 74 -4.85 5.44 -21.60
N VAL A 75 -5.80 4.85 -22.34
CA VAL A 75 -6.63 3.72 -21.91
C VAL A 75 -6.99 2.91 -23.19
N PRO A 76 -7.11 1.54 -23.14
CA PRO A 76 -7.59 0.75 -24.32
C PRO A 76 -9.13 0.84 -24.53
N GLU A 77 -9.69 2.05 -24.31
CA GLU A 77 -11.14 2.38 -24.38
C GLU A 77 -11.97 1.57 -23.37
N SER A 78 -12.22 0.28 -23.70
CA SER A 78 -13.07 -0.64 -22.93
C SER A 78 -14.55 -0.17 -22.97
N ASN A 79 -15.41 -0.85 -22.22
CA ASN A 79 -16.85 -0.56 -22.16
C ASN A 79 -17.44 -1.27 -20.94
N LYS A 80 -17.10 -2.58 -20.83
CA LYS A 80 -17.52 -3.52 -19.76
C LYS A 80 -19.00 -3.96 -19.87
N LYS A 81 -19.90 -3.00 -20.20
CA LYS A 81 -21.37 -3.21 -20.23
C LYS A 81 -21.75 -4.42 -21.10
N ASP A 82 -21.97 -5.55 -20.41
CA ASP A 82 -22.20 -6.89 -20.99
C ASP A 82 -22.79 -7.80 -19.88
N ASP A 83 -22.93 -9.12 -20.16
CA ASP A 83 -23.37 -10.13 -19.18
C ASP A 83 -24.89 -9.93 -18.88
N ALA A 84 -25.28 -9.73 -17.59
CA ALA A 84 -26.69 -9.52 -17.14
C ALA A 84 -27.59 -10.78 -17.29
N GLU A 85 -27.17 -11.75 -18.12
CA GLU A 85 -27.96 -12.91 -18.54
C GLU A 85 -29.32 -12.50 -19.14
N ASN A 86 -30.40 -12.60 -18.31
CA ASN A 86 -31.82 -12.47 -18.74
C ASN A 86 -32.04 -13.27 -20.05
N VAL A 87 -31.84 -14.59 -19.93
CA VAL A 87 -31.89 -15.54 -21.06
C VAL A 87 -33.35 -15.88 -21.42
N GLU A 88 -34.09 -14.81 -21.82
CA GLU A 88 -35.54 -14.82 -22.11
C GLU A 88 -36.31 -15.44 -20.93
N ILE A 89 -36.35 -14.72 -19.80
CA ILE A 89 -37.08 -15.16 -18.59
C ILE A 89 -38.55 -14.67 -18.68
N ASN A 90 -38.80 -13.43 -18.20
CA ASN A 90 -40.15 -12.80 -18.12
C ASN A 90 -39.98 -11.50 -17.30
N ILE A 91 -40.96 -10.59 -17.41
CA ILE A 91 -41.05 -9.42 -16.52
C ILE A 91 -41.63 -9.92 -15.17
N PRO A 92 -40.91 -9.72 -14.02
CA PRO A 92 -41.37 -10.16 -12.66
C PRO A 92 -42.52 -9.30 -12.06
N GLU A 93 -43.40 -8.76 -12.93
CA GLU A 93 -44.64 -8.08 -12.51
C GLU A 93 -45.64 -9.12 -11.93
N ASP A 94 -45.59 -10.35 -12.48
CA ASP A 94 -46.39 -11.50 -11.99
C ASP A 94 -45.98 -11.89 -10.55
N ASP A 95 -44.72 -11.57 -10.20
CA ASP A 95 -44.13 -11.81 -8.86
C ASP A 95 -44.48 -10.67 -7.88
N ALA A 96 -45.61 -9.96 -8.11
CA ALA A 96 -46.09 -8.89 -7.22
C ALA A 96 -46.42 -9.42 -5.80
N GLU A 97 -47.03 -10.62 -5.75
CA GLU A 97 -47.54 -11.22 -4.49
C GLU A 97 -46.40 -11.66 -3.55
N THR A 98 -45.18 -11.88 -4.10
CA THR A 98 -44.05 -12.50 -3.38
C THR A 98 -43.71 -11.80 -2.04
N LYS A 99 -43.87 -10.46 -2.01
CA LYS A 99 -43.57 -9.64 -0.80
C LYS A 99 -44.40 -10.07 0.44
N ALA A 100 -45.59 -10.66 0.19
CA ALA A 100 -46.45 -11.21 1.26
C ALA A 100 -46.13 -12.69 1.53
N LYS A 101 -45.63 -13.35 0.48
CA LYS A 101 -45.36 -14.79 0.47
C LYS A 101 -44.13 -15.19 1.32
N ALA A 102 -43.36 -14.18 1.79
CA ALA A 102 -42.23 -14.39 2.73
C ALA A 102 -42.60 -15.38 3.86
N GLU A 103 -43.63 -15.02 4.65
CA GLU A 103 -44.09 -15.83 5.80
C GLU A 103 -44.89 -17.07 5.33
N ASP A 104 -45.62 -16.91 4.21
CA ASP A 104 -46.52 -17.94 3.64
C ASP A 104 -45.73 -19.20 3.20
N LEU A 105 -44.82 -18.99 2.22
CA LEU A 105 -43.97 -20.05 1.66
C LEU A 105 -42.94 -20.57 2.68
N LYS A 106 -42.67 -19.77 3.72
CA LYS A 106 -41.77 -20.16 4.82
C LYS A 106 -42.41 -21.30 5.63
N MET A 107 -43.69 -21.10 6.02
CA MET A 107 -44.48 -22.10 6.78
C MET A 107 -44.68 -23.37 5.94
N GLN A 108 -45.30 -23.18 4.77
CA GLN A 108 -45.67 -24.27 3.84
C GLN A 108 -44.43 -25.05 3.36
N GLY A 109 -43.36 -24.30 3.02
CA GLY A 109 -42.10 -24.88 2.53
C GLY A 109 -41.33 -25.64 3.60
N ASN A 110 -41.40 -25.14 4.85
CA ASN A 110 -40.80 -25.81 6.04
C ASN A 110 -41.45 -27.19 6.25
N LYS A 111 -42.80 -27.19 6.29
CA LYS A 111 -43.62 -28.40 6.48
C LYS A 111 -43.50 -29.35 5.28
N ALA A 112 -43.12 -28.80 4.09
CA ALA A 112 -42.92 -29.58 2.86
C ALA A 112 -41.70 -30.50 2.99
N MET A 113 -40.50 -29.90 3.20
CA MET A 113 -39.22 -30.66 3.30
C MET A 113 -39.15 -31.48 4.62
N ALA A 114 -40.02 -31.10 5.60
CA ALA A 114 -40.20 -31.85 6.86
C ALA A 114 -40.85 -33.23 6.58
N ASN A 115 -41.66 -33.30 5.50
CA ASN A 115 -42.28 -34.55 5.02
C ASN A 115 -41.49 -35.12 3.81
N LYS A 116 -40.25 -34.61 3.63
CA LYS A 116 -39.29 -35.01 2.56
C LYS A 116 -39.77 -34.58 1.16
N ASP A 117 -40.77 -33.69 1.07
CA ASP A 117 -41.23 -33.11 -0.21
C ASP A 117 -40.19 -32.08 -0.67
N TYR A 118 -39.12 -32.57 -1.32
CA TYR A 118 -38.01 -31.71 -1.80
C TYR A 118 -38.49 -30.77 -2.91
N GLU A 119 -39.23 -31.34 -3.87
CA GLU A 119 -39.77 -30.59 -5.03
C GLU A 119 -40.74 -29.46 -4.58
N LEU A 120 -41.71 -29.84 -3.72
CA LEU A 120 -42.74 -28.92 -3.18
C LEU A 120 -42.08 -27.80 -2.34
N ALA A 121 -41.01 -28.17 -1.63
CA ALA A 121 -40.26 -27.25 -0.76
C ALA A 121 -39.44 -26.24 -1.58
N ILE A 122 -38.64 -26.75 -2.55
CA ILE A 122 -37.75 -25.94 -3.41
C ILE A 122 -38.55 -24.88 -4.16
N ASN A 123 -39.73 -25.29 -4.69
CA ASN A 123 -40.63 -24.39 -5.44
C ASN A 123 -41.00 -23.17 -4.57
N LYS A 124 -41.30 -23.43 -3.29
CA LYS A 124 -41.68 -22.39 -2.33
C LYS A 124 -40.47 -21.60 -1.81
N TYR A 125 -39.31 -22.28 -1.74
CA TYR A 125 -38.06 -21.65 -1.29
C TYR A 125 -37.52 -20.71 -2.37
N THR A 126 -37.72 -21.07 -3.66
CA THR A 126 -37.10 -20.38 -4.80
C THR A 126 -37.85 -19.07 -5.14
N GLU A 127 -39.05 -18.90 -4.57
CA GLU A 127 -39.76 -17.60 -4.59
C GLU A 127 -39.45 -16.81 -3.29
N ALA A 128 -39.53 -17.51 -2.13
CA ALA A 128 -39.33 -16.91 -0.79
C ALA A 128 -37.93 -16.30 -0.61
N ILE A 129 -36.94 -16.91 -1.27
CA ILE A 129 -35.51 -16.53 -1.17
C ILE A 129 -35.23 -15.20 -1.92
N LYS A 130 -36.11 -14.87 -2.89
CA LYS A 130 -36.09 -13.57 -3.62
C LYS A 130 -36.72 -12.47 -2.73
N VAL A 131 -37.69 -12.87 -1.89
CA VAL A 131 -38.45 -11.94 -1.04
C VAL A 131 -37.54 -11.42 0.09
N LEU A 132 -36.93 -12.37 0.81
CA LEU A 132 -36.11 -12.08 2.00
C LEU A 132 -34.72 -12.73 1.81
N PRO A 133 -33.74 -11.99 1.16
CA PRO A 133 -32.38 -12.50 0.88
C PRO A 133 -31.43 -12.44 2.11
N THR A 134 -31.97 -12.02 3.25
CA THR A 134 -31.23 -11.96 4.53
C THR A 134 -31.57 -13.15 5.43
N ASN A 135 -32.48 -14.04 4.97
CA ASN A 135 -32.91 -15.22 5.75
C ASN A 135 -32.06 -16.44 5.35
N ALA A 136 -31.12 -16.82 6.24
CA ALA A 136 -30.17 -17.94 6.03
C ALA A 136 -30.88 -19.29 5.85
N ILE A 137 -32.11 -19.40 6.38
CA ILE A 137 -32.94 -20.62 6.28
C ILE A 137 -33.34 -20.87 4.82
N TYR A 138 -33.78 -19.82 4.11
CA TYR A 138 -34.24 -19.95 2.70
C TYR A 138 -33.10 -20.45 1.79
N TYR A 139 -31.86 -20.02 2.11
CA TYR A 139 -30.65 -20.41 1.36
C TYR A 139 -30.24 -21.85 1.68
N ALA A 140 -30.06 -22.15 2.97
CA ALA A 140 -29.54 -23.45 3.44
C ALA A 140 -30.50 -24.61 3.10
N ASN A 141 -31.81 -24.35 3.27
CA ASN A 141 -32.88 -25.33 3.00
C ASN A 141 -33.00 -25.60 1.50
N ARG A 142 -32.95 -24.52 0.69
CA ARG A 142 -33.06 -24.64 -0.77
C ARG A 142 -31.82 -25.35 -1.33
N ALA A 143 -30.66 -25.13 -0.67
CA ALA A 143 -29.39 -25.76 -1.04
C ALA A 143 -29.38 -27.27 -0.70
N ALA A 144 -29.94 -27.61 0.48
CA ALA A 144 -29.99 -29.00 0.97
C ALA A 144 -30.95 -29.85 0.14
N ALA A 145 -32.11 -29.27 -0.17
CA ALA A 145 -33.14 -29.92 -1.00
C ALA A 145 -32.70 -29.98 -2.48
N HIS A 146 -31.95 -28.94 -2.94
CA HIS A 146 -31.37 -28.90 -4.30
C HIS A 146 -30.33 -30.01 -4.48
N SER A 147 -29.40 -30.14 -3.51
CA SER A 147 -28.31 -31.13 -3.58
C SER A 147 -28.86 -32.57 -3.51
N SER A 148 -30.08 -32.72 -2.94
CA SER A 148 -30.82 -33.99 -2.95
C SER A 148 -31.24 -34.33 -4.41
N LEU A 149 -31.71 -33.29 -5.14
CA LEU A 149 -32.07 -33.39 -6.57
C LEU A 149 -30.85 -33.02 -7.49
N LYS A 150 -29.62 -33.06 -6.89
CA LYS A 150 -28.30 -32.75 -7.50
C LYS A 150 -28.25 -31.44 -8.34
N GLU A 151 -29.08 -30.46 -7.97
CA GLU A 151 -29.08 -29.10 -8.57
C GLU A 151 -28.10 -28.17 -7.81
N TYR A 152 -26.81 -28.27 -8.13
CA TYR A 152 -25.75 -27.50 -7.47
C TYR A 152 -25.63 -26.06 -8.03
N ASP A 153 -26.33 -25.80 -9.15
CA ASP A 153 -26.31 -24.50 -9.86
C ASP A 153 -26.69 -23.34 -8.91
N GLN A 154 -27.68 -23.59 -8.04
CA GLN A 154 -28.06 -22.66 -6.96
C GLN A 154 -27.36 -23.04 -5.64
N ALA A 155 -27.27 -24.37 -5.38
CA ALA A 155 -26.89 -24.93 -4.05
C ALA A 155 -25.50 -24.46 -3.55
N VAL A 156 -24.57 -24.18 -4.48
CA VAL A 156 -23.23 -23.67 -4.15
C VAL A 156 -23.33 -22.27 -3.51
N LYS A 157 -23.95 -21.34 -4.26
CA LYS A 157 -24.11 -19.96 -3.81
C LYS A 157 -24.97 -19.89 -2.54
N ASP A 158 -26.06 -20.68 -2.50
CA ASP A 158 -27.05 -20.68 -1.41
C ASP A 158 -26.41 -21.09 -0.08
N ALA A 159 -25.73 -22.24 -0.09
CA ALA A 159 -25.09 -22.81 1.11
C ALA A 159 -24.04 -21.83 1.69
N GLU A 160 -23.35 -21.09 0.80
CA GLU A 160 -22.33 -20.10 1.16
C GLU A 160 -22.96 -18.77 1.61
N SER A 161 -24.14 -18.44 1.07
CA SER A 161 -24.89 -17.23 1.47
C SER A 161 -25.46 -17.41 2.88
N ALA A 162 -25.78 -18.66 3.25
CA ALA A 162 -26.18 -19.03 4.62
C ALA A 162 -25.01 -18.85 5.61
N ILE A 163 -23.77 -18.98 5.09
CA ILE A 163 -22.51 -18.72 5.82
C ILE A 163 -22.23 -17.20 5.89
N SER A 164 -22.56 -16.48 4.81
CA SER A 164 -22.37 -15.01 4.71
C SER A 164 -23.21 -14.29 5.78
N ILE A 165 -24.41 -14.85 6.05
CA ILE A 165 -25.32 -14.38 7.09
C ILE A 165 -24.86 -14.94 8.46
N ASP A 166 -24.71 -16.27 8.54
CA ASP A 166 -24.33 -16.96 9.80
C ASP A 166 -23.22 -18.00 9.52
N PRO A 167 -21.91 -17.65 9.78
CA PRO A 167 -20.76 -18.56 9.53
C PRO A 167 -20.63 -19.71 10.56
N SER A 168 -21.47 -19.69 11.60
CA SER A 168 -21.54 -20.78 12.59
C SER A 168 -22.49 -21.90 12.11
N TYR A 169 -23.34 -21.57 11.11
CA TYR A 169 -24.37 -22.48 10.61
C TYR A 169 -23.73 -23.64 9.82
N PHE A 170 -23.39 -24.72 10.55
CA PHE A 170 -22.65 -25.88 10.01
C PHE A 170 -23.51 -26.72 9.05
N ARG A 171 -24.85 -26.51 9.06
CA ARG A 171 -25.75 -27.14 8.07
C ARG A 171 -25.38 -26.67 6.66
N GLY A 172 -25.38 -25.33 6.48
CA GLY A 172 -25.03 -24.68 5.21
C GLY A 172 -23.54 -24.79 4.89
N TYR A 173 -22.71 -24.95 5.94
CA TYR A 173 -21.25 -25.00 5.81
C TYR A 173 -20.81 -26.37 5.22
N SER A 174 -21.36 -27.46 5.76
CA SER A 174 -21.12 -28.84 5.26
C SER A 174 -21.82 -29.04 3.90
N ARG A 175 -22.93 -28.31 3.69
CA ARG A 175 -23.69 -28.32 2.43
C ARG A 175 -22.90 -27.64 1.31
N LEU A 176 -22.09 -26.61 1.68
CA LEU A 176 -21.19 -25.93 0.73
C LEU A 176 -20.10 -26.90 0.25
N GLY A 177 -19.65 -27.77 1.18
CA GLY A 177 -18.73 -28.85 0.86
C GLY A 177 -19.31 -29.81 -0.17
N PHE A 178 -20.59 -30.19 0.03
CA PHE A 178 -21.29 -31.14 -0.84
C PHE A 178 -21.69 -30.50 -2.19
N ALA A 179 -21.79 -29.16 -2.19
CA ALA A 179 -22.17 -28.39 -3.37
C ALA A 179 -20.99 -28.23 -4.34
N LYS A 180 -19.87 -27.70 -3.82
CA LYS A 180 -18.63 -27.47 -4.59
C LYS A 180 -17.94 -28.79 -5.00
N TYR A 181 -18.23 -29.84 -4.22
CA TYR A 181 -17.81 -31.25 -4.45
C TYR A 181 -17.95 -31.66 -5.94
N ALA A 182 -19.19 -31.59 -6.45
CA ALA A 182 -19.54 -32.06 -7.80
C ALA A 182 -19.25 -31.01 -8.88
N GLN A 183 -19.05 -29.74 -8.46
CA GLN A 183 -18.75 -28.63 -9.37
C GLN A 183 -17.26 -28.54 -9.72
N GLY A 184 -16.44 -29.32 -9.01
CA GLY A 184 -15.01 -29.38 -9.27
C GLY A 184 -14.24 -28.27 -8.58
N LYS A 185 -14.74 -27.85 -7.39
CA LYS A 185 -14.07 -26.88 -6.50
C LYS A 185 -13.67 -27.65 -5.21
N PRO A 186 -12.62 -28.52 -5.30
CA PRO A 186 -12.38 -29.61 -4.30
C PRO A 186 -11.73 -29.16 -2.98
N GLU A 187 -10.75 -28.26 -3.05
CA GLU A 187 -10.02 -27.73 -1.87
C GLU A 187 -10.95 -26.88 -0.99
N GLU A 188 -11.88 -26.17 -1.65
CA GLU A 188 -12.92 -25.36 -0.99
C GLU A 188 -13.96 -26.27 -0.31
N ALA A 189 -14.30 -27.38 -1.02
CA ALA A 189 -15.24 -28.39 -0.53
C ALA A 189 -14.66 -29.13 0.69
N LEU A 190 -13.37 -29.49 0.58
CA LEU A 190 -12.63 -30.29 1.58
C LEU A 190 -12.58 -29.56 2.93
N GLU A 191 -12.17 -28.29 2.88
CA GLU A 191 -12.01 -27.44 4.06
C GLU A 191 -13.37 -26.99 4.63
N ALA A 192 -14.42 -27.00 3.78
CA ALA A 192 -15.79 -26.69 4.22
C ALA A 192 -16.28 -27.77 5.22
N TYR A 193 -15.92 -29.04 4.94
CA TYR A 193 -16.18 -30.16 5.86
C TYR A 193 -15.28 -30.08 7.10
N LYS A 194 -13.99 -29.75 6.89
CA LYS A 194 -12.96 -29.66 7.97
C LYS A 194 -13.37 -28.60 9.01
N LYS A 195 -13.99 -27.51 8.51
CA LYS A 195 -14.46 -26.40 9.35
C LYS A 195 -15.62 -26.86 10.24
N VAL A 196 -16.45 -27.76 9.69
CA VAL A 196 -17.58 -28.36 10.41
C VAL A 196 -17.10 -29.46 11.38
N LEU A 197 -15.96 -30.10 11.05
CA LEU A 197 -15.28 -31.04 11.98
C LEU A 197 -14.71 -30.27 13.18
N ASP A 198 -14.40 -28.98 12.96
CA ASP A 198 -13.95 -28.05 14.01
C ASP A 198 -15.13 -27.61 14.90
N ILE A 199 -16.25 -27.18 14.24
CA ILE A 199 -17.48 -26.70 14.94
C ILE A 199 -18.13 -27.85 15.75
N GLU A 200 -18.56 -28.89 15.02
CA GLU A 200 -19.31 -30.03 15.57
C GLU A 200 -18.41 -30.95 16.44
N GLY A 201 -17.10 -30.96 16.15
CA GLY A 201 -16.11 -31.67 16.96
C GLY A 201 -16.26 -33.19 16.90
N ASP A 202 -16.26 -33.84 18.08
CA ASP A 202 -16.34 -35.32 18.21
C ASP A 202 -17.75 -35.85 17.84
N ASN A 203 -18.73 -34.93 17.74
CA ASN A 203 -20.12 -35.25 17.36
C ASN A 203 -20.28 -35.25 15.82
N ALA A 204 -19.14 -35.19 15.08
CA ALA A 204 -19.09 -35.11 13.61
C ALA A 204 -19.98 -36.17 12.93
N THR A 205 -20.97 -35.66 12.18
CA THR A 205 -21.97 -36.47 11.47
C THR A 205 -21.34 -37.15 10.22
N GLU A 206 -22.08 -38.12 9.63
CA GLU A 206 -21.63 -38.94 8.47
C GLU A 206 -21.11 -38.07 7.31
N ALA A 207 -21.87 -37.03 6.94
CA ALA A 207 -21.53 -36.15 5.80
C ALA A 207 -20.28 -35.30 6.08
N MET A 208 -20.03 -35.03 7.36
CA MET A 208 -18.93 -34.14 7.80
C MET A 208 -17.57 -34.88 7.66
N LYS A 209 -17.58 -36.18 8.00
CA LYS A 209 -16.35 -37.01 8.09
C LYS A 209 -16.11 -37.83 6.80
N ARG A 210 -17.15 -38.54 6.35
CA ARG A 210 -17.08 -39.41 5.14
C ARG A 210 -16.83 -38.59 3.85
N ASP A 211 -17.71 -37.60 3.61
CA ASP A 211 -17.64 -36.75 2.40
C ASP A 211 -16.41 -35.84 2.39
N TYR A 212 -15.77 -35.64 3.56
CA TYR A 212 -14.46 -34.97 3.68
C TYR A 212 -13.42 -35.68 2.79
N GLU A 213 -13.26 -37.00 3.01
CA GLU A 213 -12.34 -37.84 2.19
C GLU A 213 -12.80 -37.96 0.72
N SER A 214 -14.11 -37.79 0.50
CA SER A 214 -14.71 -37.88 -0.84
C SER A 214 -14.46 -36.58 -1.64
N ALA A 215 -14.38 -35.44 -0.93
CA ALA A 215 -14.07 -34.12 -1.52
C ALA A 215 -12.57 -34.05 -1.87
N LYS A 216 -11.77 -34.81 -1.11
CA LYS A 216 -10.34 -34.99 -1.34
C LYS A 216 -10.09 -35.75 -2.66
N LYS A 217 -10.96 -36.74 -2.95
CA LYS A 217 -10.93 -37.50 -4.22
C LYS A 217 -11.18 -36.59 -5.42
N LYS A 218 -12.04 -35.57 -5.21
CA LYS A 218 -12.46 -34.62 -6.26
C LYS A 218 -11.34 -33.62 -6.66
N VAL A 219 -10.17 -33.67 -5.97
CA VAL A 219 -8.99 -32.83 -6.34
C VAL A 219 -8.44 -33.26 -7.72
N GLU A 220 -8.64 -34.55 -8.05
CA GLU A 220 -8.27 -35.14 -9.35
C GLU A 220 -9.01 -34.44 -10.54
N GLN A 221 -10.20 -33.85 -10.25
CA GLN A 221 -10.95 -33.03 -11.24
C GLN A 221 -10.14 -31.81 -11.70
N SER A 222 -9.34 -31.23 -10.78
CA SER A 222 -8.46 -30.09 -11.09
C SER A 222 -7.25 -30.53 -11.94
N LEU A 223 -6.86 -31.82 -11.79
CA LEU A 223 -5.80 -32.45 -12.60
C LEU A 223 -6.27 -32.72 -14.05
N ASN A 224 -7.61 -32.75 -14.27
CA ASN A 224 -8.19 -33.00 -15.62
C ASN A 224 -7.77 -31.91 -16.63
N LEU A 225 -7.66 -30.66 -16.17
CA LEU A 225 -7.35 -29.50 -17.05
C LEU A 225 -5.96 -28.91 -16.73
N GLU A 226 -5.06 -29.74 -16.15
CA GLU A 226 -3.68 -29.32 -15.83
C GLU A 226 -2.83 -29.20 -17.12
N LYS A 227 -1.79 -28.36 -17.07
CA LYS A 227 -0.87 -28.13 -18.21
C LYS A 227 0.49 -28.75 -17.86
N THR A 228 0.97 -29.69 -18.69
CA THR A 228 2.24 -30.38 -18.46
C THR A 228 3.43 -29.45 -18.80
N VAL A 229 3.60 -29.19 -20.11
CA VAL A 229 4.67 -28.30 -20.62
C VAL A 229 4.18 -26.82 -20.78
N PRO A 230 2.99 -26.51 -21.46
CA PRO A 230 2.67 -25.12 -21.91
C PRO A 230 2.33 -24.13 -20.76
N GLU A 231 2.40 -24.62 -19.50
CA GLU A 231 2.33 -23.77 -18.30
C GLU A 231 3.56 -22.84 -18.25
N GLN A 232 3.33 -21.55 -18.53
CA GLN A 232 4.37 -20.52 -18.56
C GLN A 232 3.92 -19.30 -17.76
N SER A 233 4.89 -18.62 -17.13
CA SER A 233 4.64 -17.46 -16.25
C SER A 233 4.49 -16.17 -17.08
N ARG A 234 3.24 -15.82 -17.38
CA ARG A 234 2.88 -14.50 -17.93
C ARG A 234 1.44 -14.17 -17.47
N ASP A 235 0.45 -14.53 -18.33
CA ASP A 235 -1.00 -14.30 -18.17
C ASP A 235 -1.57 -14.30 -19.61
N ALA A 236 -2.46 -15.23 -19.92
CA ALA A 236 -2.90 -15.49 -21.33
C ALA A 236 -4.16 -14.69 -21.71
N ASP A 237 -5.09 -14.56 -20.75
CA ASP A 237 -6.47 -14.12 -21.00
C ASP A 237 -6.54 -12.65 -21.49
N VAL A 238 -5.90 -11.73 -20.76
CA VAL A 238 -6.02 -10.28 -21.04
C VAL A 238 -4.88 -9.77 -21.93
N ASP A 239 -3.70 -10.42 -21.85
CA ASP A 239 -2.51 -10.04 -22.64
C ASP A 239 -2.56 -10.71 -24.03
N ALA A 240 -3.31 -10.06 -24.95
CA ALA A 240 -3.45 -10.48 -26.37
C ALA A 240 -4.03 -11.91 -26.51
N SER A 241 -5.35 -12.04 -26.47
CA SER A 241 -6.04 -13.35 -26.61
C SER A 241 -6.30 -13.64 -28.11
N GLN A 242 -7.12 -12.79 -28.74
CA GLN A 242 -7.43 -12.85 -30.20
C GLN A 242 -7.23 -11.45 -30.82
N GLY A 243 -6.34 -10.65 -30.19
CA GLY A 243 -6.03 -9.28 -30.62
C GLY A 243 -6.16 -8.32 -29.45
N ALA A 244 -7.03 -7.32 -29.60
CA ALA A 244 -7.35 -6.32 -28.55
C ALA A 244 -8.68 -5.66 -28.89
N SER A 245 -8.73 -5.08 -30.11
CA SER A 245 -9.92 -4.41 -30.69
C SER A 245 -10.33 -3.18 -29.85
N ALA A 246 -11.62 -2.76 -29.94
CA ALA A 246 -12.21 -1.66 -29.15
C ALA A 246 -11.67 -0.28 -29.59
N GLY A 247 -11.01 -0.23 -30.76
CA GLY A 247 -10.51 1.01 -31.35
C GLY A 247 -11.62 1.76 -32.06
N GLY A 248 -12.57 2.31 -31.26
CA GLY A 248 -13.74 3.02 -31.77
C GLY A 248 -13.51 4.52 -31.92
N LEU A 249 -12.38 5.02 -31.33
CA LEU A 249 -11.99 6.44 -31.34
C LEU A 249 -13.09 7.33 -30.69
N PRO A 250 -13.09 7.45 -29.33
CA PRO A 250 -14.09 8.27 -28.60
C PRO A 250 -13.86 9.80 -28.80
N ASP A 251 -14.95 10.58 -28.70
CA ASP A 251 -14.90 12.05 -28.80
C ASP A 251 -14.41 12.63 -27.46
N LEU A 252 -13.68 13.76 -27.53
CA LEU A 252 -13.15 14.47 -26.35
C LEU A 252 -14.34 15.07 -25.56
N GLY A 253 -14.98 16.10 -26.16
CA GLY A 253 -16.18 16.75 -25.62
C GLY A 253 -16.03 17.26 -24.19
N SER A 254 -14.92 17.98 -23.91
CA SER A 254 -14.63 18.48 -22.55
C SER A 254 -13.75 19.73 -22.60
N LEU A 255 -12.55 19.59 -23.23
CA LEU A 255 -11.56 20.67 -23.30
C LEU A 255 -12.11 21.87 -24.09
N LEU A 256 -12.53 21.60 -25.35
CA LEU A 256 -13.04 22.59 -26.31
C LEU A 256 -11.94 23.62 -26.66
N GLY A 257 -11.72 24.61 -25.76
CA GLY A 257 -10.74 25.68 -25.97
C GLY A 257 -11.29 26.88 -26.72
N GLY A 258 -12.52 26.72 -27.26
CA GLY A 258 -13.22 27.77 -27.99
C GLY A 258 -13.62 28.91 -27.08
N GLY A 259 -12.72 29.90 -26.96
CA GLY A 259 -12.95 31.09 -26.14
C GLY A 259 -12.93 30.79 -24.66
N LEU A 260 -11.87 30.08 -24.18
CA LEU A 260 -11.70 29.76 -22.75
C LEU A 260 -11.21 30.99 -21.95
N GLY A 261 -10.47 31.88 -22.65
CA GLY A 261 -9.92 33.10 -22.04
C GLY A 261 -8.56 33.48 -22.65
N GLY A 262 -8.51 33.52 -23.99
CA GLY A 262 -7.31 33.92 -24.75
C GLY A 262 -7.55 35.16 -25.60
N LEU A 263 -8.33 36.12 -25.06
CA LEU A 263 -8.61 37.41 -25.72
C LEU A 263 -7.34 38.29 -25.74
N MET A 264 -6.70 38.38 -24.56
CA MET A 264 -5.50 39.19 -24.36
C MET A 264 -4.76 38.67 -23.13
N ASN A 265 -3.58 38.07 -23.33
CA ASN A 265 -2.72 37.57 -22.26
C ASN A 265 -1.28 38.11 -22.45
N ASN A 266 -1.03 39.28 -21.85
CA ASN A 266 0.29 39.94 -21.85
C ASN A 266 1.30 39.16 -20.95
N PRO A 267 2.64 39.52 -20.95
CA PRO A 267 3.58 39.04 -19.90
C PRO A 267 3.02 39.31 -18.47
N GLN A 268 3.14 38.29 -17.60
CA GLN A 268 2.58 38.28 -16.23
C GLN A 268 3.14 39.43 -15.35
N LEU A 269 4.35 39.89 -15.67
CA LEU A 269 5.03 40.97 -14.94
C LEU A 269 5.68 41.93 -15.95
N MET A 270 6.73 41.45 -16.63
CA MET A 270 7.54 42.25 -17.57
C MET A 270 8.56 41.33 -18.26
N GLN A 271 9.01 40.31 -17.49
CA GLN A 271 9.95 39.27 -17.96
C GLN A 271 9.33 38.52 -19.16
N ALA A 272 9.47 39.11 -20.35
CA ALA A 272 9.05 38.51 -21.62
C ALA A 272 10.21 37.67 -22.22
N ALA A 273 11.21 38.40 -22.79
CA ALA A 273 12.34 37.81 -23.55
C ALA A 273 13.48 37.36 -22.63
N GLN A 274 13.47 37.85 -21.38
CA GLN A 274 14.55 37.65 -20.39
C GLN A 274 14.67 36.18 -19.91
N LYS A 275 13.69 35.34 -20.33
CA LYS A 275 13.67 33.88 -20.03
C LYS A 275 14.80 33.14 -20.80
N MET A 276 15.40 33.84 -21.79
CA MET A 276 16.59 33.38 -22.52
C MET A 276 17.80 33.18 -21.56
N MET A 277 17.76 33.89 -20.39
CA MET A 277 18.77 33.87 -19.30
C MET A 277 20.04 34.69 -19.66
N SER A 278 20.49 34.57 -20.92
CA SER A 278 21.64 35.31 -21.49
C SER A 278 21.44 36.84 -21.43
N ASN A 279 20.16 37.26 -21.28
CA ASN A 279 19.73 38.67 -21.14
C ASN A 279 19.89 39.42 -22.48
N PRO A 280 18.78 40.02 -23.02
CA PRO A 280 18.86 40.88 -24.22
C PRO A 280 19.55 42.23 -23.90
N GLY A 281 20.79 42.39 -24.41
CA GLY A 281 21.57 43.62 -24.24
C GLY A 281 21.18 44.70 -25.24
N ALA A 282 20.38 44.32 -26.26
CA ALA A 282 19.93 45.22 -27.32
C ALA A 282 18.87 46.22 -26.78
N MET A 283 19.34 47.42 -26.39
CA MET A 283 18.47 48.57 -26.02
C MET A 283 17.96 49.28 -27.30
N GLN A 284 18.54 48.89 -28.47
CA GLN A 284 18.12 49.29 -29.82
C GLN A 284 18.56 50.72 -30.18
N ASN A 285 17.95 51.71 -29.49
CA ASN A 285 18.14 53.16 -29.75
C ASN A 285 19.63 53.56 -29.66
N ILE A 286 20.27 53.21 -28.51
CA ILE A 286 21.70 53.50 -28.22
C ILE A 286 21.97 55.03 -28.15
N GLN A 287 22.08 55.67 -29.34
CA GLN A 287 22.34 57.11 -29.47
C GLN A 287 21.07 57.88 -29.12
N LYS A 288 21.17 58.70 -28.07
CA LYS A 288 20.10 59.54 -27.55
C LYS A 288 20.76 60.70 -26.78
N MET A 289 20.69 61.91 -27.33
CA MET A 289 21.26 63.10 -26.70
C MET A 289 20.21 63.74 -25.77
N MET A 290 19.20 64.39 -26.39
CA MET A 290 18.11 65.11 -25.68
C MET A 290 16.88 65.10 -26.59
N GLN A 291 16.96 65.92 -27.65
CA GLN A 291 15.94 65.96 -28.73
C GLN A 291 16.59 65.51 -30.04
N ASP A 292 17.94 65.69 -30.11
CA ASP A 292 18.79 65.29 -31.24
C ASP A 292 18.43 66.12 -32.50
N PRO A 293 19.03 67.36 -32.65
CA PRO A 293 18.76 68.26 -33.80
C PRO A 293 19.63 67.95 -35.02
N SER A 294 19.77 66.63 -35.31
CA SER A 294 20.57 66.10 -36.42
C SER A 294 19.94 66.43 -37.80
N ILE A 295 18.67 66.87 -37.78
CA ILE A 295 17.92 67.29 -38.96
C ILE A 295 18.42 68.69 -39.45
N ARG A 296 18.98 69.47 -38.49
CA ARG A 296 19.57 70.83 -38.71
C ARG A 296 18.49 71.93 -38.76
N GLN A 297 17.37 71.65 -39.45
CA GLN A 297 16.28 72.62 -39.71
C GLN A 297 15.56 73.08 -38.41
N MET A 298 15.89 72.43 -37.27
CA MET A 298 15.35 72.76 -35.94
C MET A 298 15.78 74.18 -35.52
N ALA A 299 17.10 74.38 -35.33
CA ALA A 299 17.69 75.67 -34.90
C ALA A 299 19.22 75.56 -34.80
N GLU A 300 19.93 76.54 -35.38
CA GLU A 300 21.39 76.73 -35.18
C GLU A 300 21.66 78.20 -34.82
N GLY A 301 20.97 79.11 -35.56
CA GLY A 301 21.19 80.55 -35.45
C GLY A 301 22.41 81.01 -36.24
N PHE A 302 22.75 80.27 -37.30
CA PHE A 302 23.94 80.53 -38.12
C PHE A 302 23.72 81.74 -39.04
N ALA A 303 24.47 82.82 -38.78
CA ALA A 303 24.42 84.05 -39.57
C ALA A 303 25.21 83.86 -40.87
N SER A 304 24.51 83.31 -41.88
CA SER A 304 25.06 83.02 -43.21
C SER A 304 25.12 84.28 -44.10
N GLY A 305 24.27 85.28 -43.79
CA GLY A 305 24.20 86.53 -44.55
C GLY A 305 22.78 87.09 -44.54
N GLY A 306 22.21 87.30 -45.74
CA GLY A 306 20.84 87.82 -45.89
C GLY A 306 19.77 86.85 -45.43
N GLY A 307 20.08 85.54 -45.54
CA GLY A 307 19.22 84.46 -45.04
C GLY A 307 19.47 84.15 -43.56
N THR A 308 19.58 85.22 -42.75
CA THR A 308 19.80 85.15 -41.30
C THR A 308 18.49 84.74 -40.57
N PRO A 309 18.51 83.72 -39.66
CA PRO A 309 17.30 83.27 -38.92
C PRO A 309 17.03 84.13 -37.66
N ASN A 310 17.15 85.47 -37.81
CA ASN A 310 17.01 86.43 -36.71
C ASN A 310 15.51 86.65 -36.35
N LEU A 311 15.22 86.56 -35.04
CA LEU A 311 13.85 86.69 -34.48
C LEU A 311 13.50 88.16 -34.14
N SER A 312 14.52 89.05 -34.23
CA SER A 312 14.40 90.50 -33.94
C SER A 312 13.21 91.17 -34.65
N ASP A 313 12.92 90.74 -35.89
CA ASP A 313 11.91 91.38 -36.76
C ASP A 313 10.49 91.23 -36.19
N LEU A 314 10.31 90.12 -35.46
CA LEU A 314 9.05 89.78 -34.79
C LEU A 314 8.85 90.69 -33.56
N MET A 315 9.96 91.05 -32.92
CA MET A 315 10.00 91.94 -31.75
C MET A 315 9.89 93.42 -32.19
N ASN A 316 10.33 93.72 -33.43
CA ASN A 316 10.30 95.06 -34.02
C ASN A 316 8.89 95.39 -34.52
N ASN A 317 8.14 96.15 -33.70
CA ASN A 317 6.79 96.64 -34.06
C ASN A 317 6.90 97.75 -35.12
N PRO A 318 5.81 98.00 -35.93
CA PRO A 318 5.76 99.19 -36.80
C PRO A 318 5.79 100.50 -35.98
N ALA A 319 6.82 101.34 -36.22
CA ALA A 319 6.99 102.66 -35.57
C ALA A 319 5.79 103.61 -35.86
N LEU A 320 4.98 103.22 -36.88
CA LEU A 320 3.68 103.83 -37.22
C LEU A 320 2.82 104.02 -35.95
N ARG A 321 2.56 102.91 -35.24
CA ARG A 321 1.79 102.86 -33.99
C ARG A 321 0.33 103.38 -34.20
N ASN A 322 -0.62 102.42 -34.30
CA ASN A 322 -2.05 102.70 -34.55
C ASN A 322 -2.64 103.66 -33.49
N MET A 323 -2.50 103.30 -32.21
CA MET A 323 -3.03 104.11 -31.09
C MET A 323 -1.96 104.30 -30.00
N ALA A 324 -1.70 105.58 -29.68
CA ALA A 324 -0.77 106.00 -28.62
C ALA A 324 -1.02 107.49 -28.32
N GLY A 325 -1.30 108.26 -29.39
CA GLY A 325 -1.53 109.70 -29.32
C GLY A 325 -0.45 110.47 -30.03
N ASN A 326 -0.47 111.80 -29.88
CA ASN A 326 0.50 112.72 -30.50
C ASN A 326 1.90 112.52 -29.90
N LEU A 327 1.95 112.36 -28.57
CA LEU A 327 3.21 112.25 -27.80
C LEU A 327 3.69 110.78 -27.71
N PHE A 328 3.00 109.85 -28.41
CA PHE A 328 3.39 108.42 -28.51
C PHE A 328 3.29 107.67 -27.13
N GLY A 329 2.66 108.33 -26.14
CA GLY A 329 2.55 107.78 -24.79
C GLY A 329 1.81 108.71 -23.85
N GLY A 330 1.93 110.02 -24.10
CA GLY A 330 1.24 111.05 -23.32
C GLY A 330 2.04 111.48 -22.11
N ALA A 331 2.82 112.57 -22.26
CA ALA A 331 3.66 113.09 -21.17
C ALA A 331 2.82 113.94 -20.19
N GLY A 332 2.27 113.27 -19.18
CA GLY A 332 1.57 113.92 -18.06
C GLY A 332 2.51 114.26 -16.91
N ALA A 333 3.83 114.12 -17.14
CA ALA A 333 4.90 114.42 -16.17
C ALA A 333 5.35 115.91 -16.27
N GLN A 334 4.46 116.76 -16.81
CA GLN A 334 4.65 118.23 -16.85
C GLN A 334 4.63 118.81 -15.41
N SER A 335 5.34 119.96 -15.23
CA SER A 335 5.42 120.68 -13.93
C SER A 335 6.17 119.86 -12.85
N THR A 336 7.29 119.24 -13.26
CA THR A 336 8.16 118.41 -12.40
C THR A 336 8.63 119.16 -11.11
N ASP A 337 8.74 120.49 -11.23
CA ASP A 337 9.20 121.39 -10.14
C ASP A 337 8.25 121.33 -8.91
N GLU A 338 6.91 121.37 -9.16
CA GLU A 338 5.85 121.41 -8.12
C GLU A 338 6.16 122.45 -7.00
N THR A 339 5.90 123.74 -7.32
CA THR A 339 6.07 124.89 -6.39
C THR A 339 7.52 124.94 -5.83
N PRO A 340 8.53 125.36 -6.65
CA PRO A 340 9.93 125.31 -6.26
C PRO A 340 10.36 126.53 -5.42
N ASP A 341 11.04 126.24 -4.30
CA ASP A 341 11.63 127.24 -3.39
C ASP A 341 12.69 128.09 -4.12
N ASN A 342 13.36 127.48 -5.10
CA ASN A 342 14.36 128.13 -5.93
C ASN A 342 13.71 129.18 -6.88
N GLU A 343 13.68 130.46 -6.40
CA GLU A 343 13.38 131.67 -7.21
C GLU A 343 11.99 131.64 -7.89
N ASN A 344 11.05 130.81 -7.35
CA ASN A 344 9.67 130.59 -7.92
C ASN A 344 9.71 129.72 -9.19
N LYS A 345 10.71 129.94 -10.06
CA LYS A 345 11.02 129.08 -11.19
C LYS A 345 12.42 128.49 -10.99
N GLN A 346 12.46 127.17 -10.75
CA GLN A 346 13.71 126.42 -10.60
C GLN A 346 14.35 126.24 -11.99
N TYR A 347 15.39 127.02 -12.26
CA TYR A 347 16.09 127.02 -13.56
C TYR A 347 17.61 126.87 -13.32
N MET B 1 -3.51 10.29 -3.94
CA MET B 1 -2.24 10.74 -4.55
C MET B 1 -1.62 9.56 -5.33
N SER B 2 -0.63 9.86 -6.20
CA SER B 2 0.13 8.85 -6.97
C SER B 2 0.94 7.92 -6.02
N ALA B 3 0.22 6.90 -5.46
CA ALA B 3 0.77 5.89 -4.53
C ALA B 3 1.53 6.50 -3.32
N SER B 4 2.31 5.67 -2.62
CA SER B 4 3.27 6.14 -1.59
C SER B 4 4.68 5.82 -2.11
N LYS B 5 5.57 6.83 -2.11
CA LYS B 5 6.94 6.71 -2.67
C LYS B 5 7.79 5.68 -1.91
N GLU B 6 7.41 5.39 -0.65
CA GLU B 6 8.08 4.38 0.20
C GLU B 6 7.66 2.95 -0.23
N GLU B 7 6.34 2.77 -0.49
CA GLU B 7 5.78 1.49 -0.99
C GLU B 7 6.37 1.16 -2.36
N ILE B 8 6.44 2.19 -3.22
CA ILE B 8 7.05 2.11 -4.55
C ILE B 8 8.54 1.77 -4.42
N ALA B 9 9.26 2.45 -3.50
CA ALA B 9 10.72 2.25 -3.28
C ALA B 9 11.04 0.79 -2.87
N ALA B 10 10.16 0.21 -2.04
CA ALA B 10 10.26 -1.20 -1.62
C ALA B 10 10.10 -2.15 -2.82
N LEU B 11 9.17 -1.80 -3.73
CA LEU B 11 8.86 -2.56 -4.96
C LEU B 11 10.01 -2.40 -6.00
N ILE B 12 10.62 -1.20 -6.03
CA ILE B 12 11.71 -0.84 -6.99
C ILE B 12 12.93 -1.74 -6.76
N VAL B 13 13.45 -1.68 -5.53
CA VAL B 13 14.64 -2.44 -5.12
C VAL B 13 14.35 -3.95 -5.12
N ASN B 14 13.08 -4.33 -4.88
CA ASN B 14 12.62 -5.74 -4.94
C ASN B 14 12.58 -6.24 -6.39
N TYR B 15 12.24 -5.33 -7.32
CA TYR B 15 12.05 -5.67 -8.73
C TYR B 15 13.43 -5.89 -9.40
N PHE B 16 14.38 -4.97 -9.16
CA PHE B 16 15.74 -5.07 -9.72
C PHE B 16 16.50 -6.23 -9.03
N SER B 17 16.16 -6.51 -7.77
CA SER B 17 16.62 -7.71 -7.03
C SER B 17 16.09 -8.99 -7.70
N SER B 18 14.87 -8.89 -8.27
CA SER B 18 14.24 -9.99 -9.02
C SER B 18 14.85 -10.12 -10.44
N ILE B 19 15.27 -8.97 -11.05
CA ILE B 19 15.86 -8.95 -12.41
C ILE B 19 17.24 -9.63 -12.41
N VAL B 20 18.05 -9.29 -11.39
CA VAL B 20 19.39 -9.87 -11.23
C VAL B 20 19.28 -11.36 -10.86
N GLU B 21 18.23 -11.72 -10.08
CA GLU B 21 17.90 -13.12 -9.75
C GLU B 21 17.46 -13.90 -11.02
N LYS B 22 16.71 -13.20 -11.88
CA LYS B 22 16.17 -13.74 -13.14
C LYS B 22 17.31 -13.83 -14.20
N LYS B 23 18.36 -12.98 -13.99
CA LYS B 23 19.59 -12.92 -14.82
C LYS B 23 19.27 -12.72 -16.33
N GLU B 24 18.13 -12.07 -16.60
CA GLU B 24 17.63 -11.85 -17.98
C GLU B 24 18.55 -10.90 -18.76
N ILE B 25 19.28 -10.05 -18.00
CA ILE B 25 20.30 -9.14 -18.54
C ILE B 25 21.68 -9.52 -17.94
N SER B 26 22.64 -9.83 -18.83
CA SER B 26 23.95 -10.40 -18.46
C SER B 26 24.92 -9.33 -17.94
N GLU B 27 25.18 -9.36 -16.61
CA GLU B 27 26.28 -8.64 -15.93
C GLU B 27 26.21 -7.09 -16.07
N ASP B 28 26.61 -6.59 -17.26
CA ASP B 28 26.75 -5.15 -17.59
C ASP B 28 25.60 -4.28 -17.06
N GLY B 29 24.35 -4.69 -17.38
CA GLY B 29 23.16 -3.97 -16.93
C GLY B 29 22.67 -4.40 -15.55
N ALA B 30 22.93 -5.67 -15.20
CA ALA B 30 22.47 -6.25 -13.91
C ALA B 30 23.11 -5.53 -12.70
N ASP B 31 24.42 -5.27 -12.80
CA ASP B 31 25.20 -4.55 -11.77
C ASP B 31 24.80 -3.07 -11.70
N SER B 32 24.44 -2.48 -12.85
CA SER B 32 23.98 -1.06 -12.93
C SER B 32 22.65 -0.88 -12.17
N LEU B 33 21.81 -1.92 -12.20
CA LEU B 33 20.55 -1.98 -11.46
C LEU B 33 20.80 -2.26 -9.96
N ASN B 34 21.81 -3.10 -9.69
CA ASN B 34 22.17 -3.56 -8.33
C ASN B 34 22.64 -2.37 -7.46
N VAL B 35 23.61 -1.60 -7.98
CA VAL B 35 24.15 -0.41 -7.29
C VAL B 35 23.11 0.72 -7.24
N ALA B 36 22.22 0.78 -8.26
CA ALA B 36 21.11 1.74 -8.32
C ALA B 36 20.14 1.52 -7.15
N MET B 37 19.85 0.23 -6.85
CA MET B 37 18.97 -0.16 -5.73
C MET B 37 19.46 0.44 -4.40
N ASP B 38 20.79 0.37 -4.20
CA ASP B 38 21.44 0.83 -2.97
C ASP B 38 21.40 2.37 -2.85
N CYS B 39 21.63 3.07 -3.96
CA CYS B 39 21.58 4.55 -4.02
C CYS B 39 20.17 5.07 -3.64
N ILE B 40 19.16 4.38 -4.18
CA ILE B 40 17.73 4.64 -3.90
C ILE B 40 17.39 4.30 -2.43
N SER B 41 17.96 3.17 -1.97
CA SER B 41 17.70 2.62 -0.64
C SER B 41 18.09 3.60 0.48
N GLU B 42 19.30 4.20 0.34
CA GLU B 42 19.85 5.17 1.31
C GLU B 42 19.12 6.53 1.20
N ALA B 43 18.67 6.85 -0.03
CA ALA B 43 18.02 8.14 -0.33
C ALA B 43 16.70 8.31 0.45
N PHE B 44 15.90 7.22 0.53
CA PHE B 44 14.67 7.19 1.35
C PHE B 44 15.04 6.87 2.82
N GLY B 45 15.96 5.91 3.01
CA GLY B 45 16.46 5.55 4.32
C GLY B 45 16.02 4.17 4.78
N PHE B 46 16.59 3.14 4.13
CA PHE B 46 16.37 1.73 4.45
C PHE B 46 17.51 0.89 3.85
N GLU B 47 17.36 -0.45 3.87
CA GLU B 47 18.31 -1.39 3.28
C GLU B 47 17.59 -2.21 2.18
N ARG B 48 18.16 -2.23 0.96
CA ARG B 48 17.61 -2.98 -0.20
C ARG B 48 17.54 -4.49 0.07
N GLU B 49 18.36 -4.98 1.02
CA GLU B 49 18.44 -6.42 1.36
C GLU B 49 17.57 -6.74 2.61
N ALA B 50 16.88 -5.71 3.14
CA ALA B 50 15.98 -5.85 4.31
C ALA B 50 14.55 -5.39 3.96
N VAL B 51 14.18 -5.49 2.67
CA VAL B 51 12.86 -5.04 2.17
C VAL B 51 11.81 -6.16 2.14
N SER B 52 12.23 -7.40 2.45
CA SER B 52 11.35 -8.59 2.40
C SER B 52 10.11 -8.42 3.31
N GLY B 53 10.30 -7.72 4.45
CA GLY B 53 9.21 -7.42 5.38
C GLY B 53 8.43 -6.17 4.99
N ILE B 54 9.11 -5.21 4.34
CA ILE B 54 8.52 -3.92 3.91
C ILE B 54 7.52 -4.13 2.73
N LEU B 55 7.60 -5.31 2.09
CA LEU B 55 6.65 -5.73 1.02
C LEU B 55 5.23 -5.97 1.57
N GLY B 56 5.13 -6.20 2.89
CA GLY B 56 3.83 -6.33 3.56
C GLY B 56 3.14 -4.99 3.78
N LYS B 57 3.86 -3.89 3.51
CA LYS B 57 3.33 -2.50 3.60
C LYS B 57 2.98 -1.94 2.21
N SER B 58 3.50 -2.56 1.13
CA SER B 58 3.23 -2.13 -0.26
C SER B 58 1.83 -2.62 -0.73
N GLU B 59 0.82 -1.79 -0.42
CA GLU B 59 -0.60 -2.06 -0.72
C GLU B 59 -0.94 -1.67 -2.17
N PHE B 60 -0.70 -0.37 -2.49
CA PHE B 60 -1.05 0.30 -3.77
C PHE B 60 -2.58 0.44 -3.96
N LYS B 61 -2.99 1.21 -4.98
CA LYS B 61 -4.41 1.44 -5.31
C LYS B 61 -4.83 0.55 -6.51
N GLY B 62 -4.33 0.92 -7.71
CA GLY B 62 -4.70 0.27 -8.98
C GLY B 62 -3.76 -0.87 -9.38
N GLN B 63 -2.55 -0.92 -8.79
CA GLN B 63 -1.60 -2.03 -9.01
C GLN B 63 -2.11 -3.31 -8.31
N HIS B 64 -1.71 -3.53 -7.03
CA HIS B 64 -1.98 -4.78 -6.26
C HIS B 64 -1.42 -6.03 -6.99
N LEU B 65 -2.21 -6.58 -7.96
CA LEU B 65 -1.88 -7.82 -8.72
C LEU B 65 -1.97 -7.52 -10.23
N ALA B 66 -1.92 -8.60 -11.05
CA ALA B 66 -2.13 -8.57 -12.52
C ALA B 66 -0.98 -7.84 -13.24
N ASP B 67 -0.96 -6.51 -13.06
CA ASP B 67 0.11 -5.62 -13.59
C ASP B 67 1.43 -5.84 -12.83
N ILE B 68 1.33 -6.35 -11.59
CA ILE B 68 2.49 -6.81 -10.78
C ILE B 68 2.14 -8.11 -10.03
N LEU B 69 3.13 -8.68 -9.34
CA LEU B 69 2.98 -9.93 -8.57
C LEU B 69 4.17 -10.06 -7.59
N ASN B 70 4.62 -8.91 -7.04
CA ASN B 70 5.81 -8.83 -6.17
C ASN B 70 5.55 -7.90 -4.94
N SER B 71 4.27 -7.80 -4.51
CA SER B 71 3.88 -6.96 -3.36
C SER B 71 2.60 -7.52 -2.66
N ALA B 72 1.43 -7.33 -3.29
CA ALA B 72 0.12 -7.65 -2.68
C ALA B 72 -0.36 -9.08 -3.04
N SER B 73 -1.50 -9.51 -2.48
CA SER B 73 -2.07 -10.87 -2.69
C SER B 73 -3.55 -10.77 -3.07
N ARG B 74 -4.30 -9.90 -2.37
CA ARG B 74 -5.72 -9.62 -2.66
C ARG B 74 -5.88 -8.23 -3.28
N VAL B 75 -7.12 -7.91 -3.71
CA VAL B 75 -7.45 -6.65 -4.41
C VAL B 75 -8.59 -5.88 -3.66
N PRO B 76 -8.30 -5.27 -2.46
CA PRO B 76 -9.31 -4.48 -1.70
C PRO B 76 -9.36 -2.99 -2.14
N GLU B 77 -10.02 -2.17 -1.30
CA GLU B 77 -10.18 -0.71 -1.49
C GLU B 77 -11.11 -0.45 -2.71
N SER B 78 -10.56 -0.39 -3.93
CA SER B 78 -11.34 -0.18 -5.17
C SER B 78 -10.52 -0.57 -6.41
N ASN B 79 -9.69 -1.63 -6.26
CA ASN B 79 -8.74 -2.06 -7.31
C ASN B 79 -9.46 -2.62 -8.56
N LYS B 80 -9.80 -1.70 -9.50
CA LYS B 80 -10.20 -1.98 -10.90
C LYS B 80 -11.64 -2.54 -11.07
N LYS B 81 -12.07 -3.44 -10.18
CA LYS B 81 -13.32 -4.21 -10.35
C LYS B 81 -14.50 -3.54 -9.62
N ASP B 82 -14.37 -2.23 -9.34
CA ASP B 82 -15.41 -1.44 -8.66
C ASP B 82 -15.20 0.05 -8.96
N ASP B 83 -16.24 0.88 -8.67
CA ASP B 83 -16.19 2.35 -8.86
C ASP B 83 -15.14 2.97 -7.92
N ALA B 84 -14.64 4.16 -8.29
CA ALA B 84 -13.58 4.85 -7.54
C ALA B 84 -14.16 5.38 -6.20
N GLU B 85 -14.90 6.51 -6.26
CA GLU B 85 -15.53 7.14 -5.07
C GLU B 85 -16.81 7.90 -5.49
N ASN B 86 -16.63 8.93 -6.33
CA ASN B 86 -17.70 9.92 -6.67
C ASN B 86 -17.90 10.03 -8.19
N VAL B 87 -19.11 10.49 -8.57
CA VAL B 87 -19.57 10.64 -9.97
C VAL B 87 -19.59 9.25 -10.68
N GLU B 88 -18.53 8.91 -11.47
CA GLU B 88 -18.47 7.71 -12.35
C GLU B 88 -19.61 7.63 -13.41
N ILE B 89 -20.56 8.57 -13.39
CA ILE B 89 -21.79 8.53 -14.21
C ILE B 89 -21.90 9.82 -15.05
N ASN B 90 -22.50 9.70 -16.26
CA ASN B 90 -22.77 10.85 -17.17
C ASN B 90 -21.45 11.52 -17.60
N ILE B 91 -21.53 12.75 -18.19
CA ILE B 91 -20.36 13.58 -18.65
C ILE B 91 -19.45 12.77 -19.65
N PRO B 92 -18.19 13.21 -20.03
CA PRO B 92 -17.17 12.27 -20.58
C PRO B 92 -17.02 10.98 -19.71
N GLU B 93 -17.77 9.94 -20.10
CA GLU B 93 -17.85 8.63 -19.39
C GLU B 93 -17.47 7.49 -20.36
N ASP B 94 -18.41 7.18 -21.28
CA ASP B 94 -18.27 6.06 -22.24
C ASP B 94 -18.93 6.48 -23.58
N ASP B 95 -20.25 6.27 -23.69
CA ASP B 95 -21.03 6.61 -24.91
C ASP B 95 -21.61 8.02 -24.82
N ALA B 96 -21.81 8.47 -23.54
CA ALA B 96 -22.53 9.71 -23.18
C ALA B 96 -22.09 10.92 -24.02
N GLU B 97 -20.81 11.32 -23.90
CA GLU B 97 -20.30 12.54 -24.54
C GLU B 97 -19.75 12.26 -25.97
N THR B 98 -19.48 10.97 -26.26
CA THR B 98 -18.94 10.52 -27.56
C THR B 98 -19.93 10.77 -28.74
N LYS B 99 -21.23 10.94 -28.39
CA LYS B 99 -22.35 11.12 -29.35
C LYS B 99 -22.12 12.32 -30.33
N ALA B 100 -21.22 13.26 -29.96
CA ALA B 100 -20.87 14.45 -30.80
C ALA B 100 -20.36 14.07 -32.21
N LYS B 101 -19.73 12.87 -32.31
CA LYS B 101 -19.17 12.33 -33.57
C LYS B 101 -20.24 11.91 -34.61
N ALA B 102 -21.54 11.96 -34.23
CA ALA B 102 -22.65 11.58 -35.13
C ALA B 102 -22.94 12.66 -36.18
N GLU B 103 -22.93 13.94 -35.76
CA GLU B 103 -23.09 15.10 -36.66
C GLU B 103 -21.72 15.58 -37.16
N ASP B 104 -20.97 14.64 -37.76
CA ASP B 104 -19.60 14.88 -38.25
C ASP B 104 -19.46 14.26 -39.66
N LEU B 105 -19.56 12.92 -39.72
CA LEU B 105 -19.60 12.15 -40.97
C LEU B 105 -20.94 12.37 -41.71
N LYS B 106 -21.91 13.02 -41.03
CA LYS B 106 -23.22 13.35 -41.59
C LYS B 106 -23.06 14.09 -42.93
N MET B 107 -22.13 15.06 -42.95
CA MET B 107 -21.83 15.91 -44.11
C MET B 107 -20.66 15.33 -44.96
N GLN B 108 -19.56 14.94 -44.28
CA GLN B 108 -18.32 14.45 -44.96
C GLN B 108 -18.54 13.08 -45.64
N GLY B 109 -19.39 12.25 -45.00
CA GLY B 109 -19.76 10.94 -45.53
C GLY B 109 -20.75 11.02 -46.65
N ASN B 110 -21.69 11.99 -46.54
CA ASN B 110 -22.66 12.30 -47.60
C ASN B 110 -21.95 12.95 -48.81
N LYS B 111 -20.78 13.56 -48.55
CA LYS B 111 -19.90 14.13 -49.59
C LYS B 111 -19.29 13.00 -50.45
N ALA B 112 -18.94 11.89 -49.78
CA ALA B 112 -18.47 10.65 -50.44
C ALA B 112 -19.62 9.99 -51.23
N MET B 113 -20.82 10.00 -50.63
CA MET B 113 -22.06 9.45 -51.22
C MET B 113 -22.55 10.35 -52.40
N ALA B 114 -22.20 11.65 -52.34
CA ALA B 114 -22.52 12.64 -53.39
C ALA B 114 -21.64 12.41 -54.63
N ASN B 115 -20.39 11.98 -54.37
CA ASN B 115 -19.46 11.51 -55.41
C ASN B 115 -19.74 10.06 -55.80
N LYS B 116 -20.60 9.40 -54.99
CA LYS B 116 -21.12 8.04 -55.22
C LYS B 116 -20.00 6.98 -55.02
N ASP B 117 -18.95 7.37 -54.27
CA ASP B 117 -17.83 6.48 -53.92
C ASP B 117 -18.30 5.56 -52.78
N TYR B 118 -18.45 4.28 -53.10
CA TYR B 118 -19.05 3.28 -52.20
C TYR B 118 -18.07 2.82 -51.11
N GLU B 119 -16.81 2.55 -51.52
CA GLU B 119 -15.76 2.03 -50.60
C GLU B 119 -15.27 3.09 -49.62
N LEU B 120 -15.49 4.38 -49.95
CA LEU B 120 -15.25 5.48 -49.01
C LEU B 120 -16.49 5.67 -48.11
N ALA B 121 -17.69 5.58 -48.73
CA ALA B 121 -18.99 5.78 -48.03
C ALA B 121 -19.19 4.76 -46.89
N ILE B 122 -18.83 3.48 -47.13
CA ILE B 122 -18.94 2.42 -46.10
C ILE B 122 -18.04 2.71 -44.87
N ASN B 123 -16.93 3.42 -45.13
CA ASN B 123 -15.89 3.75 -44.15
C ASN B 123 -16.25 5.04 -43.38
N LYS B 124 -17.03 5.95 -43.99
CA LYS B 124 -17.45 7.20 -43.33
C LYS B 124 -18.74 6.96 -42.51
N TYR B 125 -19.73 6.34 -43.16
CA TYR B 125 -21.05 6.01 -42.54
C TYR B 125 -20.93 5.00 -41.37
N THR B 126 -19.80 4.25 -41.29
CA THR B 126 -19.57 3.29 -40.19
C THR B 126 -19.41 4.03 -38.84
N GLU B 127 -18.99 5.31 -38.90
CA GLU B 127 -18.82 6.19 -37.71
C GLU B 127 -20.18 6.48 -37.05
N ALA B 128 -21.21 6.77 -37.89
CA ALA B 128 -22.59 7.02 -37.40
C ALA B 128 -23.18 5.77 -36.76
N ILE B 129 -22.86 4.62 -37.34
CA ILE B 129 -23.32 3.30 -36.86
C ILE B 129 -22.59 2.91 -35.54
N LYS B 130 -21.34 3.35 -35.42
CA LYS B 130 -20.45 3.01 -34.29
C LYS B 130 -20.76 3.90 -33.06
N VAL B 131 -21.03 5.18 -33.33
CA VAL B 131 -21.22 6.22 -32.30
C VAL B 131 -22.70 6.35 -31.92
N LEU B 132 -23.60 6.18 -32.92
CA LEU B 132 -25.05 6.40 -32.73
C LEU B 132 -25.88 5.40 -33.58
N PRO B 133 -25.92 4.09 -33.16
CA PRO B 133 -26.60 3.01 -33.94
C PRO B 133 -28.14 3.10 -33.94
N THR B 134 -28.68 4.08 -33.21
CA THR B 134 -30.14 4.30 -33.06
C THR B 134 -30.71 5.08 -34.29
N ASN B 135 -29.81 5.45 -35.24
CA ASN B 135 -30.18 6.18 -36.47
C ASN B 135 -30.23 5.21 -37.67
N ALA B 136 -31.45 4.94 -38.17
CA ALA B 136 -31.74 3.95 -39.23
C ALA B 136 -31.19 4.35 -40.62
N ILE B 137 -31.13 5.66 -40.86
CA ILE B 137 -30.96 6.25 -42.20
C ILE B 137 -29.57 5.90 -42.78
N TYR B 138 -28.54 5.91 -41.91
CA TYR B 138 -27.14 5.67 -42.32
C TYR B 138 -26.91 4.20 -42.74
N TYR B 139 -27.63 3.27 -42.09
CA TYR B 139 -27.61 1.83 -42.45
C TYR B 139 -28.13 1.64 -43.88
N ALA B 140 -29.34 2.15 -44.11
CA ALA B 140 -30.05 1.97 -45.39
C ALA B 140 -29.30 2.59 -46.57
N ASN B 141 -28.66 3.75 -46.34
CA ASN B 141 -27.88 4.46 -47.37
C ASN B 141 -26.52 3.78 -47.60
N ARG B 142 -25.94 3.19 -46.52
CA ARG B 142 -24.67 2.45 -46.60
C ARG B 142 -24.90 1.07 -47.24
N ALA B 143 -26.14 0.57 -47.13
CA ALA B 143 -26.57 -0.73 -47.71
C ALA B 143 -26.45 -0.70 -49.23
N ALA B 144 -26.82 0.45 -49.82
CA ALA B 144 -26.68 0.70 -51.27
C ALA B 144 -25.20 0.62 -51.70
N ALA B 145 -24.31 1.18 -50.84
CA ALA B 145 -22.87 1.17 -51.05
C ALA B 145 -22.31 -0.27 -50.98
N HIS B 146 -22.84 -1.07 -50.02
CA HIS B 146 -22.46 -2.49 -49.85
C HIS B 146 -22.88 -3.32 -51.08
N SER B 147 -24.11 -3.06 -51.59
CA SER B 147 -24.69 -3.82 -52.73
C SER B 147 -23.88 -3.63 -54.02
N SER B 148 -23.32 -2.42 -54.19
CA SER B 148 -22.47 -2.07 -55.36
C SER B 148 -21.06 -2.69 -55.21
N LEU B 149 -20.61 -2.88 -53.95
CA LEU B 149 -19.34 -3.56 -53.61
C LEU B 149 -19.55 -5.08 -53.43
N LYS B 150 -20.80 -5.54 -53.64
CA LYS B 150 -21.22 -6.95 -53.55
C LYS B 150 -21.05 -7.54 -52.13
N GLU B 151 -20.95 -6.66 -51.11
CA GLU B 151 -20.96 -7.04 -49.70
C GLU B 151 -22.41 -7.38 -49.28
N TYR B 152 -22.91 -8.50 -49.77
CA TYR B 152 -24.31 -8.92 -49.55
C TYR B 152 -24.50 -9.37 -48.11
N ASP B 153 -23.59 -10.24 -47.63
CA ASP B 153 -23.63 -10.79 -46.25
C ASP B 153 -23.48 -9.68 -45.18
N GLN B 154 -22.76 -8.59 -45.53
CA GLN B 154 -22.71 -7.36 -44.72
C GLN B 154 -24.09 -6.65 -44.72
N ALA B 155 -24.62 -6.41 -45.94
CA ALA B 155 -25.88 -5.65 -46.15
C ALA B 155 -27.14 -6.42 -45.65
N VAL B 156 -26.98 -7.75 -45.44
CA VAL B 156 -28.01 -8.63 -44.86
C VAL B 156 -28.37 -8.17 -43.43
N LYS B 157 -27.36 -7.83 -42.64
CA LYS B 157 -27.56 -7.42 -41.23
C LYS B 157 -27.52 -5.87 -41.10
N ASP B 158 -26.89 -5.20 -42.08
CA ASP B 158 -26.72 -3.72 -42.10
C ASP B 158 -28.07 -3.02 -42.35
N ALA B 159 -28.66 -3.29 -43.54
CA ALA B 159 -29.98 -2.71 -43.94
C ALA B 159 -31.12 -3.18 -43.00
N GLU B 160 -30.91 -4.34 -42.36
CA GLU B 160 -31.83 -4.94 -41.38
C GLU B 160 -31.90 -4.10 -40.10
N SER B 161 -30.71 -3.66 -39.63
CA SER B 161 -30.57 -2.86 -38.39
C SER B 161 -31.19 -1.44 -38.55
N ALA B 162 -31.53 -1.07 -39.80
CA ALA B 162 -32.33 0.16 -40.08
C ALA B 162 -33.79 -0.06 -39.65
N ILE B 163 -34.32 -1.24 -40.01
CA ILE B 163 -35.74 -1.62 -39.82
C ILE B 163 -36.07 -1.86 -38.32
N SER B 164 -35.01 -2.15 -37.53
CA SER B 164 -35.08 -2.25 -36.05
C SER B 164 -35.65 -0.95 -35.44
N ILE B 165 -35.25 0.20 -36.01
CA ILE B 165 -35.73 1.51 -35.60
C ILE B 165 -37.12 1.78 -36.23
N ASP B 166 -37.21 1.68 -37.56
CA ASP B 166 -38.42 2.07 -38.31
C ASP B 166 -38.89 0.91 -39.23
N PRO B 167 -40.08 0.29 -38.96
CA PRO B 167 -40.61 -0.84 -39.76
C PRO B 167 -41.49 -0.39 -40.97
N SER B 168 -41.37 0.87 -41.40
CA SER B 168 -42.18 1.42 -42.51
C SER B 168 -41.30 1.92 -43.66
N TYR B 169 -39.97 1.96 -43.42
CA TYR B 169 -38.99 2.48 -44.38
C TYR B 169 -38.81 1.49 -45.56
N PHE B 170 -39.62 1.69 -46.63
CA PHE B 170 -39.70 0.80 -47.81
C PHE B 170 -38.34 0.59 -48.48
N ARG B 171 -37.58 1.68 -48.62
CA ARG B 171 -36.30 1.69 -49.35
C ARG B 171 -35.16 1.08 -48.48
N GLY B 172 -35.53 0.59 -47.29
CA GLY B 172 -34.70 -0.32 -46.50
C GLY B 172 -34.97 -1.76 -46.91
N TYR B 173 -36.28 -2.08 -47.10
CA TYR B 173 -36.74 -3.43 -47.51
C TYR B 173 -36.29 -3.78 -48.94
N SER B 174 -36.30 -2.78 -49.84
CA SER B 174 -35.99 -2.97 -51.27
C SER B 174 -34.51 -3.35 -51.46
N ARG B 175 -33.63 -2.78 -50.60
CA ARG B 175 -32.18 -3.05 -50.61
C ARG B 175 -31.87 -4.34 -49.83
N LEU B 176 -32.59 -4.51 -48.70
CA LEU B 176 -32.37 -5.63 -47.78
C LEU B 176 -32.66 -6.96 -48.47
N GLY B 177 -33.87 -7.05 -49.07
CA GLY B 177 -34.34 -8.26 -49.74
C GLY B 177 -33.43 -8.73 -50.87
N PHE B 178 -32.81 -7.75 -51.56
CA PHE B 178 -31.81 -8.02 -52.61
C PHE B 178 -30.59 -8.74 -51.99
N ALA B 179 -30.02 -8.15 -50.93
CA ALA B 179 -28.82 -8.68 -50.23
C ALA B 179 -29.11 -10.04 -49.57
N LYS B 180 -30.33 -10.18 -49.03
CA LYS B 180 -30.81 -11.39 -48.33
C LYS B 180 -30.76 -12.60 -49.26
N TYR B 181 -31.51 -12.50 -50.37
CA TYR B 181 -31.63 -13.60 -51.35
C TYR B 181 -30.31 -13.85 -52.08
N ALA B 182 -29.54 -12.76 -52.33
CA ALA B 182 -28.25 -12.83 -53.04
C ALA B 182 -27.24 -13.70 -52.28
N GLN B 183 -27.28 -13.66 -50.94
CA GLN B 183 -26.34 -14.42 -50.10
C GLN B 183 -27.04 -15.60 -49.37
N GLY B 184 -28.37 -15.73 -49.54
CA GLY B 184 -29.12 -16.89 -49.06
C GLY B 184 -29.39 -16.89 -47.55
N LYS B 185 -29.79 -15.72 -47.01
CA LYS B 185 -30.24 -15.59 -45.61
C LYS B 185 -31.77 -15.35 -45.59
N PRO B 186 -32.60 -16.41 -45.29
CA PRO B 186 -34.07 -16.32 -45.24
C PRO B 186 -34.67 -16.37 -43.78
N GLU B 187 -34.02 -15.67 -42.82
CA GLU B 187 -34.42 -15.67 -41.37
C GLU B 187 -35.84 -15.10 -41.21
N GLU B 188 -35.98 -13.86 -41.67
CA GLU B 188 -37.22 -13.07 -41.61
C GLU B 188 -37.49 -12.44 -43.00
N ALA B 189 -36.59 -12.75 -43.97
CA ALA B 189 -36.56 -12.17 -45.33
C ALA B 189 -37.90 -12.33 -46.04
N LEU B 190 -38.56 -13.48 -45.79
CA LEU B 190 -39.91 -13.79 -46.30
C LEU B 190 -40.90 -12.65 -45.99
N GLU B 191 -40.91 -12.21 -44.72
CA GLU B 191 -41.80 -11.14 -44.23
C GLU B 191 -41.29 -9.75 -44.67
N ALA B 192 -39.99 -9.64 -45.01
CA ALA B 192 -39.42 -8.38 -45.55
C ALA B 192 -39.95 -8.10 -46.97
N TYR B 193 -40.18 -9.17 -47.75
CA TYR B 193 -40.84 -9.08 -49.07
C TYR B 193 -42.34 -8.88 -48.90
N LYS B 194 -42.91 -9.50 -47.85
CA LYS B 194 -44.34 -9.34 -47.51
C LYS B 194 -44.67 -7.86 -47.24
N LYS B 195 -43.73 -7.16 -46.57
CA LYS B 195 -43.87 -5.74 -46.24
C LYS B 195 -43.91 -4.86 -47.51
N VAL B 196 -43.19 -5.26 -48.59
CA VAL B 196 -43.24 -4.51 -49.88
C VAL B 196 -44.57 -4.78 -50.60
N LEU B 197 -45.20 -5.92 -50.26
CA LEU B 197 -46.54 -6.30 -50.77
C LEU B 197 -47.66 -5.63 -49.92
N ASP B 198 -47.32 -5.27 -48.66
CA ASP B 198 -48.22 -4.50 -47.78
C ASP B 198 -48.26 -3.02 -48.20
N ILE B 199 -47.07 -2.44 -48.43
CA ILE B 199 -46.93 -1.04 -48.85
C ILE B 199 -47.36 -0.87 -50.32
N GLU B 200 -46.54 -1.42 -51.23
CA GLU B 200 -46.66 -1.21 -52.67
C GLU B 200 -47.65 -2.16 -53.33
N GLY B 201 -47.75 -3.39 -52.79
CA GLY B 201 -48.62 -4.41 -53.37
C GLY B 201 -48.22 -4.78 -54.78
N ASP B 202 -49.04 -4.38 -55.77
CA ASP B 202 -48.83 -4.71 -57.18
C ASP B 202 -47.71 -3.86 -57.83
N ASN B 203 -47.31 -2.77 -57.17
CA ASN B 203 -46.19 -1.92 -57.63
C ASN B 203 -44.83 -2.66 -57.47
N ALA B 204 -44.77 -3.61 -56.50
CA ALA B 204 -43.57 -4.44 -56.26
C ALA B 204 -43.20 -5.21 -57.54
N THR B 205 -42.03 -4.86 -58.11
CA THR B 205 -41.58 -5.36 -59.43
C THR B 205 -41.16 -6.86 -59.35
N GLU B 206 -40.99 -7.51 -60.52
CA GLU B 206 -40.72 -8.96 -60.67
C GLU B 206 -39.54 -9.44 -59.82
N ALA B 207 -38.45 -8.65 -59.78
CA ALA B 207 -37.21 -8.97 -59.05
C ALA B 207 -37.33 -8.68 -57.52
N MET B 208 -38.56 -8.48 -57.04
CA MET B 208 -38.85 -8.24 -55.60
C MET B 208 -39.98 -9.18 -55.14
N LYS B 209 -41.03 -9.27 -55.96
CA LYS B 209 -42.26 -10.02 -55.65
C LYS B 209 -42.06 -11.54 -55.80
N ARG B 210 -41.39 -11.96 -56.89
CA ARG B 210 -41.14 -13.40 -57.17
C ARG B 210 -40.22 -13.99 -56.09
N ASP B 211 -39.30 -13.15 -55.56
CA ASP B 211 -38.36 -13.54 -54.50
C ASP B 211 -39.05 -13.75 -53.15
N TYR B 212 -40.29 -13.25 -52.99
CA TYR B 212 -41.14 -13.57 -51.83
C TYR B 212 -41.42 -15.09 -51.79
N GLU B 213 -41.94 -15.60 -52.91
CA GLU B 213 -42.30 -17.00 -53.08
C GLU B 213 -41.04 -17.89 -53.13
N SER B 214 -40.00 -17.38 -53.80
CA SER B 214 -38.73 -18.12 -53.99
C SER B 214 -37.95 -18.28 -52.66
N ALA B 215 -38.03 -17.27 -51.78
CA ALA B 215 -37.40 -17.31 -50.44
C ALA B 215 -38.11 -18.32 -49.53
N LYS B 216 -39.43 -18.45 -49.73
CA LYS B 216 -40.26 -19.42 -48.99
C LYS B 216 -39.92 -20.87 -49.40
N LYS B 217 -39.66 -21.05 -50.70
CA LYS B 217 -39.30 -22.35 -51.29
C LYS B 217 -37.79 -22.65 -51.16
N LYS B 218 -37.08 -21.79 -50.40
CA LYS B 218 -35.63 -21.92 -50.16
C LYS B 218 -35.32 -21.50 -48.69
N VAL B 219 -36.38 -21.54 -47.83
CA VAL B 219 -36.28 -21.16 -46.40
C VAL B 219 -35.71 -22.32 -45.55
N GLU B 220 -35.29 -23.41 -46.23
CA GLU B 220 -34.67 -24.59 -45.62
C GLU B 220 -33.34 -24.22 -44.96
N GLN B 221 -32.59 -23.32 -45.62
CA GLN B 221 -31.26 -22.87 -45.17
C GLN B 221 -31.34 -21.93 -43.95
N SER B 222 -32.57 -21.49 -43.57
CA SER B 222 -32.81 -20.60 -42.42
C SER B 222 -32.51 -21.31 -41.10
N LEU B 223 -32.61 -22.65 -41.08
CA LEU B 223 -32.35 -23.47 -39.87
C LEU B 223 -30.83 -23.62 -39.62
N ASN B 224 -30.07 -23.65 -40.73
CA ASN B 224 -28.59 -23.72 -40.70
C ASN B 224 -28.02 -22.35 -40.28
N LEU B 225 -28.65 -21.28 -40.82
CA LEU B 225 -28.28 -19.88 -40.55
C LEU B 225 -28.67 -19.51 -39.10
N GLU B 226 -29.81 -20.05 -38.62
CA GLU B 226 -30.29 -19.90 -37.23
C GLU B 226 -29.29 -20.60 -36.29
N LYS B 227 -28.27 -19.84 -35.84
CA LYS B 227 -27.17 -20.33 -35.01
C LYS B 227 -26.19 -19.18 -34.77
N THR B 228 -25.61 -19.11 -33.57
CA THR B 228 -24.54 -18.16 -33.27
C THR B 228 -23.21 -18.73 -33.82
N VAL B 229 -23.07 -18.65 -35.16
CA VAL B 229 -21.81 -18.95 -35.87
C VAL B 229 -21.05 -17.63 -36.13
N PRO B 230 -21.70 -16.53 -36.67
CA PRO B 230 -21.05 -15.19 -36.73
C PRO B 230 -20.95 -14.56 -35.34
N GLU B 231 -19.88 -13.77 -35.13
CA GLU B 231 -19.62 -13.07 -33.86
C GLU B 231 -20.66 -11.95 -33.68
N GLN B 232 -20.86 -11.16 -34.77
CA GLN B 232 -21.92 -10.12 -34.88
C GLN B 232 -21.77 -9.03 -33.79
N SER B 233 -20.53 -8.87 -33.30
CA SER B 233 -20.22 -7.99 -32.16
C SER B 233 -18.70 -7.68 -32.15
N ARG B 234 -18.33 -6.58 -32.86
CA ARG B 234 -16.93 -6.13 -33.09
C ARG B 234 -16.20 -7.04 -34.11
N ASP B 235 -16.28 -8.37 -33.88
CA ASP B 235 -15.82 -9.42 -34.80
C ASP B 235 -14.29 -9.48 -34.86
N ALA B 236 -13.71 -10.14 -33.83
CA ALA B 236 -12.26 -10.28 -33.65
C ALA B 236 -11.97 -11.25 -32.48
N ASP B 237 -12.54 -10.92 -31.29
CA ASP B 237 -12.39 -11.70 -30.05
C ASP B 237 -13.78 -11.94 -29.40
N VAL B 238 -14.84 -11.78 -30.22
CA VAL B 238 -16.26 -11.78 -29.77
C VAL B 238 -16.46 -10.73 -28.65
N ASP B 239 -16.29 -11.17 -27.38
CA ASP B 239 -16.31 -10.34 -26.14
C ASP B 239 -15.74 -11.22 -25.01
N ALA B 240 -14.60 -11.89 -25.33
CA ALA B 240 -13.98 -12.88 -24.46
C ALA B 240 -13.56 -12.27 -23.11
N SER B 241 -12.61 -11.31 -23.17
CA SER B 241 -12.22 -10.47 -22.02
C SER B 241 -11.27 -9.36 -22.51
N GLN B 242 -9.94 -9.62 -22.46
CA GLN B 242 -8.86 -8.65 -22.82
C GLN B 242 -8.98 -7.31 -22.04
N GLY B 243 -9.86 -6.40 -22.50
CA GLY B 243 -10.05 -5.09 -21.87
C GLY B 243 -11.25 -5.02 -20.94
N ALA B 244 -12.03 -6.13 -20.87
CA ALA B 244 -13.30 -6.18 -20.10
C ALA B 244 -13.03 -6.19 -18.58
N SER B 245 -12.89 -4.99 -18.01
CA SER B 245 -12.68 -4.76 -16.56
C SER B 245 -13.28 -3.38 -16.18
N ALA B 246 -12.70 -2.31 -16.78
CA ALA B 246 -13.14 -0.90 -16.63
C ALA B 246 -13.20 -0.42 -15.15
N GLY B 247 -14.34 -0.70 -14.49
CA GLY B 247 -14.61 -0.25 -13.13
C GLY B 247 -15.87 -0.89 -12.57
N GLY B 248 -16.71 -0.10 -11.89
CA GLY B 248 -18.03 -0.54 -11.46
C GLY B 248 -19.02 -0.46 -12.62
N LEU B 249 -19.69 0.71 -12.76
CA LEU B 249 -20.68 1.07 -13.81
C LEU B 249 -21.82 0.01 -14.04
N PRO B 250 -23.11 0.47 -14.16
CA PRO B 250 -24.24 -0.44 -14.51
C PRO B 250 -24.06 -1.02 -15.94
N ASP B 251 -24.09 -2.36 -16.03
CA ASP B 251 -23.87 -3.11 -17.31
C ASP B 251 -25.00 -2.91 -18.32
N LEU B 252 -26.13 -2.35 -17.88
CA LEU B 252 -27.24 -1.99 -18.77
C LEU B 252 -26.99 -0.61 -19.42
N GLY B 253 -26.34 0.30 -18.64
CA GLY B 253 -26.00 1.65 -19.10
C GLY B 253 -27.19 2.61 -19.28
N SER B 254 -28.45 2.06 -19.24
CA SER B 254 -29.70 2.80 -19.53
C SER B 254 -29.68 3.42 -20.95
N LEU B 255 -28.96 2.75 -21.88
CA LEU B 255 -28.75 3.23 -23.26
C LEU B 255 -30.05 3.20 -24.07
N LEU B 256 -30.76 2.07 -24.00
CA LEU B 256 -31.98 1.82 -24.79
C LEU B 256 -33.18 1.58 -23.84
N GLY B 257 -34.40 1.62 -24.43
CA GLY B 257 -35.64 1.34 -23.69
C GLY B 257 -35.70 -0.11 -23.23
N GLY B 258 -35.88 -0.31 -21.91
CA GLY B 258 -35.91 -1.64 -21.31
C GLY B 258 -34.51 -2.21 -21.11
N GLY B 259 -33.92 -2.73 -22.21
CA GLY B 259 -32.56 -3.31 -22.18
C GLY B 259 -32.58 -4.78 -21.75
N LEU B 260 -33.04 -5.02 -20.50
CA LEU B 260 -33.12 -6.36 -19.90
C LEU B 260 -34.42 -7.06 -20.36
N GLY B 261 -34.35 -7.70 -21.53
CA GLY B 261 -35.48 -8.45 -22.08
C GLY B 261 -35.26 -8.84 -23.53
N GLY B 262 -35.93 -9.92 -23.97
CA GLY B 262 -35.83 -10.39 -25.35
C GLY B 262 -36.57 -9.48 -26.34
N LEU B 263 -36.06 -9.40 -27.58
CA LEU B 263 -36.63 -8.54 -28.63
C LEU B 263 -37.93 -9.19 -29.21
N MET B 264 -39.05 -9.05 -28.45
CA MET B 264 -40.37 -9.66 -28.74
C MET B 264 -40.33 -11.20 -28.56
N ASN B 265 -39.56 -11.88 -29.42
CA ASN B 265 -39.45 -13.34 -29.47
C ASN B 265 -37.98 -13.74 -29.74
N ASN B 266 -37.76 -14.97 -30.30
CA ASN B 266 -36.43 -15.54 -30.62
C ASN B 266 -35.68 -15.85 -29.28
N PRO B 267 -36.06 -16.97 -28.58
CA PRO B 267 -35.50 -17.33 -27.25
C PRO B 267 -34.17 -18.11 -27.34
N GLN B 268 -33.82 -18.55 -28.56
CA GLN B 268 -32.63 -19.36 -28.85
C GLN B 268 -32.26 -19.26 -30.33
N LEU B 269 -30.97 -19.46 -30.60
CA LEU B 269 -30.41 -19.49 -31.97
C LEU B 269 -30.22 -20.95 -32.41
N MET B 270 -31.32 -21.74 -32.29
CA MET B 270 -31.36 -23.20 -32.54
C MET B 270 -30.40 -24.00 -31.60
N GLN B 271 -30.92 -25.11 -31.06
CA GLN B 271 -30.18 -25.99 -30.14
C GLN B 271 -29.96 -27.37 -30.79
N ALA B 272 -28.70 -27.84 -30.72
CA ALA B 272 -28.32 -29.21 -31.14
C ALA B 272 -28.50 -30.18 -29.94
N ALA B 273 -27.77 -31.32 -29.96
CA ALA B 273 -27.80 -32.31 -28.85
C ALA B 273 -27.37 -31.67 -27.51
N GLN B 274 -26.32 -30.82 -27.57
CA GLN B 274 -25.88 -29.98 -26.46
C GLN B 274 -25.46 -28.60 -27.01
N LYS B 275 -24.44 -28.61 -27.91
CA LYS B 275 -23.91 -27.41 -28.62
C LYS B 275 -23.12 -26.43 -27.69
N MET B 276 -23.30 -26.55 -26.36
CA MET B 276 -22.63 -25.68 -25.36
C MET B 276 -21.10 -25.90 -25.30
N MET B 277 -20.63 -27.03 -25.86
CA MET B 277 -19.20 -27.38 -25.93
C MET B 277 -18.46 -26.62 -27.05
N SER B 278 -19.21 -25.87 -27.89
CA SER B 278 -18.64 -25.11 -29.01
C SER B 278 -18.01 -23.79 -28.47
N ASN B 279 -16.67 -23.72 -28.49
CA ASN B 279 -15.92 -22.54 -28.05
C ASN B 279 -14.58 -22.51 -28.79
N PRO B 280 -14.16 -21.35 -29.42
CA PRO B 280 -12.86 -21.26 -30.15
C PRO B 280 -11.63 -21.46 -29.24
N GLY B 281 -10.51 -21.87 -29.85
CA GLY B 281 -9.24 -22.05 -29.13
C GLY B 281 -9.11 -23.44 -28.52
N ALA B 282 -8.63 -23.48 -27.25
CA ALA B 282 -8.32 -24.72 -26.48
C ALA B 282 -7.18 -25.52 -27.14
N MET B 283 -7.51 -26.24 -28.23
CA MET B 283 -6.55 -27.07 -29.00
C MET B 283 -6.51 -26.59 -30.47
N GLN B 284 -7.73 -26.37 -31.01
CA GLN B 284 -7.98 -25.99 -32.41
C GLN B 284 -7.26 -26.96 -33.39
N ASN B 285 -7.72 -28.23 -33.36
CA ASN B 285 -7.29 -29.31 -34.29
C ASN B 285 -5.83 -29.79 -34.05
N ILE B 286 -5.12 -29.16 -33.08
CA ILE B 286 -3.69 -29.39 -32.78
C ILE B 286 -2.78 -28.93 -33.95
N GLN B 287 -2.84 -29.65 -35.10
CA GLN B 287 -2.16 -29.26 -36.35
C GLN B 287 -2.92 -28.07 -36.99
N LYS B 288 -2.83 -26.90 -36.34
CA LYS B 288 -3.60 -25.71 -36.70
C LYS B 288 -3.05 -25.08 -37.99
N MET B 289 -3.60 -25.53 -39.13
CA MET B 289 -3.23 -25.08 -40.50
C MET B 289 -1.68 -25.16 -40.70
N MET B 290 -1.15 -26.38 -40.53
CA MET B 290 0.27 -26.73 -40.83
C MET B 290 1.28 -26.04 -39.84
N GLN B 291 0.77 -25.27 -38.83
CA GLN B 291 1.61 -24.57 -37.83
C GLN B 291 2.45 -25.59 -37.03
N ASP B 292 1.83 -26.73 -36.73
CA ASP B 292 2.52 -27.88 -36.15
C ASP B 292 3.38 -28.55 -37.26
N PRO B 293 4.74 -28.62 -37.09
CA PRO B 293 5.66 -29.07 -38.16
C PRO B 293 5.57 -30.59 -38.43
N SER B 294 5.01 -31.35 -37.47
CA SER B 294 5.00 -32.83 -37.52
C SER B 294 4.03 -33.38 -38.60
N ILE B 295 3.27 -32.48 -39.25
CA ILE B 295 2.47 -32.80 -40.45
C ILE B 295 3.39 -33.21 -41.63
N ARG B 296 4.63 -32.68 -41.61
CA ARG B 296 5.68 -32.99 -42.61
C ARG B 296 6.84 -33.76 -41.94
N GLN B 297 7.32 -33.20 -40.81
CA GLN B 297 8.28 -33.83 -39.89
C GLN B 297 9.60 -34.18 -40.60
N MET B 298 10.19 -33.16 -41.27
CA MET B 298 11.54 -33.22 -41.88
C MET B 298 11.72 -34.48 -42.78
N ALA B 299 10.87 -34.57 -43.82
CA ALA B 299 10.87 -35.66 -44.82
C ALA B 299 10.55 -37.05 -44.20
N GLU B 300 9.90 -37.04 -43.01
CA GLU B 300 9.54 -38.25 -42.22
C GLU B 300 10.79 -38.99 -41.68
N GLY B 301 11.57 -39.60 -42.59
CA GLY B 301 12.84 -40.24 -42.25
C GLY B 301 13.73 -40.44 -43.48
N PHE B 302 13.49 -39.60 -44.52
CA PHE B 302 14.25 -39.59 -45.81
C PHE B 302 14.15 -40.96 -46.52
N ALA B 303 13.11 -41.12 -47.37
CA ALA B 303 12.89 -42.35 -48.15
C ALA B 303 14.01 -42.55 -49.18
N SER B 304 14.27 -41.49 -49.95
CA SER B 304 15.40 -41.42 -50.88
C SER B 304 16.45 -40.45 -50.32
N GLY B 305 17.39 -40.99 -49.53
CA GLY B 305 18.51 -40.23 -48.99
C GLY B 305 19.67 -40.14 -49.99
N GLY B 306 20.42 -39.03 -49.95
CA GLY B 306 21.55 -38.80 -50.86
C GLY B 306 21.12 -38.58 -52.31
N GLY B 307 22.04 -38.80 -53.25
CA GLY B 307 21.79 -38.58 -54.68
C GLY B 307 22.78 -39.34 -55.56
N THR B 308 24.08 -39.12 -55.34
CA THR B 308 25.16 -39.74 -56.12
C THR B 308 26.45 -39.91 -55.26
N PRO B 309 26.56 -41.03 -54.47
CA PRO B 309 27.80 -41.34 -53.71
C PRO B 309 28.97 -41.66 -54.68
N ASN B 310 29.88 -40.68 -54.85
CA ASN B 310 31.04 -40.83 -55.73
C ASN B 310 32.15 -41.62 -54.99
N LEU B 311 32.24 -42.91 -55.30
CA LEU B 311 33.32 -43.80 -54.81
C LEU B 311 33.87 -44.66 -55.97
N SER B 312 33.17 -44.61 -57.12
CA SER B 312 33.43 -45.45 -58.30
C SER B 312 34.56 -44.86 -59.17
N ASP B 313 34.79 -43.55 -59.04
CA ASP B 313 35.68 -42.76 -59.90
C ASP B 313 37.16 -43.13 -59.71
N LEU B 314 37.49 -43.71 -58.52
CA LEU B 314 38.88 -43.98 -58.11
C LEU B 314 39.47 -45.28 -58.75
N MET B 315 39.42 -45.34 -60.08
CA MET B 315 40.19 -46.27 -60.93
C MET B 315 39.89 -45.95 -62.40
N ASN B 316 38.58 -45.92 -62.74
CA ASN B 316 38.04 -45.73 -64.13
C ASN B 316 38.96 -46.29 -65.23
N ASN B 317 39.15 -47.61 -65.19
CA ASN B 317 40.02 -48.34 -66.13
C ASN B 317 39.70 -49.85 -66.06
N PRO B 318 39.95 -50.63 -67.14
CA PRO B 318 39.93 -52.11 -67.05
C PRO B 318 41.24 -52.63 -66.38
N ALA B 319 41.09 -53.36 -65.26
CA ALA B 319 42.25 -53.95 -64.54
C ALA B 319 42.86 -55.11 -65.34
N LEU B 320 41.98 -55.86 -66.04
CA LEU B 320 42.38 -56.86 -67.05
C LEU B 320 43.13 -56.16 -68.23
N ARG B 321 42.71 -54.91 -68.51
CA ARG B 321 43.23 -54.04 -69.58
C ARG B 321 42.88 -54.68 -70.94
N ASN B 322 43.68 -55.68 -71.35
CA ASN B 322 43.40 -56.53 -72.53
C ASN B 322 43.91 -57.95 -72.23
N MET B 323 45.25 -58.08 -72.18
CA MET B 323 45.98 -59.37 -72.04
C MET B 323 45.65 -60.30 -73.23
N ALA B 324 46.50 -60.29 -74.26
CA ALA B 324 46.37 -61.14 -75.45
C ALA B 324 47.76 -61.63 -75.85
N GLY B 325 48.65 -60.66 -76.20
CA GLY B 325 50.01 -60.94 -76.63
C GLY B 325 50.05 -61.79 -77.90
N ASN B 326 49.36 -61.28 -78.96
CA ASN B 326 49.15 -62.01 -80.23
C ASN B 326 50.50 -62.39 -80.88
N LEU B 327 50.86 -63.68 -80.77
CA LEU B 327 52.16 -64.23 -81.23
C LEU B 327 52.03 -64.99 -82.57
N PHE B 328 50.76 -65.16 -83.03
CA PHE B 328 50.40 -65.82 -84.31
C PHE B 328 51.07 -67.22 -84.43
N GLY B 329 50.66 -68.11 -83.52
CA GLY B 329 51.22 -69.45 -83.41
C GLY B 329 50.64 -70.42 -84.43
N GLY B 330 51.48 -70.89 -85.37
CA GLY B 330 51.07 -71.87 -86.37
C GLY B 330 51.04 -73.29 -85.80
N ALA B 331 50.07 -73.55 -84.90
CA ALA B 331 49.94 -74.85 -84.21
C ALA B 331 49.47 -75.95 -85.17
N GLY B 332 48.72 -75.54 -86.21
CA GLY B 332 48.28 -76.46 -87.28
C GLY B 332 49.33 -76.62 -88.38
N ALA B 333 50.38 -75.78 -88.35
CA ALA B 333 51.47 -75.78 -89.35
C ALA B 333 52.58 -76.80 -89.01
N GLN B 334 52.46 -77.46 -87.84
CA GLN B 334 53.48 -78.42 -87.36
C GLN B 334 53.61 -79.61 -88.35
N SER B 335 54.79 -79.71 -88.98
CA SER B 335 55.09 -80.74 -90.00
C SER B 335 55.77 -81.97 -89.37
N THR B 336 55.48 -82.21 -88.08
CA THR B 336 55.96 -83.40 -87.34
C THR B 336 55.37 -84.68 -87.96
N ASP B 337 54.11 -84.59 -88.40
CA ASP B 337 53.44 -85.67 -89.15
C ASP B 337 53.49 -85.30 -90.64
N GLU B 338 54.53 -85.77 -91.34
CA GLU B 338 54.83 -85.39 -92.74
C GLU B 338 55.56 -86.56 -93.44
N THR B 339 55.63 -86.49 -94.79
CA THR B 339 56.36 -87.42 -95.70
C THR B 339 55.60 -88.76 -95.91
N PRO B 340 55.84 -89.47 -97.10
CA PRO B 340 55.23 -90.81 -97.40
C PRO B 340 55.22 -91.82 -96.22
N ASP B 341 56.39 -92.11 -95.62
CA ASP B 341 56.55 -93.05 -94.47
C ASP B 341 56.23 -94.52 -94.85
N ASN B 342 57.27 -95.38 -94.81
CA ASN B 342 57.19 -96.81 -95.13
C ASN B 342 56.86 -97.04 -96.62
N GLU B 343 55.56 -96.88 -97.01
CA GLU B 343 55.15 -96.87 -98.42
C GLU B 343 54.51 -95.50 -98.75
N ASN B 344 53.16 -95.44 -98.93
CA ASN B 344 52.42 -94.26 -99.41
C ASN B 344 53.12 -93.61 -100.64
N LYS B 345 52.81 -94.13 -101.82
CA LYS B 345 53.44 -93.69 -103.09
C LYS B 345 52.75 -92.42 -103.67
N GLN B 346 52.03 -91.68 -102.81
CA GLN B 346 51.53 -90.32 -103.15
C GLN B 346 52.74 -89.39 -103.36
N TYR B 347 53.73 -89.52 -102.45
CA TYR B 347 55.02 -88.83 -102.51
C TYR B 347 54.83 -87.29 -102.35
N MET A 1 4.66 -12.14 -18.10
CA MET A 1 5.66 -11.09 -17.83
C MET A 1 4.99 -9.87 -17.19
N SER A 2 5.74 -9.13 -16.37
CA SER A 2 5.33 -7.83 -15.81
C SER A 2 5.58 -6.71 -16.86
N ALA A 3 4.92 -6.87 -18.05
CA ALA A 3 5.16 -6.03 -19.25
C ALA A 3 6.61 -6.21 -19.77
N SER A 4 7.05 -5.35 -20.71
CA SER A 4 8.46 -5.25 -21.10
C SER A 4 9.22 -4.45 -20.01
N LYS A 5 10.53 -4.68 -19.91
CA LYS A 5 11.38 -4.10 -18.84
C LYS A 5 11.43 -2.57 -18.96
N GLU A 6 11.45 -2.07 -20.21
CA GLU A 6 11.54 -0.61 -20.51
C GLU A 6 10.27 0.14 -20.03
N GLU A 7 9.11 -0.55 -20.08
CA GLU A 7 7.81 0.03 -19.66
C GLU A 7 7.84 0.38 -18.16
N ILE A 8 8.22 -0.62 -17.36
CA ILE A 8 8.30 -0.51 -15.90
C ILE A 8 9.40 0.49 -15.50
N ALA A 9 10.58 0.34 -16.14
CA ALA A 9 11.78 1.18 -15.89
C ALA A 9 11.52 2.66 -16.19
N ALA A 10 10.68 2.92 -17.20
CA ALA A 10 10.28 4.28 -17.59
C ALA A 10 9.55 4.97 -16.44
N LEU A 11 8.52 4.27 -15.88
CA LEU A 11 7.70 4.78 -14.76
C LEU A 11 8.54 4.91 -13.46
N ILE A 12 9.52 4.01 -13.29
CA ILE A 12 10.42 3.99 -12.11
C ILE A 12 11.26 5.29 -12.03
N VAL A 13 12.02 5.59 -13.11
CA VAL A 13 12.90 6.77 -13.16
C VAL A 13 12.07 8.07 -13.31
N ASN A 14 10.87 7.95 -13.90
CA ASN A 14 9.91 9.06 -14.05
C ASN A 14 9.25 9.40 -12.69
N TYR A 15 9.08 8.37 -11.85
CA TYR A 15 8.50 8.54 -10.49
C TYR A 15 9.39 9.51 -9.70
N PHE A 16 10.70 9.25 -9.79
CA PHE A 16 11.76 10.07 -9.17
C PHE A 16 11.78 11.49 -9.79
N SER A 17 11.56 11.55 -11.12
CA SER A 17 11.50 12.81 -11.89
C SER A 17 10.32 13.69 -11.44
N SER A 18 9.20 13.05 -11.07
CA SER A 18 7.99 13.76 -10.61
C SER A 18 8.15 14.22 -9.15
N ILE A 19 8.92 13.45 -8.34
CA ILE A 19 9.27 13.85 -6.97
C ILE A 19 10.11 15.14 -7.01
N VAL A 20 11.17 15.16 -7.86
CA VAL A 20 12.08 16.31 -7.99
C VAL A 20 11.42 17.48 -8.79
N GLU A 21 10.33 17.16 -9.51
CA GLU A 21 9.50 18.16 -10.24
C GLU A 21 8.82 19.13 -9.27
N LYS A 22 8.40 18.60 -8.10
CA LYS A 22 7.83 19.43 -7.00
C LYS A 22 8.74 19.44 -5.76
N LYS A 23 9.95 18.81 -5.88
CA LYS A 23 10.99 18.73 -4.82
C LYS A 23 10.39 18.23 -3.48
N GLU A 24 9.68 17.10 -3.56
CA GLU A 24 8.91 16.50 -2.46
C GLU A 24 9.81 15.67 -1.51
N ILE A 25 11.12 15.73 -1.74
CA ILE A 25 12.15 15.08 -0.93
C ILE A 25 13.27 16.12 -0.70
N SER A 26 14.14 15.91 0.31
CA SER A 26 15.33 16.77 0.51
C SER A 26 16.29 16.61 -0.69
N GLU A 27 17.01 17.70 -1.00
CA GLU A 27 17.92 17.80 -2.18
C GLU A 27 19.03 16.73 -2.19
N ASP A 28 19.35 16.19 -1.01
CA ASP A 28 20.29 15.05 -0.86
C ASP A 28 19.72 13.84 -1.59
N GLY A 29 18.48 13.48 -1.21
CA GLY A 29 17.76 12.36 -1.81
C GLY A 29 17.39 12.62 -3.26
N ALA A 30 17.08 13.89 -3.59
CA ALA A 30 16.70 14.31 -4.95
C ALA A 30 17.87 14.08 -5.93
N ASP A 31 19.09 14.37 -5.45
CA ASP A 31 20.32 14.20 -6.24
C ASP A 31 20.72 12.70 -6.32
N SER A 32 20.40 11.96 -5.24
CA SER A 32 20.57 10.50 -5.19
C SER A 32 19.61 9.79 -6.16
N LEU A 33 18.46 10.45 -6.43
CA LEU A 33 17.46 9.98 -7.41
C LEU A 33 17.94 10.26 -8.83
N ASN A 34 18.61 11.42 -9.04
CA ASN A 34 19.13 11.83 -10.37
C ASN A 34 20.12 10.79 -10.92
N VAL A 35 21.14 10.43 -10.10
CA VAL A 35 22.14 9.40 -10.47
C VAL A 35 21.50 7.99 -10.53
N ALA A 36 20.40 7.77 -9.75
CA ALA A 36 19.65 6.51 -9.77
C ALA A 36 18.92 6.32 -11.11
N MET A 37 18.43 7.44 -11.68
CA MET A 37 17.78 7.46 -13.02
C MET A 37 18.74 6.93 -14.09
N ASP A 38 20.00 7.41 -14.03
CA ASP A 38 21.07 7.01 -14.96
C ASP A 38 21.44 5.53 -14.79
N CYS A 39 21.56 5.06 -13.54
CA CYS A 39 21.98 3.68 -13.23
C CYS A 39 20.96 2.64 -13.75
N ILE A 40 19.66 2.96 -13.61
CA ILE A 40 18.55 2.11 -14.08
C ILE A 40 18.44 2.20 -15.61
N SER A 41 18.49 3.43 -16.15
CA SER A 41 18.32 3.70 -17.61
C SER A 41 19.52 3.16 -18.42
N GLU A 42 20.65 2.94 -17.74
CA GLU A 42 21.88 2.36 -18.31
C GLU A 42 21.69 0.85 -18.58
N ALA A 43 20.99 0.18 -17.64
CA ALA A 43 20.77 -1.28 -17.71
C ALA A 43 19.90 -1.69 -18.93
N PHE A 44 19.10 -0.74 -19.44
CA PHE A 44 18.15 -0.98 -20.55
C PHE A 44 18.53 -0.14 -21.81
N GLY A 45 19.32 0.93 -21.60
CA GLY A 45 19.89 1.75 -22.70
C GLY A 45 18.87 2.65 -23.40
N PHE A 46 17.96 3.27 -22.63
CA PHE A 46 16.94 4.19 -23.19
C PHE A 46 17.23 5.63 -22.76
N GLU A 47 16.52 6.59 -23.36
CA GLU A 47 16.67 8.03 -23.07
C GLU A 47 15.69 8.43 -21.95
N ARG A 48 16.21 9.15 -20.93
CA ARG A 48 15.49 9.48 -19.69
C ARG A 48 14.40 10.54 -19.92
N GLU A 49 14.56 11.29 -21.01
CA GLU A 49 13.76 12.48 -21.33
C GLU A 49 12.41 12.08 -21.96
N ALA A 50 12.39 10.90 -22.61
CA ALA A 50 11.21 10.40 -23.34
C ALA A 50 10.27 9.59 -22.44
N VAL A 51 10.60 9.45 -21.13
CA VAL A 51 9.79 8.63 -20.17
C VAL A 51 8.34 9.11 -20.06
N SER A 52 8.13 10.43 -20.06
CA SER A 52 6.80 11.05 -20.02
C SER A 52 6.00 10.72 -21.31
N GLY A 53 6.75 10.53 -22.43
CA GLY A 53 6.18 10.06 -23.70
C GLY A 53 5.86 8.57 -23.68
N ILE A 54 6.70 7.78 -22.96
CA ILE A 54 6.50 6.32 -22.79
C ILE A 54 5.30 6.06 -21.85
N LEU A 55 4.95 7.05 -21.00
CA LEU A 55 3.73 6.97 -20.16
C LEU A 55 2.45 7.07 -21.00
N GLY A 56 2.56 7.80 -22.12
CA GLY A 56 1.48 7.86 -23.12
C GLY A 56 1.44 6.58 -23.96
N LYS A 57 2.64 6.08 -24.30
CA LYS A 57 2.83 4.91 -25.18
C LYS A 57 2.51 3.58 -24.47
N SER A 58 2.77 3.52 -23.16
CA SER A 58 2.57 2.31 -22.34
C SER A 58 1.26 2.44 -21.56
N GLU A 59 0.28 1.57 -21.87
CA GLU A 59 -1.01 1.53 -21.17
C GLU A 59 -0.83 0.99 -19.73
N PHE A 60 -0.04 -0.10 -19.62
CA PHE A 60 0.10 -0.96 -18.41
C PHE A 60 -1.20 -1.78 -18.18
N LYS A 61 -1.15 -2.75 -17.25
CA LYS A 61 -2.32 -3.63 -16.92
C LYS A 61 -2.71 -3.53 -15.44
N GLY A 62 -2.26 -2.45 -14.78
CA GLY A 62 -2.63 -2.16 -13.40
C GLY A 62 -2.36 -0.72 -13.04
N GLN A 63 -1.12 -0.26 -13.35
CA GLN A 63 -0.66 1.11 -13.05
C GLN A 63 -1.62 2.16 -13.66
N HIS A 64 -1.58 2.27 -15.02
CA HIS A 64 -2.44 3.20 -15.81
C HIS A 64 -2.33 4.67 -15.25
N LEU A 65 -3.32 5.03 -14.40
CA LEU A 65 -3.35 6.25 -13.58
C LEU A 65 -4.16 5.90 -12.31
N ALA A 66 -4.60 6.93 -11.56
CA ALA A 66 -5.50 6.79 -10.39
C ALA A 66 -4.75 6.28 -9.15
N ASP A 67 -4.14 5.06 -9.26
CA ASP A 67 -3.17 4.57 -8.27
C ASP A 67 -1.91 5.44 -8.33
N ILE A 68 -1.41 5.67 -9.56
CA ILE A 68 -0.20 6.48 -9.78
C ILE A 68 -0.62 7.88 -10.31
N LEU A 69 -0.18 8.93 -9.59
CA LEU A 69 -0.51 10.34 -9.91
C LEU A 69 0.80 11.15 -10.13
N ASN A 70 1.92 10.41 -10.27
CA ASN A 70 3.28 10.97 -10.41
C ASN A 70 3.79 10.74 -11.84
N SER A 71 2.95 11.11 -12.81
CA SER A 71 3.29 11.02 -14.24
C SER A 71 4.11 12.26 -14.67
N ALA A 72 3.47 13.44 -14.65
CA ALA A 72 4.09 14.73 -15.01
C ALA A 72 3.01 15.81 -14.92
N SER A 73 3.22 16.82 -14.05
CA SER A 73 2.23 17.87 -13.79
C SER A 73 2.83 18.96 -12.87
N ARG A 74 2.97 20.18 -13.42
CA ARG A 74 3.45 21.36 -12.66
C ARG A 74 2.64 22.58 -13.11
N VAL A 75 2.00 23.28 -12.15
CA VAL A 75 1.25 24.53 -12.42
C VAL A 75 2.20 25.65 -12.97
N PRO A 76 1.84 26.30 -14.13
CA PRO A 76 2.59 27.48 -14.66
C PRO A 76 2.49 28.69 -13.73
N GLU A 77 1.34 28.80 -13.05
CA GLU A 77 1.01 29.86 -12.08
C GLU A 77 -0.04 29.28 -11.10
N SER A 78 -0.13 29.86 -9.89
CA SER A 78 -1.09 29.45 -8.85
C SER A 78 -2.57 29.59 -9.34
N ASN A 79 -3.09 30.84 -9.38
CA ASN A 79 -4.49 31.12 -9.79
C ASN A 79 -4.67 32.66 -9.93
N LYS A 80 -3.74 33.30 -10.68
CA LYS A 80 -3.69 34.77 -10.88
C LYS A 80 -3.51 35.54 -9.55
N LYS A 81 -4.63 35.75 -8.83
CA LYS A 81 -4.73 36.54 -7.60
C LYS A 81 -4.52 38.05 -7.86
N ASP A 82 -3.26 38.44 -8.09
CA ASP A 82 -2.88 39.86 -8.28
C ASP A 82 -2.79 40.17 -9.79
N ASP A 83 -2.75 41.49 -10.11
CA ASP A 83 -2.84 42.05 -11.49
C ASP A 83 -4.27 41.91 -12.05
N ALA A 84 -5.25 41.93 -11.13
CA ALA A 84 -6.68 42.04 -11.46
C ALA A 84 -7.12 43.52 -11.55
N GLU A 85 -6.10 44.45 -11.48
CA GLU A 85 -6.27 45.92 -11.52
C GLU A 85 -6.94 46.49 -10.23
N ASN A 86 -7.25 45.57 -9.27
CA ASN A 86 -8.01 45.86 -8.02
C ASN A 86 -9.50 46.11 -8.34
N VAL A 87 -9.76 47.15 -9.18
CA VAL A 87 -11.08 47.52 -9.73
C VAL A 87 -12.08 47.80 -8.60
N GLU A 88 -11.84 48.93 -7.90
CA GLU A 88 -12.71 49.49 -6.83
C GLU A 88 -12.56 48.75 -5.47
N ILE A 89 -12.67 47.41 -5.49
CA ILE A 89 -12.79 46.54 -4.30
C ILE A 89 -11.63 46.77 -3.31
N ASN A 90 -10.40 46.62 -3.81
CA ASN A 90 -9.17 46.72 -2.99
C ASN A 90 -8.63 48.18 -2.99
N ILE A 91 -9.55 49.17 -3.15
CA ILE A 91 -9.22 50.61 -3.08
C ILE A 91 -10.28 51.31 -2.17
N PRO A 92 -9.93 51.66 -0.89
CA PRO A 92 -10.84 52.40 0.03
C PRO A 92 -11.12 53.85 -0.46
N GLU A 93 -12.05 53.96 -1.42
CA GLU A 93 -12.34 55.20 -2.17
C GLU A 93 -12.96 56.25 -1.23
N ASP A 94 -14.05 55.87 -0.57
CA ASP A 94 -14.91 56.80 0.20
C ASP A 94 -14.17 57.41 1.41
N ASP A 95 -13.23 56.64 1.97
CA ASP A 95 -12.52 57.02 3.21
C ASP A 95 -11.41 58.07 2.94
N ALA A 96 -11.14 58.35 1.64
CA ALA A 96 -10.09 59.31 1.22
C ALA A 96 -10.40 60.73 1.70
N GLU A 97 -11.65 61.17 1.51
CA GLU A 97 -12.08 62.53 1.86
C GLU A 97 -12.26 62.68 3.39
N THR A 98 -12.90 61.67 4.02
CA THR A 98 -13.37 61.73 5.41
C THR A 98 -12.20 61.79 6.42
N LYS A 99 -11.20 60.93 6.19
CA LYS A 99 -9.96 60.86 6.99
C LYS A 99 -9.20 62.21 6.94
N ALA A 100 -9.07 62.75 5.72
CA ALA A 100 -8.33 64.00 5.44
C ALA A 100 -9.15 65.27 5.81
N LYS A 101 -10.46 65.08 6.07
CA LYS A 101 -11.38 66.19 6.42
C LYS A 101 -11.21 66.57 7.91
N ALA A 102 -10.84 65.55 8.72
CA ALA A 102 -10.50 65.74 10.16
C ALA A 102 -9.28 66.68 10.34
N GLU A 103 -8.41 66.69 9.31
CA GLU A 103 -7.17 67.47 9.27
C GLU A 103 -7.44 69.00 9.35
N ASP A 104 -8.63 69.44 8.92
CA ASP A 104 -9.02 70.88 8.96
C ASP A 104 -9.17 71.37 10.42
N LEU A 105 -9.97 70.65 11.21
CA LEU A 105 -10.22 70.95 12.65
C LEU A 105 -8.95 70.68 13.48
N LYS A 106 -8.15 69.71 13.03
CA LYS A 106 -6.82 69.40 13.60
C LYS A 106 -5.91 70.64 13.47
N MET A 107 -5.92 71.24 12.25
CA MET A 107 -5.12 72.43 11.90
C MET A 107 -5.52 73.64 12.76
N GLN A 108 -6.84 73.73 13.03
CA GLN A 108 -7.42 74.75 13.92
C GLN A 108 -6.88 74.57 15.36
N GLY A 109 -6.82 73.30 15.81
CA GLY A 109 -6.26 72.95 17.13
C GLY A 109 -4.78 73.28 17.23
N ASN A 110 -4.06 73.15 16.09
CA ASN A 110 -2.62 73.46 15.98
C ASN A 110 -2.34 74.95 16.07
N LYS A 111 -3.18 75.79 15.44
CA LYS A 111 -3.02 77.26 15.44
C LYS A 111 -3.33 77.85 16.84
N ALA A 112 -4.26 77.20 17.56
CA ALA A 112 -4.57 77.52 18.97
C ALA A 112 -3.38 77.11 19.87
N MET A 113 -2.89 75.88 19.65
CA MET A 113 -1.73 75.30 20.38
C MET A 113 -0.45 76.13 20.15
N ALA A 114 -0.35 76.74 18.95
CA ALA A 114 0.80 77.57 18.55
C ALA A 114 0.90 78.85 19.41
N ASN A 115 -0.27 79.41 19.77
CA ASN A 115 -0.37 80.63 20.61
C ASN A 115 -0.69 80.24 22.07
N LYS A 116 -0.51 78.93 22.40
CA LYS A 116 -0.68 78.35 23.75
C LYS A 116 -2.12 78.56 24.31
N ASP A 117 -3.10 78.71 23.39
CA ASP A 117 -4.53 78.70 23.71
C ASP A 117 -5.00 77.24 23.74
N TYR A 118 -4.64 76.53 24.83
CA TYR A 118 -4.92 75.09 25.00
C TYR A 118 -6.44 74.83 25.03
N GLU A 119 -7.20 75.81 25.55
CA GLU A 119 -8.66 75.70 25.73
C GLU A 119 -9.39 75.27 24.43
N LEU A 120 -9.32 76.06 23.34
CA LEU A 120 -9.98 75.71 22.06
C LEU A 120 -9.13 74.72 21.25
N ALA A 121 -7.82 74.58 21.56
CA ALA A 121 -6.97 73.54 20.94
C ALA A 121 -7.57 72.14 21.24
N ILE A 122 -7.84 71.92 22.54
CA ILE A 122 -8.53 70.74 23.09
C ILE A 122 -9.87 70.50 22.38
N ASN A 123 -10.68 71.57 22.30
CA ASN A 123 -12.01 71.56 21.65
C ASN A 123 -11.93 71.04 20.21
N LYS A 124 -11.01 71.61 19.43
CA LYS A 124 -10.85 71.29 17.99
C LYS A 124 -10.21 69.88 17.80
N TYR A 125 -9.47 69.37 18.81
CA TYR A 125 -8.94 67.99 18.80
C TYR A 125 -10.01 66.98 19.26
N THR A 126 -11.06 67.48 19.93
CA THR A 126 -12.23 66.65 20.34
C THR A 126 -13.28 66.61 19.19
N GLU A 127 -13.27 67.64 18.34
CA GLU A 127 -14.12 67.72 17.14
C GLU A 127 -13.50 66.91 15.98
N ALA A 128 -12.19 67.06 15.79
CA ALA A 128 -11.43 66.36 14.72
C ALA A 128 -11.33 64.85 14.98
N ILE A 129 -11.35 64.45 16.27
CA ILE A 129 -11.28 63.04 16.67
C ILE A 129 -12.64 62.35 16.49
N LYS A 130 -13.72 63.15 16.55
CA LYS A 130 -15.08 62.67 16.34
C LYS A 130 -15.25 62.23 14.86
N VAL A 131 -14.38 62.78 13.99
CA VAL A 131 -14.27 62.40 12.57
C VAL A 131 -13.29 61.21 12.41
N LEU A 132 -12.17 61.25 13.17
CA LEU A 132 -11.08 60.26 13.04
C LEU A 132 -10.58 59.83 14.46
N PRO A 133 -11.26 58.83 15.12
CA PRO A 133 -10.88 58.33 16.47
C PRO A 133 -9.72 57.33 16.46
N THR A 134 -9.32 56.93 15.23
CA THR A 134 -8.25 55.95 14.98
C THR A 134 -6.88 56.64 14.81
N ASN A 135 -6.73 57.81 15.44
CA ASN A 135 -5.47 58.53 15.46
C ASN A 135 -5.16 58.91 16.92
N ALA A 136 -4.05 58.36 17.43
CA ALA A 136 -3.60 58.54 18.83
C ALA A 136 -3.19 59.99 19.13
N ILE A 137 -2.88 60.74 18.06
CA ILE A 137 -2.38 62.12 18.18
C ILE A 137 -3.43 63.04 18.81
N TYR A 138 -4.71 62.91 18.37
CA TYR A 138 -5.84 63.76 18.88
C TYR A 138 -6.03 63.61 20.41
N TYR A 139 -5.61 62.45 20.93
CA TYR A 139 -5.55 62.18 22.37
C TYR A 139 -4.28 62.81 22.97
N ALA A 140 -3.12 62.51 22.35
CA ALA A 140 -1.77 62.79 22.91
C ALA A 140 -1.49 64.31 23.08
N ASN A 141 -1.86 65.10 22.06
CA ASN A 141 -1.68 66.57 22.06
C ASN A 141 -2.70 67.25 22.99
N ARG A 142 -3.87 66.61 23.15
CA ARG A 142 -4.92 67.07 24.06
C ARG A 142 -4.54 66.76 25.52
N ALA A 143 -3.80 65.65 25.69
CA ALA A 143 -3.26 65.21 26.99
C ALA A 143 -2.09 66.10 27.41
N ALA A 144 -1.30 66.53 26.40
CA ALA A 144 -0.20 67.50 26.58
C ALA A 144 -0.78 68.87 26.99
N ALA A 145 -1.90 69.23 26.33
CA ALA A 145 -2.64 70.48 26.61
C ALA A 145 -3.20 70.47 28.04
N HIS A 146 -3.86 69.37 28.41
CA HIS A 146 -4.47 69.19 29.74
C HIS A 146 -3.40 69.08 30.84
N SER A 147 -2.25 68.47 30.52
CA SER A 147 -1.13 68.34 31.48
C SER A 147 -0.50 69.70 31.77
N SER A 148 -0.44 70.57 30.75
CA SER A 148 0.04 71.96 30.88
C SER A 148 -0.94 72.77 31.75
N LEU A 149 -2.25 72.60 31.47
CA LEU A 149 -3.36 73.20 32.25
C LEU A 149 -3.50 72.54 33.63
N LYS A 150 -2.76 71.41 33.83
CA LYS A 150 -2.70 70.63 35.09
C LYS A 150 -4.02 69.90 35.40
N GLU A 151 -4.86 69.78 34.36
CA GLU A 151 -6.04 68.91 34.38
C GLU A 151 -5.59 67.46 34.13
N TYR A 152 -4.95 66.86 35.15
CA TYR A 152 -4.36 65.51 35.05
C TYR A 152 -5.45 64.44 34.90
N ASP A 153 -6.64 64.73 35.42
CA ASP A 153 -7.82 63.85 35.33
C ASP A 153 -8.20 63.58 33.86
N GLN A 154 -8.11 64.63 33.03
CA GLN A 154 -8.39 64.57 31.58
C GLN A 154 -7.15 64.05 30.82
N ALA A 155 -5.96 64.51 31.25
CA ALA A 155 -4.66 64.12 30.64
C ALA A 155 -4.37 62.61 30.79
N VAL A 156 -4.95 62.03 31.86
CA VAL A 156 -4.98 60.58 32.09
C VAL A 156 -5.77 59.90 30.95
N LYS A 157 -7.02 60.35 30.80
CA LYS A 157 -8.02 59.73 29.90
C LYS A 157 -7.54 59.70 28.44
N ASP A 158 -7.04 60.84 27.97
CA ASP A 158 -6.58 61.02 26.59
C ASP A 158 -5.35 60.13 26.31
N ALA A 159 -4.28 60.32 27.11
CA ALA A 159 -2.98 59.61 26.92
C ALA A 159 -3.13 58.08 27.10
N GLU A 160 -4.17 57.68 27.83
CA GLU A 160 -4.57 56.27 28.00
C GLU A 160 -5.15 55.72 26.69
N SER A 161 -6.16 56.44 26.15
CA SER A 161 -6.90 55.99 24.96
C SER A 161 -6.04 56.00 23.68
N ALA A 162 -4.92 56.75 23.71
CA ALA A 162 -3.93 56.80 22.62
C ALA A 162 -3.25 55.42 22.37
N ILE A 163 -3.14 54.62 23.44
CA ILE A 163 -2.41 53.34 23.46
C ILE A 163 -3.03 52.27 22.53
N SER A 164 -4.37 52.30 22.39
CA SER A 164 -5.07 51.33 21.52
C SER A 164 -4.65 51.49 20.05
N ILE A 165 -4.60 52.76 19.60
CA ILE A 165 -4.21 53.12 18.23
C ILE A 165 -2.74 52.74 18.01
N ASP A 166 -1.86 53.20 18.91
CA ASP A 166 -0.40 52.96 18.80
C ASP A 166 0.16 52.49 20.16
N PRO A 167 0.39 51.14 20.34
CA PRO A 167 0.90 50.55 21.61
C PRO A 167 2.45 50.62 21.71
N SER A 168 3.08 51.44 20.87
CA SER A 168 4.54 51.69 20.92
C SER A 168 4.80 53.21 21.08
N TYR A 169 3.72 54.00 21.31
CA TYR A 169 3.81 55.46 21.38
C TYR A 169 4.36 55.90 22.76
N PHE A 170 5.70 55.96 22.84
CA PHE A 170 6.47 56.34 24.07
C PHE A 170 5.98 57.67 24.68
N ARG A 171 5.72 58.66 23.82
CA ARG A 171 5.24 59.99 24.25
C ARG A 171 3.85 59.91 24.91
N GLY A 172 3.04 58.91 24.48
CA GLY A 172 1.72 58.64 25.09
C GLY A 172 1.85 58.06 26.49
N TYR A 173 2.77 57.08 26.65
CA TYR A 173 3.10 56.47 27.96
C TYR A 173 3.76 57.50 28.91
N SER A 174 4.47 58.47 28.32
CA SER A 174 5.17 59.54 29.03
C SER A 174 4.14 60.47 29.71
N ARG A 175 3.06 60.83 28.98
CA ARG A 175 2.00 61.74 29.50
C ARG A 175 1.08 61.00 30.47
N LEU A 176 0.75 59.74 30.12
CA LEU A 176 -0.14 58.90 30.94
C LEU A 176 0.47 58.67 32.32
N GLY A 177 1.73 58.21 32.34
CA GLY A 177 2.43 57.90 33.57
C GLY A 177 2.54 59.11 34.51
N PHE A 178 2.87 60.27 33.92
CA PHE A 178 3.03 61.54 34.67
C PHE A 178 1.70 61.96 35.35
N ALA A 179 0.63 62.01 34.54
CA ALA A 179 -0.70 62.47 34.99
C ALA A 179 -1.33 61.47 35.98
N LYS A 180 -1.12 60.17 35.72
CA LYS A 180 -1.69 59.06 36.51
C LYS A 180 -1.05 59.00 37.91
N TYR A 181 0.27 59.22 37.93
CA TYR A 181 1.07 59.28 39.17
C TYR A 181 0.65 60.53 39.99
N ALA A 182 0.39 61.63 39.28
CA ALA A 182 -0.07 62.90 39.86
C ALA A 182 -1.49 62.78 40.47
N GLN A 183 -2.31 61.87 39.92
CA GLN A 183 -3.68 61.57 40.43
C GLN A 183 -3.64 60.58 41.62
N GLY A 184 -2.46 59.98 41.87
CA GLY A 184 -2.29 59.02 42.96
C GLY A 184 -2.91 57.66 42.63
N LYS A 185 -2.77 57.26 41.36
CA LYS A 185 -3.25 55.96 40.86
C LYS A 185 -2.10 55.26 40.08
N PRO A 186 -0.87 55.11 40.71
CA PRO A 186 0.37 54.76 39.98
C PRO A 186 0.48 53.27 39.64
N GLU A 187 -0.60 52.51 39.92
CA GLU A 187 -0.79 51.14 39.44
C GLU A 187 -0.62 51.08 37.90
N GLU A 188 -1.27 52.04 37.20
CA GLU A 188 -1.26 52.14 35.74
C GLU A 188 -0.05 52.96 35.25
N ALA A 189 0.41 53.91 36.09
CA ALA A 189 1.60 54.73 35.79
C ALA A 189 2.85 53.86 35.72
N LEU A 190 2.93 52.87 36.62
CA LEU A 190 4.00 51.85 36.66
C LEU A 190 4.06 51.13 35.32
N GLU A 191 2.88 50.72 34.82
CA GLU A 191 2.76 49.98 33.55
C GLU A 191 3.16 50.87 32.36
N ALA A 192 2.84 52.17 32.44
CA ALA A 192 3.20 53.16 31.40
C ALA A 192 4.73 53.30 31.28
N TYR A 193 5.39 53.45 32.45
CA TYR A 193 6.86 53.56 32.54
C TYR A 193 7.51 52.21 32.25
N LYS A 194 6.82 51.11 32.58
CA LYS A 194 7.33 49.74 32.33
C LYS A 194 7.33 49.46 30.84
N LYS A 195 6.33 50.00 30.13
CA LYS A 195 6.22 49.90 28.66
C LYS A 195 7.33 50.71 27.97
N VAL A 196 7.75 51.83 28.59
CA VAL A 196 8.95 52.57 28.14
C VAL A 196 10.18 51.65 28.26
N LEU A 197 10.37 51.08 29.46
CA LEU A 197 11.52 50.21 29.78
C LEU A 197 11.43 48.85 29.05
N ASP A 198 10.24 48.54 28.51
CA ASP A 198 9.96 47.28 27.78
C ASP A 198 10.32 47.43 26.29
N ILE A 199 9.63 48.36 25.60
CA ILE A 199 9.76 48.55 24.14
C ILE A 199 11.12 49.18 23.77
N GLU A 200 11.56 50.13 24.59
CA GLU A 200 12.83 50.85 24.38
C GLU A 200 13.99 50.02 24.96
N GLY A 201 13.70 49.34 26.10
CA GLY A 201 14.58 48.30 26.66
C GLY A 201 15.96 48.79 27.07
N ASP A 202 16.99 48.36 26.31
CA ASP A 202 18.39 48.74 26.51
C ASP A 202 18.56 50.26 26.34
N ASN A 203 17.84 50.80 25.33
CA ASN A 203 17.94 52.20 24.90
C ASN A 203 17.19 53.14 25.86
N ALA A 204 16.34 52.57 26.75
CA ALA A 204 15.62 53.33 27.79
C ALA A 204 16.63 53.74 28.87
N THR A 205 16.74 55.06 29.12
CA THR A 205 17.72 55.60 30.08
C THR A 205 17.40 55.10 31.51
N GLU A 206 18.47 54.93 32.32
CA GLU A 206 18.34 54.53 33.73
C GLU A 206 17.49 55.55 34.52
N ALA A 207 17.53 56.81 34.07
CA ALA A 207 16.78 57.92 34.66
C ALA A 207 15.24 57.70 34.55
N MET A 208 14.80 57.05 33.46
CA MET A 208 13.36 56.70 33.26
C MET A 208 12.87 55.68 34.34
N LYS A 209 13.80 54.81 34.81
CA LYS A 209 13.50 53.77 35.81
C LYS A 209 13.23 54.35 37.21
N ARG A 210 13.65 55.62 37.43
CA ARG A 210 13.36 56.36 38.69
C ARG A 210 11.84 56.45 38.89
N ASP A 211 11.10 56.69 37.80
CA ASP A 211 9.63 56.78 37.81
C ASP A 211 8.97 55.42 38.12
N TYR A 212 9.62 54.34 37.65
CA TYR A 212 9.13 52.95 37.82
C TYR A 212 9.18 52.50 39.29
N GLU A 213 10.35 52.69 39.93
CA GLU A 213 10.58 52.33 41.35
C GLU A 213 9.76 53.25 42.29
N SER A 214 9.57 54.52 41.84
CA SER A 214 8.79 55.53 42.58
C SER A 214 7.29 55.25 42.45
N ALA A 215 6.88 54.62 41.33
CA ALA A 215 5.49 54.24 41.09
C ALA A 215 5.07 53.10 42.04
N LYS A 216 5.92 52.03 42.08
CA LYS A 216 5.60 50.77 42.79
C LYS A 216 5.32 50.98 44.28
N LYS A 217 6.15 51.80 44.93
CA LYS A 217 6.03 52.08 46.37
C LYS A 217 4.71 52.81 46.70
N LYS A 218 4.18 53.56 45.72
CA LYS A 218 2.92 54.32 45.83
C LYS A 218 1.73 53.49 45.29
N VAL A 219 2.00 52.37 44.57
CA VAL A 219 0.94 51.42 44.14
C VAL A 219 0.24 50.82 45.38
N GLU A 220 1.04 50.65 46.45
CA GLU A 220 0.58 50.13 47.75
C GLU A 220 -0.69 50.87 48.24
N GLN A 221 -0.68 52.22 48.17
CA GLN A 221 -1.81 53.05 48.64
C GLN A 221 -2.99 53.05 47.64
N SER A 222 -2.72 52.85 46.32
CA SER A 222 -3.79 52.83 45.29
C SER A 222 -4.62 51.52 45.37
N LEU A 223 -4.11 50.51 46.12
CA LEU A 223 -4.88 49.28 46.46
C LEU A 223 -6.13 49.61 47.33
N ASN A 224 -6.13 50.82 47.95
CA ASN A 224 -7.26 51.33 48.76
C ASN A 224 -8.41 51.85 47.86
N LEU A 225 -8.07 52.44 46.69
CA LEU A 225 -9.07 53.09 45.80
C LEU A 225 -9.53 52.18 44.66
N GLU A 226 -8.72 51.14 44.36
CA GLU A 226 -8.91 50.29 43.14
C GLU A 226 -10.30 49.61 43.06
N LYS A 227 -10.67 49.22 41.83
CA LYS A 227 -11.94 48.50 41.54
C LYS A 227 -11.69 47.30 40.63
N THR A 228 -12.72 46.45 40.48
CA THR A 228 -12.71 45.33 39.53
C THR A 228 -12.75 45.88 38.09
N VAL A 229 -13.72 46.79 37.85
CA VAL A 229 -13.87 47.50 36.58
C VAL A 229 -13.67 49.02 36.87
N PRO A 230 -12.45 49.59 36.59
CA PRO A 230 -12.16 51.03 36.81
C PRO A 230 -13.11 51.96 36.04
N GLU A 231 -13.24 51.69 34.72
CA GLU A 231 -13.98 52.54 33.73
C GLU A 231 -13.31 53.94 33.58
N GLN A 232 -13.94 54.81 32.74
CA GLN A 232 -13.42 56.14 32.32
C GLN A 232 -12.19 55.97 31.42
N SER A 233 -11.12 55.39 32.00
CA SER A 233 -10.01 54.82 31.27
C SER A 233 -10.53 53.61 30.44
N ARG A 234 -10.92 53.90 29.18
CA ARG A 234 -11.67 52.98 28.31
C ARG A 234 -10.84 51.75 27.89
N ASP A 235 -9.77 51.97 27.12
CA ASP A 235 -8.98 50.88 26.51
C ASP A 235 -8.15 50.12 27.54
N ALA A 236 -7.70 50.81 28.59
CA ALA A 236 -6.96 50.18 29.71
C ALA A 236 -7.84 49.12 30.40
N ASP A 237 -9.16 49.36 30.39
CA ASP A 237 -10.17 48.44 30.93
C ASP A 237 -10.55 47.36 29.89
N VAL A 238 -10.82 47.78 28.63
CA VAL A 238 -11.53 46.92 27.64
C VAL A 238 -10.59 46.22 26.64
N ASP A 239 -9.55 46.92 26.12
CA ASP A 239 -8.77 46.44 24.94
C ASP A 239 -7.28 46.90 24.92
N ALA A 240 -7.05 48.20 24.57
CA ALA A 240 -5.71 48.85 24.52
C ALA A 240 -4.79 48.27 23.42
N SER A 241 -5.35 47.58 22.40
CA SER A 241 -4.54 46.77 21.47
C SER A 241 -5.16 46.62 20.05
N GLN A 242 -6.35 47.23 19.81
CA GLN A 242 -7.16 47.06 18.55
C GLN A 242 -7.44 45.55 18.25
N GLY A 243 -7.55 44.76 19.35
CA GLY A 243 -7.72 43.32 19.30
C GLY A 243 -6.94 42.68 20.45
N ALA A 244 -7.61 41.85 21.28
CA ALA A 244 -7.02 41.28 22.53
C ALA A 244 -5.75 40.45 22.28
N SER A 245 -5.58 39.98 21.02
CA SER A 245 -4.39 39.26 20.53
C SER A 245 -4.26 37.84 21.13
N ALA A 246 -5.29 37.39 21.88
CA ALA A 246 -5.33 36.02 22.45
C ALA A 246 -5.68 34.99 21.35
N GLY A 247 -6.24 35.49 20.24
CA GLY A 247 -6.53 34.68 19.05
C GLY A 247 -7.06 35.55 17.91
N GLY A 248 -7.12 34.98 16.69
CA GLY A 248 -7.66 35.70 15.51
C GLY A 248 -6.61 36.53 14.78
N LEU A 249 -5.79 37.27 15.55
CA LEU A 249 -4.69 38.10 15.02
C LEU A 249 -3.56 37.24 14.37
N PRO A 250 -3.02 36.15 15.01
CA PRO A 250 -1.94 35.32 14.40
C PRO A 250 -2.46 34.42 13.25
N ASP A 251 -1.73 34.43 12.11
CA ASP A 251 -2.00 33.56 10.95
C ASP A 251 -0.93 32.45 10.89
N LEU A 252 -1.40 31.20 10.68
CA LEU A 252 -0.55 29.99 10.62
C LEU A 252 0.36 29.98 9.37
N GLY A 253 -0.12 30.60 8.27
CA GLY A 253 0.59 30.60 6.99
C GLY A 253 -0.36 30.47 5.81
N SER A 254 -1.52 31.17 5.93
CA SER A 254 -2.55 31.29 4.89
C SER A 254 -3.13 29.91 4.49
N LEU A 255 -3.24 29.02 5.50
CA LEU A 255 -3.77 27.63 5.41
C LEU A 255 -2.70 26.66 4.84
N LEU A 256 -1.64 27.21 4.19
CA LEU A 256 -0.62 26.45 3.44
C LEU A 256 -1.31 25.67 2.28
N GLY A 257 -2.31 26.35 1.66
CA GLY A 257 -3.17 25.75 0.64
C GLY A 257 -2.41 25.35 -0.62
N GLY A 258 -2.40 24.04 -0.91
CA GLY A 258 -1.70 23.49 -2.06
C GLY A 258 -0.49 22.69 -1.68
N GLY A 259 -0.04 22.83 -0.41
CA GLY A 259 1.12 22.10 0.13
C GLY A 259 2.44 22.65 -0.41
N LEU A 260 2.72 22.33 -1.69
CA LEU A 260 3.90 22.78 -2.42
C LEU A 260 3.74 24.25 -2.89
N GLY A 261 2.54 24.85 -2.65
CA GLY A 261 2.28 26.28 -2.93
C GLY A 261 1.28 26.46 -4.06
N GLY A 262 -0.02 26.42 -3.71
CA GLY A 262 -1.11 26.64 -4.67
C GLY A 262 -1.25 25.52 -5.70
N LEU A 263 -0.70 24.34 -5.36
CA LEU A 263 -0.73 23.14 -6.23
C LEU A 263 -1.98 22.28 -5.91
N MET A 264 -2.24 21.28 -6.75
CA MET A 264 -3.30 20.28 -6.52
C MET A 264 -2.81 19.12 -5.60
N ASN A 265 -1.58 19.28 -5.05
CA ASN A 265 -0.85 18.26 -4.24
C ASN A 265 -0.52 17.02 -5.10
N ASN A 266 -1.54 16.18 -5.38
CA ASN A 266 -1.46 15.12 -6.40
C ASN A 266 -2.11 15.66 -7.69
N PRO A 267 -1.30 16.21 -8.65
CA PRO A 267 -1.83 16.90 -9.84
C PRO A 267 -2.01 15.97 -11.07
N GLN A 268 -1.59 14.67 -10.93
CA GLN A 268 -1.78 13.59 -11.92
C GLN A 268 -1.02 13.85 -13.25
N LEU A 269 -1.68 14.65 -14.10
CA LEU A 269 -1.22 14.96 -15.48
C LEU A 269 -1.85 16.33 -15.83
N MET A 270 -2.03 16.66 -17.14
CA MET A 270 -2.74 17.89 -17.62
C MET A 270 -1.87 19.17 -17.52
N GLN A 271 -1.36 19.46 -16.32
CA GLN A 271 -0.50 20.63 -16.02
C GLN A 271 0.89 20.51 -16.71
N ALA A 272 1.19 19.31 -17.25
CA ALA A 272 2.39 19.06 -18.10
C ALA A 272 2.20 19.58 -19.54
N ALA A 273 1.05 20.23 -19.83
CA ALA A 273 0.78 20.89 -21.12
C ALA A 273 1.71 22.11 -21.36
N GLN A 274 2.33 22.59 -20.26
CA GLN A 274 3.41 23.61 -20.30
C GLN A 274 4.64 23.06 -21.09
N LYS A 275 4.88 21.74 -20.90
CA LYS A 275 5.91 20.94 -21.59
C LYS A 275 7.33 21.26 -21.09
N MET A 276 8.09 20.20 -20.73
CA MET A 276 9.46 20.30 -20.22
C MET A 276 10.45 19.99 -21.36
N MET A 277 11.14 21.05 -21.85
CA MET A 277 12.11 20.94 -22.95
C MET A 277 13.40 20.27 -22.44
N SER A 278 13.75 19.11 -23.00
CA SER A 278 14.92 18.31 -22.56
C SER A 278 15.45 17.44 -23.74
N ASN A 279 14.61 16.49 -24.18
CA ASN A 279 14.78 15.62 -25.40
C ASN A 279 16.23 15.00 -25.59
N PRO A 280 17.29 15.64 -26.26
CA PRO A 280 18.65 15.01 -26.32
C PRO A 280 19.48 15.30 -25.03
N GLY A 281 19.08 14.70 -23.90
CA GLY A 281 19.72 14.93 -22.60
C GLY A 281 20.70 13.81 -22.20
N ALA A 282 20.22 12.57 -22.29
CA ALA A 282 21.00 11.37 -21.95
C ALA A 282 21.89 10.93 -23.12
N MET A 283 21.34 11.06 -24.35
CA MET A 283 22.04 10.66 -25.60
C MET A 283 23.08 11.75 -25.96
N GLN A 284 24.38 11.41 -25.81
CA GLN A 284 25.52 12.32 -26.09
C GLN A 284 26.84 11.52 -26.10
N ASN A 285 27.65 11.74 -27.18
CA ASN A 285 29.02 11.21 -27.35
C ASN A 285 29.09 9.67 -27.49
N ILE A 286 30.31 9.16 -27.80
CA ILE A 286 30.59 7.72 -27.97
C ILE A 286 31.93 7.37 -27.27
N GLN A 287 32.13 6.07 -26.93
CA GLN A 287 33.41 5.57 -26.40
C GLN A 287 34.31 5.09 -27.57
N LYS A 288 34.97 6.08 -28.24
CA LYS A 288 36.01 5.88 -29.28
C LYS A 288 35.52 5.08 -30.52
N MET A 289 35.48 3.73 -30.41
CA MET A 289 35.09 2.80 -31.52
C MET A 289 33.62 2.36 -31.39
N MET A 290 32.82 3.14 -30.65
CA MET A 290 31.38 2.85 -30.39
C MET A 290 30.47 3.23 -31.61
N GLN A 291 31.08 3.34 -32.80
CA GLN A 291 30.38 3.57 -34.07
C GLN A 291 31.15 2.87 -35.19
N ASP A 292 30.50 2.79 -36.35
CA ASP A 292 31.12 2.39 -37.62
C ASP A 292 30.10 2.59 -38.74
N PRO A 293 30.52 3.20 -39.91
CA PRO A 293 29.70 3.20 -41.13
C PRO A 293 29.46 1.76 -41.62
N SER A 294 28.43 1.11 -41.06
CA SER A 294 28.14 -0.32 -41.30
C SER A 294 27.31 -0.56 -42.58
N ILE A 295 26.90 0.53 -43.25
CA ILE A 295 26.05 0.45 -44.45
C ILE A 295 26.92 0.05 -45.66
N ARG A 296 27.71 1.02 -46.19
CA ARG A 296 28.75 0.82 -47.21
C ARG A 296 28.23 0.11 -48.49
N GLN A 297 26.91 0.22 -48.74
CA GLN A 297 26.26 -0.42 -49.91
C GLN A 297 26.38 0.47 -51.16
N MET A 298 26.95 1.70 -50.97
CA MET A 298 27.21 2.70 -52.03
C MET A 298 25.89 3.29 -52.59
N ALA A 299 25.15 2.47 -53.38
CA ALA A 299 23.86 2.87 -53.96
C ALA A 299 22.89 1.69 -54.11
N GLU A 300 23.36 0.46 -53.78
CA GLU A 300 22.67 -0.82 -54.09
C GLU A 300 21.24 -0.90 -53.51
N GLY A 301 21.07 -0.40 -52.26
CA GLY A 301 19.78 -0.45 -51.54
C GLY A 301 18.66 0.39 -52.16
N PHE A 302 19.02 1.26 -53.13
CA PHE A 302 18.07 2.08 -53.89
C PHE A 302 18.51 2.17 -55.36
N ALA A 303 19.25 1.14 -55.85
CA ALA A 303 19.75 1.10 -57.25
C ALA A 303 18.73 0.41 -58.18
N SER A 304 18.27 -0.78 -57.75
CA SER A 304 17.40 -1.65 -58.57
C SER A 304 15.95 -1.14 -58.58
N GLY A 305 15.43 -0.81 -57.37
CA GLY A 305 14.02 -0.41 -57.20
C GLY A 305 13.06 -1.56 -57.47
N GLY A 306 13.39 -2.74 -56.92
CA GLY A 306 12.66 -3.99 -57.17
C GLY A 306 13.24 -4.79 -58.32
N GLY A 307 13.90 -4.09 -59.26
CA GLY A 307 14.51 -4.69 -60.46
C GLY A 307 14.41 -3.73 -61.62
N THR A 308 13.16 -3.47 -62.05
CA THR A 308 12.81 -2.45 -63.07
C THR A 308 11.53 -1.72 -62.59
N PRO A 309 11.66 -0.53 -61.92
CA PRO A 309 10.51 0.17 -61.29
C PRO A 309 9.54 0.78 -62.33
N ASN A 310 9.97 1.89 -62.96
CA ASN A 310 9.09 2.78 -63.75
C ASN A 310 8.98 2.32 -65.22
N LEU A 311 10.09 1.78 -65.78
CA LEU A 311 10.21 1.50 -67.23
C LEU A 311 9.27 0.38 -67.67
N SER A 312 8.93 -0.53 -66.74
CA SER A 312 8.05 -1.70 -67.01
C SER A 312 6.66 -1.32 -67.59
N ASP A 313 6.30 -0.03 -67.44
CA ASP A 313 5.06 0.58 -67.97
C ASP A 313 4.86 0.30 -69.50
N LEU A 314 5.98 0.17 -70.26
CA LEU A 314 5.94 -0.06 -71.73
C LEU A 314 5.41 -1.45 -72.10
N MET A 315 5.48 -2.42 -71.15
CA MET A 315 4.89 -3.76 -71.32
C MET A 315 3.37 -3.62 -71.52
N ASN A 316 2.75 -2.76 -70.68
CA ASN A 316 1.34 -2.41 -70.81
C ASN A 316 1.13 -1.65 -72.13
N ASN A 317 0.54 -2.34 -73.11
CA ASN A 317 0.26 -1.78 -74.44
C ASN A 317 -1.24 -1.92 -74.78
N PRO A 318 -1.82 -0.96 -75.57
CA PRO A 318 -3.27 -0.97 -75.90
C PRO A 318 -3.64 -2.17 -76.82
N ALA A 319 -4.11 -3.26 -76.18
CA ALA A 319 -4.40 -4.54 -76.87
C ALA A 319 -5.79 -4.55 -77.54
N LEU A 320 -6.56 -3.45 -77.39
CA LEU A 320 -7.89 -3.29 -78.02
C LEU A 320 -7.74 -3.25 -79.56
N ARG A 321 -6.67 -2.55 -80.01
CA ARG A 321 -6.29 -2.39 -81.45
C ARG A 321 -7.32 -1.51 -82.20
N ASN A 322 -6.90 -0.95 -83.38
CA ASN A 322 -7.77 -0.07 -84.19
C ASN A 322 -8.91 -0.89 -84.85
N MET A 323 -10.07 -0.94 -84.14
CA MET A 323 -11.37 -1.56 -84.55
C MET A 323 -11.24 -2.94 -85.25
N ALA A 324 -10.88 -2.95 -86.54
CA ALA A 324 -10.83 -4.16 -87.37
C ALA A 324 -9.94 -3.90 -88.59
N GLY A 325 -10.24 -2.79 -89.28
CA GLY A 325 -9.51 -2.38 -90.47
C GLY A 325 -10.24 -1.27 -91.23
N ASN A 326 -10.42 -0.12 -90.53
CA ASN A 326 -11.16 1.05 -91.05
C ASN A 326 -12.66 0.69 -91.29
N LEU A 327 -13.47 0.91 -90.24
CA LEU A 327 -14.86 0.40 -90.18
C LEU A 327 -15.85 1.35 -90.90
N PHE A 328 -15.40 2.61 -91.16
CA PHE A 328 -16.25 3.73 -91.66
C PHE A 328 -17.32 4.12 -90.61
N GLY A 329 -17.03 3.83 -89.32
CA GLY A 329 -17.95 4.08 -88.21
C GLY A 329 -18.08 5.57 -87.89
N GLY A 330 -18.99 6.25 -88.62
CA GLY A 330 -19.21 7.69 -88.47
C GLY A 330 -18.30 8.50 -89.41
N ALA A 331 -17.78 9.64 -88.88
CA ALA A 331 -16.89 10.58 -89.61
C ALA A 331 -17.57 11.15 -90.89
N GLY A 332 -17.51 10.40 -92.02
CA GLY A 332 -18.11 10.80 -93.29
C GLY A 332 -19.62 10.54 -93.35
N ALA A 333 -20.15 9.88 -92.30
CA ALA A 333 -21.60 9.60 -92.14
C ALA A 333 -22.33 10.79 -91.46
N GLN A 334 -21.70 11.99 -91.46
CA GLN A 334 -22.27 13.24 -90.92
C GLN A 334 -23.47 13.71 -91.80
N SER A 335 -24.23 14.71 -91.29
CA SER A 335 -25.50 15.22 -91.88
C SER A 335 -25.47 15.36 -93.41
N THR A 336 -26.26 14.52 -94.10
CA THR A 336 -26.33 14.42 -95.57
C THR A 336 -26.69 15.78 -96.22
N ASP A 337 -27.67 16.50 -95.63
CA ASP A 337 -28.12 17.81 -96.15
C ASP A 337 -28.03 18.88 -95.06
N GLU A 338 -28.25 18.44 -93.79
CA GLU A 338 -28.26 19.30 -92.58
C GLU A 338 -29.43 20.29 -92.64
N THR A 339 -30.63 19.72 -92.53
CA THR A 339 -31.92 20.44 -92.54
C THR A 339 -32.47 20.45 -91.08
N PRO A 340 -33.78 20.81 -90.78
CA PRO A 340 -34.41 20.45 -89.48
C PRO A 340 -34.38 18.93 -89.23
N ASP A 341 -33.21 18.44 -88.76
CA ASP A 341 -32.92 17.02 -88.52
C ASP A 341 -33.35 16.63 -87.09
N ASN A 342 -32.73 15.56 -86.54
CA ASN A 342 -32.80 15.24 -85.10
C ASN A 342 -32.16 16.38 -84.28
N GLU A 343 -31.27 17.16 -84.95
CA GLU A 343 -30.73 18.47 -84.49
C GLU A 343 -29.54 18.33 -83.49
N ASN A 344 -29.64 17.34 -82.56
CA ASN A 344 -28.60 17.05 -81.54
C ASN A 344 -28.49 18.21 -80.53
N LYS A 345 -27.75 19.26 -80.91
CA LYS A 345 -27.47 20.43 -80.06
C LYS A 345 -28.68 21.41 -80.08
N GLN A 346 -28.67 22.37 -81.04
CA GLN A 346 -29.76 23.35 -81.25
C GLN A 346 -29.38 24.30 -82.40
N TYR A 347 -30.32 24.52 -83.35
CA TYR A 347 -30.14 25.49 -84.46
C TYR A 347 -31.52 25.79 -85.10
N MET B 1 -2.56 8.09 -3.18
CA MET B 1 -1.18 8.10 -3.72
C MET B 1 -0.75 6.66 -4.10
N SER B 2 0.30 6.54 -4.92
CA SER B 2 0.85 5.25 -5.38
C SER B 2 1.54 4.53 -4.22
N ALA B 3 0.79 3.58 -3.59
CA ALA B 3 1.21 2.85 -2.37
C ALA B 3 1.72 3.82 -1.27
N SER B 4 3.02 4.14 -1.31
CA SER B 4 3.69 5.18 -0.50
C SER B 4 5.16 5.31 -0.96
N LYS B 5 5.82 6.45 -0.69
CA LYS B 5 7.15 6.79 -1.27
C LYS B 5 8.23 5.71 -1.03
N GLU B 6 8.42 5.27 0.24
CA GLU B 6 9.45 4.26 0.59
C GLU B 6 9.00 2.84 0.20
N GLU B 7 7.67 2.62 0.10
CA GLU B 7 7.09 1.34 -0.35
C GLU B 7 7.36 1.10 -1.84
N ILE B 8 7.23 2.18 -2.64
CA ILE B 8 7.54 2.15 -4.09
C ILE B 8 9.04 1.89 -4.27
N ALA B 9 9.85 2.67 -3.53
CA ALA B 9 11.32 2.57 -3.53
C ALA B 9 11.80 1.15 -3.11
N ALA B 10 11.10 0.57 -2.13
CA ALA B 10 11.37 -0.77 -1.60
C ALA B 10 11.03 -1.85 -2.65
N LEU B 11 9.95 -1.60 -3.39
CA LEU B 11 9.46 -2.49 -4.45
C LEU B 11 10.46 -2.49 -5.63
N ILE B 12 10.96 -1.29 -5.97
CA ILE B 12 11.89 -1.06 -7.10
C ILE B 12 13.21 -1.83 -6.91
N VAL B 13 13.84 -1.65 -5.74
CA VAL B 13 15.13 -2.30 -5.43
C VAL B 13 14.96 -3.84 -5.31
N ASN B 14 13.78 -4.29 -4.85
CA ASN B 14 13.45 -5.73 -4.70
C ASN B 14 13.08 -6.35 -6.08
N TYR B 15 12.55 -5.51 -6.97
CA TYR B 15 12.18 -5.90 -8.35
C TYR B 15 13.44 -6.31 -9.11
N PHE B 16 14.45 -5.44 -9.06
CA PHE B 16 15.77 -5.67 -9.68
C PHE B 16 16.57 -6.74 -8.93
N SER B 17 16.34 -6.83 -7.60
CA SER B 17 17.00 -7.85 -6.74
C SER B 17 16.56 -9.27 -7.15
N SER B 18 15.27 -9.42 -7.49
CA SER B 18 14.69 -10.69 -7.96
C SER B 18 15.30 -11.11 -9.32
N ILE B 19 15.58 -10.11 -10.18
CA ILE B 19 16.15 -10.31 -11.53
C ILE B 19 17.61 -10.80 -11.43
N VAL B 20 18.43 -10.13 -10.57
CA VAL B 20 19.87 -10.44 -10.43
C VAL B 20 20.11 -11.69 -9.55
N GLU B 21 19.13 -12.02 -8.70
CA GLU B 21 19.12 -13.25 -7.88
C GLU B 21 18.97 -14.49 -8.79
N LYS B 22 17.89 -14.48 -9.56
CA LYS B 22 17.56 -15.56 -10.51
C LYS B 22 18.49 -15.50 -11.76
N LYS B 23 19.13 -14.33 -11.95
CA LYS B 23 20.11 -14.06 -13.04
C LYS B 23 19.48 -14.15 -14.42
N GLU B 24 18.24 -13.62 -14.53
CA GLU B 24 17.49 -13.52 -15.81
C GLU B 24 18.05 -12.38 -16.70
N ILE B 25 19.02 -11.63 -16.15
CA ILE B 25 19.74 -10.56 -16.86
C ILE B 25 21.19 -11.01 -17.11
N SER B 26 21.84 -10.42 -18.14
CA SER B 26 23.25 -10.65 -18.44
C SER B 26 24.17 -10.08 -17.34
N GLU B 27 25.41 -10.60 -17.29
CA GLU B 27 26.43 -10.30 -16.23
C GLU B 27 26.67 -8.79 -16.11
N ASP B 28 26.87 -8.17 -17.26
CA ASP B 28 27.28 -6.76 -17.39
C ASP B 28 26.18 -5.79 -16.87
N GLY B 29 24.91 -6.19 -17.07
CA GLY B 29 23.76 -5.35 -16.69
C GLY B 29 23.43 -5.43 -15.19
N ALA B 30 23.95 -6.47 -14.51
CA ALA B 30 23.72 -6.69 -13.06
C ALA B 30 24.29 -5.54 -12.22
N ASP B 31 25.49 -5.07 -12.61
CA ASP B 31 26.24 -4.01 -11.89
C ASP B 31 25.46 -2.67 -11.90
N SER B 32 24.80 -2.39 -13.04
CA SER B 32 23.98 -1.17 -13.24
C SER B 32 22.80 -1.11 -12.24
N LEU B 33 22.28 -2.30 -11.89
CA LEU B 33 21.15 -2.44 -10.94
C LEU B 33 21.63 -2.37 -9.48
N ASN B 34 22.81 -2.95 -9.20
CA ASN B 34 23.40 -2.99 -7.85
C ASN B 34 23.69 -1.57 -7.31
N VAL B 35 24.32 -0.74 -8.15
CA VAL B 35 24.64 0.67 -7.82
C VAL B 35 23.35 1.53 -7.75
N ALA B 36 22.31 1.10 -8.50
CA ALA B 36 20.98 1.76 -8.49
C ALA B 36 20.29 1.58 -7.13
N MET B 37 20.35 0.34 -6.60
CA MET B 37 19.75 -0.02 -5.30
C MET B 37 20.31 0.85 -4.17
N ASP B 38 21.64 1.06 -4.22
CA ASP B 38 22.36 1.93 -3.28
C ASP B 38 21.84 3.39 -3.35
N CYS B 39 21.74 3.92 -4.58
CA CYS B 39 21.33 5.31 -4.81
C CYS B 39 19.88 5.60 -4.32
N ILE B 40 19.00 4.61 -4.48
CA ILE B 40 17.58 4.71 -4.04
C ILE B 40 17.48 4.53 -2.51
N SER B 41 18.28 3.61 -1.94
CA SER B 41 18.27 3.32 -0.49
C SER B 41 18.78 4.54 0.31
N GLU B 42 19.80 5.22 -0.23
CA GLU B 42 20.37 6.45 0.37
C GLU B 42 19.40 7.64 0.23
N ALA B 43 18.63 7.65 -0.88
CA ALA B 43 17.67 8.72 -1.18
C ALA B 43 16.54 8.80 -0.14
N PHE B 44 15.79 7.69 0.00
CA PHE B 44 14.62 7.60 0.90
C PHE B 44 15.04 7.26 2.34
N GLY B 45 16.18 6.57 2.50
CA GLY B 45 16.71 6.19 3.81
C GLY B 45 16.13 4.88 4.32
N PHE B 46 16.49 3.77 3.65
CA PHE B 46 16.04 2.42 4.02
C PHE B 46 17.09 1.37 3.64
N GLU B 47 16.93 0.16 4.21
CA GLU B 47 17.77 -1.01 3.92
C GLU B 47 17.08 -1.92 2.88
N ARG B 48 17.87 -2.49 1.95
CA ARG B 48 17.35 -3.38 0.87
C ARG B 48 16.90 -4.74 1.42
N GLU B 49 17.24 -5.02 2.70
CA GLU B 49 16.79 -6.24 3.41
C GLU B 49 15.38 -5.99 3.97
N ALA B 50 15.20 -4.80 4.59
CA ALA B 50 13.94 -4.40 5.26
C ALA B 50 12.74 -4.38 4.29
N VAL B 51 13.04 -4.28 2.98
CA VAL B 51 12.02 -4.20 1.91
C VAL B 51 11.13 -5.45 1.83
N SER B 52 11.67 -6.61 2.28
CA SER B 52 10.93 -7.90 2.26
C SER B 52 9.71 -7.85 3.20
N GLY B 53 9.88 -7.14 4.33
CA GLY B 53 8.78 -6.84 5.24
C GLY B 53 7.84 -5.79 4.67
N ILE B 54 8.42 -4.78 3.98
CA ILE B 54 7.64 -3.69 3.32
C ILE B 54 6.82 -4.23 2.11
N LEU B 55 7.19 -5.43 1.59
CA LEU B 55 6.40 -6.13 0.56
C LEU B 55 5.03 -6.55 1.13
N GLY B 56 4.99 -6.82 2.45
CA GLY B 56 3.74 -7.10 3.17
C GLY B 56 2.84 -5.87 3.28
N LYS B 57 3.48 -4.68 3.25
CA LYS B 57 2.78 -3.37 3.24
C LYS B 57 2.39 -3.00 1.78
N SER B 58 3.18 -3.49 0.80
CA SER B 58 2.95 -3.26 -0.63
C SER B 58 1.67 -3.98 -1.06
N GLU B 59 0.70 -3.21 -1.57
CA GLU B 59 -0.69 -3.66 -1.78
C GLU B 59 -1.08 -3.39 -3.24
N PHE B 60 -0.90 -2.11 -3.64
CA PHE B 60 -1.18 -1.58 -5.00
C PHE B 60 -2.68 -1.66 -5.33
N LYS B 61 -3.37 -0.51 -5.24
CA LYS B 61 -4.83 -0.41 -5.42
C LYS B 61 -5.20 -0.62 -6.90
N GLY B 62 -4.33 -0.15 -7.80
CA GLY B 62 -4.54 -0.30 -9.24
C GLY B 62 -4.06 -1.64 -9.78
N GLN B 63 -2.94 -2.15 -9.24
CA GLN B 63 -2.20 -3.29 -9.80
C GLN B 63 -2.64 -4.62 -9.16
N HIS B 64 -2.18 -4.86 -7.90
CA HIS B 64 -2.30 -6.15 -7.19
C HIS B 64 -1.56 -7.28 -7.95
N LEU B 65 -2.25 -7.86 -8.96
CA LEU B 65 -1.72 -8.95 -9.81
C LEU B 65 -1.66 -8.47 -11.27
N ALA B 66 -1.07 -9.34 -12.14
CA ALA B 66 -1.01 -9.18 -13.62
C ALA B 66 0.04 -8.14 -14.06
N ASP B 67 -0.09 -6.90 -13.56
CA ASP B 67 0.87 -5.81 -13.81
C ASP B 67 2.16 -6.06 -13.00
N ILE B 68 2.08 -5.81 -11.66
CA ILE B 68 3.17 -6.06 -10.73
C ILE B 68 2.92 -7.40 -10.03
N LEU B 69 3.59 -8.46 -10.53
CA LEU B 69 3.51 -9.81 -9.95
C LEU B 69 4.27 -9.83 -8.61
N ASN B 70 5.46 -9.19 -8.61
CA ASN B 70 6.33 -9.11 -7.42
C ASN B 70 5.73 -8.14 -6.39
N SER B 71 4.80 -8.67 -5.59
CA SER B 71 4.09 -7.94 -4.51
C SER B 71 3.21 -8.95 -3.76
N ALA B 72 2.54 -9.82 -4.56
CA ALA B 72 1.67 -10.88 -4.04
C ALA B 72 2.22 -12.26 -4.46
N SER B 73 2.50 -13.12 -3.47
CA SER B 73 2.94 -14.52 -3.68
C SER B 73 1.71 -15.48 -3.66
N ARG B 74 1.97 -16.79 -3.84
CA ARG B 74 0.92 -17.82 -3.86
C ARG B 74 1.32 -18.97 -2.91
N VAL B 75 0.33 -19.55 -2.21
CA VAL B 75 0.52 -20.78 -1.39
C VAL B 75 0.32 -22.03 -2.29
N PRO B 76 1.10 -23.16 -2.06
CA PRO B 76 1.04 -24.38 -2.91
C PRO B 76 -0.34 -25.08 -2.88
N GLU B 77 -1.00 -25.02 -1.69
CA GLU B 77 -2.31 -25.66 -1.41
C GLU B 77 -2.20 -27.19 -1.34
N SER B 78 -2.04 -27.83 -2.52
CA SER B 78 -1.98 -29.31 -2.68
C SER B 78 -3.35 -29.96 -2.31
N ASN B 79 -3.62 -30.07 -0.98
CA ASN B 79 -4.84 -30.67 -0.42
C ASN B 79 -4.90 -32.18 -0.77
N LYS B 80 -4.38 -33.02 0.13
CA LYS B 80 -4.36 -34.48 -0.04
C LYS B 80 -4.24 -35.16 1.36
N LYS B 81 -4.86 -34.51 2.37
CA LYS B 81 -4.90 -35.00 3.77
C LYS B 81 -3.47 -35.19 4.30
N ASP B 82 -2.60 -34.24 3.92
CA ASP B 82 -1.12 -34.33 4.06
C ASP B 82 -0.66 -34.73 5.47
N ASP B 83 -1.39 -34.27 6.49
CA ASP B 83 -1.11 -34.58 7.91
C ASP B 83 -2.36 -35.18 8.60
N ALA B 84 -3.47 -35.32 7.84
CA ALA B 84 -4.76 -35.81 8.35
C ALA B 84 -4.85 -37.36 8.28
N GLU B 85 -4.68 -37.92 7.05
CA GLU B 85 -4.91 -39.36 6.81
C GLU B 85 -3.84 -40.26 7.50
N ASN B 86 -4.35 -41.29 8.19
CA ASN B 86 -3.52 -42.39 8.71
C ASN B 86 -3.58 -43.58 7.75
N VAL B 87 -4.73 -43.70 7.01
CA VAL B 87 -4.96 -44.67 5.91
C VAL B 87 -5.26 -46.12 6.41
N GLU B 88 -4.63 -46.53 7.53
CA GLU B 88 -4.67 -47.91 8.03
C GLU B 88 -6.09 -48.29 8.57
N ILE B 89 -6.36 -48.02 9.86
CA ILE B 89 -7.64 -48.35 10.54
C ILE B 89 -7.94 -47.29 11.63
N ASN B 90 -9.13 -47.40 12.23
CA ASN B 90 -9.51 -46.58 13.41
C ASN B 90 -10.63 -47.31 14.16
N ILE B 91 -11.79 -47.39 13.49
CA ILE B 91 -13.03 -47.83 14.11
C ILE B 91 -13.83 -48.72 13.13
N PRO B 92 -14.26 -49.96 13.55
CA PRO B 92 -15.13 -50.83 12.71
C PRO B 92 -16.58 -50.29 12.71
N GLU B 93 -16.83 -49.32 11.80
CA GLU B 93 -18.12 -48.61 11.67
C GLU B 93 -19.26 -49.55 11.26
N ASP B 94 -18.99 -50.31 10.19
CA ASP B 94 -19.95 -51.27 9.60
C ASP B 94 -19.59 -52.70 10.01
N ASP B 95 -20.50 -53.67 9.73
CA ASP B 95 -20.28 -55.12 9.94
C ASP B 95 -19.16 -55.71 9.02
N ALA B 96 -18.47 -54.84 8.25
CA ALA B 96 -17.28 -55.18 7.42
C ALA B 96 -16.00 -55.50 8.25
N GLU B 97 -16.17 -56.01 9.49
CA GLU B 97 -15.07 -56.38 10.39
C GLU B 97 -14.30 -57.62 9.90
N THR B 98 -14.89 -58.42 9.00
CA THR B 98 -14.21 -59.58 8.38
C THR B 98 -13.28 -59.14 7.22
N LYS B 99 -13.44 -57.87 6.78
CA LYS B 99 -12.51 -57.24 5.80
C LYS B 99 -11.37 -56.54 6.55
N ALA B 100 -11.75 -55.76 7.59
CA ALA B 100 -10.79 -55.01 8.43
C ALA B 100 -10.02 -55.98 9.37
N LYS B 101 -10.73 -56.47 10.40
CA LYS B 101 -10.19 -57.41 11.39
C LYS B 101 -10.06 -58.81 10.73
N ALA B 102 -8.90 -59.02 10.14
CA ALA B 102 -8.50 -60.26 9.44
C ALA B 102 -7.04 -60.10 9.01
N GLU B 103 -6.76 -58.90 8.43
CA GLU B 103 -5.38 -58.44 8.15
C GLU B 103 -4.62 -58.22 9.47
N ASP B 104 -5.37 -57.87 10.53
CA ASP B 104 -4.85 -57.79 11.91
C ASP B 104 -4.24 -59.14 12.33
N LEU B 105 -5.00 -60.24 12.13
CA LEU B 105 -4.57 -61.60 12.56
C LEU B 105 -3.38 -62.11 11.72
N LYS B 106 -3.32 -61.63 10.47
CA LYS B 106 -2.23 -61.94 9.54
C LYS B 106 -0.92 -61.28 9.98
N MET B 107 -0.96 -59.94 10.16
CA MET B 107 0.22 -59.13 10.52
C MET B 107 0.66 -59.40 11.97
N GLN B 108 -0.27 -59.95 12.78
CA GLN B 108 -0.01 -60.32 14.18
C GLN B 108 0.98 -61.49 14.23
N GLY B 109 0.77 -62.47 13.33
CA GLY B 109 1.68 -63.58 13.13
C GLY B 109 2.92 -63.19 12.34
N ASN B 110 2.72 -62.30 11.35
CA ASN B 110 3.80 -61.87 10.43
C ASN B 110 4.86 -61.03 11.15
N LYS B 111 4.41 -60.24 12.15
CA LYS B 111 5.29 -59.37 12.99
C LYS B 111 6.14 -60.25 13.93
N ALA B 112 5.64 -61.45 14.26
CA ALA B 112 6.30 -62.38 15.19
C ALA B 112 7.66 -62.89 14.63
N MET B 113 7.82 -62.84 13.28
CA MET B 113 9.10 -63.15 12.61
C MET B 113 10.23 -62.18 13.07
N ALA B 114 9.87 -60.92 13.33
CA ALA B 114 10.82 -59.86 13.78
C ALA B 114 11.37 -60.14 15.19
N ASN B 115 10.55 -60.78 16.05
CA ASN B 115 10.96 -61.18 17.42
C ASN B 115 11.17 -62.71 17.49
N LYS B 116 11.52 -63.30 16.31
CA LYS B 116 11.88 -64.75 16.10
C LYS B 116 10.85 -65.77 16.65
N ASP B 117 9.62 -65.32 16.98
CA ASP B 117 8.51 -66.20 17.41
C ASP B 117 7.83 -66.81 16.18
N TYR B 118 8.54 -67.74 15.52
CA TYR B 118 8.08 -68.36 14.26
C TYR B 118 6.98 -69.40 14.51
N GLU B 119 7.02 -70.02 15.69
CA GLU B 119 6.00 -71.01 16.12
C GLU B 119 4.68 -70.28 16.41
N LEU B 120 4.80 -69.20 17.21
CA LEU B 120 3.69 -68.28 17.54
C LEU B 120 3.09 -67.70 16.25
N ALA B 121 3.96 -67.43 15.26
CA ALA B 121 3.55 -66.94 13.92
C ALA B 121 2.62 -67.94 13.22
N ILE B 122 3.11 -69.18 13.04
CA ILE B 122 2.38 -70.29 12.36
C ILE B 122 1.02 -70.55 13.06
N ASN B 123 1.07 -70.66 14.39
CA ASN B 123 -0.11 -70.93 15.23
C ASN B 123 -1.03 -69.71 15.34
N LYS B 124 -0.53 -68.50 15.02
CA LYS B 124 -1.38 -67.28 15.00
C LYS B 124 -2.32 -67.31 13.80
N TYR B 125 -1.83 -67.93 12.71
CA TYR B 125 -2.61 -68.13 11.48
C TYR B 125 -3.67 -69.20 11.65
N THR B 126 -3.51 -70.11 12.65
CA THR B 126 -4.49 -71.20 12.90
C THR B 126 -5.84 -70.62 13.37
N GLU B 127 -5.79 -69.46 14.07
CA GLU B 127 -6.97 -68.69 14.45
C GLU B 127 -7.64 -68.10 13.20
N ALA B 128 -6.82 -67.49 12.33
CA ALA B 128 -7.29 -66.83 11.10
C ALA B 128 -7.93 -67.85 10.12
N ILE B 129 -7.39 -69.09 10.10
CA ILE B 129 -7.96 -70.23 9.33
C ILE B 129 -9.28 -70.68 9.97
N LYS B 130 -9.37 -70.58 11.31
CA LYS B 130 -10.58 -70.96 12.07
C LYS B 130 -11.70 -69.92 11.82
N VAL B 131 -11.34 -68.63 11.71
CA VAL B 131 -12.29 -67.54 11.47
C VAL B 131 -12.84 -67.63 10.03
N LEU B 132 -11.93 -67.89 9.06
CA LEU B 132 -12.29 -68.07 7.65
C LEU B 132 -11.26 -69.02 6.95
N PRO B 133 -11.60 -70.35 6.82
CA PRO B 133 -10.71 -71.35 6.14
C PRO B 133 -10.70 -71.19 4.61
N THR B 134 -11.67 -70.40 4.10
CA THR B 134 -11.83 -70.09 2.67
C THR B 134 -10.58 -69.37 2.11
N ASN B 135 -9.86 -68.65 3.00
CA ASN B 135 -8.61 -67.97 2.64
C ASN B 135 -7.42 -68.95 2.75
N ALA B 136 -6.91 -69.32 1.58
CA ALA B 136 -5.72 -70.18 1.43
C ALA B 136 -4.41 -69.45 1.79
N ILE B 137 -4.48 -68.10 1.75
CA ILE B 137 -3.32 -67.21 1.95
C ILE B 137 -2.59 -67.42 3.29
N TYR B 138 -3.32 -67.85 4.34
CA TYR B 138 -2.75 -68.02 5.71
C TYR B 138 -1.69 -69.15 5.76
N TYR B 139 -1.83 -70.12 4.85
CA TYR B 139 -0.85 -71.21 4.67
C TYR B 139 0.40 -70.71 3.92
N ALA B 140 0.21 -69.80 2.97
CA ALA B 140 1.31 -69.12 2.27
C ALA B 140 2.10 -68.19 3.25
N ASN B 141 1.34 -67.60 4.19
CA ASN B 141 1.86 -66.68 5.23
C ASN B 141 2.75 -67.43 6.24
N ARG B 142 2.26 -68.60 6.73
CA ARG B 142 3.02 -69.45 7.68
C ARG B 142 4.17 -70.19 6.98
N ALA B 143 4.04 -70.44 5.66
CA ALA B 143 5.12 -71.03 4.83
C ALA B 143 6.38 -70.14 4.83
N ALA B 144 6.16 -68.82 5.01
CA ALA B 144 7.22 -67.82 5.17
C ALA B 144 7.93 -67.94 6.55
N ALA B 145 7.18 -68.41 7.56
CA ALA B 145 7.75 -68.72 8.90
C ALA B 145 8.57 -70.03 8.87
N HIS B 146 8.08 -71.00 8.07
CA HIS B 146 8.78 -72.29 7.85
C HIS B 146 10.11 -72.06 7.11
N SER B 147 10.08 -71.22 6.06
CA SER B 147 11.29 -70.89 5.27
C SER B 147 12.35 -70.15 6.13
N SER B 148 11.88 -69.43 7.16
CA SER B 148 12.76 -68.79 8.16
C SER B 148 13.38 -69.83 9.11
N LEU B 149 12.63 -70.92 9.37
CA LEU B 149 13.09 -72.08 10.18
C LEU B 149 13.86 -73.11 9.31
N LYS B 150 14.17 -72.73 8.04
CA LYS B 150 14.95 -73.55 7.06
C LYS B 150 14.15 -74.80 6.59
N GLU B 151 12.83 -74.79 6.84
CA GLU B 151 11.90 -75.84 6.40
C GLU B 151 11.33 -75.48 5.02
N TYR B 152 12.21 -75.43 4.00
CA TYR B 152 11.82 -75.09 2.62
C TYR B 152 11.05 -76.26 1.97
N ASP B 153 11.44 -77.48 2.36
CA ASP B 153 10.78 -78.72 1.89
C ASP B 153 9.41 -78.90 2.58
N GLN B 154 9.32 -78.47 3.85
CA GLN B 154 8.07 -78.56 4.65
C GLN B 154 7.11 -77.41 4.29
N ALA B 155 7.68 -76.29 3.79
CA ALA B 155 6.89 -75.12 3.32
C ALA B 155 6.10 -75.46 2.03
N VAL B 156 6.56 -76.52 1.33
CA VAL B 156 5.85 -77.09 0.16
C VAL B 156 4.46 -77.64 0.58
N LYS B 157 4.38 -78.20 1.80
CA LYS B 157 3.14 -78.77 2.35
C LYS B 157 2.11 -77.66 2.69
N ASP B 158 2.60 -76.53 3.21
CA ASP B 158 1.76 -75.34 3.50
C ASP B 158 1.24 -74.75 2.17
N ALA B 159 2.15 -74.67 1.18
CA ALA B 159 1.82 -74.23 -0.19
C ALA B 159 0.77 -75.17 -0.84
N GLU B 160 0.93 -76.48 -0.57
CA GLU B 160 0.04 -77.55 -1.06
C GLU B 160 -1.37 -77.39 -0.43
N SER B 161 -1.40 -77.06 0.88
CA SER B 161 -2.65 -76.84 1.63
C SER B 161 -3.39 -75.60 1.12
N ALA B 162 -2.62 -74.61 0.63
CA ALA B 162 -3.17 -73.39 0.00
C ALA B 162 -3.84 -73.75 -1.36
N ILE B 163 -3.17 -74.64 -2.12
CA ILE B 163 -3.68 -75.17 -3.41
C ILE B 163 -4.89 -76.12 -3.16
N SER B 164 -4.93 -76.77 -1.99
CA SER B 164 -6.01 -77.68 -1.61
C SER B 164 -7.30 -76.92 -1.25
N ILE B 165 -7.14 -75.76 -0.56
CA ILE B 165 -8.27 -74.86 -0.22
C ILE B 165 -8.84 -74.24 -1.50
N ASP B 166 -7.93 -73.78 -2.39
CA ASP B 166 -8.32 -73.13 -3.66
C ASP B 166 -7.29 -73.49 -4.76
N PRO B 167 -7.62 -74.48 -5.67
CA PRO B 167 -6.70 -74.92 -6.76
C PRO B 167 -6.58 -73.90 -7.91
N SER B 168 -7.52 -72.94 -7.96
CA SER B 168 -7.50 -71.84 -8.93
C SER B 168 -6.56 -70.70 -8.46
N TYR B 169 -6.07 -70.81 -7.22
CA TYR B 169 -5.05 -69.91 -6.67
C TYR B 169 -3.68 -70.30 -7.26
N PHE B 170 -3.40 -69.77 -8.48
CA PHE B 170 -2.16 -70.07 -9.23
C PHE B 170 -0.91 -69.47 -8.53
N ARG B 171 -1.15 -68.46 -7.67
CA ARG B 171 -0.12 -67.89 -6.79
C ARG B 171 0.35 -68.91 -5.72
N GLY B 172 -0.55 -69.87 -5.38
CA GLY B 172 -0.23 -70.98 -4.47
C GLY B 172 0.81 -71.94 -5.05
N TYR B 173 0.77 -72.09 -6.39
CA TYR B 173 1.77 -72.90 -7.14
C TYR B 173 3.12 -72.16 -7.17
N SER B 174 3.04 -70.81 -7.21
CA SER B 174 4.22 -69.91 -7.18
C SER B 174 4.90 -69.93 -5.79
N ARG B 175 4.13 -70.34 -4.77
CA ARG B 175 4.60 -70.45 -3.36
C ARG B 175 5.57 -71.66 -3.20
N LEU B 176 5.48 -72.62 -4.15
CA LEU B 176 6.47 -73.71 -4.30
C LEU B 176 7.82 -73.11 -4.74
N GLY B 177 7.75 -72.18 -5.72
CA GLY B 177 8.93 -71.44 -6.20
C GLY B 177 9.53 -70.54 -5.13
N PHE B 178 8.65 -69.96 -4.28
CA PHE B 178 9.03 -69.04 -3.19
C PHE B 178 10.02 -69.67 -2.20
N ALA B 179 9.94 -71.00 -2.03
CA ALA B 179 10.86 -71.75 -1.13
C ALA B 179 12.32 -71.64 -1.60
N LYS B 180 12.55 -71.98 -2.89
CA LYS B 180 13.88 -71.90 -3.54
C LYS B 180 14.32 -70.43 -3.71
N TYR B 181 13.33 -69.57 -3.99
CA TYR B 181 13.53 -68.12 -4.21
C TYR B 181 14.01 -67.44 -2.90
N ALA B 182 13.50 -67.96 -1.76
CA ALA B 182 13.89 -67.51 -0.41
C ALA B 182 15.32 -67.96 -0.05
N GLN B 183 15.78 -69.07 -0.69
CA GLN B 183 17.17 -69.57 -0.55
C GLN B 183 18.16 -68.77 -1.43
N GLY B 184 17.65 -67.70 -2.07
CA GLY B 184 18.45 -66.89 -2.99
C GLY B 184 18.69 -67.60 -4.31
N LYS B 185 17.82 -68.57 -4.64
CA LYS B 185 17.89 -69.36 -5.89
C LYS B 185 16.67 -69.00 -6.79
N PRO B 186 16.72 -67.89 -7.56
CA PRO B 186 15.58 -67.45 -8.42
C PRO B 186 15.48 -68.21 -9.74
N GLU B 187 16.64 -68.54 -10.33
CA GLU B 187 16.75 -69.26 -11.60
C GLU B 187 16.51 -70.77 -11.37
N GLU B 188 16.76 -71.24 -10.14
CA GLU B 188 16.37 -72.61 -9.70
C GLU B 188 14.86 -72.64 -9.40
N ALA B 189 14.34 -71.54 -8.84
CA ALA B 189 12.89 -71.37 -8.54
C ALA B 189 12.08 -71.18 -9.84
N LEU B 190 12.78 -70.80 -10.93
CA LEU B 190 12.18 -70.52 -12.26
C LEU B 190 11.39 -71.74 -12.79
N GLU B 191 11.89 -72.96 -12.51
CA GLU B 191 11.25 -74.20 -13.01
C GLU B 191 9.94 -74.52 -12.24
N ALA B 192 9.75 -73.86 -11.08
CA ALA B 192 8.50 -73.96 -10.29
C ALA B 192 7.53 -72.80 -10.65
N TYR B 193 8.10 -71.62 -11.01
CA TYR B 193 7.33 -70.45 -11.49
C TYR B 193 6.81 -70.68 -12.93
N LYS B 194 7.54 -71.50 -13.71
CA LYS B 194 7.16 -71.86 -15.10
C LYS B 194 6.02 -72.88 -15.09
N LYS B 195 5.90 -73.62 -13.96
CA LYS B 195 4.82 -74.63 -13.77
C LYS B 195 3.45 -73.95 -13.64
N VAL B 196 3.46 -72.72 -13.09
CA VAL B 196 2.26 -71.85 -13.01
C VAL B 196 1.75 -71.52 -14.44
N LEU B 197 2.71 -71.40 -15.37
CA LEU B 197 2.44 -71.18 -16.80
C LEU B 197 2.08 -72.52 -17.49
N ASP B 198 2.81 -73.59 -17.09
CA ASP B 198 2.84 -74.90 -17.80
C ASP B 198 1.57 -75.72 -17.56
N ILE B 199 0.89 -75.50 -16.41
CA ILE B 199 -0.41 -76.14 -16.12
C ILE B 199 -1.51 -75.63 -17.09
N GLU B 200 -1.21 -74.52 -17.78
CA GLU B 200 -2.10 -73.88 -18.77
C GLU B 200 -1.38 -73.77 -20.15
N GLY B 201 -0.08 -74.14 -20.19
CA GLY B 201 0.72 -74.20 -21.43
C GLY B 201 1.12 -72.83 -21.99
N ASP B 202 0.91 -72.64 -23.32
CA ASP B 202 1.22 -71.37 -24.04
C ASP B 202 0.19 -70.27 -23.71
N ASN B 203 -0.89 -70.66 -23.00
CA ASN B 203 -1.98 -69.75 -22.59
C ASN B 203 -1.58 -68.91 -21.34
N ALA B 204 -0.26 -68.86 -21.03
CA ALA B 204 0.31 -68.07 -19.94
C ALA B 204 0.10 -66.55 -20.16
N THR B 205 -0.90 -65.98 -19.46
CA THR B 205 -1.25 -64.55 -19.53
C THR B 205 -0.27 -63.69 -18.70
N GLU B 206 -0.34 -62.36 -18.90
CA GLU B 206 0.57 -61.38 -18.24
C GLU B 206 0.52 -61.48 -16.70
N ALA B 207 -0.69 -61.80 -16.18
CA ALA B 207 -0.95 -61.93 -14.74
C ALA B 207 -0.03 -63.02 -14.09
N MET B 208 0.02 -64.19 -14.73
CA MET B 208 0.85 -65.34 -14.26
C MET B 208 2.31 -65.23 -14.75
N LYS B 209 2.55 -64.43 -15.81
CA LYS B 209 3.92 -64.13 -16.31
C LYS B 209 4.73 -63.37 -15.25
N ARG B 210 4.03 -62.67 -14.32
CA ARG B 210 4.69 -61.86 -13.27
C ARG B 210 5.39 -62.74 -12.22
N ASP B 211 4.94 -63.99 -12.11
CA ASP B 211 5.59 -65.02 -11.26
C ASP B 211 6.94 -65.42 -11.90
N TYR B 212 6.90 -65.63 -13.22
CA TYR B 212 8.09 -65.94 -14.06
C TYR B 212 9.05 -64.72 -14.14
N GLU B 213 8.45 -63.51 -14.01
CA GLU B 213 9.17 -62.21 -14.05
C GLU B 213 10.09 -62.09 -12.83
N SER B 214 9.58 -62.52 -11.66
CA SER B 214 10.32 -62.48 -10.38
C SER B 214 11.55 -63.41 -10.42
N ALA B 215 11.42 -64.54 -11.12
CA ALA B 215 12.48 -65.55 -11.25
C ALA B 215 13.69 -65.01 -12.03
N LYS B 216 13.42 -64.49 -13.23
CA LYS B 216 14.48 -63.99 -14.14
C LYS B 216 15.10 -62.69 -13.61
N LYS B 217 14.23 -61.70 -13.27
CA LYS B 217 14.67 -60.34 -12.87
C LYS B 217 15.08 -60.25 -11.38
N LYS B 218 15.72 -61.29 -10.87
CA LYS B 218 16.56 -61.21 -9.67
C LYS B 218 18.02 -61.40 -10.11
N VAL B 219 18.22 -62.33 -11.08
CA VAL B 219 19.53 -62.53 -11.76
C VAL B 219 19.78 -61.35 -12.72
N GLU B 220 18.76 -61.05 -13.53
CA GLU B 220 18.80 -60.04 -14.61
C GLU B 220 18.08 -58.75 -14.20
N GLN B 221 18.07 -58.46 -12.88
CA GLN B 221 17.38 -57.28 -12.31
C GLN B 221 17.96 -55.96 -12.88
N SER B 222 19.29 -55.90 -13.04
CA SER B 222 19.99 -54.70 -13.57
C SER B 222 19.80 -54.55 -15.08
N LEU B 223 19.54 -55.68 -15.76
CA LEU B 223 19.36 -55.75 -17.23
C LEU B 223 17.95 -55.29 -17.65
N ASN B 224 17.06 -55.11 -16.66
CA ASN B 224 15.69 -54.56 -16.87
C ASN B 224 15.78 -53.10 -17.36
N LEU B 225 16.53 -52.29 -16.61
CA LEU B 225 16.71 -50.85 -16.85
C LEU B 225 18.11 -50.48 -16.34
N GLU B 226 19.08 -50.42 -17.27
CA GLU B 226 20.52 -50.33 -16.98
C GLU B 226 20.90 -48.87 -16.57
N LYS B 227 20.48 -48.51 -15.34
CA LYS B 227 20.76 -47.24 -14.61
C LYS B 227 19.75 -47.13 -13.46
N THR B 228 19.86 -46.08 -12.63
CA THR B 228 18.91 -45.85 -11.52
C THR B 228 17.53 -45.46 -12.12
N VAL B 229 16.42 -46.02 -11.58
CA VAL B 229 15.05 -45.67 -12.03
C VAL B 229 14.74 -44.17 -11.70
N PRO B 230 14.98 -43.68 -10.42
CA PRO B 230 15.02 -42.23 -10.14
C PRO B 230 16.44 -41.64 -10.40
N GLU B 231 16.92 -41.76 -11.66
CA GLU B 231 18.28 -41.29 -12.06
C GLU B 231 18.36 -39.76 -11.97
N GLN B 232 17.41 -39.05 -12.61
CA GLN B 232 17.30 -37.59 -12.50
C GLN B 232 16.94 -37.22 -11.05
N SER B 233 17.92 -36.61 -10.36
CA SER B 233 17.78 -36.18 -8.96
C SER B 233 16.97 -34.86 -8.90
N ARG B 234 16.89 -34.29 -7.69
CA ARG B 234 16.22 -32.99 -7.46
C ARG B 234 17.14 -31.81 -7.84
N ASP B 235 18.36 -32.15 -8.38
CA ASP B 235 19.45 -31.24 -8.83
C ASP B 235 19.92 -30.28 -7.72
N ALA B 236 19.07 -29.33 -7.32
CA ALA B 236 19.37 -28.35 -6.25
C ALA B 236 19.74 -28.99 -4.89
N ASP B 237 19.41 -30.29 -4.72
CA ASP B 237 19.64 -31.04 -3.47
C ASP B 237 21.14 -31.34 -3.25
N VAL B 238 21.77 -32.07 -4.18
CA VAL B 238 23.16 -32.58 -4.04
C VAL B 238 23.92 -32.52 -5.38
N ASP B 239 23.16 -32.49 -6.49
CA ASP B 239 23.71 -32.59 -7.86
C ASP B 239 24.17 -31.21 -8.35
N ALA B 240 25.34 -31.17 -9.03
CA ALA B 240 25.98 -29.90 -9.47
C ALA B 240 25.19 -29.23 -10.63
N SER B 241 24.48 -30.05 -11.43
CA SER B 241 23.74 -29.56 -12.62
C SER B 241 22.34 -29.01 -12.20
N GLN B 242 22.39 -27.91 -11.44
CA GLN B 242 21.22 -27.26 -10.84
C GLN B 242 20.56 -26.27 -11.84
N GLY B 243 19.26 -25.99 -11.62
CA GLY B 243 18.50 -25.04 -12.44
C GLY B 243 18.83 -23.57 -12.14
N ALA B 244 20.08 -23.20 -12.47
CA ALA B 244 20.62 -21.84 -12.40
C ALA B 244 22.08 -21.91 -12.91
N SER B 245 22.94 -22.57 -12.08
CA SER B 245 24.37 -22.83 -12.34
C SER B 245 25.14 -21.54 -12.75
N ALA B 246 25.08 -21.18 -14.04
CA ALA B 246 25.74 -20.01 -14.63
C ALA B 246 24.93 -19.50 -15.83
N GLY B 247 24.94 -18.18 -16.05
CA GLY B 247 24.27 -17.55 -17.19
C GLY B 247 25.01 -17.78 -18.51
N GLY B 248 24.89 -16.81 -19.43
CA GLY B 248 25.50 -16.90 -20.76
C GLY B 248 24.47 -16.86 -21.86
N LEU B 249 23.33 -16.21 -21.58
CA LEU B 249 22.24 -16.03 -22.54
C LEU B 249 22.39 -14.65 -23.20
N PRO B 250 22.26 -14.54 -24.56
CA PRO B 250 22.41 -13.26 -25.30
C PRO B 250 21.17 -12.35 -25.11
N ASP B 251 21.09 -11.68 -23.96
CA ASP B 251 20.12 -10.61 -23.70
C ASP B 251 20.84 -9.25 -23.81
N LEU B 252 22.10 -9.23 -23.28
CA LEU B 252 23.03 -8.06 -23.20
C LEU B 252 22.34 -6.69 -22.91
N GLY B 253 21.66 -6.12 -23.92
CA GLY B 253 21.00 -4.81 -23.80
C GLY B 253 21.94 -3.70 -24.21
N SER B 254 22.59 -3.89 -25.38
CA SER B 254 23.60 -2.95 -25.92
C SER B 254 22.94 -1.84 -26.76
N LEU B 255 21.79 -1.31 -26.27
CA LEU B 255 21.06 -0.23 -26.94
C LEU B 255 21.76 1.12 -26.64
N LEU B 256 22.82 1.40 -27.43
CA LEU B 256 23.64 2.63 -27.36
C LEU B 256 24.24 2.82 -25.94
N GLY B 257 23.46 3.43 -25.02
CA GLY B 257 23.89 3.68 -23.64
C GLY B 257 23.57 2.52 -22.71
N GLY B 258 23.58 1.30 -23.27
CA GLY B 258 23.27 0.08 -22.54
C GLY B 258 24.50 -0.57 -21.93
N GLY B 259 24.70 -1.87 -22.25
CA GLY B 259 25.85 -2.63 -21.74
C GLY B 259 27.17 -2.26 -22.43
N LEU B 260 28.23 -2.02 -21.62
CA LEU B 260 29.57 -1.60 -22.13
C LEU B 260 30.34 -2.77 -22.79
N GLY B 261 29.83 -4.00 -22.61
CA GLY B 261 30.39 -5.20 -23.27
C GLY B 261 31.11 -6.15 -22.31
N GLY B 262 30.90 -5.93 -21.01
CA GLY B 262 31.47 -6.79 -19.95
C GLY B 262 32.98 -6.65 -19.80
N LEU B 263 33.59 -7.61 -19.07
CA LEU B 263 35.06 -7.72 -18.96
C LEU B 263 35.60 -8.37 -20.24
N MET B 264 35.76 -7.56 -21.30
CA MET B 264 36.24 -8.01 -22.61
C MET B 264 36.92 -6.83 -23.33
N ASN B 265 36.10 -5.89 -23.85
CA ASN B 265 36.58 -4.76 -24.68
C ASN B 265 35.41 -3.80 -24.97
N ASN B 266 34.48 -4.27 -25.81
CA ASN B 266 33.37 -3.46 -26.37
C ASN B 266 32.39 -4.44 -27.05
N PRO B 267 31.03 -4.18 -27.07
CA PRO B 267 30.03 -5.09 -27.69
C PRO B 267 30.01 -5.03 -29.25
N GLN B 268 31.05 -4.37 -29.83
CA GLN B 268 31.21 -4.17 -31.28
C GLN B 268 30.02 -3.35 -31.82
N LEU B 269 29.84 -2.17 -31.21
CA LEU B 269 28.66 -1.34 -31.40
C LEU B 269 28.78 -0.52 -32.70
N MET B 270 28.28 -1.13 -33.80
CA MET B 270 28.09 -0.45 -35.10
C MET B 270 26.66 0.12 -35.21
N GLN B 271 25.91 0.06 -34.08
CA GLN B 271 24.50 0.49 -33.98
C GLN B 271 24.36 2.03 -34.00
N ALA B 272 25.49 2.75 -33.78
CA ALA B 272 25.51 4.23 -33.80
C ALA B 272 25.49 4.73 -35.25
N ALA B 273 24.29 4.72 -35.85
CA ALA B 273 24.03 5.26 -37.19
C ALA B 273 23.80 6.78 -37.14
N GLN B 274 23.37 7.27 -35.95
CA GLN B 274 23.19 8.71 -35.70
C GLN B 274 24.56 9.37 -35.47
N LYS B 275 25.11 9.19 -34.24
CA LYS B 275 26.37 9.82 -33.80
C LYS B 275 26.26 11.36 -33.91
N MET B 276 25.43 11.95 -33.03
CA MET B 276 25.14 13.39 -33.04
C MET B 276 26.21 14.15 -32.23
N MET B 277 26.86 15.13 -32.90
CA MET B 277 27.99 15.91 -32.35
C MET B 277 29.18 14.98 -31.99
N SER B 278 29.12 14.40 -30.77
CA SER B 278 30.12 13.47 -30.23
C SER B 278 31.54 14.08 -30.17
N ASN B 279 31.61 15.43 -30.15
CA ASN B 279 32.88 16.18 -30.05
C ASN B 279 33.23 16.66 -28.60
N PRO B 280 32.26 16.95 -27.64
CA PRO B 280 32.63 17.40 -26.26
C PRO B 280 33.41 16.35 -25.45
N GLY B 281 33.21 15.06 -25.79
CA GLY B 281 33.84 13.93 -25.09
C GLY B 281 33.47 13.88 -23.62
N ALA B 282 32.15 14.05 -23.35
CA ALA B 282 31.58 14.26 -22.01
C ALA B 282 32.05 15.61 -21.43
N MET B 283 33.32 15.65 -20.97
CA MET B 283 33.98 16.87 -20.47
C MET B 283 35.37 16.97 -21.13
N GLN B 284 36.27 16.05 -20.75
CA GLN B 284 37.62 15.93 -21.33
C GLN B 284 38.12 14.48 -21.22
N ASN B 285 38.23 13.99 -19.96
CA ASN B 285 38.76 12.64 -19.63
C ASN B 285 40.23 12.49 -20.09
N ILE B 286 41.17 12.69 -19.16
CA ILE B 286 42.61 12.41 -19.37
C ILE B 286 43.26 12.07 -18.02
N GLN B 287 43.35 10.75 -17.71
CA GLN B 287 43.89 10.19 -16.45
C GLN B 287 43.19 10.83 -15.23
N LYS B 288 43.76 11.92 -14.69
CA LYS B 288 43.12 12.81 -13.72
C LYS B 288 43.00 14.18 -14.38
N MET B 289 41.81 14.49 -14.90
CA MET B 289 41.52 15.78 -15.57
C MET B 289 41.26 16.88 -14.51
N MET B 290 40.79 16.45 -13.32
CA MET B 290 40.54 17.34 -12.17
C MET B 290 41.16 16.72 -10.90
N GLN B 291 41.52 17.60 -9.95
CA GLN B 291 42.32 17.26 -8.75
C GLN B 291 42.43 18.53 -7.89
N ASP B 292 42.67 19.66 -8.60
CA ASP B 292 42.88 21.01 -8.04
C ASP B 292 44.18 21.04 -7.21
N PRO B 293 45.36 21.28 -7.87
CA PRO B 293 46.66 21.39 -7.17
C PRO B 293 46.88 22.80 -6.56
N SER B 294 45.80 23.39 -6.00
CA SER B 294 45.83 24.70 -5.34
C SER B 294 46.56 24.66 -3.98
N ILE B 295 46.78 23.42 -3.49
CA ILE B 295 47.57 23.14 -2.27
C ILE B 295 49.08 23.06 -2.59
N ARG B 296 49.42 23.04 -3.90
CA ARG B 296 50.80 22.96 -4.45
C ARG B 296 51.44 21.59 -4.14
N GLN B 297 51.89 21.40 -2.89
CA GLN B 297 52.53 20.17 -2.42
C GLN B 297 51.47 19.12 -2.09
N MET B 298 51.90 17.86 -1.91
CA MET B 298 50.99 16.76 -1.52
C MET B 298 50.68 16.87 -0.02
N ALA B 299 49.77 17.81 0.33
CA ALA B 299 49.39 18.19 1.71
C ALA B 299 50.61 18.63 2.55
N GLU B 300 51.33 17.65 3.11
CA GLU B 300 52.50 17.86 3.98
C GLU B 300 53.77 17.45 3.22
N GLY B 301 54.60 18.43 2.85
CA GLY B 301 55.90 18.18 2.22
C GLY B 301 57.01 19.04 2.82
N PHE B 302 56.61 20.07 3.60
CA PHE B 302 57.51 21.06 4.27
C PHE B 302 58.27 21.92 3.23
N ALA B 303 58.15 23.26 3.36
CA ALA B 303 58.80 24.21 2.45
C ALA B 303 58.87 25.61 3.10
N SER B 304 57.74 26.35 3.04
CA SER B 304 57.58 27.70 3.67
C SER B 304 58.58 28.75 3.12
N GLY B 305 59.12 28.49 1.91
CA GLY B 305 60.18 29.33 1.33
C GLY B 305 61.49 29.21 2.09
N GLY B 306 62.02 30.35 2.58
CA GLY B 306 63.21 30.35 3.44
C GLY B 306 62.85 30.17 4.91
N GLY B 307 61.80 30.89 5.35
CA GLY B 307 61.35 30.88 6.75
C GLY B 307 62.17 31.84 7.59
N THR B 308 62.28 31.56 8.90
CA THR B 308 63.10 32.35 9.83
C THR B 308 64.59 31.95 9.69
N PRO B 309 65.53 32.96 9.60
CA PRO B 309 67.00 32.68 9.59
C PRO B 309 67.48 32.04 10.92
N ASN B 310 68.62 31.32 10.87
CA ASN B 310 69.20 30.64 12.05
C ASN B 310 69.81 31.65 13.05
N LEU B 311 69.96 31.21 14.30
CA LEU B 311 70.46 32.04 15.43
C LEU B 311 71.82 31.55 15.95
N SER B 312 72.54 30.80 15.10
CA SER B 312 73.80 30.11 15.45
C SER B 312 74.88 31.08 15.97
N ASP B 313 75.17 32.14 15.19
CA ASP B 313 76.17 33.17 15.56
C ASP B 313 75.56 34.22 16.51
N LEU B 314 74.21 34.26 16.57
CA LEU B 314 73.48 35.21 17.44
C LEU B 314 73.70 34.85 18.93
N MET B 315 73.67 33.54 19.23
CA MET B 315 74.03 33.02 20.55
C MET B 315 75.58 33.00 20.68
N ASN B 316 76.14 34.18 20.98
CA ASN B 316 77.59 34.41 21.08
C ASN B 316 77.85 35.75 21.78
N ASN B 317 78.99 35.84 22.47
CA ASN B 317 79.40 37.03 23.25
C ASN B 317 80.93 37.00 23.48
N PRO B 318 81.58 38.16 23.86
CA PRO B 318 82.97 38.18 24.37
C PRO B 318 83.18 37.22 25.57
N ALA B 319 83.80 36.06 25.29
CA ALA B 319 84.13 35.03 26.32
C ALA B 319 85.33 35.47 27.17
N LEU B 320 86.13 36.39 26.60
CA LEU B 320 87.26 37.07 27.27
C LEU B 320 86.73 37.92 28.45
N ARG B 321 85.44 38.35 28.33
CA ARG B 321 84.70 39.21 29.28
C ARG B 321 85.48 40.48 29.70
N ASN B 322 85.02 41.16 30.80
CA ASN B 322 85.63 42.41 31.36
C ASN B 322 85.22 43.67 30.55
N MET B 323 85.05 43.52 29.22
CA MET B 323 84.61 44.61 28.34
C MET B 323 83.10 44.81 28.52
N ALA B 324 82.72 45.71 29.44
CA ALA B 324 81.31 46.03 29.72
C ALA B 324 81.17 47.52 30.08
N GLY B 325 81.66 47.90 31.27
CA GLY B 325 81.59 49.27 31.79
C GLY B 325 82.96 49.81 32.11
N ASN B 326 83.79 49.93 31.05
CA ASN B 326 85.17 50.51 31.10
C ASN B 326 86.13 49.65 31.97
N LEU B 327 85.70 48.40 32.29
CA LEU B 327 86.50 47.47 33.13
C LEU B 327 87.52 46.69 32.25
N PHE B 328 87.64 47.10 30.97
CA PHE B 328 88.67 46.61 30.04
C PHE B 328 89.24 47.81 29.27
N GLY B 329 90.50 47.69 28.80
CA GLY B 329 91.15 48.76 28.03
C GLY B 329 91.93 49.74 28.91
N GLY B 330 91.79 49.61 30.25
CA GLY B 330 92.38 50.52 31.22
C GLY B 330 93.90 50.39 31.35
N ALA B 331 94.46 49.24 30.91
CA ALA B 331 95.92 48.97 30.94
C ALA B 331 96.70 49.81 29.90
N GLY B 332 95.95 50.48 29.00
CA GLY B 332 96.51 51.41 28.00
C GLY B 332 97.20 52.62 28.64
N ALA B 333 96.85 52.90 29.91
CA ALA B 333 97.52 53.92 30.73
C ALA B 333 98.82 53.33 31.33
N GLN B 334 99.96 53.63 30.70
CA GLN B 334 101.30 53.14 31.14
C GLN B 334 102.38 54.19 30.79
N SER B 335 103.04 54.74 31.82
CA SER B 335 104.13 55.71 31.66
C SER B 335 105.35 55.23 32.46
N THR B 336 106.23 54.50 31.78
CA THR B 336 107.53 54.07 32.32
C THR B 336 108.62 55.09 31.91
N ASP B 337 108.34 55.83 30.82
CA ASP B 337 109.26 56.85 30.27
C ASP B 337 109.23 58.11 31.15
N GLU B 338 108.00 58.52 31.54
CA GLU B 338 107.72 59.62 32.49
C GLU B 338 108.39 60.95 32.05
N THR B 339 108.60 61.87 33.02
CA THR B 339 109.35 63.13 32.79
C THR B 339 110.06 63.65 34.10
N PRO B 340 109.54 63.45 35.38
CA PRO B 340 110.38 63.60 36.59
C PRO B 340 110.94 62.24 37.06
N ASP B 341 111.42 62.18 38.34
CA ASP B 341 111.88 60.93 39.03
C ASP B 341 113.17 60.34 38.44
N ASN B 342 113.80 61.04 37.48
CA ASN B 342 114.98 60.52 36.74
C ASN B 342 116.25 60.78 37.59
N GLU B 343 116.62 62.06 37.75
CA GLU B 343 117.85 62.47 38.45
C GLU B 343 117.71 63.93 38.97
N ASN B 344 118.56 64.90 38.49
CA ASN B 344 118.53 66.34 38.86
C ASN B 344 118.95 66.55 40.32
N LYS B 345 118.05 66.19 41.26
CA LYS B 345 118.35 66.21 42.69
C LYS B 345 119.34 65.08 42.98
N GLN B 346 120.62 65.45 43.15
CA GLN B 346 121.68 64.54 43.58
C GLN B 346 122.49 65.27 44.67
N TYR B 347 123.30 66.26 44.23
CA TYR B 347 124.07 67.16 45.12
C TYR B 347 124.97 66.37 46.12
N MET A 1 3.04 -11.85 -18.17
CA MET A 1 3.75 -10.59 -18.45
C MET A 1 3.33 -9.54 -17.44
N SER A 2 4.10 -9.40 -16.35
CA SER A 2 3.88 -8.37 -15.31
C SER A 2 4.46 -7.02 -15.78
N ALA A 3 3.91 -6.54 -16.93
CA ALA A 3 4.50 -5.46 -17.77
C ALA A 3 5.89 -5.90 -18.30
N SER A 4 6.68 -4.95 -18.79
CA SER A 4 8.07 -5.19 -19.22
C SER A 4 9.02 -4.44 -18.27
N LYS A 5 10.26 -4.93 -18.15
CA LYS A 5 11.27 -4.42 -17.20
C LYS A 5 11.61 -2.93 -17.43
N GLU A 6 11.62 -2.51 -18.71
CA GLU A 6 11.92 -1.12 -19.10
C GLU A 6 10.70 -0.20 -18.94
N GLU A 7 9.47 -0.78 -19.01
CA GLU A 7 8.21 -0.01 -18.83
C GLU A 7 8.05 0.37 -17.35
N ILE A 8 8.29 -0.61 -16.46
CA ILE A 8 8.28 -0.41 -15.00
C ILE A 8 9.42 0.55 -14.60
N ALA A 9 10.61 0.32 -15.20
CA ALA A 9 11.81 1.17 -14.98
C ALA A 9 11.58 2.62 -15.42
N ALA A 10 10.82 2.78 -16.53
CA ALA A 10 10.46 4.10 -17.08
C ALA A 10 9.57 4.87 -16.09
N LEU A 11 8.64 4.14 -15.46
CA LEU A 11 7.68 4.68 -14.46
C LEU A 11 8.44 5.09 -13.18
N ILE A 12 9.40 4.25 -12.80
CA ILE A 12 10.25 4.42 -11.60
C ILE A 12 11.07 5.71 -11.67
N VAL A 13 11.77 5.91 -12.79
CA VAL A 13 12.66 7.06 -12.98
C VAL A 13 11.87 8.35 -13.25
N ASN A 14 10.67 8.22 -13.89
CA ASN A 14 9.78 9.38 -14.16
C ASN A 14 9.15 9.85 -12.82
N TYR A 15 9.00 8.92 -11.87
CA TYR A 15 8.50 9.22 -10.54
C TYR A 15 9.55 10.03 -9.75
N PHE A 16 10.83 9.58 -9.83
CA PHE A 16 11.97 10.31 -9.23
C PHE A 16 12.17 11.68 -9.89
N SER A 17 11.86 11.74 -11.21
CA SER A 17 11.89 12.99 -11.99
C SER A 17 10.92 14.00 -11.36
N SER A 18 9.66 13.55 -11.15
CA SER A 18 8.57 14.39 -10.58
C SER A 18 8.94 14.92 -9.17
N ILE A 19 9.66 14.09 -8.40
CA ILE A 19 10.15 14.45 -7.04
C ILE A 19 11.21 15.56 -7.13
N VAL A 20 12.17 15.44 -8.08
CA VAL A 20 13.28 16.42 -8.25
C VAL A 20 12.88 17.62 -9.16
N GLU A 21 11.69 17.53 -9.80
CA GLU A 21 11.08 18.64 -10.56
C GLU A 21 10.52 19.68 -9.57
N LYS A 22 9.85 19.17 -8.54
CA LYS A 22 9.22 20.00 -7.49
C LYS A 22 10.16 20.12 -6.26
N LYS A 23 11.30 19.34 -6.30
CA LYS A 23 12.39 19.28 -5.27
C LYS A 23 11.88 19.47 -3.82
N GLU A 24 11.18 18.43 -3.33
CA GLU A 24 10.54 18.42 -1.98
C GLU A 24 11.36 17.57 -0.98
N ILE A 25 12.64 17.36 -1.33
CA ILE A 25 13.56 16.52 -0.55
C ILE A 25 14.89 17.29 -0.37
N SER A 26 15.77 16.83 0.54
CA SER A 26 17.11 17.41 0.75
C SER A 26 17.96 17.33 -0.54
N GLU A 27 19.01 18.16 -0.62
CA GLU A 27 19.95 18.20 -1.76
C GLU A 27 20.69 16.86 -1.88
N ASP A 28 21.01 16.31 -0.70
CA ASP A 28 21.64 14.99 -0.52
C ASP A 28 20.79 13.90 -1.17
N GLY A 29 19.51 13.83 -0.73
CA GLY A 29 18.57 12.82 -1.20
C GLY A 29 18.15 13.03 -2.63
N ALA A 30 18.13 14.31 -3.07
CA ALA A 30 17.76 14.69 -4.43
C ALA A 30 18.73 14.07 -5.45
N ASP A 31 20.05 14.22 -5.16
CA ASP A 31 21.14 13.68 -5.99
C ASP A 31 21.09 12.15 -6.04
N SER A 32 20.83 11.53 -4.87
CA SER A 32 20.77 10.06 -4.71
C SER A 32 19.66 9.44 -5.59
N LEU A 33 18.57 10.19 -5.80
CA LEU A 33 17.43 9.75 -6.63
C LEU A 33 17.62 10.20 -8.10
N ASN A 34 18.32 11.33 -8.29
CA ASN A 34 18.54 11.97 -9.60
C ASN A 34 19.48 11.10 -10.46
N VAL A 35 20.65 10.75 -9.89
CA VAL A 35 21.67 9.93 -10.58
C VAL A 35 21.21 8.46 -10.70
N ALA A 36 20.31 8.03 -9.80
CA ALA A 36 19.70 6.69 -9.83
C ALA A 36 18.90 6.51 -11.14
N MET A 37 18.26 7.62 -11.60
CA MET A 37 17.49 7.65 -12.86
C MET A 37 18.40 7.29 -14.06
N ASP A 38 19.59 7.93 -14.10
CA ASP A 38 20.58 7.79 -15.19
C ASP A 38 21.11 6.35 -15.27
N CYS A 39 21.34 5.74 -14.09
CA CYS A 39 21.84 4.37 -13.96
C CYS A 39 20.82 3.36 -14.53
N ILE A 40 19.55 3.53 -14.14
CA ILE A 40 18.43 2.66 -14.59
C ILE A 40 18.17 2.85 -16.11
N SER A 41 18.33 4.11 -16.59
CA SER A 41 18.17 4.46 -18.02
C SER A 41 19.26 3.78 -18.87
N GLU A 42 20.50 3.82 -18.35
CA GLU A 42 21.66 3.19 -19.01
C GLU A 42 21.53 1.66 -19.00
N ALA A 43 20.92 1.12 -17.91
CA ALA A 43 20.79 -0.32 -17.66
C ALA A 43 19.93 -1.01 -18.74
N PHE A 44 18.73 -0.46 -18.99
CA PHE A 44 17.74 -1.09 -19.90
C PHE A 44 17.80 -0.51 -21.33
N GLY A 45 18.49 0.63 -21.49
CA GLY A 45 18.73 1.21 -22.81
C GLY A 45 17.64 2.18 -23.26
N PHE A 46 17.42 3.23 -22.46
CA PHE A 46 16.51 4.34 -22.80
C PHE A 46 17.07 5.66 -22.24
N GLU A 47 16.48 6.79 -22.68
CA GLU A 47 16.85 8.13 -22.19
C GLU A 47 15.91 8.48 -21.01
N ARG A 48 16.45 9.22 -20.02
CA ARG A 48 15.79 9.54 -18.73
C ARG A 48 14.47 10.35 -18.92
N GLU A 49 14.37 11.17 -20.00
CA GLU A 49 13.15 11.96 -20.30
C GLU A 49 12.34 11.35 -21.45
N ALA A 50 12.88 10.29 -22.09
CA ALA A 50 12.20 9.56 -23.18
C ALA A 50 11.25 8.49 -22.61
N VAL A 51 11.16 8.44 -21.28
CA VAL A 51 10.37 7.43 -20.54
C VAL A 51 8.86 7.65 -20.68
N SER A 52 8.46 8.92 -20.90
CA SER A 52 7.07 9.29 -21.25
C SER A 52 6.61 8.54 -22.51
N GLY A 53 7.54 8.41 -23.49
CA GLY A 53 7.30 7.74 -24.76
C GLY A 53 7.17 6.22 -24.65
N ILE A 54 7.57 5.66 -23.50
CA ILE A 54 7.44 4.22 -23.20
C ILE A 54 6.09 3.96 -22.49
N LEU A 55 5.79 4.84 -21.52
CA LEU A 55 4.64 4.70 -20.60
C LEU A 55 3.30 4.91 -21.31
N GLY A 56 3.25 5.88 -22.24
CA GLY A 56 2.04 6.12 -23.04
C GLY A 56 1.71 4.96 -23.96
N LYS A 57 2.75 4.22 -24.37
CA LYS A 57 2.63 3.06 -25.28
C LYS A 57 2.38 1.76 -24.49
N SER A 58 2.49 1.83 -23.14
CA SER A 58 2.29 0.68 -22.25
C SER A 58 0.87 0.68 -21.70
N GLU A 59 0.17 -0.46 -21.84
CA GLU A 59 -1.18 -0.65 -21.27
C GLU A 59 -1.08 -1.02 -19.78
N PHE A 60 -0.05 -1.83 -19.42
CA PHE A 60 0.06 -2.49 -18.09
C PHE A 60 -1.13 -3.45 -17.86
N LYS A 61 -0.98 -4.40 -16.92
CA LYS A 61 -2.00 -5.44 -16.66
C LYS A 61 -2.88 -5.06 -15.46
N GLY A 62 -2.73 -3.82 -14.94
CA GLY A 62 -3.54 -3.36 -13.82
C GLY A 62 -3.53 -1.84 -13.66
N GLN A 63 -2.33 -1.26 -13.39
CA GLN A 63 -2.18 0.16 -13.06
C GLN A 63 -2.67 1.06 -14.23
N HIS A 64 -2.00 0.96 -15.40
CA HIS A 64 -2.30 1.75 -16.63
C HIS A 64 -2.15 3.27 -16.37
N LEU A 65 -3.21 3.87 -15.78
CA LEU A 65 -3.30 5.29 -15.40
C LEU A 65 -4.07 5.38 -14.06
N ALA A 66 -4.42 6.61 -13.63
CA ALA A 66 -5.15 6.90 -12.36
C ALA A 66 -4.25 6.68 -11.13
N ASP A 67 -3.84 5.40 -10.92
CA ASP A 67 -2.80 5.01 -9.93
C ASP A 67 -1.50 5.80 -10.17
N ILE A 68 -1.12 5.91 -11.45
CA ILE A 68 0.11 6.61 -11.87
C ILE A 68 -0.21 7.83 -12.76
N LEU A 69 0.26 9.01 -12.31
CA LEU A 69 0.26 10.26 -13.10
C LEU A 69 1.71 10.58 -13.56
N ASN A 70 2.61 9.59 -13.40
CA ASN A 70 4.06 9.74 -13.63
C ASN A 70 4.38 9.40 -15.11
N SER A 71 3.54 9.94 -16.01
CA SER A 71 3.56 9.60 -17.44
C SER A 71 4.16 10.75 -18.29
N ALA A 72 4.54 11.87 -17.63
CA ALA A 72 5.06 13.08 -18.29
C ALA A 72 6.43 13.47 -17.71
N SER A 73 7.46 13.45 -18.57
CA SER A 73 8.85 13.74 -18.18
C SER A 73 9.19 15.20 -18.53
N ARG A 74 9.80 15.93 -17.57
CA ARG A 74 10.09 17.37 -17.74
C ARG A 74 11.62 17.64 -17.64
N VAL A 75 12.15 17.88 -16.42
CA VAL A 75 13.56 18.24 -16.19
C VAL A 75 13.85 18.22 -14.66
N PRO A 76 14.98 17.61 -14.19
CA PRO A 76 15.45 17.75 -12.78
C PRO A 76 15.71 19.23 -12.42
N GLU A 77 14.69 19.87 -11.83
CA GLU A 77 14.70 21.31 -11.51
C GLU A 77 15.49 21.59 -10.20
N SER A 78 15.80 20.53 -9.47
CA SER A 78 16.76 20.55 -8.35
C SER A 78 18.18 20.83 -8.87
N ASN A 79 18.42 20.38 -10.12
CA ASN A 79 19.65 20.61 -10.88
C ASN A 79 19.49 21.89 -11.74
N LYS A 80 20.60 22.33 -12.38
CA LYS A 80 20.63 23.42 -13.37
C LYS A 80 20.42 24.82 -12.73
N LYS A 81 19.15 25.20 -12.44
CA LYS A 81 18.81 26.55 -11.93
C LYS A 81 19.23 26.69 -10.45
N ASP A 82 18.86 25.69 -9.65
CA ASP A 82 19.20 25.63 -8.21
C ASP A 82 20.60 25.04 -8.06
N ASP A 83 20.77 23.80 -8.58
CA ASP A 83 22.06 23.12 -8.79
C ASP A 83 22.94 23.12 -7.52
N ALA A 84 22.58 22.28 -6.54
CA ALA A 84 23.25 22.23 -5.22
C ALA A 84 23.13 20.83 -4.60
N GLU A 85 22.80 19.83 -5.43
CA GLU A 85 22.56 18.45 -4.98
C GLU A 85 23.89 17.76 -4.62
N ASN A 86 23.96 17.21 -3.39
CA ASN A 86 25.17 16.55 -2.82
C ASN A 86 26.32 17.58 -2.65
N VAL A 87 26.98 17.92 -3.78
CA VAL A 87 28.00 18.98 -3.84
C VAL A 87 27.33 20.36 -3.65
N GLU A 88 28.02 21.25 -2.91
CA GLU A 88 27.60 22.63 -2.64
C GLU A 88 26.29 22.66 -1.80
N ILE A 89 26.44 22.57 -0.48
CA ILE A 89 25.32 22.62 0.50
C ILE A 89 25.60 23.68 1.58
N ASN A 90 26.38 24.73 1.18
CA ASN A 90 26.99 25.72 2.10
C ASN A 90 28.01 25.01 3.01
N ILE A 91 29.28 24.97 2.54
CA ILE A 91 30.38 24.28 3.21
C ILE A 91 30.76 25.06 4.50
N PRO A 92 30.52 24.47 5.73
CA PRO A 92 30.77 25.17 7.01
C PRO A 92 32.28 25.20 7.37
N GLU A 93 33.02 26.15 6.74
CA GLU A 93 34.47 26.33 6.96
C GLU A 93 34.74 26.81 8.39
N ASP A 94 34.50 28.12 8.67
CA ASP A 94 34.54 28.69 10.03
C ASP A 94 33.13 28.75 10.62
N ASP A 95 32.32 29.67 10.04
CA ASP A 95 30.96 30.02 10.56
C ASP A 95 29.95 30.16 9.40
N ALA A 96 30.15 29.36 8.32
CA ALA A 96 29.27 29.38 7.13
C ALA A 96 27.91 28.73 7.42
N GLU A 97 27.81 28.00 8.54
CA GLU A 97 26.56 27.36 8.99
C GLU A 97 25.67 28.37 9.76
N THR A 98 26.31 29.46 10.27
CA THR A 98 25.62 30.54 11.04
C THR A 98 24.53 31.25 10.20
N LYS A 99 24.57 31.09 8.85
CA LYS A 99 23.58 31.67 7.93
C LYS A 99 22.12 31.23 8.23
N ALA A 100 21.96 30.20 9.08
CA ALA A 100 20.65 29.77 9.59
C ALA A 100 19.99 30.83 10.50
N LYS A 101 20.85 31.61 11.23
CA LYS A 101 20.42 32.74 12.08
C LYS A 101 19.68 33.83 11.28
N ALA A 102 19.93 33.87 9.96
CA ALA A 102 19.22 34.77 9.02
C ALA A 102 17.70 34.53 9.11
N GLU A 103 17.31 33.24 9.07
CA GLU A 103 15.90 32.78 9.13
C GLU A 103 15.20 33.28 10.41
N ASP A 104 15.96 33.30 11.51
CA ASP A 104 15.44 33.64 12.85
C ASP A 104 15.15 35.15 13.00
N LEU A 105 15.87 35.97 12.22
CA LEU A 105 15.78 37.46 12.27
C LEU A 105 14.61 37.95 11.41
N LYS A 106 14.59 37.50 10.15
CA LYS A 106 13.54 37.87 9.17
C LYS A 106 12.17 37.28 9.54
N MET A 107 12.17 36.25 10.41
CA MET A 107 10.95 35.63 10.95
C MET A 107 10.04 36.67 11.60
N GLN A 108 10.67 37.54 12.42
CA GLN A 108 9.99 38.62 13.15
C GLN A 108 9.46 39.69 12.17
N GLY A 109 10.24 39.95 11.09
CA GLY A 109 9.85 40.91 10.06
C GLY A 109 8.73 40.40 9.16
N ASN A 110 8.65 39.07 9.02
CA ASN A 110 7.62 38.40 8.21
C ASN A 110 6.28 38.45 8.96
N LYS A 111 6.36 38.37 10.31
CA LYS A 111 5.22 38.60 11.21
C LYS A 111 4.77 40.07 11.11
N ALA A 112 5.76 40.99 11.12
CA ALA A 112 5.54 42.46 11.09
C ALA A 112 4.76 42.90 9.84
N MET A 113 5.04 42.21 8.71
CA MET A 113 4.35 42.42 7.41
C MET A 113 2.81 42.32 7.55
N ALA A 114 2.36 41.33 8.37
CA ALA A 114 0.93 41.03 8.60
C ALA A 114 0.22 42.15 9.39
N ASN A 115 0.97 42.82 10.32
CA ASN A 115 0.44 43.96 11.10
C ASN A 115 0.53 45.27 10.28
N LYS A 116 1.22 45.18 9.12
CA LYS A 116 1.48 46.28 8.14
C LYS A 116 2.69 47.15 8.58
N ASP A 117 3.52 46.61 9.48
CA ASP A 117 4.84 47.19 9.78
C ASP A 117 5.80 46.77 8.66
N TYR A 118 5.68 47.46 7.51
CA TYR A 118 6.47 47.17 6.31
C TYR A 118 7.92 47.63 6.48
N GLU A 119 8.11 48.70 7.28
CA GLU A 119 9.45 49.22 7.63
C GLU A 119 10.17 48.21 8.53
N LEU A 120 9.52 47.82 9.65
CA LEU A 120 10.03 46.81 10.61
C LEU A 120 10.30 45.45 9.91
N ALA A 121 9.48 45.18 8.86
CA ALA A 121 9.66 44.02 7.98
C ALA A 121 11.02 44.10 7.27
N ILE A 122 11.23 45.20 6.50
CA ILE A 122 12.45 45.44 5.68
C ILE A 122 13.72 45.36 6.55
N ASN A 123 13.68 46.00 7.74
CA ASN A 123 14.82 46.04 8.68
C ASN A 123 15.23 44.61 9.09
N LYS A 124 14.24 43.78 9.47
CA LYS A 124 14.49 42.40 9.93
C LYS A 124 14.93 41.46 8.78
N TYR A 125 14.42 41.73 7.55
CA TYR A 125 14.87 41.02 6.34
C TYR A 125 16.33 41.39 6.04
N THR A 126 16.71 42.66 6.34
CA THR A 126 18.08 43.18 6.14
C THR A 126 19.03 42.62 7.21
N GLU A 127 18.52 42.38 8.45
CA GLU A 127 19.30 41.71 9.53
C GLU A 127 19.70 40.30 9.05
N ALA A 128 18.76 39.66 8.36
CA ALA A 128 18.95 38.35 7.74
C ALA A 128 19.95 38.40 6.57
N ILE A 129 19.93 39.51 5.82
CA ILE A 129 20.89 39.81 4.72
C ILE A 129 22.31 40.08 5.28
N LYS A 130 22.38 40.53 6.54
CA LYS A 130 23.67 40.75 7.24
C LYS A 130 24.29 39.40 7.63
N VAL A 131 23.44 38.42 8.00
CA VAL A 131 23.88 37.06 8.37
C VAL A 131 24.23 36.24 7.11
N LEU A 132 23.48 36.49 6.03
CA LEU A 132 23.76 35.89 4.71
C LEU A 132 23.20 36.80 3.60
N PRO A 133 24.07 37.50 2.81
CA PRO A 133 23.63 38.33 1.65
C PRO A 133 23.49 37.51 0.34
N THR A 134 23.78 36.21 0.43
CA THR A 134 23.89 35.31 -0.74
C THR A 134 22.57 34.53 -0.97
N ASN A 135 21.44 35.17 -0.61
CA ASN A 135 20.09 34.63 -0.85
C ASN A 135 19.12 35.75 -1.26
N ALA A 136 18.53 35.61 -2.45
CA ALA A 136 17.52 36.52 -3.02
C ALA A 136 16.24 36.59 -2.17
N ILE A 137 16.02 35.52 -1.39
CA ILE A 137 14.80 35.27 -0.60
C ILE A 137 14.37 36.51 0.21
N TYR A 138 15.32 37.10 0.93
CA TYR A 138 15.05 38.18 1.90
C TYR A 138 14.91 39.54 1.19
N TYR A 139 15.62 39.72 0.05
CA TYR A 139 15.57 40.97 -0.76
C TYR A 139 14.17 41.17 -1.36
N ALA A 140 13.66 40.11 -2.03
CA ALA A 140 12.34 40.13 -2.69
C ALA A 140 11.20 40.36 -1.67
N ASN A 141 11.42 39.90 -0.43
CA ASN A 141 10.48 40.11 0.68
C ASN A 141 10.42 41.61 1.09
N ARG A 142 11.57 42.32 0.99
CA ARG A 142 11.62 43.78 1.25
C ARG A 142 10.99 44.54 0.08
N ALA A 143 11.21 44.02 -1.15
CA ALA A 143 10.67 44.62 -2.40
C ALA A 143 9.15 44.48 -2.47
N ALA A 144 8.61 43.44 -1.79
CA ALA A 144 7.17 43.26 -1.59
C ALA A 144 6.63 44.38 -0.69
N ALA A 145 7.43 44.73 0.35
CA ALA A 145 7.12 45.81 1.29
C ALA A 145 7.29 47.20 0.64
N HIS A 146 8.30 47.34 -0.27
CA HIS A 146 8.60 48.62 -0.96
C HIS A 146 7.49 48.98 -1.95
N SER A 147 7.04 47.98 -2.72
CA SER A 147 5.95 48.14 -3.70
C SER A 147 4.61 48.41 -2.97
N SER A 148 4.46 47.81 -1.76
CA SER A 148 3.27 48.03 -0.90
C SER A 148 3.28 49.48 -0.36
N LEU A 149 4.49 49.98 0.00
CA LEU A 149 4.70 51.40 0.39
C LEU A 149 4.67 52.33 -0.86
N LYS A 150 4.49 51.71 -2.05
CA LYS A 150 4.31 52.40 -3.35
C LYS A 150 5.60 53.10 -3.83
N GLU A 151 6.73 52.80 -3.16
CA GLU A 151 8.06 53.20 -3.58
C GLU A 151 8.59 52.12 -4.54
N TYR A 152 8.02 52.14 -5.76
CA TYR A 152 8.23 51.08 -6.77
C TYR A 152 9.66 51.08 -7.31
N ASP A 153 10.29 52.27 -7.30
CA ASP A 153 11.68 52.45 -7.77
C ASP A 153 12.66 51.71 -6.85
N GLN A 154 12.35 51.69 -5.54
CA GLN A 154 13.12 50.93 -4.53
C GLN A 154 12.86 49.44 -4.74
N ALA A 155 11.59 49.09 -5.02
CA ALA A 155 11.15 47.71 -5.29
C ALA A 155 11.79 47.14 -6.57
N VAL A 156 12.16 48.05 -7.52
CA VAL A 156 12.91 47.69 -8.73
C VAL A 156 14.34 47.24 -8.33
N LYS A 157 15.12 48.21 -7.83
CA LYS A 157 16.57 48.03 -7.59
C LYS A 157 16.89 47.02 -6.48
N ASP A 158 15.88 46.65 -5.67
CA ASP A 158 16.00 45.67 -4.59
C ASP A 158 15.68 44.25 -5.11
N ALA A 159 14.58 44.13 -5.87
CA ALA A 159 14.17 42.85 -6.49
C ALA A 159 15.11 42.45 -7.65
N GLU A 160 15.81 43.45 -8.22
CA GLU A 160 16.78 43.25 -9.31
C GLU A 160 18.12 42.75 -8.74
N SER A 161 18.41 43.14 -7.49
CA SER A 161 19.53 42.57 -6.70
C SER A 161 19.22 41.10 -6.40
N ALA A 162 17.94 40.82 -6.04
CA ALA A 162 17.45 39.46 -5.76
C ALA A 162 17.64 38.53 -6.98
N ILE A 163 17.17 38.99 -8.15
CA ILE A 163 17.29 38.26 -9.42
C ILE A 163 18.76 37.93 -9.77
N SER A 164 19.65 38.88 -9.47
CA SER A 164 21.09 38.75 -9.73
C SER A 164 21.75 37.66 -8.85
N ILE A 165 21.12 37.34 -7.69
CA ILE A 165 21.63 36.35 -6.72
C ILE A 165 21.08 34.94 -7.03
N ASP A 166 19.74 34.75 -6.92
CA ASP A 166 19.10 33.43 -7.14
C ASP A 166 18.24 33.49 -8.42
N PRO A 167 18.60 32.69 -9.48
CA PRO A 167 17.90 32.72 -10.78
C PRO A 167 16.61 31.86 -10.79
N SER A 168 16.53 30.91 -9.85
CA SER A 168 15.39 29.99 -9.71
C SER A 168 14.28 30.59 -8.86
N TYR A 169 14.60 31.70 -8.14
CA TYR A 169 13.67 32.35 -7.21
C TYR A 169 12.67 33.24 -8.00
N PHE A 170 11.60 32.58 -8.48
CA PHE A 170 10.49 33.18 -9.28
C PHE A 170 9.87 34.43 -8.61
N ARG A 171 9.90 34.46 -7.25
CA ARG A 171 9.37 35.59 -6.45
C ARG A 171 10.12 36.90 -6.76
N GLY A 172 11.45 36.80 -6.93
CA GLY A 172 12.30 37.96 -7.28
C GLY A 172 11.87 38.59 -8.61
N TYR A 173 11.44 37.73 -9.54
CA TYR A 173 10.95 38.12 -10.88
C TYR A 173 9.52 38.67 -10.82
N SER A 174 8.72 38.17 -9.84
CA SER A 174 7.34 38.62 -9.60
C SER A 174 7.34 40.06 -9.03
N ARG A 175 8.31 40.30 -8.11
CA ARG A 175 8.50 41.61 -7.44
C ARG A 175 8.99 42.65 -8.45
N LEU A 176 10.07 42.30 -9.20
CA LEU A 176 10.68 43.22 -10.18
C LEU A 176 9.69 43.55 -11.30
N GLY A 177 8.93 42.52 -11.71
CA GLY A 177 7.93 42.63 -12.76
C GLY A 177 6.90 43.74 -12.47
N PHE A 178 6.15 43.58 -11.36
CA PHE A 178 5.11 44.53 -10.94
C PHE A 178 5.71 45.92 -10.64
N ALA A 179 6.95 45.93 -10.09
CA ALA A 179 7.65 47.17 -9.71
C ALA A 179 7.90 48.07 -10.94
N LYS A 180 8.53 47.48 -11.98
CA LYS A 180 8.89 48.20 -13.23
C LYS A 180 7.63 48.49 -14.05
N TYR A 181 6.61 47.61 -13.91
CA TYR A 181 5.29 47.79 -14.55
C TYR A 181 4.64 49.10 -14.06
N ALA A 182 4.73 49.31 -12.73
CA ALA A 182 4.18 50.48 -12.04
C ALA A 182 5.03 51.75 -12.28
N GLN A 183 6.31 51.54 -12.65
CA GLN A 183 7.22 52.63 -13.08
C GLN A 183 6.91 53.12 -14.51
N GLY A 184 6.06 52.36 -15.23
CA GLY A 184 5.66 52.70 -16.60
C GLY A 184 6.45 51.92 -17.65
N LYS A 185 6.93 50.72 -17.26
CA LYS A 185 7.72 49.82 -18.12
C LYS A 185 7.11 48.40 -18.10
N PRO A 186 6.09 48.12 -18.99
CA PRO A 186 5.50 46.76 -19.12
C PRO A 186 6.44 45.78 -19.87
N GLU A 187 7.50 46.34 -20.50
CA GLU A 187 8.52 45.58 -21.25
C GLU A 187 9.37 44.72 -20.30
N GLU A 188 10.11 45.40 -19.39
CA GLU A 188 10.98 44.74 -18.42
C GLU A 188 10.15 44.09 -17.29
N ALA A 189 8.86 44.47 -17.21
CA ALA A 189 7.87 43.80 -16.37
C ALA A 189 7.61 42.38 -16.91
N LEU A 190 7.24 42.32 -18.21
CA LEU A 190 6.88 41.07 -18.89
C LEU A 190 8.11 40.16 -19.06
N GLU A 191 9.31 40.78 -19.17
CA GLU A 191 10.58 40.04 -19.29
C GLU A 191 10.82 39.19 -18.02
N ALA A 192 10.52 39.80 -16.86
CA ALA A 192 10.63 39.14 -15.54
C ALA A 192 9.49 38.11 -15.36
N TYR A 193 8.25 38.55 -15.69
CA TYR A 193 7.02 37.71 -15.63
C TYR A 193 7.10 36.48 -16.55
N LYS A 194 7.90 36.61 -17.62
CA LYS A 194 8.14 35.55 -18.62
C LYS A 194 8.78 34.32 -17.97
N LYS A 195 9.71 34.61 -17.03
CA LYS A 195 10.48 33.56 -16.35
C LYS A 195 9.78 33.08 -15.06
N VAL A 196 8.85 33.89 -14.50
CA VAL A 196 8.02 33.46 -13.35
C VAL A 196 7.23 32.19 -13.72
N LEU A 197 6.51 32.27 -14.85
CA LEU A 197 5.68 31.15 -15.36
C LEU A 197 6.55 30.03 -15.95
N ASP A 198 7.79 30.35 -16.36
CA ASP A 198 8.72 29.40 -17.01
C ASP A 198 9.28 28.38 -15.99
N ILE A 199 9.65 28.88 -14.80
CA ILE A 199 10.19 28.04 -13.70
C ILE A 199 9.03 27.30 -12.98
N GLU A 200 7.98 28.07 -12.64
CA GLU A 200 6.86 27.60 -11.81
C GLU A 200 5.96 26.61 -12.61
N GLY A 201 5.71 26.94 -13.90
CA GLY A 201 5.05 26.03 -14.84
C GLY A 201 3.62 25.68 -14.46
N ASP A 202 3.42 24.42 -14.02
CA ASP A 202 2.10 23.86 -13.61
C ASP A 202 1.54 24.60 -12.39
N ASN A 203 2.44 24.96 -11.46
CA ASN A 203 2.10 25.53 -10.14
C ASN A 203 1.85 27.06 -10.23
N ALA A 204 1.92 27.62 -11.46
CA ALA A 204 1.73 29.07 -11.72
C ALA A 204 0.36 29.55 -11.21
N THR A 205 0.39 30.36 -10.14
CA THR A 205 -0.83 30.81 -9.43
C THR A 205 -1.53 31.96 -10.16
N GLU A 206 -2.74 32.29 -9.64
CA GLU A 206 -3.65 33.31 -10.17
C GLU A 206 -2.93 34.66 -10.44
N ALA A 207 -2.19 35.18 -9.43
CA ALA A 207 -1.58 36.53 -9.46
C ALA A 207 -0.41 36.61 -10.44
N MET A 208 0.34 35.49 -10.56
CA MET A 208 1.52 35.38 -11.43
C MET A 208 1.14 35.59 -12.91
N LYS A 209 0.14 34.81 -13.36
CA LYS A 209 -0.33 34.84 -14.76
C LYS A 209 -1.28 36.03 -15.00
N ARG A 210 -1.85 36.60 -13.92
CA ARG A 210 -2.78 37.76 -13.99
C ARG A 210 -2.05 39.02 -14.48
N ASP A 211 -1.00 39.41 -13.74
CA ASP A 211 -0.22 40.62 -14.05
C ASP A 211 0.77 40.34 -15.20
N TYR A 212 1.02 39.04 -15.50
CA TYR A 212 1.68 38.62 -16.76
C TYR A 212 0.81 39.03 -17.96
N GLU A 213 -0.50 38.72 -17.90
CA GLU A 213 -1.47 39.09 -18.97
C GLU A 213 -1.56 40.61 -19.14
N SER A 214 -1.41 41.35 -18.02
CA SER A 214 -1.36 42.81 -18.03
C SER A 214 -0.09 43.29 -18.75
N ALA A 215 1.06 42.77 -18.26
CA ALA A 215 2.40 43.08 -18.77
C ALA A 215 2.55 42.69 -20.26
N LYS A 216 1.75 41.67 -20.69
CA LYS A 216 1.68 41.20 -22.08
C LYS A 216 0.99 42.24 -22.97
N LYS A 217 -0.30 42.49 -22.69
CA LYS A 217 -1.18 43.31 -23.54
C LYS A 217 -0.71 44.76 -23.68
N LYS A 218 0.07 45.22 -22.70
CA LYS A 218 0.58 46.60 -22.66
C LYS A 218 1.80 46.79 -23.58
N VAL A 219 2.60 45.73 -23.79
CA VAL A 219 3.61 45.72 -24.87
C VAL A 219 3.06 45.14 -26.18
N GLU A 220 1.97 44.35 -26.11
CA GLU A 220 1.41 43.66 -27.29
C GLU A 220 0.66 44.67 -28.19
N GLN A 221 -0.03 45.62 -27.55
CA GLN A 221 -0.70 46.76 -28.23
C GLN A 221 0.31 47.58 -29.08
N SER A 222 1.60 47.47 -28.73
CA SER A 222 2.70 48.05 -29.50
C SER A 222 3.20 47.03 -30.55
N LEU A 223 3.93 45.99 -30.05
CA LEU A 223 4.77 45.07 -30.88
C LEU A 223 3.96 44.27 -31.93
N ASN A 224 2.72 43.84 -31.58
CA ASN A 224 1.90 42.94 -32.42
C ASN A 224 1.56 43.56 -33.79
N LEU A 225 1.05 44.80 -33.76
CA LEU A 225 0.43 45.44 -34.94
C LEU A 225 1.27 46.59 -35.51
N GLU A 226 2.42 46.93 -34.87
CA GLU A 226 3.32 48.00 -35.38
C GLU A 226 4.05 47.55 -36.67
N LYS A 227 4.63 48.52 -37.39
CA LYS A 227 5.32 48.27 -38.65
C LYS A 227 6.61 49.11 -38.65
N THR A 228 7.69 48.53 -39.21
CA THR A 228 8.99 49.22 -39.38
C THR A 228 8.91 50.24 -40.53
N VAL A 229 8.32 51.40 -40.23
CA VAL A 229 8.15 52.51 -41.18
C VAL A 229 9.53 53.16 -41.50
N PRO A 230 10.40 53.52 -40.46
CA PRO A 230 11.80 53.94 -40.70
C PRO A 230 12.75 52.72 -40.77
N GLU A 231 12.38 51.74 -41.63
CA GLU A 231 13.05 50.42 -41.72
C GLU A 231 14.55 50.53 -42.08
N GLN A 232 14.86 51.41 -43.05
CA GLN A 232 16.23 51.67 -43.50
C GLN A 232 17.09 52.25 -42.36
N SER A 233 16.46 53.10 -41.52
CA SER A 233 17.06 53.68 -40.28
C SER A 233 18.31 54.54 -40.56
N ARG A 234 18.30 55.18 -41.75
CA ARG A 234 19.41 56.03 -42.20
C ARG A 234 19.22 57.45 -41.63
N ASP A 235 18.28 58.22 -42.23
CA ASP A 235 17.79 59.54 -41.70
C ASP A 235 18.86 60.66 -41.70
N ALA A 236 20.10 60.34 -42.10
CA ALA A 236 21.21 61.33 -42.17
C ALA A 236 21.09 62.21 -43.42
N ASP A 237 20.26 61.76 -44.38
CA ASP A 237 19.98 62.49 -45.63
C ASP A 237 19.30 63.84 -45.35
N VAL A 238 18.40 63.85 -44.32
CA VAL A 238 17.64 65.04 -43.86
C VAL A 238 16.54 65.43 -44.88
N ASP A 239 16.95 65.75 -46.14
CA ASP A 239 16.07 66.01 -47.30
C ASP A 239 15.38 67.38 -47.16
N ALA A 240 14.36 67.44 -46.29
CA ALA A 240 13.58 68.66 -46.02
C ALA A 240 13.12 68.69 -44.55
N SER A 241 13.84 67.93 -43.69
CA SER A 241 13.57 67.89 -42.25
C SER A 241 14.01 69.22 -41.58
N GLN A 242 13.08 70.19 -41.58
CA GLN A 242 13.29 71.54 -40.99
C GLN A 242 13.25 71.48 -39.45
N GLY A 243 12.68 70.39 -38.90
CA GLY A 243 12.63 70.15 -37.46
C GLY A 243 13.95 69.61 -36.91
N ALA A 244 15.01 70.43 -37.06
CA ALA A 244 16.38 70.10 -36.62
C ALA A 244 16.59 70.67 -35.19
N SER A 245 16.95 69.76 -34.26
CA SER A 245 17.20 70.06 -32.83
C SER A 245 15.88 70.42 -32.09
N ALA A 246 16.01 70.90 -30.82
CA ALA A 246 14.88 71.21 -29.90
C ALA A 246 14.19 69.91 -29.45
N GLY A 247 14.28 69.60 -28.14
CA GLY A 247 13.77 68.35 -27.58
C GLY A 247 14.83 67.25 -27.64
N GLY A 248 16.07 67.63 -27.27
CA GLY A 248 17.19 66.68 -27.17
C GLY A 248 17.14 65.89 -25.87
N LEU A 249 16.36 66.43 -24.88
CA LEU A 249 16.21 65.86 -23.51
C LEU A 249 17.58 65.79 -22.79
N PRO A 250 17.95 66.82 -21.97
CA PRO A 250 19.18 66.79 -21.14
C PRO A 250 19.01 65.82 -19.95
N ASP A 251 20.11 65.52 -19.23
CA ASP A 251 20.05 64.65 -18.03
C ASP A 251 19.25 65.38 -16.93
N LEU A 252 17.92 65.11 -16.93
CA LEU A 252 16.96 65.76 -16.04
C LEU A 252 17.00 65.10 -14.66
N GLY A 253 17.24 65.90 -13.62
CA GLY A 253 17.43 65.43 -12.26
C GLY A 253 18.47 66.26 -11.52
N SER A 254 18.10 67.53 -11.24
CA SER A 254 18.94 68.55 -10.54
C SER A 254 20.03 69.18 -11.45
N LEU A 255 20.71 68.33 -12.24
CA LEU A 255 21.83 68.75 -13.12
C LEU A 255 21.35 69.37 -14.45
N LEU A 256 20.03 69.62 -14.58
CA LEU A 256 19.45 70.35 -15.73
C LEU A 256 19.93 71.81 -15.71
N GLY A 257 20.05 72.39 -14.49
CA GLY A 257 20.43 73.79 -14.32
C GLY A 257 20.45 74.17 -12.84
N GLY A 258 21.22 73.40 -12.05
CA GLY A 258 21.36 73.62 -10.60
C GLY A 258 22.83 73.84 -10.23
N GLY A 259 23.11 74.89 -9.41
CA GLY A 259 24.48 75.22 -8.99
C GLY A 259 24.53 76.53 -8.21
N LEU A 260 25.73 76.92 -7.79
CA LEU A 260 25.99 78.20 -7.11
C LEU A 260 27.46 78.58 -7.39
N GLY A 261 27.67 79.38 -8.45
CA GLY A 261 29.00 79.85 -8.83
C GLY A 261 29.55 80.88 -7.83
N GLY A 262 28.63 81.69 -7.27
CA GLY A 262 28.98 82.76 -6.32
C GLY A 262 28.72 84.12 -6.93
N LEU A 263 29.79 84.93 -7.09
CA LEU A 263 29.75 86.29 -7.70
C LEU A 263 28.87 87.27 -6.87
N MET A 264 28.89 88.55 -7.26
CA MET A 264 27.95 89.53 -6.71
C MET A 264 26.71 89.55 -7.62
N ASN A 265 25.55 89.18 -7.07
CA ASN A 265 24.25 89.29 -7.75
C ASN A 265 23.91 90.79 -7.87
N ASN A 266 24.44 91.40 -8.93
CA ASN A 266 24.44 92.86 -9.13
C ASN A 266 23.62 93.24 -10.38
N PRO A 267 22.99 94.45 -10.40
CA PRO A 267 22.46 95.05 -11.63
C PRO A 267 23.62 95.63 -12.49
N GLN A 268 23.28 96.46 -13.49
CA GLN A 268 24.27 97.08 -14.40
C GLN A 268 25.18 98.09 -13.66
N LEU A 269 24.62 98.68 -12.57
CA LEU A 269 25.32 99.60 -11.63
C LEU A 269 25.53 101.00 -12.23
N MET A 270 26.25 101.06 -13.36
CA MET A 270 26.53 102.31 -14.10
C MET A 270 25.76 102.31 -15.43
N GLN A 271 25.55 103.52 -16.00
CA GLN A 271 24.87 103.72 -17.29
C GLN A 271 25.32 105.06 -17.93
N ALA A 272 24.73 105.42 -19.09
CA ALA A 272 25.07 106.63 -19.86
C ALA A 272 24.33 107.89 -19.34
N ALA A 273 23.81 107.83 -18.08
CA ALA A 273 23.05 108.95 -17.45
C ALA A 273 23.92 110.20 -17.22
N GLN A 274 25.26 110.00 -17.21
CA GLN A 274 26.25 111.10 -17.16
C GLN A 274 26.08 112.02 -18.39
N LYS A 275 25.80 111.39 -19.55
CA LYS A 275 25.61 112.10 -20.83
C LYS A 275 24.17 112.63 -20.98
N MET A 276 23.38 112.61 -19.89
CA MET A 276 22.08 113.28 -19.83
C MET A 276 22.18 114.45 -18.83
N MET A 277 22.44 114.11 -17.55
CA MET A 277 22.57 115.10 -16.47
C MET A 277 23.94 115.81 -16.60
N SER A 278 23.94 116.90 -17.38
CA SER A 278 25.14 117.69 -17.71
C SER A 278 24.72 118.88 -18.59
N ASN A 279 25.11 120.11 -18.20
CA ASN A 279 24.84 121.34 -18.98
C ASN A 279 26.17 122.11 -19.22
N PRO A 280 26.42 122.61 -20.47
CA PRO A 280 27.73 123.22 -20.83
C PRO A 280 27.97 124.60 -20.16
N GLY A 281 28.82 124.60 -19.10
CA GLY A 281 29.16 125.80 -18.33
C GLY A 281 30.06 126.78 -19.06
N ALA A 282 30.48 126.44 -20.31
CA ALA A 282 31.23 127.34 -21.19
C ALA A 282 30.42 128.61 -21.50
N MET A 283 29.09 128.44 -21.72
CA MET A 283 28.13 129.56 -21.88
C MET A 283 26.67 129.05 -21.89
N GLN A 284 26.47 127.82 -22.43
CA GLN A 284 25.14 127.21 -22.69
C GLN A 284 24.30 128.14 -23.59
N ASN A 285 24.54 128.03 -24.92
CA ASN A 285 23.98 128.93 -25.97
C ASN A 285 24.61 130.35 -25.83
N ILE A 286 24.73 131.10 -26.95
CA ILE A 286 25.24 132.49 -26.92
C ILE A 286 24.28 133.36 -26.09
N GLN A 287 22.99 133.39 -26.51
CA GLN A 287 21.89 134.17 -25.87
C GLN A 287 22.17 135.70 -25.86
N LYS A 288 21.10 136.50 -26.08
CA LYS A 288 21.14 137.98 -26.00
C LYS A 288 22.10 138.59 -27.08
N MET A 289 21.54 139.25 -28.10
CA MET A 289 22.34 139.97 -29.12
C MET A 289 22.09 141.48 -29.01
N MET A 290 20.93 141.94 -29.48
CA MET A 290 20.63 143.38 -29.59
C MET A 290 20.04 143.89 -28.25
N GLN A 291 20.93 143.95 -27.23
CA GLN A 291 20.64 144.48 -25.87
C GLN A 291 19.65 143.60 -25.07
N ASP A 292 19.59 143.85 -23.75
CA ASP A 292 18.58 143.24 -22.85
C ASP A 292 17.23 144.01 -22.95
N PRO A 293 17.19 145.41 -22.85
CA PRO A 293 15.92 146.18 -22.95
C PRO A 293 15.34 146.14 -24.38
N SER A 294 14.20 145.45 -24.54
CA SER A 294 13.46 145.40 -25.80
C SER A 294 12.87 146.79 -26.12
N ILE A 295 12.14 147.34 -25.15
CA ILE A 295 11.62 148.72 -25.20
C ILE A 295 12.15 149.50 -23.98
N ARG A 296 12.17 148.80 -22.83
CA ARG A 296 12.43 149.35 -21.48
C ARG A 296 11.29 150.25 -20.99
N GLN A 297 11.12 151.42 -21.67
CA GLN A 297 10.14 152.45 -21.32
C GLN A 297 10.48 153.05 -19.94
N MET A 298 11.36 154.09 -19.95
CA MET A 298 11.94 154.67 -18.72
C MET A 298 11.62 156.18 -18.56
N ALA A 299 12.02 157.01 -19.55
CA ALA A 299 12.09 158.48 -19.37
C ALA A 299 11.19 159.19 -20.39
N GLU A 300 11.54 159.11 -21.68
CA GLU A 300 10.77 159.77 -22.77
C GLU A 300 9.61 158.87 -23.28
N GLY A 301 9.07 158.03 -22.38
CA GLY A 301 7.89 157.20 -22.67
C GLY A 301 6.61 157.95 -22.36
N PHE A 302 5.45 157.34 -22.70
CA PHE A 302 4.09 157.88 -22.46
C PHE A 302 3.84 159.19 -23.27
N ALA A 303 4.39 160.32 -22.74
CA ALA A 303 4.23 161.67 -23.29
C ALA A 303 2.76 162.14 -23.26
N SER A 304 1.98 161.74 -24.27
CA SER A 304 0.57 162.13 -24.38
C SER A 304 -0.33 161.19 -23.55
N GLY A 305 -1.00 161.77 -22.54
CA GLY A 305 -1.99 161.06 -21.72
C GLY A 305 -3.21 161.93 -21.53
N GLY A 306 -3.03 163.01 -20.75
CA GLY A 306 -4.08 163.98 -20.47
C GLY A 306 -4.24 164.97 -21.63
N GLY A 307 -4.93 164.51 -22.69
CA GLY A 307 -5.13 165.30 -23.91
C GLY A 307 -5.95 164.54 -24.94
N THR A 308 -7.23 164.33 -24.62
CA THR A 308 -8.22 163.73 -25.54
C THR A 308 -9.16 164.84 -26.07
N PRO A 309 -8.92 165.38 -27.31
CA PRO A 309 -9.77 166.44 -27.93
C PRO A 309 -10.99 165.87 -28.67
N ASN A 310 -11.33 164.60 -28.39
CA ASN A 310 -12.37 163.84 -29.10
C ASN A 310 -13.75 164.01 -28.39
N LEU A 311 -14.21 165.27 -28.27
CA LEU A 311 -15.56 165.57 -27.72
C LEU A 311 -16.59 165.61 -28.85
N SER A 312 -16.12 165.94 -30.09
CA SER A 312 -16.95 166.25 -31.28
C SER A 312 -17.95 165.15 -31.67
N ASP A 313 -17.73 163.94 -31.15
CA ASP A 313 -18.56 162.74 -31.38
C ASP A 313 -20.01 162.95 -30.88
N LEU A 314 -20.18 163.91 -29.94
CA LEU A 314 -21.46 164.24 -29.30
C LEU A 314 -22.51 164.69 -30.35
N MET A 315 -22.03 165.21 -31.50
CA MET A 315 -22.90 165.68 -32.60
C MET A 315 -23.62 164.49 -33.27
N ASN A 316 -22.83 163.46 -33.67
CA ASN A 316 -23.35 162.21 -34.29
C ASN A 316 -24.03 162.51 -35.67
N ASN A 317 -24.47 161.47 -36.40
CA ASN A 317 -25.34 161.64 -37.58
C ASN A 317 -26.68 162.25 -37.11
N PRO A 318 -27.08 163.46 -37.63
CA PRO A 318 -28.30 164.17 -37.17
C PRO A 318 -29.60 163.41 -37.57
N ALA A 319 -29.95 162.42 -36.75
CA ALA A 319 -31.18 161.62 -36.89
C ALA A 319 -32.28 162.17 -35.97
N LEU A 320 -31.86 162.77 -34.81
CA LEU A 320 -32.75 163.52 -33.92
C LEU A 320 -33.30 164.74 -34.68
N ARG A 321 -32.43 165.36 -35.51
CA ARG A 321 -32.84 166.32 -36.55
C ARG A 321 -33.78 165.60 -37.53
N ASN A 322 -35.07 165.67 -37.22
CA ASN A 322 -36.15 165.05 -38.01
C ASN A 322 -36.71 166.07 -39.00
N MET A 323 -37.73 165.63 -39.76
CA MET A 323 -38.41 166.43 -40.80
C MET A 323 -37.45 166.73 -41.97
N ALA A 324 -36.57 167.76 -41.78
CA ALA A 324 -35.59 168.23 -42.79
C ALA A 324 -36.26 169.00 -43.95
N GLY A 325 -37.10 168.27 -44.74
CA GLY A 325 -37.75 168.82 -45.92
C GLY A 325 -36.76 169.02 -47.07
N ASN A 326 -35.69 168.20 -47.09
CA ASN A 326 -34.59 168.30 -48.08
C ASN A 326 -34.45 166.96 -48.82
N LEU A 327 -33.74 166.00 -48.21
CA LEU A 327 -33.61 164.64 -48.75
C LEU A 327 -34.75 163.76 -48.19
N PHE A 328 -35.14 164.06 -46.94
CA PHE A 328 -36.18 163.34 -46.19
C PHE A 328 -37.27 164.33 -45.77
N GLY A 329 -38.39 163.78 -45.27
CA GLY A 329 -39.55 164.58 -44.82
C GLY A 329 -40.85 164.16 -45.47
N GLY A 330 -40.93 162.85 -45.84
CA GLY A 330 -42.13 162.29 -46.48
C GLY A 330 -42.42 162.89 -47.85
N ALA A 331 -41.37 163.45 -48.48
CA ALA A 331 -41.46 164.16 -49.75
C ALA A 331 -41.41 163.16 -50.92
N GLY A 332 -42.61 162.69 -51.32
CA GLY A 332 -42.76 161.69 -52.37
C GLY A 332 -43.37 162.28 -53.64
N ALA A 333 -43.15 163.59 -53.87
CA ALA A 333 -43.78 164.33 -54.99
C ALA A 333 -43.01 164.20 -56.32
N GLN A 334 -42.09 163.22 -56.41
CA GLN A 334 -41.31 162.92 -57.65
C GLN A 334 -42.25 162.30 -58.69
N SER A 335 -42.97 163.19 -59.37
CA SER A 335 -44.02 162.86 -60.36
C SER A 335 -44.16 164.04 -61.34
N THR A 336 -44.29 165.23 -60.72
CA THR A 336 -44.29 166.54 -61.41
C THR A 336 -42.91 166.81 -62.02
N ASP A 337 -41.87 166.37 -61.29
CA ASP A 337 -40.47 166.53 -61.67
C ASP A 337 -40.15 165.67 -62.90
N GLU A 338 -40.65 164.43 -62.86
CA GLU A 338 -40.38 163.40 -63.87
C GLU A 338 -41.68 163.02 -64.57
N THR A 339 -42.23 164.00 -65.32
CA THR A 339 -43.43 163.83 -66.15
C THR A 339 -43.21 162.90 -67.39
N PRO A 340 -41.95 162.68 -67.96
CA PRO A 340 -41.69 161.55 -68.90
C PRO A 340 -41.94 160.15 -68.27
N ASP A 341 -41.98 160.12 -66.92
CA ASP A 341 -42.10 158.91 -66.11
C ASP A 341 -40.78 158.12 -66.18
N ASN A 342 -40.58 157.30 -67.25
CA ASN A 342 -39.31 156.56 -67.52
C ASN A 342 -39.41 155.73 -68.81
N GLU A 343 -38.50 156.01 -69.76
CA GLU A 343 -38.21 155.16 -70.94
C GLU A 343 -39.46 155.00 -71.86
N ASN A 344 -39.54 155.85 -72.91
CA ASN A 344 -40.60 155.85 -73.95
C ASN A 344 -41.97 156.32 -73.40
N LYS A 345 -42.63 155.46 -72.59
CA LYS A 345 -44.00 155.69 -72.08
C LYS A 345 -44.96 155.84 -73.29
N GLN A 346 -44.88 154.89 -74.23
CA GLN A 346 -45.72 154.86 -75.42
C GLN A 346 -45.65 153.45 -76.03
N TYR A 347 -44.51 153.15 -76.70
CA TYR A 347 -44.19 151.83 -77.25
C TYR A 347 -42.70 151.52 -76.94
N MET B 1 -0.66 8.83 -6.21
CA MET B 1 -1.84 7.94 -6.13
C MET B 1 -1.39 6.47 -6.05
N SER B 2 -0.15 6.21 -6.51
CA SER B 2 0.50 4.91 -6.33
C SER B 2 1.04 4.78 -4.89
N ALA B 3 0.12 4.50 -3.95
CA ALA B 3 0.39 4.33 -2.50
C ALA B 3 1.21 5.51 -1.89
N SER B 4 2.55 5.35 -1.77
CA SER B 4 3.47 6.38 -1.24
C SER B 4 4.90 6.09 -1.75
N LYS B 5 5.71 7.16 -1.95
CA LYS B 5 7.11 7.06 -2.46
C LYS B 5 8.01 6.18 -1.56
N GLU B 6 7.72 6.22 -0.25
CA GLU B 6 8.38 5.36 0.78
C GLU B 6 8.23 3.86 0.42
N GLU B 7 7.02 3.49 0.00
CA GLU B 7 6.62 2.09 -0.27
C GLU B 7 7.06 1.64 -1.68
N ILE B 8 6.98 2.58 -2.64
CA ILE B 8 7.37 2.35 -4.04
C ILE B 8 8.87 1.99 -4.11
N ALA B 9 9.67 2.71 -3.28
CA ALA B 9 11.14 2.53 -3.18
C ALA B 9 11.53 1.05 -2.98
N ALA B 10 10.74 0.34 -2.16
CA ALA B 10 10.95 -1.09 -1.87
C ALA B 10 10.66 -1.95 -3.11
N LEU B 11 9.53 -1.64 -3.80
CA LEU B 11 9.07 -2.35 -5.03
C LEU B 11 10.11 -2.19 -6.16
N ILE B 12 10.70 -0.98 -6.23
CA ILE B 12 11.72 -0.60 -7.22
C ILE B 12 12.94 -1.52 -7.14
N VAL B 13 13.56 -1.55 -5.96
CA VAL B 13 14.83 -2.26 -5.74
C VAL B 13 14.62 -3.79 -5.66
N ASN B 14 13.38 -4.21 -5.34
CA ASN B 14 12.96 -5.63 -5.32
C ASN B 14 12.76 -6.15 -6.75
N TYR B 15 12.21 -5.28 -7.63
CA TYR B 15 11.93 -5.62 -9.03
C TYR B 15 13.25 -5.83 -9.78
N PHE B 16 14.21 -4.90 -9.56
CA PHE B 16 15.56 -4.96 -10.17
C PHE B 16 16.40 -6.10 -9.57
N SER B 17 16.15 -6.39 -8.28
CA SER B 17 16.79 -7.52 -7.57
C SER B 17 16.42 -8.85 -8.25
N SER B 18 15.16 -8.95 -8.72
CA SER B 18 14.65 -10.14 -9.44
C SER B 18 15.31 -10.29 -10.84
N ILE B 19 15.55 -9.13 -11.49
CA ILE B 19 16.16 -9.05 -12.83
C ILE B 19 17.64 -9.51 -12.79
N VAL B 20 18.35 -9.14 -11.70
CA VAL B 20 19.79 -9.50 -11.52
C VAL B 20 19.96 -10.86 -10.81
N GLU B 21 18.87 -11.35 -10.14
CA GLU B 21 18.82 -12.68 -9.48
C GLU B 21 18.80 -13.76 -10.57
N LYS B 22 17.76 -13.69 -11.42
CA LYS B 22 17.63 -14.56 -12.60
C LYS B 22 18.67 -14.18 -13.67
N LYS B 23 19.16 -12.91 -13.56
CA LYS B 23 20.30 -12.39 -14.34
C LYS B 23 19.94 -12.36 -15.83
N GLU B 24 18.76 -11.78 -16.10
CA GLU B 24 18.24 -11.56 -17.45
C GLU B 24 19.04 -10.48 -18.20
N ILE B 25 19.86 -9.74 -17.44
CA ILE B 25 20.77 -8.71 -17.95
C ILE B 25 22.20 -9.10 -17.56
N SER B 26 23.17 -8.80 -18.44
CA SER B 26 24.61 -9.09 -18.22
C SER B 26 25.20 -8.11 -17.20
N GLU B 27 26.41 -8.44 -16.66
CA GLU B 27 27.11 -7.62 -15.62
C GLU B 27 27.41 -6.19 -16.11
N ASP B 28 27.50 -6.04 -17.44
CA ASP B 28 27.63 -4.74 -18.11
C ASP B 28 26.51 -3.77 -17.67
N GLY B 29 25.24 -4.24 -17.74
CA GLY B 29 24.06 -3.43 -17.39
C GLY B 29 23.61 -3.62 -15.94
N ALA B 30 23.97 -4.78 -15.35
CA ALA B 30 23.61 -5.12 -13.95
C ALA B 30 24.43 -4.28 -12.96
N ASP B 31 25.60 -3.79 -13.44
CA ASP B 31 26.47 -2.85 -12.70
C ASP B 31 25.75 -1.51 -12.45
N SER B 32 24.96 -1.08 -13.44
CA SER B 32 24.15 0.14 -13.38
C SER B 32 23.04 -0.01 -12.31
N LEU B 33 22.37 -1.18 -12.32
CA LEU B 33 21.31 -1.51 -11.34
C LEU B 33 21.89 -1.71 -9.92
N ASN B 34 23.19 -2.10 -9.85
CA ASN B 34 23.90 -2.35 -8.58
C ASN B 34 23.91 -1.07 -7.70
N VAL B 35 24.45 0.03 -8.27
CA VAL B 35 24.51 1.34 -7.57
C VAL B 35 23.12 1.97 -7.43
N ALA B 36 22.24 1.75 -8.44
CA ALA B 36 20.90 2.34 -8.48
C ALA B 36 20.04 1.87 -7.29
N MET B 37 19.96 0.53 -7.12
CA MET B 37 19.20 -0.11 -6.04
C MET B 37 19.67 0.37 -4.66
N ASP B 38 21.00 0.45 -4.50
CA ASP B 38 21.65 0.82 -3.24
C ASP B 38 21.39 2.30 -2.87
N CYS B 39 21.46 3.20 -3.88
CA CYS B 39 21.25 4.65 -3.67
C CYS B 39 19.81 4.97 -3.24
N ILE B 40 18.84 4.19 -3.75
CA ILE B 40 17.41 4.32 -3.41
C ILE B 40 17.16 3.73 -2.00
N SER B 41 17.80 2.57 -1.72
CA SER B 41 17.71 1.90 -0.41
C SER B 41 18.35 2.75 0.72
N GLU B 42 19.39 3.52 0.35
CA GLU B 42 20.13 4.38 1.31
C GLU B 42 19.38 5.71 1.52
N ALA B 43 18.77 6.23 0.42
CA ALA B 43 18.05 7.53 0.43
C ALA B 43 16.85 7.50 1.40
N PHE B 44 15.97 6.49 1.22
CA PHE B 44 14.78 6.31 2.07
C PHE B 44 15.17 5.62 3.41
N GLY B 45 16.30 4.89 3.40
CA GLY B 45 16.88 4.31 4.63
C GLY B 45 16.22 3.01 5.06
N PHE B 46 16.27 2.00 4.18
CA PHE B 46 15.78 0.64 4.43
C PHE B 46 16.73 -0.36 3.75
N GLU B 47 16.81 -1.58 4.28
CA GLU B 47 17.66 -2.64 3.70
C GLU B 47 17.03 -3.23 2.43
N ARG B 48 17.88 -3.85 1.57
CA ARG B 48 17.45 -4.51 0.31
C ARG B 48 16.64 -5.77 0.62
N GLU B 49 16.92 -6.38 1.78
CA GLU B 49 16.22 -7.57 2.29
C GLU B 49 14.92 -7.14 3.01
N ALA B 50 14.92 -5.90 3.55
CA ALA B 50 13.77 -5.34 4.31
C ALA B 50 12.63 -4.86 3.40
N VAL B 51 12.76 -5.09 2.08
CA VAL B 51 11.73 -4.72 1.09
C VAL B 51 10.40 -5.46 1.34
N SER B 52 10.48 -6.74 1.78
CA SER B 52 9.31 -7.62 1.94
C SER B 52 8.42 -7.16 3.12
N GLY B 53 9.05 -6.53 4.13
CA GLY B 53 8.33 -5.96 5.29
C GLY B 53 7.61 -4.66 4.95
N ILE B 54 7.98 -4.03 3.82
CA ILE B 54 7.32 -2.83 3.29
C ILE B 54 6.23 -3.26 2.25
N LEU B 55 6.58 -4.29 1.45
CA LEU B 55 5.72 -4.80 0.36
C LEU B 55 4.57 -5.66 0.89
N GLY B 56 4.64 -6.02 2.19
CA GLY B 56 3.52 -6.65 2.87
C GLY B 56 2.32 -5.70 3.02
N LYS B 57 2.61 -4.38 3.08
CA LYS B 57 1.59 -3.32 3.24
C LYS B 57 1.19 -2.75 1.86
N SER B 58 2.21 -2.43 1.03
CA SER B 58 2.02 -1.72 -0.25
C SER B 58 1.37 -2.63 -1.32
N GLU B 59 0.04 -2.64 -1.31
CA GLU B 59 -0.80 -3.31 -2.31
C GLU B 59 -1.28 -2.29 -3.37
N PHE B 60 -1.13 -0.97 -3.07
CA PHE B 60 -1.49 0.14 -3.97
C PHE B 60 -3.01 0.12 -4.32
N LYS B 61 -3.41 0.82 -5.41
CA LYS B 61 -4.78 0.77 -5.95
C LYS B 61 -4.79 0.24 -7.40
N GLY B 62 -3.64 0.38 -8.08
CA GLY B 62 -3.52 -0.01 -9.50
C GLY B 62 -3.12 -1.46 -9.70
N GLN B 63 -1.93 -1.83 -9.18
CA GLN B 63 -1.35 -3.17 -9.39
C GLN B 63 -2.07 -4.20 -8.49
N HIS B 64 -1.71 -4.17 -7.19
CA HIS B 64 -2.18 -5.13 -6.16
C HIS B 64 -1.80 -6.58 -6.52
N LEU B 65 -2.60 -7.20 -7.41
CA LEU B 65 -2.36 -8.56 -7.95
C LEU B 65 -2.60 -8.53 -9.46
N ALA B 66 -2.13 -9.59 -10.16
CA ALA B 66 -2.28 -9.79 -11.63
C ALA B 66 -1.32 -8.90 -12.47
N ASP B 67 -1.22 -7.59 -12.11
CA ASP B 67 -0.28 -6.66 -12.75
C ASP B 67 1.14 -6.90 -12.23
N ILE B 68 1.39 -6.54 -10.96
CA ILE B 68 2.67 -6.84 -10.27
C ILE B 68 2.37 -7.82 -9.13
N LEU B 69 2.79 -9.08 -9.32
CA LEU B 69 2.61 -10.17 -8.35
C LEU B 69 3.81 -10.21 -7.37
N ASN B 70 4.95 -9.62 -7.82
CA ASN B 70 6.24 -9.71 -7.13
C ASN B 70 6.29 -8.64 -6.00
N SER B 71 5.65 -8.96 -4.87
CA SER B 71 5.60 -8.10 -3.67
C SER B 71 5.93 -8.94 -2.43
N ALA B 72 5.18 -10.04 -2.25
CA ALA B 72 5.37 -10.98 -1.13
C ALA B 72 4.99 -12.40 -1.56
N SER B 73 5.60 -13.41 -0.91
CA SER B 73 5.34 -14.83 -1.18
C SER B 73 4.07 -15.29 -0.45
N ARG B 74 3.53 -16.46 -0.86
CA ARG B 74 2.29 -17.02 -0.30
C ARG B 74 2.44 -17.38 1.20
N VAL B 75 1.38 -17.13 1.98
CA VAL B 75 1.31 -17.49 3.41
C VAL B 75 0.12 -18.48 3.62
N PRO B 76 0.33 -19.81 3.40
CA PRO B 76 -0.72 -20.82 3.69
C PRO B 76 -0.70 -21.25 5.17
N GLU B 77 -1.86 -21.75 5.66
CA GLU B 77 -1.93 -22.43 6.95
C GLU B 77 -1.13 -23.75 6.84
N SER B 78 -0.36 -24.07 7.87
CA SER B 78 0.54 -25.24 7.90
C SER B 78 0.08 -26.30 8.91
N ASN B 79 -1.07 -26.04 9.55
CA ASN B 79 -1.68 -26.98 10.53
C ASN B 79 -3.21 -26.96 10.35
N LYS B 80 -3.86 -28.08 10.76
CA LYS B 80 -5.33 -28.24 10.81
C LYS B 80 -5.97 -27.07 11.57
N LYS B 81 -5.53 -26.92 12.84
CA LYS B 81 -5.91 -25.80 13.71
C LYS B 81 -4.69 -24.87 13.85
N ASP B 82 -4.46 -24.08 12.79
CA ASP B 82 -3.19 -23.36 12.54
C ASP B 82 -2.75 -22.50 13.75
N ASP B 83 -1.54 -22.81 14.25
CA ASP B 83 -0.97 -22.26 15.50
C ASP B 83 -1.84 -22.71 16.71
N ALA B 84 -2.76 -21.82 17.19
CA ALA B 84 -3.61 -22.03 18.39
C ALA B 84 -4.29 -20.71 18.80
N GLU B 85 -3.71 -19.58 18.34
CA GLU B 85 -4.13 -18.19 18.67
C GLU B 85 -4.02 -17.91 20.18
N ASN B 86 -5.04 -18.32 20.97
CA ASN B 86 -5.12 -18.06 22.41
C ASN B 86 -4.62 -19.30 23.22
N VAL B 87 -4.06 -20.30 22.49
CA VAL B 87 -3.44 -21.53 23.04
C VAL B 87 -4.48 -22.60 23.49
N GLU B 88 -5.62 -22.11 24.06
CA GLU B 88 -6.75 -22.93 24.59
C GLU B 88 -6.36 -23.60 25.94
N ILE B 89 -7.38 -23.95 26.75
CA ILE B 89 -7.17 -24.66 28.03
C ILE B 89 -6.83 -26.16 27.79
N ASN B 90 -5.55 -26.39 27.43
CA ASN B 90 -4.95 -27.73 27.17
C ASN B 90 -5.49 -28.32 25.84
N ILE B 91 -4.94 -29.50 25.45
CA ILE B 91 -5.38 -30.26 24.26
C ILE B 91 -6.75 -30.96 24.55
N PRO B 92 -6.93 -31.68 25.74
CA PRO B 92 -8.28 -31.98 26.26
C PRO B 92 -8.96 -30.68 26.74
N GLU B 93 -10.27 -30.52 26.47
CA GLU B 93 -11.04 -29.35 26.93
C GLU B 93 -11.21 -29.36 28.47
N ASP B 94 -11.35 -30.59 29.03
CA ASP B 94 -11.40 -30.83 30.49
C ASP B 94 -11.37 -32.35 30.74
N ASP B 95 -12.48 -33.01 30.38
CA ASP B 95 -12.79 -34.41 30.76
C ASP B 95 -12.66 -35.40 29.60
N ALA B 96 -12.34 -34.89 28.38
CA ALA B 96 -12.16 -35.71 27.15
C ALA B 96 -11.14 -36.84 27.38
N GLU B 97 -10.08 -36.49 28.15
CA GLU B 97 -9.05 -37.42 28.66
C GLU B 97 -9.72 -38.52 29.53
N THR B 98 -10.45 -38.06 30.56
CA THR B 98 -11.01 -38.90 31.64
C THR B 98 -12.06 -39.91 31.13
N LYS B 99 -12.73 -39.55 30.00
CA LYS B 99 -13.74 -40.41 29.33
C LYS B 99 -13.11 -41.73 28.84
N ALA B 100 -11.91 -41.63 28.25
CA ALA B 100 -11.12 -42.78 27.78
C ALA B 100 -10.58 -43.58 28.98
N LYS B 101 -10.18 -42.84 30.03
CA LYS B 101 -9.57 -43.39 31.26
C LYS B 101 -10.62 -44.09 32.16
N ALA B 102 -11.92 -43.88 31.88
CA ALA B 102 -13.04 -44.52 32.61
C ALA B 102 -13.01 -46.06 32.49
N GLU B 103 -12.41 -46.56 31.39
CA GLU B 103 -12.26 -48.00 31.10
C GLU B 103 -11.17 -48.64 32.01
N ASP B 104 -10.15 -47.82 32.40
CA ASP B 104 -9.15 -48.21 33.40
C ASP B 104 -9.81 -48.31 34.79
N LEU B 105 -10.70 -47.35 35.05
CA LEU B 105 -11.49 -47.26 36.30
C LEU B 105 -12.44 -48.48 36.42
N LYS B 106 -12.84 -49.07 35.27
CA LYS B 106 -13.63 -50.31 35.21
C LYS B 106 -12.83 -51.50 35.81
N MET B 107 -11.53 -51.57 35.45
CA MET B 107 -10.61 -52.62 35.93
C MET B 107 -10.24 -52.40 37.42
N GLN B 108 -10.35 -51.13 37.88
CA GLN B 108 -10.21 -50.76 39.30
C GLN B 108 -11.47 -51.22 40.07
N GLY B 109 -12.64 -51.09 39.41
CA GLY B 109 -13.91 -51.55 39.96
C GLY B 109 -14.00 -53.06 40.05
N ASN B 110 -13.24 -53.73 39.17
CA ASN B 110 -13.16 -55.20 39.07
C ASN B 110 -12.21 -55.78 40.15
N LYS B 111 -11.35 -54.91 40.72
CA LYS B 111 -10.31 -55.29 41.68
C LYS B 111 -10.91 -55.87 42.98
N ALA B 112 -11.99 -55.26 43.47
CA ALA B 112 -12.66 -55.70 44.72
C ALA B 112 -13.26 -57.11 44.57
N MET B 113 -13.83 -57.40 43.38
CA MET B 113 -14.46 -58.71 43.06
C MET B 113 -13.40 -59.82 42.95
N ALA B 114 -12.15 -59.43 42.63
CA ALA B 114 -10.99 -60.36 42.58
C ALA B 114 -10.62 -60.84 44.00
N ASN B 115 -10.84 -59.95 45.01
CA ASN B 115 -10.67 -60.29 46.45
C ASN B 115 -12.03 -60.74 47.06
N LYS B 116 -12.99 -61.10 46.17
CA LYS B 116 -14.33 -61.67 46.50
C LYS B 116 -15.26 -60.67 47.22
N ASP B 117 -14.86 -59.38 47.27
CA ASP B 117 -15.74 -58.31 47.76
C ASP B 117 -16.75 -58.00 46.66
N TYR B 118 -17.80 -58.83 46.56
CA TYR B 118 -18.80 -58.75 45.48
C TYR B 118 -19.69 -57.50 45.67
N GLU B 119 -20.20 -57.35 46.91
CA GLU B 119 -21.07 -56.21 47.29
C GLU B 119 -20.32 -54.87 47.16
N LEU B 120 -19.03 -54.87 47.55
CA LEU B 120 -18.17 -53.68 47.49
C LEU B 120 -17.83 -53.35 46.03
N ALA B 121 -17.63 -54.41 45.21
CA ALA B 121 -17.30 -54.28 43.78
C ALA B 121 -18.41 -53.55 43.02
N ILE B 122 -19.68 -53.88 43.38
CA ILE B 122 -20.88 -53.25 42.79
C ILE B 122 -20.87 -51.71 43.01
N ASN B 123 -20.26 -51.27 44.14
CA ASN B 123 -20.02 -49.84 44.45
C ASN B 123 -18.78 -49.31 43.69
N LYS B 124 -17.77 -50.16 43.50
CA LYS B 124 -16.49 -49.77 42.86
C LYS B 124 -16.65 -49.51 41.35
N TYR B 125 -17.56 -50.27 40.70
CA TYR B 125 -17.89 -50.07 39.27
C TYR B 125 -18.67 -48.76 39.06
N THR B 126 -19.45 -48.37 40.08
CA THR B 126 -20.24 -47.11 40.08
C THR B 126 -19.32 -45.86 39.97
N GLU B 127 -18.04 -46.02 40.38
CA GLU B 127 -16.99 -44.99 40.21
C GLU B 127 -16.64 -44.80 38.71
N ALA B 128 -16.62 -45.93 37.95
CA ALA B 128 -16.39 -45.91 36.48
C ALA B 128 -17.63 -45.34 35.75
N ILE B 129 -18.81 -45.70 36.27
CA ILE B 129 -20.13 -45.21 35.78
C ILE B 129 -20.27 -43.69 36.01
N LYS B 130 -19.64 -43.20 37.08
CA LYS B 130 -19.64 -41.78 37.47
C LYS B 130 -19.03 -40.90 36.35
N VAL B 131 -18.01 -41.44 35.66
CA VAL B 131 -17.34 -40.74 34.54
C VAL B 131 -18.12 -40.98 33.22
N LEU B 132 -18.44 -42.26 32.95
CA LEU B 132 -19.14 -42.67 31.71
C LEU B 132 -20.37 -43.55 32.06
N PRO B 133 -21.56 -42.92 32.30
CA PRO B 133 -22.82 -43.65 32.63
C PRO B 133 -23.55 -44.22 31.41
N THR B 134 -23.03 -43.92 30.20
CA THR B 134 -23.58 -44.39 28.93
C THR B 134 -23.10 -45.83 28.61
N ASN B 135 -22.08 -46.30 29.36
CA ASN B 135 -21.51 -47.64 29.16
C ASN B 135 -22.26 -48.66 30.03
N ALA B 136 -23.12 -49.44 29.34
CA ALA B 136 -23.99 -50.48 29.95
C ALA B 136 -23.19 -51.68 30.51
N ILE B 137 -21.96 -51.84 30.01
CA ILE B 137 -21.06 -52.95 30.38
C ILE B 137 -20.50 -52.72 31.81
N TYR B 138 -20.42 -51.44 32.23
CA TYR B 138 -20.03 -51.07 33.60
C TYR B 138 -21.09 -51.56 34.63
N TYR B 139 -22.37 -51.60 34.19
CA TYR B 139 -23.51 -52.06 35.01
C TYR B 139 -23.56 -53.59 35.12
N ALA B 140 -23.99 -54.28 34.03
CA ALA B 140 -24.41 -55.70 34.07
C ALA B 140 -23.30 -56.70 34.47
N ASN B 141 -22.03 -56.26 34.51
CA ASN B 141 -20.91 -57.11 34.99
C ASN B 141 -20.85 -57.19 36.53
N ARG B 142 -21.82 -56.55 37.19
CA ARG B 142 -22.03 -56.64 38.64
C ARG B 142 -23.06 -57.74 38.96
N ALA B 143 -23.84 -58.15 37.92
CA ALA B 143 -24.89 -59.18 38.04
C ALA B 143 -24.30 -60.55 38.40
N ALA B 144 -23.05 -60.79 37.97
CA ALA B 144 -22.27 -61.96 38.37
C ALA B 144 -21.97 -61.91 39.88
N ALA B 145 -21.59 -60.70 40.36
CA ALA B 145 -21.31 -60.44 41.78
C ALA B 145 -22.58 -60.59 42.64
N HIS B 146 -23.75 -60.20 42.08
CA HIS B 146 -25.06 -60.41 42.73
C HIS B 146 -25.35 -61.91 42.86
N SER B 147 -25.13 -62.66 41.77
CA SER B 147 -25.38 -64.13 41.73
C SER B 147 -24.48 -64.90 42.73
N SER B 148 -23.31 -64.31 43.03
CA SER B 148 -22.38 -64.84 44.06
C SER B 148 -22.98 -64.66 45.47
N LEU B 149 -23.63 -63.49 45.67
CA LEU B 149 -24.32 -63.11 46.92
C LEU B 149 -25.75 -63.69 46.96
N LYS B 150 -26.09 -64.53 45.95
CA LYS B 150 -27.39 -65.22 45.80
C LYS B 150 -28.55 -64.25 45.49
N GLU B 151 -28.20 -63.02 45.09
CA GLU B 151 -29.16 -62.00 44.64
C GLU B 151 -29.45 -62.19 43.13
N TYR B 152 -30.08 -63.34 42.80
CA TYR B 152 -30.39 -63.71 41.39
C TYR B 152 -31.53 -62.85 40.84
N ASP B 153 -32.53 -62.59 41.72
CA ASP B 153 -33.64 -61.70 41.43
C ASP B 153 -33.13 -60.25 41.26
N GLN B 154 -32.17 -59.84 42.11
CA GLN B 154 -31.59 -58.47 42.06
C GLN B 154 -30.55 -58.34 40.93
N ALA B 155 -30.04 -59.49 40.43
CA ALA B 155 -29.06 -59.53 39.32
C ALA B 155 -29.68 -59.00 38.01
N VAL B 156 -31.02 -59.19 37.88
CA VAL B 156 -31.76 -58.74 36.68
C VAL B 156 -32.11 -57.25 36.77
N LYS B 157 -32.08 -56.67 38.00
CA LYS B 157 -32.27 -55.21 38.21
C LYS B 157 -31.02 -54.46 37.74
N ASP B 158 -29.86 -55.06 38.03
CA ASP B 158 -28.55 -54.58 37.57
C ASP B 158 -28.42 -54.70 36.05
N ALA B 159 -28.78 -55.88 35.54
CA ALA B 159 -28.81 -56.18 34.10
C ALA B 159 -29.85 -55.31 33.38
N GLU B 160 -30.93 -54.95 34.10
CA GLU B 160 -31.99 -54.06 33.60
C GLU B 160 -31.45 -52.64 33.40
N SER B 161 -30.60 -52.19 34.33
CA SER B 161 -29.96 -50.86 34.28
C SER B 161 -29.03 -50.76 33.04
N ALA B 162 -28.54 -51.92 32.57
CA ALA B 162 -27.76 -52.02 31.32
C ALA B 162 -28.67 -51.95 30.08
N ILE B 163 -29.86 -52.61 30.18
CA ILE B 163 -30.88 -52.63 29.10
C ILE B 163 -31.57 -51.24 28.98
N SER B 164 -31.59 -50.50 30.11
CA SER B 164 -32.19 -49.15 30.18
C SER B 164 -31.40 -48.17 29.29
N ILE B 165 -30.08 -48.38 29.21
CA ILE B 165 -29.18 -47.61 28.35
C ILE B 165 -29.24 -48.14 26.91
N ASP B 166 -29.12 -49.48 26.80
CA ASP B 166 -29.03 -50.19 25.51
C ASP B 166 -29.99 -51.39 25.50
N PRO B 167 -31.16 -51.30 24.78
CA PRO B 167 -32.14 -52.41 24.72
C PRO B 167 -31.67 -53.58 23.83
N SER B 168 -30.52 -53.38 23.15
CA SER B 168 -29.89 -54.39 22.30
C SER B 168 -28.87 -55.23 23.11
N TYR B 169 -28.69 -54.89 24.40
CA TYR B 169 -27.73 -55.59 25.28
C TYR B 169 -28.25 -57.00 25.61
N PHE B 170 -27.84 -57.94 24.74
CA PHE B 170 -28.23 -59.38 24.77
C PHE B 170 -28.01 -60.05 26.14
N ARG B 171 -26.86 -59.74 26.78
CA ARG B 171 -26.46 -60.36 28.05
C ARG B 171 -27.37 -59.93 29.22
N GLY B 172 -28.03 -58.76 29.07
CA GLY B 172 -29.03 -58.30 30.03
C GLY B 172 -30.21 -59.26 30.12
N TYR B 173 -30.60 -59.82 28.96
CA TYR B 173 -31.69 -60.80 28.84
C TYR B 173 -31.20 -62.20 29.25
N SER B 174 -29.87 -62.42 29.17
CA SER B 174 -29.25 -63.67 29.65
C SER B 174 -29.41 -63.82 31.17
N ARG B 175 -29.28 -62.68 31.90
CA ARG B 175 -29.48 -62.63 33.36
C ARG B 175 -30.98 -62.61 33.68
N LEU B 176 -31.76 -61.88 32.87
CA LEU B 176 -33.23 -61.80 32.98
C LEU B 176 -33.86 -63.21 32.87
N GLY B 177 -33.24 -64.03 32.02
CA GLY B 177 -33.62 -65.42 31.83
C GLY B 177 -33.03 -66.34 32.90
N PHE B 178 -31.86 -65.95 33.45
CA PHE B 178 -31.15 -66.75 34.49
C PHE B 178 -31.94 -66.76 35.80
N ALA B 179 -32.59 -65.64 36.15
CA ALA B 179 -33.42 -65.55 37.39
C ALA B 179 -34.70 -66.40 37.28
N LYS B 180 -35.07 -66.76 36.06
CA LYS B 180 -36.19 -67.68 35.81
C LYS B 180 -35.67 -69.12 35.87
N TYR B 181 -34.63 -69.38 35.05
CA TYR B 181 -34.04 -70.70 34.83
C TYR B 181 -33.50 -71.30 36.14
N ALA B 182 -32.60 -70.56 36.80
CA ALA B 182 -31.97 -70.98 38.06
C ALA B 182 -33.01 -71.22 39.18
N GLN B 183 -34.00 -70.30 39.29
CA GLN B 183 -35.06 -70.39 40.32
C GLN B 183 -36.10 -71.50 40.00
N GLY B 184 -36.16 -71.98 38.74
CA GLY B 184 -36.95 -73.19 38.43
C GLY B 184 -37.68 -73.18 37.09
N LYS B 185 -38.03 -71.99 36.59
CA LYS B 185 -38.87 -71.82 35.38
C LYS B 185 -38.00 -71.73 34.10
N PRO B 186 -37.92 -72.82 33.24
CA PRO B 186 -37.18 -72.77 31.97
C PRO B 186 -37.98 -72.09 30.84
N GLU B 187 -39.29 -71.84 31.10
CA GLU B 187 -40.23 -71.28 30.12
C GLU B 187 -40.01 -69.77 29.94
N GLU B 188 -40.17 -68.99 31.04
CA GLU B 188 -39.93 -67.53 31.02
C GLU B 188 -38.44 -67.21 30.76
N ALA B 189 -37.56 -68.17 31.13
CA ALA B 189 -36.14 -68.14 30.81
C ALA B 189 -35.96 -68.14 29.29
N LEU B 190 -36.63 -69.11 28.64
CA LEU B 190 -36.58 -69.36 27.20
C LEU B 190 -37.06 -68.11 26.42
N GLU B 191 -38.00 -67.36 27.03
CA GLU B 191 -38.55 -66.11 26.45
C GLU B 191 -37.49 -65.00 26.40
N ALA B 192 -36.71 -64.86 27.49
CA ALA B 192 -35.64 -63.84 27.58
C ALA B 192 -34.48 -64.17 26.61
N TYR B 193 -34.16 -65.47 26.52
CA TYR B 193 -33.11 -65.99 25.64
C TYR B 193 -33.56 -65.97 24.15
N LYS B 194 -34.89 -66.10 23.93
CA LYS B 194 -35.50 -66.00 22.60
C LYS B 194 -35.50 -64.53 22.13
N LYS B 195 -35.77 -63.61 23.07
CA LYS B 195 -35.85 -62.15 22.83
C LYS B 195 -34.52 -61.66 22.23
N VAL B 196 -33.40 -62.25 22.75
CA VAL B 196 -32.05 -62.07 22.20
C VAL B 196 -32.03 -62.43 20.70
N LEU B 197 -32.52 -63.63 20.37
CA LEU B 197 -32.49 -64.18 19.00
C LEU B 197 -33.32 -63.33 18.02
N ASP B 198 -34.45 -62.78 18.50
CA ASP B 198 -35.35 -61.94 17.69
C ASP B 198 -34.63 -60.64 17.25
N ILE B 199 -34.05 -59.94 18.25
CA ILE B 199 -33.50 -58.58 18.05
C ILE B 199 -32.09 -58.62 17.42
N GLU B 200 -31.24 -59.57 17.85
CA GLU B 200 -29.89 -59.75 17.31
C GLU B 200 -29.98 -60.35 15.89
N GLY B 201 -30.88 -61.35 15.75
CA GLY B 201 -31.11 -62.03 14.48
C GLY B 201 -29.87 -62.75 13.96
N ASP B 202 -29.27 -62.19 12.88
CA ASP B 202 -28.02 -62.68 12.27
C ASP B 202 -26.83 -62.53 13.24
N ASN B 203 -26.92 -61.52 14.12
CA ASN B 203 -25.85 -61.18 15.10
C ASN B 203 -25.84 -62.18 16.30
N ALA B 204 -26.86 -63.06 16.40
CA ALA B 204 -26.98 -64.03 17.50
C ALA B 204 -25.89 -65.13 17.42
N THR B 205 -24.70 -64.81 17.96
CA THR B 205 -23.52 -65.71 17.96
C THR B 205 -23.72 -66.88 18.93
N GLU B 206 -22.80 -67.87 18.87
CA GLU B 206 -22.85 -69.11 19.70
C GLU B 206 -22.77 -68.81 21.21
N ALA B 207 -22.18 -67.65 21.56
CA ALA B 207 -22.14 -67.15 22.95
C ALA B 207 -23.55 -66.79 23.46
N MET B 208 -24.38 -66.22 22.57
CA MET B 208 -25.79 -65.87 22.85
C MET B 208 -26.68 -67.13 22.82
N LYS B 209 -26.34 -68.03 21.86
CA LYS B 209 -27.12 -69.26 21.60
C LYS B 209 -27.02 -70.25 22.77
N ARG B 210 -25.81 -70.33 23.38
CA ARG B 210 -25.48 -71.34 24.43
C ARG B 210 -26.44 -71.24 25.64
N ASP B 211 -26.80 -70.01 26.01
CA ASP B 211 -27.78 -69.72 27.07
C ASP B 211 -29.17 -70.28 26.70
N TYR B 212 -29.59 -69.98 25.46
CA TYR B 212 -30.89 -70.40 24.89
C TYR B 212 -30.94 -71.92 24.66
N GLU B 213 -29.76 -72.51 24.36
CA GLU B 213 -29.62 -73.91 23.94
C GLU B 213 -29.78 -74.84 25.15
N SER B 214 -29.18 -74.43 26.27
CA SER B 214 -29.29 -75.15 27.55
C SER B 214 -30.75 -75.08 28.06
N ALA B 215 -31.34 -73.88 27.97
CA ALA B 215 -32.74 -73.64 28.32
C ALA B 215 -33.68 -74.48 27.44
N LYS B 216 -33.35 -74.57 26.12
CA LYS B 216 -34.09 -75.36 25.12
C LYS B 216 -34.13 -76.83 25.53
N LYS B 217 -32.92 -77.41 25.70
CA LYS B 217 -32.74 -78.85 25.97
C LYS B 217 -33.35 -79.28 27.30
N LYS B 218 -33.73 -78.29 28.15
CA LYS B 218 -34.49 -78.54 29.38
C LYS B 218 -36.01 -78.46 29.12
N VAL B 219 -36.46 -77.50 28.29
CA VAL B 219 -37.89 -77.35 27.92
C VAL B 219 -38.39 -78.56 27.10
N GLU B 220 -37.57 -79.01 26.14
CA GLU B 220 -37.96 -80.07 25.18
C GLU B 220 -37.67 -81.48 25.71
N GLN B 221 -37.41 -81.63 27.03
CA GLN B 221 -37.28 -82.96 27.66
C GLN B 221 -38.58 -83.79 27.44
N SER B 222 -39.74 -83.14 27.69
CA SER B 222 -41.07 -83.73 27.45
C SER B 222 -41.52 -83.49 25.99
N LEU B 223 -41.19 -82.27 25.49
CA LEU B 223 -41.71 -81.74 24.20
C LEU B 223 -41.07 -82.42 22.96
N ASN B 224 -39.88 -83.04 23.12
CA ASN B 224 -39.15 -83.72 22.03
C ASN B 224 -39.93 -84.96 21.55
N LEU B 225 -39.79 -86.09 22.30
CA LEU B 225 -40.47 -87.38 22.05
C LEU B 225 -39.84 -88.38 23.03
N GLU B 226 -40.49 -88.60 24.19
CA GLU B 226 -39.96 -89.45 25.27
C GLU B 226 -41.11 -90.05 26.09
N LYS B 227 -40.76 -90.53 27.31
CA LYS B 227 -41.70 -91.17 28.23
C LYS B 227 -42.71 -90.14 28.77
N THR B 228 -43.91 -90.12 28.16
CA THR B 228 -45.00 -89.20 28.54
C THR B 228 -46.34 -89.75 28.00
N VAL B 229 -46.30 -90.26 26.74
CA VAL B 229 -47.43 -90.92 26.04
C VAL B 229 -46.88 -92.05 25.11
N PRO B 230 -45.92 -91.77 24.13
CA PRO B 230 -45.39 -92.80 23.22
C PRO B 230 -44.09 -93.46 23.75
N GLU B 231 -44.25 -94.60 24.46
CA GLU B 231 -43.13 -95.46 24.89
C GLU B 231 -42.84 -96.51 23.80
N GLN B 232 -42.64 -95.99 22.58
CA GLN B 232 -42.27 -96.76 21.37
C GLN B 232 -40.83 -97.32 21.47
N SER B 233 -40.06 -96.86 22.47
CA SER B 233 -38.73 -97.38 22.81
C SER B 233 -38.53 -97.32 24.33
N ARG B 234 -38.83 -98.45 24.99
CA ARG B 234 -38.57 -98.66 26.43
C ARG B 234 -37.92 -100.04 26.58
N ASP B 235 -36.57 -100.07 26.42
CA ASP B 235 -35.74 -101.28 26.64
C ASP B 235 -36.10 -102.44 25.66
N ALA B 236 -37.07 -103.28 26.07
CA ALA B 236 -37.58 -104.44 25.27
C ALA B 236 -39.08 -104.62 25.51
N ASP B 237 -39.68 -103.67 26.26
CA ASP B 237 -41.09 -103.69 26.68
C ASP B 237 -42.06 -103.40 25.51
N VAL B 238 -41.50 -103.13 24.31
CA VAL B 238 -42.29 -102.90 23.08
C VAL B 238 -42.50 -104.24 22.32
N ASP B 239 -43.62 -104.30 21.59
CA ASP B 239 -43.99 -105.45 20.72
C ASP B 239 -44.09 -106.78 21.52
N ALA B 240 -42.97 -107.53 21.58
CA ALA B 240 -42.89 -108.84 22.25
C ALA B 240 -41.40 -109.20 22.52
N SER B 241 -40.53 -108.15 22.42
CA SER B 241 -39.05 -108.28 22.44
C SER B 241 -38.56 -109.05 21.19
N GLN B 242 -38.75 -110.38 21.20
CA GLN B 242 -38.39 -111.28 20.09
C GLN B 242 -39.68 -112.03 19.68
N GLY B 243 -40.06 -111.91 18.39
CA GLY B 243 -41.22 -112.62 17.83
C GLY B 243 -41.89 -111.84 16.72
N ALA B 244 -41.79 -110.48 16.80
CA ALA B 244 -42.40 -109.53 15.84
C ALA B 244 -43.95 -109.51 15.97
N SER B 245 -44.58 -108.57 15.26
CA SER B 245 -46.05 -108.45 15.19
C SER B 245 -46.69 -109.69 14.53
N ALA B 246 -45.91 -110.37 13.66
CA ALA B 246 -46.28 -111.64 13.02
C ALA B 246 -45.22 -112.70 13.35
N GLY B 247 -45.57 -113.61 14.26
CA GLY B 247 -44.70 -114.73 14.65
C GLY B 247 -44.94 -115.95 13.78
N GLY B 248 -44.58 -115.81 12.48
CA GLY B 248 -44.67 -116.92 11.51
C GLY B 248 -43.69 -118.03 11.84
N LEU B 249 -44.17 -119.29 11.84
CA LEU B 249 -43.32 -120.47 12.13
C LEU B 249 -42.24 -120.65 11.03
N PRO B 250 -42.58 -120.61 9.69
CA PRO B 250 -41.58 -120.38 8.63
C PRO B 250 -41.11 -118.91 8.62
N ASP B 251 -40.01 -118.64 7.90
CA ASP B 251 -39.39 -117.32 7.85
C ASP B 251 -40.31 -116.26 7.21
N LEU B 252 -40.92 -115.43 8.08
CA LEU B 252 -41.84 -114.34 7.69
C LEU B 252 -41.00 -113.09 7.35
N GLY B 253 -41.58 -112.13 6.61
CA GLY B 253 -40.86 -110.88 6.23
C GLY B 253 -40.41 -110.01 7.42
N SER B 254 -40.99 -110.27 8.61
CA SER B 254 -40.66 -109.57 9.87
C SER B 254 -39.64 -110.38 10.70
N LEU B 255 -39.48 -111.68 10.37
CA LEU B 255 -38.59 -112.62 11.07
C LEU B 255 -38.10 -113.68 10.05
N LEU B 256 -37.18 -113.24 9.16
CA LEU B 256 -36.63 -114.08 8.07
C LEU B 256 -35.14 -114.29 8.34
N GLY B 257 -34.82 -115.36 9.09
CA GLY B 257 -33.45 -115.71 9.42
C GLY B 257 -32.83 -116.62 8.37
N GLY B 258 -33.62 -117.64 7.95
CA GLY B 258 -33.18 -118.63 6.96
C GLY B 258 -32.09 -119.55 7.50
N GLY B 259 -32.16 -119.85 8.82
CA GLY B 259 -31.14 -120.65 9.50
C GLY B 259 -31.38 -122.15 9.40
N LEU B 260 -31.22 -122.70 8.19
CA LEU B 260 -31.32 -124.15 7.93
C LEU B 260 -30.02 -124.81 8.45
N GLY B 261 -30.08 -125.36 9.66
CA GLY B 261 -28.89 -125.83 10.38
C GLY B 261 -28.24 -124.67 11.15
N GLY B 262 -29.05 -124.02 12.02
CA GLY B 262 -28.61 -122.87 12.82
C GLY B 262 -27.62 -123.28 13.90
N LEU B 263 -26.36 -123.42 13.48
CA LEU B 263 -25.26 -123.94 14.31
C LEU B 263 -23.94 -123.27 13.85
N MET B 264 -23.45 -123.70 12.67
CA MET B 264 -22.25 -123.13 12.03
C MET B 264 -22.16 -123.76 10.64
N ASN B 265 -22.23 -125.11 10.62
CA ASN B 265 -22.28 -125.91 9.39
C ASN B 265 -23.55 -125.54 8.59
N ASN B 266 -23.35 -124.80 7.49
CA ASN B 266 -24.43 -124.42 6.58
C ASN B 266 -24.94 -125.63 5.73
N PRO B 267 -24.02 -126.49 5.11
CA PRO B 267 -24.46 -127.73 4.41
C PRO B 267 -25.13 -128.75 5.37
N GLN B 268 -26.44 -129.00 5.16
CA GLN B 268 -27.22 -129.98 5.94
C GLN B 268 -27.86 -130.99 4.97
N LEU B 269 -27.21 -132.15 4.80
CA LEU B 269 -27.65 -133.22 3.89
C LEU B 269 -27.39 -134.59 4.55
N MET B 270 -28.10 -134.81 5.69
CA MET B 270 -28.02 -136.02 6.53
C MET B 270 -26.66 -136.07 7.29
N GLN B 271 -26.73 -136.08 8.63
CA GLN B 271 -25.54 -136.16 9.50
C GLN B 271 -24.78 -137.49 9.26
N ALA B 272 -25.54 -138.59 9.21
CA ALA B 272 -25.03 -139.93 8.91
C ALA B 272 -25.41 -140.32 7.46
N ALA B 273 -25.03 -139.42 6.51
CA ALA B 273 -25.30 -139.61 5.07
C ALA B 273 -24.56 -140.85 4.51
N GLN B 274 -23.22 -140.86 4.72
CA GLN B 274 -22.34 -141.96 4.29
C GLN B 274 -22.66 -143.26 5.07
N LYS B 275 -23.09 -143.09 6.35
CA LYS B 275 -23.51 -144.18 7.28
C LYS B 275 -22.30 -144.96 7.84
N MET B 276 -21.50 -145.55 6.93
CA MET B 276 -20.29 -146.34 7.23
C MET B 276 -20.65 -147.64 7.97
N MET B 277 -20.83 -147.53 9.31
CA MET B 277 -21.22 -148.62 10.21
C MET B 277 -20.35 -149.88 10.02
N SER B 278 -19.03 -149.65 9.87
CA SER B 278 -17.98 -150.66 9.62
C SER B 278 -18.07 -151.24 8.18
N ASN B 279 -19.14 -151.99 7.89
CA ASN B 279 -19.40 -152.59 6.56
C ASN B 279 -20.51 -151.79 5.84
N PRO B 280 -20.15 -150.87 4.89
CA PRO B 280 -21.13 -150.13 4.07
C PRO B 280 -21.41 -150.82 2.71
N GLY B 281 -20.89 -152.05 2.55
CA GLY B 281 -21.00 -152.79 1.29
C GLY B 281 -20.12 -152.19 0.20
N ALA B 282 -20.46 -152.51 -1.06
CA ALA B 282 -19.77 -151.96 -2.24
C ALA B 282 -20.75 -151.80 -3.43
N MET B 283 -21.95 -152.42 -3.31
CA MET B 283 -23.00 -152.53 -4.36
C MET B 283 -22.48 -153.32 -5.57
N GLN B 284 -21.58 -152.68 -6.34
CA GLN B 284 -20.85 -153.28 -7.47
C GLN B 284 -20.10 -154.54 -6.99
N ASN B 285 -19.42 -154.42 -5.81
CA ASN B 285 -18.70 -155.52 -5.11
C ASN B 285 -17.35 -155.90 -5.77
N ILE B 286 -17.18 -155.55 -7.08
CA ILE B 286 -15.99 -155.86 -7.92
C ILE B 286 -15.42 -157.29 -7.71
N GLN B 287 -16.34 -158.25 -7.43
CA GLN B 287 -16.00 -159.67 -7.17
C GLN B 287 -15.83 -160.42 -8.50
N LYS B 288 -14.82 -159.99 -9.25
CA LYS B 288 -14.49 -160.49 -10.59
C LYS B 288 -13.65 -161.77 -10.46
N MET B 289 -12.76 -161.78 -9.44
CA MET B 289 -11.81 -162.90 -9.11
C MET B 289 -10.57 -162.89 -10.05
N MET B 290 -10.84 -162.74 -11.37
CA MET B 290 -9.81 -162.75 -12.43
C MET B 290 -9.23 -164.18 -12.57
N GLN B 291 -8.31 -164.54 -11.67
CA GLN B 291 -7.62 -165.83 -11.66
C GLN B 291 -8.45 -166.83 -10.81
N ASP B 292 -9.54 -167.34 -11.41
CA ASP B 292 -10.36 -168.44 -10.84
C ASP B 292 -9.49 -169.71 -10.73
N PRO B 293 -8.71 -170.14 -11.82
CA PRO B 293 -7.66 -171.17 -11.68
C PRO B 293 -6.45 -170.57 -10.91
N SER B 294 -6.57 -170.58 -9.57
CA SER B 294 -5.55 -170.03 -8.65
C SER B 294 -4.24 -170.85 -8.72
N ILE B 295 -4.38 -172.15 -9.06
CA ILE B 295 -3.25 -173.02 -9.41
C ILE B 295 -2.85 -172.71 -10.87
N ARG B 296 -3.65 -173.23 -11.85
CA ARG B 296 -3.41 -173.06 -13.31
C ARG B 296 -2.00 -173.55 -13.67
N GLN B 297 -1.86 -174.89 -13.86
CA GLN B 297 -0.60 -175.53 -14.32
C GLN B 297 0.52 -175.53 -13.21
N MET B 298 0.32 -174.76 -12.11
CA MET B 298 1.33 -174.47 -11.08
C MET B 298 1.48 -175.66 -10.09
N ALA B 299 2.07 -176.78 -10.60
CA ALA B 299 2.23 -178.05 -9.85
C ALA B 299 0.86 -178.48 -9.22
N GLU B 300 0.85 -178.77 -7.87
CA GLU B 300 -0.35 -179.08 -7.06
C GLU B 300 -1.15 -180.28 -7.64
N GLY B 301 -1.95 -179.98 -8.66
CA GLY B 301 -2.78 -180.97 -9.36
C GLY B 301 -3.15 -180.44 -10.74
N PHE B 302 -3.13 -181.34 -11.75
CA PHE B 302 -3.41 -181.02 -13.17
C PHE B 302 -2.39 -179.99 -13.70
N ALA B 303 -1.11 -180.38 -13.59
CA ALA B 303 0.04 -179.58 -14.07
C ALA B 303 0.28 -179.80 -15.57
N SER B 304 1.52 -179.59 -16.04
CA SER B 304 1.89 -179.74 -17.47
C SER B 304 1.90 -181.23 -17.89
N GLY B 305 0.69 -181.75 -18.19
CA GLY B 305 0.49 -183.11 -18.67
C GLY B 305 0.88 -184.18 -17.64
N GLY B 306 0.88 -183.81 -16.34
CA GLY B 306 1.34 -184.70 -15.26
C GLY B 306 2.81 -185.09 -15.44
N GLY B 307 3.71 -184.08 -15.32
CA GLY B 307 5.14 -184.22 -15.61
C GLY B 307 5.88 -185.13 -14.62
N THR B 308 5.76 -186.44 -14.83
CA THR B 308 6.52 -187.47 -14.09
C THR B 308 6.79 -188.65 -15.07
N PRO B 309 7.60 -188.43 -16.17
CA PRO B 309 7.78 -189.41 -17.25
C PRO B 309 8.93 -190.41 -16.99
N ASN B 310 9.09 -191.35 -17.95
CA ASN B 310 10.18 -192.34 -17.99
C ASN B 310 10.20 -193.25 -16.74
N LEU B 311 9.21 -194.14 -16.66
CA LEU B 311 9.15 -195.17 -15.59
C LEU B 311 10.32 -196.16 -15.71
N SER B 312 10.78 -196.34 -16.97
CA SER B 312 11.84 -197.29 -17.33
C SER B 312 13.25 -196.74 -17.01
N ASP B 313 13.32 -195.47 -16.55
CA ASP B 313 14.59 -194.79 -16.17
C ASP B 313 15.32 -195.54 -15.03
N LEU B 314 14.55 -196.31 -14.25
CA LEU B 314 15.03 -197.08 -13.08
C LEU B 314 15.98 -198.22 -13.46
N MET B 315 15.93 -198.66 -14.75
CA MET B 315 16.79 -199.75 -15.25
C MET B 315 17.01 -199.59 -16.77
N ASN B 316 15.94 -199.91 -17.56
CA ASN B 316 15.89 -199.90 -19.07
C ASN B 316 16.82 -200.96 -19.73
N ASN B 317 18.12 -200.95 -19.36
CA ASN B 317 19.12 -201.93 -19.83
C ASN B 317 18.71 -203.38 -19.48
N PRO B 318 18.71 -204.33 -20.47
CA PRO B 318 18.54 -205.75 -20.19
C PRO B 318 19.86 -206.38 -19.69
N ALA B 319 19.89 -206.72 -18.39
CA ALA B 319 21.05 -207.34 -17.73
C ALA B 319 21.34 -208.77 -18.23
N LEU B 320 20.38 -209.35 -19.01
CA LEU B 320 20.44 -210.73 -19.48
C LEU B 320 21.72 -211.05 -20.29
N ARG B 321 22.17 -210.08 -21.13
CA ARG B 321 23.38 -210.20 -21.99
C ARG B 321 23.25 -211.33 -23.05
N ASN B 322 23.75 -211.06 -24.26
CA ASN B 322 23.80 -212.05 -25.37
C ASN B 322 24.95 -213.04 -25.08
N MET B 323 24.59 -214.12 -24.35
CA MET B 323 25.49 -215.19 -23.86
C MET B 323 26.34 -214.70 -22.66
N ALA B 324 27.26 -213.74 -22.95
CA ALA B 324 28.23 -213.18 -21.97
C ALA B 324 29.24 -214.26 -21.56
N GLY B 325 30.40 -214.26 -22.22
CA GLY B 325 31.44 -215.27 -22.02
C GLY B 325 32.08 -215.65 -23.33
N ASN B 326 31.22 -215.78 -24.37
CA ASN B 326 31.66 -216.03 -25.75
C ASN B 326 32.15 -214.71 -26.38
N LEU B 327 33.49 -214.56 -26.43
CA LEU B 327 34.16 -213.37 -26.99
C LEU B 327 34.37 -213.53 -28.53
N PHE B 328 33.94 -214.71 -29.07
CA PHE B 328 34.06 -215.09 -30.49
C PHE B 328 35.52 -215.41 -30.86
N GLY B 329 36.39 -214.37 -30.88
CA GLY B 329 37.84 -214.56 -31.05
C GLY B 329 38.55 -214.76 -29.70
N GLY B 330 37.89 -215.51 -28.80
CA GLY B 330 38.38 -215.75 -27.44
C GLY B 330 37.34 -216.50 -26.63
N ALA B 331 37.81 -217.40 -25.75
CA ALA B 331 36.95 -218.23 -24.89
C ALA B 331 37.02 -217.73 -23.43
N GLY B 332 36.23 -216.67 -23.15
CA GLY B 332 36.21 -216.00 -21.83
C GLY B 332 35.67 -216.91 -20.72
N ALA B 333 34.33 -217.06 -20.66
CA ALA B 333 33.67 -218.02 -19.75
C ALA B 333 33.61 -219.39 -20.44
N GLN B 334 34.72 -220.11 -20.35
CA GLN B 334 34.92 -221.44 -20.94
C GLN B 334 36.09 -222.11 -20.23
N SER B 335 35.93 -223.41 -19.93
CA SER B 335 37.03 -224.28 -19.49
C SER B 335 38.10 -224.32 -20.61
N THR B 336 39.14 -223.49 -20.45
CA THR B 336 40.29 -223.40 -21.39
C THR B 336 41.24 -224.58 -21.18
N ASP B 337 41.32 -225.04 -19.91
CA ASP B 337 42.14 -226.19 -19.50
C ASP B 337 41.59 -227.49 -20.11
N GLU B 338 40.25 -227.66 -20.06
CA GLU B 338 39.52 -228.82 -20.63
C GLU B 338 39.97 -230.15 -19.98
N THR B 339 39.60 -231.28 -20.62
CA THR B 339 40.04 -232.63 -20.23
C THR B 339 40.43 -233.42 -21.50
N PRO B 340 41.75 -233.47 -21.86
CA PRO B 340 42.25 -234.29 -22.98
C PRO B 340 42.27 -235.79 -22.63
N ASP B 341 41.16 -236.48 -22.95
CA ASP B 341 41.01 -237.92 -22.67
C ASP B 341 42.01 -238.77 -23.46
N ASN B 342 42.31 -238.36 -24.72
CA ASN B 342 43.40 -238.96 -25.52
C ASN B 342 44.75 -238.31 -25.14
N GLU B 343 45.22 -238.69 -23.94
CA GLU B 343 46.54 -238.32 -23.38
C GLU B 343 46.67 -236.79 -23.12
N ASN B 344 47.08 -236.02 -24.16
CA ASN B 344 47.41 -234.58 -24.00
C ASN B 344 46.81 -233.75 -25.15
N LYS B 345 46.23 -232.59 -24.74
CA LYS B 345 45.67 -231.51 -25.58
C LYS B 345 44.91 -231.99 -26.85
N GLN B 346 44.10 -233.07 -26.67
CA GLN B 346 43.22 -233.60 -27.73
C GLN B 346 42.23 -232.53 -28.20
N TYR B 347 41.77 -231.71 -27.24
CA TYR B 347 40.89 -230.56 -27.50
C TYR B 347 41.55 -229.55 -28.48
N MET A 1 1.62 -12.29 -18.10
CA MET A 1 2.76 -11.37 -18.36
C MET A 1 2.72 -10.23 -17.34
N SER A 2 3.85 -10.02 -16.64
CA SER A 2 4.00 -8.99 -15.59
C SER A 2 4.48 -7.65 -16.20
N ALA A 3 3.94 -7.33 -17.40
CA ALA A 3 4.46 -6.26 -18.29
C ALA A 3 5.96 -6.49 -18.65
N SER A 4 6.56 -5.56 -19.41
CA SER A 4 8.01 -5.58 -19.66
C SER A 4 8.72 -4.73 -18.59
N LYS A 5 9.85 -5.24 -18.10
CA LYS A 5 10.70 -4.52 -17.11
C LYS A 5 11.25 -3.19 -17.66
N GLU A 6 11.29 -3.09 -19.01
CA GLU A 6 11.62 -1.85 -19.73
C GLU A 6 10.54 -0.78 -19.48
N GLU A 7 9.28 -1.19 -19.70
CA GLU A 7 8.10 -0.31 -19.58
C GLU A 7 7.92 0.20 -18.14
N ILE A 8 8.07 -0.75 -17.20
CA ILE A 8 7.96 -0.50 -15.77
C ILE A 8 9.09 0.44 -15.33
N ALA A 9 10.32 0.23 -15.87
CA ALA A 9 11.50 1.07 -15.57
C ALA A 9 11.30 2.52 -16.03
N ALA A 10 10.67 2.69 -17.21
CA ALA A 10 10.35 4.03 -17.78
C ALA A 10 9.39 4.82 -16.87
N LEU A 11 8.51 4.06 -16.18
CA LEU A 11 7.54 4.60 -15.22
C LEU A 11 8.23 4.89 -13.86
N ILE A 12 9.14 3.99 -13.48
CA ILE A 12 9.90 4.07 -12.20
C ILE A 12 10.77 5.33 -12.16
N VAL A 13 11.49 5.59 -13.26
CA VAL A 13 12.39 6.74 -13.37
C VAL A 13 11.59 8.05 -13.59
N ASN A 14 10.34 7.93 -14.08
CA ASN A 14 9.40 9.07 -14.19
C ASN A 14 8.85 9.40 -12.79
N TYR A 15 8.59 8.36 -11.98
CA TYR A 15 8.03 8.49 -10.63
C TYR A 15 9.02 9.25 -9.71
N PHE A 16 10.27 8.76 -9.67
CA PHE A 16 11.35 9.39 -8.88
C PHE A 16 11.70 10.79 -9.40
N SER A 17 11.59 10.98 -10.75
CA SER A 17 11.87 12.28 -11.40
C SER A 17 10.95 13.38 -10.85
N SER A 18 9.67 13.05 -10.66
CA SER A 18 8.67 13.97 -10.11
C SER A 18 8.95 14.29 -8.62
N ILE A 19 9.45 13.29 -7.87
CA ILE A 19 9.78 13.44 -6.44
C ILE A 19 10.97 14.42 -6.27
N VAL A 20 12.01 14.27 -7.12
CA VAL A 20 13.25 15.07 -7.02
C VAL A 20 13.06 16.48 -7.60
N GLU A 21 12.21 16.61 -8.64
CA GLU A 21 12.00 17.88 -9.37
C GLU A 21 11.06 18.79 -8.56
N LYS A 22 10.02 18.21 -7.95
CA LYS A 22 9.02 18.99 -7.17
C LYS A 22 9.48 19.23 -5.71
N LYS A 23 10.78 18.94 -5.41
CA LYS A 23 11.42 19.19 -4.09
C LYS A 23 10.76 18.37 -2.95
N GLU A 24 10.11 17.24 -3.32
CA GLU A 24 9.40 16.35 -2.37
C GLU A 24 10.38 15.62 -1.45
N ILE A 25 11.56 15.27 -1.99
CA ILE A 25 12.62 14.58 -1.22
C ILE A 25 13.77 15.57 -0.93
N SER A 26 14.62 15.22 0.07
CA SER A 26 15.83 15.98 0.43
C SER A 26 16.80 16.06 -0.76
N GLU A 27 17.63 17.11 -0.77
CA GLU A 27 18.65 17.36 -1.81
C GLU A 27 19.59 16.15 -1.98
N ASP A 28 19.96 15.56 -0.85
CA ASP A 28 20.86 14.40 -0.74
C ASP A 28 20.21 13.18 -1.41
N GLY A 29 18.92 12.95 -1.08
CA GLY A 29 18.12 11.86 -1.66
C GLY A 29 17.75 12.11 -3.11
N ALA A 30 17.72 13.39 -3.50
CA ALA A 30 17.41 13.82 -4.88
C ALA A 30 18.61 13.55 -5.80
N ASP A 31 19.82 13.69 -5.22
CA ASP A 31 21.09 13.35 -5.89
C ASP A 31 21.17 11.82 -6.08
N SER A 32 20.81 11.10 -5.00
CA SER A 32 20.81 9.64 -4.97
C SER A 32 19.86 9.06 -6.04
N LEU A 33 18.65 9.65 -6.17
CA LEU A 33 17.67 9.24 -7.17
C LEU A 33 18.03 9.72 -8.58
N ASN A 34 18.71 10.88 -8.69
CA ASN A 34 19.09 11.46 -10.01
C ASN A 34 20.02 10.49 -10.78
N VAL A 35 21.10 10.09 -10.10
CA VAL A 35 22.08 9.15 -10.65
C VAL A 35 21.49 7.73 -10.77
N ALA A 36 20.54 7.38 -9.86
CA ALA A 36 19.88 6.06 -9.86
C ALA A 36 19.01 5.87 -11.11
N MET A 37 18.14 6.86 -11.37
CA MET A 37 17.21 6.86 -12.53
C MET A 37 17.98 6.78 -13.84
N ASP A 38 19.10 7.51 -13.89
CA ASP A 38 19.99 7.56 -15.05
C ASP A 38 20.62 6.18 -15.31
N CYS A 39 21.07 5.53 -14.23
CA CYS A 39 21.70 4.19 -14.31
C CYS A 39 20.67 3.08 -14.68
N ILE A 40 19.41 3.23 -14.19
CA ILE A 40 18.31 2.29 -14.50
C ILE A 40 17.98 2.37 -16.00
N SER A 41 17.75 3.59 -16.47
CA SER A 41 17.38 3.85 -17.88
C SER A 41 18.51 3.44 -18.84
N GLU A 42 19.77 3.68 -18.41
CA GLU A 42 20.98 3.30 -19.15
C GLU A 42 21.08 1.77 -19.27
N ALA A 43 20.68 1.08 -18.20
CA ALA A 43 20.74 -0.39 -18.11
C ALA A 43 19.79 -1.06 -19.12
N PHE A 44 18.58 -0.51 -19.26
CA PHE A 44 17.57 -1.00 -20.24
C PHE A 44 17.74 -0.32 -21.61
N GLY A 45 18.63 0.70 -21.68
CA GLY A 45 18.99 1.37 -22.92
C GLY A 45 17.86 2.23 -23.49
N PHE A 46 17.40 3.20 -22.68
CA PHE A 46 16.41 4.20 -23.08
C PHE A 46 16.71 5.54 -22.39
N GLU A 47 16.20 6.64 -22.96
CA GLU A 47 16.40 7.99 -22.43
C GLU A 47 15.33 8.29 -21.35
N ARG A 48 15.80 8.67 -20.14
CA ARG A 48 14.90 9.09 -19.04
C ARG A 48 14.38 10.52 -19.26
N GLU A 49 14.87 11.20 -20.31
CA GLU A 49 14.32 12.48 -20.78
C GLU A 49 13.16 12.23 -21.78
N ALA A 50 13.02 11.00 -22.28
CA ALA A 50 12.02 10.63 -23.31
C ALA A 50 10.89 9.75 -22.73
N VAL A 51 10.82 9.65 -21.37
CA VAL A 51 9.93 8.70 -20.66
C VAL A 51 8.43 8.84 -21.03
N SER A 52 7.95 10.08 -21.23
CA SER A 52 6.54 10.36 -21.54
C SER A 52 6.12 9.66 -22.86
N GLY A 53 7.03 9.66 -23.84
CA GLY A 53 6.81 9.01 -25.12
C GLY A 53 6.96 7.48 -25.06
N ILE A 54 7.91 7.02 -24.22
CA ILE A 54 8.19 5.58 -24.01
C ILE A 54 7.01 4.91 -23.26
N LEU A 55 6.33 5.68 -22.41
CA LEU A 55 5.12 5.24 -21.67
C LEU A 55 3.90 5.19 -22.60
N GLY A 56 3.99 5.83 -23.78
CA GLY A 56 2.97 5.70 -24.82
C GLY A 56 2.95 4.31 -25.47
N LYS A 57 4.07 3.57 -25.28
CA LYS A 57 4.19 2.16 -25.70
C LYS A 57 3.65 1.22 -24.58
N SER A 58 3.26 1.80 -23.43
CA SER A 58 2.95 1.06 -22.22
C SER A 58 1.49 1.30 -21.77
N GLU A 59 0.63 0.29 -21.97
CA GLU A 59 -0.77 0.33 -21.51
C GLU A 59 -0.83 0.12 -19.99
N PHE A 60 0.00 -0.82 -19.49
CA PHE A 60 -0.03 -1.35 -18.11
C PHE A 60 -1.37 -2.02 -17.78
N LYS A 61 -1.31 -3.02 -16.90
CA LYS A 61 -2.46 -3.91 -16.60
C LYS A 61 -2.96 -3.70 -15.16
N GLY A 62 -2.47 -2.62 -14.50
CA GLY A 62 -2.88 -2.26 -13.14
C GLY A 62 -2.56 -0.82 -12.80
N GLN A 63 -1.29 -0.42 -13.00
CA GLN A 63 -0.83 0.96 -12.70
C GLN A 63 -1.36 1.96 -13.76
N HIS A 64 -0.62 2.14 -14.87
CA HIS A 64 -0.92 3.11 -15.93
C HIS A 64 -0.95 4.54 -15.38
N LEU A 65 -2.12 4.97 -14.86
CA LEU A 65 -2.35 6.33 -14.31
C LEU A 65 -3.39 6.21 -13.17
N ALA A 66 -3.88 7.37 -12.68
CA ALA A 66 -4.95 7.50 -11.65
C ALA A 66 -4.40 7.24 -10.22
N ASP A 67 -3.73 6.07 -10.01
CA ASP A 67 -2.98 5.77 -8.77
C ASP A 67 -1.83 6.79 -8.64
N ILE A 68 -1.15 7.00 -9.77
CA ILE A 68 0.02 7.87 -9.87
C ILE A 68 -0.29 9.08 -10.77
N LEU A 69 0.11 10.27 -10.31
CA LEU A 69 -0.08 11.56 -11.02
C LEU A 69 1.28 12.09 -11.53
N ASN A 70 2.34 11.26 -11.39
CA ASN A 70 3.73 11.66 -11.72
C ASN A 70 4.00 11.63 -13.23
N SER A 71 3.12 10.95 -13.96
CA SER A 71 3.21 10.77 -15.41
C SER A 71 2.25 11.76 -16.13
N ALA A 72 1.47 12.55 -15.34
CA ALA A 72 0.45 13.46 -15.87
C ALA A 72 0.65 14.90 -15.31
N SER A 73 -0.05 15.87 -15.93
CA SER A 73 -0.03 17.29 -15.53
C SER A 73 -1.47 17.85 -15.45
N ARG A 74 -1.65 19.12 -15.04
CA ARG A 74 -2.98 19.76 -14.91
C ARG A 74 -2.99 21.06 -15.75
N VAL A 75 -4.06 21.25 -16.54
CA VAL A 75 -4.22 22.40 -17.46
C VAL A 75 -4.54 23.70 -16.66
N PRO A 76 -3.63 24.74 -16.66
CA PRO A 76 -3.80 25.97 -15.87
C PRO A 76 -4.76 26.96 -16.57
N GLU A 77 -6.00 27.09 -16.03
CA GLU A 77 -6.99 28.07 -16.49
C GLU A 77 -6.47 29.51 -16.32
N SER A 78 -6.43 30.27 -17.43
CA SER A 78 -5.93 31.66 -17.45
C SER A 78 -7.09 32.68 -17.31
N ASN A 79 -8.26 32.20 -16.86
CA ASN A 79 -9.48 33.03 -16.72
C ASN A 79 -9.34 34.02 -15.56
N LYS A 80 -8.77 33.53 -14.43
CA LYS A 80 -8.67 34.27 -13.15
C LYS A 80 -10.08 34.77 -12.74
N LYS A 81 -11.07 33.84 -12.83
CA LYS A 81 -12.53 34.06 -12.64
C LYS A 81 -13.20 34.83 -13.82
N ASP A 82 -12.50 35.86 -14.35
CA ASP A 82 -13.00 36.73 -15.45
C ASP A 82 -14.27 37.50 -15.02
N ASP A 83 -15.43 36.85 -15.15
CA ASP A 83 -16.75 37.42 -14.84
C ASP A 83 -17.81 36.34 -15.10
N ALA A 84 -17.80 35.86 -16.36
CA ALA A 84 -18.65 34.75 -16.87
C ALA A 84 -20.15 35.13 -17.04
N GLU A 85 -20.55 36.34 -16.56
CA GLU A 85 -21.95 36.83 -16.49
C GLU A 85 -22.94 35.71 -16.06
N ASN A 86 -22.90 35.39 -14.75
CA ASN A 86 -23.49 34.17 -14.18
C ASN A 86 -25.02 34.26 -14.05
N VAL A 87 -25.51 35.34 -13.39
CA VAL A 87 -26.95 35.48 -13.05
C VAL A 87 -27.86 35.47 -14.31
N GLU A 88 -27.62 36.43 -15.25
CA GLU A 88 -28.35 36.52 -16.55
C GLU A 88 -29.90 36.45 -16.35
N ILE A 89 -30.63 35.86 -17.33
CA ILE A 89 -32.06 35.40 -17.24
C ILE A 89 -33.13 36.51 -17.02
N ASN A 90 -32.74 37.75 -16.65
CA ASN A 90 -33.70 38.85 -16.44
C ASN A 90 -34.03 39.49 -17.81
N ILE A 91 -34.76 38.73 -18.62
CA ILE A 91 -35.14 39.07 -19.99
C ILE A 91 -36.68 39.10 -20.11
N PRO A 92 -37.27 39.94 -21.02
CA PRO A 92 -38.72 39.98 -21.23
C PRO A 92 -39.23 38.71 -21.95
N GLU A 93 -39.67 37.72 -21.16
CA GLU A 93 -40.05 36.39 -21.68
C GLU A 93 -41.45 36.43 -22.37
N ASP A 94 -42.54 36.41 -21.61
CA ASP A 94 -43.91 36.54 -22.14
C ASP A 94 -44.40 37.98 -22.04
N ASP A 95 -44.59 38.46 -20.79
CA ASP A 95 -45.34 39.72 -20.53
C ASP A 95 -44.62 40.58 -19.45
N ALA A 96 -43.30 40.37 -19.29
CA ALA A 96 -42.48 41.13 -18.31
C ALA A 96 -42.38 42.63 -18.68
N GLU A 97 -41.97 42.90 -19.93
CA GLU A 97 -41.55 44.24 -20.40
C GLU A 97 -42.69 45.27 -20.36
N THR A 98 -43.93 44.79 -20.55
CA THR A 98 -45.13 45.67 -20.63
C THR A 98 -45.39 46.39 -19.29
N LYS A 99 -44.85 45.83 -18.17
CA LYS A 99 -44.95 46.44 -16.83
C LYS A 99 -44.30 47.85 -16.86
N ALA A 100 -43.12 47.94 -17.48
CA ALA A 100 -42.36 49.20 -17.61
C ALA A 100 -43.16 50.27 -18.41
N LYS A 101 -44.01 49.78 -19.33
CA LYS A 101 -44.80 50.62 -20.24
C LYS A 101 -45.94 51.39 -19.52
N ALA A 102 -46.26 51.02 -18.25
CA ALA A 102 -47.40 51.61 -17.44
C ALA A 102 -47.49 53.15 -17.51
N GLU A 103 -46.32 53.81 -17.51
CA GLU A 103 -46.23 55.28 -17.59
C GLU A 103 -46.11 55.76 -19.05
N ASP A 104 -45.49 54.91 -19.90
CA ASP A 104 -45.16 55.23 -21.30
C ASP A 104 -46.42 55.48 -22.14
N LEU A 105 -47.38 54.53 -22.09
CA LEU A 105 -48.62 54.66 -22.87
C LEU A 105 -49.53 55.76 -22.26
N LYS A 106 -49.40 55.96 -20.93
CA LYS A 106 -50.21 56.95 -20.19
C LYS A 106 -49.83 58.38 -20.63
N MET A 107 -48.50 58.64 -20.69
CA MET A 107 -47.98 59.98 -21.06
C MET A 107 -48.16 60.24 -22.56
N GLN A 108 -48.17 59.15 -23.38
CA GLN A 108 -48.33 59.25 -24.84
C GLN A 108 -49.81 59.48 -25.19
N GLY A 109 -50.71 58.86 -24.40
CA GLY A 109 -52.15 59.08 -24.50
C GLY A 109 -52.53 60.47 -24.02
N ASN A 110 -51.83 60.93 -22.98
CA ASN A 110 -51.97 62.29 -22.40
C ASN A 110 -51.47 63.34 -23.42
N LYS A 111 -50.42 62.96 -24.16
CA LYS A 111 -49.79 63.80 -25.20
C LYS A 111 -50.76 63.98 -26.39
N ALA A 112 -51.36 62.86 -26.81
CA ALA A 112 -52.37 62.84 -27.88
C ALA A 112 -53.63 63.62 -27.46
N MET A 113 -54.00 63.49 -26.17
CA MET A 113 -55.18 64.15 -25.57
C MET A 113 -55.02 65.69 -25.57
N ALA A 114 -53.78 66.15 -25.34
CA ALA A 114 -53.43 67.60 -25.35
C ALA A 114 -53.36 68.17 -26.78
N ASN A 115 -53.04 67.27 -27.74
CA ASN A 115 -53.09 67.54 -29.20
C ASN A 115 -54.56 67.52 -29.72
N LYS A 116 -55.50 67.25 -28.77
CA LYS A 116 -56.96 67.18 -29.01
C LYS A 116 -57.35 65.92 -29.81
N ASP A 117 -56.41 64.98 -29.94
CA ASP A 117 -56.64 63.65 -30.53
C ASP A 117 -56.97 62.68 -29.39
N TYR A 118 -58.26 62.66 -29.01
CA TYR A 118 -58.76 61.81 -27.91
C TYR A 118 -58.97 60.36 -28.38
N GLU A 119 -58.97 60.15 -29.70
CA GLU A 119 -59.15 58.82 -30.32
C GLU A 119 -57.95 57.91 -30.00
N LEU A 120 -56.73 58.41 -30.29
CA LEU A 120 -55.48 57.71 -29.96
C LEU A 120 -55.30 57.60 -28.44
N ALA A 121 -55.74 58.64 -27.71
CA ALA A 121 -55.66 58.71 -26.25
C ALA A 121 -56.40 57.53 -25.59
N ILE A 122 -57.73 57.49 -25.76
CA ILE A 122 -58.64 56.50 -25.15
C ILE A 122 -58.28 55.06 -25.58
N ASN A 123 -57.96 54.90 -26.88
CA ASN A 123 -57.48 53.64 -27.48
C ASN A 123 -56.25 53.12 -26.71
N LYS A 124 -55.26 53.99 -26.56
CA LYS A 124 -53.95 53.65 -26.00
C LYS A 124 -54.04 53.33 -24.50
N TYR A 125 -54.86 54.11 -23.76
CA TYR A 125 -55.07 53.92 -22.29
C TYR A 125 -55.61 52.52 -21.94
N THR A 126 -56.24 51.85 -22.91
CA THR A 126 -56.78 50.49 -22.73
C THR A 126 -55.67 49.46 -22.40
N GLU A 127 -54.46 49.71 -22.94
CA GLU A 127 -53.27 48.87 -22.69
C GLU A 127 -52.82 48.95 -21.22
N ALA A 128 -52.97 50.16 -20.62
CA ALA A 128 -52.58 50.43 -19.22
C ALA A 128 -53.41 49.60 -18.21
N ILE A 129 -54.63 49.21 -18.62
CA ILE A 129 -55.51 48.34 -17.82
C ILE A 129 -54.91 46.92 -17.71
N LYS A 130 -54.24 46.45 -18.76
CA LYS A 130 -53.57 45.13 -18.77
C LYS A 130 -52.26 45.17 -17.98
N VAL A 131 -51.61 46.33 -17.98
CA VAL A 131 -50.30 46.52 -17.33
C VAL A 131 -50.47 46.66 -15.79
N LEU A 132 -51.39 47.56 -15.38
CA LEU A 132 -51.61 47.89 -13.96
C LEU A 132 -52.99 48.59 -13.80
N PRO A 133 -54.11 47.81 -13.63
CA PRO A 133 -55.48 48.38 -13.47
C PRO A 133 -55.82 48.70 -12.00
N THR A 134 -54.78 48.71 -11.15
CA THR A 134 -54.91 48.83 -9.69
C THR A 134 -54.96 50.32 -9.25
N ASN A 135 -54.88 51.25 -10.23
CA ASN A 135 -54.88 52.71 -9.99
C ASN A 135 -56.01 53.39 -10.80
N ALA A 136 -56.74 54.28 -10.11
CA ALA A 136 -57.93 54.99 -10.65
C ALA A 136 -57.58 56.02 -11.74
N ILE A 137 -56.34 56.53 -11.70
CA ILE A 137 -55.87 57.63 -12.56
C ILE A 137 -56.03 57.34 -14.09
N TYR A 138 -55.71 56.10 -14.53
CA TYR A 138 -55.77 55.72 -15.98
C TYR A 138 -57.18 55.92 -16.57
N TYR A 139 -58.17 55.63 -15.75
CA TYR A 139 -59.59 55.70 -16.11
C TYR A 139 -60.07 57.15 -16.11
N ALA A 140 -59.59 57.91 -15.11
CA ALA A 140 -59.91 59.36 -14.95
C ALA A 140 -59.41 60.19 -16.15
N ASN A 141 -58.31 59.73 -16.79
CA ASN A 141 -57.78 60.34 -18.02
C ASN A 141 -58.76 60.15 -19.20
N ARG A 142 -59.26 58.90 -19.38
CA ARG A 142 -60.23 58.61 -20.44
C ARG A 142 -61.56 59.32 -20.17
N ALA A 143 -61.96 59.42 -18.89
CA ALA A 143 -63.21 60.07 -18.47
C ALA A 143 -63.22 61.57 -18.87
N ALA A 144 -62.03 62.21 -18.75
CA ALA A 144 -61.82 63.60 -19.19
C ALA A 144 -61.87 63.70 -20.73
N ALA A 145 -61.20 62.75 -21.40
CA ALA A 145 -61.18 62.65 -22.88
C ALA A 145 -62.59 62.38 -23.47
N HIS A 146 -63.41 61.62 -22.71
CA HIS A 146 -64.79 61.25 -23.09
C HIS A 146 -65.70 62.48 -22.99
N SER A 147 -65.52 63.28 -21.92
CA SER A 147 -66.30 64.51 -21.71
C SER A 147 -66.13 65.48 -22.89
N SER A 148 -64.91 65.51 -23.45
CA SER A 148 -64.57 66.34 -24.62
C SER A 148 -65.20 65.80 -25.93
N LEU A 149 -65.37 64.46 -26.02
CA LEU A 149 -66.03 63.82 -27.18
C LEU A 149 -67.55 63.63 -26.93
N LYS A 150 -68.06 64.18 -25.80
CA LYS A 150 -69.48 64.10 -25.38
C LYS A 150 -69.91 62.64 -25.05
N GLU A 151 -68.92 61.75 -24.92
CA GLU A 151 -69.12 60.33 -24.55
C GLU A 151 -69.32 60.20 -23.03
N TYR A 152 -70.37 60.82 -22.55
CA TYR A 152 -70.67 60.89 -21.12
C TYR A 152 -71.05 59.53 -20.54
N ASP A 153 -71.68 58.69 -21.37
CA ASP A 153 -72.03 57.30 -21.00
C ASP A 153 -70.75 56.47 -20.77
N GLN A 154 -69.76 56.68 -21.64
CA GLN A 154 -68.45 56.03 -21.54
C GLN A 154 -67.62 56.63 -20.37
N ALA A 155 -67.88 57.92 -20.07
CA ALA A 155 -67.22 58.63 -18.96
C ALA A 155 -67.76 58.16 -17.61
N VAL A 156 -69.05 57.76 -17.59
CA VAL A 156 -69.70 57.15 -16.42
C VAL A 156 -69.01 55.82 -16.05
N LYS A 157 -68.66 55.03 -17.09
CA LYS A 157 -68.00 53.71 -16.93
C LYS A 157 -66.58 53.87 -16.35
N ASP A 158 -65.80 54.78 -16.94
CA ASP A 158 -64.42 55.08 -16.48
C ASP A 158 -64.44 55.76 -15.09
N ALA A 159 -65.52 56.48 -14.78
CA ALA A 159 -65.70 57.14 -13.49
C ALA A 159 -65.92 56.11 -12.36
N GLU A 160 -66.86 55.18 -12.59
CA GLU A 160 -67.22 54.16 -11.60
C GLU A 160 -66.12 53.08 -11.44
N SER A 161 -65.27 52.94 -12.48
CA SER A 161 -64.05 52.11 -12.41
C SER A 161 -63.01 52.77 -11.49
N ALA A 162 -62.88 54.11 -11.60
CA ALA A 162 -62.00 54.92 -10.74
C ALA A 162 -62.47 54.90 -9.26
N ILE A 163 -63.80 54.84 -9.09
CA ILE A 163 -64.46 54.72 -7.77
C ILE A 163 -64.26 53.30 -7.18
N SER A 164 -64.34 52.28 -8.05
CA SER A 164 -64.23 50.85 -7.67
C SER A 164 -62.84 50.53 -7.09
N ILE A 165 -61.85 51.32 -7.51
CA ILE A 165 -60.48 51.26 -7.02
C ILE A 165 -60.33 52.10 -5.74
N ASP A 166 -60.67 53.39 -5.85
CA ASP A 166 -60.53 54.35 -4.73
C ASP A 166 -61.84 55.14 -4.53
N PRO A 167 -62.62 54.84 -3.43
CA PRO A 167 -63.86 55.56 -3.10
C PRO A 167 -63.58 56.92 -2.40
N SER A 168 -62.30 57.21 -2.13
CA SER A 168 -61.87 58.51 -1.59
C SER A 168 -61.80 59.57 -2.72
N TYR A 169 -61.76 59.08 -3.97
CA TYR A 169 -61.60 59.91 -5.16
C TYR A 169 -62.95 60.58 -5.53
N PHE A 170 -63.19 61.80 -4.95
CA PHE A 170 -64.44 62.59 -5.20
C PHE A 170 -64.55 63.00 -6.67
N ARG A 171 -63.38 63.13 -7.33
CA ARG A 171 -63.27 63.50 -8.74
C ARG A 171 -63.82 62.37 -9.64
N GLY A 172 -63.73 61.11 -9.14
CA GLY A 172 -64.35 59.95 -9.81
C GLY A 172 -65.87 60.03 -9.75
N TYR A 173 -66.40 60.41 -8.56
CA TYR A 173 -67.85 60.64 -8.38
C TYR A 173 -68.30 61.90 -9.12
N SER A 174 -67.39 62.86 -9.31
CA SER A 174 -67.66 64.13 -10.00
C SER A 174 -67.74 63.90 -11.50
N ARG A 175 -66.94 62.96 -12.00
CA ARG A 175 -67.02 62.51 -13.41
C ARG A 175 -68.27 61.66 -13.64
N LEU A 176 -68.64 60.86 -12.62
CA LEU A 176 -69.86 60.03 -12.64
C LEU A 176 -71.11 60.93 -12.70
N GLY A 177 -71.10 61.97 -11.84
CA GLY A 177 -72.22 62.90 -11.71
C GLY A 177 -72.35 63.85 -12.87
N PHE A 178 -71.22 64.42 -13.32
CA PHE A 178 -71.18 65.44 -14.39
C PHE A 178 -71.62 64.85 -15.72
N ALA A 179 -71.05 63.68 -16.03
CA ALA A 179 -71.33 62.96 -17.27
C ALA A 179 -72.83 62.61 -17.36
N LYS A 180 -73.34 62.05 -16.25
CA LYS A 180 -74.72 61.59 -16.14
C LYS A 180 -75.71 62.79 -16.18
N TYR A 181 -75.28 63.92 -15.58
CA TYR A 181 -76.05 65.17 -15.51
C TYR A 181 -76.15 65.81 -16.91
N ALA A 182 -75.06 65.68 -17.69
CA ALA A 182 -74.96 66.21 -19.05
C ALA A 182 -75.82 65.39 -20.03
N GLN A 183 -75.98 64.08 -19.72
CA GLN A 183 -76.94 63.19 -20.44
C GLN A 183 -78.40 63.51 -20.05
N GLY A 184 -78.58 64.28 -18.95
CA GLY A 184 -79.90 64.69 -18.48
C GLY A 184 -80.56 63.63 -17.60
N LYS A 185 -79.74 62.99 -16.75
CA LYS A 185 -80.22 62.00 -15.76
C LYS A 185 -79.93 62.54 -14.33
N PRO A 186 -80.92 63.30 -13.74
CA PRO A 186 -80.75 64.05 -12.46
C PRO A 186 -80.55 63.16 -11.22
N GLU A 187 -81.29 62.04 -11.20
CA GLU A 187 -81.31 61.08 -10.08
C GLU A 187 -79.91 60.53 -9.76
N GLU A 188 -79.25 60.00 -10.80
CA GLU A 188 -77.92 59.39 -10.70
C GLU A 188 -76.84 60.46 -10.54
N ALA A 189 -77.09 61.66 -11.12
CA ALA A 189 -76.19 62.81 -11.00
C ALA A 189 -76.08 63.28 -9.55
N LEU A 190 -77.24 63.43 -8.88
CA LEU A 190 -77.35 63.93 -7.50
C LEU A 190 -76.77 62.91 -6.51
N GLU A 191 -76.99 61.61 -6.80
CA GLU A 191 -76.44 60.49 -6.01
C GLU A 191 -74.91 60.57 -5.97
N ALA A 192 -74.31 60.72 -7.16
CA ALA A 192 -72.85 60.83 -7.31
C ALA A 192 -72.30 62.14 -6.71
N TYR A 193 -73.02 63.26 -6.97
CA TYR A 193 -72.64 64.60 -6.48
C TYR A 193 -72.69 64.69 -4.96
N LYS A 194 -73.61 63.93 -4.35
CA LYS A 194 -73.74 63.84 -2.89
C LYS A 194 -72.45 63.25 -2.29
N LYS A 195 -71.94 62.22 -2.98
CA LYS A 195 -70.72 61.52 -2.59
C LYS A 195 -69.46 62.40 -2.80
N VAL A 196 -69.49 63.29 -3.81
CA VAL A 196 -68.44 64.31 -4.03
C VAL A 196 -68.40 65.26 -2.80
N LEU A 197 -69.60 65.72 -2.42
CA LEU A 197 -69.84 66.64 -1.29
C LEU A 197 -69.50 65.99 0.08
N ASP A 198 -69.71 64.66 0.19
CA ASP A 198 -69.46 63.89 1.45
C ASP A 198 -67.96 63.91 1.84
N ILE A 199 -67.11 63.72 0.83
CA ILE A 199 -65.65 63.60 1.00
C ILE A 199 -65.01 64.93 1.48
N GLU A 200 -65.46 66.06 0.89
CA GLU A 200 -64.90 67.40 1.20
C GLU A 200 -65.62 68.06 2.41
N GLY A 201 -66.93 67.77 2.57
CA GLY A 201 -67.78 68.41 3.59
C GLY A 201 -68.40 69.72 3.10
N ASP A 202 -68.78 70.60 4.07
CA ASP A 202 -69.46 71.89 3.78
C ASP A 202 -68.52 72.89 3.09
N ASN A 203 -67.21 72.72 3.28
CA ASN A 203 -66.16 73.59 2.69
C ASN A 203 -65.83 73.19 1.23
N ALA A 204 -66.83 72.69 0.50
CA ALA A 204 -66.72 72.33 -0.92
C ALA A 204 -66.44 73.55 -1.80
N THR A 205 -65.88 73.31 -3.00
CA THR A 205 -65.61 74.34 -4.02
C THR A 205 -66.95 74.95 -4.52
N GLU A 206 -66.93 76.23 -4.93
CA GLU A 206 -68.12 76.99 -5.39
C GLU A 206 -68.90 76.19 -6.46
N ALA A 207 -68.21 75.88 -7.58
CA ALA A 207 -68.79 75.13 -8.72
C ALA A 207 -69.32 73.76 -8.27
N MET A 208 -68.47 73.05 -7.52
CA MET A 208 -68.74 71.70 -6.96
C MET A 208 -70.08 71.64 -6.16
N LYS A 209 -70.34 72.72 -5.39
CA LYS A 209 -71.56 72.87 -4.58
C LYS A 209 -72.78 73.19 -5.47
N ARG A 210 -72.57 74.03 -6.50
CA ARG A 210 -73.64 74.46 -7.43
C ARG A 210 -74.11 73.28 -8.29
N ASP A 211 -73.17 72.40 -8.69
CA ASP A 211 -73.45 71.18 -9.48
C ASP A 211 -74.41 70.24 -8.73
N TYR A 212 -74.10 70.02 -7.44
CA TYR A 212 -74.96 69.24 -6.52
C TYR A 212 -76.37 69.87 -6.44
N GLU A 213 -76.39 71.17 -6.14
CA GLU A 213 -77.62 71.93 -5.88
C GLU A 213 -78.51 72.00 -7.14
N SER A 214 -77.88 71.98 -8.32
CA SER A 214 -78.57 72.00 -9.61
C SER A 214 -79.13 70.61 -9.95
N ALA A 215 -78.45 69.54 -9.49
CA ALA A 215 -78.89 68.15 -9.71
C ALA A 215 -80.19 67.85 -8.95
N LYS A 216 -80.27 68.34 -7.69
CA LYS A 216 -81.50 68.23 -6.88
C LYS A 216 -82.59 69.20 -7.38
N LYS A 217 -82.18 70.31 -8.05
CA LYS A 217 -83.14 71.26 -8.67
C LYS A 217 -83.92 70.60 -9.79
N LYS A 218 -83.24 69.78 -10.62
CA LYS A 218 -83.88 69.06 -11.74
C LYS A 218 -84.97 68.11 -11.21
N VAL A 219 -84.60 67.38 -10.14
CA VAL A 219 -85.50 66.44 -9.44
C VAL A 219 -86.70 67.20 -8.83
N GLU A 220 -86.42 68.36 -8.23
CA GLU A 220 -87.42 69.20 -7.53
C GLU A 220 -88.48 69.76 -8.50
N GLN A 221 -88.00 70.25 -9.66
CA GLN A 221 -88.85 70.82 -10.72
C GLN A 221 -89.75 69.73 -11.33
N SER A 222 -89.19 68.52 -11.49
CA SER A 222 -89.92 67.34 -12.00
C SER A 222 -91.04 66.95 -11.01
N LEU A 223 -90.65 66.64 -9.76
CA LEU A 223 -91.57 66.18 -8.68
C LEU A 223 -92.70 67.19 -8.37
N ASN A 224 -92.50 68.47 -8.77
CA ASN A 224 -93.50 69.56 -8.65
C ASN A 224 -94.87 69.16 -9.26
N LEU A 225 -94.85 68.74 -10.54
CA LEU A 225 -96.08 68.37 -11.29
C LEU A 225 -96.11 66.86 -11.61
N GLU A 226 -94.92 66.29 -11.89
CA GLU A 226 -94.77 64.90 -12.33
C GLU A 226 -95.03 63.98 -11.13
N LYS A 227 -96.07 63.14 -11.26
CA LYS A 227 -96.53 62.21 -10.21
C LYS A 227 -97.49 61.19 -10.85
N THR A 228 -97.72 60.05 -10.18
CA THR A 228 -98.74 59.08 -10.60
C THR A 228 -100.13 59.73 -10.41
N VAL A 229 -100.93 59.73 -11.50
CA VAL A 229 -102.11 60.60 -11.68
C VAL A 229 -101.84 62.03 -11.15
N PRO A 230 -101.13 62.90 -11.97
CA PRO A 230 -100.71 64.25 -11.56
C PRO A 230 -101.89 65.24 -11.49
N GLU A 231 -102.98 64.87 -12.20
CA GLU A 231 -104.21 65.64 -12.30
C GLU A 231 -104.84 65.84 -10.90
N GLN A 232 -104.81 67.09 -10.41
CA GLN A 232 -105.48 67.55 -9.18
C GLN A 232 -105.04 66.77 -7.93
N SER A 233 -104.13 67.37 -7.12
CA SER A 233 -103.82 66.88 -5.77
C SER A 233 -105.08 66.97 -4.86
N ARG A 234 -105.98 67.92 -5.23
CA ARG A 234 -107.34 67.98 -4.70
C ARG A 234 -108.23 66.97 -5.46
N ASP A 235 -108.28 65.73 -4.94
CA ASP A 235 -109.14 64.67 -5.50
C ASP A 235 -110.24 64.34 -4.48
N ALA A 236 -109.82 63.99 -3.26
CA ALA A 236 -110.72 63.64 -2.14
C ALA A 236 -111.47 64.89 -1.63
N ASP A 237 -110.96 66.09 -2.00
CA ASP A 237 -111.59 67.39 -1.72
C ASP A 237 -112.81 67.64 -2.64
N VAL A 238 -112.95 66.79 -3.70
CA VAL A 238 -114.05 66.87 -4.72
C VAL A 238 -114.18 68.29 -5.34
N ASP A 239 -115.30 68.58 -6.01
CA ASP A 239 -115.53 69.91 -6.63
C ASP A 239 -115.77 71.01 -5.56
N ALA A 240 -116.71 70.76 -4.61
CA ALA A 240 -117.23 71.81 -3.70
C ALA A 240 -116.68 71.70 -2.25
N SER A 241 -115.53 71.02 -2.10
CA SER A 241 -114.86 70.76 -0.79
C SER A 241 -115.69 69.76 0.06
N GLN A 242 -115.21 68.49 0.09
CA GLN A 242 -115.90 67.34 0.74
C GLN A 242 -116.35 67.65 2.19
N GLY A 243 -117.66 67.67 2.41
CA GLY A 243 -118.24 67.92 3.72
C GLY A 243 -119.59 67.23 3.89
N ALA A 244 -119.88 66.26 3.01
CA ALA A 244 -121.13 65.49 3.02
C ALA A 244 -120.87 64.01 3.36
N SER A 245 -119.73 63.75 4.05
CA SER A 245 -119.34 62.40 4.49
C SER A 245 -120.35 61.84 5.52
N ALA A 246 -120.71 62.70 6.50
CA ALA A 246 -121.65 62.40 7.62
C ALA A 246 -121.25 61.10 8.37
N GLY A 247 -121.71 59.94 7.86
CA GLY A 247 -121.24 58.64 8.32
C GLY A 247 -119.92 58.28 7.65
N GLY A 248 -118.85 58.99 8.08
CA GLY A 248 -117.51 58.80 7.55
C GLY A 248 -117.04 57.36 7.69
N LEU A 249 -116.93 56.67 6.55
CA LEU A 249 -116.71 55.22 6.45
C LEU A 249 -115.43 54.81 7.22
N PRO A 250 -115.52 53.82 8.19
CA PRO A 250 -114.36 53.38 9.00
C PRO A 250 -113.31 52.63 8.14
N ASP A 251 -112.10 52.46 8.69
CA ASP A 251 -111.02 51.75 7.99
C ASP A 251 -111.43 50.28 7.71
N LEU A 252 -111.70 49.50 8.81
CA LEU A 252 -112.38 48.18 8.76
C LEU A 252 -111.65 47.10 7.89
N GLY A 253 -111.96 45.80 8.17
CA GLY A 253 -111.58 44.68 7.31
C GLY A 253 -110.13 44.22 7.42
N SER A 254 -109.35 44.91 8.27
CA SER A 254 -107.87 44.76 8.41
C SER A 254 -107.10 45.40 7.22
N LEU A 255 -107.83 45.83 6.18
CA LEU A 255 -107.32 46.60 5.04
C LEU A 255 -108.49 47.41 4.49
N LEU A 256 -108.21 48.64 4.03
CA LEU A 256 -109.24 49.60 3.57
C LEU A 256 -110.02 49.04 2.36
N GLY A 257 -109.33 48.22 1.55
CA GLY A 257 -109.88 47.63 0.34
C GLY A 257 -110.21 48.68 -0.70
N GLY A 258 -111.43 49.24 -0.60
CA GLY A 258 -111.85 50.38 -1.39
C GLY A 258 -111.54 51.67 -0.67
N GLY A 259 -112.62 52.37 -0.20
CA GLY A 259 -112.52 53.64 0.54
C GLY A 259 -111.76 54.73 -0.22
N LEU A 260 -111.83 54.66 -1.57
CA LEU A 260 -111.04 55.47 -2.56
C LEU A 260 -109.55 55.68 -2.17
N GLY A 261 -108.96 54.68 -1.47
CA GLY A 261 -107.56 54.72 -1.00
C GLY A 261 -107.25 55.91 -0.10
N GLY A 262 -108.30 56.42 0.57
CA GLY A 262 -108.22 57.69 1.29
C GLY A 262 -108.22 58.86 0.32
N LEU A 263 -107.04 59.10 -0.28
CA LEU A 263 -106.85 60.06 -1.37
C LEU A 263 -106.52 59.25 -2.63
N MET A 264 -107.40 59.21 -3.64
CA MET A 264 -107.13 58.46 -4.89
C MET A 264 -106.32 59.35 -5.84
N ASN A 265 -105.05 59.60 -5.45
CA ASN A 265 -104.17 60.51 -6.18
C ASN A 265 -102.74 60.47 -5.59
N ASN A 266 -102.64 60.74 -4.28
CA ASN A 266 -101.36 61.09 -3.61
C ASN A 266 -100.61 59.85 -3.03
N PRO A 267 -101.20 59.01 -2.09
CA PRO A 267 -100.44 57.93 -1.41
C PRO A 267 -100.20 56.68 -2.28
N GLN A 268 -100.86 56.62 -3.45
CA GLN A 268 -100.76 55.49 -4.38
C GLN A 268 -99.34 55.40 -4.96
N LEU A 269 -98.97 56.44 -5.75
CA LEU A 269 -97.63 56.58 -6.39
C LEU A 269 -97.21 55.37 -7.25
N MET A 270 -98.21 54.51 -7.60
CA MET A 270 -98.03 53.23 -8.35
C MET A 270 -96.98 52.32 -7.64
N GLN A 271 -96.95 52.38 -6.28
CA GLN A 271 -95.96 51.66 -5.44
C GLN A 271 -96.18 50.13 -5.47
N ALA A 272 -95.64 49.50 -6.54
CA ALA A 272 -95.65 48.04 -6.73
C ALA A 272 -94.46 47.37 -6.01
N ALA A 273 -93.62 48.19 -5.36
CA ALA A 273 -92.42 47.73 -4.63
C ALA A 273 -92.78 46.92 -3.37
N GLN A 274 -94.02 47.08 -2.88
CA GLN A 274 -94.59 46.23 -1.82
C GLN A 274 -94.63 44.78 -2.35
N LYS A 275 -95.33 44.62 -3.50
CA LYS A 275 -95.47 43.34 -4.23
C LYS A 275 -96.17 42.28 -3.33
N MET A 276 -97.50 42.17 -3.47
CA MET A 276 -98.29 41.19 -2.70
C MET A 276 -97.89 39.75 -3.11
N MET A 277 -97.64 38.91 -2.08
CA MET A 277 -96.98 37.58 -2.22
C MET A 277 -95.59 37.75 -2.86
N SER A 278 -94.71 38.48 -2.15
CA SER A 278 -93.31 38.71 -2.55
C SER A 278 -92.57 37.35 -2.59
N ASN A 279 -92.62 36.65 -1.46
CA ASN A 279 -92.31 35.21 -1.37
C ASN A 279 -93.62 34.47 -1.06
N PRO A 280 -93.83 33.22 -1.60
CA PRO A 280 -95.05 32.43 -1.33
C PRO A 280 -94.97 31.69 0.03
N GLY A 281 -94.67 32.46 1.10
CA GLY A 281 -94.51 31.94 2.46
C GLY A 281 -93.32 30.99 2.63
N ALA A 282 -92.44 30.97 1.62
CA ALA A 282 -91.37 29.96 1.50
C ALA A 282 -90.17 30.53 0.75
N MET A 283 -89.14 29.66 0.54
CA MET A 283 -87.85 29.99 -0.10
C MET A 283 -87.00 30.86 0.84
N GLN A 284 -87.46 32.10 1.09
CA GLN A 284 -86.91 32.95 2.16
C GLN A 284 -87.71 32.67 3.46
N ASN A 285 -88.88 33.35 3.61
CA ASN A 285 -89.69 33.35 4.85
C ASN A 285 -88.88 33.88 6.07
N ILE A 286 -89.31 35.04 6.58
CA ILE A 286 -88.62 35.78 7.66
C ILE A 286 -88.79 35.13 9.06
N GLN A 287 -89.65 34.08 9.14
CA GLN A 287 -89.92 33.34 10.40
C GLN A 287 -88.61 32.77 10.99
N LYS A 288 -87.87 32.02 10.16
CA LYS A 288 -86.59 31.41 10.53
C LYS A 288 -85.48 32.05 9.67
N MET A 289 -84.74 32.99 10.27
CA MET A 289 -83.60 33.66 9.62
C MET A 289 -82.53 33.96 10.68
N MET A 290 -81.28 33.56 10.39
CA MET A 290 -80.12 33.72 11.31
C MET A 290 -78.87 34.14 10.51
N GLN A 291 -78.05 35.00 11.13
CA GLN A 291 -76.81 35.54 10.51
C GLN A 291 -75.74 35.77 11.60
N ASP A 292 -75.81 34.96 12.67
CA ASP A 292 -74.97 35.09 13.89
C ASP A 292 -75.12 36.48 14.53
N PRO A 293 -76.24 36.75 15.27
CA PRO A 293 -76.45 38.03 15.97
C PRO A 293 -75.51 38.15 17.19
N SER A 294 -74.39 38.88 17.02
CA SER A 294 -73.34 39.01 18.07
C SER A 294 -73.82 39.82 19.29
N ILE A 295 -74.89 40.61 19.10
CA ILE A 295 -75.61 41.27 20.21
C ILE A 295 -76.22 40.21 21.15
N ARG A 296 -76.69 39.11 20.55
CA ARG A 296 -77.32 37.99 21.28
C ARG A 296 -76.23 37.03 21.83
N GLN A 297 -75.30 36.60 20.95
CA GLN A 297 -74.26 35.61 21.30
C GLN A 297 -72.90 36.30 21.56
N MET A 298 -72.35 36.07 22.77
CA MET A 298 -71.07 36.64 23.21
C MET A 298 -70.68 35.90 24.51
N ALA A 299 -69.84 34.87 24.38
CA ALA A 299 -69.58 33.89 25.48
C ALA A 299 -68.18 33.29 25.36
N GLU A 300 -67.23 33.82 26.16
CA GLU A 300 -65.82 33.38 26.17
C GLU A 300 -65.08 33.99 27.38
N GLY A 301 -65.21 35.33 27.52
CA GLY A 301 -64.50 36.09 28.54
C GLY A 301 -64.88 35.68 29.96
N PHE A 302 -63.93 35.01 30.66
CA PHE A 302 -64.05 34.50 32.04
C PHE A 302 -64.89 33.21 32.12
N ALA A 303 -65.99 33.12 31.35
CA ALA A 303 -66.87 31.94 31.36
C ALA A 303 -66.14 30.71 30.77
N SER A 304 -65.64 30.84 29.52
CA SER A 304 -64.79 29.83 28.89
C SER A 304 -63.32 30.12 29.25
N GLY A 305 -62.79 29.41 30.27
CA GLY A 305 -61.42 29.61 30.72
C GLY A 305 -61.02 28.52 31.69
N GLY A 306 -61.56 28.63 32.92
CA GLY A 306 -61.49 27.55 33.90
C GLY A 306 -62.74 26.68 33.77
N GLY A 307 -63.82 27.12 34.45
CA GLY A 307 -65.14 26.47 34.35
C GLY A 307 -65.14 25.08 34.97
N THR A 308 -64.27 24.89 35.97
CA THR A 308 -64.07 23.62 36.66
C THR A 308 -63.83 23.90 38.16
N PRO A 309 -64.34 23.05 39.09
CA PRO A 309 -64.01 23.18 40.54
C PRO A 309 -62.63 22.56 40.87
N ASN A 310 -62.25 22.69 42.15
CA ASN A 310 -61.01 22.11 42.71
C ASN A 310 -61.13 20.56 42.79
N LEU A 311 -60.00 19.85 42.82
CA LEU A 311 -59.98 18.38 42.83
C LEU A 311 -60.11 17.80 44.26
N SER A 312 -59.73 18.59 45.28
CA SER A 312 -59.65 18.12 46.69
C SER A 312 -61.02 17.68 47.28
N ASP A 313 -62.11 18.10 46.64
CA ASP A 313 -63.49 17.80 47.06
C ASP A 313 -63.82 16.30 46.97
N LEU A 314 -63.04 15.54 46.17
CA LEU A 314 -63.21 14.07 46.02
C LEU A 314 -63.09 13.32 47.36
N MET A 315 -62.42 13.97 48.35
CA MET A 315 -62.29 13.44 49.72
C MET A 315 -63.68 13.31 50.35
N ASN A 316 -64.42 14.45 50.40
CA ASN A 316 -65.77 14.57 51.04
C ASN A 316 -65.67 14.31 52.58
N ASN A 317 -66.69 14.71 53.35
CA ASN A 317 -66.77 14.38 54.78
C ASN A 317 -67.05 12.88 54.94
N PRO A 318 -66.35 12.15 55.87
CA PRO A 318 -66.69 10.76 56.20
C PRO A 318 -68.13 10.69 56.79
N ALA A 319 -69.09 10.34 55.92
CA ALA A 319 -70.54 10.37 56.22
C ALA A 319 -70.93 9.38 57.34
N LEU A 320 -70.15 8.30 57.48
CA LEU A 320 -70.37 7.27 58.52
C LEU A 320 -70.21 7.84 59.94
N ARG A 321 -69.41 8.92 60.09
CA ARG A 321 -69.14 9.58 61.38
C ARG A 321 -70.41 10.23 62.00
N ASN A 322 -71.41 10.50 61.15
CA ASN A 322 -72.73 11.01 61.61
C ASN A 322 -73.47 9.93 62.44
N MET A 323 -73.10 9.80 63.74
CA MET A 323 -73.62 8.78 64.69
C MET A 323 -73.19 7.35 64.28
N ALA A 324 -72.93 6.48 65.29
CA ALA A 324 -72.80 5.00 65.13
C ALA A 324 -71.50 4.56 64.40
N GLY A 325 -71.39 4.91 63.10
CA GLY A 325 -70.23 4.54 62.28
C GLY A 325 -68.91 4.98 62.88
N ASN A 326 -68.01 4.00 63.10
CA ASN A 326 -66.68 4.14 63.74
C ASN A 326 -66.81 4.33 65.28
N LEU A 327 -67.56 5.36 65.70
CA LEU A 327 -67.75 5.74 67.14
C LEU A 327 -68.28 4.55 67.99
N PHE A 328 -69.03 3.64 67.36
CA PHE A 328 -69.39 2.34 67.94
C PHE A 328 -68.40 1.29 67.44
N GLY A 329 -67.33 1.09 68.21
CA GLY A 329 -66.29 0.09 67.91
C GLY A 329 -66.23 -1.00 68.98
N GLY A 330 -67.29 -1.06 69.80
CA GLY A 330 -67.39 -2.00 70.92
C GLY A 330 -68.59 -1.68 71.79
N ALA A 331 -68.72 -2.36 72.93
CA ALA A 331 -69.89 -2.23 73.83
C ALA A 331 -69.63 -1.21 74.95
N GLY A 332 -68.67 -0.27 74.72
CA GLY A 332 -68.31 0.77 75.69
C GLY A 332 -69.33 1.91 75.79
N ALA A 333 -70.52 1.71 75.19
CA ALA A 333 -71.68 2.61 75.34
C ALA A 333 -72.33 2.48 76.74
N GLN A 334 -71.91 1.41 77.48
CA GLN A 334 -72.32 1.19 78.88
C GLN A 334 -71.74 2.28 79.81
N SER A 335 -72.58 3.31 80.06
CA SER A 335 -72.24 4.45 80.91
C SER A 335 -73.43 4.79 81.83
N THR A 336 -74.08 3.72 82.34
CA THR A 336 -75.27 3.80 83.21
C THR A 336 -74.99 4.60 84.50
N ASP A 337 -73.83 4.33 85.11
CA ASP A 337 -73.33 5.07 86.29
C ASP A 337 -72.07 5.84 85.90
N GLU A 338 -71.99 6.20 84.60
CA GLU A 338 -70.80 6.75 83.95
C GLU A 338 -69.61 5.77 84.08
N THR A 339 -68.81 5.94 85.15
CA THR A 339 -67.61 5.11 85.41
C THR A 339 -67.24 5.21 86.92
N PRO A 340 -66.96 6.45 87.48
CA PRO A 340 -66.53 6.61 88.89
C PRO A 340 -67.66 7.08 89.84
N ASP A 341 -68.91 7.10 89.35
CA ASP A 341 -70.05 7.83 89.95
C ASP A 341 -69.69 9.34 90.01
N ASN A 342 -69.00 9.73 91.11
CA ASN A 342 -68.49 11.08 91.38
C ASN A 342 -69.56 12.18 91.21
N GLU A 343 -69.77 12.61 89.95
CA GLU A 343 -70.64 13.75 89.57
C GLU A 343 -72.12 13.34 89.48
N ASN A 344 -72.40 12.04 89.72
CA ASN A 344 -73.77 11.52 89.83
C ASN A 344 -74.39 12.01 91.15
N LYS A 345 -74.89 13.26 91.12
CA LYS A 345 -75.53 13.93 92.25
C LYS A 345 -76.38 15.11 91.71
N GLN A 346 -77.67 14.81 91.43
CA GLN A 346 -78.71 15.76 90.95
C GLN A 346 -78.26 16.73 89.81
N TYR A 347 -79.17 17.65 89.43
CA TYR A 347 -78.88 18.87 88.67
C TYR A 347 -80.22 19.63 88.44
N MET B 1 0.15 11.97 -1.40
CA MET B 1 1.08 11.40 -2.41
C MET B 1 0.37 10.36 -3.25
N SER B 2 0.60 10.42 -4.56
CA SER B 2 0.10 9.43 -5.52
C SER B 2 1.02 8.20 -5.49
N ALA B 3 0.51 7.10 -4.87
CA ALA B 3 1.28 5.91 -4.43
C ALA B 3 2.16 6.24 -3.21
N SER B 4 2.31 5.25 -2.31
CA SER B 4 3.22 5.34 -1.15
C SER B 4 4.68 5.19 -1.66
N LYS B 5 5.43 6.31 -1.63
CA LYS B 5 6.68 6.48 -2.43
C LYS B 5 7.84 5.56 -1.99
N GLU B 6 7.87 5.16 -0.71
CA GLU B 6 8.94 4.29 -0.15
C GLU B 6 8.53 2.81 -0.24
N GLU B 7 7.21 2.56 -0.19
CA GLU B 7 6.62 1.21 -0.29
C GLU B 7 6.68 0.71 -1.74
N ILE B 8 6.57 1.65 -2.70
CA ILE B 8 6.74 1.34 -4.12
C ILE B 8 8.24 1.24 -4.42
N ALA B 9 9.07 2.11 -3.78
CA ALA B 9 10.55 2.07 -3.90
C ALA B 9 11.11 0.76 -3.34
N ALA B 10 10.39 0.19 -2.36
CA ALA B 10 10.70 -1.13 -1.79
C ALA B 10 10.49 -2.24 -2.83
N LEU B 11 9.38 -2.13 -3.58
CA LEU B 11 9.02 -3.06 -4.68
C LEU B 11 9.97 -2.85 -5.88
N ILE B 12 10.39 -1.60 -6.09
CA ILE B 12 11.25 -1.18 -7.20
C ILE B 12 12.66 -1.76 -7.04
N VAL B 13 13.26 -1.61 -5.84
CA VAL B 13 14.58 -2.18 -5.55
C VAL B 13 14.49 -3.71 -5.46
N ASN B 14 13.33 -4.24 -5.02
CA ASN B 14 13.06 -5.70 -4.97
C ASN B 14 13.00 -6.30 -6.39
N TYR B 15 12.44 -5.51 -7.31
CA TYR B 15 12.22 -5.93 -8.70
C TYR B 15 13.57 -6.01 -9.45
N PHE B 16 14.37 -4.93 -9.37
CA PHE B 16 15.70 -4.86 -10.01
C PHE B 16 16.72 -5.76 -9.27
N SER B 17 16.49 -6.01 -7.96
CA SER B 17 17.32 -6.94 -7.18
C SER B 17 17.15 -8.36 -7.71
N SER B 18 15.89 -8.71 -8.02
CA SER B 18 15.54 -10.01 -8.62
C SER B 18 16.15 -10.14 -10.02
N ILE B 19 16.15 -9.04 -10.78
CA ILE B 19 16.71 -8.97 -12.15
C ILE B 19 18.24 -9.20 -12.15
N VAL B 20 18.97 -8.52 -11.25
CA VAL B 20 20.45 -8.57 -11.22
C VAL B 20 20.96 -9.86 -10.56
N GLU B 21 20.18 -10.40 -9.61
CA GLU B 21 20.51 -11.66 -8.91
C GLU B 21 20.35 -12.83 -9.89
N LYS B 22 19.20 -12.85 -10.60
CA LYS B 22 18.96 -13.76 -11.75
C LYS B 22 19.99 -13.52 -12.85
N LYS B 23 20.46 -12.26 -12.96
CA LYS B 23 21.46 -11.80 -13.96
C LYS B 23 20.90 -12.02 -15.39
N GLU B 24 19.57 -11.97 -15.49
CA GLU B 24 18.82 -12.25 -16.73
C GLU B 24 18.95 -11.10 -17.75
N ILE B 25 19.30 -9.90 -17.24
CA ILE B 25 19.66 -8.73 -18.05
C ILE B 25 21.15 -8.81 -18.45
N SER B 26 21.55 -8.05 -19.50
CA SER B 26 22.97 -7.83 -19.84
C SER B 26 23.75 -7.38 -18.59
N GLU B 27 24.86 -8.08 -18.30
CA GLU B 27 25.66 -7.90 -17.07
C GLU B 27 26.21 -6.46 -16.91
N ASP B 28 26.46 -5.80 -18.05
CA ASP B 28 26.87 -4.38 -18.10
C ASP B 28 25.75 -3.48 -17.51
N GLY B 29 24.50 -3.78 -17.88
CA GLY B 29 23.33 -3.07 -17.33
C GLY B 29 22.99 -3.49 -15.90
N ALA B 30 23.34 -4.73 -15.55
CA ALA B 30 23.04 -5.31 -14.22
C ALA B 30 23.78 -4.55 -13.09
N ASP B 31 25.04 -4.14 -13.36
CA ASP B 31 25.85 -3.36 -12.40
C ASP B 31 25.21 -1.98 -12.16
N SER B 32 24.69 -1.41 -13.25
CA SER B 32 24.04 -0.09 -13.25
C SER B 32 22.74 -0.09 -12.42
N LEU B 33 21.99 -1.21 -12.47
CA LEU B 33 20.79 -1.42 -11.62
C LEU B 33 21.19 -1.61 -10.15
N ASN B 34 22.32 -2.30 -9.93
CA ASN B 34 22.80 -2.67 -8.58
C ASN B 34 23.14 -1.42 -7.75
N VAL B 35 23.91 -0.51 -8.36
CA VAL B 35 24.31 0.77 -7.74
C VAL B 35 23.12 1.74 -7.62
N ALA B 36 22.16 1.62 -8.56
CA ALA B 36 20.95 2.46 -8.58
C ALA B 36 20.10 2.20 -7.33
N MET B 37 19.83 0.90 -7.06
CA MET B 37 19.04 0.45 -5.89
C MET B 37 19.74 0.81 -4.57
N ASP B 38 21.08 0.74 -4.60
CA ASP B 38 21.96 1.04 -3.46
C ASP B 38 21.92 2.54 -3.13
N CYS B 39 21.55 3.37 -4.11
CA CYS B 39 21.34 4.81 -3.92
C CYS B 39 19.89 5.13 -3.50
N ILE B 40 18.91 4.33 -3.98
CA ILE B 40 17.48 4.48 -3.63
C ILE B 40 17.27 4.18 -2.13
N SER B 41 18.04 3.21 -1.62
CA SER B 41 18.00 2.81 -0.21
C SER B 41 18.54 3.94 0.71
N GLU B 42 19.50 4.72 0.19
CA GLU B 42 20.05 5.93 0.87
C GLU B 42 19.14 7.16 0.68
N ALA B 43 18.35 7.16 -0.41
CA ALA B 43 17.45 8.27 -0.76
C ALA B 43 16.28 8.38 0.22
N PHE B 44 15.59 7.25 0.41
CA PHE B 44 14.40 7.15 1.27
C PHE B 44 14.77 6.74 2.70
N GLY B 45 15.79 5.87 2.83
CA GLY B 45 16.29 5.42 4.15
C GLY B 45 15.66 4.11 4.59
N PHE B 46 15.92 3.04 3.80
CA PHE B 46 15.40 1.69 4.07
C PHE B 46 16.39 0.63 3.55
N GLU B 47 16.24 -0.62 4.05
CA GLU B 47 17.10 -1.76 3.69
C GLU B 47 16.62 -2.41 2.37
N ARG B 48 17.55 -3.03 1.62
CA ARG B 48 17.28 -3.58 0.27
C ARG B 48 16.54 -4.93 0.32
N GLU B 49 16.95 -5.83 1.23
CA GLU B 49 16.40 -7.20 1.29
C GLU B 49 15.19 -7.26 2.23
N ALA B 50 15.24 -6.46 3.31
CA ALA B 50 14.17 -6.39 4.33
C ALA B 50 12.92 -5.63 3.83
N VAL B 51 12.92 -5.27 2.52
CA VAL B 51 11.77 -4.68 1.84
C VAL B 51 10.51 -5.55 1.93
N SER B 52 10.68 -6.88 2.11
CA SER B 52 9.57 -7.84 2.27
C SER B 52 8.60 -7.41 3.39
N GLY B 53 9.15 -6.85 4.48
CA GLY B 53 8.34 -6.29 5.57
C GLY B 53 7.53 -5.07 5.14
N ILE B 54 8.16 -4.20 4.33
CA ILE B 54 7.53 -2.99 3.75
C ILE B 54 6.44 -3.39 2.71
N LEU B 55 6.67 -4.52 2.02
CA LEU B 55 5.77 -5.05 0.98
C LEU B 55 4.47 -5.62 1.59
N GLY B 56 4.49 -5.86 2.92
CA GLY B 56 3.27 -6.23 3.65
C GLY B 56 2.24 -5.11 3.70
N LYS B 57 2.67 -3.86 3.40
CA LYS B 57 1.79 -2.68 3.39
C LYS B 57 1.45 -2.23 1.95
N SER B 58 2.34 -2.53 0.98
CA SER B 58 2.25 -1.99 -0.39
C SER B 58 1.12 -2.68 -1.22
N GLU B 59 -0.13 -2.33 -0.89
CA GLU B 59 -1.34 -2.87 -1.55
C GLU B 59 -1.74 -1.99 -2.74
N PHE B 60 -1.60 -0.65 -2.53
CA PHE B 60 -1.93 0.41 -3.52
C PHE B 60 -3.41 0.37 -3.97
N LYS B 61 -3.71 1.16 -5.00
CA LYS B 61 -5.00 1.16 -5.69
C LYS B 61 -4.86 0.35 -6.99
N GLY B 62 -3.76 0.61 -7.71
CA GLY B 62 -3.49 0.01 -9.02
C GLY B 62 -2.47 -1.13 -8.98
N GLN B 63 -1.29 -0.87 -8.39
CA GLN B 63 -0.16 -1.84 -8.39
C GLN B 63 -0.40 -2.93 -7.32
N HIS B 64 -0.66 -4.18 -7.76
CA HIS B 64 -0.82 -5.34 -6.86
C HIS B 64 -0.59 -6.65 -7.64
N LEU B 65 -1.59 -7.08 -8.41
CA LEU B 65 -1.53 -8.27 -9.29
C LEU B 65 -2.11 -7.91 -10.67
N ALA B 66 -2.07 -8.87 -11.62
CA ALA B 66 -2.50 -8.69 -13.04
C ALA B 66 -1.47 -7.83 -13.83
N ASP B 67 -1.17 -6.63 -13.29
CA ASP B 67 -0.07 -5.78 -13.76
C ASP B 67 1.27 -6.52 -13.63
N ILE B 68 1.56 -6.94 -12.39
CA ILE B 68 2.78 -7.68 -12.06
C ILE B 68 2.42 -8.96 -11.28
N LEU B 69 2.76 -10.12 -11.87
CA LEU B 69 2.62 -11.45 -11.27
C LEU B 69 3.96 -11.90 -10.65
N ASN B 70 5.06 -11.16 -10.99
CA ASN B 70 6.43 -11.36 -10.42
C ASN B 70 6.53 -10.95 -8.93
N SER B 71 5.41 -10.50 -8.35
CA SER B 71 5.32 -10.15 -6.92
C SER B 71 5.64 -11.36 -5.99
N ALA B 72 5.33 -12.59 -6.48
CA ALA B 72 5.59 -13.84 -5.72
C ALA B 72 5.70 -15.05 -6.66
N SER B 73 5.98 -16.23 -6.07
CA SER B 73 6.09 -17.53 -6.77
C SER B 73 5.00 -18.50 -6.24
N ARG B 74 4.97 -19.74 -6.79
CA ARG B 74 4.05 -20.81 -6.32
C ARG B 74 4.84 -22.10 -6.03
N VAL B 75 4.34 -22.91 -5.08
CA VAL B 75 4.89 -24.25 -4.77
C VAL B 75 4.03 -25.32 -5.48
N PRO B 76 4.56 -26.02 -6.55
CA PRO B 76 3.82 -27.10 -7.25
C PRO B 76 3.87 -28.44 -6.48
N GLU B 77 3.14 -28.50 -5.34
CA GLU B 77 3.05 -29.69 -4.48
C GLU B 77 1.96 -29.46 -3.40
N SER B 78 1.18 -30.51 -3.05
CA SER B 78 0.11 -30.44 -2.03
C SER B 78 0.38 -31.45 -0.89
N ASN B 79 0.29 -32.77 -1.22
CA ASN B 79 0.44 -33.88 -0.25
C ASN B 79 1.17 -35.05 -0.94
N LYS B 80 2.11 -35.69 -0.22
CA LYS B 80 2.93 -36.78 -0.77
C LYS B 80 2.92 -38.00 0.20
N LYS B 81 2.70 -39.20 -0.37
CA LYS B 81 2.65 -40.48 0.37
C LYS B 81 4.08 -41.03 0.56
N ASP B 82 4.25 -41.99 1.52
CA ASP B 82 5.51 -42.78 1.69
C ASP B 82 6.66 -41.89 2.23
N ASP B 83 7.87 -42.45 2.37
CA ASP B 83 9.12 -41.72 2.69
C ASP B 83 9.09 -41.16 4.13
N ALA B 84 8.45 -39.98 4.31
CA ALA B 84 8.42 -39.22 5.58
C ALA B 84 7.46 -39.88 6.59
N GLU B 85 7.89 -41.03 7.15
CA GLU B 85 7.16 -41.86 8.14
C GLU B 85 5.79 -42.40 7.63
N ASN B 86 5.40 -42.00 6.41
CA ASN B 86 4.05 -42.20 5.86
C ASN B 86 4.01 -43.50 5.03
N VAL B 87 4.92 -44.42 5.40
CA VAL B 87 5.08 -45.74 4.78
C VAL B 87 4.14 -46.77 5.44
N GLU B 88 3.65 -46.45 6.64
CA GLU B 88 2.85 -47.37 7.46
C GLU B 88 1.73 -46.59 8.18
N ILE B 89 0.69 -47.33 8.61
CA ILE B 89 -0.46 -46.77 9.36
C ILE B 89 -0.46 -47.27 10.81
N ASN B 90 -1.45 -46.82 11.60
CA ASN B 90 -1.57 -47.17 13.03
C ASN B 90 -2.26 -48.53 13.23
N ILE B 91 -1.77 -49.32 14.20
CA ILE B 91 -2.36 -50.64 14.51
C ILE B 91 -2.27 -50.89 16.05
N PRO B 92 -3.39 -51.36 16.71
CA PRO B 92 -3.38 -51.75 18.13
C PRO B 92 -2.60 -53.06 18.37
N GLU B 93 -1.27 -52.93 18.40
CA GLU B 93 -0.35 -54.03 18.76
C GLU B 93 -0.34 -54.23 20.27
N ASP B 94 -0.58 -53.12 21.00
CA ASP B 94 -0.72 -53.12 22.46
C ASP B 94 -2.23 -53.25 22.81
N ASP B 95 -2.51 -53.43 24.11
CA ASP B 95 -3.86 -53.70 24.65
C ASP B 95 -4.90 -52.63 24.22
N ALA B 96 -5.93 -53.07 23.48
CA ALA B 96 -7.03 -52.21 22.97
C ALA B 96 -8.11 -53.09 22.33
N GLU B 97 -7.64 -54.04 21.49
CA GLU B 97 -8.49 -55.05 20.85
C GLU B 97 -9.30 -55.79 21.92
N THR B 98 -8.59 -56.20 22.99
CA THR B 98 -9.15 -56.86 24.17
C THR B 98 -10.30 -56.05 24.82
N LYS B 99 -10.06 -54.75 25.06
CA LYS B 99 -11.03 -53.86 25.75
C LYS B 99 -12.32 -53.69 24.93
N ALA B 100 -12.18 -53.63 23.60
CA ALA B 100 -13.32 -53.64 22.67
C ALA B 100 -13.97 -55.05 22.64
N LYS B 101 -13.12 -56.08 22.71
CA LYS B 101 -13.50 -57.50 22.53
C LYS B 101 -14.38 -58.00 23.68
N ALA B 102 -14.24 -57.39 24.86
CA ALA B 102 -15.03 -57.74 26.05
C ALA B 102 -16.54 -57.55 25.80
N GLU B 103 -16.89 -56.44 25.15
CA GLU B 103 -18.29 -56.10 24.82
C GLU B 103 -18.67 -56.57 23.40
N ASP B 104 -17.66 -56.84 22.56
CA ASP B 104 -17.86 -57.41 21.21
C ASP B 104 -18.42 -58.84 21.35
N LEU B 105 -17.65 -59.68 22.06
CA LEU B 105 -17.99 -61.07 22.35
C LEU B 105 -19.25 -61.21 23.21
N LYS B 106 -19.58 -60.14 23.96
CA LYS B 106 -20.76 -60.09 24.83
C LYS B 106 -22.07 -60.21 24.01
N MET B 107 -22.12 -59.51 22.86
CA MET B 107 -23.31 -59.51 21.99
C MET B 107 -23.54 -60.90 21.37
N GLN B 108 -22.44 -61.47 20.85
CA GLN B 108 -22.45 -62.79 20.20
C GLN B 108 -22.61 -63.92 21.25
N GLY B 109 -22.15 -63.64 22.48
CA GLY B 109 -22.27 -64.58 23.60
C GLY B 109 -23.68 -64.62 24.16
N ASN B 110 -24.34 -63.45 24.20
CA ASN B 110 -25.73 -63.32 24.66
C ASN B 110 -26.68 -64.02 23.69
N LYS B 111 -26.41 -63.84 22.37
CA LYS B 111 -27.18 -64.49 21.30
C LYS B 111 -27.00 -66.02 21.40
N ALA B 112 -25.73 -66.45 21.53
CA ALA B 112 -25.35 -67.87 21.61
C ALA B 112 -26.10 -68.59 22.75
N MET B 113 -26.07 -67.99 23.94
CA MET B 113 -26.70 -68.53 25.17
C MET B 113 -28.23 -68.63 25.00
N ALA B 114 -28.82 -67.56 24.45
CA ALA B 114 -30.27 -67.47 24.20
C ALA B 114 -30.71 -68.36 23.00
N ASN B 115 -29.71 -68.90 22.28
CA ASN B 115 -29.91 -69.83 21.14
C ASN B 115 -29.37 -71.25 21.52
N LYS B 116 -29.27 -71.50 22.85
CA LYS B 116 -28.92 -72.82 23.47
C LYS B 116 -27.41 -73.17 23.35
N ASP B 117 -26.61 -72.37 22.62
CA ASP B 117 -25.15 -72.54 22.53
C ASP B 117 -24.48 -71.93 23.79
N TYR B 118 -24.71 -72.56 24.95
CA TYR B 118 -24.17 -72.09 26.25
C TYR B 118 -22.65 -72.24 26.26
N GLU B 119 -22.19 -73.37 25.69
CA GLU B 119 -20.76 -73.71 25.51
C GLU B 119 -20.00 -72.62 24.72
N LEU B 120 -20.67 -72.06 23.70
CA LEU B 120 -20.11 -71.00 22.85
C LEU B 120 -20.09 -69.69 23.64
N ALA B 121 -21.19 -69.41 24.35
CA ALA B 121 -21.34 -68.22 25.22
C ALA B 121 -20.23 -68.16 26.29
N ILE B 122 -19.87 -69.34 26.85
CA ILE B 122 -18.77 -69.49 27.83
C ILE B 122 -17.45 -69.00 27.23
N ASN B 123 -17.16 -69.50 26.02
CA ASN B 123 -15.90 -69.23 25.31
C ASN B 123 -15.76 -67.72 24.97
N LYS B 124 -16.89 -67.04 24.76
CA LYS B 124 -16.92 -65.59 24.49
C LYS B 124 -16.73 -64.80 25.81
N TYR B 125 -17.53 -65.11 26.83
CA TYR B 125 -17.54 -64.39 28.11
C TYR B 125 -16.29 -64.65 28.98
N THR B 126 -15.52 -65.73 28.68
CA THR B 126 -14.32 -66.07 29.46
C THR B 126 -13.17 -65.09 29.18
N GLU B 127 -13.10 -64.59 27.93
CA GLU B 127 -12.12 -63.56 27.54
C GLU B 127 -12.59 -62.19 28.04
N ALA B 128 -13.92 -62.00 28.09
CA ALA B 128 -14.52 -60.78 28.65
C ALA B 128 -14.21 -60.66 30.17
N ILE B 129 -14.15 -61.83 30.85
CA ILE B 129 -13.68 -61.94 32.25
C ILE B 129 -12.19 -61.58 32.35
N LYS B 130 -11.39 -62.07 31.37
CA LYS B 130 -9.94 -61.83 31.32
C LYS B 130 -9.60 -60.33 31.22
N VAL B 131 -10.35 -59.61 30.37
CA VAL B 131 -10.09 -58.19 30.11
C VAL B 131 -10.66 -57.32 31.26
N LEU B 132 -11.92 -57.60 31.66
CA LEU B 132 -12.58 -56.92 32.80
C LEU B 132 -12.88 -57.96 33.90
N PRO B 133 -11.91 -58.21 34.86
CA PRO B 133 -12.09 -59.20 35.95
C PRO B 133 -12.84 -58.63 37.18
N THR B 134 -13.51 -57.48 37.00
CA THR B 134 -14.30 -56.85 38.08
C THR B 134 -15.73 -56.56 37.59
N ASN B 135 -16.12 -57.20 36.47
CA ASN B 135 -17.49 -57.12 35.96
C ASN B 135 -18.23 -58.41 36.26
N ALA B 136 -19.05 -58.35 37.33
CA ALA B 136 -19.86 -59.47 37.83
C ALA B 136 -20.81 -60.04 36.77
N ILE B 137 -21.20 -59.19 35.80
CA ILE B 137 -22.06 -59.57 34.65
C ILE B 137 -21.46 -60.76 33.85
N TYR B 138 -20.13 -60.70 33.55
CA TYR B 138 -19.46 -61.71 32.72
C TYR B 138 -19.34 -63.05 33.46
N TYR B 139 -19.13 -62.97 34.78
CA TYR B 139 -19.10 -64.14 35.68
C TYR B 139 -20.48 -64.79 35.78
N ALA B 140 -21.52 -63.94 35.89
CA ALA B 140 -22.91 -64.38 36.09
C ALA B 140 -23.49 -65.03 34.83
N ASN B 141 -23.08 -64.50 33.65
CA ASN B 141 -23.45 -65.05 32.35
C ASN B 141 -22.79 -66.42 32.15
N ARG B 142 -21.49 -66.48 32.43
CA ARG B 142 -20.70 -67.72 32.27
C ARG B 142 -21.16 -68.78 33.30
N ALA B 143 -21.61 -68.30 34.48
CA ALA B 143 -22.15 -69.16 35.57
C ALA B 143 -23.48 -69.79 35.16
N ALA B 144 -24.34 -68.97 34.52
CA ALA B 144 -25.66 -69.41 34.03
C ALA B 144 -25.49 -70.50 32.96
N ALA B 145 -24.51 -70.27 32.05
CA ALA B 145 -24.18 -71.20 30.97
C ALA B 145 -23.56 -72.51 31.51
N HIS B 146 -22.76 -72.40 32.59
CA HIS B 146 -22.15 -73.57 33.27
C HIS B 146 -23.24 -74.40 33.99
N SER B 147 -24.18 -73.70 34.63
CA SER B 147 -25.29 -74.30 35.39
C SER B 147 -26.28 -75.02 34.43
N SER B 148 -26.37 -74.50 33.20
CA SER B 148 -27.15 -75.14 32.13
C SER B 148 -26.46 -76.43 31.65
N LEU B 149 -25.11 -76.41 31.62
CA LEU B 149 -24.29 -77.59 31.23
C LEU B 149 -23.95 -78.49 32.45
N LYS B 150 -24.57 -78.18 33.62
CA LYS B 150 -24.49 -78.98 34.88
C LYS B 150 -23.07 -78.96 35.51
N GLU B 151 -22.23 -78.02 35.06
CA GLU B 151 -20.92 -77.75 35.70
C GLU B 151 -21.17 -77.03 37.04
N TYR B 152 -21.35 -77.83 38.10
CA TYR B 152 -21.70 -77.33 39.43
C TYR B 152 -20.51 -76.62 40.09
N ASP B 153 -19.40 -77.37 40.27
CA ASP B 153 -18.15 -76.85 40.89
C ASP B 153 -17.65 -75.58 40.15
N GLN B 154 -17.78 -75.59 38.82
CA GLN B 154 -17.37 -74.48 37.96
C GLN B 154 -18.29 -73.25 38.14
N ALA B 155 -19.61 -73.49 38.18
CA ALA B 155 -20.62 -72.42 38.38
C ALA B 155 -20.55 -71.85 39.81
N VAL B 156 -20.01 -72.65 40.76
CA VAL B 156 -19.73 -72.19 42.12
C VAL B 156 -18.67 -71.09 42.09
N LYS B 157 -17.58 -71.30 41.33
CA LYS B 157 -16.47 -70.31 41.21
C LYS B 157 -16.96 -68.98 40.61
N ASP B 158 -17.70 -69.06 39.49
CA ASP B 158 -18.19 -67.89 38.73
C ASP B 158 -19.21 -67.07 39.54
N ALA B 159 -20.22 -67.76 40.08
CA ALA B 159 -21.31 -67.11 40.85
C ALA B 159 -20.77 -66.53 42.18
N GLU B 160 -19.77 -67.21 42.79
CA GLU B 160 -19.02 -66.71 43.96
C GLU B 160 -18.43 -65.32 43.68
N SER B 161 -17.72 -65.23 42.54
CA SER B 161 -16.99 -64.03 42.13
C SER B 161 -17.96 -62.90 41.72
N ALA B 162 -19.09 -63.27 41.07
CA ALA B 162 -20.13 -62.31 40.67
C ALA B 162 -20.74 -61.60 41.89
N ILE B 163 -21.04 -62.42 42.90
CA ILE B 163 -21.62 -61.99 44.19
C ILE B 163 -20.58 -61.22 45.03
N SER B 164 -19.31 -61.60 44.90
CA SER B 164 -18.18 -61.00 45.65
C SER B 164 -17.97 -59.53 45.21
N ILE B 165 -18.16 -59.28 43.91
CA ILE B 165 -18.07 -57.94 43.31
C ILE B 165 -19.31 -57.11 43.68
N ASP B 166 -20.50 -57.70 43.44
CA ASP B 166 -21.80 -57.01 43.62
C ASP B 166 -22.86 -57.97 44.20
N PRO B 167 -23.44 -57.66 45.40
CA PRO B 167 -24.51 -58.48 46.01
C PRO B 167 -25.91 -58.23 45.44
N SER B 168 -26.17 -57.00 44.95
CA SER B 168 -27.54 -56.58 44.51
C SER B 168 -28.00 -57.36 43.25
N TYR B 169 -27.03 -58.00 42.57
CA TYR B 169 -27.30 -58.97 41.50
C TYR B 169 -27.72 -60.31 42.16
N PHE B 170 -28.92 -60.31 42.75
CA PHE B 170 -29.44 -61.42 43.58
C PHE B 170 -29.78 -62.67 42.75
N ARG B 171 -29.90 -62.50 41.43
CA ARG B 171 -30.13 -63.61 40.50
C ARG B 171 -28.86 -64.47 40.32
N GLY B 172 -27.68 -63.92 40.72
CA GLY B 172 -26.43 -64.68 40.77
C GLY B 172 -26.42 -65.68 41.92
N TYR B 173 -27.18 -65.37 42.99
CA TYR B 173 -27.34 -66.27 44.14
C TYR B 173 -28.15 -67.51 43.78
N SER B 174 -29.07 -67.36 42.81
CA SER B 174 -29.88 -68.49 42.31
C SER B 174 -29.00 -69.56 41.64
N ARG B 175 -27.92 -69.11 41.00
CA ARG B 175 -26.94 -69.97 40.31
C ARG B 175 -25.90 -70.56 41.29
N LEU B 176 -25.48 -69.76 42.28
CA LEU B 176 -24.55 -70.23 43.33
C LEU B 176 -25.22 -71.29 44.21
N GLY B 177 -26.50 -71.03 44.55
CA GLY B 177 -27.29 -71.88 45.44
C GLY B 177 -27.52 -73.27 44.86
N PHE B 178 -27.97 -73.30 43.59
CA PHE B 178 -28.23 -74.55 42.85
C PHE B 178 -26.95 -75.41 42.71
N ALA B 179 -25.87 -74.75 42.27
CA ALA B 179 -24.59 -75.42 41.96
C ALA B 179 -23.90 -75.98 43.23
N LYS B 180 -23.95 -75.21 44.33
CA LYS B 180 -23.25 -75.54 45.59
C LYS B 180 -24.08 -76.55 46.42
N TYR B 181 -25.42 -76.55 46.22
CA TYR B 181 -26.32 -77.52 46.85
C TYR B 181 -25.97 -78.95 46.37
N ALA B 182 -25.63 -79.05 45.07
CA ALA B 182 -25.25 -80.31 44.41
C ALA B 182 -23.89 -80.87 44.92
N GLN B 183 -23.09 -80.00 45.59
CA GLN B 183 -21.80 -80.41 46.20
C GLN B 183 -21.98 -80.97 47.63
N GLY B 184 -23.23 -81.02 48.10
CA GLY B 184 -23.52 -81.46 49.48
C GLY B 184 -23.40 -80.33 50.50
N LYS B 185 -23.27 -79.08 50.01
CA LYS B 185 -23.26 -77.88 50.86
C LYS B 185 -24.57 -77.10 50.65
N PRO B 186 -25.60 -77.31 51.53
CA PRO B 186 -26.86 -76.56 51.45
C PRO B 186 -26.76 -75.18 52.12
N GLU B 187 -25.61 -74.89 52.77
CA GLU B 187 -25.42 -73.67 53.58
C GLU B 187 -25.33 -72.43 52.70
N GLU B 188 -24.51 -72.51 51.64
CA GLU B 188 -24.40 -71.44 50.63
C GLU B 188 -25.71 -71.32 49.85
N ALA B 189 -26.44 -72.45 49.72
CA ALA B 189 -27.77 -72.47 49.08
C ALA B 189 -28.80 -71.70 49.93
N LEU B 190 -28.82 -71.96 51.25
CA LEU B 190 -29.71 -71.26 52.21
C LEU B 190 -29.45 -69.77 52.10
N GLU B 191 -28.18 -69.41 52.30
CA GLU B 191 -27.74 -68.02 52.40
C GLU B 191 -27.98 -67.28 51.06
N ALA B 192 -27.89 -68.03 49.95
CA ALA B 192 -28.13 -67.50 48.61
C ALA B 192 -29.60 -67.09 48.43
N TYR B 193 -30.50 -68.07 48.60
CA TYR B 193 -31.94 -67.86 48.42
C TYR B 193 -32.53 -67.01 49.54
N LYS B 194 -31.83 -66.93 50.70
CA LYS B 194 -32.21 -66.06 51.84
C LYS B 194 -31.87 -64.61 51.49
N LYS B 195 -30.77 -64.42 50.75
CA LYS B 195 -30.33 -63.09 50.30
C LYS B 195 -31.20 -62.61 49.13
N VAL B 196 -31.82 -63.55 48.41
CA VAL B 196 -32.89 -63.24 47.44
C VAL B 196 -34.16 -62.82 48.21
N LEU B 197 -34.43 -63.51 49.33
CA LEU B 197 -35.56 -63.19 50.26
C LEU B 197 -35.20 -62.00 51.19
N ASP B 198 -34.01 -61.38 50.99
CA ASP B 198 -33.55 -60.21 51.76
C ASP B 198 -33.56 -58.95 50.88
N ILE B 199 -32.93 -59.07 49.70
CA ILE B 199 -32.82 -57.97 48.72
C ILE B 199 -34.16 -57.77 47.99
N GLU B 200 -34.68 -58.86 47.42
CA GLU B 200 -35.97 -58.85 46.71
C GLU B 200 -37.13 -59.04 47.72
N GLY B 201 -36.85 -59.80 48.80
CA GLY B 201 -37.73 -59.87 49.98
C GLY B 201 -39.07 -60.56 49.75
N ASP B 202 -40.16 -59.81 50.01
CA ASP B 202 -41.55 -60.24 49.79
C ASP B 202 -41.82 -60.42 48.29
N ASN B 203 -41.25 -59.51 47.49
CA ASN B 203 -41.46 -59.44 46.04
C ASN B 203 -40.79 -60.63 45.30
N ALA B 204 -39.97 -61.44 46.03
CA ALA B 204 -39.31 -62.65 45.48
C ALA B 204 -40.36 -63.71 45.08
N THR B 205 -39.99 -64.54 44.07
CA THR B 205 -40.91 -65.53 43.46
C THR B 205 -41.07 -66.77 44.38
N GLU B 206 -42.20 -67.49 44.17
CA GLU B 206 -42.57 -68.73 44.89
C GLU B 206 -41.40 -69.75 44.96
N ALA B 207 -40.66 -69.89 43.84
CA ALA B 207 -39.53 -70.83 43.72
C ALA B 207 -38.39 -70.47 44.68
N MET B 208 -38.07 -69.17 44.73
CA MET B 208 -36.93 -68.62 45.50
C MET B 208 -37.05 -68.96 47.00
N LYS B 209 -38.30 -69.06 47.50
CA LYS B 209 -38.57 -69.43 48.91
C LYS B 209 -38.58 -70.97 49.09
N ARG B 210 -39.07 -71.72 48.09
CA ARG B 210 -39.14 -73.20 48.16
C ARG B 210 -37.74 -73.83 48.21
N ASP B 211 -36.81 -73.24 47.44
CA ASP B 211 -35.37 -73.58 47.48
C ASP B 211 -34.78 -73.36 48.88
N TYR B 212 -35.22 -72.25 49.52
CA TYR B 212 -34.79 -71.87 50.87
C TYR B 212 -35.17 -72.97 51.88
N GLU B 213 -36.46 -73.40 51.89
CA GLU B 213 -36.94 -74.50 52.78
C GLU B 213 -36.10 -75.78 52.61
N SER B 214 -35.86 -76.17 51.34
CA SER B 214 -35.11 -77.39 51.00
C SER B 214 -33.74 -77.43 51.70
N ALA B 215 -32.96 -76.35 51.51
CA ALA B 215 -31.63 -76.20 52.11
C ALA B 215 -31.71 -76.11 53.65
N LYS B 216 -32.64 -75.26 54.13
CA LYS B 216 -32.75 -74.78 55.53
C LYS B 216 -32.80 -75.93 56.55
N LYS B 217 -33.54 -76.98 56.19
CA LYS B 217 -33.80 -78.12 57.08
C LYS B 217 -32.50 -78.82 57.53
N LYS B 218 -31.47 -78.82 56.66
CA LYS B 218 -30.17 -79.45 56.95
C LYS B 218 -29.18 -78.42 57.53
N VAL B 219 -29.19 -77.18 57.00
CA VAL B 219 -28.23 -76.11 57.40
C VAL B 219 -28.38 -75.75 58.88
N GLU B 220 -29.60 -75.92 59.39
CA GLU B 220 -29.97 -75.71 60.78
C GLU B 220 -28.98 -76.42 61.75
N GLN B 221 -28.45 -77.59 61.32
CA GLN B 221 -27.41 -78.34 62.06
C GLN B 221 -26.02 -78.16 61.38
N SER B 222 -26.01 -78.07 60.04
CA SER B 222 -24.77 -78.07 59.21
C SER B 222 -23.91 -76.79 59.39
N LEU B 223 -24.55 -75.70 59.81
CA LEU B 223 -23.90 -74.40 60.04
C LEU B 223 -23.05 -74.46 61.34
N ASN B 224 -23.51 -75.28 62.31
CA ASN B 224 -22.87 -75.46 63.63
C ASN B 224 -21.41 -75.97 63.50
N LEU B 225 -21.21 -76.98 62.62
CA LEU B 225 -19.87 -77.59 62.44
C LEU B 225 -18.93 -76.72 61.58
N GLU B 226 -19.50 -75.73 60.86
CA GLU B 226 -18.72 -74.80 60.01
C GLU B 226 -18.29 -73.54 60.78
N LYS B 227 -19.18 -73.01 61.63
CA LYS B 227 -18.97 -71.72 62.33
C LYS B 227 -18.70 -71.93 63.84
N THR B 228 -17.86 -71.06 64.42
CA THR B 228 -17.54 -71.06 65.86
C THR B 228 -17.42 -69.59 66.36
N VAL B 229 -17.83 -69.35 67.62
CA VAL B 229 -17.93 -67.99 68.20
C VAL B 229 -16.53 -67.36 68.56
N PRO B 230 -15.57 -68.09 69.25
CA PRO B 230 -14.23 -67.52 69.57
C PRO B 230 -13.28 -67.46 68.36
N GLU B 231 -13.53 -66.51 67.45
CA GLU B 231 -12.60 -66.16 66.37
C GLU B 231 -11.48 -65.31 66.97
N GLN B 232 -10.37 -65.99 67.35
CA GLN B 232 -9.29 -65.44 68.19
C GLN B 232 -9.85 -65.09 69.58
N SER B 233 -9.56 -65.97 70.57
CA SER B 233 -10.19 -65.96 71.91
C SER B 233 -10.09 -64.60 72.65
N ARG B 234 -8.97 -63.88 72.43
CA ARG B 234 -8.80 -62.52 72.96
C ARG B 234 -7.71 -61.76 72.15
N ASP B 235 -6.42 -62.10 72.40
CA ASP B 235 -5.23 -61.44 71.79
C ASP B 235 -5.12 -59.95 72.22
N ALA B 236 -3.92 -59.34 72.04
CA ALA B 236 -3.68 -57.93 72.42
C ALA B 236 -4.37 -56.95 71.46
N ASP B 237 -4.68 -57.40 70.23
CA ASP B 237 -5.24 -56.53 69.17
C ASP B 237 -6.39 -57.27 68.43
N VAL B 238 -7.00 -58.26 69.13
CA VAL B 238 -8.00 -59.23 68.57
C VAL B 238 -7.63 -59.72 67.14
N ASP B 239 -7.95 -58.94 66.10
CA ASP B 239 -7.64 -59.27 64.70
C ASP B 239 -7.64 -57.96 63.91
N ALA B 240 -6.44 -57.42 63.65
CA ALA B 240 -6.23 -56.23 62.80
C ALA B 240 -7.04 -54.99 63.25
N SER B 241 -7.33 -54.93 64.57
CA SER B 241 -8.32 -54.00 65.17
C SER B 241 -8.16 -52.53 64.71
N GLN B 242 -6.93 -51.99 64.80
CA GLN B 242 -6.60 -50.65 64.27
C GLN B 242 -6.69 -50.68 62.72
N GLY B 243 -7.80 -50.16 62.20
CA GLY B 243 -8.13 -50.21 60.77
C GLY B 243 -9.30 -51.16 60.53
N ALA B 244 -9.08 -52.44 60.91
CA ALA B 244 -10.08 -53.55 60.83
C ALA B 244 -10.60 -53.78 59.39
N SER B 245 -9.79 -53.38 58.40
CA SER B 245 -10.17 -53.46 56.98
C SER B 245 -8.92 -53.74 56.11
N ALA B 246 -8.25 -52.67 55.59
CA ALA B 246 -7.02 -52.77 54.75
C ALA B 246 -7.24 -53.58 53.44
N GLY B 247 -6.13 -53.82 52.71
CA GLY B 247 -6.15 -54.57 51.44
C GLY B 247 -5.94 -53.66 50.23
N GLY B 248 -6.78 -53.83 49.19
CA GLY B 248 -6.68 -53.05 47.95
C GLY B 248 -7.70 -53.53 46.93
N LEU B 249 -8.98 -53.32 47.26
CA LEU B 249 -10.13 -53.75 46.44
C LEU B 249 -10.29 -52.82 45.21
N PRO B 250 -10.61 -53.36 44.00
CA PRO B 250 -10.99 -52.53 42.83
C PRO B 250 -12.35 -51.81 43.08
N ASP B 251 -12.25 -50.58 43.62
CA ASP B 251 -13.39 -49.76 44.05
C ASP B 251 -14.27 -49.34 42.86
N LEU B 252 -15.61 -49.34 43.10
CA LEU B 252 -16.72 -49.26 42.10
C LEU B 252 -16.54 -50.11 40.80
N GLY B 253 -15.57 -51.04 40.77
CA GLY B 253 -15.38 -51.95 39.66
C GLY B 253 -14.69 -51.33 38.44
N SER B 254 -15.42 -50.46 37.74
CA SER B 254 -15.06 -49.92 36.43
C SER B 254 -13.73 -49.13 36.45
N LEU B 255 -12.64 -49.77 35.98
CA LEU B 255 -11.31 -49.15 35.84
C LEU B 255 -10.77 -49.42 34.41
N LEU B 256 -10.78 -50.72 34.01
CA LEU B 256 -10.32 -51.27 32.70
C LEU B 256 -9.20 -50.44 31.99
N GLY B 257 -9.58 -49.42 31.19
CA GLY B 257 -8.63 -48.57 30.47
C GLY B 257 -9.29 -47.81 29.32
N GLY B 258 -8.64 -46.71 28.88
CA GLY B 258 -9.13 -45.92 27.75
C GLY B 258 -8.61 -46.43 26.42
N GLY B 259 -7.34 -46.11 26.11
CA GLY B 259 -6.72 -46.46 24.84
C GLY B 259 -5.49 -47.33 25.03
N LEU B 260 -4.31 -46.65 25.12
CA LEU B 260 -2.94 -47.26 25.16
C LEU B 260 -2.70 -48.39 24.12
N GLY B 261 -3.49 -48.38 23.04
CA GLY B 261 -3.49 -49.46 22.06
C GLY B 261 -2.60 -49.19 20.86
N GLY B 262 -1.28 -49.27 21.08
CA GLY B 262 -0.30 -49.17 20.02
C GLY B 262 -0.30 -47.80 19.33
N LEU B 263 -0.24 -46.74 20.15
CA LEU B 263 -0.21 -45.34 19.67
C LEU B 263 1.21 -44.94 19.16
N MET B 264 2.20 -45.85 19.38
CA MET B 264 3.62 -45.64 18.97
C MET B 264 3.81 -45.55 17.45
N ASN B 265 2.83 -46.03 16.66
CA ASN B 265 2.84 -45.88 15.18
C ASN B 265 2.84 -44.39 14.78
N ASN B 266 3.02 -44.11 13.48
CA ASN B 266 3.02 -42.75 12.91
C ASN B 266 1.62 -42.11 13.07
N PRO B 267 1.45 -41.09 13.98
CA PRO B 267 0.15 -40.48 14.26
C PRO B 267 -0.16 -39.32 13.28
N GLN B 268 -0.46 -39.71 12.02
CA GLN B 268 -0.80 -38.78 10.93
C GLN B 268 -2.00 -37.88 11.29
N LEU B 269 -2.98 -38.44 12.06
CA LEU B 269 -4.26 -37.79 12.46
C LEU B 269 -5.26 -37.82 11.27
N MET B 270 -4.73 -37.45 10.09
CA MET B 270 -5.37 -37.56 8.77
C MET B 270 -5.76 -39.04 8.41
N GLN B 271 -5.26 -40.01 9.21
CA GLN B 271 -5.64 -41.45 9.16
C GLN B 271 -4.94 -42.17 8.01
N ALA B 272 -5.39 -41.91 6.77
CA ALA B 272 -4.80 -42.50 5.56
C ALA B 272 -3.50 -41.79 5.16
N ALA B 273 -2.79 -42.39 4.19
CA ALA B 273 -1.48 -41.90 3.70
C ALA B 273 -1.63 -40.75 2.67
N GLN B 274 -2.88 -40.42 2.32
CA GLN B 274 -3.24 -39.23 1.54
C GLN B 274 -4.51 -38.59 2.16
N LYS B 275 -5.67 -39.27 2.02
CA LYS B 275 -7.02 -38.85 2.51
C LYS B 275 -7.40 -37.42 2.03
N MET B 276 -6.76 -36.41 2.66
CA MET B 276 -6.98 -34.98 2.39
C MET B 276 -6.80 -34.67 0.88
N MET B 277 -5.52 -34.65 0.41
CA MET B 277 -5.13 -34.31 -0.98
C MET B 277 -5.65 -32.89 -1.39
N SER B 278 -6.97 -32.80 -1.72
CA SER B 278 -7.72 -31.54 -1.91
C SER B 278 -7.13 -30.61 -3.00
N ASN B 279 -6.33 -31.18 -3.92
CA ASN B 279 -5.81 -30.42 -5.07
C ASN B 279 -6.98 -30.01 -6.00
N PRO B 280 -7.13 -28.68 -6.33
CA PRO B 280 -8.25 -28.19 -7.17
C PRO B 280 -8.28 -28.89 -8.55
N GLY B 281 -9.25 -29.81 -8.72
CA GLY B 281 -9.36 -30.60 -9.95
C GLY B 281 -10.55 -31.57 -9.93
N ALA B 282 -11.32 -31.57 -8.81
CA ALA B 282 -12.50 -32.44 -8.59
C ALA B 282 -12.16 -33.94 -8.75
N MET B 283 -12.22 -34.44 -10.00
CA MET B 283 -11.83 -35.82 -10.36
C MET B 283 -11.81 -35.94 -11.89
N GLN B 284 -13.01 -35.89 -12.49
CA GLN B 284 -13.25 -36.21 -13.91
C GLN B 284 -12.80 -37.65 -14.24
N ASN B 285 -11.48 -37.80 -14.49
CA ASN B 285 -10.87 -39.08 -14.92
C ASN B 285 -9.69 -39.47 -14.01
N ILE B 286 -9.65 -38.94 -12.78
CA ILE B 286 -8.62 -39.34 -11.79
C ILE B 286 -8.85 -40.83 -11.40
N GLN B 287 -7.87 -41.67 -11.78
CA GLN B 287 -7.91 -43.15 -11.69
C GLN B 287 -8.90 -43.73 -12.73
N LYS B 288 -10.21 -43.47 -12.56
CA LYS B 288 -11.28 -43.89 -13.49
C LYS B 288 -11.31 -45.43 -13.60
N MET B 289 -12.09 -46.08 -12.72
CA MET B 289 -12.07 -47.55 -12.53
C MET B 289 -12.80 -48.27 -13.70
N MET B 290 -12.08 -48.43 -14.83
CA MET B 290 -12.58 -49.15 -16.00
C MET B 290 -12.57 -50.66 -15.69
N GLN B 291 -13.74 -51.20 -15.33
CA GLN B 291 -13.86 -52.56 -14.77
C GLN B 291 -14.80 -53.44 -15.60
N ASP B 292 -14.99 -53.07 -16.88
CA ASP B 292 -15.94 -53.78 -17.78
C ASP B 292 -15.37 -55.13 -18.24
N PRO B 293 -15.94 -56.28 -17.77
CA PRO B 293 -15.54 -57.63 -18.18
C PRO B 293 -16.47 -58.16 -19.29
N SER B 294 -16.86 -57.23 -20.18
CA SER B 294 -17.83 -57.48 -21.26
C SER B 294 -17.32 -58.54 -22.25
N ILE B 295 -15.99 -58.60 -22.42
CA ILE B 295 -15.33 -59.64 -23.21
C ILE B 295 -15.06 -60.84 -22.28
N ARG B 296 -14.23 -60.58 -21.24
CA ARG B 296 -13.76 -61.58 -20.24
C ARG B 296 -12.94 -62.71 -20.91
N GLN B 297 -13.63 -63.63 -21.59
CA GLN B 297 -13.03 -64.84 -22.16
C GLN B 297 -13.72 -65.23 -23.49
N MET B 298 -14.85 -64.57 -23.80
CA MET B 298 -15.62 -64.82 -25.04
C MET B 298 -16.21 -63.50 -25.58
N ALA B 299 -15.69 -63.07 -26.74
CA ALA B 299 -16.29 -61.99 -27.55
C ALA B 299 -15.84 -62.13 -29.00
N GLU B 300 -16.76 -61.78 -29.94
CA GLU B 300 -16.51 -61.64 -31.39
C GLU B 300 -16.50 -63.00 -32.13
N GLY B 301 -15.83 -64.01 -31.55
CA GLY B 301 -15.64 -65.32 -32.18
C GLY B 301 -16.92 -66.16 -32.23
N PHE B 302 -17.76 -65.92 -33.25
CA PHE B 302 -19.01 -66.67 -33.48
C PHE B 302 -18.71 -67.98 -34.25
N ALA B 303 -19.49 -69.04 -33.95
CA ALA B 303 -19.44 -70.32 -34.68
C ALA B 303 -20.76 -70.54 -35.42
N SER B 304 -20.69 -71.11 -36.63
CA SER B 304 -21.87 -71.42 -37.44
C SER B 304 -22.45 -72.78 -37.02
N GLY B 305 -23.29 -72.74 -35.96
CA GLY B 305 -24.01 -73.91 -35.46
C GLY B 305 -25.10 -74.39 -36.42
N GLY B 306 -25.81 -73.41 -37.02
CA GLY B 306 -26.84 -73.68 -38.04
C GLY B 306 -26.23 -74.20 -39.35
N GLY B 307 -24.92 -73.91 -39.54
CA GLY B 307 -24.16 -74.48 -40.65
C GLY B 307 -23.98 -76.00 -40.50
N THR B 308 -24.97 -76.75 -41.01
CA THR B 308 -25.06 -78.21 -40.89
C THR B 308 -25.37 -78.85 -42.27
N PRO B 309 -24.89 -80.10 -42.57
CA PRO B 309 -25.16 -80.79 -43.86
C PRO B 309 -26.62 -81.30 -43.98
N ASN B 310 -27.11 -81.41 -45.23
CA ASN B 310 -28.44 -82.00 -45.53
C ASN B 310 -28.39 -83.54 -45.41
N LEU B 311 -29.56 -84.19 -45.54
CA LEU B 311 -29.69 -85.65 -45.33
C LEU B 311 -30.40 -86.33 -46.52
N SER B 312 -30.54 -85.60 -47.64
CA SER B 312 -31.32 -86.04 -48.82
C SER B 312 -30.43 -86.41 -50.02
N ASP B 313 -29.26 -85.74 -50.15
CA ASP B 313 -28.30 -85.95 -51.28
C ASP B 313 -27.46 -87.23 -51.09
N LEU B 314 -27.86 -88.10 -50.15
CA LEU B 314 -27.26 -89.43 -49.96
C LEU B 314 -27.63 -90.36 -51.14
N MET B 315 -28.78 -90.07 -51.79
CA MET B 315 -29.22 -90.74 -53.04
C MET B 315 -30.36 -89.92 -53.70
N ASN B 316 -31.51 -89.82 -52.99
CA ASN B 316 -32.74 -89.13 -53.46
C ASN B 316 -33.27 -89.78 -54.77
N ASN B 317 -33.55 -91.09 -54.68
CA ASN B 317 -34.07 -91.87 -55.82
C ASN B 317 -35.63 -91.85 -55.83
N PRO B 318 -36.28 -91.41 -56.95
CA PRO B 318 -37.76 -91.53 -57.13
C PRO B 318 -38.20 -93.01 -57.12
N ALA B 319 -38.85 -93.44 -56.02
CA ALA B 319 -39.26 -94.85 -55.82
C ALA B 319 -40.23 -95.30 -56.93
N LEU B 320 -41.37 -94.60 -57.04
CA LEU B 320 -42.31 -94.78 -58.16
C LEU B 320 -41.92 -93.82 -59.29
N ARG B 321 -41.29 -94.36 -60.34
CA ARG B 321 -40.77 -93.59 -61.49
C ARG B 321 -41.13 -94.27 -62.83
N ASN B 322 -41.52 -95.55 -62.75
CA ASN B 322 -42.00 -96.35 -63.89
C ASN B 322 -43.34 -95.75 -64.40
N MET B 323 -43.56 -95.79 -65.74
CA MET B 323 -44.76 -95.22 -66.41
C MET B 323 -46.07 -95.87 -65.90
N ALA B 324 -45.97 -97.12 -65.39
CA ALA B 324 -47.03 -97.82 -64.63
C ALA B 324 -48.25 -98.14 -65.52
N GLY B 325 -48.34 -99.39 -66.00
CA GLY B 325 -49.43 -99.85 -66.85
C GLY B 325 -48.98 -99.98 -68.29
N ASN B 326 -48.68 -98.82 -68.94
CA ASN B 326 -48.25 -98.70 -70.36
C ASN B 326 -49.41 -99.07 -71.34
N LEU B 327 -49.30 -98.60 -72.60
CA LEU B 327 -50.27 -98.93 -73.66
C LEU B 327 -50.33 -100.45 -73.91
N PHE B 328 -49.12 -101.07 -73.99
CA PHE B 328 -48.92 -102.50 -74.28
C PHE B 328 -49.32 -102.83 -75.74
N GLY B 329 -50.64 -102.86 -75.99
CA GLY B 329 -51.20 -103.19 -77.30
C GLY B 329 -52.63 -103.70 -77.17
N GLY B 330 -53.12 -104.42 -78.20
CA GLY B 330 -54.48 -104.98 -78.19
C GLY B 330 -55.17 -104.86 -79.54
N ALA B 331 -56.14 -103.94 -79.64
CA ALA B 331 -57.01 -103.79 -80.82
C ALA B 331 -56.36 -102.87 -81.89
N GLY B 332 -55.34 -103.42 -82.59
CA GLY B 332 -54.58 -102.68 -83.59
C GLY B 332 -55.25 -102.71 -84.97
N ALA B 333 -55.00 -103.81 -85.72
CA ALA B 333 -55.47 -103.96 -87.13
C ALA B 333 -56.68 -104.92 -87.24
N GLN B 334 -57.27 -105.29 -86.09
CA GLN B 334 -58.42 -106.22 -86.03
C GLN B 334 -59.77 -105.45 -86.16
N SER B 335 -60.04 -104.91 -87.35
CA SER B 335 -61.31 -104.21 -87.68
C SER B 335 -61.71 -104.41 -89.16
N THR B 336 -60.91 -105.18 -89.90
CA THR B 336 -61.21 -105.56 -91.31
C THR B 336 -62.09 -106.82 -91.36
N ASP B 337 -62.29 -107.46 -90.19
CA ASP B 337 -63.04 -108.72 -90.05
C ASP B 337 -64.56 -108.47 -90.07
N GLU B 338 -64.98 -107.19 -90.01
CA GLU B 338 -66.39 -106.80 -89.94
C GLU B 338 -67.09 -107.10 -91.28
N THR B 339 -67.70 -108.30 -91.37
CA THR B 339 -68.44 -108.75 -92.56
C THR B 339 -69.67 -107.84 -92.78
N PRO B 340 -70.05 -107.51 -94.07
CA PRO B 340 -71.25 -106.72 -94.38
C PRO B 340 -72.53 -107.38 -93.82
N ASP B 341 -72.93 -106.93 -92.61
CA ASP B 341 -74.08 -107.48 -91.85
C ASP B 341 -73.81 -108.95 -91.41
N ASN B 342 -74.16 -109.91 -92.28
CA ASN B 342 -73.93 -111.36 -92.11
C ASN B 342 -74.32 -112.06 -93.43
N GLU B 343 -74.60 -113.38 -93.38
CA GLU B 343 -74.99 -114.16 -94.58
C GLU B 343 -76.31 -113.64 -95.16
N ASN B 344 -77.28 -113.36 -94.26
CA ASN B 344 -78.67 -112.95 -94.58
C ASN B 344 -79.31 -113.95 -95.56
N LYS B 345 -79.09 -115.24 -95.28
CA LYS B 345 -79.54 -116.37 -96.13
C LYS B 345 -80.74 -117.09 -95.50
N GLN B 346 -80.70 -117.25 -94.16
CA GLN B 346 -81.76 -117.91 -93.39
C GLN B 346 -83.04 -117.06 -93.40
N TYR B 347 -82.84 -115.73 -93.32
CA TYR B 347 -83.93 -114.74 -93.28
C TYR B 347 -84.42 -114.41 -94.71
N MET A 1 0.21 -10.09 -17.00
CA MET A 1 1.68 -9.90 -17.07
C MET A 1 2.08 -8.72 -16.19
N SER A 2 3.34 -8.73 -15.71
CA SER A 2 3.92 -7.66 -14.88
C SER A 2 4.65 -6.60 -15.76
N ALA A 3 4.12 -6.43 -17.01
CA ALA A 3 4.76 -5.63 -18.08
C ALA A 3 6.18 -6.16 -18.39
N SER A 4 6.94 -5.43 -19.21
CA SER A 4 8.36 -5.73 -19.44
C SER A 4 9.22 -4.91 -18.46
N LYS A 5 10.45 -5.40 -18.24
CA LYS A 5 11.47 -4.77 -17.37
C LYS A 5 11.79 -3.33 -17.79
N GLU A 6 11.72 -3.10 -19.11
CA GLU A 6 11.98 -1.80 -19.75
C GLU A 6 10.84 -0.79 -19.47
N GLU A 7 9.59 -1.30 -19.38
CA GLU A 7 8.37 -0.45 -19.29
C GLU A 7 8.26 0.16 -17.89
N ILE A 8 8.35 -0.72 -16.89
CA ILE A 8 8.30 -0.33 -15.47
C ILE A 8 9.41 0.68 -15.16
N ALA A 9 10.60 0.43 -15.74
CA ALA A 9 11.81 1.29 -15.58
C ALA A 9 11.56 2.75 -15.95
N ALA A 10 10.80 2.96 -17.05
CA ALA A 10 10.45 4.31 -17.54
C ALA A 10 9.60 5.09 -16.53
N LEU A 11 8.69 4.36 -15.85
CA LEU A 11 7.80 4.94 -14.84
C LEU A 11 8.57 5.20 -13.54
N ILE A 12 9.53 4.31 -13.21
CA ILE A 12 10.38 4.40 -12.00
C ILE A 12 11.17 5.72 -11.98
N VAL A 13 11.96 5.97 -13.03
CA VAL A 13 12.79 7.18 -13.12
C VAL A 13 11.92 8.45 -13.19
N ASN A 14 10.76 8.34 -13.89
CA ASN A 14 9.82 9.46 -14.09
C ASN A 14 9.07 9.80 -12.78
N TYR A 15 8.90 8.79 -11.91
CA TYR A 15 8.27 8.97 -10.59
C TYR A 15 9.13 9.92 -9.75
N PHE A 16 10.40 9.55 -9.62
CA PHE A 16 11.39 10.31 -8.86
C PHE A 16 11.70 11.67 -9.53
N SER A 17 11.63 11.69 -10.88
CA SER A 17 11.95 12.87 -11.70
C SER A 17 10.88 13.95 -11.51
N SER A 18 9.60 13.58 -11.60
CA SER A 18 8.47 14.54 -11.42
C SER A 18 8.51 15.24 -10.05
N ILE A 19 9.08 14.53 -9.05
CA ILE A 19 9.27 15.07 -7.68
C ILE A 19 10.39 16.13 -7.67
N VAL A 20 11.51 15.85 -8.37
CA VAL A 20 12.70 16.74 -8.33
C VAL A 20 12.53 18.01 -9.21
N GLU A 21 11.80 17.90 -10.36
CA GLU A 21 11.43 19.10 -11.18
C GLU A 21 10.58 20.08 -10.35
N LYS A 22 9.82 19.54 -9.39
CA LYS A 22 8.90 20.30 -8.54
C LYS A 22 9.49 20.56 -7.14
N LYS A 23 10.70 19.99 -6.88
CA LYS A 23 11.52 20.23 -5.67
C LYS A 23 10.83 19.74 -4.37
N GLU A 24 9.90 18.77 -4.51
CA GLU A 24 9.09 18.24 -3.38
C GLU A 24 9.85 17.18 -2.56
N ILE A 25 11.14 16.98 -2.84
CA ILE A 25 12.05 16.13 -2.04
C ILE A 25 13.30 16.97 -1.70
N SER A 26 13.93 16.66 -0.53
CA SER A 26 15.19 17.27 -0.09
C SER A 26 16.27 17.14 -1.17
N GLU A 27 17.11 18.17 -1.28
CA GLU A 27 18.20 18.28 -2.29
C GLU A 27 19.17 17.09 -2.20
N ASP A 28 19.46 16.69 -0.94
CA ASP A 28 20.38 15.59 -0.61
C ASP A 28 19.79 14.23 -1.03
N GLY A 29 18.52 13.99 -0.67
CA GLY A 29 17.83 12.73 -1.02
C GLY A 29 17.53 12.62 -2.51
N ALA A 30 17.40 13.78 -3.17
CA ALA A 30 17.16 13.89 -4.61
C ALA A 30 18.38 13.41 -5.41
N ASP A 31 19.60 13.61 -4.82
CA ASP A 31 20.87 13.13 -5.41
C ASP A 31 20.87 11.60 -5.52
N SER A 32 20.45 10.92 -4.43
CA SER A 32 20.41 9.44 -4.37
C SER A 32 19.40 8.86 -5.38
N LEU A 33 18.33 9.61 -5.64
CA LEU A 33 17.36 9.25 -6.70
C LEU A 33 17.93 9.56 -8.09
N ASN A 34 18.67 10.68 -8.20
CA ASN A 34 19.22 11.19 -9.47
C ASN A 34 20.23 10.21 -10.09
N VAL A 35 21.17 9.73 -9.25
CA VAL A 35 22.19 8.76 -9.67
C VAL A 35 21.53 7.42 -10.08
N ALA A 36 20.42 7.09 -9.41
CA ALA A 36 19.61 5.90 -9.73
C ALA A 36 18.88 6.07 -11.07
N MET A 37 18.36 7.29 -11.34
CA MET A 37 17.62 7.61 -12.60
C MET A 37 18.49 7.28 -13.81
N ASP A 38 19.75 7.76 -13.77
CA ASP A 38 20.72 7.56 -14.85
C ASP A 38 21.08 6.07 -15.02
N CYS A 39 21.28 5.37 -13.90
CA CYS A 39 21.65 3.94 -13.90
C CYS A 39 20.53 3.05 -14.51
N ILE A 40 19.27 3.33 -14.16
CA ILE A 40 18.10 2.57 -14.66
C ILE A 40 17.88 2.88 -16.16
N SER A 41 18.04 4.17 -16.52
CA SER A 41 17.95 4.63 -17.92
C SER A 41 19.13 4.09 -18.76
N GLU A 42 20.25 3.79 -18.10
CA GLU A 42 21.44 3.19 -18.73
C GLU A 42 21.18 1.70 -19.01
N ALA A 43 20.71 1.00 -17.97
CA ALA A 43 20.51 -0.46 -17.99
C ALA A 43 19.47 -0.88 -19.04
N PHE A 44 18.40 -0.09 -19.18
CA PHE A 44 17.29 -0.40 -20.10
C PHE A 44 17.31 0.46 -21.38
N GLY A 45 18.37 1.29 -21.52
CA GLY A 45 18.65 1.99 -22.79
C GLY A 45 17.58 3.00 -23.21
N PHE A 46 17.33 3.98 -22.34
CA PHE A 46 16.43 5.12 -22.64
C PHE A 46 16.92 6.38 -21.92
N GLU A 47 16.14 7.45 -22.04
CA GLU A 47 16.46 8.77 -21.46
C GLU A 47 15.21 9.26 -20.69
N ARG A 48 15.43 10.02 -19.59
CA ARG A 48 14.38 10.34 -18.59
C ARG A 48 13.26 11.27 -19.13
N GLU A 49 13.50 11.98 -20.24
CA GLU A 49 12.47 12.78 -20.92
C GLU A 49 11.74 11.90 -21.97
N ALA A 50 12.50 10.96 -22.56
CA ALA A 50 12.01 10.04 -23.61
C ALA A 50 11.13 8.89 -23.04
N VAL A 51 10.90 8.92 -21.71
CA VAL A 51 10.03 7.96 -21.00
C VAL A 51 8.58 8.01 -21.50
N SER A 52 8.14 9.21 -21.94
CA SER A 52 6.76 9.47 -22.37
C SER A 52 6.32 8.54 -23.52
N GLY A 53 7.27 8.20 -24.41
CA GLY A 53 7.01 7.25 -25.51
C GLY A 53 6.67 5.85 -25.00
N ILE A 54 7.43 5.37 -24.00
CA ILE A 54 7.23 4.04 -23.39
C ILE A 54 5.89 3.99 -22.62
N LEU A 55 5.61 5.06 -21.87
CA LEU A 55 4.39 5.18 -21.04
C LEU A 55 3.13 5.42 -21.91
N GLY A 56 3.36 5.94 -23.13
CA GLY A 56 2.28 6.21 -24.10
C GLY A 56 1.86 4.96 -24.87
N LYS A 57 2.79 4.02 -25.04
CA LYS A 57 2.53 2.73 -25.72
C LYS A 57 2.05 1.67 -24.70
N SER A 58 2.65 1.70 -23.50
CA SER A 58 2.33 0.76 -22.41
C SER A 58 1.32 1.40 -21.45
N GLU A 59 0.08 0.88 -21.50
CA GLU A 59 -1.02 1.28 -20.60
C GLU A 59 -0.73 0.80 -19.17
N PHE A 60 0.00 -0.34 -19.05
CA PHE A 60 0.18 -1.10 -17.77
C PHE A 60 -1.17 -1.69 -17.33
N LYS A 61 -1.17 -2.41 -16.21
CA LYS A 61 -2.39 -3.01 -15.63
C LYS A 61 -2.54 -2.60 -14.16
N GLY A 62 -1.78 -1.56 -13.75
CA GLY A 62 -1.82 -1.08 -12.38
C GLY A 62 -1.34 0.36 -12.26
N GLN A 63 -0.10 0.62 -12.73
CA GLN A 63 0.53 1.96 -12.65
C GLN A 63 -0.30 3.02 -13.43
N HIS A 64 -0.02 3.20 -14.75
CA HIS A 64 -0.76 4.08 -15.68
C HIS A 64 -1.04 5.50 -15.10
N LEU A 65 -2.20 5.65 -14.43
CA LEU A 65 -2.68 6.89 -13.78
C LEU A 65 -3.35 6.50 -12.44
N ALA A 66 -3.92 7.49 -11.73
CA ALA A 66 -4.72 7.32 -10.48
C ALA A 66 -3.83 7.00 -9.26
N ASP A 67 -3.10 5.86 -9.33
CA ASP A 67 -2.12 5.49 -8.30
C ASP A 67 -0.98 6.51 -8.31
N ILE A 68 -0.35 6.65 -9.48
CA ILE A 68 0.74 7.58 -9.69
C ILE A 68 0.26 8.75 -10.56
N LEU A 69 0.64 9.97 -10.18
CA LEU A 69 0.24 11.21 -10.86
C LEU A 69 1.47 11.87 -11.50
N ASN A 70 2.49 11.05 -11.80
CA ASN A 70 3.77 11.49 -12.37
C ASN A 70 3.85 11.20 -13.89
N SER A 71 2.70 10.88 -14.51
CA SER A 71 2.62 10.37 -15.92
C SER A 71 3.41 11.24 -16.93
N ALA A 72 3.48 12.55 -16.65
CA ALA A 72 4.23 13.51 -17.45
C ALA A 72 4.74 14.66 -16.56
N SER A 73 5.88 15.26 -16.92
CA SER A 73 6.50 16.37 -16.16
C SER A 73 7.34 17.22 -17.13
N ARG A 74 7.68 18.46 -16.71
CA ARG A 74 8.54 19.36 -17.51
C ARG A 74 8.95 20.59 -16.70
N VAL A 75 10.18 21.09 -16.96
CA VAL A 75 10.58 22.44 -16.57
C VAL A 75 10.23 23.41 -17.74
N PRO A 76 9.32 24.43 -17.54
CA PRO A 76 8.92 25.38 -18.61
C PRO A 76 10.13 26.19 -19.14
N GLU A 77 10.87 26.79 -18.18
CA GLU A 77 12.07 27.63 -18.42
C GLU A 77 11.71 28.89 -19.25
N SER A 78 11.74 30.04 -18.59
CA SER A 78 11.40 31.34 -19.19
C SER A 78 12.20 32.47 -18.51
N ASN A 79 13.25 32.09 -17.76
CA ASN A 79 14.02 33.03 -16.94
C ASN A 79 15.06 33.76 -17.80
N LYS A 80 14.71 34.96 -18.28
CA LYS A 80 15.68 35.91 -18.81
C LYS A 80 16.12 36.86 -17.69
N LYS A 81 17.41 36.79 -17.34
CA LYS A 81 18.05 37.69 -16.38
C LYS A 81 19.56 37.65 -16.64
N ASP A 82 20.01 38.53 -17.54
CA ASP A 82 21.41 38.61 -17.95
C ASP A 82 22.22 39.51 -16.99
N ASP A 83 22.39 39.03 -15.75
CA ASP A 83 23.29 39.65 -14.76
C ASP A 83 24.74 39.28 -15.11
N ALA A 84 24.93 38.01 -15.50
CA ALA A 84 26.20 37.50 -16.02
C ALA A 84 26.24 37.73 -17.54
N GLU A 85 26.16 39.02 -17.92
CA GLU A 85 26.03 39.44 -19.32
C GLU A 85 27.40 39.50 -20.03
N ASN A 86 28.38 40.16 -19.37
CA ASN A 86 29.70 40.40 -19.98
C ASN A 86 30.52 39.09 -20.00
N VAL A 87 31.08 38.71 -18.84
CA VAL A 87 31.82 37.43 -18.66
C VAL A 87 31.33 36.72 -17.39
N GLU A 88 30.88 37.52 -16.42
CA GLU A 88 30.35 37.03 -15.14
C GLU A 88 29.71 38.22 -14.40
N ILE A 89 30.47 39.33 -14.32
CA ILE A 89 29.97 40.59 -13.72
C ILE A 89 29.47 41.55 -14.81
N ASN A 90 28.75 42.59 -14.36
CA ASN A 90 28.14 43.63 -15.21
C ASN A 90 27.82 44.89 -14.36
N ILE A 91 27.78 44.69 -13.01
CA ILE A 91 27.50 45.76 -12.04
C ILE A 91 28.62 46.85 -12.00
N PRO A 92 29.92 46.52 -11.62
CA PRO A 92 30.92 47.54 -11.22
C PRO A 92 31.71 48.12 -12.42
N GLU A 93 31.02 48.30 -13.55
CA GLU A 93 31.62 48.76 -14.81
C GLU A 93 31.68 50.32 -14.84
N ASP A 94 30.61 50.96 -14.32
CA ASP A 94 30.42 52.44 -14.38
C ASP A 94 31.48 53.23 -13.55
N ASP A 95 32.27 52.50 -12.73
CA ASP A 95 33.32 53.10 -11.87
C ASP A 95 34.67 53.24 -12.63
N ALA A 96 34.66 53.06 -13.97
CA ALA A 96 35.88 53.03 -14.80
C ALA A 96 36.67 54.35 -14.75
N GLU A 97 35.95 55.47 -14.70
CA GLU A 97 36.54 56.82 -14.73
C GLU A 97 37.34 57.18 -13.46
N THR A 98 37.19 56.38 -12.38
CA THR A 98 37.87 56.60 -11.09
C THR A 98 39.41 56.43 -11.25
N LYS A 99 39.80 55.56 -12.19
CA LYS A 99 41.19 55.32 -12.57
C LYS A 99 41.81 56.62 -13.15
N ALA A 100 41.06 57.23 -14.08
CA ALA A 100 41.57 58.35 -14.92
C ALA A 100 41.80 59.66 -14.14
N LYS A 101 41.25 59.75 -12.91
CA LYS A 101 41.32 60.98 -12.10
C LYS A 101 42.78 61.33 -11.74
N ALA A 102 43.43 60.49 -10.91
CA ALA A 102 44.82 60.73 -10.43
C ALA A 102 45.83 60.72 -11.58
N GLU A 103 45.53 59.88 -12.58
CA GLU A 103 46.34 59.74 -13.80
C GLU A 103 46.36 61.09 -14.57
N ASP A 104 45.21 61.80 -14.53
CA ASP A 104 45.06 63.13 -15.15
C ASP A 104 45.78 64.20 -14.30
N LEU A 105 45.48 64.21 -13.00
CA LEU A 105 45.91 65.27 -12.04
C LEU A 105 47.44 65.46 -11.99
N LYS A 106 48.20 64.34 -12.11
CA LYS A 106 49.67 64.37 -12.05
C LYS A 106 50.28 65.17 -13.22
N MET A 107 49.56 65.23 -14.36
CA MET A 107 49.97 66.00 -15.55
C MET A 107 49.98 67.50 -15.23
N GLN A 108 48.93 67.97 -14.56
CA GLN A 108 48.80 69.40 -14.18
C GLN A 108 49.76 69.74 -13.01
N GLY A 109 50.10 68.72 -12.20
CA GLY A 109 51.14 68.86 -11.18
C GLY A 109 52.52 69.12 -11.80
N ASN A 110 52.85 68.34 -12.83
CA ASN A 110 54.11 68.51 -13.61
C ASN A 110 54.06 69.77 -14.49
N LYS A 111 52.85 70.21 -14.86
CA LYS A 111 52.62 71.46 -15.63
C LYS A 111 52.98 72.69 -14.76
N ALA A 112 52.65 72.61 -13.46
CA ALA A 112 53.00 73.63 -12.47
C ALA A 112 54.51 73.57 -12.15
N MET A 113 55.06 72.34 -12.05
CA MET A 113 56.51 72.11 -11.87
C MET A 113 57.31 72.58 -13.10
N ALA A 114 56.66 72.58 -14.28
CA ALA A 114 57.24 73.09 -15.54
C ALA A 114 57.36 74.62 -15.49
N ASN A 115 56.37 75.26 -14.83
CA ASN A 115 56.35 76.71 -14.57
C ASN A 115 57.18 77.06 -13.32
N LYS A 116 57.56 76.01 -12.54
CA LYS A 116 58.39 76.12 -11.29
C LYS A 116 57.53 76.63 -10.10
N ASP A 117 56.19 76.67 -10.29
CA ASP A 117 55.23 77.05 -9.24
C ASP A 117 54.94 75.81 -8.37
N TYR A 118 55.57 75.79 -7.19
CA TYR A 118 55.51 74.64 -6.28
C TYR A 118 54.18 74.58 -5.51
N GLU A 119 53.50 75.71 -5.35
CA GLU A 119 52.20 75.77 -4.64
C GLU A 119 51.12 75.06 -5.47
N LEU A 120 51.02 75.48 -6.75
CA LEU A 120 50.08 74.91 -7.73
C LEU A 120 50.38 73.42 -8.02
N ALA A 121 51.67 73.06 -7.90
CA ALA A 121 52.14 71.66 -8.06
C ALA A 121 51.62 70.77 -6.92
N ILE A 122 51.91 71.20 -5.68
CA ILE A 122 51.50 70.50 -4.43
C ILE A 122 49.98 70.26 -4.40
N ASN A 123 49.21 71.25 -4.93
CA ASN A 123 47.73 71.16 -5.03
C ASN A 123 47.32 69.89 -5.79
N LYS A 124 47.86 69.73 -7.00
CA LYS A 124 47.49 68.61 -7.91
C LYS A 124 48.11 67.28 -7.49
N TYR A 125 49.23 67.32 -6.77
CA TYR A 125 49.86 66.11 -6.23
C TYR A 125 49.04 65.54 -5.08
N THR A 126 48.50 66.41 -4.21
CA THR A 126 47.63 66.00 -3.08
C THR A 126 46.26 65.54 -3.59
N GLU A 127 45.82 66.11 -4.73
CA GLU A 127 44.60 65.66 -5.43
C GLU A 127 44.81 64.26 -6.03
N ALA A 128 46.01 64.03 -6.58
CA ALA A 128 46.40 62.73 -7.15
C ALA A 128 46.59 61.67 -6.05
N ILE A 129 47.03 62.12 -4.85
CA ILE A 129 47.12 61.29 -3.63
C ILE A 129 45.70 60.93 -3.15
N LYS A 130 44.78 61.91 -3.22
CA LYS A 130 43.40 61.79 -2.72
C LYS A 130 42.64 60.67 -3.46
N VAL A 131 42.99 60.46 -4.74
CA VAL A 131 42.40 59.42 -5.59
C VAL A 131 43.26 58.13 -5.57
N LEU A 132 44.59 58.29 -5.50
CA LEU A 132 45.55 57.17 -5.58
C LEU A 132 46.80 57.49 -4.73
N PRO A 133 46.77 57.13 -3.39
CA PRO A 133 47.86 57.45 -2.44
C PRO A 133 49.01 56.43 -2.46
N THR A 134 48.91 55.38 -3.30
CA THR A 134 49.91 54.29 -3.38
C THR A 134 51.08 54.68 -4.35
N ASN A 135 51.48 55.96 -4.31
CA ASN A 135 52.56 56.50 -5.17
C ASN A 135 53.44 57.42 -4.35
N ALA A 136 54.64 56.94 -4.00
CA ALA A 136 55.63 57.71 -3.22
C ALA A 136 56.16 58.92 -4.00
N ILE A 137 56.07 58.83 -5.35
CA ILE A 137 56.45 59.91 -6.26
C ILE A 137 55.68 61.21 -5.93
N TYR A 138 54.37 61.10 -5.61
CA TYR A 138 53.51 62.28 -5.30
C TYR A 138 53.89 62.94 -3.96
N TYR A 139 54.62 62.20 -3.11
CA TYR A 139 55.15 62.72 -1.84
C TYR A 139 56.59 63.21 -2.01
N ALA A 140 57.31 62.64 -2.99
CA ALA A 140 58.75 62.90 -3.24
C ALA A 140 58.97 64.23 -3.99
N ASN A 141 58.15 64.46 -5.03
CA ASN A 141 58.14 65.74 -5.77
C ASN A 141 57.53 66.87 -4.91
N ARG A 142 56.61 66.47 -4.03
CA ARG A 142 55.95 67.38 -3.07
C ARG A 142 56.95 67.75 -1.94
N ALA A 143 57.83 66.78 -1.62
CA ALA A 143 58.95 66.96 -0.70
C ALA A 143 59.99 67.89 -1.30
N ALA A 144 60.28 67.69 -2.59
CA ALA A 144 61.22 68.51 -3.37
C ALA A 144 60.70 69.96 -3.51
N ALA A 145 59.35 70.08 -3.61
CA ALA A 145 58.67 71.38 -3.64
C ALA A 145 58.88 72.14 -2.32
N HIS A 146 58.64 71.45 -1.19
CA HIS A 146 58.82 72.01 0.15
C HIS A 146 60.31 72.29 0.45
N SER A 147 61.22 71.45 -0.08
CA SER A 147 62.68 71.64 0.09
C SER A 147 63.15 72.91 -0.64
N SER A 148 62.58 73.15 -1.84
CA SER A 148 62.84 74.38 -2.63
C SER A 148 62.33 75.62 -1.88
N LEU A 149 61.16 75.48 -1.24
CA LEU A 149 60.51 76.55 -0.44
C LEU A 149 61.06 76.60 1.00
N LYS A 150 62.28 76.02 1.22
CA LYS A 150 63.04 75.98 2.52
C LYS A 150 62.23 75.39 3.71
N GLU A 151 61.09 74.77 3.41
CA GLU A 151 60.25 74.05 4.38
C GLU A 151 60.80 72.63 4.55
N TYR A 152 61.99 72.54 5.18
CA TYR A 152 62.67 71.26 5.43
C TYR A 152 61.91 70.44 6.49
N ASP A 153 61.33 71.20 7.45
CA ASP A 153 60.46 70.68 8.51
C ASP A 153 59.27 69.91 7.91
N GLN A 154 58.62 70.52 6.92
CA GLN A 154 57.46 69.90 6.24
C GLN A 154 57.94 68.80 5.27
N ALA A 155 59.14 68.97 4.70
CA ALA A 155 59.75 67.98 3.77
C ALA A 155 60.00 66.61 4.48
N VAL A 156 60.15 66.66 5.82
CA VAL A 156 60.21 65.43 6.66
C VAL A 156 58.85 64.70 6.63
N LYS A 157 57.75 65.47 6.70
CA LYS A 157 56.36 64.92 6.71
C LYS A 157 56.08 64.17 5.38
N ASP A 158 56.55 64.76 4.27
CA ASP A 158 56.45 64.16 2.93
C ASP A 158 57.31 62.90 2.84
N ALA A 159 58.52 62.98 3.44
CA ALA A 159 59.49 61.87 3.50
C ALA A 159 58.88 60.66 4.22
N GLU A 160 58.11 60.92 5.30
CA GLU A 160 57.40 59.85 6.06
C GLU A 160 56.54 59.00 5.12
N SER A 161 55.66 59.70 4.38
CA SER A 161 54.67 59.08 3.50
C SER A 161 55.32 58.45 2.25
N ALA A 162 56.44 59.03 1.78
CA ALA A 162 57.21 58.50 0.64
C ALA A 162 57.82 57.12 0.99
N ILE A 163 58.31 57.00 2.23
CA ILE A 163 58.92 55.77 2.76
C ILE A 163 57.83 54.73 3.11
N SER A 164 56.64 55.20 3.53
CA SER A 164 55.51 54.32 3.92
C SER A 164 54.96 53.55 2.70
N ILE A 165 54.91 54.22 1.53
CA ILE A 165 54.44 53.62 0.27
C ILE A 165 55.58 52.81 -0.39
N ASP A 166 56.73 53.48 -0.60
CA ASP A 166 57.94 52.83 -1.15
C ASP A 166 59.05 52.84 -0.08
N PRO A 167 59.23 51.71 0.69
CA PRO A 167 60.26 51.60 1.77
C PRO A 167 61.69 51.64 1.22
N SER A 168 61.88 51.15 -0.01
CA SER A 168 63.19 51.09 -0.66
C SER A 168 63.53 52.41 -1.37
N TYR A 169 62.62 53.41 -1.29
CA TYR A 169 62.78 54.71 -1.97
C TYR A 169 63.83 55.55 -1.23
N PHE A 170 65.10 55.43 -1.69
CA PHE A 170 66.27 56.08 -1.05
C PHE A 170 66.12 57.61 -1.05
N ARG A 171 65.48 58.14 -2.12
CA ARG A 171 65.32 59.59 -2.33
C ARG A 171 64.36 60.22 -1.29
N GLY A 172 63.56 59.37 -0.60
CA GLY A 172 62.72 59.81 0.52
C GLY A 172 63.56 60.11 1.77
N TYR A 173 64.51 59.20 2.05
CA TYR A 173 65.47 59.34 3.16
C TYR A 173 66.40 60.54 2.97
N SER A 174 66.62 60.89 1.70
CA SER A 174 67.45 62.04 1.31
C SER A 174 66.86 63.35 1.86
N ARG A 175 65.52 63.51 1.77
CA ARG A 175 64.81 64.70 2.29
C ARG A 175 64.84 64.75 3.82
N LEU A 176 64.65 63.57 4.43
CA LEU A 176 64.70 63.40 5.90
C LEU A 176 66.07 63.89 6.45
N GLY A 177 67.15 63.35 5.87
CA GLY A 177 68.51 63.68 6.31
C GLY A 177 68.92 65.12 5.98
N PHE A 178 68.55 65.58 4.78
CA PHE A 178 68.88 66.95 4.30
C PHE A 178 68.19 68.00 5.18
N ALA A 179 66.98 67.67 5.62
CA ALA A 179 66.19 68.49 6.51
C ALA A 179 66.89 68.65 7.87
N LYS A 180 67.26 67.49 8.47
CA LYS A 180 67.93 67.46 9.78
C LYS A 180 69.26 68.24 9.75
N TYR A 181 70.02 68.06 8.65
CA TYR A 181 71.33 68.73 8.46
C TYR A 181 71.17 70.26 8.39
N ALA A 182 70.14 70.71 7.66
CA ALA A 182 69.83 72.14 7.46
C ALA A 182 69.25 72.79 8.73
N GLN A 183 68.67 71.95 9.61
CA GLN A 183 68.11 72.37 10.91
C GLN A 183 69.15 72.19 12.05
N GLY A 184 70.41 71.88 11.69
CA GLY A 184 71.50 71.76 12.66
C GLY A 184 71.48 70.45 13.43
N LYS A 185 71.41 69.35 12.67
CA LYS A 185 71.52 67.97 13.20
C LYS A 185 72.26 67.11 12.16
N PRO A 186 73.64 67.23 12.08
CA PRO A 186 74.50 66.37 11.21
C PRO A 186 74.48 64.89 11.64
N GLU A 187 74.28 64.69 12.96
CA GLU A 187 74.09 63.36 13.58
C GLU A 187 72.88 62.66 12.93
N GLU A 188 71.67 63.22 13.16
CA GLU A 188 70.39 62.68 12.64
C GLU A 188 70.37 62.63 11.11
N ALA A 189 71.09 63.57 10.48
CA ALA A 189 71.27 63.63 9.04
C ALA A 189 71.93 62.36 8.53
N LEU A 190 73.10 62.05 9.12
CA LEU A 190 73.97 60.93 8.69
C LEU A 190 73.27 59.57 8.91
N GLU A 191 72.43 59.49 9.96
CA GLU A 191 71.63 58.29 10.25
C GLU A 191 70.62 58.03 9.12
N ALA A 192 69.87 59.09 8.79
CA ALA A 192 68.83 59.05 7.74
C ALA A 192 69.44 58.81 6.34
N TYR A 193 70.62 59.39 6.11
CA TYR A 193 71.37 59.21 4.86
C TYR A 193 71.78 57.75 4.70
N LYS A 194 72.28 57.15 5.79
CA LYS A 194 72.98 55.83 5.76
C LYS A 194 72.10 54.69 5.22
N LYS A 195 70.78 54.87 5.29
CA LYS A 195 69.81 53.90 4.77
C LYS A 195 69.95 53.73 3.24
N VAL A 196 70.34 54.82 2.55
CA VAL A 196 70.59 54.83 1.10
C VAL A 196 71.73 53.85 0.74
N LEU A 197 72.85 53.88 1.49
CA LEU A 197 74.00 52.94 1.28
C LEU A 197 73.54 51.48 1.47
N ASP A 198 72.59 51.27 2.39
CA ASP A 198 72.08 49.92 2.74
C ASP A 198 71.20 49.33 1.62
N ILE A 199 70.26 50.13 1.11
CA ILE A 199 69.28 49.69 0.10
C ILE A 199 69.93 49.61 -1.29
N GLU A 200 70.57 50.73 -1.67
CA GLU A 200 71.18 50.90 -3.00
C GLU A 200 72.45 50.07 -3.16
N GLY A 201 73.31 50.06 -2.11
CA GLY A 201 74.59 49.34 -2.15
C GLY A 201 75.52 49.90 -3.22
N ASP A 202 75.70 49.13 -4.30
CA ASP A 202 76.56 49.52 -5.45
C ASP A 202 75.98 50.71 -6.23
N ASN A 203 74.65 50.90 -6.14
CA ASN A 203 73.94 52.00 -6.83
C ASN A 203 74.39 53.37 -6.28
N ALA A 204 74.93 53.38 -5.04
CA ALA A 204 75.43 54.59 -4.38
C ALA A 204 76.48 55.31 -5.25
N THR A 205 76.08 56.44 -5.85
CA THR A 205 76.95 57.24 -6.74
C THR A 205 77.71 58.31 -5.92
N GLU A 206 78.54 59.11 -6.62
CA GLU A 206 79.35 60.19 -6.01
C GLU A 206 78.46 61.22 -5.29
N ALA A 207 77.31 61.54 -5.93
CA ALA A 207 76.34 62.51 -5.40
C ALA A 207 75.57 61.96 -4.18
N MET A 208 75.41 60.62 -4.08
CA MET A 208 74.84 59.98 -2.87
C MET A 208 75.83 60.10 -1.73
N LYS A 209 77.11 59.75 -2.02
CA LYS A 209 78.21 59.81 -1.05
C LYS A 209 78.44 61.27 -0.55
N ARG A 210 78.06 62.25 -1.38
CA ARG A 210 78.18 63.70 -1.08
C ARG A 210 77.49 64.06 0.28
N ASP A 211 76.35 63.40 0.53
CA ASP A 211 75.56 63.59 1.76
C ASP A 211 76.36 63.23 3.02
N TYR A 212 76.97 62.03 2.98
CA TYR A 212 77.72 61.47 4.13
C TYR A 212 78.99 62.27 4.36
N GLU A 213 79.58 62.70 3.25
CA GLU A 213 80.79 63.52 3.21
C GLU A 213 80.55 64.86 3.95
N SER A 214 79.34 65.42 3.79
CA SER A 214 78.94 66.68 4.44
C SER A 214 78.60 66.46 5.94
N ALA A 215 77.84 65.39 6.22
CA ALA A 215 77.28 65.11 7.57
C ALA A 215 78.36 64.62 8.55
N LYS A 216 79.30 63.81 8.04
CA LYS A 216 80.38 63.24 8.86
C LYS A 216 81.36 64.36 9.23
N LYS A 217 81.82 65.15 8.22
CA LYS A 217 82.82 66.23 8.41
C LYS A 217 82.39 67.19 9.54
N LYS A 218 81.09 67.50 9.56
CA LYS A 218 80.50 68.43 10.54
C LYS A 218 80.70 67.89 11.99
N VAL A 219 80.56 66.57 12.18
CA VAL A 219 80.73 65.91 13.50
C VAL A 219 82.22 65.65 13.82
N GLU A 220 83.01 65.32 12.77
CA GLU A 220 84.42 64.88 12.91
C GLU A 220 85.34 66.04 13.31
N GLN A 221 85.06 67.22 12.75
CA GLN A 221 85.87 68.45 12.94
C GLN A 221 85.80 68.95 14.39
N SER A 222 84.82 68.45 15.17
CA SER A 222 84.62 68.82 16.58
C SER A 222 85.79 68.34 17.48
N LEU A 223 86.47 67.28 17.04
CA LEU A 223 87.60 66.67 17.77
C LEU A 223 88.95 67.36 17.45
N ASN A 224 88.98 68.16 16.36
CA ASN A 224 90.23 68.74 15.79
C ASN A 224 90.97 69.66 16.79
N LEU A 225 90.25 70.14 17.82
CA LEU A 225 90.80 71.06 18.84
C LEU A 225 91.87 70.39 19.71
N GLU A 226 91.77 69.06 19.91
CA GLU A 226 92.79 68.29 20.64
C GLU A 226 93.91 67.82 19.70
N LYS A 227 95.03 67.37 20.28
CA LYS A 227 96.13 66.74 19.52
C LYS A 227 96.04 65.21 19.73
N THR A 228 96.58 64.44 18.79
CA THR A 228 96.43 62.98 18.77
C THR A 228 97.19 62.29 19.94
N VAL A 229 96.41 61.68 20.87
CA VAL A 229 96.91 60.82 21.98
C VAL A 229 97.66 61.65 23.07
N PRO A 230 97.41 61.36 24.42
CA PRO A 230 98.28 61.88 25.50
C PRO A 230 99.77 61.52 25.24
N GLU A 231 100.61 62.57 25.14
CA GLU A 231 102.00 62.45 24.66
C GLU A 231 102.96 62.03 25.83
N GLN A 232 102.51 61.07 26.66
CA GLN A 232 103.29 60.41 27.74
C GLN A 232 104.14 61.36 28.63
N SER A 233 103.73 62.64 28.73
CA SER A 233 104.45 63.65 29.52
C SER A 233 103.49 64.22 30.58
N ARG A 234 103.76 63.88 31.85
CA ARG A 234 102.84 64.14 32.98
C ARG A 234 103.01 65.57 33.48
N ASP A 235 104.27 65.99 33.60
CA ASP A 235 104.63 67.29 34.19
C ASP A 235 105.97 67.79 33.62
N ALA A 236 106.69 66.94 32.86
CA ALA A 236 107.95 67.32 32.18
C ALA A 236 107.67 68.29 31.00
N ASP A 237 106.42 68.29 30.52
CA ASP A 237 105.98 69.10 29.36
C ASP A 237 106.08 70.63 29.61
N VAL A 238 106.22 71.04 30.87
CA VAL A 238 106.44 72.46 31.25
C VAL A 238 107.97 72.77 31.29
N ASP A 239 108.72 72.13 30.37
CA ASP A 239 110.21 72.10 30.31
C ASP A 239 110.86 71.90 31.70
N ALA A 240 110.35 70.89 32.43
CA ALA A 240 110.76 70.59 33.82
C ALA A 240 112.09 69.77 33.88
N SER A 241 113.09 70.21 33.08
CA SER A 241 114.47 69.68 33.06
C SER A 241 114.54 68.19 32.64
N GLN A 242 113.45 67.67 32.03
CA GLN A 242 113.32 66.28 31.51
C GLN A 242 113.22 65.24 32.64
N GLY A 243 114.32 65.06 33.41
CA GLY A 243 114.39 64.06 34.48
C GLY A 243 113.84 64.56 35.82
N ALA A 244 114.43 65.65 36.35
CA ALA A 244 114.12 66.15 37.72
C ALA A 244 113.35 67.47 37.66
N SER A 245 112.20 67.51 38.37
CA SER A 245 111.34 68.71 38.50
C SER A 245 111.56 69.37 39.89
N ALA A 246 112.83 69.46 40.29
CA ALA A 246 113.24 69.92 41.64
C ALA A 246 112.96 71.43 41.87
N GLY A 247 112.98 71.84 43.16
CA GLY A 247 112.72 73.24 43.55
C GLY A 247 113.91 74.16 43.32
N GLY A 248 115.10 73.55 43.14
CA GLY A 248 116.33 74.28 42.81
C GLY A 248 117.29 74.41 43.98
N LEU A 249 116.85 73.99 45.19
CA LEU A 249 117.67 74.07 46.41
C LEU A 249 117.27 72.96 47.40
N PRO A 250 118.25 72.37 48.17
CA PRO A 250 117.94 71.42 49.26
C PRO A 250 117.58 72.15 50.57
N ASP A 251 116.48 72.93 50.52
CA ASP A 251 115.98 73.74 51.65
C ASP A 251 115.44 72.84 52.78
N LEU A 252 114.92 71.66 52.40
CA LEU A 252 114.42 70.64 53.34
C LEU A 252 115.53 70.22 54.33
N GLY A 253 116.77 70.13 53.81
CA GLY A 253 117.95 69.84 54.63
C GLY A 253 118.18 70.91 55.69
N SER A 254 118.73 72.06 55.27
CA SER A 254 118.93 73.26 56.13
C SER A 254 118.95 74.51 55.23
N LEU A 255 120.07 74.69 54.51
CA LEU A 255 120.28 75.80 53.57
C LEU A 255 121.64 75.59 52.91
N LEU A 256 121.68 74.67 51.93
CA LEU A 256 122.91 74.29 51.22
C LEU A 256 122.90 74.85 49.79
N GLY A 257 124.03 74.71 49.09
CA GLY A 257 124.13 75.08 47.68
C GLY A 257 125.55 74.92 47.17
N GLY A 258 125.80 75.40 45.93
CA GLY A 258 127.11 75.30 45.29
C GLY A 258 128.15 76.15 45.99
N GLY A 259 128.95 75.52 46.87
CA GLY A 259 129.95 76.25 47.68
C GLY A 259 129.34 76.91 48.92
N LEU A 260 128.02 76.76 49.10
CA LEU A 260 127.28 77.32 50.23
C LEU A 260 127.18 76.23 51.30
N GLY A 261 127.97 76.39 52.38
CA GLY A 261 127.97 75.49 53.52
C GLY A 261 126.65 75.59 54.28
N GLY A 262 125.91 74.46 54.34
CA GLY A 262 124.64 74.39 55.04
C GLY A 262 124.82 74.52 56.54
N LEU A 263 124.31 75.63 57.12
CA LEU A 263 124.33 75.93 58.58
C LEU A 263 123.75 74.75 59.40
N MET A 264 124.63 74.08 60.17
CA MET A 264 124.36 72.84 60.92
C MET A 264 123.79 71.76 59.97
N ASN A 265 124.69 71.21 59.14
CA ASN A 265 124.37 70.19 58.12
C ASN A 265 125.69 69.57 57.64
N ASN A 266 125.63 68.56 56.72
CA ASN A 266 126.82 67.79 56.21
C ASN A 266 127.36 66.84 57.33
N PRO A 267 127.84 65.58 56.98
CA PRO A 267 128.39 64.58 57.95
C PRO A 267 129.19 65.19 59.13
N GLN A 268 130.05 66.20 58.82
CA GLN A 268 130.72 67.09 59.79
C GLN A 268 131.92 66.41 60.52
N LEU A 269 131.79 65.10 60.84
CA LEU A 269 132.75 64.31 61.65
C LEU A 269 132.67 64.73 63.14
N MET A 270 133.07 63.83 64.04
CA MET A 270 132.94 64.01 65.50
C MET A 270 133.93 65.06 66.03
N GLN A 271 133.53 66.35 65.93
CA GLN A 271 134.26 67.52 66.49
C GLN A 271 135.70 67.70 65.91
N ALA A 272 136.05 66.88 64.91
CA ALA A 272 137.39 66.92 64.26
C ALA A 272 137.44 67.96 63.12
N ALA A 273 136.53 68.96 63.18
CA ALA A 273 136.41 70.02 62.16
C ALA A 273 137.71 70.88 62.08
N GLN A 274 138.40 71.04 63.22
CA GLN A 274 139.76 71.63 63.26
C GLN A 274 140.76 70.57 63.74
N LYS A 275 140.66 70.20 65.03
CA LYS A 275 141.51 69.18 65.69
C LYS A 275 141.06 69.00 67.15
N MET A 276 141.04 67.74 67.61
CA MET A 276 140.71 67.39 69.01
C MET A 276 141.34 66.03 69.35
N MET A 277 141.74 65.85 70.64
CA MET A 277 142.54 64.71 71.14
C MET A 277 143.99 64.75 70.59
N SER A 278 144.88 63.99 71.25
CA SER A 278 146.32 63.86 70.94
C SER A 278 147.14 65.11 71.36
N ASN A 279 146.72 66.31 70.89
CA ASN A 279 147.39 67.60 71.19
C ASN A 279 147.46 67.89 72.72
N PRO A 280 146.37 67.65 73.55
CA PRO A 280 146.50 67.62 75.02
C PRO A 280 147.07 66.25 75.47
N GLY A 281 148.38 66.22 75.78
CA GLY A 281 149.10 64.98 76.08
C GLY A 281 149.44 64.82 77.56
N ALA A 282 148.47 65.18 78.44
CA ALA A 282 148.57 65.08 79.92
C ALA A 282 149.69 65.97 80.49
N MET A 283 150.94 65.44 80.48
CA MET A 283 152.12 66.12 81.02
C MET A 283 153.36 65.39 80.48
N GLN A 284 154.22 66.13 79.73
CA GLN A 284 155.47 65.60 79.13
C GLN A 284 155.12 64.47 78.11
N ASN A 285 154.99 63.23 78.62
CA ASN A 285 154.34 62.10 77.92
C ASN A 285 154.37 60.88 78.84
N ILE A 286 153.27 60.10 78.81
CA ILE A 286 153.07 58.87 79.61
C ILE A 286 152.90 59.22 81.11
N GLN A 287 154.00 59.67 81.74
CA GLN A 287 154.06 60.14 83.13
C GLN A 287 153.77 58.98 84.10
N LYS A 288 154.85 58.25 84.45
CA LYS A 288 154.79 57.06 85.33
C LYS A 288 154.92 57.52 86.80
N MET A 289 155.73 58.57 87.03
CA MET A 289 155.92 59.19 88.37
C MET A 289 154.61 59.82 88.89
N MET A 290 154.62 60.24 90.17
CA MET A 290 153.42 60.76 90.91
C MET A 290 152.44 59.60 91.24
N GLN A 291 152.85 58.35 90.92
CA GLN A 291 152.05 57.13 91.14
C GLN A 291 152.69 56.27 92.24
N ASP A 292 153.95 55.89 92.00
CA ASP A 292 154.78 55.13 92.95
C ASP A 292 155.02 55.95 94.26
N PRO A 293 155.41 57.28 94.20
CA PRO A 293 155.38 58.15 95.38
C PRO A 293 153.95 58.71 95.62
N SER A 294 153.02 57.82 96.03
CA SER A 294 151.63 58.17 96.33
C SER A 294 151.55 59.26 97.41
N ILE A 295 152.25 59.00 98.53
CA ILE A 295 152.43 59.98 99.62
C ILE A 295 153.92 60.39 99.68
N ARG A 296 154.81 59.42 99.97
CA ARG A 296 156.29 59.59 100.03
C ARG A 296 156.92 58.28 100.51
N GLN A 297 158.17 58.02 100.07
CA GLN A 297 159.04 56.97 100.63
C GLN A 297 160.42 57.04 99.92
N MET A 298 160.47 56.53 98.66
CA MET A 298 161.63 56.55 97.74
C MET A 298 162.87 55.85 98.36
N ALA A 299 163.54 56.54 99.31
CA ALA A 299 164.80 56.08 99.91
C ALA A 299 164.56 54.88 100.86
N GLU A 300 163.43 54.94 101.63
CA GLU A 300 163.05 53.92 102.65
C GLU A 300 163.96 54.01 103.91
N GLY A 301 163.37 53.81 105.09
CA GLY A 301 164.08 53.96 106.36
C GLY A 301 163.68 52.92 107.39
N PHE A 302 164.47 51.83 107.49
CA PHE A 302 164.28 50.78 108.51
C PHE A 302 164.86 51.23 109.86
N ALA A 303 166.03 51.90 109.80
CA ALA A 303 166.80 52.34 110.99
C ALA A 303 167.15 51.15 111.90
N SER A 304 168.24 50.44 111.53
CA SER A 304 168.75 49.25 112.22
C SER A 304 167.79 48.05 112.03
N GLY A 305 166.61 48.08 112.66
CA GLY A 305 165.65 46.98 112.60
C GLY A 305 165.96 45.90 113.62
N GLY A 306 167.17 45.30 113.49
CA GLY A 306 167.67 44.31 114.43
C GLY A 306 168.25 44.92 115.71
N GLY A 307 168.09 46.25 115.90
CA GLY A 307 168.40 46.93 117.16
C GLY A 307 167.41 46.58 118.28
N THR A 308 166.21 46.10 117.89
CA THR A 308 165.16 45.71 118.82
C THR A 308 165.56 44.40 119.57
N PRO A 309 165.73 44.45 120.94
CA PRO A 309 166.15 43.26 121.73
C PRO A 309 165.00 42.24 121.86
N ASN A 310 165.34 40.97 122.17
CA ASN A 310 164.36 39.90 122.43
C ASN A 310 163.68 40.16 123.80
N LEU A 311 162.47 40.77 123.76
CA LEU A 311 161.73 41.18 124.98
C LEU A 311 161.31 39.95 125.78
N SER A 312 160.73 38.96 125.08
CA SER A 312 160.14 37.74 125.70
C SER A 312 161.14 36.95 126.59
N ASP A 313 162.45 37.21 126.38
CA ASP A 313 163.55 36.58 127.14
C ASP A 313 163.40 36.72 128.67
N LEU A 314 162.81 37.85 129.12
CA LEU A 314 162.67 38.18 130.56
C LEU A 314 161.76 37.19 131.32
N MET A 315 160.90 36.45 130.59
CA MET A 315 159.92 35.50 131.16
C MET A 315 160.63 34.34 131.88
N ASN A 316 161.86 34.03 131.42
CA ASN A 316 162.64 32.87 131.90
C ASN A 316 163.46 33.21 133.17
N ASN A 317 163.28 34.44 133.73
CA ASN A 317 163.95 34.84 134.97
C ASN A 317 163.35 34.06 136.16
N PRO A 318 164.19 33.63 137.16
CA PRO A 318 163.69 32.86 138.31
C PRO A 318 162.77 33.75 139.19
N ALA A 319 161.54 33.26 139.46
CA ALA A 319 160.48 34.06 140.11
C ALA A 319 160.84 34.47 141.54
N LEU A 320 161.46 33.55 142.29
CA LEU A 320 161.97 33.80 143.66
C LEU A 320 163.47 34.16 143.61
N ARG A 321 164.01 34.38 142.39
CA ARG A 321 165.42 34.77 142.13
C ARG A 321 166.42 33.65 142.56
N ASN A 322 166.75 33.63 143.86
CA ASN A 322 167.80 32.77 144.44
C ASN A 322 167.19 31.38 144.78
N MET A 323 166.12 31.42 145.59
CA MET A 323 165.41 30.23 146.07
C MET A 323 164.33 29.75 145.08
N ALA A 324 164.41 30.20 143.81
CA ALA A 324 163.60 29.65 142.71
C ALA A 324 164.38 28.54 142.02
N GLY A 325 165.66 28.82 141.74
CA GLY A 325 166.54 27.87 141.06
C GLY A 325 167.08 26.83 142.01
N ASN A 326 167.39 27.27 143.25
CA ASN A 326 168.02 26.42 144.29
C ASN A 326 169.40 25.92 143.81
N LEU A 327 169.40 24.78 143.07
CA LEU A 327 170.61 24.15 142.56
C LEU A 327 170.68 24.20 141.03
N PHE A 328 169.53 23.99 140.36
CA PHE A 328 169.48 23.81 138.90
C PHE A 328 168.03 23.82 138.38
N GLY A 329 167.14 24.50 139.10
CA GLY A 329 165.70 24.38 138.91
C GLY A 329 165.11 25.18 137.74
N GLY A 330 165.38 24.72 136.50
CA GLY A 330 164.62 25.10 135.30
C GLY A 330 164.90 26.48 134.73
N ALA A 331 164.51 27.54 135.49
CA ALA A 331 164.60 28.95 135.07
C ALA A 331 166.07 29.44 134.90
N GLY A 332 166.29 30.78 134.91
CA GLY A 332 167.63 31.36 134.72
C GLY A 332 168.71 30.82 135.66
N ALA A 333 168.30 30.40 136.88
CA ALA A 333 169.21 29.83 137.89
C ALA A 333 169.39 28.29 137.70
N GLN A 334 169.23 27.81 136.45
CA GLN A 334 169.58 26.45 136.06
C GLN A 334 171.12 26.27 136.16
N SER A 335 171.56 25.10 136.66
CA SER A 335 172.98 24.75 136.91
C SER A 335 173.77 25.88 137.62
N THR A 336 173.06 26.68 138.44
CA THR A 336 173.63 27.87 139.10
C THR A 336 174.72 27.46 140.10
N ASP A 337 174.54 26.29 140.72
CA ASP A 337 175.51 25.72 141.65
C ASP A 337 175.48 24.19 141.53
N GLU A 338 174.25 23.64 141.63
CA GLU A 338 173.95 22.19 141.55
C GLU A 338 174.47 21.36 142.77
N THR A 339 175.47 21.92 143.52
CA THR A 339 176.26 21.21 144.52
C THR A 339 176.93 19.93 143.92
N PRO A 340 178.10 20.08 143.21
CA PRO A 340 178.87 18.94 142.69
C PRO A 340 179.90 18.43 143.72
N ASP A 341 179.89 17.11 144.00
CA ASP A 341 180.77 16.46 145.01
C ASP A 341 180.36 16.85 146.44
N ASN A 342 180.23 15.83 147.32
CA ASN A 342 179.92 16.01 148.75
C ASN A 342 178.59 16.77 148.96
N GLU A 343 177.50 16.29 148.32
CA GLU A 343 176.18 16.96 148.41
C GLU A 343 175.61 16.79 149.83
N ASN A 344 175.96 17.74 150.73
CA ASN A 344 175.57 17.73 152.16
C ASN A 344 175.98 16.40 152.84
N LYS A 345 177.27 16.32 153.21
CA LYS A 345 177.89 15.12 153.83
C LYS A 345 177.80 13.87 152.88
N GLN A 346 177.65 14.16 151.56
CA GLN A 346 177.33 13.16 150.52
C GLN A 346 175.94 12.53 150.80
N TYR A 347 175.91 11.48 151.65
CA TYR A 347 174.69 10.78 152.10
C TYR A 347 175.14 9.61 153.00
N MET B 1 -2.65 9.88 -1.81
CA MET B 1 -2.69 10.23 -3.25
C MET B 1 -2.03 9.11 -4.10
N SER B 2 -0.81 8.70 -3.69
CA SER B 2 -0.05 7.60 -4.32
C SER B 2 0.33 6.53 -3.29
N ALA B 3 -0.52 6.40 -2.24
CA ALA B 3 -0.31 5.49 -1.09
C ALA B 3 0.92 5.94 -0.26
N SER B 4 2.14 5.63 -0.75
CA SER B 4 3.43 6.09 -0.17
C SER B 4 4.58 5.75 -1.11
N LYS B 5 5.73 6.42 -0.89
CA LYS B 5 6.90 6.32 -1.78
C LYS B 5 7.70 5.02 -1.52
N GLU B 6 7.94 4.69 -0.23
CA GLU B 6 8.83 3.58 0.16
C GLU B 6 8.27 2.22 -0.26
N GLU B 7 6.94 2.10 -0.31
CA GLU B 7 6.27 0.85 -0.77
C GLU B 7 6.61 0.56 -2.24
N ILE B 8 6.56 1.63 -3.05
CA ILE B 8 6.92 1.60 -4.48
C ILE B 8 8.43 1.31 -4.62
N ALA B 9 9.23 2.03 -3.82
CA ALA B 9 10.71 1.97 -3.86
C ALA B 9 11.27 0.59 -3.45
N ALA B 10 10.59 -0.03 -2.48
CA ALA B 10 10.91 -1.39 -1.99
C ALA B 10 10.67 -2.42 -3.11
N LEU B 11 9.60 -2.17 -3.87
CA LEU B 11 9.19 -3.01 -5.02
C LEU B 11 10.21 -2.85 -6.18
N ILE B 12 10.65 -1.61 -6.39
CA ILE B 12 11.60 -1.23 -7.46
C ILE B 12 12.92 -1.98 -7.32
N VAL B 13 13.51 -1.94 -6.10
CA VAL B 13 14.79 -2.60 -5.83
C VAL B 13 14.61 -4.13 -5.75
N ASN B 14 13.40 -4.60 -5.39
CA ASN B 14 13.06 -6.04 -5.38
C ASN B 14 12.94 -6.58 -6.82
N TYR B 15 12.46 -5.71 -7.72
CA TYR B 15 12.31 -6.02 -9.15
C TYR B 15 13.70 -6.23 -9.76
N PHE B 16 14.59 -5.27 -9.47
CA PHE B 16 16.00 -5.30 -9.91
C PHE B 16 16.79 -6.44 -9.22
N SER B 17 16.40 -6.77 -7.98
CA SER B 17 16.98 -7.89 -7.23
C SER B 17 16.71 -9.20 -7.96
N SER B 18 15.44 -9.43 -8.31
CA SER B 18 15.00 -10.64 -9.05
C SER B 18 15.69 -10.75 -10.44
N ILE B 19 15.95 -9.58 -11.03
CA ILE B 19 16.70 -9.47 -12.30
C ILE B 19 18.16 -9.95 -12.12
N VAL B 20 18.88 -9.39 -11.14
CA VAL B 20 20.29 -9.72 -10.91
C VAL B 20 20.48 -11.15 -10.32
N GLU B 21 19.41 -11.68 -9.69
CA GLU B 21 19.40 -13.05 -9.13
C GLU B 21 19.43 -14.10 -10.25
N LYS B 22 18.51 -13.96 -11.21
CA LYS B 22 18.32 -14.95 -12.29
C LYS B 22 18.91 -14.50 -13.62
N LYS B 23 19.65 -13.38 -13.60
CA LYS B 23 20.43 -12.86 -14.76
C LYS B 23 19.47 -12.52 -15.94
N GLU B 24 18.54 -11.60 -15.70
CA GLU B 24 17.52 -11.14 -16.67
C GLU B 24 18.00 -9.92 -17.48
N ILE B 25 19.32 -9.69 -17.51
CA ILE B 25 19.91 -8.54 -18.21
C ILE B 25 21.43 -8.73 -18.29
N SER B 26 22.07 -8.08 -19.28
CA SER B 26 23.54 -8.10 -19.46
C SER B 26 24.26 -7.61 -18.19
N GLU B 27 25.52 -8.06 -17.99
CA GLU B 27 26.34 -7.80 -16.77
C GLU B 27 26.46 -6.29 -16.47
N ASP B 28 26.50 -5.49 -17.55
CA ASP B 28 26.50 -4.01 -17.48
C ASP B 28 25.23 -3.51 -16.78
N GLY B 29 24.07 -4.01 -17.26
CA GLY B 29 22.77 -3.66 -16.71
C GLY B 29 22.57 -4.19 -15.29
N ALA B 30 23.13 -5.38 -15.00
CA ALA B 30 23.02 -6.04 -13.69
C ALA B 30 23.77 -5.24 -12.60
N ASP B 31 24.98 -4.79 -12.96
CA ASP B 31 25.83 -3.94 -12.09
C ASP B 31 25.18 -2.55 -11.89
N SER B 32 24.58 -2.04 -12.98
CA SER B 32 23.93 -0.71 -13.01
C SER B 32 22.68 -0.69 -12.11
N LEU B 33 21.92 -1.78 -12.14
CA LEU B 33 20.71 -1.94 -11.32
C LEU B 33 21.08 -2.21 -9.86
N ASN B 34 22.19 -2.95 -9.66
CA ASN B 34 22.71 -3.31 -8.32
C ASN B 34 23.05 -2.05 -7.51
N VAL B 35 23.78 -1.11 -8.16
CA VAL B 35 24.16 0.17 -7.54
C VAL B 35 22.95 1.10 -7.41
N ALA B 36 22.04 1.05 -8.40
CA ALA B 36 20.79 1.84 -8.39
C ALA B 36 19.87 1.45 -7.22
N MET B 37 19.92 0.15 -6.86
CA MET B 37 19.19 -0.40 -5.70
C MET B 37 19.66 0.26 -4.41
N ASP B 38 21.00 0.36 -4.24
CA ASP B 38 21.64 0.99 -3.05
C ASP B 38 21.24 2.47 -2.94
N CYS B 39 21.24 3.14 -4.10
CA CYS B 39 20.91 4.57 -4.22
C CYS B 39 19.48 4.86 -3.71
N ILE B 40 18.51 4.10 -4.22
CA ILE B 40 17.08 4.23 -3.86
C ILE B 40 16.86 3.80 -2.39
N SER B 41 17.63 2.78 -1.94
CA SER B 41 17.55 2.21 -0.58
C SER B 41 17.88 3.25 0.48
N GLU B 42 18.97 4.00 0.25
CA GLU B 42 19.44 5.06 1.17
C GLU B 42 18.66 6.37 0.96
N ALA B 43 18.03 6.52 -0.22
CA ALA B 43 17.22 7.73 -0.54
C ALA B 43 15.99 7.86 0.37
N PHE B 44 15.42 6.71 0.77
CA PHE B 44 14.27 6.67 1.70
C PHE B 44 14.69 6.06 3.06
N GLY B 45 15.90 5.47 3.09
CA GLY B 45 16.48 4.92 4.32
C GLY B 45 15.87 3.57 4.70
N PHE B 46 15.36 2.82 3.70
CA PHE B 46 14.90 1.44 3.93
C PHE B 46 16.04 0.46 3.67
N GLU B 47 15.82 -0.79 4.06
CA GLU B 47 16.80 -1.87 3.86
C GLU B 47 16.43 -2.65 2.59
N ARG B 48 17.41 -2.74 1.66
CA ARG B 48 17.22 -3.22 0.26
C ARG B 48 16.85 -4.73 0.16
N GLU B 49 17.10 -5.51 1.23
CA GLU B 49 16.73 -6.96 1.28
C GLU B 49 15.49 -7.17 2.18
N ALA B 50 15.31 -6.28 3.17
CA ALA B 50 14.13 -6.32 4.07
C ALA B 50 12.84 -5.91 3.35
N VAL B 51 12.98 -5.49 2.09
CA VAL B 51 11.87 -5.14 1.19
C VAL B 51 10.83 -6.27 1.07
N SER B 52 11.27 -7.52 1.18
CA SER B 52 10.37 -8.70 1.11
C SER B 52 9.36 -8.71 2.28
N GLY B 53 9.78 -8.16 3.43
CA GLY B 53 8.89 -7.97 4.59
C GLY B 53 7.95 -6.78 4.41
N ILE B 54 8.45 -5.71 3.79
CA ILE B 54 7.67 -4.49 3.49
C ILE B 54 6.54 -4.82 2.47
N LEU B 55 6.91 -5.63 1.48
CA LEU B 55 6.03 -6.03 0.36
C LEU B 55 5.07 -7.15 0.76
N GLY B 56 5.18 -7.63 2.02
CA GLY B 56 4.12 -8.47 2.62
C GLY B 56 2.81 -7.69 2.76
N LYS B 57 2.93 -6.35 2.75
CA LYS B 57 1.81 -5.42 2.82
C LYS B 57 1.62 -4.67 1.48
N SER B 58 2.08 -5.27 0.36
CA SER B 58 2.00 -4.63 -0.99
C SER B 58 0.53 -4.48 -1.43
N GLU B 59 -0.09 -3.35 -1.03
CA GLU B 59 -1.51 -3.07 -1.28
C GLU B 59 -1.70 -2.12 -2.47
N PHE B 60 -1.09 -0.90 -2.41
CA PHE B 60 -1.27 0.18 -3.42
C PHE B 60 -2.77 0.49 -3.64
N LYS B 61 -3.12 1.16 -4.75
CA LYS B 61 -4.52 1.26 -5.20
C LYS B 61 -4.62 0.70 -6.63
N GLY B 62 -3.56 0.96 -7.44
CA GLY B 62 -3.52 0.55 -8.82
C GLY B 62 -2.88 -0.80 -9.01
N GLN B 63 -1.63 -0.93 -8.56
CA GLN B 63 -0.80 -2.14 -8.78
C GLN B 63 -1.37 -3.34 -8.00
N HIS B 64 -1.09 -3.41 -6.68
CA HIS B 64 -1.50 -4.52 -5.78
C HIS B 64 -0.88 -5.88 -6.22
N LEU B 65 -1.45 -6.46 -7.27
CA LEU B 65 -1.06 -7.77 -7.80
C LEU B 65 -1.42 -7.80 -9.30
N ALA B 66 -0.79 -8.72 -10.07
CA ALA B 66 -1.07 -9.00 -11.51
C ALA B 66 -0.30 -8.03 -12.43
N ASP B 67 -0.34 -6.73 -12.09
CA ASP B 67 0.58 -5.73 -12.66
C ASP B 67 2.01 -5.95 -12.11
N ILE B 68 2.09 -6.60 -10.94
CA ILE B 68 3.33 -6.96 -10.26
C ILE B 68 3.24 -8.43 -9.81
N LEU B 69 4.24 -9.25 -10.20
CA LEU B 69 4.35 -10.67 -9.80
C LEU B 69 5.59 -10.91 -8.89
N ASN B 70 6.10 -9.82 -8.27
CA ASN B 70 7.31 -9.89 -7.39
C ASN B 70 6.99 -10.45 -5.98
N SER B 71 5.73 -10.85 -5.76
CA SER B 71 5.25 -11.44 -4.51
C SER B 71 5.64 -12.95 -4.40
N ALA B 72 6.56 -13.41 -5.26
CA ALA B 72 7.13 -14.76 -5.21
C ALA B 72 8.30 -14.79 -4.19
N SER B 73 8.46 -15.93 -3.51
CA SER B 73 9.46 -16.13 -2.45
C SER B 73 9.84 -17.63 -2.39
N ARG B 74 10.74 -17.98 -1.45
CA ARG B 74 11.23 -19.36 -1.30
C ARG B 74 10.22 -20.17 -0.47
N VAL B 75 9.24 -20.73 -1.18
CA VAL B 75 8.26 -21.66 -0.61
C VAL B 75 8.91 -23.04 -0.38
N PRO B 76 8.41 -23.84 0.62
CA PRO B 76 8.86 -25.24 0.82
C PRO B 76 8.55 -26.12 -0.41
N GLU B 77 9.40 -27.13 -0.63
CA GLU B 77 9.30 -28.03 -1.78
C GLU B 77 8.13 -29.01 -1.59
N SER B 78 8.35 -30.07 -0.76
CA SER B 78 7.29 -31.01 -0.32
C SER B 78 7.77 -31.71 0.96
N ASN B 79 8.80 -32.55 0.79
CA ASN B 79 9.41 -33.29 1.88
C ASN B 79 10.41 -32.40 2.63
N LYS B 80 11.40 -31.87 1.87
CA LYS B 80 12.62 -31.22 2.41
C LYS B 80 13.41 -32.27 3.21
N LYS B 81 14.62 -32.65 2.72
CA LYS B 81 15.45 -33.78 3.24
C LYS B 81 15.27 -33.99 4.77
N ASP B 82 14.28 -34.85 5.10
CA ASP B 82 13.95 -35.21 6.49
C ASP B 82 15.02 -36.16 7.01
N ASP B 83 15.13 -37.33 6.35
CA ASP B 83 16.22 -38.33 6.51
C ASP B 83 16.11 -39.11 7.85
N ALA B 84 15.25 -38.64 8.78
CA ALA B 84 15.11 -39.23 10.11
C ALA B 84 14.34 -40.56 10.05
N GLU B 85 13.37 -40.62 9.11
CA GLU B 85 12.57 -41.83 8.88
C GLU B 85 13.23 -42.68 7.78
N ASN B 86 13.55 -43.95 8.10
CA ASN B 86 14.05 -44.94 7.13
C ASN B 86 13.51 -46.32 7.52
N VAL B 87 13.25 -47.15 6.50
CA VAL B 87 12.76 -48.54 6.70
C VAL B 87 13.89 -49.39 7.29
N GLU B 88 13.93 -49.44 8.63
CA GLU B 88 14.96 -50.13 9.41
C GLU B 88 14.40 -50.44 10.80
N ILE B 89 14.26 -49.39 11.63
CA ILE B 89 13.69 -49.51 12.97
C ILE B 89 12.15 -49.37 12.87
N ASN B 90 11.53 -50.46 12.44
CA ASN B 90 10.08 -50.59 12.30
C ASN B 90 9.72 -52.05 12.54
N ILE B 91 9.53 -52.39 13.85
CA ILE B 91 9.35 -53.74 14.44
C ILE B 91 10.69 -54.27 15.07
N PRO B 92 11.83 -54.54 14.30
CA PRO B 92 13.11 -54.94 14.92
C PRO B 92 13.83 -53.72 15.55
N GLU B 93 13.41 -53.39 16.78
CA GLU B 93 14.01 -52.30 17.57
C GLU B 93 14.84 -52.91 18.71
N ASP B 94 14.52 -54.16 19.05
CA ASP B 94 15.18 -54.93 20.11
C ASP B 94 15.70 -56.27 19.52
N ASP B 95 15.80 -57.31 20.37
CA ASP B 95 16.17 -58.69 20.00
C ASP B 95 15.37 -59.19 18.77
N ALA B 96 16.04 -59.23 17.61
CA ALA B 96 15.43 -59.71 16.35
C ALA B 96 15.61 -61.22 16.17
N GLU B 97 16.70 -61.77 16.72
CA GLU B 97 17.09 -63.18 16.52
C GLU B 97 16.46 -64.12 17.58
N THR B 98 15.39 -63.67 18.24
CA THR B 98 14.70 -64.40 19.33
C THR B 98 14.37 -65.86 18.95
N LYS B 99 13.60 -66.03 17.86
CA LYS B 99 13.19 -67.35 17.37
C LYS B 99 14.33 -68.06 16.61
N ALA B 100 15.30 -67.28 16.12
CA ALA B 100 16.47 -67.80 15.37
C ALA B 100 17.46 -68.53 16.30
N LYS B 101 17.37 -68.24 17.61
CA LYS B 101 18.15 -68.94 18.65
C LYS B 101 17.65 -70.38 18.90
N ALA B 102 16.63 -70.84 18.15
CA ALA B 102 16.13 -72.24 18.20
C ALA B 102 17.25 -73.26 17.88
N GLU B 103 18.10 -72.88 16.93
CA GLU B 103 19.22 -73.73 16.45
C GLU B 103 20.56 -73.14 16.94
N ASP B 104 20.60 -71.79 17.08
CA ASP B 104 21.82 -71.04 17.45
C ASP B 104 22.22 -71.30 18.93
N LEU B 105 21.23 -71.50 19.80
CA LEU B 105 21.44 -71.76 21.25
C LEU B 105 21.91 -73.22 21.48
N LYS B 106 21.62 -74.10 20.50
CA LYS B 106 21.97 -75.55 20.56
C LYS B 106 23.50 -75.77 20.71
N MET B 107 24.30 -74.79 20.23
CA MET B 107 25.77 -74.78 20.42
C MET B 107 26.11 -74.82 21.93
N GLN B 108 25.40 -74.00 22.72
CA GLN B 108 25.61 -73.90 24.18
C GLN B 108 25.13 -75.18 24.90
N GLY B 109 24.06 -75.80 24.36
CA GLY B 109 23.54 -77.07 24.87
C GLY B 109 24.56 -78.21 24.72
N ASN B 110 25.20 -78.25 23.54
CA ASN B 110 26.27 -79.22 23.23
C ASN B 110 27.56 -78.90 24.04
N LYS B 111 27.81 -77.60 24.27
CA LYS B 111 29.01 -77.10 25.00
C LYS B 111 29.05 -77.65 26.45
N ALA B 112 27.90 -77.62 27.12
CA ALA B 112 27.79 -78.11 28.51
C ALA B 112 28.11 -79.61 28.60
N MET B 113 27.66 -80.39 27.58
CA MET B 113 27.98 -81.84 27.47
C MET B 113 29.50 -82.04 27.25
N ALA B 114 30.11 -81.12 26.49
CA ALA B 114 31.55 -81.14 26.19
C ALA B 114 32.39 -80.83 27.45
N ASN B 115 31.72 -80.23 28.45
CA ASN B 115 32.29 -79.98 29.79
C ASN B 115 31.91 -81.11 30.77
N LYS B 116 31.50 -82.28 30.21
CA LYS B 116 31.12 -83.50 30.97
C LYS B 116 29.87 -83.29 31.86
N ASP B 117 29.15 -82.18 31.66
CA ASP B 117 27.97 -81.83 32.47
C ASP B 117 26.71 -82.38 31.80
N TYR B 118 25.74 -82.81 32.63
CA TYR B 118 24.47 -83.43 32.18
C TYR B 118 23.27 -82.82 32.92
N GLU B 119 23.46 -81.67 33.57
CA GLU B 119 22.42 -81.02 34.38
C GLU B 119 22.08 -79.62 33.81
N LEU B 120 23.11 -78.77 33.74
CA LEU B 120 23.04 -77.46 33.06
C LEU B 120 22.93 -77.67 31.53
N ALA B 121 23.43 -78.84 31.06
CA ALA B 121 23.26 -79.28 29.67
C ALA B 121 21.79 -79.39 29.32
N ILE B 122 21.05 -80.11 30.19
CA ILE B 122 19.59 -80.26 30.10
C ILE B 122 18.90 -78.88 30.08
N ASN B 123 19.38 -77.96 30.95
CA ASN B 123 18.84 -76.58 31.07
C ASN B 123 18.94 -75.85 29.72
N LYS B 124 20.11 -75.93 29.07
CA LYS B 124 20.36 -75.26 27.77
C LYS B 124 19.60 -75.92 26.62
N TYR B 125 19.35 -77.24 26.74
CA TYR B 125 18.45 -77.95 25.78
C TYR B 125 17.00 -77.49 25.98
N THR B 126 16.59 -77.30 27.23
CA THR B 126 15.20 -76.97 27.62
C THR B 126 14.83 -75.54 27.19
N GLU B 127 15.77 -74.59 27.35
CA GLU B 127 15.56 -73.18 26.95
C GLU B 127 15.60 -73.03 25.42
N ALA B 128 16.25 -74.00 24.74
CA ALA B 128 16.22 -74.10 23.26
C ALA B 128 14.86 -74.68 22.78
N ILE B 129 14.27 -75.59 23.59
CA ILE B 129 12.90 -76.10 23.36
C ILE B 129 11.87 -74.99 23.68
N LYS B 130 12.24 -74.07 24.57
CA LYS B 130 11.36 -72.94 24.96
C LYS B 130 11.30 -71.90 23.83
N VAL B 131 12.31 -71.91 22.96
CA VAL B 131 12.31 -71.12 21.72
C VAL B 131 11.64 -71.92 20.58
N LEU B 132 11.90 -73.24 20.55
CA LEU B 132 11.37 -74.17 19.52
C LEU B 132 10.58 -75.32 20.19
N PRO B 133 9.24 -75.16 20.39
CA PRO B 133 8.41 -76.13 21.16
C PRO B 133 8.21 -77.49 20.42
N THR B 134 8.65 -77.55 19.16
CA THR B 134 8.60 -78.76 18.34
C THR B 134 10.03 -79.26 18.06
N ASN B 135 10.59 -80.03 19.03
CA ASN B 135 11.94 -80.62 18.91
C ASN B 135 12.05 -81.85 19.84
N ALA B 136 12.19 -83.03 19.22
CA ALA B 136 12.24 -84.31 19.94
C ALA B 136 13.67 -84.65 20.41
N ILE B 137 14.67 -84.28 19.60
CA ILE B 137 16.07 -84.71 19.82
C ILE B 137 16.66 -84.16 21.14
N TYR B 138 16.26 -82.92 21.51
CA TYR B 138 16.72 -82.30 22.78
C TYR B 138 16.18 -83.08 23.99
N TYR B 139 14.92 -83.54 23.88
CA TYR B 139 14.27 -84.40 24.91
C TYR B 139 14.93 -85.78 24.99
N ALA B 140 15.34 -86.31 23.83
CA ALA B 140 16.06 -87.59 23.75
C ALA B 140 17.49 -87.48 24.35
N ASN B 141 18.07 -86.27 24.24
CA ASN B 141 19.39 -85.93 24.84
C ASN B 141 19.23 -85.63 26.34
N ARG B 142 18.04 -85.14 26.75
CA ARG B 142 17.67 -84.93 28.17
C ARG B 142 17.50 -86.29 28.88
N ALA B 143 16.89 -87.24 28.16
CA ALA B 143 16.72 -88.63 28.63
C ALA B 143 18.09 -89.32 28.77
N ALA B 144 18.95 -89.10 27.76
CA ALA B 144 20.33 -89.63 27.71
C ALA B 144 21.21 -89.02 28.82
N ALA B 145 20.95 -87.74 29.15
CA ALA B 145 21.66 -87.03 30.22
C ALA B 145 21.22 -87.57 31.61
N HIS B 146 19.91 -87.87 31.74
CA HIS B 146 19.35 -88.50 32.94
C HIS B 146 19.80 -89.97 33.06
N SER B 147 20.24 -90.58 31.96
CA SER B 147 20.85 -91.93 31.97
C SER B 147 22.23 -91.89 32.64
N SER B 148 22.99 -90.83 32.34
CA SER B 148 24.31 -90.58 32.95
C SER B 148 24.17 -90.23 34.45
N LEU B 149 23.03 -89.62 34.81
CA LEU B 149 22.69 -89.24 36.20
C LEU B 149 21.89 -90.35 36.92
N LYS B 150 21.55 -91.42 36.16
CA LYS B 150 20.79 -92.62 36.64
C LYS B 150 19.36 -92.28 37.13
N GLU B 151 18.85 -91.11 36.72
CA GLU B 151 17.46 -90.70 36.96
C GLU B 151 16.54 -91.39 35.93
N TYR B 152 16.22 -92.67 36.18
CA TYR B 152 15.43 -93.52 35.25
C TYR B 152 14.00 -93.00 35.09
N ASP B 153 13.37 -92.70 36.23
CA ASP B 153 11.97 -92.20 36.32
C ASP B 153 11.80 -90.88 35.53
N GLN B 154 12.89 -90.08 35.48
CA GLN B 154 12.91 -88.81 34.72
C GLN B 154 13.18 -89.10 33.23
N ALA B 155 14.10 -90.04 32.95
CA ALA B 155 14.50 -90.42 31.57
C ALA B 155 13.31 -90.99 30.77
N VAL B 156 12.39 -91.67 31.49
CA VAL B 156 11.12 -92.18 30.92
C VAL B 156 10.23 -91.00 30.45
N LYS B 157 10.19 -89.92 31.24
CA LYS B 157 9.38 -88.71 30.93
C LYS B 157 9.88 -88.03 29.64
N ASP B 158 11.21 -87.84 29.54
CA ASP B 158 11.85 -87.17 28.39
C ASP B 158 11.77 -88.04 27.14
N ALA B 159 11.82 -89.37 27.35
CA ALA B 159 11.65 -90.37 26.30
C ALA B 159 10.25 -90.24 25.66
N GLU B 160 9.21 -90.23 26.53
CA GLU B 160 7.81 -90.07 26.10
C GLU B 160 7.58 -88.72 25.41
N SER B 161 8.24 -87.67 25.93
CA SER B 161 8.15 -86.29 25.38
C SER B 161 8.80 -86.20 23.99
N ALA B 162 9.87 -86.99 23.79
CA ALA B 162 10.56 -87.12 22.49
C ALA B 162 9.67 -87.85 21.48
N ILE B 163 9.03 -88.95 21.94
CA ILE B 163 8.12 -89.78 21.13
C ILE B 163 6.84 -88.99 20.74
N SER B 164 6.41 -88.07 21.62
CA SER B 164 5.22 -87.19 21.38
C SER B 164 5.44 -86.26 20.17
N ILE B 165 6.70 -85.85 19.94
CA ILE B 165 7.06 -84.93 18.86
C ILE B 165 7.50 -85.71 17.60
N ASP B 166 8.22 -86.82 17.83
CA ASP B 166 8.75 -87.66 16.76
C ASP B 166 8.92 -89.11 17.27
N PRO B 167 7.96 -90.03 16.93
CA PRO B 167 8.02 -91.46 17.36
C PRO B 167 8.93 -92.33 16.47
N SER B 168 9.60 -91.71 15.49
CA SER B 168 10.51 -92.42 14.59
C SER B 168 11.90 -92.58 15.22
N TYR B 169 12.32 -91.53 15.95
CA TYR B 169 13.66 -91.46 16.56
C TYR B 169 13.80 -92.53 17.66
N PHE B 170 14.61 -93.56 17.34
CA PHE B 170 14.85 -94.74 18.20
C PHE B 170 15.37 -94.37 19.59
N ARG B 171 16.06 -93.20 19.67
CA ARG B 171 16.71 -92.74 20.90
C ARG B 171 15.69 -92.58 22.05
N GLY B 172 14.43 -92.21 21.68
CA GLY B 172 13.32 -92.15 22.62
C GLY B 172 13.02 -93.52 23.23
N TYR B 173 12.89 -94.54 22.35
CA TYR B 173 12.62 -95.94 22.76
C TYR B 173 13.82 -96.60 23.47
N SER B 174 15.03 -96.10 23.17
CA SER B 174 16.26 -96.60 23.77
C SER B 174 16.33 -96.20 25.25
N ARG B 175 16.06 -94.90 25.51
CA ARG B 175 16.12 -94.33 26.87
C ARG B 175 14.81 -94.52 27.64
N LEU B 176 13.78 -94.97 26.92
CA LEU B 176 12.54 -95.47 27.52
C LEU B 176 12.81 -96.87 28.09
N GLY B 177 13.27 -97.77 27.18
CA GLY B 177 13.35 -99.19 27.44
C GLY B 177 14.50 -99.63 28.35
N PHE B 178 15.65 -98.92 28.28
CA PHE B 178 16.84 -99.28 29.08
C PHE B 178 16.53 -99.19 30.58
N ALA B 179 15.72 -98.17 30.93
CA ALA B 179 15.36 -97.84 32.32
C ALA B 179 14.63 -98.99 33.00
N LYS B 180 13.88 -99.76 32.20
CA LYS B 180 13.07 -100.88 32.68
C LYS B 180 13.96 -102.00 33.23
N TYR B 181 14.84 -102.56 32.37
CA TYR B 181 15.74 -103.66 32.76
C TYR B 181 16.77 -103.20 33.80
N ALA B 182 17.19 -101.94 33.70
CA ALA B 182 18.16 -101.31 34.62
C ALA B 182 17.65 -101.33 36.06
N GLN B 183 16.32 -101.19 36.25
CA GLN B 183 15.68 -101.29 37.57
C GLN B 183 15.39 -102.76 37.90
N GLY B 184 14.41 -103.33 37.18
CA GLY B 184 13.96 -104.70 37.41
C GLY B 184 12.60 -104.93 36.79
N LYS B 185 12.47 -104.57 35.50
CA LYS B 185 11.24 -104.75 34.70
C LYS B 185 11.60 -105.51 33.40
N PRO B 186 11.87 -106.85 33.48
CA PRO B 186 12.24 -107.66 32.29
C PRO B 186 11.07 -107.83 31.30
N GLU B 187 9.85 -107.81 31.85
CA GLU B 187 8.61 -107.97 31.08
C GLU B 187 8.40 -106.81 30.08
N GLU B 188 8.67 -105.57 30.54
CA GLU B 188 8.54 -104.35 29.72
C GLU B 188 9.74 -104.20 28.79
N ALA B 189 10.93 -104.41 29.37
CA ALA B 189 12.22 -104.29 28.66
C ALA B 189 12.30 -105.25 27.45
N LEU B 190 11.67 -106.42 27.61
CA LEU B 190 11.55 -107.43 26.54
C LEU B 190 10.95 -106.80 25.27
N GLU B 191 9.77 -106.20 25.44
CA GLU B 191 9.02 -105.57 24.34
C GLU B 191 9.73 -104.30 23.82
N ALA B 192 10.39 -103.58 24.75
CA ALA B 192 10.98 -102.27 24.49
C ALA B 192 12.25 -102.38 23.60
N TYR B 193 13.17 -103.28 23.99
CA TYR B 193 14.40 -103.54 23.22
C TYR B 193 14.06 -104.17 21.87
N LYS B 194 13.03 -105.04 21.88
CA LYS B 194 12.54 -105.71 20.65
C LYS B 194 12.00 -104.68 19.65
N LYS B 195 11.41 -103.60 20.19
CA LYS B 195 10.91 -102.47 19.39
C LYS B 195 12.06 -101.65 18.77
N VAL B 196 13.16 -101.47 19.51
CA VAL B 196 14.37 -100.78 18.98
C VAL B 196 15.02 -101.63 17.86
N LEU B 197 15.00 -102.96 18.07
CA LEU B 197 15.49 -103.94 17.08
C LEU B 197 14.58 -103.97 15.84
N ASP B 198 13.28 -103.81 16.07
CA ASP B 198 12.22 -103.86 15.04
C ASP B 198 12.30 -102.63 14.10
N ILE B 199 12.34 -101.43 14.70
CA ILE B 199 12.26 -100.16 13.94
C ILE B 199 13.57 -99.86 13.19
N GLU B 200 14.72 -100.20 13.79
CA GLU B 200 16.05 -99.99 13.18
C GLU B 200 16.43 -101.16 12.27
N GLY B 201 15.88 -102.35 12.56
CA GLY B 201 16.17 -103.57 11.81
C GLY B 201 17.57 -104.10 12.13
N ASP B 202 18.41 -104.23 11.07
CA ASP B 202 19.79 -104.70 11.21
C ASP B 202 20.75 -103.55 11.57
N ASN B 203 20.24 -102.31 11.48
CA ASN B 203 20.97 -101.09 11.92
C ASN B 203 21.16 -101.12 13.46
N ALA B 204 20.19 -101.74 14.15
CA ALA B 204 20.19 -101.88 15.61
C ALA B 204 21.48 -102.60 16.10
N THR B 205 22.11 -102.06 17.15
CA THR B 205 23.45 -102.47 17.59
C THR B 205 23.42 -103.71 18.50
N GLU B 206 24.63 -104.26 18.75
CA GLU B 206 24.85 -105.41 19.63
C GLU B 206 24.45 -105.09 21.08
N ALA B 207 24.50 -103.80 21.46
CA ALA B 207 24.06 -103.36 22.78
C ALA B 207 22.53 -103.56 22.96
N MET B 208 21.78 -103.26 21.90
CA MET B 208 20.30 -103.41 21.89
C MET B 208 19.91 -104.89 21.90
N LYS B 209 20.62 -105.69 21.08
CA LYS B 209 20.33 -107.13 20.84
C LYS B 209 20.66 -107.96 22.10
N ARG B 210 21.87 -107.78 22.60
CA ARG B 210 22.43 -108.55 23.73
C ARG B 210 21.68 -108.26 25.03
N ASP B 211 21.26 -106.99 25.19
CA ASP B 211 20.54 -106.54 26.40
C ASP B 211 19.05 -106.98 26.36
N TYR B 212 18.53 -107.17 25.13
CA TYR B 212 17.23 -107.82 24.89
C TYR B 212 17.28 -109.28 25.36
N GLU B 213 18.36 -109.97 24.95
CA GLU B 213 18.62 -111.37 25.35
C GLU B 213 18.72 -111.46 26.89
N SER B 214 19.33 -110.43 27.50
CA SER B 214 19.48 -110.32 28.97
C SER B 214 18.12 -110.09 29.65
N ALA B 215 17.24 -109.27 29.03
CA ALA B 215 15.86 -109.01 29.54
C ALA B 215 15.01 -110.29 29.52
N LYS B 216 15.26 -111.10 28.48
CA LYS B 216 14.65 -112.43 28.33
C LYS B 216 15.23 -113.42 29.37
N LYS B 217 16.57 -113.35 29.57
CA LYS B 217 17.31 -114.26 30.49
C LYS B 217 16.90 -113.97 31.94
N LYS B 218 16.39 -112.75 32.19
CA LYS B 218 15.90 -112.38 33.51
C LYS B 218 14.57 -113.12 33.85
N VAL B 219 13.88 -113.61 32.80
CA VAL B 219 12.66 -114.43 32.94
C VAL B 219 12.99 -115.95 32.76
N GLU B 220 14.29 -116.27 32.50
CA GLU B 220 14.77 -117.67 32.30
C GLU B 220 14.71 -118.49 33.60
N GLN B 221 14.60 -117.77 34.73
CA GLN B 221 14.40 -118.39 36.06
C GLN B 221 13.02 -119.10 36.14
N SER B 222 12.10 -118.78 35.21
CA SER B 222 10.79 -119.45 35.10
C SER B 222 10.96 -120.89 34.57
N LEU B 223 12.07 -121.15 33.87
CA LEU B 223 12.41 -122.50 33.36
C LEU B 223 12.86 -123.44 34.50
N ASN B 224 13.25 -122.85 35.65
CA ASN B 224 13.69 -123.60 36.85
C ASN B 224 12.45 -124.13 37.63
N LEU B 225 11.25 -123.64 37.26
CA LEU B 225 9.94 -124.03 37.85
C LEU B 225 9.75 -125.55 37.85
N GLU B 226 10.09 -126.16 36.71
CA GLU B 226 9.89 -127.60 36.50
C GLU B 226 11.05 -128.20 35.68
N LYS B 227 11.12 -129.53 35.69
CA LYS B 227 11.92 -130.32 34.77
C LYS B 227 10.94 -131.34 34.18
N THR B 228 10.63 -131.23 32.87
CA THR B 228 9.54 -131.99 32.23
C THR B 228 9.70 -133.51 32.47
N VAL B 229 10.84 -134.09 31.96
CA VAL B 229 11.22 -135.52 32.18
C VAL B 229 10.21 -136.51 31.50
N PRO B 230 10.68 -137.67 30.91
CA PRO B 230 9.80 -138.80 30.52
C PRO B 230 8.69 -139.06 31.57
N GLU B 231 9.11 -139.07 32.86
CA GLU B 231 8.22 -139.08 34.05
C GLU B 231 7.20 -140.24 34.02
N GLN B 232 6.04 -140.02 33.38
CA GLN B 232 4.98 -141.02 33.25
C GLN B 232 5.07 -141.60 31.83
N SER B 233 5.11 -142.94 31.74
CA SER B 233 5.19 -143.69 30.49
C SER B 233 3.78 -143.89 29.87
N ARG B 234 2.83 -142.96 30.20
CA ARG B 234 1.40 -142.98 29.81
C ARG B 234 0.66 -144.11 30.55
N ASP B 235 1.07 -145.36 30.28
CA ASP B 235 0.68 -146.53 31.09
C ASP B 235 1.78 -146.82 32.13
N ALA B 236 1.34 -147.28 33.31
CA ALA B 236 2.25 -147.61 34.44
C ALA B 236 2.62 -149.10 34.48
N ASP B 237 2.09 -149.87 33.51
CA ASP B 237 2.31 -151.33 33.42
C ASP B 237 3.71 -151.60 32.89
N VAL B 238 3.97 -151.11 31.65
CA VAL B 238 5.27 -151.19 30.91
C VAL B 238 5.91 -152.61 30.87
N ASP B 239 5.04 -153.65 31.06
CA ASP B 239 5.41 -155.07 31.19
C ASP B 239 6.14 -155.37 32.51
N ALA B 240 7.25 -154.65 32.76
CA ALA B 240 7.99 -154.71 34.03
C ALA B 240 7.14 -154.11 35.16
N SER B 241 6.72 -154.97 36.10
CA SER B 241 5.84 -154.63 37.23
C SER B 241 4.38 -154.34 36.76
N GLN B 242 3.99 -154.98 35.63
CA GLN B 242 2.60 -154.97 35.11
C GLN B 242 1.69 -155.79 36.04
N GLY B 243 0.38 -155.42 36.09
CA GLY B 243 -0.60 -156.02 36.99
C GLY B 243 -0.87 -157.51 36.73
N ALA B 244 0.02 -158.37 37.25
CA ALA B 244 -0.09 -159.83 37.18
C ALA B 244 -0.65 -160.36 38.52
N SER B 245 -1.98 -160.43 38.60
CA SER B 245 -2.71 -160.88 39.79
C SER B 245 -2.41 -162.37 40.10
N ALA B 246 -1.87 -162.63 41.31
CA ALA B 246 -1.58 -163.99 41.85
C ALA B 246 -0.36 -164.64 41.17
N GLY B 247 -0.49 -165.00 39.88
CA GLY B 247 0.57 -165.65 39.12
C GLY B 247 0.52 -167.19 39.21
N GLY B 248 -0.68 -167.72 39.46
CA GLY B 248 -0.90 -169.17 39.61
C GLY B 248 -2.11 -169.64 38.83
N LEU B 249 -2.04 -170.88 38.31
CA LEU B 249 -3.13 -171.49 37.53
C LEU B 249 -4.27 -171.97 38.48
N PRO B 250 -5.53 -172.16 37.98
CA PRO B 250 -6.61 -172.78 38.77
C PRO B 250 -6.26 -174.23 39.18
N ASP B 251 -5.73 -174.98 38.19
CA ASP B 251 -5.25 -176.38 38.33
C ASP B 251 -6.35 -177.36 38.77
N LEU B 252 -5.95 -178.63 38.92
CA LEU B 252 -6.80 -179.72 39.41
C LEU B 252 -5.93 -180.65 40.27
N GLY B 253 -6.06 -180.48 41.60
CA GLY B 253 -5.19 -181.12 42.59
C GLY B 253 -5.34 -182.64 42.63
N SER B 254 -6.56 -183.13 42.41
CA SER B 254 -6.86 -184.58 42.36
C SER B 254 -6.55 -185.16 40.97
N LEU B 255 -6.35 -184.26 39.95
CA LEU B 255 -6.14 -184.64 38.52
C LEU B 255 -7.39 -185.37 37.94
N LEU B 256 -8.53 -185.24 38.66
CA LEU B 256 -9.76 -186.02 38.44
C LEU B 256 -9.47 -187.53 38.65
N GLY B 257 -8.84 -188.15 37.63
CA GLY B 257 -8.42 -189.56 37.70
C GLY B 257 -9.57 -190.54 37.76
N GLY B 258 -10.77 -190.09 37.33
CA GLY B 258 -12.00 -190.90 37.38
C GLY B 258 -12.16 -191.78 36.16
N GLY B 259 -11.16 -192.67 35.95
CA GLY B 259 -11.16 -193.59 34.82
C GLY B 259 -9.88 -194.40 34.76
N LEU B 260 -9.34 -194.79 35.93
CA LEU B 260 -8.12 -195.61 36.02
C LEU B 260 -8.50 -197.06 35.66
N GLY B 261 -9.52 -197.59 36.38
CA GLY B 261 -10.04 -198.95 36.14
C GLY B 261 -9.09 -200.06 36.59
N GLY B 262 -9.53 -201.32 36.43
CA GLY B 262 -8.72 -202.50 36.81
C GLY B 262 -8.83 -203.65 35.83
N LEU B 263 -9.54 -203.44 34.71
CA LEU B 263 -9.72 -204.48 33.67
C LEU B 263 -8.41 -204.67 32.89
N MET B 264 -7.69 -205.75 33.21
CA MET B 264 -6.35 -206.03 32.63
C MET B 264 -6.47 -206.43 31.15
N ASN B 265 -7.58 -207.08 30.77
CA ASN B 265 -7.83 -207.48 29.38
C ASN B 265 -9.30 -207.26 28.99
N ASN B 266 -9.50 -206.52 27.88
CA ASN B 266 -10.82 -206.33 27.25
C ASN B 266 -11.32 -207.63 26.54
N PRO B 267 -10.48 -208.36 25.70
CA PRO B 267 -10.94 -209.61 25.04
C PRO B 267 -11.17 -210.76 26.03
N GLN B 268 -11.86 -211.81 25.54
CA GLN B 268 -12.32 -212.98 26.32
C GLN B 268 -13.46 -212.56 27.29
N LEU B 269 -13.13 -211.79 28.35
CA LEU B 269 -14.11 -211.17 29.28
C LEU B 269 -15.06 -212.24 29.91
N MET B 270 -14.47 -213.45 30.17
CA MET B 270 -15.15 -214.60 30.82
C MET B 270 -16.27 -215.23 29.92
N GLN B 271 -16.36 -214.77 28.66
CA GLN B 271 -17.26 -215.34 27.63
C GLN B 271 -16.93 -216.83 27.41
N ALA B 272 -17.93 -217.61 26.99
CA ALA B 272 -17.78 -219.04 26.65
C ALA B 272 -17.12 -219.22 25.26
N ALA B 273 -16.05 -218.45 24.99
CA ALA B 273 -15.32 -218.46 23.72
C ALA B 273 -14.39 -219.68 23.64
N GLN B 274 -14.02 -220.25 24.80
CA GLN B 274 -13.34 -221.55 24.88
C GLN B 274 -14.30 -222.68 24.47
N LYS B 275 -15.61 -222.43 24.73
CA LYS B 275 -16.70 -223.39 24.51
C LYS B 275 -16.44 -224.63 25.37
N MET B 276 -16.93 -224.61 26.63
CA MET B 276 -16.78 -225.74 27.55
C MET B 276 -17.77 -226.86 27.10
N MET B 277 -19.08 -226.65 27.41
CA MET B 277 -20.20 -227.55 27.02
C MET B 277 -20.04 -228.98 27.59
N SER B 278 -19.08 -229.77 27.02
CA SER B 278 -18.79 -231.16 27.43
C SER B 278 -20.02 -232.07 27.20
N ASN B 279 -20.81 -231.71 26.15
CA ASN B 279 -22.12 -232.33 25.81
C ASN B 279 -23.15 -232.11 26.95
N PRO B 280 -24.48 -232.36 26.71
CA PRO B 280 -25.45 -232.54 27.81
C PRO B 280 -24.95 -233.56 28.87
N GLY B 281 -24.58 -233.06 30.06
CA GLY B 281 -23.99 -233.87 31.12
C GLY B 281 -24.95 -234.91 31.68
N ALA B 282 -26.19 -234.47 31.92
CA ALA B 282 -27.29 -235.35 32.33
C ALA B 282 -27.71 -236.23 31.15
N MET B 283 -27.78 -235.60 29.96
CA MET B 283 -28.10 -236.23 28.66
C MET B 283 -29.54 -236.80 28.63
N GLN B 284 -29.75 -237.94 29.33
CA GLN B 284 -31.02 -238.69 29.46
C GLN B 284 -31.31 -239.54 28.21
N ASN B 285 -31.25 -238.90 27.01
CA ASN B 285 -31.49 -239.52 25.70
C ASN B 285 -32.92 -240.11 25.62
N ILE B 286 -33.87 -239.27 25.25
CA ILE B 286 -35.26 -239.63 24.98
C ILE B 286 -35.52 -239.52 23.47
N GLN B 287 -36.80 -239.59 23.07
CA GLN B 287 -37.21 -239.34 21.68
C GLN B 287 -37.34 -237.83 21.43
N LYS B 288 -36.18 -237.17 21.37
CA LYS B 288 -36.05 -235.71 21.14
C LYS B 288 -36.45 -235.35 19.70
N MET B 289 -36.09 -236.21 18.74
CA MET B 289 -36.48 -236.08 17.32
C MET B 289 -37.70 -236.97 17.03
N MET B 290 -37.85 -238.04 17.84
CA MET B 290 -38.90 -239.08 17.74
C MET B 290 -38.64 -239.99 16.52
N GLN B 291 -38.86 -239.43 15.30
CA GLN B 291 -38.70 -240.14 14.02
C GLN B 291 -39.61 -241.39 13.97
N ASP B 292 -40.79 -241.23 13.38
CA ASP B 292 -41.77 -242.30 13.20
C ASP B 292 -41.16 -243.40 12.28
N PRO B 293 -41.29 -244.72 12.65
CA PRO B 293 -40.83 -245.83 11.79
C PRO B 293 -41.57 -245.81 10.43
N SER B 294 -40.84 -245.35 9.40
CA SER B 294 -41.39 -244.90 8.11
C SER B 294 -42.01 -246.03 7.26
N ILE B 295 -41.39 -247.21 7.29
CA ILE B 295 -41.69 -248.29 6.32
C ILE B 295 -43.10 -248.89 6.55
N ARG B 296 -43.24 -249.67 7.64
CA ARG B 296 -44.47 -250.41 7.98
C ARG B 296 -44.80 -250.25 9.47
N GLN B 297 -44.15 -249.27 10.14
CA GLN B 297 -44.10 -249.13 11.61
C GLN B 297 -43.32 -250.32 12.22
N MET B 298 -43.93 -251.51 12.19
CA MET B 298 -43.27 -252.76 12.57
C MET B 298 -42.28 -253.17 11.44
N ALA B 299 -41.19 -253.85 11.83
CA ALA B 299 -40.12 -254.27 10.88
C ALA B 299 -40.63 -255.31 9.86
N GLU B 300 -41.37 -256.30 10.37
CA GLU B 300 -41.89 -257.44 9.59
C GLU B 300 -43.00 -257.00 8.62
N GLY B 301 -44.09 -256.47 9.18
CA GLY B 301 -45.25 -256.03 8.40
C GLY B 301 -46.28 -257.13 8.22
N PHE B 302 -46.58 -257.85 9.34
CA PHE B 302 -47.55 -258.97 9.42
C PHE B 302 -47.10 -260.16 8.55
N ALA B 303 -47.33 -260.04 7.23
CA ALA B 303 -47.01 -261.07 6.23
C ALA B 303 -46.72 -260.42 4.89
N SER B 304 -45.58 -260.75 4.27
CA SER B 304 -45.24 -260.28 2.92
C SER B 304 -46.06 -261.07 1.89
N GLY B 305 -46.25 -262.38 2.16
CA GLY B 305 -47.07 -263.26 1.33
C GLY B 305 -46.34 -263.69 0.06
N GLY B 306 -47.04 -263.62 -1.07
CA GLY B 306 -46.54 -264.08 -2.35
C GLY B 306 -47.09 -265.44 -2.73
N GLY B 307 -46.21 -266.47 -2.72
CA GLY B 307 -46.60 -267.82 -3.11
C GLY B 307 -46.85 -267.94 -4.62
N THR B 308 -47.62 -268.97 -5.02
CA THR B 308 -47.91 -269.22 -6.45
C THR B 308 -49.13 -270.16 -6.61
N PRO B 309 -50.39 -269.61 -6.52
CA PRO B 309 -51.64 -270.38 -6.77
C PRO B 309 -51.85 -270.64 -8.27
N ASN B 310 -52.88 -271.44 -8.60
CA ASN B 310 -53.17 -271.84 -9.99
C ASN B 310 -53.86 -270.68 -10.75
N LEU B 311 -53.02 -269.75 -11.27
CA LEU B 311 -53.50 -268.56 -12.01
C LEU B 311 -53.43 -268.79 -13.53
N SER B 312 -52.62 -269.77 -13.96
CA SER B 312 -52.43 -270.10 -15.39
C SER B 312 -53.66 -270.86 -15.96
N ASP B 313 -54.59 -271.24 -15.06
CA ASP B 313 -55.82 -271.97 -15.41
C ASP B 313 -56.81 -271.06 -16.17
N LEU B 314 -56.78 -269.74 -15.89
CA LEU B 314 -57.73 -268.77 -16.51
C LEU B 314 -57.41 -268.51 -18.00
N MET B 315 -56.24 -269.02 -18.48
CA MET B 315 -55.82 -268.92 -19.88
C MET B 315 -56.87 -269.58 -20.79
N ASN B 316 -57.30 -270.80 -20.39
CA ASN B 316 -58.45 -271.54 -20.96
C ASN B 316 -58.18 -271.98 -22.43
N ASN B 317 -59.12 -272.76 -23.01
CA ASN B 317 -59.05 -273.20 -24.40
C ASN B 317 -59.46 -272.05 -25.35
N PRO B 318 -58.93 -272.02 -26.64
CA PRO B 318 -59.29 -270.99 -27.64
C PRO B 318 -60.81 -270.99 -27.91
N ALA B 319 -61.47 -269.94 -27.38
CA ALA B 319 -62.95 -269.81 -27.35
C ALA B 319 -63.57 -269.83 -28.76
N LEU B 320 -62.83 -269.29 -29.75
CA LEU B 320 -63.28 -269.23 -31.15
C LEU B 320 -63.50 -270.64 -31.72
N ARG B 321 -62.57 -271.58 -31.38
CA ARG B 321 -62.61 -273.02 -31.76
C ARG B 321 -62.27 -273.26 -33.27
N ASN B 322 -62.82 -272.42 -34.18
CA ASN B 322 -62.56 -272.39 -35.63
C ASN B 322 -63.24 -273.54 -36.38
N MET B 323 -62.84 -274.80 -36.05
CA MET B 323 -63.39 -276.04 -36.67
C MET B 323 -64.91 -276.21 -36.42
N ALA B 324 -65.46 -275.43 -35.46
CA ALA B 324 -66.91 -275.38 -35.17
C ALA B 324 -67.70 -274.72 -36.33
N GLY B 325 -66.98 -274.08 -37.26
CA GLY B 325 -67.57 -273.39 -38.40
C GLY B 325 -67.02 -271.99 -38.48
N ASN B 326 -67.33 -271.19 -37.41
CA ASN B 326 -66.93 -269.78 -37.25
C ASN B 326 -67.60 -268.88 -38.30
N LEU B 327 -67.14 -268.99 -39.57
CA LEU B 327 -67.62 -268.19 -40.71
C LEU B 327 -69.10 -268.52 -41.05
N PHE B 328 -69.56 -269.73 -40.63
CA PHE B 328 -70.95 -270.20 -40.77
C PHE B 328 -71.34 -270.27 -42.26
N GLY B 329 -71.01 -271.40 -42.90
CA GLY B 329 -71.20 -271.58 -44.34
C GLY B 329 -70.25 -270.72 -45.16
N GLY B 330 -69.15 -270.26 -44.53
CA GLY B 330 -68.14 -269.42 -45.15
C GLY B 330 -68.57 -267.96 -45.35
N ALA B 331 -69.84 -267.63 -44.96
CA ALA B 331 -70.47 -266.31 -45.21
C ALA B 331 -70.49 -265.94 -46.71
N GLY B 332 -70.35 -266.96 -47.59
CA GLY B 332 -70.22 -266.76 -49.03
C GLY B 332 -71.54 -266.96 -49.77
N ALA B 333 -72.28 -265.86 -49.95
CA ALA B 333 -73.59 -265.88 -50.63
C ALA B 333 -73.95 -264.48 -51.13
N GLN B 334 -72.92 -263.66 -51.45
CA GLN B 334 -73.11 -262.30 -51.98
C GLN B 334 -73.79 -262.35 -53.36
N SER B 335 -75.10 -262.12 -53.37
CA SER B 335 -75.88 -261.91 -54.58
C SER B 335 -75.55 -260.52 -55.13
N THR B 336 -74.82 -260.47 -56.25
CA THR B 336 -74.33 -259.21 -56.87
C THR B 336 -75.50 -258.25 -57.19
N ASP B 337 -76.66 -258.84 -57.50
CA ASP B 337 -77.94 -258.12 -57.64
C ASP B 337 -79.11 -259.14 -57.59
N GLU B 338 -79.41 -259.74 -58.77
CA GLU B 338 -80.53 -260.66 -59.00
C GLU B 338 -80.60 -260.95 -60.50
N THR B 339 -80.70 -259.85 -61.25
CA THR B 339 -80.67 -259.86 -62.72
C THR B 339 -80.18 -258.48 -63.22
N PRO B 340 -78.82 -258.20 -63.11
CA PRO B 340 -78.22 -256.92 -63.51
C PRO B 340 -77.81 -256.88 -65.00
N ASP B 341 -78.59 -257.61 -65.84
CA ASP B 341 -78.36 -257.78 -67.28
C ASP B 341 -78.24 -256.41 -67.97
N ASN B 342 -79.37 -255.69 -68.06
CA ASN B 342 -79.48 -254.38 -68.74
C ASN B 342 -80.84 -253.72 -68.38
N GLU B 343 -81.95 -254.35 -68.85
CA GLU B 343 -83.36 -253.91 -68.66
C GLU B 343 -83.62 -252.51 -69.29
N ASN B 344 -83.17 -251.44 -68.61
CA ASN B 344 -83.26 -250.05 -69.10
C ASN B 344 -82.34 -249.84 -70.32
N LYS B 345 -81.32 -250.71 -70.43
CA LYS B 345 -80.33 -250.72 -71.51
C LYS B 345 -80.56 -251.95 -72.45
N GLN B 346 -81.79 -252.50 -72.45
CA GLN B 346 -82.16 -253.66 -73.31
C GLN B 346 -83.61 -253.56 -73.78
N TYR B 347 -83.81 -253.60 -75.11
CA TYR B 347 -85.14 -253.66 -75.74
C TYR B 347 -84.95 -254.20 -77.19
N MET A 1 6.16 -12.52 -14.73
CA MET A 1 6.74 -11.30 -15.32
C MET A 1 5.87 -10.10 -14.92
N SER A 2 6.46 -9.15 -14.17
CA SER A 2 5.76 -7.95 -13.68
C SER A 2 5.81 -6.83 -14.75
N ALA A 3 5.23 -7.17 -15.93
CA ALA A 3 5.28 -6.35 -17.16
C ALA A 3 6.70 -6.30 -17.75
N SER A 4 6.85 -5.63 -18.90
CA SER A 4 8.15 -5.46 -19.57
C SER A 4 8.99 -4.45 -18.79
N LYS A 5 10.30 -4.69 -18.73
CA LYS A 5 11.24 -3.85 -17.96
C LYS A 5 11.32 -2.43 -18.55
N GLU A 6 11.04 -2.29 -19.85
CA GLU A 6 11.01 -0.99 -20.53
C GLU A 6 9.81 -0.14 -20.02
N GLU A 7 8.64 -0.80 -19.89
CA GLU A 7 7.39 -0.18 -19.40
C GLU A 7 7.61 0.44 -18.01
N ILE A 8 8.11 -0.40 -17.11
CA ILE A 8 8.27 -0.07 -15.69
C ILE A 8 9.40 0.95 -15.50
N ALA A 9 10.57 0.71 -16.15
CA ALA A 9 11.80 1.55 -15.98
C ALA A 9 11.60 3.00 -16.44
N ALA A 10 10.73 3.19 -17.45
CA ALA A 10 10.31 4.53 -17.90
C ALA A 10 9.56 5.24 -16.77
N LEU A 11 8.57 4.54 -16.20
CA LEU A 11 7.74 5.07 -15.08
C LEU A 11 8.57 5.26 -13.79
N ILE A 12 9.66 4.46 -13.66
CA ILE A 12 10.61 4.53 -12.54
C ILE A 12 11.39 5.86 -12.56
N VAL A 13 12.03 6.15 -13.71
CA VAL A 13 12.84 7.37 -13.88
C VAL A 13 11.95 8.62 -14.05
N ASN A 14 10.67 8.39 -14.43
CA ASN A 14 9.63 9.45 -14.46
C ASN A 14 9.17 9.78 -13.04
N TYR A 15 9.13 8.73 -12.18
CA TYR A 15 8.68 8.86 -10.78
C TYR A 15 9.68 9.70 -9.97
N PHE A 16 10.98 9.33 -10.05
CA PHE A 16 12.06 10.05 -9.33
C PHE A 16 12.20 11.50 -9.82
N SER A 17 11.86 11.74 -11.10
CA SER A 17 11.79 13.10 -11.68
C SER A 17 10.67 13.91 -10.98
N SER A 18 9.50 13.27 -10.79
CA SER A 18 8.36 13.89 -10.10
C SER A 18 8.69 14.17 -8.60
N ILE A 19 9.56 13.31 -8.01
CA ILE A 19 9.98 13.44 -6.59
C ILE A 19 10.90 14.66 -6.39
N VAL A 20 11.94 14.79 -7.26
CA VAL A 20 12.90 15.92 -7.16
C VAL A 20 12.23 17.26 -7.52
N GLU A 21 11.19 17.21 -8.40
CA GLU A 21 10.38 18.38 -8.78
C GLU A 21 9.46 18.83 -7.63
N LYS A 22 8.98 17.87 -6.82
CA LYS A 22 8.17 18.16 -5.62
C LYS A 22 9.05 18.34 -4.37
N LYS A 23 10.38 18.06 -4.51
CA LYS A 23 11.40 18.20 -3.43
C LYS A 23 11.07 17.27 -2.23
N GLU A 24 10.53 16.08 -2.56
CA GLU A 24 10.03 15.10 -1.59
C GLU A 24 11.14 14.25 -0.92
N ILE A 25 12.39 14.72 -0.99
CA ILE A 25 13.54 14.00 -0.42
C ILE A 25 14.67 15.01 -0.09
N SER A 26 15.51 14.67 0.91
CA SER A 26 16.63 15.52 1.37
C SER A 26 17.65 15.79 0.24
N GLU A 27 18.52 16.82 0.44
CA GLU A 27 19.53 17.28 -0.55
C GLU A 27 20.44 16.14 -1.04
N ASP A 28 20.81 15.28 -0.08
CA ASP A 28 21.65 14.09 -0.31
C ASP A 28 20.93 13.13 -1.28
N GLY A 29 19.69 12.78 -0.88
CA GLY A 29 18.87 11.83 -1.64
C GLY A 29 18.36 12.35 -2.97
N ALA A 30 18.29 13.69 -3.12
CA ALA A 30 17.84 14.35 -4.35
C ALA A 30 18.83 14.10 -5.50
N ASP A 31 20.12 14.22 -5.15
CA ASP A 31 21.23 13.95 -6.09
C ASP A 31 21.48 12.43 -6.22
N SER A 32 21.11 11.66 -5.18
CA SER A 32 21.18 10.18 -5.19
C SER A 32 20.15 9.59 -6.19
N LEU A 33 18.96 10.24 -6.29
CA LEU A 33 17.92 9.85 -7.28
C LEU A 33 18.31 10.33 -8.69
N ASN A 34 18.98 11.50 -8.76
CA ASN A 34 19.48 12.10 -10.02
C ASN A 34 20.44 11.11 -10.75
N VAL A 35 21.49 10.69 -10.02
CA VAL A 35 22.52 9.79 -10.55
C VAL A 35 21.97 8.37 -10.75
N ALA A 36 20.95 8.00 -9.94
CA ALA A 36 20.29 6.68 -10.03
C ALA A 36 19.52 6.56 -11.35
N MET A 37 18.69 7.60 -11.67
CA MET A 37 17.90 7.66 -12.91
C MET A 37 18.79 7.51 -14.15
N ASP A 38 19.93 8.21 -14.09
CA ASP A 38 20.95 8.21 -15.16
C ASP A 38 21.54 6.81 -15.37
N CYS A 39 21.82 6.11 -14.25
CA CYS A 39 22.35 4.73 -14.27
C CYS A 39 21.31 3.73 -14.81
N ILE A 40 20.02 3.94 -14.46
CA ILE A 40 18.89 3.09 -14.92
C ILE A 40 18.66 3.28 -16.43
N SER A 41 18.85 4.51 -16.92
CA SER A 41 18.67 4.86 -18.34
C SER A 41 19.63 4.06 -19.24
N GLU A 42 20.93 4.14 -18.92
CA GLU A 42 21.98 3.47 -19.70
C GLU A 42 22.07 1.96 -19.37
N ALA A 43 21.41 1.53 -18.26
CA ALA A 43 21.31 0.11 -17.87
C ALA A 43 20.47 -0.69 -18.90
N PHE A 44 19.26 -0.18 -19.17
CA PHE A 44 18.34 -0.80 -20.15
C PHE A 44 18.58 -0.25 -21.58
N GLY A 45 19.31 0.88 -21.67
CA GLY A 45 19.68 1.50 -22.96
C GLY A 45 18.59 2.37 -23.55
N PHE A 46 17.82 3.05 -22.66
CA PHE A 46 16.79 4.03 -23.06
C PHE A 46 17.18 5.42 -22.56
N GLU A 47 16.41 6.44 -22.94
CA GLU A 47 16.64 7.84 -22.56
C GLU A 47 15.72 8.21 -21.37
N ARG A 48 16.30 8.95 -20.40
CA ARG A 48 15.66 9.32 -19.12
C ARG A 48 14.38 10.16 -19.38
N GLU A 49 14.49 11.15 -20.27
CA GLU A 49 13.36 12.08 -20.58
C GLU A 49 12.41 11.50 -21.65
N ALA A 50 12.77 10.34 -22.25
CA ALA A 50 11.96 9.70 -23.32
C ALA A 50 10.68 9.03 -22.79
N VAL A 51 10.43 9.17 -21.48
CA VAL A 51 9.24 8.62 -20.77
C VAL A 51 7.90 8.96 -21.44
N SER A 52 7.82 10.13 -22.10
CA SER A 52 6.59 10.59 -22.76
C SER A 52 6.27 9.76 -24.03
N GLY A 53 7.34 9.23 -24.66
CA GLY A 53 7.19 8.31 -25.79
C GLY A 53 6.98 6.86 -25.35
N ILE A 54 7.78 6.45 -24.34
CA ILE A 54 7.85 5.05 -23.88
C ILE A 54 6.58 4.61 -23.11
N LEU A 55 6.05 5.53 -22.27
CA LEU A 55 4.81 5.28 -21.48
C LEU A 55 3.56 5.23 -22.39
N GLY A 56 3.72 5.63 -23.66
CA GLY A 56 2.69 5.38 -24.70
C GLY A 56 2.58 3.90 -25.04
N LYS A 57 3.72 3.19 -24.98
CA LYS A 57 3.81 1.73 -25.20
C LYS A 57 3.71 0.95 -23.86
N SER A 58 3.59 1.67 -22.73
CA SER A 58 3.50 1.06 -21.40
C SER A 58 2.03 0.90 -21.03
N GLU A 59 1.52 -0.30 -21.31
CA GLU A 59 0.12 -0.68 -21.10
C GLU A 59 -0.15 -0.87 -19.61
N PHE A 60 0.70 -1.72 -18.99
CA PHE A 60 0.57 -2.23 -17.61
C PHE A 60 -0.67 -3.15 -17.48
N LYS A 61 -0.57 -4.19 -16.66
CA LYS A 61 -1.61 -5.23 -16.53
C LYS A 61 -2.60 -4.90 -15.38
N GLY A 62 -2.23 -3.91 -14.54
CA GLY A 62 -3.05 -3.51 -13.39
C GLY A 62 -2.82 -2.07 -12.94
N GLN A 63 -1.62 -1.50 -13.24
CA GLN A 63 -1.32 -0.08 -12.91
C GLN A 63 -2.23 0.87 -13.72
N HIS A 64 -1.95 0.97 -15.04
CA HIS A 64 -2.68 1.85 -16.00
C HIS A 64 -2.69 3.33 -15.54
N LEU A 65 -3.71 3.68 -14.73
CA LEU A 65 -3.96 5.02 -14.19
C LEU A 65 -4.65 4.85 -12.84
N ALA A 66 -5.12 5.97 -12.26
CA ALA A 66 -6.02 6.03 -11.08
C ALA A 66 -5.28 5.66 -9.78
N ASP A 67 -4.78 4.41 -9.69
CA ASP A 67 -3.88 3.99 -8.60
C ASP A 67 -2.56 4.76 -8.72
N ILE A 68 -2.06 4.87 -9.97
CA ILE A 68 -0.89 5.69 -10.29
C ILE A 68 -1.35 6.97 -11.01
N LEU A 69 -0.87 8.12 -10.52
CA LEU A 69 -1.13 9.44 -11.14
C LEU A 69 0.17 9.97 -11.76
N ASN A 70 1.29 9.26 -11.54
CA ASN A 70 2.64 9.65 -11.98
C ASN A 70 2.96 9.16 -13.40
N SER A 71 1.91 8.82 -14.18
CA SER A 71 2.05 8.43 -15.59
C SER A 71 2.65 9.57 -16.45
N ALA A 72 2.56 10.82 -15.95
CA ALA A 72 3.23 12.00 -16.52
C ALA A 72 3.93 12.79 -15.39
N SER A 73 4.88 13.66 -15.76
CA SER A 73 5.69 14.42 -14.80
C SER A 73 4.86 15.55 -14.18
N ARG A 74 4.28 15.29 -12.99
CA ARG A 74 3.45 16.27 -12.27
C ARG A 74 4.34 17.29 -11.53
N VAL A 75 4.83 18.25 -12.31
CA VAL A 75 5.68 19.35 -11.82
C VAL A 75 4.84 20.46 -11.10
N PRO A 76 3.71 20.99 -11.70
CA PRO A 76 2.90 22.05 -11.03
C PRO A 76 2.08 21.51 -9.81
N GLU A 77 1.00 20.72 -10.08
CA GLU A 77 0.02 20.25 -9.05
C GLU A 77 -0.68 21.43 -8.34
N SER A 78 -1.32 21.16 -7.18
CA SER A 78 -1.85 22.21 -6.29
C SER A 78 -0.66 22.99 -5.70
N ASN A 79 0.11 22.31 -4.81
CA ASN A 79 1.41 22.79 -4.27
C ASN A 79 1.30 24.25 -3.77
N LYS A 80 0.19 24.53 -3.06
CA LYS A 80 -0.13 25.87 -2.55
C LYS A 80 0.86 26.24 -1.44
N LYS A 81 1.93 26.99 -1.81
CA LYS A 81 3.07 27.31 -0.94
C LYS A 81 3.77 26.01 -0.46
N ASP A 82 3.83 25.03 -1.40
CA ASP A 82 4.41 23.67 -1.20
C ASP A 82 3.53 22.73 -0.34
N ASP A 83 2.31 23.20 0.00
CA ASP A 83 1.30 22.37 0.68
C ASP A 83 0.47 21.61 -0.36
N ALA A 84 0.39 20.28 -0.19
CA ALA A 84 -0.51 19.43 -0.99
C ALA A 84 -1.97 19.79 -0.67
N GLU A 85 -2.31 19.67 0.63
CA GLU A 85 -3.61 20.15 1.17
C GLU A 85 -3.35 21.34 2.13
N ASN A 86 -4.42 22.10 2.44
CA ASN A 86 -4.38 23.30 3.31
C ASN A 86 -3.81 22.98 4.73
N VAL A 87 -2.46 23.13 4.86
CA VAL A 87 -1.68 22.64 6.02
C VAL A 87 -1.86 21.11 6.13
N GLU A 88 -0.88 20.35 5.60
CA GLU A 88 -0.99 18.90 5.44
C GLU A 88 -0.84 18.14 6.79
N ILE A 89 -1.94 18.14 7.58
CA ILE A 89 -2.17 17.38 8.87
C ILE A 89 -1.01 17.47 9.92
N ASN A 90 -0.03 18.40 9.70
CA ASN A 90 1.25 18.45 10.43
C ASN A 90 1.94 17.07 10.36
N ILE A 91 2.11 16.58 9.10
CA ILE A 91 2.59 15.22 8.79
C ILE A 91 4.04 14.96 9.28
N PRO A 92 4.24 14.03 10.28
CA PRO A 92 5.56 13.66 10.80
C PRO A 92 6.11 12.39 10.11
N GLU A 93 6.81 12.59 8.97
CA GLU A 93 7.37 11.48 8.16
C GLU A 93 8.61 10.89 8.86
N ASP A 94 9.60 11.77 9.10
CA ASP A 94 10.88 11.42 9.77
C ASP A 94 10.65 11.25 11.30
N ASP A 95 9.71 12.03 11.84
CA ASP A 95 9.39 12.04 13.28
C ASP A 95 8.48 10.87 13.66
N ALA A 96 8.14 10.00 12.69
CA ALA A 96 7.29 8.81 12.90
C ALA A 96 7.85 7.88 14.00
N GLU A 97 9.16 7.60 13.90
CA GLU A 97 9.88 6.76 14.87
C GLU A 97 9.93 7.41 16.26
N THR A 98 10.34 8.68 16.28
CA THR A 98 10.55 9.47 17.50
C THR A 98 9.28 9.54 18.37
N LYS A 99 8.13 9.85 17.72
CA LYS A 99 6.83 10.11 18.40
C LYS A 99 6.12 8.79 18.79
N ALA A 100 6.26 7.74 17.95
CA ALA A 100 5.64 6.42 18.22
C ALA A 100 6.28 5.76 19.44
N LYS A 101 7.62 5.66 19.43
CA LYS A 101 8.41 5.09 20.55
C LYS A 101 8.20 5.92 21.85
N ALA A 102 7.95 7.23 21.68
CA ALA A 102 7.72 8.17 22.81
C ALA A 102 6.37 7.91 23.50
N GLU A 103 5.34 7.55 22.69
CA GLU A 103 3.97 7.36 23.20
C GLU A 103 3.86 6.13 24.11
N ASP A 104 4.66 5.09 23.85
CA ASP A 104 4.74 3.89 24.72
C ASP A 104 5.35 4.22 26.09
N LEU A 105 6.40 5.06 26.07
CA LEU A 105 7.14 5.50 27.29
C LEU A 105 6.28 6.48 28.13
N LYS A 106 5.47 7.27 27.41
CA LYS A 106 4.48 8.21 27.98
C LYS A 106 3.35 7.44 28.67
N MET A 107 2.86 6.41 27.96
CA MET A 107 1.76 5.51 28.41
C MET A 107 2.20 4.69 29.64
N GLN A 108 3.48 4.29 29.65
CA GLN A 108 4.10 3.55 30.77
C GLN A 108 4.31 4.49 32.00
N GLY A 109 4.53 5.80 31.71
CA GLY A 109 4.61 6.84 32.75
C GLY A 109 3.26 7.09 33.41
N ASN A 110 2.19 7.05 32.59
CA ASN A 110 0.79 7.17 33.04
C ASN A 110 0.41 5.98 33.94
N LYS A 111 0.79 4.77 33.49
CA LYS A 111 0.55 3.50 34.19
C LYS A 111 1.21 3.50 35.60
N ALA A 112 2.46 3.97 35.66
CA ALA A 112 3.24 4.06 36.90
C ALA A 112 2.64 5.10 37.87
N MET A 113 2.30 6.29 37.31
CA MET A 113 1.70 7.41 38.08
C MET A 113 0.37 7.00 38.73
N ALA A 114 -0.45 6.22 37.97
CA ALA A 114 -1.77 5.73 38.42
C ALA A 114 -1.63 4.76 39.61
N ASN A 115 -0.53 3.96 39.62
CA ASN A 115 -0.20 3.01 40.72
C ASN A 115 0.46 3.76 41.91
N LYS A 116 0.50 5.11 41.84
CA LYS A 116 1.10 6.00 42.87
C LYS A 116 2.65 5.81 42.90
N ASP A 117 3.18 5.15 41.86
CA ASP A 117 4.60 4.82 41.74
C ASP A 117 5.30 5.98 41.00
N TYR A 118 5.66 7.01 41.77
CA TYR A 118 6.28 8.25 41.25
C TYR A 118 7.70 7.99 40.74
N GLU A 119 8.35 6.97 41.32
CA GLU A 119 9.75 6.62 41.02
C GLU A 119 9.87 6.16 39.55
N LEU A 120 8.98 5.23 39.17
CA LEU A 120 8.93 4.67 37.82
C LEU A 120 8.35 5.71 36.83
N ALA A 121 7.37 6.49 37.31
CA ALA A 121 6.68 7.53 36.50
C ALA A 121 7.69 8.55 35.95
N ILE A 122 8.46 9.17 36.87
CA ILE A 122 9.52 10.16 36.55
C ILE A 122 10.53 9.56 35.54
N ASN A 123 10.90 8.29 35.76
CA ASN A 123 11.84 7.56 34.90
C ASN A 123 11.31 7.42 33.45
N LYS A 124 10.05 7.02 33.32
CA LYS A 124 9.41 6.73 32.02
C LYS A 124 9.12 8.03 31.23
N TYR A 125 8.85 9.13 31.95
CA TYR A 125 8.73 10.45 31.32
C TYR A 125 10.09 10.94 30.83
N THR A 126 11.16 10.62 31.59
CA THR A 126 12.56 10.98 31.24
C THR A 126 13.04 10.22 30.00
N GLU A 127 12.56 8.97 29.83
CA GLU A 127 12.85 8.16 28.63
C GLU A 127 12.04 8.68 27.43
N ALA A 128 10.82 9.18 27.72
CA ALA A 128 9.96 9.84 26.72
C ALA A 128 10.53 11.23 26.33
N ILE A 129 11.30 11.83 27.26
CA ILE A 129 12.09 13.07 27.01
C ILE A 129 13.34 12.73 26.18
N LYS A 130 13.93 11.55 26.46
CA LYS A 130 15.15 11.07 25.78
C LYS A 130 14.92 10.98 24.26
N VAL A 131 13.77 10.42 23.88
CA VAL A 131 13.35 10.33 22.47
C VAL A 131 12.76 11.69 21.98
N LEU A 132 11.85 12.29 22.78
CA LEU A 132 11.09 13.49 22.34
C LEU A 132 10.99 14.51 23.51
N PRO A 133 12.02 15.41 23.66
CA PRO A 133 12.12 16.36 24.80
C PRO A 133 11.32 17.68 24.63
N THR A 134 10.58 17.79 23.51
CA THR A 134 9.78 19.00 23.20
C THR A 134 8.43 19.01 23.95
N ASN A 135 8.11 17.91 24.65
CA ASN A 135 6.88 17.83 25.46
C ASN A 135 7.16 18.36 26.87
N ALA A 136 6.78 19.62 27.11
CA ALA A 136 6.87 20.28 28.43
C ALA A 136 6.01 19.56 29.50
N ILE A 137 4.98 18.84 29.02
CA ILE A 137 4.06 18.05 29.86
C ILE A 137 4.81 16.94 30.65
N TYR A 138 5.83 16.31 30.02
CA TYR A 138 6.63 15.23 30.67
C TYR A 138 7.33 15.76 31.91
N TYR A 139 7.98 16.92 31.75
CA TYR A 139 8.71 17.62 32.82
C TYR A 139 7.74 18.07 33.93
N ALA A 140 6.55 18.53 33.51
CA ALA A 140 5.48 19.02 34.41
C ALA A 140 4.90 17.86 35.26
N ASN A 141 4.87 16.65 34.68
CA ASN A 141 4.35 15.43 35.35
C ASN A 141 5.40 14.85 36.33
N ARG A 142 6.70 15.00 36.00
CA ARG A 142 7.80 14.60 36.91
C ARG A 142 7.88 15.59 38.08
N ALA A 143 7.70 16.89 37.76
CA ALA A 143 7.69 17.99 38.74
C ALA A 143 6.47 17.89 39.66
N ALA A 144 5.35 17.39 39.11
CA ALA A 144 4.14 17.05 39.87
C ALA A 144 4.44 15.93 40.87
N ALA A 145 5.14 14.89 40.38
CA ALA A 145 5.57 13.74 41.19
C ALA A 145 6.61 14.15 42.26
N HIS A 146 7.50 15.10 41.91
CA HIS A 146 8.56 15.59 42.81
C HIS A 146 7.95 16.37 43.98
N SER A 147 7.05 17.32 43.67
CA SER A 147 6.37 18.13 44.70
C SER A 147 5.43 17.26 45.59
N SER A 148 4.94 16.14 45.02
CA SER A 148 4.14 15.13 45.75
C SER A 148 5.05 14.32 46.70
N LEU A 149 6.34 14.15 46.31
CA LEU A 149 7.39 13.53 47.15
C LEU A 149 8.11 14.60 48.01
N LYS A 150 7.54 15.84 48.04
CA LYS A 150 8.04 17.00 48.86
C LYS A 150 9.43 17.50 48.39
N GLU A 151 9.87 17.02 47.21
CA GLU A 151 11.06 17.50 46.52
C GLU A 151 10.69 18.75 45.71
N TYR A 152 10.40 19.85 46.43
CA TYR A 152 9.96 21.11 45.84
C TYR A 152 11.12 21.80 45.12
N ASP A 153 12.32 21.72 45.72
CA ASP A 153 13.58 22.26 45.14
C ASP A 153 13.92 21.57 43.80
N GLN A 154 13.62 20.27 43.74
CA GLN A 154 13.87 19.43 42.56
C GLN A 154 12.76 19.67 41.51
N ALA A 155 11.53 20.01 41.99
CA ALA A 155 10.38 20.37 41.13
C ALA A 155 10.55 21.78 40.52
N VAL A 156 11.33 22.63 41.22
CA VAL A 156 11.70 23.98 40.73
C VAL A 156 12.47 23.87 39.41
N LYS A 157 13.61 23.16 39.46
CA LYS A 157 14.55 23.03 38.31
C LYS A 157 13.89 22.21 37.16
N ASP A 158 12.99 21.29 37.54
CA ASP A 158 12.28 20.38 36.61
C ASP A 158 11.27 21.17 35.76
N ALA A 159 10.38 21.92 36.45
CA ALA A 159 9.34 22.77 35.80
C ALA A 159 9.99 23.92 35.00
N GLU A 160 11.17 24.36 35.48
CA GLU A 160 12.03 25.37 34.82
C GLU A 160 12.46 24.90 33.40
N SER A 161 12.78 23.60 33.29
CA SER A 161 13.24 22.98 32.02
C SER A 161 12.08 22.94 30.98
N ALA A 162 10.83 22.93 31.50
CA ALA A 162 9.60 22.96 30.66
C ALA A 162 9.33 24.38 30.10
N ILE A 163 9.77 25.42 30.85
CA ILE A 163 9.61 26.85 30.49
C ILE A 163 10.39 27.20 29.21
N SER A 164 11.64 26.69 29.12
CA SER A 164 12.54 26.92 27.98
C SER A 164 11.98 26.34 26.65
N ILE A 165 11.06 25.37 26.77
CA ILE A 165 10.39 24.75 25.62
C ILE A 165 9.22 25.64 25.16
N ASP A 166 8.27 25.87 26.08
CA ASP A 166 7.03 26.61 25.78
C ASP A 166 6.69 27.57 26.93
N PRO A 167 6.67 28.93 26.66
CA PRO A 167 6.32 29.94 27.68
C PRO A 167 4.82 30.26 27.71
N SER A 168 4.02 29.49 26.97
CA SER A 168 2.57 29.69 26.82
C SER A 168 1.79 28.81 27.80
N TYR A 169 2.35 27.63 28.09
CA TYR A 169 1.76 26.65 29.01
C TYR A 169 2.02 27.09 30.47
N PHE A 170 1.09 27.92 30.98
CA PHE A 170 1.14 28.53 32.34
C PHE A 170 1.22 27.48 33.47
N ARG A 171 0.80 26.24 33.15
CA ARG A 171 0.81 25.10 34.09
C ARG A 171 2.24 24.87 34.65
N GLY A 172 3.26 25.03 33.78
CA GLY A 172 4.68 24.88 34.16
C GLY A 172 5.13 25.92 35.19
N TYR A 173 4.65 27.17 35.02
CA TYR A 173 4.92 28.28 35.95
C TYR A 173 4.16 28.10 37.28
N SER A 174 2.98 27.46 37.19
CA SER A 174 2.14 27.21 38.37
C SER A 174 2.76 26.11 39.27
N ARG A 175 3.38 25.08 38.63
CA ARG A 175 4.11 24.00 39.35
C ARG A 175 5.39 24.58 39.98
N LEU A 176 6.06 25.47 39.22
CA LEU A 176 7.25 26.20 39.68
C LEU A 176 6.91 27.09 40.90
N GLY A 177 5.73 27.73 40.82
CA GLY A 177 5.30 28.77 41.74
C GLY A 177 5.26 28.33 43.21
N PHE A 178 4.35 27.37 43.52
CA PHE A 178 4.13 26.91 44.91
C PHE A 178 5.34 26.13 45.44
N ALA A 179 6.08 25.46 44.53
CA ALA A 179 7.26 24.65 44.89
C ALA A 179 8.37 25.53 45.47
N LYS A 180 8.66 26.61 44.74
CA LYS A 180 9.67 27.61 45.10
C LYS A 180 9.20 28.47 46.29
N TYR A 181 7.88 28.66 46.38
CA TYR A 181 7.22 29.37 47.49
C TYR A 181 7.33 28.54 48.79
N ALA A 182 7.31 27.20 48.64
CA ALA A 182 7.49 26.23 49.74
C ALA A 182 8.96 26.15 50.19
N GLN A 183 9.87 26.62 49.31
CA GLN A 183 11.31 26.80 49.64
C GLN A 183 11.55 28.21 50.23
N GLY A 184 10.44 28.96 50.48
CA GLY A 184 10.48 30.26 51.14
C GLY A 184 11.10 31.37 50.29
N LYS A 185 11.14 31.16 48.95
CA LYS A 185 11.72 32.11 48.00
C LYS A 185 10.59 32.91 47.31
N PRO A 186 10.20 34.12 47.86
CA PRO A 186 9.02 34.88 47.40
C PRO A 186 9.31 35.79 46.19
N GLU A 187 10.61 36.06 45.97
CA GLU A 187 11.09 36.99 44.93
C GLU A 187 10.82 36.42 43.54
N GLU A 188 11.24 35.16 43.34
CA GLU A 188 11.05 34.41 42.08
C GLU A 188 9.69 33.68 42.05
N ALA A 189 9.08 33.41 43.24
CA ALA A 189 7.73 32.78 43.34
C ALA A 189 6.65 33.73 42.82
N LEU A 190 6.85 35.03 43.12
CA LEU A 190 6.05 36.13 42.57
C LEU A 190 6.16 36.10 41.04
N GLU A 191 7.40 36.04 40.54
CA GLU A 191 7.74 36.03 39.10
C GLU A 191 7.12 34.84 38.35
N ALA A 192 6.96 33.70 39.02
CA ALA A 192 6.36 32.49 38.42
C ALA A 192 4.89 32.75 38.02
N TYR A 193 4.10 33.25 38.98
CA TYR A 193 2.67 33.59 38.75
C TYR A 193 2.51 34.92 38.00
N LYS A 194 3.57 35.74 37.99
CA LYS A 194 3.63 37.01 37.24
C LYS A 194 3.84 36.71 35.73
N LYS A 195 4.58 35.62 35.42
CA LYS A 195 4.79 35.15 34.03
C LYS A 195 3.49 34.56 33.47
N VAL A 196 2.63 34.03 34.36
CA VAL A 196 1.27 33.59 33.98
C VAL A 196 0.42 34.82 33.53
N LEU A 197 0.67 35.97 34.21
CA LEU A 197 0.03 37.26 33.90
C LEU A 197 0.59 37.86 32.59
N ASP A 198 1.81 37.47 32.20
CA ASP A 198 2.43 37.88 30.90
C ASP A 198 1.72 37.17 29.73
N ILE A 199 1.46 35.86 29.92
CA ILE A 199 0.80 34.99 28.92
C ILE A 199 -0.62 35.50 28.61
N GLU A 200 -1.44 35.58 29.67
CA GLU A 200 -2.90 35.79 29.54
C GLU A 200 -3.26 37.29 29.60
N GLY A 201 -2.45 38.07 30.32
CA GLY A 201 -2.55 39.54 30.32
C GLY A 201 -3.81 40.08 30.98
N ASP A 202 -4.63 40.79 30.19
CA ASP A 202 -5.91 41.38 30.64
C ASP A 202 -6.95 40.27 30.91
N ASN A 203 -6.80 39.16 30.16
CA ASN A 203 -7.72 38.02 30.21
C ASN A 203 -7.38 37.07 31.39
N ALA A 204 -6.33 37.44 32.18
CA ALA A 204 -5.88 36.65 33.35
C ALA A 204 -6.97 36.60 34.43
N THR A 205 -7.24 35.38 34.93
CA THR A 205 -8.30 35.13 35.92
C THR A 205 -7.89 35.66 37.31
N GLU A 206 -8.89 35.85 38.20
CA GLU A 206 -8.68 36.30 39.60
C GLU A 206 -7.86 35.25 40.39
N ALA A 207 -7.88 34.00 39.92
CA ALA A 207 -7.07 32.91 40.47
C ALA A 207 -5.56 33.20 40.31
N MET A 208 -5.17 33.64 39.10
CA MET A 208 -3.78 34.00 38.76
C MET A 208 -3.33 35.23 39.57
N LYS A 209 -4.28 36.18 39.72
CA LYS A 209 -4.08 37.44 40.47
C LYS A 209 -3.92 37.14 41.97
N ARG A 210 -4.67 36.14 42.47
CA ARG A 210 -4.70 35.76 43.89
C ARG A 210 -3.38 35.12 44.32
N ASP A 211 -2.87 34.19 43.50
CA ASP A 211 -1.56 33.51 43.74
C ASP A 211 -0.40 34.52 43.69
N TYR A 212 -0.50 35.49 42.76
CA TYR A 212 0.43 36.64 42.67
C TYR A 212 0.42 37.44 43.99
N GLU A 213 -0.81 37.75 44.48
CA GLU A 213 -1.03 38.55 45.69
C GLU A 213 -0.56 37.79 46.96
N SER A 214 -0.74 36.46 46.95
CA SER A 214 -0.35 35.58 48.09
C SER A 214 1.18 35.54 48.24
N ALA A 215 1.87 35.49 47.10
CA ALA A 215 3.35 35.53 47.04
C ALA A 215 3.87 36.93 47.42
N LYS A 216 3.14 37.97 46.99
CA LYS A 216 3.54 39.39 47.12
C LYS A 216 3.44 39.89 48.58
N LYS A 217 2.37 39.48 49.29
CA LYS A 217 2.19 39.80 50.72
C LYS A 217 3.28 39.10 51.56
N LYS A 218 3.72 37.92 51.10
CA LYS A 218 4.78 37.14 51.76
C LYS A 218 6.13 37.86 51.57
N VAL A 219 6.32 38.55 50.41
CA VAL A 219 7.53 39.36 50.13
C VAL A 219 7.68 40.47 51.18
N GLU A 220 6.57 41.21 51.41
CA GLU A 220 6.50 42.36 52.37
C GLU A 220 6.90 41.95 53.79
N GLN A 221 6.45 40.74 54.18
CA GLN A 221 6.70 40.15 55.49
C GLN A 221 8.15 39.63 55.61
N SER A 222 8.72 39.18 54.48
CA SER A 222 10.14 38.75 54.41
C SER A 222 11.09 39.98 54.44
N LEU A 223 10.54 41.18 54.19
CA LEU A 223 11.26 42.47 54.31
C LEU A 223 11.13 43.07 55.73
N ASN A 224 10.13 42.59 56.50
CA ASN A 224 9.86 43.10 57.87
C ASN A 224 10.95 42.68 58.88
N LEU A 225 11.64 41.56 58.60
CA LEU A 225 12.79 41.08 59.42
C LEU A 225 14.00 42.03 59.26
N GLU A 226 14.04 42.74 58.12
CA GLU A 226 14.99 43.84 57.89
C GLU A 226 14.44 45.11 58.56
N LYS A 227 15.17 45.58 59.58
CA LYS A 227 14.72 46.63 60.50
C LYS A 227 15.94 47.45 60.96
N THR A 228 15.91 48.77 60.74
CA THR A 228 16.95 49.71 61.19
C THR A 228 16.35 50.98 61.86
N VAL A 229 15.05 51.28 61.58
CA VAL A 229 14.38 52.48 62.15
C VAL A 229 13.76 52.16 63.54
N PRO A 230 12.87 51.09 63.72
CA PRO A 230 12.31 50.73 65.05
C PRO A 230 13.30 49.86 65.88
N GLU A 231 14.43 50.46 66.28
CA GLU A 231 15.50 49.76 67.02
C GLU A 231 15.08 49.46 68.47
N GLN A 232 14.54 50.47 69.16
CA GLN A 232 14.10 50.33 70.58
C GLN A 232 12.89 49.38 70.70
N SER A 233 12.17 49.19 69.59
CA SER A 233 11.03 48.25 69.48
C SER A 233 11.47 46.79 69.67
N ARG A 234 12.78 46.53 69.48
CA ARG A 234 13.43 45.26 69.83
C ARG A 234 14.43 45.49 70.97
N ASP A 235 14.28 44.74 72.08
CA ASP A 235 15.28 44.66 73.14
C ASP A 235 16.45 43.81 72.63
N ALA A 236 17.41 44.48 71.97
CA ALA A 236 18.53 43.82 71.24
C ALA A 236 19.52 43.09 72.19
N ASP A 237 19.43 43.41 73.49
CA ASP A 237 20.19 42.70 74.55
C ASP A 237 19.73 41.24 74.69
N VAL A 238 18.44 40.99 74.41
CA VAL A 238 17.88 39.63 74.36
C VAL A 238 17.71 39.19 72.88
N ASP A 239 17.61 40.21 71.98
CA ASP A 239 17.33 40.08 70.54
C ASP A 239 15.96 39.42 70.29
N ALA A 240 15.94 38.08 70.28
CA ALA A 240 14.72 37.29 70.12
C ALA A 240 14.19 36.93 71.52
N SER A 241 13.33 37.83 72.06
CA SER A 241 12.73 37.68 73.41
C SER A 241 11.77 36.49 73.43
N GLN A 242 12.31 35.31 73.86
CA GLN A 242 11.61 34.00 73.83
C GLN A 242 11.31 33.57 72.37
N GLY A 243 12.16 34.03 71.43
CA GLY A 243 12.00 33.76 70.00
C GLY A 243 12.87 32.61 69.51
N ALA A 244 13.09 31.63 70.43
CA ALA A 244 13.92 30.41 70.22
C ALA A 244 15.42 30.74 70.18
N SER A 245 15.83 31.54 69.15
CA SER A 245 17.22 32.02 68.94
C SER A 245 18.14 30.86 68.49
N ALA A 246 18.42 30.81 67.16
CA ALA A 246 19.26 29.77 66.50
C ALA A 246 18.53 28.41 66.41
N GLY A 247 18.30 27.79 67.58
CA GLY A 247 17.55 26.54 67.69
C GLY A 247 16.07 26.73 67.42
N GLY A 248 15.72 26.73 66.13
CA GLY A 248 14.37 27.06 65.66
C GLY A 248 14.33 28.48 65.13
N LEU A 249 14.09 28.61 63.81
CA LEU A 249 14.02 29.92 63.13
C LEU A 249 12.57 30.44 63.23
N PRO A 250 12.36 31.75 63.64
CA PRO A 250 11.02 32.39 63.62
C PRO A 250 10.40 32.44 62.20
N ASP A 251 9.08 32.64 62.12
CA ASP A 251 8.36 32.72 60.84
C ASP A 251 8.58 34.09 60.18
N LEU A 252 9.67 34.16 59.36
CA LEU A 252 10.15 35.34 58.58
C LEU A 252 10.03 36.68 59.35
N GLY A 253 8.82 37.24 59.35
CA GLY A 253 8.54 38.54 59.92
C GLY A 253 7.14 38.93 59.50
N SER A 254 6.16 38.09 59.89
CA SER A 254 4.76 38.21 59.44
C SER A 254 4.13 39.55 59.91
N LEU A 255 4.34 40.59 59.07
CA LEU A 255 3.74 41.91 59.23
C LEU A 255 2.22 41.78 59.12
N LEU A 256 1.79 41.09 58.03
CA LEU A 256 0.38 40.78 57.70
C LEU A 256 -0.43 42.07 57.40
N GLY A 257 -0.75 42.82 58.47
CA GLY A 257 -1.61 44.00 58.38
C GLY A 257 -3.05 43.59 58.58
N GLY A 258 -3.60 42.91 57.57
CA GLY A 258 -4.97 42.40 57.60
C GLY A 258 -6.01 43.50 57.44
N GLY A 259 -6.25 44.24 58.55
CA GLY A 259 -7.21 45.33 58.60
C GLY A 259 -6.88 46.49 57.65
N LEU A 260 -7.66 46.63 56.58
CA LEU A 260 -7.45 47.66 55.56
C LEU A 260 -8.22 48.92 55.97
N GLY A 261 -7.52 49.87 56.64
CA GLY A 261 -8.13 51.15 57.08
C GLY A 261 -8.55 52.01 55.91
N GLY A 262 -7.68 52.06 54.91
CA GLY A 262 -7.90 52.83 53.70
C GLY A 262 -6.89 52.46 52.64
N LEU A 263 -7.01 51.21 52.12
CA LEU A 263 -6.08 50.63 51.13
C LEU A 263 -6.10 51.48 49.85
N MET A 264 -7.12 51.24 48.99
CA MET A 264 -7.32 51.91 47.68
C MET A 264 -6.08 51.80 46.76
N ASN A 265 -5.05 52.61 47.07
CA ASN A 265 -3.73 52.55 46.42
C ASN A 265 -2.80 51.67 47.26
N ASN A 266 -2.29 50.56 46.68
CA ASN A 266 -1.42 49.59 47.37
C ASN A 266 -0.04 50.21 47.70
N PRO A 267 0.28 50.45 49.02
CA PRO A 267 1.60 50.96 49.43
C PRO A 267 2.62 49.81 49.65
N GLN A 268 3.90 50.12 49.45
CA GLN A 268 5.01 49.17 49.64
C GLN A 268 5.30 49.04 51.14
N LEU A 269 4.67 48.01 51.77
CA LEU A 269 4.61 47.80 53.25
C LEU A 269 4.43 49.13 54.04
N MET A 270 5.55 49.78 54.42
CA MET A 270 5.53 51.07 55.15
C MET A 270 6.48 52.07 54.44
N GLN A 271 7.81 52.04 54.80
CA GLN A 271 8.90 52.87 54.20
C GLN A 271 8.49 54.38 54.02
N ALA A 272 9.10 55.07 53.01
CA ALA A 272 8.72 56.46 52.63
C ALA A 272 7.44 56.50 51.74
N ALA A 273 6.99 55.31 51.28
CA ALA A 273 5.83 55.18 50.36
C ALA A 273 4.49 55.43 51.08
N GLN A 274 4.44 55.13 52.39
CA GLN A 274 3.25 55.42 53.23
C GLN A 274 3.07 56.93 53.46
N LYS A 275 4.18 57.69 53.29
CA LYS A 275 4.23 59.13 53.57
C LYS A 275 3.90 59.92 52.29
N MET A 276 4.84 59.92 51.32
CA MET A 276 4.72 60.72 50.09
C MET A 276 3.78 60.01 49.10
N MET A 277 4.23 58.84 48.59
CA MET A 277 3.50 57.99 47.63
C MET A 277 3.32 58.69 46.25
N SER A 278 2.34 59.60 46.19
CA SER A 278 1.84 60.21 44.95
C SER A 278 2.89 61.16 44.32
N ASN A 279 3.37 60.76 43.12
CA ASN A 279 4.31 61.54 42.28
C ASN A 279 5.67 61.78 42.99
N PRO A 280 6.66 60.84 42.83
CA PRO A 280 8.06 61.05 43.26
C PRO A 280 8.93 61.68 42.13
N GLY A 281 8.27 62.50 41.27
CA GLY A 281 8.89 63.13 40.10
C GLY A 281 9.90 64.22 40.46
N ALA A 282 9.91 64.63 41.74
CA ALA A 282 10.89 65.57 42.29
C ALA A 282 12.34 65.02 42.18
N MET A 283 12.47 63.68 42.03
CA MET A 283 13.74 63.05 41.66
C MET A 283 13.49 61.77 40.82
N GLN A 284 13.57 61.93 39.48
CA GLN A 284 13.49 60.81 38.52
C GLN A 284 14.88 60.48 37.96
N ASN A 285 15.87 61.35 38.25
CA ASN A 285 17.26 61.25 37.76
C ASN A 285 18.23 60.98 38.91
N ILE A 286 19.55 61.08 38.59
CA ILE A 286 20.67 60.91 39.53
C ILE A 286 20.85 59.43 39.92
N GLN A 287 22.00 58.84 39.51
CA GLN A 287 22.36 57.43 39.80
C GLN A 287 23.48 57.38 40.86
N LYS A 288 23.56 58.43 41.70
CA LYS A 288 24.53 58.57 42.80
C LYS A 288 23.83 59.14 44.04
N MET A 289 23.85 58.38 45.16
CA MET A 289 23.30 58.80 46.47
C MET A 289 21.75 58.91 46.41
N MET A 290 21.25 59.97 45.75
CA MET A 290 19.81 60.21 45.56
C MET A 290 19.25 59.32 44.44
N GLN A 291 17.99 58.87 44.63
CA GLN A 291 17.25 57.98 43.72
C GLN A 291 18.06 56.67 43.44
N ASP A 292 18.77 56.63 42.28
CA ASP A 292 19.52 55.47 41.71
C ASP A 292 18.74 54.70 40.59
N PRO A 293 17.49 54.10 40.78
CA PRO A 293 16.72 53.47 39.68
C PRO A 293 16.04 54.54 38.79
N SER A 294 16.90 55.27 38.04
CA SER A 294 16.50 56.42 37.21
C SER A 294 15.73 55.96 35.96
N ILE A 295 16.10 54.79 35.41
CA ILE A 295 15.45 54.21 34.21
C ILE A 295 14.24 53.34 34.61
N ARG A 296 14.28 52.78 35.85
CA ARG A 296 13.26 51.83 36.34
C ARG A 296 12.02 52.61 36.80
N GLN A 297 11.15 52.89 35.82
CA GLN A 297 9.87 53.57 35.98
C GLN A 297 8.84 52.81 35.11
N MET A 298 9.14 52.79 33.80
CA MET A 298 8.38 52.05 32.77
C MET A 298 9.17 52.07 31.44
N ALA A 299 10.09 53.06 31.31
CA ALA A 299 10.92 53.32 30.11
C ALA A 299 10.08 53.92 28.96
N GLU A 300 8.88 54.46 29.33
CA GLU A 300 7.90 55.11 28.44
C GLU A 300 7.41 54.13 27.34
N GLY A 301 8.20 54.03 26.26
CA GLY A 301 7.88 53.16 25.13
C GLY A 301 9.07 53.07 24.18
N PHE A 302 10.26 52.89 24.77
CA PHE A 302 11.54 52.86 24.04
C PHE A 302 11.64 51.60 23.16
N ALA A 303 11.42 50.43 23.79
CA ALA A 303 11.48 49.12 23.13
C ALA A 303 10.51 48.15 23.86
N SER A 304 9.32 47.95 23.28
CA SER A 304 8.26 47.10 23.86
C SER A 304 7.76 46.05 22.84
N GLY A 305 8.48 45.94 21.71
CA GLY A 305 8.08 45.07 20.59
C GLY A 305 6.99 45.69 19.75
N GLY A 306 5.75 45.70 20.31
CA GLY A 306 4.59 46.32 19.67
C GLY A 306 3.38 46.35 20.59
N GLY A 307 3.64 46.60 21.89
CA GLY A 307 2.61 46.60 22.93
C GLY A 307 2.64 45.30 23.72
N THR A 308 2.59 44.17 23.00
CA THR A 308 2.65 42.82 23.58
C THR A 308 4.09 42.44 23.98
N PRO A 309 4.30 41.65 25.09
CA PRO A 309 5.64 41.19 25.55
C PRO A 309 6.34 40.29 24.50
N ASN A 310 7.69 40.23 24.55
CA ASN A 310 8.47 39.41 23.60
C ASN A 310 8.43 37.92 24.03
N LEU A 311 8.33 37.03 23.03
CA LEU A 311 8.33 35.55 23.26
C LEU A 311 9.72 35.05 23.69
N SER A 312 10.77 35.85 23.39
CA SER A 312 12.21 35.51 23.57
C SER A 312 12.59 35.21 25.03
N ASP A 313 11.70 35.57 25.98
CA ASP A 313 11.86 35.32 27.43
C ASP A 313 12.11 33.83 27.76
N LEU A 314 11.61 32.95 26.89
CA LEU A 314 11.71 31.47 27.02
C LEU A 314 13.17 30.97 26.99
N MET A 315 14.06 31.74 26.35
CA MET A 315 15.48 31.40 26.23
C MET A 315 16.21 31.84 27.51
N ASN A 316 15.99 33.12 27.89
CA ASN A 316 16.66 33.77 29.04
C ASN A 316 18.20 33.81 28.78
N ASN A 317 19.00 34.21 29.78
CA ASN A 317 20.46 33.99 29.74
C ASN A 317 20.74 32.58 30.28
N PRO A 318 21.39 31.66 29.47
CA PRO A 318 21.70 30.27 29.91
C PRO A 318 22.82 30.19 30.98
N ALA A 319 23.31 31.36 31.45
CA ALA A 319 24.32 31.47 32.51
C ALA A 319 23.89 30.76 33.81
N LEU A 320 22.55 30.77 34.06
CA LEU A 320 21.92 30.17 35.26
C LEU A 320 22.23 28.66 35.37
N ARG A 321 22.23 27.96 34.22
CA ARG A 321 22.37 26.48 34.18
C ARG A 321 23.61 26.06 33.39
N ASN A 322 23.64 26.41 32.09
CA ASN A 322 24.70 25.99 31.16
C ASN A 322 26.04 26.73 31.45
N MET A 323 25.92 28.02 31.83
CA MET A 323 27.07 28.96 31.98
C MET A 323 27.79 29.14 30.61
N ALA A 324 28.65 28.17 30.26
CA ALA A 324 29.34 28.08 28.97
C ALA A 324 29.66 26.60 28.72
N GLY A 325 29.90 26.22 27.45
CA GLY A 325 30.26 24.84 27.09
C GLY A 325 31.74 24.58 27.31
N ASN A 326 32.18 24.64 28.58
CA ASN A 326 33.59 24.47 28.98
C ASN A 326 33.70 23.25 29.90
N LEU A 327 34.33 22.19 29.40
CA LEU A 327 34.56 20.94 30.15
C LEU A 327 35.91 21.01 30.91
N PHE A 328 36.81 21.89 30.42
CA PHE A 328 38.22 22.00 30.86
C PHE A 328 38.98 20.69 30.50
N GLY A 329 38.61 20.13 29.33
CA GLY A 329 39.21 18.90 28.81
C GLY A 329 40.50 19.15 28.06
N GLY A 330 41.22 18.07 27.77
CA GLY A 330 42.50 18.10 27.06
C GLY A 330 43.24 16.77 27.19
N ALA A 331 44.54 16.77 26.83
CA ALA A 331 45.46 15.62 26.99
C ALA A 331 45.10 14.45 26.04
N GLY A 332 43.99 13.73 26.37
CA GLY A 332 43.50 12.61 25.56
C GLY A 332 43.03 13.02 24.16
N ALA A 333 42.66 14.30 24.00
CA ALA A 333 42.23 14.85 22.70
C ALA A 333 43.45 15.06 21.76
N GLN A 334 44.63 15.25 22.35
CA GLN A 334 45.88 15.49 21.62
C GLN A 334 46.49 14.14 21.18
N SER A 335 46.26 13.81 19.89
CA SER A 335 46.74 12.56 19.27
C SER A 335 48.21 12.73 18.81
N THR A 336 49.10 12.90 19.81
CA THR A 336 50.52 13.14 19.60
C THR A 336 51.26 11.83 19.23
N ASP A 337 50.67 10.68 19.63
CA ASP A 337 51.17 9.33 19.30
C ASP A 337 51.04 9.06 17.79
N GLU A 338 49.95 9.57 17.19
CA GLU A 338 49.63 9.34 15.77
C GLU A 338 50.72 9.95 14.87
N THR A 339 51.55 9.05 14.31
CA THR A 339 52.58 9.39 13.32
C THR A 339 51.96 9.35 11.88
N PRO A 340 51.27 8.22 11.43
CA PRO A 340 50.63 8.20 10.10
C PRO A 340 49.20 8.78 10.14
N ASP A 341 49.02 10.01 9.61
CA ASP A 341 47.69 10.64 9.50
C ASP A 341 46.97 10.10 8.24
N ASN A 342 47.54 10.37 7.04
CA ASN A 342 47.14 9.80 5.74
C ASN A 342 48.07 10.39 4.66
N GLU A 343 48.83 9.52 3.99
CA GLU A 343 49.67 9.90 2.82
C GLU A 343 49.17 9.20 1.54
N ASN A 344 48.28 8.20 1.72
CA ASN A 344 47.65 7.41 0.63
C ASN A 344 48.75 6.63 -0.14
N LYS A 345 49.42 7.35 -1.04
CA LYS A 345 50.63 6.91 -1.75
C LYS A 345 51.27 8.15 -2.39
N GLN A 346 50.49 8.79 -3.27
CA GLN A 346 50.85 10.04 -3.96
C GLN A 346 49.64 11.00 -3.91
N TYR A 347 49.87 12.26 -3.47
CA TYR A 347 48.82 13.29 -3.40
C TYR A 347 49.45 14.68 -3.70
N MET B 1 -3.86 8.44 -3.72
CA MET B 1 -2.45 8.67 -4.12
C MET B 1 -1.75 7.34 -4.44
N SER B 2 -0.68 7.41 -5.24
CA SER B 2 0.13 6.24 -5.63
C SER B 2 1.05 5.78 -4.47
N ALA B 3 0.42 5.12 -3.47
CA ALA B 3 1.08 4.62 -2.24
C ALA B 3 1.82 5.79 -1.50
N SER B 4 3.12 5.97 -1.84
CA SER B 4 3.94 7.14 -1.44
C SER B 4 5.33 7.02 -2.10
N LYS B 5 6.14 8.07 -1.97
CA LYS B 5 7.52 8.15 -2.52
C LYS B 5 8.41 6.96 -2.09
N GLU B 6 8.22 6.53 -0.83
CA GLU B 6 9.07 5.49 -0.20
C GLU B 6 8.59 4.07 -0.58
N GLU B 7 7.26 3.92 -0.68
CA GLU B 7 6.61 2.64 -1.03
C GLU B 7 6.90 2.24 -2.48
N ILE B 8 6.71 3.19 -3.40
CA ILE B 8 6.96 2.96 -4.84
C ILE B 8 8.45 2.73 -5.08
N ALA B 9 9.31 3.46 -4.33
CA ALA B 9 10.78 3.26 -4.37
C ALA B 9 11.17 1.82 -3.97
N ALA B 10 10.47 1.26 -2.97
CA ALA B 10 10.67 -0.12 -2.49
C ALA B 10 10.20 -1.16 -3.53
N LEU B 11 9.15 -0.79 -4.30
CA LEU B 11 8.63 -1.62 -5.41
C LEU B 11 9.65 -1.63 -6.58
N ILE B 12 10.25 -0.45 -6.81
CA ILE B 12 11.25 -0.18 -7.87
C ILE B 12 12.52 -1.03 -7.68
N VAL B 13 13.07 -1.01 -6.44
CA VAL B 13 14.33 -1.70 -6.12
C VAL B 13 14.14 -3.24 -6.13
N ASN B 14 12.93 -3.68 -5.71
CA ASN B 14 12.57 -5.11 -5.66
C ASN B 14 12.36 -5.66 -7.08
N TYR B 15 11.90 -4.77 -7.99
CA TYR B 15 11.74 -5.10 -9.41
C TYR B 15 13.11 -5.38 -10.06
N PHE B 16 14.10 -4.52 -9.74
CA PHE B 16 15.49 -4.66 -10.23
C PHE B 16 16.14 -5.98 -9.75
N SER B 17 15.72 -6.44 -8.56
CA SER B 17 16.16 -7.73 -7.98
C SER B 17 15.75 -8.92 -8.90
N SER B 18 14.54 -8.83 -9.48
CA SER B 18 14.01 -9.84 -10.42
C SER B 18 14.76 -9.83 -11.78
N ILE B 19 15.19 -8.63 -12.21
CA ILE B 19 15.83 -8.42 -13.52
C ILE B 19 17.27 -8.99 -13.52
N VAL B 20 18.01 -8.73 -12.42
CA VAL B 20 19.39 -9.20 -12.25
C VAL B 20 19.44 -10.71 -11.91
N GLU B 21 18.35 -11.22 -11.30
CA GLU B 21 18.16 -12.65 -11.00
C GLU B 21 17.90 -13.43 -12.31
N LYS B 22 17.08 -12.84 -13.20
CA LYS B 22 16.75 -13.42 -14.52
C LYS B 22 18.00 -13.34 -15.44
N LYS B 23 18.81 -12.28 -15.23
CA LYS B 23 20.08 -12.04 -15.98
C LYS B 23 19.79 -11.82 -17.50
N GLU B 24 18.52 -11.43 -17.80
CA GLU B 24 18.04 -11.22 -19.18
C GLU B 24 18.47 -9.84 -19.70
N ILE B 25 18.70 -8.91 -18.77
CA ILE B 25 19.22 -7.56 -19.07
C ILE B 25 20.73 -7.67 -19.45
N SER B 26 21.25 -6.62 -20.10
CA SER B 26 22.70 -6.42 -20.26
C SER B 26 23.39 -6.49 -18.89
N GLU B 27 24.47 -7.30 -18.79
CA GLU B 27 25.18 -7.55 -17.53
C GLU B 27 25.81 -6.26 -16.96
N ASP B 28 26.28 -5.37 -17.86
CA ASP B 28 26.75 -4.00 -17.48
C ASP B 28 25.61 -3.22 -16.80
N GLY B 29 24.38 -3.39 -17.36
CA GLY B 29 23.18 -2.80 -16.80
C GLY B 29 22.76 -3.40 -15.47
N ALA B 30 23.02 -4.71 -15.29
CA ALA B 30 22.71 -5.45 -14.04
C ALA B 30 23.60 -4.94 -12.88
N ASP B 31 24.84 -4.57 -13.22
CA ASP B 31 25.80 -3.92 -12.29
C ASP B 31 25.25 -2.56 -11.82
N SER B 32 24.75 -1.78 -12.79
CA SER B 32 24.16 -0.46 -12.55
C SER B 32 22.96 -0.54 -11.61
N LEU B 33 22.08 -1.55 -11.84
CA LEU B 33 20.87 -1.76 -11.03
C LEU B 33 21.24 -2.12 -9.59
N ASN B 34 22.23 -3.03 -9.44
CA ASN B 34 22.65 -3.57 -8.12
C ASN B 34 23.07 -2.45 -7.14
N VAL B 35 23.85 -1.49 -7.65
CA VAL B 35 24.39 -0.37 -6.84
C VAL B 35 23.38 0.80 -6.73
N ALA B 36 22.61 1.07 -7.81
CA ALA B 36 21.64 2.19 -7.87
C ALA B 36 20.48 1.95 -6.89
N MET B 37 19.87 0.75 -6.98
CA MET B 37 18.69 0.35 -6.17
C MET B 37 19.04 0.33 -4.66
N ASP B 38 20.31 0.00 -4.37
CA ASP B 38 20.83 -0.11 -3.01
C ASP B 38 21.00 1.30 -2.38
N CYS B 39 21.40 2.27 -3.22
CA CYS B 39 21.52 3.69 -2.82
C CYS B 39 20.12 4.31 -2.59
N ILE B 40 19.15 3.91 -3.43
CA ILE B 40 17.74 4.35 -3.33
C ILE B 40 17.10 3.81 -2.04
N SER B 41 17.52 2.58 -1.63
CA SER B 41 17.08 1.97 -0.36
C SER B 41 17.47 2.86 0.84
N GLU B 42 18.75 3.28 0.88
CA GLU B 42 19.30 4.11 1.97
C GLU B 42 18.91 5.60 1.84
N ALA B 43 18.40 6.00 0.65
CA ALA B 43 17.86 7.35 0.42
C ALA B 43 16.49 7.52 1.10
N PHE B 44 15.82 6.39 1.37
CA PHE B 44 14.52 6.33 2.09
C PHE B 44 14.68 5.48 3.38
N GLY B 45 13.56 5.03 3.98
CA GLY B 45 13.58 4.31 5.27
C GLY B 45 13.32 2.81 5.13
N PHE B 46 14.21 2.11 4.39
CA PHE B 46 14.18 0.63 4.25
C PHE B 46 15.53 0.10 3.76
N GLU B 47 15.88 -1.13 4.19
CA GLU B 47 17.04 -1.87 3.69
C GLU B 47 16.64 -2.68 2.43
N ARG B 48 17.64 -3.27 1.74
CA ARG B 48 17.43 -4.09 0.53
C ARG B 48 16.50 -5.31 0.82
N GLU B 49 16.72 -5.92 2.00
CA GLU B 49 15.95 -7.10 2.47
C GLU B 49 14.62 -6.67 3.12
N ALA B 50 14.55 -5.39 3.58
CA ALA B 50 13.37 -4.84 4.27
C ALA B 50 12.22 -4.47 3.32
N VAL B 51 12.37 -4.84 2.02
CA VAL B 51 11.31 -4.69 1.00
C VAL B 51 9.97 -5.38 1.42
N SER B 52 10.07 -6.55 2.06
CA SER B 52 8.91 -7.30 2.57
C SER B 52 8.38 -6.66 3.88
N GLY B 53 9.23 -5.87 4.56
CA GLY B 53 8.87 -5.23 5.84
C GLY B 53 8.40 -3.78 5.71
N ILE B 54 8.49 -3.21 4.48
CA ILE B 54 8.06 -1.82 4.22
C ILE B 54 6.73 -1.79 3.43
N LEU B 55 6.61 -2.67 2.42
CA LEU B 55 5.44 -2.70 1.50
C LEU B 55 4.17 -3.26 2.18
N GLY B 56 4.28 -3.65 3.46
CA GLY B 56 3.13 -4.08 4.27
C GLY B 56 2.19 -2.93 4.67
N LYS B 57 2.61 -1.68 4.38
CA LYS B 57 1.76 -0.48 4.59
C LYS B 57 0.75 -0.39 3.42
N SER B 58 1.30 -0.15 2.21
CA SER B 58 0.49 0.10 1.01
C SER B 58 0.09 -1.20 0.31
N GLU B 59 -1.22 -1.49 0.37
CA GLU B 59 -1.84 -2.65 -0.32
C GLU B 59 -2.08 -2.34 -1.81
N PHE B 60 -1.94 -1.02 -2.18
CA PHE B 60 -2.28 -0.46 -3.52
C PHE B 60 -3.81 -0.43 -3.72
N LYS B 61 -4.28 0.27 -4.76
CA LYS B 61 -5.72 0.38 -5.08
C LYS B 61 -6.10 -0.64 -6.18
N GLY B 62 -5.47 -0.49 -7.35
CA GLY B 62 -5.76 -1.31 -8.53
C GLY B 62 -4.82 -2.49 -8.68
N GLN B 63 -3.52 -2.26 -8.38
CA GLN B 63 -2.44 -3.24 -8.59
C GLN B 63 -2.61 -4.46 -7.65
N HIS B 64 -2.22 -4.27 -6.36
CA HIS B 64 -2.09 -5.34 -5.36
C HIS B 64 -1.10 -6.41 -5.84
N LEU B 65 -1.62 -7.43 -6.56
CA LEU B 65 -0.83 -8.56 -7.13
C LEU B 65 -1.20 -8.70 -8.62
N ALA B 66 -0.84 -9.86 -9.23
CA ALA B 66 -1.12 -10.21 -10.65
C ALA B 66 -0.24 -9.38 -11.61
N ASP B 67 -0.50 -8.07 -11.66
CA ASP B 67 0.32 -7.07 -12.38
C ASP B 67 1.79 -7.11 -11.93
N ILE B 68 1.98 -7.21 -10.61
CA ILE B 68 3.31 -7.28 -9.98
C ILE B 68 3.42 -8.52 -9.07
N LEU B 69 4.59 -9.19 -9.17
CA LEU B 69 5.02 -10.26 -8.24
C LEU B 69 5.90 -9.65 -7.13
N ASN B 70 6.27 -8.35 -7.34
CA ASN B 70 7.17 -7.59 -6.46
C ASN B 70 6.39 -6.88 -5.33
N SER B 71 5.11 -7.31 -5.13
CA SER B 71 4.15 -6.71 -4.19
C SER B 71 4.73 -6.55 -2.77
N ALA B 72 5.43 -7.60 -2.32
CA ALA B 72 6.15 -7.66 -1.03
C ALA B 72 6.85 -9.03 -0.93
N SER B 73 6.04 -10.08 -1.16
CA SER B 73 6.46 -11.50 -1.14
C SER B 73 5.37 -12.34 -1.84
N ARG B 74 5.61 -13.66 -1.95
CA ARG B 74 4.64 -14.61 -2.53
C ARG B 74 3.82 -15.27 -1.41
N VAL B 75 4.46 -16.18 -0.66
CA VAL B 75 3.82 -16.91 0.45
C VAL B 75 4.80 -16.96 1.65
N PRO B 76 4.28 -17.11 2.93
CA PRO B 76 5.14 -17.31 4.12
C PRO B 76 5.77 -18.72 4.15
N GLU B 77 5.24 -19.61 3.27
CA GLU B 77 5.73 -20.97 3.04
C GLU B 77 5.49 -21.84 4.30
N SER B 78 6.51 -21.83 5.20
CA SER B 78 6.57 -22.64 6.44
C SER B 78 8.04 -22.65 6.93
N ASN B 79 8.28 -23.24 8.10
CA ASN B 79 9.63 -23.68 8.50
C ASN B 79 9.91 -24.97 7.72
N LYS B 80 10.71 -24.86 6.65
CA LYS B 80 11.05 -26.00 5.79
C LYS B 80 12.18 -26.79 6.46
N LYS B 81 13.31 -26.09 6.65
CA LYS B 81 14.52 -26.63 7.26
C LYS B 81 15.44 -25.45 7.62
N ASP B 82 15.44 -25.05 8.90
CA ASP B 82 16.26 -23.94 9.42
C ASP B 82 17.75 -24.39 9.49
N ASP B 83 18.42 -24.27 8.32
CA ASP B 83 19.81 -24.74 8.08
C ASP B 83 19.90 -26.28 8.14
N ALA B 84 19.99 -26.83 9.36
CA ALA B 84 20.02 -28.29 9.63
C ALA B 84 18.99 -28.66 10.72
N GLU B 85 18.49 -27.64 11.44
CA GLU B 85 17.39 -27.78 12.41
C GLU B 85 16.04 -27.61 11.68
N ASN B 86 14.96 -28.00 12.35
CA ASN B 86 13.57 -27.78 11.89
C ASN B 86 12.67 -27.60 13.12
N VAL B 87 11.60 -26.79 12.95
CA VAL B 87 10.63 -26.35 14.00
C VAL B 87 11.32 -25.64 15.21
N GLU B 88 10.77 -24.45 15.58
CA GLU B 88 11.31 -23.60 16.66
C GLU B 88 11.13 -24.27 18.05
N ILE B 89 12.21 -24.96 18.49
CA ILE B 89 12.31 -25.64 19.81
C ILE B 89 11.28 -26.79 19.95
N ASN B 90 11.74 -28.03 19.74
CA ASN B 90 10.90 -29.22 20.01
C ASN B 90 11.23 -29.75 21.41
N ILE B 91 12.47 -30.29 21.56
CA ILE B 91 13.08 -30.84 22.81
C ILE B 91 12.21 -31.95 23.52
N PRO B 92 12.78 -32.77 24.47
CA PRO B 92 11.99 -33.73 25.31
C PRO B 92 10.76 -33.09 26.02
N GLU B 93 9.58 -33.24 25.37
CA GLU B 93 8.27 -32.75 25.87
C GLU B 93 7.59 -33.85 26.70
N ASP B 94 7.43 -35.02 26.06
CA ASP B 94 6.73 -36.20 26.61
C ASP B 94 7.42 -36.74 27.88
N ASP B 95 8.70 -36.39 28.05
CA ASP B 95 9.54 -36.81 29.20
C ASP B 95 9.22 -36.01 30.49
N ALA B 96 8.12 -35.22 30.47
CA ALA B 96 7.65 -34.36 31.58
C ALA B 96 7.58 -35.11 32.93
N GLU B 97 7.04 -36.35 32.90
CA GLU B 97 6.80 -37.19 34.12
C GLU B 97 8.10 -37.45 34.93
N THR B 98 9.20 -37.74 34.21
CA THR B 98 10.46 -38.14 34.84
C THR B 98 11.24 -36.91 35.31
N LYS B 99 11.47 -35.96 34.36
CA LYS B 99 12.29 -34.76 34.60
C LYS B 99 11.72 -33.90 35.74
N ALA B 100 10.39 -33.95 35.92
CA ALA B 100 9.69 -33.22 37.00
C ALA B 100 10.20 -33.61 38.40
N LYS B 101 10.40 -34.93 38.61
CA LYS B 101 10.85 -35.50 39.89
C LYS B 101 12.33 -35.15 40.18
N ALA B 102 13.11 -34.98 39.10
CA ALA B 102 14.54 -34.64 39.17
C ALA B 102 14.76 -33.11 39.30
N GLU B 103 13.81 -32.31 38.75
CA GLU B 103 13.78 -30.83 38.94
C GLU B 103 13.38 -30.50 40.39
N ASP B 104 12.59 -31.41 40.99
CA ASP B 104 12.16 -31.33 42.40
C ASP B 104 13.38 -31.49 43.34
N LEU B 105 14.19 -32.52 43.05
CA LEU B 105 15.44 -32.80 43.81
C LEU B 105 16.49 -31.70 43.57
N LYS B 106 16.51 -31.16 42.34
CA LYS B 106 17.34 -30.00 41.97
C LYS B 106 16.98 -28.78 42.84
N MET B 107 15.66 -28.56 43.05
CA MET B 107 15.14 -27.41 43.82
C MET B 107 15.58 -27.48 45.30
N GLN B 108 15.67 -28.73 45.83
CA GLN B 108 16.17 -28.98 47.20
C GLN B 108 17.67 -28.62 47.30
N GLY B 109 18.43 -28.99 46.24
CA GLY B 109 19.86 -28.68 46.15
C GLY B 109 20.16 -27.23 45.80
N ASN B 110 19.18 -26.57 45.15
CA ASN B 110 19.28 -25.14 44.74
C ASN B 110 19.09 -24.28 46.00
N LYS B 111 18.15 -24.70 46.86
CA LYS B 111 17.92 -24.08 48.17
C LYS B 111 19.19 -24.28 49.03
N ALA B 112 19.71 -25.54 49.05
CA ALA B 112 20.92 -25.92 49.80
C ALA B 112 22.18 -25.16 49.34
N MET B 113 22.23 -24.83 48.02
CA MET B 113 23.30 -24.00 47.41
C MET B 113 23.32 -22.61 48.08
N ALA B 114 22.15 -21.94 48.11
CA ALA B 114 22.01 -20.60 48.68
C ALA B 114 21.98 -20.65 50.23
N ASN B 115 21.73 -21.85 50.81
CA ASN B 115 21.72 -22.09 52.28
C ASN B 115 23.11 -22.58 52.75
N LYS B 116 24.10 -22.53 51.83
CA LYS B 116 25.55 -22.80 52.08
C LYS B 116 25.84 -24.29 52.41
N ASP B 117 24.82 -25.15 52.34
CA ASP B 117 24.98 -26.61 52.46
C ASP B 117 25.24 -27.18 51.07
N TYR B 118 26.42 -26.87 50.53
CA TYR B 118 26.83 -27.29 49.18
C TYR B 118 27.04 -28.81 49.12
N GLU B 119 27.40 -29.39 50.27
CA GLU B 119 27.50 -30.85 50.44
C GLU B 119 26.12 -31.51 50.24
N LEU B 120 25.06 -30.85 50.75
CA LEU B 120 23.67 -31.29 50.58
C LEU B 120 23.22 -31.08 49.13
N ALA B 121 23.70 -29.99 48.52
CA ALA B 121 23.41 -29.64 47.11
C ALA B 121 23.90 -30.75 46.16
N ILE B 122 25.14 -31.24 46.40
CA ILE B 122 25.81 -32.26 45.56
C ILE B 122 24.97 -33.55 45.47
N ASN B 123 24.55 -34.10 46.64
CA ASN B 123 23.77 -35.36 46.67
C ASN B 123 22.38 -35.18 46.03
N LYS B 124 21.79 -33.98 46.16
CA LYS B 124 20.47 -33.67 45.55
C LYS B 124 20.54 -33.67 44.01
N TYR B 125 21.65 -33.17 43.47
CA TYR B 125 21.91 -33.17 42.02
C TYR B 125 22.24 -34.60 41.53
N THR B 126 22.91 -35.38 42.41
CA THR B 126 23.24 -36.80 42.16
C THR B 126 21.97 -37.68 42.18
N GLU B 127 21.00 -37.30 43.03
CA GLU B 127 19.68 -37.97 43.12
C GLU B 127 18.84 -37.62 41.88
N ALA B 128 19.01 -36.38 41.39
CA ALA B 128 18.38 -35.91 40.13
C ALA B 128 18.95 -36.68 38.92
N ILE B 129 20.24 -37.05 39.01
CA ILE B 129 20.91 -37.95 38.03
C ILE B 129 20.43 -39.41 38.23
N LYS B 130 20.16 -39.79 39.49
CA LYS B 130 19.72 -41.15 39.85
C LYS B 130 18.34 -41.47 39.24
N VAL B 131 17.54 -40.41 38.96
CA VAL B 131 16.26 -40.55 38.24
C VAL B 131 16.52 -40.46 36.71
N LEU B 132 17.23 -39.38 36.26
CA LEU B 132 17.60 -39.19 34.82
C LEU B 132 19.14 -39.05 34.66
N PRO B 133 19.88 -40.18 34.36
CA PRO B 133 21.31 -40.12 33.97
C PRO B 133 21.49 -39.72 32.49
N THR B 134 20.37 -39.73 31.76
CA THR B 134 20.29 -39.38 30.34
C THR B 134 20.33 -37.86 30.13
N ASN B 135 20.17 -37.10 31.24
CA ASN B 135 20.18 -35.65 31.21
C ASN B 135 21.50 -35.10 31.79
N ALA B 136 22.25 -34.40 30.92
CA ALA B 136 23.52 -33.74 31.25
C ALA B 136 23.33 -32.52 32.19
N ILE B 137 22.07 -32.03 32.27
CA ILE B 137 21.68 -30.83 33.05
C ILE B 137 22.16 -30.91 34.51
N TYR B 138 21.89 -32.06 35.14
CA TYR B 138 22.11 -32.26 36.59
C TYR B 138 23.61 -32.48 36.92
N TYR B 139 24.41 -32.84 35.91
CA TYR B 139 25.87 -32.98 36.03
C TYR B 139 26.55 -31.62 36.19
N ALA B 140 26.33 -30.72 35.21
CA ALA B 140 26.90 -29.36 35.23
C ALA B 140 26.40 -28.56 36.45
N ASN B 141 25.18 -28.90 36.90
CA ASN B 141 24.58 -28.31 38.11
C ASN B 141 25.38 -28.76 39.35
N ARG B 142 25.80 -30.04 39.36
CA ARG B 142 26.64 -30.61 40.43
C ARG B 142 28.07 -30.04 40.37
N ALA B 143 28.54 -29.75 39.12
CA ALA B 143 29.84 -29.09 38.88
C ALA B 143 29.89 -27.72 39.57
N ALA B 144 28.74 -27.01 39.56
CA ALA B 144 28.57 -25.71 40.25
C ALA B 144 28.72 -25.87 41.77
N ALA B 145 28.11 -26.94 42.32
CA ALA B 145 28.19 -27.27 43.76
C ALA B 145 29.64 -27.56 44.20
N HIS B 146 30.41 -28.20 43.29
CA HIS B 146 31.85 -28.46 43.49
C HIS B 146 32.68 -27.17 43.37
N SER B 147 32.31 -26.29 42.41
CA SER B 147 33.05 -25.02 42.16
C SER B 147 32.95 -24.07 43.36
N SER B 148 31.80 -24.12 44.07
CA SER B 148 31.56 -23.35 45.29
C SER B 148 32.47 -23.85 46.44
N LEU B 149 32.69 -25.17 46.46
CA LEU B 149 33.59 -25.85 47.42
C LEU B 149 35.04 -25.88 46.91
N LYS B 150 35.31 -25.13 45.79
CA LYS B 150 36.68 -24.94 45.21
C LYS B 150 37.25 -26.24 44.61
N GLU B 151 36.38 -27.24 44.41
CA GLU B 151 36.70 -28.50 43.75
C GLU B 151 36.62 -28.32 42.23
N TYR B 152 37.62 -27.61 41.65
CA TYR B 152 37.70 -27.38 40.20
C TYR B 152 37.97 -28.71 39.49
N ASP B 153 38.85 -29.52 40.10
CA ASP B 153 39.25 -30.86 39.62
C ASP B 153 38.02 -31.78 39.44
N GLN B 154 37.06 -31.66 40.37
CA GLN B 154 35.80 -32.44 40.37
C GLN B 154 34.71 -31.75 39.53
N ALA B 155 34.82 -30.42 39.37
CA ALA B 155 33.88 -29.63 38.54
C ALA B 155 34.13 -29.88 37.05
N VAL B 156 35.42 -30.13 36.69
CA VAL B 156 35.82 -30.48 35.31
C VAL B 156 35.29 -31.88 34.93
N LYS B 157 35.16 -32.77 35.94
CA LYS B 157 34.61 -34.12 35.73
C LYS B 157 33.14 -34.07 35.26
N ASP B 158 32.33 -33.27 35.97
CA ASP B 158 30.88 -33.12 35.69
C ASP B 158 30.62 -32.21 34.49
N ALA B 159 31.52 -31.23 34.25
CA ALA B 159 31.47 -30.36 33.04
C ALA B 159 31.79 -31.18 31.78
N GLU B 160 32.73 -32.14 31.94
CA GLU B 160 33.08 -33.12 30.90
C GLU B 160 31.85 -34.01 30.60
N SER B 161 31.25 -34.53 31.67
CA SER B 161 30.06 -35.41 31.61
C SER B 161 28.85 -34.70 30.95
N ALA B 162 28.78 -33.37 31.15
CA ALA B 162 27.74 -32.51 30.55
C ALA B 162 27.90 -32.46 29.00
N ILE B 163 29.16 -32.39 28.55
CA ILE B 163 29.50 -32.34 27.11
C ILE B 163 29.54 -33.77 26.49
N SER B 164 29.78 -34.79 27.34
CA SER B 164 29.84 -36.21 26.90
C SER B 164 28.44 -36.75 26.61
N ILE B 165 27.45 -36.33 27.42
CA ILE B 165 26.03 -36.68 27.21
C ILE B 165 25.40 -35.74 26.18
N ASP B 166 25.92 -34.50 26.09
CA ASP B 166 25.37 -33.48 25.19
C ASP B 166 26.48 -32.57 24.63
N PRO B 167 26.92 -32.79 23.34
CA PRO B 167 27.91 -31.89 22.66
C PRO B 167 27.38 -30.46 22.40
N SER B 168 26.04 -30.29 22.48
CA SER B 168 25.37 -28.99 22.30
C SER B 168 25.31 -28.19 23.63
N TYR B 169 25.82 -28.80 24.72
CA TYR B 169 25.73 -28.24 26.08
C TYR B 169 26.71 -27.06 26.25
N PHE B 170 26.28 -25.87 25.78
CA PHE B 170 27.11 -24.65 25.75
C PHE B 170 27.44 -24.13 27.15
N ARG B 171 26.56 -24.44 28.13
CA ARG B 171 26.80 -24.14 29.54
C ARG B 171 28.05 -24.89 30.05
N GLY B 172 28.28 -26.11 29.51
CA GLY B 172 29.45 -26.95 29.85
C GLY B 172 30.76 -26.36 29.36
N TYR B 173 30.72 -25.77 28.14
CA TYR B 173 31.87 -25.03 27.56
C TYR B 173 32.11 -23.71 28.32
N SER B 174 31.02 -23.14 28.88
CA SER B 174 31.09 -21.94 29.73
C SER B 174 31.75 -22.27 31.09
N ARG B 175 31.51 -23.51 31.60
CA ARG B 175 32.11 -24.01 32.86
C ARG B 175 33.58 -24.39 32.64
N LEU B 176 33.87 -24.91 31.44
CA LEU B 176 35.23 -25.25 31.00
C LEU B 176 36.10 -23.98 30.92
N GLY B 177 35.49 -22.92 30.34
CA GLY B 177 36.11 -21.59 30.26
C GLY B 177 36.34 -20.99 31.63
N PHE B 178 35.34 -21.16 32.52
CA PHE B 178 35.40 -20.68 33.92
C PHE B 178 36.55 -21.36 34.70
N ALA B 179 36.71 -22.68 34.50
CA ALA B 179 37.74 -23.49 35.20
C ALA B 179 39.16 -22.93 34.94
N LYS B 180 39.39 -22.45 33.72
CA LYS B 180 40.68 -21.86 33.28
C LYS B 180 40.77 -20.39 33.72
N TYR B 181 39.62 -19.71 33.70
CA TYR B 181 39.48 -18.28 34.05
C TYR B 181 39.65 -18.06 35.58
N ALA B 182 39.34 -19.13 36.34
CA ALA B 182 39.45 -19.16 37.82
C ALA B 182 40.92 -19.37 38.26
N GLN B 183 41.76 -19.84 37.32
CA GLN B 183 43.23 -19.92 37.49
C GLN B 183 43.89 -18.59 37.04
N GLY B 184 43.06 -17.62 36.61
CA GLY B 184 43.53 -16.32 36.11
C GLY B 184 44.11 -16.42 34.71
N LYS B 185 43.55 -17.33 33.88
CA LYS B 185 44.04 -17.59 32.52
C LYS B 185 42.93 -17.32 31.48
N PRO B 186 42.84 -16.05 30.96
CA PRO B 186 41.83 -15.65 29.94
C PRO B 186 42.24 -16.07 28.51
N GLU B 187 43.52 -16.43 28.31
CA GLU B 187 44.03 -16.94 27.03
C GLU B 187 43.45 -18.35 26.77
N GLU B 188 43.33 -19.11 27.88
CA GLU B 188 42.76 -20.46 27.89
C GLU B 188 41.22 -20.38 27.87
N ALA B 189 40.68 -19.43 28.65
CA ALA B 189 39.22 -19.18 28.72
C ALA B 189 38.65 -18.71 27.37
N LEU B 190 39.44 -17.89 26.65
CA LEU B 190 39.07 -17.28 25.35
C LEU B 190 38.73 -18.37 24.31
N GLU B 191 39.47 -19.49 24.37
CA GLU B 191 39.29 -20.63 23.47
C GLU B 191 37.91 -21.30 23.69
N ALA B 192 37.60 -21.62 24.96
CA ALA B 192 36.35 -22.31 25.34
C ALA B 192 35.11 -21.42 25.08
N TYR B 193 35.23 -20.12 25.42
CA TYR B 193 34.14 -19.12 25.25
C TYR B 193 33.92 -18.74 23.78
N LYS B 194 34.98 -18.85 22.97
CA LYS B 194 34.87 -18.70 21.50
C LYS B 194 34.13 -19.91 20.91
N LYS B 195 34.39 -21.09 21.52
CA LYS B 195 33.76 -22.36 21.10
C LYS B 195 32.27 -22.41 21.53
N VAL B 196 31.88 -21.56 22.52
CA VAL B 196 30.46 -21.35 22.88
C VAL B 196 29.73 -20.63 21.72
N LEU B 197 30.37 -19.54 21.21
CA LEU B 197 29.86 -18.78 20.02
C LEU B 197 29.83 -19.66 18.76
N ASP B 198 30.85 -20.54 18.66
CA ASP B 198 31.07 -21.47 17.51
C ASP B 198 29.87 -22.43 17.30
N ILE B 199 29.17 -22.76 18.42
CA ILE B 199 28.02 -23.68 18.40
C ILE B 199 26.89 -23.13 17.49
N GLU B 200 26.48 -21.88 17.73
CA GLU B 200 25.45 -21.21 16.89
C GLU B 200 26.07 -20.70 15.58
N GLY B 201 27.37 -20.38 15.63
CA GLY B 201 28.14 -19.92 14.48
C GLY B 201 27.94 -18.43 14.20
N ASP B 202 27.21 -18.12 13.10
CA ASP B 202 27.03 -16.74 12.59
C ASP B 202 26.11 -15.94 13.52
N ASN B 203 24.83 -16.34 13.58
CA ASN B 203 23.86 -15.75 14.51
C ASN B 203 23.99 -16.46 15.86
N ALA B 204 25.07 -16.10 16.60
CA ALA B 204 25.31 -16.59 17.96
C ALA B 204 24.29 -15.97 18.91
N THR B 205 23.67 -16.82 19.76
CA THR B 205 22.63 -16.39 20.70
C THR B 205 23.17 -15.32 21.68
N GLU B 206 22.30 -14.36 22.02
CA GLU B 206 22.63 -13.14 22.79
C GLU B 206 23.31 -13.47 24.14
N ALA B 207 22.89 -14.58 24.75
CA ALA B 207 23.41 -15.07 26.05
C ALA B 207 24.91 -15.43 25.96
N MET B 208 25.33 -15.99 24.81
CA MET B 208 26.72 -16.46 24.57
C MET B 208 27.73 -15.30 24.48
N LYS B 209 27.25 -14.10 24.12
CA LYS B 209 28.08 -12.86 24.09
C LYS B 209 28.49 -12.48 25.52
N ARG B 210 27.61 -12.78 26.49
CA ARG B 210 27.83 -12.47 27.91
C ARG B 210 28.93 -13.40 28.49
N ASP B 211 29.07 -14.60 27.90
CA ASP B 211 30.11 -15.60 28.25
C ASP B 211 31.49 -15.16 27.72
N TYR B 212 31.53 -14.92 26.39
CA TYR B 212 32.75 -14.51 25.66
C TYR B 212 33.29 -13.15 26.20
N GLU B 213 32.36 -12.34 26.74
CA GLU B 213 32.64 -11.04 27.39
C GLU B 213 33.79 -11.14 28.41
N SER B 214 33.67 -12.08 29.37
CA SER B 214 34.63 -12.24 30.49
C SER B 214 36.06 -12.50 29.98
N ALA B 215 36.15 -13.43 29.02
CA ALA B 215 37.41 -13.83 28.39
C ALA B 215 38.11 -12.63 27.73
N LYS B 216 37.40 -11.99 26.79
CA LYS B 216 37.96 -10.91 25.95
C LYS B 216 38.25 -9.63 26.78
N LYS B 217 37.52 -9.45 27.90
CA LYS B 217 37.71 -8.28 28.80
C LYS B 217 39.05 -8.34 29.55
N LYS B 218 39.60 -9.55 29.71
CA LYS B 218 40.91 -9.76 30.36
C LYS B 218 42.04 -9.88 29.30
N VAL B 219 41.66 -10.09 28.03
CA VAL B 219 42.61 -10.08 26.88
C VAL B 219 42.78 -8.62 26.36
N GLU B 220 41.73 -7.80 26.53
CA GLU B 220 41.60 -6.43 25.97
C GLU B 220 42.73 -5.46 26.40
N GLN B 221 43.29 -5.69 27.60
CA GLN B 221 44.36 -4.83 28.17
C GLN B 221 45.64 -4.95 27.33
N SER B 222 45.93 -6.18 26.85
CA SER B 222 47.08 -6.46 25.98
C SER B 222 46.95 -5.68 24.66
N LEU B 223 45.70 -5.57 24.15
CA LEU B 223 45.37 -4.93 22.85
C LEU B 223 45.76 -3.43 22.77
N ASN B 224 46.04 -2.79 23.93
CA ASN B 224 46.50 -1.38 23.98
C ASN B 224 47.89 -1.23 23.34
N LEU B 225 48.70 -2.30 23.44
CA LEU B 225 50.10 -2.33 22.97
C LEU B 225 50.35 -3.60 22.14
N GLU B 226 50.29 -4.78 22.81
CA GLU B 226 50.57 -6.09 22.20
C GLU B 226 49.26 -6.70 21.66
N LYS B 227 49.04 -6.56 20.34
CA LYS B 227 47.85 -7.09 19.67
C LYS B 227 47.80 -8.65 19.78
N THR B 228 47.01 -9.15 20.76
CA THR B 228 46.81 -10.59 21.01
C THR B 228 45.36 -10.97 20.63
N VAL B 229 45.18 -11.44 19.37
CA VAL B 229 43.87 -11.84 18.81
C VAL B 229 42.83 -10.67 18.99
N PRO B 230 43.06 -9.50 18.30
CA PRO B 230 42.27 -8.27 18.55
C PRO B 230 40.89 -8.34 17.89
N GLU B 231 39.84 -8.42 18.73
CA GLU B 231 38.42 -8.30 18.31
C GLU B 231 38.08 -9.25 17.15
N GLN B 232 38.59 -10.50 17.25
CA GLN B 232 38.50 -11.54 16.21
C GLN B 232 37.05 -11.82 15.79
N SER B 233 36.16 -11.95 16.81
CA SER B 233 34.72 -12.18 16.61
C SER B 233 34.06 -10.99 15.90
N ARG B 234 34.49 -9.74 16.28
CA ARG B 234 34.02 -8.43 15.71
C ARG B 234 32.47 -8.31 15.57
N ASP B 235 31.76 -9.09 16.40
CA ASP B 235 30.31 -9.36 16.28
C ASP B 235 29.50 -8.04 16.37
N ALA B 236 29.66 -7.36 17.51
CA ALA B 236 29.13 -6.01 17.74
C ALA B 236 30.29 -5.00 17.89
N ASP B 237 31.53 -5.51 17.72
CA ASP B 237 32.77 -4.79 18.09
C ASP B 237 33.29 -3.96 16.89
N VAL B 238 33.30 -4.60 15.69
CA VAL B 238 33.97 -4.09 14.47
C VAL B 238 35.51 -4.11 14.67
N ASP B 239 36.27 -4.64 13.69
CA ASP B 239 37.74 -4.85 13.81
C ASP B 239 38.47 -4.45 12.51
N ALA B 240 39.79 -4.17 12.65
CA ALA B 240 40.67 -3.69 11.58
C ALA B 240 40.34 -2.21 11.27
N SER B 241 40.80 -1.32 12.19
CA SER B 241 40.50 0.14 12.22
C SER B 241 39.02 0.38 12.63
N GLN B 242 38.81 1.32 13.58
CA GLN B 242 37.47 1.61 14.13
C GLN B 242 36.57 2.33 13.09
N GLY B 243 37.18 3.25 12.32
CA GLY B 243 36.42 4.15 11.44
C GLY B 243 35.72 5.24 12.25
N ALA B 244 36.48 5.79 13.24
CA ALA B 244 36.01 6.82 14.17
C ALA B 244 35.66 8.15 13.45
N SER B 245 36.31 8.38 12.29
CA SER B 245 36.06 9.57 11.45
C SER B 245 36.55 9.28 10.02
N ALA B 246 35.67 9.49 9.02
CA ALA B 246 36.01 9.41 7.59
C ALA B 246 34.94 10.15 6.76
N GLY B 247 33.71 9.59 6.74
CA GLY B 247 32.59 10.16 5.95
C GLY B 247 32.89 10.17 4.45
N GLY B 248 33.54 9.09 3.98
CA GLY B 248 34.04 9.00 2.62
C GLY B 248 35.38 9.71 2.45
N LEU B 249 35.32 11.04 2.25
CA LEU B 249 36.50 11.92 2.14
C LEU B 249 36.03 13.40 2.31
N PRO B 250 35.05 13.95 1.48
CA PRO B 250 34.52 15.32 1.68
C PRO B 250 33.19 15.29 2.48
N ASP B 251 32.34 16.33 2.29
CA ASP B 251 30.99 16.40 2.90
C ASP B 251 30.00 15.52 2.09
N LEU B 252 30.29 14.20 2.08
CA LEU B 252 29.56 13.15 1.32
C LEU B 252 29.44 13.50 -0.18
N GLY B 253 30.35 12.97 -1.01
CA GLY B 253 30.38 13.24 -2.45
C GLY B 253 31.15 14.51 -2.79
N SER B 254 30.73 15.63 -2.15
CA SER B 254 31.38 16.93 -2.28
C SER B 254 30.89 17.86 -1.14
N LEU B 255 29.58 18.18 -1.19
CA LEU B 255 28.94 19.15 -0.27
C LEU B 255 27.41 19.03 -0.44
N LEU B 256 26.76 18.29 0.47
CA LEU B 256 25.30 18.02 0.41
C LEU B 256 24.54 18.66 1.58
N GLY B 257 25.27 19.20 2.57
CA GLY B 257 24.66 19.86 3.73
C GLY B 257 24.58 21.37 3.52
N GLY B 258 23.75 21.78 2.54
CA GLY B 258 23.67 23.18 2.11
C GLY B 258 24.71 23.54 1.07
N GLY B 259 24.68 24.81 0.62
CA GLY B 259 25.65 25.33 -0.36
C GLY B 259 26.76 26.15 0.28
N LEU B 260 26.53 26.56 1.56
CA LEU B 260 27.49 27.35 2.38
C LEU B 260 27.84 28.72 1.75
N GLY B 261 26.93 29.22 0.88
CA GLY B 261 27.11 30.48 0.17
C GLY B 261 25.88 30.78 -0.67
N GLY B 262 25.54 29.82 -1.54
CA GLY B 262 24.33 29.85 -2.36
C GLY B 262 23.63 28.51 -2.35
N LEU B 263 22.78 28.27 -3.37
CA LEU B 263 22.02 27.00 -3.56
C LEU B 263 21.22 26.64 -2.28
N MET B 264 20.01 27.24 -2.17
CA MET B 264 19.05 27.00 -1.07
C MET B 264 19.71 27.29 0.31
N ASN B 265 20.61 28.31 0.31
CA ASN B 265 21.49 28.65 1.46
C ASN B 265 20.69 28.96 2.74
N ASN B 266 19.51 29.58 2.58
CA ASN B 266 18.54 29.81 3.67
C ASN B 266 17.27 28.94 3.43
N PRO B 267 17.27 27.63 3.85
CA PRO B 267 16.11 26.73 3.70
C PRO B 267 15.19 26.80 4.94
N GLN B 268 14.78 28.05 5.29
CA GLN B 268 14.18 28.43 6.60
C GLN B 268 15.29 28.33 7.68
N LEU B 269 15.67 27.07 8.01
CA LEU B 269 16.81 26.72 8.87
C LEU B 269 16.54 27.11 10.35
N MET B 270 16.76 28.39 10.69
CA MET B 270 16.55 28.92 12.06
C MET B 270 15.74 30.23 12.01
N GLN B 271 15.37 30.67 10.79
CA GLN B 271 14.50 31.85 10.61
C GLN B 271 13.10 31.54 11.17
N ALA B 272 12.88 31.97 12.42
CA ALA B 272 11.63 31.74 13.17
C ALA B 272 10.57 32.82 12.86
N ALA B 273 10.63 33.36 11.61
CA ALA B 273 9.74 34.43 11.12
C ALA B 273 8.27 34.01 11.11
N GLN B 274 8.04 32.68 11.11
CA GLN B 274 6.70 32.07 11.05
C GLN B 274 5.85 32.44 12.30
N LYS B 275 6.53 32.77 13.43
CA LYS B 275 5.87 33.17 14.70
C LYS B 275 6.24 34.61 15.11
N MET B 276 7.18 35.24 14.38
CA MET B 276 7.63 36.61 14.66
C MET B 276 6.67 37.64 14.04
N MET B 277 5.45 37.74 14.64
CA MET B 277 4.42 38.75 14.29
C MET B 277 3.98 38.68 12.81
N SER B 278 4.14 37.48 12.22
CA SER B 278 3.77 37.16 10.84
C SER B 278 2.66 36.08 10.84
N ASN B 279 2.25 35.61 9.65
CA ASN B 279 1.28 34.51 9.48
C ASN B 279 1.80 33.24 10.19
N PRO B 280 1.07 32.72 11.24
CA PRO B 280 1.50 31.54 12.02
C PRO B 280 1.75 30.28 11.16
N GLY B 281 3.04 30.02 10.89
CA GLY B 281 3.47 28.83 10.20
C GLY B 281 3.35 27.60 11.08
N ALA B 282 2.13 27.02 11.13
CA ALA B 282 1.81 25.88 12.00
C ALA B 282 2.48 24.58 11.48
N MET B 283 3.76 24.42 11.85
CA MET B 283 4.58 23.24 11.49
C MET B 283 4.59 22.25 12.67
N GLN B 284 4.83 22.80 13.88
CA GLN B 284 4.75 22.06 15.15
C GLN B 284 3.28 21.91 15.56
N ASN B 285 2.94 20.77 16.18
CA ASN B 285 1.58 20.52 16.72
C ASN B 285 1.38 21.39 17.98
N ILE B 286 2.27 21.15 19.00
CA ILE B 286 2.31 21.84 20.34
C ILE B 286 0.92 22.34 20.86
N GLN B 287 0.52 23.59 20.54
CA GLN B 287 -0.77 24.20 20.95
C GLN B 287 -1.31 25.01 19.77
N LYS B 288 -1.32 24.36 18.58
CA LYS B 288 -1.75 24.97 17.28
C LYS B 288 -3.15 25.61 17.41
N MET B 289 -4.07 24.85 18.03
CA MET B 289 -5.39 25.36 18.47
C MET B 289 -5.43 25.26 20.00
N MET B 290 -5.36 24.00 20.50
CA MET B 290 -5.39 23.67 21.94
C MET B 290 -5.15 22.15 22.10
N GLN B 291 -5.79 21.37 21.21
CA GLN B 291 -5.63 19.91 21.10
C GLN B 291 -5.41 19.55 19.63
N ASP B 292 -6.45 19.85 18.82
CA ASP B 292 -6.57 19.46 17.39
C ASP B 292 -6.76 17.93 17.25
N PRO B 293 -7.94 17.46 16.68
CA PRO B 293 -8.23 16.01 16.51
C PRO B 293 -7.34 15.33 15.42
N SER B 294 -6.62 16.17 14.62
CA SER B 294 -5.64 15.76 13.60
C SER B 294 -6.29 14.90 12.49
N ILE B 295 -6.46 13.58 12.75
CA ILE B 295 -7.14 12.65 11.83
C ILE B 295 -8.64 12.98 11.81
N ARG B 296 -9.30 12.77 12.96
CA ARG B 296 -10.72 13.13 13.22
C ARG B 296 -11.07 12.86 14.68
N GLN B 297 -10.52 11.77 15.24
CA GLN B 297 -10.64 11.42 16.65
C GLN B 297 -9.22 11.33 17.24
N MET B 298 -9.03 11.84 18.47
CA MET B 298 -7.73 11.87 19.15
C MET B 298 -7.96 11.99 20.66
N ALA B 299 -8.88 12.91 21.04
CA ALA B 299 -9.25 13.16 22.46
C ALA B 299 -10.38 12.22 22.93
N GLU B 300 -10.69 11.17 22.13
CA GLU B 300 -11.64 10.11 22.48
C GLU B 300 -11.01 9.21 23.57
N GLY B 301 -11.08 9.68 24.84
CA GLY B 301 -10.42 9.02 25.97
C GLY B 301 -8.89 9.10 25.87
N PHE B 302 -8.19 8.51 26.86
CA PHE B 302 -6.71 8.31 26.87
C PHE B 302 -5.92 9.65 26.89
N ALA B 303 -5.95 10.38 25.75
CA ALA B 303 -5.39 11.73 25.57
C ALA B 303 -6.12 12.81 26.43
N SER B 304 -7.21 12.39 27.12
CA SER B 304 -7.96 13.23 28.08
C SER B 304 -7.07 13.72 29.24
N GLY B 305 -6.01 12.95 29.56
CA GLY B 305 -5.01 13.36 30.55
C GLY B 305 -4.47 12.16 31.31
N GLY B 306 -5.33 11.55 32.13
CA GLY B 306 -4.94 10.43 33.03
C GLY B 306 -4.11 10.91 34.20
N GLY B 307 -3.09 10.10 34.57
CA GLY B 307 -2.18 10.40 35.68
C GLY B 307 -2.82 10.14 37.04
N THR B 308 -3.76 11.02 37.43
CA THR B 308 -4.52 10.89 38.67
C THR B 308 -6.02 10.63 38.36
N PRO B 309 -6.49 9.33 38.37
CA PRO B 309 -7.93 8.99 38.38
C PRO B 309 -8.63 9.47 39.68
N ASN B 310 -7.83 9.52 40.78
CA ASN B 310 -8.28 9.98 42.12
C ASN B 310 -9.40 9.06 42.64
N LEU B 311 -9.01 7.91 43.19
CA LEU B 311 -9.96 6.92 43.71
C LEU B 311 -10.53 7.39 45.07
N SER B 312 -9.64 7.51 46.06
CA SER B 312 -9.99 7.93 47.43
C SER B 312 -9.52 9.38 47.69
N ASP B 313 -8.21 9.62 47.48
CA ASP B 313 -7.61 10.97 47.47
C ASP B 313 -6.49 10.99 46.42
N LEU B 314 -5.55 10.04 46.56
CA LEU B 314 -4.43 9.87 45.63
C LEU B 314 -4.90 9.11 44.36
N MET B 315 -3.96 8.95 43.41
CA MET B 315 -4.20 8.43 42.04
C MET B 315 -5.09 7.17 42.03
N ASN B 316 -4.55 6.08 42.56
CA ASN B 316 -5.27 4.80 42.70
C ASN B 316 -4.51 3.90 43.70
N ASN B 317 -5.11 2.76 44.09
CA ASN B 317 -4.51 1.81 45.05
C ASN B 317 -3.23 1.18 44.45
N PRO B 318 -2.05 1.27 45.16
CA PRO B 318 -0.79 0.60 44.76
C PRO B 318 -0.78 -0.90 45.14
N ALA B 319 -1.77 -1.65 44.62
CA ALA B 319 -1.96 -3.09 44.88
C ALA B 319 -0.89 -3.96 44.21
N LEU B 320 -0.08 -3.35 43.34
CA LEU B 320 1.00 -4.04 42.59
C LEU B 320 2.39 -3.70 43.15
N ARG B 321 2.43 -2.90 44.25
CA ARG B 321 3.67 -2.34 44.78
C ARG B 321 4.57 -3.41 45.44
N ASN B 322 4.01 -4.15 46.41
CA ASN B 322 4.75 -5.18 47.20
C ASN B 322 5.05 -6.44 46.35
N MET B 323 4.36 -6.57 45.19
CA MET B 323 4.50 -7.73 44.26
C MET B 323 5.87 -7.74 43.53
N ALA B 324 6.67 -6.67 43.68
CA ALA B 324 8.04 -6.60 43.13
C ALA B 324 8.95 -7.62 43.86
N GLY B 325 9.07 -8.83 43.26
CA GLY B 325 9.79 -9.95 43.86
C GLY B 325 8.98 -10.61 44.97
N ASN B 326 9.58 -10.68 46.19
CA ASN B 326 8.90 -11.11 47.42
C ASN B 326 8.44 -12.59 47.36
N LEU B 327 9.39 -13.51 47.65
CA LEU B 327 9.13 -14.97 47.73
C LEU B 327 9.18 -15.44 49.19
N PHE B 328 9.26 -14.48 50.14
CA PHE B 328 9.31 -14.76 51.58
C PHE B 328 7.88 -15.06 52.11
N GLY B 329 7.80 -15.95 53.10
CA GLY B 329 6.53 -16.36 53.69
C GLY B 329 6.53 -17.85 54.03
N GLY B 330 7.15 -18.20 55.18
CA GLY B 330 7.20 -19.58 55.64
C GLY B 330 8.25 -19.79 56.73
N ALA B 331 7.83 -20.37 57.87
CA ALA B 331 8.73 -20.72 58.99
C ALA B 331 9.08 -22.23 58.98
N GLY B 332 8.59 -22.95 57.94
CA GLY B 332 8.82 -24.39 57.78
C GLY B 332 10.16 -24.71 57.13
N ALA B 333 11.24 -24.14 57.70
CA ALA B 333 12.63 -24.35 57.25
C ALA B 333 13.57 -24.50 58.47
N GLN B 334 12.99 -24.33 59.68
CA GLN B 334 13.71 -24.46 60.97
C GLN B 334 13.17 -25.67 61.73
N SER B 335 14.10 -26.47 62.31
CA SER B 335 13.80 -27.61 63.18
C SER B 335 12.97 -28.69 62.47
N THR B 336 13.02 -28.69 61.12
CA THR B 336 12.29 -29.65 60.26
C THR B 336 12.81 -31.08 60.47
N ASP B 337 14.09 -31.18 60.83
CA ASP B 337 14.69 -32.39 61.37
C ASP B 337 15.49 -31.98 62.62
N GLU B 338 16.73 -31.47 62.41
CA GLU B 338 17.61 -30.93 63.46
C GLU B 338 17.80 -31.95 64.62
N THR B 339 17.95 -33.25 64.25
CA THR B 339 17.96 -34.37 65.20
C THR B 339 19.18 -34.30 66.18
N PRO B 340 18.93 -33.97 67.50
CA PRO B 340 20.00 -33.72 68.49
C PRO B 340 20.33 -34.96 69.36
N ASP B 341 20.21 -36.16 68.75
CA ASP B 341 20.44 -37.44 69.43
C ASP B 341 21.96 -37.67 69.70
N ASN B 342 22.42 -37.08 70.80
CA ASN B 342 23.82 -37.18 71.28
C ASN B 342 23.92 -38.15 72.47
N GLU B 343 22.75 -38.69 72.94
CA GLU B 343 22.65 -39.57 74.14
C GLU B 343 23.19 -38.81 75.39
N ASN B 344 23.00 -37.48 75.36
CA ASN B 344 23.64 -36.51 76.27
C ASN B 344 25.18 -36.52 76.08
N LYS B 345 25.92 -37.21 76.98
CA LYS B 345 27.41 -37.14 77.07
C LYS B 345 27.88 -35.67 77.24
N GLN B 346 28.26 -35.01 76.12
CA GLN B 346 28.62 -33.58 76.07
C GLN B 346 27.42 -32.78 75.53
N TYR B 347 26.65 -33.46 74.66
CA TYR B 347 25.47 -32.93 73.96
C TYR B 347 25.90 -31.85 72.94
N MET A 1 5.91 -14.01 -14.27
CA MET A 1 6.59 -12.86 -14.87
C MET A 1 6.25 -11.59 -14.09
N SER A 2 7.28 -10.98 -13.51
CA SER A 2 7.16 -9.72 -12.77
C SER A 2 7.20 -8.53 -13.75
N ALA A 3 6.22 -8.51 -14.69
CA ALA A 3 6.18 -7.54 -15.83
C ALA A 3 7.45 -7.69 -16.69
N SER A 4 7.75 -6.68 -17.53
CA SER A 4 8.98 -6.65 -18.31
C SER A 4 9.74 -5.36 -17.98
N LYS A 5 11.08 -5.45 -18.01
CA LYS A 5 11.99 -4.36 -17.58
C LYS A 5 11.67 -3.01 -18.27
N GLU A 6 11.37 -3.08 -19.59
CA GLU A 6 11.16 -1.90 -20.46
C GLU A 6 9.95 -1.07 -20.02
N GLU A 7 8.87 -1.79 -19.66
CA GLU A 7 7.58 -1.20 -19.28
C GLU A 7 7.73 -0.27 -18.06
N ILE A 8 8.34 -0.81 -17.00
CA ILE A 8 8.46 -0.11 -15.71
C ILE A 8 9.70 0.81 -15.68
N ALA A 9 10.70 0.55 -16.56
CA ALA A 9 11.96 1.34 -16.64
C ALA A 9 11.70 2.84 -16.78
N ALA A 10 10.71 3.15 -17.62
CA ALA A 10 10.25 4.51 -17.89
C ALA A 10 9.55 5.13 -16.65
N LEU A 11 8.73 4.31 -15.97
CA LEU A 11 7.97 4.70 -14.76
C LEU A 11 8.95 5.09 -13.61
N ILE A 12 10.06 4.32 -13.52
CA ILE A 12 11.10 4.47 -12.48
C ILE A 12 11.72 5.87 -12.47
N VAL A 13 12.36 6.23 -13.59
CA VAL A 13 13.11 7.50 -13.71
C VAL A 13 12.14 8.72 -13.72
N ASN A 14 10.90 8.49 -14.19
CA ASN A 14 9.84 9.51 -14.23
C ASN A 14 9.33 9.83 -12.81
N TYR A 15 9.21 8.78 -11.98
CA TYR A 15 8.68 8.90 -10.61
C TYR A 15 9.71 9.65 -9.72
N PHE A 16 10.99 9.27 -9.80
CA PHE A 16 12.06 9.93 -9.02
C PHE A 16 12.31 11.37 -9.52
N SER A 17 12.04 11.63 -10.81
CA SER A 17 12.12 12.98 -11.40
C SER A 17 11.07 13.92 -10.76
N SER A 18 9.95 13.33 -10.30
CA SER A 18 8.95 14.03 -9.49
C SER A 18 9.51 14.28 -8.07
N ILE A 19 9.98 13.20 -7.41
CA ILE A 19 10.39 13.20 -5.97
C ILE A 19 11.48 14.26 -5.66
N VAL A 20 12.50 14.36 -6.54
CA VAL A 20 13.60 15.33 -6.38
C VAL A 20 13.11 16.79 -6.46
N GLU A 21 12.03 17.02 -7.22
CA GLU A 21 11.38 18.34 -7.35
C GLU A 21 10.46 18.62 -6.14
N LYS A 22 9.78 17.56 -5.64
CA LYS A 22 8.79 17.69 -4.53
C LYS A 22 9.49 18.04 -3.20
N LYS A 23 10.84 17.88 -3.14
CA LYS A 23 11.66 18.24 -1.96
C LYS A 23 11.27 17.41 -0.72
N GLU A 24 10.60 16.26 -0.99
CA GLU A 24 10.13 15.32 0.04
C GLU A 24 11.22 14.36 0.51
N ILE A 25 12.41 14.50 -0.09
CA ILE A 25 13.62 13.81 0.33
C ILE A 25 14.74 14.84 0.44
N SER A 26 15.59 14.70 1.46
CA SER A 26 16.78 15.55 1.65
C SER A 26 17.69 15.49 0.41
N GLU A 27 18.24 16.66 -0.01
CA GLU A 27 19.08 16.78 -1.24
C GLU A 27 20.25 15.77 -1.26
N ASP A 28 20.71 15.40 -0.06
CA ASP A 28 21.73 14.34 0.16
C ASP A 28 21.29 13.02 -0.52
N GLY A 29 20.09 12.53 -0.15
CA GLY A 29 19.52 11.30 -0.71
C GLY A 29 18.98 11.48 -2.13
N ALA A 30 18.53 12.72 -2.45
CA ALA A 30 17.98 13.07 -3.77
C ALA A 30 19.09 13.10 -4.84
N ASP A 31 20.32 13.38 -4.37
CA ASP A 31 21.54 13.36 -5.20
C ASP A 31 21.85 11.90 -5.62
N SER A 32 21.58 10.97 -4.69
CA SER A 32 21.72 9.52 -4.93
C SER A 32 20.66 9.02 -5.92
N LEU A 33 19.46 9.65 -5.90
CA LEU A 33 18.37 9.35 -6.86
C LEU A 33 18.77 9.80 -8.27
N ASN A 34 19.46 10.95 -8.35
CA ASN A 34 19.87 11.59 -9.61
C ASN A 34 20.84 10.67 -10.39
N VAL A 35 21.94 10.28 -9.72
CA VAL A 35 22.99 9.42 -10.32
C VAL A 35 22.45 8.00 -10.60
N ALA A 36 21.48 7.56 -9.77
CA ALA A 36 20.84 6.25 -9.93
C ALA A 36 20.04 6.20 -11.24
N MET A 37 19.16 7.21 -11.45
CA MET A 37 18.29 7.31 -12.65
C MET A 37 19.10 7.32 -13.95
N ASP A 38 20.31 7.92 -13.89
CA ASP A 38 21.23 7.99 -15.04
C ASP A 38 21.77 6.60 -15.39
N CYS A 39 22.12 5.83 -14.34
CA CYS A 39 22.66 4.47 -14.47
C CYS A 39 21.56 3.47 -14.91
N ILE A 40 20.33 3.71 -14.45
CA ILE A 40 19.14 2.92 -14.82
C ILE A 40 18.80 3.16 -16.30
N SER A 41 18.92 4.43 -16.72
CA SER A 41 18.58 4.87 -18.08
C SER A 41 19.57 4.28 -19.11
N GLU A 42 20.87 4.22 -18.72
CA GLU A 42 21.90 3.57 -19.55
C GLU A 42 21.68 2.06 -19.62
N ALA A 43 21.36 1.47 -18.46
CA ALA A 43 21.22 0.00 -18.27
C ALA A 43 20.21 -0.61 -19.26
N PHE A 44 19.11 0.10 -19.52
CA PHE A 44 18.08 -0.34 -20.47
C PHE A 44 18.24 0.39 -21.83
N GLY A 45 18.91 1.55 -21.83
CA GLY A 45 19.16 2.32 -23.06
C GLY A 45 17.92 2.99 -23.60
N PHE A 46 17.43 4.03 -22.89
CA PHE A 46 16.19 4.75 -23.28
C PHE A 46 16.29 6.25 -22.95
N GLU A 47 15.34 7.02 -23.51
CA GLU A 47 15.24 8.47 -23.30
C GLU A 47 14.31 8.79 -22.10
N ARG A 48 14.86 9.54 -21.11
CA ARG A 48 14.14 9.95 -19.89
C ARG A 48 13.05 11.01 -20.17
N GLU A 49 13.23 11.76 -21.27
CA GLU A 49 12.27 12.76 -21.73
C GLU A 49 11.08 12.06 -22.44
N ALA A 50 11.38 10.97 -23.15
CA ALA A 50 10.39 10.25 -24.00
C ALA A 50 9.84 9.00 -23.29
N VAL A 51 9.88 9.01 -21.93
CA VAL A 51 9.33 7.90 -21.10
C VAL A 51 7.82 7.76 -21.26
N SER A 52 7.12 8.87 -21.61
CA SER A 52 5.66 8.86 -21.84
C SER A 52 5.30 7.95 -23.04
N GLY A 53 6.22 7.89 -24.01
CA GLY A 53 6.08 7.02 -25.18
C GLY A 53 6.26 5.54 -24.82
N ILE A 54 7.22 5.26 -23.91
CA ILE A 54 7.55 3.88 -23.48
C ILE A 54 6.41 3.32 -22.60
N LEU A 55 5.85 4.21 -21.78
CA LEU A 55 4.68 3.92 -20.93
C LEU A 55 3.42 3.82 -21.81
N GLY A 56 3.45 4.51 -22.97
CA GLY A 56 2.41 4.39 -24.00
C GLY A 56 2.48 3.04 -24.73
N LYS A 57 3.67 2.40 -24.72
CA LYS A 57 3.87 1.05 -25.28
C LYS A 57 3.36 -0.04 -24.29
N SER A 58 3.20 0.34 -23.01
CA SER A 58 2.81 -0.59 -21.94
C SER A 58 1.36 -0.34 -21.50
N GLU A 59 0.55 -1.40 -21.46
CA GLU A 59 -0.77 -1.37 -20.81
C GLU A 59 -0.69 -2.04 -19.43
N PHE A 60 0.39 -2.80 -19.18
CA PHE A 60 0.64 -3.53 -17.90
C PHE A 60 -0.40 -4.65 -17.61
N LYS A 61 -0.04 -5.56 -16.68
CA LYS A 61 -0.93 -6.66 -16.23
C LYS A 61 -1.72 -6.23 -14.97
N GLY A 62 -1.17 -5.27 -14.20
CA GLY A 62 -1.77 -4.82 -12.94
C GLY A 62 -1.92 -3.32 -12.87
N GLN A 63 -0.79 -2.61 -12.94
CA GLN A 63 -0.69 -1.13 -12.82
C GLN A 63 -1.70 -0.42 -13.75
N HIS A 64 -1.53 -0.68 -15.06
CA HIS A 64 -2.33 -0.10 -16.16
C HIS A 64 -2.19 1.44 -16.19
N LEU A 65 -3.29 2.19 -15.95
CA LEU A 65 -3.29 3.67 -15.84
C LEU A 65 -4.22 4.05 -14.68
N ALA A 66 -4.53 5.36 -14.54
CA ALA A 66 -5.44 5.92 -13.50
C ALA A 66 -4.79 5.91 -12.09
N ASP A 67 -4.50 4.70 -11.57
CA ASP A 67 -3.79 4.50 -10.29
C ASP A 67 -2.39 5.15 -10.31
N ILE A 68 -1.71 5.00 -11.46
CA ILE A 68 -0.42 5.64 -11.71
C ILE A 68 -0.63 6.83 -12.67
N LEU A 69 -0.44 8.05 -12.13
CA LEU A 69 -0.57 9.30 -12.90
C LEU A 69 0.80 9.69 -13.50
N ASN A 70 1.81 8.83 -13.31
CA ASN A 70 3.19 9.03 -13.83
C ASN A 70 3.30 8.42 -15.23
N SER A 71 2.31 8.76 -16.09
CA SER A 71 2.22 8.26 -17.47
C SER A 71 2.98 9.19 -18.46
N ALA A 72 3.50 10.31 -17.93
CA ALA A 72 4.21 11.33 -18.72
C ALA A 72 5.32 11.97 -17.88
N SER A 73 6.45 12.30 -18.55
CA SER A 73 7.58 12.99 -17.93
C SER A 73 7.17 14.42 -17.51
N ARG A 74 6.86 15.24 -18.54
CA ARG A 74 6.46 16.65 -18.41
C ARG A 74 6.32 17.21 -19.82
N VAL A 75 5.38 18.15 -20.02
CA VAL A 75 5.28 18.91 -21.29
C VAL A 75 6.53 19.82 -21.44
N PRO A 76 7.20 19.85 -22.65
CA PRO A 76 8.31 20.80 -22.92
C PRO A 76 7.86 22.26 -22.70
N GLU A 77 8.76 23.09 -22.16
CA GLU A 77 8.43 24.44 -21.68
C GLU A 77 7.91 25.34 -22.82
N SER A 78 8.84 25.98 -23.56
CA SER A 78 8.52 26.97 -24.63
C SER A 78 7.47 28.00 -24.15
N ASN A 79 7.55 28.34 -22.86
CA ASN A 79 6.52 29.12 -22.15
C ASN A 79 7.13 30.43 -21.62
N LYS A 80 6.25 31.38 -21.25
CA LYS A 80 6.60 32.73 -20.78
C LYS A 80 7.16 33.58 -21.96
N LYS A 81 6.29 33.76 -22.98
CA LYS A 81 6.57 34.54 -24.21
C LYS A 81 7.65 33.90 -25.10
N ASP A 82 7.83 32.57 -24.95
CA ASP A 82 8.70 31.76 -25.84
C ASP A 82 7.80 31.00 -26.86
N ASP A 83 6.66 31.64 -27.20
CA ASP A 83 5.63 31.09 -28.11
C ASP A 83 5.98 31.28 -29.60
N ALA A 84 7.25 31.64 -29.87
CA ALA A 84 7.86 31.76 -31.22
C ALA A 84 7.43 33.06 -31.95
N GLU A 85 6.51 33.85 -31.37
CA GLU A 85 6.16 35.19 -31.90
C GLU A 85 7.06 36.29 -31.30
N ASN A 86 6.71 37.58 -31.57
CA ASN A 86 7.53 38.75 -31.24
C ASN A 86 8.84 38.70 -32.07
N VAL A 87 8.63 38.55 -33.39
CA VAL A 87 9.69 38.41 -34.44
C VAL A 87 10.74 37.32 -34.07
N GLU A 88 11.74 37.70 -33.24
CA GLU A 88 12.82 36.82 -32.75
C GLU A 88 13.68 36.28 -33.93
N ILE A 89 13.15 35.23 -34.60
CA ILE A 89 13.79 34.50 -35.71
C ILE A 89 15.32 34.26 -35.57
N ASN A 90 16.14 35.30 -35.81
CA ASN A 90 17.61 35.20 -35.79
C ASN A 90 18.09 34.89 -34.37
N ILE A 91 18.32 33.59 -34.07
CA ILE A 91 18.91 33.14 -32.79
C ILE A 91 20.27 32.46 -33.07
N PRO A 92 21.42 33.00 -32.53
CA PRO A 92 22.78 32.46 -32.78
C PRO A 92 23.03 31.10 -32.11
N GLU A 93 22.57 30.03 -32.78
CA GLU A 93 22.72 28.65 -32.29
C GLU A 93 24.09 28.08 -32.73
N ASP A 94 24.21 27.75 -34.02
CA ASP A 94 25.46 27.17 -34.57
C ASP A 94 26.37 28.27 -35.18
N ASP A 95 25.94 28.83 -36.34
CA ASP A 95 26.84 29.65 -37.20
C ASP A 95 26.07 30.88 -37.76
N ALA A 96 25.26 31.51 -36.90
CA ALA A 96 24.44 32.67 -37.30
C ALA A 96 25.24 33.98 -37.23
N GLU A 97 25.68 34.32 -36.02
CA GLU A 97 26.40 35.58 -35.73
C GLU A 97 27.77 35.62 -36.43
N THR A 98 28.36 34.44 -36.68
CA THR A 98 29.72 34.30 -37.23
C THR A 98 29.93 35.11 -38.54
N LYS A 99 28.86 35.20 -39.35
CA LYS A 99 28.86 35.97 -40.61
C LYS A 99 29.21 37.45 -40.33
N ALA A 100 28.57 38.04 -39.30
CA ALA A 100 28.82 39.43 -38.87
C ALA A 100 30.06 39.55 -37.95
N LYS A 101 30.40 38.42 -37.29
CA LYS A 101 31.42 38.36 -36.22
C LYS A 101 32.79 38.85 -36.72
N ALA A 102 33.19 38.40 -37.92
CA ALA A 102 34.53 38.68 -38.52
C ALA A 102 34.85 40.19 -38.60
N GLU A 103 33.81 41.02 -38.81
CA GLU A 103 33.95 42.49 -38.92
C GLU A 103 34.27 43.10 -37.54
N ASP A 104 33.55 42.61 -36.50
CA ASP A 104 33.79 42.97 -35.08
C ASP A 104 35.23 42.65 -34.67
N LEU A 105 35.67 41.46 -35.05
CA LEU A 105 36.97 40.89 -34.66
C LEU A 105 38.12 41.64 -35.36
N LYS A 106 37.84 42.09 -36.58
CA LYS A 106 38.82 42.82 -37.43
C LYS A 106 39.12 44.20 -36.82
N MET A 107 38.06 44.90 -36.37
CA MET A 107 38.16 46.24 -35.75
C MET A 107 38.72 46.15 -34.32
N GLN A 108 37.97 45.45 -33.46
CA GLN A 108 38.22 45.37 -32.01
C GLN A 108 39.56 44.66 -31.73
N GLY A 109 39.86 43.60 -32.51
CA GLY A 109 41.11 42.83 -32.37
C GLY A 109 42.35 43.63 -32.73
N ASN A 110 42.21 44.48 -33.76
CA ASN A 110 43.30 45.39 -34.21
C ASN A 110 43.59 46.41 -33.12
N LYS A 111 42.51 47.02 -32.60
CA LYS A 111 42.57 48.06 -31.57
C LYS A 111 42.97 47.47 -30.20
N ALA A 112 42.66 46.18 -29.99
CA ALA A 112 43.00 45.46 -28.74
C ALA A 112 44.52 45.36 -28.59
N MET A 113 45.19 44.92 -29.66
CA MET A 113 46.66 44.81 -29.71
C MET A 113 47.32 46.21 -29.75
N ALA A 114 46.56 47.22 -30.26
CA ALA A 114 46.99 48.64 -30.23
C ALA A 114 47.00 49.18 -28.78
N ASN A 115 46.12 48.61 -27.92
CA ASN A 115 46.11 48.89 -26.46
C ASN A 115 46.94 47.82 -25.70
N LYS A 116 47.92 47.20 -26.42
CA LYS A 116 48.87 46.16 -25.91
C LYS A 116 48.16 44.91 -25.28
N ASP A 117 46.84 44.78 -25.46
CA ASP A 117 46.12 43.58 -24.99
C ASP A 117 46.16 42.54 -26.12
N TYR A 118 47.23 41.75 -26.09
CA TYR A 118 47.52 40.73 -27.11
C TYR A 118 46.55 39.54 -26.96
N GLU A 119 46.03 39.34 -25.74
CA GLU A 119 45.13 38.22 -25.42
C GLU A 119 43.77 38.42 -26.12
N LEU A 120 43.18 39.61 -25.89
CA LEU A 120 41.88 40.01 -26.49
C LEU A 120 41.99 40.08 -28.01
N ALA A 121 43.16 40.52 -28.48
CA ALA A 121 43.50 40.55 -29.90
C ALA A 121 43.43 39.14 -30.50
N ILE A 122 44.11 38.18 -29.86
CA ILE A 122 44.15 36.76 -30.29
C ILE A 122 42.75 36.12 -30.19
N ASN A 123 41.99 36.50 -29.15
CA ASN A 123 40.61 36.00 -28.92
C ASN A 123 39.70 36.40 -30.09
N LYS A 124 39.94 37.62 -30.60
CA LYS A 124 39.28 38.11 -31.81
C LYS A 124 39.81 37.38 -33.06
N TYR A 125 41.14 37.24 -33.18
CA TYR A 125 41.79 36.69 -34.40
C TYR A 125 41.51 35.19 -34.58
N THR A 126 41.27 34.44 -33.49
CA THR A 126 41.00 32.98 -33.55
C THR A 126 39.66 32.72 -34.22
N GLU A 127 38.63 33.48 -33.81
CA GLU A 127 37.29 33.42 -34.41
C GLU A 127 37.32 34.05 -35.82
N ALA A 128 38.18 35.07 -36.01
CA ALA A 128 38.30 35.79 -37.31
C ALA A 128 38.87 34.87 -38.38
N ILE A 129 39.81 34.02 -37.96
CA ILE A 129 40.42 32.98 -38.79
C ILE A 129 39.42 31.83 -39.02
N LYS A 130 38.59 31.53 -37.99
CA LYS A 130 37.51 30.52 -38.09
C LYS A 130 36.54 30.92 -39.21
N VAL A 131 36.03 32.15 -39.13
CA VAL A 131 35.04 32.68 -40.09
C VAL A 131 35.68 32.87 -41.47
N LEU A 132 36.87 33.49 -41.52
CA LEU A 132 37.53 33.84 -42.78
C LEU A 132 39.06 33.72 -42.63
N PRO A 133 39.65 32.52 -42.94
CA PRO A 133 41.11 32.27 -42.76
C PRO A 133 41.96 32.88 -43.90
N THR A 134 41.30 33.30 -44.99
CA THR A 134 41.99 33.74 -46.21
C THR A 134 42.64 35.13 -46.02
N ASN A 135 42.19 35.87 -45.01
CA ASN A 135 42.87 37.11 -44.59
C ASN A 135 44.10 36.78 -43.74
N ALA A 136 45.27 36.80 -44.39
CA ALA A 136 46.58 36.47 -43.75
C ALA A 136 47.00 37.54 -42.72
N ILE A 137 46.35 38.71 -42.76
CA ILE A 137 46.53 39.78 -41.76
C ILE A 137 46.16 39.28 -40.34
N TYR A 138 45.13 38.41 -40.24
CA TYR A 138 44.70 37.85 -38.95
C TYR A 138 45.83 37.02 -38.30
N TYR A 139 46.53 36.23 -39.12
CA TYR A 139 47.68 35.41 -38.68
C TYR A 139 48.91 36.28 -38.37
N ALA A 140 49.14 37.29 -39.22
CA ALA A 140 50.34 38.14 -39.16
C ALA A 140 50.34 39.04 -37.90
N ASN A 141 49.15 39.56 -37.58
CA ASN A 141 48.92 40.37 -36.37
C ASN A 141 48.94 39.49 -35.12
N ARG A 142 48.34 38.29 -35.22
CA ARG A 142 48.26 37.33 -34.10
C ARG A 142 49.64 36.74 -33.80
N ALA A 143 50.52 36.70 -34.82
CA ALA A 143 51.91 36.21 -34.68
C ALA A 143 52.76 37.21 -33.89
N ALA A 144 52.48 38.50 -34.11
CA ALA A 144 53.08 39.61 -33.33
C ALA A 144 52.62 39.53 -31.86
N ALA A 145 51.33 39.22 -31.69
CA ALA A 145 50.70 39.04 -30.37
C ALA A 145 51.24 37.79 -29.64
N HIS A 146 51.50 36.71 -30.41
CA HIS A 146 52.11 35.45 -29.89
C HIS A 146 53.57 35.69 -29.46
N SER A 147 54.27 36.49 -30.26
CA SER A 147 55.67 36.89 -29.97
C SER A 147 55.76 37.74 -28.69
N SER A 148 54.63 38.36 -28.31
CA SER A 148 54.53 39.15 -27.08
C SER A 148 54.07 38.28 -25.89
N LEU A 149 53.39 37.14 -26.17
CA LEU A 149 52.83 36.25 -25.14
C LEU A 149 53.64 34.95 -25.01
N LYS A 150 54.99 35.04 -25.16
CA LYS A 150 55.98 33.92 -25.00
C LYS A 150 55.68 32.67 -25.87
N GLU A 151 54.74 32.82 -26.83
CA GLU A 151 54.29 31.75 -27.74
C GLU A 151 55.01 31.89 -29.07
N TYR A 152 56.36 31.90 -29.00
CA TYR A 152 57.23 32.01 -30.19
C TYR A 152 57.09 30.77 -31.06
N ASP A 153 56.93 29.62 -30.41
CA ASP A 153 56.69 28.33 -31.09
C ASP A 153 55.41 28.37 -31.93
N GLN A 154 54.33 28.88 -31.32
CA GLN A 154 53.04 29.02 -32.00
C GLN A 154 53.08 30.20 -33.00
N ALA A 155 54.00 31.16 -32.78
CA ALA A 155 54.22 32.31 -33.69
C ALA A 155 54.98 31.87 -34.95
N VAL A 156 55.78 30.78 -34.83
CA VAL A 156 56.43 30.15 -35.99
C VAL A 156 55.35 29.62 -36.93
N LYS A 157 54.48 28.75 -36.38
CA LYS A 157 53.42 28.06 -37.12
C LYS A 157 52.35 29.04 -37.67
N ASP A 158 52.07 30.08 -36.87
CA ASP A 158 51.03 31.12 -37.17
C ASP A 158 51.50 32.05 -38.29
N ALA A 159 52.73 32.55 -38.17
CA ALA A 159 53.37 33.42 -39.19
C ALA A 159 53.63 32.63 -40.48
N GLU A 160 53.93 31.33 -40.33
CA GLU A 160 54.09 30.38 -41.44
C GLU A 160 52.77 30.24 -42.21
N SER A 161 51.65 30.22 -41.47
CA SER A 161 50.29 30.13 -42.05
C SER A 161 49.89 31.44 -42.77
N ALA A 162 50.41 32.59 -42.27
CA ALA A 162 50.24 33.89 -42.95
C ALA A 162 50.95 33.86 -44.32
N ILE A 163 52.16 33.30 -44.31
CA ILE A 163 53.02 33.10 -45.50
C ILE A 163 52.38 32.08 -46.47
N SER A 164 51.78 31.04 -45.90
CA SER A 164 51.17 29.92 -46.64
C SER A 164 50.02 30.40 -47.56
N ILE A 165 49.29 31.41 -47.08
CA ILE A 165 48.15 32.00 -47.79
C ILE A 165 48.62 33.15 -48.68
N ASP A 166 49.28 34.15 -48.06
CA ASP A 166 49.87 35.31 -48.79
C ASP A 166 51.40 35.27 -48.61
N PRO A 167 52.17 34.81 -49.63
CA PRO A 167 53.65 34.67 -49.55
C PRO A 167 54.39 35.98 -49.90
N SER A 168 53.66 37.09 -49.98
CA SER A 168 54.21 38.41 -50.31
C SER A 168 54.29 39.30 -49.06
N TYR A 169 53.32 39.11 -48.13
CA TYR A 169 53.21 39.94 -46.92
C TYR A 169 54.38 39.61 -45.98
N PHE A 170 55.42 40.47 -46.08
CA PHE A 170 56.72 40.34 -45.36
C PHE A 170 56.54 40.23 -43.83
N ARG A 171 55.38 40.71 -43.34
CA ARG A 171 55.00 40.68 -41.91
C ARG A 171 55.15 39.25 -41.34
N GLY A 172 54.66 38.27 -42.11
CA GLY A 172 54.75 36.85 -41.73
C GLY A 172 56.19 36.37 -41.63
N TYR A 173 57.03 36.80 -42.58
CA TYR A 173 58.46 36.41 -42.62
C TYR A 173 59.26 37.07 -41.47
N SER A 174 58.80 38.26 -41.07
CA SER A 174 59.45 39.04 -40.00
C SER A 174 59.12 38.43 -38.63
N ARG A 175 57.87 37.95 -38.47
CA ARG A 175 57.39 37.31 -37.23
C ARG A 175 57.83 35.86 -37.15
N LEU A 176 58.06 35.24 -38.32
CA LEU A 176 58.65 33.90 -38.41
C LEU A 176 60.10 33.98 -37.91
N GLY A 177 60.84 34.97 -38.43
CA GLY A 177 62.23 35.22 -38.06
C GLY A 177 62.41 35.57 -36.59
N PHE A 178 61.50 36.40 -36.06
CA PHE A 178 61.57 36.85 -34.65
C PHE A 178 61.32 35.69 -33.70
N ALA A 179 60.39 34.82 -34.09
CA ALA A 179 60.03 33.61 -33.33
C ALA A 179 61.22 32.63 -33.25
N LYS A 180 61.89 32.42 -34.40
CA LYS A 180 63.10 31.58 -34.50
C LYS A 180 64.23 32.15 -33.61
N TYR A 181 64.47 33.46 -33.76
CA TYR A 181 65.56 34.18 -33.07
C TYR A 181 65.43 34.10 -31.55
N ALA A 182 64.19 34.21 -31.08
CA ALA A 182 63.87 34.19 -29.64
C ALA A 182 64.02 32.77 -29.06
N GLN A 183 63.80 31.75 -29.91
CA GLN A 183 64.04 30.33 -29.54
C GLN A 183 65.55 29.97 -29.63
N GLY A 184 66.41 30.97 -29.87
CA GLY A 184 67.85 30.76 -29.95
C GLY A 184 68.28 30.12 -31.27
N LYS A 185 67.58 30.49 -32.35
CA LYS A 185 67.89 30.03 -33.72
C LYS A 185 68.23 31.26 -34.61
N PRO A 186 69.44 31.88 -34.42
CA PRO A 186 69.78 33.18 -35.05
C PRO A 186 70.04 33.06 -36.57
N GLU A 187 70.62 31.94 -37.01
CA GLU A 187 70.99 31.73 -38.41
C GLU A 187 69.74 31.44 -39.28
N GLU A 188 68.77 30.73 -38.70
CA GLU A 188 67.49 30.43 -39.36
C GLU A 188 66.61 31.68 -39.42
N ALA A 189 66.66 32.45 -38.33
CA ALA A 189 66.01 33.76 -38.23
C ALA A 189 66.56 34.72 -39.30
N LEU A 190 67.89 34.64 -39.47
CA LEU A 190 68.65 35.50 -40.38
C LEU A 190 68.21 35.31 -41.84
N GLU A 191 67.94 34.06 -42.22
CA GLU A 191 67.51 33.71 -43.57
C GLU A 191 66.02 34.08 -43.79
N ALA A 192 65.24 34.08 -42.71
CA ALA A 192 63.82 34.49 -42.74
C ALA A 192 63.70 36.03 -42.88
N TYR A 193 64.65 36.74 -42.28
CA TYR A 193 64.79 38.21 -42.41
C TYR A 193 65.45 38.56 -43.75
N LYS A 194 66.31 37.66 -44.26
CA LYS A 194 66.92 37.78 -45.60
C LYS A 194 65.81 37.71 -46.64
N LYS A 195 64.82 36.85 -46.39
CA LYS A 195 63.68 36.65 -47.29
C LYS A 195 62.81 37.93 -47.37
N VAL A 196 62.74 38.69 -46.27
CA VAL A 196 62.07 40.03 -46.26
C VAL A 196 62.82 40.98 -47.24
N LEU A 197 64.15 41.00 -47.13
CA LEU A 197 65.04 41.81 -48.00
C LEU A 197 65.10 41.23 -49.44
N ASP A 198 64.72 39.95 -49.59
CA ASP A 198 64.78 39.21 -50.87
C ASP A 198 63.54 39.53 -51.72
N ILE A 199 62.38 39.67 -51.05
CA ILE A 199 61.11 40.03 -51.70
C ILE A 199 61.13 41.51 -52.13
N GLU A 200 61.34 42.40 -51.15
CA GLU A 200 61.24 43.86 -51.34
C GLU A 200 62.51 44.43 -52.04
N GLY A 201 63.66 43.74 -51.88
CA GLY A 201 64.91 44.12 -52.57
C GLY A 201 65.63 45.27 -51.91
N ASP A 202 66.25 46.14 -52.73
CA ASP A 202 66.96 47.35 -52.26
C ASP A 202 65.96 48.45 -51.84
N ASN A 203 64.67 48.28 -52.20
CA ASN A 203 63.59 49.18 -51.77
C ASN A 203 63.19 48.89 -50.31
N ALA A 204 63.74 47.81 -49.71
CA ALA A 204 63.46 47.43 -48.31
C ALA A 204 63.93 48.50 -47.31
N THR A 205 63.09 48.79 -46.30
CA THR A 205 63.35 49.85 -45.31
C THR A 205 64.46 49.43 -44.32
N GLU A 206 64.92 50.42 -43.52
CA GLU A 206 66.04 50.26 -42.58
C GLU A 206 65.66 49.28 -41.47
N ALA A 207 64.37 49.32 -41.08
CA ALA A 207 63.79 48.49 -40.00
C ALA A 207 64.00 46.98 -40.25
N MET A 208 63.83 46.58 -41.52
CA MET A 208 64.01 45.17 -41.95
C MET A 208 65.47 44.72 -41.78
N LYS A 209 66.39 45.68 -42.02
CA LYS A 209 67.85 45.46 -41.99
C LYS A 209 68.38 45.48 -40.56
N ARG A 210 67.65 46.14 -39.65
CA ARG A 210 67.98 46.15 -38.22
C ARG A 210 67.72 44.75 -37.64
N ASP A 211 66.47 44.28 -37.83
CA ASP A 211 66.02 42.93 -37.41
C ASP A 211 66.86 41.83 -38.09
N TYR A 212 67.26 42.09 -39.33
CA TYR A 212 68.17 41.21 -40.09
C TYR A 212 69.51 41.05 -39.36
N GLU A 213 70.16 42.20 -39.08
CA GLU A 213 71.45 42.24 -38.40
C GLU A 213 71.32 41.80 -36.93
N SER A 214 70.10 41.79 -36.36
CA SER A 214 69.85 41.27 -35.01
C SER A 214 70.19 39.77 -34.94
N ALA A 215 69.77 39.05 -35.98
CA ALA A 215 70.00 37.60 -36.12
C ALA A 215 71.44 37.30 -36.57
N LYS A 216 72.00 38.22 -37.38
CA LYS A 216 73.37 38.10 -37.93
C LYS A 216 74.44 38.32 -36.87
N LYS A 217 74.30 39.43 -36.13
CA LYS A 217 75.34 40.00 -35.26
C LYS A 217 75.71 39.03 -34.12
N LYS A 218 74.75 38.19 -33.72
CA LYS A 218 74.93 37.16 -32.69
C LYS A 218 76.09 36.21 -33.09
N VAL A 219 75.98 35.64 -34.29
CA VAL A 219 76.99 34.71 -34.86
C VAL A 219 78.27 35.47 -35.25
N GLU A 220 78.07 36.66 -35.84
CA GLU A 220 79.16 37.50 -36.37
C GLU A 220 80.14 37.94 -35.25
N GLN A 221 79.62 38.12 -34.04
CA GLN A 221 80.48 38.38 -32.86
C GLN A 221 81.35 37.16 -32.59
N SER A 222 80.72 36.05 -32.20
CA SER A 222 81.40 34.82 -31.73
C SER A 222 82.39 34.25 -32.77
N LEU A 223 82.13 34.54 -34.05
CA LEU A 223 82.95 34.08 -35.17
C LEU A 223 84.11 35.07 -35.47
N ASN A 224 83.78 36.36 -35.61
CA ASN A 224 84.73 37.39 -36.12
C ASN A 224 85.56 38.04 -34.99
N LEU A 225 84.88 38.76 -34.06
CA LEU A 225 85.56 39.69 -33.12
C LEU A 225 85.71 39.11 -31.69
N GLU A 226 84.72 38.33 -31.26
CA GLU A 226 84.66 37.74 -29.91
C GLU A 226 85.54 36.46 -29.81
N LYS A 227 85.85 36.05 -28.57
CA LYS A 227 86.70 34.90 -28.27
C LYS A 227 85.82 33.70 -27.91
N THR A 228 86.38 32.49 -28.01
CA THR A 228 85.75 31.27 -27.52
C THR A 228 85.90 31.20 -25.99
N VAL A 229 84.82 30.79 -25.29
CA VAL A 229 84.78 30.76 -23.81
C VAL A 229 85.87 29.81 -23.23
N PRO A 230 86.75 30.31 -22.28
CA PRO A 230 87.79 29.48 -21.65
C PRO A 230 87.22 28.61 -20.49
N GLU A 231 88.09 27.81 -19.86
CA GLU A 231 87.72 26.92 -18.75
C GLU A 231 88.06 27.58 -17.39
N GLN A 232 89.32 27.41 -16.93
CA GLN A 232 89.85 28.06 -15.71
C GLN A 232 91.01 28.96 -16.12
N SER A 233 91.26 30.04 -15.33
CA SER A 233 92.20 31.11 -15.69
C SER A 233 93.62 30.54 -16.02
N ARG A 234 94.19 29.76 -15.07
CA ARG A 234 95.55 29.15 -15.16
C ARG A 234 96.66 30.23 -15.08
N ASP A 235 96.71 31.11 -16.09
CA ASP A 235 97.69 32.22 -16.15
C ASP A 235 97.41 33.23 -15.03
N ALA A 236 96.21 33.83 -15.07
CA ALA A 236 95.76 34.84 -14.08
C ALA A 236 95.50 34.19 -12.70
N ASP A 237 95.33 32.85 -12.70
CA ASP A 237 95.10 32.05 -11.48
C ASP A 237 96.44 31.66 -10.82
N VAL A 238 97.55 31.74 -11.60
CA VAL A 238 98.92 31.35 -11.16
C VAL A 238 98.89 29.88 -10.65
N ASP A 239 98.18 29.06 -11.44
CA ASP A 239 97.98 27.63 -11.20
C ASP A 239 99.29 26.85 -11.38
N ALA A 240 100.03 26.70 -10.27
CA ALA A 240 101.29 25.95 -10.25
C ALA A 240 101.03 24.44 -10.37
N SER A 241 100.44 23.88 -9.30
CA SER A 241 100.04 22.46 -9.21
C SER A 241 98.88 22.36 -8.22
N GLN A 242 99.07 22.99 -7.05
CA GLN A 242 98.01 23.24 -6.06
C GLN A 242 97.79 24.76 -5.96
N GLY A 243 96.52 25.18 -5.99
CA GLY A 243 96.15 26.57 -5.73
C GLY A 243 95.72 26.76 -4.28
N ALA A 244 94.51 27.35 -4.10
CA ALA A 244 93.86 27.55 -2.78
C ALA A 244 94.74 28.34 -1.78
N SER A 245 94.39 29.62 -1.55
CA SER A 245 95.17 30.58 -0.74
C SER A 245 96.56 30.82 -1.38
N ALA A 246 97.48 29.85 -1.18
CA ALA A 246 98.78 29.82 -1.85
C ALA A 246 99.39 28.42 -1.70
N GLY A 247 99.18 27.56 -2.71
CA GLY A 247 99.86 26.26 -2.77
C GLY A 247 101.35 26.44 -3.00
N GLY A 248 101.72 26.88 -4.22
CA GLY A 248 103.10 27.30 -4.52
C GLY A 248 104.04 26.15 -4.87
N LEU A 249 104.04 25.12 -4.00
CA LEU A 249 104.92 23.93 -4.06
C LEU A 249 106.43 24.31 -4.10
N PRO A 250 106.95 25.05 -3.07
CA PRO A 250 108.34 25.53 -3.03
C PRO A 250 109.32 24.52 -2.37
N ASP A 251 110.58 24.56 -2.80
CA ASP A 251 111.68 23.83 -2.14
C ASP A 251 112.13 24.62 -0.91
N LEU A 252 112.12 25.96 -1.05
CA LEU A 252 112.41 26.89 0.04
C LEU A 252 111.41 28.05 -0.06
N GLY A 253 110.28 27.90 0.66
CA GLY A 253 109.26 28.94 0.78
C GLY A 253 109.13 29.43 2.22
N SER A 254 110.07 28.99 3.09
CA SER A 254 110.14 29.42 4.50
C SER A 254 110.88 30.78 4.63
N LEU A 255 111.34 31.32 3.49
CA LEU A 255 112.04 32.61 3.44
C LEU A 255 111.81 33.23 2.05
N LEU A 256 110.59 33.00 1.50
CA LEU A 256 110.19 33.42 0.14
C LEU A 256 110.12 34.96 -0.01
N GLY A 257 109.90 35.66 1.12
CA GLY A 257 109.93 37.12 1.16
C GLY A 257 108.70 37.78 0.56
N GLY A 258 108.74 38.02 -0.76
CA GLY A 258 107.70 38.79 -1.45
C GLY A 258 106.43 38.00 -1.78
N GLY A 259 106.27 36.80 -1.19
CA GLY A 259 105.09 35.95 -1.43
C GLY A 259 105.20 35.08 -2.69
N LEU A 260 106.32 35.23 -3.43
CA LEU A 260 106.57 34.54 -4.71
C LEU A 260 108.05 34.73 -5.04
N GLY A 261 108.46 36.00 -5.19
CA GLY A 261 109.87 36.37 -5.43
C GLY A 261 110.38 37.35 -4.39
N GLY A 262 111.11 38.39 -4.82
CA GLY A 262 111.67 39.39 -3.91
C GLY A 262 110.62 40.34 -3.34
N LEU A 263 110.97 41.02 -2.23
CA LEU A 263 110.13 42.05 -1.59
C LEU A 263 109.87 43.23 -2.54
N MET A 264 110.90 43.60 -3.31
CA MET A 264 110.87 44.75 -4.21
C MET A 264 111.79 44.53 -5.41
N ASN A 265 111.87 45.54 -6.29
CA ASN A 265 112.88 45.59 -7.37
C ASN A 265 114.26 45.75 -6.70
N ASN A 266 115.27 45.04 -7.28
CA ASN A 266 116.56 44.75 -6.66
C ASN A 266 116.35 43.76 -5.50
N PRO A 267 115.98 42.47 -5.83
CA PRO A 267 115.66 41.45 -4.82
C PRO A 267 116.92 40.90 -4.13
N GLN A 268 117.13 41.33 -2.88
CA GLN A 268 118.32 40.97 -2.11
C GLN A 268 117.99 39.83 -1.11
N LEU A 269 117.38 40.19 0.05
CA LEU A 269 117.18 39.27 1.22
C LEU A 269 118.53 38.78 1.78
N MET A 270 118.46 38.02 2.91
CA MET A 270 119.58 37.23 3.47
C MET A 270 120.90 38.03 3.59
N GLN A 271 121.01 38.84 4.67
CA GLN A 271 122.20 39.68 5.01
C GLN A 271 122.26 41.00 4.18
N ALA A 272 122.02 40.89 2.87
CA ALA A 272 122.10 42.02 1.93
C ALA A 272 120.94 43.03 2.15
N ALA A 273 119.75 42.52 2.50
CA ALA A 273 118.53 43.34 2.67
C ALA A 273 118.59 44.22 3.95
N GLN A 274 119.06 43.63 5.06
CA GLN A 274 119.13 44.31 6.37
C GLN A 274 120.14 45.47 6.35
N LYS A 275 121.20 45.33 5.53
CA LYS A 275 122.23 46.35 5.36
C LYS A 275 121.76 47.40 4.34
N MET A 276 121.34 46.89 3.16
CA MET A 276 120.86 47.64 1.96
C MET A 276 121.82 48.76 1.49
N MET A 277 121.56 49.28 0.27
CA MET A 277 122.40 50.32 -0.32
C MET A 277 121.89 51.73 0.10
N SER A 278 122.45 52.24 1.20
CA SER A 278 122.22 53.61 1.65
C SER A 278 123.21 54.56 0.92
N ASN A 279 124.50 54.09 0.84
CA ASN A 279 125.67 54.76 0.20
C ASN A 279 126.54 55.60 1.19
N PRO A 280 126.10 56.82 1.74
CA PRO A 280 126.95 57.59 2.68
C PRO A 280 126.81 57.09 4.14
N GLY A 281 127.15 55.80 4.36
CA GLY A 281 127.17 55.20 5.70
C GLY A 281 128.34 55.74 6.51
N ALA A 282 128.05 56.28 7.71
CA ALA A 282 129.03 56.97 8.59
C ALA A 282 129.52 58.32 8.00
N MET A 283 129.02 58.70 6.81
CA MET A 283 129.37 59.96 6.13
C MET A 283 128.23 61.00 6.33
N GLN A 284 128.22 62.07 5.51
CA GLN A 284 127.28 63.24 5.62
C GLN A 284 125.82 62.87 5.97
N ASN A 285 125.30 61.80 5.33
CA ASN A 285 123.90 61.34 5.52
C ASN A 285 123.67 60.87 6.96
N ILE A 286 124.52 59.94 7.44
CA ILE A 286 124.43 59.41 8.82
C ILE A 286 125.40 60.21 9.71
N GLN A 287 126.71 59.84 9.65
CA GLN A 287 127.83 60.38 10.45
C GLN A 287 127.74 59.96 11.95
N LYS A 288 126.56 60.16 12.60
CA LYS A 288 126.22 59.71 14.00
C LYS A 288 127.28 60.04 15.09
N MET A 289 128.14 61.00 14.75
CA MET A 289 129.23 61.49 15.59
C MET A 289 130.02 62.47 14.73
N MET A 290 130.14 63.73 15.18
CA MET A 290 130.93 64.76 14.47
C MET A 290 132.40 64.31 14.37
N GLN A 291 132.85 64.06 13.12
CA GLN A 291 134.22 63.66 12.83
C GLN A 291 135.19 64.80 13.19
N ASP A 292 135.80 64.71 14.39
CA ASP A 292 136.79 65.68 14.84
C ASP A 292 138.18 65.54 14.11
N PRO A 293 138.69 64.30 13.70
CA PRO A 293 139.98 64.20 12.96
C PRO A 293 139.82 64.41 11.43
N SER A 294 138.96 65.40 11.05
CA SER A 294 138.65 65.76 9.64
C SER A 294 139.92 65.96 8.79
N ILE A 295 140.91 66.63 9.40
CA ILE A 295 142.27 66.71 8.86
C ILE A 295 143.15 65.77 9.70
N ARG A 296 143.29 66.15 10.99
CA ARG A 296 144.13 65.43 11.98
C ARG A 296 144.12 66.27 13.27
N GLN A 297 144.37 67.57 13.07
CA GLN A 297 144.54 68.56 14.14
C GLN A 297 144.27 69.97 13.55
N MET A 298 144.68 71.03 14.27
CA MET A 298 144.60 72.42 13.76
C MET A 298 145.59 72.59 12.59
N ALA A 299 145.08 72.41 11.37
CA ALA A 299 145.85 72.50 10.13
C ALA A 299 145.01 73.13 9.00
N GLU A 300 143.92 73.82 9.42
CA GLU A 300 142.94 74.42 8.49
C GLU A 300 143.54 75.65 7.79
N GLY A 301 143.81 75.50 6.47
CA GLY A 301 144.37 76.57 5.65
C GLY A 301 145.88 76.71 5.82
N PHE A 302 146.29 77.18 7.02
CA PHE A 302 147.70 77.44 7.40
C PHE A 302 148.34 78.51 6.48
N ALA A 303 148.34 79.77 6.94
CA ALA A 303 148.89 80.90 6.18
C ALA A 303 150.06 81.53 6.97
N SER A 304 149.74 82.23 8.07
CA SER A 304 150.72 82.94 8.90
C SER A 304 150.12 83.22 10.30
N GLY A 305 150.79 82.75 11.36
CA GLY A 305 150.40 82.99 12.75
C GLY A 305 150.95 84.33 13.26
N GLY A 306 150.36 85.43 12.77
CA GLY A 306 150.87 86.78 13.05
C GLY A 306 152.13 87.06 12.23
N GLY A 307 152.06 86.70 10.93
CA GLY A 307 153.21 86.74 10.04
C GLY A 307 153.55 88.12 9.50
N THR A 308 152.53 88.95 9.22
CA THR A 308 152.72 90.28 8.62
C THR A 308 152.46 91.40 9.66
N PRO A 309 153.53 92.01 10.28
CA PRO A 309 153.40 93.17 11.17
C PRO A 309 153.56 94.49 10.39
N ASN A 310 152.47 94.94 9.76
CA ASN A 310 152.47 96.14 8.90
C ASN A 310 152.54 97.44 9.74
N LEU A 311 153.74 97.79 10.21
CA LEU A 311 154.03 99.12 10.79
C LEU A 311 154.56 100.07 9.70
N SER A 312 155.12 99.46 8.65
CA SER A 312 155.85 100.14 7.57
C SER A 312 155.00 101.21 6.84
N ASP A 313 153.73 100.86 6.56
CA ASP A 313 152.80 101.76 5.82
C ASP A 313 152.54 103.04 6.61
N LEU A 314 152.34 102.86 7.93
CA LEU A 314 151.96 103.95 8.84
C LEU A 314 153.18 104.83 9.19
N MET A 315 154.39 104.27 8.99
CA MET A 315 155.66 105.01 9.19
C MET A 315 155.83 106.08 8.10
N ASN A 316 155.35 105.77 6.87
CA ASN A 316 155.30 106.75 5.78
C ASN A 316 154.27 107.85 6.11
N ASN A 317 154.78 109.06 6.37
CA ASN A 317 153.96 110.22 6.78
C ASN A 317 154.13 111.34 5.74
N PRO A 318 153.01 111.98 5.26
CA PRO A 318 153.09 113.17 4.35
C PRO A 318 153.92 114.35 4.93
N ALA A 319 154.02 114.39 6.27
CA ALA A 319 154.78 115.42 7.01
C ALA A 319 156.28 115.06 7.18
N LEU A 320 156.70 113.89 6.63
CA LEU A 320 158.10 113.40 6.74
C LEU A 320 159.13 114.45 6.28
N ARG A 321 158.89 115.01 5.07
CA ARG A 321 159.73 116.07 4.49
C ARG A 321 158.97 116.71 3.33
N ASN A 322 158.83 115.97 2.21
CA ASN A 322 158.17 116.46 1.00
C ASN A 322 157.20 115.39 0.48
N MET A 323 156.04 115.33 1.18
CA MET A 323 154.92 114.41 0.88
C MET A 323 155.35 112.93 1.05
N ALA A 324 156.00 112.36 0.03
CA ALA A 324 156.54 110.99 0.11
C ALA A 324 157.85 111.00 0.93
N GLY A 325 158.71 111.99 0.64
CA GLY A 325 159.97 112.17 1.39
C GLY A 325 160.98 113.03 0.61
N ASN A 326 161.22 112.64 -0.66
CA ASN A 326 162.21 113.27 -1.57
C ASN A 326 163.66 113.08 -1.09
N LEU A 327 164.45 112.31 -1.87
CA LEU A 327 165.81 111.88 -1.51
C LEU A 327 166.85 113.02 -1.72
N PHE A 328 166.47 114.07 -2.46
CA PHE A 328 167.36 115.22 -2.73
C PHE A 328 167.61 116.02 -1.43
N GLY A 329 166.55 116.69 -0.93
CA GLY A 329 166.66 117.56 0.25
C GLY A 329 167.47 118.82 -0.04
N GLY A 330 168.81 118.69 0.03
CA GLY A 330 169.74 119.78 -0.23
C GLY A 330 170.86 119.81 0.80
N ALA A 331 170.45 119.64 2.07
CA ALA A 331 171.33 119.53 3.25
C ALA A 331 172.22 120.78 3.44
N GLY A 332 173.36 120.85 2.74
CA GLY A 332 174.33 121.97 2.87
C GLY A 332 174.53 122.75 1.57
N ALA A 333 173.59 122.59 0.63
CA ALA A 333 173.68 123.16 -0.73
C ALA A 333 173.48 124.70 -0.73
N GLN A 334 172.79 125.21 0.31
CA GLN A 334 172.54 126.65 0.49
C GLN A 334 173.88 127.38 0.80
N SER A 335 174.50 127.91 -0.26
CA SER A 335 175.71 128.73 -0.17
C SER A 335 175.67 129.74 -1.32
N THR A 336 175.55 131.04 -0.95
CA THR A 336 175.17 132.14 -1.88
C THR A 336 175.92 132.10 -3.22
N ASP A 337 177.26 132.04 -3.14
CA ASP A 337 178.14 131.96 -4.32
C ASP A 337 179.41 131.15 -3.98
N GLU A 338 179.25 130.22 -3.00
CA GLU A 338 180.34 129.38 -2.43
C GLU A 338 181.42 130.27 -1.74
N THR A 339 181.05 131.51 -1.40
CA THR A 339 181.95 132.53 -0.83
C THR A 339 182.40 132.12 0.60
N PRO A 340 183.73 132.30 0.95
CA PRO A 340 184.28 131.93 2.29
C PRO A 340 183.52 132.60 3.46
N ASP A 341 182.86 133.73 3.17
CA ASP A 341 181.92 134.37 4.11
C ASP A 341 180.60 133.55 4.09
N ASN A 342 180.60 132.46 4.86
CA ASN A 342 179.44 131.59 5.05
C ASN A 342 178.81 131.90 6.40
N GLU A 343 177.56 132.39 6.38
CA GLU A 343 176.79 132.70 7.60
C GLU A 343 175.34 133.06 7.16
N ASN A 344 175.16 134.34 6.76
CA ASN A 344 173.93 134.86 6.11
C ASN A 344 174.13 136.38 5.91
N LYS A 345 173.98 137.16 6.99
CA LYS A 345 174.31 138.59 7.00
C LYS A 345 175.78 138.75 7.43
N GLN A 346 176.11 138.20 8.62
CA GLN A 346 177.46 138.21 9.19
C GLN A 346 177.91 139.67 9.42
N TYR A 347 177.46 140.25 10.56
CA TYR A 347 177.65 141.67 10.91
C TYR A 347 177.05 142.60 9.81
N MET B 1 -3.46 8.17 -5.81
CA MET B 1 -2.02 8.39 -6.11
C MET B 1 -1.23 7.11 -5.84
N SER B 2 -0.24 6.84 -6.69
CA SER B 2 0.65 5.68 -6.57
C SER B 2 1.53 5.80 -5.30
N ALA B 3 1.01 5.25 -4.16
CA ALA B 3 1.63 5.35 -2.83
C ALA B 3 1.66 6.82 -2.34
N SER B 4 2.53 7.12 -1.36
CA SER B 4 2.70 8.50 -0.87
C SER B 4 3.77 9.22 -1.72
N LYS B 5 5.08 9.06 -1.36
CA LYS B 5 6.22 9.76 -2.02
C LYS B 5 7.58 9.33 -1.42
N GLU B 6 7.62 8.19 -0.69
CA GLU B 6 8.80 7.79 0.12
C GLU B 6 8.94 6.25 0.20
N GLU B 7 7.86 5.60 0.68
CA GLU B 7 7.74 4.13 0.89
C GLU B 7 7.64 3.37 -0.45
N ILE B 8 7.17 4.09 -1.47
CA ILE B 8 7.11 3.64 -2.89
C ILE B 8 8.50 3.18 -3.41
N ALA B 9 9.58 3.77 -2.85
CA ALA B 9 10.97 3.43 -3.23
C ALA B 9 11.27 1.93 -3.05
N ALA B 10 10.65 1.32 -2.02
CA ALA B 10 10.80 -0.11 -1.70
C ALA B 10 10.33 -1.01 -2.87
N LEU B 11 9.24 -0.59 -3.52
CA LEU B 11 8.64 -1.31 -4.66
C LEU B 11 9.58 -1.25 -5.88
N ILE B 12 10.18 -0.07 -6.08
CA ILE B 12 11.03 0.22 -7.24
C ILE B 12 12.40 -0.48 -7.12
N VAL B 13 13.02 -0.41 -5.92
CA VAL B 13 14.39 -0.94 -5.70
C VAL B 13 14.42 -2.48 -5.77
N ASN B 14 13.39 -3.11 -5.20
CA ASN B 14 13.27 -4.57 -5.17
C ASN B 14 12.98 -5.13 -6.56
N TYR B 15 12.41 -4.28 -7.44
CA TYR B 15 12.15 -4.65 -8.83
C TYR B 15 13.48 -4.86 -9.59
N PHE B 16 14.52 -4.08 -9.26
CA PHE B 16 15.87 -4.24 -9.86
C PHE B 16 16.49 -5.60 -9.47
N SER B 17 16.25 -6.00 -8.21
CA SER B 17 16.64 -7.32 -7.70
C SER B 17 15.92 -8.44 -8.49
N SER B 18 14.68 -8.15 -8.92
CA SER B 18 13.83 -9.08 -9.70
C SER B 18 14.26 -9.09 -11.20
N ILE B 19 14.80 -7.97 -11.72
CA ILE B 19 15.29 -7.87 -13.13
C ILE B 19 16.60 -8.66 -13.28
N VAL B 20 17.47 -8.59 -12.26
CA VAL B 20 18.77 -9.31 -12.27
C VAL B 20 18.59 -10.79 -11.85
N GLU B 21 17.49 -11.09 -11.11
CA GLU B 21 17.13 -12.47 -10.74
C GLU B 21 16.57 -13.23 -11.95
N LYS B 22 15.64 -12.58 -12.68
CA LYS B 22 15.07 -13.12 -13.93
C LYS B 22 16.12 -13.07 -15.05
N LYS B 23 16.99 -12.05 -14.97
CA LYS B 23 18.10 -11.80 -15.90
C LYS B 23 17.56 -11.49 -17.32
N GLU B 24 16.95 -10.31 -17.45
CA GLU B 24 16.52 -9.77 -18.76
C GLU B 24 17.58 -8.83 -19.36
N ILE B 25 18.66 -8.58 -18.59
CA ILE B 25 19.62 -7.50 -18.88
C ILE B 25 21.07 -8.03 -18.86
N SER B 26 21.97 -7.37 -19.63
CA SER B 26 23.41 -7.70 -19.68
C SER B 26 24.08 -7.57 -18.30
N GLU B 27 25.16 -8.35 -18.07
CA GLU B 27 25.86 -8.45 -16.76
C GLU B 27 26.38 -7.08 -16.27
N ASP B 28 26.88 -6.28 -17.21
CA ASP B 28 27.34 -4.91 -16.94
C ASP B 28 26.18 -4.01 -16.47
N GLY B 29 25.08 -3.98 -17.26
CA GLY B 29 23.90 -3.19 -16.91
C GLY B 29 23.18 -3.71 -15.67
N ALA B 30 23.41 -5.00 -15.35
CA ALA B 30 22.83 -5.66 -14.17
C ALA B 30 23.45 -5.07 -12.89
N ASP B 31 24.76 -4.72 -12.97
CA ASP B 31 25.49 -4.08 -11.86
C ASP B 31 25.08 -2.60 -11.72
N SER B 32 24.66 -1.99 -12.85
CA SER B 32 24.12 -0.61 -12.85
C SER B 32 22.81 -0.53 -12.05
N LEU B 33 22.00 -1.61 -12.12
CA LEU B 33 20.74 -1.74 -11.35
C LEU B 33 21.03 -2.09 -9.89
N ASN B 34 22.06 -2.93 -9.69
CA ASN B 34 22.54 -3.39 -8.37
C ASN B 34 22.94 -2.20 -7.49
N VAL B 35 23.81 -1.33 -8.04
CA VAL B 35 24.32 -0.15 -7.31
C VAL B 35 23.22 0.90 -7.14
N ALA B 36 22.31 1.00 -8.14
CA ALA B 36 21.21 1.98 -8.13
C ALA B 36 20.24 1.73 -6.96
N MET B 37 19.68 0.51 -6.92
CA MET B 37 18.67 0.11 -5.92
C MET B 37 19.21 0.21 -4.48
N ASP B 38 20.51 -0.09 -4.33
CA ASP B 38 21.20 -0.17 -3.04
C ASP B 38 21.42 1.26 -2.47
N CYS B 39 21.74 2.21 -3.37
CA CYS B 39 21.93 3.63 -2.99
C CYS B 39 20.60 4.29 -2.63
N ILE B 40 19.53 3.92 -3.37
CA ILE B 40 18.17 4.43 -3.12
C ILE B 40 17.63 3.89 -1.77
N SER B 41 18.04 2.67 -1.41
CA SER B 41 17.71 2.06 -0.10
C SER B 41 18.26 2.92 1.06
N GLU B 42 19.52 3.37 0.94
CA GLU B 42 20.17 4.25 1.93
C GLU B 42 19.60 5.69 1.87
N ALA B 43 19.22 6.11 0.64
CA ALA B 43 18.74 7.48 0.37
C ALA B 43 17.47 7.83 1.16
N PHE B 44 16.58 6.82 1.35
CA PHE B 44 15.36 6.97 2.17
C PHE B 44 15.57 6.35 3.57
N GLY B 45 16.53 5.42 3.68
CA GLY B 45 16.87 4.77 4.97
C GLY B 45 16.01 3.55 5.26
N PHE B 46 16.23 2.48 4.49
CA PHE B 46 15.56 1.18 4.63
C PHE B 46 16.42 0.10 3.97
N GLU B 47 16.12 -1.19 4.23
CA GLU B 47 16.81 -2.31 3.59
C GLU B 47 16.05 -2.78 2.33
N ARG B 48 16.81 -3.03 1.24
CA ARG B 48 16.29 -3.59 -0.03
C ARG B 48 15.76 -5.03 0.17
N GLU B 49 16.16 -5.67 1.28
CA GLU B 49 15.73 -7.04 1.64
C GLU B 49 14.47 -7.03 2.55
N ALA B 50 14.31 -5.95 3.33
CA ALA B 50 13.20 -5.80 4.31
C ALA B 50 12.03 -4.99 3.70
N VAL B 51 12.02 -4.87 2.35
CA VAL B 51 10.99 -4.12 1.59
C VAL B 51 9.57 -4.70 1.75
N SER B 52 9.45 -6.00 2.09
CA SER B 52 8.16 -6.73 2.19
C SER B 52 7.19 -6.05 3.19
N GLY B 53 7.74 -5.49 4.29
CA GLY B 53 6.94 -4.81 5.32
C GLY B 53 6.65 -3.34 4.99
N ILE B 54 6.98 -2.93 3.74
CA ILE B 54 6.80 -1.55 3.26
C ILE B 54 5.87 -1.53 2.03
N LEU B 55 5.89 -2.63 1.24
CA LEU B 55 5.13 -2.75 -0.04
C LEU B 55 3.61 -2.63 0.20
N GLY B 56 3.12 -3.43 1.18
CA GLY B 56 1.71 -3.44 1.56
C GLY B 56 1.33 -2.19 2.34
N LYS B 57 1.13 -1.08 1.61
CA LYS B 57 0.95 0.25 2.21
C LYS B 57 -0.55 0.60 2.34
N SER B 58 -1.26 0.63 1.20
CA SER B 58 -2.67 1.06 1.20
C SER B 58 -3.36 0.67 -0.11
N GLU B 59 -3.83 -0.60 -0.16
CA GLU B 59 -4.79 -1.13 -1.17
C GLU B 59 -4.22 -1.13 -2.61
N PHE B 60 -4.16 0.06 -3.23
CA PHE B 60 -3.74 0.30 -4.63
C PHE B 60 -4.76 -0.28 -5.63
N LYS B 61 -5.35 0.61 -6.45
CA LYS B 61 -6.36 0.25 -7.47
C LYS B 61 -5.71 -0.51 -8.65
N GLY B 62 -4.44 -0.16 -8.93
CA GLY B 62 -3.71 -0.70 -10.07
C GLY B 62 -2.54 -1.55 -9.65
N GLN B 63 -1.51 -0.89 -9.06
CA GLN B 63 -0.23 -1.53 -8.67
C GLN B 63 -0.48 -2.84 -7.86
N HIS B 64 -0.78 -2.69 -6.55
CA HIS B 64 -1.17 -3.79 -5.64
C HIS B 64 -0.20 -5.01 -5.71
N LEU B 65 -0.51 -5.97 -6.60
CA LEU B 65 0.24 -7.20 -6.83
C LEU B 65 -0.50 -7.95 -7.94
N ALA B 66 -0.01 -7.82 -9.17
CA ALA B 66 -0.57 -8.48 -10.35
C ALA B 66 0.48 -8.58 -11.45
N ASP B 67 1.32 -7.53 -11.57
CA ASP B 67 2.49 -7.52 -12.47
C ASP B 67 3.78 -7.29 -11.67
N ILE B 68 3.71 -6.50 -10.61
CA ILE B 68 4.87 -6.14 -9.77
C ILE B 68 5.21 -7.23 -8.71
N LEU B 69 5.39 -8.49 -9.19
CA LEU B 69 5.73 -9.63 -8.33
C LEU B 69 7.23 -9.62 -7.98
N ASN B 70 7.62 -8.71 -7.07
CA ASN B 70 9.00 -8.62 -6.56
C ASN B 70 9.08 -9.17 -5.11
N SER B 71 8.11 -8.75 -4.24
CA SER B 71 7.98 -9.19 -2.82
C SER B 71 9.27 -8.92 -2.00
N ALA B 72 10.28 -9.78 -2.18
CA ALA B 72 11.67 -9.63 -1.72
C ALA B 72 12.45 -10.87 -2.14
N SER B 73 13.67 -10.71 -2.69
CA SER B 73 14.52 -11.85 -3.05
C SER B 73 15.11 -12.49 -1.78
N ARG B 74 14.26 -13.32 -1.12
CA ARG B 74 14.63 -14.04 0.11
C ARG B 74 14.92 -15.53 -0.20
N VAL B 75 14.81 -15.90 -1.49
CA VAL B 75 14.97 -17.28 -1.98
C VAL B 75 16.39 -17.84 -1.67
N PRO B 76 16.51 -19.20 -1.42
CA PRO B 76 17.81 -19.86 -1.14
C PRO B 76 18.82 -19.72 -2.31
N GLU B 77 18.30 -19.32 -3.50
CA GLU B 77 19.13 -19.06 -4.70
C GLU B 77 20.08 -17.87 -4.48
N SER B 78 19.72 -16.98 -3.54
CA SER B 78 20.50 -15.80 -3.21
C SER B 78 21.05 -15.90 -1.76
N ASN B 79 21.27 -17.16 -1.28
CA ASN B 79 21.77 -17.43 0.09
C ASN B 79 23.32 -17.48 0.09
N LYS B 80 23.95 -16.56 0.84
CA LYS B 80 25.41 -16.56 1.10
C LYS B 80 25.64 -16.74 2.61
N LYS B 81 24.61 -17.26 3.31
CA LYS B 81 24.59 -17.39 4.77
C LYS B 81 24.45 -18.86 5.19
N ASP B 82 24.87 -19.78 4.28
CA ASP B 82 24.78 -21.26 4.48
C ASP B 82 25.42 -21.74 5.79
N ASP B 83 26.52 -21.08 6.19
CA ASP B 83 27.19 -21.36 7.47
C ASP B 83 26.28 -20.94 8.65
N ALA B 84 26.16 -19.61 8.85
CA ALA B 84 25.40 -19.04 9.99
C ALA B 84 25.25 -17.52 9.82
N GLU B 85 26.23 -16.90 9.11
CA GLU B 85 26.39 -15.43 9.01
C GLU B 85 26.88 -14.85 10.37
N ASN B 86 27.68 -13.77 10.30
CA ASN B 86 28.15 -12.99 11.48
C ASN B 86 29.12 -13.86 12.33
N VAL B 87 29.44 -13.42 13.57
CA VAL B 87 30.29 -14.21 14.50
C VAL B 87 29.50 -15.34 15.19
N GLU B 88 28.23 -15.56 14.76
CA GLU B 88 27.22 -16.55 15.24
C GLU B 88 26.75 -16.32 16.71
N ILE B 89 27.70 -16.24 17.65
CA ILE B 89 27.48 -16.06 19.12
C ILE B 89 26.92 -17.36 19.72
N ASN B 90 25.70 -17.74 19.31
CA ASN B 90 25.06 -19.01 19.69
C ASN B 90 24.64 -19.75 18.42
N ILE B 91 24.74 -21.09 18.45
CA ILE B 91 24.18 -21.95 17.38
C ILE B 91 22.63 -22.03 17.51
N PRO B 92 22.04 -22.34 18.73
CA PRO B 92 20.58 -22.37 18.91
C PRO B 92 20.00 -21.00 19.32
N GLU B 93 20.56 -19.92 18.72
CA GLU B 93 20.09 -18.53 18.93
C GLU B 93 18.58 -18.37 18.62
N ASP B 94 18.05 -19.28 17.79
CA ASP B 94 16.65 -19.37 17.43
C ASP B 94 15.74 -19.57 18.67
N ASP B 95 16.17 -20.43 19.61
CA ASP B 95 15.43 -20.69 20.88
C ASP B 95 15.26 -19.42 21.71
N ALA B 96 16.29 -18.58 21.70
CA ALA B 96 16.26 -17.27 22.35
C ALA B 96 15.30 -16.32 21.61
N GLU B 97 15.41 -16.27 20.27
CA GLU B 97 14.66 -15.35 19.40
C GLU B 97 13.15 -15.68 19.34
N THR B 98 12.80 -16.97 19.42
CA THR B 98 11.40 -17.42 19.31
C THR B 98 10.58 -16.90 20.49
N LYS B 99 11.16 -17.07 21.68
CA LYS B 99 10.59 -16.60 22.94
C LYS B 99 10.64 -15.05 23.01
N ALA B 100 11.82 -14.49 22.69
CA ALA B 100 12.09 -13.03 22.87
C ALA B 100 11.36 -12.13 21.84
N LYS B 101 10.87 -12.72 20.74
CA LYS B 101 10.10 -11.96 19.72
C LYS B 101 8.60 -12.27 19.83
N ALA B 102 8.18 -13.51 19.58
CA ALA B 102 6.73 -13.85 19.52
C ALA B 102 6.02 -13.72 20.87
N GLU B 103 6.61 -14.34 21.91
CA GLU B 103 6.04 -14.32 23.28
C GLU B 103 6.08 -12.89 23.87
N ASP B 104 7.21 -12.19 23.68
CA ASP B 104 7.46 -10.90 24.32
C ASP B 104 6.73 -9.75 23.60
N LEU B 105 7.07 -9.53 22.32
CA LEU B 105 6.60 -8.38 21.54
C LEU B 105 5.07 -8.37 21.30
N LYS B 106 4.37 -9.48 21.57
CA LYS B 106 2.89 -9.54 21.46
C LYS B 106 2.23 -8.68 22.56
N MET B 107 2.92 -8.56 23.72
CA MET B 107 2.44 -7.77 24.88
C MET B 107 2.60 -6.27 24.58
N GLN B 108 3.80 -5.89 24.09
CA GLN B 108 4.14 -4.49 23.74
C GLN B 108 3.33 -4.03 22.51
N GLY B 109 3.08 -4.98 21.60
CA GLY B 109 2.25 -4.73 20.41
C GLY B 109 0.79 -4.56 20.77
N ASN B 110 0.31 -5.36 21.74
CA ASN B 110 -1.08 -5.28 22.24
C ASN B 110 -1.29 -4.01 23.06
N LYS B 111 -0.22 -3.61 23.79
CA LYS B 111 -0.20 -2.40 24.63
C LYS B 111 -0.36 -1.18 23.72
N ALA B 112 0.44 -1.14 22.65
CA ALA B 112 0.44 -0.04 21.68
C ALA B 112 -0.90 0.02 20.92
N MET B 113 -1.40 -1.15 20.50
CA MET B 113 -2.70 -1.28 19.78
C MET B 113 -3.87 -0.77 20.65
N ALA B 114 -3.81 -1.07 21.96
CA ALA B 114 -4.79 -0.59 22.97
C ALA B 114 -4.66 0.93 23.20
N ASN B 115 -3.39 1.40 23.15
CA ASN B 115 -3.04 2.82 23.34
C ASN B 115 -3.31 3.62 22.03
N LYS B 116 -3.81 2.92 20.98
CA LYS B 116 -4.14 3.46 19.63
C LYS B 116 -2.89 3.69 18.76
N ASP B 117 -1.69 3.41 19.31
CA ASP B 117 -0.43 3.49 18.57
C ASP B 117 -0.26 2.21 17.72
N TYR B 118 -0.92 2.19 16.55
CA TYR B 118 -0.88 1.05 15.61
C TYR B 118 0.46 0.97 14.87
N GLU B 119 1.19 2.09 14.84
CA GLU B 119 2.53 2.15 14.24
C GLU B 119 3.53 1.31 15.05
N LEU B 120 3.51 1.48 16.39
CA LEU B 120 4.36 0.70 17.32
C LEU B 120 3.83 -0.73 17.46
N ALA B 121 2.50 -0.88 17.38
CA ALA B 121 1.83 -2.20 17.48
C ALA B 121 2.37 -3.17 16.43
N ILE B 122 2.32 -2.74 15.16
CA ILE B 122 2.80 -3.53 14.03
C ILE B 122 4.34 -3.54 13.98
N ASN B 123 5.00 -2.51 14.55
CA ASN B 123 6.49 -2.47 14.67
C ASN B 123 7.00 -3.57 15.62
N LYS B 124 6.13 -4.02 16.53
CA LYS B 124 6.41 -5.15 17.44
C LYS B 124 5.95 -6.49 16.80
N TYR B 125 4.75 -6.49 16.20
CA TYR B 125 4.15 -7.69 15.57
C TYR B 125 4.87 -8.07 14.26
N THR B 126 5.61 -7.15 13.63
CA THR B 126 6.33 -7.43 12.38
C THR B 126 7.52 -8.37 12.67
N GLU B 127 8.17 -8.17 13.83
CA GLU B 127 9.29 -9.01 14.31
C GLU B 127 8.77 -10.31 14.93
N ALA B 128 7.74 -10.16 15.77
CA ALA B 128 7.12 -11.29 16.51
C ALA B 128 6.64 -12.40 15.57
N ILE B 129 5.99 -11.99 14.48
CA ILE B 129 5.40 -12.89 13.49
C ILE B 129 6.41 -13.28 12.38
N LYS B 130 7.44 -12.46 12.13
CA LYS B 130 8.46 -12.79 11.10
C LYS B 130 9.38 -13.94 11.58
N VAL B 131 9.51 -14.09 12.91
CA VAL B 131 10.22 -15.23 13.52
C VAL B 131 9.27 -16.44 13.62
N LEU B 132 8.03 -16.23 14.13
CA LEU B 132 6.97 -17.29 14.20
C LEU B 132 5.76 -16.92 13.31
N PRO B 133 5.81 -17.25 11.97
CA PRO B 133 4.71 -16.96 11.02
C PRO B 133 3.76 -18.17 10.86
N THR B 134 3.68 -18.98 11.91
CA THR B 134 3.02 -20.29 11.90
C THR B 134 1.91 -20.37 12.98
N ASN B 135 1.25 -19.24 13.27
CA ASN B 135 0.19 -19.18 14.30
C ASN B 135 -0.79 -18.02 13.98
N ALA B 136 -2.08 -18.38 13.76
CA ALA B 136 -3.13 -17.43 13.28
C ALA B 136 -3.58 -16.40 14.34
N ILE B 137 -3.34 -16.70 15.63
CA ILE B 137 -3.76 -15.83 16.77
C ILE B 137 -3.18 -14.41 16.62
N TYR B 138 -1.88 -14.36 16.26
CA TYR B 138 -1.13 -13.10 16.06
C TYR B 138 -1.70 -12.27 14.88
N TYR B 139 -2.03 -12.97 13.77
CA TYR B 139 -2.57 -12.35 12.53
C TYR B 139 -3.99 -11.81 12.75
N ALA B 140 -4.75 -12.45 13.65
CA ALA B 140 -6.14 -12.04 14.00
C ALA B 140 -6.16 -10.62 14.61
N ASN B 141 -5.00 -10.20 15.14
CA ASN B 141 -4.81 -8.88 15.74
C ASN B 141 -4.14 -7.92 14.74
N ARG B 142 -3.10 -8.42 14.02
CA ARG B 142 -2.26 -7.57 13.16
C ARG B 142 -3.00 -7.15 11.86
N ALA B 143 -3.87 -8.03 11.34
CA ALA B 143 -4.70 -7.74 10.14
C ALA B 143 -5.67 -6.57 10.40
N ALA B 144 -6.26 -6.57 11.60
CA ALA B 144 -7.17 -5.49 12.06
C ALA B 144 -6.37 -4.18 12.24
N ALA B 145 -5.14 -4.32 12.78
CA ALA B 145 -4.20 -3.19 12.98
C ALA B 145 -3.70 -2.61 11.65
N HIS B 146 -3.59 -3.47 10.61
CA HIS B 146 -3.22 -3.04 9.24
C HIS B 146 -4.33 -2.14 8.68
N SER B 147 -5.59 -2.61 8.80
CA SER B 147 -6.79 -1.88 8.33
C SER B 147 -6.92 -0.49 9.02
N SER B 148 -6.33 -0.37 10.22
CA SER B 148 -6.28 0.89 10.99
C SER B 148 -5.31 1.90 10.32
N LEU B 149 -4.12 1.40 9.91
CA LEU B 149 -3.11 2.21 9.19
C LEU B 149 -3.42 2.28 7.67
N LYS B 150 -4.60 1.74 7.26
CA LYS B 150 -5.10 1.72 5.87
C LYS B 150 -4.33 0.74 4.98
N GLU B 151 -3.53 -0.15 5.59
CA GLU B 151 -2.82 -1.24 4.88
C GLU B 151 -3.81 -2.40 4.59
N TYR B 152 -4.77 -2.14 3.67
CA TYR B 152 -5.88 -3.10 3.38
C TYR B 152 -5.37 -4.26 2.55
N ASP B 153 -4.50 -3.95 1.59
CA ASP B 153 -3.79 -4.93 0.75
C ASP B 153 -2.93 -5.88 1.62
N GLN B 154 -2.30 -5.29 2.65
CA GLN B 154 -1.49 -6.01 3.62
C GLN B 154 -2.38 -6.83 4.58
N ALA B 155 -3.58 -6.31 4.88
CA ALA B 155 -4.55 -6.94 5.81
C ALA B 155 -5.21 -8.18 5.17
N VAL B 156 -5.45 -8.13 3.85
CA VAL B 156 -6.07 -9.24 3.09
C VAL B 156 -5.11 -10.43 3.04
N LYS B 157 -3.82 -10.15 2.75
CA LYS B 157 -2.77 -11.19 2.63
C LYS B 157 -2.28 -11.65 4.03
N ASP B 158 -2.59 -10.85 5.08
CA ASP B 158 -2.26 -11.16 6.50
C ASP B 158 -3.27 -12.18 7.04
N ALA B 159 -4.55 -11.84 6.85
CA ALA B 159 -5.70 -12.70 7.24
C ALA B 159 -5.71 -13.98 6.39
N GLU B 160 -5.26 -13.87 5.13
CA GLU B 160 -5.04 -15.01 4.22
C GLU B 160 -4.12 -16.04 4.89
N SER B 161 -2.98 -15.55 5.40
CA SER B 161 -1.98 -16.39 6.08
C SER B 161 -2.59 -17.08 7.31
N ALA B 162 -3.38 -16.31 8.09
CA ALA B 162 -4.09 -16.83 9.29
C ALA B 162 -4.96 -18.06 8.96
N ILE B 163 -5.70 -17.94 7.86
CA ILE B 163 -6.62 -18.99 7.37
C ILE B 163 -5.82 -20.21 6.84
N SER B 164 -4.69 -19.93 6.17
CA SER B 164 -3.82 -20.97 5.57
C SER B 164 -3.04 -21.79 6.63
N ILE B 165 -2.76 -21.15 7.77
CA ILE B 165 -2.11 -21.81 8.92
C ILE B 165 -3.15 -22.63 9.67
N ASP B 166 -4.21 -21.96 10.10
CA ASP B 166 -5.32 -22.56 10.84
C ASP B 166 -6.61 -22.47 10.02
N PRO B 167 -6.94 -23.53 9.19
CA PRO B 167 -8.21 -23.59 8.43
C PRO B 167 -9.42 -23.80 9.36
N SER B 168 -9.14 -24.29 10.57
CA SER B 168 -10.14 -24.50 11.63
C SER B 168 -10.42 -23.20 12.42
N TYR B 169 -9.58 -22.16 12.22
CA TYR B 169 -9.77 -20.86 12.89
C TYR B 169 -10.83 -20.04 12.13
N PHE B 170 -12.08 -20.33 12.47
CA PHE B 170 -13.30 -19.69 11.90
C PHE B 170 -13.30 -18.16 12.08
N ARG B 171 -12.75 -17.67 13.21
CA ARG B 171 -12.70 -16.21 13.52
C ARG B 171 -11.69 -15.45 12.59
N GLY B 172 -10.89 -16.21 11.81
CA GLY B 172 -9.96 -15.61 10.82
C GLY B 172 -10.66 -14.98 9.62
N TYR B 173 -11.85 -15.50 9.29
CA TYR B 173 -12.67 -14.99 8.15
C TYR B 173 -13.19 -13.57 8.45
N SER B 174 -13.30 -13.25 9.76
CA SER B 174 -13.71 -11.92 10.22
C SER B 174 -12.69 -10.84 9.77
N ARG B 175 -11.40 -11.10 10.03
CA ARG B 175 -10.32 -10.13 9.73
C ARG B 175 -10.01 -10.05 8.22
N LEU B 176 -10.47 -11.06 7.47
CA LEU B 176 -10.45 -11.02 5.99
C LEU B 176 -11.46 -9.96 5.51
N GLY B 177 -12.66 -9.96 6.11
CA GLY B 177 -13.71 -9.00 5.79
C GLY B 177 -13.48 -7.61 6.39
N PHE B 178 -12.72 -7.54 7.49
CA PHE B 178 -12.48 -6.29 8.24
C PHE B 178 -11.60 -5.30 7.43
N ALA B 179 -10.91 -5.81 6.40
CA ALA B 179 -10.13 -5.00 5.46
C ALA B 179 -11.04 -4.07 4.61
N LYS B 180 -12.31 -4.46 4.46
CA LYS B 180 -13.30 -3.69 3.65
C LYS B 180 -14.14 -2.75 4.55
N TYR B 181 -14.00 -2.89 5.90
CA TYR B 181 -14.77 -2.09 6.88
C TYR B 181 -14.52 -0.58 6.70
N ALA B 182 -13.24 -0.18 6.77
CA ALA B 182 -12.81 1.24 6.76
C ALA B 182 -12.81 1.84 5.32
N GLN B 183 -12.97 0.97 4.30
CA GLN B 183 -13.23 1.40 2.91
C GLN B 183 -14.74 1.50 2.65
N GLY B 184 -15.53 0.88 3.52
CA GLY B 184 -16.99 0.94 3.44
C GLY B 184 -17.57 0.11 2.29
N LYS B 185 -17.05 -1.12 2.12
CA LYS B 185 -17.65 -2.12 1.21
C LYS B 185 -18.41 -3.16 2.09
N PRO B 186 -19.71 -2.88 2.45
CA PRO B 186 -20.44 -3.71 3.42
C PRO B 186 -20.77 -5.10 2.90
N GLU B 187 -21.20 -5.18 1.61
CA GLU B 187 -21.68 -6.41 0.97
C GLU B 187 -20.60 -7.52 0.90
N GLU B 188 -19.35 -7.09 0.63
CA GLU B 188 -18.20 -7.99 0.42
C GLU B 188 -17.68 -8.47 1.78
N ALA B 189 -17.65 -7.54 2.74
CA ALA B 189 -17.24 -7.81 4.13
C ALA B 189 -18.25 -8.74 4.84
N LEU B 190 -19.53 -8.54 4.50
CA LEU B 190 -20.70 -9.12 5.21
C LEU B 190 -20.62 -10.65 5.30
N GLU B 191 -20.47 -11.31 4.14
CA GLU B 191 -20.49 -12.78 4.05
C GLU B 191 -19.18 -13.39 4.60
N ALA B 192 -18.10 -12.60 4.61
CA ALA B 192 -16.81 -13.03 5.18
C ALA B 192 -16.93 -13.23 6.71
N TYR B 193 -17.70 -12.32 7.36
CA TYR B 193 -18.08 -12.48 8.78
C TYR B 193 -19.08 -13.65 8.91
N LYS B 194 -20.09 -13.65 8.02
CA LYS B 194 -21.27 -14.55 8.08
C LYS B 194 -20.89 -16.03 7.92
N LYS B 195 -19.70 -16.30 7.35
CA LYS B 195 -19.17 -17.66 7.19
C LYS B 195 -18.98 -18.36 8.56
N VAL B 196 -18.71 -17.55 9.60
CA VAL B 196 -18.56 -18.05 10.99
C VAL B 196 -19.93 -18.54 11.55
N LEU B 197 -21.05 -17.96 11.05
CA LEU B 197 -22.42 -18.43 11.40
C LEU B 197 -22.71 -19.82 10.80
N ASP B 198 -22.16 -20.09 9.61
CA ASP B 198 -22.34 -21.38 8.92
C ASP B 198 -21.53 -22.51 9.60
N ILE B 199 -20.59 -22.13 10.47
CA ILE B 199 -19.73 -23.07 11.23
C ILE B 199 -20.26 -23.25 12.67
N GLU B 200 -20.39 -22.13 13.38
CA GLU B 200 -20.71 -22.08 14.82
C GLU B 200 -22.21 -22.06 15.08
N GLY B 201 -22.98 -21.53 14.11
CA GLY B 201 -24.43 -21.35 14.28
C GLY B 201 -24.77 -20.31 15.35
N ASP B 202 -25.08 -20.79 16.55
CA ASP B 202 -25.45 -19.95 17.70
C ASP B 202 -24.26 -19.76 18.66
N ASN B 203 -23.17 -20.50 18.41
CA ASN B 203 -21.93 -20.44 19.23
C ASN B 203 -21.03 -19.28 18.77
N ALA B 204 -21.49 -18.52 17.75
CA ALA B 204 -20.83 -17.28 17.32
C ALA B 204 -20.91 -16.26 18.48
N THR B 205 -19.80 -16.20 19.24
CA THR B 205 -19.66 -15.36 20.45
C THR B 205 -19.93 -13.87 20.15
N GLU B 206 -20.32 -13.11 21.19
CA GLU B 206 -20.72 -11.69 21.03
C GLU B 206 -19.56 -10.85 20.47
N ALA B 207 -18.32 -11.24 20.81
CA ALA B 207 -17.07 -10.61 20.29
C ALA B 207 -17.07 -10.56 18.75
N MET B 208 -17.51 -11.66 18.13
CA MET B 208 -17.68 -11.76 16.67
C MET B 208 -18.90 -10.95 16.22
N LYS B 209 -19.98 -11.08 16.99
CA LYS B 209 -21.28 -10.43 16.70
C LYS B 209 -21.18 -8.89 16.62
N ARG B 210 -20.14 -8.33 17.25
CA ARG B 210 -19.80 -6.90 17.14
C ARG B 210 -19.38 -6.59 15.70
N ASP B 211 -18.52 -7.44 15.11
CA ASP B 211 -17.99 -7.28 13.73
C ASP B 211 -19.15 -7.30 12.69
N TYR B 212 -20.10 -8.24 12.89
CA TYR B 212 -21.30 -8.37 12.03
C TYR B 212 -22.09 -7.06 12.00
N GLU B 213 -22.47 -6.60 13.20
CA GLU B 213 -23.43 -5.49 13.37
C GLU B 213 -22.76 -4.10 13.26
N SER B 214 -21.41 -4.07 13.27
CA SER B 214 -20.65 -2.84 13.00
C SER B 214 -20.54 -2.61 11.48
N ALA B 215 -20.34 -3.71 10.72
CA ALA B 215 -20.21 -3.67 9.24
C ALA B 215 -21.58 -3.46 8.56
N LYS B 216 -22.61 -4.06 9.17
CA LYS B 216 -24.00 -3.96 8.70
C LYS B 216 -24.56 -2.55 8.94
N LYS B 217 -24.14 -1.94 10.07
CA LYS B 217 -24.54 -0.55 10.43
C LYS B 217 -23.54 0.46 9.81
N LYS B 218 -22.40 -0.03 9.27
CA LYS B 218 -21.41 0.82 8.56
C LYS B 218 -22.02 1.37 7.24
N VAL B 219 -23.10 0.73 6.75
CA VAL B 219 -23.87 1.22 5.58
C VAL B 219 -24.33 2.68 5.85
N GLU B 220 -24.84 2.92 7.09
CA GLU B 220 -25.23 4.26 7.59
C GLU B 220 -24.02 5.23 7.50
N GLN B 221 -22.88 4.78 8.02
CA GLN B 221 -21.62 5.56 8.04
C GLN B 221 -20.95 5.60 6.66
N SER B 222 -21.59 4.97 5.65
CA SER B 222 -21.14 5.02 4.25
C SER B 222 -22.06 5.95 3.41
N LEU B 223 -23.20 6.40 3.99
CA LEU B 223 -24.04 7.48 3.40
C LEU B 223 -23.30 8.83 3.51
N ASN B 224 -22.92 9.18 4.75
CA ASN B 224 -22.21 10.44 5.05
C ASN B 224 -20.70 10.27 4.77
N LEU B 225 -20.24 10.82 3.63
CA LEU B 225 -18.81 10.88 3.25
C LEU B 225 -18.60 11.75 2.00
N GLU B 226 -17.44 12.41 1.94
CA GLU B 226 -16.96 13.14 0.75
C GLU B 226 -15.47 13.48 0.98
N LYS B 227 -15.18 14.63 1.64
CA LYS B 227 -13.80 15.12 1.85
C LYS B 227 -13.26 14.60 3.21
N THR B 228 -13.83 13.49 3.69
CA THR B 228 -13.47 12.87 4.97
C THR B 228 -12.25 11.93 4.81
N VAL B 229 -12.49 10.76 4.19
CA VAL B 229 -11.50 9.66 4.08
C VAL B 229 -11.52 8.99 2.66
N PRO B 230 -12.69 8.50 2.10
CA PRO B 230 -12.68 7.67 0.86
C PRO B 230 -12.28 8.42 -0.44
N GLU B 231 -12.25 9.75 -0.40
CA GLU B 231 -11.96 10.60 -1.57
C GLU B 231 -10.61 11.33 -1.39
N GLN B 232 -9.88 11.46 -2.51
CA GLN B 232 -8.53 12.06 -2.58
C GLN B 232 -7.54 11.32 -1.67
N SER B 233 -6.82 10.36 -2.26
CA SER B 233 -5.72 9.67 -1.58
C SER B 233 -4.65 10.71 -1.15
N ARG B 234 -4.36 10.75 0.18
CA ARG B 234 -3.53 11.79 0.84
C ARG B 234 -4.31 13.13 0.94
N ASP B 235 -3.88 13.98 1.88
CA ASP B 235 -4.50 15.30 2.14
C ASP B 235 -4.00 16.36 1.14
N ALA B 236 -4.39 17.63 1.39
CA ALA B 236 -3.85 18.81 0.70
C ALA B 236 -2.56 19.30 1.42
N ASP B 237 -1.78 18.33 1.93
CA ASP B 237 -0.62 18.55 2.80
C ASP B 237 0.29 17.31 2.71
N VAL B 238 1.38 17.27 3.52
CA VAL B 238 2.40 16.18 3.58
C VAL B 238 2.97 15.81 2.20
N ASP B 239 2.95 16.79 1.29
CA ASP B 239 3.39 16.64 -0.11
C ASP B 239 3.90 18.00 -0.61
N ALA B 240 5.14 18.01 -1.14
CA ALA B 240 5.86 19.21 -1.66
C ALA B 240 6.37 20.14 -0.54
N SER B 241 5.91 19.93 0.71
CA SER B 241 6.15 20.87 1.83
C SER B 241 5.97 20.19 3.22
N GLN B 242 6.18 18.85 3.33
CA GLN B 242 6.08 18.15 4.64
C GLN B 242 7.27 18.52 5.53
N GLY B 243 8.48 18.17 5.05
CA GLY B 243 9.71 18.39 5.81
C GLY B 243 10.93 18.24 4.93
N ALA B 244 11.83 17.31 5.31
CA ALA B 244 13.14 17.05 4.66
C ALA B 244 14.12 18.23 4.85
N SER B 245 15.42 17.90 4.92
CA SER B 245 16.49 18.88 5.18
C SER B 245 17.86 18.22 4.96
N ALA B 246 18.19 17.27 5.85
CA ALA B 246 19.45 16.51 5.82
C ALA B 246 19.24 15.17 6.50
N GLY B 247 18.75 15.22 7.76
CA GLY B 247 18.47 14.01 8.54
C GLY B 247 17.15 14.10 9.27
N GLY B 248 17.05 15.07 10.18
CA GLY B 248 15.83 15.30 10.95
C GLY B 248 15.83 16.69 11.57
N LEU B 249 14.65 17.36 11.56
CA LEU B 249 14.52 18.72 12.12
C LEU B 249 14.64 18.81 13.68
N PRO B 250 14.20 17.79 14.53
CA PRO B 250 14.44 17.86 15.99
C PRO B 250 15.81 17.25 16.39
N ASP B 251 15.98 17.02 17.71
CA ASP B 251 17.19 16.41 18.33
C ASP B 251 18.39 17.37 18.34
N LEU B 252 18.95 17.62 17.13
CA LEU B 252 20.16 18.44 16.90
C LEU B 252 21.38 17.84 17.65
N GLY B 253 21.50 18.14 18.95
CA GLY B 253 22.53 17.58 19.83
C GLY B 253 22.15 17.78 21.28
N SER B 254 20.86 17.58 21.57
CA SER B 254 20.27 17.78 22.91
C SER B 254 19.38 16.57 23.26
N LEU B 255 18.72 15.98 22.24
CA LEU B 255 17.86 14.79 22.40
C LEU B 255 18.58 13.56 21.80
N LEU B 256 17.94 12.37 21.96
CA LEU B 256 18.40 11.08 21.40
C LEU B 256 19.73 10.60 22.06
N GLY B 257 20.00 11.14 23.27
CA GLY B 257 21.26 10.90 23.96
C GLY B 257 22.39 11.78 23.44
N GLY B 258 22.01 12.92 22.85
CA GLY B 258 22.96 13.96 22.47
C GLY B 258 23.09 15.00 23.58
N GLY B 259 24.23 15.70 23.62
CA GLY B 259 24.45 16.75 24.62
C GLY B 259 24.86 16.19 25.98
N LEU B 260 23.86 15.77 26.77
CA LEU B 260 24.06 15.32 28.15
C LEU B 260 23.95 13.78 28.24
N GLY B 261 24.68 13.19 29.21
CA GLY B 261 24.73 11.74 29.38
C GLY B 261 26.16 11.25 29.40
N GLY B 262 26.55 10.44 28.39
CA GLY B 262 27.93 9.99 28.23
C GLY B 262 28.82 11.06 27.59
N LEU B 263 29.09 12.13 28.37
CA LEU B 263 29.94 13.27 27.97
C LEU B 263 29.31 14.04 26.77
N MET B 264 29.50 13.53 25.53
CA MET B 264 28.98 14.10 24.25
C MET B 264 29.37 15.59 24.06
N ASN B 265 28.52 16.52 24.54
CA ASN B 265 28.76 17.98 24.43
C ASN B 265 29.10 18.58 25.79
N ASN B 266 28.45 18.01 26.83
CA ASN B 266 28.52 18.51 28.21
C ASN B 266 27.96 19.97 28.28
N PRO B 267 26.60 20.14 28.14
CA PRO B 267 25.96 21.46 28.04
C PRO B 267 25.57 22.04 29.43
N GLN B 268 26.63 22.51 30.14
CA GLN B 268 26.55 23.03 31.52
C GLN B 268 26.25 21.90 32.54
N LEU B 269 26.54 22.15 33.83
CA LEU B 269 26.25 21.21 34.92
C LEU B 269 25.09 21.76 35.77
N MET B 270 25.32 22.94 36.37
CA MET B 270 24.36 23.55 37.32
C MET B 270 24.15 25.04 37.00
N GLN B 271 22.93 25.52 37.30
CA GLN B 271 22.51 26.93 37.06
C GLN B 271 23.42 27.93 37.79
N ALA B 272 23.70 27.62 39.07
CA ALA B 272 24.62 28.41 39.90
C ALA B 272 26.08 28.17 39.45
N ALA B 273 26.46 28.86 38.35
CA ALA B 273 27.78 28.81 37.70
C ALA B 273 27.77 29.80 36.52
N GLN B 274 26.80 29.60 35.60
CA GLN B 274 26.47 30.59 34.55
C GLN B 274 25.69 31.78 35.11
N LYS B 275 25.19 31.62 36.36
CA LYS B 275 24.60 32.72 37.14
C LYS B 275 25.58 33.91 37.23
N MET B 276 25.02 35.13 37.27
CA MET B 276 25.79 36.38 37.41
C MET B 276 26.70 36.33 38.68
N MET B 277 27.97 35.96 38.44
CA MET B 277 29.01 35.79 39.47
C MET B 277 29.30 37.14 40.14
N SER B 278 29.32 38.19 39.29
CA SER B 278 29.60 39.58 39.68
C SER B 278 31.04 39.74 40.21
N ASN B 279 31.24 39.53 41.54
CA ASN B 279 32.56 39.64 42.23
C ASN B 279 33.34 40.93 41.82
N PRO B 280 33.17 42.08 42.56
CA PRO B 280 33.86 43.36 42.24
C PRO B 280 35.40 43.20 42.35
N GLY B 281 36.04 42.95 41.19
CA GLY B 281 37.48 42.66 41.11
C GLY B 281 37.85 41.38 41.88
N ALA B 282 37.06 40.31 41.65
CA ALA B 282 37.16 38.99 42.34
C ALA B 282 36.68 39.06 43.81
N MET B 283 36.05 40.21 44.17
CA MET B 283 35.57 40.51 45.53
C MET B 283 36.71 40.46 46.57
N GLN B 284 36.98 39.25 47.14
CA GLN B 284 38.08 38.99 48.13
C GLN B 284 38.24 40.14 49.19
N ASN B 285 37.09 40.63 49.70
CA ASN B 285 37.01 41.77 50.66
C ASN B 285 37.75 43.03 50.13
N ILE B 286 37.21 43.60 49.04
CA ILE B 286 37.67 44.88 48.48
C ILE B 286 36.64 45.99 48.82
N GLN B 287 35.43 45.53 49.22
CA GLN B 287 34.24 46.38 49.45
C GLN B 287 34.50 47.47 50.52
N LYS B 288 35.42 47.19 51.47
CA LYS B 288 35.88 48.15 52.48
C LYS B 288 37.37 47.95 52.80
N MET B 289 38.24 48.63 52.03
CA MET B 289 39.67 48.75 52.37
C MET B 289 39.84 49.96 53.33
N MET B 290 39.43 49.73 54.61
CA MET B 290 39.24 50.80 55.62
C MET B 290 39.69 50.29 57.02
N GLN B 291 39.72 51.23 58.01
CA GLN B 291 40.09 50.99 59.43
C GLN B 291 41.61 50.92 59.57
N ASP B 292 42.20 49.78 59.17
CA ASP B 292 43.65 49.57 59.22
C ASP B 292 44.33 50.38 58.10
N PRO B 293 45.30 51.29 58.43
CA PRO B 293 46.08 52.04 57.41
C PRO B 293 47.25 51.20 56.85
N SER B 294 47.80 51.64 55.71
CA SER B 294 48.98 51.01 55.09
C SER B 294 50.24 51.21 55.94
N ILE B 295 50.36 52.41 56.54
CA ILE B 295 51.48 52.79 57.40
C ILE B 295 50.93 53.23 58.78
N ARG B 296 50.38 54.46 58.82
CA ARG B 296 49.81 55.14 60.03
C ARG B 296 49.61 56.62 59.68
N GLN B 297 48.96 57.33 60.60
CA GLN B 297 48.81 58.80 60.58
C GLN B 297 49.49 59.39 61.83
N MET B 298 50.83 59.46 61.78
CA MET B 298 51.68 59.92 62.91
C MET B 298 51.35 61.38 63.29
N ALA B 299 51.13 62.23 62.26
CA ALA B 299 50.74 63.65 62.38
C ALA B 299 51.88 64.53 62.97
N GLU B 300 52.21 64.32 64.24
CA GLU B 300 53.32 65.02 64.94
C GLU B 300 54.24 63.97 65.60
N GLY B 301 55.53 64.34 65.76
CA GLY B 301 56.52 63.50 66.44
C GLY B 301 56.37 63.51 67.95
N PHE B 302 56.97 62.50 68.61
CA PHE B 302 56.93 62.35 70.07
C PHE B 302 58.11 63.12 70.70
N ALA B 303 57.81 64.28 71.35
CA ALA B 303 58.80 65.16 72.02
C ALA B 303 59.79 65.81 71.04
N SER B 304 60.47 66.87 71.51
CA SER B 304 61.53 67.55 70.75
C SER B 304 62.89 66.90 71.08
N GLY B 305 63.14 65.74 70.45
CA GLY B 305 64.38 64.99 70.63
C GLY B 305 65.62 65.77 70.15
N GLY B 306 65.43 66.61 69.14
CA GLY B 306 66.49 67.51 68.66
C GLY B 306 66.68 68.72 69.58
N GLY B 307 65.62 69.08 70.32
CA GLY B 307 65.64 70.19 71.28
C GLY B 307 64.98 71.46 70.75
N THR B 308 64.54 72.32 71.68
CA THR B 308 63.93 73.63 71.38
C THR B 308 64.08 74.55 72.61
N PRO B 309 64.48 75.85 72.43
CA PRO B 309 64.54 76.83 73.55
C PRO B 309 63.13 77.43 73.82
N ASN B 310 62.15 76.56 74.13
CA ASN B 310 60.73 76.93 74.31
C ASN B 310 60.56 77.93 75.46
N LEU B 311 60.91 77.50 76.69
CA LEU B 311 60.80 78.35 77.91
C LEU B 311 61.65 79.64 77.82
N SER B 312 62.64 79.63 76.91
CA SER B 312 63.62 80.71 76.75
C SER B 312 63.17 81.75 75.70
N ASP B 313 62.17 81.39 74.88
CA ASP B 313 61.73 82.23 73.73
C ASP B 313 60.70 83.30 74.13
N LEU B 314 59.92 83.03 75.20
CA LEU B 314 58.79 83.93 75.61
C LEU B 314 59.28 85.35 75.95
N MET B 315 60.47 85.45 76.57
CA MET B 315 61.02 86.74 77.03
C MET B 315 62.58 86.69 77.03
N ASN B 316 63.16 85.99 78.03
CA ASN B 316 64.62 85.90 78.28
C ASN B 316 65.28 87.30 78.36
N ASN B 317 65.25 87.87 79.55
CA ASN B 317 65.92 89.16 79.85
C ASN B 317 67.07 88.92 80.82
N PRO B 318 68.31 89.43 80.51
CA PRO B 318 69.40 89.45 81.50
C PRO B 318 69.06 90.39 82.68
N ALA B 319 68.70 89.78 83.81
CA ALA B 319 68.36 90.51 85.06
C ALA B 319 69.55 91.34 85.59
N LEU B 320 70.76 90.92 85.19
CA LEU B 320 72.02 91.66 85.43
C LEU B 320 71.89 93.13 84.94
N ARG B 321 71.21 93.29 83.78
CA ARG B 321 70.74 94.58 83.24
C ARG B 321 71.93 95.49 82.81
N ASN B 322 72.61 96.13 83.79
CA ASN B 322 73.76 97.01 83.52
C ASN B 322 74.65 97.12 84.76
N MET B 323 75.95 97.40 84.56
CA MET B 323 76.94 97.49 85.67
C MET B 323 76.95 98.91 86.26
N ALA B 324 77.23 99.91 85.40
CA ALA B 324 77.41 101.31 85.82
C ALA B 324 76.06 102.01 86.12
N GLY B 325 74.94 101.27 85.95
CA GLY B 325 73.59 101.79 86.20
C GLY B 325 73.27 101.90 87.69
N ASN B 326 73.96 102.83 88.36
CA ASN B 326 73.85 103.07 89.81
C ASN B 326 73.80 104.60 90.02
N LEU B 327 72.67 105.08 90.54
CA LEU B 327 72.41 106.52 90.73
C LEU B 327 72.80 106.98 92.15
N PHE B 328 72.60 106.08 93.13
CA PHE B 328 72.81 106.37 94.58
C PHE B 328 74.26 106.83 94.83
N GLY B 329 74.42 107.94 95.58
CA GLY B 329 75.73 108.54 95.83
C GLY B 329 76.47 108.86 94.55
N GLY B 330 75.93 109.82 93.77
CA GLY B 330 76.46 110.14 92.43
C GLY B 330 77.72 111.02 92.43
N ALA B 331 78.65 110.72 93.36
CA ALA B 331 79.94 111.42 93.56
C ALA B 331 79.77 112.82 94.18
N GLY B 332 79.06 113.73 93.47
CA GLY B 332 78.87 115.11 93.93
C GLY B 332 78.10 115.22 95.25
N ALA B 333 78.85 115.27 96.36
CA ALA B 333 78.31 115.49 97.71
C ALA B 333 79.29 116.35 98.55
N GLN B 334 80.33 116.89 97.85
CA GLN B 334 81.36 117.75 98.46
C GLN B 334 80.77 119.13 98.79
N SER B 335 80.92 119.55 100.05
CA SER B 335 80.45 120.84 100.53
C SER B 335 81.52 121.41 101.50
N THR B 336 82.42 122.23 100.96
CA THR B 336 83.58 122.74 101.69
C THR B 336 83.27 124.13 102.31
N ASP B 337 83.21 125.16 101.44
CA ASP B 337 83.09 126.57 101.89
C ASP B 337 81.62 126.93 102.04
N GLU B 338 80.89 126.88 100.90
CA GLU B 338 79.40 127.01 100.81
C GLU B 338 78.88 128.28 101.50
N THR B 339 78.71 129.36 100.70
CA THR B 339 78.25 130.72 101.10
C THR B 339 79.44 131.74 101.19
N PRO B 340 80.43 131.68 102.18
CA PRO B 340 81.52 132.69 102.28
C PRO B 340 82.53 132.57 101.13
N ASP B 341 82.93 131.31 100.83
CA ASP B 341 83.93 130.96 99.80
C ASP B 341 85.30 131.62 100.10
N ASN B 342 86.18 130.87 100.80
CA ASN B 342 87.56 131.29 101.14
C ASN B 342 87.57 132.55 102.02
N GLU B 343 87.35 133.71 101.37
CA GLU B 343 87.30 135.02 101.99
C GLU B 343 85.98 135.20 102.75
N ASN B 344 86.04 135.12 104.09
CA ASN B 344 84.91 135.43 105.00
C ASN B 344 85.22 136.75 105.73
N LYS B 345 86.14 137.55 105.14
CA LYS B 345 86.79 138.71 105.77
C LYS B 345 87.67 138.19 106.92
N GLN B 346 88.83 137.62 106.53
CA GLN B 346 89.67 136.78 107.40
C GLN B 346 90.96 137.53 107.83
N TYR B 347 91.16 138.76 107.25
CA TYR B 347 92.26 139.72 107.56
C TYR B 347 93.65 139.04 107.81
N MET A 1 0.83 -9.96 -15.07
CA MET A 1 2.06 -9.71 -15.84
C MET A 1 2.69 -8.40 -15.38
N SER A 2 4.02 -8.38 -15.22
CA SER A 2 4.77 -7.17 -14.81
C SER A 2 5.28 -6.40 -16.05
N ALA A 3 4.42 -6.32 -17.09
CA ALA A 3 4.72 -5.63 -18.38
C ALA A 3 6.06 -6.14 -18.98
N SER A 4 6.75 -5.29 -19.76
CA SER A 4 8.15 -5.53 -20.13
C SER A 4 9.04 -4.60 -19.30
N LYS A 5 10.33 -4.97 -19.24
CA LYS A 5 11.33 -4.30 -18.39
C LYS A 5 11.64 -2.87 -18.87
N GLU A 6 11.27 -2.57 -20.13
CA GLU A 6 11.42 -1.23 -20.72
C GLU A 6 10.45 -0.24 -20.04
N GLU A 7 9.16 -0.65 -19.95
CA GLU A 7 8.10 0.16 -19.32
C GLU A 7 8.35 0.33 -17.82
N ILE A 8 8.75 -0.77 -17.15
CA ILE A 8 8.98 -0.76 -15.71
C ILE A 8 10.16 0.16 -15.36
N ALA A 9 11.29 0.00 -16.08
CA ALA A 9 12.49 0.85 -15.90
C ALA A 9 12.17 2.33 -16.09
N ALA A 10 11.38 2.62 -17.14
CA ALA A 10 10.96 3.98 -17.49
C ALA A 10 10.02 4.57 -16.42
N LEU A 11 9.12 3.73 -15.88
CA LEU A 11 8.13 4.14 -14.85
C LEU A 11 8.85 4.47 -13.54
N ILE A 12 9.86 3.66 -13.23
CA ILE A 12 10.69 3.78 -12.03
C ILE A 12 11.48 5.10 -12.03
N VAL A 13 12.22 5.36 -13.13
CA VAL A 13 13.06 6.56 -13.23
C VAL A 13 12.21 7.82 -13.45
N ASN A 14 11.02 7.65 -14.11
CA ASN A 14 10.00 8.72 -14.29
C ASN A 14 9.46 9.16 -12.94
N TYR A 15 9.18 8.16 -12.09
CA TYR A 15 8.60 8.37 -10.78
C TYR A 15 9.58 9.17 -9.90
N PHE A 16 10.87 8.82 -10.00
CA PHE A 16 11.94 9.59 -9.34
C PHE A 16 12.06 11.00 -9.96
N SER A 17 11.94 11.08 -11.30
CA SER A 17 12.11 12.35 -12.06
C SER A 17 11.09 13.40 -11.63
N SER A 18 9.80 13.05 -11.68
CA SER A 18 8.68 13.96 -11.35
C SER A 18 8.85 14.56 -9.94
N ILE A 19 9.33 13.72 -9.02
CA ILE A 19 9.63 14.12 -7.65
C ILE A 19 10.76 15.16 -7.60
N VAL A 20 11.82 15.03 -8.45
CA VAL A 20 12.98 15.96 -8.41
C VAL A 20 12.76 17.21 -9.32
N GLU A 21 11.78 17.15 -10.26
CA GLU A 21 11.40 18.32 -11.08
C GLU A 21 10.82 19.40 -10.15
N LYS A 22 9.97 18.92 -9.24
CA LYS A 22 9.26 19.76 -8.25
C LYS A 22 10.02 19.76 -6.91
N LYS A 23 10.97 18.79 -6.79
CA LYS A 23 11.81 18.57 -5.59
C LYS A 23 10.95 18.44 -4.31
N GLU A 24 10.18 17.34 -4.26
CA GLU A 24 9.27 17.01 -3.13
C GLU A 24 10.05 16.50 -1.92
N ILE A 25 11.18 15.87 -2.22
CA ILE A 25 12.11 15.32 -1.23
C ILE A 25 13.29 16.31 -1.05
N SER A 26 14.08 16.14 0.03
CA SER A 26 15.35 16.88 0.26
C SER A 26 16.23 16.82 -1.02
N GLU A 27 16.90 17.95 -1.35
CA GLU A 27 17.74 18.05 -2.58
C GLU A 27 18.87 16.99 -2.58
N ASP A 28 19.32 16.64 -1.35
CA ASP A 28 20.28 15.56 -1.10
C ASP A 28 19.68 14.20 -1.52
N GLY A 29 18.47 13.91 -0.98
CA GLY A 29 17.73 12.69 -1.31
C GLY A 29 17.30 12.64 -2.78
N ALA A 30 17.12 13.83 -3.38
CA ALA A 30 16.72 13.98 -4.78
C ALA A 30 17.88 13.60 -5.70
N ASP A 31 19.11 13.94 -5.27
CA ASP A 31 20.35 13.56 -5.97
C ASP A 31 20.66 12.06 -5.79
N SER A 32 20.25 11.51 -4.65
CA SER A 32 20.34 10.05 -4.39
C SER A 32 19.40 9.28 -5.33
N LEU A 33 18.24 9.88 -5.65
CA LEU A 33 17.29 9.34 -6.63
C LEU A 33 17.78 9.59 -8.06
N ASN A 34 18.47 10.72 -8.25
CA ASN A 34 18.99 11.17 -9.57
C ASN A 34 20.01 10.17 -10.13
N VAL A 35 21.02 9.84 -9.31
CA VAL A 35 22.07 8.89 -9.70
C VAL A 35 21.50 7.46 -9.84
N ALA A 36 20.40 7.19 -9.10
CA ALA A 36 19.66 5.92 -9.20
C ALA A 36 18.91 5.82 -10.53
N MET A 37 18.34 6.97 -11.00
CA MET A 37 17.67 7.06 -12.30
C MET A 37 18.65 6.67 -13.40
N ASP A 38 19.80 7.35 -13.37
CA ASP A 38 20.86 7.25 -14.38
C ASP A 38 21.38 5.80 -14.50
N CYS A 39 21.60 5.15 -13.35
CA CYS A 39 22.11 3.77 -13.29
C CYS A 39 21.13 2.76 -13.94
N ILE A 40 19.82 3.00 -13.77
CA ILE A 40 18.76 2.15 -14.36
C ILE A 40 18.58 2.48 -15.86
N SER A 41 18.60 3.77 -16.16
CA SER A 41 18.26 4.32 -17.48
C SER A 41 19.31 3.92 -18.53
N GLU A 42 20.59 3.86 -18.11
CA GLU A 42 21.71 3.47 -18.99
C GLU A 42 21.71 1.94 -19.23
N ALA A 43 21.22 1.18 -18.22
CA ALA A 43 21.22 -0.30 -18.25
C ALA A 43 20.21 -0.86 -19.26
N PHE A 44 19.13 -0.08 -19.52
CA PHE A 44 18.12 -0.43 -20.56
C PHE A 44 18.28 0.45 -21.82
N GLY A 45 19.18 1.45 -21.74
CA GLY A 45 19.57 2.27 -22.89
C GLY A 45 18.53 3.33 -23.26
N PHE A 46 18.46 4.40 -22.45
CA PHE A 46 17.61 5.58 -22.70
C PHE A 46 18.03 6.72 -21.75
N GLU A 47 17.28 7.85 -21.76
CA GLU A 47 17.49 8.97 -20.81
C GLU A 47 16.19 9.33 -20.06
N ARG A 48 16.33 10.23 -19.07
CA ARG A 48 15.27 10.73 -18.18
C ARG A 48 14.07 11.36 -18.95
N GLU A 49 14.34 11.88 -20.17
CA GLU A 49 13.32 12.50 -21.03
C GLU A 49 12.53 11.40 -21.80
N ALA A 50 13.23 10.31 -22.16
CA ALA A 50 12.70 9.21 -23.01
C ALA A 50 11.48 8.49 -22.39
N VAL A 51 11.31 8.67 -21.07
CA VAL A 51 10.22 8.02 -20.30
C VAL A 51 8.82 8.38 -20.83
N SER A 52 8.71 9.52 -21.53
CA SER A 52 7.44 9.95 -22.16
C SER A 52 7.05 8.97 -23.28
N GLY A 53 8.01 8.70 -24.19
CA GLY A 53 7.77 7.83 -25.35
C GLY A 53 7.52 6.37 -24.97
N ILE A 54 8.25 5.88 -23.95
CA ILE A 54 8.19 4.49 -23.49
C ILE A 54 6.85 4.22 -22.77
N LEU A 55 6.53 5.10 -21.81
CA LEU A 55 5.31 4.98 -20.99
C LEU A 55 4.06 5.44 -21.77
N GLY A 56 4.29 6.14 -22.90
CA GLY A 56 3.22 6.49 -23.83
C GLY A 56 2.64 5.26 -24.55
N LYS A 57 3.41 4.15 -24.53
CA LYS A 57 3.01 2.86 -25.14
C LYS A 57 2.29 1.97 -24.10
N SER A 58 2.54 2.23 -22.79
CA SER A 58 2.05 1.37 -21.70
C SER A 58 0.74 1.89 -21.12
N GLU A 59 -0.30 1.04 -21.18
CA GLU A 59 -1.59 1.28 -20.50
C GLU A 59 -1.56 0.69 -19.07
N PHE A 60 -0.70 -0.33 -18.87
CA PHE A 60 -0.59 -1.13 -17.62
C PHE A 60 -1.84 -2.00 -17.39
N LYS A 61 -1.64 -3.20 -16.82
CA LYS A 61 -2.71 -4.22 -16.67
C LYS A 61 -3.46 -4.11 -15.34
N GLY A 62 -3.24 -3.00 -14.61
CA GLY A 62 -3.98 -2.72 -13.39
C GLY A 62 -3.87 -1.27 -12.97
N GLN A 63 -2.65 -0.72 -13.10
CA GLN A 63 -2.30 0.63 -12.64
C GLN A 63 -3.08 1.71 -13.42
N HIS A 64 -2.72 1.89 -14.72
CA HIS A 64 -3.26 2.95 -15.61
C HIS A 64 -3.04 4.37 -15.05
N LEU A 65 -3.97 4.81 -14.21
CA LEU A 65 -4.12 6.20 -13.76
C LEU A 65 -4.82 6.20 -12.38
N ALA A 66 -5.42 7.36 -12.03
CA ALA A 66 -6.23 7.57 -10.81
C ALA A 66 -5.32 7.70 -9.58
N ASP A 67 -4.72 6.58 -9.16
CA ASP A 67 -3.75 6.56 -8.06
C ASP A 67 -2.44 7.19 -8.52
N ILE A 68 -1.90 6.74 -9.67
CA ILE A 68 -0.60 7.22 -10.18
C ILE A 68 -0.83 8.21 -11.34
N LEU A 69 -0.77 9.50 -10.97
CA LEU A 69 -0.95 10.63 -11.89
C LEU A 69 0.26 10.75 -12.84
N ASN A 70 1.41 10.21 -12.38
CA ASN A 70 2.71 10.28 -13.09
C ASN A 70 2.85 9.11 -14.11
N SER A 71 1.86 8.99 -15.00
CA SER A 71 1.86 7.97 -16.06
C SER A 71 3.05 8.16 -17.03
N ALA A 72 3.46 9.43 -17.25
CA ALA A 72 4.63 9.80 -18.08
C ALA A 72 5.04 11.25 -17.79
N SER A 73 6.32 11.59 -18.08
CA SER A 73 6.85 12.98 -18.02
C SER A 73 7.89 13.17 -19.14
N ARG A 74 8.27 14.43 -19.38
CA ARG A 74 9.33 14.78 -20.34
C ARG A 74 10.03 16.06 -19.90
N VAL A 75 11.34 16.13 -20.15
CA VAL A 75 12.19 17.25 -19.72
C VAL A 75 13.50 17.27 -20.57
N PRO A 76 13.67 18.27 -21.50
CA PRO A 76 14.88 18.38 -22.37
C PRO A 76 16.18 18.62 -21.56
N GLU A 77 16.77 17.52 -21.08
CA GLU A 77 18.03 17.52 -20.30
C GLU A 77 18.76 16.19 -20.58
N SER A 78 20.08 16.30 -20.87
CA SER A 78 20.96 15.14 -21.15
C SER A 78 20.44 14.28 -22.32
N ASN A 79 19.79 14.95 -23.30
CA ASN A 79 19.38 14.33 -24.58
C ASN A 79 20.52 14.37 -25.60
N LYS A 80 21.57 15.13 -25.27
CA LYS A 80 22.70 15.37 -26.17
C LYS A 80 23.96 15.73 -25.36
N LYS A 81 25.14 15.53 -25.98
CA LYS A 81 26.43 15.89 -25.38
C LYS A 81 26.70 17.38 -25.66
N ASP A 82 26.04 18.25 -24.87
CA ASP A 82 26.21 19.72 -24.92
C ASP A 82 25.56 20.36 -23.69
N ASP A 83 25.95 19.85 -22.51
CA ASP A 83 25.47 20.32 -21.20
C ASP A 83 26.35 19.69 -20.10
N ALA A 84 26.46 18.35 -20.18
CA ALA A 84 27.32 17.54 -19.32
C ALA A 84 27.92 16.41 -20.18
N GLU A 85 29.18 16.61 -20.60
CA GLU A 85 29.90 15.68 -21.48
C GLU A 85 30.26 14.39 -20.69
N ASN A 86 31.24 14.53 -19.76
CA ASN A 86 31.77 13.44 -18.90
C ASN A 86 32.61 12.40 -19.68
N VAL A 87 32.00 11.82 -20.73
CA VAL A 87 32.60 10.77 -21.57
C VAL A 87 33.97 11.20 -22.16
N GLU A 88 35.03 10.56 -21.62
CA GLU A 88 36.45 10.76 -21.96
C GLU A 88 36.92 12.23 -21.75
N ILE A 89 36.69 13.08 -22.78
CA ILE A 89 37.38 14.38 -22.94
C ILE A 89 38.92 14.10 -23.03
N ASN A 90 39.24 13.01 -23.75
CA ASN A 90 40.62 12.46 -23.87
C ASN A 90 40.93 12.17 -25.35
N ILE A 91 40.33 11.06 -25.86
CA ILE A 91 40.51 10.57 -27.23
C ILE A 91 42.03 10.36 -27.53
N PRO A 92 42.63 9.26 -26.95
CA PRO A 92 44.07 9.00 -27.02
C PRO A 92 44.49 8.08 -28.19
N GLU A 93 45.11 8.67 -29.22
CA GLU A 93 45.59 7.91 -30.38
C GLU A 93 46.97 7.30 -30.10
N ASP A 94 48.02 8.13 -30.18
CA ASP A 94 49.41 7.67 -30.02
C ASP A 94 49.89 7.84 -28.56
N ASP A 95 49.99 9.09 -28.07
CA ASP A 95 50.50 9.39 -26.71
C ASP A 95 49.70 10.52 -26.02
N ALA A 96 48.42 10.72 -26.39
CA ALA A 96 47.61 11.87 -25.90
C ALA A 96 47.53 11.96 -24.36
N GLU A 97 47.45 10.80 -23.70
CA GLU A 97 47.50 10.70 -22.22
C GLU A 97 48.96 10.69 -21.74
N THR A 98 49.73 9.76 -22.34
CA THR A 98 51.01 9.29 -21.79
C THR A 98 52.14 10.35 -21.86
N LYS A 99 52.17 11.14 -22.95
CA LYS A 99 53.31 12.03 -23.29
C LYS A 99 53.65 13.01 -22.15
N ALA A 100 52.59 13.48 -21.43
CA ALA A 100 52.73 14.49 -20.36
C ALA A 100 53.55 13.98 -19.18
N LYS A 101 53.41 12.67 -18.91
CA LYS A 101 54.08 12.02 -17.77
C LYS A 101 55.59 11.92 -18.04
N ALA A 102 55.95 11.50 -19.27
CA ALA A 102 57.35 11.37 -19.71
C ALA A 102 58.02 12.74 -19.87
N GLU A 103 57.25 13.68 -20.45
CA GLU A 103 57.64 15.09 -20.65
C GLU A 103 57.96 15.74 -19.28
N ASP A 104 57.24 15.28 -18.25
CA ASP A 104 57.45 15.72 -16.87
C ASP A 104 58.71 15.07 -16.29
N LEU A 105 58.86 13.74 -16.50
CA LEU A 105 60.03 12.94 -16.03
C LEU A 105 61.36 13.47 -16.63
N LYS A 106 61.26 14.12 -17.80
CA LYS A 106 62.38 14.83 -18.44
C LYS A 106 62.89 15.95 -17.50
N MET A 107 61.96 16.79 -17.03
CA MET A 107 62.25 17.92 -16.12
C MET A 107 62.67 17.41 -14.73
N GLN A 108 62.00 16.33 -14.26
CA GLN A 108 62.23 15.72 -12.94
C GLN A 108 63.63 15.07 -12.87
N GLY A 109 64.12 14.58 -14.03
CA GLY A 109 65.44 13.94 -14.12
C GLY A 109 66.53 14.85 -14.64
N ASN A 110 66.17 16.07 -15.09
CA ASN A 110 67.10 17.00 -15.77
C ASN A 110 68.15 17.58 -14.79
N LYS A 111 67.72 17.79 -13.54
CA LYS A 111 68.58 18.37 -12.49
C LYS A 111 69.65 17.35 -12.03
N ALA A 112 69.42 16.05 -12.31
CA ALA A 112 70.36 14.96 -11.97
C ALA A 112 71.61 15.02 -12.86
N MET A 113 71.48 15.65 -14.03
CA MET A 113 72.60 15.91 -14.94
C MET A 113 73.53 16.97 -14.33
N ALA A 114 72.90 18.03 -13.79
CA ALA A 114 73.59 19.16 -13.15
C ALA A 114 74.23 18.76 -11.80
N ASN A 115 73.43 18.04 -11.00
CA ASN A 115 73.80 17.60 -9.63
C ASN A 115 74.68 16.32 -9.69
N LYS A 116 74.93 15.85 -10.94
CA LYS A 116 75.91 14.78 -11.28
C LYS A 116 75.45 13.39 -10.82
N ASP A 117 74.14 13.22 -10.57
CA ASP A 117 73.53 11.91 -10.34
C ASP A 117 73.33 11.25 -11.72
N TYR A 118 74.43 10.84 -12.38
CA TYR A 118 74.40 10.32 -13.75
C TYR A 118 73.68 8.95 -13.81
N GLU A 119 73.85 8.16 -12.75
CA GLU A 119 73.17 6.86 -12.58
C GLU A 119 71.64 7.06 -12.49
N LEU A 120 71.23 8.05 -11.68
CA LEU A 120 69.80 8.41 -11.48
C LEU A 120 69.23 9.11 -12.74
N ALA A 121 70.10 9.84 -13.45
CA ALA A 121 69.73 10.60 -14.65
C ALA A 121 69.33 9.64 -15.79
N ILE A 122 70.25 8.71 -16.13
CA ILE A 122 70.04 7.66 -17.16
C ILE A 122 68.69 6.93 -16.93
N ASN A 123 68.42 6.63 -15.66
CA ASN A 123 67.19 5.97 -15.21
C ASN A 123 65.94 6.80 -15.57
N LYS A 124 65.89 8.05 -15.09
CA LYS A 124 64.68 8.89 -15.23
C LYS A 124 64.48 9.41 -16.67
N TYR A 125 65.54 9.31 -17.50
CA TYR A 125 65.45 9.59 -18.95
C TYR A 125 64.88 8.36 -19.68
N THR A 126 65.28 7.15 -19.23
CA THR A 126 64.81 5.90 -19.86
C THR A 126 63.38 5.55 -19.37
N GLU A 127 62.98 6.09 -18.20
CA GLU A 127 61.60 6.03 -17.70
C GLU A 127 60.70 6.89 -18.60
N ALA A 128 61.26 8.05 -19.00
CA ALA A 128 60.60 8.96 -19.95
C ALA A 128 60.45 8.29 -21.34
N ILE A 129 61.45 7.48 -21.75
CA ILE A 129 61.41 6.71 -23.03
C ILE A 129 60.29 5.63 -23.00
N LYS A 130 60.07 5.02 -21.83
CA LYS A 130 59.03 3.97 -21.63
C LYS A 130 57.62 4.53 -21.87
N VAL A 131 57.41 5.81 -21.51
CA VAL A 131 56.09 6.46 -21.53
C VAL A 131 55.89 7.28 -22.84
N LEU A 132 57.01 7.74 -23.44
CA LEU A 132 57.01 8.50 -24.71
C LEU A 132 58.31 8.15 -25.51
N PRO A 133 58.28 7.03 -26.30
CA PRO A 133 59.47 6.53 -27.04
C PRO A 133 59.80 7.32 -28.32
N THR A 134 58.82 8.08 -28.82
CA THR A 134 58.95 8.85 -30.07
C THR A 134 59.63 10.21 -29.83
N ASN A 135 60.03 10.49 -28.57
CA ASN A 135 60.77 11.71 -28.22
C ASN A 135 62.27 11.40 -28.17
N ALA A 136 63.03 12.08 -29.04
CA ALA A 136 64.47 11.88 -29.23
C ALA A 136 65.31 12.46 -28.08
N ILE A 137 64.81 13.56 -27.47
CA ILE A 137 65.53 14.38 -26.46
C ILE A 137 65.95 13.52 -25.25
N TYR A 138 65.13 12.51 -24.93
CA TYR A 138 65.36 11.60 -23.78
C TYR A 138 66.65 10.78 -23.98
N TYR A 139 66.83 10.29 -25.22
CA TYR A 139 68.02 9.51 -25.63
C TYR A 139 69.28 10.39 -25.54
N ALA A 140 69.22 11.56 -26.18
CA ALA A 140 70.39 12.46 -26.28
C ALA A 140 70.84 13.01 -24.92
N ASN A 141 69.89 13.19 -23.99
CA ASN A 141 70.21 13.66 -22.62
C ASN A 141 70.82 12.50 -21.82
N ARG A 142 70.39 11.26 -22.14
CA ARG A 142 70.94 10.02 -21.54
C ARG A 142 72.37 9.76 -22.08
N ALA A 143 72.61 10.23 -23.32
CA ALA A 143 73.93 10.17 -23.97
C ALA A 143 74.93 11.07 -23.25
N ALA A 144 74.45 12.22 -22.72
CA ALA A 144 75.28 13.17 -21.95
C ALA A 144 75.81 12.54 -20.68
N ALA A 145 74.94 11.77 -19.99
CA ALA A 145 75.30 11.04 -18.78
C ALA A 145 76.34 9.95 -19.08
N HIS A 146 76.16 9.26 -20.22
CA HIS A 146 77.06 8.19 -20.66
C HIS A 146 78.45 8.73 -21.05
N SER A 147 78.49 9.85 -21.77
CA SER A 147 79.76 10.46 -22.23
C SER A 147 80.54 11.08 -21.04
N SER A 148 79.80 11.42 -19.95
CA SER A 148 80.42 11.80 -18.68
C SER A 148 81.07 10.57 -18.00
N LEU A 149 80.37 9.41 -18.12
CA LEU A 149 80.80 8.12 -17.53
C LEU A 149 81.72 7.33 -18.51
N LYS A 150 82.39 8.07 -19.44
CA LYS A 150 83.34 7.56 -20.48
C LYS A 150 82.74 6.48 -21.43
N GLU A 151 81.42 6.27 -21.34
CA GLU A 151 80.66 5.38 -22.23
C GLU A 151 80.35 6.14 -23.52
N TYR A 152 81.39 6.34 -24.32
CA TYR A 152 81.31 7.12 -25.56
C TYR A 152 80.52 6.37 -26.63
N ASP A 153 80.66 5.03 -26.66
CA ASP A 153 79.89 4.18 -27.58
C ASP A 153 78.39 4.25 -27.23
N GLN A 154 78.07 4.16 -25.92
CA GLN A 154 76.67 4.28 -25.43
C GLN A 154 76.10 5.67 -25.73
N ALA A 155 76.99 6.68 -25.78
CA ALA A 155 76.61 8.06 -26.13
C ALA A 155 76.34 8.18 -27.64
N VAL A 156 77.09 7.41 -28.46
CA VAL A 156 76.86 7.30 -29.92
C VAL A 156 75.52 6.58 -30.17
N LYS A 157 75.24 5.54 -29.38
CA LYS A 157 74.03 4.70 -29.53
C LYS A 157 72.75 5.50 -29.27
N ASP A 158 72.74 6.26 -28.16
CA ASP A 158 71.62 7.13 -27.78
C ASP A 158 71.45 8.26 -28.79
N ALA A 159 72.56 8.95 -29.11
CA ALA A 159 72.56 10.09 -30.05
C ALA A 159 72.21 9.65 -31.48
N GLU A 160 72.48 8.39 -31.83
CA GLU A 160 72.13 7.81 -33.14
C GLU A 160 70.62 7.59 -33.22
N SER A 161 70.07 6.94 -32.16
CA SER A 161 68.62 6.70 -32.03
C SER A 161 67.85 8.04 -32.00
N ALA A 162 68.49 9.05 -31.40
CA ALA A 162 67.94 10.40 -31.23
C ALA A 162 67.87 11.15 -32.58
N ILE A 163 68.99 11.18 -33.30
CA ILE A 163 69.12 11.83 -34.62
C ILE A 163 68.30 11.05 -35.70
N SER A 164 68.04 9.77 -35.44
CA SER A 164 67.22 8.93 -36.33
C SER A 164 65.72 9.32 -36.22
N ILE A 165 65.29 9.68 -34.98
CA ILE A 165 63.92 10.20 -34.74
C ILE A 165 63.82 11.63 -35.29
N ASP A 166 64.63 12.54 -34.73
CA ASP A 166 64.72 13.94 -35.16
C ASP A 166 66.19 14.35 -35.31
N PRO A 167 66.68 14.61 -36.56
CA PRO A 167 68.04 15.13 -36.79
C PRO A 167 68.10 16.67 -36.70
N SER A 168 66.95 17.31 -36.47
CA SER A 168 66.79 18.76 -36.63
C SER A 168 67.10 19.53 -35.33
N TYR A 169 67.68 18.86 -34.31
CA TYR A 169 67.98 19.51 -33.00
C TYR A 169 69.46 19.33 -32.58
N PHE A 170 70.02 20.36 -31.91
CA PHE A 170 71.45 20.41 -31.55
C PHE A 170 71.84 19.39 -30.46
N ARG A 171 70.85 19.03 -29.60
CA ARG A 171 71.08 18.13 -28.45
C ARG A 171 71.56 16.73 -28.92
N GLY A 172 71.08 16.31 -30.11
CA GLY A 172 71.56 15.08 -30.74
C GLY A 172 73.00 15.20 -31.24
N TYR A 173 73.29 16.29 -31.95
CA TYR A 173 74.61 16.55 -32.58
C TYR A 173 75.75 16.61 -31.54
N SER A 174 75.50 17.35 -30.45
CA SER A 174 76.47 17.62 -29.39
C SER A 174 77.02 16.31 -28.78
N ARG A 175 76.11 15.34 -28.62
CA ARG A 175 76.41 14.08 -27.90
C ARG A 175 77.08 13.05 -28.83
N LEU A 176 76.62 13.00 -30.09
CA LEU A 176 77.21 12.13 -31.13
C LEU A 176 78.67 12.55 -31.34
N GLY A 177 78.83 13.85 -31.67
CA GLY A 177 80.14 14.45 -31.97
C GLY A 177 81.12 14.35 -30.83
N PHE A 178 80.63 14.56 -29.58
CA PHE A 178 81.47 14.50 -28.36
C PHE A 178 82.12 13.12 -28.23
N ALA A 179 81.31 12.10 -28.44
CA ALA A 179 81.72 10.71 -28.40
C ALA A 179 82.64 10.36 -29.60
N LYS A 180 82.44 11.03 -30.75
CA LYS A 180 83.23 10.79 -31.97
C LYS A 180 84.71 11.15 -31.78
N TYR A 181 85.01 12.38 -31.29
CA TYR A 181 86.40 12.83 -31.05
C TYR A 181 87.09 11.95 -30.00
N ALA A 182 86.29 11.53 -29.01
CA ALA A 182 86.76 10.68 -27.90
C ALA A 182 87.19 9.29 -28.40
N GLN A 183 86.58 8.83 -29.51
CA GLN A 183 86.93 7.56 -30.18
C GLN A 183 87.97 7.78 -31.32
N GLY A 184 88.55 9.00 -31.35
CA GLY A 184 89.67 9.33 -32.25
C GLY A 184 89.25 9.85 -33.61
N LYS A 185 87.96 10.20 -33.78
CA LYS A 185 87.39 10.65 -35.07
C LYS A 185 86.88 12.11 -34.97
N PRO A 186 87.74 13.11 -35.33
CA PRO A 186 87.45 14.55 -35.14
C PRO A 186 86.63 15.19 -36.30
N GLU A 187 86.48 14.47 -37.41
CA GLU A 187 85.86 15.00 -38.64
C GLU A 187 84.33 15.11 -38.46
N GLU A 188 83.73 13.96 -38.11
CA GLU A 188 82.28 13.85 -37.88
C GLU A 188 81.91 14.59 -36.58
N ALA A 189 82.92 14.63 -35.66
CA ALA A 189 82.84 15.41 -34.42
C ALA A 189 82.69 16.90 -34.73
N LEU A 190 83.54 17.42 -35.65
CA LEU A 190 83.58 18.86 -35.98
C LEU A 190 82.23 19.33 -36.50
N GLU A 191 81.74 18.66 -37.56
CA GLU A 191 80.52 19.08 -38.28
C GLU A 191 79.32 19.10 -37.32
N ALA A 192 79.33 18.20 -36.32
CA ALA A 192 78.28 18.12 -35.28
C ALA A 192 78.33 19.35 -34.35
N TYR A 193 79.52 19.59 -33.73
CA TYR A 193 79.73 20.72 -32.77
C TYR A 193 79.46 22.08 -33.42
N LYS A 194 80.03 22.22 -34.61
CA LYS A 194 80.03 23.45 -35.43
C LYS A 194 78.60 23.80 -35.83
N LYS A 195 77.81 22.74 -36.09
CA LYS A 195 76.39 22.85 -36.44
C LYS A 195 75.55 23.18 -35.20
N VAL A 196 75.98 22.70 -34.00
CA VAL A 196 75.33 23.06 -32.71
C VAL A 196 75.36 24.58 -32.50
N LEU A 197 76.56 25.17 -32.69
CA LEU A 197 76.78 26.62 -32.56
C LEU A 197 75.94 27.43 -33.58
N ASP A 198 75.69 26.81 -34.75
CA ASP A 198 75.01 27.46 -35.89
C ASP A 198 73.47 27.41 -35.73
N ILE A 199 72.94 26.18 -35.57
CA ILE A 199 71.48 25.91 -35.47
C ILE A 199 70.88 26.56 -34.19
N GLU A 200 71.68 26.59 -33.10
CA GLU A 200 71.31 27.27 -31.86
C GLU A 200 71.52 28.78 -32.02
N GLY A 201 72.66 29.17 -32.62
CA GLY A 201 72.91 30.57 -32.99
C GLY A 201 73.28 31.47 -31.82
N ASP A 202 72.35 32.38 -31.45
CA ASP A 202 72.58 33.44 -30.42
C ASP A 202 72.82 32.82 -29.03
N ASN A 203 72.09 31.74 -28.74
CA ASN A 203 72.08 31.08 -27.42
C ASN A 203 73.16 29.95 -27.36
N ALA A 204 74.20 30.07 -28.21
CA ALA A 204 75.38 29.18 -28.15
C ALA A 204 76.12 29.41 -26.81
N THR A 205 75.99 28.44 -25.90
CA THR A 205 76.38 28.58 -24.48
C THR A 205 77.79 27.99 -24.19
N GLU A 206 78.15 28.02 -22.89
CA GLU A 206 79.52 27.73 -22.37
C GLU A 206 80.02 26.32 -22.78
N ALA A 207 79.23 25.30 -22.43
CA ALA A 207 79.60 23.89 -22.64
C ALA A 207 79.62 23.51 -24.14
N MET A 208 78.79 24.23 -24.94
CA MET A 208 78.71 24.01 -26.41
C MET A 208 80.04 24.34 -27.10
N LYS A 209 80.77 25.31 -26.53
CA LYS A 209 82.12 25.68 -27.01
C LYS A 209 83.14 24.60 -26.64
N ARG A 210 83.02 24.00 -25.45
CA ARG A 210 83.96 22.97 -24.95
C ARG A 210 83.87 21.71 -25.81
N ASP A 211 82.63 21.41 -26.25
CA ASP A 211 82.38 20.45 -27.31
C ASP A 211 83.21 20.82 -28.55
N TYR A 212 82.99 22.05 -29.07
CA TYR A 212 83.64 22.55 -30.29
C TYR A 212 85.19 22.52 -30.21
N GLU A 213 85.74 22.75 -28.99
CA GLU A 213 87.19 22.78 -28.75
C GLU A 213 87.84 21.44 -29.11
N SER A 214 87.10 20.35 -28.82
CA SER A 214 87.58 18.98 -28.96
C SER A 214 88.07 18.69 -30.40
N ALA A 215 87.15 18.74 -31.38
CA ALA A 215 87.47 18.45 -32.79
C ALA A 215 88.34 19.56 -33.40
N LYS A 216 88.10 20.82 -32.97
CA LYS A 216 88.86 21.98 -33.45
C LYS A 216 90.37 21.81 -33.16
N LYS A 217 90.71 21.11 -32.07
CA LYS A 217 92.10 20.83 -31.66
C LYS A 217 92.89 20.17 -32.83
N LYS A 218 92.20 19.28 -33.58
CA LYS A 218 92.80 18.53 -34.70
C LYS A 218 92.50 19.24 -36.04
N VAL A 219 91.22 19.58 -36.27
CA VAL A 219 90.71 19.92 -37.61
C VAL A 219 90.95 21.41 -37.95
N GLU A 220 91.26 22.27 -36.95
CA GLU A 220 91.57 23.72 -37.19
C GLU A 220 92.77 23.88 -38.15
N GLN A 221 93.62 22.85 -38.21
CA GLN A 221 94.71 22.74 -39.19
C GLN A 221 94.15 22.82 -40.65
N SER A 222 93.04 22.11 -40.89
CA SER A 222 92.32 22.10 -42.19
C SER A 222 91.19 23.18 -42.25
N LEU A 223 90.77 23.68 -41.08
CA LEU A 223 89.63 24.63 -40.92
C LEU A 223 90.07 26.10 -40.99
N ASN A 224 91.40 26.33 -40.87
CA ASN A 224 92.04 27.67 -40.73
C ASN A 224 91.64 28.73 -41.81
N LEU A 225 91.12 28.26 -42.96
CA LEU A 225 90.66 29.13 -44.06
C LEU A 225 89.41 29.94 -43.62
N GLU A 226 88.54 29.27 -42.84
CA GLU A 226 87.33 29.89 -42.25
C GLU A 226 87.72 30.74 -41.02
N LYS A 227 86.85 31.71 -40.66
CA LYS A 227 87.07 32.65 -39.57
C LYS A 227 86.18 32.21 -38.38
N THR A 228 86.81 31.97 -37.21
CA THR A 228 86.14 31.29 -36.08
C THR A 228 85.32 32.26 -35.19
N VAL A 229 83.98 32.06 -35.23
CA VAL A 229 82.96 32.60 -34.28
C VAL A 229 82.17 33.84 -34.82
N PRO A 230 82.69 35.13 -34.82
CA PRO A 230 81.83 36.33 -35.03
C PRO A 230 81.62 36.68 -36.53
N GLU A 231 81.69 35.65 -37.40
CA GLU A 231 81.65 35.77 -38.88
C GLU A 231 82.90 36.54 -39.38
N GLN A 232 82.83 37.86 -39.21
CA GLN A 232 83.83 38.86 -39.64
C GLN A 232 83.37 40.22 -39.14
N SER A 233 82.02 40.37 -39.05
CA SER A 233 81.35 41.53 -38.46
C SER A 233 81.61 41.62 -36.94
N ARG A 234 81.14 42.73 -36.32
CA ARG A 234 81.43 43.10 -34.92
C ARG A 234 82.86 43.69 -34.81
N ASP A 235 83.10 44.47 -33.74
CA ASP A 235 84.40 45.11 -33.41
C ASP A 235 84.83 46.14 -34.49
N ALA A 236 85.62 45.68 -35.49
CA ALA A 236 86.15 46.54 -36.57
C ALA A 236 85.03 47.01 -37.53
N ASP A 237 83.94 46.21 -37.57
CA ASP A 237 82.77 46.45 -38.42
C ASP A 237 81.93 47.66 -37.92
N VAL A 238 81.98 47.91 -36.59
CA VAL A 238 81.29 49.03 -35.86
C VAL A 238 79.74 49.01 -35.96
N ASP A 239 79.10 49.54 -34.90
CA ASP A 239 77.62 49.67 -34.79
C ASP A 239 77.15 51.02 -35.36
N ALA A 240 78.12 51.92 -35.63
CA ALA A 240 77.85 53.18 -36.32
C ALA A 240 77.33 52.89 -37.74
N SER A 241 76.00 52.91 -37.91
CA SER A 241 75.33 52.56 -39.17
C SER A 241 73.86 53.01 -39.12
N GLN A 242 73.23 52.83 -37.93
CA GLN A 242 71.86 53.33 -37.59
C GLN A 242 70.75 52.45 -38.21
N GLY A 243 69.63 52.34 -37.48
CA GLY A 243 68.42 51.66 -37.94
C GLY A 243 67.18 52.49 -37.66
N ALA A 244 66.29 52.62 -38.67
CA ALA A 244 65.02 53.37 -38.54
C ALA A 244 64.04 52.63 -37.62
N SER A 245 63.93 51.31 -37.84
CA SER A 245 63.09 50.43 -37.01
C SER A 245 63.78 50.18 -35.65
N ALA A 246 63.12 50.60 -34.55
CA ALA A 246 63.68 50.50 -33.18
C ALA A 246 63.77 49.03 -32.74
N GLY A 247 62.61 48.35 -32.74
CA GLY A 247 62.56 46.89 -32.57
C GLY A 247 62.50 46.42 -31.11
N GLY A 248 63.36 47.03 -30.25
CA GLY A 248 63.55 46.55 -28.89
C GLY A 248 62.33 46.74 -28.03
N LEU A 249 61.89 48.00 -27.88
CA LEU A 249 60.76 48.37 -27.00
C LEU A 249 59.55 48.78 -27.87
N PRO A 250 59.68 49.74 -28.88
CA PRO A 250 58.67 49.93 -29.94
C PRO A 250 59.10 49.19 -31.25
N ASP A 251 58.46 48.06 -31.56
CA ASP A 251 58.84 47.22 -32.71
C ASP A 251 58.52 47.92 -34.05
N LEU A 252 57.45 48.76 -34.01
CA LEU A 252 56.98 49.62 -35.11
C LEU A 252 56.18 48.78 -36.15
N GLY A 253 56.84 47.81 -36.79
CA GLY A 253 56.29 47.07 -37.92
C GLY A 253 54.98 46.33 -37.63
N SER A 254 55.03 45.35 -36.71
CA SER A 254 53.92 44.41 -36.47
C SER A 254 52.85 45.03 -35.56
N LEU A 255 53.29 45.56 -34.39
CA LEU A 255 52.45 45.93 -33.23
C LEU A 255 51.97 44.65 -32.51
N LEU A 256 51.24 43.77 -33.26
CA LEU A 256 50.72 42.46 -32.81
C LEU A 256 49.37 42.66 -32.07
N GLY A 257 49.35 43.54 -31.07
CA GLY A 257 48.12 43.86 -30.32
C GLY A 257 47.01 44.44 -31.19
N GLY A 258 47.42 45.08 -32.30
CA GLY A 258 46.50 45.64 -33.30
C GLY A 258 47.20 45.83 -34.63
N GLY A 259 46.45 46.17 -35.68
CA GLY A 259 47.04 46.47 -37.00
C GLY A 259 47.89 47.73 -36.96
N LEU A 260 47.25 48.83 -36.54
CA LEU A 260 47.88 50.13 -36.31
C LEU A 260 47.23 50.79 -35.09
N GLY A 261 47.96 51.71 -34.43
CA GLY A 261 47.47 52.39 -33.22
C GLY A 261 47.41 51.45 -32.01
N GLY A 262 46.35 50.63 -31.95
CA GLY A 262 46.20 49.61 -30.94
C GLY A 262 44.75 49.17 -30.79
N LEU A 263 44.22 49.22 -29.55
CA LEU A 263 42.83 48.86 -29.22
C LEU A 263 42.34 49.70 -28.03
N MET A 264 41.03 49.60 -27.73
CA MET A 264 40.40 50.32 -26.61
C MET A 264 39.37 49.38 -25.94
N ASN A 265 39.34 49.41 -24.59
CA ASN A 265 38.43 48.57 -23.78
C ASN A 265 37.14 49.30 -23.43
N ASN A 266 37.19 50.64 -23.39
CA ASN A 266 36.06 51.49 -22.98
C ASN A 266 35.27 51.94 -24.24
N PRO A 267 34.10 51.30 -24.57
CA PRO A 267 33.29 51.68 -25.75
C PRO A 267 32.49 52.98 -25.52
N GLN A 268 32.09 53.17 -24.26
CA GLN A 268 31.25 54.27 -23.79
C GLN A 268 31.02 54.07 -22.28
N LEU A 269 30.48 52.87 -21.95
CA LEU A 269 30.05 52.50 -20.59
C LEU A 269 28.94 53.46 -20.11
N MET A 270 29.33 54.57 -19.43
CA MET A 270 28.44 55.64 -18.98
C MET A 270 27.30 55.12 -18.05
N GLN A 271 27.49 55.31 -16.74
CA GLN A 271 26.55 54.87 -15.68
C GLN A 271 25.14 55.49 -15.85
N ALA A 272 25.09 56.71 -16.40
CA ALA A 272 23.84 57.45 -16.66
C ALA A 272 23.08 56.81 -17.82
N ALA A 273 23.82 56.30 -18.83
CA ALA A 273 23.24 55.61 -20.00
C ALA A 273 22.86 54.17 -19.64
N GLN A 274 23.59 53.60 -18.67
CA GLN A 274 23.41 52.23 -18.20
C GLN A 274 22.06 52.06 -17.48
N LYS A 275 21.75 53.02 -16.60
CA LYS A 275 20.51 53.03 -15.82
C LYS A 275 19.66 54.27 -16.21
N MET A 276 18.57 54.51 -15.46
CA MET A 276 17.70 55.68 -15.69
C MET A 276 16.89 56.01 -14.42
N MET A 277 16.11 55.00 -13.95
CA MET A 277 15.18 55.12 -12.80
C MET A 277 14.14 56.23 -13.05
N SER A 278 13.10 55.90 -13.82
CA SER A 278 11.96 56.80 -14.03
C SER A 278 10.96 56.61 -12.88
N ASN A 279 10.89 57.59 -11.96
CA ASN A 279 10.03 57.52 -10.76
C ASN A 279 9.61 58.94 -10.31
N PRO A 280 8.39 59.40 -10.69
CA PRO A 280 7.85 60.69 -10.21
C PRO A 280 7.34 60.58 -8.74
N GLY A 281 8.07 61.21 -7.81
CA GLY A 281 7.74 61.15 -6.39
C GLY A 281 6.48 61.92 -6.01
N ALA A 282 6.00 61.70 -4.76
CA ALA A 282 4.80 62.36 -4.18
C ALA A 282 3.48 61.84 -4.81
N MET A 283 3.54 60.74 -5.57
CA MET A 283 2.36 60.12 -6.20
C MET A 283 1.75 59.04 -5.30
N GLN A 284 0.59 58.52 -5.73
CA GLN A 284 -0.18 57.47 -5.02
C GLN A 284 -0.76 58.00 -3.69
N ASN A 285 -2.04 58.38 -3.75
CA ASN A 285 -2.83 58.83 -2.58
C ASN A 285 -2.21 60.10 -1.94
N ILE A 286 -2.60 61.27 -2.47
CA ILE A 286 -2.21 62.59 -1.91
C ILE A 286 -3.21 63.00 -0.80
N GLN A 287 -4.46 62.51 -0.93
CA GLN A 287 -5.58 62.87 -0.03
C GLN A 287 -5.42 62.23 1.36
N LYS A 288 -6.00 62.88 2.38
CA LYS A 288 -6.08 62.36 3.75
C LYS A 288 -7.17 63.17 4.47
N MET A 289 -6.83 64.41 4.86
CA MET A 289 -7.81 65.39 5.38
C MET A 289 -7.85 66.54 4.35
N MET A 290 -7.55 67.80 4.75
CA MET A 290 -7.49 68.97 3.83
C MET A 290 -8.87 69.22 3.15
N GLN A 291 -9.94 68.66 3.77
CA GLN A 291 -11.32 68.61 3.21
C GLN A 291 -11.41 67.81 1.89
N ASP A 292 -10.29 67.13 1.50
CA ASP A 292 -10.22 66.26 0.32
C ASP A 292 -10.19 64.78 0.78
N PRO A 293 -11.37 64.13 0.96
CA PRO A 293 -11.47 62.77 1.50
C PRO A 293 -11.53 61.69 0.38
N SER A 294 -10.74 60.62 0.55
CA SER A 294 -10.53 59.60 -0.49
C SER A 294 -11.68 58.56 -0.53
N ILE A 295 -11.95 57.90 0.62
CA ILE A 295 -12.92 56.78 0.71
C ILE A 295 -14.35 57.30 1.03
N ARG A 296 -14.47 58.60 1.32
CA ARG A 296 -15.75 59.23 1.76
C ARG A 296 -16.68 59.56 0.57
N GLN A 297 -16.36 59.03 -0.66
CA GLN A 297 -17.17 59.21 -1.88
C GLN A 297 -17.06 60.67 -2.39
N MET A 298 -17.74 61.60 -1.68
CA MET A 298 -17.63 63.04 -1.92
C MET A 298 -17.25 63.74 -0.60
N ALA A 299 -18.26 63.97 0.25
CA ALA A 299 -18.18 64.77 1.50
C ALA A 299 -19.59 65.09 2.01
N GLU A 300 -20.56 65.16 1.06
CA GLU A 300 -21.97 65.61 1.28
C GLU A 300 -22.01 67.11 1.67
N GLY A 301 -21.61 67.42 2.92
CA GLY A 301 -21.50 68.80 3.40
C GLY A 301 -22.65 69.21 4.31
N PHE A 302 -22.90 68.40 5.36
CA PHE A 302 -23.90 68.71 6.42
C PHE A 302 -23.52 70.03 7.16
N ALA A 303 -22.19 70.19 7.38
CA ALA A 303 -21.57 71.44 7.86
C ALA A 303 -22.09 71.86 9.26
N SER A 304 -22.47 70.85 10.09
CA SER A 304 -22.93 71.04 11.48
C SER A 304 -24.27 71.81 11.53
N GLY A 305 -25.10 71.61 10.46
CA GLY A 305 -26.37 72.31 10.31
C GLY A 305 -26.19 73.71 9.71
N GLY A 306 -24.93 74.11 9.45
CA GLY A 306 -24.61 75.40 8.85
C GLY A 306 -24.95 75.46 7.37
N GLY A 307 -25.02 74.27 6.73
CA GLY A 307 -25.40 74.15 5.32
C GLY A 307 -26.91 74.18 5.11
N THR A 308 -27.57 75.22 5.63
CA THR A 308 -29.02 75.41 5.54
C THR A 308 -29.33 76.70 4.73
N PRO A 309 -29.80 76.57 3.44
CA PRO A 309 -30.25 77.72 2.63
C PRO A 309 -31.75 78.01 2.82
N ASN A 310 -32.31 78.84 1.94
CA ASN A 310 -33.78 79.03 1.77
C ASN A 310 -34.40 79.84 2.95
N LEU A 311 -33.63 80.79 3.53
CA LEU A 311 -34.17 81.73 4.54
C LEU A 311 -35.24 82.65 3.94
N SER A 312 -35.12 82.89 2.62
CA SER A 312 -36.02 83.79 1.86
C SER A 312 -37.48 83.30 1.88
N ASP A 313 -37.70 81.98 2.07
CA ASP A 313 -39.06 81.40 2.18
C ASP A 313 -39.79 82.00 3.40
N LEU A 314 -39.02 82.12 4.50
CA LEU A 314 -39.50 82.62 5.79
C LEU A 314 -39.47 84.16 5.82
N MET A 315 -38.47 84.75 5.13
CA MET A 315 -38.22 86.21 5.14
C MET A 315 -39.27 86.95 4.30
N ASN A 316 -39.64 86.38 3.14
CA ASN A 316 -40.58 87.01 2.21
C ASN A 316 -42.00 86.99 2.79
N ASN A 317 -42.35 88.11 3.44
CA ASN A 317 -43.68 88.36 4.00
C ASN A 317 -44.38 89.42 3.13
N PRO A 318 -45.74 89.43 3.07
CA PRO A 318 -46.50 90.47 2.33
C PRO A 318 -46.40 91.86 3.02
N ALA A 319 -45.27 92.54 2.76
CA ALA A 319 -44.91 93.83 3.42
C ALA A 319 -45.58 95.03 2.75
N LEU A 320 -46.45 94.78 1.74
CA LEU A 320 -47.17 95.83 0.99
C LEU A 320 -48.06 96.68 1.94
N ARG A 321 -48.99 95.97 2.60
CA ARG A 321 -49.99 96.55 3.55
C ARG A 321 -50.96 95.43 3.99
N ASN A 322 -51.26 94.53 3.04
CA ASN A 322 -52.11 93.34 3.26
C ASN A 322 -51.41 92.09 2.70
N MET A 323 -52.08 90.93 2.81
CA MET A 323 -51.58 89.65 2.25
C MET A 323 -51.76 89.58 0.71
N ALA A 324 -52.43 90.60 0.14
CA ALA A 324 -52.70 90.76 -1.30
C ALA A 324 -53.72 89.71 -1.79
N GLY A 325 -55.01 90.05 -1.65
CA GLY A 325 -56.12 89.17 -2.05
C GLY A 325 -57.42 89.53 -1.34
N ASN A 326 -58.54 88.98 -1.86
CA ASN A 326 -59.92 89.17 -1.33
C ASN A 326 -60.38 90.65 -1.44
N LEU A 327 -59.84 91.51 -0.56
CA LEU A 327 -60.14 92.95 -0.51
C LEU A 327 -59.80 93.63 -1.86
N PHE A 328 -58.71 93.13 -2.48
CA PHE A 328 -58.28 93.57 -3.81
C PHE A 328 -57.56 92.39 -4.49
N GLY A 329 -58.25 91.74 -5.45
CA GLY A 329 -57.69 90.63 -6.21
C GLY A 329 -57.30 91.05 -7.62
N GLY A 330 -56.76 92.29 -7.72
CA GLY A 330 -56.35 92.86 -9.01
C GLY A 330 -54.90 92.52 -9.36
N ALA A 331 -54.17 93.53 -9.89
CA ALA A 331 -52.78 93.39 -10.39
C ALA A 331 -52.66 92.33 -11.51
N GLY A 332 -52.65 91.04 -11.12
CA GLY A 332 -52.51 89.93 -12.08
C GLY A 332 -53.73 89.73 -12.96
N ALA A 333 -54.86 90.35 -12.57
CA ALA A 333 -56.12 90.32 -13.36
C ALA A 333 -56.11 91.34 -14.52
N GLN A 334 -55.09 92.22 -14.53
CA GLN A 334 -54.94 93.27 -15.58
C GLN A 334 -54.43 92.64 -16.88
N SER A 335 -54.99 93.10 -18.02
CA SER A 335 -54.67 92.57 -19.36
C SER A 335 -53.25 92.96 -19.79
N THR A 336 -52.30 92.02 -19.66
CA THR A 336 -50.87 92.22 -20.00
C THR A 336 -50.60 92.06 -21.52
N ASP A 337 -51.67 91.81 -22.30
CA ASP A 337 -51.62 91.64 -23.76
C ASP A 337 -51.06 92.92 -24.44
N GLU A 338 -51.59 94.10 -24.00
CA GLU A 338 -51.17 95.45 -24.45
C GLU A 338 -51.44 95.76 -25.94
N THR A 339 -51.85 94.75 -26.74
CA THR A 339 -51.99 94.83 -28.21
C THR A 339 -50.77 95.50 -28.91
N PRO A 340 -49.63 94.75 -29.10
CA PRO A 340 -48.42 95.25 -29.84
C PRO A 340 -48.72 95.62 -31.31
N ASP A 341 -49.13 96.89 -31.53
CA ASP A 341 -49.38 97.52 -32.86
C ASP A 341 -50.29 96.67 -33.78
N ASN A 342 -49.70 95.67 -34.45
CA ASN A 342 -50.43 94.71 -35.32
C ASN A 342 -51.36 93.84 -34.46
N GLU A 343 -50.74 93.08 -33.53
CA GLU A 343 -51.37 92.05 -32.67
C GLU A 343 -52.25 91.05 -33.47
N ASN A 344 -53.49 91.51 -33.83
CA ASN A 344 -54.51 90.72 -34.52
C ASN A 344 -53.97 90.14 -35.85
N LYS A 345 -53.35 88.94 -35.72
CA LYS A 345 -52.72 88.12 -36.79
C LYS A 345 -51.72 87.13 -36.15
N GLN A 346 -51.67 87.12 -34.78
CA GLN A 346 -50.72 86.36 -33.92
C GLN A 346 -49.35 87.07 -33.81
N TYR A 347 -49.28 88.30 -34.38
CA TYR A 347 -48.08 89.18 -34.47
C TYR A 347 -46.74 88.40 -34.65
N MET B 1 -3.02 8.73 -4.75
CA MET B 1 -1.93 9.65 -4.39
C MET B 1 -0.83 9.51 -5.46
N SER B 2 -0.25 8.30 -5.48
CA SER B 2 0.85 7.80 -6.35
C SER B 2 1.45 6.59 -5.59
N ALA B 3 0.54 5.85 -4.92
CA ALA B 3 0.86 4.93 -3.80
C ALA B 3 1.61 5.71 -2.69
N SER B 4 2.94 5.74 -2.81
CA SER B 4 3.85 6.55 -1.98
C SER B 4 5.28 6.21 -2.40
N LYS B 5 6.17 7.20 -2.30
CA LYS B 5 7.52 7.15 -2.87
C LYS B 5 8.39 6.01 -2.28
N GLU B 6 8.22 5.72 -0.98
CA GLU B 6 9.02 4.71 -0.25
C GLU B 6 8.44 3.29 -0.46
N GLU B 7 7.12 3.21 -0.67
CA GLU B 7 6.42 1.92 -0.89
C GLU B 7 6.83 1.34 -2.25
N ILE B 8 6.75 2.20 -3.29
CA ILE B 8 7.15 1.85 -4.65
C ILE B 8 8.67 1.61 -4.70
N ALA B 9 9.45 2.40 -3.93
CA ALA B 9 10.92 2.21 -3.81
C ALA B 9 11.29 0.79 -3.37
N ALA B 10 10.49 0.25 -2.46
CA ALA B 10 10.66 -1.12 -1.94
C ALA B 10 10.36 -2.17 -3.03
N LEU B 11 9.41 -1.84 -3.93
CA LEU B 11 9.06 -2.68 -5.10
C LEU B 11 10.21 -2.66 -6.12
N ILE B 12 10.78 -1.47 -6.32
CA ILE B 12 11.81 -1.18 -7.35
C ILE B 12 13.07 -2.01 -7.11
N VAL B 13 13.62 -1.89 -5.90
CA VAL B 13 14.86 -2.59 -5.51
C VAL B 13 14.66 -4.12 -5.46
N ASN B 14 13.40 -4.54 -5.25
CA ASN B 14 13.01 -5.97 -5.15
C ASN B 14 12.72 -6.57 -6.54
N TYR B 15 12.30 -5.70 -7.49
CA TYR B 15 12.05 -6.08 -8.89
C TYR B 15 13.40 -6.34 -9.57
N PHE B 16 14.33 -5.37 -9.42
CA PHE B 16 15.69 -5.49 -9.97
C PHE B 16 16.49 -6.57 -9.25
N SER B 17 16.11 -6.89 -7.99
CA SER B 17 16.69 -8.03 -7.25
C SER B 17 16.38 -9.35 -7.98
N SER B 18 15.19 -9.41 -8.60
CA SER B 18 14.76 -10.55 -9.42
C SER B 18 15.49 -10.54 -10.79
N ILE B 19 15.71 -9.35 -11.36
CA ILE B 19 16.35 -9.17 -12.70
C ILE B 19 17.83 -9.60 -12.68
N VAL B 20 18.56 -9.15 -11.66
CA VAL B 20 19.99 -9.46 -11.49
C VAL B 20 20.20 -10.94 -11.07
N GLU B 21 19.18 -11.50 -10.39
CA GLU B 21 19.14 -12.93 -10.00
C GLU B 21 18.87 -13.77 -11.27
N LYS B 22 18.01 -13.23 -12.14
CA LYS B 22 17.54 -13.90 -13.37
C LYS B 22 18.71 -14.02 -14.39
N LYS B 23 19.59 -13.00 -14.39
CA LYS B 23 20.86 -12.99 -15.16
C LYS B 23 20.64 -12.95 -16.70
N GLU B 24 19.44 -12.53 -17.13
CA GLU B 24 19.14 -12.33 -18.58
C GLU B 24 19.84 -11.08 -19.11
N ILE B 25 19.98 -10.08 -18.24
CA ILE B 25 20.78 -8.88 -18.51
C ILE B 25 22.26 -9.21 -18.24
N SER B 26 23.18 -8.48 -18.91
CA SER B 26 24.64 -8.63 -18.72
C SER B 26 25.02 -8.29 -17.27
N GLU B 27 26.15 -8.85 -16.82
CA GLU B 27 26.70 -8.59 -15.47
C GLU B 27 27.04 -7.09 -15.27
N ASP B 28 27.40 -6.44 -16.39
CA ASP B 28 27.71 -5.00 -16.48
C ASP B 28 26.45 -4.16 -16.17
N GLY B 29 25.36 -4.45 -16.91
CA GLY B 29 24.07 -3.76 -16.73
C GLY B 29 23.39 -4.12 -15.42
N ALA B 30 23.63 -5.36 -14.95
CA ALA B 30 23.07 -5.88 -13.68
C ALA B 30 23.70 -5.15 -12.47
N ASP B 31 25.01 -4.84 -12.61
CA ASP B 31 25.78 -4.06 -11.61
C ASP B 31 25.16 -2.67 -11.43
N SER B 32 24.75 -2.06 -12.56
CA SER B 32 24.12 -0.73 -12.57
C SER B 32 22.79 -0.73 -11.79
N LEU B 33 21.98 -1.80 -12.01
CA LEU B 33 20.68 -1.97 -11.33
C LEU B 33 20.86 -2.27 -9.84
N ASN B 34 21.97 -2.96 -9.52
CA ASN B 34 22.27 -3.41 -8.15
C ASN B 34 22.77 -2.24 -7.27
N VAL B 35 23.62 -1.36 -7.83
CA VAL B 35 24.15 -0.19 -7.11
C VAL B 35 23.09 0.92 -7.01
N ALA B 36 22.14 0.92 -7.97
CA ALA B 36 20.98 1.83 -7.95
C ALA B 36 20.11 1.56 -6.72
N MET B 37 20.00 0.26 -6.34
CA MET B 37 19.21 -0.20 -5.16
C MET B 37 19.62 0.55 -3.88
N ASP B 38 20.95 0.67 -3.69
CA ASP B 38 21.55 1.37 -2.56
C ASP B 38 21.13 2.85 -2.55
N CYS B 39 21.32 3.52 -3.69
CA CYS B 39 21.04 4.96 -3.85
C CYS B 39 19.57 5.33 -3.54
N ILE B 40 18.67 4.41 -3.92
CA ILE B 40 17.24 4.51 -3.61
C ILE B 40 17.01 4.37 -2.10
N SER B 41 17.64 3.32 -1.52
CA SER B 41 17.53 3.00 -0.09
C SER B 41 18.16 4.09 0.81
N GLU B 42 19.09 4.89 0.26
CA GLU B 42 19.72 6.03 0.98
C GLU B 42 18.75 7.21 1.14
N ALA B 43 17.86 7.38 0.14
CA ALA B 43 16.93 8.53 0.07
C ALA B 43 15.74 8.37 1.04
N PHE B 44 15.46 7.13 1.47
CA PHE B 44 14.27 6.81 2.30
C PHE B 44 14.67 6.17 3.63
N GLY B 45 15.86 5.54 3.65
CA GLY B 45 16.39 4.87 4.84
C GLY B 45 15.74 3.51 5.08
N PHE B 46 16.12 2.52 4.24
CA PHE B 46 15.69 1.12 4.42
C PHE B 46 16.73 0.16 3.82
N GLU B 47 16.58 -1.14 4.09
CA GLU B 47 17.37 -2.20 3.45
C GLU B 47 16.60 -2.75 2.24
N ARG B 48 17.32 -3.00 1.14
CA ARG B 48 16.72 -3.49 -0.12
C ARG B 48 16.11 -4.90 0.06
N GLU B 49 16.53 -5.62 1.11
CA GLU B 49 16.05 -6.99 1.41
C GLU B 49 14.96 -6.98 2.50
N ALA B 50 14.87 -5.86 3.25
CA ALA B 50 13.84 -5.64 4.29
C ALA B 50 12.44 -5.46 3.67
N VAL B 51 12.42 -5.31 2.33
CA VAL B 51 11.22 -5.14 1.51
C VAL B 51 10.20 -6.29 1.65
N SER B 52 10.66 -7.47 2.10
CA SER B 52 9.81 -8.61 2.42
C SER B 52 8.84 -8.25 3.57
N GLY B 53 9.39 -7.62 4.63
CA GLY B 53 8.60 -7.16 5.77
C GLY B 53 7.78 -5.90 5.45
N ILE B 54 8.40 -4.97 4.68
CA ILE B 54 7.79 -3.69 4.25
C ILE B 54 6.48 -3.93 3.47
N LEU B 55 6.59 -4.73 2.40
CA LEU B 55 5.48 -5.00 1.46
C LEU B 55 4.54 -6.10 2.00
N GLY B 56 4.81 -6.55 3.25
CA GLY B 56 3.88 -7.39 4.00
C GLY B 56 2.64 -6.62 4.42
N LYS B 57 2.83 -5.33 4.74
CA LYS B 57 1.73 -4.42 5.12
C LYS B 57 1.15 -3.75 3.87
N SER B 58 2.07 -3.19 3.07
CA SER B 58 1.73 -2.24 1.99
C SER B 58 1.01 -2.92 0.79
N GLU B 59 -0.22 -2.45 0.52
CA GLU B 59 -0.95 -2.76 -0.73
C GLU B 59 -0.57 -1.76 -1.84
N PHE B 60 0.44 -0.90 -1.53
CA PHE B 60 0.83 0.27 -2.32
C PHE B 60 -0.30 1.31 -2.26
N LYS B 61 -1.32 1.14 -3.13
CA LYS B 61 -2.60 1.85 -3.04
C LYS B 61 -3.49 1.44 -4.21
N GLY B 62 -3.04 1.76 -5.43
CA GLY B 62 -3.80 1.47 -6.65
C GLY B 62 -3.33 0.23 -7.38
N GLN B 63 -2.00 0.03 -7.38
CA GLN B 63 -1.34 -1.11 -8.05
C GLN B 63 -1.87 -2.45 -7.47
N HIS B 64 -1.76 -2.56 -6.13
CA HIS B 64 -2.10 -3.78 -5.38
C HIS B 64 -1.21 -4.96 -5.81
N LEU B 65 -1.66 -5.72 -6.82
CA LEU B 65 -0.97 -6.94 -7.33
C LEU B 65 -1.20 -7.08 -8.84
N ALA B 66 -0.85 -8.27 -9.40
CA ALA B 66 -1.08 -8.66 -10.81
C ALA B 66 -0.02 -8.02 -11.74
N ASP B 67 -0.03 -6.68 -11.81
CA ASP B 67 1.01 -5.90 -12.51
C ASP B 67 2.33 -5.94 -11.73
N ILE B 68 2.24 -6.16 -10.41
CA ILE B 68 3.38 -6.36 -9.51
C ILE B 68 3.18 -7.64 -8.69
N LEU B 69 4.21 -8.50 -8.68
CA LEU B 69 4.17 -9.79 -7.95
C LEU B 69 5.03 -9.70 -6.67
N ASN B 70 6.09 -8.85 -6.73
CA ASN B 70 7.06 -8.67 -5.62
C ASN B 70 6.41 -7.93 -4.42
N SER B 71 5.60 -8.68 -3.65
CA SER B 71 4.83 -8.18 -2.49
C SER B 71 4.01 -9.34 -1.91
N ALA B 72 3.39 -10.13 -2.81
CA ALA B 72 2.59 -11.31 -2.44
C ALA B 72 3.49 -12.52 -2.16
N SER B 73 2.94 -13.49 -1.41
CA SER B 73 3.64 -14.72 -1.00
C SER B 73 2.59 -15.77 -0.59
N ARG B 74 3.02 -17.01 -0.26
CA ARG B 74 2.09 -18.10 0.12
C ARG B 74 2.82 -19.24 0.85
N VAL B 75 2.17 -19.76 1.90
CA VAL B 75 2.62 -20.94 2.66
C VAL B 75 2.52 -22.22 1.77
N PRO B 76 3.62 -23.06 1.70
CA PRO B 76 3.61 -24.37 0.97
C PRO B 76 2.91 -25.49 1.77
N GLU B 77 3.27 -26.76 1.49
CA GLU B 77 2.73 -27.93 2.21
C GLU B 77 3.13 -27.88 3.71
N SER B 78 2.17 -27.51 4.56
CA SER B 78 2.30 -27.55 6.02
C SER B 78 0.89 -27.50 6.63
N ASN B 79 0.26 -26.29 6.59
CA ASN B 79 -1.11 -26.01 7.10
C ASN B 79 -1.21 -26.36 8.60
N LYS B 80 -1.41 -27.66 8.90
CA LYS B 80 -1.55 -28.20 10.26
C LYS B 80 -0.17 -28.57 10.85
N LYS B 81 -0.18 -29.34 11.96
CA LYS B 81 1.03 -29.72 12.71
C LYS B 81 2.04 -30.54 11.88
N ASP B 82 1.57 -31.57 11.14
CA ASP B 82 2.45 -32.52 10.42
C ASP B 82 1.57 -33.43 9.52
N ASP B 83 0.81 -34.33 10.18
CA ASP B 83 -0.20 -35.21 9.54
C ASP B 83 0.40 -36.19 8.51
N ALA B 84 1.69 -36.52 8.70
CA ALA B 84 2.28 -37.74 8.11
C ALA B 84 1.77 -38.97 8.92
N GLU B 85 1.25 -38.68 10.13
CA GLU B 85 0.50 -39.62 10.98
C GLU B 85 -0.82 -40.02 10.28
N ASN B 86 -0.82 -41.21 9.66
CA ASN B 86 -2.02 -41.81 9.04
C ASN B 86 -1.78 -43.31 8.77
N VAL B 87 -0.79 -43.90 9.47
CA VAL B 87 -0.45 -45.34 9.32
C VAL B 87 -1.58 -46.21 9.90
N GLU B 88 -2.09 -45.78 11.08
CA GLU B 88 -3.18 -46.43 11.81
C GLU B 88 -2.97 -47.93 11.98
N ILE B 89 -1.98 -48.29 12.82
CA ILE B 89 -1.72 -49.70 13.17
C ILE B 89 -2.82 -50.18 14.13
N ASN B 90 -3.41 -51.35 13.82
CA ASN B 90 -4.51 -51.96 14.62
C ASN B 90 -4.05 -52.27 16.06
N ILE B 91 -2.71 -52.45 16.20
CA ILE B 91 -1.94 -52.75 17.44
C ILE B 91 -1.50 -54.23 17.45
N PRO B 92 -2.42 -55.27 17.35
CA PRO B 92 -2.00 -56.62 16.95
C PRO B 92 -1.50 -56.61 15.49
N GLU B 93 -0.18 -56.55 15.31
CA GLU B 93 0.48 -56.53 13.98
C GLU B 93 0.14 -57.80 13.17
N ASP B 94 0.04 -58.91 13.90
CA ASP B 94 -0.51 -60.19 13.44
C ASP B 94 -1.60 -60.59 14.46
N ASP B 95 -2.42 -61.61 14.16
CA ASP B 95 -3.47 -62.08 15.08
C ASP B 95 -2.87 -62.99 16.18
N ALA B 96 -2.05 -62.36 17.04
CA ALA B 96 -1.58 -62.93 18.30
C ALA B 96 -2.34 -62.27 19.46
N GLU B 97 -3.50 -61.66 19.12
CA GLU B 97 -4.45 -61.05 20.07
C GLU B 97 -5.17 -62.13 20.91
N THR B 98 -5.06 -63.41 20.45
CA THR B 98 -5.81 -64.56 20.99
C THR B 98 -5.67 -64.71 22.53
N LYS B 99 -4.60 -64.11 23.10
CA LYS B 99 -4.34 -64.05 24.56
C LYS B 99 -5.59 -63.65 25.39
N ALA B 100 -6.27 -62.58 24.95
CA ALA B 100 -7.50 -62.07 25.59
C ALA B 100 -8.74 -62.43 24.74
N LYS B 101 -8.52 -62.60 23.42
CA LYS B 101 -9.57 -62.90 22.43
C LYS B 101 -10.13 -64.35 22.60
N ALA B 102 -9.37 -65.20 23.33
CA ALA B 102 -9.76 -66.62 23.60
C ALA B 102 -10.92 -66.73 24.61
N GLU B 103 -11.44 -65.58 25.07
CA GLU B 103 -12.68 -65.50 25.88
C GLU B 103 -13.88 -66.05 25.07
N ASP B 104 -13.80 -65.89 23.74
CA ASP B 104 -14.83 -66.35 22.77
C ASP B 104 -14.84 -67.88 22.64
N LEU B 105 -13.69 -68.52 22.90
CA LEU B 105 -13.52 -69.99 22.80
C LEU B 105 -14.23 -70.74 23.94
N LYS B 106 -14.74 -69.97 24.93
CA LYS B 106 -15.64 -70.50 25.97
C LYS B 106 -17.01 -70.81 25.32
N MET B 107 -17.51 -69.83 24.53
CA MET B 107 -18.83 -69.92 23.84
C MET B 107 -18.86 -71.11 22.85
N GLN B 108 -17.66 -71.50 22.37
CA GLN B 108 -17.47 -72.70 21.52
C GLN B 108 -17.92 -73.97 22.27
N GLY B 109 -17.45 -74.10 23.52
CA GLY B 109 -17.86 -75.20 24.41
C GLY B 109 -19.34 -75.13 24.77
N ASN B 110 -19.84 -73.89 24.98
CA ASN B 110 -21.25 -73.62 25.31
C ASN B 110 -22.19 -73.99 24.13
N LYS B 111 -21.69 -73.82 22.89
CA LYS B 111 -22.44 -74.15 21.66
C LYS B 111 -22.61 -75.67 21.55
N ALA B 112 -21.50 -76.39 21.81
CA ALA B 112 -21.49 -77.86 21.79
C ALA B 112 -22.51 -78.41 22.82
N MET B 113 -22.49 -77.85 24.04
CA MET B 113 -23.45 -78.19 25.12
C MET B 113 -24.92 -77.93 24.70
N ALA B 114 -25.13 -76.85 23.94
CA ALA B 114 -26.47 -76.46 23.44
C ALA B 114 -26.98 -77.46 22.40
N ASN B 115 -26.05 -78.08 21.67
CA ASN B 115 -26.34 -79.13 20.67
C ASN B 115 -26.25 -80.53 21.33
N LYS B 116 -26.18 -80.54 22.70
CA LYS B 116 -26.23 -81.74 23.57
C LYS B 116 -24.88 -82.51 23.58
N ASP B 117 -23.86 -81.93 22.95
CA ASP B 117 -22.48 -82.47 22.97
C ASP B 117 -21.75 -81.96 24.23
N TYR B 118 -22.20 -82.41 25.41
CA TYR B 118 -21.61 -81.98 26.71
C TYR B 118 -20.18 -82.54 26.84
N GLU B 119 -20.01 -83.83 26.47
CA GLU B 119 -18.70 -84.53 26.55
C GLU B 119 -17.70 -83.96 25.54
N LEU B 120 -18.20 -83.60 24.35
CA LEU B 120 -17.39 -83.03 23.26
C LEU B 120 -16.99 -81.58 23.61
N ALA B 121 -17.89 -80.88 24.32
CA ALA B 121 -17.66 -79.50 24.81
C ALA B 121 -16.48 -79.44 25.79
N ILE B 122 -16.40 -80.47 26.66
CA ILE B 122 -15.30 -80.65 27.63
C ILE B 122 -13.94 -80.68 26.88
N ASN B 123 -13.93 -81.36 25.73
CA ASN B 123 -12.74 -81.43 24.85
C ASN B 123 -12.54 -80.08 24.11
N LYS B 124 -13.62 -79.33 23.85
CA LYS B 124 -13.55 -78.05 23.10
C LYS B 124 -13.10 -76.86 23.97
N TYR B 125 -13.10 -77.03 25.31
CA TYR B 125 -12.48 -76.04 26.22
C TYR B 125 -10.96 -76.08 26.13
N THR B 126 -10.40 -77.12 25.48
CA THR B 126 -8.96 -77.25 25.23
C THR B 126 -8.43 -76.15 24.29
N GLU B 127 -9.33 -75.52 23.50
CA GLU B 127 -9.02 -74.31 22.70
C GLU B 127 -8.81 -73.10 23.62
N ALA B 128 -9.71 -72.98 24.60
CA ALA B 128 -9.66 -71.90 25.61
C ALA B 128 -8.47 -72.12 26.59
N ILE B 129 -8.12 -73.40 26.81
CA ILE B 129 -7.00 -73.83 27.67
C ILE B 129 -5.66 -73.76 26.87
N LYS B 130 -5.76 -73.90 25.52
CA LYS B 130 -4.62 -73.83 24.59
C LYS B 130 -3.86 -72.51 24.77
N VAL B 131 -4.65 -71.45 24.89
CA VAL B 131 -4.16 -70.09 25.01
C VAL B 131 -4.00 -69.71 26.49
N LEU B 132 -5.10 -69.85 27.26
CA LEU B 132 -5.13 -69.47 28.69
C LEU B 132 -5.48 -70.71 29.57
N PRO B 133 -4.45 -71.52 29.98
CA PRO B 133 -4.65 -72.66 30.91
C PRO B 133 -4.76 -72.19 32.38
N THR B 134 -4.28 -70.97 32.66
CA THR B 134 -4.35 -70.35 33.98
C THR B 134 -5.72 -69.69 34.15
N ASN B 135 -6.74 -70.52 34.38
CA ASN B 135 -8.13 -70.07 34.50
C ASN B 135 -8.99 -71.25 35.02
N ALA B 136 -9.30 -71.21 36.33
CA ALA B 136 -10.09 -72.24 37.02
C ALA B 136 -11.52 -72.37 36.45
N ILE B 137 -12.04 -71.30 35.80
CA ILE B 137 -13.41 -71.27 35.25
C ILE B 137 -13.62 -72.38 34.20
N TYR B 138 -12.65 -72.50 33.27
CA TYR B 138 -12.74 -73.49 32.17
C TYR B 138 -12.88 -74.92 32.70
N TYR B 139 -11.97 -75.27 33.63
CA TYR B 139 -11.92 -76.62 34.23
C TYR B 139 -13.17 -76.90 35.08
N ALA B 140 -13.55 -75.91 35.90
CA ALA B 140 -14.73 -75.98 36.80
C ALA B 140 -16.03 -76.16 36.00
N ASN B 141 -16.06 -75.59 34.79
CA ASN B 141 -17.20 -75.68 33.87
C ASN B 141 -17.30 -77.13 33.34
N ARG B 142 -16.14 -77.73 33.07
CA ARG B 142 -16.07 -79.13 32.60
C ARG B 142 -16.45 -80.09 33.73
N ALA B 143 -16.09 -79.73 34.98
CA ALA B 143 -16.45 -80.50 36.20
C ALA B 143 -17.97 -80.54 36.39
N ALA B 144 -18.59 -79.37 36.16
CA ALA B 144 -20.07 -79.21 36.18
C ALA B 144 -20.72 -80.03 35.04
N ALA B 145 -20.04 -80.05 33.88
CA ALA B 145 -20.50 -80.79 32.69
C ALA B 145 -20.39 -82.32 32.89
N HIS B 146 -19.31 -82.76 33.57
CA HIS B 146 -19.12 -84.18 33.93
C HIS B 146 -20.21 -84.60 34.93
N SER B 147 -20.56 -83.68 35.84
CA SER B 147 -21.62 -83.91 36.85
C SER B 147 -23.00 -84.01 36.16
N SER B 148 -23.20 -83.24 35.08
CA SER B 148 -24.43 -83.28 34.26
C SER B 148 -24.48 -84.58 33.42
N LEU B 149 -23.30 -85.14 33.13
CA LEU B 149 -23.15 -86.44 32.48
C LEU B 149 -23.07 -87.58 33.52
N LYS B 150 -23.20 -87.21 34.81
CA LYS B 150 -23.24 -88.16 35.97
C LYS B 150 -21.86 -88.85 36.20
N GLU B 151 -20.83 -88.37 35.50
CA GLU B 151 -19.44 -88.78 35.69
C GLU B 151 -18.84 -88.02 36.87
N TYR B 152 -19.21 -88.45 38.08
CA TYR B 152 -18.81 -87.77 39.33
C TYR B 152 -17.30 -87.94 39.61
N ASP B 153 -16.76 -89.10 39.22
CA ASP B 153 -15.32 -89.42 39.33
C ASP B 153 -14.50 -88.52 38.37
N GLN B 154 -15.06 -88.27 37.18
CA GLN B 154 -14.42 -87.40 36.18
C GLN B 154 -14.66 -85.91 36.51
N ALA B 155 -15.71 -85.62 37.29
CA ALA B 155 -15.98 -84.28 37.82
C ALA B 155 -14.92 -83.90 38.86
N VAL B 156 -14.40 -84.93 39.57
CA VAL B 156 -13.30 -84.78 40.52
C VAL B 156 -12.02 -84.31 39.81
N LYS B 157 -11.76 -84.83 38.60
CA LYS B 157 -10.52 -84.50 37.82
C LYS B 157 -10.39 -82.99 37.60
N ASP B 158 -11.49 -82.40 37.11
CA ASP B 158 -11.56 -80.96 36.78
C ASP B 158 -11.83 -80.09 38.01
N ALA B 159 -12.41 -80.69 39.08
CA ALA B 159 -12.57 -80.01 40.39
C ALA B 159 -11.18 -79.75 41.00
N GLU B 160 -10.35 -80.82 41.00
CA GLU B 160 -8.96 -80.78 41.49
C GLU B 160 -8.11 -79.80 40.67
N SER B 161 -8.33 -79.79 39.34
CA SER B 161 -7.61 -78.91 38.40
C SER B 161 -7.92 -77.42 38.68
N ALA B 162 -9.20 -77.13 38.99
CA ALA B 162 -9.67 -75.77 39.31
C ALA B 162 -9.12 -75.29 40.67
N ILE B 163 -9.00 -76.24 41.63
CA ILE B 163 -8.46 -75.95 42.99
C ILE B 163 -6.90 -75.85 42.94
N SER B 164 -6.27 -76.56 41.99
CA SER B 164 -4.80 -76.51 41.80
C SER B 164 -4.38 -75.08 41.39
N ILE B 165 -5.21 -74.44 40.56
CA ILE B 165 -5.03 -73.04 40.14
C ILE B 165 -5.35 -72.08 41.30
N ASP B 166 -6.51 -72.29 41.95
CA ASP B 166 -6.97 -71.44 43.08
C ASP B 166 -7.44 -72.32 44.27
N PRO B 167 -6.65 -72.38 45.40
CA PRO B 167 -6.99 -73.25 46.57
C PRO B 167 -8.18 -72.72 47.41
N SER B 168 -8.64 -71.49 47.14
CA SER B 168 -9.81 -70.90 47.83
C SER B 168 -11.09 -71.04 46.98
N TYR B 169 -11.02 -71.86 45.91
CA TYR B 169 -12.18 -72.15 45.06
C TYR B 169 -13.11 -73.14 45.77
N PHE B 170 -14.07 -72.57 46.51
CA PHE B 170 -15.03 -73.30 47.36
C PHE B 170 -15.89 -74.29 46.55
N ARG B 171 -16.32 -73.87 45.33
CA ARG B 171 -17.24 -74.67 44.48
C ARG B 171 -16.53 -75.93 43.91
N GLY B 172 -15.19 -75.94 43.95
CA GLY B 172 -14.42 -77.14 43.65
C GLY B 172 -14.61 -78.22 44.70
N TYR B 173 -14.53 -77.80 45.99
CA TYR B 173 -14.78 -78.67 47.15
C TYR B 173 -16.26 -79.07 47.23
N SER B 174 -17.14 -78.15 46.79
CA SER B 174 -18.59 -78.35 46.80
C SER B 174 -19.00 -79.42 45.76
N ARG B 175 -18.38 -79.39 44.57
CA ARG B 175 -18.66 -80.35 43.49
C ARG B 175 -17.95 -81.69 43.75
N LEU B 176 -16.87 -81.63 44.55
CA LEU B 176 -16.17 -82.82 45.07
C LEU B 176 -17.08 -83.56 46.09
N GLY B 177 -17.71 -82.77 46.97
CA GLY B 177 -18.63 -83.28 47.98
C GLY B 177 -19.96 -83.70 47.37
N PHE B 178 -20.31 -83.08 46.23
CA PHE B 178 -21.52 -83.40 45.46
C PHE B 178 -21.40 -84.80 44.84
N ALA B 179 -20.16 -85.16 44.45
CA ALA B 179 -19.85 -86.50 43.95
C ALA B 179 -20.20 -87.58 44.98
N LYS B 180 -19.88 -87.29 46.25
CA LYS B 180 -20.17 -88.19 47.38
C LYS B 180 -21.69 -88.18 47.72
N TYR B 181 -22.28 -86.98 47.77
CA TYR B 181 -23.69 -86.76 48.18
C TYR B 181 -24.66 -87.47 47.22
N ALA B 182 -24.33 -87.42 45.92
CA ALA B 182 -25.14 -88.03 44.85
C ALA B 182 -25.09 -89.57 44.88
N GLN B 183 -24.03 -90.12 45.50
CA GLN B 183 -23.87 -91.57 45.73
C GLN B 183 -24.43 -91.96 47.12
N GLY B 184 -25.26 -91.06 47.71
CA GLY B 184 -25.94 -91.31 48.97
C GLY B 184 -25.00 -91.31 50.17
N LYS B 185 -23.86 -90.61 50.04
CA LYS B 185 -22.84 -90.48 51.09
C LYS B 185 -22.86 -89.05 51.65
N PRO B 186 -23.72 -88.74 52.67
CA PRO B 186 -23.94 -87.36 53.16
C PRO B 186 -22.85 -86.85 54.12
N GLU B 187 -22.21 -87.78 54.83
CA GLU B 187 -21.21 -87.47 55.86
C GLU B 187 -19.90 -87.05 55.20
N GLU B 188 -19.48 -87.86 54.20
CA GLU B 188 -18.29 -87.60 53.37
C GLU B 188 -18.48 -86.34 52.52
N ALA B 189 -19.72 -86.16 52.04
CA ALA B 189 -20.13 -84.96 51.32
C ALA B 189 -19.90 -83.72 52.18
N LEU B 190 -20.42 -83.80 53.42
CA LEU B 190 -20.39 -82.71 54.40
C LEU B 190 -18.94 -82.29 54.77
N GLU B 191 -17.99 -83.25 54.69
CA GLU B 191 -16.55 -82.98 54.97
C GLU B 191 -15.98 -81.99 53.93
N ALA B 192 -16.32 -82.20 52.66
CA ALA B 192 -15.87 -81.34 51.54
C ALA B 192 -16.66 -80.02 51.51
N TYR B 193 -17.95 -80.10 51.89
CA TYR B 193 -18.82 -78.92 52.04
C TYR B 193 -18.39 -78.07 53.27
N LYS B 194 -17.72 -78.71 54.24
CA LYS B 194 -17.21 -78.05 55.45
C LYS B 194 -16.02 -77.14 55.10
N LYS B 195 -15.23 -77.56 54.09
CA LYS B 195 -14.06 -76.79 53.62
C LYS B 195 -14.51 -75.51 52.88
N VAL B 196 -15.71 -75.60 52.27
CA VAL B 196 -16.41 -74.45 51.66
C VAL B 196 -16.79 -73.41 52.74
N LEU B 197 -17.14 -73.93 53.93
CA LEU B 197 -17.66 -73.12 55.06
C LEU B 197 -16.55 -72.22 55.64
N ASP B 198 -15.29 -72.70 55.68
CA ASP B 198 -14.14 -71.92 56.21
C ASP B 198 -13.93 -70.59 55.45
N ILE B 199 -14.14 -70.66 54.13
CA ILE B 199 -13.83 -69.58 53.19
C ILE B 199 -14.81 -68.37 53.35
N GLU B 200 -16.07 -68.66 53.72
CA GLU B 200 -17.11 -67.62 53.86
C GLU B 200 -17.54 -67.43 55.34
N GLY B 201 -17.86 -68.55 56.01
CA GLY B 201 -18.29 -68.56 57.42
C GLY B 201 -19.75 -68.96 57.56
N ASP B 202 -20.37 -68.58 58.70
CA ASP B 202 -21.80 -68.85 59.00
C ASP B 202 -22.74 -68.18 57.97
N ASN B 203 -22.26 -67.07 57.38
CA ASN B 203 -23.03 -66.29 56.37
C ASN B 203 -22.86 -66.89 54.95
N ALA B 204 -22.55 -68.21 54.87
CA ALA B 204 -22.39 -68.96 53.60
C ALA B 204 -23.48 -68.63 52.58
N THR B 205 -23.07 -68.52 51.31
CA THR B 205 -23.96 -68.16 50.18
C THR B 205 -25.05 -69.24 50.00
N GLU B 206 -26.20 -68.88 49.40
CA GLU B 206 -27.32 -69.83 49.15
C GLU B 206 -26.90 -70.93 48.16
N ALA B 207 -25.93 -70.57 47.27
CA ALA B 207 -25.29 -71.51 46.35
C ALA B 207 -24.47 -72.59 47.11
N MET B 208 -23.99 -72.23 48.31
CA MET B 208 -23.31 -73.16 49.22
C MET B 208 -24.35 -73.98 50.00
N LYS B 209 -25.27 -73.26 50.69
CA LYS B 209 -26.22 -73.85 51.67
C LYS B 209 -27.16 -74.89 51.05
N ARG B 210 -27.43 -74.75 49.74
CA ARG B 210 -28.34 -75.67 49.01
C ARG B 210 -27.77 -77.10 48.93
N ASP B 211 -26.46 -77.23 49.07
CA ASP B 211 -25.76 -78.53 49.04
C ASP B 211 -25.19 -78.86 50.43
N TYR B 212 -24.56 -77.85 51.05
CA TYR B 212 -23.95 -77.93 52.38
C TYR B 212 -24.97 -78.35 53.46
N GLU B 213 -26.01 -77.51 53.64
CA GLU B 213 -27.00 -77.66 54.72
C GLU B 213 -27.88 -78.91 54.48
N SER B 214 -27.98 -79.33 53.21
CA SER B 214 -28.68 -80.56 52.81
C SER B 214 -27.92 -81.81 53.28
N ALA B 215 -26.58 -81.81 53.08
CA ALA B 215 -25.69 -82.91 53.52
C ALA B 215 -25.57 -82.94 55.05
N LYS B 216 -25.60 -81.74 55.66
CA LYS B 216 -25.54 -81.57 57.12
C LYS B 216 -26.83 -82.11 57.75
N LYS B 217 -27.98 -81.74 57.15
CA LYS B 217 -29.29 -82.17 57.64
C LYS B 217 -29.50 -83.67 57.41
N LYS B 218 -28.91 -84.18 56.33
CA LYS B 218 -29.01 -85.60 55.96
C LYS B 218 -28.34 -86.50 57.03
N VAL B 219 -27.44 -85.89 57.83
CA VAL B 219 -26.75 -86.56 58.96
C VAL B 219 -27.47 -86.26 60.31
N GLU B 220 -28.08 -85.05 60.45
CA GLU B 220 -28.60 -84.57 61.77
C GLU B 220 -29.77 -85.42 62.28
N GLN B 221 -30.45 -86.16 61.38
CA GLN B 221 -31.55 -87.10 61.76
C GLN B 221 -31.13 -88.01 62.92
N SER B 222 -29.88 -88.53 62.83
CA SER B 222 -29.29 -89.47 63.81
C SER B 222 -29.43 -88.96 65.27
N LEU B 223 -29.21 -87.65 65.43
CA LEU B 223 -29.26 -86.97 66.75
C LEU B 223 -30.70 -86.53 67.06
N ASN B 224 -31.38 -86.01 66.04
CA ASN B 224 -32.67 -85.30 66.17
C ASN B 224 -33.88 -86.27 66.10
N LEU B 225 -33.63 -87.59 65.93
CA LEU B 225 -34.70 -88.61 66.01
C LEU B 225 -34.81 -89.15 67.45
N GLU B 226 -33.80 -88.81 68.29
CA GLU B 226 -33.72 -89.30 69.67
C GLU B 226 -34.86 -88.68 70.50
N LYS B 227 -35.98 -89.40 70.54
CA LYS B 227 -37.17 -89.05 71.29
C LYS B 227 -37.45 -90.18 72.29
N THR B 228 -36.95 -90.01 73.53
CA THR B 228 -37.17 -90.99 74.61
C THR B 228 -38.64 -90.96 75.08
N VAL B 229 -39.48 -91.70 74.33
CA VAL B 229 -40.92 -91.84 74.60
C VAL B 229 -41.15 -92.67 75.91
N PRO B 230 -40.50 -93.87 76.11
CA PRO B 230 -40.65 -94.64 77.36
C PRO B 230 -39.89 -93.99 78.54
N GLU B 231 -40.64 -93.37 79.45
CA GLU B 231 -40.17 -92.91 80.75
C GLU B 231 -40.02 -94.15 81.67
N GLN B 232 -39.13 -94.08 82.68
CA GLN B 232 -38.94 -95.17 83.66
C GLN B 232 -40.25 -95.39 84.45
N SER B 233 -40.65 -96.68 84.57
CA SER B 233 -41.86 -97.09 85.31
C SER B 233 -41.60 -96.94 86.82
N ARG B 234 -41.72 -95.69 87.31
CA ARG B 234 -41.52 -95.33 88.72
C ARG B 234 -42.65 -95.95 89.55
N ASP B 235 -43.86 -95.94 88.96
CA ASP B 235 -45.05 -96.69 89.40
C ASP B 235 -45.80 -96.05 90.60
N ALA B 236 -45.03 -95.61 91.61
CA ALA B 236 -45.55 -95.13 92.90
C ALA B 236 -46.59 -94.00 92.73
N ASP B 237 -47.87 -94.40 92.74
CA ASP B 237 -49.02 -93.50 92.54
C ASP B 237 -50.05 -93.79 93.64
N VAL B 238 -50.45 -95.07 93.74
CA VAL B 238 -51.35 -95.55 94.82
C VAL B 238 -50.50 -96.22 95.93
N ASP B 239 -50.68 -95.76 97.18
CA ASP B 239 -49.98 -96.28 98.36
C ASP B 239 -50.79 -95.94 99.62
N ALA B 240 -50.65 -94.69 100.09
CA ALA B 240 -51.41 -94.17 101.24
C ALA B 240 -52.64 -93.40 100.71
N SER B 241 -53.54 -94.15 100.07
CA SER B 241 -54.80 -93.61 99.52
C SER B 241 -55.80 -93.36 100.68
N GLN B 242 -56.87 -92.59 100.39
CA GLN B 242 -57.87 -92.14 101.40
C GLN B 242 -58.48 -93.33 102.20
N GLY B 243 -58.62 -94.48 101.52
CA GLY B 243 -59.14 -95.71 102.13
C GLY B 243 -58.16 -96.88 102.03
N ALA B 244 -56.87 -96.58 102.21
CA ALA B 244 -55.78 -97.58 102.20
C ALA B 244 -55.02 -97.56 103.54
N SER B 245 -54.78 -96.34 104.05
CA SER B 245 -54.15 -96.12 105.36
C SER B 245 -55.20 -96.37 106.48
N ALA B 246 -55.39 -97.67 106.81
CA ALA B 246 -56.42 -98.15 107.76
C ALA B 246 -57.86 -97.80 107.27
N GLY B 247 -58.88 -98.10 108.10
CA GLY B 247 -60.26 -97.79 107.75
C GLY B 247 -61.25 -98.36 108.76
N GLY B 248 -62.47 -98.66 108.27
CA GLY B 248 -63.56 -99.16 109.12
C GLY B 248 -64.01 -98.11 110.13
N LEU B 249 -63.72 -98.36 111.42
CA LEU B 249 -63.97 -97.40 112.50
C LEU B 249 -63.24 -97.93 113.77
N PRO B 250 -62.05 -97.36 114.12
CA PRO B 250 -61.32 -97.72 115.37
C PRO B 250 -62.03 -97.14 116.62
N ASP B 251 -63.12 -97.80 117.00
CA ASP B 251 -64.03 -97.31 118.07
C ASP B 251 -63.49 -97.57 119.48
N LEU B 252 -64.09 -96.90 120.45
CA LEU B 252 -63.83 -97.10 121.89
C LEU B 252 -65.17 -97.40 122.58
N GLY B 253 -66.04 -98.14 121.86
CA GLY B 253 -67.42 -98.42 122.31
C GLY B 253 -67.51 -99.23 123.60
N SER B 254 -66.40 -99.92 123.95
CA SER B 254 -66.27 -100.65 125.22
C SER B 254 -66.31 -99.67 126.40
N LEU B 255 -65.46 -98.61 126.33
CA LEU B 255 -65.43 -97.48 127.31
C LEU B 255 -64.94 -97.93 128.72
N LEU B 256 -64.57 -99.21 128.87
CA LEU B 256 -64.20 -99.80 130.17
C LEU B 256 -62.76 -99.36 130.54
N GLY B 257 -62.67 -98.24 131.27
CA GLY B 257 -61.41 -97.77 131.86
C GLY B 257 -61.18 -98.34 133.25
N GLY B 258 -62.28 -98.80 133.88
CA GLY B 258 -62.26 -99.44 135.21
C GLY B 258 -63.12 -98.69 136.22
N GLY B 259 -62.99 -97.34 136.24
CA GLY B 259 -63.76 -96.47 137.15
C GLY B 259 -63.32 -96.59 138.62
N LEU B 260 -62.08 -97.09 138.82
CA LEU B 260 -61.46 -97.38 140.15
C LEU B 260 -62.17 -98.58 140.84
N GLY B 261 -63.45 -98.42 141.17
CA GLY B 261 -64.28 -99.49 141.75
C GLY B 261 -65.74 -99.09 141.82
N GLY B 262 -66.60 -99.99 142.33
CA GLY B 262 -68.05 -99.78 142.32
C GLY B 262 -68.73 -100.38 143.55
N LEU B 263 -68.66 -99.66 144.68
CA LEU B 263 -69.34 -100.04 145.93
C LEU B 263 -70.86 -99.76 145.82
N MET B 264 -71.68 -100.68 146.34
CA MET B 264 -73.15 -100.62 146.27
C MET B 264 -73.75 -99.59 147.24
N ASN B 265 -72.96 -99.19 148.26
CA ASN B 265 -73.44 -98.34 149.37
C ASN B 265 -73.33 -96.84 149.02
N ASN B 266 -74.03 -96.42 147.95
CA ASN B 266 -74.20 -95.00 147.60
C ASN B 266 -75.46 -94.43 148.31
N PRO B 267 -76.64 -95.17 148.35
CA PRO B 267 -77.77 -94.81 149.24
C PRO B 267 -77.62 -95.47 150.64
N GLN B 268 -78.70 -95.40 151.45
CA GLN B 268 -78.80 -95.98 152.82
C GLN B 268 -78.06 -95.11 153.89
N LEU B 269 -76.92 -94.52 153.51
CA LEU B 269 -76.18 -93.52 154.31
C LEU B 269 -75.62 -94.13 155.61
N MET B 270 -76.39 -94.07 156.72
CA MET B 270 -75.92 -94.49 158.05
C MET B 270 -76.20 -95.99 158.30
N GLN B 271 -77.22 -96.55 157.60
CA GLN B 271 -77.75 -97.91 157.83
C GLN B 271 -78.34 -98.01 159.24
N ALA B 272 -77.45 -98.15 160.24
CA ALA B 272 -77.82 -98.18 161.65
C ALA B 272 -77.86 -96.74 162.19
N ALA B 273 -78.87 -95.98 161.72
CA ALA B 273 -79.11 -94.59 162.12
C ALA B 273 -79.52 -94.53 163.61
N GLN B 274 -80.32 -95.53 164.03
CA GLN B 274 -80.74 -95.70 165.43
C GLN B 274 -80.98 -97.21 165.70
N LYS B 275 -81.98 -97.75 164.98
CA LYS B 275 -82.49 -99.13 165.16
C LYS B 275 -83.03 -99.33 166.60
N MET B 276 -82.14 -99.69 167.55
CA MET B 276 -82.45 -99.89 168.98
C MET B 276 -83.57 -100.93 169.21
N MET B 277 -83.69 -101.88 168.25
CA MET B 277 -84.79 -102.89 168.13
C MET B 277 -86.20 -102.26 168.18
N SER B 278 -86.25 -100.93 167.92
CA SER B 278 -87.47 -100.11 167.96
C SER B 278 -88.13 -100.11 169.37
N ASN B 279 -87.94 -99.00 170.13
CA ASN B 279 -88.55 -98.85 171.47
C ASN B 279 -89.08 -97.39 171.71
N PRO B 280 -89.90 -96.79 170.76
CA PRO B 280 -90.39 -95.37 170.89
C PRO B 280 -91.25 -95.12 172.14
N GLY B 281 -92.00 -96.17 172.56
CA GLY B 281 -92.89 -96.09 173.71
C GLY B 281 -92.29 -96.70 174.98
N ALA B 282 -91.10 -97.33 174.85
CA ALA B 282 -90.38 -97.94 175.98
C ALA B 282 -89.36 -96.94 176.53
N MET B 283 -89.76 -96.24 177.59
CA MET B 283 -88.90 -95.30 178.33
C MET B 283 -88.28 -96.02 179.55
N GLN B 284 -89.16 -96.81 180.23
CA GLN B 284 -88.93 -97.45 181.56
C GLN B 284 -88.45 -96.46 182.66
N ASN B 285 -88.49 -96.95 183.92
CA ASN B 285 -88.20 -96.15 185.14
C ASN B 285 -89.23 -95.01 185.29
N ILE B 286 -88.98 -93.89 184.58
CA ILE B 286 -89.89 -92.72 184.56
C ILE B 286 -90.96 -92.94 183.44
N GLN B 287 -91.59 -94.13 183.51
CA GLN B 287 -92.46 -94.70 182.45
C GLN B 287 -93.48 -93.65 181.94
N LYS B 288 -94.33 -93.18 182.85
CA LYS B 288 -95.25 -92.06 182.60
C LYS B 288 -94.87 -90.94 183.57
N MET B 289 -94.15 -89.92 183.04
CA MET B 289 -93.66 -88.73 183.80
C MET B 289 -92.56 -89.13 184.82
N MET B 290 -92.96 -89.63 185.99
CA MET B 290 -92.04 -89.97 187.11
C MET B 290 -92.28 -91.43 187.54
N GLN B 291 -91.27 -92.04 188.19
CA GLN B 291 -91.40 -93.37 188.78
C GLN B 291 -92.30 -93.28 190.05
N ASP B 292 -93.62 -93.39 189.82
CA ASP B 292 -94.63 -93.37 190.89
C ASP B 292 -95.30 -94.75 191.01
N PRO B 293 -95.49 -95.28 192.27
CA PRO B 293 -96.21 -96.54 192.50
C PRO B 293 -97.73 -96.37 192.30
N SER B 294 -98.36 -97.39 191.72
CA SER B 294 -99.80 -97.39 191.38
C SER B 294 -100.70 -97.38 192.66
N ILE B 295 -100.10 -97.77 193.81
CA ILE B 295 -100.78 -97.76 195.12
C ILE B 295 -100.92 -96.30 195.66
N ARG B 296 -99.96 -95.43 195.26
CA ARG B 296 -99.87 -93.99 195.67
C ARG B 296 -99.98 -93.83 197.21
N GLN B 297 -98.82 -93.82 197.88
CA GLN B 297 -98.69 -93.73 199.36
C GLN B 297 -99.24 -94.99 200.05
N MET B 298 -98.47 -95.49 201.02
CA MET B 298 -98.84 -96.65 201.84
C MET B 298 -98.21 -96.47 203.23
N ALA B 299 -96.97 -97.00 203.42
CA ALA B 299 -96.22 -96.94 204.69
C ALA B 299 -96.99 -97.59 205.87
N GLU B 300 -97.98 -96.84 206.39
CA GLU B 300 -98.87 -97.23 207.49
C GLU B 300 -100.28 -97.44 206.89
N GLY B 301 -101.35 -97.44 207.71
CA GLY B 301 -102.72 -97.35 207.22
C GLY B 301 -103.04 -95.94 206.72
N PHE B 302 -102.58 -95.67 205.47
CA PHE B 302 -102.64 -94.34 204.81
C PHE B 302 -101.77 -93.32 205.59
N ALA B 303 -102.34 -92.73 206.67
CA ALA B 303 -101.67 -91.74 207.54
C ALA B 303 -102.50 -91.47 208.81
N SER B 304 -103.36 -92.43 209.19
CA SER B 304 -104.37 -92.24 210.26
C SER B 304 -103.78 -92.28 211.70
N GLY B 305 -102.52 -92.72 211.82
CA GLY B 305 -101.83 -92.81 213.10
C GLY B 305 -102.41 -93.88 214.02
N GLY B 306 -103.15 -93.45 215.05
CA GLY B 306 -103.84 -94.36 215.97
C GLY B 306 -105.34 -94.46 215.68
N GLY B 307 -105.77 -93.91 214.52
CA GLY B 307 -107.17 -93.94 214.12
C GLY B 307 -108.05 -92.99 214.94
N THR B 308 -107.49 -91.81 215.27
CA THR B 308 -108.21 -90.75 216.01
C THR B 308 -108.79 -89.72 215.00
N PRO B 309 -110.13 -89.75 214.72
CA PRO B 309 -110.74 -88.85 213.71
C PRO B 309 -110.89 -87.40 214.23
N ASN B 310 -111.14 -86.47 213.29
CA ASN B 310 -111.42 -85.07 213.61
C ASN B 310 -112.91 -84.93 213.96
N LEU B 311 -113.29 -85.55 215.09
CA LEU B 311 -114.67 -85.47 215.62
C LEU B 311 -114.87 -84.18 216.43
N SER B 312 -113.83 -83.33 216.46
CA SER B 312 -113.85 -82.00 217.12
C SER B 312 -114.95 -81.07 216.55
N ASP B 313 -115.49 -81.44 215.38
CA ASP B 313 -116.60 -80.71 214.73
C ASP B 313 -117.89 -80.71 215.58
N LEU B 314 -118.12 -81.79 216.36
CA LEU B 314 -119.38 -81.98 217.11
C LEU B 314 -119.61 -80.90 218.18
N MET B 315 -118.52 -80.43 218.84
CA MET B 315 -118.61 -79.49 219.98
C MET B 315 -118.98 -78.06 219.53
N ASN B 316 -118.78 -77.77 218.23
CA ASN B 316 -119.13 -76.47 217.64
C ASN B 316 -120.66 -76.28 217.66
N ASN B 317 -121.10 -75.12 218.14
CA ASN B 317 -122.52 -74.78 218.29
C ASN B 317 -122.83 -73.50 217.46
N PRO B 318 -123.23 -73.65 216.15
CA PRO B 318 -123.62 -72.52 215.29
C PRO B 318 -125.15 -72.26 215.30
N ALA B 319 -125.75 -72.38 216.50
CA ALA B 319 -127.22 -72.21 216.71
C ALA B 319 -127.69 -70.80 216.32
N LEU B 320 -126.90 -69.79 216.71
CA LEU B 320 -127.20 -68.37 216.43
C LEU B 320 -126.78 -67.98 215.00
N ARG B 321 -126.10 -68.90 214.28
CA ARG B 321 -125.66 -68.74 212.88
C ARG B 321 -124.65 -67.56 212.71
N ASN B 322 -124.15 -67.06 213.87
CA ASN B 322 -123.18 -65.95 213.99
C ASN B 322 -123.66 -64.66 213.29
N MET B 323 -124.21 -63.71 214.09
CA MET B 323 -124.71 -62.37 213.67
C MET B 323 -126.11 -62.44 213.03
N ALA B 324 -126.32 -63.40 212.11
CA ALA B 324 -127.60 -63.62 211.42
C ALA B 324 -128.75 -63.86 212.41
N GLY B 325 -128.46 -64.64 213.47
CA GLY B 325 -129.41 -64.90 214.56
C GLY B 325 -130.35 -66.07 214.28
N ASN B 326 -130.83 -66.13 213.01
CA ASN B 326 -131.80 -67.12 212.49
C ASN B 326 -133.25 -66.77 212.93
N LEU B 327 -133.43 -66.57 214.25
CA LEU B 327 -134.74 -66.28 214.89
C LEU B 327 -135.31 -64.88 214.57
N PHE B 328 -134.57 -64.07 213.78
CA PHE B 328 -135.02 -62.74 213.35
C PHE B 328 -136.17 -62.83 212.33
N GLY B 329 -136.24 -63.95 211.58
CA GLY B 329 -137.31 -64.16 210.59
C GLY B 329 -136.95 -63.62 209.21
N GLY B 330 -136.37 -62.41 209.17
CA GLY B 330 -135.94 -61.77 207.93
C GLY B 330 -137.11 -61.35 207.04
N ALA B 331 -137.34 -62.09 205.94
CA ALA B 331 -138.46 -61.83 205.02
C ALA B 331 -139.82 -62.16 205.67
N GLY B 332 -139.79 -63.09 206.64
CA GLY B 332 -140.96 -63.45 207.44
C GLY B 332 -141.35 -62.35 208.42
N ALA B 333 -140.32 -61.62 208.91
CA ALA B 333 -140.48 -60.46 209.83
C ALA B 333 -140.77 -59.18 209.05
N GLN B 334 -140.46 -59.19 207.74
CA GLN B 334 -140.60 -58.02 206.85
C GLN B 334 -142.07 -57.85 206.41
N SER B 335 -142.38 -56.64 205.87
CA SER B 335 -143.70 -56.28 205.35
C SER B 335 -144.09 -57.17 204.16
N THR B 336 -144.70 -58.33 204.47
CA THR B 336 -145.20 -59.29 203.49
C THR B 336 -146.69 -59.51 203.77
N ASP B 337 -147.54 -58.71 203.10
CA ASP B 337 -148.98 -58.64 203.40
C ASP B 337 -149.72 -58.00 202.23
N GLU B 338 -149.09 -56.93 201.67
CA GLU B 338 -149.52 -56.28 200.41
C GLU B 338 -150.92 -55.65 200.50
N THR B 339 -151.33 -55.21 201.72
CA THR B 339 -152.62 -54.48 201.91
C THR B 339 -152.69 -53.18 201.05
N PRO B 340 -151.65 -52.27 201.04
CA PRO B 340 -151.62 -51.13 200.09
C PRO B 340 -151.17 -51.60 198.70
N ASP B 341 -149.91 -52.11 198.62
CA ASP B 341 -149.28 -52.64 197.39
C ASP B 341 -149.22 -51.56 196.29
N ASN B 342 -150.31 -51.41 195.53
CA ASN B 342 -150.49 -50.34 194.53
C ASN B 342 -151.83 -49.65 194.78
N GLU B 343 -152.87 -50.47 195.06
CA GLU B 343 -154.27 -50.02 195.27
C GLU B 343 -154.75 -49.15 194.07
N ASN B 344 -155.43 -48.00 194.31
CA ASN B 344 -155.94 -47.09 193.25
C ASN B 344 -156.91 -47.87 192.30
N LYS B 345 -157.03 -47.45 191.03
CA LYS B 345 -157.92 -48.08 190.03
C LYS B 345 -157.48 -47.62 188.62
N GLN B 346 -156.47 -48.34 188.06
CA GLN B 346 -155.83 -48.04 186.75
C GLN B 346 -155.03 -46.71 186.80
N TYR B 347 -153.98 -46.60 185.98
CA TYR B 347 -153.23 -45.34 185.78
C TYR B 347 -152.64 -45.32 184.35
N MET A 1 1.19 -9.42 -20.48
CA MET A 1 0.52 -10.00 -19.29
C MET A 1 1.24 -9.53 -18.02
N SER A 2 2.55 -9.80 -17.93
CA SER A 2 3.39 -9.44 -16.78
C SER A 2 4.14 -8.11 -17.02
N ALA A 3 3.60 -7.29 -17.96
CA ALA A 3 4.22 -6.04 -18.47
C ALA A 3 5.61 -6.31 -19.09
N SER A 4 6.35 -5.23 -19.34
CA SER A 4 7.71 -5.30 -19.85
C SER A 4 8.60 -4.47 -18.92
N LYS A 5 9.82 -4.97 -18.67
CA LYS A 5 10.82 -4.28 -17.82
C LYS A 5 11.19 -2.89 -18.38
N GLU A 6 11.03 -2.71 -19.71
CA GLU A 6 11.21 -1.40 -20.39
C GLU A 6 10.14 -0.40 -19.92
N GLU A 7 8.87 -0.84 -19.97
CA GLU A 7 7.69 -0.01 -19.64
C GLU A 7 7.75 0.48 -18.18
N ILE A 8 8.08 -0.46 -17.29
CA ILE A 8 8.14 -0.21 -15.84
C ILE A 8 9.40 0.62 -15.51
N ALA A 9 10.54 0.34 -16.18
CA ALA A 9 11.81 1.12 -15.99
C ALA A 9 11.63 2.59 -16.38
N ALA A 10 10.80 2.82 -17.42
CA ALA A 10 10.41 4.16 -17.84
C ALA A 10 9.72 4.90 -16.69
N LEU A 11 8.78 4.18 -16.03
CA LEU A 11 8.02 4.70 -14.86
C LEU A 11 8.95 4.89 -13.64
N ILE A 12 9.99 4.02 -13.50
CA ILE A 12 10.93 4.08 -12.35
C ILE A 12 11.66 5.44 -12.32
N VAL A 13 12.37 5.74 -13.42
CA VAL A 13 13.19 6.97 -13.54
C VAL A 13 12.30 8.21 -13.69
N ASN A 14 11.14 8.04 -14.36
CA ASN A 14 10.11 9.10 -14.50
C ASN A 14 9.59 9.54 -13.13
N TYR A 15 9.37 8.54 -12.25
CA TYR A 15 8.84 8.76 -10.91
C TYR A 15 9.82 9.66 -10.13
N PHE A 16 11.10 9.22 -10.05
CA PHE A 16 12.17 9.99 -9.35
C PHE A 16 12.34 11.41 -9.93
N SER A 17 12.21 11.55 -11.27
CA SER A 17 12.34 12.85 -11.97
C SER A 17 11.27 13.84 -11.49
N SER A 18 10.02 13.38 -11.43
CA SER A 18 8.87 14.21 -11.02
C SER A 18 8.84 14.39 -9.48
N ILE A 19 9.49 13.47 -8.74
CA ILE A 19 9.62 13.57 -7.27
C ILE A 19 10.66 14.65 -6.89
N VAL A 20 11.75 14.78 -7.68
CA VAL A 20 12.78 15.82 -7.45
C VAL A 20 12.33 17.18 -8.05
N GLU A 21 11.46 17.11 -9.09
CA GLU A 21 10.87 18.28 -9.75
C GLU A 21 9.85 18.96 -8.81
N LYS A 22 8.96 18.13 -8.26
CA LYS A 22 7.90 18.55 -7.30
C LYS A 22 8.49 18.65 -5.87
N LYS A 23 9.74 18.17 -5.69
CA LYS A 23 10.51 18.33 -4.43
C LYS A 23 9.81 17.60 -3.25
N GLU A 24 9.17 16.46 -3.59
CA GLU A 24 8.40 15.63 -2.63
C GLU A 24 9.28 15.10 -1.48
N ILE A 25 10.52 14.73 -1.82
CA ILE A 25 11.51 14.22 -0.86
C ILE A 25 12.53 15.35 -0.54
N SER A 26 13.27 15.21 0.59
CA SER A 26 14.37 16.11 0.96
C SER A 26 15.40 16.24 -0.19
N GLU A 27 15.97 17.44 -0.34
CA GLU A 27 16.86 17.82 -1.46
C GLU A 27 18.13 16.95 -1.50
N ASP A 28 18.58 16.56 -0.29
CA ASP A 28 19.70 15.61 -0.10
C ASP A 28 19.40 14.26 -0.79
N GLY A 29 18.29 13.62 -0.36
CA GLY A 29 17.86 12.33 -0.91
C GLY A 29 17.42 12.42 -2.37
N ALA A 30 16.94 13.61 -2.77
CA ALA A 30 16.46 13.88 -4.13
C ALA A 30 17.60 13.71 -5.16
N ASP A 31 18.76 14.31 -4.86
CA ASP A 31 19.94 14.23 -5.75
C ASP A 31 20.53 12.80 -5.77
N SER A 32 20.38 12.08 -4.64
CA SER A 32 20.82 10.68 -4.50
C SER A 32 20.02 9.75 -5.45
N LEU A 33 18.73 10.08 -5.64
CA LEU A 33 17.83 9.37 -6.57
C LEU A 33 18.07 9.82 -8.02
N ASN A 34 18.37 11.13 -8.17
CA ASN A 34 18.56 11.80 -9.46
C ASN A 34 19.70 11.15 -10.28
N VAL A 35 20.85 10.96 -9.61
CA VAL A 35 22.03 10.34 -10.23
C VAL A 35 21.79 8.84 -10.52
N ALA A 36 20.94 8.20 -9.68
CA ALA A 36 20.57 6.78 -9.81
C ALA A 36 19.69 6.54 -11.05
N MET A 37 18.89 7.56 -11.44
CA MET A 37 17.99 7.49 -12.62
C MET A 37 18.78 7.20 -13.90
N ASP A 38 19.90 7.91 -14.06
CA ASP A 38 20.76 7.82 -15.26
C ASP A 38 21.39 6.40 -15.39
N CYS A 39 21.66 5.79 -14.23
CA CYS A 39 22.23 4.43 -14.15
C CYS A 39 21.21 3.35 -14.61
N ILE A 40 19.95 3.55 -14.22
CA ILE A 40 18.83 2.65 -14.59
C ILE A 40 18.51 2.82 -16.10
N SER A 41 18.46 4.08 -16.56
CA SER A 41 18.17 4.41 -17.98
C SER A 41 19.25 3.83 -18.93
N GLU A 42 20.50 3.74 -18.42
CA GLU A 42 21.62 3.11 -19.14
C GLU A 42 21.43 1.58 -19.22
N ALA A 43 21.05 1.00 -18.06
CA ALA A 43 20.99 -0.46 -17.86
C ALA A 43 20.03 -1.16 -18.85
N PHE A 44 18.88 -0.51 -19.13
CA PHE A 44 17.89 -1.01 -20.11
C PHE A 44 18.14 -0.41 -21.50
N GLY A 45 18.70 0.83 -21.53
CA GLY A 45 19.05 1.51 -22.78
C GLY A 45 17.87 2.27 -23.38
N PHE A 46 17.39 3.28 -22.65
CA PHE A 46 16.28 4.15 -23.08
C PHE A 46 16.54 5.58 -22.56
N GLU A 47 16.00 6.59 -23.26
CA GLU A 47 16.12 8.00 -22.86
C GLU A 47 15.19 8.30 -21.67
N ARG A 48 15.76 8.97 -20.65
CA ARG A 48 15.06 9.36 -19.42
C ARG A 48 14.00 10.46 -19.73
N GLU A 49 14.20 11.20 -20.83
CA GLU A 49 13.28 12.25 -21.30
C GLU A 49 12.10 11.62 -22.08
N ALA A 50 12.40 10.55 -22.85
CA ALA A 50 11.42 9.89 -23.75
C ALA A 50 10.54 8.86 -23.01
N VAL A 51 10.66 8.82 -21.66
CA VAL A 51 9.87 7.92 -20.80
C VAL A 51 8.36 8.15 -20.93
N SER A 52 7.94 9.42 -21.15
CA SER A 52 6.51 9.79 -21.30
C SER A 52 5.92 9.15 -22.59
N GLY A 53 6.81 8.92 -23.57
CA GLY A 53 6.45 8.21 -24.80
C GLY A 53 6.32 6.70 -24.59
N ILE A 54 7.22 6.12 -23.76
CA ILE A 54 7.20 4.69 -23.38
C ILE A 54 5.99 4.40 -22.47
N LEU A 55 5.58 5.41 -21.68
CA LEU A 55 4.41 5.35 -20.79
C LEU A 55 3.11 5.56 -21.58
N GLY A 56 3.22 6.29 -22.70
CA GLY A 56 2.14 6.37 -23.70
C GLY A 56 2.01 5.07 -24.49
N LYS A 57 3.13 4.35 -24.59
CA LYS A 57 3.20 3.03 -25.26
C LYS A 57 2.73 1.90 -24.32
N SER A 58 2.85 2.12 -23.00
CA SER A 58 2.56 1.09 -21.99
C SER A 58 1.11 1.17 -21.50
N GLU A 59 0.38 0.06 -21.60
CA GLU A 59 -0.99 -0.06 -21.07
C GLU A 59 -0.95 -0.30 -19.55
N PHE A 60 -0.07 -1.24 -19.12
CA PHE A 60 0.00 -1.80 -17.76
C PHE A 60 -1.29 -2.59 -17.39
N LYS A 61 -1.19 -3.41 -16.33
CA LYS A 61 -2.32 -4.23 -15.82
C LYS A 61 -2.82 -3.69 -14.47
N GLY A 62 -2.02 -2.82 -13.82
CA GLY A 62 -2.32 -2.28 -12.51
C GLY A 62 -1.93 -0.82 -12.39
N GLN A 63 -0.66 -0.52 -12.73
CA GLN A 63 -0.08 0.83 -12.63
C GLN A 63 -0.92 1.89 -13.37
N HIS A 64 -1.02 1.72 -14.70
CA HIS A 64 -1.81 2.57 -15.61
C HIS A 64 -1.42 4.07 -15.46
N LEU A 65 -2.37 4.93 -15.01
CA LEU A 65 -2.19 6.41 -14.94
C LEU A 65 -3.07 6.94 -13.77
N ALA A 66 -3.32 8.28 -13.77
CA ALA A 66 -4.30 8.97 -12.89
C ALA A 66 -3.77 9.16 -11.46
N ASP A 67 -3.61 8.06 -10.71
CA ASP A 67 -3.06 8.09 -9.33
C ASP A 67 -1.57 8.50 -9.36
N ILE A 68 -0.93 8.20 -10.50
CA ILE A 68 0.39 8.70 -10.83
C ILE A 68 0.23 9.81 -11.91
N LEU A 69 0.33 11.07 -11.45
CA LEU A 69 0.30 12.27 -12.30
C LEU A 69 1.69 12.51 -12.93
N ASN A 70 2.64 11.63 -12.57
CA ASN A 70 4.08 11.78 -12.84
C ASN A 70 4.44 11.42 -14.29
N SER A 71 3.52 10.70 -14.96
CA SER A 71 3.74 10.08 -16.28
C SER A 71 3.63 11.07 -17.45
N ALA A 72 3.32 12.34 -17.16
CA ALA A 72 3.09 13.39 -18.17
C ALA A 72 4.03 14.58 -17.92
N SER A 73 4.45 15.26 -19.02
CA SER A 73 5.35 16.43 -18.97
C SER A 73 5.23 17.22 -20.29
N ARG A 74 6.10 18.25 -20.49
CA ARG A 74 6.02 19.17 -21.65
C ARG A 74 7.40 19.81 -21.91
N VAL A 75 7.69 20.14 -23.19
CA VAL A 75 8.91 20.87 -23.62
C VAL A 75 8.54 21.90 -24.74
N PRO A 76 9.16 23.14 -24.74
CA PRO A 76 8.85 24.18 -25.76
C PRO A 76 9.47 23.86 -27.15
N GLU A 77 8.87 24.44 -28.22
CA GLU A 77 9.36 24.26 -29.60
C GLU A 77 10.72 24.97 -29.78
N SER A 78 10.80 26.22 -29.33
CA SER A 78 12.07 26.95 -29.19
C SER A 78 12.71 26.55 -27.83
N ASN A 79 13.21 25.30 -27.79
CA ASN A 79 13.79 24.70 -26.58
C ASN A 79 15.20 25.27 -26.35
N LYS A 80 15.29 26.33 -25.50
CA LYS A 80 16.55 27.04 -25.18
C LYS A 80 17.15 27.67 -26.47
N LYS A 81 16.46 28.72 -26.98
CA LYS A 81 16.78 29.37 -28.28
C LYS A 81 16.57 28.35 -29.43
N ASP A 82 17.63 27.52 -29.70
CA ASP A 82 17.62 26.37 -30.63
C ASP A 82 17.19 26.75 -32.06
N ASP A 83 15.88 26.92 -32.24
CA ASP A 83 15.25 27.34 -33.49
C ASP A 83 15.75 28.75 -33.92
N ALA A 84 15.83 29.66 -32.92
CA ALA A 84 16.32 31.05 -33.07
C ALA A 84 15.44 31.86 -34.05
N GLU A 85 14.32 32.35 -33.51
CA GLU A 85 13.35 33.22 -34.19
C GLU A 85 12.96 34.30 -33.18
N ASN A 86 12.28 33.85 -32.10
CA ASN A 86 11.93 34.63 -30.92
C ASN A 86 11.22 35.95 -31.28
N VAL A 87 12.00 37.03 -31.50
CA VAL A 87 11.47 38.35 -31.85
C VAL A 87 11.40 38.47 -33.38
N GLU A 88 12.56 38.69 -34.04
CA GLU A 88 12.65 39.01 -35.48
C GLU A 88 13.95 38.40 -36.06
N ILE A 89 15.10 38.93 -35.58
CA ILE A 89 16.46 38.57 -36.04
C ILE A 89 16.62 38.86 -37.56
N ASN A 90 16.63 40.16 -37.91
CA ASN A 90 16.78 40.63 -39.31
C ASN A 90 18.28 40.76 -39.65
N ILE A 91 18.99 41.54 -38.79
CA ILE A 91 20.43 41.83 -38.87
C ILE A 91 20.83 42.33 -40.29
N PRO A 92 20.58 43.65 -40.63
CA PRO A 92 20.88 44.24 -41.96
C PRO A 92 22.36 44.65 -42.12
N GLU A 93 23.29 43.81 -41.61
CA GLU A 93 24.75 44.01 -41.75
C GLU A 93 25.22 43.88 -43.22
N ASP A 94 24.35 43.28 -44.05
CA ASP A 94 24.58 43.08 -45.51
C ASP A 94 24.66 44.43 -46.27
N ASP A 95 24.02 45.46 -45.68
CA ASP A 95 23.91 46.80 -46.29
C ASP A 95 25.12 47.70 -45.92
N ALA A 96 26.05 47.15 -45.11
CA ALA A 96 27.24 47.89 -44.59
C ALA A 96 28.00 48.62 -45.72
N GLU A 97 28.19 47.90 -46.85
CA GLU A 97 28.98 48.34 -48.02
C GLU A 97 28.56 49.73 -48.55
N THR A 98 27.24 49.99 -48.62
CA THR A 98 26.66 51.22 -49.23
C THR A 98 27.37 52.52 -48.78
N LYS A 99 27.59 52.62 -47.46
CA LYS A 99 28.24 53.77 -46.83
C LYS A 99 29.73 53.49 -46.51
N ALA A 100 30.00 52.30 -45.91
CA ALA A 100 31.30 51.96 -45.27
C ALA A 100 32.50 52.13 -46.20
N LYS A 101 32.28 51.80 -47.48
CA LYS A 101 33.31 51.87 -48.53
C LYS A 101 33.90 53.30 -48.60
N ALA A 102 33.02 54.33 -48.74
CA ALA A 102 33.44 55.75 -48.89
C ALA A 102 34.38 56.22 -47.75
N GLU A 103 34.09 55.77 -46.52
CA GLU A 103 34.90 56.09 -45.33
C GLU A 103 36.33 55.53 -45.47
N ASP A 104 36.43 54.23 -45.78
CA ASP A 104 37.71 53.52 -45.94
C ASP A 104 38.55 54.10 -47.10
N LEU A 105 37.87 54.67 -48.08
CA LEU A 105 38.51 55.23 -49.28
C LEU A 105 38.93 56.70 -49.09
N LYS A 106 38.17 57.44 -48.24
CA LYS A 106 38.35 58.89 -48.03
C LYS A 106 39.62 59.14 -47.20
N MET A 107 39.53 58.89 -45.88
CA MET A 107 40.60 59.25 -44.92
C MET A 107 41.90 58.51 -45.25
N GLN A 108 41.82 57.19 -45.43
CA GLN A 108 42.99 56.33 -45.69
C GLN A 108 43.69 56.72 -47.02
N GLY A 109 42.92 57.23 -48.00
CA GLY A 109 43.49 57.75 -49.26
C GLY A 109 44.34 59.00 -49.05
N ASN A 110 43.92 59.84 -48.10
CA ASN A 110 44.64 61.09 -47.73
C ASN A 110 45.93 60.77 -46.97
N LYS A 111 45.86 59.75 -46.08
CA LYS A 111 47.03 59.25 -45.32
C LYS A 111 48.04 58.56 -46.26
N ALA A 112 47.51 57.94 -47.34
CA ALA A 112 48.33 57.28 -48.37
C ALA A 112 49.22 58.31 -49.09
N MET A 113 48.57 59.34 -49.67
CA MET A 113 49.25 60.41 -50.44
C MET A 113 50.20 61.24 -49.54
N ALA A 114 49.94 61.23 -48.22
CA ALA A 114 50.75 61.95 -47.22
C ALA A 114 52.18 61.36 -47.07
N ASN A 115 52.32 60.03 -47.24
CA ASN A 115 53.64 59.34 -47.24
C ASN A 115 54.13 59.07 -48.68
N LYS A 116 53.49 59.76 -49.66
CA LYS A 116 53.77 59.65 -51.10
C LYS A 116 53.26 58.34 -51.72
N ASP A 117 52.37 57.61 -51.04
CA ASP A 117 51.77 56.39 -51.60
C ASP A 117 50.58 56.79 -52.50
N TYR A 118 50.90 57.18 -53.73
CA TYR A 118 49.91 57.66 -54.71
C TYR A 118 49.14 56.48 -55.33
N GLU A 119 49.69 55.25 -55.19
CA GLU A 119 49.03 54.02 -55.67
C GLU A 119 47.73 53.79 -54.91
N LEU A 120 47.84 53.75 -53.57
CA LEU A 120 46.71 53.52 -52.67
C LEU A 120 45.77 54.74 -52.66
N ALA A 121 46.36 55.95 -52.73
CA ALA A 121 45.60 57.22 -52.76
C ALA A 121 44.59 57.24 -53.93
N ILE A 122 45.12 57.08 -55.15
CA ILE A 122 44.31 57.06 -56.38
C ILE A 122 43.33 55.87 -56.38
N ASN A 123 43.81 54.67 -55.98
CA ASN A 123 42.98 53.43 -55.95
C ASN A 123 41.72 53.63 -55.09
N LYS A 124 41.91 54.29 -53.94
CA LYS A 124 40.83 54.57 -53.01
C LYS A 124 39.91 55.69 -53.54
N TYR A 125 40.49 56.78 -54.06
CA TYR A 125 39.73 57.96 -54.49
C TYR A 125 38.95 57.73 -55.80
N THR A 126 39.39 56.78 -56.63
CA THR A 126 38.68 56.42 -57.88
C THR A 126 37.41 55.61 -57.53
N GLU A 127 37.55 54.71 -56.55
CA GLU A 127 36.44 53.88 -56.05
C GLU A 127 35.49 54.75 -55.18
N ALA A 128 36.05 55.78 -54.52
CA ALA A 128 35.31 56.70 -53.64
C ALA A 128 34.28 57.53 -54.42
N ILE A 129 34.60 57.83 -55.68
CA ILE A 129 33.71 58.56 -56.61
C ILE A 129 32.59 57.62 -57.13
N LYS A 130 32.84 56.31 -57.13
CA LYS A 130 31.83 55.31 -57.50
C LYS A 130 30.79 55.18 -56.35
N VAL A 131 31.27 55.30 -55.11
CA VAL A 131 30.41 55.27 -53.90
C VAL A 131 29.71 56.64 -53.70
N LEU A 132 30.42 57.73 -54.05
CA LEU A 132 29.96 59.12 -53.84
C LEU A 132 30.65 60.06 -54.86
N PRO A 133 30.00 60.32 -56.05
CA PRO A 133 30.56 61.23 -57.09
C PRO A 133 30.26 62.71 -56.83
N THR A 134 29.48 62.97 -55.78
CA THR A 134 28.92 64.30 -55.48
C THR A 134 29.98 65.25 -54.88
N ASN A 135 31.08 64.68 -54.35
CA ASN A 135 32.11 65.45 -53.64
C ASN A 135 33.36 65.62 -54.54
N ALA A 136 33.90 66.86 -54.56
CA ALA A 136 35.01 67.27 -55.45
C ALA A 136 36.39 66.93 -54.87
N ILE A 137 36.45 66.65 -53.55
CA ILE A 137 37.71 66.39 -52.84
C ILE A 137 38.40 65.10 -53.35
N TYR A 138 37.59 64.12 -53.78
CA TYR A 138 38.07 62.84 -54.31
C TYR A 138 38.85 63.05 -55.62
N TYR A 139 38.31 63.94 -56.47
CA TYR A 139 38.95 64.35 -57.73
C TYR A 139 40.25 65.13 -57.46
N ALA A 140 40.16 66.14 -56.57
CA ALA A 140 41.27 67.06 -56.26
C ALA A 140 42.51 66.32 -55.72
N ASN A 141 42.27 65.40 -54.78
CA ASN A 141 43.33 64.63 -54.12
C ASN A 141 43.99 63.64 -55.11
N ARG A 142 43.16 62.89 -55.86
CA ARG A 142 43.69 61.91 -56.84
C ARG A 142 44.36 62.63 -58.04
N ALA A 143 43.98 63.90 -58.27
CA ALA A 143 44.56 64.75 -59.35
C ALA A 143 46.01 65.14 -59.02
N ALA A 144 46.25 65.54 -57.76
CA ALA A 144 47.60 65.85 -57.26
C ALA A 144 48.48 64.60 -57.36
N ALA A 145 47.87 63.46 -56.97
CA ALA A 145 48.51 62.14 -57.00
C ALA A 145 48.74 61.63 -58.46
N HIS A 146 47.85 62.04 -59.41
CA HIS A 146 47.99 61.70 -60.85
C HIS A 146 49.17 62.47 -61.47
N SER A 147 49.24 63.78 -61.20
CA SER A 147 50.34 64.65 -61.68
C SER A 147 51.71 64.13 -61.21
N SER A 148 51.72 63.52 -60.01
CA SER A 148 52.90 62.91 -59.41
C SER A 148 53.37 61.68 -60.22
N LEU A 149 52.41 60.88 -60.71
CA LEU A 149 52.69 59.65 -61.49
C LEU A 149 52.63 59.92 -63.00
N LYS A 150 52.80 61.21 -63.41
CA LYS A 150 52.91 61.66 -64.83
C LYS A 150 51.59 61.56 -65.61
N GLU A 151 50.48 61.29 -64.89
CA GLU A 151 49.13 61.21 -65.46
C GLU A 151 48.47 62.62 -65.43
N TYR A 152 49.13 63.60 -66.08
CA TYR A 152 48.69 65.01 -66.10
C TYR A 152 47.34 65.19 -66.80
N ASP A 153 47.07 64.31 -67.77
CA ASP A 153 45.80 64.29 -68.53
C ASP A 153 44.63 64.05 -67.56
N GLN A 154 44.76 62.98 -66.74
CA GLN A 154 43.76 62.61 -65.73
C GLN A 154 43.61 63.74 -64.70
N ALA A 155 44.76 64.29 -64.30
CA ALA A 155 44.86 65.34 -63.26
C ALA A 155 44.14 66.63 -63.66
N VAL A 156 44.26 67.02 -64.94
CA VAL A 156 43.60 68.21 -65.51
C VAL A 156 42.07 67.99 -65.52
N LYS A 157 41.64 66.79 -65.95
CA LYS A 157 40.20 66.47 -66.09
C LYS A 157 39.53 66.25 -64.71
N ASP A 158 40.34 65.91 -63.69
CA ASP A 158 39.89 65.84 -62.29
C ASP A 158 39.78 67.24 -61.70
N ALA A 159 40.74 68.11 -62.08
CA ALA A 159 40.74 69.52 -61.67
C ALA A 159 39.49 70.21 -62.22
N GLU A 160 39.22 70.00 -63.52
CA GLU A 160 38.04 70.54 -64.23
C GLU A 160 36.73 69.99 -63.61
N SER A 161 36.76 68.71 -63.20
CA SER A 161 35.60 68.04 -62.57
C SER A 161 35.38 68.57 -61.13
N ALA A 162 36.47 68.88 -60.43
CA ALA A 162 36.42 69.42 -59.05
C ALA A 162 35.84 70.84 -59.04
N ILE A 163 36.21 71.60 -60.08
CA ILE A 163 35.68 72.96 -60.36
C ILE A 163 34.21 72.86 -60.81
N SER A 164 33.89 71.82 -61.60
CA SER A 164 32.54 71.60 -62.15
C SER A 164 31.52 71.31 -61.02
N ILE A 165 31.98 70.57 -59.99
CA ILE A 165 31.18 70.29 -58.79
C ILE A 165 31.08 71.56 -57.93
N ASP A 166 32.22 72.25 -57.76
CA ASP A 166 32.30 73.48 -56.92
C ASP A 166 33.47 74.39 -57.38
N PRO A 167 33.17 75.59 -57.98
CA PRO A 167 34.20 76.54 -58.46
C PRO A 167 34.74 77.47 -57.35
N SER A 168 34.27 77.24 -56.11
CA SER A 168 34.73 77.96 -54.92
C SER A 168 35.98 77.28 -54.34
N TYR A 169 36.09 75.95 -54.57
CA TYR A 169 37.21 75.14 -54.10
C TYR A 169 38.50 75.49 -54.88
N PHE A 170 39.30 76.40 -54.31
CA PHE A 170 40.47 77.01 -54.95
C PHE A 170 41.66 76.03 -55.10
N ARG A 171 41.69 74.96 -54.29
CA ARG A 171 42.74 73.91 -54.37
C ARG A 171 42.47 72.94 -55.53
N GLY A 172 41.30 73.03 -56.19
CA GLY A 172 41.06 72.32 -57.45
C GLY A 172 41.91 72.90 -58.58
N TYR A 173 42.09 74.23 -58.53
CA TYR A 173 42.89 75.01 -59.50
C TYR A 173 44.39 74.83 -59.24
N SER A 174 44.72 74.40 -57.99
CA SER A 174 46.09 74.08 -57.56
C SER A 174 46.67 72.88 -58.33
N ARG A 175 45.79 71.95 -58.72
CA ARG A 175 46.16 70.72 -59.46
C ARG A 175 46.31 71.02 -60.96
N LEU A 176 45.52 71.98 -61.46
CA LEU A 176 45.64 72.49 -62.83
C LEU A 176 46.96 73.31 -62.97
N GLY A 177 47.32 74.01 -61.87
CA GLY A 177 48.57 74.75 -61.78
C GLY A 177 49.77 73.82 -61.74
N PHE A 178 49.69 72.80 -60.88
CA PHE A 178 50.78 71.82 -60.68
C PHE A 178 50.96 70.92 -61.93
N ALA A 179 49.86 70.72 -62.68
CA ALA A 179 49.88 69.94 -63.93
C ALA A 179 50.82 70.59 -64.96
N LYS A 180 50.79 71.95 -65.03
CA LYS A 180 51.66 72.72 -65.94
C LYS A 180 53.02 73.01 -65.32
N TYR A 181 53.06 73.07 -63.97
CA TYR A 181 54.28 73.31 -63.20
C TYR A 181 55.34 72.24 -63.50
N ALA A 182 54.90 70.98 -63.47
CA ALA A 182 55.76 69.80 -63.72
C ALA A 182 55.99 69.56 -65.24
N GLN A 183 55.37 70.40 -66.10
CA GLN A 183 55.63 70.43 -67.56
C GLN A 183 56.60 71.56 -67.93
N GLY A 184 57.26 72.13 -66.90
CA GLY A 184 58.24 73.21 -67.08
C GLY A 184 57.60 74.54 -67.48
N LYS A 185 56.34 74.73 -67.07
CA LYS A 185 55.61 75.99 -67.27
C LYS A 185 55.23 76.59 -65.89
N PRO A 186 56.20 77.25 -65.17
CA PRO A 186 55.93 77.87 -63.85
C PRO A 186 55.17 79.20 -63.98
N GLU A 187 55.22 79.81 -65.19
CA GLU A 187 54.48 81.06 -65.48
C GLU A 187 52.99 80.76 -65.73
N GLU A 188 52.70 79.66 -66.45
CA GLU A 188 51.30 79.20 -66.69
C GLU A 188 50.72 78.53 -65.44
N ALA A 189 51.60 77.92 -64.63
CA ALA A 189 51.25 77.41 -63.31
C ALA A 189 50.82 78.56 -62.40
N LEU A 190 51.62 79.64 -62.44
CA LEU A 190 51.40 80.89 -61.67
C LEU A 190 50.02 81.51 -61.99
N GLU A 191 49.61 81.38 -63.26
CA GLU A 191 48.32 81.86 -63.76
C GLU A 191 47.16 81.03 -63.15
N ALA A 192 47.29 79.70 -63.18
CA ALA A 192 46.26 78.78 -62.63
C ALA A 192 46.21 78.82 -61.08
N TYR A 193 47.34 79.23 -60.47
CA TYR A 193 47.45 79.49 -59.02
C TYR A 193 46.93 80.91 -58.68
N LYS A 194 46.86 81.80 -59.69
CA LYS A 194 46.26 83.15 -59.52
C LYS A 194 44.75 83.02 -59.32
N LYS A 195 44.15 81.97 -59.90
CA LYS A 195 42.71 81.65 -59.69
C LYS A 195 42.39 81.46 -58.20
N VAL A 196 43.36 80.90 -57.43
CA VAL A 196 43.26 80.79 -55.97
C VAL A 196 43.10 82.19 -55.34
N LEU A 197 43.97 83.11 -55.78
CA LEU A 197 43.99 84.51 -55.29
C LEU A 197 42.75 85.31 -55.75
N ASP A 198 42.16 84.93 -56.90
CA ASP A 198 40.99 85.63 -57.48
C ASP A 198 39.70 85.31 -56.68
N ILE A 199 39.50 84.02 -56.36
CA ILE A 199 38.34 83.54 -55.58
C ILE A 199 38.34 84.18 -54.18
N GLU A 200 39.53 84.24 -53.58
CA GLU A 200 39.74 84.82 -52.24
C GLU A 200 39.78 86.36 -52.29
N GLY A 201 40.16 86.91 -53.48
CA GLY A 201 40.32 88.34 -53.67
C GLY A 201 41.50 88.90 -52.87
N ASP A 202 41.32 90.08 -52.26
CA ASP A 202 42.36 90.71 -51.42
C ASP A 202 42.46 90.02 -50.03
N ASN A 203 41.46 89.17 -49.71
CA ASN A 203 41.43 88.38 -48.46
C ASN A 203 42.46 87.21 -48.50
N ALA A 204 43.01 86.92 -49.71
CA ALA A 204 43.94 85.79 -49.97
C ALA A 204 45.02 85.61 -48.87
N THR A 205 44.87 84.53 -48.08
CA THR A 205 45.68 84.23 -46.88
C THR A 205 47.06 83.64 -47.27
N GLU A 206 47.96 83.46 -46.27
CA GLU A 206 49.28 82.84 -46.44
C GLU A 206 49.21 81.46 -47.13
N ALA A 207 48.13 80.70 -46.87
CA ALA A 207 47.87 79.39 -47.52
C ALA A 207 47.73 79.54 -49.04
N MET A 208 47.05 80.60 -49.46
CA MET A 208 46.71 80.86 -50.87
C MET A 208 47.94 81.38 -51.63
N LYS A 209 48.70 82.28 -50.97
CA LYS A 209 49.89 82.90 -51.55
C LYS A 209 51.03 81.87 -51.67
N ARG A 210 50.99 80.80 -50.83
CA ARG A 210 51.98 79.71 -50.87
C ARG A 210 51.80 78.83 -52.13
N ASP A 211 50.55 78.52 -52.48
CA ASP A 211 50.23 77.80 -53.74
C ASP A 211 50.75 78.60 -54.94
N TYR A 212 50.47 79.91 -54.91
CA TYR A 212 50.92 80.89 -55.91
C TYR A 212 52.47 80.97 -55.92
N GLU A 213 53.06 80.95 -54.71
CA GLU A 213 54.51 81.09 -54.50
C GLU A 213 55.26 79.87 -55.07
N SER A 214 54.63 78.68 -55.02
CA SER A 214 55.26 77.42 -55.51
C SER A 214 55.71 77.55 -56.98
N ALA A 215 54.88 78.21 -57.79
CA ALA A 215 55.13 78.45 -59.22
C ALA A 215 56.10 79.63 -59.43
N LYS A 216 55.93 80.67 -58.60
CA LYS A 216 56.72 81.92 -58.69
C LYS A 216 58.19 81.69 -58.27
N LYS A 217 58.35 80.81 -57.26
CA LYS A 217 59.64 80.51 -56.60
C LYS A 217 60.57 79.80 -57.60
N LYS A 218 59.95 78.99 -58.49
CA LYS A 218 60.64 78.28 -59.57
C LYS A 218 61.29 79.30 -60.52
N VAL A 219 60.53 80.35 -60.85
CA VAL A 219 60.99 81.47 -61.69
C VAL A 219 62.12 82.25 -60.96
N GLU A 220 62.03 82.28 -59.61
CA GLU A 220 62.93 83.04 -58.72
C GLU A 220 64.20 82.27 -58.33
N GLN A 221 64.30 80.95 -58.63
CA GLN A 221 65.47 80.10 -58.23
C GLN A 221 66.83 80.72 -58.64
N SER A 222 66.91 81.20 -59.89
CA SER A 222 68.13 81.88 -60.41
C SER A 222 68.36 83.23 -59.70
N LEU A 223 67.25 83.91 -59.35
CA LEU A 223 67.26 85.20 -58.61
C LEU A 223 67.56 85.00 -57.12
N ASN A 224 67.37 83.76 -56.65
CA ASN A 224 67.62 83.36 -55.25
C ASN A 224 69.10 82.93 -55.08
N LEU A 225 69.76 82.64 -56.22
CA LEU A 225 71.20 82.32 -56.27
C LEU A 225 72.03 83.63 -56.38
N GLU A 226 71.37 84.76 -56.73
CA GLU A 226 72.03 86.05 -56.99
C GLU A 226 72.94 86.57 -55.85
N LYS A 227 74.02 87.21 -56.29
CA LYS A 227 75.07 87.82 -55.45
C LYS A 227 75.46 89.18 -56.06
N THR A 228 76.56 89.78 -55.56
CA THR A 228 77.16 91.01 -56.13
C THR A 228 77.74 90.75 -57.56
N VAL A 229 77.73 89.45 -57.96
CA VAL A 229 78.08 88.97 -59.31
C VAL A 229 79.60 89.05 -59.56
N PRO A 230 80.37 87.99 -59.13
CA PRO A 230 81.77 87.80 -59.56
C PRO A 230 81.81 87.31 -61.02
N GLU A 231 81.00 86.27 -61.28
CA GLU A 231 80.85 85.62 -62.59
C GLU A 231 79.53 84.85 -62.61
N GLN A 232 78.86 84.82 -63.78
CA GLN A 232 77.61 84.05 -64.01
C GLN A 232 77.63 83.50 -65.44
N SER A 233 77.12 82.26 -65.60
CA SER A 233 77.00 81.52 -66.88
C SER A 233 78.32 81.52 -67.71
N ARG A 234 78.50 82.52 -68.60
CA ARG A 234 79.71 82.63 -69.47
C ARG A 234 80.27 84.06 -69.47
N ASP A 235 79.43 85.00 -69.95
CA ASP A 235 79.78 86.43 -70.16
C ASP A 235 80.78 86.60 -71.35
N ALA A 236 80.83 87.84 -71.91
CA ALA A 236 81.72 88.19 -73.04
C ALA A 236 83.24 88.09 -72.69
N ASP A 237 83.54 87.95 -71.38
CA ASP A 237 84.91 87.73 -70.84
C ASP A 237 85.58 86.51 -71.49
N VAL A 238 84.77 85.48 -71.82
CA VAL A 238 85.26 84.26 -72.50
C VAL A 238 85.80 84.59 -73.91
N ASP A 239 85.11 85.55 -74.58
CA ASP A 239 85.46 86.07 -75.93
C ASP A 239 85.16 85.03 -77.04
N ALA A 240 85.97 83.94 -77.07
CA ALA A 240 85.93 82.86 -78.07
C ALA A 240 86.49 83.35 -79.41
N SER A 241 87.73 82.89 -79.73
CA SER A 241 88.45 83.24 -80.98
C SER A 241 87.71 82.72 -82.23
N GLN A 242 86.89 81.69 -82.03
CA GLN A 242 86.10 81.01 -83.09
C GLN A 242 85.01 81.92 -83.69
N GLY A 243 84.66 83.02 -82.99
CA GLY A 243 83.61 83.94 -83.46
C GLY A 243 84.12 85.01 -84.43
N ALA A 244 85.27 85.63 -84.13
CA ALA A 244 85.83 86.75 -84.93
C ALA A 244 87.18 86.39 -85.58
N SER A 245 87.61 85.11 -85.44
CA SER A 245 88.92 84.60 -85.93
C SER A 245 90.11 85.29 -85.23
N ALA A 246 89.83 85.93 -84.07
CA ALA A 246 90.79 86.79 -83.34
C ALA A 246 91.29 87.97 -84.22
N GLY A 247 90.46 88.35 -85.23
CA GLY A 247 90.79 89.39 -86.20
C GLY A 247 89.90 90.62 -86.10
N GLY A 248 88.94 90.60 -85.15
CA GLY A 248 88.02 91.71 -84.92
C GLY A 248 86.72 91.57 -85.69
N LEU A 249 86.84 91.40 -87.02
CA LEU A 249 85.68 91.29 -87.94
C LEU A 249 84.88 89.99 -87.70
N PRO A 250 83.51 90.01 -87.86
CA PRO A 250 82.65 88.82 -87.68
C PRO A 250 82.99 87.69 -88.68
N ASP A 251 83.50 86.58 -88.14
CA ASP A 251 83.91 85.40 -88.91
C ASP A 251 83.00 84.21 -88.47
N LEU A 252 83.49 82.95 -88.58
CA LEU A 252 82.74 81.70 -88.27
C LEU A 252 81.72 81.41 -89.38
N GLY A 253 80.74 82.29 -89.54
CA GLY A 253 79.78 82.22 -90.65
C GLY A 253 80.37 82.83 -91.92
N SER A 254 81.44 82.16 -92.43
CA SER A 254 82.29 82.64 -93.54
C SER A 254 82.95 83.99 -93.18
N LEU A 255 83.30 84.82 -94.18
CA LEU A 255 83.82 86.19 -93.95
C LEU A 255 82.62 87.17 -93.95
N LEU A 256 81.80 87.11 -92.88
CA LEU A 256 80.62 87.98 -92.65
C LEU A 256 79.60 87.95 -93.84
N GLY A 257 79.79 88.85 -94.83
CA GLY A 257 78.89 88.98 -95.99
C GLY A 257 79.39 88.19 -97.20
N GLY A 258 80.70 87.92 -97.21
CA GLY A 258 81.33 87.04 -98.18
C GLY A 258 81.11 85.58 -97.84
N GLY A 259 80.00 85.02 -98.35
CA GLY A 259 79.62 83.63 -98.08
C GLY A 259 80.19 82.64 -99.08
N LEU A 260 81.53 82.69 -99.27
CA LEU A 260 82.26 81.74 -100.14
C LEU A 260 82.45 80.38 -99.44
N GLY A 261 82.18 80.34 -98.12
CA GLY A 261 82.15 79.09 -97.35
C GLY A 261 83.52 78.61 -96.89
N GLY A 262 84.44 79.57 -96.65
CA GLY A 262 85.78 79.26 -96.12
C GLY A 262 85.71 78.57 -94.76
N LEU A 263 84.76 79.04 -93.93
CA LEU A 263 84.37 78.40 -92.66
C LEU A 263 82.95 77.82 -92.81
N MET A 264 82.52 77.01 -91.81
CA MET A 264 81.25 76.23 -91.81
C MET A 264 81.34 75.04 -92.79
N ASN A 265 81.48 75.37 -94.08
CA ASN A 265 81.67 74.39 -95.15
C ASN A 265 83.03 73.72 -94.99
N ASN A 266 84.09 74.58 -94.88
CA ASN A 266 85.51 74.18 -94.67
C ASN A 266 86.10 73.44 -95.91
N PRO A 267 87.47 73.47 -96.10
CA PRO A 267 88.16 72.66 -97.14
C PRO A 267 88.18 71.14 -96.80
N GLN A 268 87.73 70.78 -95.57
CA GLN A 268 87.61 69.39 -95.06
C GLN A 268 88.97 68.63 -95.09
N LEU A 269 89.22 67.89 -96.20
CA LEU A 269 90.41 67.03 -96.36
C LEU A 269 91.61 67.87 -96.81
N MET A 270 91.30 69.05 -97.37
CA MET A 270 92.28 70.05 -97.85
C MET A 270 93.08 69.45 -99.04
N GLN A 271 94.24 68.79 -98.76
CA GLN A 271 94.97 67.91 -99.72
C GLN A 271 95.70 68.68 -100.87
N ALA A 272 95.30 69.93 -101.15
CA ALA A 272 95.81 70.71 -102.30
C ALA A 272 97.31 71.05 -102.15
N ALA A 273 97.70 71.42 -100.91
CA ALA A 273 99.08 71.77 -100.56
C ALA A 273 99.96 70.51 -100.46
N GLN A 274 99.33 69.37 -100.09
CA GLN A 274 100.01 68.05 -99.99
C GLN A 274 100.56 67.62 -101.37
N LYS A 275 99.89 68.07 -102.44
CA LYS A 275 100.31 67.83 -103.82
C LYS A 275 101.40 68.88 -104.17
N MET A 276 102.65 68.57 -103.81
CA MET A 276 103.83 69.35 -104.24
C MET A 276 104.36 68.70 -105.52
N MET A 277 104.30 69.46 -106.61
CA MET A 277 104.77 69.03 -107.94
C MET A 277 105.08 70.25 -108.82
N SER A 278 104.59 71.45 -108.39
CA SER A 278 104.96 72.74 -108.98
C SER A 278 106.48 72.94 -108.80
N ASN A 279 107.23 72.45 -109.83
CA ASN A 279 108.69 72.21 -109.80
C ASN A 279 109.02 71.00 -108.91
N PRO A 280 109.95 70.05 -109.36
CA PRO A 280 110.38 68.85 -108.56
C PRO A 280 110.72 69.17 -107.09
N GLY A 281 111.20 70.40 -106.82
CA GLY A 281 111.47 70.86 -105.46
C GLY A 281 112.88 70.49 -104.99
N ALA A 282 113.18 69.17 -105.04
CA ALA A 282 114.53 68.66 -104.84
C ALA A 282 115.34 68.89 -106.13
N MET A 283 115.80 70.15 -106.29
CA MET A 283 116.49 70.64 -107.50
C MET A 283 115.56 70.65 -108.74
N GLN A 284 116.14 70.96 -109.91
CA GLN A 284 115.45 70.95 -111.21
C GLN A 284 115.40 69.52 -111.78
N ASN A 285 116.55 68.84 -111.73
CA ASN A 285 116.79 67.53 -112.36
C ASN A 285 117.35 66.53 -111.33
N ILE A 286 117.86 65.38 -111.84
CA ILE A 286 118.55 64.35 -111.01
C ILE A 286 119.86 64.92 -110.41
N GLN A 287 120.31 66.11 -110.92
CA GLN A 287 121.44 66.93 -110.43
C GLN A 287 122.79 66.17 -110.39
N LYS A 288 122.85 65.01 -111.05
CA LYS A 288 124.03 64.16 -111.11
C LYS A 288 124.70 64.37 -112.49
N MET A 289 125.28 65.57 -112.69
CA MET A 289 126.01 65.94 -113.92
C MET A 289 127.29 65.08 -114.07
N MET A 290 127.94 64.80 -112.92
CA MET A 290 129.22 64.10 -112.82
C MET A 290 130.32 64.96 -113.49
N GLN A 291 130.56 66.12 -112.85
CA GLN A 291 131.60 67.10 -113.25
C GLN A 291 133.01 66.52 -112.98
N ASP A 292 133.07 65.66 -111.96
CA ASP A 292 134.28 64.89 -111.61
C ASP A 292 134.54 63.79 -112.67
N PRO A 293 135.82 63.31 -112.84
CA PRO A 293 136.16 62.17 -113.75
C PRO A 293 135.22 60.95 -113.59
N SER A 294 134.53 60.58 -114.69
CA SER A 294 133.51 59.51 -114.71
C SER A 294 134.10 58.14 -114.28
N ILE A 295 135.40 57.95 -114.56
CA ILE A 295 136.19 56.84 -114.02
C ILE A 295 137.30 57.45 -113.11
N ARG A 296 138.34 58.03 -113.75
CA ARG A 296 139.52 58.66 -113.09
C ARG A 296 140.60 58.94 -114.15
N GLN A 297 141.63 59.71 -113.77
CA GLN A 297 142.81 59.99 -114.63
C GLN A 297 144.10 59.80 -113.83
N MET A 298 145.25 59.97 -114.51
CA MET A 298 146.60 59.83 -113.90
C MET A 298 147.05 61.19 -113.30
N ALA A 299 146.11 61.83 -112.57
CA ALA A 299 146.28 63.19 -111.98
C ALA A 299 146.59 64.28 -113.02
N GLU A 300 146.78 65.51 -112.54
CA GLU A 300 147.33 66.64 -113.31
C GLU A 300 147.77 67.72 -112.29
N GLY A 301 146.80 68.54 -111.84
CA GLY A 301 147.08 69.64 -110.91
C GLY A 301 148.11 70.63 -111.46
N PHE A 302 149.15 70.90 -110.64
CA PHE A 302 150.29 71.78 -110.99
C PHE A 302 151.57 71.10 -110.47
N ALA A 303 152.40 70.54 -111.37
CA ALA A 303 153.59 69.76 -110.99
C ALA A 303 154.72 70.68 -110.46
N SER A 304 154.60 71.07 -109.16
CA SER A 304 155.56 71.87 -108.37
C SER A 304 156.25 73.03 -109.15
N GLY A 305 157.27 72.70 -109.98
CA GLY A 305 158.02 73.71 -110.74
C GLY A 305 157.31 74.14 -112.01
N GLY A 306 156.13 74.78 -111.83
CA GLY A 306 155.29 75.25 -112.94
C GLY A 306 154.40 74.16 -113.53
N GLY A 307 155.02 73.00 -113.83
CA GLY A 307 154.36 71.91 -114.55
C GLY A 307 154.19 72.25 -116.02
N THR A 308 155.29 72.73 -116.64
CA THR A 308 155.33 73.13 -118.05
C THR A 308 156.73 72.84 -118.65
N PRO A 309 156.89 71.68 -119.39
CA PRO A 309 158.16 71.32 -120.05
C PRO A 309 158.17 71.77 -121.54
N ASN A 310 158.89 71.01 -122.39
CA ASN A 310 158.97 71.19 -123.85
C ASN A 310 159.91 72.37 -124.23
N LEU A 311 159.52 73.61 -123.88
CA LEU A 311 160.29 74.82 -124.26
C LEU A 311 161.65 74.89 -123.54
N SER A 312 161.72 74.23 -122.38
CA SER A 312 162.93 74.13 -121.56
C SER A 312 164.04 73.34 -122.28
N ASP A 313 163.63 72.42 -123.17
CA ASP A 313 164.54 71.51 -123.90
C ASP A 313 165.30 72.25 -125.01
N LEU A 314 164.62 73.23 -125.59
CA LEU A 314 165.06 73.93 -126.82
C LEU A 314 166.38 74.68 -126.66
N MET A 315 166.61 75.24 -125.45
CA MET A 315 167.82 76.05 -125.18
C MET A 315 169.08 75.17 -125.15
N ASN A 316 169.01 74.07 -124.36
CA ASN A 316 170.13 73.11 -124.17
C ASN A 316 171.34 73.82 -123.47
N ASN A 317 172.51 73.16 -123.41
CA ASN A 317 173.74 73.75 -122.85
C ASN A 317 174.52 74.49 -123.97
N PRO A 318 174.59 75.86 -123.94
CA PRO A 318 175.33 76.65 -124.96
C PRO A 318 176.86 76.44 -124.86
N ALA A 319 177.58 76.57 -125.99
CA ALA A 319 179.05 76.36 -126.07
C ALA A 319 179.83 77.41 -125.25
N LEU A 320 179.18 78.55 -124.95
CA LEU A 320 179.79 79.67 -124.19
C LEU A 320 179.91 79.33 -122.67
N ARG A 321 179.26 78.24 -122.22
CA ARG A 321 179.23 77.83 -120.80
C ARG A 321 180.67 77.61 -120.24
N ASN A 322 181.12 78.59 -119.42
CA ASN A 322 182.46 78.56 -118.76
C ASN A 322 183.61 78.39 -119.80
N MET A 323 183.36 78.84 -121.06
CA MET A 323 184.33 78.71 -122.17
C MET A 323 185.49 79.67 -121.91
N ALA A 324 186.49 79.17 -121.20
CA ALA A 324 187.63 79.92 -120.71
C ALA A 324 188.91 79.16 -121.09
N GLY A 325 189.07 77.97 -120.48
CA GLY A 325 190.21 77.08 -120.77
C GLY A 325 190.64 76.29 -119.55
N ASN A 326 191.53 75.31 -119.79
CA ASN A 326 192.07 74.41 -118.74
C ASN A 326 192.94 75.20 -117.73
N LEU A 327 193.69 76.20 -118.23
CA LEU A 327 194.59 77.06 -117.45
C LEU A 327 194.30 78.56 -117.73
N PHE A 328 193.01 78.91 -117.93
CA PHE A 328 192.52 80.30 -118.21
C PHE A 328 193.35 81.41 -117.51
N GLY A 329 194.18 82.13 -118.31
CA GLY A 329 195.09 83.16 -117.81
C GLY A 329 196.55 82.74 -117.93
N GLY A 330 196.86 81.53 -117.38
CA GLY A 330 198.15 80.85 -117.56
C GLY A 330 199.33 81.56 -116.92
N ALA A 331 199.03 82.42 -115.90
CA ALA A 331 200.05 83.20 -115.13
C ALA A 331 200.82 84.23 -116.00
N GLY A 332 200.40 84.39 -117.28
CA GLY A 332 201.09 85.26 -118.24
C GLY A 332 200.78 86.75 -118.07
N ALA A 333 199.73 87.05 -117.28
CA ALA A 333 199.35 88.45 -116.96
C ALA A 333 200.28 89.01 -115.86
N GLN A 334 200.94 88.11 -115.11
CA GLN A 334 201.92 88.48 -114.06
C GLN A 334 203.28 88.83 -114.70
N SER A 335 203.99 89.81 -114.11
CA SER A 335 205.28 90.31 -114.59
C SER A 335 206.45 89.38 -114.16
N THR A 336 206.81 88.43 -115.04
CA THR A 336 207.94 87.49 -114.80
C THR A 336 209.29 88.23 -114.89
N ASP A 337 209.36 89.20 -115.81
CA ASP A 337 210.58 89.99 -116.11
C ASP A 337 210.82 91.13 -115.08
N GLU A 338 210.12 91.05 -113.93
CA GLU A 338 210.17 92.06 -112.85
C GLU A 338 211.63 92.32 -112.42
N THR A 339 212.10 93.56 -112.67
CA THR A 339 213.44 94.00 -112.33
C THR A 339 213.36 94.98 -111.14
N PRO A 340 213.70 94.54 -109.87
CA PRO A 340 213.74 95.44 -108.70
C PRO A 340 214.71 96.62 -108.93
N ASP A 341 215.86 96.31 -109.57
CA ASP A 341 216.88 97.29 -110.07
C ASP A 341 217.78 97.84 -108.94
N ASN A 342 217.18 98.13 -107.78
CA ASN A 342 217.88 98.50 -106.52
C ASN A 342 218.63 99.84 -106.66
N GLU A 343 218.10 100.73 -107.53
CA GLU A 343 218.60 102.12 -107.70
C GLU A 343 218.55 102.90 -106.37
N ASN A 344 219.45 103.89 -106.23
CA ASN A 344 219.58 104.76 -105.04
C ASN A 344 219.60 103.94 -103.73
N LYS A 345 220.76 103.35 -103.43
CA LYS A 345 220.92 102.45 -102.27
C LYS A 345 221.38 103.20 -101.01
N GLN A 346 222.05 104.37 -101.21
CA GLN A 346 222.52 105.27 -100.12
C GLN A 346 223.63 104.62 -99.23
N TYR A 347 224.29 105.48 -98.44
CA TYR A 347 225.41 105.12 -97.52
C TYR A 347 226.64 104.61 -98.32
N MET B 1 0.71 10.58 -6.61
CA MET B 1 0.24 10.72 -5.22
C MET B 1 -0.06 9.34 -4.63
N SER B 2 0.76 8.36 -5.04
CA SER B 2 0.59 6.94 -4.70
C SER B 2 1.46 6.54 -3.50
N ALA B 3 0.80 6.25 -2.34
CA ALA B 3 1.45 5.69 -1.14
C ALA B 3 2.65 6.57 -0.66
N SER B 4 3.64 5.97 0.02
CA SER B 4 4.94 6.63 0.28
C SER B 4 5.94 6.20 -0.80
N LYS B 5 6.92 7.08 -1.08
CA LYS B 5 7.93 6.87 -2.13
C LYS B 5 8.92 5.76 -1.70
N GLU B 6 9.14 5.64 -0.37
CA GLU B 6 9.98 4.56 0.25
C GLU B 6 9.42 3.16 -0.10
N GLU B 7 8.09 3.06 -0.03
CA GLU B 7 7.36 1.78 -0.16
C GLU B 7 7.38 1.29 -1.61
N ILE B 8 7.18 2.24 -2.53
CA ILE B 8 7.29 1.98 -3.98
C ILE B 8 8.76 1.64 -4.32
N ALA B 9 9.70 2.36 -3.66
CA ALA B 9 11.16 2.17 -3.84
C ALA B 9 11.62 0.77 -3.39
N ALA B 10 10.96 0.24 -2.37
CA ALA B 10 11.21 -1.12 -1.86
C ALA B 10 10.82 -2.18 -2.92
N LEU B 11 9.77 -1.86 -3.72
CA LEU B 11 9.34 -2.67 -4.86
C LEU B 11 10.29 -2.45 -6.06
N ILE B 12 10.79 -1.21 -6.22
CA ILE B 12 11.69 -0.81 -7.34
C ILE B 12 12.99 -1.65 -7.30
N VAL B 13 13.62 -1.72 -6.12
CA VAL B 13 14.86 -2.50 -5.91
C VAL B 13 14.56 -4.01 -5.96
N ASN B 14 13.34 -4.40 -5.51
CA ASN B 14 12.87 -5.81 -5.53
C ASN B 14 12.58 -6.27 -6.98
N TYR B 15 12.15 -5.31 -7.82
CA TYR B 15 11.84 -5.56 -9.24
C TYR B 15 13.14 -5.78 -10.01
N PHE B 16 14.16 -4.96 -9.69
CA PHE B 16 15.50 -5.11 -10.25
C PHE B 16 16.16 -6.42 -9.76
N SER B 17 15.89 -6.80 -8.51
CA SER B 17 16.34 -8.09 -7.92
C SER B 17 15.73 -9.29 -8.69
N SER B 18 14.52 -9.10 -9.24
CA SER B 18 13.86 -10.08 -10.11
C SER B 18 14.52 -10.10 -11.51
N ILE B 19 14.89 -8.92 -12.03
CA ILE B 19 15.48 -8.76 -13.37
C ILE B 19 16.90 -9.36 -13.44
N VAL B 20 17.67 -9.22 -12.35
CA VAL B 20 19.07 -9.72 -12.29
C VAL B 20 19.09 -11.27 -12.22
N GLU B 21 18.06 -11.85 -11.58
CA GLU B 21 17.92 -13.31 -11.40
C GLU B 21 17.36 -13.98 -12.67
N LYS B 22 16.27 -13.40 -13.20
CA LYS B 22 15.57 -13.89 -14.41
C LYS B 22 16.45 -13.62 -15.66
N LYS B 23 17.28 -12.55 -15.57
CA LYS B 23 18.15 -12.06 -16.66
C LYS B 23 17.31 -11.56 -17.85
N GLU B 24 16.39 -10.63 -17.52
CA GLU B 24 15.51 -9.98 -18.50
C GLU B 24 16.30 -9.07 -19.46
N ILE B 25 17.28 -8.34 -18.91
CA ILE B 25 18.15 -7.42 -19.68
C ILE B 25 19.60 -7.93 -19.68
N SER B 26 20.51 -7.11 -20.25
CA SER B 26 21.95 -7.34 -20.22
C SER B 26 22.46 -7.53 -18.77
N GLU B 27 23.06 -8.70 -18.53
CA GLU B 27 23.70 -9.08 -17.23
C GLU B 27 24.76 -8.04 -16.78
N ASP B 28 25.35 -7.33 -17.76
CA ASP B 28 26.28 -6.21 -17.53
C ASP B 28 25.55 -5.01 -16.85
N GLY B 29 24.37 -4.67 -17.41
CA GLY B 29 23.53 -3.58 -16.89
C GLY B 29 22.79 -3.95 -15.61
N ALA B 30 22.78 -5.24 -15.29
CA ALA B 30 22.23 -5.76 -14.01
C ALA B 30 23.08 -5.26 -12.80
N ASP B 31 24.38 -4.98 -13.07
CA ASP B 31 25.30 -4.38 -12.06
C ASP B 31 25.01 -2.87 -11.91
N SER B 32 24.56 -2.23 -13.00
CA SER B 32 24.11 -0.82 -12.99
C SER B 32 22.82 -0.67 -12.16
N LEU B 33 22.02 -1.75 -12.12
CA LEU B 33 20.83 -1.84 -11.24
C LEU B 33 21.23 -2.09 -9.78
N ASN B 34 22.29 -2.92 -9.59
CA ASN B 34 22.79 -3.30 -8.25
C ASN B 34 23.27 -2.05 -7.48
N VAL B 35 24.04 -1.18 -8.15
CA VAL B 35 24.55 0.08 -7.56
C VAL B 35 23.43 1.12 -7.42
N ALA B 36 22.40 1.03 -8.28
CA ALA B 36 21.19 1.86 -8.17
C ALA B 36 20.41 1.51 -6.89
N MET B 37 20.45 0.21 -6.49
CA MET B 37 19.83 -0.27 -5.24
C MET B 37 20.48 0.37 -4.01
N ASP B 38 21.81 0.61 -4.08
CA ASP B 38 22.58 1.31 -3.01
C ASP B 38 22.00 2.72 -2.78
N CYS B 39 21.88 3.48 -3.89
CA CYS B 39 21.40 4.87 -3.87
C CYS B 39 19.97 4.99 -3.31
N ILE B 40 19.08 4.12 -3.80
CA ILE B 40 17.64 4.14 -3.46
C ILE B 40 17.41 3.71 -1.98
N SER B 41 17.99 2.55 -1.60
CA SER B 41 17.78 1.95 -0.26
C SER B 41 18.38 2.83 0.86
N GLU B 42 19.45 3.57 0.53
CA GLU B 42 20.11 4.49 1.48
C GLU B 42 19.36 5.84 1.58
N ALA B 43 18.88 6.35 0.42
CA ALA B 43 18.23 7.69 0.33
C ALA B 43 16.90 7.73 1.11
N PHE B 44 16.15 6.62 1.07
CA PHE B 44 14.88 6.47 1.82
C PHE B 44 15.13 5.90 3.23
N GLY B 45 16.12 4.98 3.34
CA GLY B 45 16.51 4.39 4.62
C GLY B 45 15.72 3.13 4.97
N PHE B 46 15.83 2.11 4.11
CA PHE B 46 15.26 0.77 4.36
C PHE B 46 16.32 -0.32 4.09
N GLU B 47 15.97 -1.59 4.38
CA GLU B 47 16.87 -2.74 4.18
C GLU B 47 16.62 -3.31 2.76
N ARG B 48 17.72 -3.62 2.05
CA ARG B 48 17.72 -3.97 0.61
C ARG B 48 16.96 -5.28 0.32
N GLU B 49 17.03 -6.26 1.25
CA GLU B 49 16.39 -7.58 1.07
C GLU B 49 15.10 -7.70 1.92
N ALA B 50 15.08 -7.03 3.09
CA ALA B 50 13.93 -7.03 4.03
C ALA B 50 12.87 -5.97 3.63
N VAL B 51 12.86 -5.63 2.32
CA VAL B 51 11.85 -4.76 1.68
C VAL B 51 10.41 -5.25 1.91
N SER B 52 10.26 -6.56 2.20
CA SER B 52 8.96 -7.23 2.46
C SER B 52 8.17 -6.56 3.61
N GLY B 53 8.90 -6.14 4.66
CA GLY B 53 8.30 -5.42 5.81
C GLY B 53 7.80 -4.03 5.42
N ILE B 54 8.51 -3.39 4.48
CA ILE B 54 8.16 -2.06 3.93
C ILE B 54 6.98 -2.20 2.93
N LEU B 55 6.96 -3.35 2.22
CA LEU B 55 5.91 -3.71 1.24
C LEU B 55 4.62 -4.18 1.94
N GLY B 56 4.76 -4.53 3.24
CA GLY B 56 3.61 -4.84 4.10
C GLY B 56 2.72 -3.63 4.37
N LYS B 57 3.30 -2.42 4.23
CA LYS B 57 2.60 -1.14 4.40
C LYS B 57 2.09 -0.57 3.05
N SER B 58 2.54 -1.14 1.92
CA SER B 58 2.17 -0.65 0.57
C SER B 58 1.14 -1.58 -0.10
N GLU B 59 -0.08 -1.05 -0.33
CA GLU B 59 -1.03 -1.64 -1.29
C GLU B 59 -0.75 -1.06 -2.69
N PHE B 60 0.19 -0.06 -2.74
CA PHE B 60 0.59 0.72 -3.94
C PHE B 60 -0.56 1.65 -4.42
N LYS B 61 -1.56 1.81 -3.52
CA LYS B 61 -2.69 2.74 -3.61
C LYS B 61 -3.56 2.53 -4.88
N GLY B 62 -3.14 3.10 -6.02
CA GLY B 62 -3.91 3.01 -7.27
C GLY B 62 -3.28 2.08 -8.29
N GLN B 63 -2.00 1.72 -8.07
CA GLN B 63 -1.29 0.75 -8.90
C GLN B 63 -1.70 -0.69 -8.53
N HIS B 64 -1.36 -1.08 -7.27
CA HIS B 64 -1.36 -2.49 -6.82
C HIS B 64 -0.31 -3.31 -7.61
N LEU B 65 -0.40 -4.65 -7.58
CA LEU B 65 0.57 -5.53 -8.27
C LEU B 65 0.14 -5.71 -9.75
N ALA B 66 -0.64 -6.79 -10.06
CA ALA B 66 -1.16 -7.08 -11.41
C ALA B 66 -0.06 -7.28 -12.48
N ASP B 67 0.56 -6.18 -12.96
CA ASP B 67 1.68 -6.25 -13.94
C ASP B 67 3.04 -6.50 -13.24
N ILE B 68 3.23 -5.90 -12.05
CA ILE B 68 4.39 -6.19 -11.18
C ILE B 68 4.08 -7.41 -10.30
N LEU B 69 4.45 -8.61 -10.78
CA LEU B 69 4.17 -9.90 -10.10
C LEU B 69 5.02 -10.12 -8.83
N ASN B 70 6.03 -9.24 -8.58
CA ASN B 70 6.95 -9.37 -7.44
C ASN B 70 6.22 -9.09 -6.11
N SER B 71 5.80 -10.19 -5.46
CA SER B 71 5.05 -10.17 -4.18
C SER B 71 4.93 -11.62 -3.65
N ALA B 72 4.67 -12.57 -4.57
CA ALA B 72 4.48 -14.00 -4.24
C ALA B 72 5.78 -14.64 -3.74
N SER B 73 5.90 -14.75 -2.40
CA SER B 73 7.03 -15.41 -1.72
C SER B 73 6.76 -16.93 -1.58
N ARG B 74 7.81 -17.71 -1.23
CA ARG B 74 7.72 -19.17 -1.09
C ARG B 74 8.83 -19.69 -0.16
N VAL B 75 8.44 -20.44 0.89
CA VAL B 75 9.39 -21.09 1.80
C VAL B 75 9.90 -22.42 1.18
N PRO B 76 11.21 -22.76 1.33
CA PRO B 76 11.72 -24.11 0.96
C PRO B 76 11.21 -25.21 1.92
N GLU B 77 11.20 -24.86 3.23
CA GLU B 77 10.84 -25.76 4.36
C GLU B 77 11.69 -27.06 4.37
N SER B 78 11.25 -28.07 3.56
CA SER B 78 11.85 -29.41 3.50
C SER B 78 11.80 -30.09 4.90
N ASN B 79 10.68 -30.79 5.17
CA ASN B 79 10.41 -31.46 6.45
C ASN B 79 11.41 -32.62 6.68
N LYS B 80 12.32 -32.43 7.65
CA LYS B 80 13.38 -33.40 7.97
C LYS B 80 12.93 -34.33 9.10
N LYS B 81 12.43 -33.75 10.21
CA LYS B 81 12.01 -34.50 11.40
C LYS B 81 10.53 -34.18 11.75
N ASP B 82 9.63 -35.08 11.30
CA ASP B 82 8.16 -34.99 11.53
C ASP B 82 7.52 -36.40 11.41
N ASP B 83 7.97 -37.17 10.40
CA ASP B 83 7.36 -38.44 9.99
C ASP B 83 8.43 -39.29 9.27
N ALA B 84 8.11 -40.59 9.03
CA ALA B 84 8.98 -41.56 8.36
C ALA B 84 10.21 -41.90 9.23
N GLU B 85 9.92 -42.62 10.36
CA GLU B 85 10.90 -43.02 11.40
C GLU B 85 11.39 -41.82 12.23
N ASN B 86 12.23 -40.96 11.59
CA ASN B 86 12.95 -39.80 12.22
C ASN B 86 14.10 -40.28 13.12
N VAL B 87 14.29 -41.60 13.21
CA VAL B 87 15.28 -42.24 14.06
C VAL B 87 16.37 -42.81 13.16
N GLU B 88 17.66 -42.57 13.52
CA GLU B 88 18.79 -43.24 12.90
C GLU B 88 18.67 -44.75 13.25
N ILE B 89 18.00 -45.48 12.36
CA ILE B 89 17.59 -46.87 12.59
C ILE B 89 18.78 -47.82 12.30
N ASN B 90 18.83 -48.94 13.04
CA ASN B 90 19.93 -49.93 12.92
C ASN B 90 19.80 -50.74 11.62
N ILE B 91 20.90 -51.42 11.25
CA ILE B 91 21.07 -52.18 9.98
C ILE B 91 19.93 -53.25 9.78
N PRO B 92 19.48 -54.00 10.85
CA PRO B 92 18.24 -54.86 10.80
C PRO B 92 16.90 -54.19 10.35
N GLU B 93 16.94 -52.94 9.82
CA GLU B 93 15.85 -52.38 8.98
C GLU B 93 15.74 -53.26 7.71
N ASP B 94 16.89 -53.36 7.04
CA ASP B 94 17.08 -54.24 5.86
C ASP B 94 17.38 -55.67 6.38
N ASP B 95 17.40 -56.65 5.45
CA ASP B 95 17.78 -58.04 5.75
C ASP B 95 19.21 -58.07 6.32
N ALA B 96 19.35 -58.53 7.56
CA ALA B 96 20.63 -58.58 8.30
C ALA B 96 20.72 -59.86 9.16
N GLU B 97 20.16 -60.96 8.60
CA GLU B 97 20.09 -62.27 9.29
C GLU B 97 19.98 -63.43 8.29
N THR B 98 19.31 -63.20 7.14
CA THR B 98 19.11 -64.22 6.07
C THR B 98 19.19 -63.56 4.67
N LYS B 99 19.91 -62.42 4.60
CA LYS B 99 20.08 -61.62 3.37
C LYS B 99 20.76 -62.42 2.26
N ALA B 100 22.03 -62.78 2.48
CA ALA B 100 22.80 -63.62 1.55
C ALA B 100 22.54 -65.09 1.89
N LYS B 101 22.80 -65.43 3.18
CA LYS B 101 22.58 -66.78 3.73
C LYS B 101 22.18 -66.67 5.21
N ALA B 102 23.18 -66.33 6.05
CA ALA B 102 23.08 -66.37 7.53
C ALA B 102 24.36 -65.84 8.18
N GLU B 103 25.49 -66.00 7.48
CA GLU B 103 26.80 -65.43 7.89
C GLU B 103 26.91 -63.94 7.47
N ASP B 104 25.76 -63.26 7.38
CA ASP B 104 25.68 -61.83 7.05
C ASP B 104 26.15 -61.01 8.26
N LEU B 105 26.02 -61.62 9.46
CA LEU B 105 26.41 -61.03 10.75
C LEU B 105 27.91 -61.27 11.04
N LYS B 106 28.65 -61.78 10.02
CA LYS B 106 30.10 -62.00 10.11
C LYS B 106 30.83 -60.68 10.38
N MET B 107 30.57 -59.68 9.51
CA MET B 107 31.21 -58.36 9.58
C MET B 107 30.79 -57.61 10.87
N GLN B 108 29.54 -57.83 11.31
CA GLN B 108 28.99 -57.20 12.54
C GLN B 108 29.55 -57.88 13.81
N GLY B 109 29.82 -59.20 13.71
CA GLY B 109 30.39 -59.97 14.81
C GLY B 109 31.86 -59.65 15.04
N ASN B 110 32.59 -59.55 13.91
CA ASN B 110 34.00 -59.16 13.90
C ASN B 110 34.15 -57.68 14.26
N LYS B 111 33.16 -56.84 13.88
CA LYS B 111 33.13 -55.40 14.25
C LYS B 111 32.98 -55.22 15.76
N ALA B 112 32.09 -56.02 16.36
CA ALA B 112 31.83 -56.01 17.81
C ALA B 112 33.10 -56.41 18.58
N MET B 113 33.65 -57.58 18.23
CA MET B 113 34.88 -58.13 18.84
C MET B 113 36.09 -57.17 18.67
N ALA B 114 36.11 -56.47 17.52
CA ALA B 114 37.15 -55.46 17.20
C ALA B 114 37.05 -54.25 18.14
N ASN B 115 35.79 -53.81 18.39
CA ASN B 115 35.47 -52.69 19.28
C ASN B 115 35.37 -53.13 20.75
N LYS B 116 35.82 -54.38 21.05
CA LYS B 116 35.98 -54.94 22.42
C LYS B 116 34.63 -55.34 23.06
N ASP B 117 33.57 -55.42 22.23
CA ASP B 117 32.25 -55.90 22.64
C ASP B 117 32.17 -57.42 22.40
N TYR B 118 32.46 -58.19 23.47
CA TYR B 118 32.49 -59.65 23.42
C TYR B 118 31.08 -60.23 23.26
N GLU B 119 30.17 -59.80 24.14
CA GLU B 119 28.77 -60.31 24.18
C GLU B 119 27.99 -59.95 22.90
N LEU B 120 28.23 -58.74 22.33
CA LEU B 120 27.63 -58.31 21.04
C LEU B 120 28.05 -59.28 19.92
N ALA B 121 29.35 -59.64 19.91
CA ALA B 121 29.92 -60.57 18.91
C ALA B 121 29.28 -61.96 19.03
N ILE B 122 29.27 -62.50 20.27
CA ILE B 122 28.71 -63.83 20.61
C ILE B 122 27.25 -63.94 20.13
N ASN B 123 26.47 -62.88 20.42
CA ASN B 123 25.05 -62.79 20.03
C ASN B 123 24.87 -62.78 18.51
N LYS B 124 25.80 -62.14 17.76
CA LYS B 124 25.78 -62.14 16.27
C LYS B 124 25.98 -63.55 15.71
N TYR B 125 26.92 -64.29 16.33
CA TYR B 125 27.20 -65.69 15.97
C TYR B 125 26.07 -66.62 16.40
N THR B 126 25.35 -66.24 17.47
CA THR B 126 24.19 -67.00 18.01
C THR B 126 22.96 -66.84 17.09
N GLU B 127 22.78 -65.65 16.50
CA GLU B 127 21.72 -65.39 15.51
C GLU B 127 22.05 -66.11 14.19
N ALA B 128 23.34 -66.09 13.83
CA ALA B 128 23.85 -66.67 12.58
C ALA B 128 23.74 -68.22 12.57
N ILE B 129 24.02 -68.86 13.75
CA ILE B 129 23.92 -70.34 13.90
C ILE B 129 22.44 -70.78 14.03
N LYS B 130 21.59 -69.84 14.47
CA LYS B 130 20.14 -70.06 14.63
C LYS B 130 19.46 -70.17 13.25
N VAL B 131 19.99 -69.43 12.25
CA VAL B 131 19.52 -69.50 10.86
C VAL B 131 20.26 -70.64 10.10
N LEU B 132 21.57 -70.79 10.36
CA LEU B 132 22.43 -71.78 9.67
C LEU B 132 23.13 -72.70 10.70
N PRO B 133 22.58 -73.93 10.95
CA PRO B 133 23.20 -74.91 11.87
C PRO B 133 24.44 -75.62 11.26
N THR B 134 24.57 -75.54 9.92
CA THR B 134 25.64 -76.22 9.17
C THR B 134 26.90 -75.31 9.10
N ASN B 135 27.45 -74.95 10.28
CA ASN B 135 28.66 -74.12 10.38
C ASN B 135 29.28 -74.24 11.78
N ALA B 136 30.64 -74.17 11.80
CA ALA B 136 31.47 -74.30 13.00
C ALA B 136 32.00 -72.94 13.49
N ILE B 137 32.23 -72.03 12.51
CA ILE B 137 32.89 -70.71 12.73
C ILE B 137 32.21 -69.91 13.85
N TYR B 138 30.86 -69.94 13.84
CA TYR B 138 30.04 -69.20 14.82
C TYR B 138 30.39 -69.62 16.26
N TYR B 139 30.22 -70.93 16.54
CA TYR B 139 30.54 -71.54 17.85
C TYR B 139 31.98 -71.21 18.30
N ALA B 140 32.93 -71.49 17.39
CA ALA B 140 34.37 -71.36 17.66
C ALA B 140 34.78 -69.92 18.05
N ASN B 141 34.11 -68.93 17.45
CA ASN B 141 34.40 -67.50 17.73
C ASN B 141 33.73 -67.05 19.05
N ARG B 142 32.60 -67.70 19.42
CA ARG B 142 31.96 -67.48 20.74
C ARG B 142 32.86 -68.02 21.85
N ALA B 143 33.56 -69.14 21.54
CA ALA B 143 34.49 -69.81 22.46
C ALA B 143 35.65 -68.89 22.86
N ALA B 144 36.17 -68.11 21.89
CA ALA B 144 37.27 -67.14 22.10
C ALA B 144 36.87 -66.07 23.14
N ALA B 145 35.64 -65.58 22.99
CA ALA B 145 35.07 -64.58 23.90
C ALA B 145 34.73 -65.18 25.28
N HIS B 146 34.26 -66.45 25.26
CA HIS B 146 33.89 -67.18 26.50
C HIS B 146 35.11 -67.55 27.33
N SER B 147 36.28 -67.69 26.68
CA SER B 147 37.57 -67.89 27.35
C SER B 147 37.96 -66.64 28.17
N SER B 148 37.61 -65.46 27.61
CA SER B 148 37.80 -64.16 28.29
C SER B 148 36.79 -63.99 29.45
N LEU B 149 35.54 -64.42 29.20
CA LEU B 149 34.41 -64.32 30.14
C LEU B 149 34.43 -65.45 31.19
N LYS B 150 35.44 -66.36 31.10
CA LYS B 150 35.69 -67.48 32.05
C LYS B 150 34.63 -68.61 31.93
N GLU B 151 33.81 -68.54 30.87
CA GLU B 151 32.87 -69.59 30.48
C GLU B 151 33.65 -70.69 29.71
N TYR B 152 34.51 -71.43 30.43
CA TYR B 152 35.37 -72.47 29.82
C TYR B 152 34.58 -73.75 29.50
N ASP B 153 33.49 -73.98 30.22
CA ASP B 153 32.57 -75.09 29.93
C ASP B 153 31.83 -74.84 28.61
N GLN B 154 31.47 -73.57 28.36
CA GLN B 154 30.90 -73.15 27.08
C GLN B 154 31.98 -73.12 26.00
N ALA B 155 33.19 -72.64 26.35
CA ALA B 155 34.30 -72.45 25.39
C ALA B 155 34.80 -73.79 24.82
N VAL B 156 34.81 -74.84 25.67
CA VAL B 156 35.14 -76.21 25.24
C VAL B 156 34.06 -76.73 24.28
N LYS B 157 32.77 -76.63 24.69
CA LYS B 157 31.65 -77.25 23.94
C LYS B 157 31.23 -76.45 22.70
N ASP B 158 31.67 -75.18 22.63
CA ASP B 158 31.61 -74.36 21.41
C ASP B 158 32.63 -74.94 20.42
N ALA B 159 33.85 -75.18 20.93
CA ALA B 159 34.95 -75.75 20.15
C ALA B 159 34.73 -77.24 19.82
N GLU B 160 33.92 -77.94 20.65
CA GLU B 160 33.52 -79.34 20.38
C GLU B 160 32.52 -79.35 19.22
N SER B 161 31.47 -78.51 19.34
CA SER B 161 30.44 -78.35 18.30
C SER B 161 31.07 -77.80 17.00
N ALA B 162 32.17 -77.03 17.15
CA ALA B 162 32.92 -76.51 16.01
C ALA B 162 33.57 -77.67 15.22
N ILE B 163 34.42 -78.45 15.89
CA ILE B 163 35.18 -79.56 15.26
C ILE B 163 34.23 -80.69 14.77
N SER B 164 33.08 -80.86 15.47
CA SER B 164 32.08 -81.88 15.12
C SER B 164 31.37 -81.54 13.79
N ILE B 165 30.89 -80.28 13.66
CA ILE B 165 30.19 -79.81 12.44
C ILE B 165 31.19 -79.66 11.26
N ASP B 166 32.34 -79.05 11.56
CA ASP B 166 33.39 -78.76 10.56
C ASP B 166 34.79 -78.75 11.23
N PRO B 167 35.58 -79.86 11.09
CA PRO B 167 36.98 -79.93 11.62
C PRO B 167 38.02 -79.24 10.71
N SER B 168 37.54 -78.68 9.58
CA SER B 168 38.39 -78.03 8.56
C SER B 168 38.68 -76.56 8.91
N TYR B 169 37.89 -75.97 9.84
CA TYR B 169 38.02 -74.55 10.25
C TYR B 169 39.38 -74.25 10.96
N PHE B 170 40.02 -75.31 11.51
CA PHE B 170 41.36 -75.30 12.22
C PHE B 170 41.44 -74.37 13.47
N ARG B 171 41.10 -73.08 13.34
CA ARG B 171 41.12 -72.10 14.46
C ARG B 171 40.12 -72.47 15.59
N GLY B 172 39.16 -73.36 15.28
CA GLY B 172 38.24 -73.91 16.29
C GLY B 172 38.97 -74.70 17.37
N TYR B 173 40.09 -75.32 16.96
CA TYR B 173 40.99 -76.07 17.86
C TYR B 173 41.81 -75.11 18.75
N SER B 174 42.07 -73.87 18.27
CA SER B 174 42.84 -72.86 19.04
C SER B 174 42.14 -72.50 20.36
N ARG B 175 40.81 -72.32 20.26
CA ARG B 175 39.94 -71.98 21.41
C ARG B 175 39.82 -73.17 22.36
N LEU B 176 39.79 -74.38 21.78
CA LEU B 176 39.75 -75.63 22.53
C LEU B 176 41.04 -75.78 23.36
N GLY B 177 42.18 -75.50 22.70
CA GLY B 177 43.51 -75.65 23.28
C GLY B 177 43.72 -74.76 24.49
N PHE B 178 43.22 -73.52 24.39
CA PHE B 178 43.30 -72.54 25.50
C PHE B 178 42.44 -72.99 26.68
N ALA B 179 41.23 -73.48 26.38
CA ALA B 179 40.25 -73.91 27.41
C ALA B 179 40.72 -75.18 28.15
N LYS B 180 41.36 -76.11 27.41
CA LYS B 180 41.94 -77.35 27.96
C LYS B 180 43.12 -77.03 28.90
N TYR B 181 44.01 -76.17 28.41
CA TYR B 181 45.22 -75.74 29.14
C TYR B 181 44.86 -74.92 30.39
N ALA B 182 43.75 -74.16 30.29
CA ALA B 182 43.20 -73.37 31.42
C ALA B 182 42.66 -74.30 32.51
N GLN B 183 42.08 -75.45 32.09
CA GLN B 183 41.59 -76.50 33.01
C GLN B 183 42.75 -77.37 33.55
N GLY B 184 43.97 -77.16 33.01
CA GLY B 184 45.20 -77.78 33.53
C GLY B 184 45.62 -79.02 32.77
N LYS B 185 45.07 -79.21 31.56
CA LYS B 185 45.39 -80.35 30.69
C LYS B 185 46.13 -79.86 29.43
N PRO B 186 47.51 -79.88 29.44
CA PRO B 186 48.32 -79.49 28.26
C PRO B 186 48.25 -80.55 27.13
N GLU B 187 48.01 -81.83 27.48
CA GLU B 187 48.00 -82.97 26.52
C GLU B 187 47.06 -82.70 25.32
N GLU B 188 45.80 -82.36 25.64
CA GLU B 188 44.77 -82.05 24.64
C GLU B 188 45.03 -80.69 23.97
N ALA B 189 45.64 -79.75 24.73
CA ALA B 189 45.94 -78.38 24.26
C ALA B 189 46.91 -78.38 23.07
N LEU B 190 48.00 -79.17 23.18
CA LEU B 190 49.04 -79.28 22.14
C LEU B 190 48.47 -79.91 20.87
N GLU B 191 47.66 -80.96 21.04
CA GLU B 191 47.05 -81.70 19.93
C GLU B 191 45.95 -80.86 19.22
N ALA B 192 45.36 -79.91 19.96
CA ALA B 192 44.41 -78.95 19.40
C ALA B 192 45.18 -77.92 18.54
N TYR B 193 46.16 -77.22 19.16
CA TYR B 193 47.04 -76.24 18.45
C TYR B 193 47.82 -76.89 17.29
N LYS B 194 48.02 -78.21 17.39
CA LYS B 194 48.72 -79.02 16.37
C LYS B 194 48.04 -78.88 15.00
N LYS B 195 46.72 -79.13 14.99
CA LYS B 195 45.91 -79.12 13.75
C LYS B 195 45.70 -77.69 13.21
N VAL B 196 45.93 -76.68 14.08
CA VAL B 196 45.90 -75.26 13.67
C VAL B 196 47.17 -74.98 12.84
N LEU B 197 48.34 -75.13 13.48
CA LEU B 197 49.66 -74.85 12.88
C LEU B 197 49.96 -75.77 11.68
N ASP B 198 49.25 -76.92 11.63
CA ASP B 198 49.35 -77.90 10.52
C ASP B 198 48.74 -77.34 9.23
N ILE B 199 47.45 -76.99 9.30
CA ILE B 199 46.69 -76.47 8.14
C ILE B 199 47.14 -75.02 7.78
N GLU B 200 47.72 -74.31 8.77
CA GLU B 200 48.31 -72.97 8.58
C GLU B 200 49.64 -73.04 7.79
N GLY B 201 50.62 -73.77 8.37
CA GLY B 201 51.94 -73.95 7.76
C GLY B 201 52.78 -72.67 7.72
N ASP B 202 52.67 -71.91 6.61
CA ASP B 202 53.36 -70.62 6.42
C ASP B 202 52.54 -69.48 7.05
N ASN B 203 51.24 -69.74 7.31
CA ASN B 203 50.33 -68.81 8.00
C ASN B 203 50.51 -68.90 9.53
N ALA B 204 51.19 -69.97 9.99
CA ALA B 204 51.46 -70.21 11.43
C ALA B 204 52.51 -69.18 11.94
N THR B 205 51.99 -68.03 12.40
CA THR B 205 52.79 -66.89 12.89
C THR B 205 53.54 -67.26 14.19
N GLU B 206 54.65 -66.53 14.50
CA GLU B 206 55.47 -66.76 15.71
C GLU B 206 54.64 -66.64 17.01
N ALA B 207 53.68 -65.70 17.01
CA ALA B 207 52.75 -65.49 18.13
C ALA B 207 51.91 -66.74 18.44
N MET B 208 51.54 -67.46 17.37
CA MET B 208 50.70 -68.67 17.43
C MET B 208 51.47 -69.85 18.05
N LYS B 209 52.73 -70.06 17.57
CA LYS B 209 53.60 -71.17 18.03
C LYS B 209 54.25 -70.85 19.40
N ARG B 210 54.20 -69.57 19.78
CA ARG B 210 54.64 -69.09 21.11
C ARG B 210 53.76 -69.73 22.21
N ASP B 211 52.43 -69.62 22.03
CA ASP B 211 51.45 -70.17 22.98
C ASP B 211 51.28 -71.69 22.82
N TYR B 212 51.80 -72.24 21.71
CA TYR B 212 51.93 -73.71 21.51
C TYR B 212 52.95 -74.25 22.52
N GLU B 213 54.18 -73.68 22.51
CA GLU B 213 55.27 -74.12 23.41
C GLU B 213 55.05 -73.65 24.85
N SER B 214 54.23 -72.60 25.03
CA SER B 214 53.82 -72.12 26.37
C SER B 214 52.80 -73.08 27.00
N ALA B 215 52.02 -73.78 26.15
CA ALA B 215 51.14 -74.89 26.58
C ALA B 215 52.00 -76.13 26.88
N LYS B 216 53.00 -76.37 26.01
CA LYS B 216 53.99 -77.47 26.13
C LYS B 216 54.90 -77.27 27.34
N LYS B 217 54.97 -76.02 27.85
CA LYS B 217 55.84 -75.65 28.97
C LYS B 217 55.47 -76.43 30.26
N LYS B 218 54.21 -76.85 30.36
CA LYS B 218 53.74 -77.66 31.49
C LYS B 218 54.39 -79.06 31.43
N VAL B 219 54.51 -79.62 30.21
CA VAL B 219 55.16 -80.92 29.94
C VAL B 219 56.72 -80.77 29.96
N GLU B 220 57.20 -79.55 29.63
CA GLU B 220 58.65 -79.22 29.52
C GLU B 220 59.38 -79.41 30.88
N GLN B 221 58.60 -79.37 31.97
CA GLN B 221 59.10 -79.48 33.36
C GLN B 221 59.70 -80.89 33.65
N SER B 222 59.36 -81.89 32.81
CA SER B 222 59.85 -83.28 32.97
C SER B 222 61.32 -83.45 32.53
N LEU B 223 61.83 -82.49 31.74
CA LEU B 223 63.25 -82.45 31.33
C LEU B 223 64.12 -81.82 32.45
N ASN B 224 63.46 -81.09 33.38
CA ASN B 224 64.12 -80.49 34.57
C ASN B 224 64.19 -81.51 35.73
N LEU B 225 63.65 -82.73 35.51
CA LEU B 225 63.48 -83.81 36.51
C LEU B 225 64.72 -84.07 37.39
N GLU B 226 65.92 -83.94 36.80
CA GLU B 226 67.21 -84.21 37.48
C GLU B 226 67.66 -83.02 38.36
N LYS B 227 68.70 -83.27 39.17
CA LYS B 227 69.29 -82.29 40.11
C LYS B 227 70.66 -82.81 40.60
N THR B 228 71.22 -82.18 41.65
CA THR B 228 72.47 -82.62 42.28
C THR B 228 72.22 -83.87 43.18
N VAL B 229 72.23 -85.05 42.53
CA VAL B 229 72.25 -86.42 43.14
C VAL B 229 71.01 -86.75 44.05
N PRO B 230 70.72 -88.08 44.30
CA PRO B 230 69.80 -88.50 45.38
C PRO B 230 70.44 -88.29 46.77
N GLU B 231 71.65 -88.86 46.94
CA GLU B 231 72.44 -88.76 48.18
C GLU B 231 73.93 -88.80 47.80
N GLN B 232 74.73 -87.91 48.42
CA GLN B 232 76.17 -87.74 48.14
C GLN B 232 77.01 -88.96 48.61
N SER B 233 76.48 -89.71 49.59
CA SER B 233 77.16 -90.86 50.20
C SER B 233 77.36 -92.01 49.18
N ARG B 234 78.64 -92.44 49.03
CA ARG B 234 79.06 -93.52 48.09
C ARG B 234 78.63 -93.21 46.65
N ASP B 235 78.64 -91.90 46.32
CA ASP B 235 78.09 -91.39 45.05
C ASP B 235 78.85 -90.13 44.61
N ALA B 236 78.50 -88.96 45.18
CA ALA B 236 79.12 -87.67 44.82
C ALA B 236 80.48 -87.49 45.52
N ASP B 237 80.63 -88.13 46.69
CA ASP B 237 81.86 -88.03 47.52
C ASP B 237 83.04 -88.75 46.84
N VAL B 238 82.74 -89.92 46.21
CA VAL B 238 83.68 -90.75 45.43
C VAL B 238 84.90 -91.21 46.26
N ASP B 239 85.86 -90.27 46.45
CA ASP B 239 87.15 -90.50 47.14
C ASP B 239 88.02 -91.48 46.32
N ALA B 240 87.68 -92.77 46.35
CA ALA B 240 88.25 -93.78 45.44
C ALA B 240 87.11 -94.40 44.61
N SER B 241 86.27 -95.23 45.28
CA SER B 241 85.11 -95.96 44.68
C SER B 241 85.54 -97.02 43.65
N GLN B 242 84.96 -98.23 43.76
CA GLN B 242 85.18 -99.38 42.84
C GLN B 242 86.62 -99.94 42.97
N GLY B 243 87.60 -99.18 42.47
CA GLY B 243 89.00 -99.53 42.60
C GLY B 243 89.52 -99.29 44.01
N ALA B 244 89.58 -100.36 44.82
CA ALA B 244 90.09 -100.32 46.20
C ALA B 244 91.03 -101.53 46.42
N SER B 245 92.25 -101.42 45.86
CA SER B 245 93.25 -102.52 45.88
C SER B 245 94.68 -101.92 45.84
N ALA B 246 95.08 -101.40 44.66
CA ALA B 246 96.44 -100.86 44.42
C ALA B 246 96.58 -99.46 45.04
N GLY B 247 97.23 -99.40 46.22
CA GLY B 247 97.33 -98.16 47.01
C GLY B 247 96.08 -97.93 47.86
N GLY B 248 95.20 -98.95 47.92
CA GLY B 248 94.00 -98.92 48.75
C GLY B 248 94.15 -99.84 49.95
N LEU B 249 94.37 -101.15 49.63
CA LEU B 249 94.55 -102.25 50.60
C LEU B 249 93.42 -102.26 51.68
N PRO B 250 92.24 -102.89 51.38
CA PRO B 250 91.07 -102.93 52.29
C PRO B 250 91.38 -103.50 53.70
N ASP B 251 90.63 -103.00 54.72
CA ASP B 251 90.67 -103.47 56.14
C ASP B 251 91.92 -102.94 56.89
N LEU B 252 93.11 -103.42 56.49
CA LEU B 252 94.38 -103.07 57.18
C LEU B 252 94.95 -101.71 56.71
N GLY B 253 94.50 -101.19 55.56
CA GLY B 253 94.99 -99.90 55.04
C GLY B 253 96.30 -100.04 54.26
N SER B 254 97.30 -100.67 54.90
CA SER B 254 98.56 -101.09 54.26
C SER B 254 99.15 -102.28 55.03
N LEU B 255 99.86 -102.02 56.16
CA LEU B 255 100.32 -103.05 57.08
C LEU B 255 99.44 -102.97 58.34
N LEU B 256 99.67 -101.90 59.15
CA LEU B 256 98.89 -101.54 60.35
C LEU B 256 98.68 -102.73 61.32
N GLY B 257 97.65 -103.55 61.05
CA GLY B 257 97.36 -104.75 61.82
C GLY B 257 98.07 -105.97 61.24
N GLY B 258 99.39 -105.82 61.02
CA GLY B 258 100.22 -106.87 60.43
C GLY B 258 100.16 -106.84 58.92
N GLY B 259 99.08 -107.46 58.37
CA GLY B 259 98.88 -107.56 56.93
C GLY B 259 100.01 -108.30 56.24
N LEU B 260 100.92 -107.52 55.62
CA LEU B 260 102.16 -107.99 54.94
C LEU B 260 101.83 -108.91 53.74
N GLY B 261 101.48 -110.17 54.04
CA GLY B 261 101.13 -111.17 53.03
C GLY B 261 100.25 -112.27 53.59
N GLY B 262 99.42 -111.89 54.58
CA GLY B 262 98.57 -112.83 55.29
C GLY B 262 99.37 -113.80 56.15
N LEU B 263 100.43 -113.25 56.78
CA LEU B 263 101.41 -114.02 57.56
C LEU B 263 101.90 -113.14 58.71
N MET B 264 102.27 -113.78 59.85
CA MET B 264 102.78 -113.07 61.05
C MET B 264 104.16 -112.45 60.77
N ASN B 265 104.91 -113.06 59.81
CA ASN B 265 106.17 -112.53 59.26
C ASN B 265 107.28 -112.46 60.35
N ASN B 266 107.30 -111.36 61.11
CA ASN B 266 108.34 -111.05 62.13
C ASN B 266 107.79 -110.19 63.31
N PRO B 267 106.80 -109.20 63.11
CA PRO B 267 106.03 -108.53 64.21
C PRO B 267 105.83 -109.35 65.50
N GLN B 268 105.42 -110.63 65.36
CA GLN B 268 105.32 -111.56 66.50
C GLN B 268 106.74 -111.94 66.96
N LEU B 269 107.18 -111.38 68.10
CA LEU B 269 108.53 -111.58 68.62
C LEU B 269 108.66 -113.00 69.20
N MET B 270 107.79 -113.29 70.20
CA MET B 270 107.80 -114.53 71.01
C MET B 270 109.10 -114.61 71.84
N GLN B 271 108.95 -114.56 73.17
CA GLN B 271 110.06 -114.62 74.13
C GLN B 271 109.95 -115.89 74.97
N ALA B 272 110.94 -116.12 75.84
CA ALA B 272 111.00 -117.34 76.69
C ALA B 272 110.13 -117.18 77.97
N ALA B 273 108.84 -116.81 77.75
CA ALA B 273 107.85 -116.64 78.83
C ALA B 273 107.46 -118.01 79.42
N GLN B 274 107.77 -119.11 78.67
CA GLN B 274 107.62 -120.50 79.14
C GLN B 274 108.37 -120.72 80.47
N LYS B 275 109.55 -120.06 80.61
CA LYS B 275 110.50 -120.22 81.72
C LYS B 275 111.24 -121.57 81.61
N MET B 276 112.50 -121.62 82.09
CA MET B 276 113.27 -122.86 82.18
C MET B 276 112.59 -123.82 83.18
N MET B 277 112.17 -124.99 82.69
CA MET B 277 111.35 -125.97 83.45
C MET B 277 112.19 -126.63 84.55
N SER B 278 113.33 -127.20 84.16
CA SER B 278 114.21 -127.96 85.07
C SER B 278 115.63 -127.41 85.01
N ASN B 279 115.90 -126.43 85.91
CA ASN B 279 117.23 -125.89 86.21
C ASN B 279 117.26 -125.53 87.71
N PRO B 280 117.31 -126.56 88.63
CA PRO B 280 117.23 -126.34 90.09
C PRO B 280 118.51 -125.69 90.65
N GLY B 281 119.67 -126.20 90.21
CA GLY B 281 120.96 -125.78 90.75
C GLY B 281 121.30 -126.55 92.02
N ALA B 282 120.51 -126.25 93.09
CA ALA B 282 120.60 -126.90 94.42
C ALA B 282 121.91 -126.57 95.15
N MET B 283 121.88 -126.71 96.49
CA MET B 283 123.04 -126.45 97.36
C MET B 283 124.13 -127.52 97.14
N GLN B 284 123.67 -128.78 96.91
CA GLN B 284 124.50 -129.99 96.65
C GLN B 284 125.17 -130.55 97.94
N ASN B 285 125.67 -129.64 98.82
CA ASN B 285 126.24 -129.93 100.16
C ASN B 285 127.39 -130.97 100.12
N ILE B 286 127.74 -131.52 101.30
CA ILE B 286 128.80 -132.54 101.44
C ILE B 286 128.26 -133.90 100.93
N GLN B 287 128.25 -134.04 99.59
CA GLN B 287 127.86 -135.26 98.89
C GLN B 287 129.12 -135.80 98.22
N LYS B 288 130.00 -136.43 99.02
CA LYS B 288 131.32 -136.90 98.55
C LYS B 288 131.86 -137.92 99.56
N MET B 289 132.53 -138.98 99.05
CA MET B 289 133.15 -140.03 99.89
C MET B 289 134.33 -139.43 100.68
N MET B 290 134.01 -138.99 101.89
CA MET B 290 134.92 -138.25 102.79
C MET B 290 134.28 -138.22 104.19
N GLN B 291 132.93 -138.12 104.19
CA GLN B 291 132.08 -138.09 105.40
C GLN B 291 131.98 -139.50 106.07
N ASP B 292 132.74 -140.49 105.55
CA ASP B 292 132.66 -141.91 105.97
C ASP B 292 134.09 -142.53 106.19
N PRO B 293 134.98 -141.91 107.05
CA PRO B 293 136.42 -142.31 107.18
C PRO B 293 136.61 -143.62 108.03
N SER B 294 137.62 -143.63 108.95
CA SER B 294 137.97 -144.80 109.80
C SER B 294 136.84 -145.25 110.77
N ILE B 295 135.70 -144.53 110.74
CA ILE B 295 134.49 -144.84 111.55
C ILE B 295 133.86 -146.19 111.08
N ARG B 296 134.26 -146.64 109.86
CA ARG B 296 133.88 -147.97 109.31
C ARG B 296 134.51 -149.15 110.08
N GLN B 297 135.40 -148.85 111.06
CA GLN B 297 136.06 -149.82 111.98
C GLN B 297 137.23 -150.57 111.27
N MET B 298 136.93 -151.23 110.14
CA MET B 298 137.95 -151.85 109.28
C MET B 298 138.68 -150.72 108.52
N ALA B 299 139.77 -150.25 109.12
CA ALA B 299 140.61 -149.20 108.55
C ALA B 299 142.07 -149.50 108.93
N GLU B 300 142.74 -150.24 108.03
CA GLU B 300 144.15 -150.65 108.16
C GLU B 300 144.34 -151.66 109.33
N GLY B 301 144.54 -151.15 110.55
CA GLY B 301 144.88 -151.97 111.69
C GLY B 301 144.79 -151.17 112.97
N PHE B 302 143.61 -151.25 113.61
CA PHE B 302 143.25 -150.42 114.79
C PHE B 302 144.18 -150.73 116.00
N ALA B 303 144.66 -151.99 116.07
CA ALA B 303 145.85 -152.39 116.86
C ALA B 303 145.65 -152.37 118.40
N SER B 304 144.50 -151.88 118.89
CA SER B 304 144.27 -151.67 120.33
C SER B 304 144.04 -153.00 121.07
N GLY B 305 143.43 -153.98 120.37
CA GLY B 305 143.09 -155.27 120.94
C GLY B 305 141.95 -155.16 121.95
N GLY B 306 142.30 -154.80 123.19
CA GLY B 306 141.34 -154.61 124.26
C GLY B 306 142.05 -154.46 125.60
N GLY B 307 141.90 -153.29 126.24
CA GLY B 307 142.54 -152.98 127.52
C GLY B 307 141.79 -153.61 128.68
N THR B 308 142.05 -154.91 128.90
CA THR B 308 141.40 -155.72 129.95
C THR B 308 142.41 -156.02 131.10
N PRO B 309 142.45 -155.15 132.18
CA PRO B 309 143.39 -155.30 133.30
C PRO B 309 142.85 -156.18 134.46
N ASN B 310 143.47 -157.35 134.65
CA ASN B 310 143.20 -158.24 135.80
C ASN B 310 143.90 -157.70 137.07
N LEU B 311 143.33 -157.98 138.25
CA LEU B 311 143.77 -157.38 139.53
C LEU B 311 143.50 -158.34 140.71
N SER B 312 142.45 -159.16 140.59
CA SER B 312 141.96 -160.06 141.68
C SER B 312 142.96 -161.18 142.07
N ASP B 313 144.09 -161.29 141.35
CA ASP B 313 145.12 -162.31 141.58
C ASP B 313 145.79 -162.14 142.96
N LEU B 314 145.94 -160.88 143.42
CA LEU B 314 146.50 -160.60 144.78
C LEU B 314 145.57 -161.15 145.88
N MET B 315 144.25 -161.13 145.60
CA MET B 315 143.21 -161.60 146.51
C MET B 315 143.11 -163.14 146.48
N ASN B 316 143.47 -163.72 145.31
CA ASN B 316 143.41 -165.18 145.08
C ASN B 316 144.37 -165.92 146.03
N ASN B 317 143.80 -166.81 146.85
CA ASN B 317 144.52 -167.65 147.79
C ASN B 317 143.72 -168.95 147.99
N PRO B 318 144.33 -170.16 147.71
CA PRO B 318 143.66 -171.49 147.86
C PRO B 318 143.03 -171.71 149.26
N ALA B 319 141.69 -171.88 149.29
CA ALA B 319 140.91 -172.08 150.53
C ALA B 319 141.01 -173.52 151.07
N LEU B 320 141.64 -174.41 150.29
CA LEU B 320 141.99 -175.78 150.74
C LEU B 320 142.97 -175.77 151.94
N ARG B 321 143.65 -174.63 152.16
CA ARG B 321 144.51 -174.42 153.32
C ARG B 321 143.67 -174.51 154.62
N ASN B 322 142.45 -173.96 154.58
CA ASN B 322 141.52 -173.97 155.71
C ASN B 322 140.99 -175.40 155.95
N MET B 323 140.74 -176.11 154.83
CA MET B 323 140.22 -177.49 154.82
C MET B 323 141.29 -178.49 155.30
N ALA B 324 142.59 -178.12 155.14
CA ALA B 324 143.73 -178.98 155.46
C ALA B 324 143.65 -179.58 156.89
N GLY B 325 143.30 -178.70 157.87
CA GLY B 325 142.92 -179.12 159.24
C GLY B 325 143.87 -180.12 159.89
N ASN B 326 145.16 -179.78 159.89
CA ASN B 326 146.24 -180.66 160.33
C ASN B 326 146.49 -180.51 161.84
N LEU B 327 145.44 -180.78 162.63
CA LEU B 327 145.52 -180.80 164.10
C LEU B 327 146.11 -182.13 164.58
N PHE B 328 146.10 -183.13 163.66
CA PHE B 328 146.68 -184.48 163.83
C PHE B 328 145.91 -185.31 164.88
N GLY B 329 144.72 -184.80 165.31
CA GLY B 329 143.93 -185.40 166.39
C GLY B 329 144.75 -185.59 167.66
N GLY B 330 145.43 -184.48 168.07
CA GLY B 330 146.46 -184.51 169.12
C GLY B 330 146.03 -185.18 170.43
N ALA B 331 146.32 -186.50 170.54
CA ALA B 331 146.05 -187.35 171.71
C ALA B 331 144.54 -187.60 171.93
N GLY B 332 143.69 -187.21 170.95
CA GLY B 332 142.26 -187.43 171.00
C GLY B 332 141.85 -188.80 170.48
N ALA B 333 142.31 -189.86 171.18
CA ALA B 333 142.04 -191.26 170.81
C ALA B 333 142.36 -192.20 172.00
N GLN B 334 142.00 -191.77 173.23
CA GLN B 334 142.16 -192.60 174.45
C GLN B 334 140.90 -193.47 174.67
N SER B 335 141.05 -194.54 175.50
CA SER B 335 139.95 -195.48 175.85
C SER B 335 139.56 -196.34 174.63
N THR B 336 140.54 -196.56 173.73
CA THR B 336 140.35 -197.26 172.46
C THR B 336 140.00 -198.75 172.71
N ASP B 337 140.85 -199.40 173.52
CA ASP B 337 140.68 -200.82 173.91
C ASP B 337 139.88 -200.94 175.21
N GLU B 338 139.69 -199.82 175.94
CA GLU B 338 138.95 -199.82 177.22
C GLU B 338 137.43 -200.05 176.97
N THR B 339 137.09 -201.34 176.92
CA THR B 339 135.72 -201.85 176.87
C THR B 339 135.55 -202.99 177.92
N PRO B 340 136.55 -203.94 178.12
CA PRO B 340 136.67 -204.65 179.40
C PRO B 340 137.29 -203.69 180.46
N ASP B 341 136.55 -203.43 181.54
CA ASP B 341 136.96 -202.47 182.57
C ASP B 341 138.00 -203.10 183.50
N ASN B 342 139.29 -202.80 183.24
CA ASN B 342 140.44 -203.30 184.02
C ASN B 342 140.28 -202.91 185.51
N GLU B 343 140.30 -203.93 186.39
CA GLU B 343 140.10 -203.82 187.85
C GLU B 343 138.63 -203.49 188.22
N ASN B 344 138.18 -202.27 187.83
CA ASN B 344 136.87 -201.67 188.21
C ASN B 344 135.69 -202.65 188.06
N LYS B 345 135.49 -203.18 186.82
CA LYS B 345 134.45 -204.20 186.55
C LYS B 345 135.08 -205.44 185.90
N GLN B 346 136.35 -205.72 186.25
CA GLN B 346 137.03 -206.96 185.83
C GLN B 346 136.47 -208.10 186.71
N TYR B 347 135.41 -208.74 186.18
CA TYR B 347 134.64 -209.76 186.89
C TYR B 347 134.78 -211.11 186.14
N MET A 1 3.86 -11.58 -18.03
CA MET A 1 4.88 -11.33 -16.99
C MET A 1 4.52 -10.08 -16.16
N SER A 2 5.44 -9.68 -15.26
CA SER A 2 5.32 -8.49 -14.40
C SER A 2 5.68 -7.20 -15.20
N ALA A 3 4.92 -7.00 -16.32
CA ALA A 3 5.24 -6.00 -17.39
C ALA A 3 6.65 -6.21 -17.97
N SER A 4 7.07 -5.31 -18.86
CA SER A 4 8.46 -5.28 -19.34
C SER A 4 9.30 -4.42 -18.39
N LYS A 5 10.53 -4.88 -18.19
CA LYS A 5 11.59 -4.18 -17.42
C LYS A 5 11.84 -2.76 -17.96
N GLU A 6 11.61 -2.59 -19.28
CA GLU A 6 11.78 -1.31 -20.01
C GLU A 6 10.65 -0.32 -19.68
N GLU A 7 9.40 -0.85 -19.64
CA GLU A 7 8.18 -0.06 -19.39
C GLU A 7 8.21 0.50 -17.97
N ILE A 8 8.42 -0.41 -17.00
CA ILE A 8 8.48 -0.06 -15.57
C ILE A 8 9.69 0.87 -15.30
N ALA A 9 10.82 0.63 -15.99
CA ALA A 9 12.06 1.46 -15.86
C ALA A 9 11.79 2.96 -16.07
N ALA A 10 10.99 3.27 -17.10
CA ALA A 10 10.57 4.65 -17.40
C ALA A 10 9.66 5.22 -16.30
N LEU A 11 8.78 4.35 -15.73
CA LEU A 11 7.88 4.71 -14.60
C LEU A 11 8.71 5.03 -13.33
N ILE A 12 9.80 4.26 -13.13
CA ILE A 12 10.71 4.39 -11.97
C ILE A 12 11.44 5.74 -12.01
N VAL A 13 12.13 6.00 -13.14
CA VAL A 13 12.94 7.23 -13.32
C VAL A 13 12.05 8.49 -13.38
N ASN A 14 10.77 8.32 -13.78
CA ASN A 14 9.79 9.44 -13.86
C ASN A 14 9.18 9.74 -12.49
N TYR A 15 8.93 8.68 -11.70
CA TYR A 15 8.37 8.84 -10.34
C TYR A 15 9.39 9.57 -9.46
N PHE A 16 10.65 9.12 -9.53
CA PHE A 16 11.77 9.74 -8.79
C PHE A 16 12.06 11.15 -9.32
N SER A 17 11.87 11.34 -10.65
CA SER A 17 11.97 12.67 -11.29
C SER A 17 10.92 13.63 -10.71
N SER A 18 9.70 13.11 -10.49
CA SER A 18 8.60 13.89 -9.90
C SER A 18 8.86 14.21 -8.41
N ILE A 19 9.56 13.28 -7.71
CA ILE A 19 9.95 13.48 -6.30
C ILE A 19 10.95 14.66 -6.18
N VAL A 20 12.02 14.63 -7.00
CA VAL A 20 13.08 15.66 -6.95
C VAL A 20 12.59 17.02 -7.51
N GLU A 21 11.69 16.97 -8.51
CA GLU A 21 11.10 18.15 -9.19
C GLU A 21 10.16 18.93 -8.24
N LYS A 22 9.40 18.18 -7.45
CA LYS A 22 8.47 18.73 -6.43
C LYS A 22 9.19 18.94 -5.07
N LYS A 23 10.49 18.54 -4.99
CA LYS A 23 11.34 18.68 -3.77
C LYS A 23 10.74 17.90 -2.57
N GLU A 24 10.06 16.78 -2.89
CA GLU A 24 9.55 15.80 -1.89
C GLU A 24 10.70 15.10 -1.13
N ILE A 25 11.90 15.18 -1.70
CA ILE A 25 13.15 14.70 -1.08
C ILE A 25 14.15 15.87 -1.00
N SER A 26 15.06 15.82 0.00
CA SER A 26 16.11 16.83 0.18
C SER A 26 17.15 16.79 -0.97
N GLU A 27 17.88 17.92 -1.15
CA GLU A 27 18.82 18.15 -2.29
C GLU A 27 19.89 17.04 -2.46
N ASP A 28 20.38 16.49 -1.34
CA ASP A 28 21.38 15.39 -1.36
C ASP A 28 20.73 14.08 -1.86
N GLY A 29 19.52 13.79 -1.34
CA GLY A 29 18.75 12.61 -1.75
C GLY A 29 18.22 12.75 -3.17
N ALA A 30 18.10 14.01 -3.63
CA ALA A 30 17.68 14.34 -5.00
C ALA A 30 18.78 13.98 -5.99
N ASP A 31 20.04 14.22 -5.58
CA ASP A 31 21.23 13.83 -6.35
C ASP A 31 21.41 12.31 -6.31
N SER A 32 21.06 11.69 -5.17
CA SER A 32 21.12 10.23 -5.00
C SER A 32 20.08 9.51 -5.88
N LEU A 33 18.94 10.17 -6.13
CA LEU A 33 17.94 9.70 -7.10
C LEU A 33 18.38 10.04 -8.55
N ASN A 34 19.00 11.21 -8.72
CA ASN A 34 19.49 11.73 -10.03
C ASN A 34 20.46 10.72 -10.71
N VAL A 35 21.44 10.27 -9.91
CA VAL A 35 22.45 9.30 -10.34
C VAL A 35 21.81 7.90 -10.57
N ALA A 36 20.76 7.58 -9.77
CA ALA A 36 20.02 6.30 -9.89
C ALA A 36 19.21 6.24 -11.20
N MET A 37 18.60 7.39 -11.57
CA MET A 37 17.82 7.53 -12.82
C MET A 37 18.73 7.32 -14.04
N ASP A 38 19.93 7.93 -13.96
CA ASP A 38 20.97 7.84 -15.02
C ASP A 38 21.47 6.40 -15.17
N CYS A 39 21.60 5.68 -14.06
CA CYS A 39 22.03 4.26 -14.04
C CYS A 39 20.99 3.34 -14.71
N ILE A 40 19.70 3.56 -14.38
CA ILE A 40 18.57 2.77 -14.92
C ILE A 40 18.39 3.03 -16.44
N SER A 41 18.43 4.32 -16.83
CA SER A 41 18.25 4.74 -18.23
C SER A 41 19.35 4.17 -19.14
N GLU A 42 20.60 4.25 -18.66
CA GLU A 42 21.77 3.69 -19.37
C GLU A 42 21.66 2.14 -19.44
N ALA A 43 21.23 1.52 -18.31
CA ALA A 43 21.14 0.05 -18.17
C ALA A 43 20.27 -0.60 -19.25
N PHE A 44 19.09 0.00 -19.49
CA PHE A 44 18.14 -0.51 -20.50
C PHE A 44 18.36 0.16 -21.87
N GLY A 45 19.11 1.29 -21.87
CA GLY A 45 19.45 2.00 -23.12
C GLY A 45 18.29 2.85 -23.63
N PHE A 46 17.89 3.85 -22.83
CA PHE A 46 16.85 4.84 -23.18
C PHE A 46 17.20 6.19 -22.55
N GLU A 47 16.49 7.24 -23.00
CA GLU A 47 16.65 8.60 -22.48
C GLU A 47 15.74 8.76 -21.23
N ARG A 48 16.33 9.22 -20.12
CA ARG A 48 15.72 9.23 -18.77
C ARG A 48 14.48 10.13 -18.64
N GLU A 49 14.37 11.14 -19.52
CA GLU A 49 13.22 12.07 -19.54
C GLU A 49 12.25 11.73 -20.69
N ALA A 50 12.65 10.80 -21.58
CA ALA A 50 11.79 10.31 -22.70
C ALA A 50 10.75 9.25 -22.23
N VAL A 51 10.31 9.42 -20.98
CA VAL A 51 9.37 8.54 -20.31
C VAL A 51 8.00 8.50 -20.99
N SER A 52 7.55 9.64 -21.56
CA SER A 52 6.29 9.72 -22.32
C SER A 52 6.39 8.86 -23.60
N GLY A 53 7.61 8.74 -24.15
CA GLY A 53 7.87 7.90 -25.32
C GLY A 53 7.62 6.42 -25.06
N ILE A 54 7.87 5.98 -23.82
CA ILE A 54 7.64 4.58 -23.40
C ILE A 54 6.24 4.46 -22.76
N LEU A 55 6.06 5.12 -21.61
CA LEU A 55 4.82 5.10 -20.78
C LEU A 55 3.56 5.59 -21.54
N GLY A 56 3.73 6.60 -22.41
CA GLY A 56 2.62 7.11 -23.24
C GLY A 56 2.22 6.13 -24.34
N LYS A 57 3.11 5.18 -24.65
CA LYS A 57 2.88 4.08 -25.60
C LYS A 57 2.74 2.73 -24.87
N SER A 58 2.88 2.75 -23.53
CA SER A 58 2.73 1.56 -22.66
C SER A 58 1.44 1.69 -21.84
N GLU A 59 0.56 0.69 -21.96
CA GLU A 59 -0.66 0.63 -21.13
C GLU A 59 -0.40 -0.12 -19.82
N PHE A 60 0.69 -0.92 -19.79
CA PHE A 60 0.97 -1.92 -18.71
C PHE A 60 -0.11 -3.03 -18.69
N LYS A 61 0.04 -3.98 -17.76
CA LYS A 61 -0.86 -5.17 -17.64
C LYS A 61 -1.68 -5.10 -16.34
N GLY A 62 -1.47 -4.04 -15.52
CA GLY A 62 -2.22 -3.87 -14.27
C GLY A 62 -2.13 -2.45 -13.72
N GLN A 63 -0.95 -1.79 -13.94
CA GLN A 63 -0.73 -0.39 -13.56
C GLN A 63 -1.73 0.55 -14.30
N HIS A 64 -1.49 0.76 -15.61
CA HIS A 64 -2.30 1.65 -16.47
C HIS A 64 -2.30 3.10 -15.94
N LEU A 65 -3.31 3.45 -15.13
CA LEU A 65 -3.52 4.80 -14.58
C LEU A 65 -4.23 4.66 -13.20
N ALA A 66 -4.80 5.80 -12.70
CA ALA A 66 -5.58 5.88 -11.44
C ALA A 66 -4.66 5.86 -10.20
N ASP A 67 -3.97 4.71 -10.01
CA ASP A 67 -3.02 4.53 -8.91
C ASP A 67 -1.75 5.36 -9.19
N ILE A 68 -1.09 5.09 -10.33
CA ILE A 68 0.14 5.81 -10.72
C ILE A 68 -0.17 6.80 -11.87
N LEU A 69 -0.07 8.10 -11.55
CA LEU A 69 -0.40 9.20 -12.48
C LEU A 69 0.80 9.52 -13.39
N ASN A 70 1.94 8.85 -13.15
CA ASN A 70 3.22 9.12 -13.87
C ASN A 70 3.29 8.46 -15.26
N SER A 71 2.36 7.55 -15.56
CA SER A 71 2.33 6.85 -16.87
C SER A 71 2.01 7.83 -18.03
N ALA A 72 0.81 8.41 -17.98
CA ALA A 72 0.35 9.37 -18.99
C ALA A 72 -0.75 10.24 -18.40
N SER A 73 -1.06 11.36 -19.08
CA SER A 73 -2.20 12.20 -18.75
C SER A 73 -3.47 11.60 -19.38
N ARG A 74 -3.33 11.20 -20.67
CA ARG A 74 -4.41 10.58 -21.46
C ARG A 74 -5.66 11.46 -21.55
N VAL A 75 -5.44 12.79 -21.54
CA VAL A 75 -6.51 13.79 -21.68
C VAL A 75 -7.14 13.66 -23.10
N PRO A 76 -8.44 13.22 -23.22
CA PRO A 76 -9.11 13.03 -24.54
C PRO A 76 -9.02 14.28 -25.44
N GLU A 77 -9.28 15.45 -24.83
CA GLU A 77 -9.13 16.80 -25.44
C GLU A 77 -9.98 16.94 -26.72
N SER A 78 -9.47 16.37 -27.82
CA SER A 78 -10.13 16.37 -29.12
C SER A 78 -11.32 15.39 -29.11
N ASN A 79 -11.01 14.11 -28.80
CA ASN A 79 -12.04 13.04 -28.62
C ASN A 79 -12.93 12.89 -29.88
N LYS A 80 -12.32 13.06 -31.08
CA LYS A 80 -13.04 12.99 -32.37
C LYS A 80 -13.35 11.53 -32.75
N LYS A 81 -14.39 10.98 -32.12
CA LYS A 81 -14.87 9.61 -32.38
C LYS A 81 -16.09 9.69 -33.31
N ASP A 82 -15.89 9.28 -34.58
CA ASP A 82 -16.88 9.34 -35.67
C ASP A 82 -17.10 10.79 -36.16
N ASP A 83 -17.58 11.66 -35.26
CA ASP A 83 -17.72 13.11 -35.50
C ASP A 83 -16.34 13.74 -35.79
N ALA A 84 -16.08 14.06 -37.06
CA ALA A 84 -14.84 14.69 -37.52
C ALA A 84 -15.11 15.51 -38.80
N GLU A 85 -15.02 14.85 -39.99
CA GLU A 85 -15.05 15.49 -41.33
C GLU A 85 -13.81 16.39 -41.53
N ASN A 86 -13.76 17.51 -40.77
CA ASN A 86 -12.58 18.39 -40.64
C ASN A 86 -12.27 19.14 -41.97
N VAL A 87 -11.53 18.50 -42.90
CA VAL A 87 -11.24 19.06 -44.25
C VAL A 87 -11.34 17.94 -45.32
N GLU A 88 -12.56 17.80 -45.92
CA GLU A 88 -12.82 16.80 -46.98
C GLU A 88 -14.20 17.04 -47.59
N ILE A 89 -14.33 16.68 -48.88
CA ILE A 89 -15.60 16.67 -49.61
C ILE A 89 -15.76 15.28 -50.29
N ASN A 90 -16.89 14.61 -50.02
CA ASN A 90 -17.20 13.27 -50.59
C ASN A 90 -18.41 13.39 -51.52
N ILE A 91 -19.58 13.66 -50.89
CA ILE A 91 -20.89 13.80 -51.55
C ILE A 91 -21.22 12.58 -52.49
N PRO A 92 -21.62 11.40 -51.91
CA PRO A 92 -22.06 10.22 -52.71
C PRO A 92 -23.50 10.37 -53.26
N GLU A 93 -24.23 11.36 -52.71
CA GLU A 93 -25.62 11.65 -53.09
C GLU A 93 -25.72 12.28 -54.49
N ASP A 94 -24.62 12.92 -54.95
CA ASP A 94 -24.53 13.59 -56.27
C ASP A 94 -24.50 12.54 -57.42
N ASP A 95 -24.19 11.29 -57.05
CA ASP A 95 -24.13 10.15 -57.99
C ASP A 95 -25.55 9.57 -58.29
N ALA A 96 -26.60 10.15 -57.67
CA ALA A 96 -28.02 9.69 -57.82
C ALA A 96 -28.53 9.74 -59.28
N GLU A 97 -27.80 10.45 -60.16
CA GLU A 97 -28.06 10.49 -61.61
C GLU A 97 -27.93 9.09 -62.24
N THR A 98 -26.97 8.28 -61.74
CA THR A 98 -26.77 6.89 -62.21
C THR A 98 -28.00 6.00 -61.92
N LYS A 99 -28.61 6.22 -60.74
CA LYS A 99 -29.86 5.54 -60.31
C LYS A 99 -31.00 5.91 -61.25
N ALA A 100 -31.11 7.23 -61.53
CA ALA A 100 -32.13 7.78 -62.44
C ALA A 100 -31.95 7.25 -63.87
N LYS A 101 -30.68 6.97 -64.25
CA LYS A 101 -30.31 6.53 -65.62
C LYS A 101 -30.52 5.01 -65.81
N ALA A 102 -30.35 4.24 -64.74
CA ALA A 102 -30.59 2.78 -64.77
C ALA A 102 -32.10 2.49 -64.71
N GLU A 103 -32.86 3.39 -64.05
CA GLU A 103 -34.34 3.35 -64.03
C GLU A 103 -34.89 3.84 -65.39
N ASP A 104 -34.15 4.77 -66.02
CA ASP A 104 -34.36 5.18 -67.42
C ASP A 104 -34.12 3.99 -68.36
N LEU A 105 -33.11 3.17 -68.01
CA LEU A 105 -32.67 2.01 -68.81
C LEU A 105 -33.71 0.86 -68.74
N LYS A 106 -34.31 0.63 -67.55
CA LYS A 106 -35.38 -0.38 -67.38
C LYS A 106 -36.65 0.08 -68.13
N MET A 107 -36.83 1.43 -68.21
CA MET A 107 -37.99 2.07 -68.89
C MET A 107 -38.00 1.74 -70.40
N GLN A 108 -36.79 1.56 -70.96
CA GLN A 108 -36.60 1.23 -72.40
C GLN A 108 -37.19 -0.17 -72.72
N GLY A 109 -37.26 -1.04 -71.70
CA GLY A 109 -37.95 -2.33 -71.79
C GLY A 109 -39.35 -2.29 -71.21
N ASN A 110 -39.58 -1.36 -70.28
CA ASN A 110 -40.87 -1.24 -69.54
C ASN A 110 -41.99 -0.76 -70.46
N LYS A 111 -41.60 -0.09 -71.56
CA LYS A 111 -42.51 0.26 -72.65
C LYS A 111 -42.97 -1.01 -73.41
N ALA A 112 -42.02 -1.94 -73.66
CA ALA A 112 -42.30 -3.22 -74.35
C ALA A 112 -43.17 -4.13 -73.47
N MET A 113 -42.94 -4.05 -72.15
CA MET A 113 -43.75 -4.71 -71.11
C MET A 113 -45.25 -4.37 -71.25
N ALA A 114 -45.52 -3.07 -71.44
CA ALA A 114 -46.89 -2.54 -71.61
C ALA A 114 -47.43 -2.83 -73.02
N ASN A 115 -46.52 -3.15 -73.95
CA ASN A 115 -46.83 -3.43 -75.37
C ASN A 115 -46.81 -4.96 -75.64
N LYS A 116 -47.17 -5.75 -74.60
CA LYS A 116 -47.33 -7.25 -74.62
C LYS A 116 -45.99 -8.02 -74.80
N ASP A 117 -44.89 -7.32 -75.11
CA ASP A 117 -43.58 -7.94 -75.38
C ASP A 117 -42.77 -7.98 -74.07
N TYR A 118 -43.05 -9.00 -73.25
CA TYR A 118 -42.44 -9.16 -71.94
C TYR A 118 -40.98 -9.64 -72.07
N GLU A 119 -40.65 -10.26 -73.22
CA GLU A 119 -39.31 -10.81 -73.48
C GLU A 119 -38.27 -9.67 -73.63
N LEU A 120 -38.62 -8.66 -74.45
CA LEU A 120 -37.78 -7.46 -74.67
C LEU A 120 -37.65 -6.66 -73.36
N ALA A 121 -38.72 -6.70 -72.56
CA ALA A 121 -38.76 -6.07 -71.25
C ALA A 121 -37.73 -6.69 -70.30
N ILE A 122 -37.76 -8.04 -70.18
CA ILE A 122 -36.92 -8.78 -69.23
C ILE A 122 -35.41 -8.54 -69.46
N ASN A 123 -34.95 -8.58 -70.73
CA ASN A 123 -33.50 -8.40 -71.05
C ASN A 123 -33.05 -6.93 -70.87
N LYS A 124 -33.99 -5.97 -70.91
CA LYS A 124 -33.71 -4.53 -70.62
C LYS A 124 -33.76 -4.25 -69.10
N TYR A 125 -34.49 -5.10 -68.35
CA TYR A 125 -34.47 -5.07 -66.87
C TYR A 125 -33.14 -5.63 -66.36
N THR A 126 -32.65 -6.69 -67.06
CA THR A 126 -31.35 -7.32 -66.80
C THR A 126 -30.20 -6.43 -67.33
N GLU A 127 -30.49 -5.62 -68.38
CA GLU A 127 -29.57 -4.58 -68.88
C GLU A 127 -29.44 -3.44 -67.83
N ALA A 128 -30.56 -3.14 -67.15
CA ALA A 128 -30.61 -2.14 -66.07
C ALA A 128 -29.80 -2.60 -64.83
N ILE A 129 -29.74 -3.94 -64.64
CA ILE A 129 -28.90 -4.58 -63.60
C ILE A 129 -27.38 -4.39 -63.91
N LYS A 130 -27.01 -4.24 -65.20
CA LYS A 130 -25.60 -3.97 -65.61
C LYS A 130 -25.09 -2.65 -65.01
N VAL A 131 -25.96 -1.64 -64.95
CA VAL A 131 -25.62 -0.33 -64.38
C VAL A 131 -25.67 -0.40 -62.83
N LEU A 132 -26.88 -0.66 -62.27
CA LEU A 132 -27.09 -0.82 -60.80
C LEU A 132 -27.54 -2.28 -60.46
N PRO A 133 -26.58 -3.20 -60.10
CA PRO A 133 -26.91 -4.60 -59.68
C PRO A 133 -27.31 -4.75 -58.20
N THR A 134 -26.97 -3.73 -57.39
CA THR A 134 -27.22 -3.73 -55.94
C THR A 134 -28.61 -3.14 -55.61
N ASN A 135 -29.40 -2.81 -56.65
CA ASN A 135 -30.73 -2.22 -56.52
C ASN A 135 -31.82 -3.17 -57.00
N ALA A 136 -32.77 -3.42 -56.11
CA ALA A 136 -33.92 -4.32 -56.29
C ALA A 136 -35.00 -3.73 -57.22
N ILE A 137 -34.82 -2.45 -57.62
CA ILE A 137 -35.75 -1.68 -58.47
C ILE A 137 -36.13 -2.48 -59.74
N TYR A 138 -35.12 -3.07 -60.36
CA TYR A 138 -35.19 -3.69 -61.71
C TYR A 138 -35.65 -5.18 -61.61
N TYR A 139 -35.40 -5.78 -60.43
CA TYR A 139 -35.83 -7.17 -60.11
C TYR A 139 -37.36 -7.24 -59.95
N ALA A 140 -37.96 -6.18 -59.38
CA ALA A 140 -39.41 -6.06 -59.20
C ALA A 140 -40.11 -5.93 -60.56
N ASN A 141 -39.54 -5.12 -61.47
CA ASN A 141 -40.11 -4.95 -62.84
C ASN A 141 -40.08 -6.30 -63.59
N ARG A 142 -39.00 -7.08 -63.36
CA ARG A 142 -38.83 -8.42 -63.98
C ARG A 142 -39.77 -9.46 -63.34
N ALA A 143 -40.07 -9.27 -62.05
CA ALA A 143 -41.00 -10.12 -61.29
C ALA A 143 -42.41 -10.06 -61.91
N ALA A 144 -42.85 -8.83 -62.17
CA ALA A 144 -44.15 -8.56 -62.83
C ALA A 144 -44.21 -9.22 -64.22
N ALA A 145 -43.05 -9.30 -64.90
CA ALA A 145 -42.94 -9.92 -66.24
C ALA A 145 -43.16 -11.44 -66.20
N HIS A 146 -42.68 -12.11 -65.13
CA HIS A 146 -42.88 -13.56 -64.95
C HIS A 146 -44.35 -13.89 -64.65
N SER A 147 -44.98 -13.11 -63.76
CA SER A 147 -46.43 -13.27 -63.43
C SER A 147 -47.31 -13.01 -64.68
N SER A 148 -46.86 -12.11 -65.56
CA SER A 148 -47.53 -11.85 -66.85
C SER A 148 -47.39 -13.06 -67.80
N LEU A 149 -46.27 -13.81 -67.67
CA LEU A 149 -46.03 -15.06 -68.42
C LEU A 149 -46.57 -16.29 -67.66
N LYS A 150 -47.48 -16.05 -66.67
CA LYS A 150 -48.18 -17.11 -65.87
C LYS A 150 -47.22 -17.82 -64.86
N GLU A 151 -45.96 -17.38 -64.81
CA GLU A 151 -44.95 -17.90 -63.87
C GLU A 151 -45.02 -17.10 -62.55
N TYR A 152 -46.18 -17.23 -61.86
CA TYR A 152 -46.47 -16.47 -60.62
C TYR A 152 -45.53 -16.89 -59.49
N ASP A 153 -45.15 -18.18 -59.50
CA ASP A 153 -44.24 -18.79 -58.53
C ASP A 153 -42.83 -18.15 -58.64
N GLN A 154 -42.38 -17.92 -59.89
CA GLN A 154 -41.07 -17.31 -60.18
C GLN A 154 -41.16 -15.77 -60.06
N ALA A 155 -42.38 -15.22 -60.17
CA ALA A 155 -42.64 -13.79 -59.93
C ALA A 155 -42.42 -13.45 -58.46
N VAL A 156 -42.89 -14.35 -57.58
CA VAL A 156 -42.67 -14.26 -56.13
C VAL A 156 -41.18 -14.47 -55.79
N LYS A 157 -40.44 -15.23 -56.62
CA LYS A 157 -38.97 -15.42 -56.49
C LYS A 157 -38.20 -14.10 -56.72
N ASP A 158 -38.54 -13.37 -57.80
CA ASP A 158 -37.90 -12.07 -58.12
C ASP A 158 -38.39 -10.95 -57.17
N ALA A 159 -39.64 -11.10 -56.66
CA ALA A 159 -40.21 -10.19 -55.64
C ALA A 159 -39.56 -10.44 -54.27
N GLU A 160 -39.22 -11.72 -54.00
CA GLU A 160 -38.51 -12.15 -52.76
C GLU A 160 -37.09 -11.58 -52.79
N SER A 161 -36.45 -11.66 -53.97
CA SER A 161 -35.13 -11.07 -54.24
C SER A 161 -35.18 -9.54 -54.05
N ALA A 162 -36.30 -8.92 -54.48
CA ALA A 162 -36.50 -7.47 -54.38
C ALA A 162 -36.61 -6.98 -52.91
N ILE A 163 -37.35 -7.73 -52.08
CA ILE A 163 -37.57 -7.40 -50.65
C ILE A 163 -36.35 -7.81 -49.79
N SER A 164 -35.44 -8.63 -50.37
CA SER A 164 -34.16 -9.01 -49.73
C SER A 164 -33.06 -7.96 -49.97
N ILE A 165 -32.91 -7.53 -51.22
CA ILE A 165 -31.85 -6.59 -51.63
C ILE A 165 -32.13 -5.20 -51.03
N ASP A 166 -33.38 -4.73 -51.19
CA ASP A 166 -33.89 -3.54 -50.50
C ASP A 166 -35.01 -3.99 -49.53
N PRO A 167 -34.70 -4.15 -48.20
CA PRO A 167 -35.69 -4.56 -47.17
C PRO A 167 -36.99 -3.71 -47.15
N SER A 168 -36.82 -2.38 -47.29
CA SER A 168 -37.93 -1.41 -47.17
C SER A 168 -38.61 -1.15 -48.54
N TYR A 169 -38.28 -1.94 -49.59
CA TYR A 169 -38.74 -1.70 -50.96
C TYR A 169 -40.27 -1.91 -51.12
N PHE A 170 -40.98 -0.79 -51.26
CA PHE A 170 -42.43 -0.73 -51.45
C PHE A 170 -42.91 -1.55 -52.68
N ARG A 171 -42.23 -1.36 -53.83
CA ARG A 171 -42.69 -1.93 -55.13
C ARG A 171 -42.38 -3.45 -55.21
N GLY A 172 -41.60 -3.97 -54.23
CA GLY A 172 -41.43 -5.41 -54.04
C GLY A 172 -42.74 -6.07 -53.60
N TYR A 173 -43.48 -5.36 -52.72
CA TYR A 173 -44.81 -5.79 -52.24
C TYR A 173 -45.88 -5.67 -53.34
N SER A 174 -45.65 -4.73 -54.28
CA SER A 174 -46.52 -4.56 -55.46
C SER A 174 -46.56 -5.84 -56.31
N ARG A 175 -45.39 -6.47 -56.50
CA ARG A 175 -45.26 -7.72 -57.29
C ARG A 175 -45.60 -8.96 -56.47
N LEU A 176 -45.32 -8.87 -55.16
CA LEU A 176 -45.68 -9.91 -54.18
C LEU A 176 -47.22 -10.10 -54.16
N GLY A 177 -47.93 -8.96 -54.30
CA GLY A 177 -49.39 -8.94 -54.35
C GLY A 177 -49.96 -9.16 -55.74
N PHE A 178 -49.17 -8.82 -56.79
CA PHE A 178 -49.62 -8.95 -58.20
C PHE A 178 -49.78 -10.42 -58.59
N ALA A 179 -48.81 -11.24 -58.14
CA ALA A 179 -48.85 -12.70 -58.35
C ALA A 179 -50.12 -13.29 -57.71
N LYS A 180 -50.44 -12.82 -56.49
CA LYS A 180 -51.63 -13.25 -55.74
C LYS A 180 -52.94 -12.75 -56.38
N TYR A 181 -52.88 -11.54 -56.95
CA TYR A 181 -54.03 -10.88 -57.59
C TYR A 181 -54.58 -11.75 -58.74
N ALA A 182 -53.67 -12.14 -59.64
CA ALA A 182 -54.00 -12.96 -60.82
C ALA A 182 -54.21 -14.45 -60.45
N GLN A 183 -53.95 -14.80 -59.17
CA GLN A 183 -54.23 -16.14 -58.62
C GLN A 183 -55.53 -16.14 -57.78
N GLY A 184 -56.37 -15.11 -57.98
CA GLY A 184 -57.75 -15.09 -57.46
C GLY A 184 -57.86 -14.93 -55.94
N LYS A 185 -56.90 -14.19 -55.35
CA LYS A 185 -56.91 -13.86 -53.91
C LYS A 185 -56.61 -12.35 -53.73
N PRO A 186 -57.69 -11.49 -53.84
CA PRO A 186 -57.55 -10.02 -53.87
C PRO A 186 -57.34 -9.38 -52.50
N GLU A 187 -57.55 -10.13 -51.41
CA GLU A 187 -57.37 -9.64 -50.04
C GLU A 187 -55.87 -9.44 -49.73
N GLU A 188 -55.09 -10.49 -50.02
CA GLU A 188 -53.63 -10.48 -49.85
C GLU A 188 -52.96 -9.53 -50.84
N ALA A 189 -53.56 -9.41 -52.03
CA ALA A 189 -53.13 -8.44 -53.05
C ALA A 189 -53.32 -7.01 -52.55
N LEU A 190 -54.55 -6.73 -52.06
CA LEU A 190 -54.97 -5.40 -51.61
C LEU A 190 -54.09 -4.90 -50.46
N GLU A 191 -53.82 -5.82 -49.50
CA GLU A 191 -53.04 -5.50 -48.29
C GLU A 191 -51.54 -5.34 -48.63
N ALA A 192 -51.08 -6.02 -49.69
CA ALA A 192 -49.68 -5.87 -50.19
C ALA A 192 -49.48 -4.47 -50.78
N TYR A 193 -50.45 -4.02 -51.60
CA TYR A 193 -50.46 -2.67 -52.18
C TYR A 193 -50.75 -1.59 -51.11
N LYS A 194 -51.46 -2.00 -50.05
CA LYS A 194 -51.74 -1.14 -48.89
C LYS A 194 -50.43 -0.90 -48.12
N LYS A 195 -49.57 -1.96 -48.01
CA LYS A 195 -48.21 -1.87 -47.41
C LYS A 195 -47.34 -0.85 -48.16
N VAL A 196 -47.49 -0.83 -49.50
CA VAL A 196 -46.79 0.13 -50.38
C VAL A 196 -47.13 1.57 -49.94
N LEU A 197 -48.43 1.89 -49.93
CA LEU A 197 -48.94 3.25 -49.61
C LEU A 197 -48.77 3.59 -48.11
N ASP A 198 -48.69 2.55 -47.27
CA ASP A 198 -48.55 2.68 -45.81
C ASP A 198 -47.15 3.17 -45.43
N ILE A 199 -46.12 2.41 -45.85
CA ILE A 199 -44.72 2.65 -45.45
C ILE A 199 -44.19 3.93 -46.11
N GLU A 200 -44.67 4.20 -47.35
CA GLU A 200 -44.35 5.44 -48.07
C GLU A 200 -45.05 6.64 -47.42
N GLY A 201 -46.37 6.47 -47.16
CA GLY A 201 -47.18 7.51 -46.53
C GLY A 201 -47.30 8.75 -47.40
N ASP A 202 -46.56 9.81 -47.00
CA ASP A 202 -46.44 11.06 -47.78
C ASP A 202 -45.84 10.80 -49.16
N ASN A 203 -44.89 9.85 -49.21
CA ASN A 203 -44.15 9.47 -50.45
C ASN A 203 -45.04 8.72 -51.46
N ALA A 204 -46.24 8.26 -51.03
CA ALA A 204 -47.15 7.46 -51.88
C ALA A 204 -47.60 8.26 -53.11
N THR A 205 -47.04 7.92 -54.28
CA THR A 205 -47.24 8.63 -55.56
C THR A 205 -48.13 7.82 -56.53
N GLU A 206 -48.28 8.35 -57.76
CA GLU A 206 -49.11 7.78 -58.83
C GLU A 206 -48.77 6.31 -59.09
N ALA A 207 -47.50 6.07 -59.46
CA ALA A 207 -46.99 4.73 -59.89
C ALA A 207 -47.09 3.67 -58.77
N MET A 208 -47.29 4.11 -57.52
CA MET A 208 -47.50 3.21 -56.36
C MET A 208 -48.99 2.83 -56.26
N LYS A 209 -49.86 3.82 -56.48
CA LYS A 209 -51.33 3.70 -56.29
C LYS A 209 -52.01 3.02 -57.50
N ARG A 210 -51.37 3.07 -58.68
CA ARG A 210 -51.90 2.42 -59.92
C ARG A 210 -52.10 0.91 -59.69
N ASP A 211 -51.11 0.33 -58.99
CA ASP A 211 -51.10 -1.06 -58.56
C ASP A 211 -52.21 -1.34 -57.53
N TYR A 212 -52.37 -0.41 -56.57
CA TYR A 212 -53.42 -0.48 -55.53
C TYR A 212 -54.82 -0.37 -56.15
N GLU A 213 -54.92 0.41 -57.22
CA GLU A 213 -56.19 0.75 -57.90
C GLU A 213 -56.80 -0.51 -58.55
N SER A 214 -55.91 -1.43 -58.99
CA SER A 214 -56.29 -2.70 -59.60
C SER A 214 -56.94 -3.64 -58.56
N ALA A 215 -56.29 -3.79 -57.38
CA ALA A 215 -56.80 -4.64 -56.28
C ALA A 215 -58.06 -4.06 -55.66
N LYS A 216 -58.11 -2.71 -55.59
CA LYS A 216 -59.28 -1.96 -55.12
C LYS A 216 -60.51 -2.32 -55.96
N LYS A 217 -60.31 -2.29 -57.31
CA LYS A 217 -61.34 -2.62 -58.30
C LYS A 217 -61.91 -4.03 -58.11
N LYS A 218 -61.04 -4.96 -57.72
CA LYS A 218 -61.39 -6.38 -57.54
C LYS A 218 -62.20 -6.62 -56.25
N VAL A 219 -61.98 -5.76 -55.22
CA VAL A 219 -62.71 -5.83 -53.94
C VAL A 219 -64.02 -5.00 -53.99
N GLU A 220 -63.98 -3.84 -54.66
CA GLU A 220 -65.09 -2.86 -54.66
C GLU A 220 -66.32 -3.39 -55.40
N GLN A 221 -66.11 -4.31 -56.37
CA GLN A 221 -67.19 -4.96 -57.11
C GLN A 221 -68.16 -5.69 -56.14
N SER A 222 -67.59 -6.33 -55.11
CA SER A 222 -68.35 -7.00 -54.02
C SER A 222 -68.90 -5.97 -53.03
N LEU A 223 -68.12 -4.89 -52.84
CA LEU A 223 -68.41 -3.82 -51.87
C LEU A 223 -69.61 -2.95 -52.32
N ASN A 224 -69.99 -3.01 -53.63
CA ASN A 224 -71.20 -2.31 -54.15
C ASN A 224 -72.51 -2.82 -53.53
N LEU A 225 -72.44 -3.98 -52.84
CA LEU A 225 -73.60 -4.55 -52.14
C LEU A 225 -73.90 -3.81 -50.83
N GLU A 226 -72.83 -3.36 -50.14
CA GLU A 226 -72.89 -2.91 -48.74
C GLU A 226 -73.77 -1.66 -48.52
N LYS A 227 -74.24 -1.58 -47.29
CA LYS A 227 -74.68 -0.34 -46.64
C LYS A 227 -74.45 -0.56 -45.15
N THR A 228 -73.62 0.29 -44.52
CA THR A 228 -73.14 0.05 -43.16
C THR A 228 -73.43 1.24 -42.25
N VAL A 229 -74.16 0.96 -41.16
CA VAL A 229 -74.34 1.85 -40.01
C VAL A 229 -74.06 1.11 -38.61
N PRO A 230 -73.27 -0.05 -38.51
CA PRO A 230 -72.94 -0.64 -37.20
C PRO A 230 -71.66 -0.01 -36.60
N GLU A 231 -70.49 -0.26 -37.26
CA GLU A 231 -69.15 0.24 -36.83
C GLU A 231 -68.86 -0.21 -35.36
N GLN A 232 -69.13 -1.52 -35.12
CA GLN A 232 -69.05 -2.21 -33.81
C GLN A 232 -69.83 -1.46 -32.67
N SER A 233 -70.90 -0.72 -33.08
CA SER A 233 -71.74 0.16 -32.22
C SER A 233 -71.06 1.53 -31.95
N ARG A 234 -70.34 2.04 -32.99
CA ARG A 234 -69.62 3.36 -33.03
C ARG A 234 -68.96 3.77 -31.70
N ASP A 235 -68.25 2.81 -31.08
CA ASP A 235 -67.40 3.08 -29.89
C ASP A 235 -65.92 3.15 -30.32
N ALA A 236 -65.61 2.62 -31.51
CA ALA A 236 -64.24 2.43 -32.03
C ALA A 236 -63.39 3.73 -32.04
N ASP A 237 -64.03 4.86 -32.38
CA ASP A 237 -63.40 6.19 -32.47
C ASP A 237 -63.12 6.72 -31.06
N VAL A 238 -64.14 6.68 -30.20
CA VAL A 238 -64.06 7.14 -28.80
C VAL A 238 -63.41 6.01 -27.93
N ASP A 239 -62.10 5.87 -28.09
CA ASP A 239 -61.28 4.83 -27.46
C ASP A 239 -60.33 5.51 -26.46
N ALA A 240 -60.38 5.05 -25.19
CA ALA A 240 -59.51 5.52 -24.08
C ALA A 240 -59.90 6.94 -23.58
N SER A 241 -59.81 7.95 -24.49
CA SER A 241 -60.16 9.37 -24.21
C SER A 241 -59.12 10.05 -23.27
N GLN A 242 -57.96 9.36 -23.09
CA GLN A 242 -56.83 9.86 -22.27
C GLN A 242 -56.10 11.01 -22.99
N GLY A 243 -56.57 12.24 -22.72
CA GLY A 243 -56.07 13.47 -23.36
C GLY A 243 -57.19 14.33 -23.92
N ALA A 244 -58.34 13.68 -24.23
CA ALA A 244 -59.54 14.36 -24.74
C ALA A 244 -60.35 14.96 -23.57
N SER A 245 -60.74 16.24 -23.69
CA SER A 245 -61.57 16.92 -22.69
C SER A 245 -62.66 17.79 -23.36
N ALA A 246 -62.25 18.95 -23.92
CA ALA A 246 -63.17 19.96 -24.52
C ALA A 246 -64.20 20.46 -23.48
N GLY A 247 -65.34 19.76 -23.34
CA GLY A 247 -66.38 20.10 -22.34
C GLY A 247 -66.94 21.52 -22.50
N GLY A 248 -67.06 21.97 -23.76
CA GLY A 248 -67.55 23.32 -24.08
C GLY A 248 -66.44 24.27 -24.53
N LEU A 249 -65.20 23.74 -24.68
CA LEU A 249 -64.00 24.48 -25.16
C LEU A 249 -63.65 25.68 -24.22
N PRO A 250 -62.88 25.47 -23.11
CA PRO A 250 -62.41 26.56 -22.24
C PRO A 250 -61.09 27.19 -22.74
N ASP A 251 -60.96 28.53 -22.63
CA ASP A 251 -59.70 29.22 -22.96
C ASP A 251 -58.66 28.94 -21.86
N LEU A 252 -57.44 28.63 -22.28
CA LEU A 252 -56.33 28.27 -21.38
C LEU A 252 -55.12 29.18 -21.64
N GLY A 253 -55.32 30.19 -22.51
CA GLY A 253 -54.26 31.06 -23.01
C GLY A 253 -53.44 31.74 -21.92
N SER A 254 -54.13 32.51 -21.06
CA SER A 254 -53.53 33.15 -19.87
C SER A 254 -52.54 34.28 -20.24
N LEU A 255 -52.62 34.78 -21.51
CA LEU A 255 -51.71 35.84 -22.04
C LEU A 255 -51.92 37.21 -21.35
N LEU A 256 -53.07 37.38 -20.70
CA LEU A 256 -53.43 38.61 -19.98
C LEU A 256 -53.84 38.23 -18.54
N GLY A 257 -54.92 37.46 -18.44
CA GLY A 257 -55.45 37.00 -17.16
C GLY A 257 -54.77 35.73 -16.68
N GLY A 258 -53.60 35.88 -16.05
CA GLY A 258 -52.87 34.75 -15.49
C GLY A 258 -51.44 35.10 -15.13
N GLY A 259 -51.30 36.23 -14.42
CA GLY A 259 -50.01 36.70 -13.94
C GLY A 259 -50.18 37.73 -12.84
N LEU A 260 -49.10 37.97 -12.09
CA LEU A 260 -49.08 39.00 -11.02
C LEU A 260 -49.12 40.40 -11.65
N GLY A 261 -48.47 40.51 -12.83
CA GLY A 261 -48.48 41.72 -13.65
C GLY A 261 -47.56 42.82 -13.14
N GLY A 262 -46.95 42.64 -11.94
CA GLY A 262 -46.18 43.69 -11.28
C GLY A 262 -47.04 44.91 -10.97
N LEU A 263 -48.24 44.63 -10.38
CA LEU A 263 -49.26 45.67 -10.08
C LEU A 263 -48.77 46.71 -9.05
N MET A 264 -47.73 46.35 -8.28
CA MET A 264 -47.08 47.23 -7.30
C MET A 264 -46.24 48.33 -7.99
N ASN A 265 -45.80 48.03 -9.24
CA ASN A 265 -44.94 48.91 -10.07
C ASN A 265 -43.52 48.99 -9.46
N ASN A 266 -43.38 49.80 -8.40
CA ASN A 266 -42.13 49.93 -7.63
C ASN A 266 -42.41 50.63 -6.27
N PRO A 267 -42.55 49.86 -5.14
CA PRO A 267 -42.73 50.45 -3.78
C PRO A 267 -41.42 50.99 -3.15
N GLN A 268 -40.58 51.67 -3.96
CA GLN A 268 -39.29 52.23 -3.50
C GLN A 268 -39.50 53.69 -3.05
N LEU A 269 -38.77 54.08 -2.00
CA LEU A 269 -38.76 55.46 -1.48
C LEU A 269 -37.33 55.82 -1.02
N MET A 270 -37.06 57.12 -0.80
CA MET A 270 -35.75 57.61 -0.28
C MET A 270 -35.99 58.75 0.71
N GLN A 271 -34.98 58.98 1.57
CA GLN A 271 -35.01 60.05 2.59
C GLN A 271 -34.86 61.44 1.89
N ALA A 272 -35.13 62.52 2.64
CA ALA A 272 -35.20 63.93 2.17
C ALA A 272 -33.98 64.40 1.33
N ALA A 273 -32.87 63.64 1.40
CA ALA A 273 -31.65 63.88 0.58
C ALA A 273 -31.98 63.92 -0.93
N GLN A 274 -33.02 63.16 -1.34
CA GLN A 274 -33.52 63.11 -2.74
C GLN A 274 -33.86 64.51 -3.29
N LYS A 275 -34.30 65.41 -2.40
CA LYS A 275 -34.60 66.82 -2.71
C LYS A 275 -33.43 67.66 -2.16
N MET A 276 -33.38 67.75 -0.82
CA MET A 276 -32.41 68.57 -0.09
C MET A 276 -31.27 67.70 0.45
N MET A 277 -30.14 67.67 -0.28
CA MET A 277 -28.90 67.03 0.17
C MET A 277 -28.21 67.89 1.26
N SER A 278 -28.56 69.19 1.27
CA SER A 278 -28.00 70.26 2.13
C SER A 278 -26.62 70.75 1.62
N ASN A 279 -25.74 69.78 1.29
CA ASN A 279 -24.42 70.05 0.69
C ASN A 279 -24.35 69.46 -0.74
N PRO A 280 -24.69 70.27 -1.81
CA PRO A 280 -24.46 69.87 -3.21
C PRO A 280 -23.00 70.11 -3.63
N GLY A 281 -22.43 71.26 -3.21
CA GLY A 281 -21.04 71.62 -3.51
C GLY A 281 -20.67 72.99 -2.96
N ALA A 282 -20.96 74.06 -3.75
CA ALA A 282 -20.73 75.47 -3.35
C ALA A 282 -21.47 76.42 -4.31
N MET A 283 -21.69 77.67 -3.84
CA MET A 283 -22.23 78.77 -4.68
C MET A 283 -21.05 79.54 -5.33
N GLN A 284 -21.36 80.61 -6.10
CA GLN A 284 -20.32 81.43 -6.78
C GLN A 284 -20.91 82.79 -7.22
N ASN A 285 -20.67 83.85 -6.41
CA ASN A 285 -21.03 85.27 -6.69
C ASN A 285 -22.49 85.45 -7.20
N ILE A 286 -22.67 85.31 -8.55
CA ILE A 286 -23.95 85.53 -9.26
C ILE A 286 -25.07 84.60 -8.74
N GLN A 287 -24.67 83.47 -8.13
CA GLN A 287 -25.59 82.45 -7.57
C GLN A 287 -26.21 82.96 -6.25
N LYS A 288 -27.06 84.01 -6.37
CA LYS A 288 -27.70 84.73 -5.23
C LYS A 288 -26.66 85.52 -4.38
N MET A 289 -27.13 86.62 -3.72
CA MET A 289 -26.33 87.50 -2.82
C MET A 289 -25.45 88.46 -3.65
N MET A 290 -24.58 87.88 -4.51
CA MET A 290 -23.76 88.59 -5.51
C MET A 290 -22.52 89.29 -4.91
N GLN A 291 -22.47 89.40 -3.56
CA GLN A 291 -21.34 90.00 -2.81
C GLN A 291 -21.20 91.51 -3.14
N ASP A 292 -22.34 92.12 -3.52
CA ASP A 292 -22.49 93.55 -3.85
C ASP A 292 -21.52 94.04 -4.96
N PRO A 293 -21.74 93.66 -6.25
CA PRO A 293 -20.97 94.20 -7.38
C PRO A 293 -21.69 95.42 -8.02
N SER A 294 -22.55 95.17 -9.02
CA SER A 294 -23.30 96.22 -9.72
C SER A 294 -24.57 96.63 -8.98
N ILE A 295 -25.05 95.76 -8.07
CA ILE A 295 -26.26 96.04 -7.27
C ILE A 295 -25.99 97.20 -6.29
N ARG A 296 -24.73 97.33 -5.85
CA ARG A 296 -24.26 98.48 -5.05
C ARG A 296 -23.77 99.58 -6.02
N GLN A 297 -22.82 99.18 -6.90
CA GLN A 297 -22.21 100.02 -7.95
C GLN A 297 -21.37 101.19 -7.37
N MET A 298 -22.07 102.22 -6.84
CA MET A 298 -21.49 103.50 -6.41
C MET A 298 -20.90 104.24 -7.62
N ALA A 299 -21.71 105.12 -8.22
CA ALA A 299 -21.32 105.93 -9.38
C ALA A 299 -20.35 107.04 -8.93
N GLU A 300 -19.08 106.64 -8.73
CA GLU A 300 -17.98 107.50 -8.28
C GLU A 300 -16.69 107.01 -8.94
N GLY A 301 -15.61 107.79 -8.79
CA GLY A 301 -14.33 107.46 -9.40
C GLY A 301 -14.26 107.90 -10.85
N PHE A 302 -14.76 109.12 -11.14
CA PHE A 302 -14.68 109.71 -12.48
C PHE A 302 -13.37 110.51 -12.60
N ALA A 303 -12.28 109.80 -12.92
CA ALA A 303 -10.93 110.37 -13.09
C ALA A 303 -10.12 109.51 -14.06
N SER A 304 -10.13 108.18 -13.79
CA SER A 304 -9.53 107.14 -14.65
C SER A 304 -7.98 107.28 -14.72
N GLY A 305 -7.33 106.59 -15.66
CA GLY A 305 -5.87 106.63 -15.81
C GLY A 305 -5.39 107.85 -16.58
N GLY A 306 -5.44 109.03 -15.92
CA GLY A 306 -5.01 110.30 -16.52
C GLY A 306 -6.16 110.98 -17.27
N GLY A 307 -6.74 110.25 -18.23
CA GLY A 307 -7.92 110.70 -18.99
C GLY A 307 -9.01 109.63 -19.02
N THR A 308 -10.25 110.06 -19.29
CA THR A 308 -11.42 109.17 -19.41
C THR A 308 -11.34 108.37 -20.73
N PRO A 309 -11.66 107.02 -20.74
CA PRO A 309 -11.75 106.23 -21.99
C PRO A 309 -12.71 106.86 -23.03
N ASN A 310 -12.12 107.37 -24.12
CA ASN A 310 -12.86 108.01 -25.23
C ASN A 310 -13.69 106.94 -25.98
N LEU A 311 -14.98 106.82 -25.60
CA LEU A 311 -15.92 105.85 -26.21
C LEU A 311 -16.28 106.31 -27.65
N SER A 312 -16.26 107.64 -27.84
CA SER A 312 -16.62 108.30 -29.12
C SER A 312 -15.67 107.87 -30.28
N ASP A 313 -14.45 107.41 -29.91
CA ASP A 313 -13.45 106.91 -30.86
C ASP A 313 -13.96 105.63 -31.52
N LEU A 314 -14.41 104.71 -30.67
CA LEU A 314 -14.90 103.38 -31.08
C LEU A 314 -16.28 103.50 -31.71
N MET A 315 -17.06 104.50 -31.23
CA MET A 315 -18.45 104.70 -31.62
C MET A 315 -18.53 105.21 -33.07
N ASN A 316 -17.86 106.35 -33.37
CA ASN A 316 -17.88 106.96 -34.71
C ASN A 316 -16.78 108.02 -34.87
N ASN A 317 -15.52 107.55 -35.00
CA ASN A 317 -14.38 108.44 -35.31
C ASN A 317 -13.73 108.01 -36.64
N PRO A 318 -14.12 108.66 -37.78
CA PRO A 318 -13.36 108.57 -39.04
C PRO A 318 -12.06 109.43 -38.94
N ALA A 319 -11.09 108.93 -38.14
CA ALA A 319 -9.82 109.62 -37.86
C ALA A 319 -8.92 109.72 -39.11
N LEU A 320 -9.13 108.79 -40.05
CA LEU A 320 -8.49 108.82 -41.37
C LEU A 320 -9.51 109.41 -42.36
N ARG A 321 -10.70 108.78 -42.41
CA ARG A 321 -11.88 109.22 -43.22
C ARG A 321 -11.69 108.97 -44.72
N ASN A 322 -10.76 109.74 -45.34
CA ASN A 322 -10.58 109.83 -46.82
C ASN A 322 -11.82 110.48 -47.47
N MET A 323 -12.91 109.71 -47.59
CA MET A 323 -14.18 110.19 -48.15
C MET A 323 -15.31 109.22 -47.73
N ALA A 324 -16.36 109.75 -47.10
CA ALA A 324 -17.51 108.98 -46.61
C ALA A 324 -18.82 109.58 -47.16
N GLY A 325 -19.52 108.81 -48.01
CA GLY A 325 -20.79 109.24 -48.60
C GLY A 325 -21.94 108.35 -48.18
N ASN A 326 -23.17 108.89 -48.18
CA ASN A 326 -24.38 108.15 -47.74
C ASN A 326 -25.07 107.42 -48.91
N LEU A 327 -24.29 107.15 -49.97
CA LEU A 327 -24.79 106.50 -51.19
C LEU A 327 -25.26 105.05 -50.90
N PHE A 328 -24.56 104.37 -49.95
CA PHE A 328 -24.85 102.98 -49.53
C PHE A 328 -24.62 101.99 -50.72
N GLY A 329 -25.63 101.88 -51.59
CA GLY A 329 -25.53 101.09 -52.81
C GLY A 329 -24.90 101.91 -53.92
N GLY A 330 -23.64 101.58 -54.26
CA GLY A 330 -22.89 102.26 -55.31
C GLY A 330 -23.59 102.15 -56.66
N ALA A 331 -23.87 103.30 -57.30
CA ALA A 331 -24.60 103.39 -58.59
C ALA A 331 -23.89 102.61 -59.70
N GLY A 332 -22.54 102.68 -59.69
CA GLY A 332 -21.70 102.00 -60.66
C GLY A 332 -21.35 100.56 -60.28
N ALA A 333 -22.24 99.90 -59.49
CA ALA A 333 -22.09 98.46 -59.12
C ALA A 333 -22.42 97.55 -60.32
N GLN A 334 -22.93 98.15 -61.40
CA GLN A 334 -23.18 97.48 -62.68
C GLN A 334 -22.24 98.09 -63.73
N SER A 335 -21.58 97.22 -64.51
CA SER A 335 -20.73 97.62 -65.64
C SER A 335 -21.64 98.04 -66.82
N THR A 336 -21.99 99.33 -66.82
CA THR A 336 -23.00 99.91 -67.73
C THR A 336 -22.55 99.96 -69.21
N ASP A 337 -21.22 99.98 -69.44
CA ASP A 337 -20.62 100.06 -70.81
C ASP A 337 -19.60 98.95 -71.02
N GLU A 338 -19.89 97.73 -70.51
CA GLU A 338 -19.00 96.57 -70.69
C GLU A 338 -19.09 96.07 -72.15
N THR A 339 -18.10 96.47 -72.95
CA THR A 339 -18.02 96.20 -74.39
C THR A 339 -17.36 94.83 -74.76
N PRO A 340 -16.37 94.24 -73.95
CA PRO A 340 -15.80 92.89 -74.26
C PRO A 340 -16.85 91.75 -74.10
N ASP A 341 -17.67 91.56 -75.14
CA ASP A 341 -18.73 90.54 -75.20
C ASP A 341 -19.32 90.51 -76.62
N ASN A 342 -19.63 89.28 -77.10
CA ASN A 342 -20.16 89.07 -78.46
C ASN A 342 -21.66 89.42 -78.51
N GLU A 343 -21.97 90.71 -78.74
CA GLU A 343 -23.36 91.18 -78.88
C GLU A 343 -23.77 91.19 -80.37
N ASN A 344 -24.74 90.31 -80.73
CA ASN A 344 -25.41 90.23 -82.05
C ASN A 344 -24.39 90.07 -83.22
N LYS A 345 -23.83 91.20 -83.67
CA LYS A 345 -22.93 91.26 -84.83
C LYS A 345 -21.63 91.96 -84.38
N GLN A 346 -20.50 91.28 -84.60
CA GLN A 346 -19.16 91.78 -84.22
C GLN A 346 -18.59 92.62 -85.37
N TYR A 347 -18.54 92.03 -86.57
CA TYR A 347 -18.03 92.68 -87.77
C TYR A 347 -19.18 92.78 -88.82
N MET B 1 -3.57 7.73 -3.69
CA MET B 1 -3.64 6.94 -4.94
C MET B 1 -2.23 6.59 -5.43
N SER B 2 -1.34 7.61 -5.51
CA SER B 2 0.02 7.47 -6.09
C SER B 2 1.04 6.88 -5.10
N ALA B 3 0.53 6.23 -4.03
CA ALA B 3 1.34 5.59 -2.97
C ALA B 3 2.23 6.63 -2.24
N SER B 4 3.34 6.18 -1.67
CA SER B 4 4.33 7.05 -1.01
C SER B 4 5.72 6.69 -1.53
N LYS B 5 6.70 7.58 -1.26
CA LYS B 5 8.13 7.30 -1.52
C LYS B 5 8.56 5.98 -0.82
N GLU B 6 7.92 5.71 0.33
CA GLU B 6 8.15 4.51 1.16
C GLU B 6 7.78 3.23 0.39
N GLU B 7 6.53 3.24 -0.13
CA GLU B 7 5.91 2.09 -0.81
C GLU B 7 6.67 1.74 -2.09
N ILE B 8 6.95 2.79 -2.88
CA ILE B 8 7.57 2.68 -4.19
C ILE B 8 9.03 2.20 -4.05
N ALA B 9 9.81 2.85 -3.17
CA ALA B 9 11.24 2.53 -2.93
C ALA B 9 11.45 1.03 -2.64
N ALA B 10 10.59 0.50 -1.75
CA ALA B 10 10.58 -0.92 -1.39
C ALA B 10 10.28 -1.80 -2.63
N LEU B 11 9.25 -1.40 -3.41
CA LEU B 11 8.79 -2.12 -4.62
C LEU B 11 9.89 -2.12 -5.72
N ILE B 12 10.65 -1.01 -5.83
CA ILE B 12 11.64 -0.81 -6.92
C ILE B 12 12.84 -1.75 -6.72
N VAL B 13 13.41 -1.76 -5.50
CA VAL B 13 14.56 -2.63 -5.17
C VAL B 13 14.12 -4.11 -5.05
N ASN B 14 12.82 -4.34 -4.73
CA ASN B 14 12.20 -5.70 -4.74
C ASN B 14 12.07 -6.22 -6.19
N TYR B 15 11.72 -5.31 -7.10
CA TYR B 15 11.56 -5.59 -8.53
C TYR B 15 12.92 -5.96 -9.14
N PHE B 16 13.90 -5.06 -8.98
CA PHE B 16 15.28 -5.25 -9.50
C PHE B 16 15.98 -6.46 -8.85
N SER B 17 15.62 -6.76 -7.58
CA SER B 17 16.12 -7.96 -6.87
C SER B 17 15.70 -9.25 -7.61
N SER B 18 14.44 -9.26 -8.10
CA SER B 18 13.88 -10.37 -8.87
C SER B 18 14.42 -10.38 -10.32
N ILE B 19 14.70 -9.17 -10.87
CA ILE B 19 15.24 -9.01 -12.24
C ILE B 19 16.69 -9.54 -12.31
N VAL B 20 17.47 -9.34 -11.23
CA VAL B 20 18.88 -9.81 -11.14
C VAL B 20 18.96 -11.24 -10.60
N GLU B 21 17.84 -11.74 -9.99
CA GLU B 21 17.70 -13.15 -9.58
C GLU B 21 17.80 -14.05 -10.82
N LYS B 22 16.91 -13.77 -11.79
CA LYS B 22 16.87 -14.46 -13.08
C LYS B 22 17.97 -13.91 -14.01
N LYS B 23 18.26 -12.60 -13.81
CA LYS B 23 19.27 -11.84 -14.54
C LYS B 23 18.98 -11.86 -16.06
N GLU B 24 17.75 -11.48 -16.43
CA GLU B 24 17.35 -11.31 -17.83
C GLU B 24 17.80 -9.93 -18.31
N ILE B 25 19.14 -9.82 -18.45
CA ILE B 25 19.88 -8.62 -18.84
C ILE B 25 21.39 -9.02 -18.83
N SER B 26 22.10 -8.76 -19.94
CA SER B 26 23.45 -9.31 -20.19
C SER B 26 24.52 -8.73 -19.22
N GLU B 27 24.68 -9.42 -18.06
CA GLU B 27 25.74 -9.23 -17.06
C GLU B 27 25.89 -7.76 -16.57
N ASP B 28 26.57 -6.94 -17.38
CA ASP B 28 26.96 -5.55 -17.08
C ASP B 28 25.73 -4.65 -16.84
N GLY B 29 24.59 -5.04 -17.45
CA GLY B 29 23.33 -4.33 -17.22
C GLY B 29 22.82 -4.47 -15.79
N ALA B 30 22.98 -5.68 -15.23
CA ALA B 30 22.56 -5.99 -13.83
C ALA B 30 23.46 -5.27 -12.81
N ASP B 31 24.72 -4.99 -13.23
CA ASP B 31 25.68 -4.16 -12.47
C ASP B 31 25.14 -2.74 -12.33
N SER B 32 24.63 -2.21 -13.46
CA SER B 32 24.03 -0.87 -13.51
C SER B 32 22.71 -0.80 -12.70
N LEU B 33 21.98 -1.93 -12.63
CA LEU B 33 20.78 -2.05 -11.79
C LEU B 33 21.14 -2.12 -10.29
N ASN B 34 22.32 -2.71 -10.01
CA ASN B 34 22.85 -2.87 -8.64
C ASN B 34 23.21 -1.51 -8.03
N VAL B 35 24.00 -0.73 -8.80
CA VAL B 35 24.46 0.61 -8.37
C VAL B 35 23.29 1.61 -8.34
N ALA B 36 22.24 1.33 -9.14
CA ALA B 36 20.98 2.09 -9.12
C ALA B 36 20.27 1.87 -7.77
N MET B 37 20.09 0.58 -7.40
CA MET B 37 19.44 0.17 -6.13
C MET B 37 20.20 0.73 -4.92
N ASP B 38 21.54 0.71 -5.02
CA ASP B 38 22.46 1.27 -4.01
C ASP B 38 22.11 2.74 -3.72
N CYS B 39 22.04 3.54 -4.80
CA CYS B 39 21.74 4.98 -4.72
C CYS B 39 20.33 5.24 -4.13
N ILE B 40 19.36 4.37 -4.50
CA ILE B 40 17.97 4.42 -4.01
C ILE B 40 17.90 4.10 -2.49
N SER B 41 18.73 3.13 -2.05
CA SER B 41 18.72 2.61 -0.66
C SER B 41 19.01 3.73 0.37
N GLU B 42 20.11 4.47 0.14
CA GLU B 42 20.50 5.61 1.00
C GLU B 42 19.67 6.88 0.70
N ALA B 43 19.17 7.04 -0.55
CA ALA B 43 18.33 8.20 -0.95
C ALA B 43 17.11 8.33 -0.04
N PHE B 44 16.42 7.21 0.19
CA PHE B 44 15.25 7.15 1.07
C PHE B 44 15.64 6.75 2.50
N GLY B 45 16.76 6.01 2.61
CA GLY B 45 17.28 5.56 3.91
C GLY B 45 16.51 4.40 4.48
N PHE B 46 16.43 3.29 3.72
CA PHE B 46 15.64 2.10 4.11
C PHE B 46 16.45 0.82 3.88
N GLU B 47 15.99 -0.29 4.48
CA GLU B 47 16.61 -1.62 4.34
C GLU B 47 16.04 -2.37 3.11
N ARG B 48 16.95 -3.00 2.35
CA ARG B 48 16.61 -3.79 1.14
C ARG B 48 15.85 -5.09 1.51
N GLU B 49 16.07 -5.55 2.75
CA GLU B 49 15.45 -6.78 3.29
C GLU B 49 14.11 -6.49 3.97
N ALA B 50 13.88 -5.20 4.30
CA ALA B 50 12.65 -4.75 4.96
C ALA B 50 11.50 -4.51 3.96
N VAL B 51 11.72 -4.81 2.66
CA VAL B 51 10.70 -4.64 1.60
C VAL B 51 9.41 -5.44 1.89
N SER B 52 9.57 -6.61 2.53
CA SER B 52 8.45 -7.49 2.90
C SER B 52 7.67 -6.93 4.12
N GLY B 53 8.38 -6.13 4.95
CA GLY B 53 7.79 -5.48 6.12
C GLY B 53 7.08 -4.18 5.76
N ILE B 54 7.64 -3.45 4.79
CA ILE B 54 7.06 -2.19 4.27
C ILE B 54 5.79 -2.52 3.46
N LEU B 55 5.96 -3.41 2.47
CA LEU B 55 4.86 -3.85 1.60
C LEU B 55 3.93 -4.86 2.31
N GLY B 56 4.29 -5.25 3.56
CA GLY B 56 3.43 -6.08 4.43
C GLY B 56 2.15 -5.37 4.87
N LYS B 57 2.17 -4.01 4.84
CA LYS B 57 0.97 -3.18 5.13
C LYS B 57 0.36 -2.63 3.81
N SER B 58 1.08 -2.83 2.69
CA SER B 58 0.69 -2.30 1.36
C SER B 58 -0.04 -3.37 0.54
N GLU B 59 -0.63 -2.94 -0.59
CA GLU B 59 -1.32 -3.82 -1.56
C GLU B 59 -1.18 -3.26 -2.99
N PHE B 60 -0.98 -1.92 -3.09
CA PHE B 60 -1.04 -1.15 -4.34
C PHE B 60 -2.46 -1.26 -4.95
N LYS B 61 -3.27 -0.21 -4.71
CA LYS B 61 -4.74 -0.22 -4.91
C LYS B 61 -5.13 -0.53 -6.38
N GLY B 62 -4.32 -0.03 -7.32
CA GLY B 62 -4.55 -0.25 -8.74
C GLY B 62 -4.02 -1.60 -9.23
N GLN B 63 -2.83 -1.98 -8.77
CA GLN B 63 -2.08 -3.14 -9.31
C GLN B 63 -2.45 -4.45 -8.59
N HIS B 64 -2.19 -4.49 -7.27
CA HIS B 64 -2.37 -5.66 -6.39
C HIS B 64 -1.38 -6.80 -6.74
N LEU B 65 -1.65 -7.51 -7.84
CA LEU B 65 -0.84 -8.68 -8.30
C LEU B 65 -0.64 -8.60 -9.82
N ALA B 66 -0.16 -9.72 -10.41
CA ALA B 66 -0.02 -9.92 -11.87
C ALA B 66 1.08 -9.03 -12.50
N ASP B 67 0.76 -7.73 -12.66
CA ASP B 67 1.67 -6.73 -13.25
C ASP B 67 2.81 -6.41 -12.27
N ILE B 68 2.53 -6.63 -10.97
CA ILE B 68 3.56 -6.73 -9.92
C ILE B 68 3.52 -8.16 -9.35
N LEU B 69 4.16 -9.07 -10.08
CA LEU B 69 4.24 -10.50 -9.73
C LEU B 69 5.17 -10.70 -8.52
N ASN B 70 6.03 -9.70 -8.25
CA ASN B 70 6.97 -9.71 -7.11
C ASN B 70 6.23 -9.41 -5.79
N SER B 71 5.47 -10.41 -5.34
CA SER B 71 4.66 -10.35 -4.13
C SER B 71 5.46 -10.93 -2.94
N ALA B 72 6.15 -10.03 -2.23
CA ALA B 72 6.94 -10.38 -1.03
C ALA B 72 6.02 -10.57 0.19
N SER B 73 5.28 -11.71 0.18
CA SER B 73 4.26 -12.05 1.19
C SER B 73 3.97 -13.57 1.14
N ARG B 74 4.25 -14.27 2.27
CA ARG B 74 3.94 -15.71 2.46
C ARG B 74 4.13 -16.08 3.95
N VAL B 75 3.14 -16.77 4.56
CA VAL B 75 3.26 -17.32 5.93
C VAL B 75 2.81 -18.81 5.95
N PRO B 76 3.68 -19.77 5.48
CA PRO B 76 3.46 -21.22 5.71
C PRO B 76 3.70 -21.61 7.19
N GLU B 77 4.71 -20.93 7.79
CA GLU B 77 5.18 -21.15 9.17
C GLU B 77 5.53 -22.66 9.41
N SER B 78 4.68 -23.38 10.16
CA SER B 78 4.82 -24.81 10.46
C SER B 78 3.53 -25.31 11.13
N ASN B 79 3.27 -24.80 12.36
CA ASN B 79 2.16 -25.22 13.24
C ASN B 79 2.14 -26.75 13.37
N LYS B 80 3.10 -27.26 14.14
CA LYS B 80 3.31 -28.72 14.33
C LYS B 80 2.61 -29.20 15.61
N LYS B 81 2.67 -28.37 16.68
CA LYS B 81 2.00 -28.69 17.97
C LYS B 81 0.52 -28.28 17.87
N ASP B 82 0.27 -26.95 17.97
CA ASP B 82 -1.08 -26.34 17.93
C ASP B 82 -0.95 -24.88 17.49
N ASP B 83 -2.10 -24.21 17.35
CA ASP B 83 -2.14 -22.73 17.22
C ASP B 83 -1.67 -22.16 18.56
N ALA B 84 -2.41 -22.56 19.62
CA ALA B 84 -2.02 -22.40 21.04
C ALA B 84 -2.15 -20.94 21.58
N GLU B 85 -1.44 -19.99 20.94
CA GLU B 85 -1.20 -18.63 21.46
C GLU B 85 -0.33 -18.70 22.75
N ASN B 86 -0.97 -19.00 23.88
CA ASN B 86 -0.27 -19.36 25.15
C ASN B 86 -0.10 -20.90 25.18
N VAL B 87 0.49 -21.46 26.28
CA VAL B 87 0.68 -22.92 26.41
C VAL B 87 -0.69 -23.63 26.57
N GLU B 88 -1.27 -24.03 25.40
CA GLU B 88 -2.51 -24.82 25.30
C GLU B 88 -3.69 -24.24 26.13
N ILE B 89 -3.92 -22.92 25.92
CA ILE B 89 -4.98 -22.13 26.57
C ILE B 89 -4.61 -21.83 28.05
N ASN B 90 -4.60 -22.91 28.90
CA ASN B 90 -4.34 -22.86 30.37
C ASN B 90 -5.23 -21.80 31.07
N ILE B 91 -4.80 -21.31 32.26
CA ILE B 91 -5.43 -20.21 33.09
C ILE B 91 -5.98 -20.77 34.45
N PRO B 92 -7.01 -21.67 34.50
CA PRO B 92 -7.62 -22.10 35.79
C PRO B 92 -6.72 -23.06 36.57
N GLU B 93 -6.00 -22.53 37.57
CA GLU B 93 -5.05 -23.31 38.39
C GLU B 93 -5.10 -22.87 39.87
N ASP B 94 -4.60 -21.65 40.14
CA ASP B 94 -4.57 -21.08 41.52
C ASP B 94 -5.99 -20.83 42.03
N ASP B 95 -6.88 -20.48 41.09
CA ASP B 95 -8.31 -20.26 41.35
C ASP B 95 -8.95 -21.59 41.75
N ALA B 96 -9.21 -22.48 40.75
CA ALA B 96 -9.75 -23.83 40.97
C ALA B 96 -11.12 -23.76 41.71
N GLU B 97 -11.47 -24.83 42.45
CA GLU B 97 -12.64 -24.84 43.35
C GLU B 97 -12.36 -23.93 44.58
N THR B 98 -11.06 -23.79 44.93
CA THR B 98 -10.58 -23.01 46.11
C THR B 98 -11.00 -21.51 46.09
N LYS B 99 -11.16 -20.98 44.86
CA LYS B 99 -11.57 -19.58 44.61
C LYS B 99 -12.94 -19.32 45.26
N ALA B 100 -13.95 -20.12 44.84
CA ALA B 100 -15.32 -20.01 45.37
C ALA B 100 -15.43 -20.53 46.82
N LYS B 101 -14.55 -21.48 47.18
CA LYS B 101 -14.46 -22.09 48.54
C LYS B 101 -14.22 -21.01 49.62
N ALA B 102 -13.35 -20.05 49.31
CA ALA B 102 -13.08 -18.89 50.18
C ALA B 102 -14.12 -17.78 49.97
N GLU B 103 -14.57 -17.66 48.71
CA GLU B 103 -15.47 -16.58 48.25
C GLU B 103 -16.86 -16.66 48.90
N ASP B 104 -17.32 -17.89 49.24
CA ASP B 104 -18.66 -18.10 49.84
C ASP B 104 -18.73 -17.53 51.27
N LEU B 105 -17.61 -17.65 52.00
CA LEU B 105 -17.50 -17.13 53.38
C LEU B 105 -17.28 -15.60 53.37
N LYS B 106 -16.57 -15.12 52.32
CA LYS B 106 -16.45 -13.68 51.99
C LYS B 106 -17.85 -13.12 51.65
N MET B 107 -18.63 -13.93 50.90
CA MET B 107 -19.95 -13.54 50.33
C MET B 107 -20.95 -13.22 51.45
N GLN B 108 -20.85 -13.97 52.55
CA GLN B 108 -21.65 -13.73 53.76
C GLN B 108 -21.31 -12.36 54.39
N GLY B 109 -20.01 -11.98 54.29
CA GLY B 109 -19.52 -10.70 54.81
C GLY B 109 -19.89 -9.51 53.95
N ASN B 110 -19.87 -9.71 52.61
CA ASN B 110 -20.22 -8.65 51.64
C ASN B 110 -21.74 -8.43 51.64
N LYS B 111 -22.49 -9.52 51.88
CA LYS B 111 -23.97 -9.51 52.05
C LYS B 111 -24.32 -8.77 53.35
N ALA B 112 -23.53 -9.02 54.40
CA ALA B 112 -23.67 -8.33 55.69
C ALA B 112 -23.46 -6.82 55.51
N MET B 113 -22.40 -6.45 54.76
CA MET B 113 -22.10 -5.04 54.40
C MET B 113 -23.20 -4.43 53.50
N ALA B 114 -23.86 -5.29 52.70
CA ALA B 114 -24.98 -4.88 51.82
C ALA B 114 -26.27 -4.67 52.65
N ASN B 115 -26.33 -5.28 53.86
CA ASN B 115 -27.38 -4.99 54.87
C ASN B 115 -26.96 -3.81 55.77
N LYS B 116 -25.87 -3.11 55.39
CA LYS B 116 -25.27 -1.95 56.13
C LYS B 116 -24.65 -2.37 57.48
N ASP B 117 -24.48 -3.68 57.67
CA ASP B 117 -23.84 -4.27 58.86
C ASP B 117 -22.34 -4.43 58.59
N TYR B 118 -21.53 -3.79 59.41
CA TYR B 118 -20.07 -3.94 59.38
C TYR B 118 -19.58 -4.62 60.67
N GLU B 119 -20.52 -5.10 61.51
CA GLU B 119 -20.20 -5.71 62.81
C GLU B 119 -19.92 -7.21 62.62
N LEU B 120 -20.95 -7.94 62.17
CA LEU B 120 -20.86 -9.39 61.90
C LEU B 120 -20.00 -9.63 60.64
N ALA B 121 -20.04 -8.66 59.70
CA ALA B 121 -19.25 -8.66 58.45
C ALA B 121 -17.76 -8.94 58.71
N ILE B 122 -17.20 -8.31 59.77
CA ILE B 122 -15.81 -8.52 60.25
C ILE B 122 -15.51 -10.02 60.42
N ASN B 123 -16.39 -10.69 61.18
CA ASN B 123 -16.23 -12.11 61.56
C ASN B 123 -16.47 -13.07 60.38
N LYS B 124 -17.23 -12.61 59.37
CA LYS B 124 -17.52 -13.39 58.14
C LYS B 124 -16.30 -13.38 57.19
N TYR B 125 -15.59 -12.23 57.09
CA TYR B 125 -14.29 -12.14 56.41
C TYR B 125 -13.23 -12.93 57.20
N THR B 126 -13.36 -12.93 58.55
CA THR B 126 -12.51 -13.74 59.45
C THR B 126 -12.82 -15.24 59.29
N GLU B 127 -14.05 -15.57 58.88
CA GLU B 127 -14.48 -16.95 58.63
C GLU B 127 -13.87 -17.44 57.30
N ALA B 128 -13.69 -16.49 56.35
CA ALA B 128 -13.04 -16.79 55.06
C ALA B 128 -11.53 -17.09 55.22
N ILE B 129 -10.95 -16.61 56.36
CA ILE B 129 -9.54 -16.89 56.75
C ILE B 129 -9.33 -18.41 57.06
N LYS B 130 -10.43 -19.14 57.39
CA LYS B 130 -10.39 -20.60 57.61
C LYS B 130 -9.82 -21.34 56.38
N VAL B 131 -10.23 -20.89 55.18
CA VAL B 131 -9.77 -21.49 53.89
C VAL B 131 -8.42 -20.86 53.47
N LEU B 132 -8.34 -19.51 53.51
CA LEU B 132 -7.12 -18.74 53.14
C LEU B 132 -6.58 -17.97 54.38
N PRO B 133 -5.66 -18.60 55.21
CA PRO B 133 -5.08 -17.97 56.42
C PRO B 133 -4.01 -16.91 56.08
N THR B 134 -3.42 -17.06 54.89
CA THR B 134 -2.33 -16.21 54.40
C THR B 134 -2.87 -14.95 53.66
N ASN B 135 -4.21 -14.86 53.54
CA ASN B 135 -4.87 -13.78 52.78
C ASN B 135 -5.15 -12.55 53.69
N ALA B 136 -4.24 -11.57 53.60
CA ALA B 136 -4.27 -10.31 54.38
C ALA B 136 -5.43 -9.37 53.96
N ILE B 137 -6.04 -9.68 52.79
CA ILE B 137 -7.18 -8.92 52.22
C ILE B 137 -8.37 -8.89 53.19
N TYR B 138 -8.63 -10.03 53.87
CA TYR B 138 -9.75 -10.16 54.83
C TYR B 138 -9.57 -9.21 56.04
N TYR B 139 -8.32 -9.12 56.53
CA TYR B 139 -7.94 -8.23 57.65
C TYR B 139 -8.07 -6.75 57.28
N ALA B 140 -7.76 -6.43 56.01
CA ALA B 140 -7.92 -5.08 55.45
C ALA B 140 -9.41 -4.71 55.32
N ASN B 141 -10.26 -5.72 55.06
CA ASN B 141 -11.73 -5.52 54.95
C ASN B 141 -12.39 -5.47 56.34
N ARG B 142 -11.73 -6.10 57.34
CA ARG B 142 -12.10 -5.96 58.77
C ARG B 142 -11.85 -4.51 59.24
N ALA B 143 -10.71 -3.96 58.77
CA ALA B 143 -10.29 -2.58 59.04
C ALA B 143 -11.19 -1.58 58.30
N ALA B 144 -11.57 -1.93 57.05
CA ALA B 144 -12.50 -1.13 56.24
C ALA B 144 -13.91 -1.13 56.89
N ALA B 145 -14.25 -2.24 57.55
CA ALA B 145 -15.54 -2.40 58.27
C ALA B 145 -15.55 -1.53 59.55
N HIS B 146 -14.48 -1.63 60.35
CA HIS B 146 -14.33 -0.86 61.63
C HIS B 146 -14.29 0.66 61.36
N SER B 147 -13.61 1.08 60.28
CA SER B 147 -13.50 2.50 59.91
C SER B 147 -14.86 3.07 59.42
N SER B 148 -15.69 2.21 58.82
CA SER B 148 -17.10 2.56 58.49
C SER B 148 -17.93 2.73 59.79
N LEU B 149 -17.58 1.96 60.83
CA LEU B 149 -18.17 2.05 62.19
C LEU B 149 -17.55 3.23 62.99
N LYS B 150 -16.79 4.13 62.30
CA LYS B 150 -16.15 5.34 62.87
C LYS B 150 -14.94 5.01 63.77
N GLU B 151 -14.64 3.71 63.88
CA GLU B 151 -13.54 3.18 64.69
C GLU B 151 -12.28 3.09 63.82
N TYR B 152 -11.72 4.26 63.50
CA TYR B 152 -10.48 4.38 62.71
C TYR B 152 -9.26 3.93 63.53
N ASP B 153 -9.32 4.16 64.85
CA ASP B 153 -8.29 3.71 65.81
C ASP B 153 -8.32 2.18 65.89
N GLN B 154 -9.53 1.59 66.03
CA GLN B 154 -9.70 0.14 66.09
C GLN B 154 -9.50 -0.50 64.69
N ALA B 155 -9.64 0.30 63.62
CA ALA B 155 -9.33 -0.14 62.24
C ALA B 155 -7.82 -0.39 62.07
N VAL B 156 -6.99 0.38 62.83
CA VAL B 156 -5.52 0.21 62.85
C VAL B 156 -5.11 -1.20 63.32
N LYS B 157 -5.93 -1.78 64.21
CA LYS B 157 -5.71 -3.14 64.76
C LYS B 157 -5.71 -4.20 63.62
N ASP B 158 -6.77 -4.15 62.81
CA ASP B 158 -7.05 -5.12 61.73
C ASP B 158 -6.10 -4.87 60.54
N ALA B 159 -5.83 -3.56 60.30
CA ALA B 159 -4.89 -3.09 59.27
C ALA B 159 -3.47 -3.57 59.57
N GLU B 160 -3.11 -3.51 60.87
CA GLU B 160 -1.78 -3.93 61.37
C GLU B 160 -1.60 -5.44 61.16
N SER B 161 -2.71 -6.18 61.34
CA SER B 161 -2.74 -7.65 61.18
C SER B 161 -2.60 -8.04 59.68
N ALA B 162 -3.10 -7.16 58.78
CA ALA B 162 -2.91 -7.29 57.32
C ALA B 162 -1.43 -7.08 56.94
N ILE B 163 -0.84 -6.04 57.56
CA ILE B 163 0.58 -5.66 57.44
C ILE B 163 1.50 -6.80 57.94
N SER B 164 1.09 -7.46 59.04
CA SER B 164 1.84 -8.58 59.68
C SER B 164 2.10 -9.76 58.73
N ILE B 165 1.16 -9.98 57.79
CA ILE B 165 1.21 -11.10 56.84
C ILE B 165 2.02 -10.71 55.60
N ASP B 166 1.59 -9.65 54.89
CA ASP B 166 2.25 -9.18 53.65
C ASP B 166 2.57 -7.67 53.73
N PRO B 167 3.89 -7.29 53.74
CA PRO B 167 4.33 -5.87 53.56
C PRO B 167 4.11 -5.37 52.12
N SER B 168 4.16 -6.31 51.16
CA SER B 168 3.90 -6.03 49.74
C SER B 168 2.40 -5.81 49.46
N TYR B 169 1.52 -6.21 50.42
CA TYR B 169 0.09 -5.89 50.36
C TYR B 169 -0.13 -4.43 50.78
N PHE B 170 0.04 -3.55 49.79
CA PHE B 170 -0.04 -2.09 49.94
C PHE B 170 -1.48 -1.58 50.21
N ARG B 171 -2.49 -2.42 49.90
CA ARG B 171 -3.91 -2.14 50.28
C ARG B 171 -4.16 -2.39 51.79
N GLY B 172 -3.19 -2.98 52.51
CA GLY B 172 -3.24 -3.04 53.99
C GLY B 172 -2.87 -1.71 54.61
N TYR B 173 -1.86 -1.06 54.02
CA TYR B 173 -1.34 0.26 54.45
C TYR B 173 -2.31 1.39 54.05
N SER B 174 -3.17 1.11 53.05
CA SER B 174 -4.28 1.98 52.64
C SER B 174 -5.20 2.30 53.84
N ARG B 175 -5.55 1.24 54.60
CA ARG B 175 -6.45 1.32 55.77
C ARG B 175 -5.83 2.16 56.88
N LEU B 176 -4.54 1.91 57.13
CA LEU B 176 -3.74 2.66 58.11
C LEU B 176 -3.66 4.16 57.72
N GLY B 177 -3.61 4.42 56.39
CA GLY B 177 -3.49 5.78 55.86
C GLY B 177 -4.67 6.68 56.22
N PHE B 178 -5.90 6.24 55.87
CA PHE B 178 -7.12 7.03 56.15
C PHE B 178 -7.53 6.94 57.64
N ALA B 179 -6.98 5.94 58.36
CA ALA B 179 -7.18 5.79 59.81
C ALA B 179 -6.51 6.95 60.56
N LYS B 180 -5.22 7.20 60.22
CA LYS B 180 -4.42 8.29 60.83
C LYS B 180 -5.04 9.65 60.49
N TYR B 181 -5.40 9.80 59.20
CA TYR B 181 -6.02 11.02 58.66
C TYR B 181 -7.28 11.44 59.44
N ALA B 182 -8.19 10.47 59.62
CA ALA B 182 -9.50 10.68 60.28
C ALA B 182 -9.38 10.74 61.82
N GLN B 183 -8.22 10.30 62.36
CA GLN B 183 -7.87 10.51 63.79
C GLN B 183 -7.24 11.90 64.00
N GLY B 184 -7.14 12.71 62.91
CA GLY B 184 -6.66 14.10 62.97
C GLY B 184 -5.16 14.23 62.70
N LYS B 185 -4.58 13.26 61.98
CA LYS B 185 -3.15 13.27 61.59
C LYS B 185 -3.05 13.27 60.03
N PRO B 186 -3.20 14.45 59.35
CA PRO B 186 -3.13 14.55 57.87
C PRO B 186 -1.68 14.35 57.35
N GLU B 187 -0.70 14.92 58.07
CA GLU B 187 0.74 14.86 57.70
C GLU B 187 1.28 13.42 57.83
N GLU B 188 0.76 12.70 58.83
CA GLU B 188 1.10 11.28 59.08
C GLU B 188 0.34 10.35 58.11
N ALA B 189 -0.75 10.88 57.50
CA ALA B 189 -1.43 10.20 56.38
C ALA B 189 -0.55 10.28 55.12
N LEU B 190 0.08 11.46 54.86
CA LEU B 190 1.08 11.61 53.78
C LEU B 190 2.24 10.61 53.97
N GLU B 191 2.67 10.45 55.23
CA GLU B 191 3.72 9.49 55.63
C GLU B 191 3.30 8.04 55.30
N ALA B 192 2.05 7.69 55.67
CA ALA B 192 1.49 6.33 55.49
C ALA B 192 1.32 5.96 54.00
N TYR B 193 0.91 6.95 53.21
CA TYR B 193 0.69 6.81 51.76
C TYR B 193 2.01 6.84 50.98
N LYS B 194 2.98 7.60 51.51
CA LYS B 194 4.36 7.64 50.98
C LYS B 194 5.01 6.25 51.17
N LYS B 195 4.68 5.63 52.33
CA LYS B 195 5.18 4.30 52.72
C LYS B 195 4.67 3.21 51.75
N VAL B 196 3.42 3.36 51.27
CA VAL B 196 2.84 2.51 50.20
C VAL B 196 3.76 2.51 48.95
N LEU B 197 4.24 3.71 48.60
CA LEU B 197 5.08 3.95 47.41
C LEU B 197 6.57 3.60 47.67
N ASP B 198 6.94 3.64 48.95
CA ASP B 198 8.31 3.40 49.45
C ASP B 198 8.66 1.89 49.42
N ILE B 199 7.65 1.06 49.76
CA ILE B 199 7.79 -0.41 49.76
C ILE B 199 7.90 -0.93 48.32
N GLU B 200 6.88 -0.57 47.50
CA GLU B 200 6.81 -0.98 46.08
C GLU B 200 7.97 -0.38 45.27
N GLY B 201 8.37 0.84 45.66
CA GLY B 201 9.51 1.52 45.06
C GLY B 201 9.27 1.91 43.60
N ASP B 202 9.97 1.21 42.69
CA ASP B 202 9.87 1.43 41.23
C ASP B 202 8.53 0.91 40.67
N ASN B 203 7.87 0.04 41.45
CA ASN B 203 6.58 -0.58 41.08
C ASN B 203 5.38 0.29 41.48
N ALA B 204 5.62 1.44 42.13
CA ALA B 204 4.55 2.35 42.60
C ALA B 204 3.67 2.86 41.44
N THR B 205 2.49 2.23 41.26
CA THR B 205 1.51 2.58 40.21
C THR B 205 0.61 3.75 40.65
N GLU B 206 -0.21 4.23 39.70
CA GLU B 206 -1.16 5.35 39.89
C GLU B 206 -2.26 4.96 40.88
N ALA B 207 -2.54 3.64 40.95
CA ALA B 207 -3.48 3.06 41.93
C ALA B 207 -2.97 3.29 43.36
N MET B 208 -1.66 3.03 43.56
CA MET B 208 -0.97 3.19 44.86
C MET B 208 -0.85 4.69 45.21
N LYS B 209 -0.60 5.52 44.18
CA LYS B 209 -0.45 6.98 44.31
C LYS B 209 -1.81 7.67 44.47
N ARG B 210 -2.90 6.95 44.18
CA ARG B 210 -4.27 7.48 44.31
C ARG B 210 -4.65 7.58 45.79
N ASP B 211 -4.06 6.67 46.60
CA ASP B 211 -4.14 6.73 48.07
C ASP B 211 -3.47 8.03 48.56
N TYR B 212 -2.25 8.28 48.02
CA TYR B 212 -1.46 9.50 48.32
C TYR B 212 -2.23 10.77 47.92
N GLU B 213 -2.99 10.67 46.81
CA GLU B 213 -3.81 11.77 46.25
C GLU B 213 -4.85 12.30 47.26
N SER B 214 -5.34 11.42 48.15
CA SER B 214 -6.35 11.79 49.16
C SER B 214 -5.81 12.88 50.12
N ALA B 215 -4.77 12.52 50.89
CA ALA B 215 -4.17 13.40 51.91
C ALA B 215 -3.37 14.56 51.26
N LYS B 216 -2.87 14.32 50.02
CA LYS B 216 -2.14 15.34 49.26
C LYS B 216 -3.09 16.47 48.81
N LYS B 217 -4.23 16.10 48.20
CA LYS B 217 -5.23 17.07 47.67
C LYS B 217 -5.74 18.01 48.79
N LYS B 218 -5.85 17.44 50.01
CA LYS B 218 -6.27 18.16 51.22
C LYS B 218 -5.36 19.40 51.45
N VAL B 219 -4.05 19.15 51.47
CA VAL B 219 -3.03 20.18 51.76
C VAL B 219 -2.68 20.97 50.48
N GLU B 220 -2.95 20.37 49.30
CA GLU B 220 -2.66 20.97 47.99
C GLU B 220 -3.58 22.18 47.75
N GLN B 221 -4.80 22.08 48.30
CA GLN B 221 -5.81 23.14 48.30
C GLN B 221 -5.36 24.35 49.16
N SER B 222 -4.60 24.07 50.24
CA SER B 222 -4.09 25.12 51.15
C SER B 222 -3.12 26.05 50.39
N LEU B 223 -2.19 25.43 49.65
CA LEU B 223 -1.17 26.16 48.87
C LEU B 223 -1.77 26.78 47.60
N ASN B 224 -2.71 26.06 46.97
CA ASN B 224 -3.42 26.54 45.76
C ASN B 224 -4.89 26.81 46.11
N LEU B 225 -5.11 27.80 47.00
CA LEU B 225 -6.46 28.15 47.51
C LEU B 225 -7.21 28.97 46.43
N GLU B 226 -7.86 28.21 45.52
CA GLU B 226 -8.66 28.75 44.42
C GLU B 226 -7.86 29.79 43.59
N LYS B 227 -6.60 29.44 43.28
CA LYS B 227 -5.72 30.27 42.44
C LYS B 227 -6.25 30.27 41.00
N THR B 228 -6.99 31.34 40.63
CA THR B 228 -7.73 31.44 39.36
C THR B 228 -6.84 31.96 38.19
N VAL B 229 -5.55 31.53 38.19
CA VAL B 229 -4.52 31.92 37.18
C VAL B 229 -4.27 33.46 37.22
N PRO B 230 -3.49 33.95 38.23
CA PRO B 230 -3.03 35.37 38.26
C PRO B 230 -1.77 35.59 37.38
N GLU B 231 -0.98 34.51 37.22
CA GLU B 231 0.27 34.52 36.48
C GLU B 231 0.68 33.06 36.21
N GLN B 232 0.46 32.61 34.97
CA GLN B 232 0.93 31.30 34.46
C GLN B 232 1.53 31.47 33.06
N SER B 233 2.84 31.78 33.03
CA SER B 233 3.63 31.96 31.80
C SER B 233 3.07 33.12 30.95
N ARG B 234 3.40 34.37 31.37
CA ARG B 234 3.06 35.59 30.62
C ARG B 234 3.95 35.65 29.34
N ASP B 235 5.27 35.78 29.57
CA ASP B 235 6.34 35.58 28.56
C ASP B 235 6.16 36.42 27.27
N ALA B 236 5.36 35.91 26.31
CA ALA B 236 5.25 36.51 24.96
C ALA B 236 3.78 36.70 24.54
N ASP B 237 2.88 35.85 25.07
CA ASP B 237 1.44 35.99 24.84
C ASP B 237 0.90 37.20 25.60
N VAL B 238 1.38 37.35 26.86
CA VAL B 238 0.99 38.40 27.83
C VAL B 238 -0.40 38.14 28.47
N ASP B 239 -1.35 37.62 27.68
CA ASP B 239 -2.78 37.41 28.06
C ASP B 239 -3.51 38.77 28.10
N ALA B 240 -4.75 38.78 27.54
CA ALA B 240 -5.61 39.99 27.40
C ALA B 240 -4.99 40.97 26.37
N SER B 241 -3.94 41.70 26.80
CA SER B 241 -3.22 42.66 25.95
C SER B 241 -2.06 41.95 25.21
N GLN B 242 -2.39 41.21 24.13
CA GLN B 242 -1.40 40.51 23.28
C GLN B 242 -0.64 41.50 22.37
N GLY B 243 0.33 40.96 21.58
CA GLY B 243 1.17 41.76 20.67
C GLY B 243 0.43 42.22 19.42
N ALA B 244 0.80 43.43 18.93
CA ALA B 244 0.25 44.09 17.71
C ALA B 244 -1.21 44.57 17.93
N SER B 245 -2.14 43.59 18.02
CA SER B 245 -3.58 43.81 18.33
C SER B 245 -4.31 44.56 17.20
N ALA B 246 -4.16 45.90 17.18
CA ALA B 246 -4.68 46.76 16.11
C ALA B 246 -3.81 46.59 14.86
N GLY B 247 -2.51 46.31 15.09
CA GLY B 247 -1.54 46.05 14.03
C GLY B 247 -0.33 46.95 14.17
N GLY B 248 -0.42 48.18 13.62
CA GLY B 248 0.66 49.16 13.65
C GLY B 248 1.66 48.98 12.49
N LEU B 249 2.41 47.86 12.53
CA LEU B 249 3.50 47.46 11.57
C LEU B 249 4.37 48.66 11.02
N PRO B 250 4.09 49.40 9.82
CA PRO B 250 5.00 50.49 9.36
C PRO B 250 4.87 51.80 10.17
N ASP B 251 4.15 51.75 11.32
CA ASP B 251 4.03 52.86 12.27
C ASP B 251 5.37 53.09 13.01
N LEU B 252 6.32 53.70 12.28
CA LEU B 252 7.71 53.97 12.70
C LEU B 252 8.47 54.56 11.51
N GLY B 253 9.18 55.68 11.72
CA GLY B 253 10.14 56.23 10.74
C GLY B 253 9.52 57.11 9.67
N SER B 254 8.29 56.78 9.23
CA SER B 254 7.60 57.50 8.16
C SER B 254 7.17 58.91 8.63
N LEU B 255 6.38 58.96 9.73
CA LEU B 255 5.86 60.20 10.36
C LEU B 255 4.88 60.91 9.40
N LEU B 256 3.58 60.58 9.53
CA LEU B 256 2.49 61.18 8.75
C LEU B 256 1.92 62.40 9.52
N GLY B 257 1.69 63.53 8.80
CA GLY B 257 1.16 64.75 9.41
C GLY B 257 2.19 65.51 10.24
N GLY B 258 1.70 66.47 11.05
CA GLY B 258 2.55 67.30 11.91
C GLY B 258 3.36 68.33 11.12
N GLY B 259 4.40 67.85 10.45
CA GLY B 259 5.27 68.66 9.61
C GLY B 259 6.15 67.77 8.75
N LEU B 260 6.77 68.37 7.71
CA LEU B 260 7.70 67.69 6.76
C LEU B 260 7.00 66.73 5.76
N GLY B 261 5.87 66.11 6.14
CA GLY B 261 5.11 65.22 5.23
C GLY B 261 4.20 65.99 4.25
N GLY B 262 3.01 65.45 3.96
CA GLY B 262 1.99 66.14 3.16
C GLY B 262 1.53 67.44 3.80
N LEU B 263 1.39 67.40 5.13
CA LEU B 263 1.13 68.58 5.97
C LEU B 263 2.47 69.16 6.43
N MET B 264 3.32 69.55 5.45
CA MET B 264 4.67 70.09 5.71
C MET B 264 4.57 71.43 6.47
N ASN B 265 3.67 72.30 5.99
CA ASN B 265 3.42 73.64 6.55
C ASN B 265 2.21 74.28 5.81
N ASN B 266 2.06 73.90 4.52
CA ASN B 266 0.96 74.36 3.63
C ASN B 266 -0.43 74.12 4.27
N PRO B 267 -1.31 75.17 4.37
CA PRO B 267 -2.67 75.03 4.94
C PRO B 267 -3.61 74.25 4.00
N GLN B 268 -3.49 72.92 4.04
CA GLN B 268 -4.28 71.99 3.23
C GLN B 268 -5.22 71.24 4.18
N LEU B 269 -6.50 71.64 4.20
CA LEU B 269 -7.48 71.11 5.15
C LEU B 269 -8.87 70.97 4.49
N MET B 270 -9.24 69.72 4.19
CA MET B 270 -10.55 69.36 3.61
C MET B 270 -11.49 68.80 4.70
N GLN B 271 -10.93 68.49 5.89
CA GLN B 271 -11.68 67.91 7.01
C GLN B 271 -12.66 68.95 7.59
N ALA B 272 -12.13 70.14 7.91
CA ALA B 272 -12.92 71.25 8.51
C ALA B 272 -13.52 72.17 7.44
N ALA B 273 -13.66 71.66 6.20
CA ALA B 273 -14.26 72.41 5.08
C ALA B 273 -15.81 72.29 5.12
N GLN B 274 -16.31 71.11 5.54
CA GLN B 274 -17.76 70.79 5.52
C GLN B 274 -18.30 70.47 6.93
N LYS B 275 -17.50 70.75 7.99
CA LYS B 275 -17.90 70.54 9.41
C LYS B 275 -19.05 71.47 9.82
N MET B 276 -18.97 72.73 9.37
CA MET B 276 -20.00 73.75 9.60
C MET B 276 -21.18 73.54 8.62
N MET B 277 -22.01 72.53 8.93
CA MET B 277 -23.25 72.19 8.19
C MET B 277 -22.93 71.71 6.74
N SER B 278 -22.64 72.68 5.86
CA SER B 278 -22.34 72.46 4.43
C SER B 278 -21.32 73.50 3.95
N ASN B 279 -20.55 73.16 2.88
CA ASN B 279 -19.60 74.09 2.22
C ASN B 279 -20.29 75.38 1.66
N PRO B 280 -21.52 75.31 1.00
CA PRO B 280 -22.27 76.55 0.62
C PRO B 280 -23.00 77.21 1.83
N GLY B 281 -22.65 76.77 3.07
CA GLY B 281 -23.19 77.37 4.30
C GLY B 281 -22.77 78.81 4.48
N ALA B 282 -21.53 79.14 4.06
CA ALA B 282 -21.05 80.52 3.95
C ALA B 282 -21.66 81.19 2.70
N MET B 283 -22.97 81.49 2.79
CA MET B 283 -23.80 82.05 1.70
C MET B 283 -24.08 83.54 1.95
N GLN B 284 -23.78 83.98 3.19
CA GLN B 284 -24.01 85.37 3.64
C GLN B 284 -22.85 86.29 3.19
N ASN B 285 -23.02 87.60 3.40
CA ASN B 285 -22.00 88.62 3.09
C ASN B 285 -22.06 89.70 4.19
N ILE B 286 -23.21 90.37 4.25
CA ILE B 286 -23.49 91.45 5.22
C ILE B 286 -25.03 91.67 5.26
N GLN B 287 -25.58 91.92 6.48
CA GLN B 287 -27.02 92.03 6.72
C GLN B 287 -27.62 93.25 5.99
N LYS B 288 -27.32 94.49 6.49
CA LYS B 288 -27.82 95.79 5.96
C LYS B 288 -29.36 95.90 5.91
N MET B 289 -30.06 94.90 6.49
CA MET B 289 -31.51 94.70 6.33
C MET B 289 -31.91 94.74 4.83
N MET B 290 -31.26 93.85 4.04
CA MET B 290 -31.54 93.71 2.58
C MET B 290 -32.92 93.07 2.37
N GLN B 291 -33.40 93.09 1.10
CA GLN B 291 -34.68 92.48 0.69
C GLN B 291 -34.68 90.96 1.02
N ASP B 292 -35.32 90.64 2.15
CA ASP B 292 -35.50 89.25 2.64
C ASP B 292 -36.21 88.36 1.58
N PRO B 293 -37.34 88.82 0.93
CA PRO B 293 -37.83 88.16 -0.28
C PRO B 293 -37.05 88.67 -1.53
N SER B 294 -36.24 87.77 -2.12
CA SER B 294 -35.29 88.08 -3.21
C SER B 294 -35.98 88.67 -4.47
N ILE B 295 -37.23 88.24 -4.74
CA ILE B 295 -38.04 88.78 -5.86
C ILE B 295 -39.39 89.37 -5.35
N ARG B 296 -39.59 89.35 -4.02
CA ARG B 296 -40.82 89.79 -3.34
C ARG B 296 -42.05 88.95 -3.74
N GLN B 297 -42.42 88.01 -2.86
CA GLN B 297 -43.61 87.16 -3.01
C GLN B 297 -44.49 87.33 -1.74
N MET B 298 -45.60 88.04 -1.91
CA MET B 298 -46.50 88.45 -0.81
C MET B 298 -47.86 88.86 -1.42
N ALA B 299 -48.27 88.11 -2.46
CA ALA B 299 -49.54 88.32 -3.17
C ALA B 299 -50.73 87.87 -2.30
N GLU B 300 -51.14 88.78 -1.41
CA GLU B 300 -52.26 88.60 -0.48
C GLU B 300 -53.59 88.86 -1.20
N GLY B 301 -53.51 89.63 -2.30
CA GLY B 301 -54.69 90.12 -3.02
C GLY B 301 -55.33 91.31 -2.34
N PHE B 302 -54.63 91.86 -1.33
CA PHE B 302 -55.08 93.02 -0.53
C PHE B 302 -53.87 93.91 -0.20
N ALA B 303 -52.84 93.27 0.43
CA ALA B 303 -51.61 93.96 0.91
C ALA B 303 -51.91 94.99 2.02
N SER B 304 -53.05 94.78 2.67
CA SER B 304 -53.64 95.75 3.61
C SER B 304 -54.73 95.03 4.42
N GLY B 305 -55.52 95.78 5.21
CA GLY B 305 -56.65 95.23 5.94
C GLY B 305 -57.78 94.79 5.00
N GLY B 306 -57.68 93.53 4.52
CA GLY B 306 -58.68 92.93 3.63
C GLY B 306 -60.04 92.75 4.32
N GLY B 307 -59.99 92.42 5.62
CA GLY B 307 -61.19 92.38 6.46
C GLY B 307 -61.40 93.68 7.19
N THR B 308 -62.56 93.83 7.83
CA THR B 308 -62.92 95.04 8.59
C THR B 308 -63.28 94.66 10.05
N PRO B 309 -62.26 94.57 10.98
CA PRO B 309 -62.50 94.23 12.40
C PRO B 309 -63.35 95.30 13.12
N ASN B 310 -64.64 95.01 13.28
CA ASN B 310 -65.61 95.96 13.87
C ASN B 310 -65.58 95.91 15.42
N LEU B 311 -66.64 96.40 16.09
CA LEU B 311 -66.64 96.62 17.55
C LEU B 311 -67.79 95.91 18.28
N SER B 312 -68.39 94.88 17.63
CA SER B 312 -69.52 94.13 18.23
C SER B 312 -69.06 93.36 19.48
N ASP B 313 -67.82 92.83 19.39
CA ASP B 313 -67.16 92.08 20.48
C ASP B 313 -66.83 93.03 21.64
N LEU B 314 -66.36 94.24 21.30
CA LEU B 314 -66.04 95.29 22.27
C LEU B 314 -67.30 95.76 23.01
N MET B 315 -68.42 95.83 22.26
CA MET B 315 -69.72 96.26 22.80
C MET B 315 -70.19 95.25 23.85
N ASN B 316 -70.30 93.96 23.42
CA ASN B 316 -70.86 92.84 24.24
C ASN B 316 -72.38 93.04 24.50
N ASN B 317 -73.07 91.93 24.83
CA ASN B 317 -74.50 91.95 25.26
C ASN B 317 -74.65 92.91 26.46
N PRO B 318 -75.44 94.02 26.34
CA PRO B 318 -75.59 95.01 27.44
C PRO B 318 -76.08 94.38 28.77
N ALA B 319 -75.11 94.09 29.66
CA ALA B 319 -75.37 93.59 31.02
C ALA B 319 -76.03 94.67 31.89
N LEU B 320 -75.80 95.94 31.50
CA LEU B 320 -76.39 97.14 32.13
C LEU B 320 -77.94 97.16 31.97
N ARG B 321 -78.46 96.29 31.08
CA ARG B 321 -79.93 96.07 30.94
C ARG B 321 -80.53 95.54 32.26
N ASN B 322 -79.76 94.67 32.96
CA ASN B 322 -80.13 94.02 34.24
C ASN B 322 -81.18 92.91 34.02
N MET B 323 -82.36 93.31 33.48
CA MET B 323 -83.50 92.41 33.18
C MET B 323 -84.13 91.85 34.47
N ALA B 324 -85.30 92.40 34.84
CA ALA B 324 -86.06 91.97 36.03
C ALA B 324 -86.58 90.54 35.83
N GLY B 325 -86.65 89.79 36.94
CA GLY B 325 -87.09 88.39 36.89
C GLY B 325 -87.30 87.83 38.28
N ASN B 326 -86.24 87.93 39.10
CA ASN B 326 -86.28 87.51 40.52
C ASN B 326 -87.00 88.58 41.35
N LEU B 327 -88.34 88.65 41.19
CA LEU B 327 -89.21 89.63 41.86
C LEU B 327 -90.67 89.25 41.56
N PHE B 328 -91.29 88.53 42.50
CA PHE B 328 -92.63 87.95 42.33
C PHE B 328 -93.45 88.11 43.63
N GLY B 329 -93.09 89.13 44.42
CA GLY B 329 -93.71 89.41 45.71
C GLY B 329 -92.98 88.70 46.84
N GLY B 330 -92.97 87.36 46.81
CA GLY B 330 -92.26 86.55 47.81
C GLY B 330 -93.21 85.81 48.72
N ALA B 331 -92.66 85.32 49.86
CA ALA B 331 -93.42 84.56 50.88
C ALA B 331 -93.98 83.25 50.31
N GLY B 332 -93.28 82.70 49.29
CA GLY B 332 -93.72 81.48 48.58
C GLY B 332 -93.47 80.19 49.36
N ALA B 333 -92.72 80.28 50.47
CA ALA B 333 -92.46 79.15 51.38
C ALA B 333 -93.61 78.97 52.40
N GLN B 334 -94.72 79.73 52.19
CA GLN B 334 -95.94 79.65 53.01
C GLN B 334 -96.56 78.24 53.00
N SER B 335 -97.20 77.87 54.11
CA SER B 335 -97.93 76.61 54.26
C SER B 335 -99.37 76.74 53.74
N THR B 336 -100.12 75.61 53.82
CA THR B 336 -101.54 75.56 53.42
C THR B 336 -102.46 76.06 54.58
N ASP B 337 -101.83 76.71 55.60
CA ASP B 337 -102.53 77.42 56.68
C ASP B 337 -102.65 78.93 56.37
N GLU B 338 -102.06 79.38 55.24
CA GLU B 338 -102.00 80.81 54.88
C GLU B 338 -103.37 81.27 54.30
N THR B 339 -103.68 80.90 53.03
CA THR B 339 -104.96 81.25 52.38
C THR B 339 -106.13 80.39 52.96
N PRO B 340 -106.01 79.00 53.05
CA PRO B 340 -106.99 78.18 53.78
C PRO B 340 -106.62 78.12 55.28
N ASP B 341 -107.47 78.70 56.14
CA ASP B 341 -107.26 78.68 57.60
C ASP B 341 -107.86 77.39 58.19
N ASN B 342 -108.19 77.38 59.50
CA ASN B 342 -108.82 76.24 60.17
C ASN B 342 -110.37 76.27 60.03
N GLU B 343 -110.86 76.77 58.86
CA GLU B 343 -112.30 76.98 58.56
C GLU B 343 -112.98 77.86 59.64
N ASN B 344 -112.77 79.16 59.49
CA ASN B 344 -113.31 80.21 60.37
C ASN B 344 -112.82 80.03 61.83
N LYS B 345 -111.55 80.35 62.07
CA LYS B 345 -110.94 80.31 63.41
C LYS B 345 -109.96 81.49 63.56
N GLN B 346 -110.53 82.67 63.89
CA GLN B 346 -109.78 83.90 64.19
C GLN B 346 -108.96 84.41 62.98
N TYR B 347 -109.61 85.23 62.13
CA TYR B 347 -109.04 85.86 60.92
C TYR B 347 -108.71 84.78 59.84
#